data_5ZJU
#
_entry.id   5ZJU
#
_cell.length_a   194.116
_cell.length_b   201.877
_cell.length_c   231.281
_cell.angle_alpha   90.00
_cell.angle_beta   90.72
_cell.angle_gamma   90.00
#
_symmetry.space_group_name_H-M   'P 1 21 1'
#
loop_
_entity.id
_entity.type
_entity.pdbx_description
1 polymer 'Capsid protein'
2 water water
#
_entity_poly.entity_id   1
_entity_poly.type   'polypeptide(L)'
_entity_poly.pdbx_seq_one_letter_code
;MGSSHHHHHHSSGLVPRGSHFNTRLSRTFGYTIKRTTVKTPSWAVDMMRFNINDFLPPGGGSNPRSVPFEYYRIRKVKVE
FWPCSPITQGDRGVGSSAVILDDNFVTKATALTYDPYVNYSSRHTITQPFSYHSRYFTPKPVLDSTIDYFQPNNKRNQLW
LRLQTAGNVDHVGLGTAFENSIYDQEYNIRVTMYVQFREFNLKDPPLNP
;
_entity_poly.pdbx_strand_id   A,B,C,D,E,F,G,H,I,J,K,L,M,N,O,P,Q,R,S,T,U,V,W,X,Y,Z,1,2,3,4,5,6,7,8,9,a,b,c,d,e,f,g,h,i,j,k,l,m,n,o,p,q,r,s,t,u,v,w,x,y
#
# COMPACT_ATOMS: atom_id res chain seq x y z
N SER A 19 -35.19 37.18 47.94
CA SER A 19 -35.83 37.38 46.60
C SER A 19 -37.27 36.77 46.60
N HIS A 20 -37.44 35.50 46.14
CA HIS A 20 -38.76 34.82 45.94
C HIS A 20 -38.88 33.71 46.88
N PHE A 21 -40.07 33.52 47.42
CA PHE A 21 -40.40 32.40 48.29
C PHE A 21 -41.61 31.65 47.74
N ASN A 22 -41.46 30.39 47.42
CA ASN A 22 -42.58 29.59 46.92
C ASN A 22 -43.14 28.82 48.10
N THR A 23 -44.44 28.90 48.32
CA THR A 23 -45.01 28.09 49.36
C THR A 23 -46.44 27.65 49.07
N ARG A 24 -47.01 26.88 49.98
CA ARG A 24 -48.31 26.21 49.84
C ARG A 24 -49.15 26.57 51.06
N LEU A 25 -50.44 26.88 50.87
CA LEU A 25 -51.30 27.40 51.94
C LEU A 25 -52.65 26.73 51.84
N SER A 26 -53.19 26.26 52.95
CA SER A 26 -54.36 25.43 52.84
C SER A 26 -55.39 25.87 53.84
N ARG A 27 -56.65 25.71 53.44
CA ARG A 27 -57.78 25.81 54.36
C ARG A 27 -58.80 24.76 53.96
N THR A 28 -59.63 24.35 54.91
CA THR A 28 -60.61 23.28 54.79
C THR A 28 -61.96 23.75 55.36
N PHE A 29 -63.02 23.60 54.56
CA PHE A 29 -64.36 23.95 55.00
C PHE A 29 -65.41 22.94 54.51
N GLY A 30 -66.55 22.94 55.18
CA GLY A 30 -67.64 22.02 54.91
C GLY A 30 -68.51 22.52 53.79
N TYR A 31 -69.09 21.57 53.05
CA TYR A 31 -70.08 21.79 51.99
C TYR A 31 -71.08 20.62 52.04
N THR A 32 -72.34 20.93 52.24
CA THR A 32 -73.38 19.99 52.03
C THR A 32 -74.30 20.29 50.88
N ILE A 33 -74.46 19.33 49.99
CA ILE A 33 -75.60 19.32 49.09
C ILE A 33 -76.71 18.67 49.80
N LYS A 34 -77.84 19.35 49.94
CA LYS A 34 -78.94 18.83 50.76
C LYS A 34 -79.77 17.84 50.01
N ARG A 35 -80.51 17.02 50.77
CA ARG A 35 -81.32 15.99 50.20
C ARG A 35 -82.43 16.62 49.38
N THR A 36 -82.78 16.08 48.24
CA THR A 36 -83.96 16.56 47.53
C THR A 36 -85.13 15.64 47.55
N THR A 37 -86.24 16.31 47.26
CA THR A 37 -87.53 15.71 46.96
C THR A 37 -87.76 15.66 45.45
N VAL A 38 -87.06 16.50 44.67
CA VAL A 38 -87.15 16.43 43.19
C VAL A 38 -86.93 15.00 42.62
N LYS A 39 -87.73 14.64 41.64
CA LYS A 39 -87.85 13.22 41.31
C LYS A 39 -86.97 12.74 40.18
N THR A 40 -86.92 13.51 39.10
CA THR A 40 -86.00 13.29 37.99
C THR A 40 -84.62 13.88 38.28
N PRO A 41 -83.57 13.38 37.58
CA PRO A 41 -82.22 13.88 37.86
C PRO A 41 -82.19 15.45 37.85
N SER A 42 -81.57 16.06 38.88
CA SER A 42 -81.32 17.50 38.94
C SER A 42 -79.93 17.76 39.55
N TRP A 43 -79.50 19.01 39.48
CA TRP A 43 -78.14 19.36 39.85
C TRP A 43 -78.08 20.61 40.73
N ALA A 44 -77.26 20.53 41.76
CA ALA A 44 -76.95 21.68 42.57
C ALA A 44 -75.77 22.41 41.95
N VAL A 45 -76.02 23.62 41.51
CA VAL A 45 -75.01 24.39 40.86
C VAL A 45 -74.48 25.48 41.75
N ASP A 46 -73.15 25.53 41.89
CA ASP A 46 -72.44 26.51 42.70
C ASP A 46 -71.05 26.87 42.10
N MET A 47 -70.28 27.61 42.86
CA MET A 47 -69.08 28.25 42.38
C MET A 47 -68.11 28.50 43.53
N MET A 48 -66.89 28.84 43.15
CA MET A 48 -65.78 28.88 44.08
C MET A 48 -64.88 29.97 43.62
N ARG A 49 -64.63 30.89 44.53
CA ARG A 49 -63.55 31.82 44.36
C ARG A 49 -62.51 31.64 45.45
N PHE A 50 -61.37 32.24 45.26
CA PHE A 50 -60.25 32.09 46.17
C PHE A 50 -59.63 33.41 46.48
N ASN A 51 -59.49 33.72 47.76
CA ASN A 51 -58.95 34.98 48.17
C ASN A 51 -57.95 34.71 49.28
N ILE A 52 -56.72 35.18 49.09
CA ILE A 52 -55.62 34.97 50.04
C ILE A 52 -55.92 35.50 51.44
N ASN A 53 -56.90 36.41 51.60
CA ASN A 53 -57.37 36.80 52.95
C ASN A 53 -57.74 35.60 53.75
N ASP A 54 -58.35 34.57 53.17
CA ASP A 54 -58.75 33.39 53.95
C ASP A 54 -57.64 32.39 54.21
N PHE A 55 -56.41 32.64 53.72
CA PHE A 55 -55.28 31.70 53.86
C PHE A 55 -54.10 32.24 54.70
N LEU A 56 -54.11 33.55 54.94
CA LEU A 56 -52.98 34.26 55.56
C LEU A 56 -53.55 35.14 56.61
N PRO A 57 -53.42 34.77 57.90
CA PRO A 57 -54.00 35.68 58.89
C PRO A 57 -53.20 36.99 59.04
N PRO A 58 -53.79 37.97 59.76
CA PRO A 58 -52.95 39.16 59.99
C PRO A 58 -51.72 38.90 60.90
N GLY A 59 -50.72 39.74 60.71
CA GLY A 59 -49.56 39.76 61.57
C GLY A 59 -49.77 40.63 62.79
N GLY A 60 -48.67 41.05 63.39
CA GLY A 60 -48.64 41.90 64.59
C GLY A 60 -47.54 42.93 64.54
N GLY A 61 -47.80 44.09 65.12
CA GLY A 61 -46.88 45.22 65.13
C GLY A 61 -46.67 45.84 63.76
N SER A 62 -45.41 45.98 63.41
CA SER A 62 -44.98 46.63 62.21
C SER A 62 -45.03 45.73 60.98
N ASN A 63 -45.24 44.44 61.21
CA ASN A 63 -45.39 43.45 60.13
C ASN A 63 -46.89 43.04 60.02
N PRO A 64 -47.65 43.73 59.17
CA PRO A 64 -49.09 43.57 59.20
C PRO A 64 -49.60 42.22 58.74
N ARG A 65 -48.77 41.44 58.04
CA ARG A 65 -49.21 40.18 57.46
C ARG A 65 -48.28 39.09 57.97
N SER A 66 -48.82 37.88 58.09
CA SER A 66 -48.12 36.83 58.80
C SER A 66 -46.95 36.27 57.98
N VAL A 67 -46.97 36.49 56.65
CA VAL A 67 -45.75 36.31 55.89
C VAL A 67 -45.30 37.68 55.46
N PRO A 68 -44.03 38.02 55.74
CA PRO A 68 -43.45 39.37 55.52
C PRO A 68 -42.87 39.61 54.09
N PHE A 69 -43.76 39.53 53.09
CA PHE A 69 -43.42 39.82 51.71
C PHE A 69 -44.32 40.89 51.11
N GLU A 70 -43.76 41.71 50.22
CA GLU A 70 -44.50 42.82 49.56
C GLU A 70 -45.47 42.38 48.44
N TYR A 71 -44.99 41.48 47.58
CA TYR A 71 -45.78 41.04 46.41
C TYR A 71 -46.00 39.55 46.45
N TYR A 72 -47.07 39.17 45.74
CA TYR A 72 -47.41 37.79 45.51
C TYR A 72 -48.04 37.57 44.15
N ARG A 73 -47.98 36.34 43.68
CA ARG A 73 -48.88 35.86 42.68
C ARG A 73 -49.27 34.40 42.86
N ILE A 74 -50.51 34.01 42.47
CA ILE A 74 -50.97 32.64 42.69
C ILE A 74 -50.64 31.77 41.54
N ARG A 75 -49.66 30.94 41.72
CA ARG A 75 -49.18 30.06 40.67
C ARG A 75 -50.24 28.97 40.27
N LYS A 76 -50.87 28.38 41.29
CA LYS A 76 -51.77 27.26 41.12
C LYS A 76 -52.72 27.14 42.33
N VAL A 77 -53.95 26.71 42.10
CA VAL A 77 -54.85 26.24 43.20
C VAL A 77 -55.19 24.77 42.97
N LYS A 78 -55.27 24.03 44.05
CA LYS A 78 -55.82 22.71 44.06
C LYS A 78 -57.04 22.80 44.92
N VAL A 79 -58.14 22.36 44.39
CA VAL A 79 -59.39 22.27 45.10
C VAL A 79 -59.57 20.77 45.28
N GLU A 80 -59.69 20.30 46.52
CA GLU A 80 -60.03 18.89 46.80
C GLU A 80 -61.39 18.74 47.47
N PHE A 81 -62.28 18.00 46.85
CA PHE A 81 -63.47 17.49 47.53
C PHE A 81 -63.22 16.12 48.24
N TRP A 82 -63.26 16.11 49.57
CA TRP A 82 -63.08 14.88 50.33
C TRP A 82 -64.43 14.50 50.86
N PRO A 83 -65.00 13.46 50.30
CA PRO A 83 -66.36 13.16 50.71
C PRO A 83 -66.41 12.67 52.14
N CYS A 84 -67.50 13.06 52.77
CA CYS A 84 -67.90 12.51 54.05
C CYS A 84 -68.74 11.21 53.94
N SER A 85 -69.47 11.01 52.84
CA SER A 85 -70.42 9.89 52.75
C SER A 85 -69.67 8.55 52.72
N PRO A 86 -70.24 7.52 53.36
CA PRO A 86 -69.51 6.26 53.40
C PRO A 86 -69.51 5.56 52.06
N ILE A 87 -68.55 4.69 51.83
CA ILE A 87 -68.55 3.98 50.53
C ILE A 87 -69.71 3.06 50.29
N THR A 88 -70.64 2.97 51.24
CA THR A 88 -71.85 2.20 51.11
C THR A 88 -73.07 3.01 50.76
N GLN A 89 -73.01 4.33 50.71
CA GLN A 89 -74.19 5.12 50.37
C GLN A 89 -74.58 4.86 48.90
N GLY A 90 -75.89 4.84 48.64
CA GLY A 90 -76.48 4.64 47.31
C GLY A 90 -77.04 5.98 46.86
N ASP A 91 -78.06 5.93 46.03
CA ASP A 91 -78.50 7.06 45.18
C ASP A 91 -77.31 7.86 44.66
N ARG A 92 -76.42 7.12 44.04
CA ARG A 92 -75.19 7.65 43.47
C ARG A 92 -75.45 8.44 42.20
N GLY A 93 -74.54 9.34 41.87
CA GLY A 93 -74.75 10.28 40.79
C GLY A 93 -73.46 10.79 40.18
N VAL A 94 -73.64 11.70 39.25
CA VAL A 94 -72.55 12.13 38.39
C VAL A 94 -72.70 13.62 38.08
N GLY A 95 -71.67 14.39 38.40
CA GLY A 95 -71.70 15.80 38.08
C GLY A 95 -70.49 16.32 37.34
N SER A 96 -70.25 17.62 37.49
CA SER A 96 -69.16 18.27 36.76
C SER A 96 -68.48 19.38 37.56
N SER A 97 -67.17 19.51 37.37
CA SER A 97 -66.48 20.75 37.73
C SER A 97 -65.89 21.41 36.49
N ALA A 98 -65.85 22.73 36.54
CA ALA A 98 -65.32 23.52 35.44
C ALA A 98 -64.43 24.68 35.92
N VAL A 99 -63.42 25.01 35.11
CA VAL A 99 -62.54 26.08 35.44
C VAL A 99 -63.04 27.26 34.69
N ILE A 100 -63.39 28.27 35.45
CA ILE A 100 -63.97 29.49 35.03
C ILE A 100 -62.98 30.59 35.38
N LEU A 101 -62.30 31.12 34.38
CA LEU A 101 -61.21 32.08 34.59
C LEU A 101 -61.62 33.56 34.48
N ASP A 102 -62.89 33.84 34.20
CA ASP A 102 -63.40 35.17 33.93
C ASP A 102 -64.52 35.56 34.86
N ASP A 103 -64.66 34.89 36.01
CA ASP A 103 -65.65 35.31 37.02
C ASP A 103 -67.13 35.29 36.55
N ASN A 104 -67.44 34.60 35.48
CA ASN A 104 -68.81 34.41 34.97
C ASN A 104 -69.28 32.96 35.17
N PHE A 105 -69.90 32.71 36.30
CA PHE A 105 -70.33 31.41 36.65
C PHE A 105 -71.79 31.24 36.27
N VAL A 106 -72.19 30.01 36.08
CA VAL A 106 -73.60 29.68 35.98
C VAL A 106 -74.25 30.05 37.25
N THR A 107 -75.42 30.63 37.14
CA THR A 107 -76.21 31.00 38.32
C THR A 107 -76.51 29.83 39.30
N LYS A 108 -76.24 30.14 40.56
CA LYS A 108 -76.49 29.25 41.68
C LYS A 108 -77.95 28.68 41.66
N ALA A 109 -78.04 27.37 41.85
CA ALA A 109 -79.27 26.68 41.63
C ALA A 109 -79.32 25.49 42.53
N THR A 110 -80.46 25.33 43.20
CA THR A 110 -80.61 24.19 44.08
C THR A 110 -80.85 22.88 43.30
N ALA A 111 -81.73 22.95 42.28
CA ALA A 111 -82.07 21.81 41.48
C ALA A 111 -82.34 22.12 40.02
N LEU A 112 -81.28 22.44 39.30
CA LEU A 112 -81.34 22.67 37.87
C LEU A 112 -81.57 21.31 37.18
N THR A 113 -82.48 21.31 36.21
CA THR A 113 -82.92 20.07 35.54
C THR A 113 -81.86 19.53 34.54
N TYR A 114 -80.66 20.10 34.49
CA TYR A 114 -79.56 19.56 33.65
C TYR A 114 -78.23 19.98 34.28
N ASP A 115 -77.15 19.32 33.87
CA ASP A 115 -75.83 19.65 34.35
C ASP A 115 -75.32 20.73 33.40
N PRO A 116 -75.32 21.99 33.87
CA PRO A 116 -74.99 23.03 32.95
C PRO A 116 -73.49 23.14 32.66
N TYR A 117 -72.61 22.45 33.41
CA TYR A 117 -71.16 22.37 33.12
C TYR A 117 -70.64 21.14 32.31
N VAL A 118 -71.49 20.22 31.91
CA VAL A 118 -70.98 18.99 31.33
C VAL A 118 -70.28 19.23 29.99
N ASN A 119 -70.76 20.19 29.20
CA ASN A 119 -70.15 20.44 27.87
C ASN A 119 -68.95 21.37 27.87
N TYR A 120 -68.60 21.89 29.03
CA TYR A 120 -67.47 22.83 29.10
C TYR A 120 -66.18 22.17 28.71
N SER A 121 -65.36 22.84 27.97
CA SER A 121 -64.04 22.30 27.64
C SER A 121 -63.25 21.83 28.86
N SER A 122 -63.32 22.60 29.94
CA SER A 122 -62.54 22.32 31.15
C SER A 122 -63.22 21.36 32.10
N ARG A 123 -64.28 20.70 31.65
CA ARG A 123 -65.08 19.89 32.57
C ARG A 123 -64.31 18.64 32.97
N HIS A 124 -64.34 18.29 34.25
CA HIS A 124 -64.02 16.92 34.71
C HIS A 124 -65.31 16.35 35.35
N THR A 125 -65.45 15.04 35.28
CA THR A 125 -66.55 14.33 35.87
C THR A 125 -66.37 14.19 37.39
N ILE A 126 -67.42 14.45 38.15
CA ILE A 126 -67.42 14.18 39.55
C ILE A 126 -68.29 12.94 39.75
N THR A 127 -67.79 12.04 40.59
CA THR A 127 -68.36 10.79 40.84
C THR A 127 -68.90 10.91 42.28
N GLN A 128 -70.15 10.54 42.54
CA GLN A 128 -70.83 10.89 43.81
C GLN A 128 -71.51 9.70 44.49
N PRO A 129 -71.66 9.72 45.81
CA PRO A 129 -71.23 10.77 46.76
C PRO A 129 -69.94 10.43 47.58
N PHE A 130 -69.36 9.26 47.30
CA PHE A 130 -68.27 8.77 48.13
C PHE A 130 -66.89 8.84 47.44
N SER A 131 -66.74 9.59 46.37
CA SER A 131 -65.40 9.72 45.74
C SER A 131 -64.78 11.06 45.97
N TYR A 132 -63.45 11.02 45.88
CA TYR A 132 -62.59 12.18 45.90
C TYR A 132 -62.77 12.84 44.57
N HIS A 133 -62.65 14.14 44.53
CA HIS A 133 -62.50 14.88 43.29
C HIS A 133 -61.49 16.01 43.56
N SER A 134 -60.59 16.23 42.60
CA SER A 134 -59.71 17.38 42.66
C SER A 134 -59.46 18.02 41.29
N ARG A 135 -59.34 19.34 41.31
CA ARG A 135 -58.93 20.10 40.18
C ARG A 135 -57.66 20.86 40.53
N TYR A 136 -56.85 21.18 39.52
CA TYR A 136 -55.58 21.81 39.77
C TYR A 136 -55.14 22.62 38.60
N PHE A 137 -55.13 23.92 38.73
CA PHE A 137 -55.01 24.82 37.57
C PHE A 137 -54.57 26.16 38.05
N THR A 138 -54.17 27.02 37.14
CA THR A 138 -53.79 28.40 37.47
C THR A 138 -55.01 29.28 37.45
N PRO A 139 -55.37 29.90 38.59
CA PRO A 139 -56.57 30.79 38.66
C PRO A 139 -56.18 32.18 38.21
N LYS A 140 -57.15 33.09 38.18
CA LYS A 140 -56.90 34.46 37.70
C LYS A 140 -57.48 35.49 38.58
N PRO A 141 -56.74 36.58 38.80
CA PRO A 141 -57.31 37.61 39.62
C PRO A 141 -58.44 38.27 38.89
N VAL A 142 -59.42 38.74 39.62
CA VAL A 142 -60.51 39.51 39.06
C VAL A 142 -60.04 40.95 39.07
N LEU A 143 -59.51 41.39 37.95
CA LEU A 143 -58.85 42.68 37.82
C LEU A 143 -59.82 43.79 37.45
N ASP A 144 -60.87 43.46 36.72
CA ASP A 144 -61.88 44.47 36.35
C ASP A 144 -63.17 43.73 36.09
N SER A 145 -64.11 43.67 37.02
CA SER A 145 -65.23 42.77 36.78
C SER A 145 -66.24 43.18 35.71
N THR A 146 -66.17 44.39 35.18
CA THR A 146 -66.90 44.80 33.95
C THR A 146 -66.42 44.15 32.60
N ILE A 147 -65.11 44.00 32.39
CA ILE A 147 -64.55 43.45 31.13
C ILE A 147 -64.11 41.99 31.25
N ASP A 148 -63.79 41.61 32.46
CA ASP A 148 -63.42 40.24 32.83
C ASP A 148 -62.34 39.71 31.95
N TYR A 149 -61.15 40.24 32.13
CA TYR A 149 -60.00 39.87 31.32
C TYR A 149 -58.92 39.28 32.13
N PHE A 150 -58.15 38.40 31.51
CA PHE A 150 -57.14 37.63 32.23
C PHE A 150 -56.04 37.17 31.29
N GLN A 151 -54.88 36.81 31.86
CA GLN A 151 -53.70 36.47 31.07
C GLN A 151 -53.68 34.99 30.65
N PRO A 152 -53.11 34.67 29.50
CA PRO A 152 -52.86 33.31 29.10
C PRO A 152 -51.97 32.66 30.08
N ASN A 153 -52.02 31.34 30.17
CA ASN A 153 -51.72 30.65 31.46
C ASN A 153 -50.18 30.62 31.66
N ASN A 154 -49.80 30.83 32.95
CA ASN A 154 -48.64 30.24 33.70
C ASN A 154 -47.21 30.55 33.13
N LYS A 155 -46.44 31.40 33.81
CA LYS A 155 -45.28 31.99 33.15
C LYS A 155 -44.35 32.95 33.95
N ARG A 156 -43.19 33.22 33.35
CA ARG A 156 -42.35 34.37 33.69
C ARG A 156 -43.00 35.73 33.57
N ASN A 157 -44.03 35.80 32.69
CA ASN A 157 -44.99 36.95 32.45
C ASN A 157 -46.23 37.23 33.33
N GLN A 158 -46.45 36.46 34.40
CA GLN A 158 -47.67 36.57 35.25
C GLN A 158 -47.62 37.79 36.16
N LEU A 159 -48.68 38.56 36.14
CA LEU A 159 -48.78 39.75 36.96
C LEU A 159 -48.36 39.46 38.43
N TRP A 160 -47.62 40.38 39.03
CA TRP A 160 -47.49 40.40 40.47
C TRP A 160 -48.57 41.32 41.04
N LEU A 161 -49.08 40.93 42.21
CA LEU A 161 -50.05 41.72 43.03
C LEU A 161 -49.46 42.12 44.40
N ARG A 162 -50.01 43.19 44.96
CA ARG A 162 -49.61 43.60 46.29
C ARG A 162 -50.18 42.64 47.31
N LEU A 163 -49.41 42.25 48.30
CA LEU A 163 -49.96 41.51 49.43
C LEU A 163 -50.58 42.49 50.39
N GLN A 164 -51.91 42.58 50.35
CA GLN A 164 -52.65 43.47 51.23
C GLN A 164 -52.91 42.84 52.58
N THR A 165 -53.07 43.71 53.59
CA THR A 165 -53.45 43.24 54.92
C THR A 165 -54.86 42.78 54.86
N ALA A 166 -55.70 43.60 54.26
CA ALA A 166 -57.12 43.45 54.34
C ALA A 166 -57.88 43.15 53.03
N GLY A 167 -57.70 43.90 51.96
CA GLY A 167 -58.76 43.83 50.96
C GLY A 167 -58.25 43.17 49.73
N ASN A 168 -57.83 41.93 49.86
CA ASN A 168 -57.12 41.31 48.75
C ASN A 168 -58.10 40.96 47.69
N VAL A 169 -57.62 40.91 46.45
CA VAL A 169 -58.45 40.61 45.26
C VAL A 169 -58.90 39.11 45.14
N ASP A 170 -60.13 38.89 44.70
CA ASP A 170 -60.62 37.52 44.44
C ASP A 170 -59.83 36.96 43.25
N HIS A 171 -59.34 35.73 43.39
CA HIS A 171 -58.93 35.00 42.24
C HIS A 171 -60.04 34.07 41.90
N VAL A 172 -59.99 33.48 40.70
CA VAL A 172 -61.18 32.92 40.13
C VAL A 172 -60.95 31.74 39.22
N GLY A 173 -62.04 30.97 39.14
CA GLY A 173 -61.87 29.59 39.46
C GLY A 173 -62.87 28.53 39.17
N LEU A 174 -63.72 28.13 40.09
CA LEU A 174 -64.37 26.81 39.90
C LEU A 174 -65.89 26.78 39.90
N GLY A 175 -66.46 26.32 38.80
CA GLY A 175 -67.89 26.02 38.75
C GLY A 175 -68.11 24.57 39.19
N THR A 176 -69.14 24.31 39.99
CA THR A 176 -69.51 22.96 40.38
C THR A 176 -70.99 22.67 40.10
N ALA A 177 -71.27 21.47 39.58
CA ALA A 177 -72.61 20.98 39.50
C ALA A 177 -72.64 19.55 40.06
N PHE A 178 -73.23 19.33 41.24
CA PHE A 178 -73.33 18.01 41.81
C PHE A 178 -74.75 17.55 41.64
N GLU A 179 -74.94 16.26 41.39
CA GLU A 179 -76.26 15.75 41.17
C GLU A 179 -76.85 15.57 42.54
N ASN A 180 -78.08 16.06 42.71
CA ASN A 180 -78.79 15.92 43.97
C ASN A 180 -79.11 14.45 44.19
N SER A 181 -79.52 14.15 45.44
CA SER A 181 -79.78 12.81 45.86
C SER A 181 -80.92 12.78 46.88
N ILE A 182 -81.50 11.60 46.99
CA ILE A 182 -82.37 11.12 48.08
C ILE A 182 -81.71 11.37 49.43
N TYR A 183 -80.37 11.28 49.49
CA TYR A 183 -79.59 11.54 50.74
C TYR A 183 -78.77 12.83 50.74
N ASP A 184 -78.37 13.24 51.94
CA ASP A 184 -77.41 14.34 52.06
C ASP A 184 -76.01 13.96 51.63
N GLN A 185 -75.34 14.81 50.85
CA GLN A 185 -73.97 14.55 50.38
C GLN A 185 -73.06 15.64 50.91
N GLU A 186 -72.29 15.32 51.90
CA GLU A 186 -71.51 16.29 52.63
C GLU A 186 -70.02 16.03 52.23
N TYR A 187 -69.25 17.10 52.12
CA TYR A 187 -67.86 17.02 51.79
C TYR A 187 -67.01 17.92 52.70
N ASN A 188 -65.76 17.51 52.92
CA ASN A 188 -64.76 18.48 53.42
C ASN A 188 -64.05 19.00 52.21
N ILE A 189 -64.00 20.31 52.03
CA ILE A 189 -63.30 20.88 50.88
C ILE A 189 -62.02 21.50 51.36
N ARG A 190 -60.90 20.96 50.91
CA ARG A 190 -59.61 21.59 51.09
C ARG A 190 -59.18 22.31 49.82
N VAL A 191 -58.93 23.59 49.94
CA VAL A 191 -58.37 24.39 48.90
C VAL A 191 -56.92 24.67 49.27
N THR A 192 -56.07 24.54 48.27
CA THR A 192 -54.67 24.85 48.43
C THR A 192 -54.14 25.79 47.34
N MET A 193 -53.51 26.86 47.79
CA MET A 193 -52.87 27.82 46.92
C MET A 193 -51.33 27.65 46.96
N TYR A 194 -50.76 27.54 45.76
CA TYR A 194 -49.35 27.51 45.57
C TYR A 194 -49.01 28.92 45.13
N VAL A 195 -48.42 29.64 46.03
CA VAL A 195 -48.23 31.06 46.03
C VAL A 195 -46.74 31.32 45.99
N GLN A 196 -46.39 32.33 45.24
CA GLN A 196 -45.01 32.73 45.10
C GLN A 196 -45.04 34.12 45.61
N PHE A 197 -44.35 34.34 46.71
CA PHE A 197 -44.17 35.67 47.24
C PHE A 197 -42.84 36.28 46.74
N ARG A 198 -42.81 37.61 46.72
CA ARG A 198 -41.59 38.30 46.32
C ARG A 198 -41.37 39.54 47.15
N GLU A 199 -40.08 39.83 47.42
CA GLU A 199 -39.58 41.00 48.17
C GLU A 199 -39.85 40.90 49.64
N PHE A 200 -38.87 40.33 50.31
CA PHE A 200 -38.87 40.26 51.77
C PHE A 200 -38.89 41.71 52.31
N ASN A 201 -39.81 42.00 53.26
CA ASN A 201 -40.06 43.35 53.84
C ASN A 201 -40.07 43.45 55.39
N LEU A 202 -39.60 42.44 56.08
CA LEU A 202 -39.55 42.45 57.55
C LEU A 202 -39.00 43.74 58.15
N LYS A 203 -39.82 44.29 59.00
CA LYS A 203 -39.53 45.47 59.80
C LYS A 203 -39.14 44.98 61.17
N ASP A 204 -38.07 45.56 61.70
CA ASP A 204 -37.52 45.22 63.01
C ASP A 204 -37.36 46.49 63.87
N PRO A 205 -38.45 46.93 64.51
CA PRO A 205 -38.32 48.00 65.50
C PRO A 205 -37.49 47.55 66.71
N PRO A 206 -36.91 48.50 67.45
CA PRO A 206 -36.03 48.06 68.53
C PRO A 206 -36.73 48.23 69.88
N SER B 19 -40.05 24.50 52.09
CA SER B 19 -39.03 23.72 52.88
C SER B 19 -38.00 24.67 53.63
N HIS B 20 -36.87 25.10 53.02
CA HIS B 20 -35.87 26.00 53.61
C HIS B 20 -35.95 27.35 53.03
N PHE B 21 -35.68 28.35 53.83
CA PHE B 21 -35.75 29.73 53.42
C PHE B 21 -34.51 30.44 53.93
N ASN B 22 -33.74 30.95 52.98
CA ASN B 22 -32.56 31.69 53.25
C ASN B 22 -32.90 33.15 53.29
N THR B 23 -32.54 33.90 54.29
CA THR B 23 -32.75 35.32 54.21
C THR B 23 -31.73 36.05 55.05
N ARG B 24 -31.81 37.40 55.05
CA ARG B 24 -30.84 38.25 55.75
C ARG B 24 -31.58 39.29 56.60
N LEU B 25 -31.16 39.40 57.86
CA LEU B 25 -31.80 40.30 58.81
C LEU B 25 -30.77 41.25 59.32
N SER B 26 -31.17 42.50 59.56
CA SER B 26 -30.21 43.52 60.02
C SER B 26 -30.73 44.39 61.14
N ARG B 27 -29.80 45.07 61.79
CA ARG B 27 -30.11 46.11 62.80
C ARG B 27 -28.92 47.03 62.94
N THR B 28 -29.18 48.20 63.48
CA THR B 28 -28.14 49.17 63.63
C THR B 28 -28.25 49.84 64.99
N PHE B 29 -27.10 50.01 65.64
CA PHE B 29 -26.98 50.71 66.92
C PHE B 29 -25.69 51.55 67.06
N GLY B 30 -25.74 52.54 67.99
CA GLY B 30 -24.62 53.44 68.25
C GLY B 30 -23.54 52.79 69.10
N TYR B 31 -22.34 53.36 68.99
CA TYR B 31 -21.21 52.95 69.84
C TYR B 31 -20.26 54.07 69.84
N THR B 32 -19.92 54.47 71.06
CA THR B 32 -18.97 55.53 71.27
C THR B 32 -17.78 55.03 72.10
N ILE B 33 -16.59 55.38 71.68
CA ILE B 33 -15.46 55.33 72.56
C ILE B 33 -15.26 56.76 72.99
N LYS B 34 -15.27 57.00 74.30
CA LYS B 34 -15.18 58.34 74.83
C LYS B 34 -13.73 58.80 74.81
N ARG B 35 -13.57 60.11 74.61
CA ARG B 35 -12.26 60.72 74.54
C ARG B 35 -11.43 60.45 75.82
N THR B 36 -10.14 60.14 75.74
CA THR B 36 -9.27 60.09 76.96
C THR B 36 -8.20 61.16 76.82
N THR B 37 -7.52 61.38 77.94
CA THR B 37 -6.37 62.25 77.98
C THR B 37 -5.12 61.49 78.41
N VAL B 38 -5.24 60.22 78.83
CA VAL B 38 -4.08 59.31 78.87
C VAL B 38 -3.16 59.60 77.65
N LYS B 39 -1.87 59.79 77.93
CA LYS B 39 -0.91 60.22 76.87
C LYS B 39 -0.43 58.99 76.11
N THR B 40 -0.01 57.97 76.88
CA THR B 40 0.46 56.70 76.30
C THR B 40 -0.75 55.93 75.62
N PRO B 41 -0.47 55.19 74.50
CA PRO B 41 -1.46 54.41 73.77
C PRO B 41 -2.21 53.47 74.67
N SER B 42 -3.55 53.49 74.50
CA SER B 42 -4.48 52.64 75.25
C SER B 42 -5.71 52.25 74.43
N TRP B 43 -6.31 51.12 74.78
CA TRP B 43 -7.36 50.49 73.99
C TRP B 43 -8.63 50.29 74.84
N ALA B 44 -9.80 50.61 74.25
CA ALA B 44 -11.09 50.23 74.78
C ALA B 44 -11.47 48.88 74.21
N VAL B 45 -11.70 47.94 75.10
CA VAL B 45 -11.83 46.56 74.75
C VAL B 45 -13.26 46.26 75.04
N ASP B 46 -13.88 45.45 74.20
CA ASP B 46 -15.29 45.19 74.31
C ASP B 46 -15.69 43.91 73.60
N MET B 47 -16.98 43.60 73.58
CA MET B 47 -17.42 42.36 72.98
C MET B 47 -18.78 42.53 72.26
N MET B 48 -19.07 41.50 71.48
CA MET B 48 -20.29 41.44 70.72
C MET B 48 -20.76 40.01 70.68
N ARG B 49 -21.99 39.87 71.13
CA ARG B 49 -22.80 38.74 70.90
C ARG B 49 -23.93 39.10 69.95
N PHE B 50 -24.63 38.07 69.47
CA PHE B 50 -25.69 38.18 68.45
C PHE B 50 -26.81 37.29 68.83
N ASN B 51 -27.99 37.87 69.02
CA ASN B 51 -29.19 37.08 69.37
C ASN B 51 -30.30 37.41 68.45
N ILE B 52 -30.85 36.40 67.82
CA ILE B 52 -32.00 36.61 66.90
C ILE B 52 -33.18 37.41 67.52
N ASN B 53 -33.32 37.47 68.85
CA ASN B 53 -34.40 38.28 69.46
C ASN B 53 -34.38 39.72 69.04
N ASP B 54 -33.18 40.25 68.79
CA ASP B 54 -33.00 41.57 68.24
C ASP B 54 -33.16 41.77 66.73
N PHE B 55 -33.38 40.72 65.97
CA PHE B 55 -33.57 40.85 64.52
C PHE B 55 -34.98 40.56 63.97
N LEU B 56 -35.76 39.85 64.79
CA LEU B 56 -37.00 39.20 64.43
C LEU B 56 -37.99 39.59 65.46
N PRO B 57 -38.87 40.54 65.15
CA PRO B 57 -39.83 40.89 66.23
C PRO B 57 -40.93 39.83 66.44
N PRO B 58 -41.69 40.01 67.53
CA PRO B 58 -42.90 39.19 67.72
C PRO B 58 -43.96 39.32 66.58
N GLY B 59 -44.60 38.19 66.27
CA GLY B 59 -45.69 38.08 65.30
C GLY B 59 -47.03 38.38 65.95
N GLY B 60 -48.07 37.69 65.55
CA GLY B 60 -49.41 37.89 66.09
C GLY B 60 -50.41 36.78 65.85
N GLY B 61 -51.36 36.73 66.78
CA GLY B 61 -52.29 35.61 66.93
C GLY B 61 -51.54 34.30 67.12
N SER B 62 -52.04 33.34 66.36
CA SER B 62 -51.57 31.96 66.36
C SER B 62 -50.22 31.77 65.74
N ASN B 63 -49.69 32.84 65.09
CA ASN B 63 -48.30 32.91 64.55
C ASN B 63 -47.40 33.81 65.44
N PRO B 64 -46.73 33.22 66.46
CA PRO B 64 -45.98 34.05 67.42
C PRO B 64 -44.78 34.74 66.84
N ARG B 65 -44.18 34.21 65.79
CA ARG B 65 -43.03 34.92 65.24
C ARG B 65 -43.34 35.47 63.89
N SER B 66 -42.67 36.54 63.57
CA SER B 66 -42.96 37.28 62.36
C SER B 66 -42.53 36.50 61.14
N VAL B 67 -41.59 35.56 61.25
CA VAL B 67 -41.34 34.63 60.15
C VAL B 67 -41.87 33.26 60.57
N PRO B 68 -42.76 32.67 59.75
CA PRO B 68 -43.46 31.48 60.19
C PRO B 68 -42.70 30.21 59.87
N PHE B 69 -41.66 30.00 60.63
CA PHE B 69 -40.83 28.80 60.54
C PHE B 69 -40.54 28.25 61.93
N GLU B 70 -40.22 26.96 61.96
CA GLU B 70 -40.02 26.24 63.17
C GLU B 70 -38.58 26.23 63.67
N TYR B 71 -37.62 26.07 62.76
CA TYR B 71 -36.20 25.91 63.10
C TYR B 71 -35.41 26.95 62.37
N TYR B 72 -34.26 27.34 62.91
CA TYR B 72 -33.34 28.21 62.15
C TYR B 72 -31.93 27.82 62.42
N ARG B 73 -31.00 28.33 61.63
CA ARG B 73 -29.58 28.32 62.02
C ARG B 73 -28.90 29.44 61.38
N ILE B 74 -27.86 29.95 62.05
CA ILE B 74 -27.27 31.18 61.57
C ILE B 74 -26.08 30.77 60.79
N ARG B 75 -26.10 31.07 59.52
CA ARG B 75 -25.11 30.63 58.54
C ARG B 75 -23.80 31.48 58.60
N LYS B 76 -23.98 32.79 58.48
CA LYS B 76 -22.93 33.76 58.46
C LYS B 76 -23.39 34.93 59.26
N VAL B 77 -22.48 35.70 59.84
CA VAL B 77 -22.81 37.05 60.37
C VAL B 77 -21.85 38.07 59.79
N LYS B 78 -22.37 39.22 59.36
CA LYS B 78 -21.56 40.32 58.98
C LYS B 78 -21.69 41.41 60.03
N VAL B 79 -20.57 41.83 60.60
CA VAL B 79 -20.51 43.05 61.45
C VAL B 79 -19.79 44.23 60.77
N GLU B 80 -20.50 45.32 60.57
CA GLU B 80 -19.94 46.49 59.90
C GLU B 80 -19.77 47.64 60.88
N PHE B 81 -18.55 48.14 61.03
CA PHE B 81 -18.35 49.40 61.75
C PHE B 81 -18.33 50.55 60.79
N TRP B 82 -19.45 51.25 60.68
CA TRP B 82 -19.53 52.45 59.87
C TRP B 82 -19.13 53.67 60.73
N PRO B 83 -17.98 54.24 60.43
CA PRO B 83 -17.55 55.40 61.20
C PRO B 83 -18.47 56.66 61.06
N CYS B 84 -18.78 57.33 62.16
CA CYS B 84 -19.33 58.67 62.16
C CYS B 84 -18.29 59.80 61.99
N SER B 85 -17.04 59.59 62.44
CA SER B 85 -16.03 60.68 62.42
C SER B 85 -15.65 61.03 60.99
N PRO B 86 -15.50 62.34 60.70
CA PRO B 86 -15.20 62.77 59.31
C PRO B 86 -13.81 62.42 58.88
N ILE B 87 -13.56 62.52 57.59
CA ILE B 87 -12.26 62.03 57.10
C ILE B 87 -11.10 62.96 57.44
N THR B 88 -11.46 64.17 57.92
CA THR B 88 -10.53 65.15 58.51
C THR B 88 -10.08 64.88 59.91
N GLN B 89 -10.69 63.96 60.65
CA GLN B 89 -10.29 63.85 62.08
C GLN B 89 -8.84 63.36 62.23
N GLY B 90 -8.15 63.86 63.25
CA GLY B 90 -6.85 63.38 63.66
C GLY B 90 -6.83 62.47 64.89
N ASP B 91 -5.71 62.56 65.61
CA ASP B 91 -5.25 61.57 66.53
C ASP B 91 -5.71 60.14 66.17
N ARG B 92 -5.36 59.75 64.96
CA ARG B 92 -5.72 58.46 64.41
C ARG B 92 -5.03 57.31 65.14
N GLY B 93 -5.60 56.11 65.02
CA GLY B 93 -5.09 54.93 65.72
C GLY B 93 -5.40 53.61 65.06
N VAL B 94 -5.15 52.54 65.81
CA VAL B 94 -5.01 51.22 65.24
C VAL B 94 -5.40 50.16 66.28
N GLY B 95 -6.41 49.39 65.94
CA GLY B 95 -7.09 48.46 66.83
C GLY B 95 -7.23 47.11 66.13
N SER B 96 -8.03 46.25 66.75
CA SER B 96 -8.13 44.88 66.31
C SER B 96 -9.52 44.38 66.52
N SER B 97 -10.05 43.66 65.55
CA SER B 97 -11.24 42.85 65.84
C SER B 97 -10.77 41.41 65.87
N ALA B 98 -11.37 40.60 66.76
CA ALA B 98 -11.18 39.16 66.68
C ALA B 98 -12.48 38.32 66.84
N VAL B 99 -12.46 37.14 66.22
CA VAL B 99 -13.56 36.21 66.21
C VAL B 99 -13.38 35.17 67.32
N ILE B 100 -14.41 35.15 68.16
CA ILE B 100 -14.48 34.42 69.40
C ILE B 100 -15.69 33.46 69.39
N LEU B 101 -15.40 32.19 69.15
CA LEU B 101 -16.45 31.22 68.95
C LEU B 101 -16.89 30.53 70.21
N ASP B 102 -16.20 30.78 71.31
CA ASP B 102 -16.41 29.99 72.50
C ASP B 102 -16.92 30.83 73.66
N ASP B 103 -17.37 32.07 73.39
CA ASP B 103 -18.00 32.92 74.41
C ASP B 103 -17.03 33.30 75.56
N ASN B 104 -15.77 33.55 75.21
CA ASN B 104 -14.70 33.88 76.14
C ASN B 104 -13.90 35.08 75.64
N PHE B 105 -14.46 36.24 75.88
CA PHE B 105 -13.91 37.48 75.44
C PHE B 105 -12.91 37.98 76.46
N VAL B 106 -12.03 38.88 76.03
CA VAL B 106 -11.20 39.63 76.96
C VAL B 106 -12.08 40.66 77.70
N THR B 107 -11.79 40.82 78.95
CA THR B 107 -12.62 41.56 79.84
C THR B 107 -12.79 42.98 79.40
N LYS B 108 -14.02 43.45 79.47
CA LYS B 108 -14.31 44.76 79.03
C LYS B 108 -13.39 45.72 79.80
N ALA B 109 -12.86 46.76 79.13
CA ALA B 109 -11.83 47.67 79.69
C ALA B 109 -11.84 49.04 78.98
N THR B 110 -11.60 50.12 79.70
CA THR B 110 -11.67 51.45 79.12
C THR B 110 -10.40 51.95 78.47
N ALA B 111 -9.28 51.63 79.12
CA ALA B 111 -7.95 51.95 78.62
C ALA B 111 -6.91 50.91 79.01
N LEU B 112 -7.04 49.74 78.39
CA LEU B 112 -5.92 48.76 78.41
C LEU B 112 -4.60 49.31 77.82
N THR B 113 -3.49 48.94 78.43
CA THR B 113 -2.17 49.40 77.98
C THR B 113 -1.65 48.65 76.77
N TYR B 114 -2.47 47.80 76.18
CA TYR B 114 -2.11 47.13 74.94
C TYR B 114 -3.42 46.64 74.26
N ASP B 115 -3.34 46.38 72.96
CA ASP B 115 -4.40 45.67 72.21
C ASP B 115 -4.31 44.19 72.54
N PRO B 116 -5.26 43.68 73.35
CA PRO B 116 -5.13 42.27 73.75
C PRO B 116 -5.46 41.35 72.62
N TYR B 117 -6.06 41.87 71.56
CA TYR B 117 -6.47 40.99 70.48
C TYR B 117 -5.49 40.93 69.31
N VAL B 118 -4.46 41.79 69.27
CA VAL B 118 -3.58 41.91 68.08
C VAL B 118 -2.86 40.61 67.67
N ASN B 119 -2.64 39.68 68.61
CA ASN B 119 -1.99 38.43 68.27
C ASN B 119 -2.98 37.31 67.99
N TYR B 120 -4.26 37.60 67.91
CA TYR B 120 -5.19 36.47 67.70
C TYR B 120 -5.08 35.99 66.23
N SER B 121 -5.10 34.69 66.01
CA SER B 121 -5.09 34.13 64.66
C SER B 121 -6.19 34.74 63.77
N SER B 122 -7.35 35.00 64.37
CA SER B 122 -8.49 35.56 63.65
C SER B 122 -8.57 37.10 63.63
N ARG B 123 -7.51 37.76 64.10
CA ARG B 123 -7.53 39.20 64.18
C ARG B 123 -7.53 39.82 62.81
N HIS B 124 -8.34 40.85 62.65
CA HIS B 124 -8.20 41.83 61.57
C HIS B 124 -7.92 43.23 62.20
N THR B 125 -7.06 43.98 61.50
CA THR B 125 -6.71 45.37 61.80
C THR B 125 -7.87 46.33 61.60
N ILE B 126 -8.12 47.18 62.60
CA ILE B 126 -9.04 48.32 62.56
C ILE B 126 -8.27 49.63 62.44
N THR B 127 -8.69 50.52 61.59
CA THR B 127 -8.01 51.74 61.23
C THR B 127 -9.00 52.82 61.69
N GLN B 128 -8.56 53.76 62.51
CA GLN B 128 -9.50 54.65 63.23
C GLN B 128 -9.14 56.10 62.95
N PRO B 129 -10.13 57.00 63.05
CA PRO B 129 -11.51 56.77 63.44
C PRO B 129 -12.54 56.85 62.30
N PHE B 130 -12.00 57.05 61.08
CA PHE B 130 -12.78 57.40 59.91
C PHE B 130 -12.91 56.30 58.86
N SER B 131 -12.46 55.09 59.17
CA SER B 131 -12.49 53.97 58.22
C SER B 131 -13.63 52.98 58.52
N TYR B 132 -14.17 52.42 57.45
CA TYR B 132 -15.10 51.29 57.56
C TYR B 132 -14.30 50.14 58.10
N HIS B 133 -14.94 49.25 58.86
CA HIS B 133 -14.36 47.95 59.17
C HIS B 133 -15.46 46.96 59.12
N SER B 134 -15.17 45.75 58.63
CA SER B 134 -16.19 44.68 58.68
C SER B 134 -15.62 43.32 58.91
N ARG B 135 -16.46 42.44 59.40
CA ARG B 135 -16.05 41.04 59.63
C ARG B 135 -17.24 40.23 59.21
N TYR B 136 -17.00 39.04 58.65
CA TYR B 136 -18.03 38.18 58.10
C TYR B 136 -17.60 36.78 58.46
N PHE B 137 -18.39 36.10 59.29
CA PHE B 137 -18.01 34.76 59.77
C PHE B 137 -19.17 33.94 60.23
N THR B 138 -18.91 32.64 60.41
CA THR B 138 -19.89 31.74 60.95
C THR B 138 -19.83 31.80 62.48
N PRO B 139 -20.91 32.27 63.12
CA PRO B 139 -20.90 32.38 64.55
C PRO B 139 -21.36 31.05 65.09
N LYS B 140 -21.35 30.90 66.40
CA LYS B 140 -21.74 29.64 67.03
C LYS B 140 -22.66 29.93 68.19
N PRO B 141 -23.60 29.04 68.40
CA PRO B 141 -24.43 29.25 69.53
C PRO B 141 -23.72 28.86 70.84
N VAL B 142 -24.15 29.53 71.91
CA VAL B 142 -23.74 29.20 73.29
C VAL B 142 -24.64 28.07 73.87
N LEU B 143 -24.21 26.82 73.67
CA LEU B 143 -25.03 25.68 74.03
C LEU B 143 -24.82 25.31 75.48
N ASP B 144 -23.60 25.44 75.95
CA ASP B 144 -23.24 25.16 77.33
C ASP B 144 -22.07 26.10 77.67
N SER B 145 -22.30 27.13 78.47
CA SER B 145 -21.24 28.11 78.80
C SER B 145 -20.30 27.68 79.96
N THR B 146 -20.50 26.51 80.51
CA THR B 146 -19.46 25.88 81.34
C THR B 146 -18.34 25.31 80.45
N ILE B 147 -18.72 24.46 79.52
CA ILE B 147 -17.81 23.76 78.66
C ILE B 147 -17.46 24.54 77.39
N ASP B 148 -18.39 25.30 76.84
CA ASP B 148 -18.12 26.19 75.71
C ASP B 148 -17.61 25.48 74.48
N TYR B 149 -18.46 24.61 73.96
CA TYR B 149 -18.22 23.87 72.73
C TYR B 149 -18.93 24.42 71.48
N PHE B 150 -18.28 24.18 70.35
CA PHE B 150 -18.87 24.54 69.10
C PHE B 150 -18.47 23.57 68.00
N GLN B 151 -19.31 23.52 66.95
CA GLN B 151 -19.08 22.71 65.76
C GLN B 151 -18.02 23.36 64.95
N PRO B 152 -17.25 22.60 64.18
CA PRO B 152 -16.43 23.22 63.17
C PRO B 152 -17.27 23.77 62.07
N ASN B 153 -16.75 24.86 61.48
CA ASN B 153 -17.38 25.59 60.37
C ASN B 153 -17.61 24.53 59.27
N ASN B 154 -18.85 24.44 58.81
CA ASN B 154 -19.29 23.35 57.93
C ASN B 154 -20.73 23.69 57.46
N LYS B 155 -21.23 23.02 56.41
CA LYS B 155 -22.54 23.37 55.82
C LYS B 155 -23.67 22.38 56.21
N ARG B 156 -23.64 21.20 55.59
CA ARG B 156 -24.69 20.20 55.71
C ARG B 156 -24.97 19.79 57.15
N ASN B 157 -23.93 19.78 58.02
CA ASN B 157 -23.95 19.29 59.45
C ASN B 157 -24.28 20.27 60.57
N GLN B 158 -24.45 21.55 60.24
CA GLN B 158 -24.78 22.54 61.26
C GLN B 158 -26.09 22.35 62.06
N LEU B 159 -26.00 22.50 63.38
CA LEU B 159 -27.16 22.25 64.22
C LEU B 159 -28.30 23.18 63.88
N TRP B 160 -29.52 22.64 63.86
CA TRP B 160 -30.76 23.45 63.77
C TRP B 160 -31.16 23.79 65.19
N LEU B 161 -31.74 24.96 65.38
CA LEU B 161 -32.23 25.46 66.68
C LEU B 161 -33.71 25.78 66.49
N ARG B 162 -34.51 25.53 67.51
CA ARG B 162 -35.87 25.99 67.54
C ARG B 162 -35.89 27.54 67.54
N LEU B 163 -36.77 28.09 66.70
CA LEU B 163 -37.01 29.51 66.64
C LEU B 163 -37.98 29.81 67.75
N GLN B 164 -37.51 30.44 68.81
CA GLN B 164 -38.29 30.67 70.00
C GLN B 164 -38.94 32.06 69.87
N THR B 165 -40.05 32.26 70.64
CA THR B 165 -40.71 33.59 70.60
C THR B 165 -39.80 34.60 71.36
N ALA B 166 -39.46 34.21 72.59
CA ALA B 166 -38.79 35.11 73.51
C ALA B 166 -37.35 34.77 73.77
N GLY B 167 -37.01 33.53 74.04
CA GLY B 167 -35.76 33.37 74.82
C GLY B 167 -34.60 32.80 74.03
N ASN B 168 -34.28 33.40 72.88
CA ASN B 168 -33.47 32.69 71.92
C ASN B 168 -32.03 32.65 72.41
N VAL B 169 -31.25 31.72 71.88
CA VAL B 169 -29.94 31.50 72.43
C VAL B 169 -28.94 32.46 71.79
N ASP B 170 -28.13 33.12 72.62
CA ASP B 170 -27.01 33.97 72.15
C ASP B 170 -26.05 33.25 71.21
N HIS B 171 -25.69 33.89 70.11
CA HIS B 171 -24.62 33.37 69.23
C HIS B 171 -23.38 34.20 69.43
N VAL B 172 -22.28 33.66 69.01
CA VAL B 172 -21.06 34.21 69.50
C VAL B 172 -19.92 34.35 68.54
N GLY B 173 -19.16 35.41 68.86
CA GLY B 173 -18.59 36.17 67.82
C GLY B 173 -17.51 37.16 68.01
N LEU B 174 -17.77 38.43 68.39
CA LEU B 174 -16.71 39.44 68.09
C LEU B 174 -16.16 40.17 69.25
N GLY B 175 -14.84 40.19 69.28
CA GLY B 175 -14.06 40.97 70.24
C GLY B 175 -13.43 42.16 69.54
N THR B 176 -13.36 43.29 70.23
CA THR B 176 -12.95 44.56 69.65
C THR B 176 -12.01 45.23 70.60
N ALA B 177 -11.00 45.87 70.03
CA ALA B 177 -10.08 46.64 70.77
C ALA B 177 -9.80 47.87 69.89
N PHE B 178 -10.38 48.99 70.28
CA PHE B 178 -10.17 50.25 69.60
C PHE B 178 -9.23 51.12 70.41
N GLU B 179 -8.14 51.59 69.79
CA GLU B 179 -7.23 52.62 70.39
C GLU B 179 -8.03 53.89 70.74
N ASN B 180 -7.70 54.40 71.94
CA ASN B 180 -8.37 55.54 72.51
C ASN B 180 -7.81 56.80 71.85
N SER B 181 -8.53 57.91 71.99
CA SER B 181 -8.21 59.17 71.32
C SER B 181 -8.49 60.41 72.21
N ILE B 182 -7.77 61.45 71.87
CA ILE B 182 -7.96 62.82 72.34
C ILE B 182 -9.43 63.27 72.03
N TYR B 183 -9.99 62.73 70.92
CA TYR B 183 -11.38 62.96 70.51
C TYR B 183 -12.28 61.77 70.65
N ASP B 184 -13.59 62.06 70.72
CA ASP B 184 -14.63 61.04 70.71
C ASP B 184 -14.59 60.32 69.35
N GLN B 185 -14.70 59.00 69.37
CA GLN B 185 -14.80 58.19 68.13
C GLN B 185 -16.15 57.48 68.21
N GLU B 186 -17.04 57.85 67.31
CA GLU B 186 -18.43 57.35 67.25
C GLU B 186 -18.61 56.48 66.02
N TYR B 187 -19.54 55.52 66.10
CA TYR B 187 -19.82 54.56 64.99
C TYR B 187 -21.31 54.18 64.90
N ASN B 188 -21.80 53.96 63.69
CA ASN B 188 -23.05 53.19 63.48
C ASN B 188 -22.64 51.78 63.22
N ILE B 189 -23.08 50.87 64.08
CA ILE B 189 -22.67 49.48 63.97
C ILE B 189 -23.82 48.79 63.29
N ARG B 190 -23.58 48.17 62.13
CA ARG B 190 -24.64 47.35 61.52
C ARG B 190 -24.33 45.88 61.58
N VAL B 191 -25.19 45.15 62.28
CA VAL B 191 -25.08 43.71 62.32
C VAL B 191 -26.11 43.05 61.36
N THR B 192 -25.64 42.11 60.54
CA THR B 192 -26.45 41.43 59.60
C THR B 192 -26.32 39.90 59.80
N MET B 193 -27.47 39.24 59.98
CA MET B 193 -27.52 37.81 60.18
C MET B 193 -28.03 37.17 58.90
N TYR B 194 -27.19 36.29 58.34
CA TYR B 194 -27.50 35.47 57.15
C TYR B 194 -28.06 34.17 57.72
N VAL B 195 -29.38 34.02 57.68
CA VAL B 195 -30.11 33.01 58.42
C VAL B 195 -30.84 32.02 57.55
N GLN B 196 -30.88 30.77 57.97
CA GLN B 196 -31.49 29.71 57.19
C GLN B 196 -32.58 29.14 58.05
N PHE B 197 -33.83 29.39 57.66
CA PHE B 197 -35.03 28.94 58.35
C PHE B 197 -35.47 27.64 57.71
N ARG B 198 -36.14 26.77 58.47
CA ARG B 198 -36.61 25.52 57.94
C ARG B 198 -37.97 25.13 58.58
N GLU B 199 -38.83 24.47 57.80
CA GLU B 199 -40.20 24.08 58.24
C GLU B 199 -41.14 25.25 58.38
N PHE B 200 -41.79 25.60 57.28
CA PHE B 200 -42.96 26.52 57.25
C PHE B 200 -44.00 25.98 58.28
N ASN B 201 -44.53 26.85 59.14
CA ASN B 201 -45.47 26.42 60.18
C ASN B 201 -46.73 27.29 60.27
N LEU B 202 -47.05 28.07 59.24
CA LEU B 202 -48.11 29.04 59.31
C LEU B 202 -49.44 28.45 59.78
N LYS B 203 -50.03 29.10 60.76
CA LYS B 203 -51.34 28.79 61.24
C LYS B 203 -52.32 29.80 60.70
N ASP B 204 -53.42 29.29 60.20
CA ASP B 204 -54.47 30.06 59.60
C ASP B 204 -55.85 29.73 60.20
N PRO B 205 -56.15 30.31 61.37
CA PRO B 205 -57.46 30.22 61.98
C PRO B 205 -58.51 30.98 61.16
N PRO B 206 -59.76 30.51 61.15
CA PRO B 206 -60.97 30.98 60.29
C PRO B 206 -61.22 32.51 59.76
N SER C 19 -40.90 55.37 12.81
CA SER C 19 -41.40 54.13 13.53
C SER C 19 -41.41 54.31 15.10
N HIS C 20 -40.23 54.56 15.69
CA HIS C 20 -40.04 54.28 17.10
C HIS C 20 -38.68 54.81 17.73
N PHE C 21 -38.72 55.49 18.85
CA PHE C 21 -37.64 56.34 19.30
C PHE C 21 -37.21 56.09 20.75
N ASN C 22 -35.96 55.67 20.88
CA ASN C 22 -35.30 55.58 22.19
C ASN C 22 -34.52 56.84 22.61
N THR C 23 -34.84 57.31 23.79
CA THR C 23 -34.15 58.43 24.33
C THR C 23 -34.26 58.50 25.87
N ARG C 24 -33.70 59.58 26.38
CA ARG C 24 -33.42 59.72 27.75
C ARG C 24 -33.85 61.12 28.18
N LEU C 25 -34.61 61.19 29.27
CA LEU C 25 -35.11 62.47 29.86
C LEU C 25 -34.68 62.69 31.34
N SER C 26 -34.23 63.90 31.68
CA SER C 26 -33.75 64.14 33.01
C SER C 26 -34.29 65.44 33.62
N ARG C 27 -34.39 65.40 34.93
CA ARG C 27 -34.67 66.54 35.74
C ARG C 27 -33.97 66.38 37.09
N THR C 28 -33.68 67.54 37.71
CA THR C 28 -32.95 67.62 39.00
C THR C 28 -33.71 68.50 39.99
N PHE C 29 -33.96 67.99 41.21
CA PHE C 29 -34.66 68.72 42.28
C PHE C 29 -33.92 68.53 43.62
N GLY C 30 -34.24 69.40 44.60
CA GLY C 30 -33.60 69.43 45.90
C GLY C 30 -34.25 68.57 46.95
N TYR C 31 -33.45 67.98 47.82
CA TYR C 31 -33.95 67.22 48.98
C TYR C 31 -33.05 67.56 50.17
N THR C 32 -33.67 68.10 51.22
CA THR C 32 -32.95 68.34 52.47
C THR C 32 -33.45 67.47 53.61
N ILE C 33 -32.57 66.75 54.27
CA ILE C 33 -32.90 66.11 55.51
C ILE C 33 -32.44 67.07 56.61
N LYS C 34 -33.41 67.59 57.36
CA LYS C 34 -33.14 68.62 58.37
C LYS C 34 -32.44 68.03 59.60
N ARG C 35 -31.56 68.81 60.22
CA ARG C 35 -30.79 68.32 61.35
C ARG C 35 -31.70 68.00 62.52
N THR C 36 -31.30 67.06 63.36
CA THR C 36 -32.01 66.77 64.59
C THR C 36 -31.09 66.73 65.79
N THR C 37 -31.76 66.73 66.94
CA THR C 37 -31.10 66.66 68.23
C THR C 37 -31.33 65.32 68.92
N VAL C 38 -32.33 64.52 68.49
CA VAL C 38 -32.42 63.09 68.87
C VAL C 38 -31.01 62.45 68.83
N LYS C 39 -30.68 61.77 69.93
CA LYS C 39 -29.28 61.33 70.18
C LYS C 39 -29.17 59.87 69.73
N THR C 40 -30.23 59.10 70.03
CA THR C 40 -30.34 57.76 69.50
C THR C 40 -30.44 57.77 67.95
N PRO C 41 -29.96 56.68 67.31
CA PRO C 41 -30.15 56.56 65.87
C PRO C 41 -31.65 56.56 65.40
N SER C 42 -31.97 57.51 64.53
CA SER C 42 -33.29 57.61 63.86
C SER C 42 -33.13 57.76 62.34
N TRP C 43 -34.26 57.63 61.65
CA TRP C 43 -34.31 57.60 60.21
C TRP C 43 -35.42 58.43 59.63
N ALA C 44 -35.08 59.16 58.57
CA ALA C 44 -36.02 59.97 57.82
C ALA C 44 -36.48 59.16 56.57
N VAL C 45 -37.79 58.96 56.55
CA VAL C 45 -38.43 58.00 55.68
C VAL C 45 -39.31 58.76 54.74
N ASP C 46 -39.17 58.43 53.46
CA ASP C 46 -39.82 59.11 52.36
C ASP C 46 -39.88 58.23 51.11
N MET C 47 -40.26 58.82 49.98
CA MET C 47 -40.58 58.08 48.77
C MET C 47 -40.54 59.01 47.55
N MET C 48 -40.71 58.34 46.41
CA MET C 48 -40.50 58.88 45.11
C MET C 48 -41.38 58.17 44.14
N ARG C 49 -42.12 58.98 43.39
CA ARG C 49 -42.78 58.50 42.18
C ARG C 49 -42.18 59.15 40.93
N PHE C 50 -42.50 58.62 39.76
CA PHE C 50 -41.97 59.18 38.54
C PHE C 50 -43.12 59.40 37.62
N ASN C 51 -43.47 60.65 37.38
CA ASN C 51 -44.38 61.02 36.33
C ASN C 51 -43.68 61.77 35.18
N ILE C 52 -43.80 61.28 33.93
CA ILE C 52 -43.35 61.94 32.69
C ILE C 52 -43.90 63.38 32.49
N ASN C 53 -44.97 63.74 33.20
CA ASN C 53 -45.38 65.14 33.22
C ASN C 53 -44.22 66.05 33.57
N ASP C 54 -43.42 65.67 34.56
CA ASP C 54 -42.26 66.44 35.00
C ASP C 54 -41.09 66.33 34.09
N PHE C 55 -41.13 65.50 33.06
CA PHE C 55 -39.95 65.32 32.19
C PHE C 55 -40.03 65.93 30.78
N LEU C 56 -41.24 66.31 30.41
CA LEU C 56 -41.64 66.59 29.05
C LEU C 56 -42.65 67.74 29.08
N PRO C 57 -42.22 68.95 28.71
CA PRO C 57 -43.20 70.05 28.81
C PRO C 57 -44.25 69.96 27.74
N PRO C 58 -45.31 70.76 27.90
CA PRO C 58 -46.32 70.89 26.81
C PRO C 58 -45.69 71.42 25.51
N GLY C 59 -46.36 71.18 24.39
CA GLY C 59 -45.94 71.64 23.04
C GLY C 59 -46.78 72.86 22.71
N GLY C 60 -47.04 73.13 21.43
CA GLY C 60 -47.92 74.23 21.02
C GLY C 60 -48.56 73.91 19.69
N GLY C 61 -49.52 74.76 19.31
CA GLY C 61 -50.34 74.56 18.14
C GLY C 61 -51.07 73.23 18.23
N SER C 62 -50.97 72.47 17.14
CA SER C 62 -51.63 71.19 17.01
C SER C 62 -50.80 69.96 17.39
N ASN C 63 -49.61 70.17 17.99
CA ASN C 63 -48.73 69.13 18.49
C ASN C 63 -48.66 69.45 19.96
N PRO C 64 -49.68 68.98 20.78
CA PRO C 64 -49.79 69.33 22.21
C PRO C 64 -48.59 68.95 23.11
N ARG C 65 -47.78 67.97 22.71
CA ARG C 65 -46.62 67.56 23.55
C ARG C 65 -45.34 67.78 22.80
N SER C 66 -44.31 68.19 23.54
CA SER C 66 -42.99 68.51 22.97
C SER C 66 -42.29 67.35 22.24
N VAL C 67 -42.60 66.08 22.55
CA VAL C 67 -42.17 65.01 21.63
C VAL C 67 -43.39 64.55 20.86
N PRO C 68 -43.31 64.50 19.53
CA PRO C 68 -44.54 64.22 18.76
C PRO C 68 -44.73 62.75 18.55
N PHE C 69 -44.97 62.00 19.60
CA PHE C 69 -45.29 60.57 19.50
C PHE C 69 -46.56 60.29 20.26
N GLU C 70 -47.26 59.26 19.83
CA GLU C 70 -48.55 58.90 20.41
C GLU C 70 -48.44 58.01 21.67
N TYR C 71 -47.45 57.12 21.70
CA TYR C 71 -47.32 56.12 22.75
C TYR C 71 -45.94 56.21 23.39
N TYR C 72 -45.85 55.80 24.66
CA TYR C 72 -44.57 55.57 25.31
C TYR C 72 -44.59 54.45 26.36
N ARG C 73 -43.38 54.09 26.76
CA ARG C 73 -43.18 53.32 27.95
C ARG C 73 -41.80 53.56 28.51
N ILE C 74 -41.69 53.32 29.81
CA ILE C 74 -40.52 53.74 30.57
C ILE C 74 -39.77 52.50 30.79
N ARG C 75 -38.67 52.41 30.07
CA ARG C 75 -37.79 51.23 30.06
C ARG C 75 -37.07 51.01 31.39
N LYS C 76 -36.46 52.08 31.90
CA LYS C 76 -35.60 52.12 33.09
C LYS C 76 -35.72 53.49 33.81
N VAL C 77 -35.55 53.59 35.12
CA VAL C 77 -35.31 54.90 35.71
C VAL C 77 -33.95 54.84 36.36
N LYS C 78 -33.18 55.92 36.27
CA LYS C 78 -32.01 56.05 37.10
C LYS C 78 -32.30 57.15 38.04
N VAL C 79 -32.30 56.87 39.34
CA VAL C 79 -32.38 57.86 40.39
C VAL C 79 -30.96 58.05 40.97
N GLU C 80 -30.43 59.27 40.87
CA GLU C 80 -29.09 59.61 41.37
C GLU C 80 -29.18 60.70 42.51
N PHE C 81 -28.70 60.35 43.71
CA PHE C 81 -28.58 61.26 44.82
C PHE C 81 -27.17 61.87 44.83
N TRP C 82 -27.02 63.09 44.31
CA TRP C 82 -25.76 63.71 44.28
C TRP C 82 -25.69 64.49 45.56
N PRO C 83 -24.83 64.08 46.48
CA PRO C 83 -24.70 64.81 47.72
C PRO C 83 -24.08 66.24 47.57
N CYS C 84 -24.62 67.13 48.39
CA CYS C 84 -24.14 68.50 48.55
C CYS C 84 -23.06 68.64 49.60
N SER C 85 -23.12 67.82 50.64
CA SER C 85 -22.23 67.95 51.78
C SER C 85 -20.78 67.67 51.41
N PRO C 86 -19.87 68.48 51.94
CA PRO C 86 -18.47 68.25 51.62
C PRO C 86 -17.97 66.97 52.24
N ILE C 87 -16.86 66.46 51.72
CA ILE C 87 -16.29 65.22 52.28
C ILE C 87 -15.66 65.42 53.64
N THR C 88 -15.70 66.65 54.16
CA THR C 88 -15.20 67.00 55.50
C THR C 88 -16.19 66.87 56.66
N GLN C 89 -17.46 66.60 56.35
CA GLN C 89 -18.57 66.63 57.32
C GLN C 89 -18.73 65.31 58.06
N GLY C 90 -19.04 65.44 59.33
CA GLY C 90 -19.06 64.33 60.24
C GLY C 90 -20.47 63.87 60.48
N ASP C 91 -20.65 63.33 61.66
CA ASP C 91 -21.86 62.58 62.03
C ASP C 91 -22.43 61.72 60.91
N ARG C 92 -21.55 60.99 60.26
CA ARG C 92 -21.90 60.19 59.12
C ARG C 92 -22.75 59.02 59.48
N GLY C 93 -23.60 58.65 58.52
CA GLY C 93 -24.71 57.75 58.75
C GLY C 93 -24.91 56.75 57.65
N VAL C 94 -25.89 55.89 57.87
CA VAL C 94 -26.09 54.82 56.97
C VAL C 94 -27.57 54.54 56.89
N GLY C 95 -28.04 54.32 55.66
CA GLY C 95 -29.46 54.22 55.34
C GLY C 95 -29.78 53.26 54.21
N SER C 96 -30.87 53.48 53.53
CA SER C 96 -31.42 52.41 52.71
C SER C 96 -32.31 52.97 51.61
N SER C 97 -32.08 52.57 50.38
CA SER C 97 -33.11 52.68 49.32
C SER C 97 -33.70 51.33 49.00
N ALA C 98 -34.98 51.30 48.68
CA ALA C 98 -35.59 50.06 48.17
C ALA C 98 -36.50 50.37 47.03
N VAL C 99 -36.60 49.42 46.13
CA VAL C 99 -37.45 49.51 44.96
C VAL C 99 -38.82 49.00 45.35
N ILE C 100 -39.80 49.86 45.16
CA ILE C 100 -41.16 49.62 45.49
C ILE C 100 -42.00 49.67 44.23
N LEU C 101 -42.30 48.50 43.67
CA LEU C 101 -43.01 48.43 42.42
C LEU C 101 -44.56 48.47 42.51
N ASP C 102 -45.13 48.51 43.73
CA ASP C 102 -46.58 48.35 43.87
C ASP C 102 -47.19 49.54 44.55
N ASP C 103 -46.48 50.67 44.57
CA ASP C 103 -47.01 51.90 45.12
C ASP C 103 -47.46 51.82 46.63
N ASN C 104 -46.75 51.04 47.42
CA ASN C 104 -47.01 50.90 48.84
C ASN C 104 -45.69 51.14 49.63
N PHE C 105 -45.48 52.41 49.89
CA PHE C 105 -44.29 52.85 50.54
C PHE C 105 -44.51 52.77 52.00
N VAL C 106 -43.43 52.69 52.74
CA VAL C 106 -43.45 52.87 54.20
C VAL C 106 -43.85 54.29 54.48
N THR C 107 -44.55 54.51 55.56
CA THR C 107 -45.15 55.81 55.83
C THR C 107 -44.08 56.87 56.11
N LYS C 108 -44.23 58.04 55.48
CA LYS C 108 -43.34 59.15 55.66
C LYS C 108 -43.16 59.47 57.15
N ALA C 109 -41.91 59.63 57.55
CA ALA C 109 -41.57 59.74 58.98
C ALA C 109 -40.39 60.66 59.11
N THR C 110 -40.32 61.42 60.23
CA THR C 110 -39.12 62.27 60.42
C THR C 110 -37.90 61.59 61.08
N ALA C 111 -38.19 60.78 62.10
CA ALA C 111 -37.20 60.16 63.00
C ALA C 111 -37.79 58.85 63.52
N LEU C 112 -37.95 57.90 62.61
CA LEU C 112 -38.26 56.56 62.95
C LEU C 112 -37.10 55.91 63.68
N THR C 113 -37.43 55.12 64.68
CA THR C 113 -36.38 54.50 65.54
C THR C 113 -35.60 53.31 64.95
N TYR C 114 -35.89 52.98 63.69
CA TYR C 114 -35.15 51.95 62.91
C TYR C 114 -35.25 52.28 61.41
N ASP C 115 -34.43 51.62 60.61
CA ASP C 115 -34.41 51.85 59.16
C ASP C 115 -35.43 50.81 58.61
N PRO C 116 -36.58 51.29 58.27
CA PRO C 116 -37.63 50.38 57.89
C PRO C 116 -37.39 49.62 56.56
N TYR C 117 -36.39 50.03 55.77
CA TYR C 117 -36.06 49.36 54.49
C TYR C 117 -34.89 48.40 54.52
N VAL C 118 -34.09 48.46 55.57
CA VAL C 118 -32.85 47.66 55.65
C VAL C 118 -33.01 46.15 55.22
N ASN C 119 -34.10 45.49 55.62
CA ASN C 119 -34.31 44.09 55.29
C ASN C 119 -35.00 43.85 53.92
N TYR C 120 -35.42 44.94 53.26
CA TYR C 120 -35.94 44.76 51.90
C TYR C 120 -35.00 43.95 50.92
N SER C 121 -35.59 43.05 50.18
CA SER C 121 -34.80 42.25 49.23
C SER C 121 -34.07 43.17 48.29
N SER C 122 -34.76 44.23 47.82
CA SER C 122 -34.20 45.26 46.87
C SER C 122 -33.32 46.37 47.51
N ARG C 123 -33.08 46.30 48.81
CA ARG C 123 -32.31 47.31 49.51
C ARG C 123 -30.87 47.38 49.01
N HIS C 124 -30.42 48.63 48.80
CA HIS C 124 -29.00 48.96 48.70
C HIS C 124 -28.69 49.94 49.81
N THR C 125 -27.42 49.93 50.24
CA THR C 125 -27.00 50.72 51.37
C THR C 125 -26.69 52.10 50.85
N ILE C 126 -27.22 53.13 51.53
CA ILE C 126 -26.86 54.49 51.30
C ILE C 126 -25.80 54.87 52.36
N THR C 127 -24.72 55.50 51.95
CA THR C 127 -23.72 55.98 52.91
C THR C 127 -23.82 57.55 52.95
N GLN C 128 -23.64 58.16 54.11
CA GLN C 128 -24.05 59.58 54.28
C GLN C 128 -23.00 60.39 54.98
N PRO C 129 -22.89 61.69 54.75
CA PRO C 129 -23.74 62.51 53.93
C PRO C 129 -23.07 62.91 52.64
N PHE C 130 -21.81 62.47 52.44
CA PHE C 130 -21.07 62.91 51.27
C PHE C 130 -20.97 61.93 50.12
N SER C 131 -21.64 60.82 50.12
CA SER C 131 -21.39 59.81 49.07
C SER C 131 -22.51 59.78 48.04
N TYR C 132 -22.12 59.58 46.77
CA TYR C 132 -23.10 59.33 45.67
C TYR C 132 -23.93 58.10 46.02
N HIS C 133 -25.19 58.08 45.63
CA HIS C 133 -26.00 56.85 45.71
C HIS C 133 -26.86 56.88 44.49
N SER C 134 -27.05 55.73 43.85
CA SER C 134 -27.96 55.62 42.69
C SER C 134 -28.55 54.22 42.56
N ARG C 135 -29.71 54.18 41.92
CA ARG C 135 -30.55 53.00 41.68
C ARG C 135 -30.96 53.05 40.23
N TYR C 136 -31.19 51.87 39.69
CA TYR C 136 -31.42 51.74 38.24
C TYR C 136 -32.19 50.45 38.10
N PHE C 137 -33.44 50.61 37.67
CA PHE C 137 -34.41 49.53 37.70
C PHE C 137 -35.57 49.85 36.76
N THR C 138 -36.34 48.85 36.37
CA THR C 138 -37.60 49.11 35.60
C THR C 138 -38.78 49.44 36.52
N PRO C 139 -39.23 50.69 36.51
CA PRO C 139 -40.35 51.07 37.33
C PRO C 139 -41.69 50.60 36.73
N LYS C 140 -42.77 50.70 37.51
CA LYS C 140 -44.09 50.26 37.00
C LYS C 140 -45.16 51.34 37.02
N PRO C 141 -46.02 51.31 36.01
CA PRO C 141 -47.15 52.22 36.13
C PRO C 141 -48.11 51.80 37.26
N VAL C 142 -48.81 52.78 37.79
CA VAL C 142 -49.88 52.56 38.77
C VAL C 142 -51.20 52.53 37.96
N LEU C 143 -51.60 51.29 37.65
CA LEU C 143 -52.72 51.06 36.78
C LEU C 143 -54.02 50.99 37.54
N ASP C 144 -54.00 50.41 38.73
CA ASP C 144 -55.20 50.24 39.61
C ASP C 144 -54.65 50.24 41.02
N SER C 145 -54.75 51.34 41.71
CA SER C 145 -54.21 51.39 43.05
C SER C 145 -55.09 50.70 44.08
N THR C 146 -56.20 50.10 43.70
CA THR C 146 -56.90 49.19 44.61
C THR C 146 -56.19 47.85 44.75
N ILE C 147 -55.79 47.28 43.60
CA ILE C 147 -55.14 45.98 43.53
C ILE C 147 -53.59 46.01 43.52
N ASP C 148 -53.06 47.04 42.88
CA ASP C 148 -51.63 47.30 42.81
C ASP C 148 -50.84 46.21 42.09
N TYR C 149 -51.06 46.05 40.81
CA TYR C 149 -50.47 44.98 40.07
C TYR C 149 -49.50 45.54 39.06
N PHE C 150 -48.59 44.69 38.62
CA PHE C 150 -47.62 45.12 37.66
C PHE C 150 -47.00 43.94 36.95
N GLN C 151 -46.33 44.22 35.83
CA GLN C 151 -45.75 43.17 34.99
C GLN C 151 -44.41 42.71 35.48
N PRO C 152 -44.05 41.44 35.30
CA PRO C 152 -42.68 41.11 35.50
C PRO C 152 -41.76 41.82 34.54
N ASN C 153 -40.53 41.96 35.02
CA ASN C 153 -39.58 42.97 34.51
C ASN C 153 -39.15 42.38 33.13
N ASN C 154 -39.56 43.07 32.07
CA ASN C 154 -39.47 42.52 30.69
C ASN C 154 -39.09 43.57 29.65
N LYS C 155 -38.84 43.07 28.42
CA LYS C 155 -38.68 43.90 27.25
C LYS C 155 -39.90 43.84 26.29
N ARG C 156 -39.99 42.88 25.39
CA ARG C 156 -41.01 42.94 24.34
C ARG C 156 -42.48 42.77 24.75
N ASN C 157 -42.78 42.50 26.04
CA ASN C 157 -44.17 42.38 26.59
C ASN C 157 -44.68 43.52 27.44
N GLN C 158 -43.92 44.61 27.54
CA GLN C 158 -44.23 45.71 28.45
C GLN C 158 -45.30 46.52 27.84
N LEU C 159 -46.29 46.85 28.63
CA LEU C 159 -47.41 47.66 28.20
C LEU C 159 -46.90 49.00 27.65
N TRP C 160 -47.55 49.39 26.55
CA TRP C 160 -47.51 50.74 26.03
C TRP C 160 -48.60 51.58 26.65
N LEU C 161 -48.30 52.87 26.77
CA LEU C 161 -49.18 53.86 27.37
C LEU C 161 -49.30 54.98 26.40
N ARG C 162 -50.45 55.61 26.38
CA ARG C 162 -50.67 56.82 25.56
C ARG C 162 -49.90 57.92 26.18
N LEU C 163 -49.29 58.77 25.37
CA LEU C 163 -48.58 59.98 25.88
C LEU C 163 -49.60 61.13 25.95
N GLN C 164 -50.05 61.42 27.15
CA GLN C 164 -51.05 62.44 27.37
C GLN C 164 -50.37 63.82 27.50
N THR C 165 -51.15 64.86 27.17
CA THR C 165 -50.61 66.18 27.36
C THR C 165 -50.37 66.44 28.87
N ALA C 166 -51.30 65.97 29.70
CA ALA C 166 -51.37 66.40 31.08
C ALA C 166 -51.55 65.34 32.13
N GLY C 167 -52.37 64.35 31.94
CA GLY C 167 -52.74 63.55 33.12
C GLY C 167 -51.96 62.25 33.18
N ASN C 168 -50.66 62.29 32.96
CA ASN C 168 -49.94 61.04 32.77
C ASN C 168 -49.89 60.23 34.07
N VAL C 169 -49.73 58.93 33.92
CA VAL C 169 -49.78 58.06 35.03
C VAL C 169 -48.41 58.03 35.81
N ASP C 170 -48.51 58.16 37.12
CA ASP C 170 -47.43 57.88 38.02
C ASP C 170 -46.91 56.46 37.75
N HIS C 171 -45.59 56.35 37.77
CA HIS C 171 -44.83 55.13 37.77
C HIS C 171 -44.09 55.10 39.10
N VAL C 172 -43.74 53.90 39.53
CA VAL C 172 -43.47 53.71 40.89
C VAL C 172 -42.25 52.91 41.08
N GLY C 173 -41.68 53.17 42.27
CA GLY C 173 -40.31 53.04 42.40
C GLY C 173 -39.51 53.12 43.66
N LEU C 174 -39.31 54.29 44.28
CA LEU C 174 -38.22 54.30 45.32
C LEU C 174 -38.58 54.75 46.72
N GLY C 175 -38.33 53.87 47.69
CA GLY C 175 -38.36 54.25 49.09
C GLY C 175 -36.97 54.50 49.67
N THR C 176 -36.91 55.47 50.56
CA THR C 176 -35.67 55.91 51.15
C THR C 176 -35.83 56.08 52.63
N ALA C 177 -34.74 55.73 53.33
CA ALA C 177 -34.56 55.89 54.76
C ALA C 177 -33.12 56.43 54.90
N PHE C 178 -32.98 57.74 55.19
CA PHE C 178 -31.62 58.33 55.47
C PHE C 178 -31.53 58.52 56.97
N GLU C 179 -30.40 58.16 57.52
CA GLU C 179 -30.18 58.30 58.94
C GLU C 179 -30.06 59.81 59.26
N ASN C 180 -30.69 60.21 60.36
CA ASN C 180 -30.66 61.61 60.77
C ASN C 180 -29.30 61.98 61.37
N SER C 181 -29.02 63.29 61.43
CA SER C 181 -27.70 63.84 61.77
C SER C 181 -27.84 65.18 62.55
N ILE C 182 -26.88 65.40 63.41
CA ILE C 182 -26.52 66.67 64.03
C ILE C 182 -26.45 67.82 63.00
N TYR C 183 -25.97 67.55 61.78
CA TYR C 183 -25.98 68.51 60.66
C TYR C 183 -27.06 68.26 59.58
N ASP C 184 -27.47 69.30 58.86
CA ASP C 184 -28.28 69.15 57.62
C ASP C 184 -27.58 68.30 56.56
N GLN C 185 -28.37 67.50 55.83
CA GLN C 185 -27.86 66.67 54.75
C GLN C 185 -28.68 66.97 53.55
N GLU C 186 -28.03 67.56 52.54
CA GLU C 186 -28.65 68.17 51.39
C GLU C 186 -28.13 67.40 50.14
N TYR C 187 -29.01 67.22 49.14
CA TYR C 187 -28.81 66.39 47.96
C TYR C 187 -29.50 67.04 46.76
N ASN C 188 -28.79 67.04 45.63
CA ASN C 188 -29.37 67.25 44.34
C ASN C 188 -29.75 65.88 43.82
N ILE C 189 -31.03 65.69 43.58
CA ILE C 189 -31.56 64.43 43.11
C ILE C 189 -31.83 64.55 41.65
N ARG C 190 -31.13 63.73 40.87
CA ARG C 190 -31.36 63.72 39.45
C ARG C 190 -31.99 62.41 39.07
N VAL C 191 -33.14 62.52 38.43
CA VAL C 191 -33.93 61.40 37.96
C VAL C 191 -33.88 61.41 36.44
N THR C 192 -33.52 60.27 35.87
CA THR C 192 -33.41 60.09 34.42
C THR C 192 -34.37 58.96 34.00
N MET C 193 -35.25 59.22 33.05
CA MET C 193 -36.13 58.21 32.47
C MET C 193 -35.58 57.78 31.13
N TYR C 194 -35.40 56.46 30.96
CA TYR C 194 -35.04 55.90 29.64
C TYR C 194 -36.35 55.47 28.97
N VAL C 195 -36.79 56.28 28.02
CA VAL C 195 -38.17 56.23 27.53
C VAL C 195 -38.15 55.74 26.12
N GLN C 196 -39.09 54.87 25.79
CA GLN C 196 -39.29 54.42 24.41
C GLN C 196 -40.60 55.00 23.89
N PHE C 197 -40.56 55.77 22.81
CA PHE C 197 -41.76 56.36 22.20
C PHE C 197 -42.10 55.67 20.87
N ARG C 198 -43.37 55.64 20.52
CA ARG C 198 -43.76 54.90 19.35
C ARG C 198 -44.88 55.66 18.68
N GLU C 199 -44.88 55.63 17.36
CA GLU C 199 -45.93 56.16 16.50
C GLU C 199 -45.80 57.66 16.41
N PHE C 200 -44.85 58.06 15.56
CA PHE C 200 -44.62 59.48 15.21
C PHE C 200 -45.93 60.04 14.75
N ASN C 201 -46.36 61.18 15.31
CA ASN C 201 -47.69 61.75 14.97
C ASN C 201 -47.69 63.23 14.58
N LEU C 202 -46.60 63.72 14.00
CA LEU C 202 -46.51 65.18 13.82
C LEU C 202 -47.59 65.76 12.89
N LYS C 203 -48.37 66.70 13.45
CA LYS C 203 -49.35 67.48 12.67
C LYS C 203 -48.64 68.72 12.06
N ASP C 204 -49.07 69.07 10.85
CA ASP C 204 -48.44 70.16 10.10
C ASP C 204 -49.49 71.09 9.41
N PRO C 205 -50.18 71.95 10.16
CA PRO C 205 -51.18 72.88 9.60
C PRO C 205 -50.52 73.85 8.65
N PRO C 206 -51.28 74.39 7.68
CA PRO C 206 -50.70 75.08 6.48
C PRO C 206 -50.39 76.61 6.49
N SER D 19 -29.70 59.40 19.62
CA SER D 19 -28.88 60.45 18.89
C SER D 19 -29.32 60.83 17.43
N HIS D 20 -29.43 59.84 16.51
CA HIS D 20 -29.78 60.02 15.06
C HIS D 20 -31.25 59.56 14.92
N PHE D 21 -32.16 60.40 14.38
CA PHE D 21 -33.60 60.06 14.22
C PHE D 21 -34.11 60.19 12.76
N ASN D 22 -34.60 59.11 12.14
CA ASN D 22 -34.99 59.12 10.74
C ASN D 22 -36.47 59.11 10.60
N THR D 23 -37.01 60.06 9.83
CA THR D 23 -38.44 60.19 9.67
C THR D 23 -38.81 60.88 8.38
N ARG D 24 -40.10 60.92 8.18
CA ARG D 24 -40.70 61.28 6.96
C ARG D 24 -41.81 62.32 7.26
N LEU D 25 -41.87 63.41 6.50
CA LEU D 25 -42.78 64.57 6.69
C LEU D 25 -43.43 64.86 5.37
N SER D 26 -44.63 65.41 5.40
CA SER D 26 -45.44 65.57 4.20
C SER D 26 -46.35 66.76 4.26
N ARG D 27 -46.64 67.29 3.07
CA ARG D 27 -47.74 68.22 2.91
C ARG D 27 -48.36 68.08 1.56
N THR D 28 -49.62 68.53 1.46
CA THR D 28 -50.34 68.48 0.21
C THR D 28 -50.93 69.87 -0.11
N PHE D 29 -50.73 70.31 -1.37
CA PHE D 29 -51.25 71.57 -1.88
C PHE D 29 -51.81 71.41 -3.28
N GLY D 30 -52.57 72.41 -3.78
CA GLY D 30 -53.26 72.32 -5.08
C GLY D 30 -52.42 72.91 -6.22
N TYR D 31 -52.64 72.45 -7.44
CA TYR D 31 -51.98 73.01 -8.61
C TYR D 31 -52.97 72.90 -9.78
N THR D 32 -53.15 73.93 -10.59
CA THR D 32 -54.12 73.90 -11.67
C THR D 32 -53.49 74.52 -12.87
N ILE D 33 -53.40 73.83 -13.97
CA ILE D 33 -53.03 74.40 -15.23
C ILE D 33 -54.35 74.84 -15.84
N LYS D 34 -54.45 76.12 -16.20
CA LYS D 34 -55.68 76.63 -16.77
C LYS D 34 -55.84 76.21 -18.20
N ARG D 35 -57.09 76.10 -18.63
CA ARG D 35 -57.39 75.68 -19.99
C ARG D 35 -56.92 76.81 -20.94
N THR D 36 -56.35 76.50 -22.12
CA THR D 36 -56.07 77.48 -23.18
C THR D 36 -56.81 77.14 -24.45
N THR D 37 -56.77 78.09 -25.39
CA THR D 37 -57.22 77.90 -26.79
C THR D 37 -56.12 78.09 -27.81
N VAL D 38 -54.90 78.43 -27.40
CA VAL D 38 -53.71 78.26 -28.25
C VAL D 38 -53.85 76.88 -28.93
N LYS D 39 -53.82 76.85 -30.26
CA LYS D 39 -54.24 75.62 -30.97
C LYS D 39 -53.06 74.68 -31.07
N THR D 40 -51.89 75.24 -31.39
CA THR D 40 -50.64 74.46 -31.44
C THR D 40 -50.16 74.00 -30.07
N PRO D 41 -49.32 72.93 -30.04
CA PRO D 41 -48.71 72.49 -28.74
C PRO D 41 -47.98 73.60 -27.96
N SER D 42 -48.32 73.71 -26.68
CA SER D 42 -47.72 74.73 -25.81
C SER D 42 -47.54 74.16 -24.39
N TRP D 43 -46.63 74.75 -23.60
CA TRP D 43 -46.32 74.19 -22.28
C TRP D 43 -46.40 75.16 -21.11
N ALA D 44 -46.97 74.68 -20.00
CA ALA D 44 -47.00 75.41 -18.74
C ALA D 44 -45.71 75.05 -17.96
N VAL D 45 -44.81 76.03 -17.86
CA VAL D 45 -43.51 75.86 -17.24
C VAL D 45 -43.51 76.45 -15.83
N ASP D 46 -42.92 75.72 -14.90
CA ASP D 46 -42.96 76.08 -13.49
C ASP D 46 -41.90 75.32 -12.70
N MET D 47 -41.96 75.42 -11.38
CA MET D 47 -40.87 74.96 -10.51
C MET D 47 -41.29 74.70 -9.07
N MET D 48 -40.36 74.16 -8.33
CA MET D 48 -40.70 73.58 -7.07
C MET D 48 -39.46 73.56 -6.23
N ARG D 49 -39.46 74.36 -5.17
CA ARG D 49 -38.44 74.30 -4.12
C ARG D 49 -39.05 73.70 -2.87
N PHE D 50 -38.22 73.19 -2.00
CA PHE D 50 -38.69 72.54 -0.81
C PHE D 50 -38.09 73.25 0.41
N ASN D 51 -38.91 73.60 1.36
CA ASN D 51 -38.38 74.17 2.58
C ASN D 51 -39.00 73.53 3.83
N ILE D 52 -38.17 72.95 4.70
CA ILE D 52 -38.68 72.31 5.88
C ILE D 52 -39.61 73.24 6.71
N ASN D 53 -39.50 74.57 6.58
CA ASN D 53 -40.47 75.46 7.26
C ASN D 53 -41.89 74.96 7.10
N ASP D 54 -42.21 74.51 5.87
CA ASP D 54 -43.54 74.14 5.52
C ASP D 54 -43.94 72.76 6.01
N PHE D 55 -43.01 71.99 6.52
CA PHE D 55 -43.37 70.66 6.94
C PHE D 55 -43.37 70.51 8.48
N LEU D 56 -42.79 71.49 9.15
CA LEU D 56 -42.37 71.24 10.49
C LEU D 56 -42.79 72.45 11.29
N PRO D 57 -44.00 72.44 11.84
CA PRO D 57 -44.47 73.69 12.48
C PRO D 57 -43.66 74.19 13.72
N PRO D 58 -43.93 75.41 14.13
CA PRO D 58 -43.32 75.90 15.39
C PRO D 58 -43.80 75.15 16.60
N GLY D 59 -42.95 74.90 17.57
CA GLY D 59 -43.34 74.32 18.85
C GLY D 59 -43.85 75.38 19.82
N GLY D 60 -43.48 75.30 21.10
CA GLY D 60 -43.92 76.19 22.16
C GLY D 60 -43.00 76.21 23.37
N GLY D 61 -43.14 77.25 24.18
CA GLY D 61 -42.29 77.45 25.37
C GLY D 61 -40.82 77.43 25.02
N SER D 62 -40.09 76.62 25.78
CA SER D 62 -38.64 76.45 25.60
C SER D 62 -38.19 75.45 24.53
N ASN D 63 -39.12 74.82 23.80
CA ASN D 63 -38.79 73.93 22.67
C ASN D 63 -39.34 74.64 21.45
N PRO D 64 -38.52 75.48 20.84
CA PRO D 64 -39.07 76.30 19.75
C PRO D 64 -39.60 75.53 18.55
N ARG D 65 -39.19 74.28 18.39
CA ARG D 65 -39.57 73.48 17.23
C ARG D 65 -40.29 72.18 17.65
N SER D 66 -41.28 71.84 16.85
CA SER D 66 -42.09 70.70 17.07
C SER D 66 -41.28 69.36 17.05
N VAL D 67 -40.14 69.26 16.38
CA VAL D 67 -39.23 68.18 16.76
C VAL D 67 -37.94 68.70 17.48
N PRO D 68 -37.61 68.13 18.64
CA PRO D 68 -36.50 68.60 19.45
C PRO D 68 -35.17 68.01 19.06
N PHE D 69 -34.71 68.42 17.91
CA PHE D 69 -33.40 68.08 17.40
C PHE D 69 -32.68 69.35 16.90
N GLU D 70 -31.37 69.34 16.99
CA GLU D 70 -30.59 70.54 16.77
C GLU D 70 -30.19 70.62 15.29
N TYR D 71 -29.81 69.51 14.69
CA TYR D 71 -29.39 69.51 13.30
C TYR D 71 -30.32 68.63 12.48
N TYR D 72 -30.33 68.81 11.16
CA TYR D 72 -31.04 67.93 10.19
C TYR D 72 -30.39 67.87 8.83
N ARG D 73 -30.89 66.95 8.04
CA ARG D 73 -30.56 66.95 6.61
C ARG D 73 -31.57 66.16 5.85
N ILE D 74 -31.76 66.56 4.60
CA ILE D 74 -32.79 65.98 3.77
C ILE D 74 -32.12 64.94 2.91
N ARG D 75 -32.56 63.72 3.07
CA ARG D 75 -31.95 62.57 2.48
C ARG D 75 -32.50 62.37 1.08
N LYS D 76 -33.82 62.54 1.01
CA LYS D 76 -34.59 62.30 -0.17
C LYS D 76 -35.84 63.21 -0.17
N VAL D 77 -36.34 63.53 -1.36
CA VAL D 77 -37.71 64.04 -1.48
C VAL D 77 -38.46 63.26 -2.52
N LYS D 78 -39.71 62.98 -2.20
CA LYS D 78 -40.63 62.40 -3.13
C LYS D 78 -41.57 63.49 -3.47
N VAL D 79 -41.69 63.80 -4.76
CA VAL D 79 -42.77 64.65 -5.22
C VAL D 79 -43.78 63.83 -5.98
N GLU D 80 -45.06 63.93 -5.58
CA GLU D 80 -46.14 63.12 -6.17
C GLU D 80 -47.17 64.06 -6.73
N PHE D 81 -47.52 63.89 -8.00
CA PHE D 81 -48.62 64.64 -8.63
C PHE D 81 -49.80 63.72 -8.71
N TRP D 82 -50.79 63.87 -7.81
CA TRP D 82 -51.94 63.02 -7.85
C TRP D 82 -52.98 63.70 -8.73
N PRO D 83 -53.26 63.16 -9.89
CA PRO D 83 -54.20 63.82 -10.73
C PRO D 83 -55.66 63.96 -10.22
N CYS D 84 -56.24 65.15 -10.35
CA CYS D 84 -57.65 65.31 -10.09
C CYS D 84 -58.58 64.86 -11.21
N SER D 85 -58.17 65.04 -12.45
CA SER D 85 -59.02 64.77 -13.63
C SER D 85 -59.40 63.29 -13.71
N PRO D 86 -60.56 63.03 -14.27
CA PRO D 86 -60.99 61.66 -14.38
C PRO D 86 -60.32 60.90 -15.54
N ILE D 87 -60.11 59.60 -15.40
CA ILE D 87 -59.61 58.78 -16.55
C ILE D 87 -60.44 58.86 -17.89
N THR D 88 -61.67 59.39 -17.83
CA THR D 88 -62.43 59.70 -19.03
C THR D 88 -62.02 60.96 -19.79
N GLN D 89 -61.16 61.82 -19.27
CA GLN D 89 -60.95 63.17 -19.90
C GLN D 89 -60.01 63.01 -21.08
N GLY D 90 -60.38 63.69 -22.17
CA GLY D 90 -59.59 63.73 -23.39
C GLY D 90 -58.59 64.85 -23.38
N ASP D 91 -58.28 65.33 -24.60
CA ASP D 91 -57.14 66.26 -24.91
C ASP D 91 -55.84 65.98 -24.12
N ARG D 92 -55.54 64.69 -24.03
CA ARG D 92 -54.38 64.20 -23.31
C ARG D 92 -53.12 64.77 -23.92
N GLY D 93 -52.05 64.77 -23.12
CA GLY D 93 -50.84 65.41 -23.58
C GLY D 93 -49.67 64.96 -22.77
N VAL D 94 -48.51 65.51 -23.03
CA VAL D 94 -47.28 64.91 -22.56
C VAL D 94 -46.30 66.04 -22.23
N GLY D 95 -45.70 65.92 -21.05
CA GLY D 95 -44.70 66.87 -20.54
C GLY D 95 -43.55 66.21 -19.79
N SER D 96 -42.88 66.93 -18.91
CA SER D 96 -41.56 66.58 -18.43
C SER D 96 -41.31 67.17 -17.08
N SER D 97 -40.72 66.38 -16.17
CA SER D 97 -40.16 66.85 -14.88
C SER D 97 -38.66 66.72 -14.97
N ALA D 98 -37.93 67.67 -14.39
CA ALA D 98 -36.45 67.53 -14.28
C ALA D 98 -35.97 67.91 -12.92
N VAL D 99 -34.91 67.27 -12.51
CA VAL D 99 -34.30 67.57 -11.25
C VAL D 99 -33.24 68.64 -11.45
N ILE D 100 -33.38 69.75 -10.73
CA ILE D 100 -32.56 70.95 -10.75
C ILE D 100 -31.87 71.15 -9.39
N LEU D 101 -30.61 70.86 -9.27
CA LEU D 101 -29.93 70.86 -7.98
C LEU D 101 -29.22 72.20 -7.76
N ASP D 102 -29.34 73.11 -8.73
CA ASP D 102 -28.58 74.34 -8.67
C ASP D 102 -29.51 75.53 -8.56
N ASP D 103 -30.81 75.31 -8.36
CA ASP D 103 -31.73 76.42 -8.22
C ASP D 103 -31.76 77.38 -9.42
N ASN D 104 -31.45 76.88 -10.63
CA ASN D 104 -31.55 77.63 -11.85
C ASN D 104 -32.57 76.99 -12.77
N PHE D 105 -33.82 77.41 -12.59
CA PHE D 105 -34.93 76.83 -13.30
C PHE D 105 -35.29 77.64 -14.49
N VAL D 106 -35.80 76.99 -15.52
CA VAL D 106 -36.34 77.68 -16.65
C VAL D 106 -37.49 78.56 -16.18
N THR D 107 -37.52 79.79 -16.69
CA THR D 107 -38.50 80.82 -16.29
C THR D 107 -39.94 80.39 -16.51
N LYS D 108 -40.76 80.75 -15.55
CA LYS D 108 -42.14 80.45 -15.59
C LYS D 108 -42.77 80.95 -16.89
N ALA D 109 -43.68 80.16 -17.41
CA ALA D 109 -44.32 80.46 -18.66
C ALA D 109 -45.67 79.80 -18.68
N THR D 110 -46.72 80.56 -18.97
CA THR D 110 -48.06 79.98 -19.25
C THR D 110 -48.16 78.97 -20.42
N ALA D 111 -47.45 79.31 -21.50
CA ALA D 111 -47.50 78.61 -22.78
C ALA D 111 -46.24 78.76 -23.70
N LEU D 112 -45.08 78.30 -23.24
CA LEU D 112 -43.93 78.12 -24.16
C LEU D 112 -44.34 77.25 -25.35
N THR D 113 -43.73 77.48 -26.50
CA THR D 113 -44.05 76.75 -27.70
C THR D 113 -43.24 75.43 -27.80
N TYR D 114 -42.45 75.12 -26.79
CA TYR D 114 -41.78 73.84 -26.70
C TYR D 114 -41.67 73.45 -25.22
N ASP D 115 -41.43 72.16 -24.99
CA ASP D 115 -41.19 71.65 -23.64
C ASP D 115 -39.70 71.83 -23.33
N PRO D 116 -39.32 72.86 -22.57
CA PRO D 116 -37.91 73.10 -22.38
C PRO D 116 -37.22 72.11 -21.46
N TYR D 117 -37.92 71.16 -20.81
CA TYR D 117 -37.18 70.15 -19.98
C TYR D 117 -36.98 68.80 -20.68
N VAL D 118 -37.45 68.66 -21.92
CA VAL D 118 -37.54 67.34 -22.46
C VAL D 118 -36.17 66.69 -22.68
N ASN D 119 -35.15 67.50 -23.02
CA ASN D 119 -33.81 66.98 -23.28
C ASN D 119 -32.91 66.90 -22.01
N TYR D 120 -33.38 67.38 -20.85
CA TYR D 120 -32.54 67.35 -19.63
C TYR D 120 -32.17 65.88 -19.32
N SER D 121 -30.95 65.61 -18.87
CA SER D 121 -30.52 64.25 -18.53
C SER D 121 -31.48 63.58 -17.54
N SER D 122 -31.83 64.34 -16.53
CA SER D 122 -32.75 63.91 -15.48
C SER D 122 -34.23 63.92 -15.85
N ARG D 123 -34.61 64.18 -17.10
CA ARG D 123 -36.06 64.30 -17.41
C ARG D 123 -36.83 62.99 -17.18
N HIS D 124 -38.00 62.95 -16.57
CA HIS D 124 -38.90 61.79 -16.81
C HIS D 124 -40.11 62.35 -17.55
N THR D 125 -40.81 61.50 -18.29
CA THR D 125 -42.02 61.91 -18.98
C THR D 125 -43.25 62.04 -18.06
N ILE D 126 -44.09 63.03 -18.29
CA ILE D 126 -45.31 63.22 -17.55
C ILE D 126 -46.44 62.96 -18.53
N THR D 127 -47.42 62.20 -18.11
CA THR D 127 -48.50 61.76 -18.93
C THR D 127 -49.73 62.43 -18.38
N GLN D 128 -50.48 63.12 -19.20
CA GLN D 128 -51.54 63.99 -18.68
C GLN D 128 -52.88 63.62 -19.28
N PRO D 129 -54.00 63.90 -18.58
CA PRO D 129 -54.04 64.56 -17.30
C PRO D 129 -54.48 63.63 -16.17
N PHE D 130 -54.58 62.34 -16.42
CA PHE D 130 -55.17 61.45 -15.42
C PHE D 130 -54.19 60.47 -14.82
N SER D 131 -52.91 60.78 -14.91
CA SER D 131 -51.88 59.85 -14.41
C SER D 131 -51.04 60.43 -13.30
N TYR D 132 -50.70 59.50 -12.40
CA TYR D 132 -49.78 59.75 -11.32
C TYR D 132 -48.38 59.99 -11.93
N HIS D 133 -47.64 60.87 -11.30
CA HIS D 133 -46.27 61.14 -11.69
C HIS D 133 -45.49 61.34 -10.42
N SER D 134 -44.39 60.63 -10.27
CA SER D 134 -43.57 60.98 -9.11
C SER D 134 -42.11 61.01 -9.40
N ARG D 135 -41.41 61.70 -8.51
CA ARG D 135 -39.94 61.75 -8.56
C ARG D 135 -39.47 61.59 -7.18
N TYR D 136 -38.25 61.10 -7.08
CA TYR D 136 -37.67 60.75 -5.83
C TYR D 136 -36.18 60.91 -5.98
N PHE D 137 -35.57 61.78 -5.18
CA PHE D 137 -34.19 62.19 -5.38
C PHE D 137 -33.67 62.97 -4.23
N THR D 138 -32.35 63.19 -4.23
CA THR D 138 -31.70 63.93 -3.16
C THR D 138 -31.67 65.37 -3.57
N PRO D 139 -32.49 66.19 -2.95
CA PRO D 139 -32.40 67.59 -3.24
C PRO D 139 -31.15 68.19 -2.58
N LYS D 140 -30.94 69.48 -2.85
CA LYS D 140 -29.79 70.19 -2.33
C LYS D 140 -30.16 71.53 -1.71
N PRO D 141 -29.48 71.90 -0.62
CA PRO D 141 -29.73 73.19 -0.05
C PRO D 141 -29.15 74.31 -0.89
N VAL D 142 -29.77 75.46 -0.85
CA VAL D 142 -29.35 76.64 -1.62
C VAL D 142 -28.48 77.38 -0.66
N LEU D 143 -27.19 77.05 -0.71
CA LEU D 143 -26.23 77.50 0.31
C LEU D 143 -25.67 78.83 0.05
N ASP D 144 -25.56 79.18 -1.23
CA ASP D 144 -25.12 80.49 -1.67
C ASP D 144 -25.68 80.64 -3.07
N SER D 145 -26.71 81.47 -3.29
CA SER D 145 -27.30 81.52 -4.65
C SER D 145 -26.55 82.31 -5.69
N THR D 146 -25.37 82.81 -5.40
CA THR D 146 -24.59 83.43 -6.48
C THR D 146 -23.66 82.46 -7.17
N ILE D 147 -23.16 81.50 -6.43
CA ILE D 147 -22.32 80.47 -6.95
C ILE D 147 -23.13 79.23 -7.35
N ASP D 148 -24.09 78.88 -6.50
CA ASP D 148 -25.02 77.79 -6.69
C ASP D 148 -24.29 76.48 -6.72
N TYR D 149 -23.73 76.10 -5.60
CA TYR D 149 -22.91 74.89 -5.55
C TYR D 149 -23.59 73.84 -4.68
N PHE D 150 -23.32 72.60 -4.97
CA PHE D 150 -23.94 71.53 -4.21
C PHE D 150 -23.04 70.36 -4.21
N GLN D 151 -23.30 69.50 -3.24
CA GLN D 151 -22.48 68.32 -3.02
C GLN D 151 -22.95 67.15 -3.90
N PRO D 152 -22.02 66.34 -4.37
CA PRO D 152 -22.41 65.16 -5.11
C PRO D 152 -23.22 64.22 -4.27
N ASN D 153 -24.20 63.59 -4.92
CA ASN D 153 -25.24 62.80 -4.25
C ASN D 153 -24.47 61.67 -3.44
N ASN D 154 -24.79 61.58 -2.15
CA ASN D 154 -23.93 60.87 -1.18
C ASN D 154 -24.70 60.60 0.12
N LYS D 155 -24.07 59.83 1.02
CA LYS D 155 -24.68 59.54 2.31
C LYS D 155 -23.81 60.05 3.51
N ARG D 156 -22.64 59.50 3.76
CA ARG D 156 -21.89 59.81 4.99
C ARG D 156 -21.17 61.15 5.04
N ASN D 157 -21.02 61.84 3.91
CA ASN D 157 -20.43 63.19 3.82
C ASN D 157 -21.38 64.37 3.69
N GLN D 158 -22.70 64.16 3.67
CA GLN D 158 -23.70 65.21 3.44
C GLN D 158 -23.73 66.21 4.56
N LEU D 159 -23.74 67.49 4.21
CA LEU D 159 -23.69 68.58 5.17
C LEU D 159 -24.90 68.51 6.07
N TRP D 160 -24.67 68.78 7.34
CA TRP D 160 -25.74 68.92 8.32
C TRP D 160 -26.06 70.41 8.45
N LEU D 161 -27.36 70.67 8.65
CA LEU D 161 -27.93 71.98 8.72
C LEU D 161 -28.58 72.20 10.10
N ARG D 162 -28.48 73.42 10.62
CA ARG D 162 -29.20 73.79 11.80
C ARG D 162 -30.71 73.84 11.55
N LEU D 163 -31.45 73.20 12.44
CA LEU D 163 -32.90 73.30 12.43
C LEU D 163 -33.31 74.68 12.98
N GLN D 164 -33.90 75.49 12.12
CA GLN D 164 -34.42 76.77 12.50
C GLN D 164 -35.93 76.63 12.70
N THR D 165 -36.51 77.53 13.46
CA THR D 165 -37.93 77.45 13.74
C THR D 165 -38.70 77.77 12.48
N ALA D 166 -38.29 78.80 11.75
CA ALA D 166 -39.10 79.35 10.64
C ALA D 166 -38.33 80.07 9.52
N GLY D 167 -36.99 80.15 9.61
CA GLY D 167 -36.15 80.73 8.55
C GLY D 167 -35.11 79.74 7.96
N ASN D 168 -35.57 78.50 7.78
CA ASN D 168 -34.71 77.48 7.19
C ASN D 168 -34.45 77.83 5.74
N VAL D 169 -33.40 77.22 5.23
CA VAL D 169 -32.91 77.50 3.88
C VAL D 169 -33.73 76.72 2.92
N ASP D 170 -33.93 77.25 1.71
CA ASP D 170 -34.60 76.46 0.65
C ASP D 170 -33.71 75.32 0.20
N HIS D 171 -34.32 74.19 -0.09
CA HIS D 171 -33.72 73.10 -0.84
C HIS D 171 -34.26 73.00 -2.29
N VAL D 172 -33.51 72.27 -3.09
CA VAL D 172 -33.73 72.45 -4.46
C VAL D 172 -33.60 71.19 -5.29
N GLY D 173 -34.33 71.31 -6.42
CA GLY D 173 -35.31 70.33 -6.77
C GLY D 173 -35.87 70.26 -8.13
N LEU D 174 -37.07 70.75 -8.43
CA LEU D 174 -37.87 70.19 -9.59
C LEU D 174 -38.50 71.17 -10.55
N GLY D 175 -38.09 71.09 -11.82
CA GLY D 175 -38.71 71.81 -12.94
C GLY D 175 -39.79 70.97 -13.62
N THR D 176 -40.82 71.66 -14.10
CA THR D 176 -42.02 71.04 -14.60
C THR D 176 -42.40 71.76 -15.85
N ALA D 177 -42.67 70.97 -16.88
CA ALA D 177 -43.40 71.45 -17.99
C ALA D 177 -44.63 70.54 -18.29
N PHE D 178 -45.84 70.98 -17.95
CA PHE D 178 -47.10 70.30 -18.36
C PHE D 178 -47.59 70.88 -19.66
N GLU D 179 -47.82 70.03 -20.64
CA GLU D 179 -48.52 70.44 -21.83
C GLU D 179 -49.94 70.96 -21.51
N ASN D 180 -50.26 72.11 -22.10
CA ASN D 180 -51.59 72.76 -21.96
C ASN D 180 -52.66 71.95 -22.66
N SER D 181 -53.89 72.26 -22.27
CA SER D 181 -55.08 71.60 -22.75
C SER D 181 -56.27 72.55 -22.98
N ILE D 182 -57.22 72.02 -23.71
CA ILE D 182 -58.46 72.65 -24.01
C ILE D 182 -59.26 72.65 -22.70
N TYR D 183 -58.93 71.71 -21.80
CA TYR D 183 -59.49 71.58 -20.43
C TYR D 183 -58.55 71.93 -19.31
N ASP D 184 -59.15 72.25 -18.16
CA ASP D 184 -58.38 72.53 -16.95
C ASP D 184 -57.77 71.21 -16.50
N GLN D 185 -56.56 71.26 -16.00
CA GLN D 185 -55.95 70.06 -15.45
C GLN D 185 -55.53 70.36 -14.01
N GLU D 186 -56.31 69.90 -13.01
CA GLU D 186 -55.99 70.03 -11.58
C GLU D 186 -55.19 68.84 -11.02
N TYR D 187 -54.39 69.09 -9.99
CA TYR D 187 -53.62 68.05 -9.31
C TYR D 187 -53.56 68.40 -7.82
N ASN D 188 -53.64 67.38 -6.98
CA ASN D 188 -53.15 67.47 -5.61
C ASN D 188 -51.69 67.06 -5.66
N ILE D 189 -50.79 67.92 -5.19
CA ILE D 189 -49.38 67.56 -5.16
C ILE D 189 -49.02 67.24 -3.77
N ARG D 190 -48.39 66.10 -3.60
CA ARG D 190 -47.89 65.75 -2.30
C ARG D 190 -46.40 65.68 -2.36
N VAL D 191 -45.79 66.50 -1.54
CA VAL D 191 -44.33 66.52 -1.30
C VAL D 191 -44.01 65.88 0.01
N THR D 192 -43.02 65.01 0.00
CA THR D 192 -42.61 64.24 1.19
C THR D 192 -41.10 64.32 1.39
N MET D 193 -40.67 64.74 2.53
CA MET D 193 -39.25 64.88 2.76
C MET D 193 -38.81 63.73 3.66
N TYR D 194 -37.70 63.09 3.31
CA TYR D 194 -37.12 62.04 4.12
C TYR D 194 -35.96 62.65 4.89
N VAL D 195 -36.19 62.95 6.15
CA VAL D 195 -35.31 63.78 6.89
C VAL D 195 -34.64 62.99 7.95
N GLN D 196 -33.38 63.31 8.14
CA GLN D 196 -32.57 62.69 9.17
C GLN D 196 -32.21 63.82 10.15
N PHE D 197 -32.67 63.70 11.39
CA PHE D 197 -32.37 64.65 12.45
C PHE D 197 -31.33 64.08 13.37
N ARG D 198 -30.65 65.00 14.04
CA ARG D 198 -29.52 64.69 14.87
C ARG D 198 -29.50 65.65 16.07
N GLU D 199 -29.08 65.05 17.20
CA GLU D 199 -28.84 65.73 18.47
C GLU D 199 -30.16 66.16 19.07
N PHE D 200 -30.80 65.22 19.74
CA PHE D 200 -31.94 65.47 20.65
C PHE D 200 -31.61 66.63 21.64
N ASN D 201 -32.53 67.59 21.83
CA ASN D 201 -32.22 68.81 22.61
C ASN D 201 -33.31 69.33 23.59
N LEU D 202 -34.24 68.46 23.91
CA LEU D 202 -35.43 68.89 24.62
C LEU D 202 -35.10 69.58 25.95
N LYS D 203 -35.65 70.75 26.10
CA LYS D 203 -35.63 71.49 27.34
C LYS D 203 -36.84 71.08 28.20
N ASP D 204 -36.62 70.85 29.48
CA ASP D 204 -37.64 70.59 30.46
C ASP D 204 -37.67 71.58 31.67
N PRO D 205 -38.20 72.80 31.47
CA PRO D 205 -38.39 73.69 32.59
C PRO D 205 -39.46 73.11 33.49
N PRO D 206 -39.52 73.49 34.79
CA PRO D 206 -40.38 72.83 35.84
C PRO D 206 -41.97 72.70 35.73
N SER E 19 -62.54 25.60 8.75
CA SER E 19 -63.94 25.24 8.30
C SER E 19 -64.57 24.06 9.04
N HIS E 20 -63.75 23.26 9.74
CA HIS E 20 -64.20 22.15 10.59
C HIS E 20 -64.12 22.50 12.00
N PHE E 21 -65.11 22.11 12.78
CA PHE E 21 -65.07 22.28 14.22
C PHE E 21 -65.41 20.94 14.87
N ASN E 22 -64.44 20.38 15.59
CA ASN E 22 -64.65 19.11 16.35
C ASN E 22 -65.09 19.44 17.78
N THR E 23 -66.07 18.73 18.31
CA THR E 23 -66.51 19.03 19.66
C THR E 23 -67.23 17.86 20.26
N ARG E 24 -67.69 18.03 21.47
CA ARG E 24 -68.17 16.97 22.30
C ARG E 24 -69.42 17.46 22.98
N LEU E 25 -70.57 16.82 22.77
CA LEU E 25 -71.86 17.19 23.43
C LEU E 25 -72.33 16.04 24.28
N SER E 26 -72.86 16.35 25.45
CA SER E 26 -73.32 15.36 26.37
C SER E 26 -74.71 15.68 26.96
N ARG E 27 -75.37 14.60 27.40
CA ARG E 27 -76.59 14.64 28.16
C ARG E 27 -76.64 13.44 29.02
N THR E 28 -77.38 13.60 30.10
CA THR E 28 -77.57 12.58 31.10
C THR E 28 -79.06 12.42 31.39
N PHE E 29 -79.58 11.17 31.35
CA PHE E 29 -80.97 10.85 31.76
C PHE E 29 -81.05 9.61 32.67
N GLY E 30 -82.15 9.47 33.41
CA GLY E 30 -82.38 8.33 34.30
C GLY E 30 -82.79 7.06 33.59
N TYR E 31 -82.36 5.91 34.10
CA TYR E 31 -82.94 4.63 33.63
C TYR E 31 -83.09 3.69 34.78
N THR E 32 -84.26 3.11 34.93
CA THR E 32 -84.53 2.25 36.05
C THR E 32 -84.97 0.90 35.57
N ILE E 33 -84.34 -0.18 36.01
CA ILE E 33 -84.93 -1.50 35.84
C ILE E 33 -85.74 -1.76 37.10
N LYS E 34 -87.06 -1.84 37.00
CA LYS E 34 -87.90 -2.04 38.18
C LYS E 34 -87.71 -3.47 38.72
N ARG E 35 -87.93 -3.66 40.00
CA ARG E 35 -87.65 -4.96 40.61
C ARG E 35 -88.65 -6.00 40.15
N THR E 36 -88.35 -7.28 40.33
CA THR E 36 -89.20 -8.35 39.87
C THR E 36 -89.16 -9.50 40.83
N THR E 37 -90.16 -10.37 40.64
CA THR E 37 -90.43 -11.53 41.47
C THR E 37 -90.29 -12.84 40.69
N VAL E 38 -89.89 -12.79 39.42
CA VAL E 38 -89.64 -14.01 38.62
C VAL E 38 -88.46 -14.75 39.22
N LYS E 39 -88.59 -16.08 39.42
CA LYS E 39 -87.57 -16.90 40.17
C LYS E 39 -86.36 -17.19 39.27
N THR E 40 -86.69 -17.71 38.10
CA THR E 40 -85.73 -17.94 37.04
C THR E 40 -85.12 -16.64 36.51
N PRO E 41 -83.84 -16.68 36.11
CA PRO E 41 -83.19 -15.56 35.45
C PRO E 41 -83.97 -15.04 34.26
N SER E 42 -84.14 -13.73 34.19
CA SER E 42 -84.75 -13.05 33.05
C SER E 42 -83.99 -11.76 32.79
N TRP E 43 -84.26 -11.15 31.64
CA TRP E 43 -83.52 -10.00 31.24
C TRP E 43 -84.45 -8.92 30.78
N ALA E 44 -84.19 -7.68 31.22
CA ALA E 44 -84.92 -6.49 30.75
C ALA E 44 -84.25 -6.05 29.49
N VAL E 45 -84.93 -6.16 28.36
CA VAL E 45 -84.36 -5.79 27.07
C VAL E 45 -84.87 -4.40 26.59
N ASP E 46 -83.97 -3.59 26.07
CA ASP E 46 -84.34 -2.29 25.52
C ASP E 46 -83.27 -1.80 24.57
N MET E 47 -83.36 -0.52 24.21
CA MET E 47 -82.58 0.02 23.13
C MET E 47 -82.32 1.48 23.33
N MET E 48 -81.37 1.96 22.55
CA MET E 48 -80.88 3.30 22.56
C MET E 48 -80.61 3.83 21.17
N ARG E 49 -81.16 5.02 20.89
CA ARG E 49 -80.79 5.82 19.74
C ARG E 49 -80.22 7.15 20.19
N PHE E 50 -79.60 7.81 19.22
CA PHE E 50 -78.89 9.07 19.43
C PHE E 50 -79.36 10.05 18.39
N ASN E 51 -80.07 11.06 18.86
CA ASN E 51 -80.49 12.15 18.00
C ASN E 51 -79.86 13.48 18.51
N ILE E 52 -79.16 14.19 17.61
CA ILE E 52 -78.57 15.49 17.92
C ILE E 52 -79.55 16.55 18.41
N ASN E 53 -80.84 16.45 18.08
CA ASN E 53 -81.83 17.31 18.77
C ASN E 53 -81.70 17.26 20.27
N ASP E 54 -81.40 16.12 20.85
CA ASP E 54 -81.26 16.05 22.31
C ASP E 54 -79.96 16.67 22.88
N PHE E 55 -79.04 17.08 22.04
CA PHE E 55 -77.75 17.55 22.50
C PHE E 55 -77.55 19.01 22.21
N LEU E 56 -78.34 19.54 21.31
CA LEU E 56 -78.01 20.79 20.68
C LEU E 56 -79.30 21.57 20.56
N PRO E 57 -79.56 22.46 21.58
CA PRO E 57 -80.82 23.22 21.62
C PRO E 57 -80.99 24.19 20.49
N PRO E 58 -82.21 24.71 20.37
CA PRO E 58 -82.31 25.81 19.37
C PRO E 58 -81.48 27.08 19.72
N GLY E 59 -81.11 27.83 18.69
CA GLY E 59 -80.52 29.18 18.86
C GLY E 59 -81.61 30.23 18.73
N GLY E 60 -81.32 31.31 18.05
CA GLY E 60 -82.23 32.45 18.07
C GLY E 60 -81.98 33.42 16.97
N GLY E 61 -83.05 34.12 16.60
CA GLY E 61 -83.05 35.06 15.50
C GLY E 61 -82.79 34.31 14.21
N SER E 62 -81.80 34.83 13.51
CA SER E 62 -81.36 34.31 12.23
C SER E 62 -80.37 33.14 12.31
N ASN E 63 -80.02 32.73 13.54
CA ASN E 63 -79.19 31.54 13.81
C ASN E 63 -80.01 30.49 14.54
N PRO E 64 -80.56 29.54 13.76
CA PRO E 64 -81.53 28.60 14.32
C PRO E 64 -80.93 27.59 15.27
N ARG E 65 -79.65 27.31 15.15
CA ARG E 65 -79.05 26.34 16.04
C ARG E 65 -77.93 27.03 16.82
N SER E 66 -77.86 26.67 18.09
CA SER E 66 -76.87 27.14 19.01
C SER E 66 -75.42 26.90 18.61
N VAL E 67 -75.14 25.93 17.74
CA VAL E 67 -73.87 25.96 16.98
C VAL E 67 -74.11 26.43 15.52
N PRO E 68 -73.35 27.43 15.09
CA PRO E 68 -73.71 27.99 13.83
C PRO E 68 -72.93 27.36 12.73
N PHE E 69 -73.26 26.11 12.45
CA PHE E 69 -72.63 25.40 11.34
C PHE E 69 -73.69 24.80 10.49
N GLU E 70 -73.34 24.52 9.23
CA GLU E 70 -74.37 24.03 8.28
C GLU E 70 -74.46 22.50 8.19
N TYR E 71 -73.33 21.84 8.32
CA TYR E 71 -73.29 20.41 8.20
C TYR E 71 -72.65 19.78 9.44
N TYR E 72 -73.00 18.51 9.71
CA TYR E 72 -72.37 17.72 10.78
C TYR E 72 -72.27 16.26 10.47
N ARG E 73 -71.41 15.59 11.20
CA ARG E 73 -71.40 14.14 11.22
C ARG E 73 -70.87 13.63 12.53
N ILE E 74 -71.47 12.54 13.01
CA ILE E 74 -71.16 12.02 14.32
C ILE E 74 -70.04 11.07 14.14
N ARG E 75 -68.95 11.40 14.79
CA ARG E 75 -67.71 10.70 14.60
C ARG E 75 -67.71 9.43 15.41
N LYS E 76 -68.24 9.57 16.62
CA LYS E 76 -68.14 8.61 17.71
C LYS E 76 -69.23 8.91 18.79
N VAL E 77 -69.68 7.88 19.50
CA VAL E 77 -70.58 8.00 20.63
C VAL E 77 -70.02 7.23 21.77
N LYS E 78 -70.06 7.83 22.96
CA LYS E 78 -69.82 7.16 24.21
C LYS E 78 -71.13 7.02 24.97
N VAL E 79 -71.43 5.82 25.43
CA VAL E 79 -72.57 5.56 26.28
C VAL E 79 -72.03 5.07 27.61
N GLU E 80 -72.32 5.78 28.69
CA GLU E 80 -71.90 5.42 30.02
C GLU E 80 -73.12 5.13 30.91
N PHE E 81 -73.13 3.95 31.50
CA PHE E 81 -74.08 3.56 32.53
C PHE E 81 -73.37 3.73 33.84
N TRP E 82 -73.77 4.81 34.52
CA TRP E 82 -73.22 5.16 35.83
C TRP E 82 -74.25 4.65 36.84
N PRO E 83 -73.87 3.58 37.60
CA PRO E 83 -74.78 2.98 38.51
C PRO E 83 -75.18 3.90 39.65
N CYS E 84 -76.46 3.90 40.00
CA CYS E 84 -76.91 4.44 41.29
C CYS E 84 -76.77 3.50 42.54
N SER E 85 -76.94 2.21 42.33
CA SER E 85 -76.98 1.25 43.41
C SER E 85 -75.64 1.17 44.18
N PRO E 86 -75.72 1.01 45.50
CA PRO E 86 -74.45 0.92 46.23
C PRO E 86 -73.74 -0.41 46.07
N ILE E 87 -72.46 -0.39 46.38
CA ILE E 87 -71.66 -1.63 46.37
C ILE E 87 -72.14 -2.74 47.42
N THR E 88 -73.00 -2.36 48.37
CA THR E 88 -73.69 -3.31 49.26
C THR E 88 -74.89 -4.06 48.66
N GLN E 89 -75.29 -3.77 47.44
CA GLN E 89 -76.51 -4.38 46.92
C GLN E 89 -76.20 -5.76 46.37
N GLY E 90 -77.05 -6.71 46.68
CA GLY E 90 -76.86 -8.09 46.30
C GLY E 90 -77.78 -8.42 45.16
N ASP E 91 -78.11 -9.71 45.01
CA ASP E 91 -78.76 -10.21 43.78
C ASP E 91 -78.15 -9.66 42.50
N ARG E 92 -76.84 -9.70 42.51
CA ARG E 92 -76.05 -9.28 41.41
C ARG E 92 -76.28 -10.16 40.15
N GLY E 93 -76.15 -9.53 39.00
CA GLY E 93 -76.47 -10.11 37.73
C GLY E 93 -75.46 -9.73 36.64
N VAL E 94 -75.76 -10.24 35.44
CA VAL E 94 -74.91 -10.11 34.33
C VAL E 94 -75.75 -10.06 33.08
N GLY E 95 -75.43 -9.10 32.22
CA GLY E 95 -76.15 -8.81 31.00
C GLY E 95 -75.27 -8.41 29.84
N SER E 96 -75.82 -7.71 28.86
CA SER E 96 -75.12 -7.43 27.59
C SER E 96 -75.42 -6.12 26.92
N SER E 97 -74.42 -5.51 26.34
CA SER E 97 -74.67 -4.42 25.41
C SER E 97 -74.10 -4.85 24.11
N ALA E 98 -74.83 -4.57 23.04
CA ALA E 98 -74.42 -4.86 21.69
C ALA E 98 -74.68 -3.61 20.82
N VAL E 99 -73.78 -3.37 19.86
CA VAL E 99 -73.89 -2.30 18.86
C VAL E 99 -74.77 -2.73 17.69
N ILE E 100 -75.84 -1.98 17.49
CA ILE E 100 -76.84 -2.26 16.51
C ILE E 100 -76.82 -1.16 15.48
N LEU E 101 -76.07 -1.37 14.41
CA LEU E 101 -75.82 -0.29 13.45
C LEU E 101 -76.89 -0.13 12.39
N ASP E 102 -77.94 -0.98 12.43
CA ASP E 102 -78.93 -1.03 11.38
C ASP E 102 -80.35 -0.90 11.86
N ASP E 103 -80.54 -0.38 13.09
CA ASP E 103 -81.83 0.05 13.62
C ASP E 103 -82.79 -1.09 13.80
N ASN E 104 -82.26 -2.25 14.09
CA ASN E 104 -83.07 -3.45 14.23
C ASN E 104 -82.74 -4.12 15.54
N PHE E 105 -83.20 -3.49 16.62
CA PHE E 105 -83.04 -4.00 17.97
C PHE E 105 -83.96 -5.17 18.28
N VAL E 106 -83.58 -5.93 19.29
CA VAL E 106 -84.45 -6.93 19.89
C VAL E 106 -85.56 -6.14 20.52
N THR E 107 -86.77 -6.59 20.26
CA THR E 107 -88.01 -6.05 20.84
C THR E 107 -87.94 -5.89 22.33
N LYS E 108 -88.28 -4.70 22.77
CA LYS E 108 -88.30 -4.33 24.22
C LYS E 108 -89.01 -5.37 25.09
N ALA E 109 -88.43 -5.75 26.20
CA ALA E 109 -89.03 -6.81 26.99
C ALA E 109 -88.81 -6.62 28.51
N THR E 110 -89.88 -6.68 29.30
CA THR E 110 -89.74 -6.64 30.73
C THR E 110 -88.93 -7.82 31.32
N ALA E 111 -89.21 -9.04 30.84
CA ALA E 111 -88.53 -10.28 31.35
C ALA E 111 -88.38 -11.50 30.39
N LEU E 112 -87.56 -11.34 29.37
CA LEU E 112 -87.17 -12.44 28.49
C LEU E 112 -86.39 -13.49 29.27
N THR E 113 -86.51 -14.74 28.85
CA THR E 113 -85.99 -15.88 29.60
C THR E 113 -84.56 -16.27 29.22
N TYR E 114 -83.91 -15.45 28.38
CA TYR E 114 -82.47 -15.54 28.10
C TYR E 114 -81.98 -14.13 27.78
N ASP E 115 -80.67 -13.92 27.70
CA ASP E 115 -80.03 -12.65 27.26
C ASP E 115 -79.98 -12.70 25.73
N PRO E 116 -80.86 -11.95 25.07
CA PRO E 116 -80.87 -12.08 23.64
C PRO E 116 -79.58 -11.59 22.96
N TYR E 117 -78.82 -10.72 23.63
CA TYR E 117 -77.64 -10.12 22.98
C TYR E 117 -76.30 -10.80 23.25
N VAL E 118 -76.30 -11.81 24.08
CA VAL E 118 -75.04 -12.40 24.51
C VAL E 118 -74.13 -13.04 23.40
N ASN E 119 -74.69 -13.54 22.31
CA ASN E 119 -73.89 -14.18 21.28
C ASN E 119 -73.44 -13.16 20.20
N TYR E 120 -73.97 -11.92 20.30
CA TYR E 120 -73.67 -10.86 19.34
C TYR E 120 -72.14 -10.62 19.25
N SER E 121 -71.64 -10.55 18.04
CA SER E 121 -70.23 -10.29 17.81
C SER E 121 -69.75 -9.07 18.59
N SER E 122 -70.56 -7.98 18.66
CA SER E 122 -70.23 -6.69 19.33
C SER E 122 -70.67 -6.62 20.81
N ARG E 123 -71.00 -7.75 21.40
CA ARG E 123 -71.46 -7.75 22.77
C ARG E 123 -70.33 -7.36 23.70
N HIS E 124 -70.64 -6.62 24.76
CA HIS E 124 -69.75 -6.47 25.91
C HIS E 124 -70.58 -6.82 27.12
N THR E 125 -69.96 -7.44 28.13
CA THR E 125 -70.64 -7.90 29.36
C THR E 125 -70.94 -6.73 30.29
N ILE E 126 -72.12 -6.74 30.88
CA ILE E 126 -72.51 -5.70 31.84
C ILE E 126 -72.62 -6.42 33.15
N THR E 127 -72.15 -5.75 34.19
CA THR E 127 -72.00 -6.34 35.49
C THR E 127 -72.93 -5.51 36.38
N GLN E 128 -73.78 -6.17 37.14
CA GLN E 128 -74.92 -5.51 37.76
C GLN E 128 -74.93 -5.77 39.27
N PRO E 129 -75.39 -4.81 40.06
CA PRO E 129 -76.03 -3.56 39.63
C PRO E 129 -75.20 -2.33 39.97
N PHE E 130 -73.97 -2.59 40.48
CA PHE E 130 -73.22 -1.52 41.10
C PHE E 130 -72.03 -1.13 40.29
N SER E 131 -72.00 -1.54 39.01
CA SER E 131 -70.82 -1.35 38.18
C SER E 131 -71.03 -0.45 37.01
N TYR E 132 -69.94 0.21 36.66
CA TYR E 132 -69.97 1.15 35.56
C TYR E 132 -69.94 0.33 34.24
N HIS E 133 -70.66 0.74 33.19
CA HIS E 133 -70.47 0.14 31.88
C HIS E 133 -70.33 1.24 30.83
N SER E 134 -69.44 1.07 29.87
CA SER E 134 -69.48 2.01 28.75
C SER E 134 -69.17 1.32 27.49
N ARG E 135 -69.55 2.02 26.42
CA ARG E 135 -69.38 1.57 25.04
C ARG E 135 -69.01 2.80 24.24
N TYR E 136 -68.12 2.60 23.28
CA TYR E 136 -67.58 3.70 22.47
C TYR E 136 -67.47 3.22 21.04
N PHE E 137 -68.24 3.81 20.13
CA PHE E 137 -68.36 3.27 18.77
C PHE E 137 -68.92 4.31 17.84
N THR E 138 -68.64 4.13 16.57
CA THR E 138 -69.20 5.01 15.52
C THR E 138 -70.64 4.66 15.20
N PRO E 139 -71.58 5.53 15.54
CA PRO E 139 -72.97 5.15 15.23
C PRO E 139 -73.19 5.38 13.72
N LYS E 140 -74.41 5.15 13.23
CA LYS E 140 -74.84 5.40 11.86
C LYS E 140 -76.20 6.09 11.76
N PRO E 141 -76.40 7.00 10.77
CA PRO E 141 -77.72 7.54 10.57
C PRO E 141 -78.70 6.51 9.99
N VAL E 142 -79.97 6.66 10.32
CA VAL E 142 -81.00 5.86 9.75
C VAL E 142 -81.40 6.66 8.52
N LEU E 143 -80.89 6.25 7.37
CA LEU E 143 -81.16 6.98 6.12
C LEU E 143 -82.37 6.43 5.37
N ASP E 144 -82.63 5.13 5.48
CA ASP E 144 -83.75 4.51 4.86
C ASP E 144 -84.22 3.41 5.82
N SER E 145 -85.41 3.47 6.39
CA SER E 145 -85.71 2.49 7.45
C SER E 145 -86.28 1.19 6.92
N THR E 146 -86.64 1.12 5.65
CA THR E 146 -86.99 -0.14 4.97
C THR E 146 -85.75 -0.95 4.64
N ILE E 147 -84.69 -0.33 4.15
CA ILE E 147 -83.53 -1.04 3.70
C ILE E 147 -82.42 -1.16 4.74
N ASP E 148 -82.28 -0.13 5.54
CA ASP E 148 -81.41 -0.11 6.71
C ASP E 148 -79.97 -0.33 6.30
N TYR E 149 -79.50 0.51 5.40
CA TYR E 149 -78.10 0.47 4.99
C TYR E 149 -77.22 1.47 5.74
N PHE E 150 -75.95 1.13 5.85
CA PHE E 150 -75.01 2.06 6.44
C PHE E 150 -73.62 1.88 5.87
N GLN E 151 -72.82 2.91 6.10
CA GLN E 151 -71.46 2.94 5.61
C GLN E 151 -70.52 2.18 6.53
N PRO E 152 -69.53 1.46 5.96
CA PRO E 152 -68.46 0.88 6.77
C PRO E 152 -67.70 1.95 7.45
N ASN E 153 -67.13 1.51 8.57
CA ASN E 153 -66.81 2.38 9.70
C ASN E 153 -65.53 3.15 9.12
N ASN E 154 -65.71 4.43 8.76
CA ASN E 154 -64.67 5.19 8.01
C ASN E 154 -64.50 6.63 8.57
N LYS E 155 -63.49 7.30 8.00
CA LYS E 155 -63.21 8.70 8.27
C LYS E 155 -63.33 9.60 7.00
N ARG E 156 -62.34 9.63 6.13
CA ARG E 156 -62.39 10.56 4.99
C ARG E 156 -63.68 10.49 4.14
N ASN E 157 -64.36 9.32 4.01
CA ASN E 157 -65.65 9.13 3.21
C ASN E 157 -67.04 9.10 3.90
N GLN E 158 -67.12 9.47 5.19
CA GLN E 158 -68.34 9.40 5.96
C GLN E 158 -69.29 10.50 5.53
N LEU E 159 -70.54 10.13 5.30
CA LEU E 159 -71.51 11.09 4.81
C LEU E 159 -71.60 12.37 5.75
N TRP E 160 -71.75 13.55 5.11
CA TRP E 160 -72.12 14.80 5.80
C TRP E 160 -73.66 14.87 5.81
N LEU E 161 -74.21 15.46 6.86
CA LEU E 161 -75.64 15.56 7.09
C LEU E 161 -75.87 17.01 7.35
N ARG E 162 -76.98 17.59 6.85
CA ARG E 162 -77.42 18.95 7.17
C ARG E 162 -77.75 19.02 8.63
N LEU E 163 -77.33 20.06 9.31
CA LEU E 163 -77.71 20.33 10.71
C LEU E 163 -79.08 21.00 10.71
N GLN E 164 -80.11 20.23 10.94
CA GLN E 164 -81.44 20.78 10.90
C GLN E 164 -81.82 21.44 12.20
N THR E 165 -82.85 22.30 12.13
CA THR E 165 -83.26 23.04 13.36
C THR E 165 -83.83 22.08 14.42
N ALA E 166 -84.75 21.27 13.88
CA ALA E 166 -85.71 20.51 14.64
C ALA E 166 -85.69 19.05 14.29
N GLY E 167 -85.70 18.67 13.03
CA GLY E 167 -86.08 17.30 12.74
C GLY E 167 -84.91 16.47 12.35
N ASN E 168 -83.93 16.31 13.20
CA ASN E 168 -82.71 15.60 12.78
C ASN E 168 -82.87 14.13 12.79
N VAL E 169 -81.91 13.47 12.20
CA VAL E 169 -82.04 12.07 11.90
C VAL E 169 -81.46 11.25 13.03
N ASP E 170 -82.25 10.27 13.45
CA ASP E 170 -81.84 9.29 14.45
C ASP E 170 -80.53 8.67 14.01
N HIS E 171 -79.63 8.47 14.97
CA HIS E 171 -78.44 7.63 14.74
C HIS E 171 -78.58 6.45 15.63
N VAL E 172 -77.82 5.44 15.30
CA VAL E 172 -78.21 4.16 15.74
C VAL E 172 -77.09 3.35 16.19
N GLY E 173 -77.50 2.52 17.14
CA GLY E 173 -76.78 2.41 18.34
C GLY E 173 -76.73 1.18 19.16
N LEU E 174 -77.50 1.12 20.26
CA LEU E 174 -77.10 0.24 21.36
C LEU E 174 -78.23 -0.56 21.93
N GLY E 175 -78.14 -1.87 21.79
CA GLY E 175 -79.09 -2.77 22.43
C GLY E 175 -78.58 -3.11 23.83
N THR E 176 -79.52 -3.14 24.78
CA THR E 176 -79.19 -3.51 26.15
C THR E 176 -80.00 -4.65 26.63
N ALA E 177 -79.39 -5.47 27.46
CA ALA E 177 -80.14 -6.49 28.18
C ALA E 177 -79.58 -6.62 29.57
N PHE E 178 -80.31 -6.07 30.55
CA PHE E 178 -79.97 -6.13 31.99
C PHE E 178 -80.68 -7.30 32.72
N GLU E 179 -79.91 -8.08 33.47
CA GLU E 179 -80.54 -9.15 34.26
C GLU E 179 -81.44 -8.53 35.32
N ASN E 180 -82.66 -9.08 35.44
CA ASN E 180 -83.61 -8.59 36.42
C ASN E 180 -83.13 -9.02 37.78
N SER E 181 -83.62 -8.28 38.78
CA SER E 181 -83.27 -8.43 40.17
C SER E 181 -84.55 -8.29 41.06
N ILE E 182 -84.42 -8.85 42.27
CA ILE E 182 -85.26 -8.69 43.46
C ILE E 182 -85.32 -7.22 43.94
N TYR E 183 -84.26 -6.45 43.67
CA TYR E 183 -84.15 -5.02 44.00
C TYR E 183 -84.27 -4.16 42.73
N ASP E 184 -84.66 -2.89 42.87
CA ASP E 184 -84.62 -1.97 41.75
C ASP E 184 -83.20 -1.71 41.38
N GLN E 185 -82.91 -1.52 40.11
CA GLN E 185 -81.53 -1.20 39.66
C GLN E 185 -81.56 0.09 38.86
N GLU E 186 -81.20 1.21 39.46
CA GLU E 186 -81.23 2.50 38.76
C GLU E 186 -79.84 2.89 38.26
N TYR E 187 -79.82 3.51 37.09
CA TYR E 187 -78.62 4.14 36.49
C TYR E 187 -78.85 5.62 36.10
N ASN E 188 -77.77 6.41 36.14
CA ASN E 188 -77.72 7.66 35.35
C ASN E 188 -77.02 7.34 34.08
N ILE E 189 -77.68 7.51 32.94
CA ILE E 189 -77.00 7.22 31.68
C ILE E 189 -76.44 8.49 31.11
N ARG E 190 -75.16 8.52 30.80
CA ARG E 190 -74.59 9.71 30.11
C ARG E 190 -74.14 9.28 28.71
N VAL E 191 -74.77 9.91 27.70
CA VAL E 191 -74.47 9.74 26.29
C VAL E 191 -73.70 10.98 25.87
N THR E 192 -72.59 10.75 25.17
CA THR E 192 -71.72 11.79 24.69
C THR E 192 -71.51 11.54 23.19
N MET E 193 -71.84 12.55 22.36
CA MET E 193 -71.66 12.55 20.90
C MET E 193 -70.38 13.30 20.55
N TYR E 194 -69.45 12.64 19.86
CA TYR E 194 -68.27 13.34 19.30
C TYR E 194 -68.57 13.72 17.86
N VAL E 195 -68.92 14.96 17.66
CA VAL E 195 -69.45 15.44 16.40
C VAL E 195 -68.45 16.30 15.68
N GLN E 196 -68.41 16.16 14.38
CA GLN E 196 -67.67 17.07 13.52
C GLN E 196 -68.60 17.98 12.73
N PHE E 197 -68.39 19.28 12.88
CA PHE E 197 -69.22 20.31 12.23
C PHE E 197 -68.44 20.89 11.06
N ARG E 198 -69.14 21.33 10.03
CA ARG E 198 -68.53 21.91 8.81
C ARG E 198 -69.37 23.07 8.23
N GLU E 199 -68.70 24.13 7.77
CA GLU E 199 -69.27 25.32 7.15
C GLU E 199 -69.88 26.21 8.20
N PHE E 200 -69.01 27.06 8.76
CA PHE E 200 -69.49 28.16 9.59
C PHE E 200 -70.57 28.95 8.82
N ASN E 201 -71.65 29.31 9.49
CA ASN E 201 -72.75 29.96 8.78
C ASN E 201 -73.45 31.10 9.49
N LEU E 202 -72.77 31.67 10.48
CA LEU E 202 -73.32 32.69 11.38
C LEU E 202 -73.88 33.92 10.63
N LYS E 203 -75.14 34.16 10.86
CA LYS E 203 -75.81 35.35 10.35
C LYS E 203 -75.61 36.46 11.36
N ASP E 204 -75.45 37.69 10.87
CA ASP E 204 -75.37 38.87 11.73
C ASP E 204 -76.19 40.08 11.22
N PRO E 205 -77.52 40.09 11.44
CA PRO E 205 -78.37 41.29 11.24
C PRO E 205 -77.98 42.49 12.13
N PRO E 206 -78.28 43.71 11.68
CA PRO E 206 -77.66 44.88 12.36
C PRO E 206 -78.04 45.12 13.85
N SER F 19 -60.76 23.03 22.91
CA SER F 19 -60.71 24.39 23.57
C SER F 19 -60.83 25.62 22.61
N HIS F 20 -60.09 25.64 21.48
CA HIS F 20 -60.00 26.86 20.63
C HIS F 20 -60.79 26.84 19.39
N PHE F 21 -61.32 27.98 19.04
CA PHE F 21 -62.02 28.07 17.80
C PHE F 21 -61.69 29.44 17.12
N ASN F 22 -61.02 29.33 15.98
CA ASN F 22 -60.63 30.49 15.19
C ASN F 22 -61.65 30.73 14.14
N THR F 23 -62.12 31.95 13.99
CA THR F 23 -63.07 32.26 12.92
C THR F 23 -63.04 33.75 12.53
N ARG F 24 -64.02 34.14 11.75
CA ARG F 24 -63.98 35.33 10.96
C ARG F 24 -65.40 35.86 10.84
N LEU F 25 -65.60 37.12 11.25
CA LEU F 25 -66.91 37.72 11.35
C LEU F 25 -66.92 39.03 10.61
N SER F 26 -67.94 39.29 9.81
CA SER F 26 -67.98 40.50 9.02
C SER F 26 -69.29 41.26 9.17
N ARG F 27 -69.19 42.56 9.00
CA ARG F 27 -70.33 43.42 8.75
C ARG F 27 -69.94 44.46 7.72
N THR F 28 -71.00 45.06 7.16
CA THR F 28 -70.89 46.13 6.20
C THR F 28 -71.79 47.33 6.54
N PHE F 29 -71.25 48.53 6.41
CA PHE F 29 -72.06 49.74 6.52
C PHE F 29 -71.68 50.82 5.50
N GLY F 30 -72.51 51.82 5.40
CA GLY F 30 -72.35 52.94 4.47
C GLY F 30 -71.51 54.02 5.10
N TYR F 31 -70.70 54.71 4.30
CA TYR F 31 -70.08 55.95 4.75
C TYR F 31 -70.08 56.95 3.59
N THR F 32 -70.76 58.07 3.75
CA THR F 32 -70.75 59.11 2.71
C THR F 32 -69.93 60.31 3.16
N ILE F 33 -68.95 60.77 2.38
CA ILE F 33 -68.35 62.10 2.56
C ILE F 33 -69.08 63.09 1.70
N LYS F 34 -69.84 64.00 2.31
CA LYS F 34 -70.63 65.01 1.58
C LYS F 34 -69.73 65.98 0.85
N ARG F 35 -70.19 66.41 -0.32
CA ARG F 35 -69.49 67.28 -1.24
C ARG F 35 -69.35 68.65 -0.63
N THR F 36 -68.21 69.29 -0.81
CA THR F 36 -68.04 70.68 -0.40
C THR F 36 -67.83 71.59 -1.55
N THR F 37 -67.91 72.85 -1.21
CA THR F 37 -67.59 73.96 -2.09
C THR F 37 -66.35 74.77 -1.61
N VAL F 38 -65.75 74.42 -0.46
CA VAL F 38 -64.41 74.88 -0.12
C VAL F 38 -63.48 74.62 -1.35
N LYS F 39 -62.69 75.59 -1.78
CA LYS F 39 -61.99 75.44 -3.11
C LYS F 39 -60.62 74.81 -2.90
N THR F 40 -59.97 75.29 -1.84
CA THR F 40 -58.68 74.77 -1.45
C THR F 40 -58.85 73.40 -0.76
N PRO F 41 -57.83 72.53 -0.83
CA PRO F 41 -57.89 71.21 -0.25
C PRO F 41 -58.22 71.23 1.23
N SER F 42 -59.00 70.23 1.63
CA SER F 42 -59.57 70.09 2.94
C SER F 42 -59.90 68.59 3.21
N TRP F 43 -59.92 68.19 4.47
CA TRP F 43 -60.03 66.78 4.79
C TRP F 43 -61.17 66.53 5.76
N ALA F 44 -61.96 65.50 5.45
CA ALA F 44 -62.94 65.01 6.38
C ALA F 44 -62.31 63.90 7.24
N VAL F 45 -62.17 64.23 8.54
CA VAL F 45 -61.50 63.42 9.49
C VAL F 45 -62.51 62.65 10.35
N ASP F 46 -62.25 61.37 10.56
CA ASP F 46 -63.14 60.56 11.33
C ASP F 46 -62.36 59.41 11.91
N MET F 47 -63.07 58.44 12.44
CA MET F 47 -62.46 57.39 13.22
C MET F 47 -63.40 56.19 13.18
N MET F 48 -62.91 55.12 13.79
CA MET F 48 -63.52 53.81 13.71
C MET F 48 -63.08 52.99 14.90
N ARG F 49 -64.08 52.50 15.64
CA ARG F 49 -63.91 51.50 16.67
C ARG F 49 -64.55 50.22 16.29
N PHE F 50 -64.07 49.13 16.86
CA PHE F 50 -64.62 47.80 16.59
C PHE F 50 -65.13 47.14 17.86
N ASN F 51 -66.39 46.72 17.84
CA ASN F 51 -67.05 46.10 18.97
C ASN F 51 -67.78 44.80 18.51
N ILE F 52 -67.52 43.71 19.24
CA ILE F 52 -68.02 42.40 18.85
C ILE F 52 -69.55 42.34 18.94
N ASN F 53 -70.17 43.29 19.65
CA ASN F 53 -71.67 43.40 19.66
C ASN F 53 -72.21 43.50 18.26
N ASP F 54 -71.49 44.21 17.41
CA ASP F 54 -71.92 44.42 16.07
C ASP F 54 -71.65 43.25 15.16
N PHE F 55 -71.02 42.20 15.65
CA PHE F 55 -70.57 41.09 14.78
C PHE F 55 -71.21 39.78 15.12
N LEU F 56 -71.57 39.62 16.36
CA LEU F 56 -72.22 38.43 16.88
C LEU F 56 -73.60 38.79 17.45
N PRO F 57 -74.72 38.43 16.82
CA PRO F 57 -75.99 38.70 17.52
C PRO F 57 -76.20 37.85 18.77
N PRO F 58 -77.21 38.23 19.60
CA PRO F 58 -77.76 37.47 20.73
C PRO F 58 -78.05 36.03 20.35
N GLY F 59 -78.08 35.13 21.32
CA GLY F 59 -78.44 33.73 21.11
C GLY F 59 -79.88 33.46 21.53
N GLY F 60 -80.16 32.22 21.92
CA GLY F 60 -81.46 31.84 22.48
C GLY F 60 -81.34 31.01 23.73
N GLY F 61 -82.41 30.99 24.52
CA GLY F 61 -82.54 30.08 25.66
C GLY F 61 -81.35 30.20 26.62
N SER F 62 -80.76 29.06 26.97
CA SER F 62 -79.68 29.00 27.96
C SER F 62 -78.26 29.38 27.40
N ASN F 63 -78.23 29.63 26.07
CA ASN F 63 -77.02 30.04 25.32
C ASN F 63 -77.18 31.49 24.81
N PRO F 64 -76.82 32.52 25.66
CA PRO F 64 -77.21 33.88 25.31
C PRO F 64 -76.47 34.43 24.11
N ARG F 65 -75.46 33.73 23.61
CA ARG F 65 -74.65 34.22 22.47
C ARG F 65 -74.68 33.18 21.35
N SER F 66 -74.65 33.65 20.12
CA SER F 66 -74.77 32.79 18.97
C SER F 66 -73.57 31.91 18.73
N VAL F 67 -72.40 32.28 19.27
CA VAL F 67 -71.35 31.26 19.43
C VAL F 67 -71.26 30.89 20.91
N PRO F 68 -71.34 29.60 21.22
CA PRO F 68 -71.28 29.13 22.58
C PRO F 68 -69.84 29.01 23.15
N PHE F 69 -69.18 30.13 23.42
CA PHE F 69 -67.86 30.09 24.03
C PHE F 69 -67.74 31.11 25.14
N GLU F 70 -66.87 30.83 26.10
CA GLU F 70 -66.82 31.66 27.29
C GLU F 70 -65.97 32.89 27.13
N TYR F 71 -64.85 32.71 26.45
CA TYR F 71 -63.81 33.77 26.32
C TYR F 71 -63.47 34.03 24.87
N TYR F 72 -62.88 35.19 24.58
CA TYR F 72 -62.44 35.50 23.20
C TYR F 72 -61.36 36.55 23.21
N ARG F 73 -60.70 36.67 22.09
CA ARG F 73 -59.77 37.76 21.86
C ARG F 73 -59.66 37.95 20.37
N ILE F 74 -59.36 39.19 19.97
CA ILE F 74 -59.46 39.56 18.59
C ILE F 74 -58.07 39.63 18.09
N ARG F 75 -57.79 38.78 17.11
CA ARG F 75 -56.43 38.48 16.63
C ARG F 75 -55.98 39.54 15.62
N LYS F 76 -56.89 39.96 14.76
CA LYS F 76 -56.59 40.84 13.65
C LYS F 76 -57.90 41.51 13.20
N VAL F 77 -57.88 42.77 12.70
CA VAL F 77 -59.03 43.37 12.02
C VAL F 77 -58.64 43.76 10.61
N LYS F 78 -59.61 43.67 9.68
CA LYS F 78 -59.45 44.07 8.28
C LYS F 78 -60.55 45.05 8.07
N VAL F 79 -60.19 46.23 7.63
CA VAL F 79 -61.15 47.26 7.30
C VAL F 79 -61.01 47.44 5.81
N GLU F 80 -62.10 47.33 5.06
CA GLU F 80 -62.09 47.51 3.60
C GLU F 80 -63.01 48.65 3.24
N PHE F 81 -62.46 49.59 2.51
CA PHE F 81 -63.20 50.68 1.96
C PHE F 81 -63.44 50.25 0.54
N TRP F 82 -64.71 49.90 0.26
CA TRP F 82 -65.12 49.53 -1.08
C TRP F 82 -65.85 50.73 -1.65
N PRO F 83 -65.24 51.38 -2.68
CA PRO F 83 -65.75 52.58 -3.24
C PRO F 83 -67.03 52.38 -4.01
N CYS F 84 -68.03 53.22 -3.76
CA CYS F 84 -69.23 53.32 -4.64
C CYS F 84 -68.98 54.11 -5.94
N SER F 85 -68.11 55.13 -5.89
CA SER F 85 -67.99 56.05 -7.02
C SER F 85 -67.48 55.32 -8.27
N PRO F 86 -67.96 55.73 -9.45
CA PRO F 86 -67.56 55.05 -10.67
C PRO F 86 -66.16 55.48 -11.05
N ILE F 87 -65.45 54.68 -11.86
CA ILE F 87 -64.09 55.05 -12.21
C ILE F 87 -64.05 56.29 -13.10
N THR F 88 -65.18 56.84 -13.52
CA THR F 88 -65.25 58.12 -14.28
C THR F 88 -65.29 59.42 -13.49
N GLN F 89 -65.35 59.34 -12.15
CA GLN F 89 -65.60 60.53 -11.32
C GLN F 89 -64.23 61.20 -11.19
N GLY F 90 -64.27 62.53 -11.35
CA GLY F 90 -63.13 63.37 -11.21
C GLY F 90 -63.11 64.05 -9.88
N ASP F 91 -62.42 65.16 -9.84
CA ASP F 91 -62.02 65.78 -8.60
C ASP F 91 -61.49 64.77 -7.63
N ARG F 92 -60.50 64.04 -8.10
CA ARG F 92 -59.87 62.95 -7.35
C ARG F 92 -58.92 63.51 -6.35
N GLY F 93 -58.82 62.86 -5.21
CA GLY F 93 -57.99 63.33 -4.14
C GLY F 93 -57.23 62.21 -3.44
N VAL F 94 -56.65 62.57 -2.29
CA VAL F 94 -55.66 61.76 -1.67
C VAL F 94 -55.66 62.02 -0.15
N GLY F 95 -55.78 60.95 0.62
CA GLY F 95 -55.90 61.00 2.08
C GLY F 95 -55.18 59.84 2.78
N SER F 96 -55.59 59.58 4.01
CA SER F 96 -54.77 58.80 4.89
C SER F 96 -55.52 57.94 5.85
N SER F 97 -55.00 56.76 6.11
CA SER F 97 -55.53 55.97 7.25
C SER F 97 -54.36 55.78 8.24
N ALA F 98 -54.72 55.74 9.54
CA ALA F 98 -53.74 55.42 10.58
C ALA F 98 -54.33 54.52 11.67
N VAL F 99 -53.47 53.59 12.12
CA VAL F 99 -53.82 52.64 13.15
C VAL F 99 -53.65 53.39 14.45
N ILE F 100 -54.68 53.41 15.29
CA ILE F 100 -54.75 54.13 16.55
C ILE F 100 -55.05 53.19 17.70
N LEU F 101 -54.03 52.74 18.42
CA LEU F 101 -54.15 51.65 19.39
C LEU F 101 -54.51 52.10 20.78
N ASP F 102 -54.61 53.42 20.99
CA ASP F 102 -54.78 53.96 22.33
C ASP F 102 -56.07 54.77 22.47
N ASP F 103 -57.03 54.64 21.56
CA ASP F 103 -58.36 55.26 21.69
C ASP F 103 -58.32 56.80 21.57
N ASN F 104 -57.20 57.35 21.04
CA ASN F 104 -56.99 58.82 20.89
C ASN F 104 -56.94 59.31 19.46
N PHE F 105 -58.13 59.42 18.92
CA PHE F 105 -58.31 59.83 17.55
C PHE F 105 -58.17 61.33 17.46
N VAL F 106 -57.70 61.82 16.32
CA VAL F 106 -57.80 63.21 15.96
C VAL F 106 -59.29 63.55 15.91
N THR F 107 -59.61 64.67 16.49
CA THR F 107 -61.00 65.14 16.61
C THR F 107 -61.71 65.12 15.26
N LYS F 108 -62.97 64.70 15.27
CA LYS F 108 -63.80 64.67 14.07
C LYS F 108 -63.99 66.06 13.43
N ALA F 109 -63.99 66.13 12.09
CA ALA F 109 -63.85 67.38 11.38
C ALA F 109 -64.30 67.32 9.96
N THR F 110 -65.14 68.28 9.57
CA THR F 110 -65.73 68.30 8.21
C THR F 110 -64.73 68.73 7.17
N ALA F 111 -63.94 69.75 7.49
CA ALA F 111 -63.04 70.31 6.51
C ALA F 111 -61.71 70.85 7.07
N LEU F 112 -60.94 70.00 7.72
CA LEU F 112 -59.62 70.41 8.26
C LEU F 112 -58.73 70.88 7.14
N THR F 113 -57.91 71.89 7.33
CA THR F 113 -57.15 72.43 6.16
C THR F 113 -55.90 71.65 5.77
N TYR F 114 -55.68 70.54 6.46
CA TYR F 114 -54.63 69.58 6.12
C TYR F 114 -55.05 68.16 6.58
N ASP F 115 -54.25 67.17 6.22
CA ASP F 115 -54.52 65.78 6.50
C ASP F 115 -53.76 65.54 7.78
N PRO F 116 -54.45 65.49 8.89
CA PRO F 116 -53.76 65.27 10.15
C PRO F 116 -53.07 63.91 10.34
N TYR F 117 -53.47 62.87 9.58
CA TYR F 117 -52.82 61.55 9.70
C TYR F 117 -51.64 61.26 8.77
N VAL F 118 -51.34 62.20 7.89
CA VAL F 118 -50.32 61.99 6.88
C VAL F 118 -48.93 61.65 7.42
N ASN F 119 -48.52 62.20 8.56
CA ASN F 119 -47.22 61.84 9.06
C ASN F 119 -47.20 60.64 10.01
N TYR F 120 -48.33 60.00 10.28
CA TYR F 120 -48.32 58.95 11.30
C TYR F 120 -47.42 57.84 10.82
N SER F 121 -46.52 57.37 11.64
CA SER F 121 -45.78 56.14 11.36
C SER F 121 -46.65 55.09 10.76
N SER F 122 -47.87 54.93 11.24
CA SER F 122 -48.74 53.86 10.73
C SER F 122 -49.58 54.24 9.50
N ARG F 123 -49.27 55.35 8.86
CA ARG F 123 -50.18 55.86 7.82
C ARG F 123 -50.11 55.02 6.57
N HIS F 124 -51.25 54.74 5.97
CA HIS F 124 -51.27 54.25 4.59
C HIS F 124 -52.06 55.24 3.77
N THR F 125 -51.72 55.36 2.47
CA THR F 125 -52.35 56.35 1.61
C THR F 125 -53.72 55.91 1.13
N ILE F 126 -54.66 56.84 1.08
CA ILE F 126 -55.99 56.55 0.54
C ILE F 126 -56.09 57.28 -0.79
N THR F 127 -56.45 56.57 -1.86
CA THR F 127 -56.62 57.18 -3.18
C THR F 127 -58.13 57.32 -3.43
N GLN F 128 -58.54 58.47 -3.99
CA GLN F 128 -59.96 58.81 -4.04
C GLN F 128 -60.43 59.20 -5.46
N PRO F 129 -61.70 58.91 -5.79
CA PRO F 129 -62.71 58.27 -4.92
C PRO F 129 -63.09 56.84 -5.38
N PHE F 130 -62.36 56.25 -6.30
CA PHE F 130 -62.81 54.99 -6.92
C PHE F 130 -61.86 53.85 -6.61
N SER F 131 -61.07 54.01 -5.57
CA SER F 131 -60.02 53.07 -5.39
C SER F 131 -60.39 52.39 -4.10
N TYR F 132 -60.23 51.07 -4.08
CA TYR F 132 -60.18 50.26 -2.86
C TYR F 132 -59.13 50.74 -1.89
N HIS F 133 -59.37 50.52 -0.61
CA HIS F 133 -58.34 50.69 0.45
C HIS F 133 -58.58 49.68 1.61
N SER F 134 -57.51 49.10 2.18
CA SER F 134 -57.71 48.16 3.26
C SER F 134 -56.62 48.28 4.29
N ARG F 135 -56.97 48.01 5.55
CA ARG F 135 -55.96 47.92 6.62
C ARG F 135 -56.15 46.61 7.35
N TYR F 136 -55.04 46.08 7.79
CA TYR F 136 -55.00 44.78 8.47
C TYR F 136 -53.97 44.85 9.66
N PHE F 137 -54.50 44.76 10.87
CA PHE F 137 -53.69 45.07 12.07
C PHE F 137 -54.33 44.43 13.29
N THR F 138 -53.52 44.13 14.30
CA THR F 138 -54.02 43.61 15.56
C THR F 138 -54.54 44.85 16.31
N PRO F 139 -55.88 44.95 16.55
CA PRO F 139 -56.40 46.02 17.36
C PRO F 139 -56.25 45.71 18.82
N LYS F 140 -56.65 46.67 19.67
CA LYS F 140 -56.48 46.55 21.10
C LYS F 140 -57.76 46.94 21.85
N PRO F 141 -58.08 46.14 22.87
CA PRO F 141 -59.15 46.51 23.76
C PRO F 141 -58.94 47.81 24.55
N VAL F 142 -60.04 48.52 24.80
CA VAL F 142 -60.01 49.72 25.62
C VAL F 142 -60.34 49.33 27.08
N LEU F 143 -59.25 49.10 27.80
CA LEU F 143 -59.31 48.56 29.14
C LEU F 143 -59.44 49.64 30.16
N ASP F 144 -58.80 50.77 29.94
CA ASP F 144 -58.85 51.91 30.86
C ASP F 144 -58.69 53.24 30.10
N SER F 145 -59.78 53.95 29.88
CA SER F 145 -59.78 55.10 28.96
C SER F 145 -59.07 56.33 29.52
N THR F 146 -58.83 56.36 30.81
CA THR F 146 -57.98 57.39 31.44
C THR F 146 -56.46 57.25 31.26
N ILE F 147 -55.94 56.01 31.33
CA ILE F 147 -54.55 55.67 31.02
C ILE F 147 -54.31 55.25 29.55
N ASP F 148 -55.34 54.69 28.92
CA ASP F 148 -55.22 54.09 27.60
C ASP F 148 -53.97 53.28 27.38
N TYR F 149 -53.86 52.12 27.99
CA TYR F 149 -52.73 51.25 27.83
C TYR F 149 -53.08 50.04 26.96
N PHE F 150 -52.09 49.53 26.27
CA PHE F 150 -52.29 48.33 25.52
C PHE F 150 -51.07 47.45 25.48
N GLN F 151 -51.31 46.17 25.24
CA GLN F 151 -50.28 45.18 25.13
C GLN F 151 -49.52 45.34 23.81
N PRO F 152 -48.22 45.08 23.81
CA PRO F 152 -47.52 44.86 22.56
C PRO F 152 -48.09 43.72 21.75
N ASN F 153 -48.22 43.95 20.44
CA ASN F 153 -48.81 42.99 19.42
C ASN F 153 -47.99 41.66 19.56
N ASN F 154 -48.60 40.63 20.16
CA ASN F 154 -47.79 39.49 20.71
C ASN F 154 -48.59 38.17 21.07
N LYS F 155 -48.39 37.11 20.28
CA LYS F 155 -49.41 36.08 20.11
C LYS F 155 -49.87 35.28 21.38
N ARG F 156 -49.07 34.39 21.96
CA ARG F 156 -49.51 33.54 23.07
C ARG F 156 -49.73 34.26 24.44
N ASN F 157 -49.42 35.57 24.53
CA ASN F 157 -49.60 36.43 25.73
C ASN F 157 -50.76 37.46 25.69
N GLN F 158 -51.57 37.44 24.61
CA GLN F 158 -52.67 38.37 24.42
C GLN F 158 -53.76 38.12 25.43
N LEU F 159 -54.24 39.14 26.12
CA LEU F 159 -55.33 38.92 27.05
C LEU F 159 -56.58 38.26 26.43
N TRP F 160 -57.14 37.32 27.20
CA TRP F 160 -58.48 36.81 26.94
C TRP F 160 -59.53 37.72 27.57
N LEU F 161 -60.66 37.86 26.90
CA LEU F 161 -61.79 38.64 27.37
C LEU F 161 -63.06 37.77 27.44
N ARG F 162 -63.87 37.95 28.47
CA ARG F 162 -65.17 37.29 28.53
C ARG F 162 -66.01 37.67 27.33
N LEU F 163 -66.74 36.72 26.78
CA LEU F 163 -67.66 37.03 25.69
C LEU F 163 -68.96 37.42 26.32
N GLN F 164 -69.29 38.69 26.32
CA GLN F 164 -70.46 39.15 27.05
C GLN F 164 -71.63 39.16 26.13
N THR F 165 -72.83 39.04 26.70
CA THR F 165 -74.04 39.00 25.86
C THR F 165 -74.21 40.34 25.20
N ALA F 166 -73.82 41.39 25.95
CA ALA F 166 -74.41 42.69 25.91
C ALA F 166 -73.42 43.80 25.70
N GLY F 167 -72.62 44.15 26.69
CA GLY F 167 -71.82 45.40 26.58
C GLY F 167 -70.33 45.09 26.44
N ASN F 168 -69.94 44.45 25.35
CA ASN F 168 -68.58 44.07 25.19
C ASN F 168 -67.76 45.32 24.99
N VAL F 169 -66.47 45.16 25.22
CA VAL F 169 -65.58 46.28 25.30
C VAL F 169 -65.17 46.77 23.90
N ASP F 170 -65.00 48.07 23.68
CA ASP F 170 -64.54 48.49 22.35
C ASP F 170 -63.07 48.10 22.23
N HIS F 171 -62.77 47.73 20.98
CA HIS F 171 -61.42 47.55 20.42
C HIS F 171 -61.15 48.66 19.42
N VAL F 172 -59.87 48.91 19.29
CA VAL F 172 -59.52 50.17 18.78
C VAL F 172 -58.42 50.14 17.77
N GLY F 173 -58.51 51.19 16.95
CA GLY F 173 -58.57 51.01 15.56
C GLY F 173 -58.07 52.02 14.63
N LEU F 174 -58.93 52.75 13.96
CA LEU F 174 -58.50 53.48 12.73
C LEU F 174 -59.04 54.90 12.57
N GLY F 175 -58.13 55.84 12.39
CA GLY F 175 -58.47 57.20 12.03
C GLY F 175 -58.44 57.35 10.52
N THR F 176 -59.28 58.25 10.02
CA THR F 176 -59.31 58.50 8.59
C THR F 176 -59.31 59.98 8.26
N ALA F 177 -58.53 60.35 7.26
CA ALA F 177 -58.77 61.62 6.61
C ALA F 177 -58.99 61.38 5.13
N PHE F 178 -60.17 61.70 4.67
CA PHE F 178 -60.49 61.72 3.25
C PHE F 178 -60.52 63.14 2.77
N GLU F 179 -59.88 63.40 1.61
CA GLU F 179 -59.89 64.74 1.00
C GLU F 179 -61.31 64.97 0.48
N ASN F 180 -61.85 66.14 0.79
CA ASN F 180 -63.13 66.55 0.31
C ASN F 180 -63.09 66.84 -1.15
N SER F 181 -64.27 66.87 -1.75
CA SER F 181 -64.48 66.83 -3.18
C SER F 181 -65.70 67.69 -3.57
N ILE F 182 -65.71 68.06 -4.85
CA ILE F 182 -66.79 68.80 -5.49
C ILE F 182 -68.05 67.91 -5.63
N TYR F 183 -67.87 66.58 -5.68
CA TYR F 183 -68.92 65.51 -5.67
C TYR F 183 -69.00 64.70 -4.38
N ASP F 184 -70.12 63.99 -4.17
CA ASP F 184 -70.17 63.08 -3.01
C ASP F 184 -69.25 61.88 -3.23
N GLN F 185 -68.72 61.33 -2.14
CA GLN F 185 -67.88 60.12 -2.17
C GLN F 185 -68.48 59.09 -1.20
N GLU F 186 -69.16 58.10 -1.73
CA GLU F 186 -69.90 57.15 -0.91
C GLU F 186 -68.97 55.89 -0.86
N TYR F 187 -68.89 55.21 0.28
CA TYR F 187 -68.21 53.89 0.37
C TYR F 187 -69.09 52.86 1.08
N ASN F 188 -68.99 51.59 0.67
CA ASN F 188 -69.35 50.46 1.52
C ASN F 188 -68.12 50.04 2.31
N ILE F 189 -68.20 50.06 3.63
CA ILE F 189 -67.09 49.70 4.46
C ILE F 189 -67.32 48.34 5.01
N ARG F 190 -66.35 47.47 4.85
CA ARG F 190 -66.56 46.17 5.42
C ARG F 190 -65.47 45.90 6.40
N VAL F 191 -65.86 45.73 7.66
CA VAL F 191 -64.94 45.40 8.72
C VAL F 191 -65.02 43.87 8.95
N THR F 192 -63.88 43.25 9.17
CA THR F 192 -63.79 41.81 9.42
C THR F 192 -62.92 41.54 10.67
N MET F 193 -63.51 40.94 11.70
CA MET F 193 -62.77 40.53 12.90
C MET F 193 -62.33 39.06 12.78
N TYR F 194 -61.02 38.81 12.87
CA TYR F 194 -60.47 37.46 12.98
C TYR F 194 -60.32 37.16 14.48
N VAL F 195 -61.21 36.30 14.99
CA VAL F 195 -61.49 36.12 16.43
C VAL F 195 -61.08 34.71 16.91
N GLN F 196 -60.45 34.64 18.08
CA GLN F 196 -60.11 33.34 18.67
C GLN F 196 -60.97 33.18 19.91
N PHE F 197 -61.85 32.20 19.85
CA PHE F 197 -62.71 31.84 20.97
C PHE F 197 -62.14 30.71 21.79
N ARG F 198 -62.45 30.70 23.08
CA ARG F 198 -61.90 29.69 23.97
C ARG F 198 -62.98 29.25 24.95
N GLU F 199 -62.92 27.96 25.34
CA GLU F 199 -63.84 27.30 26.31
C GLU F 199 -65.27 27.23 25.79
N PHE F 200 -65.51 26.17 25.06
CA PHE F 200 -66.86 25.78 24.61
C PHE F 200 -67.76 25.68 25.85
N ASN F 201 -68.93 26.32 25.83
CA ASN F 201 -69.77 26.31 27.01
C ASN F 201 -71.22 25.92 26.78
N LEU F 202 -71.50 25.06 25.82
CA LEU F 202 -72.88 24.91 25.36
C LEU F 202 -73.81 24.33 26.41
N LYS F 203 -74.87 25.06 26.70
CA LYS F 203 -75.87 24.59 27.65
C LYS F 203 -76.93 23.83 26.89
N ASP F 204 -77.34 22.68 27.45
CA ASP F 204 -78.27 21.76 26.82
C ASP F 204 -79.39 21.39 27.77
N PRO F 205 -80.46 22.21 27.84
CA PRO F 205 -81.64 21.85 28.61
C PRO F 205 -82.33 20.66 28.02
N PRO F 206 -83.18 19.97 28.80
CA PRO F 206 -83.85 18.73 28.31
C PRO F 206 -85.25 18.90 27.67
N SER G 19 -19.72 -6.13 66.75
CA SER G 19 -19.55 -4.75 67.31
C SER G 19 -20.78 -3.79 67.15
N HIS G 20 -21.37 -3.75 65.95
CA HIS G 20 -22.58 -2.96 65.62
C HIS G 20 -23.69 -3.90 65.37
N PHE G 21 -24.92 -3.53 65.69
CA PHE G 21 -26.05 -4.43 65.55
C PHE G 21 -27.31 -3.65 65.26
N ASN G 22 -27.91 -3.87 64.10
CA ASN G 22 -29.10 -3.14 63.65
C ASN G 22 -30.35 -3.96 63.94
N THR G 23 -31.39 -3.33 64.47
CA THR G 23 -32.65 -4.06 64.52
C THR G 23 -33.84 -3.14 64.66
N ARG G 24 -34.97 -3.79 64.75
CA ARG G 24 -36.24 -3.19 64.67
C ARG G 24 -36.96 -3.58 65.97
N LEU G 25 -37.58 -2.59 66.62
CA LEU G 25 -38.30 -2.79 67.88
C LEU G 25 -39.69 -2.23 67.73
N SER G 26 -40.73 -3.00 68.05
CA SER G 26 -42.13 -2.48 67.93
C SER G 26 -42.96 -2.54 69.21
N ARG G 27 -43.88 -1.58 69.32
CA ARG G 27 -44.94 -1.58 70.32
C ARG G 27 -46.26 -1.06 69.73
N THR G 28 -47.36 -1.44 70.38
CA THR G 28 -48.70 -1.12 69.89
C THR G 28 -49.59 -0.71 71.02
N PHE G 29 -50.23 0.45 70.87
CA PHE G 29 -51.19 0.98 71.81
C PHE G 29 -52.45 1.57 71.17
N GLY G 30 -53.54 1.62 71.95
CA GLY G 30 -54.79 2.24 71.53
C GLY G 30 -54.72 3.77 71.43
N TYR G 31 -55.60 4.33 70.59
CA TYR G 31 -55.86 5.74 70.52
C TYR G 31 -57.30 5.94 70.07
N THR G 32 -58.12 6.56 70.92
CA THR G 32 -59.47 6.91 70.53
C THR G 32 -59.65 8.44 70.42
N ILE G 33 -60.21 8.87 69.31
CA ILE G 33 -60.77 10.18 69.23
C ILE G 33 -62.25 10.04 69.53
N LYS G 34 -62.72 10.68 70.61
CA LYS G 34 -64.15 10.52 71.03
C LYS G 34 -65.06 11.33 70.13
N ARG G 35 -66.28 10.85 69.96
CA ARG G 35 -67.25 11.54 69.13
C ARG G 35 -67.55 12.90 69.70
N THR G 36 -67.69 13.94 68.88
CA THR G 36 -68.27 15.24 69.32
C THR G 36 -69.50 15.61 68.51
N THR G 37 -70.18 16.67 68.94
CA THR G 37 -71.38 17.19 68.27
C THR G 37 -71.20 18.61 67.81
N VAL G 38 -69.98 19.17 67.94
CA VAL G 38 -69.61 20.42 67.30
C VAL G 38 -70.00 20.25 65.81
N LYS G 39 -70.85 21.14 65.30
CA LYS G 39 -71.42 20.96 63.93
C LYS G 39 -70.38 21.27 62.79
N THR G 40 -69.61 22.33 62.99
CA THR G 40 -68.59 22.76 62.04
C THR G 40 -67.26 21.94 62.19
N PRO G 41 -66.48 21.85 61.08
CA PRO G 41 -65.16 21.20 61.16
C PRO G 41 -64.30 21.70 62.34
N SER G 42 -63.87 20.73 63.16
CA SER G 42 -62.91 20.88 64.26
C SER G 42 -61.85 19.73 64.27
N TRP G 43 -60.75 19.91 65.02
CA TRP G 43 -59.64 18.96 64.98
C TRP G 43 -59.15 18.63 66.34
N ALA G 44 -59.01 17.30 66.59
CA ALA G 44 -58.30 16.75 67.76
C ALA G 44 -56.80 16.83 67.60
N VAL G 45 -56.17 17.67 68.40
CA VAL G 45 -54.76 17.91 68.22
C VAL G 45 -53.96 17.20 69.30
N ASP G 46 -52.99 16.39 68.91
CA ASP G 46 -52.16 15.70 69.93
C ASP G 46 -50.71 15.56 69.42
N MET G 47 -49.92 14.79 70.16
CA MET G 47 -48.50 14.61 69.82
C MET G 47 -48.01 13.20 70.16
N MET G 48 -46.74 12.97 69.82
CA MET G 48 -46.04 11.74 69.98
C MET G 48 -44.54 11.96 70.22
N ARG G 49 -44.07 11.28 71.23
CA ARG G 49 -42.67 11.17 71.48
C ARG G 49 -42.34 9.69 71.49
N PHE G 50 -41.05 9.41 71.35
CA PHE G 50 -40.57 8.02 71.31
C PHE G 50 -39.46 7.87 72.29
N ASN G 51 -39.61 6.95 73.22
CA ASN G 51 -38.60 6.67 74.22
C ASN G 51 -38.19 5.22 74.25
N ILE G 52 -36.92 4.92 74.21
CA ILE G 52 -36.51 3.50 74.08
C ILE G 52 -36.98 2.63 75.25
N ASN G 53 -37.16 3.27 76.42
CA ASN G 53 -37.74 2.60 77.62
C ASN G 53 -38.96 1.80 77.27
N ASP G 54 -39.85 2.29 76.43
CA ASP G 54 -41.10 1.56 76.03
C ASP G 54 -40.94 0.42 75.01
N PHE G 55 -39.72 0.16 74.57
CA PHE G 55 -39.44 -0.87 73.58
C PHE G 55 -38.53 -1.96 74.08
N LEU G 56 -37.86 -1.68 75.19
CA LEU G 56 -36.66 -2.39 75.57
C LEU G 56 -36.84 -2.69 77.05
N PRO G 57 -37.50 -3.81 77.39
CA PRO G 57 -37.72 -4.05 78.80
C PRO G 57 -36.41 -4.40 79.53
N PRO G 58 -36.41 -4.25 80.87
CA PRO G 58 -35.17 -4.59 81.64
C PRO G 58 -34.69 -6.11 81.59
N GLY G 59 -33.39 -6.35 81.63
CA GLY G 59 -32.83 -7.71 81.77
C GLY G 59 -32.71 -8.16 83.23
N GLY G 60 -32.01 -9.29 83.43
CA GLY G 60 -31.68 -9.83 84.78
C GLY G 60 -30.22 -9.63 85.21
N GLY G 61 -29.98 -9.67 86.53
CA GLY G 61 -28.64 -9.67 87.13
C GLY G 61 -27.63 -8.65 86.61
N SER G 62 -26.44 -9.15 86.25
CA SER G 62 -25.32 -8.30 85.86
C SER G 62 -25.49 -7.67 84.47
N ASN G 63 -26.49 -8.12 83.70
CA ASN G 63 -26.88 -7.53 82.41
C ASN G 63 -28.20 -6.74 82.53
N PRO G 64 -28.12 -5.49 83.00
CA PRO G 64 -29.41 -4.90 83.42
C PRO G 64 -30.37 -4.58 82.26
N ARG G 65 -29.92 -4.61 80.99
CA ARG G 65 -30.86 -4.35 79.85
C ARG G 65 -30.96 -5.57 78.93
N SER G 66 -32.15 -5.74 78.33
CA SER G 66 -32.49 -6.99 77.63
C SER G 66 -31.74 -7.15 76.32
N VAL G 67 -31.21 -6.05 75.73
CA VAL G 67 -30.11 -6.16 74.76
C VAL G 67 -28.76 -5.77 75.40
N PRO G 68 -27.74 -6.59 75.21
CA PRO G 68 -26.48 -6.34 75.88
C PRO G 68 -25.57 -5.49 75.04
N PHE G 69 -25.89 -4.21 74.96
CA PHE G 69 -25.04 -3.25 74.24
C PHE G 69 -24.94 -2.01 75.04
N GLU G 70 -23.83 -1.28 74.90
CA GLU G 70 -23.54 -0.08 75.69
C GLU G 70 -24.03 1.22 75.07
N TYR G 71 -23.97 1.33 73.75
CA TYR G 71 -24.49 2.50 73.07
C TYR G 71 -25.64 2.19 72.07
N TYR G 72 -26.47 3.21 71.83
CA TYR G 72 -27.47 3.17 70.73
C TYR G 72 -27.70 4.55 70.01
N ARG G 73 -28.23 4.48 68.80
CA ARG G 73 -28.93 5.63 68.17
C ARG G 73 -30.10 5.17 67.35
N ILE G 74 -31.08 6.02 67.20
CA ILE G 74 -32.30 5.66 66.51
C ILE G 74 -32.15 6.16 65.08
N ARG G 75 -31.95 5.25 64.16
CA ARG G 75 -31.81 5.60 62.74
C ARG G 75 -33.06 6.25 62.13
N LYS G 76 -34.22 5.65 62.45
CA LYS G 76 -35.49 5.91 61.83
C LYS G 76 -36.62 5.47 62.77
N VAL G 77 -37.76 6.13 62.65
CA VAL G 77 -39.00 5.72 63.33
C VAL G 77 -40.06 5.58 62.29
N LYS G 78 -40.82 4.51 62.40
CA LYS G 78 -42.07 4.34 61.68
C LYS G 78 -43.22 4.44 62.66
N VAL G 79 -44.12 5.38 62.38
CA VAL G 79 -45.36 5.45 63.13
C VAL G 79 -46.49 5.00 62.24
N GLU G 80 -47.12 3.91 62.58
CA GLU G 80 -48.27 3.47 61.79
C GLU G 80 -49.56 3.66 62.52
N PHE G 81 -50.50 4.33 61.89
CA PHE G 81 -51.92 4.36 62.38
C PHE G 81 -52.84 3.31 61.74
N TRP G 82 -53.12 2.19 62.42
CA TRP G 82 -53.95 1.12 61.88
C TRP G 82 -55.39 1.33 62.29
N PRO G 83 -56.26 1.68 61.35
CA PRO G 83 -57.62 2.05 61.74
C PRO G 83 -58.48 0.90 62.15
N CYS G 84 -59.21 1.11 63.24
CA CYS G 84 -60.21 0.17 63.72
C CYS G 84 -61.59 0.33 63.03
N SER G 85 -61.99 1.57 62.71
CA SER G 85 -63.28 1.77 62.05
C SER G 85 -63.37 0.94 60.76
N PRO G 86 -64.56 0.45 60.43
CA PRO G 86 -64.69 -0.32 59.17
C PRO G 86 -64.87 0.60 58.00
N ILE G 87 -64.78 0.07 56.81
CA ILE G 87 -64.98 0.89 55.58
C ILE G 87 -66.41 1.43 55.36
N THR G 88 -67.37 0.81 56.02
CA THR G 88 -68.70 1.34 56.09
C THR G 88 -68.85 2.65 56.84
N GLN G 89 -67.92 3.00 57.72
CA GLN G 89 -68.15 4.18 58.56
C GLN G 89 -68.20 5.45 57.72
N GLY G 90 -69.13 6.31 58.08
CA GLY G 90 -69.34 7.61 57.45
C GLY G 90 -68.74 8.75 58.25
N ASP G 91 -69.25 9.97 57.97
CA ASP G 91 -68.64 11.22 58.48
C ASP G 91 -67.13 11.21 58.46
N ARG G 92 -66.64 10.94 57.26
CA ARG G 92 -65.26 10.86 56.97
C ARG G 92 -64.68 12.25 56.92
N GLY G 93 -63.39 12.34 57.24
CA GLY G 93 -62.75 13.61 57.48
C GLY G 93 -61.32 13.56 57.07
N VAL G 94 -60.68 14.69 57.27
CA VAL G 94 -59.36 14.84 56.70
C VAL G 94 -58.43 15.64 57.65
N GLY G 95 -57.24 15.08 57.88
CA GLY G 95 -56.31 15.54 58.93
C GLY G 95 -54.89 15.61 58.47
N SER G 96 -53.99 15.70 59.45
CA SER G 96 -52.61 15.98 59.10
C SER G 96 -51.70 15.43 60.10
N SER G 97 -50.56 14.93 59.64
CA SER G 97 -49.46 14.58 60.56
C SER G 97 -48.30 15.43 60.18
N ALA G 98 -47.54 15.89 61.17
CA ALA G 98 -46.27 16.58 60.86
C ALA G 98 -45.08 16.11 61.74
N VAL G 99 -43.88 16.17 61.19
CA VAL G 99 -42.66 15.75 61.86
C VAL G 99 -42.16 16.98 62.58
N ILE G 100 -42.14 16.85 63.90
CA ILE G 100 -41.68 17.90 64.83
C ILE G 100 -40.40 17.48 65.53
N LEU G 101 -39.28 18.04 65.07
CA LEU G 101 -37.97 17.58 65.50
C LEU G 101 -37.35 18.38 66.62
N ASP G 102 -38.06 19.40 67.15
CA ASP G 102 -37.51 20.32 68.15
C ASP G 102 -38.30 20.34 69.45
N ASP G 103 -39.17 19.34 69.62
CA ASP G 103 -39.94 19.13 70.87
C ASP G 103 -40.94 20.27 71.15
N ASN G 104 -41.41 20.95 70.10
CA ASN G 104 -42.38 21.99 70.18
C ASN G 104 -43.70 21.69 69.43
N PHE G 105 -44.55 20.93 70.07
CA PHE G 105 -45.82 20.55 69.45
C PHE G 105 -46.90 21.65 69.54
N VAL G 106 -47.86 21.64 68.64
CA VAL G 106 -49.02 22.51 68.81
C VAL G 106 -49.73 22.00 70.06
N THR G 107 -50.18 22.92 70.91
CA THR G 107 -50.91 22.57 72.13
C THR G 107 -52.02 21.57 71.91
N LYS G 108 -52.04 20.55 72.76
CA LYS G 108 -53.08 19.56 72.73
C LYS G 108 -54.51 20.24 72.79
N ALA G 109 -55.45 19.73 72.01
CA ALA G 109 -56.78 20.36 71.88
C ALA G 109 -57.82 19.33 71.46
N THR G 110 -59.07 19.49 71.89
CA THR G 110 -60.12 18.53 71.50
C THR G 110 -60.85 18.80 70.21
N ALA G 111 -61.25 20.06 70.08
CA ALA G 111 -61.89 20.57 68.91
C ALA G 111 -61.34 21.97 68.56
N LEU G 112 -60.09 22.07 68.16
CA LEU G 112 -59.60 23.31 67.55
C LEU G 112 -60.38 23.61 66.26
N THR G 113 -60.53 24.89 65.90
CA THR G 113 -61.38 25.26 64.73
C THR G 113 -60.72 25.20 63.34
N TYR G 114 -59.44 24.87 63.29
CA TYR G 114 -58.72 24.60 62.06
C TYR G 114 -57.66 23.49 62.33
N ASP G 115 -57.18 22.85 61.26
CA ASP G 115 -56.02 21.92 61.29
C ASP G 115 -54.71 22.73 61.45
N PRO G 116 -54.11 22.69 62.63
CA PRO G 116 -52.96 23.54 62.80
C PRO G 116 -51.67 23.09 62.05
N TYR G 117 -51.62 21.86 61.54
CA TYR G 117 -50.45 21.31 60.87
C TYR G 117 -50.53 21.31 59.37
N VAL G 118 -51.65 21.72 58.81
CA VAL G 118 -51.83 21.51 57.37
C VAL G 118 -50.85 22.26 56.46
N ASN G 119 -50.33 23.42 56.92
CA ASN G 119 -49.30 24.19 56.22
C ASN G 119 -47.82 23.81 56.47
N TYR G 120 -47.62 22.93 57.44
CA TYR G 120 -46.30 22.50 57.79
C TYR G 120 -45.59 21.86 56.61
N SER G 121 -44.36 22.25 56.43
CA SER G 121 -43.57 21.69 55.36
C SER G 121 -43.56 20.15 55.35
N SER G 122 -43.51 19.54 56.53
CA SER G 122 -43.50 18.06 56.69
C SER G 122 -44.92 17.44 56.81
N ARG G 123 -45.99 18.21 56.62
CA ARG G 123 -47.33 17.64 56.71
C ARG G 123 -47.58 16.51 55.74
N HIS G 124 -48.12 15.36 56.18
CA HIS G 124 -48.77 14.38 55.25
C HIS G 124 -50.25 14.36 55.55
N THR G 125 -51.08 14.28 54.54
CA THR G 125 -52.55 14.22 54.78
C THR G 125 -53.00 12.87 55.42
N ILE G 126 -53.88 12.88 56.41
CA ILE G 126 -54.47 11.69 56.99
C ILE G 126 -55.91 11.66 56.52
N THR G 127 -56.40 10.44 56.37
CA THR G 127 -57.64 10.18 55.75
C THR G 127 -58.41 9.27 56.73
N GLN G 128 -59.64 9.65 57.01
CA GLN G 128 -60.29 9.24 58.22
C GLN G 128 -61.65 8.77 57.85
N PRO G 129 -62.17 7.71 58.49
CA PRO G 129 -61.54 7.01 59.62
C PRO G 129 -61.10 5.58 59.35
N PHE G 130 -61.23 5.08 58.13
CA PHE G 130 -60.92 3.68 57.83
C PHE G 130 -59.61 3.51 57.01
N SER G 131 -58.78 4.51 56.98
CA SER G 131 -57.57 4.37 56.18
C SER G 131 -56.33 4.20 57.07
N TYR G 132 -55.35 3.44 56.59
CA TYR G 132 -53.97 3.41 57.15
C TYR G 132 -53.28 4.77 57.00
N HIS G 133 -52.38 5.11 57.89
CA HIS G 133 -51.51 6.28 57.67
C HIS G 133 -50.22 5.89 58.33
N SER G 134 -49.11 6.07 57.63
CA SER G 134 -47.80 6.01 58.26
C SER G 134 -46.86 7.16 57.96
N ARG G 135 -45.89 7.29 58.83
CA ARG G 135 -44.78 8.17 58.64
C ARG G 135 -43.51 7.44 59.03
N TYR G 136 -42.45 7.85 58.34
CA TYR G 136 -41.15 7.20 58.42
C TYR G 136 -40.14 8.29 58.31
N PHE G 137 -39.47 8.57 59.41
CA PHE G 137 -38.52 9.67 59.47
C PHE G 137 -37.44 9.48 60.53
N THR G 138 -36.32 10.21 60.41
CA THR G 138 -35.30 10.16 61.47
C THR G 138 -35.68 11.03 62.69
N PRO G 139 -35.96 10.41 63.84
CA PRO G 139 -36.38 11.26 64.99
C PRO G 139 -35.15 11.91 65.62
N LYS G 140 -35.34 12.67 66.67
CA LYS G 140 -34.22 13.34 67.28
C LYS G 140 -34.30 13.32 68.80
N PRO G 141 -33.12 13.20 69.42
CA PRO G 141 -33.07 13.26 70.84
C PRO G 141 -33.30 14.70 71.31
N VAL G 142 -33.93 14.78 72.49
CA VAL G 142 -34.18 16.03 73.15
C VAL G 142 -33.00 16.16 74.08
N LEU G 143 -32.03 16.96 73.67
CA LEU G 143 -30.80 17.10 74.43
C LEU G 143 -30.86 18.30 75.35
N ASP G 144 -31.63 19.32 75.01
CA ASP G 144 -31.67 20.50 75.86
C ASP G 144 -32.99 21.23 75.65
N SER G 145 -33.95 21.12 76.56
CA SER G 145 -35.31 21.52 76.23
C SER G 145 -35.60 23.01 76.33
N THR G 146 -34.58 23.76 76.76
CA THR G 146 -34.48 25.25 76.59
C THR G 146 -34.10 25.81 75.18
N ILE G 147 -33.21 25.14 74.48
CA ILE G 147 -32.66 25.60 73.21
C ILE G 147 -33.21 24.79 72.05
N ASP G 148 -33.32 23.48 72.26
CA ASP G 148 -33.95 22.54 71.34
C ASP G 148 -33.23 22.43 70.02
N TYR G 149 -32.06 21.85 70.07
CA TYR G 149 -31.24 21.74 68.91
C TYR G 149 -31.11 20.28 68.52
N PHE G 150 -30.86 20.09 67.25
CA PHE G 150 -30.86 18.74 66.66
C PHE G 150 -30.01 18.73 65.41
N GLN G 151 -29.45 17.57 65.13
CA GLN G 151 -28.53 17.46 64.04
C GLN G 151 -29.30 17.33 62.74
N PRO G 152 -28.75 17.83 61.61
CA PRO G 152 -29.23 17.46 60.26
C PRO G 152 -29.19 15.94 60.02
N ASN G 153 -30.14 15.42 59.27
CA ASN G 153 -30.35 13.98 59.16
C ASN G 153 -29.07 13.52 58.35
N ASN G 154 -28.35 12.53 58.90
CA ASN G 154 -27.10 12.05 58.23
C ASN G 154 -26.59 10.76 58.87
N LYS G 155 -26.07 9.85 58.06
CA LYS G 155 -25.75 8.51 58.58
C LYS G 155 -24.55 8.50 59.58
N ARG G 156 -23.32 8.62 59.10
CA ARG G 156 -22.12 8.40 59.93
C ARG G 156 -21.78 9.50 60.95
N ASN G 157 -22.51 10.63 60.93
CA ASN G 157 -22.32 11.74 61.90
C ASN G 157 -23.24 11.82 63.14
N GLN G 158 -24.22 10.95 63.20
CA GLN G 158 -25.20 10.96 64.23
C GLN G 158 -24.68 10.59 65.63
N LEU G 159 -24.91 11.49 66.58
CA LEU G 159 -24.68 11.24 67.96
C LEU G 159 -25.07 9.82 68.36
N TRP G 160 -24.19 9.18 69.15
CA TRP G 160 -24.45 7.95 69.87
C TRP G 160 -24.89 8.33 71.28
N LEU G 161 -25.75 7.51 71.87
CA LEU G 161 -26.24 7.74 73.22
C LEU G 161 -25.99 6.50 74.06
N ARG G 162 -25.93 6.67 75.38
CA ARG G 162 -25.75 5.52 76.25
C ARG G 162 -27.12 4.85 76.28
N LEU G 163 -27.17 3.52 76.16
CA LEU G 163 -28.33 2.74 76.57
C LEU G 163 -28.46 2.69 78.12
N GLN G 164 -29.40 3.47 78.62
CA GLN G 164 -29.64 3.53 80.06
C GLN G 164 -30.61 2.45 80.43
N THR G 165 -30.54 2.08 81.69
CA THR G 165 -31.41 1.04 82.14
C THR G 165 -32.86 1.52 82.20
N ALA G 166 -33.01 2.73 82.75
CA ALA G 166 -34.26 3.31 83.14
C ALA G 166 -34.55 4.71 82.63
N GLY G 167 -33.57 5.61 82.51
CA GLY G 167 -33.95 7.07 82.36
C GLY G 167 -33.62 7.65 80.99
N ASN G 168 -33.99 6.88 79.98
CA ASN G 168 -33.61 7.20 78.62
C ASN G 168 -34.30 8.49 78.14
N VAL G 169 -33.62 9.14 77.23
CA VAL G 169 -34.03 10.42 76.72
C VAL G 169 -35.12 10.24 75.64
N ASP G 170 -36.13 11.11 75.67
CA ASP G 170 -37.19 11.17 74.66
C ASP G 170 -36.56 11.54 73.31
N HIS G 171 -37.09 10.93 72.26
CA HIS G 171 -36.77 11.31 70.91
C HIS G 171 -38.04 11.84 70.38
N VAL G 172 -37.89 12.76 69.48
CA VAL G 172 -38.97 13.61 69.15
C VAL G 172 -39.22 13.64 67.67
N GLY G 173 -40.49 13.90 67.39
CA GLY G 173 -41.10 13.24 66.33
C GLY G 173 -42.37 13.76 65.80
N LEU G 174 -43.54 13.44 66.36
CA LEU G 174 -44.80 13.60 65.49
C LEU G 174 -46.05 14.33 66.07
N GLY G 175 -46.46 15.40 65.36
CA GLY G 175 -47.66 16.18 65.69
C GLY G 175 -48.84 15.60 64.92
N THR G 176 -50.02 15.61 65.49
CA THR G 176 -51.17 15.09 64.76
C THR G 176 -52.38 15.94 64.94
N ALA G 177 -53.17 16.03 63.89
CA ALA G 177 -54.47 16.67 63.95
C ALA G 177 -55.49 15.81 63.18
N PHE G 178 -56.40 15.15 63.91
CA PHE G 178 -57.47 14.35 63.31
C PHE G 178 -58.74 15.16 63.28
N GLU G 179 -59.48 15.16 62.17
CA GLU G 179 -60.75 15.86 62.12
C GLU G 179 -61.75 15.15 63.02
N ASN G 180 -62.56 15.89 63.78
CA ASN G 180 -63.55 15.26 64.67
C ASN G 180 -64.72 14.65 63.90
N SER G 181 -65.44 13.71 64.52
CA SER G 181 -66.54 13.00 63.87
C SER G 181 -67.72 12.80 64.79
N ILE G 182 -68.89 12.69 64.16
CA ILE G 182 -70.16 12.26 64.79
C ILE G 182 -69.96 10.86 65.49
N TYR G 183 -69.01 10.08 64.97
CA TYR G 183 -68.63 8.78 65.53
C TYR G 183 -67.20 8.80 66.13
N ASP G 184 -66.98 7.89 67.07
CA ASP G 184 -65.64 7.58 67.57
C ASP G 184 -64.71 7.08 66.45
N GLN G 185 -63.42 7.29 66.64
CA GLN G 185 -62.44 6.91 65.66
C GLN G 185 -61.35 6.27 66.47
N GLU G 186 -61.35 4.93 66.44
CA GLU G 186 -60.47 4.11 67.27
C GLU G 186 -59.30 3.75 66.33
N TYR G 187 -58.09 3.81 66.84
CA TYR G 187 -56.88 3.32 66.10
C TYR G 187 -55.98 2.35 66.94
N ASN G 188 -55.40 1.33 66.35
CA ASN G 188 -54.18 0.75 66.94
C ASN G 188 -52.96 1.48 66.36
N ILE G 189 -52.14 2.07 67.21
CA ILE G 189 -50.91 2.70 66.74
C ILE G 189 -49.70 1.80 67.03
N ARG G 190 -48.92 1.50 66.01
CA ARG G 190 -47.73 0.69 66.10
C ARG G 190 -46.57 1.64 65.78
N VAL G 191 -45.73 1.90 66.75
CA VAL G 191 -44.49 2.65 66.51
C VAL G 191 -43.36 1.63 66.37
N THR G 192 -42.48 1.83 65.39
CA THR G 192 -41.36 0.93 65.18
C THR G 192 -40.07 1.71 65.17
N MET G 193 -39.15 1.38 66.06
CA MET G 193 -37.81 2.04 66.07
C MET G 193 -36.84 1.17 65.35
N TYR G 194 -36.12 1.82 64.45
CA TYR G 194 -35.05 1.22 63.72
C TYR G 194 -33.76 1.71 64.40
N VAL G 195 -33.18 0.85 65.21
CA VAL G 195 -32.18 1.20 66.21
C VAL G 195 -30.86 0.55 65.87
N GLN G 196 -29.80 1.26 66.11
CA GLN G 196 -28.48 0.70 65.81
C GLN G 196 -27.77 0.73 67.14
N PHE G 197 -27.43 -0.45 67.63
CA PHE G 197 -26.66 -0.61 68.86
C PHE G 197 -25.20 -0.84 68.54
N ARG G 198 -24.37 -0.54 69.53
CA ARG G 198 -22.92 -0.54 69.43
C ARG G 198 -22.28 -0.89 70.78
N GLU G 199 -21.25 -1.73 70.73
CA GLU G 199 -20.41 -2.14 71.86
C GLU G 199 -21.09 -3.20 72.69
N PHE G 200 -20.92 -4.45 72.27
CA PHE G 200 -21.37 -5.61 73.04
C PHE G 200 -20.74 -5.54 74.42
N ASN G 201 -21.56 -5.60 75.47
CA ASN G 201 -21.06 -5.51 76.86
C ASN G 201 -21.51 -6.66 77.76
N LEU G 202 -21.85 -7.81 77.20
CA LEU G 202 -22.34 -8.94 77.99
C LEU G 202 -21.43 -9.42 79.16
N LYS G 203 -22.04 -9.59 80.33
CA LYS G 203 -21.32 -9.95 81.54
C LYS G 203 -21.66 -11.38 81.89
N ASP G 204 -20.65 -12.16 82.20
CA ASP G 204 -20.88 -13.57 82.58
C ASP G 204 -20.34 -13.98 83.96
N PRO G 205 -21.08 -13.63 85.05
CA PRO G 205 -20.58 -14.04 86.37
C PRO G 205 -20.55 -15.58 86.54
N PRO G 206 -20.03 -16.11 87.65
CA PRO G 206 -19.87 -17.57 87.73
C PRO G 206 -20.79 -18.24 88.78
N SER H 19 -31.24 -9.92 61.10
CA SER H 19 -31.54 -11.37 61.42
C SER H 19 -30.36 -12.24 61.95
N HIS H 20 -29.10 -11.91 61.60
CA HIS H 20 -27.85 -12.59 62.09
C HIS H 20 -26.97 -11.75 62.85
N PHE H 21 -26.37 -12.32 63.86
CA PHE H 21 -25.54 -11.56 64.76
C PHE H 21 -24.37 -12.45 65.18
N ASN H 22 -23.20 -12.03 64.71
CA ASN H 22 -21.97 -12.69 65.02
C ASN H 22 -21.37 -12.08 66.20
N THR H 23 -20.88 -12.89 67.12
CA THR H 23 -20.18 -12.35 68.26
C THR H 23 -19.32 -13.40 68.98
N ARG H 24 -18.74 -12.97 70.06
CA ARG H 24 -17.68 -13.66 70.73
C ARG H 24 -18.04 -13.73 72.20
N LEU H 25 -17.92 -14.90 72.80
CA LEU H 25 -18.19 -15.07 74.21
C LEU H 25 -17.02 -15.74 74.87
N SER H 26 -16.48 -15.17 75.92
CA SER H 26 -15.34 -15.76 76.63
C SER H 26 -15.62 -16.02 78.09
N ARG H 27 -15.02 -17.09 78.62
CA ARG H 27 -14.81 -17.29 80.08
C ARG H 27 -13.40 -17.74 80.44
N THR H 28 -13.02 -17.53 81.71
CA THR H 28 -11.69 -17.85 82.20
C THR H 28 -11.76 -18.64 83.47
N PHE H 29 -11.00 -19.73 83.56
CA PHE H 29 -10.90 -20.57 84.78
C PHE H 29 -9.45 -21.10 85.09
N GLY H 30 -9.20 -21.51 86.34
CA GLY H 30 -7.94 -22.15 86.77
C GLY H 30 -7.77 -23.61 86.36
N TYR H 31 -6.52 -24.03 86.25
CA TYR H 31 -6.20 -25.41 85.98
C TYR H 31 -4.81 -25.62 86.54
N THR H 32 -4.71 -26.59 87.44
CA THR H 32 -3.46 -26.87 88.16
C THR H 32 -3.03 -28.32 87.92
N ILE H 33 -1.76 -28.52 87.52
CA ILE H 33 -1.20 -29.85 87.53
C ILE H 33 -0.33 -29.88 88.75
N LYS H 34 -0.73 -30.78 89.66
CA LYS H 34 -0.10 -31.03 90.98
C LYS H 34 1.28 -31.59 90.74
N ARG H 35 2.26 -31.10 91.51
CA ARG H 35 3.61 -31.66 91.42
C ARG H 35 3.58 -33.14 91.78
N THR H 36 4.50 -33.91 91.21
CA THR H 36 4.72 -35.27 91.65
C THR H 36 6.19 -35.43 91.92
N THR H 37 6.50 -36.60 92.44
CA THR H 37 7.85 -37.07 92.68
C THR H 37 8.22 -38.22 91.75
N VAL H 38 7.27 -38.72 90.94
CA VAL H 38 7.55 -39.83 90.01
C VAL H 38 8.82 -39.38 89.24
N LYS H 39 9.75 -40.32 89.09
CA LYS H 39 11.06 -40.05 88.47
C LYS H 39 10.84 -39.90 86.94
N THR H 40 10.36 -41.00 86.37
CA THR H 40 10.27 -41.15 84.94
C THR H 40 9.16 -40.25 84.41
N PRO H 41 9.32 -39.80 83.14
CA PRO H 41 8.30 -38.98 82.50
C PRO H 41 6.91 -39.60 82.56
N SER H 42 5.96 -38.84 83.08
CA SER H 42 4.54 -39.16 82.99
C SER H 42 3.68 -37.93 82.60
N TRP H 43 2.46 -38.16 82.17
CA TRP H 43 1.56 -37.09 81.70
C TRP H 43 0.27 -37.07 82.48
N ALA H 44 -0.25 -35.86 82.69
CA ALA H 44 -1.60 -35.62 83.25
C ALA H 44 -2.55 -35.42 82.07
N VAL H 45 -3.42 -36.40 81.88
CA VAL H 45 -4.33 -36.42 80.72
C VAL H 45 -5.71 -35.90 81.14
N ASP H 46 -6.20 -34.84 80.48
CA ASP H 46 -7.51 -34.35 80.80
C ASP H 46 -8.23 -34.03 79.54
N MET H 47 -9.25 -33.18 79.62
CA MET H 47 -10.14 -32.93 78.52
C MET H 47 -10.98 -31.65 78.78
N MET H 48 -11.87 -31.35 77.84
CA MET H 48 -12.54 -30.08 77.73
C MET H 48 -13.69 -30.21 76.80
N ARG H 49 -14.88 -30.02 77.36
CA ARG H 49 -16.06 -29.79 76.56
C ARG H 49 -16.37 -28.28 76.61
N PHE H 50 -17.34 -27.81 75.81
CA PHE H 50 -17.70 -26.40 75.78
C PHE H 50 -19.21 -26.24 75.69
N ASN H 51 -19.81 -25.62 76.68
CA ASN H 51 -21.25 -25.44 76.67
C ASN H 51 -21.64 -23.97 76.91
N ILE H 52 -22.51 -23.47 76.07
CA ILE H 52 -22.91 -22.07 76.13
C ILE H 52 -23.70 -21.71 77.43
N ASN H 53 -24.25 -22.68 78.16
CA ASN H 53 -24.74 -22.38 79.54
C ASN H 53 -23.70 -21.51 80.33
N ASP H 54 -22.42 -21.89 80.24
CA ASP H 54 -21.31 -21.27 80.95
C ASP H 54 -20.88 -19.94 80.37
N PHE H 55 -21.37 -19.58 79.19
CA PHE H 55 -20.97 -18.31 78.55
C PHE H 55 -22.03 -17.22 78.55
N LEU H 56 -23.24 -17.59 78.90
CA LEU H 56 -24.42 -16.83 78.63
C LEU H 56 -25.39 -16.96 79.79
N PRO H 57 -25.44 -15.99 80.74
CA PRO H 57 -26.27 -16.17 81.93
C PRO H 57 -27.73 -16.06 81.58
N PRO H 58 -28.60 -16.34 82.56
CA PRO H 58 -30.02 -16.11 82.23
C PRO H 58 -30.36 -14.59 82.14
N GLY H 59 -31.38 -14.27 81.34
CA GLY H 59 -32.01 -12.96 81.33
C GLY H 59 -33.07 -12.74 82.41
N GLY H 60 -33.83 -11.65 82.27
CA GLY H 60 -34.97 -11.34 83.15
C GLY H 60 -36.32 -11.25 82.43
N GLY H 61 -37.38 -11.53 83.18
CA GLY H 61 -38.75 -11.31 82.70
C GLY H 61 -39.12 -12.15 81.51
N SER H 62 -39.73 -11.51 80.52
CA SER H 62 -40.23 -12.22 79.34
C SER H 62 -39.17 -12.69 78.37
N ASN H 63 -37.91 -12.27 78.60
CA ASN H 63 -36.74 -12.61 77.80
C ASN H 63 -35.84 -13.45 78.66
N PRO H 64 -36.00 -14.77 78.63
CA PRO H 64 -35.25 -15.61 79.56
C PRO H 64 -33.77 -15.73 79.29
N ARG H 65 -33.28 -15.22 78.15
CA ARG H 65 -31.88 -15.41 77.77
C ARG H 65 -31.28 -14.05 77.58
N SER H 66 -30.08 -13.87 78.11
CA SER H 66 -29.42 -12.60 78.09
C SER H 66 -29.14 -12.02 76.65
N VAL H 67 -28.95 -12.88 75.65
CA VAL H 67 -28.99 -12.42 74.25
C VAL H 67 -30.34 -12.87 73.65
N PRO H 68 -31.16 -11.92 73.12
CA PRO H 68 -32.52 -12.23 72.67
C PRO H 68 -32.62 -12.83 71.22
N PHE H 69 -32.14 -14.06 71.03
CA PHE H 69 -32.18 -14.76 69.76
C PHE H 69 -32.62 -16.21 69.89
N GLU H 70 -33.32 -16.68 68.89
CA GLU H 70 -33.92 -17.98 68.98
C GLU H 70 -32.95 -19.16 68.70
N TYR H 71 -32.03 -18.96 67.76
CA TYR H 71 -31.15 -20.00 67.26
C TYR H 71 -29.69 -19.57 67.40
N TYR H 72 -28.85 -20.60 67.40
CA TYR H 72 -27.39 -20.42 67.42
C TYR H 72 -26.66 -21.60 66.84
N ARG H 73 -25.43 -21.34 66.41
CA ARG H 73 -24.46 -22.39 66.17
C ARG H 73 -23.09 -21.81 66.45
N ILE H 74 -22.14 -22.71 66.79
CA ILE H 74 -20.80 -22.28 67.17
C ILE H 74 -19.89 -22.45 65.99
N ARG H 75 -19.38 -21.32 65.52
CA ARG H 75 -18.62 -21.24 64.30
C ARG H 75 -17.21 -21.76 64.55
N LYS H 76 -16.64 -21.32 65.64
CA LYS H 76 -15.28 -21.57 65.98
C LYS H 76 -15.12 -21.47 67.51
N VAL H 77 -14.14 -22.17 68.07
CA VAL H 77 -13.73 -22.04 69.48
C VAL H 77 -12.22 -21.83 69.54
N LYS H 78 -11.79 -20.87 70.34
CA LYS H 78 -10.41 -20.74 70.70
C LYS H 78 -10.22 -21.10 72.15
N VAL H 79 -9.26 -21.97 72.42
CA VAL H 79 -8.89 -22.30 73.76
C VAL H 79 -7.52 -21.74 74.00
N GLU H 80 -7.34 -20.94 75.03
CA GLU H 80 -6.01 -20.41 75.38
C GLU H 80 -5.54 -20.82 76.77
N PHE H 81 -4.35 -21.44 76.82
CA PHE H 81 -3.63 -21.69 78.07
C PHE H 81 -2.65 -20.58 78.37
N TRP H 82 -3.00 -19.77 79.40
CA TRP H 82 -2.16 -18.68 79.88
C TRP H 82 -1.43 -19.21 81.08
N PRO H 83 -0.12 -19.49 80.93
CA PRO H 83 0.68 -19.99 82.03
C PRO H 83 0.76 -19.03 83.22
N CYS H 84 0.61 -19.53 84.44
CA CYS H 84 0.91 -18.72 85.64
C CYS H 84 2.40 -18.82 86.04
N SER H 85 3.09 -19.88 85.62
CA SER H 85 4.46 -20.12 86.07
C SER H 85 5.39 -19.07 85.46
N PRO H 86 6.45 -18.70 86.21
CA PRO H 86 7.37 -17.65 85.69
C PRO H 86 8.30 -18.20 84.65
N ILE H 87 8.80 -17.33 83.75
CA ILE H 87 9.74 -17.78 82.69
C ILE H 87 11.08 -18.38 83.21
N THR H 88 11.39 -18.16 84.49
CA THR H 88 12.47 -18.83 85.18
C THR H 88 12.16 -20.21 85.73
N GLN H 89 10.94 -20.74 85.65
CA GLN H 89 10.74 -22.08 86.29
C GLN H 89 11.52 -23.13 85.51
N GLY H 90 11.99 -24.18 86.19
CA GLY H 90 12.72 -25.34 85.61
C GLY H 90 11.81 -26.55 85.51
N ASP H 91 12.38 -27.76 85.63
CA ASP H 91 11.74 -29.01 85.18
C ASP H 91 10.69 -28.82 84.08
N ARG H 92 11.18 -28.29 82.97
CA ARG H 92 10.38 -27.98 81.80
C ARG H 92 10.10 -29.26 81.08
N GLY H 93 8.91 -29.30 80.49
CA GLY H 93 8.37 -30.49 79.88
C GLY H 93 7.63 -30.18 78.60
N VAL H 94 6.99 -31.23 78.09
CA VAL H 94 6.49 -31.21 76.74
C VAL H 94 5.25 -32.08 76.62
N GLY H 95 4.18 -31.53 76.05
CA GLY H 95 2.84 -32.17 76.07
C GLY H 95 2.08 -32.05 74.76
N SER H 96 0.82 -32.41 74.76
CA SER H 96 0.03 -32.47 73.53
C SER H 96 -1.43 -32.01 73.73
N SER H 97 -1.94 -31.22 72.78
CA SER H 97 -3.38 -30.95 72.72
C SER H 97 -3.88 -31.59 71.48
N ALA H 98 -5.11 -32.10 71.53
CA ALA H 98 -5.71 -32.71 70.36
C ALA H 98 -7.21 -32.47 70.27
N VAL H 99 -7.66 -32.30 69.03
CA VAL H 99 -9.04 -32.00 68.74
C VAL H 99 -9.83 -33.32 68.60
N ILE H 100 -10.82 -33.43 69.47
CA ILE H 100 -11.66 -34.55 69.63
C ILE H 100 -13.09 -34.06 69.36
N LEU H 101 -13.60 -34.41 68.18
CA LEU H 101 -14.91 -33.92 67.69
C LEU H 101 -16.02 -34.95 67.84
N ASP H 102 -15.78 -36.10 68.50
CA ASP H 102 -16.78 -37.20 68.67
C ASP H 102 -17.00 -37.61 70.15
N ASP H 103 -16.64 -36.73 71.08
CA ASP H 103 -16.95 -36.90 72.48
C ASP H 103 -16.28 -38.13 73.15
N ASN H 104 -15.08 -38.48 72.69
CA ASN H 104 -14.44 -39.71 73.12
C ASN H 104 -12.98 -39.49 73.48
N PHE H 105 -12.77 -39.06 74.71
CA PHE H 105 -11.45 -38.65 75.16
C PHE H 105 -10.71 -39.82 75.78
N VAL H 106 -9.39 -39.83 75.61
CA VAL H 106 -8.57 -40.69 76.44
C VAL H 106 -8.95 -40.43 77.92
N THR H 107 -9.28 -41.50 78.65
CA THR H 107 -9.65 -41.44 80.08
C THR H 107 -8.75 -40.54 80.90
N LYS H 108 -9.35 -39.78 81.79
CA LYS H 108 -8.58 -38.84 82.59
C LYS H 108 -7.60 -39.65 83.49
N ALA H 109 -6.39 -39.12 83.72
CA ALA H 109 -5.30 -39.87 84.39
C ALA H 109 -4.32 -38.92 84.99
N THR H 110 -3.85 -39.24 86.17
CA THR H 110 -2.95 -38.37 86.93
C THR H 110 -1.51 -38.49 86.47
N ALA H 111 -1.09 -39.72 86.19
CA ALA H 111 0.26 -39.95 85.68
C ALA H 111 0.35 -41.20 84.78
N LEU H 112 -0.15 -41.05 83.55
CA LEU H 112 0.09 -42.02 82.46
C LEU H 112 1.57 -41.95 82.10
N THR H 113 2.10 -43.08 81.62
CA THR H 113 3.53 -43.26 81.37
C THR H 113 3.92 -42.95 79.91
N TYR H 114 2.94 -42.47 79.13
CA TYR H 114 3.15 -41.91 77.80
C TYR H 114 2.21 -40.73 77.55
N ASP H 115 2.55 -39.94 76.52
CA ASP H 115 1.66 -38.95 76.03
C ASP H 115 0.66 -39.64 75.08
N PRO H 116 -0.60 -39.74 75.46
CA PRO H 116 -1.46 -40.53 74.61
C PRO H 116 -1.98 -39.76 73.41
N TYR H 117 -1.79 -38.45 73.38
CA TYR H 117 -2.25 -37.66 72.21
C TYR H 117 -1.11 -37.35 71.20
N VAL H 118 0.11 -37.75 71.47
CA VAL H 118 1.22 -37.38 70.57
C VAL H 118 1.06 -37.81 69.10
N ASN H 119 0.46 -38.96 68.84
CA ASN H 119 0.26 -39.37 67.46
C ASN H 119 -1.06 -38.92 66.82
N TYR H 120 -1.90 -38.15 67.55
CA TYR H 120 -3.19 -37.70 66.97
C TYR H 120 -2.87 -36.81 65.81
N SER H 121 -3.58 -37.02 64.70
CA SER H 121 -3.35 -36.24 63.50
C SER H 121 -3.51 -34.77 63.85
N SER H 122 -4.45 -34.44 64.75
CA SER H 122 -4.75 -33.06 65.18
C SER H 122 -3.87 -32.53 66.31
N ARG H 123 -2.96 -33.35 66.83
CA ARG H 123 -2.03 -32.90 67.86
C ARG H 123 -1.27 -31.61 67.56
N HIS H 124 -1.24 -30.68 68.51
CA HIS H 124 -0.21 -29.62 68.57
C HIS H 124 0.62 -29.84 69.85
N THR H 125 1.85 -29.35 69.82
CA THR H 125 2.82 -29.54 70.89
C THR H 125 2.57 -28.49 71.93
N ILE H 126 2.64 -28.86 73.18
CA ILE H 126 2.51 -27.93 74.28
C ILE H 126 3.87 -27.86 74.92
N THR H 127 4.32 -26.66 75.18
CA THR H 127 5.62 -26.45 75.72
C THR H 127 5.35 -26.00 77.17
N GLN H 128 6.00 -26.64 78.14
CA GLN H 128 5.65 -26.40 79.57
C GLN H 128 6.80 -25.81 80.32
N PRO H 129 6.59 -25.00 81.37
CA PRO H 129 5.28 -24.66 81.98
C PRO H 129 4.89 -23.16 81.88
N PHE H 130 5.70 -22.38 81.17
CA PHE H 130 5.58 -20.94 81.12
C PHE H 130 5.32 -20.45 79.71
N SER H 131 4.89 -21.33 78.81
CA SER H 131 4.62 -20.92 77.41
C SER H 131 3.12 -20.88 77.21
N TYR H 132 2.68 -19.89 76.44
CA TYR H 132 1.35 -19.83 75.90
C TYR H 132 1.11 -21.06 74.97
N HIS H 133 -0.15 -21.42 74.81
CA HIS H 133 -0.56 -22.46 73.88
C HIS H 133 -2.03 -22.18 73.48
N SER H 134 -2.38 -22.32 72.20
CA SER H 134 -3.78 -22.21 71.90
C SER H 134 -4.19 -23.03 70.73
N ARG H 135 -5.48 -23.34 70.72
CA ARG H 135 -6.08 -24.05 69.62
C ARG H 135 -7.28 -23.28 69.13
N TYR H 136 -7.54 -23.37 67.84
CA TYR H 136 -8.61 -22.61 67.15
C TYR H 136 -9.22 -23.54 66.13
N PHE H 137 -10.47 -23.89 66.31
CA PHE H 137 -11.06 -24.95 65.48
C PHE H 137 -12.55 -24.86 65.58
N THR H 138 -13.27 -25.56 64.71
CA THR H 138 -14.74 -25.62 64.80
C THR H 138 -15.14 -26.85 65.67
N PRO H 139 -15.89 -26.62 66.74
CA PRO H 139 -16.29 -27.69 67.64
C PRO H 139 -17.55 -28.33 67.11
N LYS H 140 -17.98 -29.46 67.65
CA LYS H 140 -19.23 -30.05 67.21
C LYS H 140 -20.16 -30.32 68.37
N PRO H 141 -21.47 -30.12 68.14
CA PRO H 141 -22.40 -30.53 69.18
C PRO H 141 -22.49 -32.07 69.35
N VAL H 142 -22.85 -32.52 70.54
CA VAL H 142 -22.98 -33.91 70.91
C VAL H 142 -24.45 -34.17 70.79
N LEU H 143 -24.83 -34.67 69.64
CA LEU H 143 -26.23 -34.77 69.26
C LEU H 143 -26.76 -36.10 69.70
N ASP H 144 -25.86 -37.05 69.89
CA ASP H 144 -26.22 -38.41 70.27
C ASP H 144 -24.95 -39.10 70.70
N SER H 145 -24.74 -39.24 72.02
CA SER H 145 -23.49 -39.80 72.47
C SER H 145 -23.41 -41.34 72.35
N THR H 146 -24.44 -42.02 71.86
CA THR H 146 -24.31 -43.45 71.52
C THR H 146 -23.55 -43.71 70.24
N ILE H 147 -23.75 -42.84 69.27
CA ILE H 147 -23.35 -43.04 67.87
C ILE H 147 -22.15 -42.11 67.49
N ASP H 148 -22.26 -40.87 67.94
CA ASP H 148 -21.21 -39.88 67.97
C ASP H 148 -20.87 -39.43 66.60
N TYR H 149 -21.83 -38.74 66.03
CA TYR H 149 -21.70 -38.33 64.69
C TYR H 149 -21.60 -36.84 64.60
N PHE H 150 -20.91 -36.36 63.61
CA PHE H 150 -20.80 -34.93 63.48
C PHE H 150 -20.59 -34.55 62.05
N GLN H 151 -20.80 -33.26 61.76
CA GLN H 151 -20.71 -32.69 60.37
C GLN H 151 -19.28 -32.38 60.01
N PRO H 152 -18.90 -32.62 58.75
CA PRO H 152 -17.71 -32.07 58.12
C PRO H 152 -17.66 -30.57 58.26
N ASN H 153 -16.47 -30.09 58.63
CA ASN H 153 -16.27 -28.74 59.18
C ASN H 153 -16.75 -27.85 57.99
N ASN H 154 -17.97 -27.28 58.16
CA ASN H 154 -18.63 -26.51 57.07
C ASN H 154 -19.07 -25.14 57.56
N LYS H 155 -19.42 -24.27 56.60
CA LYS H 155 -20.05 -22.98 56.86
C LYS H 155 -21.57 -23.04 56.60
N ARG H 156 -22.02 -22.98 55.36
CA ARG H 156 -23.47 -22.78 55.11
C ARG H 156 -24.34 -24.05 55.20
N ASN H 157 -23.75 -25.19 55.59
CA ASN H 157 -24.49 -26.43 56.00
C ASN H 157 -24.56 -26.82 57.48
N GLN H 158 -23.87 -26.06 58.35
CA GLN H 158 -23.80 -26.31 59.78
C GLN H 158 -25.14 -26.21 60.43
N LEU H 159 -25.48 -27.17 61.26
CA LEU H 159 -26.76 -27.22 61.88
C LEU H 159 -27.04 -25.97 62.79
N TRP H 160 -28.30 -25.55 62.81
CA TRP H 160 -28.76 -24.54 63.76
C TRP H 160 -29.36 -25.30 64.93
N LEU H 161 -29.20 -24.66 66.09
CA LEU H 161 -29.51 -25.21 67.38
C LEU H 161 -30.38 -24.18 68.17
N ARG H 162 -31.37 -24.64 68.92
CA ARG H 162 -32.15 -23.75 69.76
C ARG H 162 -31.29 -23.13 70.86
N LEU H 163 -31.33 -21.83 71.02
CA LEU H 163 -30.75 -21.18 72.21
C LEU H 163 -31.65 -21.42 73.43
N GLN H 164 -31.19 -22.36 74.25
CA GLN H 164 -31.86 -22.72 75.46
C GLN H 164 -31.37 -21.82 76.59
N THR H 165 -32.28 -21.65 77.58
CA THR H 165 -31.96 -20.86 78.75
C THR H 165 -30.95 -21.63 79.58
N ALA H 166 -31.16 -22.92 79.84
CA ALA H 166 -30.18 -23.69 80.65
C ALA H 166 -29.88 -25.15 80.26
N GLY H 167 -30.59 -25.72 79.30
CA GLY H 167 -30.36 -27.15 78.99
C GLY H 167 -29.43 -27.40 77.82
N ASN H 168 -28.45 -26.55 77.58
CA ASN H 168 -27.84 -26.54 76.25
C ASN H 168 -26.93 -27.78 76.03
N VAL H 169 -26.87 -28.22 74.78
CA VAL H 169 -26.03 -29.34 74.36
C VAL H 169 -24.48 -29.09 74.44
N ASP H 170 -23.76 -30.05 74.99
CA ASP H 170 -22.28 -29.94 75.05
C ASP H 170 -21.76 -29.91 73.62
N HIS H 171 -20.85 -29.00 73.34
CA HIS H 171 -20.08 -29.06 72.12
C HIS H 171 -18.72 -29.61 72.45
N VAL H 172 -18.06 -30.13 71.42
CA VAL H 172 -16.98 -31.02 71.72
C VAL H 172 -15.71 -30.80 70.90
N GLY H 173 -14.60 -31.19 71.54
CA GLY H 173 -13.48 -30.33 71.61
C GLY H 173 -12.09 -30.79 71.81
N LEU H 174 -11.56 -30.72 73.03
CA LEU H 174 -10.09 -30.68 73.26
C LEU H 174 -9.55 -31.67 74.29
N GLY H 175 -8.77 -32.66 73.84
CA GLY H 175 -7.95 -33.49 74.75
C GLY H 175 -6.59 -32.85 75.06
N THR H 176 -6.08 -33.08 76.29
CA THR H 176 -4.79 -32.52 76.68
C THR H 176 -3.99 -33.53 77.43
N ALA H 177 -2.68 -33.49 77.23
CA ALA H 177 -1.73 -34.21 78.03
C ALA H 177 -0.59 -33.24 78.40
N PHE H 178 -0.48 -32.90 79.68
CA PHE H 178 0.63 -32.06 80.17
C PHE H 178 1.61 -32.97 80.91
N GLU H 179 2.89 -32.79 80.64
CA GLU H 179 3.90 -33.47 81.38
C GLU H 179 3.87 -33.04 82.84
N ASN H 180 3.92 -34.06 83.74
CA ASN H 180 4.10 -33.87 85.19
C ASN H 180 5.53 -33.43 85.51
N SER H 181 5.62 -32.81 86.67
CA SER H 181 6.76 -32.02 87.02
C SER H 181 6.93 -31.98 88.52
N ILE H 182 8.18 -31.71 88.91
CA ILE H 182 8.64 -31.53 90.30
C ILE H 182 8.02 -30.27 90.93
N TYR H 183 7.63 -29.29 90.09
CA TYR H 183 6.89 -28.15 90.51
C TYR H 183 5.42 -28.15 90.02
N ASP H 184 4.65 -27.25 90.64
CA ASP H 184 3.25 -27.02 90.27
C ASP H 184 3.24 -26.18 89.02
N GLN H 185 2.39 -26.60 88.09
CA GLN H 185 2.13 -25.94 86.79
C GLN H 185 0.65 -25.52 86.80
N GLU H 186 0.45 -24.21 86.90
CA GLU H 186 -0.85 -23.57 86.97
C GLU H 186 -1.04 -22.79 85.65
N TYR H 187 -2.28 -22.74 85.16
CA TYR H 187 -2.65 -21.98 83.97
C TYR H 187 -3.99 -21.31 84.20
N ASN H 188 -4.16 -20.12 83.65
CA ASN H 188 -5.49 -19.56 83.39
C ASN H 188 -5.92 -20.00 81.98
N ILE H 189 -6.97 -20.80 81.90
CA ILE H 189 -7.55 -21.20 80.63
C ILE H 189 -8.64 -20.22 80.28
N ARG H 190 -8.55 -19.68 79.06
CA ARG H 190 -9.61 -18.88 78.49
C ARG H 190 -10.21 -19.51 77.24
N VAL H 191 -11.50 -19.84 77.36
CA VAL H 191 -12.30 -20.35 76.25
C VAL H 191 -13.14 -19.22 75.66
N THR H 192 -13.10 -19.12 74.32
CA THR H 192 -13.82 -18.10 73.52
C THR H 192 -14.66 -18.76 72.44
N MET H 193 -15.99 -18.63 72.49
CA MET H 193 -16.88 -19.16 71.42
C MET H 193 -17.17 -18.01 70.45
N TYR H 194 -17.04 -18.30 69.16
CA TYR H 194 -17.44 -17.41 68.09
C TYR H 194 -18.78 -17.90 67.62
N VAL H 195 -19.80 -17.25 68.06
CA VAL H 195 -21.11 -17.79 67.94
C VAL H 195 -21.87 -16.94 66.94
N GLN H 196 -22.69 -17.62 66.16
CA GLN H 196 -23.61 -16.96 65.26
C GLN H 196 -25.02 -17.18 65.82
N PHE H 197 -25.67 -16.09 66.22
CA PHE H 197 -27.09 -16.08 66.64
C PHE H 197 -27.95 -15.72 65.46
N ARG H 198 -29.14 -16.30 65.44
CA ARG H 198 -30.12 -16.04 64.40
C ARG H 198 -31.53 -15.92 65.00
N GLU H 199 -32.31 -14.98 64.44
CA GLU H 199 -33.75 -14.71 64.76
C GLU H 199 -33.91 -13.93 66.07
N PHE H 200 -33.88 -12.63 65.94
CA PHE H 200 -34.22 -11.72 67.00
C PHE H 200 -35.60 -12.12 67.50
N ASN H 201 -35.71 -12.33 68.81
CA ASN H 201 -37.00 -12.70 69.42
C ASN H 201 -37.46 -11.83 70.58
N LEU H 202 -36.98 -10.59 70.65
CA LEU H 202 -37.21 -9.78 71.83
C LEU H 202 -38.68 -9.51 72.10
N LYS H 203 -39.05 -9.85 73.35
CA LYS H 203 -40.39 -9.63 73.91
C LYS H 203 -40.40 -8.30 74.67
N ASP H 204 -41.39 -7.46 74.38
CA ASP H 204 -41.55 -6.17 75.02
C ASP H 204 -43.00 -5.99 75.59
N PRO H 205 -43.20 -6.44 76.85
CA PRO H 205 -44.48 -6.17 77.59
C PRO H 205 -44.62 -4.70 78.06
N PRO H 206 -45.84 -4.22 78.40
CA PRO H 206 -46.00 -2.87 78.98
C PRO H 206 -46.25 -2.95 80.49
N SER I 19 -5.54 29.10 63.08
CA SER I 19 -4.15 28.51 62.93
C SER I 19 -4.01 27.35 63.98
N HIS I 20 -3.64 26.16 63.47
CA HIS I 20 -3.65 24.95 64.25
C HIS I 20 -2.29 24.65 64.71
N PHE I 21 -2.26 23.95 65.81
CA PHE I 21 -1.07 23.49 66.38
C PHE I 21 -1.36 22.12 66.93
N ASN I 22 -0.84 21.07 66.29
CA ASN I 22 -0.97 19.71 66.81
C ASN I 22 0.19 19.42 67.70
N THR I 23 -0.09 18.81 68.85
CA THR I 23 0.99 18.40 69.76
C THR I 23 0.62 17.20 70.64
N ARG I 24 1.60 16.78 71.42
CA ARG I 24 1.52 15.61 72.23
C ARG I 24 1.83 15.99 73.69
N LEU I 25 0.97 15.60 74.64
CA LEU I 25 1.15 15.95 76.05
C LEU I 25 1.17 14.66 76.84
N SER I 26 2.14 14.53 77.77
CA SER I 26 2.20 13.31 78.63
C SER I 26 2.22 13.52 80.15
N ARG I 27 1.74 12.51 80.83
CA ARG I 27 1.99 12.34 82.23
C ARG I 27 2.21 10.87 82.59
N THR I 28 2.89 10.65 83.71
CA THR I 28 3.11 9.33 84.21
C THR I 28 2.86 9.23 85.70
N PHE I 29 1.92 8.38 86.09
CA PHE I 29 1.60 8.13 87.50
C PHE I 29 1.62 6.64 87.96
N GLY I 30 1.68 6.43 89.27
CA GLY I 30 1.66 5.08 89.84
C GLY I 30 0.31 4.36 89.80
N TYR I 31 0.34 3.06 89.58
CA TYR I 31 -0.82 2.20 89.93
C TYR I 31 -0.28 0.92 90.57
N THR I 32 -0.89 0.50 91.66
CA THR I 32 -0.47 -0.70 92.37
C THR I 32 -1.70 -1.51 92.67
N ILE I 33 -1.75 -2.77 92.23
CA ILE I 33 -2.78 -3.75 92.64
C ILE I 33 -2.21 -4.55 93.80
N LYS I 34 -2.77 -4.35 95.01
CA LYS I 34 -2.24 -4.97 96.23
C LYS I 34 -2.57 -6.48 96.23
N ARG I 35 -1.60 -7.22 96.78
CA ARG I 35 -1.60 -8.69 96.76
C ARG I 35 -2.84 -9.18 97.46
N THR I 36 -3.52 -10.20 96.96
CA THR I 36 -4.59 -10.81 97.76
C THR I 36 -4.17 -12.21 98.28
N THR I 37 -4.84 -12.65 99.35
CA THR I 37 -4.48 -13.88 100.03
C THR I 37 -5.22 -15.11 99.55
N VAL I 38 -6.51 -14.99 99.18
CA VAL I 38 -7.19 -16.12 98.51
C VAL I 38 -6.57 -16.43 97.18
N LYS I 39 -6.49 -17.72 96.85
CA LYS I 39 -5.89 -18.13 95.58
C LYS I 39 -6.91 -18.05 94.45
N THR I 40 -8.22 -18.04 94.76
CA THR I 40 -9.25 -18.05 93.68
C THR I 40 -9.20 -16.77 92.80
N PRO I 41 -9.40 -16.93 91.49
CA PRO I 41 -9.24 -15.74 90.66
C PRO I 41 -10.26 -14.64 91.01
N SER I 42 -9.78 -13.43 91.29
CA SER I 42 -10.55 -12.23 91.29
C SER I 42 -9.93 -11.15 90.39
N TRP I 43 -10.65 -10.03 90.20
CA TRP I 43 -10.19 -8.92 89.32
C TRP I 43 -10.31 -7.60 90.00
N ALA I 44 -9.34 -6.73 89.74
CA ALA I 44 -9.37 -5.39 90.27
C ALA I 44 -9.85 -4.52 89.13
N VAL I 45 -11.09 -4.07 89.28
CA VAL I 45 -11.82 -3.29 88.28
C VAL I 45 -11.76 -1.81 88.64
N ASP I 46 -11.46 -0.97 87.68
CA ASP I 46 -11.17 0.46 87.91
C ASP I 46 -11.43 1.18 86.56
N MET I 47 -11.09 2.45 86.51
CA MET I 47 -11.48 3.29 85.42
C MET I 47 -10.42 4.36 85.27
N MET I 48 -10.46 5.01 84.14
CA MET I 48 -9.56 6.10 83.79
C MET I 48 -10.34 7.11 83.01
N ARG I 49 -10.09 8.37 83.33
CA ARG I 49 -10.63 9.50 82.63
C ARG I 49 -9.48 10.37 82.31
N PHE I 50 -9.68 11.21 81.34
CA PHE I 50 -8.66 12.13 80.91
C PHE I 50 -9.11 13.59 81.00
N ASN I 51 -8.26 14.40 81.58
CA ASN I 51 -8.62 15.77 81.77
C ASN I 51 -7.41 16.62 81.52
N ILE I 52 -7.54 17.59 80.61
CA ILE I 52 -6.38 18.34 80.15
C ILE I 52 -5.73 19.21 81.23
N ASN I 53 -6.47 19.49 82.32
CA ASN I 53 -5.88 20.13 83.51
C ASN I 53 -4.60 19.44 84.02
N ASP I 54 -4.57 18.10 83.89
CA ASP I 54 -3.46 17.28 84.29
C ASP I 54 -2.30 17.25 83.36
N PHE I 55 -2.43 17.82 82.18
CA PHE I 55 -1.40 17.75 81.11
C PHE I 55 -0.78 19.07 80.75
N LEU I 56 -1.41 20.19 81.16
CA LEU I 56 -1.00 21.58 80.82
C LEU I 56 -1.08 22.31 82.14
N PRO I 57 0.07 22.78 82.68
CA PRO I 57 -0.12 23.57 83.90
C PRO I 57 -0.71 24.91 83.55
N PRO I 58 -1.06 25.67 84.57
CA PRO I 58 -1.34 27.12 84.48
C PRO I 58 -0.15 27.91 83.93
N GLY I 59 -0.43 29.01 83.26
CA GLY I 59 0.59 29.96 82.75
C GLY I 59 0.81 31.06 83.77
N GLY I 60 1.14 32.25 83.32
CA GLY I 60 1.21 33.40 84.23
C GLY I 60 0.90 34.70 83.55
N GLY I 61 0.71 35.72 84.38
CA GLY I 61 0.34 37.07 83.91
C GLY I 61 -0.99 37.03 83.18
N SER I 62 -0.99 37.64 82.00
CA SER I 62 -2.16 37.70 81.15
C SER I 62 -2.41 36.45 80.27
N ASN I 63 -1.60 35.42 80.47
CA ASN I 63 -1.62 34.17 79.70
C ASN I 63 -1.84 33.01 80.66
N PRO I 64 -3.12 32.74 80.96
CA PRO I 64 -3.45 31.88 82.09
C PRO I 64 -3.14 30.41 81.84
N ARG I 65 -2.97 30.04 80.56
CA ARG I 65 -2.64 28.66 80.19
C ARG I 65 -1.24 28.53 79.59
N SER I 66 -0.58 27.43 79.88
CA SER I 66 0.81 27.22 79.40
C SER I 66 1.01 27.16 77.86
N VAL I 67 -0.03 26.75 77.12
CA VAL I 67 -0.07 26.97 75.65
C VAL I 67 -1.13 28.02 75.37
N PRO I 68 -0.77 29.04 74.62
CA PRO I 68 -1.64 30.19 74.46
C PRO I 68 -2.58 30.07 73.29
N PHE I 69 -3.53 29.19 73.45
CA PHE I 69 -4.52 28.97 72.42
C PHE I 69 -5.88 28.97 73.08
N GLU I 70 -6.91 29.26 72.27
CA GLU I 70 -8.26 29.52 72.79
C GLU I 70 -9.06 28.26 72.87
N TYR I 71 -9.05 27.49 71.79
CA TYR I 71 -9.81 26.25 71.70
C TYR I 71 -8.86 25.04 71.60
N TYR I 72 -9.39 23.87 71.97
CA TYR I 72 -8.66 22.60 71.78
C TYR I 72 -9.61 21.49 71.49
N ARG I 73 -9.07 20.42 70.98
CA ARG I 73 -9.81 19.19 71.01
C ARG I 73 -8.81 18.01 71.01
N ILE I 74 -9.18 16.94 71.70
CA ILE I 74 -8.30 15.78 71.81
C ILE I 74 -8.59 14.80 70.66
N ARG I 75 -7.59 14.68 69.80
CA ARG I 75 -7.62 13.82 68.63
C ARG I 75 -7.53 12.32 69.03
N LYS I 76 -6.61 12.04 69.93
CA LYS I 76 -6.27 10.68 70.24
C LYS I 76 -5.72 10.57 71.69
N VAL I 77 -5.91 9.41 72.34
CA VAL I 77 -5.26 9.12 73.62
C VAL I 77 -4.54 7.82 73.48
N LYS I 78 -3.27 7.81 73.88
CA LYS I 78 -2.58 6.58 74.14
C LYS I 78 -2.48 6.47 75.65
N VAL I 79 -2.77 5.28 76.14
CA VAL I 79 -2.55 4.91 77.52
C VAL I 79 -1.56 3.75 77.49
N GLU I 80 -0.47 3.86 78.24
CA GLU I 80 0.59 2.82 78.35
C GLU I 80 0.68 2.33 79.81
N PHE I 81 0.40 1.06 80.00
CA PHE I 81 0.76 0.40 81.24
C PHE I 81 2.19 -0.17 81.12
N TRP I 82 3.13 0.42 81.86
CA TRP I 82 4.54 -0.06 81.88
C TRP I 82 4.80 -0.89 83.14
N PRO I 83 4.88 -2.24 83.02
CA PRO I 83 4.98 -3.07 84.22
C PRO I 83 6.27 -2.83 85.07
N CYS I 84 6.12 -2.80 86.40
CA CYS I 84 7.28 -2.70 87.29
C CYS I 84 7.78 -4.11 87.63
N SER I 85 6.87 -5.09 87.62
CA SER I 85 7.26 -6.45 88.03
C SER I 85 8.35 -6.99 87.08
N PRO I 86 9.32 -7.74 87.63
CA PRO I 86 10.33 -8.41 86.78
C PRO I 86 9.76 -9.64 86.07
N ILE I 87 10.43 -10.08 85.01
CA ILE I 87 10.02 -11.28 84.23
C ILE I 87 10.04 -12.64 85.01
N THR I 88 10.63 -12.65 86.20
CA THR I 88 10.63 -13.78 87.15
C THR I 88 9.43 -13.87 88.10
N GLN I 89 8.58 -12.85 88.18
CA GLN I 89 7.40 -12.92 89.04
C GLN I 89 6.43 -13.91 88.41
N GLY I 90 5.92 -14.85 89.22
CA GLY I 90 4.86 -15.80 88.83
C GLY I 90 3.43 -15.36 89.17
N ASP I 91 2.55 -16.31 89.41
CA ASP I 91 1.10 -16.07 89.49
C ASP I 91 0.61 -15.06 88.41
N ARG I 92 1.03 -15.38 87.20
CA ARG I 92 0.72 -14.61 86.07
C ARG I 92 -0.73 -14.80 85.76
N GLY I 93 -1.34 -13.69 85.38
CA GLY I 93 -2.72 -13.63 85.07
C GLY I 93 -2.97 -12.84 83.82
N VAL I 94 -4.26 -12.63 83.62
CA VAL I 94 -4.82 -12.16 82.39
C VAL I 94 -6.07 -11.31 82.66
N GLY I 95 -6.07 -10.11 82.13
CA GLY I 95 -7.15 -9.19 82.32
C GLY I 95 -7.54 -8.53 81.03
N SER I 96 -8.24 -7.40 81.16
CA SER I 96 -8.95 -6.79 80.02
C SER I 96 -8.91 -5.29 80.11
N SER I 97 -8.75 -4.63 78.98
CA SER I 97 -9.05 -3.20 78.97
C SER I 97 -10.12 -2.93 77.90
N ALA I 98 -10.96 -1.95 78.17
CA ALA I 98 -12.07 -1.66 77.27
C ALA I 98 -12.26 -0.16 77.13
N VAL I 99 -12.54 0.26 75.91
CA VAL I 99 -12.82 1.66 75.60
C VAL I 99 -14.28 1.98 75.90
N ILE I 100 -14.47 2.93 76.82
CA ILE I 100 -15.74 3.30 77.36
C ILE I 100 -16.00 4.78 77.04
N LEU I 101 -16.89 5.04 76.07
CA LEU I 101 -17.00 6.34 75.47
C LEU I 101 -18.15 7.14 75.99
N ASP I 102 -18.96 6.52 76.85
CA ASP I 102 -20.14 7.18 77.42
C ASP I 102 -20.04 7.44 78.93
N ASP I 103 -18.87 7.37 79.54
CA ASP I 103 -18.68 7.71 80.97
C ASP I 103 -19.49 6.81 81.90
N ASN I 104 -19.69 5.56 81.49
CA ASN I 104 -20.42 4.55 82.27
C ASN I 104 -19.61 3.25 82.46
N PHE I 105 -18.74 3.30 83.45
CA PHE I 105 -17.84 2.23 83.76
C PHE I 105 -18.49 1.22 84.72
N VAL I 106 -17.97 0.01 84.68
CA VAL I 106 -18.26 -0.98 85.68
C VAL I 106 -17.78 -0.39 87.00
N THR I 107 -18.60 -0.49 88.05
CA THR I 107 -18.22 -0.04 89.38
C THR I 107 -16.89 -0.61 89.82
N LYS I 108 -16.05 0.27 90.35
CA LYS I 108 -14.74 -0.07 90.91
C LYS I 108 -14.89 -1.12 92.00
N ALA I 109 -14.11 -2.19 91.92
CA ALA I 109 -14.17 -3.32 92.87
C ALA I 109 -12.78 -3.85 93.03
N THR I 110 -12.41 -4.17 94.27
CA THR I 110 -11.10 -4.79 94.58
C THR I 110 -10.97 -6.20 94.03
N ALA I 111 -12.01 -7.02 94.20
CA ALA I 111 -11.93 -8.43 93.83
C ALA I 111 -13.28 -8.99 93.36
N LEU I 112 -13.63 -8.65 92.13
CA LEU I 112 -14.79 -9.22 91.44
C LEU I 112 -14.44 -10.65 91.05
N THR I 113 -15.45 -11.51 90.94
CA THR I 113 -15.25 -12.93 90.74
C THR I 113 -15.19 -13.29 89.24
N TYR I 114 -15.30 -12.27 88.38
CA TYR I 114 -15.06 -12.46 86.92
C TYR I 114 -14.49 -11.15 86.38
N ASP I 115 -13.89 -11.25 85.21
CA ASP I 115 -13.47 -10.12 84.36
C ASP I 115 -14.71 -9.53 83.69
N PRO I 116 -15.18 -8.36 84.20
CA PRO I 116 -16.42 -7.81 83.74
C PRO I 116 -16.33 -7.19 82.37
N TYR I 117 -15.10 -7.05 81.82
CA TYR I 117 -14.87 -6.44 80.51
C TYR I 117 -14.46 -7.39 79.39
N VAL I 118 -14.49 -8.67 79.64
CA VAL I 118 -13.88 -9.58 78.71
C VAL I 118 -14.67 -9.70 77.44
N ASN I 119 -15.97 -9.69 77.54
CA ASN I 119 -16.83 -9.70 76.32
C ASN I 119 -17.01 -8.35 75.62
N TYR I 120 -16.41 -7.27 76.10
CA TYR I 120 -16.64 -6.01 75.42
C TYR I 120 -16.06 -6.06 74.00
N SER I 121 -16.84 -5.63 73.01
CA SER I 121 -16.33 -5.49 71.65
C SER I 121 -14.95 -4.83 71.59
N SER I 122 -14.76 -3.76 72.38
CA SER I 122 -13.49 -3.02 72.46
C SER I 122 -12.49 -3.60 73.46
N ARG I 123 -12.69 -4.84 73.93
CA ARG I 123 -11.73 -5.45 74.82
C ARG I 123 -10.45 -5.77 74.09
N HIS I 124 -9.33 -5.45 74.73
CA HIS I 124 -7.99 -5.99 74.45
C HIS I 124 -7.50 -6.77 75.67
N THR I 125 -6.79 -7.86 75.43
CA THR I 125 -6.30 -8.70 76.53
C THR I 125 -5.11 -8.10 77.23
N ILE I 126 -5.10 -8.12 78.57
CA ILE I 126 -3.97 -7.61 79.38
C ILE I 126 -3.24 -8.80 79.97
N THR I 127 -1.90 -8.72 79.96
CA THR I 127 -1.06 -9.86 80.34
C THR I 127 -0.21 -9.48 81.58
N GLN I 128 -0.43 -10.24 82.66
CA GLN I 128 0.15 -9.80 83.95
C GLN I 128 1.19 -10.78 84.45
N PRO I 129 2.25 -10.31 85.08
CA PRO I 129 2.39 -8.94 85.56
C PRO I 129 3.61 -8.24 84.99
N PHE I 130 4.26 -8.87 84.05
CA PHE I 130 5.47 -8.28 83.55
C PHE I 130 5.38 -7.78 82.12
N SER I 131 4.19 -7.71 81.56
CA SER I 131 4.01 -7.29 80.17
C SER I 131 3.49 -5.90 79.99
N TYR I 132 3.96 -5.26 78.92
CA TYR I 132 3.46 -3.97 78.42
C TYR I 132 2.04 -4.13 77.96
N HIS I 133 1.25 -3.06 78.07
CA HIS I 133 -0.11 -2.99 77.49
C HIS I 133 -0.42 -1.59 77.02
N SER I 134 -1.00 -1.43 75.85
CA SER I 134 -1.44 -0.11 75.50
C SER I 134 -2.69 -0.05 74.65
N ARG I 135 -3.34 1.08 74.76
CA ARG I 135 -4.55 1.32 74.07
C ARG I 135 -4.45 2.69 73.45
N TYR I 136 -5.02 2.82 72.26
CA TYR I 136 -4.94 4.09 71.51
C TYR I 136 -6.24 4.29 70.74
N PHE I 137 -6.89 5.40 71.00
CA PHE I 137 -8.26 5.58 70.56
C PHE I 137 -8.67 7.06 70.65
N THR I 138 -9.75 7.40 69.98
CA THR I 138 -10.33 8.74 70.11
C THR I 138 -11.30 8.76 71.30
N PRO I 139 -10.99 9.59 72.33
CA PRO I 139 -11.82 9.63 73.58
C PRO I 139 -12.89 10.67 73.42
N LYS I 140 -13.81 10.76 74.36
CA LYS I 140 -14.91 11.70 74.18
C LYS I 140 -15.14 12.58 75.38
N PRO I 141 -15.46 13.87 75.17
CA PRO I 141 -15.73 14.72 76.30
C PRO I 141 -17.04 14.36 76.96
N VAL I 142 -17.14 14.53 78.28
CA VAL I 142 -18.39 14.29 79.00
C VAL I 142 -19.17 15.58 78.95
N LEU I 143 -20.00 15.67 77.93
CA LEU I 143 -20.82 16.86 77.62
C LEU I 143 -22.05 17.07 78.49
N ASP I 144 -22.70 15.98 78.90
CA ASP I 144 -23.88 15.98 79.76
C ASP I 144 -23.94 14.59 80.33
N SER I 145 -23.80 14.39 81.63
CA SER I 145 -23.71 13.00 82.15
C SER I 145 -25.04 12.33 82.49
N THR I 146 -26.12 13.04 82.38
CA THR I 146 -27.46 12.44 82.34
C THR I 146 -27.67 11.58 81.10
N ILE I 147 -27.58 12.23 79.93
CA ILE I 147 -27.76 11.57 78.60
C ILE I 147 -26.50 10.83 78.06
N ASP I 148 -25.31 11.27 78.48
CA ASP I 148 -24.07 10.62 78.10
C ASP I 148 -24.05 10.36 76.55
N TYR I 149 -23.95 11.41 75.74
CA TYR I 149 -23.93 11.24 74.32
C TYR I 149 -22.57 11.58 73.75
N PHE I 150 -22.28 11.10 72.56
CA PHE I 150 -20.98 11.44 71.98
C PHE I 150 -21.01 11.35 70.49
N GLN I 151 -19.99 12.01 69.91
CA GLN I 151 -19.81 12.01 68.45
C GLN I 151 -19.14 10.72 67.95
N PRO I 152 -19.57 10.20 66.77
CA PRO I 152 -18.77 9.27 66.01
C PRO I 152 -17.36 9.80 65.70
N ASN I 153 -16.45 8.84 65.68
CA ASN I 153 -15.04 9.10 65.74
C ASN I 153 -14.82 9.68 64.30
N ASN I 154 -14.22 10.87 64.23
CA ASN I 154 -14.15 11.68 62.97
C ASN I 154 -13.05 12.75 63.04
N LYS I 155 -12.61 13.22 61.86
CA LYS I 155 -11.65 14.33 61.78
C LYS I 155 -12.32 15.74 61.64
N ARG I 156 -12.95 16.07 60.55
CA ARG I 156 -13.35 17.48 60.35
C ARG I 156 -14.53 17.93 61.21
N ASN I 157 -15.33 17.00 61.76
CA ASN I 157 -16.58 17.33 62.53
C ASN I 157 -16.47 17.28 64.02
N GLN I 158 -15.29 16.89 64.55
CA GLN I 158 -15.08 16.83 65.98
C GLN I 158 -15.29 18.23 66.58
N LEU I 159 -16.10 18.33 67.64
CA LEU I 159 -16.34 19.56 68.33
C LEU I 159 -15.03 20.20 68.83
N TRP I 160 -14.96 21.54 68.76
CA TRP I 160 -13.95 22.30 69.48
C TRP I 160 -14.46 22.64 70.90
N LEU I 161 -13.54 22.64 71.87
CA LEU I 161 -13.82 23.02 73.26
C LEU I 161 -12.95 24.24 73.60
N ARG I 162 -13.40 25.01 74.58
CA ARG I 162 -12.62 26.11 75.11
C ARG I 162 -11.55 25.52 76.00
N LEU I 163 -10.33 26.02 75.86
CA LEU I 163 -9.26 25.75 76.80
C LEU I 163 -9.44 26.64 78.01
N GLN I 164 -9.73 26.02 79.12
CA GLN I 164 -9.96 26.70 80.38
C GLN I 164 -8.72 26.71 81.27
N THR I 165 -8.63 27.67 82.18
CA THR I 165 -7.51 27.65 83.14
C THR I 165 -7.71 26.42 84.06
N ALA I 166 -8.97 26.36 84.54
CA ALA I 166 -9.38 25.66 85.73
C ALA I 166 -10.25 24.41 85.48
N GLY I 167 -11.34 24.54 84.77
CA GLY I 167 -12.42 23.58 85.01
C GLY I 167 -12.65 22.75 83.81
N ASN I 168 -11.58 22.17 83.31
CA ASN I 168 -11.67 21.51 82.03
C ASN I 168 -12.56 20.26 82.07
N VAL I 169 -13.25 20.01 80.98
CA VAL I 169 -14.18 18.91 80.95
C VAL I 169 -13.39 17.59 80.87
N ASP I 170 -13.87 16.58 81.62
CA ASP I 170 -13.30 15.22 81.50
C ASP I 170 -13.60 14.64 80.13
N HIS I 171 -12.60 13.98 79.59
CA HIS I 171 -12.79 13.06 78.49
C HIS I 171 -12.75 11.63 78.97
N VAL I 172 -13.28 10.72 78.19
CA VAL I 172 -13.63 9.43 78.72
C VAL I 172 -13.31 8.31 77.75
N GLY I 173 -13.01 7.20 78.40
CA GLY I 173 -11.89 6.45 78.02
C GLY I 173 -11.97 5.08 78.46
N LEU I 174 -11.33 4.68 79.57
CA LEU I 174 -10.88 3.25 79.69
C LEU I 174 -11.13 2.50 81.01
N GLY I 175 -11.84 1.38 80.89
CA GLY I 175 -12.09 0.42 81.97
C GLY I 175 -10.97 -0.61 82.00
N THR I 176 -10.56 -0.97 83.20
CA THR I 176 -9.52 -1.97 83.41
C THR I 176 -10.02 -3.05 84.33
N ALA I 177 -9.57 -4.26 84.10
CA ALA I 177 -9.79 -5.36 85.06
C ALA I 177 -8.50 -6.17 85.03
N PHE I 178 -7.67 -5.96 86.04
CA PHE I 178 -6.43 -6.72 86.18
C PHE I 178 -6.73 -7.84 87.09
N GLU I 179 -6.27 -9.06 86.75
CA GLU I 179 -6.41 -10.22 87.66
C GLU I 179 -5.58 -10.00 88.92
N ASN I 180 -6.13 -10.35 90.10
CA ASN I 180 -5.36 -10.28 91.37
C ASN I 180 -4.31 -11.40 91.47
N SER I 181 -3.34 -11.17 92.34
CA SER I 181 -2.22 -12.07 92.48
C SER I 181 -1.79 -12.19 93.91
N ILE I 182 -1.29 -13.38 94.25
CA ILE I 182 -0.43 -13.68 95.40
C ILE I 182 0.62 -12.62 95.65
N TYR I 183 1.18 -11.99 94.60
CA TYR I 183 2.16 -10.89 94.77
C TYR I 183 1.61 -9.52 94.41
N ASP I 184 2.38 -8.49 94.76
CA ASP I 184 2.03 -7.11 94.41
C ASP I 184 2.19 -6.86 92.93
N GLN I 185 1.27 -6.13 92.32
CA GLN I 185 1.42 -5.78 90.89
C GLN I 185 1.48 -4.26 90.76
N GLU I 186 2.52 -3.77 90.11
CA GLU I 186 2.77 -2.40 90.05
C GLU I 186 3.14 -2.02 88.60
N TYR I 187 2.70 -0.82 88.25
CA TYR I 187 2.79 -0.26 86.91
C TYR I 187 3.10 1.23 87.02
N ASN I 188 3.84 1.76 86.05
CA ASN I 188 3.83 3.18 85.75
C ASN I 188 2.90 3.36 84.61
N ILE I 189 1.84 4.09 84.82
CA ILE I 189 0.91 4.40 83.74
C ILE I 189 1.31 5.70 83.10
N ARG I 190 1.42 5.71 81.77
CA ARG I 190 1.73 6.91 81.02
C ARG I 190 0.59 7.19 80.01
N VAL I 191 -0.10 8.29 80.23
CA VAL I 191 -1.12 8.73 79.35
C VAL I 191 -0.48 9.81 78.53
N THR I 192 -0.77 9.73 77.23
CA THR I 192 -0.39 10.73 76.25
C THR I 192 -1.65 11.14 75.47
N MET I 193 -1.86 12.44 75.41
CA MET I 193 -2.93 13.06 74.64
C MET I 193 -2.33 13.73 73.39
N TYR I 194 -2.88 13.41 72.23
CA TYR I 194 -2.57 14.07 70.95
C TYR I 194 -3.66 15.09 70.78
N VAL I 195 -3.31 16.34 71.00
CA VAL I 195 -4.27 17.41 71.16
C VAL I 195 -4.04 18.35 70.05
N GLN I 196 -5.13 18.84 69.49
CA GLN I 196 -5.09 19.86 68.42
C GLN I 196 -5.57 21.16 69.02
N PHE I 197 -4.75 22.20 68.99
CA PHE I 197 -5.09 23.52 69.57
C PHE I 197 -5.34 24.45 68.42
N ARG I 198 -6.25 25.40 68.59
CA ARG I 198 -6.64 26.31 67.53
C ARG I 198 -6.84 27.67 68.14
N GLU I 199 -6.42 28.67 67.36
CA GLU I 199 -6.56 30.08 67.66
C GLU I 199 -5.53 30.55 68.68
N PHE I 200 -4.40 31.03 68.17
CA PHE I 200 -3.34 31.64 68.98
C PHE I 200 -4.03 32.86 69.65
N ASN I 201 -3.76 33.06 70.94
CA ASN I 201 -4.32 34.21 71.69
C ASN I 201 -3.34 34.92 72.62
N LEU I 202 -2.04 34.70 72.46
CA LEU I 202 -1.03 35.37 73.29
C LEU I 202 -1.24 36.83 73.53
N LYS I 203 -1.32 37.22 74.80
CA LYS I 203 -1.40 38.61 75.20
C LYS I 203 0.00 39.06 75.54
N ASP I 204 0.34 40.28 75.13
CA ASP I 204 1.67 40.82 75.34
C ASP I 204 1.58 42.23 75.92
N PRO I 205 1.44 42.30 77.26
CA PRO I 205 1.48 43.58 78.01
C PRO I 205 2.88 44.13 78.10
N PRO I 206 3.04 45.47 78.15
CA PRO I 206 4.37 46.18 78.12
C PRO I 206 5.39 45.99 79.30
N SER J 19 7.93 18.96 65.43
CA SER J 19 7.18 20.24 65.71
C SER J 19 8.07 21.49 65.52
N HIS J 20 7.87 22.11 64.35
CA HIS J 20 8.09 23.54 64.13
C HIS J 20 6.74 24.16 64.29
N PHE J 21 6.77 25.43 64.65
CA PHE J 21 5.58 26.19 64.92
C PHE J 21 5.81 27.59 64.40
N ASN J 22 5.04 27.99 63.40
CA ASN J 22 5.15 29.35 62.84
C ASN J 22 4.13 30.29 63.44
N THR J 23 4.57 31.50 63.75
CA THR J 23 3.62 32.45 64.27
C THR J 23 4.07 33.86 64.15
N ARG J 24 3.15 34.71 64.57
CA ARG J 24 3.23 36.12 64.40
C ARG J 24 2.94 36.88 65.71
N LEU J 25 3.91 37.68 66.15
CA LEU J 25 3.81 38.49 67.38
C LEU J 25 3.89 39.93 66.95
N SER J 26 3.08 40.77 67.58
CA SER J 26 3.03 42.19 67.32
C SER J 26 3.00 42.99 68.60
N ARG J 27 3.46 44.22 68.48
CA ARG J 27 3.33 45.21 69.54
C ARG J 27 3.23 46.58 68.90
N THR J 28 2.69 47.52 69.68
CA THR J 28 2.44 48.84 69.18
C THR J 28 2.81 49.86 70.24
N PHE J 29 3.53 50.88 69.80
CA PHE J 29 4.05 51.93 70.66
C PHE J 29 4.00 53.28 69.93
N GLY J 30 3.96 54.36 70.74
CA GLY J 30 4.03 55.74 70.23
C GLY J 30 5.38 56.27 69.75
N TYR J 31 5.34 57.13 68.74
CA TYR J 31 6.50 57.91 68.23
C TYR J 31 6.09 59.33 67.77
N THR J 32 6.67 60.33 68.38
CA THR J 32 6.43 61.68 67.96
C THR J 32 7.71 62.28 67.39
N ILE J 33 7.55 63.02 66.30
CA ILE J 33 8.53 63.96 65.82
C ILE J 33 7.99 65.31 66.14
N LYS J 34 8.74 66.06 66.97
CA LYS J 34 8.31 67.33 67.54
C LYS J 34 8.52 68.44 66.52
N ARG J 35 7.63 69.42 66.56
CA ARG J 35 7.69 70.54 65.63
C ARG J 35 9.02 71.28 65.76
N THR J 36 9.54 71.84 64.68
CA THR J 36 10.68 72.77 64.74
C THR J 36 10.41 74.06 63.99
N THR J 37 11.34 74.98 64.17
CA THR J 37 11.26 76.34 63.63
C THR J 37 12.41 76.67 62.66
N VAL J 38 13.36 75.74 62.53
CA VAL J 38 14.36 75.76 61.45
C VAL J 38 13.59 75.99 60.13
N LYS J 39 14.02 76.94 59.32
CA LYS J 39 13.23 77.24 58.10
C LYS J 39 13.68 76.34 56.91
N THR J 40 15.01 76.14 56.79
CA THR J 40 15.59 75.19 55.83
C THR J 40 15.17 73.74 56.13
N PRO J 41 15.12 72.88 55.09
CA PRO J 41 14.67 71.51 55.34
C PRO J 41 15.71 70.78 56.18
N SER J 42 15.23 70.05 57.19
CA SER J 42 16.04 69.26 58.14
C SER J 42 15.40 67.91 58.40
N TRP J 43 16.12 66.99 59.06
CA TRP J 43 15.62 65.61 59.27
C TRP J 43 15.84 65.10 60.67
N ALA J 44 14.87 64.39 61.21
CA ALA J 44 14.98 63.72 62.52
C ALA J 44 15.38 62.22 62.35
N VAL J 45 16.59 61.89 62.74
CA VAL J 45 17.23 60.63 62.33
C VAL J 45 17.13 59.72 63.50
N ASP J 46 16.71 58.48 63.34
CA ASP J 46 16.48 57.61 64.49
C ASP J 46 16.67 56.19 64.03
N MET J 47 16.37 55.26 64.93
CA MET J 47 16.70 53.86 64.74
C MET J 47 15.72 52.95 65.41
N MET J 48 15.79 51.70 65.01
CA MET J 48 14.98 50.66 65.58
C MET J 48 15.72 49.30 65.65
N ARG J 49 15.75 48.69 66.84
CA ARG J 49 15.99 47.27 67.01
C ARG J 49 14.75 46.48 67.41
N PHE J 50 14.85 45.18 67.34
CA PHE J 50 13.74 44.28 67.63
C PHE J 50 14.22 43.19 68.57
N ASN J 51 13.51 42.98 69.65
CA ASN J 51 13.96 42.04 70.61
C ASN J 51 12.73 41.34 71.11
N ILE J 52 12.77 40.02 71.03
CA ILE J 52 11.62 39.18 71.29
C ILE J 52 11.14 39.29 72.76
N ASN J 53 11.98 39.71 73.68
CA ASN J 53 11.51 40.13 75.01
C ASN J 53 10.30 41.10 74.96
N ASP J 54 10.27 42.05 74.03
CA ASP J 54 9.09 42.97 73.92
C ASP J 54 7.82 42.32 73.33
N PHE J 55 7.90 41.09 72.83
CA PHE J 55 6.80 40.44 72.12
C PHE J 55 6.21 39.26 72.90
N LEU J 56 6.93 38.81 73.91
CA LEU J 56 6.72 37.49 74.44
C LEU J 56 6.91 37.63 75.94
N PRO J 57 5.81 37.89 76.67
CA PRO J 57 6.00 38.03 78.11
C PRO J 57 6.50 36.74 78.76
N PRO J 58 7.00 36.85 79.99
CA PRO J 58 7.36 35.63 80.70
C PRO J 58 6.15 34.70 80.91
N GLY J 59 6.47 33.44 81.18
CA GLY J 59 5.49 32.38 81.40
C GLY J 59 5.30 32.24 82.87
N GLY J 60 4.95 31.04 83.33
CA GLY J 60 4.66 30.80 84.76
C GLY J 60 5.09 29.42 85.21
N GLY J 61 5.66 29.37 86.42
CA GLY J 61 6.17 28.14 87.05
C GLY J 61 7.39 27.47 86.40
N SER J 62 7.18 26.24 85.96
CA SER J 62 8.17 25.51 85.24
C SER J 62 8.28 25.84 83.76
N ASN J 63 7.37 26.63 83.20
CA ASN J 63 7.39 27.06 81.79
C ASN J 63 7.61 28.57 81.85
N PRO J 64 8.88 28.97 81.83
CA PRO J 64 9.14 30.39 82.04
C PRO J 64 8.92 31.26 80.79
N ARG J 65 8.58 30.71 79.62
CA ARG J 65 8.18 31.57 78.49
C ARG J 65 6.77 31.23 78.02
N SER J 66 6.01 32.24 77.69
CA SER J 66 4.58 31.97 77.48
C SER J 66 4.35 31.10 76.30
N VAL J 67 5.27 31.01 75.33
CA VAL J 67 5.24 29.90 74.36
C VAL J 67 6.32 28.92 74.74
N PRO J 68 5.97 27.65 74.89
CA PRO J 68 6.91 26.59 75.36
C PRO J 68 7.69 25.90 74.24
N PHE J 69 8.60 26.66 73.65
CA PHE J 69 9.57 26.13 72.71
C PHE J 69 11.01 26.48 73.11
N GLU J 70 11.95 25.60 72.79
CA GLU J 70 13.36 25.76 73.24
C GLU J 70 14.12 26.79 72.38
N TYR J 71 13.86 26.71 71.06
CA TYR J 71 14.61 27.48 70.05
C TYR J 71 13.72 28.39 69.16
N TYR J 72 14.33 29.34 68.49
CA TYR J 72 13.57 30.19 67.56
C TYR J 72 14.46 30.97 66.59
N ARG J 73 13.81 31.51 65.60
CA ARG J 73 14.42 32.52 64.72
C ARG J 73 13.36 33.38 64.02
N ILE J 74 13.83 34.56 63.60
CA ILE J 74 12.94 35.61 63.19
C ILE J 74 13.11 35.58 61.71
N ARG J 75 12.12 34.97 61.10
CA ARG J 75 12.07 34.78 59.70
C ARG J 75 12.00 36.09 58.94
N LYS J 76 11.13 36.98 59.43
CA LYS J 76 10.74 38.25 58.80
C LYS J 76 10.26 39.25 59.91
N VAL J 77 10.47 40.56 59.75
CA VAL J 77 9.88 41.64 60.61
C VAL J 77 9.06 42.52 59.68
N LYS J 78 7.86 42.93 60.08
CA LYS J 78 7.13 44.01 59.40
C LYS J 78 7.14 45.20 60.36
N VAL J 79 7.53 46.38 59.89
CA VAL J 79 7.49 47.61 60.72
C VAL J 79 6.45 48.44 60.05
N GLU J 80 5.44 48.86 60.82
CA GLU J 80 4.37 49.66 60.28
C GLU J 80 4.26 50.98 61.01
N PHE J 81 4.32 52.04 60.20
CA PHE J 81 4.16 53.40 60.62
C PHE J 81 2.78 53.88 60.28
N TRP J 82 1.93 53.97 61.29
CA TRP J 82 0.54 54.38 61.10
C TRP J 82 0.42 55.85 61.53
N PRO J 83 0.18 56.75 60.60
CA PRO J 83 0.09 58.14 60.96
C PRO J 83 -1.11 58.47 61.80
N CYS J 84 -0.90 59.33 62.80
CA CYS J 84 -1.95 59.97 63.60
C CYS J 84 -2.45 61.27 62.96
N SER J 85 -1.60 61.94 62.17
CA SER J 85 -1.94 63.23 61.62
C SER J 85 -3.02 63.05 60.60
N PRO J 86 -3.98 63.99 60.58
CA PRO J 86 -5.06 63.83 59.60
C PRO J 86 -4.65 64.38 58.23
N ILE J 87 -5.36 63.93 57.21
CA ILE J 87 -5.08 64.29 55.80
C ILE J 87 -5.19 65.82 55.47
N THR J 88 -5.73 66.59 56.41
CA THR J 88 -5.74 68.05 56.31
C THR J 88 -4.45 68.74 56.73
N GLN J 89 -3.52 67.99 57.32
CA GLN J 89 -2.32 68.60 57.86
C GLN J 89 -1.39 68.96 56.71
N GLY J 90 -0.82 70.17 56.76
CA GLY J 90 0.18 70.67 55.81
C GLY J 90 1.66 70.49 56.18
N ASP J 91 2.52 71.27 55.52
CA ASP J 91 3.98 71.15 55.64
C ASP J 91 4.49 69.67 55.50
N ARG J 92 3.91 68.99 54.52
CA ARG J 92 4.28 67.63 54.17
C ARG J 92 5.74 67.49 53.72
N GLY J 93 6.26 66.32 53.95
CA GLY J 93 7.63 66.13 53.79
C GLY J 93 7.89 64.76 53.23
N VAL J 94 9.17 64.45 53.18
CA VAL J 94 9.66 63.35 52.46
C VAL J 94 10.88 62.83 53.21
N GLY J 95 10.75 61.59 53.67
CA GLY J 95 11.82 60.92 54.43
C GLY J 95 12.44 59.71 53.77
N SER J 96 13.04 58.88 54.60
CA SER J 96 13.60 57.60 54.16
C SER J 96 13.65 56.62 55.29
N SER J 97 13.38 55.36 55.00
CA SER J 97 13.71 54.27 55.90
C SER J 97 14.79 53.38 55.21
N ALA J 98 15.66 52.73 56.00
CA ALA J 98 16.63 51.74 55.47
C ALA J 98 16.86 50.60 56.39
N VAL J 99 17.28 49.51 55.77
CA VAL J 99 17.44 48.25 56.42
C VAL J 99 18.95 48.22 56.72
N ILE J 100 19.24 48.08 58.00
CA ILE J 100 20.54 48.07 58.60
C ILE J 100 20.69 46.71 59.29
N LEU J 101 21.50 45.86 58.66
CA LEU J 101 21.67 44.46 59.05
C LEU J 101 22.89 44.30 59.97
N ASP J 102 23.68 45.36 60.11
CA ASP J 102 24.98 45.27 60.75
C ASP J 102 25.04 46.08 62.04
N ASP J 103 23.88 46.55 62.52
CA ASP J 103 23.78 47.31 63.79
C ASP J 103 24.67 48.55 63.77
N ASN J 104 24.72 49.25 62.65
CA ASN J 104 25.48 50.49 62.50
C ASN J 104 24.64 51.58 61.85
N PHE J 105 23.80 52.18 62.70
CA PHE J 105 22.85 53.22 62.29
C PHE J 105 23.53 54.57 62.38
N VAL J 106 23.26 55.46 61.44
CA VAL J 106 23.55 56.88 61.57
C VAL J 106 23.16 57.39 62.94
N THR J 107 24.01 58.24 63.49
CA THR J 107 23.81 58.74 64.85
C THR J 107 22.44 59.48 65.00
N LYS J 108 21.69 59.12 66.05
CA LYS J 108 20.42 59.78 66.40
C LYS J 108 20.55 61.35 66.40
N ALA J 109 19.69 62.04 65.66
CA ALA J 109 19.77 63.51 65.42
C ALA J 109 18.38 64.26 65.35
N THR J 110 18.31 65.45 65.96
CA THR J 110 17.06 66.21 65.93
C THR J 110 16.74 66.81 64.58
N ALA J 111 17.76 67.47 63.99
CA ALA J 111 17.60 68.18 62.71
C ALA J 111 18.85 68.16 61.86
N LEU J 112 19.35 66.99 61.51
CA LEU J 112 20.40 66.90 60.48
C LEU J 112 19.93 67.59 59.21
N THR J 113 20.82 68.30 58.54
CA THR J 113 20.50 69.15 57.37
C THR J 113 20.44 68.42 56.07
N TYR J 114 20.40 67.10 56.14
CA TYR J 114 20.14 66.20 54.98
C TYR J 114 19.52 64.90 55.45
N ASP J 115 19.01 64.14 54.52
CA ASP J 115 18.43 62.84 54.83
C ASP J 115 19.61 61.91 54.71
N PRO J 116 20.14 61.43 55.81
CA PRO J 116 21.30 60.59 55.66
C PRO J 116 20.99 59.23 55.05
N TYR J 117 19.72 58.79 55.00
CA TYR J 117 19.43 57.48 54.43
C TYR J 117 19.00 57.53 52.95
N VAL J 118 19.01 58.69 52.32
CA VAL J 118 18.52 58.76 50.93
C VAL J 118 19.21 57.87 49.86
N ASN J 119 20.52 57.78 49.87
CA ASN J 119 21.23 57.02 48.86
C ASN J 119 21.43 55.57 49.30
N TYR J 120 20.99 55.17 50.51
CA TYR J 120 21.08 53.76 50.89
C TYR J 120 20.37 52.88 49.85
N SER J 121 20.96 51.75 49.49
CA SER J 121 20.37 50.84 48.52
C SER J 121 19.03 50.31 48.98
N SER J 122 18.87 50.10 50.30
CA SER J 122 17.63 49.61 50.90
C SER J 122 16.56 50.69 51.21
N ARG J 123 16.78 51.93 50.76
CA ARG J 123 15.83 53.01 51.01
C ARG J 123 14.48 52.85 50.37
N HIS J 124 13.44 53.00 51.15
CA HIS J 124 12.12 53.42 50.61
C HIS J 124 11.80 54.85 51.07
N THR J 125 10.96 55.51 50.31
CA THR J 125 10.57 56.87 50.57
C THR J 125 9.45 56.84 51.59
N ILE J 126 9.46 57.77 52.52
CA ILE J 126 8.41 57.94 53.48
C ILE J 126 7.73 59.24 53.15
N THR J 127 6.43 59.22 53.23
CA THR J 127 5.62 60.32 52.87
C THR J 127 4.97 60.85 54.19
N GLN J 128 5.09 62.15 54.41
CA GLN J 128 4.75 62.69 55.73
C GLN J 128 3.68 63.76 55.62
N PRO J 129 2.76 63.89 56.58
CA PRO J 129 2.75 63.14 57.83
C PRO J 129 1.55 62.22 57.93
N PHE J 130 0.79 62.05 56.85
CA PHE J 130 -0.51 61.39 56.96
C PHE J 130 -0.62 60.08 56.18
N SER J 131 0.51 59.61 55.68
CA SER J 131 0.52 58.38 54.93
C SER J 131 1.17 57.31 55.77
N TYR J 132 0.72 56.08 55.47
CA TYR J 132 1.28 54.81 55.95
C TYR J 132 2.69 54.64 55.42
N HIS J 133 3.50 53.89 56.12
CA HIS J 133 4.78 53.42 55.55
C HIS J 133 5.02 52.09 56.17
N SER J 134 5.51 51.13 55.38
CA SER J 134 5.93 49.88 56.01
C SER J 134 7.17 49.27 55.38
N ARG J 135 7.90 48.49 56.17
CA ARG J 135 9.01 47.67 55.65
C ARG J 135 8.78 46.25 56.08
N TYR J 136 9.38 45.32 55.33
CA TYR J 136 9.15 43.87 55.56
C TYR J 136 10.38 43.21 55.08
N PHE J 137 11.08 42.53 55.96
CA PHE J 137 12.43 42.13 55.60
C PHE J 137 12.95 41.17 56.63
N THR J 138 14.09 40.59 56.34
CA THR J 138 14.70 39.63 57.25
C THR J 138 15.69 40.34 58.12
N PRO J 139 15.40 40.39 59.41
CA PRO J 139 16.30 41.11 60.30
C PRO J 139 17.43 40.18 60.67
N LYS J 140 18.48 40.68 61.32
CA LYS J 140 19.59 39.80 61.71
C LYS J 140 19.95 39.97 63.16
N PRO J 141 20.30 38.86 63.83
CA PRO J 141 20.73 38.97 65.22
C PRO J 141 22.12 39.68 65.32
N VAL J 142 22.33 40.35 66.45
CA VAL J 142 23.61 41.04 66.80
C VAL J 142 24.38 40.02 67.59
N LEU J 143 25.17 39.23 66.89
CA LEU J 143 25.88 38.12 67.44
C LEU J 143 27.20 38.58 68.02
N ASP J 144 27.74 39.67 67.53
CA ASP J 144 28.98 40.20 68.04
C ASP J 144 29.06 41.61 67.54
N SER J 145 28.99 42.63 68.40
CA SER J 145 28.98 44.03 67.86
C SER J 145 30.35 44.71 67.69
N THR J 146 31.44 43.99 67.92
CA THR J 146 32.75 44.39 67.41
C THR J 146 32.79 44.14 65.89
N ILE J 147 32.45 42.93 65.46
CA ILE J 147 32.66 42.52 64.07
C ILE J 147 31.47 42.80 63.19
N ASP J 148 30.30 42.77 63.82
CA ASP J 148 29.01 42.91 63.19
C ASP J 148 28.86 42.09 61.94
N TYR J 149 28.70 40.80 62.11
CA TYR J 149 28.48 39.92 60.99
C TYR J 149 27.09 39.34 60.94
N PHE J 150 26.73 38.86 59.75
CA PHE J 150 25.43 38.23 59.53
C PHE J 150 25.36 37.40 58.32
N GLN J 151 24.45 36.43 58.40
CA GLN J 151 24.16 35.47 57.33
C GLN J 151 23.38 36.14 56.22
N PRO J 152 23.67 35.79 54.95
CA PRO J 152 22.85 36.12 53.81
C PRO J 152 21.40 35.68 53.95
N ASN J 153 20.50 36.58 53.51
CA ASN J 153 19.02 36.46 53.64
C ASN J 153 18.67 35.16 52.88
N ASN J 154 18.09 34.18 53.57
CA ASN J 154 18.08 32.76 53.08
C ASN J 154 17.27 31.91 54.08
N LYS J 155 16.51 30.91 53.62
CA LYS J 155 15.60 30.15 54.52
C LYS J 155 16.29 28.98 55.34
N ARG J 156 16.54 27.83 54.74
CA ARG J 156 16.80 26.59 55.52
C ARG J 156 18.02 26.59 56.43
N ASN J 157 19.06 27.38 56.05
CA ASN J 157 20.36 27.53 56.77
C ASN J 157 20.50 28.61 57.86
N GLN J 158 19.47 29.38 58.08
CA GLN J 158 19.49 30.44 59.09
C GLN J 158 19.67 29.87 60.51
N LEU J 159 20.51 30.53 61.31
CA LEU J 159 20.79 30.16 62.68
C LEU J 159 19.54 30.09 63.57
N TRP J 160 19.48 28.98 64.30
CA TRP J 160 18.58 28.85 65.44
C TRP J 160 19.16 29.50 66.66
N LEU J 161 18.32 30.21 67.41
CA LEU J 161 18.72 30.87 68.64
C LEU J 161 17.96 30.23 69.80
N ARG J 162 18.61 30.16 70.96
CA ARG J 162 17.91 29.88 72.22
C ARG J 162 16.88 30.96 72.57
N LEU J 163 15.69 30.50 72.95
CA LEU J 163 14.62 31.31 73.52
C LEU J 163 14.83 31.42 75.00
N GLN J 164 15.26 32.59 75.42
CA GLN J 164 15.60 32.85 76.81
C GLN J 164 14.45 33.52 77.55
N THR J 165 14.40 33.28 78.85
CA THR J 165 13.44 33.99 79.67
C THR J 165 13.85 35.43 79.71
N ALA J 166 15.14 35.63 79.96
CA ALA J 166 15.65 36.91 80.34
C ALA J 166 16.05 37.83 79.19
N GLY J 167 17.21 37.62 78.59
CA GLY J 167 17.92 38.69 77.88
C GLY J 167 18.26 38.24 76.49
N ASN J 168 17.18 38.01 75.75
CA ASN J 168 17.26 37.59 74.37
C ASN J 168 17.94 38.65 73.54
N VAL J 169 18.45 38.25 72.40
CA VAL J 169 19.40 39.06 71.71
C VAL J 169 18.73 40.05 70.77
N ASP J 170 19.22 41.26 70.75
CA ASP J 170 18.73 42.22 69.79
C ASP J 170 18.85 41.73 68.36
N HIS J 171 17.77 41.90 67.60
CA HIS J 171 17.84 41.76 66.15
C HIS J 171 17.76 43.10 65.53
N VAL J 172 18.22 43.17 64.31
CA VAL J 172 18.58 44.47 63.84
C VAL J 172 18.11 44.76 62.40
N GLY J 173 17.89 46.05 62.15
CA GLY J 173 16.85 46.40 61.28
C GLY J 173 16.81 47.75 60.71
N LEU J 174 16.24 48.75 61.37
CA LEU J 174 15.71 49.87 60.54
C LEU J 174 16.14 51.21 60.95
N GLY J 175 16.84 51.91 60.06
CA GLY J 175 17.12 53.32 60.26
C GLY J 175 16.00 54.15 59.66
N THR J 176 15.70 55.29 60.29
CA THR J 176 14.59 56.22 59.90
C THR J 176 15.13 57.60 59.81
N ALA J 177 14.64 58.36 58.84
CA ALA J 177 14.82 59.84 58.84
C ALA J 177 13.52 60.54 58.44
N PHE J 178 12.83 61.13 59.39
CA PHE J 178 11.64 61.88 59.04
C PHE J 178 12.01 63.33 58.88
N GLU J 179 11.57 63.94 57.75
CA GLU J 179 11.68 65.42 57.54
C GLU J 179 10.95 66.10 58.69
N ASN J 180 11.60 67.08 59.30
CA ASN J 180 10.99 67.90 60.38
C ASN J 180 9.93 68.83 59.79
N SER J 181 8.96 69.26 60.61
CA SER J 181 7.76 69.97 60.15
C SER J 181 7.43 71.10 61.12
N ILE J 182 6.69 72.10 60.65
CA ILE J 182 6.17 73.20 61.51
C ILE J 182 5.11 72.66 62.49
N TYR J 183 4.58 71.44 62.25
CA TYR J 183 3.74 70.75 63.22
C TYR J 183 4.34 69.43 63.72
N ASP J 184 3.84 68.98 64.87
CA ASP J 184 4.07 67.64 65.43
C ASP J 184 3.65 66.61 64.42
N GLN J 185 4.36 65.48 64.43
CA GLN J 185 4.01 64.33 63.58
C GLN J 185 4.01 63.10 64.48
N GLU J 186 2.86 62.69 64.96
CA GLU J 186 2.74 61.46 65.72
C GLU J 186 2.45 60.26 64.81
N TYR J 187 2.79 59.08 65.33
CA TYR J 187 2.58 57.79 64.67
C TYR J 187 2.34 56.70 65.71
N ASN J 188 1.55 55.72 65.34
CA ASN J 188 1.56 54.42 66.06
C ASN J 188 2.39 53.50 65.25
N ILE J 189 3.43 52.97 65.86
CA ILE J 189 4.29 52.10 65.14
C ILE J 189 3.92 50.75 65.61
N ARG J 190 3.66 49.87 64.68
CA ARG J 190 3.38 48.49 65.00
C ARG J 190 4.48 47.69 64.38
N VAL J 191 5.03 46.79 65.19
CA VAL J 191 6.15 45.96 64.73
C VAL J 191 5.58 44.57 64.88
N THR J 192 5.67 43.79 63.81
CA THR J 192 5.23 42.44 63.85
C THR J 192 6.45 41.58 63.50
N MET J 193 6.74 40.55 64.29
CA MET J 193 7.78 39.59 63.97
C MET J 193 7.10 38.29 63.55
N TYR J 194 7.62 37.69 62.47
CA TYR J 194 7.21 36.35 61.98
C TYR J 194 8.26 35.31 62.45
N VAL J 195 7.87 34.60 63.50
CA VAL J 195 8.77 33.78 64.25
C VAL J 195 8.48 32.34 63.99
N GLN J 196 9.59 31.62 63.93
CA GLN J 196 9.61 30.21 63.77
C GLN J 196 10.22 29.68 65.06
N PHE J 197 9.45 28.91 65.78
CA PHE J 197 9.91 28.24 66.98
C PHE J 197 10.16 26.75 66.71
N ARG J 198 11.09 26.13 67.43
CA ARG J 198 11.36 24.71 67.29
C ARG J 198 11.64 24.06 68.66
N GLU J 199 11.20 22.81 68.79
CA GLU J 199 11.34 21.98 69.99
C GLU J 199 10.41 22.42 71.10
N PHE J 200 9.22 21.85 71.04
CA PHE J 200 8.27 21.92 72.12
C PHE J 200 8.93 21.36 73.34
N ASN J 201 8.95 22.13 74.42
CA ASN J 201 9.67 21.71 75.65
C ASN J 201 8.83 21.69 76.93
N LEU J 202 7.51 21.63 76.83
CA LEU J 202 6.61 21.95 77.96
C LEU J 202 6.66 20.99 79.18
N LYS J 203 6.79 21.61 80.33
CA LYS J 203 6.92 20.92 81.58
C LYS J 203 5.52 20.77 82.16
N ASP J 204 5.19 19.59 82.69
CA ASP J 204 3.91 19.32 83.38
C ASP J 204 4.07 18.70 84.79
N PRO J 205 4.34 19.53 85.82
CA PRO J 205 4.49 18.98 87.20
C PRO J 205 3.18 18.50 87.84
N PRO J 206 3.23 17.70 88.93
CA PRO J 206 1.95 17.25 89.58
C PRO J 206 1.47 18.23 90.63
N SER K 19 5.28 68.28 3.56
CA SER K 19 4.01 69.05 3.22
C SER K 19 3.11 69.36 4.46
N HIS K 20 3.01 68.39 5.40
CA HIS K 20 2.11 68.47 6.58
C HIS K 20 2.78 68.62 7.86
N PHE K 21 2.08 69.22 8.82
CA PHE K 21 2.57 69.44 10.15
C PHE K 21 1.39 69.39 11.10
N ASN K 22 1.30 68.27 11.77
CA ASN K 22 0.38 68.04 12.86
C ASN K 22 0.98 68.61 14.15
N THR K 23 0.24 69.43 14.88
CA THR K 23 0.70 69.84 16.20
C THR K 23 -0.43 70.20 17.15
N ARG K 24 -0.03 70.61 18.35
CA ARG K 24 -0.89 70.77 19.49
C ARG K 24 -0.61 72.12 20.08
N LEU K 25 -1.67 72.96 20.14
CA LEU K 25 -1.66 74.34 20.70
C LEU K 25 -2.57 74.48 21.90
N SER K 26 -2.11 75.19 22.94
CA SER K 26 -2.88 75.34 24.17
C SER K 26 -2.90 76.76 24.71
N ARG K 27 -4.03 77.12 25.35
CA ARG K 27 -4.18 78.33 26.18
C ARG K 27 -4.97 77.96 27.39
N THR K 28 -4.80 78.74 28.44
CA THR K 28 -5.49 78.46 29.69
C THR K 28 -6.11 79.75 30.14
N PHE K 29 -7.39 79.79 30.49
CA PHE K 29 -8.04 80.98 31.03
C PHE K 29 -8.98 80.72 32.24
N GLY K 30 -9.39 81.81 32.92
CA GLY K 30 -10.12 81.75 34.19
C GLY K 30 -11.60 81.74 33.88
N TYR K 31 -12.37 80.96 34.66
CA TYR K 31 -13.80 80.97 34.59
C TYR K 31 -14.24 80.84 36.00
N THR K 32 -15.08 81.78 36.46
CA THR K 32 -15.69 81.73 37.80
C THR K 32 -17.22 81.78 37.75
N ILE K 33 -17.88 80.81 38.38
CA ILE K 33 -19.30 80.97 38.72
C ILE K 33 -19.46 81.65 40.09
N LYS K 34 -20.02 82.87 40.07
CA LYS K 34 -20.28 83.67 41.28
C LYS K 34 -21.32 83.04 42.20
N ARG K 35 -21.09 83.07 43.51
CA ARG K 35 -22.03 82.48 44.47
C ARG K 35 -23.43 83.06 44.30
N THR K 36 -24.45 82.20 44.36
CA THR K 36 -25.84 82.65 44.52
C THR K 36 -26.39 82.51 45.96
N THR K 37 -27.50 83.24 46.19
CA THR K 37 -28.38 83.10 47.35
C THR K 37 -29.73 82.38 47.07
N VAL K 38 -30.16 82.24 45.79
CA VAL K 38 -31.28 81.35 45.32
C VAL K 38 -31.29 79.89 45.94
N LYS K 39 -32.37 79.52 46.61
CA LYS K 39 -32.38 78.29 47.44
C LYS K 39 -32.66 77.11 46.51
N THR K 40 -33.57 77.31 45.56
CA THR K 40 -33.81 76.26 44.56
C THR K 40 -32.64 76.01 43.60
N PRO K 41 -32.40 74.74 43.24
CA PRO K 41 -31.48 74.43 42.16
C PRO K 41 -31.61 75.39 40.96
N SER K 42 -30.46 75.87 40.53
CA SER K 42 -30.35 76.85 39.46
C SER K 42 -29.01 76.63 38.72
N TRP K 43 -28.91 77.20 37.51
CA TRP K 43 -27.77 76.90 36.60
C TRP K 43 -27.17 78.13 35.89
N ALA K 44 -25.85 78.22 35.94
CA ALA K 44 -25.10 79.16 35.15
C ALA K 44 -24.86 78.59 33.76
N VAL K 45 -25.50 79.16 32.74
CA VAL K 45 -25.48 78.64 31.39
C VAL K 45 -24.59 79.59 30.64
N ASP K 46 -23.79 79.02 29.75
CA ASP K 46 -22.76 79.76 29.06
C ASP K 46 -22.27 78.88 27.92
N MET K 47 -21.16 79.25 27.30
CA MET K 47 -20.80 78.75 25.99
C MET K 47 -19.31 79.04 25.65
N MET K 48 -18.79 78.28 24.68
CA MET K 48 -17.39 78.24 24.37
C MET K 48 -17.24 78.07 22.88
N ARG K 49 -16.69 79.07 22.22
CA ARG K 49 -16.12 78.94 20.90
C ARG K 49 -14.61 78.83 20.98
N PHE K 50 -14.00 78.55 19.83
CA PHE K 50 -12.53 78.36 19.73
C PHE K 50 -12.00 79.14 18.53
N ASN K 51 -10.93 79.91 18.70
CA ASN K 51 -10.39 80.63 17.55
C ASN K 51 -8.84 80.56 17.48
N ILE K 52 -8.30 80.28 16.29
CA ILE K 52 -6.83 80.10 16.22
C ILE K 52 -6.03 81.38 16.53
N ASN K 53 -6.61 82.55 16.31
CA ASN K 53 -6.02 83.82 16.80
C ASN K 53 -5.63 83.82 18.27
N ASP K 54 -6.41 83.17 19.11
CA ASP K 54 -6.04 83.03 20.52
C ASP K 54 -5.00 81.92 20.73
N PHE K 55 -4.54 81.22 19.71
CA PHE K 55 -3.56 80.14 19.94
C PHE K 55 -2.22 80.35 19.25
N LEU K 56 -2.23 81.17 18.22
CA LEU K 56 -1.13 81.35 17.36
C LEU K 56 -0.95 82.84 17.26
N PRO K 57 0.04 83.42 17.95
CA PRO K 57 0.21 84.88 17.87
C PRO K 57 0.64 85.35 16.48
N PRO K 58 0.66 86.68 16.25
CA PRO K 58 1.23 87.13 14.96
C PRO K 58 2.73 86.85 14.93
N GLY K 59 3.31 86.91 13.74
CA GLY K 59 4.75 86.74 13.57
C GLY K 59 5.36 88.07 13.22
N GLY K 60 6.55 88.03 12.61
CA GLY K 60 7.24 89.22 12.11
C GLY K 60 7.82 89.12 10.71
N GLY K 61 8.07 90.32 10.15
CA GLY K 61 8.66 90.53 8.83
C GLY K 61 7.72 90.03 7.76
N SER K 62 8.27 89.41 6.72
CA SER K 62 7.49 88.81 5.65
C SER K 62 6.80 87.48 5.99
N ASN K 63 7.06 86.97 7.21
CA ASN K 63 6.30 85.85 7.82
C ASN K 63 5.24 86.32 8.85
N PRO K 64 4.01 86.55 8.39
CA PRO K 64 3.07 87.20 9.32
C PRO K 64 2.50 86.27 10.40
N ARG K 65 2.64 84.95 10.29
CA ARG K 65 2.14 84.11 11.38
C ARG K 65 3.27 83.31 12.00
N SER K 66 3.16 83.09 13.31
CA SER K 66 4.19 82.45 14.05
C SER K 66 4.48 81.00 13.60
N VAL K 67 3.49 80.31 13.06
CA VAL K 67 3.78 79.13 12.20
C VAL K 67 3.71 79.50 10.70
N PRO K 68 4.76 79.21 9.92
CA PRO K 68 4.85 79.55 8.53
C PRO K 68 4.16 78.51 7.62
N PHE K 69 2.86 78.39 7.74
CA PHE K 69 2.12 77.52 6.90
C PHE K 69 0.94 78.30 6.35
N GLU K 70 0.49 77.89 5.19
CA GLU K 70 -0.54 78.60 4.46
C GLU K 70 -1.95 78.17 4.81
N TYR K 71 -2.12 76.88 5.07
CA TYR K 71 -3.45 76.31 5.36
C TYR K 71 -3.46 75.52 6.68
N TYR K 72 -4.66 75.40 7.27
CA TYR K 72 -4.90 74.56 8.46
C TYR K 72 -6.30 74.02 8.48
N ARG K 73 -6.45 73.00 9.32
CA ARG K 73 -7.76 72.59 9.82
C ARG K 73 -7.62 72.06 11.24
N ILE K 74 -8.59 72.37 12.09
CA ILE K 74 -8.58 71.83 13.44
C ILE K 74 -9.17 70.41 13.47
N ARG K 75 -8.27 69.47 13.64
CA ARG K 75 -8.63 68.06 13.70
C ARG K 75 -9.54 67.70 14.87
N LYS K 76 -9.17 68.25 16.05
CA LYS K 76 -9.75 67.92 17.33
C LYS K 76 -9.51 69.09 18.40
N VAL K 77 -10.47 69.34 19.31
CA VAL K 77 -10.32 70.22 20.50
C VAL K 77 -10.48 69.38 21.74
N LYS K 78 -9.62 69.62 22.72
CA LYS K 78 -9.81 69.18 24.10
C LYS K 78 -10.13 70.41 24.93
N VAL K 79 -11.15 70.32 25.75
CA VAL K 79 -11.49 71.39 26.64
C VAL K 79 -11.46 70.76 28.01
N GLU K 80 -10.51 71.26 28.85
CA GLU K 80 -10.32 70.76 30.22
C GLU K 80 -10.74 71.79 31.27
N PHE K 81 -11.61 71.39 32.20
CA PHE K 81 -12.06 72.28 33.31
C PHE K 81 -11.27 71.87 34.53
N TRP K 82 -10.28 72.65 34.89
CA TRP K 82 -9.41 72.29 36.00
C TRP K 82 -9.92 73.00 37.23
N PRO K 83 -10.53 72.27 38.11
CA PRO K 83 -11.23 72.95 39.15
C PRO K 83 -10.25 73.64 40.17
N CYS K 84 -10.56 74.88 40.58
CA CYS K 84 -9.87 75.57 41.69
C CYS K 84 -10.38 75.14 43.09
N SER K 85 -11.68 74.90 43.22
CA SER K 85 -12.25 74.68 44.55
C SER K 85 -11.55 73.49 45.30
N PRO K 86 -11.38 73.60 46.62
CA PRO K 86 -10.71 72.49 47.34
C PRO K 86 -11.65 71.28 47.53
N ILE K 87 -11.11 70.10 47.84
CA ILE K 87 -11.99 68.90 48.04
C ILE K 87 -12.85 69.02 49.31
N THR K 88 -12.49 69.95 50.17
CA THR K 88 -13.31 70.30 51.30
C THR K 88 -14.51 71.18 51.01
N GLN K 89 -14.75 71.63 49.78
CA GLN K 89 -15.88 72.57 49.56
C GLN K 89 -17.26 71.86 49.60
N GLY K 90 -18.22 72.50 50.25
CA GLY K 90 -19.58 72.04 50.37
C GLY K 90 -20.49 72.57 49.26
N ASP K 91 -21.81 72.56 49.55
CA ASP K 91 -22.88 72.78 48.61
C ASP K 91 -22.48 72.32 47.24
N ARG K 92 -22.16 71.04 47.16
CA ARG K 92 -21.77 70.45 45.89
C ARG K 92 -22.90 70.28 44.95
N GLY K 93 -22.57 70.14 43.66
CA GLY K 93 -23.59 70.18 42.53
C GLY K 93 -23.32 69.40 41.26
N VAL K 94 -24.23 69.52 40.30
CA VAL K 94 -24.18 68.69 39.10
C VAL K 94 -24.75 69.43 37.88
N GLY K 95 -24.03 69.29 36.78
CA GLY K 95 -24.24 70.05 35.57
C GLY K 95 -23.94 69.26 34.30
N SER K 96 -23.83 69.98 33.19
CA SER K 96 -23.80 69.35 31.88
C SER K 96 -22.91 70.15 31.00
N SER K 97 -22.13 69.42 30.22
CA SER K 97 -21.50 70.03 29.04
C SER K 97 -22.13 69.37 27.80
N ALA K 98 -22.30 70.15 26.74
CA ALA K 98 -22.72 69.53 25.50
C ALA K 98 -22.11 70.20 24.26
N VAL K 99 -21.86 69.37 23.27
CA VAL K 99 -21.16 69.74 22.07
C VAL K 99 -22.18 70.33 21.13
N ILE K 100 -21.90 71.54 20.67
CA ILE K 100 -22.74 72.36 19.82
C ILE K 100 -21.95 72.72 18.54
N LEU K 101 -22.25 72.05 17.45
CA LEU K 101 -21.49 72.18 16.22
C LEU K 101 -22.08 73.17 15.26
N ASP K 102 -23.19 73.81 15.60
CA ASP K 102 -23.90 74.70 14.64
C ASP K 102 -24.03 76.10 15.18
N ASP K 103 -23.18 76.41 16.16
CA ASP K 103 -23.10 77.72 16.74
C ASP K 103 -24.47 78.25 17.25
N ASN K 104 -25.30 77.36 17.80
CA ASN K 104 -26.61 77.76 18.35
C ASN K 104 -26.69 77.31 19.79
N PHE K 105 -26.22 78.19 20.65
CA PHE K 105 -26.05 77.85 22.00
C PHE K 105 -27.29 78.28 22.70
N VAL K 106 -27.57 77.64 23.83
CA VAL K 106 -28.51 78.17 24.80
C VAL K 106 -28.02 79.53 25.28
N THR K 107 -28.91 80.49 25.31
CA THR K 107 -28.64 81.90 25.68
C THR K 107 -28.02 81.97 27.07
N LYS K 108 -27.07 82.88 27.24
CA LYS K 108 -26.38 83.03 28.50
C LYS K 108 -27.41 83.33 29.68
N ALA K 109 -27.24 82.58 30.79
CA ALA K 109 -28.08 82.77 31.97
C ALA K 109 -27.27 82.69 33.25
N THR K 110 -27.56 83.55 34.23
CA THR K 110 -26.95 83.41 35.56
C THR K 110 -27.58 82.31 36.36
N ALA K 111 -28.92 82.21 36.30
CA ALA K 111 -29.63 81.31 37.19
C ALA K 111 -30.93 80.78 36.57
N LEU K 112 -30.77 79.98 35.54
CA LEU K 112 -31.91 79.26 34.95
C LEU K 112 -32.46 78.27 35.97
N THR K 113 -33.74 78.01 35.95
CA THR K 113 -34.36 77.06 36.93
C THR K 113 -34.27 75.57 36.53
N TYR K 114 -33.52 75.30 35.46
CA TYR K 114 -33.20 73.93 35.02
C TYR K 114 -31.87 73.88 34.20
N ASP K 115 -31.29 72.67 34.09
CA ASP K 115 -30.12 72.42 33.27
C ASP K 115 -30.61 72.13 31.86
N PRO K 116 -30.52 73.16 30.99
CA PRO K 116 -31.07 73.00 29.69
C PRO K 116 -30.23 72.11 28.81
N TYR K 117 -29.03 71.76 29.23
CA TYR K 117 -28.22 70.87 28.41
C TYR K 117 -28.28 69.39 28.83
N VAL K 118 -29.03 69.07 29.88
CA VAL K 118 -28.97 67.69 30.35
C VAL K 118 -29.45 66.61 29.35
N ASN K 119 -30.47 66.95 28.54
CA ASN K 119 -31.13 65.96 27.74
C ASN K 119 -30.45 65.86 26.40
N TYR K 120 -29.44 66.73 26.14
CA TYR K 120 -28.70 66.74 24.86
C TYR K 120 -28.00 65.38 24.67
N SER K 121 -28.09 64.88 23.46
CA SER K 121 -27.49 63.58 23.15
C SER K 121 -25.99 63.63 23.51
N SER K 122 -25.32 64.78 23.27
CA SER K 122 -23.87 64.89 23.41
C SER K 122 -23.50 65.27 24.82
N ARG K 123 -24.50 65.28 25.70
CA ARG K 123 -24.29 65.69 27.12
C ARG K 123 -23.35 64.80 27.87
N HIS K 124 -22.41 65.35 28.62
CA HIS K 124 -21.69 64.59 29.67
C HIS K 124 -22.01 65.35 30.97
N THR K 125 -22.03 64.59 32.06
CA THR K 125 -22.24 65.19 33.39
C THR K 125 -21.01 65.90 33.91
N ILE K 126 -21.21 66.99 34.62
CA ILE K 126 -20.12 67.73 35.25
C ILE K 126 -20.31 67.55 36.75
N THR K 127 -19.25 67.18 37.46
CA THR K 127 -19.31 67.07 38.86
C THR K 127 -18.73 68.33 39.46
N GLN K 128 -19.43 68.94 40.42
CA GLN K 128 -19.04 70.24 40.95
C GLN K 128 -18.88 70.21 42.44
N PRO K 129 -17.89 70.94 42.99
CA PRO K 129 -17.04 71.91 42.29
C PRO K 129 -15.54 71.59 42.31
N PHE K 130 -15.17 70.41 42.82
CA PHE K 130 -13.76 70.02 42.91
C PHE K 130 -13.31 68.90 41.92
N SER K 131 -14.08 68.68 40.86
CA SER K 131 -13.81 67.58 39.99
C SER K 131 -13.37 68.09 38.65
N TYR K 132 -12.38 67.41 38.08
CA TYR K 132 -12.00 67.57 36.66
C TYR K 132 -13.19 67.25 35.77
N HIS K 133 -13.20 67.81 34.57
CA HIS K 133 -14.17 67.47 33.50
C HIS K 133 -13.43 67.71 32.20
N SER K 134 -13.53 66.79 31.26
CA SER K 134 -13.07 67.11 29.90
C SER K 134 -14.00 66.66 28.76
N ARG K 135 -13.80 67.26 27.61
CA ARG K 135 -14.51 66.91 26.43
C ARG K 135 -13.55 66.92 25.28
N TYR K 136 -13.79 66.05 24.30
CA TYR K 136 -12.77 65.83 23.25
C TYR K 136 -13.54 65.51 21.97
N PHE K 137 -13.44 66.38 21.00
CA PHE K 137 -14.37 66.29 19.85
C PHE K 137 -13.81 67.05 18.64
N THR K 138 -14.30 66.75 17.47
CA THR K 138 -14.02 67.61 16.28
C THR K 138 -14.97 68.80 16.17
N PRO K 139 -14.45 70.00 16.40
CA PRO K 139 -15.26 71.26 16.31
C PRO K 139 -15.48 71.56 14.87
N LYS K 140 -16.16 72.64 14.56
CA LYS K 140 -16.56 72.95 13.16
C LYS K 140 -16.47 74.41 12.94
N PRO K 141 -16.01 74.79 11.74
CA PRO K 141 -16.00 76.23 11.53
C PRO K 141 -17.42 76.82 11.34
N VAL K 142 -17.52 78.12 11.61
CA VAL K 142 -18.71 78.90 11.35
C VAL K 142 -18.48 79.50 9.95
N LEU K 143 -18.81 78.72 8.95
CA LEU K 143 -18.71 79.15 7.58
C LEU K 143 -19.79 80.16 7.11
N ASP K 144 -21.04 79.88 7.48
CA ASP K 144 -22.17 80.82 7.23
C ASP K 144 -23.16 80.80 8.38
N SER K 145 -23.14 81.83 9.20
CA SER K 145 -23.93 81.77 10.43
C SER K 145 -25.43 81.97 10.23
N THR K 146 -25.86 82.22 9.00
CA THR K 146 -27.26 82.33 8.60
C THR K 146 -27.95 80.96 8.56
N ILE K 147 -27.20 79.98 8.07
CA ILE K 147 -27.69 78.65 7.76
C ILE K 147 -27.16 77.62 8.79
N ASP K 148 -25.90 77.83 9.17
CA ASP K 148 -25.19 77.02 10.10
C ASP K 148 -24.95 75.59 9.62
N TYR K 149 -24.33 75.49 8.48
CA TYR K 149 -23.98 74.15 8.01
C TYR K 149 -22.62 73.68 8.51
N PHE K 150 -22.50 72.37 8.66
CA PHE K 150 -21.20 71.79 8.89
C PHE K 150 -21.04 70.41 8.31
N GLN K 151 -19.79 69.99 8.14
CA GLN K 151 -19.42 68.63 7.68
C GLN K 151 -19.50 67.53 8.73
N PRO K 152 -19.96 66.31 8.35
CA PRO K 152 -19.92 65.20 9.28
C PRO K 152 -18.51 64.80 9.56
N ASN K 153 -18.32 64.24 10.75
CA ASN K 153 -17.03 64.22 11.44
C ASN K 153 -16.19 63.22 10.58
N ASN K 154 -15.07 63.71 10.04
CA ASN K 154 -14.29 62.94 9.04
C ASN K 154 -12.82 63.22 9.26
N LYS K 155 -12.02 62.46 8.50
CA LYS K 155 -10.61 62.77 8.33
C LYS K 155 -10.30 63.31 6.89
N ARG K 156 -10.30 62.44 5.87
CA ARG K 156 -9.75 62.81 4.55
C ARG K 156 -10.47 64.01 3.88
N ASN K 157 -11.80 64.17 4.15
CA ASN K 157 -12.68 65.18 3.50
C ASN K 157 -12.93 66.55 4.20
N GLN K 158 -12.30 66.73 5.34
CA GLN K 158 -12.46 67.91 6.12
C GLN K 158 -11.91 69.08 5.37
N LEU K 159 -12.64 70.17 5.42
CA LEU K 159 -12.26 71.30 4.66
C LEU K 159 -10.93 71.84 5.20
N TRP K 160 -10.12 72.38 4.29
CA TRP K 160 -8.92 73.16 4.59
C TRP K 160 -9.32 74.63 4.66
N LEU K 161 -8.69 75.37 5.59
CA LEU K 161 -8.95 76.84 5.78
C LEU K 161 -7.66 77.66 5.68
N ARG K 162 -7.75 78.86 5.12
CA ARG K 162 -6.63 79.78 5.09
C ARG K 162 -6.17 80.11 6.53
N LEU K 163 -4.87 80.04 6.78
CA LEU K 163 -4.34 80.53 8.03
C LEU K 163 -4.13 82.00 7.77
N GLN K 164 -4.88 82.82 8.46
CA GLN K 164 -4.87 84.25 8.25
C GLN K 164 -4.08 84.81 9.39
N THR K 165 -3.50 86.00 9.13
CA THR K 165 -2.77 86.74 10.18
C THR K 165 -3.78 87.17 11.25
N ALA K 166 -4.85 87.75 10.71
CA ALA K 166 -5.71 88.60 11.46
C ALA K 166 -7.00 87.93 11.85
N GLY K 167 -7.88 87.60 10.90
CA GLY K 167 -9.34 87.42 11.24
C GLY K 167 -9.87 86.00 11.06
N ASN K 168 -9.26 85.07 11.76
CA ASN K 168 -9.58 83.68 11.61
C ASN K 168 -10.95 83.34 12.05
N VAL K 169 -11.60 82.44 11.31
CA VAL K 169 -12.96 82.05 11.52
C VAL K 169 -13.12 81.30 12.84
N ASP K 170 -14.19 81.64 13.54
CA ASP K 170 -14.60 80.98 14.78
C ASP K 170 -14.87 79.49 14.49
N HIS K 171 -14.49 78.64 15.41
CA HIS K 171 -14.87 77.25 15.42
C HIS K 171 -15.73 76.97 16.64
N VAL K 172 -16.47 75.89 16.58
CA VAL K 172 -17.62 75.84 17.42
C VAL K 172 -17.87 74.50 18.01
N GLY K 173 -18.44 74.61 19.21
CA GLY K 173 -18.14 73.63 20.11
C GLY K 173 -18.92 73.49 21.32
N LEU K 174 -18.74 74.27 22.40
CA LEU K 174 -19.17 73.73 23.69
C LEU K 174 -20.12 74.61 24.54
N GLY K 175 -21.31 74.08 24.86
CA GLY K 175 -22.21 74.75 25.80
C GLY K 175 -22.04 74.13 27.20
N THR K 176 -22.22 74.93 28.23
CA THR K 176 -22.04 74.52 29.63
C THR K 176 -23.15 74.99 30.52
N ALA K 177 -23.37 74.20 31.56
CA ALA K 177 -24.39 74.49 32.51
C ALA K 177 -23.90 73.97 33.86
N PHE K 178 -23.32 74.86 34.64
CA PHE K 178 -22.83 74.58 35.98
C PHE K 178 -23.93 74.95 36.97
N GLU K 179 -24.21 74.06 37.90
CA GLU K 179 -25.18 74.34 38.88
C GLU K 179 -24.61 75.42 39.78
N ASN K 180 -25.47 76.36 40.19
CA ASN K 180 -25.10 77.38 41.15
C ASN K 180 -24.93 76.85 42.58
N SER K 181 -24.04 77.57 43.29
CA SER K 181 -23.61 77.26 44.66
C SER K 181 -23.64 78.50 45.57
N ILE K 182 -23.55 78.20 46.85
CA ILE K 182 -23.56 79.16 47.95
C ILE K 182 -22.17 79.81 48.05
N TYR K 183 -21.17 79.14 47.48
CA TYR K 183 -19.78 79.55 47.42
C TYR K 183 -19.41 79.81 45.93
N ASP K 184 -18.43 80.67 45.69
CA ASP K 184 -17.84 80.76 44.38
C ASP K 184 -17.20 79.41 43.91
N GLN K 185 -17.35 79.21 42.60
CA GLN K 185 -16.81 78.07 41.88
C GLN K 185 -15.88 78.54 40.73
N GLU K 186 -14.57 78.44 40.96
CA GLU K 186 -13.55 78.95 40.06
C GLU K 186 -12.89 77.73 39.31
N TYR K 187 -12.56 77.94 38.06
CA TYR K 187 -11.90 76.92 37.24
C TYR K 187 -10.77 77.59 36.40
N ASN K 188 -9.68 76.85 36.17
CA ASN K 188 -8.78 77.21 35.04
C ASN K 188 -9.23 76.31 33.93
N ILE K 189 -9.61 76.86 32.79
CA ILE K 189 -10.09 76.07 31.69
C ILE K 189 -8.96 76.07 30.75
N ARG K 190 -8.37 74.90 30.46
CA ARG K 190 -7.33 74.80 29.46
C ARG K 190 -7.90 74.13 28.20
N VAL K 191 -7.80 74.83 27.07
CA VAL K 191 -8.21 74.38 25.77
C VAL K 191 -6.99 74.05 24.86
N THR K 192 -7.10 72.94 24.14
CA THR K 192 -6.03 72.43 23.30
C THR K 192 -6.58 72.13 21.89
N MET K 193 -6.07 72.80 20.87
CA MET K 193 -6.36 72.51 19.48
C MET K 193 -5.31 71.54 18.96
N TYR K 194 -5.77 70.49 18.30
CA TYR K 194 -4.95 69.59 17.51
C TYR K 194 -5.20 70.02 16.07
N VAL K 195 -4.19 70.66 15.49
CA VAL K 195 -4.25 71.33 14.24
C VAL K 195 -3.36 70.64 13.26
N GLN K 196 -3.82 70.57 12.05
CA GLN K 196 -3.07 70.07 10.93
C GLN K 196 -2.81 71.32 10.09
N PHE K 197 -1.54 71.66 9.95
CA PHE K 197 -1.10 72.71 9.03
C PHE K 197 -0.60 72.10 7.71
N ARG K 198 -0.86 72.78 6.63
CA ARG K 198 -0.42 72.32 5.35
C ARG K 198 0.15 73.49 4.59
N GLU K 199 1.25 73.22 3.84
CA GLU K 199 1.89 74.13 2.86
C GLU K 199 2.86 75.10 3.51
N PHE K 200 4.05 74.60 3.82
CA PHE K 200 5.14 75.41 4.35
C PHE K 200 5.38 76.64 3.48
N ASN K 201 5.33 77.85 4.02
CA ASN K 201 5.52 79.06 3.18
C ASN K 201 6.57 80.10 3.56
N LEU K 202 7.52 79.74 4.43
CA LEU K 202 8.56 80.67 4.92
C LEU K 202 9.18 81.56 3.83
N LYS K 203 9.10 82.87 4.05
CA LYS K 203 9.76 83.87 3.24
C LYS K 203 11.07 84.20 3.91
N ASP K 204 12.12 84.43 3.11
CA ASP K 204 13.43 84.63 3.66
C ASP K 204 14.12 85.77 2.94
N PRO K 205 13.82 87.02 3.36
CA PRO K 205 14.47 88.21 2.76
C PRO K 205 15.92 88.39 3.26
N PRO K 206 16.76 89.18 2.55
CA PRO K 206 18.18 89.27 2.94
C PRO K 206 18.51 90.56 3.70
N SER L 19 8.87 65.54 18.73
CA SER L 19 8.20 66.22 17.58
C SER L 19 9.30 66.90 16.76
N HIS L 20 9.32 66.47 15.51
CA HIS L 20 10.48 66.41 14.62
C HIS L 20 9.82 66.99 13.39
N PHE L 21 10.49 67.92 12.75
CA PHE L 21 9.90 68.61 11.65
C PHE L 21 10.99 68.74 10.63
N ASN L 22 10.81 68.08 9.49
CA ASN L 22 11.77 68.07 8.44
C ASN L 22 11.33 69.11 7.50
N THR L 23 12.27 69.86 6.95
CA THR L 23 11.93 70.82 5.91
C THR L 23 13.15 71.27 5.17
N ARG L 24 12.95 72.27 4.33
CA ARG L 24 13.86 72.72 3.32
C ARG L 24 13.83 74.25 3.23
N LEU L 25 15.01 74.86 3.21
CA LEU L 25 15.18 76.34 3.19
C LEU L 25 16.14 76.72 2.10
N SER L 26 15.85 77.77 1.35
CA SER L 26 16.67 78.12 0.22
C SER L 26 16.87 79.61 0.08
N ARG L 27 17.90 79.93 -0.67
CA ARG L 27 18.21 81.28 -1.03
C ARG L 27 19.09 81.24 -2.22
N THR L 28 19.13 82.38 -2.89
CA THR L 28 19.80 82.51 -4.16
C THR L 28 20.58 83.78 -4.08
N PHE L 29 21.86 83.73 -4.45
CA PHE L 29 22.75 84.88 -4.52
C PHE L 29 23.69 84.87 -5.72
N GLY L 30 24.26 86.02 -6.06
CA GLY L 30 25.17 86.15 -7.21
C GLY L 30 26.61 85.72 -6.98
N TYR L 31 27.24 85.31 -8.05
CA TYR L 31 28.69 85.05 -8.06
C TYR L 31 29.19 85.32 -9.47
N THR L 32 30.24 86.12 -9.58
CA THR L 32 30.75 86.50 -10.90
C THR L 32 32.25 86.26 -10.89
N ILE L 33 32.74 85.30 -11.69
CA ILE L 33 34.20 85.24 -11.94
C ILE L 33 34.52 86.22 -13.07
N LYS L 34 35.36 87.22 -12.77
CA LYS L 34 35.64 88.32 -13.71
C LYS L 34 36.57 87.87 -14.83
N ARG L 35 36.41 88.42 -16.03
CA ARG L 35 37.23 87.99 -17.17
C ARG L 35 38.71 88.20 -16.86
N THR L 36 39.63 87.50 -17.49
CA THR L 36 41.05 87.89 -17.46
C THR L 36 41.72 87.79 -18.81
N THR L 37 42.95 88.27 -18.85
CA THR L 37 43.77 88.16 -20.06
C THR L 37 45.05 87.43 -19.76
N VAL L 38 45.09 86.67 -18.66
CA VAL L 38 46.07 85.58 -18.55
C VAL L 38 45.78 84.57 -19.70
N LYS L 39 46.85 84.12 -20.38
CA LYS L 39 46.70 83.21 -21.58
C LYS L 39 46.80 81.76 -21.09
N THR L 40 47.61 81.58 -20.05
CA THR L 40 47.79 80.30 -19.43
C THR L 40 46.61 80.01 -18.52
N PRO L 41 46.14 78.78 -18.51
CA PRO L 41 45.10 78.37 -17.60
C PRO L 41 45.40 78.80 -16.20
N SER L 42 44.40 79.44 -15.61
CA SER L 42 44.41 79.90 -14.24
C SER L 42 43.02 79.61 -13.62
N TRP L 43 42.95 79.49 -12.29
CA TRP L 43 41.69 79.23 -11.61
C TRP L 43 41.34 80.25 -10.52
N ALA L 44 40.08 80.70 -10.50
CA ALA L 44 39.54 81.49 -9.36
C ALA L 44 39.13 80.55 -8.28
N VAL L 45 39.77 80.65 -7.14
CA VAL L 45 39.60 79.72 -6.00
C VAL L 45 38.75 80.39 -4.92
N ASP L 46 37.77 79.69 -4.37
CA ASP L 46 36.89 80.35 -3.38
C ASP L 46 36.26 79.30 -2.46
N MET L 47 35.30 79.73 -1.68
CA MET L 47 34.75 78.97 -0.58
C MET L 47 33.33 79.42 -0.27
N MET L 48 32.71 78.52 0.49
CA MET L 48 31.30 78.56 0.80
C MET L 48 31.10 77.92 2.13
N ARG L 49 30.64 78.74 3.09
CA ARG L 49 30.07 78.28 4.35
C ARG L 49 28.56 78.44 4.34
N PHE L 50 27.89 77.77 5.26
CA PHE L 50 26.43 77.79 5.28
C PHE L 50 25.99 78.13 6.69
N ASN L 51 25.37 79.29 6.89
CA ASN L 51 24.84 79.61 8.18
C ASN L 51 23.34 79.78 8.13
N ILE L 52 22.66 79.21 9.13
CA ILE L 52 21.17 79.21 9.14
C ILE L 52 20.56 80.63 9.33
N ASN L 53 21.34 81.59 9.83
CA ASN L 53 20.89 82.97 9.88
C ASN L 53 20.47 83.49 8.49
N ASP L 54 21.07 82.97 7.40
CA ASP L 54 20.78 83.43 6.05
C ASP L 54 19.57 82.75 5.40
N PHE L 55 18.96 81.79 6.10
CA PHE L 55 17.82 80.98 5.60
C PHE L 55 16.52 81.12 6.38
N LEU L 56 16.61 81.65 7.59
CA LEU L 56 15.55 81.62 8.59
C LEU L 56 15.56 83.02 9.23
N PRO L 57 14.70 83.93 8.76
CA PRO L 57 14.71 85.27 9.39
C PRO L 57 14.30 85.22 10.84
N PRO L 58 14.46 86.35 11.52
CA PRO L 58 13.86 86.43 12.89
C PRO L 58 12.31 86.53 12.88
N GLY L 59 11.73 86.16 14.03
CA GLY L 59 10.28 86.13 14.24
C GLY L 59 9.78 87.39 14.93
N GLY L 60 8.70 87.27 15.65
CA GLY L 60 8.10 88.41 16.34
C GLY L 60 7.78 88.04 17.76
N GLY L 61 7.74 89.08 18.60
CA GLY L 61 7.35 89.01 20.03
C GLY L 61 8.06 87.96 20.85
N SER L 62 7.26 87.17 21.55
CA SER L 62 7.76 86.08 22.38
C SER L 62 8.29 84.83 21.62
N ASN L 63 8.11 84.82 20.27
CA ASN L 63 8.59 83.77 19.34
C ASN L 63 9.71 84.31 18.45
N PRO L 64 10.97 84.21 18.93
CA PRO L 64 12.04 85.01 18.31
C PRO L 64 12.53 84.51 16.94
N ARG L 65 12.33 83.22 16.66
CA ARG L 65 12.63 82.70 15.34
C ARG L 65 11.35 82.33 14.61
N SER L 66 11.44 82.32 13.26
CA SER L 66 10.25 82.24 12.37
C SER L 66 9.73 80.84 12.19
N VAL L 67 10.54 79.86 12.59
CA VAL L 67 10.01 78.55 12.93
C VAL L 67 10.22 78.30 14.44
N PRO L 68 9.14 77.99 15.15
CA PRO L 68 9.11 77.80 16.59
C PRO L 68 9.51 76.42 17.07
N PHE L 69 10.79 76.13 16.84
CA PHE L 69 11.48 74.99 17.43
C PHE L 69 12.77 75.36 18.19
N GLU L 70 13.10 74.56 19.19
CA GLU L 70 14.27 74.81 20.03
C GLU L 70 15.58 74.27 19.41
N TYR L 71 15.52 73.09 18.79
CA TYR L 71 16.73 72.41 18.30
C TYR L 71 16.74 72.20 16.79
N TYR L 72 17.90 72.18 16.17
CA TYR L 72 18.01 71.85 14.74
C TYR L 72 19.32 71.20 14.46
N ARG L 73 19.36 70.49 13.36
CA ARG L 73 20.61 69.97 12.81
C ARG L 73 20.46 69.85 11.32
N ILE L 74 21.56 70.00 10.63
CA ILE L 74 21.46 70.06 9.20
C ILE L 74 21.77 68.67 8.73
N ARG L 75 20.80 68.14 8.04
CA ARG L 75 20.84 66.81 7.47
C ARG L 75 21.73 66.79 6.20
N LYS L 76 21.64 67.88 5.42
CA LYS L 76 22.10 67.92 4.05
C LYS L 76 22.06 69.34 3.46
N VAL L 77 22.94 69.66 2.55
CA VAL L 77 22.87 70.92 1.80
C VAL L 77 23.05 70.63 0.34
N LYS L 78 22.34 71.41 -0.51
CA LYS L 78 22.47 71.31 -1.95
C LYS L 78 22.95 72.63 -2.43
N VAL L 79 24.14 72.69 -2.98
CA VAL L 79 24.65 73.93 -3.47
C VAL L 79 24.40 73.67 -4.93
N GLU L 80 23.70 74.62 -5.57
CA GLU L 80 23.47 74.61 -6.99
C GLU L 80 23.98 75.86 -7.68
N PHE L 81 24.84 75.66 -8.67
CA PHE L 81 25.36 76.69 -9.55
C PHE L 81 24.54 76.71 -10.84
N TRP L 82 23.79 77.79 -11.07
CA TRP L 82 22.95 77.93 -12.26
C TRP L 82 23.63 78.92 -13.19
N PRO L 83 24.13 78.44 -14.33
CA PRO L 83 24.85 79.33 -15.21
C PRO L 83 23.97 80.43 -15.76
N CYS L 84 24.45 81.67 -15.73
CA CYS L 84 23.84 82.77 -16.48
C CYS L 84 24.28 82.85 -17.95
N SER L 85 25.40 82.23 -18.27
CA SER L 85 26.04 82.47 -19.56
C SER L 85 25.28 81.64 -20.56
N PRO L 86 25.08 82.18 -21.73
CA PRO L 86 24.37 81.41 -22.76
C PRO L 86 25.19 80.26 -23.39
N ILE L 87 24.49 79.32 -24.02
CA ILE L 87 25.15 78.16 -24.64
C ILE L 87 25.96 78.55 -25.88
N THR L 88 25.79 79.79 -26.33
CA THR L 88 26.69 80.36 -27.33
C THR L 88 28.01 80.83 -26.77
N GLN L 89 28.22 80.80 -25.46
CA GLN L 89 29.48 81.40 -24.97
C GLN L 89 30.68 80.44 -24.97
N GLY L 90 31.82 80.99 -25.32
CA GLY L 90 33.06 80.28 -25.56
C GLY L 90 34.10 80.45 -24.48
N ASP L 91 35.32 80.16 -24.86
CA ASP L 91 36.41 79.99 -23.94
C ASP L 91 35.97 79.20 -22.72
N ARG L 92 35.45 78.03 -22.99
CA ARG L 92 35.01 77.11 -21.97
C ARG L 92 36.16 76.44 -21.25
N GLY L 93 36.06 76.41 -19.94
CA GLY L 93 37.02 75.75 -19.13
C GLY L 93 36.44 74.69 -18.22
N VAL L 94 37.33 74.18 -17.41
CA VAL L 94 37.06 73.05 -16.54
C VAL L 94 37.67 73.42 -15.14
N GLY L 95 36.78 73.38 -14.15
CA GLY L 95 37.14 73.51 -12.75
C GLY L 95 36.67 72.35 -11.86
N SER L 96 36.60 72.66 -10.55
CA SER L 96 36.46 71.71 -9.46
C SER L 96 35.68 72.28 -8.28
N SER L 97 34.91 71.40 -7.63
CA SER L 97 34.24 71.67 -6.35
C SER L 97 34.64 70.54 -5.43
N ALA L 98 34.84 70.84 -4.14
CA ALA L 98 35.23 69.83 -3.18
C ALA L 98 34.55 70.06 -1.86
N VAL L 99 34.21 68.97 -1.18
CA VAL L 99 33.61 69.02 0.13
C VAL L 99 34.73 69.06 1.20
N ILE L 100 34.67 70.19 1.92
CA ILE L 100 35.55 70.60 2.96
C ILE L 100 34.83 70.67 4.30
N LEU L 101 34.91 69.60 5.06
CA LEU L 101 34.20 69.46 6.31
C LEU L 101 34.86 70.01 7.57
N ASP L 102 36.11 70.47 7.48
CA ASP L 102 36.90 70.84 8.68
C ASP L 102 37.20 72.34 8.72
N ASP L 103 36.52 73.12 7.88
CA ASP L 103 36.68 74.55 7.80
C ASP L 103 38.06 75.03 7.27
N ASN L 104 38.81 74.17 6.58
CA ASN L 104 40.15 74.52 6.09
C ASN L 104 40.17 74.58 4.58
N PHE L 105 39.87 75.74 4.05
CA PHE L 105 39.83 75.90 2.62
C PHE L 105 41.14 76.39 2.06
N VAL L 106 41.46 76.00 0.86
CA VAL L 106 42.50 76.66 0.12
C VAL L 106 42.25 78.17 0.03
N THR L 107 43.33 78.93 0.18
CA THR L 107 43.27 80.38 0.19
C THR L 107 42.60 80.92 -1.04
N LYS L 108 41.71 81.88 -0.79
CA LYS L 108 41.08 82.59 -1.88
C LYS L 108 42.16 83.14 -2.85
N ALA L 109 41.85 83.15 -4.14
CA ALA L 109 42.83 83.47 -5.17
C ALA L 109 42.20 83.82 -6.47
N THR L 110 42.66 84.87 -7.11
CA THR L 110 42.04 85.32 -8.35
C THR L 110 42.37 84.41 -9.60
N ALA L 111 43.61 83.91 -9.61
CA ALA L 111 44.19 83.18 -10.74
C ALA L 111 45.40 82.34 -10.31
N LEU L 112 45.10 81.25 -9.62
CA LEU L 112 46.09 80.23 -9.30
C LEU L 112 46.44 79.58 -10.63
N THR L 113 47.69 79.21 -10.78
CA THR L 113 48.18 78.53 -11.97
C THR L 113 47.92 77.01 -12.00
N TYR L 114 47.19 76.48 -11.03
CA TYR L 114 46.66 75.12 -11.11
C TYR L 114 45.27 75.09 -10.43
N ASP L 115 44.53 74.02 -10.62
CA ASP L 115 43.23 73.86 -9.97
C ASP L 115 43.54 73.16 -8.67
N PRO L 116 43.46 73.83 -7.48
CA PRO L 116 43.99 73.22 -6.25
C PRO L 116 43.16 72.12 -5.70
N TYR L 117 41.94 71.97 -6.24
CA TYR L 117 41.03 70.96 -5.73
C TYR L 117 40.86 69.77 -6.66
N VAL L 118 41.59 69.69 -7.76
CA VAL L 118 41.36 68.59 -8.67
C VAL L 118 41.62 67.17 -8.10
N ASN L 119 42.57 66.97 -7.20
CA ASN L 119 42.89 65.66 -6.62
C ASN L 119 42.25 65.40 -5.25
N TYR L 120 41.33 66.24 -4.84
CA TYR L 120 40.64 65.97 -3.58
C TYR L 120 39.74 64.76 -3.84
N SER L 121 39.66 63.83 -2.90
CA SER L 121 38.77 62.68 -3.01
C SER L 121 37.32 63.07 -3.20
N SER L 122 36.87 64.14 -2.57
CA SER L 122 35.50 64.57 -2.74
C SER L 122 35.34 65.41 -4.00
N ARG L 123 36.36 65.57 -4.84
CA ARG L 123 36.26 66.42 -6.05
C ARG L 123 35.19 65.98 -7.05
N HIS L 124 34.35 66.91 -7.51
CA HIS L 124 33.50 66.73 -8.68
C HIS L 124 33.97 67.78 -9.79
N THR L 125 33.92 67.41 -11.07
CA THR L 125 34.21 68.37 -12.12
C THR L 125 33.09 69.40 -12.34
N ILE L 126 33.48 70.66 -12.59
CA ILE L 126 32.62 71.74 -12.99
C ILE L 126 32.95 72.03 -14.46
N THR L 127 31.91 72.22 -15.25
CA THR L 127 32.04 72.43 -16.65
C THR L 127 31.57 73.89 -16.76
N GLN L 128 32.31 74.70 -17.51
CA GLN L 128 32.06 76.14 -17.53
C GLN L 128 31.98 76.62 -18.97
N PRO L 129 31.26 77.74 -19.23
CA PRO L 129 30.54 78.58 -18.25
C PRO L 129 29.00 78.45 -18.32
N PHE L 130 28.50 77.52 -19.15
CA PHE L 130 27.07 77.42 -19.38
C PHE L 130 26.40 76.14 -18.81
N SER L 131 27.10 75.35 -18.01
CA SER L 131 26.48 74.13 -17.47
C SER L 131 26.11 74.33 -16.04
N TYR L 132 25.10 73.58 -15.63
CA TYR L 132 24.68 73.47 -14.25
C TYR L 132 25.71 72.59 -13.55
N HIS L 133 26.00 72.89 -12.29
CA HIS L 133 26.80 72.07 -11.42
C HIS L 133 26.07 71.94 -10.10
N SER L 134 26.18 70.79 -9.41
CA SER L 134 25.63 70.72 -8.03
C SER L 134 26.35 69.74 -7.13
N ARG L 135 26.24 70.01 -5.84
CA ARG L 135 26.72 69.14 -4.81
C ARG L 135 25.64 68.91 -3.76
N TYR L 136 25.68 67.75 -3.12
CA TYR L 136 24.70 67.39 -2.17
C TYR L 136 25.38 66.47 -1.16
N PHE L 137 25.57 66.99 0.05
CA PHE L 137 26.38 66.30 1.05
C PHE L 137 25.92 66.79 2.42
N THR L 138 26.49 66.17 3.45
CA THR L 138 26.21 66.56 4.85
C THR L 138 27.31 67.52 5.30
N PRO L 139 26.93 68.73 5.68
CA PRO L 139 27.92 69.72 6.10
C PRO L 139 28.24 69.48 7.56
N LYS L 140 29.27 70.14 8.07
CA LYS L 140 29.51 70.08 9.51
C LYS L 140 29.58 71.40 10.20
N PRO L 141 29.05 71.43 11.44
CA PRO L 141 29.23 72.60 12.25
C PRO L 141 30.69 72.86 12.67
N VAL L 142 31.12 74.13 12.66
CA VAL L 142 32.39 74.58 13.23
C VAL L 142 32.26 74.70 14.79
N LEU L 143 32.49 73.61 15.47
CA LEU L 143 32.39 73.59 16.90
C LEU L 143 33.62 74.12 17.59
N ASP L 144 34.77 74.13 16.93
CA ASP L 144 35.99 74.55 17.57
C ASP L 144 37.04 74.81 16.50
N SER L 145 37.28 76.06 16.12
CA SER L 145 38.19 76.36 14.97
C SER L 145 39.66 76.05 15.18
N THR L 146 40.04 75.73 16.41
CA THR L 146 41.39 75.27 16.70
C THR L 146 41.65 73.81 16.44
N ILE L 147 40.75 72.94 16.84
CA ILE L 147 40.94 71.49 16.59
C ILE L 147 40.29 71.01 15.27
N ASP L 148 39.24 71.71 14.87
CA ASP L 148 38.46 71.46 13.65
C ASP L 148 37.96 70.02 13.55
N TYR L 149 37.21 69.60 14.55
CA TYR L 149 36.66 68.28 14.58
C TYR L 149 35.20 68.15 14.10
N PHE L 150 34.91 66.97 13.52
CA PHE L 150 33.57 66.66 13.13
C PHE L 150 33.20 65.20 13.18
N GLN L 151 31.89 64.96 13.18
CA GLN L 151 31.31 63.62 13.23
C GLN L 151 31.30 62.88 11.88
N PRO L 152 31.53 61.56 11.88
CA PRO L 152 31.25 60.76 10.71
C PRO L 152 29.77 60.90 10.29
N ASN L 153 29.61 61.01 8.96
CA ASN L 153 28.35 61.44 8.29
C ASN L 153 27.35 60.32 8.77
N ASN L 154 26.35 60.70 9.57
CA ASN L 154 25.40 59.74 10.23
C ASN L 154 23.96 60.30 10.15
N LYS L 155 23.00 59.43 10.53
CA LYS L 155 21.60 59.83 10.80
C LYS L 155 21.25 59.91 12.35
N ARG L 156 21.10 58.80 13.04
CA ARG L 156 20.53 58.89 14.41
C ARG L 156 21.38 59.61 15.49
N ASN L 157 22.71 59.42 15.46
CA ASN L 157 23.78 60.07 16.32
C ASN L 157 24.31 61.50 16.09
N GLN L 158 23.83 62.21 15.08
CA GLN L 158 24.26 63.57 14.77
C GLN L 158 23.79 64.56 15.81
N LEU L 159 24.69 65.47 16.15
CA LEU L 159 24.47 66.47 17.23
C LEU L 159 23.23 67.31 16.95
N TRP L 160 22.51 67.62 18.01
CA TRP L 160 21.51 68.64 17.90
C TRP L 160 22.14 69.94 18.25
N LEU L 161 21.62 71.01 17.68
CA LEU L 161 22.12 72.36 17.93
C LEU L 161 20.98 73.24 18.43
N ARG L 162 21.23 74.16 19.35
CA ARG L 162 20.19 75.14 19.72
C ARG L 162 19.93 76.03 18.52
N LEU L 163 18.66 76.24 18.16
CA LEU L 163 18.30 77.28 17.19
C LEU L 163 18.45 78.61 17.84
N GLN L 164 19.46 79.34 17.44
CA GLN L 164 19.64 80.72 17.90
C GLN L 164 18.88 81.79 17.08
N THR L 165 18.64 82.92 17.72
CA THR L 165 18.07 84.07 16.98
C THR L 165 19.10 84.62 15.98
N ALA L 166 20.32 84.73 16.55
CA ALA L 166 21.34 85.66 16.17
C ALA L 166 22.71 85.01 15.92
N GLY L 167 23.31 84.37 16.91
CA GLY L 167 24.70 83.92 16.71
C GLY L 167 24.85 82.48 16.20
N ASN L 168 24.16 82.13 15.11
CA ASN L 168 24.11 80.73 14.73
C ASN L 168 25.44 80.31 14.20
N VAL L 169 25.84 79.09 14.54
CA VAL L 169 27.14 78.55 14.17
C VAL L 169 27.27 78.27 12.67
N ASP L 170 28.39 78.69 12.08
CA ASP L 170 28.74 78.34 10.70
C ASP L 170 28.84 76.82 10.51
N HIS L 171 28.26 76.37 9.40
CA HIS L 171 28.41 75.01 8.95
C HIS L 171 29.23 75.07 7.68
N VAL L 172 29.91 73.95 7.47
CA VAL L 172 31.00 74.02 6.56
C VAL L 172 31.03 72.94 5.51
N GLY L 173 31.57 73.39 4.36
CA GLY L 173 31.37 72.63 3.19
C GLY L 173 32.06 72.80 1.91
N LEU L 174 31.96 73.90 1.18
CA LEU L 174 32.38 73.72 -0.25
C LEU L 174 33.46 74.64 -0.75
N GLY L 175 34.50 74.02 -1.29
CA GLY L 175 35.62 74.72 -1.94
C GLY L 175 35.46 74.68 -3.44
N THR L 176 35.75 75.80 -4.10
CA THR L 176 35.58 75.95 -5.55
C THR L 176 36.83 76.46 -6.24
N ALA L 177 37.03 75.95 -7.45
CA ALA L 177 38.01 76.47 -8.42
C ALA L 177 37.34 76.49 -9.78
N PHE L 178 36.99 77.67 -10.27
CA PHE L 178 36.52 77.82 -11.65
C PHE L 178 37.72 78.29 -12.50
N GLU L 179 37.95 77.67 -13.65
CA GLU L 179 38.86 78.22 -14.64
C GLU L 179 38.44 79.60 -15.16
N ASN L 180 39.44 80.48 -15.19
CA ASN L 180 39.26 81.85 -15.64
C ASN L 180 39.11 81.80 -17.14
N SER L 181 38.61 82.90 -17.68
CA SER L 181 38.13 82.99 -19.04
C SER L 181 38.28 84.39 -19.57
N ILE L 182 38.42 84.49 -20.90
CA ILE L 182 38.41 85.76 -21.68
C ILE L 182 37.08 86.57 -21.41
N TYR L 183 35.98 85.88 -21.03
CA TYR L 183 34.70 86.49 -20.69
C TYR L 183 34.35 86.34 -19.23
N ASP L 184 33.38 87.16 -18.83
CA ASP L 184 32.73 87.07 -17.51
C ASP L 184 31.91 85.80 -17.39
N GLN L 185 31.94 85.17 -16.24
CA GLN L 185 31.19 83.94 -15.98
C GLN L 185 30.32 84.17 -14.74
N GLU L 186 29.03 84.41 -14.98
CA GLU L 186 28.06 84.81 -13.98
C GLU L 186 27.18 83.57 -13.65
N TYR L 187 26.78 83.48 -12.39
CA TYR L 187 26.01 82.38 -11.86
C TYR L 187 25.05 82.93 -10.76
N ASN L 188 23.81 82.46 -10.78
CA ASN L 188 22.90 82.50 -9.64
C ASN L 188 23.16 81.22 -8.85
N ILE L 189 23.48 81.35 -7.57
CA ILE L 189 23.83 80.19 -6.76
C ILE L 189 22.72 79.97 -5.78
N ARG L 190 22.16 78.76 -5.79
CA ARG L 190 21.09 78.46 -4.90
C ARG L 190 21.57 77.46 -3.89
N VAL L 191 21.44 77.83 -2.64
CA VAL L 191 21.77 76.91 -1.57
C VAL L 191 20.45 76.48 -0.98
N THR L 192 20.34 75.19 -0.68
CA THR L 192 19.20 74.63 -0.02
C THR L 192 19.72 73.79 1.15
N MET L 193 19.22 74.05 2.35
CA MET L 193 19.53 73.26 3.52
C MET L 193 18.32 72.40 3.82
N TYR L 194 18.55 71.11 4.05
CA TYR L 194 17.50 70.16 4.47
C TYR L 194 17.70 70.08 5.94
N VAL L 195 16.85 70.74 6.70
CA VAL L 195 17.00 70.88 8.16
C VAL L 195 15.94 70.07 8.86
N GLN L 196 16.34 69.54 10.00
CA GLN L 196 15.45 68.80 10.87
C GLN L 196 15.29 69.64 12.12
N PHE L 197 14.07 70.00 12.46
CA PHE L 197 13.86 70.76 13.69
C PHE L 197 13.35 69.79 14.75
N ARG L 198 13.57 70.13 16.00
CA ARG L 198 13.04 69.36 17.10
C ARG L 198 12.60 70.27 18.23
N GLU L 199 11.55 69.78 18.91
CA GLU L 199 10.94 70.39 20.11
C GLU L 199 10.16 71.67 19.78
N PHE L 200 8.89 71.50 19.40
CA PHE L 200 7.99 72.64 19.24
C PHE L 200 8.05 73.47 20.51
N ASN L 201 8.18 74.79 20.34
CA ASN L 201 8.26 75.71 21.50
C ASN L 201 7.36 76.98 21.43
N LEU L 202 6.28 76.91 20.64
CA LEU L 202 5.51 78.09 20.31
C LEU L 202 4.97 78.74 21.59
N LYS L 203 5.37 79.98 21.79
CA LYS L 203 4.86 80.81 22.85
C LYS L 203 3.57 81.51 22.41
N ASP L 204 2.58 81.54 23.31
CA ASP L 204 1.30 82.19 23.04
C ASP L 204 0.91 83.28 24.07
N PRO L 205 1.47 84.49 23.93
CA PRO L 205 1.03 85.57 24.83
C PRO L 205 -0.35 86.10 24.48
N PRO L 206 -1.03 86.72 25.46
CA PRO L 206 -2.28 87.40 25.14
C PRO L 206 -2.07 88.86 24.74
N LEU L 207 -3.17 89.56 24.54
CA LEU L 207 -3.19 91.04 24.46
C LEU L 207 -2.75 91.47 23.04
N SER M 19 -26.27 63.01 -18.84
CA SER M 19 -24.91 62.38 -18.84
C SER M 19 -23.81 63.34 -18.29
N HIS M 20 -22.64 62.77 -18.01
CA HIS M 20 -21.41 63.50 -17.76
C HIS M 20 -20.66 63.58 -19.02
N PHE M 21 -19.92 64.66 -19.16
CA PHE M 21 -19.16 64.94 -20.35
C PHE M 21 -17.84 65.51 -19.86
N ASN M 22 -16.76 64.82 -20.15
CA ASN M 22 -15.42 65.28 -19.78
C ASN M 22 -14.81 65.91 -20.97
N THR M 23 -14.21 67.07 -20.82
CA THR M 23 -13.49 67.68 -21.92
C THR M 23 -12.43 68.64 -21.44
N ARG M 24 -11.84 69.31 -22.41
CA ARG M 24 -10.63 70.06 -22.24
C ARG M 24 -10.78 71.35 -22.98
N LEU M 25 -10.50 72.45 -22.29
CA LEU M 25 -10.63 73.81 -22.83
C LEU M 25 -9.36 74.60 -22.63
N SER M 26 -8.93 75.33 -23.64
CA SER M 26 -7.66 76.05 -23.54
C SER M 26 -7.79 77.43 -24.10
N ARG M 27 -6.92 78.29 -23.59
CA ARG M 27 -6.62 79.59 -24.17
C ARG M 27 -5.15 79.94 -24.01
N THR M 28 -4.72 80.93 -24.78
CA THR M 28 -3.31 81.37 -24.78
C THR M 28 -3.19 82.89 -24.68
N PHE M 29 -2.33 83.38 -23.79
CA PHE M 29 -1.96 84.83 -23.71
C PHE M 29 -0.47 85.13 -23.47
N GLY M 30 -0.05 86.31 -23.93
CA GLY M 30 1.32 86.75 -23.74
C GLY M 30 1.61 87.20 -22.33
N TYR M 31 2.83 86.98 -21.90
CA TYR M 31 3.31 87.56 -20.68
C TYR M 31 4.70 88.07 -20.97
N THR M 32 4.98 89.29 -20.51
CA THR M 32 6.28 89.85 -20.66
C THR M 32 6.81 90.30 -19.34
N ILE M 33 7.98 89.79 -18.95
CA ILE M 33 8.81 90.37 -17.92
C ILE M 33 9.75 91.35 -18.61
N LYS M 34 9.52 92.64 -18.27
CA LYS M 34 10.26 93.76 -18.86
C LYS M 34 11.66 93.76 -18.26
N ARG M 35 12.65 94.02 -19.10
CA ARG M 35 14.06 94.10 -18.64
C ARG M 35 14.30 95.06 -17.43
N THR M 36 15.34 94.80 -16.64
CA THR M 36 15.78 95.74 -15.60
C THR M 36 17.27 95.95 -15.67
N THR M 37 17.71 96.95 -14.92
CA THR M 37 19.12 97.23 -14.70
C THR M 37 19.56 96.92 -13.28
N VAL M 38 18.65 97.00 -12.28
CA VAL M 38 18.90 96.55 -10.89
C VAL M 38 19.85 95.38 -10.94
N LYS M 39 20.94 95.44 -10.17
CA LYS M 39 22.15 94.64 -10.50
C LYS M 39 22.09 93.23 -9.86
N THR M 40 21.84 93.29 -8.56
CA THR M 40 21.67 92.13 -7.74
C THR M 40 20.35 91.37 -8.15
N PRO M 41 20.33 90.04 -7.93
CA PRO M 41 19.19 89.18 -8.25
C PRO M 41 17.87 89.77 -7.75
N SER M 42 16.85 89.79 -8.61
CA SER M 42 15.55 90.31 -8.18
C SER M 42 14.40 89.53 -8.88
N TRP M 43 13.17 89.58 -8.33
CA TRP M 43 12.12 88.69 -8.87
C TRP M 43 10.85 89.41 -9.23
N ALA M 44 10.33 89.13 -10.43
CA ALA M 44 9.01 89.58 -10.81
C ALA M 44 7.97 88.58 -10.29
N VAL M 45 7.15 89.08 -9.36
CA VAL M 45 6.21 88.28 -8.63
C VAL M 45 4.80 88.56 -9.20
N ASP M 46 4.03 87.51 -9.48
CA ASP M 46 2.68 87.64 -10.07
C ASP M 46 1.90 86.37 -9.78
N MET M 47 0.82 86.13 -10.50
CA MET M 47 -0.18 85.20 -10.03
C MET M 47 -1.23 84.93 -11.07
N MET M 48 -1.83 83.76 -11.01
CA MET M 48 -2.85 83.33 -11.94
C MET M 48 -4.13 82.78 -11.27
N ARG M 49 -5.26 83.25 -11.79
CA ARG M 49 -6.57 82.68 -11.57
C ARG M 49 -7.20 82.09 -12.85
N PHE M 50 -8.19 81.24 -12.65
CA PHE M 50 -8.81 80.52 -13.73
C PHE M 50 -10.30 80.71 -13.61
N ASN M 51 -10.89 81.27 -14.66
CA ASN M 51 -12.31 81.42 -14.72
C ASN M 51 -12.85 80.83 -15.98
N ILE M 52 -13.82 79.94 -15.86
CA ILE M 52 -14.36 79.34 -17.05
C ILE M 52 -14.90 80.39 -17.99
N ASN M 53 -15.23 81.58 -17.53
CA ASN M 53 -15.68 82.64 -18.44
C ASN M 53 -14.72 82.89 -19.63
N ASP M 54 -13.42 82.78 -19.39
CA ASP M 54 -12.44 83.04 -20.41
C ASP M 54 -12.23 81.88 -21.36
N PHE M 55 -12.86 80.72 -21.11
CA PHE M 55 -12.64 79.48 -21.94
C PHE M 55 -13.82 79.07 -22.82
N LEU M 56 -15.00 79.61 -22.53
CA LEU M 56 -16.28 79.13 -23.03
C LEU M 56 -17.05 80.36 -23.44
N PRO M 57 -17.31 80.55 -24.72
CA PRO M 57 -18.00 81.82 -25.01
C PRO M 57 -19.53 81.73 -24.82
N PRO M 58 -20.19 82.86 -24.98
CA PRO M 58 -21.64 82.79 -24.97
C PRO M 58 -22.22 81.92 -26.08
N GLY M 59 -23.40 81.38 -25.81
CA GLY M 59 -24.18 80.61 -26.78
C GLY M 59 -25.06 81.50 -27.62
N GLY M 60 -26.10 80.90 -28.19
CA GLY M 60 -27.10 81.59 -29.00
C GLY M 60 -28.48 81.18 -28.58
N GLY M 61 -29.39 82.14 -28.62
CA GLY M 61 -30.80 81.94 -28.35
C GLY M 61 -31.18 81.42 -26.98
N SER M 62 -31.99 80.36 -26.99
CA SER M 62 -32.49 79.72 -25.80
C SER M 62 -31.45 78.92 -25.02
N ASN M 63 -30.28 78.73 -25.65
CA ASN M 63 -29.15 78.06 -25.03
C ASN M 63 -28.03 79.10 -24.76
N PRO M 64 -28.00 79.70 -23.55
CA PRO M 64 -27.07 80.82 -23.31
C PRO M 64 -25.60 80.47 -23.33
N ARG M 65 -25.22 79.19 -23.20
CA ARG M 65 -23.79 78.83 -23.16
C ARG M 65 -23.49 77.89 -24.28
N SER M 66 -22.28 78.08 -24.80
CA SER M 66 -21.80 77.37 -25.97
C SER M 66 -21.75 75.89 -25.71
N VAL M 67 -21.58 75.45 -24.45
CA VAL M 67 -21.80 74.04 -24.13
C VAL M 67 -23.11 73.91 -23.33
N PRO M 68 -24.04 73.06 -23.81
CA PRO M 68 -25.39 73.00 -23.23
C PRO M 68 -25.49 72.05 -22.04
N PHE M 69 -24.75 72.40 -20.98
CA PHE M 69 -24.86 71.73 -19.67
C PHE M 69 -25.21 72.65 -18.54
N GLU M 70 -25.75 72.06 -17.48
CA GLU M 70 -26.22 72.78 -16.32
C GLU M 70 -25.19 72.97 -15.23
N TYR M 71 -24.41 71.92 -14.99
CA TYR M 71 -23.39 71.94 -13.92
C TYR M 71 -22.00 71.61 -14.40
N TYR M 72 -21.00 72.12 -13.68
CA TYR M 72 -19.60 71.80 -13.99
C TYR M 72 -18.74 71.78 -12.75
N ARG M 73 -17.59 71.13 -12.88
CA ARG M 73 -16.51 71.25 -11.92
C ARG M 73 -15.20 71.01 -12.67
N ILE M 74 -14.17 71.73 -12.21
CA ILE M 74 -12.85 71.66 -12.78
C ILE M 74 -12.05 70.62 -12.06
N ARG M 75 -11.73 69.59 -12.80
CA ARG M 75 -11.03 68.43 -12.35
C ARG M 75 -9.53 68.67 -12.21
N LYS M 76 -8.98 69.41 -13.16
CA LYS M 76 -7.55 69.63 -13.28
C LYS M 76 -7.28 70.91 -14.11
N VAL M 77 -6.22 71.68 -13.84
CA VAL M 77 -5.74 72.74 -14.74
C VAL M 77 -4.29 72.41 -15.09
N LYS M 78 -3.87 72.88 -16.25
CA LYS M 78 -2.52 72.73 -16.70
C LYS M 78 -2.15 74.13 -17.15
N VAL M 79 -1.14 74.67 -16.51
CA VAL M 79 -0.57 75.95 -16.90
C VAL M 79 0.74 75.65 -17.54
N GLU M 80 0.90 76.11 -18.77
CA GLU M 80 2.14 75.99 -19.51
C GLU M 80 2.75 77.37 -19.95
N PHE M 81 4.01 77.55 -19.55
CA PHE M 81 4.81 78.72 -19.98
C PHE M 81 5.65 78.25 -21.14
N TRP M 82 5.24 78.59 -22.37
CA TRP M 82 6.06 78.34 -23.55
C TRP M 82 6.90 79.59 -23.85
N PRO M 83 8.21 79.51 -23.60
CA PRO M 83 9.09 80.68 -23.82
C PRO M 83 9.23 81.19 -25.24
N CYS M 84 9.26 82.52 -25.34
CA CYS M 84 9.55 83.16 -26.62
C CYS M 84 11.06 83.27 -26.89
N SER M 85 11.88 83.40 -25.84
CA SER M 85 13.28 83.70 -26.01
C SER M 85 14.03 82.53 -26.64
N PRO M 86 14.99 82.84 -27.49
CA PRO M 86 15.66 81.78 -28.22
C PRO M 86 16.60 81.02 -27.36
N ILE M 87 17.02 79.83 -27.78
CA ILE M 87 17.82 79.00 -26.86
C ILE M 87 19.25 79.48 -26.62
N THR M 88 19.63 80.54 -27.34
CA THR M 88 20.92 81.22 -27.32
C THR M 88 21.01 82.40 -26.39
N GLN M 89 19.95 82.73 -25.66
CA GLN M 89 19.97 83.96 -24.86
C GLN M 89 20.62 83.70 -23.53
N GLY M 90 21.23 84.75 -22.99
CA GLY M 90 22.01 84.72 -21.79
C GLY M 90 21.31 85.45 -20.66
N ASP M 91 22.06 85.75 -19.60
CA ASP M 91 21.48 86.31 -18.35
C ASP M 91 20.33 85.41 -17.92
N ARG M 92 20.70 84.13 -17.89
CA ARG M 92 19.83 83.09 -17.52
C ARG M 92 19.56 83.18 -16.05
N GLY M 93 18.32 82.87 -15.68
CA GLY M 93 17.84 83.00 -14.31
C GLY M 93 17.11 81.75 -13.85
N VAL M 94 16.80 81.77 -12.56
CA VAL M 94 16.05 80.73 -11.88
C VAL M 94 14.93 81.27 -10.92
N GLY M 95 13.66 80.95 -11.25
CA GLY M 95 12.52 81.30 -10.44
C GLY M 95 11.74 80.12 -9.85
N SER M 96 10.47 80.36 -9.54
CA SER M 96 9.64 79.42 -8.77
C SER M 96 8.21 79.55 -9.13
N SER M 97 7.49 78.44 -9.27
CA SER M 97 6.02 78.47 -9.32
C SER M 97 5.45 77.70 -8.11
N ALA M 98 4.36 78.18 -7.53
CA ALA M 98 3.69 77.44 -6.44
C ALA M 98 2.15 77.41 -6.63
N VAL M 99 1.54 76.38 -6.03
CA VAL M 99 0.12 76.16 -6.18
C VAL M 99 -0.55 76.80 -4.96
N ILE M 100 -1.36 77.82 -5.20
CA ILE M 100 -2.00 78.59 -4.18
C ILE M 100 -3.50 78.34 -4.23
N LEU M 101 -3.99 77.57 -3.25
CA LEU M 101 -5.31 77.04 -3.27
C LEU M 101 -6.31 77.84 -2.48
N ASP M 102 -5.90 78.99 -1.93
CA ASP M 102 -6.76 79.78 -1.01
C ASP M 102 -6.87 81.26 -1.39
N ASP M 103 -6.57 81.58 -2.62
CA ASP M 103 -6.61 82.95 -3.11
C ASP M 103 -5.65 83.92 -2.34
N ASN M 104 -4.58 83.43 -1.72
CA ASN M 104 -3.62 84.27 -0.93
C ASN M 104 -2.21 84.29 -1.59
N PHE M 105 -2.16 85.15 -2.59
CA PHE M 105 -0.99 85.35 -3.40
C PHE M 105 -0.08 86.37 -2.78
N VAL M 106 1.22 86.08 -2.86
CA VAL M 106 2.23 87.09 -2.58
C VAL M 106 2.01 88.32 -3.50
N THR M 107 1.96 89.47 -2.87
CA THR M 107 1.65 90.70 -3.57
C THR M 107 2.51 90.85 -4.82
N LYS M 108 1.88 91.21 -5.95
CA LYS M 108 2.57 91.52 -7.22
C LYS M 108 3.71 92.51 -7.01
N ALA M 109 4.90 92.18 -7.51
CA ALA M 109 6.10 92.99 -7.30
C ALA M 109 6.98 93.01 -8.59
N THR M 110 7.62 94.11 -8.92
CA THR M 110 8.36 94.15 -10.20
C THR M 110 9.79 93.54 -10.05
N ALA M 111 10.30 93.74 -8.80
CA ALA M 111 11.64 93.35 -8.40
C ALA M 111 11.81 93.15 -6.91
N LEU M 112 11.17 92.11 -6.38
CA LEU M 112 11.41 91.67 -5.00
C LEU M 112 12.85 91.14 -4.92
N THR M 113 13.46 91.22 -3.74
CA THR M 113 14.90 91.00 -3.60
C THR M 113 15.27 89.58 -3.26
N TYR M 114 14.24 88.77 -3.14
CA TYR M 114 14.36 87.33 -3.00
C TYR M 114 13.18 86.65 -3.72
N ASP M 115 13.25 85.31 -3.81
CA ASP M 115 12.20 84.50 -4.42
C ASP M 115 11.19 84.16 -3.34
N PRO M 116 10.05 84.83 -3.34
CA PRO M 116 9.09 84.63 -2.28
C PRO M 116 8.51 83.20 -2.18
N TYR M 117 8.49 82.49 -3.32
CA TYR M 117 7.89 81.15 -3.37
C TYR M 117 8.86 79.99 -3.18
N VAL M 118 10.14 80.26 -3.07
CA VAL M 118 11.12 79.19 -3.20
C VAL M 118 10.97 78.07 -2.11
N ASN M 119 10.59 78.45 -0.90
CA ASN M 119 10.44 77.50 0.15
C ASN M 119 9.07 76.84 0.24
N TYR M 120 8.12 77.25 -0.60
CA TYR M 120 6.77 76.69 -0.53
C TYR M 120 6.84 75.22 -0.86
N SER M 121 5.98 74.43 -0.19
CA SER M 121 5.93 72.97 -0.34
C SER M 121 5.58 72.63 -1.81
N SER M 122 4.70 73.45 -2.42
CA SER M 122 4.24 73.20 -3.77
C SER M 122 5.14 73.82 -4.87
N ARG M 123 6.39 74.13 -4.53
CA ARG M 123 7.30 74.79 -5.47
C ARG M 123 7.90 73.84 -6.45
N HIS M 124 7.87 74.29 -7.68
CA HIS M 124 8.65 73.71 -8.76
C HIS M 124 9.61 74.81 -9.21
N THR M 125 10.87 74.43 -9.43
CA THR M 125 11.83 75.38 -10.08
C THR M 125 11.47 75.80 -11.51
N ILE M 126 11.55 77.09 -11.82
CA ILE M 126 11.46 77.61 -13.20
C ILE M 126 12.87 78.02 -13.68
N THR M 127 13.18 77.71 -14.92
CA THR M 127 14.52 77.83 -15.49
C THR M 127 14.34 78.83 -16.65
N GLN M 128 15.09 79.91 -16.64
CA GLN M 128 14.74 81.06 -17.53
C GLN M 128 15.95 81.42 -18.34
N PRO M 129 15.73 82.00 -19.52
CA PRO M 129 14.43 82.35 -20.09
C PRO M 129 13.90 81.46 -21.24
N PHE M 130 14.62 80.41 -21.63
CA PHE M 130 14.25 79.68 -22.86
C PHE M 130 13.69 78.31 -22.61
N SER M 131 13.37 77.98 -21.38
CA SER M 131 12.88 76.63 -21.02
C SER M 131 11.39 76.64 -20.91
N TYR M 132 10.78 75.53 -21.28
CA TYR M 132 9.37 75.26 -20.90
C TYR M 132 9.14 75.15 -19.39
N HIS M 133 7.90 75.33 -18.96
CA HIS M 133 7.55 75.15 -17.53
C HIS M 133 6.08 74.91 -17.50
N SER M 134 5.66 73.85 -16.80
CA SER M 134 4.22 73.61 -16.60
C SER M 134 3.90 73.09 -15.23
N ARG M 135 2.65 73.29 -14.87
CA ARG M 135 2.09 72.75 -13.65
C ARG M 135 0.73 72.13 -13.97
N TYR M 136 0.35 71.22 -13.11
CA TYR M 136 -0.82 70.43 -13.34
C TYR M 136 -1.32 70.04 -11.99
N PHE M 137 -2.46 70.61 -11.60
CA PHE M 137 -3.05 70.38 -10.30
C PHE M 137 -4.59 70.55 -10.29
N THR M 138 -5.21 70.07 -9.23
CA THR M 138 -6.64 70.35 -9.03
C THR M 138 -6.76 71.77 -8.41
N PRO M 139 -7.31 72.71 -9.18
CA PRO M 139 -7.54 74.03 -8.64
C PRO M 139 -8.82 73.97 -7.80
N LYS M 140 -9.15 75.13 -7.20
CA LYS M 140 -10.29 75.29 -6.31
C LYS M 140 -11.05 76.57 -6.55
N PRO M 141 -12.41 76.47 -6.47
CA PRO M 141 -13.24 77.68 -6.52
C PRO M 141 -13.07 78.58 -5.29
N VAL M 142 -13.27 79.86 -5.53
CA VAL M 142 -13.24 80.88 -4.50
C VAL M 142 -14.69 80.99 -4.07
N LEU M 143 -15.03 80.23 -3.03
CA LEU M 143 -16.38 80.19 -2.47
C LEU M 143 -16.63 81.30 -1.47
N ASP M 144 -15.63 81.70 -0.70
CA ASP M 144 -15.80 82.80 0.22
C ASP M 144 -14.49 83.53 0.38
N SER M 145 -14.35 84.80 -0.05
CA SER M 145 -12.98 85.42 -0.02
C SER M 145 -12.58 86.02 1.31
N THR M 146 -13.39 85.78 2.30
CA THR M 146 -13.15 86.22 3.62
C THR M 146 -12.57 85.11 4.48
N ILE M 147 -13.05 83.88 4.29
CA ILE M 147 -12.53 82.68 4.99
C ILE M 147 -11.58 81.83 4.17
N ASP M 148 -11.75 81.80 2.86
CA ASP M 148 -10.88 81.03 1.93
C ASP M 148 -10.73 79.54 2.29
N TYR M 149 -11.78 78.80 1.95
CA TYR M 149 -11.82 77.39 2.22
C TYR M 149 -12.02 76.54 0.96
N PHE M 150 -11.48 75.35 1.05
CA PHE M 150 -11.49 74.51 -0.07
C PHE M 150 -11.44 73.05 0.34
N GLN M 151 -11.83 72.18 -0.58
CA GLN M 151 -11.92 70.74 -0.34
C GLN M 151 -10.57 70.09 -0.61
N PRO M 152 -10.24 69.05 0.13
CA PRO M 152 -9.17 68.12 -0.18
C PRO M 152 -9.28 67.56 -1.60
N ASN M 153 -8.12 67.37 -2.22
CA ASN M 153 -8.00 67.15 -3.69
C ASN M 153 -8.56 65.70 -3.81
N ASN M 154 -9.65 65.50 -4.54
CA ASN M 154 -10.50 64.29 -4.27
C ASN M 154 -11.63 64.14 -5.30
N LYS M 155 -11.92 62.91 -5.72
CA LYS M 155 -12.72 62.72 -6.92
C LYS M 155 -14.25 62.76 -6.72
N ARG M 156 -14.85 61.80 -6.05
CA ARG M 156 -16.32 61.69 -6.05
C ARG M 156 -17.05 62.66 -5.11
N ASN M 157 -16.32 63.37 -4.24
CA ASN M 157 -16.90 64.31 -3.27
C ASN M 157 -16.76 65.78 -3.66
N GLN M 158 -16.25 66.08 -4.86
CA GLN M 158 -15.95 67.47 -5.25
C GLN M 158 -17.20 68.20 -5.59
N LEU M 159 -17.34 69.41 -5.08
CA LEU M 159 -18.49 70.23 -5.38
C LEU M 159 -18.81 70.44 -6.86
N TRP M 160 -20.10 70.32 -7.14
CA TRP M 160 -20.63 70.76 -8.41
C TRP M 160 -20.95 72.26 -8.33
N LEU M 161 -20.81 72.94 -9.47
CA LEU M 161 -21.13 74.37 -9.60
C LEU M 161 -22.03 74.62 -10.77
N ARG M 162 -22.93 75.57 -10.64
CA ARG M 162 -23.77 75.97 -11.75
C ARG M 162 -22.91 76.56 -12.85
N LEU M 163 -23.19 76.15 -14.09
CA LEU M 163 -22.59 76.76 -15.27
C LEU M 163 -23.27 78.07 -15.56
N GLN M 164 -22.61 79.17 -15.32
CA GLN M 164 -23.23 80.46 -15.51
C GLN M 164 -22.87 80.97 -16.83
N THR M 165 -23.63 81.95 -17.29
CA THR M 165 -23.30 82.60 -18.57
C THR M 165 -22.16 83.60 -18.36
N ALA M 166 -22.36 84.37 -17.28
CA ALA M 166 -21.71 85.64 -17.03
C ALA M 166 -20.83 85.66 -15.78
N GLY M 167 -21.35 85.09 -14.71
CA GLY M 167 -20.75 85.37 -13.43
C GLY M 167 -20.11 84.15 -12.85
N ASN M 168 -19.27 83.48 -13.61
CA ASN M 168 -18.66 82.28 -13.07
C ASN M 168 -17.60 82.60 -12.02
N VAL M 169 -17.59 81.83 -10.96
CA VAL M 169 -16.63 81.92 -9.91
C VAL M 169 -15.18 81.60 -10.40
N ASP M 170 -14.25 82.48 -10.02
CA ASP M 170 -12.84 82.19 -10.21
C ASP M 170 -12.41 80.91 -9.50
N HIS M 171 -11.48 80.20 -10.14
CA HIS M 171 -10.75 79.07 -9.56
C HIS M 171 -9.28 79.40 -9.36
N VAL M 172 -8.66 78.77 -8.40
CA VAL M 172 -7.48 79.39 -7.92
C VAL M 172 -6.37 78.42 -7.70
N GLY M 173 -5.17 79.04 -7.78
CA GLY M 173 -4.13 78.41 -8.49
C GLY M 173 -2.70 78.73 -8.40
N LEU M 174 -2.18 79.75 -9.11
CA LEU M 174 -0.73 79.73 -9.34
C LEU M 174 0.06 81.00 -9.03
N GLY M 175 0.98 80.90 -8.09
CA GLY M 175 1.91 81.99 -7.85
C GLY M 175 3.21 81.87 -8.64
N THR M 176 3.71 82.99 -9.14
CA THR M 176 4.94 83.03 -9.99
C THR M 176 5.97 84.06 -9.53
N ALA M 177 7.21 83.65 -9.53
CA ALA M 177 8.33 84.53 -9.28
C ALA M 177 9.37 84.23 -10.36
N PHE M 178 9.47 85.10 -11.37
CA PHE M 178 10.50 84.97 -12.40
C PHE M 178 11.64 85.88 -12.04
N GLU M 179 12.86 85.37 -12.04
CA GLU M 179 14.05 86.23 -11.82
C GLU M 179 14.16 87.18 -13.04
N ASN M 180 14.40 88.48 -12.71
CA ASN M 180 14.51 89.56 -13.70
C ASN M 180 15.87 89.45 -14.33
N SER M 181 15.93 90.08 -15.51
CA SER M 181 17.02 89.97 -16.42
C SER M 181 17.34 91.29 -17.19
N ILE M 182 18.51 91.27 -17.79
CA ILE M 182 19.03 92.39 -18.57
C ILE M 182 18.31 92.47 -19.91
N TYR M 183 17.77 91.33 -20.39
CA TYR M 183 16.95 91.27 -21.62
C TYR M 183 15.53 91.05 -21.19
N ASP M 184 14.60 91.39 -22.08
CA ASP M 184 13.20 91.02 -21.90
C ASP M 184 12.97 89.52 -21.87
N GLN M 185 11.95 89.09 -21.11
CA GLN M 185 11.56 87.64 -21.05
C GLN M 185 10.11 87.51 -21.46
N GLU M 186 9.86 87.01 -22.66
CA GLU M 186 8.53 86.92 -23.18
C GLU M 186 8.09 85.48 -23.23
N TYR M 187 6.86 85.23 -22.73
CA TYR M 187 6.17 83.91 -22.78
C TYR M 187 4.82 83.92 -23.51
N ASN M 188 4.49 82.83 -24.20
CA ASN M 188 3.09 82.53 -24.49
C ASN M 188 2.69 81.53 -23.42
N ILE M 189 1.63 81.87 -22.69
CA ILE M 189 1.08 81.05 -21.64
C ILE M 189 -0.23 80.40 -22.08
N ARG M 190 -0.31 79.07 -21.96
CA ARG M 190 -1.53 78.33 -22.27
C ARG M 190 -2.05 77.64 -21.06
N VAL M 191 -3.29 77.96 -20.71
CA VAL M 191 -3.91 77.36 -19.58
C VAL M 191 -4.87 76.42 -20.19
N THR M 192 -4.96 75.23 -19.61
CA THR M 192 -5.97 74.29 -20.05
C THR M 192 -6.78 73.78 -18.88
N MET M 193 -8.10 73.82 -19.01
CA MET M 193 -8.98 73.34 -17.97
C MET M 193 -9.51 72.03 -18.39
N TYR M 194 -9.39 71.06 -17.51
CA TYR M 194 -9.97 69.74 -17.77
C TYR M 194 -11.26 69.70 -16.99
N VAL M 195 -12.37 69.75 -17.68
CA VAL M 195 -13.66 70.13 -17.11
C VAL M 195 -14.65 69.01 -17.24
N GLN M 196 -15.47 68.78 -16.20
CA GLN M 196 -16.49 67.75 -16.19
C GLN M 196 -17.79 68.45 -16.17
N PHE M 197 -18.62 68.21 -17.14
CA PHE M 197 -19.91 68.89 -17.20
C PHE M 197 -20.97 67.87 -16.84
N ARG M 198 -22.04 68.28 -16.21
CA ARG M 198 -23.13 67.39 -15.88
C ARG M 198 -24.48 68.02 -16.29
N GLU M 199 -25.40 67.17 -16.73
CA GLU M 199 -26.79 67.50 -17.00
C GLU M 199 -26.91 68.25 -18.27
N PHE M 200 -27.23 67.53 -19.32
CA PHE M 200 -27.39 68.09 -20.66
C PHE M 200 -28.69 68.86 -20.53
N ASN M 201 -28.73 70.13 -20.98
CA ASN M 201 -29.96 70.94 -20.84
C ASN M 201 -30.45 71.53 -22.12
N LEU M 202 -30.14 70.93 -23.27
CA LEU M 202 -30.37 71.66 -24.51
C LEU M 202 -31.86 71.99 -24.78
N LYS M 203 -32.09 73.23 -25.14
CA LYS M 203 -33.45 73.69 -25.45
C LYS M 203 -33.64 73.69 -26.93
N ASP M 204 -34.87 73.44 -27.41
CA ASP M 204 -35.06 73.27 -28.86
C ASP M 204 -36.31 73.94 -29.38
N PRO M 205 -36.33 75.28 -29.43
CA PRO M 205 -37.46 76.08 -29.94
C PRO M 205 -37.87 75.71 -31.37
N PRO M 206 -39.10 75.97 -31.78
CA PRO M 206 -39.46 75.54 -33.19
C PRO M 206 -38.71 76.20 -34.40
N SER N 19 -13.08 62.25 -29.23
CA SER N 19 -13.93 61.97 -28.03
C SER N 19 -15.43 61.99 -28.48
N HIS N 20 -16.13 60.95 -28.05
CA HIS N 20 -17.49 60.72 -28.47
C HIS N 20 -18.36 61.32 -27.44
N PHE N 21 -19.58 61.64 -27.84
CA PHE N 21 -20.53 62.14 -26.93
C PHE N 21 -21.88 61.60 -27.35
N ASN N 22 -22.47 60.75 -26.51
CA ASN N 22 -23.80 60.21 -26.78
C ASN N 22 -24.90 61.01 -26.13
N THR N 23 -25.91 61.43 -26.86
CA THR N 23 -27.04 62.06 -26.19
C THR N 23 -28.33 61.84 -26.92
N ARG N 24 -29.38 62.33 -26.32
CA ARG N 24 -30.70 62.15 -26.79
C ARG N 24 -31.39 63.51 -27.00
N LEU N 25 -31.97 63.70 -28.19
CA LEU N 25 -32.69 64.95 -28.53
C LEU N 25 -34.16 64.68 -28.84
N SER N 26 -35.08 65.50 -28.36
CA SER N 26 -36.51 65.25 -28.62
C SER N 26 -37.29 66.46 -29.15
N ARG N 27 -38.44 66.22 -29.72
CA ARG N 27 -39.38 67.27 -30.03
C ARG N 27 -40.76 66.63 -30.23
N THR N 28 -41.78 67.45 -30.14
CA THR N 28 -43.13 66.93 -29.99
C THR N 28 -43.96 67.83 -30.83
N PHE N 29 -44.74 67.24 -31.74
CA PHE N 29 -45.65 68.02 -32.59
C PHE N 29 -47.02 67.36 -32.77
N GLY N 30 -47.97 68.10 -33.30
CA GLY N 30 -49.33 67.64 -33.42
C GLY N 30 -49.57 66.86 -34.66
N TYR N 31 -50.50 65.92 -34.57
CA TYR N 31 -51.01 65.20 -35.72
C TYR N 31 -52.49 64.88 -35.52
N THR N 32 -53.31 65.31 -36.47
CA THR N 32 -54.75 65.04 -36.47
C THR N 32 -55.18 64.27 -37.70
N ILE N 33 -55.87 63.16 -37.50
CA ILE N 33 -56.56 62.47 -38.58
C ILE N 33 -58.03 62.93 -38.55
N LYS N 34 -58.44 63.76 -39.54
CA LYS N 34 -59.76 64.36 -39.41
C LYS N 34 -60.83 63.36 -39.80
N ARG N 35 -62.02 63.54 -39.23
CA ARG N 35 -63.12 62.56 -39.24
C ARG N 35 -63.60 62.35 -40.64
N THR N 36 -64.02 61.13 -41.01
CA THR N 36 -64.72 60.87 -42.24
C THR N 36 -66.12 60.32 -42.02
N THR N 37 -66.78 60.16 -43.16
CA THR N 37 -68.10 59.60 -43.27
C THR N 37 -68.12 58.42 -44.25
N VAL N 38 -67.08 58.21 -45.05
CA VAL N 38 -66.86 56.91 -45.70
C VAL N 38 -67.18 55.84 -44.64
N LYS N 39 -68.12 54.95 -44.92
CA LYS N 39 -68.63 54.02 -43.86
C LYS N 39 -67.73 52.78 -43.75
N THR N 40 -67.20 52.37 -44.92
CA THR N 40 -66.39 51.17 -45.05
C THR N 40 -64.99 51.48 -44.66
N PRO N 41 -64.29 50.47 -44.13
CA PRO N 41 -62.94 50.70 -43.62
C PRO N 41 -62.08 51.36 -44.65
N SER N 42 -61.53 52.54 -44.27
CA SER N 42 -60.53 53.31 -45.06
C SER N 42 -59.34 53.70 -44.20
N TRP N 43 -58.22 54.07 -44.81
CA TRP N 43 -57.03 54.45 -44.07
C TRP N 43 -56.34 55.77 -44.55
N ALA N 44 -55.82 56.50 -43.55
CA ALA N 44 -55.07 57.72 -43.68
C ALA N 44 -53.56 57.38 -43.66
N VAL N 45 -52.92 57.62 -44.81
CA VAL N 45 -51.59 57.14 -45.10
C VAL N 45 -50.63 58.28 -45.19
N ASP N 46 -49.59 58.24 -44.38
CA ASP N 46 -48.65 59.29 -44.33
C ASP N 46 -47.25 58.77 -44.03
N MET N 47 -46.33 59.66 -43.74
CA MET N 47 -44.91 59.34 -43.71
C MET N 47 -44.19 60.25 -42.74
N MET N 48 -42.96 59.90 -42.47
CA MET N 48 -42.17 60.58 -41.52
C MET N 48 -40.75 60.49 -41.91
N ARG N 49 -40.12 61.66 -41.96
CA ARG N 49 -38.69 61.78 -42.02
C ARG N 49 -38.17 62.43 -40.75
N PHE N 50 -36.87 62.38 -40.59
CA PHE N 50 -36.23 62.97 -39.42
C PHE N 50 -35.05 63.72 -39.87
N ASN N 51 -34.92 64.93 -39.39
CA ASN N 51 -33.81 65.78 -39.80
C ASN N 51 -33.29 66.57 -38.60
N ILE N 52 -32.02 66.36 -38.23
CA ILE N 52 -31.43 66.99 -37.03
C ILE N 52 -31.56 68.50 -37.01
N ASN N 53 -31.75 69.14 -38.15
CA ASN N 53 -32.12 70.55 -38.11
C ASN N 53 -33.31 70.88 -37.21
N ASP N 54 -34.24 69.95 -36.98
CA ASP N 54 -35.39 70.21 -36.17
C ASP N 54 -35.14 69.86 -34.68
N PHE N 55 -33.94 69.39 -34.32
CA PHE N 55 -33.59 68.95 -32.93
C PHE N 55 -32.53 69.79 -32.23
N LEU N 56 -31.76 70.46 -33.08
CA LEU N 56 -30.58 71.15 -32.70
C LEU N 56 -30.75 72.54 -33.24
N PRO N 57 -30.91 73.52 -32.35
CA PRO N 57 -30.94 74.90 -32.88
C PRO N 57 -29.56 75.45 -33.31
N PRO N 58 -29.58 76.57 -34.09
CA PRO N 58 -28.30 77.32 -34.28
C PRO N 58 -27.68 77.75 -32.93
N GLY N 59 -26.37 77.81 -32.88
CA GLY N 59 -25.68 78.44 -31.75
C GLY N 59 -25.49 79.94 -32.05
N GLY N 60 -24.31 80.45 -31.74
CA GLY N 60 -23.96 81.83 -32.03
C GLY N 60 -22.48 82.06 -32.02
N GLY N 61 -22.10 83.24 -32.49
CA GLY N 61 -20.70 83.62 -32.61
C GLY N 61 -19.86 82.63 -33.42
N SER N 62 -18.70 82.30 -32.88
CA SER N 62 -17.80 81.34 -33.53
C SER N 62 -18.22 79.82 -33.47
N ASN N 63 -19.28 79.51 -32.69
CA ASN N 63 -19.84 78.18 -32.48
C ASN N 63 -21.23 78.20 -33.09
N PRO N 64 -21.32 77.82 -34.37
CA PRO N 64 -22.57 78.09 -35.07
C PRO N 64 -23.64 77.05 -34.79
N ARG N 65 -23.29 75.94 -34.12
CA ARG N 65 -24.28 74.94 -33.73
C ARG N 65 -24.28 74.91 -32.24
N SER N 66 -25.42 74.56 -31.70
CA SER N 66 -25.64 74.62 -30.28
C SER N 66 -24.97 73.47 -29.57
N VAL N 67 -24.62 72.38 -30.27
CA VAL N 67 -23.59 71.47 -29.72
C VAL N 67 -22.31 71.65 -30.50
N PRO N 68 -21.20 71.76 -29.79
CA PRO N 68 -19.89 72.00 -30.45
C PRO N 68 -19.19 70.71 -30.95
N PHE N 69 -19.76 70.08 -31.95
CA PHE N 69 -19.15 68.93 -32.51
C PHE N 69 -19.10 68.99 -34.03
N GLU N 70 -18.01 68.48 -34.58
CA GLU N 70 -17.82 68.49 -36.00
C GLU N 70 -18.69 67.44 -36.68
N TYR N 71 -18.78 66.23 -36.12
CA TYR N 71 -19.50 65.10 -36.75
C TYR N 71 -20.57 64.47 -35.89
N TYR N 72 -21.52 63.83 -36.55
CA TYR N 72 -22.55 63.07 -35.84
C TYR N 72 -22.99 61.87 -36.65
N ARG N 73 -23.64 60.94 -35.98
CA ARG N 73 -24.50 59.98 -36.65
C ARG N 73 -25.64 59.51 -35.74
N ILE N 74 -26.76 59.12 -36.35
CA ILE N 74 -27.97 58.80 -35.55
C ILE N 74 -28.05 57.33 -35.39
N ARG N 75 -27.87 56.92 -34.15
CA ARG N 75 -27.79 55.54 -33.75
C ARG N 75 -29.19 54.91 -33.78
N LYS N 76 -30.18 55.64 -33.28
CA LYS N 76 -31.57 55.15 -33.16
C LYS N 76 -32.54 56.34 -33.23
N VAL N 77 -33.81 56.08 -33.53
CA VAL N 77 -34.84 57.06 -33.37
C VAL N 77 -35.94 56.38 -32.62
N LYS N 78 -36.59 57.07 -31.68
CA LYS N 78 -37.85 56.56 -31.10
C LYS N 78 -38.95 57.45 -31.64
N VAL N 79 -40.00 56.89 -32.21
CA VAL N 79 -41.16 57.69 -32.60
C VAL N 79 -42.24 57.24 -31.65
N GLU N 80 -42.79 58.19 -30.88
CA GLU N 80 -43.89 57.95 -29.95
C GLU N 80 -45.16 58.68 -30.36
N PHE N 81 -46.24 57.91 -30.51
CA PHE N 81 -47.57 58.44 -30.74
C PHE N 81 -48.38 58.49 -29.42
N TRP N 82 -48.55 59.67 -28.82
CA TRP N 82 -49.19 59.79 -27.53
C TRP N 82 -50.63 60.21 -27.79
N PRO N 83 -51.60 59.30 -27.61
CA PRO N 83 -52.97 59.64 -27.96
C PRO N 83 -53.51 60.80 -27.22
N CYS N 84 -54.23 61.69 -27.90
CA CYS N 84 -55.01 62.74 -27.21
C CYS N 84 -56.43 62.21 -26.87
N SER N 85 -56.95 61.23 -27.63
CA SER N 85 -58.38 60.84 -27.42
C SER N 85 -58.52 60.11 -26.10
N PRO N 86 -59.65 60.34 -25.41
CA PRO N 86 -59.87 59.65 -24.15
C PRO N 86 -60.20 58.20 -24.39
N ILE N 87 -60.09 57.43 -23.31
CA ILE N 87 -60.41 55.98 -23.35
C ILE N 87 -61.92 55.70 -23.50
N THR N 88 -62.76 56.71 -23.27
CA THR N 88 -64.17 56.61 -23.69
C THR N 88 -64.47 56.60 -25.19
N GLN N 89 -63.53 56.93 -26.08
CA GLN N 89 -63.94 57.21 -27.48
C GLN N 89 -64.16 55.88 -28.15
N GLY N 90 -65.21 55.79 -28.95
CA GLY N 90 -65.55 54.60 -29.76
C GLY N 90 -65.12 54.73 -31.21
N ASP N 91 -65.79 53.97 -32.07
CA ASP N 91 -65.35 53.72 -33.42
C ASP N 91 -63.85 53.58 -33.47
N ARG N 92 -63.39 52.68 -32.62
CA ARG N 92 -61.99 52.31 -32.55
C ARG N 92 -61.61 51.56 -33.79
N GLY N 93 -60.31 51.59 -34.09
CA GLY N 93 -59.78 51.10 -35.35
C GLY N 93 -58.41 50.50 -35.19
N VAL N 94 -57.85 50.06 -36.32
CA VAL N 94 -56.61 49.30 -36.34
C VAL N 94 -55.84 49.64 -37.63
N GLY N 95 -54.57 50.02 -37.43
CA GLY N 95 -53.68 50.50 -38.50
C GLY N 95 -52.25 49.96 -38.37
N SER N 96 -51.33 50.57 -39.14
CA SER N 96 -49.97 49.98 -39.29
C SER N 96 -48.87 51.02 -39.36
N SER N 97 -47.75 50.77 -38.68
CA SER N 97 -46.50 51.55 -38.91
C SER N 97 -45.47 50.63 -39.50
N ALA N 98 -44.71 51.15 -40.46
CA ALA N 98 -43.57 50.37 -41.06
C ALA N 98 -42.33 51.21 -41.13
N VAL N 99 -41.21 50.51 -41.08
CA VAL N 99 -39.94 51.16 -41.19
C VAL N 99 -39.53 51.21 -42.66
N ILE N 100 -39.26 52.42 -43.12
CA ILE N 100 -38.88 52.71 -44.51
C ILE N 100 -37.47 53.30 -44.57
N LEU N 101 -36.52 52.52 -45.06
CA LEU N 101 -35.10 52.87 -44.92
C LEU N 101 -34.53 53.44 -46.18
N ASP N 102 -35.31 53.48 -47.24
CA ASP N 102 -34.81 53.76 -48.57
C ASP N 102 -35.59 54.95 -49.15
N ASP N 103 -36.22 55.73 -48.26
CA ASP N 103 -36.97 56.92 -48.63
C ASP N 103 -38.11 56.70 -49.67
N ASN N 104 -38.72 55.53 -49.72
CA ASN N 104 -39.76 55.27 -50.68
C ASN N 104 -41.08 54.85 -49.99
N PHE N 105 -41.92 55.83 -49.72
CA PHE N 105 -43.10 55.63 -48.90
C PHE N 105 -44.29 55.36 -49.75
N VAL N 106 -45.34 54.72 -49.23
CA VAL N 106 -46.67 54.73 -49.92
C VAL N 106 -47.14 56.20 -49.94
N THR N 107 -47.82 56.54 -51.02
CA THR N 107 -48.22 57.90 -51.28
C THR N 107 -49.25 58.34 -50.28
N LYS N 108 -49.10 59.58 -49.79
CA LYS N 108 -50.12 60.22 -48.97
C LYS N 108 -51.51 59.94 -49.49
N ALA N 109 -52.40 59.51 -48.62
CA ALA N 109 -53.78 59.24 -48.99
C ALA N 109 -54.71 59.51 -47.81
N THR N 110 -55.88 60.05 -48.10
CA THR N 110 -56.80 60.43 -47.03
C THR N 110 -57.62 59.27 -46.52
N ALA N 111 -58.09 58.47 -47.50
CA ALA N 111 -58.96 57.31 -47.35
C ALA N 111 -58.62 56.16 -48.28
N LEU N 112 -57.42 55.60 -48.22
CA LEU N 112 -57.16 54.37 -49.01
C LEU N 112 -58.13 53.26 -48.62
N THR N 113 -58.49 52.38 -49.52
CA THR N 113 -59.45 51.32 -49.17
C THR N 113 -58.87 50.06 -48.50
N TYR N 114 -57.57 50.08 -48.19
CA TYR N 114 -56.92 48.98 -47.46
C TYR N 114 -55.74 49.59 -46.75
N ASP N 115 -55.28 48.87 -45.73
CA ASP N 115 -54.08 49.29 -45.02
C ASP N 115 -52.87 48.87 -45.89
N PRO N 116 -52.24 49.85 -46.58
CA PRO N 116 -51.15 49.51 -47.45
C PRO N 116 -49.89 49.00 -46.77
N TYR N 117 -49.71 49.17 -45.45
CA TYR N 117 -48.50 48.72 -44.81
C TYR N 117 -48.64 47.44 -44.03
N VAL N 118 -49.78 46.77 -44.17
CA VAL N 118 -50.09 45.72 -43.21
C VAL N 118 -49.19 44.49 -43.40
N ASN N 119 -48.71 44.26 -44.61
CA ASN N 119 -47.99 43.03 -44.95
C ASN N 119 -46.53 43.24 -44.85
N TYR N 120 -46.10 44.47 -44.58
CA TYR N 120 -44.70 44.80 -44.54
C TYR N 120 -43.99 44.01 -43.44
N SER N 121 -42.78 43.57 -43.71
CA SER N 121 -42.07 42.76 -42.71
C SER N 121 -41.88 43.53 -41.40
N SER N 122 -41.52 44.81 -41.45
CA SER N 122 -41.30 45.66 -40.27
C SER N 122 -42.60 46.21 -39.67
N ARG N 123 -43.76 45.82 -40.22
CA ARG N 123 -45.04 46.30 -39.72
C ARG N 123 -45.22 45.99 -38.27
N HIS N 124 -45.64 47.00 -37.51
CA HIS N 124 -46.28 46.85 -36.17
C HIS N 124 -47.72 47.39 -36.20
N THR N 125 -48.59 46.82 -35.35
CA THR N 125 -49.99 47.19 -35.39
C THR N 125 -50.24 48.41 -34.52
N ILE N 126 -51.09 49.32 -34.99
CA ILE N 126 -51.55 50.49 -34.23
C ILE N 126 -52.99 50.25 -33.83
N THR N 127 -53.29 50.68 -32.63
CA THR N 127 -54.56 50.44 -31.97
C THR N 127 -55.06 51.84 -31.75
N GLN N 128 -56.28 52.12 -32.13
CA GLN N 128 -56.75 53.47 -32.21
C GLN N 128 -58.06 53.60 -31.52
N PRO N 129 -58.41 54.74 -30.93
CA PRO N 129 -57.67 56.00 -30.99
C PRO N 129 -57.00 56.43 -29.63
N PHE N 130 -57.03 55.57 -28.62
CA PHE N 130 -56.62 55.96 -27.28
C PHE N 130 -55.40 55.20 -26.76
N SER N 131 -54.58 54.66 -27.65
CA SER N 131 -53.47 53.80 -27.23
C SER N 131 -52.15 54.38 -27.68
N TYR N 132 -51.15 54.23 -26.82
CA TYR N 132 -49.78 54.60 -27.18
C TYR N 132 -49.33 53.70 -28.36
N HIS N 133 -48.51 54.21 -29.26
CA HIS N 133 -47.76 53.38 -30.20
C HIS N 133 -46.34 53.93 -30.26
N SER N 134 -45.31 53.06 -30.18
CA SER N 134 -43.91 53.52 -30.47
C SER N 134 -43.17 52.60 -31.38
N ARG N 135 -42.23 53.19 -32.12
CA ARG N 135 -41.19 52.44 -32.82
C ARG N 135 -39.84 52.97 -32.43
N TYR N 136 -38.85 52.10 -32.60
CA TYR N 136 -37.47 52.32 -32.15
C TYR N 136 -36.57 51.51 -33.04
N PHE N 137 -35.84 52.15 -33.94
CA PHE N 137 -35.01 51.51 -34.95
C PHE N 137 -33.84 52.38 -35.38
N THR N 138 -32.90 51.85 -36.17
CA THR N 138 -31.85 52.68 -36.77
C THR N 138 -32.35 53.25 -38.11
N PRO N 139 -32.55 54.58 -38.17
CA PRO N 139 -32.98 55.14 -39.46
C PRO N 139 -31.77 55.21 -40.37
N LYS N 140 -31.93 55.76 -41.57
CA LYS N 140 -30.78 55.89 -42.49
C LYS N 140 -30.75 57.20 -43.27
N PRO N 141 -29.57 57.76 -43.39
CA PRO N 141 -29.49 59.00 -44.12
C PRO N 141 -29.85 58.87 -45.61
N VAL N 142 -30.48 59.89 -46.19
CA VAL N 142 -30.83 59.88 -47.61
C VAL N 142 -29.58 60.38 -48.35
N LEU N 143 -28.75 59.46 -48.79
CA LEU N 143 -27.48 59.83 -49.40
C LEU N 143 -27.56 60.14 -50.87
N ASP N 144 -28.40 59.44 -51.59
CA ASP N 144 -28.63 59.66 -53.01
C ASP N 144 -30.04 59.10 -53.24
N SER N 145 -30.99 59.97 -53.59
CA SER N 145 -32.40 59.54 -53.78
C SER N 145 -32.74 59.05 -55.16
N THR N 146 -31.74 58.87 -56.00
CA THR N 146 -31.90 58.21 -57.28
C THR N 146 -31.82 56.71 -57.10
N ILE N 147 -30.79 56.29 -56.35
CA ILE N 147 -30.45 54.90 -56.11
C ILE N 147 -30.99 54.40 -54.77
N ASP N 148 -31.15 55.30 -53.81
CA ASP N 148 -31.69 54.97 -52.48
C ASP N 148 -30.98 53.80 -51.80
N TYR N 149 -29.73 54.00 -51.44
CA TYR N 149 -28.96 52.96 -50.78
C TYR N 149 -28.70 53.27 -49.29
N PHE N 150 -28.66 52.21 -48.51
CA PHE N 150 -28.34 52.38 -47.10
C PHE N 150 -27.52 51.22 -46.61
N GLN N 151 -26.89 51.49 -45.47
CA GLN N 151 -26.00 50.57 -44.80
C GLN N 151 -26.79 49.61 -43.95
N PRO N 152 -26.33 48.34 -43.84
CA PRO N 152 -27.01 47.45 -42.91
C PRO N 152 -26.78 47.85 -41.48
N ASN N 153 -27.82 47.61 -40.67
CA ASN N 153 -27.93 48.01 -39.23
C ASN N 153 -26.70 47.38 -38.49
N ASN N 154 -25.91 48.22 -37.82
CA ASN N 154 -24.52 47.85 -37.44
C ASN N 154 -24.00 48.97 -36.50
N LYS N 155 -22.85 48.72 -35.88
CA LYS N 155 -22.29 49.60 -34.87
C LYS N 155 -21.04 50.35 -35.40
N ARG N 156 -19.87 49.71 -35.35
CA ARG N 156 -18.66 50.42 -35.66
C ARG N 156 -18.37 50.81 -37.15
N ASN N 157 -19.29 50.55 -38.08
CA ASN N 157 -19.17 50.89 -39.49
C ASN N 157 -20.10 51.98 -39.98
N GLN N 158 -21.00 52.45 -39.10
CA GLN N 158 -21.97 53.44 -39.50
C GLN N 158 -21.23 54.68 -39.96
N LEU N 159 -21.55 55.09 -41.17
CA LEU N 159 -21.20 56.39 -41.66
C LEU N 159 -21.27 57.54 -40.63
N TRP N 160 -20.20 58.33 -40.64
CA TRP N 160 -20.20 59.66 -39.96
C TRP N 160 -20.69 60.79 -40.86
N LEU N 161 -21.45 61.72 -40.34
CA LEU N 161 -21.89 62.85 -41.15
C LEU N 161 -21.40 64.21 -40.59
N ARG N 162 -21.29 65.21 -41.45
CA ARG N 162 -20.84 66.50 -41.02
C ARG N 162 -21.98 67.05 -40.27
N LEU N 163 -21.72 67.61 -39.10
CA LEU N 163 -22.74 68.40 -38.42
C LEU N 163 -22.88 69.75 -39.08
N GLN N 164 -23.93 69.95 -39.87
CA GLN N 164 -24.12 71.24 -40.57
C GLN N 164 -24.98 72.21 -39.76
N THR N 165 -24.74 73.51 -39.94
CA THR N 165 -25.59 74.50 -39.24
C THR N 165 -27.04 74.43 -39.77
N ALA N 166 -27.14 74.19 -41.07
CA ALA N 166 -28.20 74.72 -41.88
C ALA N 166 -28.99 73.73 -42.74
N GLY N 167 -28.30 72.80 -43.38
CA GLY N 167 -28.98 72.02 -44.45
C GLY N 167 -28.68 70.58 -44.25
N ASN N 168 -28.97 70.09 -43.07
CA ASN N 168 -28.62 68.73 -42.76
C ASN N 168 -29.46 67.75 -43.60
N VAL N 169 -28.92 66.56 -43.75
CA VAL N 169 -29.49 65.56 -44.58
C VAL N 169 -30.67 64.89 -43.85
N ASP N 170 -31.75 64.65 -44.60
CA ASP N 170 -32.88 63.92 -44.09
C ASP N 170 -32.48 62.47 -43.77
N HIS N 171 -33.02 61.92 -42.72
CA HIS N 171 -32.87 60.55 -42.38
C HIS N 171 -34.24 59.94 -42.45
N VAL N 172 -34.23 58.62 -42.57
CA VAL N 172 -35.43 58.05 -43.07
C VAL N 172 -35.86 56.80 -42.37
N GLY N 173 -37.20 56.66 -42.44
CA GLY N 173 -37.96 56.33 -41.30
C GLY N 173 -39.28 55.67 -41.39
N LEU N 174 -40.38 56.40 -41.25
CA LEU N 174 -41.63 55.71 -40.85
C LEU N 174 -42.83 55.93 -41.74
N GLY N 175 -43.45 54.83 -42.15
CA GLY N 175 -44.69 54.92 -42.91
C GLY N 175 -45.87 54.66 -42.00
N THR N 176 -46.94 55.42 -42.11
CA THR N 176 -48.05 55.27 -41.17
C THR N 176 -49.32 55.09 -41.89
N ALA N 177 -50.16 54.19 -41.38
CA ALA N 177 -51.51 54.01 -41.88
C ALA N 177 -52.50 53.93 -40.73
N PHE N 178 -53.27 54.99 -40.58
CA PHE N 178 -54.29 55.06 -39.49
C PHE N 178 -55.68 54.84 -40.09
N GLU N 179 -56.43 53.92 -39.50
CA GLU N 179 -57.80 53.67 -39.90
C GLU N 179 -58.59 54.91 -39.58
N ASN N 180 -59.41 55.34 -40.53
CA ASN N 180 -60.20 56.58 -40.39
C ASN N 180 -61.33 56.25 -39.45
N SER N 181 -61.93 57.30 -38.85
CA SER N 181 -63.03 57.13 -37.89
C SER N 181 -64.16 58.16 -38.09
N ILE N 182 -65.31 57.89 -37.49
CA ILE N 182 -66.45 58.82 -37.35
C ILE N 182 -66.09 60.10 -36.55
N TYR N 183 -65.07 60.00 -35.69
CA TYR N 183 -64.53 61.10 -34.89
C TYR N 183 -63.10 61.46 -35.30
N ASP N 184 -62.63 62.64 -34.89
CA ASP N 184 -61.24 63.02 -35.07
C ASP N 184 -60.27 62.22 -34.20
N GLN N 185 -59.04 61.99 -34.67
CA GLN N 185 -58.01 61.32 -33.85
C GLN N 185 -56.78 62.21 -33.83
N GLU N 186 -56.57 62.84 -32.68
CA GLU N 186 -55.56 63.81 -32.46
C GLU N 186 -54.49 63.00 -31.74
N TYR N 187 -53.23 63.33 -32.01
CA TYR N 187 -52.04 62.75 -31.36
C TYR N 187 -51.00 63.86 -31.05
N ASN N 188 -50.28 63.75 -29.93
CA ASN N 188 -48.94 64.39 -29.81
C ASN N 188 -47.93 63.37 -30.18
N ILE N 189 -47.14 63.66 -31.19
CA ILE N 189 -46.05 62.77 -31.60
C ILE N 189 -44.75 63.29 -31.03
N ARG N 190 -43.99 62.43 -30.37
CA ARG N 190 -42.67 62.80 -29.92
C ARG N 190 -41.64 61.94 -30.58
N VAL N 191 -40.66 62.58 -31.15
CA VAL N 191 -39.57 61.88 -31.80
C VAL N 191 -38.37 62.19 -31.02
N THR N 192 -37.55 61.19 -30.85
CA THR N 192 -36.39 61.27 -30.02
C THR N 192 -35.24 60.66 -30.83
N MET N 193 -34.16 61.40 -31.02
CA MET N 193 -32.96 60.94 -31.73
C MET N 193 -31.86 60.66 -30.75
N TYR N 194 -31.36 59.44 -30.82
CA TYR N 194 -30.23 58.93 -30.05
C TYR N 194 -29.05 59.19 -30.95
N VAL N 195 -28.33 60.28 -30.67
CA VAL N 195 -27.30 60.78 -31.57
C VAL N 195 -25.92 60.62 -30.99
N GLN N 196 -24.99 60.25 -31.84
CA GLN N 196 -23.59 60.15 -31.40
C GLN N 196 -22.83 61.28 -32.05
N PHE N 197 -22.29 62.19 -31.24
CA PHE N 197 -21.43 63.24 -31.76
C PHE N 197 -19.90 62.85 -31.60
N ARG N 198 -19.08 63.27 -32.56
CA ARG N 198 -17.63 63.06 -32.59
C ARG N 198 -16.90 64.36 -32.94
N GLU N 199 -15.79 64.61 -32.20
CA GLU N 199 -14.85 65.72 -32.38
C GLU N 199 -15.37 66.98 -31.76
N PHE N 200 -14.90 67.28 -30.55
CA PHE N 200 -15.27 68.54 -29.94
C PHE N 200 -14.57 69.66 -30.69
N ASN N 201 -15.26 70.72 -31.08
CA ASN N 201 -14.65 71.77 -31.96
C ASN N 201 -14.80 73.21 -31.45
N LEU N 202 -14.81 73.38 -30.14
CA LEU N 202 -15.31 74.60 -29.54
C LEU N 202 -14.39 75.72 -29.81
N LYS N 203 -14.89 76.74 -30.48
CA LYS N 203 -14.12 77.95 -30.69
C LYS N 203 -14.29 78.89 -29.49
N ASP N 204 -13.24 79.64 -29.16
CA ASP N 204 -13.17 80.52 -27.99
C ASP N 204 -12.44 81.81 -28.28
N PRO N 205 -13.10 82.70 -29.02
CA PRO N 205 -12.46 84.00 -29.31
C PRO N 205 -12.27 84.81 -28.04
N PRO N 206 -11.36 85.81 -27.98
CA PRO N 206 -11.19 86.58 -26.70
C PRO N 206 -12.13 87.77 -26.52
N SER O 19 -65.38 2.82 -22.25
CA SER O 19 -66.26 2.87 -21.01
C SER O 19 -66.66 4.29 -20.42
N HIS O 20 -65.68 5.19 -20.22
CA HIS O 20 -65.87 6.57 -19.70
C HIS O 20 -65.69 7.63 -20.71
N PHE O 21 -66.46 8.71 -20.59
CA PHE O 21 -66.41 9.89 -21.48
C PHE O 21 -66.56 11.13 -20.61
N ASN O 22 -65.57 12.02 -20.68
CA ASN O 22 -65.52 13.21 -19.86
C ASN O 22 -65.97 14.32 -20.72
N THR O 23 -66.88 15.16 -20.32
CA THR O 23 -67.12 16.30 -21.17
C THR O 23 -67.69 17.43 -20.43
N ARG O 24 -67.88 18.50 -21.16
CA ARG O 24 -68.23 19.76 -20.65
C ARG O 24 -69.54 20.22 -21.30
N LEU O 25 -70.51 20.61 -20.49
CA LEU O 25 -71.78 21.09 -21.02
C LEU O 25 -72.13 22.46 -20.48
N SER O 26 -72.61 23.37 -21.33
CA SER O 26 -72.87 24.74 -20.90
C SER O 26 -74.19 25.29 -21.24
N ARG O 27 -74.64 26.25 -20.44
CA ARG O 27 -75.78 27.09 -20.77
C ARG O 27 -75.64 28.47 -20.18
N THR O 28 -76.24 29.47 -20.82
CA THR O 28 -76.15 30.85 -20.38
C THR O 28 -77.54 31.40 -20.22
N PHE O 29 -77.80 32.23 -19.22
CA PHE O 29 -79.13 32.85 -19.02
C PHE O 29 -79.09 34.23 -18.32
N GLY O 30 -80.18 34.97 -18.31
CA GLY O 30 -80.11 36.31 -17.77
C GLY O 30 -80.36 36.37 -16.30
N TYR O 31 -79.80 37.38 -15.65
CA TYR O 31 -80.15 37.73 -14.26
C TYR O 31 -80.14 39.28 -14.12
N THR O 32 -81.17 39.83 -13.53
CA THR O 32 -81.31 41.25 -13.24
C THR O 32 -81.62 41.45 -11.77
N ILE O 33 -80.81 42.25 -11.09
CA ILE O 33 -81.14 42.83 -9.83
C ILE O 33 -81.75 44.18 -10.12
N LYS O 34 -83.00 44.35 -9.70
CA LYS O 34 -83.80 45.53 -10.00
C LYS O 34 -83.34 46.66 -9.11
N ARG O 35 -83.40 47.89 -9.64
CA ARG O 35 -82.86 49.06 -8.97
C ARG O 35 -83.72 49.32 -7.73
N THR O 36 -83.12 49.72 -6.60
CA THR O 36 -83.88 50.17 -5.43
C THR O 36 -83.67 51.66 -5.11
N THR O 37 -84.55 52.15 -4.29
CA THR O 37 -84.41 53.42 -3.62
C THR O 37 -84.30 53.24 -2.11
N VAL O 38 -84.20 52.02 -1.57
CA VAL O 38 -83.86 51.84 -0.14
C VAL O 38 -82.54 52.59 0.10
N LYS O 39 -82.42 53.37 1.17
CA LYS O 39 -81.22 54.25 1.34
C LYS O 39 -79.96 53.45 1.87
N THR O 40 -80.15 52.92 3.08
CA THR O 40 -79.22 52.02 3.71
C THR O 40 -78.86 50.77 2.85
N PRO O 41 -77.62 50.25 3.03
CA PRO O 41 -77.17 49.02 2.44
C PRO O 41 -78.15 47.90 2.59
N SER O 42 -78.43 47.26 1.46
CA SER O 42 -79.26 46.08 1.38
C SER O 42 -78.82 45.08 0.25
N TRP O 43 -79.31 43.84 0.33
CA TRP O 43 -78.83 42.76 -0.52
C TRP O 43 -80.00 41.98 -1.12
N ALA O 44 -79.86 41.65 -2.40
CA ALA O 44 -80.65 40.66 -3.09
C ALA O 44 -80.14 39.19 -2.92
N VAL O 45 -80.95 38.38 -2.24
CA VAL O 45 -80.55 37.02 -1.88
C VAL O 45 -81.27 36.01 -2.76
N ASP O 46 -80.51 35.10 -3.37
CA ASP O 46 -81.04 34.12 -4.34
C ASP O 46 -80.17 32.86 -4.31
N MET O 47 -80.41 31.95 -5.25
CA MET O 47 -79.98 30.54 -5.11
C MET O 47 -79.84 30.02 -6.50
N MET O 48 -79.15 28.91 -6.59
CA MET O 48 -78.81 28.26 -7.84
C MET O 48 -78.68 26.74 -7.58
N ARG O 49 -79.48 25.99 -8.34
CA ARG O 49 -79.38 24.55 -8.43
C ARG O 49 -78.95 24.19 -9.85
N PHE O 50 -78.36 23.00 -10.01
CA PHE O 50 -77.86 22.51 -11.35
C PHE O 50 -78.49 21.16 -11.64
N ASN O 51 -79.27 21.07 -12.72
CA ASN O 51 -79.96 19.86 -13.15
C ASN O 51 -79.52 19.55 -14.57
N ILE O 52 -78.98 18.37 -14.83
CA ILE O 52 -78.58 18.03 -16.17
C ILE O 52 -79.73 18.10 -17.22
N ASN O 53 -80.99 18.05 -16.81
CA ASN O 53 -82.06 18.36 -17.78
C ASN O 53 -81.86 19.68 -18.52
N ASP O 54 -81.28 20.70 -17.92
CA ASP O 54 -81.12 21.96 -18.65
C ASP O 54 -79.89 22.02 -19.60
N PHE O 55 -79.02 21.01 -19.55
CA PHE O 55 -77.77 20.95 -20.37
C PHE O 55 -77.78 19.99 -21.51
N LEU O 56 -78.67 19.01 -21.44
CA LEU O 56 -78.79 17.87 -22.38
C LEU O 56 -80.23 17.75 -22.86
N PRO O 57 -80.51 18.18 -24.11
CA PRO O 57 -81.87 18.02 -24.55
C PRO O 57 -82.24 16.55 -24.88
N PRO O 58 -83.53 16.29 -25.12
CA PRO O 58 -83.92 14.94 -25.59
C PRO O 58 -83.25 14.55 -26.94
N GLY O 59 -82.87 13.27 -27.07
CA GLY O 59 -82.47 12.68 -28.37
C GLY O 59 -83.72 12.26 -29.14
N GLY O 60 -83.61 11.20 -29.96
CA GLY O 60 -84.74 10.68 -30.73
C GLY O 60 -84.63 9.21 -31.08
N GLY O 61 -85.78 8.61 -31.29
CA GLY O 61 -85.87 7.21 -31.63
C GLY O 61 -85.60 6.39 -30.38
N SER O 62 -84.83 5.33 -30.59
CA SER O 62 -84.54 4.36 -29.53
C SER O 62 -83.30 4.76 -28.69
N ASN O 63 -82.73 5.94 -28.95
CA ASN O 63 -81.73 6.60 -28.09
C ASN O 63 -82.40 7.88 -27.52
N PRO O 64 -82.97 7.79 -26.32
CA PRO O 64 -83.83 8.91 -25.88
C PRO O 64 -83.05 10.10 -25.39
N ARG O 65 -81.76 9.89 -25.08
CA ARG O 65 -80.87 11.01 -24.66
C ARG O 65 -79.87 11.34 -25.75
N SER O 66 -79.54 12.62 -25.85
CA SER O 66 -78.63 13.09 -26.87
C SER O 66 -77.20 12.65 -26.63
N VAL O 67 -76.83 12.27 -25.40
CA VAL O 67 -75.61 11.45 -25.23
C VAL O 67 -76.00 10.03 -24.88
N PRO O 68 -75.43 9.04 -25.59
CA PRO O 68 -75.89 7.66 -25.43
C PRO O 68 -75.06 6.99 -24.41
N PHE O 69 -75.34 7.39 -23.15
CA PHE O 69 -74.72 6.77 -21.98
C PHE O 69 -75.74 6.43 -20.93
N GLU O 70 -75.48 5.35 -20.21
CA GLU O 70 -76.45 4.87 -19.27
C GLU O 70 -76.33 5.63 -17.94
N TYR O 71 -75.08 5.84 -17.49
CA TYR O 71 -74.73 6.46 -16.17
C TYR O 71 -73.95 7.84 -16.29
N TYR O 72 -74.00 8.65 -15.24
CA TYR O 72 -73.23 9.91 -15.19
C TYR O 72 -72.98 10.39 -13.77
N ARG O 73 -72.05 11.29 -13.60
CA ARG O 73 -71.92 11.94 -12.34
C ARG O 73 -71.24 13.26 -12.61
N ILE O 74 -71.50 14.25 -11.80
CA ILE O 74 -71.01 15.59 -12.09
C ILE O 74 -69.81 15.84 -11.27
N ARG O 75 -68.70 16.03 -11.93
CA ARG O 75 -67.39 16.12 -11.26
C ARG O 75 -67.12 17.49 -10.69
N LYS O 76 -67.70 18.49 -11.32
CA LYS O 76 -67.43 19.87 -11.01
C LYS O 76 -68.45 20.74 -11.71
N VAL O 77 -68.76 21.89 -11.13
CA VAL O 77 -69.64 22.88 -11.80
C VAL O 77 -68.90 24.17 -11.83
N LYS O 78 -68.98 24.88 -12.93
CA LYS O 78 -68.45 26.26 -12.95
C LYS O 78 -69.60 27.18 -13.21
N VAL O 79 -69.75 28.16 -12.34
CA VAL O 79 -70.74 29.25 -12.48
C VAL O 79 -69.98 30.51 -12.70
N GLU O 80 -70.29 31.14 -13.81
CA GLU O 80 -69.75 32.48 -14.14
C GLU O 80 -70.84 33.57 -14.18
N PHE O 81 -70.61 34.66 -13.47
CA PHE O 81 -71.37 35.89 -13.64
C PHE O 81 -70.63 36.80 -14.61
N TRP O 82 -71.11 36.88 -15.84
CA TRP O 82 -70.57 37.86 -16.77
C TRP O 82 -71.39 39.12 -16.61
N PRO O 83 -70.83 40.13 -16.01
CA PRO O 83 -71.55 41.38 -15.89
C PRO O 83 -71.94 42.02 -17.22
N CYS O 84 -73.13 42.65 -17.25
CA CYS O 84 -73.62 43.44 -18.41
C CYS O 84 -73.28 44.96 -18.34
N SER O 85 -72.94 45.42 -17.14
CA SER O 85 -72.99 46.83 -16.80
C SER O 85 -71.63 47.40 -17.18
N PRO O 86 -71.61 48.61 -17.71
CA PRO O 86 -70.32 49.14 -18.16
C PRO O 86 -69.36 49.49 -17.02
N ILE O 87 -68.06 49.50 -17.29
CA ILE O 87 -67.06 49.83 -16.27
C ILE O 87 -67.12 51.27 -15.78
N THR O 88 -67.95 52.06 -16.47
CA THR O 88 -68.37 53.38 -16.04
C THR O 88 -69.55 53.50 -15.07
N GLN O 89 -70.07 52.39 -14.56
CA GLN O 89 -71.32 52.48 -13.77
C GLN O 89 -70.95 52.78 -12.33
N GLY O 90 -71.72 53.67 -11.72
CA GLY O 90 -71.54 54.03 -10.31
C GLY O 90 -72.35 53.21 -9.33
N ASP O 91 -72.53 53.75 -8.13
CA ASP O 91 -73.12 53.06 -6.97
C ASP O 91 -72.70 51.58 -6.82
N ARG O 92 -71.40 51.35 -6.92
CA ARG O 92 -70.77 50.05 -6.79
C ARG O 92 -70.94 49.46 -5.42
N GLY O 93 -71.05 48.14 -5.40
CA GLY O 93 -71.33 47.39 -4.19
C GLY O 93 -70.49 46.13 -3.99
N VAL O 94 -70.82 45.43 -2.93
CA VAL O 94 -70.02 44.31 -2.56
C VAL O 94 -70.91 43.28 -1.95
N GLY O 95 -70.69 42.02 -2.35
CA GLY O 95 -71.60 40.90 -2.13
C GLY O 95 -70.88 39.59 -1.89
N SER O 96 -71.65 38.49 -1.89
CA SER O 96 -71.04 37.16 -1.59
C SER O 96 -71.61 36.02 -2.37
N SER O 97 -70.76 35.05 -2.61
CA SER O 97 -71.24 33.73 -3.06
C SER O 97 -70.80 32.69 -2.05
N ALA O 98 -71.64 31.70 -1.85
CA ALA O 98 -71.33 30.54 -1.00
C ALA O 98 -71.92 29.25 -1.59
N VAL O 99 -71.13 28.21 -1.40
CA VAL O 99 -71.40 26.87 -1.89
C VAL O 99 -72.23 26.24 -0.81
N ILE O 100 -73.38 25.75 -1.22
CA ILE O 100 -74.37 25.10 -0.38
C ILE O 100 -74.58 23.69 -0.91
N LEU O 101 -74.22 22.72 -0.14
CA LEU O 101 -74.15 21.37 -0.62
C LEU O 101 -75.33 20.53 -0.09
N ASP O 102 -76.21 21.16 0.68
CA ASP O 102 -77.24 20.43 1.40
C ASP O 102 -78.64 20.93 1.03
N ASP O 103 -78.72 21.57 -0.12
CA ASP O 103 -79.94 22.17 -0.60
C ASP O 103 -80.68 23.08 0.42
N ASN O 104 -79.94 23.72 1.35
CA ASN O 104 -80.48 24.66 2.38
C ASN O 104 -79.93 26.13 2.28
N PHE O 105 -80.49 26.82 1.31
CA PHE O 105 -80.17 28.15 1.03
C PHE O 105 -80.98 29.15 1.85
N VAL O 106 -80.38 30.33 2.02
CA VAL O 106 -81.07 31.44 2.62
C VAL O 106 -82.22 31.80 1.70
N THR O 107 -83.33 32.21 2.27
CA THR O 107 -84.47 32.34 1.43
C THR O 107 -84.28 33.52 0.54
N LYS O 108 -84.86 33.41 -0.65
CA LYS O 108 -84.82 34.59 -1.52
C LYS O 108 -85.34 35.89 -0.84
N ALA O 109 -84.67 36.99 -1.11
CA ALA O 109 -85.01 38.32 -0.56
C ALA O 109 -84.65 39.45 -1.52
N THR O 110 -85.57 40.39 -1.64
CA THR O 110 -85.31 41.59 -2.43
C THR O 110 -84.26 42.56 -1.81
N ALA O 111 -84.22 42.66 -0.46
CA ALA O 111 -83.45 43.70 0.20
C ALA O 111 -83.23 43.39 1.64
N LEU O 112 -82.45 42.36 1.93
CA LEU O 112 -82.12 42.01 3.29
C LEU O 112 -81.22 43.08 3.81
N THR O 113 -81.27 43.40 5.09
CA THR O 113 -80.46 44.49 5.62
C THR O 113 -79.06 44.09 5.95
N TYR O 114 -78.69 42.85 5.72
CA TYR O 114 -77.29 42.42 5.81
C TYR O 114 -77.00 41.40 4.70
N ASP O 115 -75.73 41.09 4.49
CA ASP O 115 -75.33 40.02 3.54
C ASP O 115 -75.33 38.71 4.33
N PRO O 116 -76.41 37.90 4.21
CA PRO O 116 -76.45 36.65 4.97
C PRO O 116 -75.36 35.62 4.65
N TYR O 117 -74.64 35.73 3.53
CA TYR O 117 -73.60 34.73 3.24
C TYR O 117 -72.14 35.09 3.57
N VAL O 118 -71.91 36.32 3.96
CA VAL O 118 -70.55 36.83 4.12
C VAL O 118 -69.67 36.05 5.12
N ASN O 119 -70.27 35.46 6.14
CA ASN O 119 -69.48 34.77 7.15
C ASN O 119 -69.33 33.28 6.83
N TYR O 120 -69.96 32.78 5.76
CA TYR O 120 -69.83 31.39 5.44
C TYR O 120 -68.38 31.02 5.10
N SER O 121 -67.91 29.89 5.62
CA SER O 121 -66.54 29.35 5.32
C SER O 121 -66.20 29.31 3.80
N SER O 122 -67.21 29.00 2.96
CA SER O 122 -67.13 28.87 1.48
C SER O 122 -67.28 30.18 0.73
N ARG O 123 -67.42 31.29 1.46
CA ARG O 123 -67.81 32.57 0.84
C ARG O 123 -66.68 33.10 0.01
N HIS O 124 -67.03 33.54 -1.18
CA HIS O 124 -66.11 34.40 -1.99
C HIS O 124 -66.79 35.74 -2.22
N THR O 125 -65.99 36.79 -2.23
CA THR O 125 -66.48 38.17 -2.42
C THR O 125 -66.88 38.42 -3.87
N ILE O 126 -68.05 39.05 -4.04
CA ILE O 126 -68.49 39.52 -5.34
C ILE O 126 -68.42 41.04 -5.37
N THR O 127 -67.92 41.53 -6.47
CA THR O 127 -67.60 42.92 -6.60
C THR O 127 -68.58 43.45 -7.61
N GLN O 128 -69.29 44.51 -7.34
CA GLN O 128 -70.42 44.92 -8.26
C GLN O 128 -70.26 46.34 -8.86
N PRO O 129 -70.77 46.61 -10.06
CA PRO O 129 -71.56 45.73 -10.88
C PRO O 129 -70.89 45.31 -12.21
N PHE O 130 -69.72 45.85 -12.47
CA PHE O 130 -69.01 45.62 -13.75
C PHE O 130 -67.88 44.53 -13.67
N SER O 131 -67.86 43.67 -12.66
CA SER O 131 -66.79 42.66 -12.50
C SER O 131 -67.26 41.27 -12.75
N TYR O 132 -66.29 40.47 -13.21
CA TYR O 132 -66.57 39.05 -13.47
C TYR O 132 -66.65 38.40 -12.08
N HIS O 133 -67.44 37.35 -11.90
CA HIS O 133 -67.31 36.51 -10.70
C HIS O 133 -67.41 35.03 -11.14
N SER O 134 -66.51 34.15 -10.68
CA SER O 134 -66.81 32.72 -10.81
C SER O 134 -66.56 31.89 -9.59
N ARG O 135 -67.30 30.79 -9.51
CA ARG O 135 -67.00 29.71 -8.56
C ARG O 135 -66.80 28.43 -9.33
N TYR O 136 -66.06 27.52 -8.74
CA TYR O 136 -65.82 26.25 -9.37
C TYR O 136 -65.73 25.25 -8.24
N PHE O 137 -66.64 24.27 -8.19
CA PHE O 137 -66.68 23.33 -7.05
C PHE O 137 -67.35 22.00 -7.40
N THR O 138 -67.19 21.00 -6.56
CA THR O 138 -67.96 19.77 -6.78
C THR O 138 -69.33 19.95 -6.18
N PRO O 139 -70.41 19.85 -6.98
CA PRO O 139 -71.76 20.03 -6.38
C PRO O 139 -72.19 18.68 -5.84
N LYS O 140 -73.35 18.63 -5.19
CA LYS O 140 -73.87 17.35 -4.76
C LYS O 140 -75.28 17.14 -5.19
N PRO O 141 -75.62 15.89 -5.53
CA PRO O 141 -77.02 15.60 -5.77
C PRO O 141 -77.96 15.65 -4.50
N VAL O 142 -79.22 15.95 -4.74
CA VAL O 142 -80.24 16.03 -3.72
C VAL O 142 -80.96 14.69 -3.73
N LEU O 143 -80.35 13.78 -3.01
CA LEU O 143 -80.76 12.40 -2.99
C LEU O 143 -81.92 12.11 -2.06
N ASP O 144 -82.06 12.89 -0.98
CA ASP O 144 -83.18 12.78 -0.07
C ASP O 144 -83.32 14.11 0.68
N SER O 145 -84.37 14.89 0.45
CA SER O 145 -84.37 16.28 0.92
C SER O 145 -84.93 16.47 2.30
N THR O 146 -85.39 15.40 2.92
CA THR O 146 -85.65 15.46 4.34
C THR O 146 -84.28 15.51 5.07
N ILE O 147 -83.43 14.52 4.88
CA ILE O 147 -82.15 14.44 5.58
C ILE O 147 -81.03 15.33 4.98
N ASP O 148 -80.99 15.43 3.66
CA ASP O 148 -79.97 16.12 2.93
C ASP O 148 -78.57 15.68 3.25
N TYR O 149 -78.21 14.48 2.83
CA TYR O 149 -76.89 13.95 3.02
C TYR O 149 -76.08 14.01 1.74
N PHE O 150 -74.75 14.03 1.89
CA PHE O 150 -73.86 14.07 0.72
C PHE O 150 -72.53 13.54 1.01
N GLN O 151 -71.88 13.04 -0.04
CA GLN O 151 -70.55 12.55 0.01
C GLN O 151 -69.48 13.63 0.23
N PRO O 152 -68.45 13.28 0.97
CA PRO O 152 -67.23 14.08 0.92
C PRO O 152 -66.63 14.22 -0.49
N ASN O 153 -66.11 15.40 -0.74
CA ASN O 153 -65.69 15.86 -2.07
C ASN O 153 -64.53 14.85 -2.47
N ASN O 154 -64.74 14.02 -3.49
CA ASN O 154 -63.89 12.79 -3.72
C ASN O 154 -63.89 12.45 -5.24
N LYS O 155 -63.09 11.44 -5.61
CA LYS O 155 -63.00 10.93 -6.98
C LYS O 155 -63.57 9.50 -7.12
N ARG O 156 -62.78 8.47 -6.87
CA ARG O 156 -63.20 7.10 -7.16
C ARG O 156 -64.30 6.54 -6.23
N ASN O 157 -64.72 7.29 -5.19
CA ASN O 157 -65.90 6.89 -4.41
C ASN O 157 -67.21 7.57 -4.74
N GLN O 158 -67.22 8.50 -5.68
CA GLN O 158 -68.43 9.29 -5.95
C GLN O 158 -69.51 8.44 -6.55
N LEU O 159 -70.76 8.55 -6.06
CA LEU O 159 -71.93 7.86 -6.63
C LEU O 159 -72.19 8.11 -8.15
N TRP O 160 -72.54 7.05 -8.87
CA TRP O 160 -73.08 7.11 -10.22
C TRP O 160 -74.60 7.22 -10.14
N LEU O 161 -75.15 7.94 -11.08
CA LEU O 161 -76.58 8.22 -11.21
C LEU O 161 -77.03 7.76 -12.56
N ARG O 162 -78.27 7.29 -12.67
CA ARG O 162 -78.86 6.98 -13.98
C ARG O 162 -79.00 8.24 -14.79
N LEU O 163 -78.62 8.19 -16.07
CA LEU O 163 -78.89 9.30 -16.96
C LEU O 163 -80.30 9.19 -17.44
N GLN O 164 -81.20 10.01 -16.90
CA GLN O 164 -82.57 10.04 -17.32
C GLN O 164 -82.81 11.02 -18.46
N THR O 165 -83.90 10.72 -19.18
CA THR O 165 -84.30 11.48 -20.31
C THR O 165 -84.85 12.80 -19.80
N ALA O 166 -85.73 12.74 -18.83
CA ALA O 166 -86.48 13.91 -18.46
C ALA O 166 -86.50 14.28 -16.96
N GLY O 167 -86.38 13.34 -16.02
CA GLY O 167 -86.66 13.72 -14.61
C GLY O 167 -85.42 13.61 -13.72
N ASN O 168 -84.30 14.14 -14.20
CA ASN O 168 -83.08 14.01 -13.48
C ASN O 168 -83.12 14.81 -12.17
N VAL O 169 -82.16 14.49 -11.32
CA VAL O 169 -82.07 15.01 -9.98
C VAL O 169 -81.23 16.29 -9.86
N ASP O 170 -81.75 17.19 -9.05
CA ASP O 170 -81.10 18.47 -8.89
C ASP O 170 -79.78 18.27 -8.21
N HIS O 171 -78.79 19.06 -8.61
CA HIS O 171 -77.56 19.06 -7.95
C HIS O 171 -77.51 20.38 -7.31
N VAL O 172 -76.62 20.53 -6.35
CA VAL O 172 -76.80 21.62 -5.43
C VAL O 172 -75.46 22.16 -4.95
N GLY O 173 -75.58 23.43 -4.58
CA GLY O 173 -74.72 24.41 -5.18
C GLY O 173 -74.55 25.81 -4.68
N LEU O 174 -75.33 26.78 -5.14
CA LEU O 174 -74.84 28.17 -4.96
C LEU O 174 -75.79 29.22 -4.46
N GLY O 175 -75.45 29.83 -3.32
CA GLY O 175 -76.21 30.97 -2.74
C GLY O 175 -75.50 32.27 -3.05
N THR O 176 -76.29 33.28 -3.34
CA THR O 176 -75.74 34.59 -3.74
C THR O 176 -76.45 35.70 -3.05
N ALA O 177 -75.65 36.69 -2.66
CA ALA O 177 -76.20 37.94 -2.20
C ALA O 177 -75.41 39.08 -2.82
N PHE O 178 -76.14 39.85 -3.60
CA PHE O 178 -75.64 41.00 -4.35
C PHE O 178 -76.18 42.26 -3.69
N GLU O 179 -75.32 43.21 -3.36
CA GLU O 179 -75.79 44.54 -2.89
C GLU O 179 -76.69 45.21 -3.89
N ASN O 180 -77.80 45.75 -3.38
CA ASN O 180 -78.71 46.52 -4.23
C ASN O 180 -78.08 47.85 -4.61
N SER O 181 -78.64 48.45 -5.65
CA SER O 181 -78.14 49.67 -6.19
C SER O 181 -79.20 50.58 -6.76
N ILE O 182 -78.89 51.88 -6.72
CA ILE O 182 -79.69 52.93 -7.42
C ILE O 182 -80.02 52.62 -8.91
N TYR O 183 -79.14 51.91 -9.58
CA TYR O 183 -79.33 51.45 -10.97
C TYR O 183 -79.51 49.91 -11.04
N ASP O 184 -80.05 49.44 -12.18
CA ASP O 184 -80.27 48.02 -12.42
C ASP O 184 -78.93 47.40 -12.67
N GLN O 185 -78.75 46.15 -12.25
CA GLN O 185 -77.47 45.45 -12.46
C GLN O 185 -77.78 44.14 -13.16
N GLU O 186 -77.28 43.95 -14.37
CA GLU O 186 -77.59 42.78 -15.14
C GLU O 186 -76.35 41.93 -15.29
N TYR O 187 -76.58 40.65 -15.55
CA TYR O 187 -75.55 39.69 -15.82
C TYR O 187 -76.07 38.60 -16.74
N ASN O 188 -75.21 38.16 -17.66
CA ASN O 188 -75.37 36.86 -18.32
C ASN O 188 -74.62 35.84 -17.45
N ILE O 189 -75.32 34.78 -17.03
CA ILE O 189 -74.73 33.76 -16.18
C ILE O 189 -74.48 32.48 -16.95
N ARG O 190 -73.22 32.06 -17.05
CA ARG O 190 -72.96 30.80 -17.76
C ARG O 190 -72.76 29.78 -16.73
N VAL O 191 -73.42 28.65 -16.84
CA VAL O 191 -73.17 27.50 -15.97
C VAL O 191 -72.54 26.41 -16.82
N THR O 192 -71.53 25.76 -16.24
CA THR O 192 -70.80 24.76 -16.99
C THR O 192 -70.64 23.52 -16.13
N MET O 193 -71.12 22.36 -16.56
CA MET O 193 -71.01 21.06 -15.83
C MET O 193 -69.90 20.22 -16.41
N TYR O 194 -68.99 19.79 -15.56
CA TYR O 194 -67.95 18.87 -15.96
C TYR O 194 -68.49 17.51 -15.56
N VAL O 195 -68.88 16.76 -16.55
CA VAL O 195 -69.61 15.55 -16.38
C VAL O 195 -68.84 14.38 -16.88
N GLN O 196 -68.89 13.34 -16.07
CA GLN O 196 -68.34 12.03 -16.41
C GLN O 196 -69.51 11.14 -16.80
N PHE O 197 -69.54 10.62 -18.01
CA PHE O 197 -70.54 9.65 -18.38
C PHE O 197 -69.88 8.28 -18.40
N ARG O 198 -70.63 7.23 -18.07
CA ARG O 198 -70.13 5.84 -18.06
C ARG O 198 -71.13 4.85 -18.71
N GLU O 199 -70.62 3.83 -19.43
CA GLU O 199 -71.43 2.80 -20.09
C GLU O 199 -72.15 3.32 -21.31
N PHE O 200 -71.43 3.30 -22.42
CA PHE O 200 -72.02 3.48 -23.74
C PHE O 200 -73.20 2.56 -23.94
N ASN O 201 -74.29 3.09 -24.51
CA ASN O 201 -75.51 2.33 -24.69
C ASN O 201 -76.21 2.51 -26.05
N LEU O 202 -75.49 2.92 -27.07
CA LEU O 202 -76.18 3.20 -28.33
C LEU O 202 -77.02 2.02 -28.86
N LYS O 203 -78.28 2.32 -29.14
CA LYS O 203 -79.22 1.46 -29.79
C LYS O 203 -79.23 1.72 -31.29
N ASP O 204 -79.26 0.66 -32.10
CA ASP O 204 -79.14 0.78 -33.55
C ASP O 204 -80.19 -0.07 -34.29
N PRO O 205 -81.43 0.39 -34.33
CA PRO O 205 -82.45 -0.33 -35.08
C PRO O 205 -82.23 -0.25 -36.57
N PRO O 206 -82.69 -1.29 -37.30
CA PRO O 206 -82.43 -1.35 -38.76
C PRO O 206 -83.20 -0.33 -39.63
N SER P 19 -62.40 16.02 -26.13
CA SER P 19 -62.02 16.21 -27.61
C SER P 19 -62.18 14.94 -28.51
N HIS P 20 -61.64 13.76 -28.13
CA HIS P 20 -61.78 12.49 -28.90
C HIS P 20 -62.55 11.49 -28.16
N PHE P 21 -63.25 10.62 -28.85
CA PHE P 21 -64.05 9.59 -28.24
C PHE P 21 -63.96 8.35 -29.13
N ASN P 22 -63.30 7.33 -28.61
CA ASN P 22 -63.14 6.04 -29.29
C ASN P 22 -64.31 5.18 -28.89
N THR P 23 -65.12 4.63 -29.80
CA THR P 23 -66.10 3.60 -29.39
C THR P 23 -66.22 2.46 -30.42
N ARG P 24 -67.12 1.54 -30.13
CA ARG P 24 -67.34 0.41 -30.95
C ARG P 24 -68.82 0.30 -31.31
N LEU P 25 -69.15 0.18 -32.60
CA LEU P 25 -70.57 0.09 -33.04
C LEU P 25 -70.82 -1.21 -33.72
N SER P 26 -71.95 -1.85 -33.51
CA SER P 26 -72.20 -3.16 -34.10
C SER P 26 -73.56 -3.34 -34.73
N ARG P 27 -73.61 -4.23 -35.72
CA ARG P 27 -74.84 -4.61 -36.37
C ARG P 27 -74.72 -6.05 -36.83
N THR P 28 -75.84 -6.77 -36.90
CA THR P 28 -75.88 -8.17 -37.30
C THR P 28 -76.99 -8.38 -38.33
N PHE P 29 -76.66 -8.91 -39.53
CA PHE P 29 -77.65 -9.33 -40.54
C PHE P 29 -77.48 -10.79 -40.88
N GLY P 30 -78.47 -11.32 -41.58
CA GLY P 30 -78.41 -12.67 -42.14
C GLY P 30 -77.76 -12.78 -43.50
N TYR P 31 -77.08 -13.90 -43.74
CA TYR P 31 -76.50 -14.27 -45.07
C TYR P 31 -76.70 -15.77 -45.27
N THR P 32 -77.30 -16.12 -46.40
CA THR P 32 -77.52 -17.49 -46.80
C THR P 32 -76.83 -17.79 -48.14
N ILE P 33 -76.07 -18.87 -48.15
CA ILE P 33 -75.59 -19.41 -49.39
C ILE P 33 -76.58 -20.48 -49.72
N LYS P 34 -77.22 -20.39 -50.88
CA LYS P 34 -78.28 -21.37 -51.22
C LYS P 34 -77.71 -22.69 -51.76
N ARG P 35 -78.42 -23.79 -51.50
CA ARG P 35 -77.87 -25.11 -51.87
C ARG P 35 -77.73 -25.22 -53.39
N THR P 36 -76.72 -25.94 -53.90
CA THR P 36 -76.75 -26.29 -55.32
C THR P 36 -76.62 -27.73 -55.46
N THR P 37 -76.80 -28.15 -56.70
CA THR P 37 -76.64 -29.53 -57.16
C THR P 37 -75.47 -29.71 -58.12
N VAL P 38 -75.09 -28.68 -58.88
CA VAL P 38 -73.71 -28.60 -59.38
C VAL P 38 -72.79 -29.53 -58.55
N LYS P 39 -72.31 -30.58 -59.18
CA LYS P 39 -71.69 -31.67 -58.44
C LYS P 39 -70.17 -31.35 -58.16
N THR P 40 -69.51 -30.64 -59.08
CA THR P 40 -68.13 -30.24 -58.87
C THR P 40 -67.96 -28.99 -58.00
N PRO P 41 -66.76 -28.82 -57.42
CA PRO P 41 -66.52 -27.57 -56.63
C PRO P 41 -66.88 -26.27 -57.35
N SER P 42 -67.70 -25.47 -56.71
CA SER P 42 -68.01 -24.11 -57.12
C SER P 42 -68.09 -23.15 -55.88
N TRP P 43 -67.92 -21.86 -56.10
CA TRP P 43 -67.90 -20.89 -54.98
C TRP P 43 -68.95 -19.79 -55.16
N ALA P 44 -69.61 -19.44 -54.06
CA ALA P 44 -70.44 -18.26 -54.01
C ALA P 44 -69.54 -17.09 -53.74
N VAL P 45 -69.44 -16.19 -54.71
CA VAL P 45 -68.61 -14.99 -54.65
C VAL P 45 -69.42 -13.76 -54.37
N ASP P 46 -68.97 -13.00 -53.41
CA ASP P 46 -69.76 -11.82 -52.93
C ASP P 46 -68.82 -10.82 -52.26
N MET P 47 -69.40 -9.78 -51.71
CA MET P 47 -68.64 -8.60 -51.28
C MET P 47 -69.38 -7.89 -50.17
N MET P 48 -68.68 -6.98 -49.52
CA MET P 48 -69.07 -6.26 -48.32
C MET P 48 -68.43 -4.86 -48.27
N ARG P 49 -69.31 -3.88 -48.19
CA ARG P 49 -68.95 -2.52 -47.91
C ARG P 49 -69.44 -2.14 -46.50
N PHE P 50 -68.89 -1.08 -45.94
CA PHE P 50 -69.25 -0.64 -44.62
C PHE P 50 -69.62 0.82 -44.64
N ASN P 51 -70.75 1.11 -44.07
CA ASN P 51 -71.22 2.47 -44.09
C ASN P 51 -71.83 2.84 -42.74
N ILE P 52 -71.40 3.98 -42.22
CA ILE P 52 -71.76 4.36 -40.82
C ILE P 52 -73.27 4.66 -40.65
N ASN P 53 -73.95 4.98 -41.77
CA ASN P 53 -75.43 5.08 -41.79
C ASN P 53 -76.15 3.88 -41.13
N ASP P 54 -75.61 2.66 -41.27
CA ASP P 54 -76.23 1.43 -40.77
C ASP P 54 -75.84 1.16 -39.31
N PHE P 55 -75.02 2.02 -38.70
CA PHE P 55 -74.54 1.83 -37.33
C PHE P 55 -74.99 2.82 -36.31
N LEU P 56 -75.28 4.02 -36.78
CA LEU P 56 -75.50 5.21 -35.96
C LEU P 56 -76.85 5.70 -36.44
N PRO P 57 -77.89 5.63 -35.60
CA PRO P 57 -79.13 6.15 -36.19
C PRO P 57 -79.18 7.67 -36.18
N PRO P 58 -80.25 8.23 -36.78
CA PRO P 58 -80.57 9.62 -36.50
C PRO P 58 -80.72 9.93 -34.99
N GLY P 59 -80.60 11.19 -34.62
CA GLY P 59 -80.85 11.67 -33.23
C GLY P 59 -82.12 12.46 -33.35
N GLY P 60 -82.38 13.35 -32.41
CA GLY P 60 -83.53 14.26 -32.52
C GLY P 60 -83.17 15.72 -32.36
N GLY P 61 -84.12 16.59 -32.73
CA GLY P 61 -84.01 18.05 -32.67
C GLY P 61 -82.78 18.66 -33.36
N SER P 62 -82.09 19.50 -32.61
CA SER P 62 -80.93 20.24 -33.11
C SER P 62 -79.63 19.42 -33.10
N ASN P 63 -79.69 18.20 -32.53
CA ASN P 63 -78.65 17.15 -32.61
C ASN P 63 -79.07 16.02 -33.57
N PRO P 64 -78.83 16.21 -34.89
CA PRO P 64 -79.30 15.24 -35.88
C PRO P 64 -78.63 13.83 -35.87
N ARG P 65 -77.43 13.66 -35.27
CA ARG P 65 -76.85 12.30 -35.07
C ARG P 65 -76.79 11.89 -33.62
N SER P 66 -76.93 10.58 -33.44
CA SER P 66 -77.14 10.04 -32.13
C SER P 66 -75.86 10.06 -31.31
N VAL P 67 -74.69 10.13 -31.95
CA VAL P 67 -73.53 10.59 -31.21
C VAL P 67 -73.29 12.05 -31.69
N PRO P 68 -73.17 12.99 -30.74
CA PRO P 68 -72.97 14.42 -31.00
C PRO P 68 -71.50 14.84 -31.26
N PHE P 69 -70.95 14.39 -32.37
CA PHE P 69 -69.59 14.71 -32.78
C PHE P 69 -69.57 15.18 -34.23
N GLU P 70 -68.62 16.02 -34.54
CA GLU P 70 -68.63 16.64 -35.82
C GLU P 70 -67.84 15.81 -36.80
N TYR P 71 -66.78 15.15 -36.34
CA TYR P 71 -65.92 14.41 -37.25
C TYR P 71 -65.72 13.01 -36.76
N TYR P 72 -65.43 12.10 -37.71
CA TYR P 72 -65.08 10.70 -37.42
C TYR P 72 -64.11 10.09 -38.38
N ARG P 73 -63.55 8.97 -37.98
CA ARG P 73 -62.86 8.09 -38.91
C ARG P 73 -62.84 6.67 -38.34
N ILE P 74 -62.80 5.73 -39.26
CA ILE P 74 -62.90 4.38 -38.88
C ILE P 74 -61.56 3.76 -38.71
N ARG P 75 -61.28 3.47 -37.45
CA ARG P 75 -60.00 2.95 -37.08
C ARG P 75 -59.81 1.51 -37.57
N LYS P 76 -60.83 0.67 -37.34
CA LYS P 76 -60.81 -0.78 -37.58
C LYS P 76 -62.21 -1.31 -37.84
N VAL P 77 -62.32 -2.42 -38.55
CA VAL P 77 -63.60 -3.12 -38.74
C VAL P 77 -63.38 -4.56 -38.36
N LYS P 78 -64.28 -5.15 -37.60
CA LYS P 78 -64.24 -6.55 -37.41
C LYS P 78 -65.44 -7.10 -38.12
N VAL P 79 -65.18 -8.04 -39.03
CA VAL P 79 -66.26 -8.82 -39.64
C VAL P 79 -66.27 -10.25 -39.07
N GLU P 80 -67.41 -10.65 -38.55
CA GLU P 80 -67.59 -11.97 -38.00
C GLU P 80 -68.71 -12.73 -38.70
N PHE P 81 -68.38 -13.94 -39.09
CA PHE P 81 -69.31 -14.85 -39.70
C PHE P 81 -69.68 -15.87 -38.63
N TRP P 82 -70.92 -15.82 -38.16
CA TRP P 82 -71.32 -16.71 -37.07
C TRP P 82 -72.22 -17.78 -37.70
N PRO P 83 -71.72 -19.02 -37.73
CA PRO P 83 -72.41 -20.00 -38.50
C PRO P 83 -73.74 -20.43 -37.88
N CYS P 84 -74.78 -20.60 -38.71
CA CYS P 84 -76.05 -21.17 -38.20
C CYS P 84 -76.10 -22.70 -38.28
N SER P 85 -75.33 -23.29 -39.22
CA SER P 85 -75.37 -24.77 -39.41
C SER P 85 -74.77 -25.46 -38.18
N PRO P 86 -75.34 -26.59 -37.73
CA PRO P 86 -74.81 -27.28 -36.58
C PRO P 86 -73.52 -28.04 -36.87
N ILE P 87 -72.80 -28.40 -35.80
CA ILE P 87 -71.52 -29.07 -35.93
C ILE P 87 -71.68 -30.50 -36.44
N THR P 88 -72.91 -30.95 -36.75
CA THR P 88 -73.18 -32.22 -37.44
C THR P 88 -73.34 -32.11 -38.94
N GLN P 89 -73.36 -30.93 -39.53
CA GLN P 89 -73.66 -30.89 -40.95
C GLN P 89 -72.44 -31.40 -41.81
N GLY P 90 -72.74 -32.16 -42.87
CA GLY P 90 -71.75 -32.60 -43.88
C GLY P 90 -71.62 -31.72 -45.14
N ASP P 91 -71.04 -32.32 -46.17
CA ASP P 91 -70.59 -31.60 -47.37
C ASP P 91 -69.85 -30.35 -47.01
N ARG P 92 -68.91 -30.50 -46.11
CA ARG P 92 -68.13 -29.38 -45.63
C ARG P 92 -67.26 -28.87 -46.71
N GLY P 93 -67.01 -27.56 -46.74
CA GLY P 93 -66.20 -26.97 -47.81
C GLY P 93 -65.15 -25.99 -47.30
N VAL P 94 -64.43 -25.40 -48.24
CA VAL P 94 -63.36 -24.53 -47.91
C VAL P 94 -63.43 -23.32 -48.88
N GLY P 95 -63.39 -22.11 -48.30
CA GLY P 95 -63.47 -20.88 -49.09
C GLY P 95 -62.52 -19.81 -48.61
N SER P 96 -62.74 -18.58 -49.08
CA SER P 96 -61.85 -17.48 -48.81
C SER P 96 -62.50 -16.11 -48.44
N SER P 97 -61.77 -15.34 -47.62
CA SER P 97 -62.06 -13.90 -47.44
C SER P 97 -60.85 -13.06 -47.86
N ALA P 98 -61.11 -11.89 -48.40
CA ALA P 98 -60.01 -11.02 -48.74
C ALA P 98 -60.39 -9.58 -48.54
N VAL P 99 -59.37 -8.80 -48.22
CA VAL P 99 -59.45 -7.37 -47.92
C VAL P 99 -59.18 -6.56 -49.15
N ILE P 100 -60.20 -5.86 -49.53
CA ILE P 100 -60.30 -5.06 -50.72
C ILE P 100 -60.47 -3.60 -50.32
N LEU P 101 -59.41 -2.84 -50.49
CA LEU P 101 -59.33 -1.49 -49.96
C LEU P 101 -59.60 -0.47 -51.06
N ASP P 102 -59.73 -0.92 -52.32
CA ASP P 102 -59.77 -0.02 -53.42
C ASP P 102 -61.13 -0.09 -54.06
N ASP P 103 -62.09 -0.75 -53.40
CA ASP P 103 -63.44 -0.90 -53.95
C ASP P 103 -63.51 -1.60 -55.30
N ASN P 104 -62.62 -2.56 -55.55
CA ASN P 104 -62.70 -3.43 -56.76
C ASN P 104 -62.83 -4.94 -56.43
N PHE P 105 -64.07 -5.37 -56.30
CA PHE P 105 -64.36 -6.72 -55.89
C PHE P 105 -64.55 -7.56 -57.11
N VAL P 106 -64.02 -8.78 -57.03
CA VAL P 106 -64.42 -9.82 -57.98
C VAL P 106 -65.94 -9.87 -58.04
N THR P 107 -66.45 -10.00 -59.24
CA THR P 107 -67.89 -9.86 -59.51
C THR P 107 -68.77 -10.84 -58.76
N LYS P 108 -69.90 -10.37 -58.27
CA LYS P 108 -70.86 -11.29 -57.65
C LYS P 108 -71.24 -12.46 -58.59
N ALA P 109 -71.20 -13.67 -58.04
CA ALA P 109 -71.38 -14.91 -58.81
C ALA P 109 -71.97 -16.02 -57.92
N THR P 110 -72.81 -16.88 -58.50
CA THR P 110 -73.46 -17.93 -57.73
C THR P 110 -72.67 -19.20 -57.62
N ALA P 111 -72.08 -19.64 -58.75
CA ALA P 111 -71.24 -20.86 -58.78
C ALA P 111 -70.04 -20.71 -59.70
N LEU P 112 -69.11 -19.84 -59.33
CA LEU P 112 -67.83 -19.77 -60.00
C LEU P 112 -67.08 -21.08 -59.80
N THR P 113 -66.24 -21.46 -60.75
CA THR P 113 -65.68 -22.81 -60.80
C THR P 113 -64.34 -22.86 -60.13
N TYR P 114 -63.94 -21.74 -59.57
CA TYR P 114 -62.79 -21.68 -58.68
C TYR P 114 -63.06 -20.62 -57.63
N ASP P 115 -62.22 -20.60 -56.59
CA ASP P 115 -62.27 -19.58 -55.55
C ASP P 115 -61.39 -18.40 -56.02
N PRO P 116 -62.03 -17.35 -56.53
CA PRO P 116 -61.24 -16.25 -57.02
C PRO P 116 -60.37 -15.48 -55.96
N TYR P 117 -60.53 -15.72 -54.65
CA TYR P 117 -59.77 -14.96 -53.69
C TYR P 117 -58.66 -15.74 -53.04
N VAL P 118 -58.46 -16.97 -53.46
CA VAL P 118 -57.50 -17.89 -52.80
C VAL P 118 -56.08 -17.32 -52.82
N ASN P 119 -55.69 -16.72 -53.95
CA ASN P 119 -54.32 -16.28 -54.10
C ASN P 119 -54.12 -14.92 -53.60
N TYR P 120 -55.17 -14.27 -53.13
CA TYR P 120 -55.00 -12.89 -52.69
C TYR P 120 -54.08 -12.87 -51.48
N SER P 121 -53.10 -11.98 -51.45
CA SER P 121 -52.18 -11.78 -50.34
C SER P 121 -52.90 -11.56 -49.00
N SER P 122 -54.03 -10.89 -49.01
CA SER P 122 -54.81 -10.66 -47.78
C SER P 122 -55.72 -11.80 -47.45
N ARG P 123 -55.64 -12.96 -48.12
CA ARG P 123 -56.64 -14.00 -48.01
C ARG P 123 -56.51 -14.74 -46.71
N HIS P 124 -57.61 -14.98 -46.04
CA HIS P 124 -57.68 -15.95 -44.93
C HIS P 124 -58.71 -17.04 -45.38
N THR P 125 -58.51 -18.26 -44.87
CA THR P 125 -59.33 -19.43 -45.21
C THR P 125 -60.56 -19.43 -44.34
N ILE P 126 -61.64 -19.89 -44.94
CA ILE P 126 -62.91 -19.98 -44.33
C ILE P 126 -63.18 -21.45 -44.37
N THR P 127 -63.65 -21.93 -43.25
CA THR P 127 -63.90 -23.29 -43.06
C THR P 127 -65.45 -23.41 -42.92
N GLN P 128 -66.06 -24.29 -43.67
CA GLN P 128 -67.49 -24.27 -43.76
C GLN P 128 -68.09 -25.63 -43.47
N PRO P 129 -69.31 -25.72 -42.95
CA PRO P 129 -70.21 -24.59 -42.74
C PRO P 129 -70.43 -24.27 -41.28
N PHE P 130 -69.86 -25.06 -40.37
CA PHE P 130 -70.17 -24.88 -38.99
C PHE P 130 -69.14 -24.09 -38.24
N SER P 131 -68.27 -23.38 -38.88
CA SER P 131 -67.15 -22.78 -38.14
C SER P 131 -67.26 -21.26 -38.22
N TYR P 132 -66.61 -20.62 -37.26
CA TYR P 132 -66.62 -19.17 -37.09
C TYR P 132 -65.54 -18.62 -38.03
N HIS P 133 -65.68 -17.40 -38.53
CA HIS P 133 -64.61 -16.79 -39.40
C HIS P 133 -64.57 -15.33 -39.05
N SER P 134 -63.39 -14.76 -38.80
CA SER P 134 -63.37 -13.30 -38.70
C SER P 134 -62.17 -12.64 -39.32
N ARG P 135 -62.38 -11.36 -39.57
CA ARG P 135 -61.37 -10.48 -40.12
C ARG P 135 -61.43 -9.16 -39.38
N TYR P 136 -60.24 -8.61 -39.20
CA TYR P 136 -59.99 -7.42 -38.43
C TYR P 136 -58.94 -6.60 -39.14
N PHE P 137 -59.35 -5.47 -39.68
CA PHE P 137 -58.50 -4.65 -40.55
C PHE P 137 -58.95 -3.17 -40.58
N THR P 138 -58.03 -2.29 -40.97
CA THR P 138 -58.40 -0.92 -41.28
C THR P 138 -59.05 -0.77 -42.69
N PRO P 139 -60.29 -0.34 -42.74
CA PRO P 139 -60.92 -0.22 -44.08
C PRO P 139 -60.62 1.15 -44.62
N LYS P 140 -61.01 1.44 -45.83
CA LYS P 140 -60.81 2.78 -46.38
C LYS P 140 -62.03 3.41 -46.99
N PRO P 141 -62.13 4.72 -46.81
CA PRO P 141 -63.23 5.36 -47.46
C PRO P 141 -63.09 5.34 -49.02
N VAL P 142 -64.22 5.37 -49.69
CA VAL P 142 -64.28 5.50 -51.13
C VAL P 142 -64.44 6.98 -51.43
N LEU P 143 -63.28 7.61 -51.53
CA LEU P 143 -63.17 9.03 -51.82
C LEU P 143 -63.31 9.40 -53.29
N ASP P 144 -63.00 8.53 -54.21
CA ASP P 144 -63.15 8.85 -55.61
C ASP P 144 -63.12 7.53 -56.31
N SER P 145 -64.25 7.10 -56.88
CA SER P 145 -64.34 5.71 -57.35
C SER P 145 -63.87 5.58 -58.78
N THR P 146 -63.54 6.67 -59.44
CA THR P 146 -62.85 6.60 -60.70
C THR P 146 -61.38 6.09 -60.52
N ILE P 147 -60.71 6.59 -59.49
CA ILE P 147 -59.27 6.40 -59.31
C ILE P 147 -59.02 5.37 -58.24
N ASP P 148 -59.81 5.45 -57.17
CA ASP P 148 -59.90 4.46 -56.08
C ASP P 148 -58.59 4.45 -55.32
N TYR P 149 -58.31 5.59 -54.72
CA TYR P 149 -57.11 5.73 -53.95
C TYR P 149 -57.38 5.63 -52.47
N PHE P 150 -56.33 5.30 -51.76
CA PHE P 150 -56.42 5.22 -50.29
C PHE P 150 -55.10 5.38 -49.56
N GLN P 151 -55.23 5.81 -48.30
CA GLN P 151 -54.07 6.00 -47.42
C GLN P 151 -53.40 4.68 -47.01
N PRO P 152 -52.09 4.69 -46.80
CA PRO P 152 -51.55 3.51 -46.21
C PRO P 152 -51.96 3.40 -44.75
N ASN P 153 -52.02 2.17 -44.31
CA ASN P 153 -52.61 1.79 -43.00
C ASN P 153 -51.74 2.60 -41.96
N ASN P 154 -52.40 3.45 -41.17
CA ASN P 154 -51.70 4.39 -40.26
C ASN P 154 -52.59 4.75 -39.07
N LYS P 155 -51.97 5.46 -38.12
CA LYS P 155 -52.68 6.12 -37.05
C LYS P 155 -52.78 7.66 -37.27
N ARG P 156 -51.71 8.40 -37.01
CA ARG P 156 -51.86 9.86 -36.85
C ARG P 156 -52.13 10.66 -38.10
N ASN P 157 -51.94 10.06 -39.28
CA ASN P 157 -52.17 10.73 -40.57
C ASN P 157 -53.48 10.38 -41.25
N GLN P 158 -54.30 9.53 -40.63
CA GLN P 158 -55.57 9.09 -41.23
C GLN P 158 -56.56 10.24 -41.38
N LEU P 159 -57.20 10.32 -42.54
CA LEU P 159 -58.10 11.40 -42.86
C LEU P 159 -59.24 11.45 -41.85
N TRP P 160 -59.65 12.63 -41.47
CA TRP P 160 -60.91 12.85 -40.76
C TRP P 160 -61.99 13.06 -41.78
N LEU P 161 -63.19 12.54 -41.44
CA LEU P 161 -64.45 12.68 -42.23
C LEU P 161 -65.62 13.37 -41.49
N ARG P 162 -66.50 14.02 -42.20
CA ARG P 162 -67.67 14.65 -41.58
C ARG P 162 -68.66 13.56 -41.17
N LEU P 163 -69.20 13.66 -39.96
CA LEU P 163 -70.29 12.78 -39.59
C LEU P 163 -71.57 13.42 -40.14
N GLN P 164 -72.14 12.76 -41.12
CA GLN P 164 -73.27 13.24 -41.83
C GLN P 164 -74.50 12.58 -41.26
N THR P 165 -75.64 13.23 -41.42
CA THR P 165 -76.85 12.61 -40.90
C THR P 165 -77.23 11.33 -41.74
N ALA P 166 -76.94 11.43 -43.05
CA ALA P 166 -77.63 10.68 -44.06
C ALA P 166 -76.76 10.12 -45.14
N GLY P 167 -75.78 10.84 -45.62
CA GLY P 167 -75.22 10.35 -46.87
C GLY P 167 -73.81 9.95 -46.69
N ASN P 168 -73.55 9.17 -45.66
CA ASN P 168 -72.17 8.93 -45.30
C ASN P 168 -71.45 8.07 -46.36
N VAL P 169 -70.15 8.25 -46.46
CA VAL P 169 -69.35 7.60 -47.44
C VAL P 169 -69.13 6.14 -47.15
N ASP P 170 -69.14 5.33 -48.20
CA ASP P 170 -68.88 3.89 -48.03
C ASP P 170 -67.43 3.69 -47.65
N HIS P 171 -67.19 2.75 -46.76
CA HIS P 171 -65.85 2.29 -46.50
C HIS P 171 -65.77 0.90 -47.01
N VAL P 172 -64.58 0.46 -47.28
CA VAL P 172 -64.44 -0.61 -48.17
C VAL P 172 -63.39 -1.58 -47.65
N GLY P 173 -63.64 -2.81 -48.08
CA GLY P 173 -63.34 -3.82 -47.24
C GLY P 173 -63.29 -5.18 -47.72
N LEU P 174 -64.41 -5.91 -47.87
CA LEU P 174 -64.23 -7.41 -47.84
C LEU P 174 -64.90 -8.24 -48.93
N GLY P 175 -64.10 -8.94 -49.70
CA GLY P 175 -64.58 -9.96 -50.62
C GLY P 175 -64.63 -11.38 -50.01
N THR P 176 -65.65 -12.15 -50.42
CA THR P 176 -65.87 -13.48 -49.95
C THR P 176 -66.17 -14.46 -51.03
N ALA P 177 -65.70 -15.68 -50.77
CA ALA P 177 -65.95 -16.83 -51.64
C ALA P 177 -66.17 -18.05 -50.74
N PHE P 178 -67.41 -18.46 -50.65
CA PHE P 178 -67.84 -19.59 -49.89
C PHE P 178 -68.10 -20.72 -50.86
N GLU P 179 -67.49 -21.88 -50.58
CA GLU P 179 -67.75 -23.07 -51.36
C GLU P 179 -69.23 -23.40 -51.23
N ASN P 180 -69.85 -23.74 -52.36
CA ASN P 180 -71.25 -24.12 -52.44
C ASN P 180 -71.47 -25.50 -51.92
N SER P 181 -72.68 -25.80 -51.45
CA SER P 181 -72.95 -27.13 -50.86
C SER P 181 -74.32 -27.65 -51.25
N ILE P 182 -74.47 -28.93 -50.94
CA ILE P 182 -75.68 -29.75 -51.15
C ILE P 182 -76.77 -29.28 -50.20
N TYR P 183 -76.34 -28.73 -49.06
CA TYR P 183 -77.23 -28.06 -48.15
C TYR P 183 -77.04 -26.54 -48.18
N ASP P 184 -78.01 -25.82 -47.63
CA ASP P 184 -77.89 -24.38 -47.32
C ASP P 184 -76.88 -24.14 -46.24
N GLN P 185 -76.19 -23.03 -46.36
CA GLN P 185 -75.20 -22.54 -45.36
C GLN P 185 -75.64 -21.13 -44.97
N GLU P 186 -76.20 -20.98 -43.75
CA GLU P 186 -76.78 -19.75 -43.21
C GLU P 186 -75.81 -19.27 -42.18
N TYR P 187 -75.63 -17.98 -42.12
CA TYR P 187 -74.62 -17.34 -41.26
C TYR P 187 -75.28 -16.10 -40.74
N ASN P 188 -75.16 -15.81 -39.43
CA ASN P 188 -75.36 -14.43 -38.88
C ASN P 188 -74.04 -13.68 -38.96
N ILE P 189 -74.01 -12.57 -39.69
CA ILE P 189 -72.80 -11.80 -39.86
C ILE P 189 -72.88 -10.67 -38.88
N ARG P 190 -71.83 -10.46 -38.11
CA ARG P 190 -71.81 -9.32 -37.22
C ARG P 190 -70.70 -8.38 -37.59
N VAL P 191 -71.05 -7.12 -37.84
CA VAL P 191 -70.08 -6.16 -38.24
C VAL P 191 -69.91 -5.18 -37.12
N THR P 192 -68.62 -4.96 -36.79
CA THR P 192 -68.24 -4.09 -35.76
C THR P 192 -67.23 -3.04 -36.32
N MET P 193 -67.56 -1.76 -36.17
CA MET P 193 -66.70 -0.66 -36.55
C MET P 193 -66.11 -0.05 -35.30
N TYR P 194 -64.79 0.08 -35.26
CA TYR P 194 -64.09 0.76 -34.19
C TYR P 194 -63.78 2.15 -34.72
N VAL P 195 -64.51 3.12 -34.19
CA VAL P 195 -64.57 4.44 -34.71
C VAL P 195 -64.04 5.42 -33.69
N GLN P 196 -63.41 6.44 -34.18
CA GLN P 196 -62.90 7.49 -33.33
C GLN P 196 -63.63 8.75 -33.70
N PHE P 197 -64.34 9.35 -32.75
CA PHE P 197 -65.06 10.60 -33.00
C PHE P 197 -64.22 11.78 -32.59
N ARG P 198 -64.38 12.93 -33.24
CA ARG P 198 -63.68 14.13 -32.79
C ARG P 198 -64.62 15.31 -32.78
N GLU P 199 -64.43 16.17 -31.79
CA GLU P 199 -65.15 17.44 -31.66
C GLU P 199 -66.60 17.33 -31.20
N PHE P 200 -66.74 17.25 -29.89
CA PHE P 200 -68.06 17.32 -29.26
C PHE P 200 -68.71 18.62 -29.80
N ASN P 201 -69.98 18.51 -30.23
CA ASN P 201 -70.76 19.61 -30.81
C ASN P 201 -72.21 19.76 -30.29
N LEU P 202 -72.50 19.10 -29.17
CA LEU P 202 -73.89 19.05 -28.65
C LEU P 202 -74.50 20.45 -28.56
N LYS P 203 -75.64 20.60 -29.22
CA LYS P 203 -76.49 21.78 -29.16
C LYS P 203 -77.61 21.56 -28.07
N ASP P 204 -77.96 22.65 -27.39
CA ASP P 204 -78.78 22.61 -26.18
C ASP P 204 -79.73 23.78 -26.17
N PRO P 205 -80.85 23.67 -26.88
CA PRO P 205 -81.85 24.74 -26.94
C PRO P 205 -82.58 24.95 -25.64
N PRO P 206 -83.23 26.13 -25.45
CA PRO P 206 -84.34 26.26 -24.45
C PRO P 206 -85.74 25.98 -25.08
N SER Q 19 -65.44 -22.44 4.27
CA SER Q 19 -65.59 -23.83 4.83
C SER Q 19 -65.52 -23.95 6.38
N HIS Q 20 -64.64 -23.23 7.09
CA HIS Q 20 -64.58 -23.24 8.58
C HIS Q 20 -65.17 -22.02 9.16
N PHE Q 21 -65.88 -22.14 10.28
CA PHE Q 21 -66.51 -20.97 10.91
C PHE Q 21 -66.27 -20.98 12.41
N ASN Q 22 -65.43 -20.08 12.87
CA ASN Q 22 -65.16 -20.00 14.29
C ASN Q 22 -66.19 -19.06 14.93
N THR Q 23 -66.90 -19.54 15.93
CA THR Q 23 -67.77 -18.66 16.70
C THR Q 23 -67.83 -19.07 18.14
N ARG Q 24 -68.56 -18.26 18.87
CA ARG Q 24 -68.68 -18.31 20.32
C ARG Q 24 -70.17 -18.44 20.70
N LEU Q 25 -70.57 -19.42 21.50
CA LEU Q 25 -72.00 -19.58 21.93
C LEU Q 25 -72.12 -19.52 23.43
N SER Q 26 -73.19 -18.91 23.96
CA SER Q 26 -73.32 -18.71 25.40
C SER Q 26 -74.72 -18.95 25.95
N ARG Q 27 -74.76 -19.33 27.22
CA ARG Q 27 -76.01 -19.35 28.01
C ARG Q 27 -75.67 -19.16 29.48
N THR Q 28 -76.68 -18.73 30.21
CA THR Q 28 -76.52 -18.36 31.58
C THR Q 28 -77.65 -19.03 32.34
N PHE Q 29 -77.34 -19.71 33.46
CA PHE Q 29 -78.35 -20.32 34.34
C PHE Q 29 -78.04 -20.14 35.82
N GLY Q 30 -79.04 -20.28 36.71
CA GLY Q 30 -78.87 -20.14 38.16
C GLY Q 30 -78.27 -21.36 38.83
N TYR Q 31 -77.45 -21.14 39.87
CA TYR Q 31 -76.98 -22.19 40.80
C TYR Q 31 -77.04 -21.66 42.25
N THR Q 32 -77.72 -22.37 43.16
CA THR Q 32 -77.78 -21.97 44.57
C THR Q 32 -77.15 -23.01 45.47
N ILE Q 33 -76.31 -22.59 46.37
CA ILE Q 33 -75.84 -23.43 47.44
C ILE Q 33 -76.69 -22.99 48.62
N LYS Q 34 -77.58 -23.88 49.05
CA LYS Q 34 -78.42 -23.69 50.24
C LYS Q 34 -77.58 -23.54 51.50
N ARG Q 35 -78.05 -22.73 52.44
CA ARG Q 35 -77.33 -22.56 53.69
C ARG Q 35 -77.36 -23.85 54.53
N THR Q 36 -76.35 -24.04 55.36
CA THR Q 36 -76.35 -25.13 56.33
C THR Q 36 -76.02 -24.56 57.70
N THR Q 37 -76.26 -25.39 58.70
CA THR Q 37 -75.91 -25.15 60.10
C THR Q 37 -74.90 -26.18 60.66
N VAL Q 38 -74.36 -27.09 59.83
CA VAL Q 38 -73.16 -27.89 60.19
C VAL Q 38 -72.14 -26.89 60.76
N LYS Q 39 -71.61 -27.08 61.96
CA LYS Q 39 -70.66 -26.07 62.57
C LYS Q 39 -69.27 -26.14 61.91
N THR Q 40 -68.81 -27.36 61.65
CA THR Q 40 -67.53 -27.58 61.00
C THR Q 40 -67.56 -27.35 59.47
N PRO Q 41 -66.43 -26.96 58.87
CA PRO Q 41 -66.26 -26.85 57.42
C PRO Q 41 -66.80 -28.02 56.61
N SER Q 42 -67.46 -27.68 55.52
CA SER Q 42 -68.08 -28.66 54.65
C SER Q 42 -68.30 -28.09 53.26
N TRP Q 43 -68.47 -29.02 52.30
CA TRP Q 43 -68.43 -28.67 50.89
C TRP Q 43 -69.56 -29.23 50.05
N ALA Q 44 -70.16 -28.37 49.22
CA ALA Q 44 -71.20 -28.74 48.26
C ALA Q 44 -70.46 -29.18 46.98
N VAL Q 45 -70.50 -30.48 46.69
CA VAL Q 45 -69.77 -31.03 45.55
C VAL Q 45 -70.76 -31.27 44.40
N ASP Q 46 -70.32 -30.91 43.21
CA ASP Q 46 -71.15 -31.00 42.01
C ASP Q 46 -70.23 -31.08 40.77
N MET Q 47 -70.86 -31.02 39.61
CA MET Q 47 -70.28 -31.35 38.32
C MET Q 47 -71.03 -30.56 37.31
N MET Q 48 -70.45 -30.48 36.13
CA MET Q 48 -70.90 -29.65 35.04
C MET Q 48 -70.38 -30.31 33.80
N ARG Q 49 -71.35 -30.68 32.95
CA ARG Q 49 -71.13 -31.15 31.57
C ARG Q 49 -71.62 -30.12 30.53
N PHE Q 50 -71.30 -30.30 29.24
CA PHE Q 50 -71.57 -29.27 28.23
C PHE Q 50 -72.08 -29.89 26.96
N ASN Q 51 -73.28 -29.48 26.57
CA ASN Q 51 -73.95 -30.06 25.42
C ASN Q 51 -74.52 -28.97 24.51
N ILE Q 52 -74.09 -28.97 23.26
CA ILE Q 52 -74.47 -27.92 22.25
C ILE Q 52 -75.97 -27.77 22.03
N ASN Q 53 -76.73 -28.84 22.27
CA ASN Q 53 -78.20 -28.79 22.35
C ASN Q 53 -78.65 -27.56 23.15
N ASP Q 54 -77.96 -27.29 24.25
CA ASP Q 54 -78.24 -26.14 25.07
C ASP Q 54 -77.84 -24.78 24.50
N PHE Q 55 -76.96 -24.76 23.51
CA PHE Q 55 -76.44 -23.49 22.98
C PHE Q 55 -76.97 -23.11 21.61
N LEU Q 56 -77.60 -24.09 20.95
CA LEU Q 56 -77.95 -24.05 19.55
C LEU Q 56 -79.41 -24.50 19.38
N PRO Q 57 -80.32 -23.54 19.20
CA PRO Q 57 -81.73 -23.98 19.06
C PRO Q 57 -82.02 -24.65 17.67
N PRO Q 58 -83.20 -25.34 17.55
CA PRO Q 58 -83.55 -25.79 16.16
C PRO Q 58 -83.79 -24.65 15.16
N GLY Q 59 -83.50 -24.95 13.91
CA GLY Q 59 -83.94 -24.15 12.77
C GLY Q 59 -85.35 -24.47 12.36
N GLY Q 60 -85.68 -24.05 11.14
CA GLY Q 60 -86.95 -24.40 10.51
C GLY Q 60 -86.72 -24.94 9.11
N GLY Q 61 -87.73 -25.63 8.59
CA GLY Q 61 -87.77 -26.06 7.18
C GLY Q 61 -86.75 -27.12 6.84
N SER Q 62 -85.98 -26.87 5.80
CA SER Q 62 -84.98 -27.81 5.39
C SER Q 62 -83.64 -27.73 6.12
N ASN Q 63 -83.49 -26.71 6.97
CA ASN Q 63 -82.24 -26.43 7.68
C ASN Q 63 -82.55 -26.68 9.13
N PRO Q 64 -82.44 -27.94 9.55
CA PRO Q 64 -82.91 -28.29 10.91
C PRO Q 64 -82.18 -27.63 12.05
N ARG Q 65 -80.97 -27.11 11.81
CA ARG Q 65 -80.19 -26.46 12.85
C ARG Q 65 -79.98 -24.98 12.51
N SER Q 66 -80.09 -24.16 13.53
CA SER Q 66 -79.93 -22.71 13.38
C SER Q 66 -78.58 -22.21 12.86
N VAL Q 67 -77.48 -22.98 13.00
CA VAL Q 67 -76.31 -22.71 12.15
C VAL Q 67 -76.22 -23.80 11.14
N PRO Q 68 -76.15 -23.41 9.86
CA PRO Q 68 -76.21 -24.37 8.81
C PRO Q 68 -74.88 -24.96 8.47
N PHE Q 69 -74.37 -25.79 9.34
CA PHE Q 69 -73.11 -26.54 9.11
C PHE Q 69 -73.23 -28.00 9.46
N GLU Q 70 -72.47 -28.82 8.79
CA GLU Q 70 -72.61 -30.26 8.95
C GLU Q 70 -71.82 -30.82 10.12
N TYR Q 71 -70.64 -30.28 10.36
CA TYR Q 71 -69.78 -30.75 11.43
C TYR Q 71 -69.46 -29.63 12.48
N TYR Q 72 -69.05 -30.05 13.67
CA TYR Q 72 -68.47 -29.12 14.62
C TYR Q 72 -67.41 -29.77 15.53
N ARG Q 73 -66.64 -28.92 16.18
CA ARG Q 73 -65.86 -29.34 17.33
C ARG Q 73 -65.63 -28.20 18.29
N ILE Q 74 -65.57 -28.57 19.56
CA ILE Q 74 -65.50 -27.57 20.61
C ILE Q 74 -64.05 -27.35 20.95
N ARG Q 75 -63.62 -26.15 20.68
CA ARG Q 75 -62.24 -25.75 20.75
C ARG Q 75 -61.86 -25.43 22.21
N LYS Q 76 -62.79 -24.78 22.91
CA LYS Q 76 -62.60 -24.23 24.26
C LYS Q 76 -63.98 -24.06 24.92
N VAL Q 77 -63.98 -24.09 26.25
CA VAL Q 77 -65.16 -23.82 27.08
C VAL Q 77 -64.73 -22.83 28.12
N LYS Q 78 -65.43 -21.70 28.24
CA LYS Q 78 -65.28 -20.85 29.43
C LYS Q 78 -66.49 -21.03 30.34
N VAL Q 79 -66.22 -21.38 31.61
CA VAL Q 79 -67.24 -21.43 32.64
C VAL Q 79 -67.01 -20.27 33.57
N GLU Q 80 -68.02 -19.40 33.75
CA GLU Q 80 -67.89 -18.21 34.61
C GLU Q 80 -68.96 -18.20 35.73
N PHE Q 81 -68.49 -18.12 36.97
CA PHE Q 81 -69.34 -18.04 38.11
C PHE Q 81 -69.45 -16.59 38.48
N TRP Q 82 -70.63 -16.01 38.20
CA TRP Q 82 -70.88 -14.60 38.54
C TRP Q 82 -71.71 -14.52 39.79
N PRO Q 83 -71.07 -14.16 40.93
CA PRO Q 83 -71.72 -14.07 42.20
C PRO Q 83 -72.86 -13.13 42.28
N CYS Q 84 -73.92 -13.61 42.94
CA CYS Q 84 -75.07 -12.75 43.31
C CYS Q 84 -74.88 -12.06 44.66
N SER Q 85 -74.04 -12.64 45.51
CA SER Q 85 -73.90 -12.18 46.87
C SER Q 85 -73.21 -10.82 46.87
N PRO Q 86 -73.62 -9.94 47.79
CA PRO Q 86 -72.98 -8.64 47.83
C PRO Q 86 -71.61 -8.75 48.45
N ILE Q 87 -70.79 -7.71 48.27
CA ILE Q 87 -69.43 -7.72 48.78
C ILE Q 87 -69.40 -7.47 50.27
N THR Q 88 -70.58 -7.43 50.90
CA THR Q 88 -70.68 -7.32 52.33
C THR Q 88 -71.16 -8.60 52.97
N GLN Q 89 -71.21 -9.69 52.24
CA GLN Q 89 -71.68 -10.93 52.89
C GLN Q 89 -70.53 -11.63 53.66
N GLY Q 90 -70.89 -12.30 54.75
CA GLY Q 90 -69.94 -12.77 55.71
C GLY Q 90 -69.81 -14.21 55.42
N ASP Q 91 -69.39 -14.93 56.43
CA ASP Q 91 -69.13 -16.38 56.36
C ASP Q 91 -68.43 -16.85 55.10
N ARG Q 92 -67.42 -16.09 54.75
CA ARG Q 92 -66.63 -16.40 53.58
C ARG Q 92 -65.87 -17.72 53.67
N GLY Q 93 -65.83 -18.36 52.53
CA GLY Q 93 -65.23 -19.66 52.41
C GLY Q 93 -64.34 -19.81 51.20
N VAL Q 94 -63.79 -21.00 51.07
CA VAL Q 94 -62.82 -21.29 50.08
C VAL Q 94 -63.08 -22.70 49.54
N GLY Q 95 -63.24 -22.79 48.22
CA GLY Q 95 -63.41 -24.07 47.50
C GLY Q 95 -62.51 -24.33 46.28
N SER Q 96 -62.94 -25.24 45.42
CA SER Q 96 -62.08 -25.76 44.32
C SER Q 96 -62.90 -25.99 43.07
N SER Q 97 -62.31 -25.74 41.90
CA SER Q 97 -62.86 -26.22 40.62
C SER Q 97 -61.78 -27.11 40.06
N ALA Q 98 -62.18 -28.09 39.26
CA ALA Q 98 -61.15 -28.90 38.55
C ALA Q 98 -61.67 -29.36 37.23
N VAL Q 99 -60.75 -29.62 36.33
CA VAL Q 99 -61.09 -30.04 35.02
C VAL Q 99 -61.03 -31.57 35.05
N ILE Q 100 -62.12 -32.16 34.57
CA ILE Q 100 -62.41 -33.57 34.55
C ILE Q 100 -62.77 -33.91 33.10
N LEU Q 101 -61.80 -34.45 32.38
CA LEU Q 101 -61.92 -34.80 30.95
C LEU Q 101 -62.43 -36.22 30.68
N ASP Q 102 -62.71 -36.99 31.72
CA ASP Q 102 -63.09 -38.38 31.55
C ASP Q 102 -64.48 -38.70 32.07
N ASP Q 103 -65.30 -37.68 32.37
CA ASP Q 103 -66.64 -37.90 32.79
C ASP Q 103 -66.73 -38.78 34.05
N ASN Q 104 -65.77 -38.63 34.96
CA ASN Q 104 -65.73 -39.28 36.28
C ASN Q 104 -65.53 -38.21 37.39
N PHE Q 105 -66.68 -37.70 37.76
CA PHE Q 105 -66.74 -36.65 38.74
C PHE Q 105 -66.87 -37.26 40.11
N VAL Q 106 -66.25 -36.64 41.11
CA VAL Q 106 -66.62 -36.94 42.51
C VAL Q 106 -68.16 -36.92 42.72
N THR Q 107 -68.64 -37.88 43.51
CA THR Q 107 -70.09 -38.00 43.74
C THR Q 107 -70.74 -36.73 44.32
N LYS Q 108 -71.84 -36.35 43.68
CA LYS Q 108 -72.59 -35.21 44.11
C LYS Q 108 -72.83 -35.31 45.62
N ALA Q 109 -72.49 -34.26 46.35
CA ALA Q 109 -72.67 -34.25 47.80
C ALA Q 109 -73.07 -32.86 48.32
N THR Q 110 -73.84 -32.86 49.42
CA THR Q 110 -74.41 -31.64 49.98
C THR Q 110 -73.47 -31.03 51.00
N ALA Q 111 -72.96 -31.91 51.88
CA ALA Q 111 -71.95 -31.50 52.85
C ALA Q 111 -70.82 -32.48 53.09
N LEU Q 112 -69.93 -32.64 52.14
CA LEU Q 112 -68.74 -33.47 52.37
C LEU Q 112 -67.84 -32.84 53.45
N THR Q 113 -67.21 -33.62 54.30
CA THR Q 113 -66.33 -33.01 55.35
C THR Q 113 -64.98 -32.49 54.85
N TYR Q 114 -64.73 -32.53 53.54
CA TYR Q 114 -63.47 -32.06 52.97
C TYR Q 114 -63.73 -31.64 51.53
N ASP Q 115 -62.81 -30.86 51.00
CA ASP Q 115 -62.87 -30.42 49.59
C ASP Q 115 -62.21 -31.53 48.75
N PRO Q 116 -63.01 -32.29 48.00
CA PRO Q 116 -62.41 -33.44 47.36
C PRO Q 116 -61.57 -33.08 46.16
N TYR Q 117 -61.67 -31.83 45.68
CA TYR Q 117 -60.98 -31.37 44.46
C TYR Q 117 -59.66 -30.57 44.69
N VAL Q 118 -59.33 -30.34 45.94
CA VAL Q 118 -58.26 -29.42 46.23
C VAL Q 118 -56.89 -29.92 45.79
N ASN Q 119 -56.64 -31.21 45.90
CA ASN Q 119 -55.37 -31.78 45.40
C ASN Q 119 -55.31 -31.98 43.90
N TYR Q 120 -56.43 -31.86 43.20
CA TYR Q 120 -56.38 -32.09 41.74
C TYR Q 120 -55.33 -31.22 41.00
N SER Q 121 -54.64 -31.82 40.08
CA SER Q 121 -53.56 -31.11 39.41
C SER Q 121 -54.16 -29.91 38.70
N SER Q 122 -55.41 -30.00 38.25
CA SER Q 122 -56.05 -28.96 37.50
C SER Q 122 -56.83 -28.00 38.42
N ARG Q 123 -56.75 -28.19 39.73
CA ARG Q 123 -57.53 -27.35 40.64
C ARG Q 123 -57.15 -25.88 40.51
N HIS Q 124 -58.14 -25.02 40.49
CA HIS Q 124 -58.03 -23.59 40.81
C HIS Q 124 -58.92 -23.30 42.05
N THR Q 125 -58.53 -22.28 42.79
CA THR Q 125 -59.24 -21.86 44.00
C THR Q 125 -60.47 -21.02 43.76
N ILE Q 126 -61.52 -21.26 44.51
CA ILE Q 126 -62.75 -20.46 44.44
C ILE Q 126 -62.81 -19.62 45.72
N THR Q 127 -63.11 -18.35 45.57
CA THR Q 127 -63.21 -17.50 46.73
C THR Q 127 -64.70 -17.24 46.84
N GLN Q 128 -65.27 -17.35 48.04
CA GLN Q 128 -66.71 -17.35 48.20
C GLN Q 128 -67.10 -16.33 49.20
N PRO Q 129 -68.23 -15.67 49.07
CA PRO Q 129 -69.26 -15.92 48.09
C PRO Q 129 -69.43 -14.80 47.11
N PHE Q 130 -68.55 -13.80 47.19
CA PHE Q 130 -68.70 -12.58 46.42
C PHE Q 130 -67.68 -12.45 45.36
N SER Q 131 -67.07 -13.55 44.97
CA SER Q 131 -65.97 -13.40 44.02
C SER Q 131 -66.31 -14.03 42.71
N TYR Q 132 -65.78 -13.42 41.64
CA TYR Q 132 -65.89 -14.04 40.33
C TYR Q 132 -65.02 -15.27 40.35
N HIS Q 133 -65.34 -16.26 39.53
CA HIS Q 133 -64.45 -17.39 39.29
C HIS Q 133 -64.66 -17.88 37.87
N SER Q 134 -63.53 -18.12 37.14
CA SER Q 134 -63.66 -18.71 35.79
C SER Q 134 -62.64 -19.74 35.45
N ARG Q 135 -63.06 -20.64 34.58
CA ARG Q 135 -62.14 -21.63 34.04
C ARG Q 135 -62.26 -21.63 32.54
N TYR Q 136 -61.15 -21.93 31.87
CA TYR Q 136 -61.06 -21.86 30.41
C TYR Q 136 -60.17 -23.02 29.95
N PHE Q 137 -60.72 -23.92 29.15
CA PHE Q 137 -60.02 -25.17 28.79
C PHE Q 137 -60.65 -25.91 27.61
N THR Q 138 -59.84 -26.82 27.06
CA THR Q 138 -60.36 -27.72 26.02
C THR Q 138 -61.17 -28.96 26.58
N PRO Q 139 -62.52 -28.94 26.48
CA PRO Q 139 -63.33 -30.05 27.01
C PRO Q 139 -63.20 -31.25 26.09
N LYS Q 140 -63.80 -32.38 26.43
CA LYS Q 140 -63.73 -33.54 25.57
C LYS Q 140 -65.08 -34.17 25.46
N PRO Q 141 -65.43 -34.66 24.27
CA PRO Q 141 -66.67 -35.42 24.19
C PRO Q 141 -66.60 -36.78 24.94
N VAL Q 142 -67.81 -37.33 25.18
CA VAL Q 142 -68.00 -38.59 25.90
C VAL Q 142 -68.31 -39.52 24.80
N LEU Q 143 -67.25 -40.08 24.27
CA LEU Q 143 -67.28 -40.97 23.13
C LEU Q 143 -67.69 -42.36 23.50
N ASP Q 144 -67.22 -42.86 24.64
CA ASP Q 144 -67.58 -44.19 25.15
C ASP Q 144 -67.54 -44.16 26.68
N SER Q 145 -68.69 -44.16 27.36
CA SER Q 145 -68.68 -44.01 28.86
C SER Q 145 -68.09 -45.17 29.66
N THR Q 146 -68.02 -46.39 29.11
CA THR Q 146 -67.32 -47.51 29.73
C THR Q 146 -65.78 -47.33 29.89
N ILE Q 147 -65.13 -46.93 28.80
CA ILE Q 147 -63.68 -46.86 28.74
C ILE Q 147 -63.22 -45.46 29.10
N ASP Q 148 -64.00 -44.48 28.63
CA ASP Q 148 -63.83 -43.08 28.91
C ASP Q 148 -62.53 -42.58 28.40
N TYR Q 149 -62.30 -42.70 27.10
CA TYR Q 149 -61.07 -42.22 26.54
C TYR Q 149 -61.20 -40.83 25.89
N PHE Q 150 -60.04 -40.16 25.73
CA PHE Q 150 -60.05 -38.85 25.08
C PHE Q 150 -58.70 -38.42 24.50
N GLN Q 151 -58.75 -37.45 23.59
CA GLN Q 151 -57.59 -36.96 22.85
C GLN Q 151 -56.74 -36.04 23.66
N PRO Q 152 -55.44 -36.03 23.47
CA PRO Q 152 -54.65 -34.99 24.09
C PRO Q 152 -54.91 -33.66 23.44
N ASN Q 153 -54.63 -32.60 24.19
CA ASN Q 153 -55.08 -31.22 23.85
C ASN Q 153 -54.30 -30.75 22.62
N ASN Q 154 -55.01 -30.24 21.62
CA ASN Q 154 -54.45 -30.15 20.27
C ASN Q 154 -55.29 -29.19 19.38
N LYS Q 155 -54.74 -28.92 18.20
CA LYS Q 155 -55.41 -28.12 17.17
C LYS Q 155 -55.83 -28.96 15.93
N ARG Q 156 -54.89 -29.31 15.09
CA ARG Q 156 -55.22 -29.82 13.75
C ARG Q 156 -55.88 -31.21 13.77
N ASN Q 157 -55.51 -32.07 14.78
CA ASN Q 157 -55.90 -33.54 15.03
C ASN Q 157 -57.19 -33.89 15.84
N GLN Q 158 -57.88 -32.87 16.34
CA GLN Q 158 -59.17 -32.95 17.08
C GLN Q 158 -60.32 -33.53 16.21
N LEU Q 159 -60.99 -34.51 16.76
CA LEU Q 159 -62.07 -35.16 16.09
C LEU Q 159 -63.11 -34.15 15.71
N TRP Q 160 -63.55 -34.18 14.44
CA TRP Q 160 -64.85 -33.61 14.09
C TRP Q 160 -66.02 -34.53 14.53
N LEU Q 161 -67.17 -33.91 14.79
CA LEU Q 161 -68.38 -34.59 15.21
C LEU Q 161 -69.50 -34.08 14.36
N ARG Q 162 -70.54 -34.86 14.18
CA ARG Q 162 -71.70 -34.39 13.41
C ARG Q 162 -72.51 -33.34 14.16
N LEU Q 163 -73.00 -32.31 13.48
CA LEU Q 163 -73.97 -31.42 14.16
C LEU Q 163 -75.29 -32.11 14.09
N GLN Q 164 -75.76 -32.52 15.25
CA GLN Q 164 -77.06 -33.19 15.33
C GLN Q 164 -78.11 -32.17 15.71
N THR Q 165 -79.35 -32.44 15.26
CA THR Q 165 -80.47 -31.56 15.63
C THR Q 165 -80.75 -31.72 17.12
N ALA Q 166 -80.76 -32.99 17.52
CA ALA Q 166 -81.44 -33.46 18.70
C ALA Q 166 -80.51 -34.09 19.71
N GLY Q 167 -79.80 -35.16 19.37
CA GLY Q 167 -79.15 -35.92 20.46
C GLY Q 167 -77.65 -35.76 20.49
N ASN Q 168 -77.18 -34.53 20.61
CA ASN Q 168 -75.77 -34.26 20.54
C ASN Q 168 -75.07 -34.86 21.74
N VAL Q 169 -73.81 -35.17 21.60
CA VAL Q 169 -73.11 -35.83 22.67
C VAL Q 169 -72.60 -34.86 23.75
N ASP Q 170 -72.63 -35.26 25.01
CA ASP Q 170 -72.04 -34.46 26.06
C ASP Q 170 -70.55 -34.32 25.87
N HIS Q 171 -70.06 -33.12 26.16
CA HIS Q 171 -68.67 -32.90 26.41
C HIS Q 171 -68.50 -32.60 27.85
N VAL Q 172 -67.28 -32.61 28.33
CA VAL Q 172 -67.10 -32.91 29.75
C VAL Q 172 -65.84 -32.28 30.33
N GLY Q 173 -65.98 -31.94 31.62
CA GLY Q 173 -65.40 -30.73 32.04
C GLY Q 173 -65.14 -30.36 33.42
N LEU Q 174 -66.16 -30.01 34.20
CA LEU Q 174 -65.86 -29.28 35.48
C LEU Q 174 -66.45 -29.84 36.76
N GLY Q 175 -65.56 -30.24 37.66
CA GLY Q 175 -65.95 -30.64 38.99
C GLY Q 175 -65.88 -29.45 39.92
N THR Q 176 -66.89 -29.28 40.78
CA THR Q 176 -66.99 -28.11 41.70
C THR Q 176 -67.17 -28.56 43.13
N ALA Q 177 -66.51 -27.83 44.04
CA ALA Q 177 -66.67 -27.95 45.51
C ALA Q 177 -66.65 -26.55 46.14
N PHE Q 178 -67.83 -26.05 46.50
CA PHE Q 178 -68.05 -24.74 47.18
C PHE Q 178 -68.27 -24.97 48.67
N GLU Q 179 -67.50 -24.29 49.51
CA GLU Q 179 -67.68 -24.38 50.97
C GLU Q 179 -69.07 -23.88 51.32
N ASN Q 180 -69.69 -24.62 52.24
CA ASN Q 180 -71.04 -24.27 52.70
C ASN Q 180 -70.95 -23.12 53.68
N SER Q 181 -72.07 -22.43 53.81
CA SER Q 181 -72.14 -21.26 54.62
C SER Q 181 -73.43 -21.14 55.46
N ILE Q 182 -73.36 -20.24 56.42
CA ILE Q 182 -74.46 -19.87 57.30
C ILE Q 182 -75.57 -19.17 56.45
N TYR Q 183 -75.16 -18.50 55.34
CA TYR Q 183 -76.05 -17.91 54.34
C TYR Q 183 -76.10 -18.64 53.05
N ASP Q 184 -77.12 -18.31 52.26
CA ASP Q 184 -77.28 -18.79 50.89
C ASP Q 184 -76.24 -18.18 49.98
N GLN Q 185 -75.87 -18.94 48.94
CA GLN Q 185 -74.80 -18.50 48.05
C GLN Q 185 -75.35 -18.77 46.70
N GLU Q 186 -75.77 -17.70 45.99
CA GLU Q 186 -76.35 -17.77 44.64
C GLU Q 186 -75.27 -17.28 43.65
N TYR Q 187 -75.29 -17.88 42.47
CA TYR Q 187 -74.52 -17.52 41.30
C TYR Q 187 -75.38 -17.49 40.02
N ASN Q 188 -74.90 -16.73 39.07
CA ASN Q 188 -75.29 -16.88 37.69
C ASN Q 188 -74.08 -17.47 37.00
N ILE Q 189 -74.27 -18.64 36.43
CA ILE Q 189 -73.22 -19.31 35.78
C ILE Q 189 -73.40 -19.09 34.31
N ARG Q 190 -72.37 -18.60 33.67
CA ARG Q 190 -72.44 -18.42 32.27
C ARG Q 190 -71.42 -19.33 31.67
N VAL Q 191 -71.92 -20.26 30.86
CA VAL Q 191 -71.08 -21.09 30.08
C VAL Q 191 -70.97 -20.58 28.65
N THR Q 192 -69.75 -20.60 28.13
CA THR Q 192 -69.46 -20.14 26.77
C THR Q 192 -68.64 -21.19 26.00
N MET Q 193 -69.17 -21.63 24.87
CA MET Q 193 -68.46 -22.56 24.02
C MET Q 193 -67.83 -21.83 22.83
N TYR Q 194 -66.52 -22.04 22.64
CA TYR Q 194 -65.79 -21.64 21.43
C TYR Q 194 -65.81 -22.84 20.47
N VAL Q 195 -66.74 -22.80 19.52
CA VAL Q 195 -67.01 -23.89 18.60
C VAL Q 195 -66.44 -23.56 17.23
N GLN Q 196 -65.86 -24.58 16.59
CA GLN Q 196 -65.45 -24.50 15.17
C GLN Q 196 -66.42 -25.35 14.35
N PHE Q 197 -67.09 -24.74 13.38
CA PHE Q 197 -67.99 -25.46 12.46
C PHE Q 197 -67.31 -25.66 11.10
N ARG Q 198 -67.68 -26.74 10.40
CA ARG Q 198 -67.11 -27.07 9.14
C ARG Q 198 -68.22 -27.58 8.23
N GLU Q 199 -68.11 -27.30 6.92
CA GLU Q 199 -69.02 -27.73 5.83
C GLU Q 199 -70.35 -27.02 5.89
N PHE Q 200 -70.36 -25.82 5.33
CA PHE Q 200 -71.60 -25.08 5.08
C PHE Q 200 -72.60 -25.99 4.35
N ASN Q 201 -73.83 -26.08 4.83
CA ASN Q 201 -74.80 -26.98 4.18
C ASN Q 201 -76.15 -26.39 3.91
N LEU Q 202 -76.23 -25.09 3.71
CA LEU Q 202 -77.57 -24.46 3.57
C LEU Q 202 -78.40 -25.02 2.44
N LYS Q 203 -79.60 -25.40 2.78
CA LYS Q 203 -80.57 -25.90 1.79
C LYS Q 203 -81.50 -24.75 1.50
N ASP Q 204 -81.83 -24.57 0.23
CA ASP Q 204 -82.66 -23.43 -0.15
C ASP Q 204 -83.78 -23.90 -1.06
N PRO Q 205 -84.97 -24.32 -0.49
CA PRO Q 205 -86.14 -24.76 -1.32
C PRO Q 205 -86.85 -23.65 -2.11
N PRO Q 206 -87.50 -23.97 -3.25
CA PRO Q 206 -88.15 -22.95 -4.11
C PRO Q 206 -89.39 -22.28 -3.53
N SER R 19 -67.20 -13.19 13.26
CA SER R 19 -67.72 -11.80 13.10
C SER R 19 -68.06 -11.44 11.64
N HIS R 20 -67.17 -11.81 10.71
CA HIS R 20 -67.44 -11.86 9.26
C HIS R 20 -67.53 -13.26 8.80
N PHE R 21 -68.43 -13.50 7.86
CA PHE R 21 -68.60 -14.79 7.30
C PHE R 21 -68.84 -14.66 5.81
N ASN R 22 -67.90 -15.17 5.05
CA ASN R 22 -67.89 -15.14 3.58
C ASN R 22 -68.40 -16.49 3.12
N THR R 23 -69.37 -16.51 2.19
CA THR R 23 -69.95 -17.74 1.68
C THR R 23 -70.63 -17.55 0.32
N ARG R 24 -71.17 -18.63 -0.18
CA ARG R 24 -71.59 -18.73 -1.52
C ARG R 24 -72.96 -19.40 -1.46
N LEU R 25 -74.00 -18.73 -1.99
CA LEU R 25 -75.36 -19.26 -2.04
C LEU R 25 -75.77 -19.33 -3.49
N SER R 26 -76.51 -20.38 -3.82
CA SER R 26 -76.94 -20.68 -5.18
C SER R 26 -78.39 -21.13 -5.29
N ARG R 27 -78.87 -21.06 -6.53
CA ARG R 27 -80.19 -21.53 -6.97
C ARG R 27 -80.17 -21.73 -8.45
N THR R 28 -81.01 -22.65 -8.92
CA THR R 28 -81.12 -22.89 -10.36
C THR R 28 -82.56 -22.92 -10.82
N PHE R 29 -82.80 -22.36 -12.00
CA PHE R 29 -84.16 -22.20 -12.55
C PHE R 29 -84.20 -22.31 -14.08
N GLY R 30 -85.33 -22.67 -14.68
CA GLY R 30 -85.41 -23.00 -16.11
C GLY R 30 -85.68 -21.75 -16.84
N TYR R 31 -85.34 -21.69 -18.12
CA TYR R 31 -85.61 -20.52 -18.98
C TYR R 31 -85.74 -20.98 -20.43
N THR R 32 -86.91 -20.82 -21.03
CA THR R 32 -87.09 -21.17 -22.44
C THR R 32 -87.28 -19.92 -23.35
N ILE R 33 -86.52 -19.80 -24.44
CA ILE R 33 -86.85 -18.89 -25.52
C ILE R 33 -87.59 -19.74 -26.51
N LYS R 34 -88.86 -19.39 -26.75
CA LYS R 34 -89.74 -20.18 -27.59
C LYS R 34 -89.50 -19.93 -29.06
N ARG R 35 -89.65 -21.00 -29.83
CA ARG R 35 -89.42 -20.96 -31.28
C ARG R 35 -90.16 -19.81 -32.00
N THR R 36 -89.63 -19.33 -33.12
CA THR R 36 -90.40 -18.44 -33.95
C THR R 36 -90.29 -18.85 -35.39
N THR R 37 -91.06 -18.15 -36.18
CA THR R 37 -91.05 -18.19 -37.64
C THR R 37 -90.90 -16.74 -38.23
N VAL R 38 -90.57 -15.75 -37.39
CA VAL R 38 -90.21 -14.44 -37.85
C VAL R 38 -88.92 -14.72 -38.63
N LYS R 39 -88.87 -14.36 -39.92
CA LYS R 39 -87.85 -14.98 -40.83
C LYS R 39 -86.55 -14.23 -40.65
N THR R 40 -86.64 -12.89 -40.65
CA THR R 40 -85.52 -12.01 -40.30
C THR R 40 -84.95 -12.29 -38.89
N PRO R 41 -83.67 -11.94 -38.64
CA PRO R 41 -83.16 -12.00 -37.26
C PRO R 41 -83.97 -11.17 -36.22
N SER R 42 -84.02 -11.68 -35.00
CA SER R 42 -84.78 -11.02 -33.97
C SER R 42 -84.30 -11.54 -32.61
N TRP R 43 -84.55 -10.81 -31.53
CA TRP R 43 -83.95 -11.09 -30.27
C TRP R 43 -84.98 -11.06 -29.17
N ALA R 44 -84.98 -12.10 -28.34
CA ALA R 44 -85.79 -12.13 -27.07
C ALA R 44 -85.04 -11.34 -26.03
N VAL R 45 -85.61 -10.26 -25.57
CA VAL R 45 -84.89 -9.41 -24.71
C VAL R 45 -85.50 -9.53 -23.36
N ASP R 46 -84.69 -9.72 -22.34
CA ASP R 46 -85.17 -9.92 -20.94
C ASP R 46 -84.22 -9.29 -19.90
N MET R 47 -84.44 -9.55 -18.63
CA MET R 47 -83.63 -8.96 -17.54
C MET R 47 -83.60 -9.84 -16.30
N MET R 48 -82.59 -9.63 -15.48
CA MET R 48 -82.32 -10.40 -14.28
C MET R 48 -82.03 -9.48 -13.12
N ARG R 49 -82.69 -9.74 -12.00
CA ARG R 49 -82.31 -9.15 -10.71
C ARG R 49 -81.97 -10.26 -9.73
N PHE R 50 -81.45 -9.87 -8.56
CA PHE R 50 -80.95 -10.86 -7.60
C PHE R 50 -81.41 -10.42 -6.25
N ASN R 51 -82.19 -11.26 -5.63
CA ASN R 51 -82.71 -10.93 -4.36
C ASN R 51 -82.41 -12.11 -3.44
N ILE R 52 -81.69 -11.82 -2.37
CA ILE R 52 -81.33 -12.82 -1.36
C ILE R 52 -82.55 -13.54 -0.76
N ASN R 53 -83.74 -12.95 -0.84
CA ASN R 53 -84.99 -13.72 -0.52
C ASN R 53 -85.01 -15.10 -1.18
N ASP R 54 -84.65 -15.12 -2.46
CA ASP R 54 -84.55 -16.35 -3.21
C ASP R 54 -83.40 -17.34 -2.87
N PHE R 55 -82.46 -16.95 -2.01
CA PHE R 55 -81.28 -17.76 -1.73
C PHE R 55 -81.21 -18.28 -0.36
N LEU R 56 -81.86 -17.57 0.57
CA LEU R 56 -81.81 -17.78 2.03
C LEU R 56 -83.19 -18.03 2.52
N PRO R 57 -83.53 -19.30 2.84
CA PRO R 57 -84.91 -19.50 3.29
C PRO R 57 -85.09 -19.00 4.74
N PRO R 58 -86.36 -18.83 5.14
CA PRO R 58 -86.62 -18.41 6.54
C PRO R 58 -86.09 -19.44 7.55
N GLY R 59 -85.64 -18.95 8.70
CA GLY R 59 -85.16 -19.80 9.81
C GLY R 59 -86.33 -20.25 10.67
N GLY R 60 -86.10 -20.41 11.96
CA GLY R 60 -87.14 -20.90 12.86
C GLY R 60 -87.05 -20.37 14.28
N GLY R 61 -88.23 -20.19 14.89
CA GLY R 61 -88.38 -19.77 16.28
C GLY R 61 -87.77 -18.40 16.47
N SER R 62 -86.78 -18.29 17.35
CA SER R 62 -86.19 -16.99 17.67
C SER R 62 -85.06 -16.47 16.76
N ASN R 63 -84.68 -17.27 15.73
CA ASN R 63 -83.67 -16.91 14.73
C ASN R 63 -84.37 -16.90 13.37
N PRO R 64 -84.78 -15.70 12.90
CA PRO R 64 -85.72 -15.73 11.79
C PRO R 64 -85.05 -15.98 10.46
N ARG R 65 -83.73 -15.81 10.35
CA ARG R 65 -83.04 -16.24 9.13
C ARG R 65 -82.21 -17.48 9.33
N SER R 66 -82.19 -18.30 8.29
CA SER R 66 -81.35 -19.50 8.28
C SER R 66 -79.84 -19.23 8.48
N VAL R 67 -79.32 -18.01 8.15
CA VAL R 67 -77.98 -17.68 8.62
C VAL R 67 -78.09 -16.63 9.72
N PRO R 68 -77.63 -16.90 10.93
CA PRO R 68 -77.77 -15.97 12.04
C PRO R 68 -76.74 -14.80 12.05
N PHE R 69 -77.01 -13.87 11.16
CA PHE R 69 -76.23 -12.66 11.03
C PHE R 69 -77.12 -11.45 10.80
N GLU R 70 -76.60 -10.30 11.24
CA GLU R 70 -77.37 -9.06 11.27
C GLU R 70 -77.27 -8.29 9.97
N TYR R 71 -76.08 -8.26 9.42
CA TYR R 71 -75.82 -7.48 8.24
C TYR R 71 -75.30 -8.35 7.08
N TYR R 72 -75.52 -7.87 5.86
CA TYR R 72 -74.84 -8.50 4.72
C TYR R 72 -74.52 -7.51 3.62
N ARG R 73 -73.55 -7.91 2.79
CA ARG R 73 -73.45 -7.31 1.48
C ARG R 73 -73.07 -8.29 0.43
N ILE R 74 -73.49 -8.04 -0.81
CA ILE R 74 -73.14 -8.89 -1.94
C ILE R 74 -71.92 -8.38 -2.67
N ARG R 75 -70.83 -9.05 -2.38
CA ARG R 75 -69.54 -8.83 -3.01
C ARG R 75 -69.53 -9.05 -4.54
N LYS R 76 -70.27 -10.06 -5.00
CA LYS R 76 -70.14 -10.56 -6.38
C LYS R 76 -71.30 -11.45 -6.77
N VAL R 77 -71.74 -11.42 -8.01
CA VAL R 77 -72.74 -12.39 -8.56
C VAL R 77 -72.11 -13.11 -9.75
N LYS R 78 -72.33 -14.41 -9.86
CA LYS R 78 -72.07 -15.18 -11.08
C LYS R 78 -73.43 -15.59 -11.66
N VAL R 79 -73.73 -15.30 -12.91
CA VAL R 79 -74.94 -15.82 -13.53
C VAL R 79 -74.38 -16.82 -14.49
N GLU R 80 -74.81 -18.08 -14.41
CA GLU R 80 -74.38 -19.07 -15.39
C GLU R 80 -75.61 -19.48 -16.20
N PHE R 81 -75.52 -19.39 -17.53
CA PHE R 81 -76.47 -20.04 -18.49
C PHE R 81 -76.01 -21.45 -18.96
N TRP R 82 -76.60 -22.52 -18.43
CA TRP R 82 -76.18 -23.90 -18.73
C TRP R 82 -77.13 -24.38 -19.83
N PRO R 83 -76.62 -24.44 -21.05
CA PRO R 83 -77.55 -24.79 -22.12
C PRO R 83 -78.12 -26.20 -21.99
N CYS R 84 -79.43 -26.33 -22.16
CA CYS R 84 -80.06 -27.62 -22.38
C CYS R 84 -79.89 -28.21 -23.81
N SER R 85 -79.77 -27.41 -24.88
CA SER R 85 -79.89 -27.96 -26.25
C SER R 85 -78.64 -28.74 -26.57
N PRO R 86 -78.79 -29.78 -27.40
CA PRO R 86 -77.62 -30.62 -27.69
C PRO R 86 -76.70 -29.95 -28.69
N ILE R 87 -75.44 -30.35 -28.72
CA ILE R 87 -74.50 -29.80 -29.72
C ILE R 87 -74.88 -30.12 -31.24
N THR R 88 -75.88 -30.96 -31.45
CA THR R 88 -76.40 -31.19 -32.78
C THR R 88 -77.43 -30.16 -33.21
N GLN R 89 -77.84 -29.25 -32.35
CA GLN R 89 -78.94 -28.35 -32.77
C GLN R 89 -78.38 -27.31 -33.71
N GLY R 90 -79.21 -26.91 -34.65
CA GLY R 90 -78.83 -26.06 -35.74
C GLY R 90 -79.46 -24.73 -35.52
N ASP R 91 -79.41 -23.89 -36.55
CA ASP R 91 -79.95 -22.54 -36.44
C ASP R 91 -79.47 -21.82 -35.20
N ARG R 92 -78.15 -21.72 -35.13
CA ARG R 92 -77.38 -21.06 -34.09
C ARG R 92 -77.42 -19.55 -34.27
N GLY R 93 -77.42 -18.87 -33.15
CA GLY R 93 -77.65 -17.48 -33.11
C GLY R 93 -76.63 -16.82 -32.23
N VAL R 94 -76.72 -15.51 -32.13
CA VAL R 94 -75.72 -14.74 -31.46
C VAL R 94 -76.38 -13.56 -30.77
N GLY R 95 -76.28 -13.56 -29.45
CA GLY R 95 -76.83 -12.50 -28.63
C GLY R 95 -75.81 -11.83 -27.73
N SER R 96 -76.33 -11.18 -26.71
CA SER R 96 -75.55 -10.29 -25.84
C SER R 96 -76.03 -10.38 -24.39
N SER R 97 -75.09 -10.22 -23.45
CA SER R 97 -75.42 -9.95 -22.04
C SER R 97 -74.79 -8.63 -21.66
N ALA R 98 -75.52 -7.77 -20.95
CA ALA R 98 -74.93 -6.58 -20.35
C ALA R 98 -75.19 -6.39 -18.83
N VAL R 99 -74.21 -5.78 -18.17
CA VAL R 99 -74.30 -5.48 -16.77
C VAL R 99 -75.00 -4.13 -16.62
N ILE R 100 -76.15 -4.19 -15.95
CA ILE R 100 -77.04 -3.10 -15.74
C ILE R 100 -77.09 -2.84 -14.25
N LEU R 101 -76.41 -1.79 -13.80
CA LEU R 101 -76.26 -1.51 -12.40
C LEU R 101 -77.23 -0.47 -11.87
N ASP R 102 -78.06 0.13 -12.74
CA ASP R 102 -78.95 1.26 -12.32
C ASP R 102 -80.43 0.88 -12.51
N ASP R 103 -80.72 -0.41 -12.50
CA ASP R 103 -82.06 -0.90 -12.57
C ASP R 103 -82.85 -0.46 -13.82
N ASN R 104 -82.17 -0.12 -14.91
CA ASN R 104 -82.84 0.35 -16.11
C ASN R 104 -82.57 -0.51 -17.30
N PHE R 105 -83.40 -1.49 -17.47
CA PHE R 105 -83.20 -2.47 -18.45
C PHE R 105 -84.01 -2.14 -19.67
N VAL R 106 -83.53 -2.60 -20.82
CA VAL R 106 -84.29 -2.51 -22.03
C VAL R 106 -85.61 -3.24 -21.86
N THR R 107 -86.69 -2.65 -22.36
CA THR R 107 -88.02 -3.26 -22.22
C THR R 107 -88.03 -4.71 -22.69
N LYS R 108 -88.67 -5.56 -21.90
CA LYS R 108 -88.86 -6.94 -22.24
C LYS R 108 -89.48 -7.07 -23.63
N ALA R 109 -89.11 -8.09 -24.39
CA ALA R 109 -89.55 -8.15 -25.79
C ALA R 109 -89.43 -9.54 -26.43
N THR R 110 -90.43 -9.96 -27.21
CA THR R 110 -90.40 -11.31 -27.79
C THR R 110 -89.48 -11.40 -29.02
N ALA R 111 -89.46 -10.31 -29.82
CA ALA R 111 -88.73 -10.32 -31.12
C ALA R 111 -88.43 -8.94 -31.60
N LEU R 112 -87.57 -8.26 -30.87
CA LEU R 112 -87.01 -7.02 -31.32
C LEU R 112 -86.22 -7.27 -32.60
N THR R 113 -86.20 -6.31 -33.51
CA THR R 113 -85.51 -6.45 -34.79
C THR R 113 -84.00 -6.17 -34.74
N TYR R 114 -83.46 -5.86 -33.56
CA TYR R 114 -81.98 -5.74 -33.38
C TYR R 114 -81.66 -6.20 -31.95
N ASP R 115 -80.37 -6.44 -31.73
CA ASP R 115 -79.83 -6.79 -30.41
C ASP R 115 -79.55 -5.49 -29.63
N PRO R 116 -80.46 -5.10 -28.75
CA PRO R 116 -80.30 -3.78 -28.17
C PRO R 116 -79.13 -3.66 -27.24
N TYR R 117 -78.57 -4.78 -26.79
CA TYR R 117 -77.45 -4.76 -25.87
C TYR R 117 -76.07 -4.79 -26.56
N VAL R 118 -76.01 -4.98 -27.86
CA VAL R 118 -74.73 -5.23 -28.48
C VAL R 118 -73.69 -4.11 -28.35
N ASN R 119 -74.10 -2.84 -28.31
CA ASN R 119 -73.15 -1.73 -28.14
C ASN R 119 -72.86 -1.36 -26.69
N TYR R 120 -73.52 -1.98 -25.71
CA TYR R 120 -73.22 -1.67 -24.35
C TYR R 120 -71.78 -2.00 -24.05
N SER R 121 -71.10 -1.07 -23.45
CA SER R 121 -69.73 -1.19 -22.99
C SER R 121 -69.48 -2.47 -22.21
N SER R 122 -70.47 -2.93 -21.49
CA SER R 122 -70.27 -4.03 -20.62
C SER R 122 -70.73 -5.31 -21.31
N ARG R 123 -71.03 -5.26 -22.60
CA ARG R 123 -71.60 -6.42 -23.30
C ARG R 123 -70.66 -7.59 -23.41
N HIS R 124 -71.08 -8.80 -23.12
CA HIS R 124 -70.39 -10.02 -23.59
C HIS R 124 -71.26 -10.77 -24.65
N THR R 125 -70.60 -11.27 -25.67
CA THR R 125 -71.29 -12.05 -26.70
C THR R 125 -71.77 -13.40 -26.17
N ILE R 126 -72.98 -13.81 -26.51
CA ILE R 126 -73.56 -15.10 -26.18
C ILE R 126 -73.72 -15.92 -27.48
N THR R 127 -73.36 -17.19 -27.38
CA THR R 127 -73.29 -18.06 -28.54
C THR R 127 -74.36 -19.12 -28.30
N GLN R 128 -75.25 -19.30 -29.25
CA GLN R 128 -76.49 -20.05 -28.96
C GLN R 128 -76.65 -21.20 -29.91
N PRO R 129 -77.30 -22.29 -29.50
CA PRO R 129 -78.02 -22.47 -28.24
C PRO R 129 -77.42 -23.54 -27.31
N PHE R 130 -76.25 -24.03 -27.71
CA PHE R 130 -75.62 -25.13 -27.03
C PHE R 130 -74.38 -24.75 -26.26
N SER R 131 -74.19 -23.46 -25.99
CA SER R 131 -72.93 -22.98 -25.40
C SER R 131 -73.16 -22.41 -24.05
N TYR R 132 -72.20 -22.65 -23.16
CA TYR R 132 -72.19 -22.03 -21.82
C TYR R 132 -71.92 -20.53 -21.95
N HIS R 133 -72.51 -19.76 -21.05
CA HIS R 133 -72.30 -18.32 -21.01
C HIS R 133 -72.35 -17.97 -19.57
N SER R 134 -71.38 -17.16 -19.09
CA SER R 134 -71.46 -16.64 -17.70
C SER R 134 -70.97 -15.24 -17.58
N ARG R 135 -71.51 -14.57 -16.59
CA ARG R 135 -70.99 -13.25 -16.15
C ARG R 135 -70.72 -13.28 -14.71
N TYR R 136 -69.79 -12.41 -14.32
CA TYR R 136 -69.31 -12.34 -12.93
C TYR R 136 -69.04 -10.88 -12.69
N PHE R 137 -69.78 -10.27 -11.78
CA PHE R 137 -69.59 -8.85 -11.52
C PHE R 137 -70.01 -8.44 -10.10
N THR R 138 -69.58 -7.28 -9.65
CA THR R 138 -70.22 -6.78 -8.43
C THR R 138 -71.59 -6.12 -8.77
N PRO R 139 -72.73 -6.67 -8.31
CA PRO R 139 -74.04 -6.03 -8.59
C PRO R 139 -74.28 -4.88 -7.65
N LYS R 140 -75.35 -4.14 -7.89
CA LYS R 140 -75.68 -3.05 -6.97
C LYS R 140 -77.10 -3.19 -6.36
N PRO R 141 -77.26 -2.79 -5.10
CA PRO R 141 -78.60 -2.72 -4.55
C PRO R 141 -79.44 -1.55 -5.10
N VAL R 142 -80.73 -1.75 -5.15
CA VAL R 142 -81.63 -0.76 -5.61
C VAL R 142 -82.10 0.00 -4.40
N LEU R 143 -81.24 0.91 -4.01
CA LEU R 143 -81.50 1.84 -2.92
C LEU R 143 -82.59 2.85 -3.18
N ASP R 144 -82.71 3.27 -4.42
CA ASP R 144 -83.71 4.26 -4.78
C ASP R 144 -83.99 4.05 -6.29
N SER R 145 -85.21 3.58 -6.56
CA SER R 145 -85.61 3.06 -7.88
C SER R 145 -85.87 4.17 -8.89
N THR R 146 -85.97 5.41 -8.39
CA THR R 146 -86.19 6.59 -9.25
C THR R 146 -84.88 7.25 -9.72
N ILE R 147 -84.10 7.75 -8.76
CA ILE R 147 -82.80 8.40 -9.04
C ILE R 147 -81.79 7.41 -9.56
N ASP R 148 -81.83 6.20 -9.03
CA ASP R 148 -81.06 5.09 -9.51
C ASP R 148 -79.58 5.18 -9.31
N TYR R 149 -79.15 5.29 -8.06
CA TYR R 149 -77.76 5.55 -7.81
C TYR R 149 -76.99 4.41 -7.18
N PHE R 150 -75.71 4.35 -7.49
CA PHE R 150 -74.88 3.29 -6.94
C PHE R 150 -73.42 3.68 -6.68
N GLN R 151 -72.84 2.95 -5.76
CA GLN R 151 -71.42 3.03 -5.44
C GLN R 151 -70.49 2.51 -6.55
N PRO R 152 -69.39 3.19 -6.75
CA PRO R 152 -68.32 2.55 -7.50
C PRO R 152 -67.83 1.24 -6.86
N ASN R 153 -67.44 0.33 -7.76
CA ASN R 153 -67.00 -1.04 -7.44
C ASN R 153 -65.74 -0.76 -6.57
N ASN R 154 -65.65 -1.32 -5.36
CA ASN R 154 -64.63 -0.86 -4.33
C ASN R 154 -64.82 -1.54 -2.94
N LYS R 155 -63.82 -2.28 -2.46
CA LYS R 155 -64.06 -3.26 -1.37
C LYS R 155 -64.43 -2.65 0.02
N ARG R 156 -63.47 -2.02 0.65
CA ARG R 156 -63.67 -1.62 2.02
C ARG R 156 -64.78 -0.56 2.18
N ASN R 157 -65.11 0.23 1.14
CA ASN R 157 -66.19 1.27 1.22
C ASN R 157 -67.66 0.88 0.90
N GLN R 158 -67.92 -0.39 0.55
CA GLN R 158 -69.23 -0.90 0.07
C GLN R 158 -70.28 -0.95 1.18
N LEU R 159 -71.51 -0.51 0.90
CA LEU R 159 -72.50 -0.38 1.93
C LEU R 159 -72.81 -1.72 2.57
N TRP R 160 -73.10 -1.74 3.88
CA TRP R 160 -73.80 -2.90 4.48
C TRP R 160 -75.31 -2.69 4.48
N LEU R 161 -75.99 -3.80 4.52
CA LEU R 161 -77.45 -3.90 4.48
C LEU R 161 -77.93 -4.82 5.58
N ARG R 162 -79.08 -4.54 6.14
CA ARG R 162 -79.70 -5.42 7.10
C ARG R 162 -80.16 -6.64 6.39
N LEU R 163 -79.82 -7.80 6.93
CA LEU R 163 -80.47 -9.09 6.58
C LEU R 163 -81.95 -9.11 7.11
N GLN R 164 -82.91 -9.21 6.23
CA GLN R 164 -84.29 -9.14 6.63
C GLN R 164 -84.87 -10.53 6.47
N THR R 165 -85.92 -10.79 7.24
CA THR R 165 -86.49 -12.12 7.19
C THR R 165 -87.02 -12.30 5.79
N ALA R 166 -87.93 -11.37 5.43
CA ALA R 166 -88.73 -11.54 4.23
C ALA R 166 -88.54 -10.47 3.17
N GLY R 167 -88.18 -9.24 3.50
CA GLY R 167 -88.43 -8.23 2.51
C GLY R 167 -87.25 -7.61 1.84
N ASN R 168 -86.25 -8.37 1.45
CA ASN R 168 -84.95 -7.77 1.10
C ASN R 168 -84.97 -6.95 -0.15
N VAL R 169 -83.99 -6.11 -0.30
CA VAL R 169 -83.87 -5.25 -1.46
C VAL R 169 -83.34 -6.01 -2.68
N ASP R 170 -83.86 -5.67 -3.85
CA ASP R 170 -83.29 -6.18 -5.09
C ASP R 170 -81.85 -5.69 -5.30
N HIS R 171 -81.02 -6.54 -5.86
CA HIS R 171 -79.75 -6.12 -6.39
C HIS R 171 -79.82 -6.28 -7.89
N VAL R 172 -78.90 -5.58 -8.53
CA VAL R 172 -79.10 -5.30 -9.88
C VAL R 172 -77.89 -5.49 -10.74
N GLY R 173 -78.31 -6.02 -11.91
CA GLY R 173 -77.40 -6.73 -12.73
C GLY R 173 -77.56 -6.98 -14.17
N LEU R 174 -78.45 -7.83 -14.66
CA LEU R 174 -78.16 -8.42 -16.01
C LEU R 174 -79.21 -8.33 -17.10
N GLY R 175 -78.94 -7.61 -18.18
CA GLY R 175 -79.83 -7.59 -19.37
C GLY R 175 -79.38 -8.66 -20.37
N THR R 176 -80.36 -9.37 -20.91
CA THR R 176 -80.08 -10.38 -21.92
C THR R 176 -80.79 -10.04 -23.25
N ALA R 177 -80.16 -10.36 -24.38
CA ALA R 177 -80.84 -10.46 -25.64
C ALA R 177 -80.41 -11.76 -26.33
N PHE R 178 -81.27 -12.77 -26.34
CA PHE R 178 -80.95 -14.02 -27.08
C PHE R 178 -81.54 -13.97 -28.47
N GLU R 179 -80.75 -14.38 -29.45
CA GLU R 179 -81.28 -14.47 -30.80
C GLU R 179 -82.29 -15.57 -30.85
N ASN R 180 -83.47 -15.25 -31.44
CA ASN R 180 -84.58 -16.19 -31.72
C ASN R 180 -84.21 -17.20 -32.79
N SER R 181 -84.91 -18.33 -32.72
CA SER R 181 -84.60 -19.47 -33.54
C SER R 181 -85.89 -20.20 -33.97
N ILE R 182 -85.70 -21.00 -35.02
CA ILE R 182 -86.67 -21.98 -35.53
C ILE R 182 -87.05 -23.14 -34.50
N TYR R 183 -86.07 -23.50 -33.63
CA TYR R 183 -86.22 -24.41 -32.47
C TYR R 183 -86.29 -23.65 -31.15
N ASP R 184 -86.98 -24.25 -30.17
CA ASP R 184 -86.85 -23.86 -28.74
C ASP R 184 -85.38 -23.91 -28.24
N GLN R 185 -85.01 -22.97 -27.36
CA GLN R 185 -83.73 -22.93 -26.72
C GLN R 185 -83.95 -22.92 -25.20
N GLU R 186 -83.85 -24.09 -24.54
CA GLU R 186 -84.10 -24.25 -23.08
C GLU R 186 -82.66 -24.01 -22.40
N TYR R 187 -82.64 -23.38 -21.22
CA TYR R 187 -81.43 -23.25 -20.38
C TYR R 187 -81.81 -23.51 -18.91
N ASN R 188 -80.92 -24.09 -18.13
CA ASN R 188 -81.05 -24.03 -16.67
C ASN R 188 -80.12 -22.91 -16.35
N ILE R 189 -80.63 -21.87 -15.72
CA ILE R 189 -79.81 -20.75 -15.28
C ILE R 189 -79.44 -20.90 -13.81
N ARG R 190 -78.16 -20.81 -13.49
CA ARG R 190 -77.71 -20.83 -12.06
C ARG R 190 -77.12 -19.51 -11.67
N VAL R 191 -77.64 -18.94 -10.61
CA VAL R 191 -77.17 -17.72 -10.05
C VAL R 191 -76.50 -18.02 -8.70
N THR R 192 -75.25 -17.57 -8.52
CA THR R 192 -74.50 -17.73 -7.30
C THR R 192 -74.17 -16.38 -6.69
N MET R 193 -74.52 -16.13 -5.43
CA MET R 193 -74.19 -14.85 -4.79
C MET R 193 -73.02 -15.07 -3.91
N TYR R 194 -72.01 -14.22 -4.01
CA TYR R 194 -70.88 -14.30 -3.08
C TYR R 194 -71.13 -13.20 -2.06
N VAL R 195 -71.66 -13.63 -0.94
CA VAL R 195 -72.19 -12.77 0.11
C VAL R 195 -71.26 -12.68 1.29
N GLN R 196 -71.00 -11.48 1.75
CA GLN R 196 -70.30 -11.31 2.99
C GLN R 196 -71.31 -10.96 4.09
N PHE R 197 -71.21 -11.65 5.21
CA PHE R 197 -72.18 -11.52 6.31
C PHE R 197 -71.44 -10.92 7.51
N ARG R 198 -72.11 -10.04 8.25
CA ARG R 198 -71.49 -9.44 9.43
C ARG R 198 -72.39 -9.50 10.63
N GLU R 199 -71.76 -9.66 11.82
CA GLU R 199 -72.41 -9.58 13.14
C GLU R 199 -73.25 -10.82 13.42
N PHE R 200 -72.66 -11.79 14.09
CA PHE R 200 -73.34 -13.03 14.46
C PHE R 200 -74.34 -12.66 15.49
N ASN R 201 -75.59 -13.14 15.37
CA ASN R 201 -76.68 -12.65 16.24
C ASN R 201 -77.54 -13.77 16.85
N LEU R 202 -77.01 -15.00 16.85
CA LEU R 202 -77.77 -16.18 17.21
C LEU R 202 -78.47 -16.07 18.59
N LYS R 203 -79.78 -16.30 18.61
CA LYS R 203 -80.57 -16.30 19.85
C LYS R 203 -80.69 -17.74 20.33
N ASP R 204 -80.66 -17.93 21.65
CA ASP R 204 -80.71 -19.23 22.31
C ASP R 204 -81.66 -19.24 23.57
N PRO R 205 -82.97 -19.27 23.33
CA PRO R 205 -83.93 -19.46 24.42
C PRO R 205 -83.82 -20.78 25.09
N PRO R 206 -84.08 -20.87 26.39
CA PRO R 206 -83.87 -22.19 27.04
C PRO R 206 -84.95 -23.23 26.67
N SER S 19 -38.13 -42.11 39.22
CA SER S 19 -37.41 -42.02 40.58
C SER S 19 -37.88 -40.94 41.67
N HIS S 20 -38.17 -39.66 41.26
CA HIS S 20 -38.66 -38.52 42.16
C HIS S 20 -39.98 -38.03 41.80
N PHE S 21 -40.81 -37.70 42.75
CA PHE S 21 -42.17 -37.22 42.43
C PHE S 21 -42.54 -36.02 43.28
N ASN S 22 -42.65 -34.86 42.64
CA ASN S 22 -42.98 -33.60 43.30
C ASN S 22 -44.45 -33.38 43.26
N THR S 23 -45.07 -33.06 44.37
CA THR S 23 -46.50 -32.72 44.31
C THR S 23 -46.85 -31.87 45.50
N ARG S 24 -48.12 -31.65 45.62
CA ARG S 24 -48.63 -30.62 46.42
C ARG S 24 -49.85 -31.14 47.14
N LEU S 25 -49.90 -31.03 48.47
CA LEU S 25 -51.03 -31.58 49.25
C LEU S 25 -51.66 -30.51 50.10
N SER S 26 -52.99 -30.55 50.29
CA SER S 26 -53.67 -29.50 51.05
C SER S 26 -54.73 -30.02 51.99
N ARG S 27 -54.93 -29.24 53.05
CA ARG S 27 -56.06 -29.41 53.96
C ARG S 27 -56.51 -28.07 54.46
N THR S 28 -57.79 -28.00 54.79
CA THR S 28 -58.44 -26.79 55.24
C THR S 28 -59.14 -27.08 56.61
N PHE S 29 -58.95 -26.21 57.58
CA PHE S 29 -59.65 -26.33 58.85
C PHE S 29 -60.13 -24.96 59.43
N GLY S 30 -60.89 -25.03 60.51
CA GLY S 30 -61.43 -23.82 61.15
C GLY S 30 -60.51 -23.22 62.16
N TYR S 31 -60.55 -21.91 62.30
CA TYR S 31 -59.97 -21.27 63.46
C TYR S 31 -60.82 -20.08 63.84
N THR S 32 -61.23 -20.04 65.12
CA THR S 32 -62.03 -18.95 65.67
C THR S 32 -61.31 -18.26 66.79
N ILE S 33 -61.00 -16.99 66.66
CA ILE S 33 -60.61 -16.19 67.83
C ILE S 33 -61.95 -15.71 68.40
N LYS S 34 -62.22 -16.04 69.67
CA LYS S 34 -63.47 -15.61 70.29
C LYS S 34 -63.45 -14.16 70.74
N ARG S 35 -64.64 -13.57 70.78
CA ARG S 35 -64.78 -12.16 71.15
C ARG S 35 -64.33 -11.96 72.58
N THR S 36 -63.81 -10.79 72.96
CA THR S 36 -63.59 -10.45 74.40
C THR S 36 -64.08 -9.02 74.72
N THR S 37 -64.00 -8.70 75.99
CA THR S 37 -64.30 -7.37 76.47
C THR S 37 -63.15 -6.85 77.34
N VAL S 38 -61.98 -7.50 77.35
CA VAL S 38 -60.75 -6.85 77.86
C VAL S 38 -60.58 -5.51 77.10
N LYS S 39 -60.55 -4.38 77.81
CA LYS S 39 -60.78 -3.06 77.13
C LYS S 39 -59.51 -2.64 76.34
N THR S 40 -58.35 -2.92 76.91
CA THR S 40 -57.09 -2.61 76.27
C THR S 40 -56.66 -3.70 75.21
N PRO S 41 -55.73 -3.34 74.32
CA PRO S 41 -55.23 -4.30 73.35
C PRO S 41 -54.65 -5.58 73.96
N SER S 42 -55.13 -6.71 73.43
CA SER S 42 -54.61 -8.02 73.79
C SER S 42 -54.50 -8.93 72.60
N TRP S 43 -53.67 -9.97 72.74
CA TRP S 43 -53.46 -10.87 71.64
C TRP S 43 -53.77 -12.33 71.97
N ALA S 44 -54.34 -13.04 70.99
CA ALA S 44 -54.53 -14.50 71.05
C ALA S 44 -53.36 -15.24 70.37
N VAL S 45 -52.55 -15.89 71.20
CA VAL S 45 -51.28 -16.42 70.80
C VAL S 45 -51.48 -17.93 70.62
N ASP S 46 -50.95 -18.44 69.51
CA ASP S 46 -51.09 -19.85 69.17
C ASP S 46 -49.94 -20.25 68.22
N MET S 47 -50.06 -21.43 67.62
CA MET S 47 -48.99 -22.08 66.91
C MET S 47 -49.53 -23.14 65.92
N MET S 48 -48.63 -23.67 65.11
CA MET S 48 -48.98 -24.61 64.08
C MET S 48 -47.79 -25.44 63.84
N ARG S 49 -48.05 -26.74 63.86
CA ARG S 49 -47.16 -27.72 63.35
C ARG S 49 -47.70 -28.28 62.05
N PHE S 50 -46.86 -29.03 61.35
CA PHE S 50 -47.25 -29.69 60.14
C PHE S 50 -46.87 -31.13 60.18
N ASN S 51 -47.82 -32.00 59.91
CA ASN S 51 -47.58 -33.43 59.94
C ASN S 51 -48.27 -34.05 58.75
N ILE S 52 -47.48 -34.68 57.88
CA ILE S 52 -47.98 -35.31 56.69
C ILE S 52 -49.08 -36.35 56.98
N ASN S 53 -49.14 -36.91 58.17
CA ASN S 53 -50.32 -37.72 58.49
C ASN S 53 -51.68 -37.07 58.21
N ASP S 54 -51.79 -35.75 58.39
CA ASP S 54 -53.04 -35.04 58.10
C ASP S 54 -53.28 -34.69 56.63
N PHE S 55 -52.38 -35.12 55.74
CA PHE S 55 -52.48 -34.84 54.30
C PHE S 55 -52.59 -36.11 53.46
N LEU S 56 -52.04 -37.20 53.94
CA LEU S 56 -51.87 -38.35 53.13
C LEU S 56 -52.51 -39.45 53.89
N PRO S 57 -53.70 -39.87 53.47
CA PRO S 57 -54.33 -40.96 54.21
C PRO S 57 -53.61 -42.34 54.11
N PRO S 58 -54.07 -43.31 54.94
CA PRO S 58 -53.62 -44.66 54.73
C PRO S 58 -54.07 -45.17 53.38
N GLY S 59 -53.21 -45.95 52.74
CA GLY S 59 -53.51 -46.67 51.49
C GLY S 59 -54.31 -47.92 51.80
N GLY S 60 -54.00 -49.02 51.12
CA GLY S 60 -54.74 -50.27 51.36
C GLY S 60 -54.03 -51.49 50.83
N GLY S 61 -54.44 -52.65 51.34
CA GLY S 61 -53.78 -53.91 51.07
C GLY S 61 -52.28 -53.80 51.34
N SER S 62 -51.49 -54.21 50.37
CA SER S 62 -50.05 -54.23 50.52
C SER S 62 -49.40 -52.86 50.38
N ASN S 63 -50.16 -51.85 49.93
CA ASN S 63 -49.66 -50.48 49.76
C ASN S 63 -50.17 -49.60 50.90
N PRO S 64 -49.36 -49.43 51.95
CA PRO S 64 -49.90 -48.88 53.20
C PRO S 64 -50.11 -47.35 53.24
N ARG S 65 -49.44 -46.62 52.35
CA ARG S 65 -49.70 -45.19 52.15
C ARG S 65 -50.32 -44.96 50.75
N SER S 66 -51.12 -43.89 50.65
CA SER S 66 -51.86 -43.67 49.43
C SER S 66 -51.01 -43.17 48.26
N VAL S 67 -49.81 -42.62 48.55
CA VAL S 67 -48.74 -42.52 47.52
C VAL S 67 -47.67 -43.60 47.73
N PRO S 68 -47.40 -44.38 46.70
CA PRO S 68 -46.50 -45.52 46.87
C PRO S 68 -45.05 -45.11 46.67
N PHE S 69 -44.53 -44.41 47.66
CA PHE S 69 -43.11 -44.07 47.74
C PHE S 69 -42.50 -44.40 49.12
N GLU S 70 -41.18 -44.48 49.17
CA GLU S 70 -40.52 -44.89 50.40
C GLU S 70 -40.02 -43.71 51.26
N TYR S 71 -39.58 -42.66 50.58
CA TYR S 71 -38.95 -41.54 51.26
C TYR S 71 -39.67 -40.27 50.86
N TYR S 72 -39.59 -39.26 51.74
CA TYR S 72 -40.08 -37.91 51.44
C TYR S 72 -39.27 -36.88 52.12
N ARG S 73 -39.34 -35.68 51.57
CA ARG S 73 -38.98 -34.44 52.30
C ARG S 73 -39.99 -33.34 51.94
N ILE S 74 -40.19 -32.43 52.89
CA ILE S 74 -41.08 -31.31 52.72
C ILE S 74 -40.24 -30.11 52.35
N ARG S 75 -40.50 -29.63 51.14
CA ARG S 75 -39.69 -28.63 50.45
C ARG S 75 -40.12 -27.22 50.90
N LYS S 76 -41.45 -27.07 50.96
CA LYS S 76 -42.06 -25.82 51.25
C LYS S 76 -43.43 -26.06 51.87
N VAL S 77 -43.87 -25.09 52.66
CA VAL S 77 -45.19 -25.14 53.21
C VAL S 77 -45.80 -23.77 53.04
N LYS S 78 -47.08 -23.72 52.71
CA LYS S 78 -47.82 -22.48 52.54
C LYS S 78 -49.02 -22.59 53.50
N VAL S 79 -49.08 -21.63 54.44
CA VAL S 79 -50.19 -21.40 55.30
C VAL S 79 -50.99 -20.18 54.80
N GLU S 80 -52.25 -20.40 54.46
CA GLU S 80 -53.14 -19.34 54.00
C GLU S 80 -54.24 -19.13 55.05
N PHE S 81 -54.34 -17.92 55.60
CA PHE S 81 -55.49 -17.53 56.44
C PHE S 81 -56.56 -16.88 55.62
N TRP S 82 -57.61 -17.62 55.31
CA TRP S 82 -58.69 -17.16 54.48
C TRP S 82 -59.75 -16.58 55.42
N PRO S 83 -59.84 -15.25 55.53
CA PRO S 83 -60.85 -14.63 56.43
C PRO S 83 -62.31 -14.99 56.15
N CYS S 84 -63.08 -15.24 57.21
CA CYS S 84 -64.56 -15.47 57.07
C CYS S 84 -65.33 -14.15 57.22
N SER S 85 -64.78 -13.18 57.96
CA SER S 85 -65.53 -11.99 58.36
C SER S 85 -65.74 -11.15 57.13
N PRO S 86 -66.83 -10.43 57.11
CA PRO S 86 -67.09 -9.54 55.98
C PRO S 86 -66.23 -8.27 56.02
N ILE S 87 -66.01 -7.69 54.86
CA ILE S 87 -65.17 -6.52 54.77
C ILE S 87 -65.80 -5.32 55.43
N THR S 88 -67.03 -5.46 55.96
CA THR S 88 -67.69 -4.46 56.80
C THR S 88 -67.40 -4.51 58.28
N GLN S 89 -66.68 -5.53 58.74
CA GLN S 89 -66.51 -5.71 60.17
C GLN S 89 -65.55 -4.69 60.76
N GLY S 90 -65.89 -4.21 61.95
CA GLY S 90 -65.14 -3.16 62.62
C GLY S 90 -64.14 -3.75 63.58
N ASP S 91 -63.73 -2.97 64.59
CA ASP S 91 -62.71 -3.31 65.59
C ASP S 91 -61.58 -4.09 64.93
N ARG S 92 -60.94 -3.43 63.99
CA ARG S 92 -59.94 -4.02 63.17
C ARG S 92 -58.64 -3.94 63.88
N GLY S 93 -57.90 -5.02 63.77
CA GLY S 93 -56.78 -5.28 64.63
C GLY S 93 -55.59 -5.57 63.79
N VAL S 94 -54.45 -5.60 64.44
CA VAL S 94 -53.19 -5.92 63.79
C VAL S 94 -52.40 -6.94 64.60
N GLY S 95 -51.95 -8.00 63.94
CA GLY S 95 -51.19 -9.07 64.60
C GLY S 95 -49.93 -9.42 63.83
N SER S 96 -49.40 -10.59 64.18
CA SER S 96 -48.13 -11.06 63.67
C SER S 96 -48.16 -12.54 63.39
N SER S 97 -47.38 -12.98 62.41
CA SER S 97 -47.00 -14.41 62.30
C SER S 97 -45.50 -14.56 62.31
N ALA S 98 -45.00 -15.67 62.82
CA ALA S 98 -43.56 -15.91 62.66
C ALA S 98 -43.17 -17.36 62.41
N VAL S 99 -42.05 -17.50 61.72
CA VAL S 99 -41.56 -18.79 61.35
C VAL S 99 -40.66 -19.34 62.44
N ILE S 100 -41.13 -20.37 63.11
CA ILE S 100 -40.46 -21.06 64.20
C ILE S 100 -39.91 -22.40 63.72
N LEU S 101 -38.59 -22.50 63.58
CA LEU S 101 -37.99 -23.67 62.96
C LEU S 101 -37.49 -24.69 63.99
N ASP S 102 -37.62 -24.37 65.28
CA ASP S 102 -37.01 -25.17 66.36
C ASP S 102 -38.02 -25.63 67.35
N ASP S 103 -39.30 -25.63 67.00
CA ASP S 103 -40.37 -26.19 67.87
C ASP S 103 -40.50 -25.55 69.24
N ASN S 104 -40.06 -24.31 69.43
CA ASN S 104 -40.18 -23.55 70.69
C ASN S 104 -41.04 -22.27 70.50
N PHE S 105 -42.36 -22.49 70.62
CA PHE S 105 -43.32 -21.45 70.37
C PHE S 105 -43.60 -20.73 71.67
N VAL S 106 -43.93 -19.46 71.58
CA VAL S 106 -44.52 -18.70 72.70
C VAL S 106 -45.77 -19.45 73.17
N THR S 107 -45.94 -19.51 74.48
CA THR S 107 -47.03 -20.25 75.06
C THR S 107 -48.38 -19.71 74.63
N LYS S 108 -49.27 -20.67 74.39
CA LYS S 108 -50.63 -20.37 74.02
C LYS S 108 -51.24 -19.46 75.09
N ALA S 109 -51.88 -18.39 74.62
CA ALA S 109 -52.58 -17.40 75.46
C ALA S 109 -53.86 -16.88 74.83
N THR S 110 -54.89 -16.58 75.63
CA THR S 110 -56.18 -15.97 75.13
C THR S 110 -56.07 -14.43 74.86
N ALA S 111 -55.28 -13.76 75.71
CA ALA S 111 -55.25 -12.31 75.85
C ALA S 111 -53.99 -11.81 76.53
N LEU S 112 -52.85 -12.18 75.97
CA LEU S 112 -51.57 -11.55 76.28
C LEU S 112 -51.73 -10.05 76.04
N THR S 113 -50.99 -9.23 76.79
CA THR S 113 -51.12 -7.75 76.67
C THR S 113 -50.15 -7.03 75.75
N TYR S 114 -49.33 -7.80 75.03
CA TYR S 114 -48.49 -7.32 73.94
C TYR S 114 -48.50 -8.39 72.88
N ASP S 115 -48.00 -8.09 71.68
CA ASP S 115 -47.89 -9.07 70.57
C ASP S 115 -46.52 -9.65 70.72
N PRO S 116 -46.42 -10.87 71.18
CA PRO S 116 -45.14 -11.42 71.51
C PRO S 116 -44.27 -11.69 70.30
N TYR S 117 -44.87 -11.82 69.11
CA TYR S 117 -44.06 -12.08 67.90
C TYR S 117 -43.63 -10.84 67.09
N VAL S 118 -44.10 -9.67 67.43
CA VAL S 118 -43.86 -8.54 66.58
C VAL S 118 -42.37 -8.22 66.29
N ASN S 119 -41.44 -8.48 67.21
CA ASN S 119 -40.03 -8.20 66.96
C ASN S 119 -39.30 -9.37 66.31
N TYR S 120 -39.97 -10.48 66.06
CA TYR S 120 -39.25 -11.59 65.46
C TYR S 120 -38.72 -11.20 64.11
N SER S 121 -37.53 -11.70 63.79
CA SER S 121 -36.90 -11.36 62.54
C SER S 121 -37.76 -11.85 61.40
N SER S 122 -38.38 -13.02 61.55
CA SER S 122 -39.23 -13.62 60.53
C SER S 122 -40.68 -13.15 60.61
N ARG S 123 -40.97 -12.05 61.35
CA ARG S 123 -42.35 -11.56 61.46
C ARG S 123 -42.91 -10.95 60.16
N HIS S 124 -44.12 -11.31 59.75
CA HIS S 124 -44.92 -10.57 58.74
C HIS S 124 -46.16 -10.07 59.45
N THR S 125 -46.66 -8.93 59.04
CA THR S 125 -47.86 -8.38 59.66
C THR S 125 -49.14 -9.04 59.21
N ILE S 126 -50.03 -9.22 60.16
CA ILE S 126 -51.33 -9.69 59.90
C ILE S 126 -52.29 -8.53 60.14
N THR S 127 -53.17 -8.37 59.21
CA THR S 127 -54.17 -7.37 59.24
C THR S 127 -55.50 -8.12 59.45
N GLN S 128 -56.35 -7.59 60.34
CA GLN S 128 -57.57 -8.32 60.79
C GLN S 128 -58.83 -7.48 60.74
N PRO S 129 -60.00 -8.03 60.52
CA PRO S 129 -60.31 -9.46 60.41
C PRO S 129 -60.71 -9.88 59.00
N PHE S 130 -60.67 -8.96 58.04
CA PHE S 130 -61.13 -9.26 56.72
C PHE S 130 -60.09 -9.45 55.65
N SER S 131 -58.88 -9.74 56.04
CA SER S 131 -57.82 -9.82 55.07
C SER S 131 -57.16 -11.16 55.01
N TYR S 132 -56.75 -11.50 53.80
CA TYR S 132 -55.94 -12.69 53.56
C TYR S 132 -54.54 -12.54 54.20
N HIS S 133 -53.94 -13.64 54.63
CA HIS S 133 -52.58 -13.64 55.15
C HIS S 133 -52.00 -14.99 54.79
N SER S 134 -50.76 -15.01 54.31
CA SER S 134 -50.15 -16.27 53.99
C SER S 134 -48.68 -16.26 54.28
N ARG S 135 -48.14 -17.44 54.56
CA ARG S 135 -46.72 -17.60 54.72
C ARG S 135 -46.22 -18.72 53.80
N TYR S 136 -44.94 -18.64 53.39
CA TYR S 136 -44.37 -19.62 52.49
C TYR S 136 -42.91 -19.82 52.90
N PHE S 137 -42.53 -20.99 53.34
CA PHE S 137 -41.20 -21.16 53.90
C PHE S 137 -40.89 -22.61 53.96
N THR S 138 -39.61 -22.93 53.97
CA THR S 138 -39.22 -24.31 54.19
C THR S 138 -39.36 -24.68 55.68
N PRO S 139 -40.23 -25.64 56.04
CA PRO S 139 -40.30 -26.08 57.45
C PRO S 139 -39.16 -27.04 57.80
N LYS S 140 -39.06 -27.43 59.05
CA LYS S 140 -38.05 -28.44 59.45
C LYS S 140 -38.66 -29.49 60.33
N PRO S 141 -38.27 -30.76 60.12
CA PRO S 141 -38.74 -31.82 61.01
C PRO S 141 -38.21 -31.70 62.46
N VAL S 142 -38.93 -32.27 63.39
CA VAL S 142 -38.54 -32.26 64.79
C VAL S 142 -37.86 -33.59 64.95
N LEU S 143 -36.55 -33.56 64.87
CA LEU S 143 -35.71 -34.78 64.93
C LEU S 143 -35.36 -35.19 66.37
N ASP S 144 -34.96 -34.23 67.21
CA ASP S 144 -34.70 -34.42 68.62
C ASP S 144 -35.30 -33.21 69.36
N SER S 145 -36.32 -33.40 70.20
CA SER S 145 -36.96 -32.23 70.87
C SER S 145 -36.26 -31.69 72.13
N THR S 146 -35.20 -32.35 72.60
CA THR S 146 -34.30 -31.87 73.66
C THR S 146 -33.31 -30.87 73.12
N ILE S 147 -32.69 -31.15 71.99
CA ILE S 147 -31.69 -30.22 71.38
C ILE S 147 -32.25 -29.26 70.28
N ASP S 148 -33.27 -29.71 69.58
CA ASP S 148 -33.99 -28.87 68.62
C ASP S 148 -33.16 -28.32 67.41
N TYR S 149 -32.55 -29.24 66.66
CA TYR S 149 -31.66 -28.85 65.58
C TYR S 149 -32.26 -28.98 64.19
N PHE S 150 -31.73 -28.17 63.31
CA PHE S 150 -32.30 -28.14 61.97
C PHE S 150 -31.30 -27.67 61.00
N GLN S 151 -31.53 -28.05 59.75
CA GLN S 151 -30.60 -27.77 58.65
C GLN S 151 -30.87 -26.39 58.09
N PRO S 152 -29.82 -25.68 57.58
CA PRO S 152 -30.02 -24.39 56.86
C PRO S 152 -30.79 -24.62 55.59
N ASN S 153 -31.65 -23.65 55.23
CA ASN S 153 -32.65 -23.85 54.10
C ASN S 153 -31.80 -24.15 52.83
N ASN S 154 -32.14 -25.25 52.15
CA ASN S 154 -31.26 -25.82 51.09
C ASN S 154 -32.13 -26.48 50.00
N LYS S 155 -31.45 -27.08 49.04
CA LYS S 155 -32.08 -28.01 48.13
C LYS S 155 -31.36 -29.39 48.15
N ARG S 156 -30.18 -29.50 47.55
CA ARG S 156 -29.50 -30.80 47.29
C ARG S 156 -29.14 -31.60 48.56
N ASN S 157 -28.94 -30.91 49.69
CA ASN S 157 -28.55 -31.47 51.01
C ASN S 157 -29.67 -31.70 52.03
N GLN S 158 -30.92 -31.60 51.64
CA GLN S 158 -31.98 -31.77 52.60
C GLN S 158 -32.26 -33.24 52.97
N LEU S 159 -32.21 -33.54 54.28
CA LEU S 159 -32.51 -34.84 54.86
C LEU S 159 -33.76 -35.49 54.27
N TRP S 160 -33.59 -36.76 53.92
CA TRP S 160 -34.70 -37.59 53.46
C TRP S 160 -35.35 -38.26 54.67
N LEU S 161 -36.66 -38.46 54.65
CA LEU S 161 -37.38 -39.12 55.75
C LEU S 161 -38.19 -40.32 55.26
N ARG S 162 -38.22 -41.42 56.04
CA ARG S 162 -39.06 -42.54 55.76
C ARG S 162 -40.49 -42.06 55.76
N LEU S 163 -41.26 -42.36 54.71
CA LEU S 163 -42.70 -42.15 54.73
C LEU S 163 -43.35 -43.22 55.57
N GLN S 164 -43.74 -42.91 56.79
CA GLN S 164 -44.35 -43.91 57.66
C GLN S 164 -45.84 -44.13 57.44
N THR S 165 -46.33 -45.28 57.90
CA THR S 165 -47.79 -45.52 57.80
C THR S 165 -48.55 -44.53 58.71
N ALA S 166 -48.21 -44.67 60.00
CA ALA S 166 -48.88 -43.99 61.13
C ALA S 166 -48.06 -42.89 61.79
N GLY S 167 -46.78 -43.11 62.06
CA GLY S 167 -46.11 -42.30 63.11
C GLY S 167 -45.34 -41.07 62.67
N ASN S 168 -45.75 -40.43 61.58
CA ASN S 168 -44.89 -39.46 60.94
C ASN S 168 -44.48 -38.29 61.80
N VAL S 169 -43.29 -37.79 61.56
CA VAL S 169 -42.68 -36.86 62.44
C VAL S 169 -43.24 -35.47 62.12
N ASP S 170 -43.57 -34.73 63.18
CA ASP S 170 -43.99 -33.35 63.09
C ASP S 170 -42.91 -32.47 62.45
N HIS S 171 -43.38 -31.54 61.60
CA HIS S 171 -42.57 -30.47 61.01
C HIS S 171 -42.97 -29.11 61.57
N VAL S 172 -42.01 -28.21 61.61
CA VAL S 172 -42.26 -27.10 62.45
C VAL S 172 -42.05 -25.79 61.77
N GLY S 173 -42.91 -24.88 62.25
CA GLY S 173 -43.46 -23.91 61.44
C GLY S 173 -43.80 -22.58 62.00
N LEU S 174 -45.02 -22.40 62.50
CA LEU S 174 -45.58 -21.02 62.49
C LEU S 174 -46.28 -20.59 63.82
N GLY S 175 -45.84 -19.48 64.40
CA GLY S 175 -46.54 -18.92 65.54
C GLY S 175 -47.38 -17.70 65.19
N THR S 176 -48.52 -17.59 65.83
CA THR S 176 -49.41 -16.49 65.53
C THR S 176 -49.88 -15.75 66.76
N ALA S 177 -50.23 -14.51 66.50
CA ALA S 177 -50.75 -13.58 67.47
C ALA S 177 -51.82 -12.75 66.73
N PHE S 178 -53.08 -12.99 67.05
CA PHE S 178 -54.12 -12.21 66.47
C PHE S 178 -54.62 -11.28 67.54
N GLU S 179 -54.71 -10.00 67.22
CA GLU S 179 -55.26 -9.05 68.16
C GLU S 179 -56.75 -9.40 68.39
N ASN S 180 -57.17 -9.24 69.65
CA ASN S 180 -58.54 -9.59 70.03
C ASN S 180 -59.41 -8.46 69.64
N SER S 181 -60.69 -8.75 69.48
CA SER S 181 -61.73 -7.81 69.05
C SER S 181 -63.05 -8.01 69.83
N ILE S 182 -63.93 -7.03 69.70
CA ILE S 182 -65.28 -7.02 70.31
C ILE S 182 -66.24 -8.03 69.61
N TYR S 183 -65.85 -8.47 68.39
CA TYR S 183 -66.50 -9.49 67.60
C TYR S 183 -65.62 -10.71 67.40
N ASP S 184 -66.29 -11.82 67.04
CA ASP S 184 -65.61 -13.06 66.71
C ASP S 184 -64.88 -12.84 65.42
N GLN S 185 -63.70 -13.43 65.31
CA GLN S 185 -62.92 -13.43 64.06
C GLN S 185 -62.69 -14.90 63.65
N GLU S 186 -63.38 -15.33 62.60
CA GLU S 186 -63.17 -16.64 62.00
C GLU S 186 -62.28 -16.63 60.75
N TYR S 187 -61.60 -17.75 60.55
CA TYR S 187 -60.79 -18.05 59.39
C TYR S 187 -60.94 -19.48 58.97
N ASN S 188 -60.98 -19.74 57.67
CA ASN S 188 -60.59 -21.06 57.19
C ASN S 188 -59.08 -21.01 56.93
N ILE S 189 -58.35 -21.95 57.50
CA ILE S 189 -56.90 -22.01 57.32
C ILE S 189 -56.59 -23.15 56.36
N ARG S 190 -55.91 -22.83 55.27
CA ARG S 190 -55.48 -23.82 54.34
C ARG S 190 -53.98 -23.97 54.36
N VAL S 191 -53.54 -25.16 54.69
CA VAL S 191 -52.15 -25.48 54.68
C VAL S 191 -51.90 -26.25 53.40
N THR S 192 -50.84 -25.88 52.72
CA THR S 192 -50.44 -26.66 51.57
C THR S 192 -48.99 -27.01 51.80
N MET S 193 -48.63 -28.26 51.51
CA MET S 193 -47.26 -28.78 51.61
C MET S 193 -46.75 -29.18 50.21
N TYR S 194 -45.60 -28.67 49.86
CA TYR S 194 -44.92 -29.05 48.65
C TYR S 194 -43.90 -30.18 49.01
N VAL S 195 -44.30 -31.42 48.75
CA VAL S 195 -43.57 -32.58 49.15
C VAL S 195 -42.81 -33.15 48.00
N GLN S 196 -41.63 -33.66 48.25
CA GLN S 196 -40.86 -34.40 47.26
C GLN S 196 -40.77 -35.84 47.78
N PHE S 197 -41.28 -36.79 47.01
CA PHE S 197 -41.20 -38.21 47.34
C PHE S 197 -40.13 -38.85 46.49
N ARG S 198 -39.57 -39.94 46.97
CA ARG S 198 -38.47 -40.59 46.33
C ARG S 198 -38.64 -42.07 46.54
N GLU S 199 -38.32 -42.84 45.50
CA GLU S 199 -38.29 -44.33 45.51
C GLU S 199 -39.69 -44.93 45.39
N PHE S 200 -40.17 -45.04 44.16
CA PHE S 200 -41.47 -45.70 43.88
C PHE S 200 -41.40 -47.11 44.51
N ASN S 201 -42.41 -47.54 45.28
CA ASN S 201 -42.32 -48.86 45.99
C ASN S 201 -43.52 -49.74 45.80
N LEU S 202 -44.42 -49.39 44.86
CA LEU S 202 -45.69 -50.12 44.68
C LEU S 202 -45.64 -51.67 44.58
N LYS S 203 -46.31 -52.31 45.52
CA LYS S 203 -46.48 -53.74 45.58
C LYS S 203 -47.67 -54.18 44.76
N ASP S 204 -47.56 -55.33 44.06
CA ASP S 204 -48.65 -55.86 43.20
C ASP S 204 -48.95 -57.36 43.38
N PRO S 205 -49.58 -57.74 44.52
CA PRO S 205 -50.07 -59.13 44.73
C PRO S 205 -51.18 -59.47 43.75
N PRO S 206 -51.34 -60.76 43.38
CA PRO S 206 -52.03 -61.14 42.08
C PRO S 206 -53.61 -61.11 41.74
N SER T 19 -48.02 -33.08 37.82
CA SER T 19 -49.16 -33.29 36.86
C SER T 19 -49.10 -34.61 36.01
N HIS T 20 -47.90 -35.02 35.55
CA HIS T 20 -47.68 -36.16 34.61
C HIS T 20 -46.63 -36.99 35.33
N PHE T 21 -46.87 -38.27 35.52
CA PHE T 21 -45.98 -39.12 36.33
C PHE T 21 -45.64 -40.35 35.54
N ASN T 22 -44.36 -40.53 35.19
CA ASN T 22 -43.94 -41.67 34.37
C ASN T 22 -43.44 -42.79 35.26
N THR T 23 -43.94 -43.99 35.03
CA THR T 23 -43.41 -45.13 35.77
C THR T 23 -43.51 -46.49 35.10
N ARG T 24 -42.96 -47.46 35.81
CA ARG T 24 -42.78 -48.81 35.33
C ARG T 24 -43.49 -49.71 36.30
N LEU T 25 -44.28 -50.67 35.77
CA LEU T 25 -45.01 -51.68 36.57
C LEU T 25 -44.77 -53.10 36.06
N SER T 26 -44.42 -54.03 36.94
CA SER T 26 -44.18 -55.40 36.54
C SER T 26 -44.95 -56.43 37.32
N ARG T 27 -45.28 -57.49 36.63
CA ARG T 27 -45.72 -58.73 37.22
C ARG T 27 -44.97 -59.92 36.58
N THR T 28 -45.00 -61.09 37.24
CA THR T 28 -44.39 -62.30 36.72
C THR T 28 -45.34 -63.44 36.89
N PHE T 29 -45.44 -64.30 35.89
CA PHE T 29 -46.24 -65.53 36.00
C PHE T 29 -45.70 -66.75 35.19
N GLY T 30 -46.16 -67.95 35.52
CA GLY T 30 -45.74 -69.16 34.83
C GLY T 30 -46.34 -69.42 33.44
N TYR T 31 -45.50 -70.05 32.59
CA TYR T 31 -45.95 -70.68 31.34
C TYR T 31 -45.28 -72.03 31.09
N THR T 32 -46.07 -73.10 30.94
CA THR T 32 -45.51 -74.40 30.49
C THR T 32 -46.02 -74.79 29.14
N ILE T 33 -45.08 -75.08 28.26
CA ILE T 33 -45.36 -75.93 27.11
C ILE T 33 -45.15 -77.41 27.52
N LYS T 34 -46.24 -78.15 27.42
CA LYS T 34 -46.26 -79.59 27.71
C LYS T 34 -45.54 -80.47 26.66
N ARG T 35 -44.78 -81.45 27.19
CA ARG T 35 -43.98 -82.40 26.39
C ARG T 35 -44.87 -83.02 25.38
N THR T 36 -44.43 -83.24 24.16
CA THR T 36 -45.23 -84.08 23.30
C THR T 36 -44.44 -85.20 22.72
N THR T 37 -45.17 -86.06 22.04
CA THR T 37 -44.69 -87.31 21.49
C THR T 37 -44.81 -87.34 19.96
N VAL T 38 -45.54 -86.36 19.36
CA VAL T 38 -45.63 -86.07 17.89
C VAL T 38 -44.20 -85.99 17.29
N LYS T 39 -43.85 -86.83 16.33
CA LYS T 39 -42.43 -86.83 15.87
C LYS T 39 -42.10 -85.58 15.05
N THR T 40 -43.06 -85.17 14.22
CA THR T 40 -42.84 -84.05 13.31
C THR T 40 -42.89 -82.76 14.09
N PRO T 41 -42.15 -81.73 13.61
CA PRO T 41 -42.19 -80.38 14.17
C PRO T 41 -43.61 -79.86 14.25
N SER T 42 -43.89 -79.24 15.39
CA SER T 42 -45.24 -78.81 15.77
C SER T 42 -45.11 -77.66 16.78
N TRP T 43 -46.11 -76.79 16.79
CA TRP T 43 -45.96 -75.52 17.48
C TRP T 43 -47.10 -75.33 18.38
N ALA T 44 -46.81 -74.90 19.59
CA ALA T 44 -47.85 -74.45 20.51
C ALA T 44 -48.08 -72.93 20.39
N VAL T 45 -49.30 -72.61 19.97
CA VAL T 45 -49.73 -71.28 19.61
C VAL T 45 -50.65 -70.77 20.73
N ASP T 46 -50.37 -69.55 21.19
CA ASP T 46 -51.08 -68.92 22.27
C ASP T 46 -50.91 -67.40 22.10
N MET T 47 -51.23 -66.66 23.15
CA MET T 47 -51.47 -65.23 23.03
C MET T 47 -51.43 -64.53 24.38
N MET T 48 -51.30 -63.22 24.32
CA MET T 48 -51.09 -62.36 25.48
C MET T 48 -51.87 -61.05 25.29
N ARG T 49 -52.55 -60.66 26.36
CA ARG T 49 -53.16 -59.32 26.50
C ARG T 49 -52.60 -58.61 27.73
N PHE T 50 -52.76 -57.30 27.82
CA PHE T 50 -52.26 -56.59 28.98
C PHE T 50 -53.34 -55.75 29.56
N ASN T 51 -53.50 -55.84 30.86
CA ASN T 51 -54.55 -55.12 31.55
C ASN T 51 -54.02 -54.58 32.87
N ILE T 52 -54.13 -53.28 33.04
CA ILE T 52 -53.55 -52.61 34.20
C ILE T 52 -54.10 -53.13 35.54
N ASN T 53 -55.28 -53.76 35.55
CA ASN T 53 -55.77 -54.45 36.73
C ASN T 53 -54.74 -55.38 37.31
N ASP T 54 -54.01 -56.11 36.47
CA ASP T 54 -52.99 -57.03 36.99
C ASP T 54 -51.70 -56.39 37.51
N PHE T 55 -51.53 -55.09 37.25
CA PHE T 55 -50.34 -54.36 37.62
C PHE T 55 -50.51 -53.35 38.78
N LEU T 56 -51.74 -52.97 39.05
CA LEU T 56 -52.13 -51.93 40.01
C LEU T 56 -53.23 -52.50 40.94
N PRO T 57 -52.90 -52.78 42.22
CA PRO T 57 -53.95 -53.30 43.05
C PRO T 57 -54.88 -52.18 43.50
N PRO T 58 -56.03 -52.52 44.07
CA PRO T 58 -56.88 -51.49 44.66
C PRO T 58 -56.21 -50.74 45.83
N GLY T 59 -56.54 -49.45 45.96
CA GLY T 59 -56.18 -48.63 47.12
C GLY T 59 -57.27 -48.68 48.19
N GLY T 60 -57.15 -47.79 49.17
CA GLY T 60 -58.05 -47.70 50.34
C GLY T 60 -58.86 -46.41 50.53
N GLY T 61 -60.04 -46.62 51.10
CA GLY T 61 -61.03 -45.60 51.40
C GLY T 61 -61.42 -44.75 50.19
N SER T 62 -61.17 -43.45 50.36
CA SER T 62 -61.47 -42.40 49.38
C SER T 62 -60.56 -42.40 48.17
N ASN T 63 -59.49 -43.20 48.22
CA ASN T 63 -58.53 -43.34 47.12
C ASN T 63 -58.61 -44.76 46.54
N PRO T 64 -59.35 -44.92 45.44
CA PRO T 64 -59.64 -46.30 45.10
C PRO T 64 -58.54 -47.03 44.30
N ARG T 65 -57.51 -46.34 43.82
CA ARG T 65 -56.41 -47.07 43.17
C ARG T 65 -55.10 -46.68 43.84
N SER T 66 -54.21 -47.64 43.89
CA SER T 66 -52.99 -47.51 44.61
C SER T 66 -52.06 -46.38 44.06
N VAL T 67 -52.21 -46.00 42.79
CA VAL T 67 -51.76 -44.67 42.35
C VAL T 67 -52.90 -43.67 42.21
N PRO T 68 -52.80 -42.54 42.90
CA PRO T 68 -53.81 -41.51 42.90
C PRO T 68 -53.74 -40.58 41.70
N PHE T 69 -54.13 -41.11 40.54
CA PHE T 69 -54.20 -40.35 39.27
C PHE T 69 -55.49 -40.68 38.52
N GLU T 70 -56.07 -39.67 37.86
CA GLU T 70 -57.35 -39.84 37.16
C GLU T 70 -57.25 -40.53 35.78
N TYR T 71 -56.19 -40.25 35.03
CA TYR T 71 -56.00 -40.74 33.66
C TYR T 71 -54.70 -41.55 33.46
N TYR T 72 -54.64 -42.41 32.44
CA TYR T 72 -53.40 -43.10 32.10
C TYR T 72 -53.33 -43.47 30.60
N ARG T 73 -52.11 -43.68 30.14
CA ARG T 73 -51.89 -44.37 28.86
C ARG T 73 -50.65 -45.22 28.92
N ILE T 74 -50.66 -46.30 28.14
CA ILE T 74 -49.52 -47.19 28.12
C ILE T 74 -48.59 -46.84 26.94
N ARG T 75 -47.39 -46.42 27.31
CA ARG T 75 -46.43 -45.95 26.38
C ARG T 75 -45.78 -47.16 25.66
N LYS T 76 -45.47 -48.20 26.45
CA LYS T 76 -44.64 -49.34 26.03
C LYS T 76 -44.95 -50.53 26.94
N VAL T 77 -44.88 -51.75 26.40
CA VAL T 77 -44.92 -53.00 27.17
C VAL T 77 -43.69 -53.71 26.82
N LYS T 78 -43.06 -54.34 27.80
CA LYS T 78 -41.97 -55.22 27.57
C LYS T 78 -42.37 -56.60 28.09
N VAL T 79 -42.31 -57.60 27.24
CA VAL T 79 -42.66 -58.95 27.66
C VAL T 79 -41.38 -59.65 27.67
N GLU T 80 -41.02 -60.33 28.75
CA GLU T 80 -39.77 -61.11 28.84
C GLU T 80 -40.01 -62.60 29.21
N PHE T 81 -39.53 -63.50 28.37
CA PHE T 81 -39.60 -64.93 28.62
C PHE T 81 -38.30 -65.35 29.24
N TRP T 82 -38.31 -65.67 30.54
CA TRP T 82 -37.12 -66.05 31.25
C TRP T 82 -37.22 -67.53 31.37
N PRO T 83 -36.31 -68.25 30.72
CA PRO T 83 -36.42 -69.69 30.66
C PRO T 83 -36.07 -70.35 31.96
N CYS T 84 -36.79 -71.44 32.25
CA CYS T 84 -36.54 -72.29 33.42
C CYS T 84 -35.62 -73.49 33.08
N SER T 85 -35.65 -73.96 31.87
CA SER T 85 -34.83 -75.11 31.49
C SER T 85 -33.36 -74.77 31.59
N PRO T 86 -32.52 -75.78 31.89
CA PRO T 86 -31.10 -75.51 32.03
C PRO T 86 -30.44 -75.47 30.67
N ILE T 87 -29.23 -74.90 30.61
CA ILE T 87 -28.47 -74.86 29.33
C ILE T 87 -28.04 -76.25 28.80
N THR T 88 -28.21 -77.27 29.66
CA THR T 88 -28.01 -78.66 29.27
C THR T 88 -29.17 -79.42 28.65
N GLN T 89 -30.31 -78.77 28.42
CA GLN T 89 -31.48 -79.51 27.90
C GLN T 89 -31.41 -79.65 26.40
N GLY T 90 -31.76 -80.84 25.88
CA GLY T 90 -31.78 -81.13 24.43
C GLY T 90 -33.14 -80.84 23.76
N ASP T 91 -33.38 -81.50 22.61
CA ASP T 91 -34.51 -81.28 21.72
C ASP T 91 -34.89 -79.81 21.55
N ARG T 92 -33.85 -79.04 21.28
CA ARG T 92 -33.97 -77.60 21.04
C ARG T 92 -34.77 -77.33 19.80
N GLY T 93 -35.37 -76.15 19.77
CA GLY T 93 -36.26 -75.77 18.73
C GLY T 93 -36.28 -74.28 18.54
N VAL T 94 -37.21 -73.89 17.67
CA VAL T 94 -37.25 -72.57 17.15
C VAL T 94 -38.72 -72.17 16.87
N GLY T 95 -39.15 -71.08 17.49
CA GLY T 95 -40.49 -70.54 17.37
C GLY T 95 -40.52 -69.04 17.06
N SER T 96 -41.73 -68.49 17.10
CA SER T 96 -41.96 -67.10 16.74
C SER T 96 -42.77 -66.30 17.79
N SER T 97 -42.40 -65.03 17.98
CA SER T 97 -43.31 -64.06 18.60
C SER T 97 -43.68 -63.01 17.61
N ALA T 98 -44.92 -62.51 17.65
CA ALA T 98 -45.43 -61.43 16.73
C ALA T 98 -46.26 -60.43 17.46
N VAL T 99 -46.20 -59.18 17.06
CA VAL T 99 -47.00 -58.17 17.67
C VAL T 99 -48.31 -58.04 16.94
N ILE T 100 -49.39 -58.19 17.72
CA ILE T 100 -50.78 -58.17 17.27
C ILE T 100 -51.50 -56.99 17.90
N LEU T 101 -51.68 -55.92 17.14
CA LEU T 101 -52.21 -54.64 17.65
C LEU T 101 -53.70 -54.52 17.44
N ASP T 102 -54.33 -55.54 16.86
CA ASP T 102 -55.76 -55.45 16.55
C ASP T 102 -56.63 -56.49 17.29
N ASP T 103 -56.04 -57.20 18.27
CA ASP T 103 -56.74 -58.17 19.09
C ASP T 103 -57.22 -59.33 18.25
N ASN T 104 -56.55 -59.64 17.13
CA ASN T 104 -56.89 -60.79 16.28
C ASN T 104 -55.79 -61.84 16.18
N PHE T 105 -55.77 -62.73 17.16
CA PHE T 105 -54.71 -63.68 17.29
C PHE T 105 -55.03 -64.98 16.55
N VAL T 106 -53.99 -65.74 16.25
CA VAL T 106 -54.14 -67.04 15.66
C VAL T 106 -54.81 -67.85 16.72
N THR T 107 -55.77 -68.68 16.33
CA THR T 107 -56.41 -69.58 17.30
C THR T 107 -55.41 -70.48 18.07
N LYS T 108 -55.65 -70.55 19.37
CA LYS T 108 -54.79 -71.25 20.26
C LYS T 108 -54.75 -72.70 19.87
N ALA T 109 -53.56 -73.30 20.02
CA ALA T 109 -53.27 -74.65 19.54
C ALA T 109 -52.15 -75.34 20.30
N THR T 110 -52.29 -76.66 20.36
CA THR T 110 -51.30 -77.47 21.07
C THR T 110 -50.18 -77.91 20.20
N ALA T 111 -50.50 -78.25 18.93
CA ALA T 111 -49.51 -78.78 18.00
C ALA T 111 -49.90 -78.57 16.56
N LEU T 112 -50.09 -77.31 16.21
CA LEU T 112 -50.28 -76.92 14.81
C LEU T 112 -49.09 -77.39 13.98
N THR T 113 -49.30 -77.81 12.74
CA THR T 113 -48.17 -78.35 11.92
C THR T 113 -47.14 -77.34 11.28
N TYR T 114 -47.28 -76.05 11.59
CA TYR T 114 -46.34 -74.99 11.17
C TYR T 114 -46.36 -73.89 12.24
N ASP T 115 -45.29 -73.11 12.28
CA ASP T 115 -45.24 -71.86 13.00
C ASP T 115 -46.10 -70.78 12.27
N PRO T 116 -47.34 -70.56 12.75
CA PRO T 116 -48.21 -69.65 12.00
C PRO T 116 -47.79 -68.17 12.04
N TYR T 117 -46.90 -67.81 12.97
CA TYR T 117 -46.38 -66.43 13.08
C TYR T 117 -45.04 -66.10 12.41
N VAL T 118 -44.36 -67.10 11.87
CA VAL T 118 -43.05 -66.90 11.22
C VAL T 118 -43.01 -65.83 10.06
N ASN T 119 -44.07 -65.71 9.26
CA ASN T 119 -44.05 -64.70 8.20
C ASN T 119 -44.57 -63.30 8.63
N TYR T 120 -44.97 -63.18 9.88
CA TYR T 120 -45.48 -61.86 10.32
C TYR T 120 -44.39 -60.80 10.25
N SER T 121 -44.76 -59.63 9.76
CA SER T 121 -43.81 -58.55 9.60
C SER T 121 -43.09 -58.23 10.87
N SER T 122 -43.82 -58.28 12.01
CA SER T 122 -43.31 -58.02 13.33
C SER T 122 -42.66 -59.23 14.00
N ARG T 123 -42.59 -60.38 13.32
CA ARG T 123 -42.03 -61.58 13.92
C ARG T 123 -40.58 -61.43 14.37
N HIS T 124 -40.29 -61.84 15.61
CA HIS T 124 -38.95 -62.09 16.10
C HIS T 124 -38.85 -63.60 16.47
N THR T 125 -37.65 -64.14 16.25
CA THR T 125 -37.38 -65.56 16.42
C THR T 125 -37.20 -65.91 17.88
N ILE T 126 -37.84 -66.98 18.34
CA ILE T 126 -37.62 -67.43 19.70
C ILE T 126 -36.75 -68.65 19.64
N THR T 127 -35.75 -68.70 20.50
CA THR T 127 -34.82 -69.83 20.45
C THR T 127 -35.14 -70.66 21.71
N GLN T 128 -35.49 -71.91 21.51
CA GLN T 128 -35.92 -72.76 22.66
C GLN T 128 -34.94 -73.86 23.07
N PRO T 129 -34.94 -74.30 24.34
CA PRO T 129 -35.84 -73.90 25.42
C PRO T 129 -35.17 -73.11 26.55
N PHE T 130 -33.88 -72.82 26.42
CA PHE T 130 -33.07 -72.24 27.49
C PHE T 130 -32.63 -70.83 27.24
N SER T 131 -33.34 -70.11 26.40
CA SER T 131 -32.87 -68.79 26.01
C SER T 131 -33.85 -67.73 26.38
N TYR T 132 -33.33 -66.56 26.74
CA TYR T 132 -34.14 -65.40 26.96
C TYR T 132 -34.81 -64.99 25.66
N HIS T 133 -36.00 -64.42 25.77
CA HIS T 133 -36.63 -63.71 24.65
C HIS T 133 -37.41 -62.52 25.21
N SER T 134 -37.37 -61.40 24.52
CA SER T 134 -38.15 -60.24 24.92
C SER T 134 -38.57 -59.46 23.71
N ARG T 135 -39.72 -58.82 23.89
CA ARG T 135 -40.27 -57.88 22.95
C ARG T 135 -40.66 -56.61 23.70
N TYR T 136 -40.57 -55.51 22.96
CA TYR T 136 -40.78 -54.16 23.47
C TYR T 136 -41.47 -53.32 22.41
N PHE T 137 -42.69 -52.94 22.68
CA PHE T 137 -43.47 -52.24 21.69
C PHE T 137 -44.62 -51.43 22.37
N THR T 138 -45.26 -50.58 21.58
CA THR T 138 -46.42 -49.83 22.09
C THR T 138 -47.67 -50.61 21.89
N PRO T 139 -48.31 -51.08 22.96
CA PRO T 139 -49.52 -51.88 22.75
C PRO T 139 -50.71 -50.94 22.50
N LYS T 140 -51.87 -51.50 22.21
CA LYS T 140 -53.05 -50.69 21.93
C LYS T 140 -54.26 -51.18 22.70
N PRO T 141 -55.07 -50.23 23.18
CA PRO T 141 -56.29 -50.65 23.83
C PRO T 141 -57.30 -51.18 22.83
N VAL T 142 -58.07 -52.16 23.29
CA VAL T 142 -59.14 -52.74 22.53
C VAL T 142 -60.30 -51.84 22.78
N LEU T 143 -60.48 -50.89 21.88
CA LEU T 143 -61.54 -49.88 22.07
C LEU T 143 -62.89 -50.31 21.55
N ASP T 144 -62.93 -50.97 20.41
CA ASP T 144 -64.15 -51.53 19.86
C ASP T 144 -63.73 -52.85 19.24
N SER T 145 -64.15 -53.98 19.79
CA SER T 145 -63.73 -55.28 19.22
C SER T 145 -64.49 -55.80 18.03
N THR T 146 -65.45 -55.03 17.51
CA THR T 146 -66.11 -55.29 16.23
C THR T 146 -65.34 -54.66 15.08
N ILE T 147 -64.77 -53.47 15.27
CA ILE T 147 -63.94 -52.83 14.23
C ILE T 147 -62.44 -53.08 14.40
N ASP T 148 -62.01 -53.16 15.67
CA ASP T 148 -60.58 -53.34 16.04
C ASP T 148 -59.64 -52.25 15.46
N TYR T 149 -59.85 -50.99 15.81
CA TYR T 149 -59.03 -49.93 15.32
C TYR T 149 -58.05 -49.45 16.36
N PHE T 150 -56.94 -48.94 15.87
CA PHE T 150 -55.89 -48.47 16.71
C PHE T 150 -55.11 -47.37 16.08
N GLN T 151 -54.50 -46.57 16.95
CA GLN T 151 -53.86 -45.33 16.53
C GLN T 151 -52.49 -45.71 16.05
N PRO T 152 -52.01 -45.03 14.99
CA PRO T 152 -50.59 -45.15 14.67
C PRO T 152 -49.69 -44.82 15.85
N ASN T 153 -48.54 -45.45 15.80
CA ASN T 153 -47.60 -45.52 16.90
C ASN T 153 -46.99 -44.07 17.04
N ASN T 154 -47.31 -43.40 18.14
CA ASN T 154 -47.17 -41.90 18.23
C ASN T 154 -47.32 -41.37 19.67
N LYS T 155 -46.54 -40.34 20.02
CA LYS T 155 -46.39 -39.91 21.42
C LYS T 155 -47.46 -38.89 21.85
N ARG T 156 -47.30 -37.64 21.50
CA ARG T 156 -48.14 -36.56 22.00
C ARG T 156 -49.62 -36.67 21.59
N ASN T 157 -49.93 -37.50 20.57
CA ASN T 157 -51.31 -37.86 20.16
C ASN T 157 -51.97 -39.14 20.72
N GLN T 158 -51.34 -39.84 21.66
CA GLN T 158 -51.93 -41.06 22.17
C GLN T 158 -53.08 -40.77 23.12
N LEU T 159 -54.16 -41.51 22.94
CA LEU T 159 -55.34 -41.38 23.75
C LEU T 159 -55.01 -41.49 25.20
N TRP T 160 -55.76 -40.77 25.99
CA TRP T 160 -55.74 -40.94 27.43
C TRP T 160 -56.99 -41.80 27.74
N LEU T 161 -56.83 -42.69 28.71
CA LEU T 161 -57.88 -43.58 29.24
C LEU T 161 -58.08 -43.26 30.72
N ARG T 162 -59.31 -43.28 31.20
CA ARG T 162 -59.59 -43.23 32.66
C ARG T 162 -58.98 -44.40 33.39
N LEU T 163 -58.30 -44.11 34.48
CA LEU T 163 -57.82 -45.16 35.40
C LEU T 163 -58.99 -45.70 36.18
N GLN T 164 -59.48 -46.86 35.82
CA GLN T 164 -60.61 -47.43 36.51
C GLN T 164 -60.21 -48.29 37.73
N THR T 165 -61.19 -48.51 38.59
CA THR T 165 -61.02 -49.40 39.73
C THR T 165 -60.80 -50.85 39.31
N ALA T 166 -61.76 -51.31 38.54
CA ALA T 166 -61.97 -52.70 38.34
C ALA T 166 -61.97 -53.05 36.87
N GLY T 167 -62.65 -52.31 36.01
CA GLY T 167 -62.94 -52.89 34.70
C GLY T 167 -62.15 -52.20 33.62
N ASN T 168 -60.83 -52.25 33.79
CA ASN T 168 -59.92 -51.56 32.86
C ASN T 168 -59.89 -52.30 31.53
N VAL T 169 -59.75 -51.55 30.46
CA VAL T 169 -59.75 -52.07 29.14
C VAL T 169 -58.48 -52.89 28.82
N ASP T 170 -58.68 -53.91 28.00
CA ASP T 170 -57.57 -54.81 27.67
C ASP T 170 -56.67 -54.04 26.68
N HIS T 171 -55.36 -54.17 26.83
CA HIS T 171 -54.42 -53.71 25.82
C HIS T 171 -53.80 -54.90 25.14
N VAL T 172 -53.47 -54.69 23.88
CA VAL T 172 -53.16 -55.81 23.07
C VAL T 172 -51.81 -55.75 22.35
N GLY T 173 -51.36 -56.97 22.08
CA GLY T 173 -49.96 -57.24 22.11
C GLY T 173 -49.45 -58.43 21.38
N LEU T 174 -49.43 -59.62 21.99
CA LEU T 174 -48.37 -60.56 21.55
C LEU T 174 -48.79 -61.97 21.25
N GLY T 175 -48.70 -62.42 20.01
CA GLY T 175 -48.94 -63.84 19.69
C GLY T 175 -47.62 -64.63 19.80
N THR T 176 -47.70 -65.91 20.11
CA THR T 176 -46.53 -66.74 20.32
C THR T 176 -46.72 -68.09 19.72
N ALA T 177 -45.63 -68.65 19.21
CA ALA T 177 -45.62 -70.02 18.69
C ALA T 177 -44.32 -70.62 19.18
N PHE T 178 -44.38 -71.52 20.15
CA PHE T 178 -43.17 -72.16 20.68
C PHE T 178 -43.17 -73.56 20.12
N GLU T 179 -42.03 -74.00 19.65
CA GLU T 179 -41.92 -75.33 19.06
C GLU T 179 -42.00 -76.35 20.15
N ASN T 180 -42.72 -77.45 19.91
CA ASN T 180 -42.88 -78.49 20.90
C ASN T 180 -41.66 -79.38 20.92
N SER T 181 -41.51 -80.03 22.07
CA SER T 181 -40.33 -80.76 22.44
C SER T 181 -40.68 -82.08 23.21
N ILE T 182 -39.69 -82.96 23.26
CA ILE T 182 -39.72 -84.29 23.91
C ILE T 182 -39.76 -84.12 25.41
N TYR T 183 -39.22 -82.97 25.90
CA TYR T 183 -39.30 -82.52 27.30
C TYR T 183 -40.25 -81.35 27.49
N ASP T 184 -40.58 -81.10 28.76
CA ASP T 184 -41.33 -79.90 29.13
C ASP T 184 -40.52 -78.59 28.91
N GLN T 185 -41.19 -77.53 28.48
CA GLN T 185 -40.55 -76.23 28.44
C GLN T 185 -41.26 -75.29 29.41
N GLU T 186 -40.62 -74.97 30.54
CA GLU T 186 -41.19 -74.15 31.59
C GLU T 186 -40.57 -72.73 31.38
N TYR T 187 -41.35 -71.68 31.56
CA TYR T 187 -40.82 -70.28 31.53
C TYR T 187 -41.38 -69.37 32.63
N ASN T 188 -40.55 -68.48 33.18
CA ASN T 188 -41.14 -67.30 33.87
C ASN T 188 -41.30 -66.08 32.96
N ILE T 189 -42.51 -65.65 32.82
CA ILE T 189 -42.80 -64.56 31.95
C ILE T 189 -42.94 -63.34 32.81
N ARG T 190 -42.06 -62.36 32.61
CA ARG T 190 -42.23 -61.06 33.24
C ARG T 190 -42.72 -59.98 32.29
N VAL T 191 -43.94 -59.51 32.50
CA VAL T 191 -44.48 -58.36 31.75
C VAL T 191 -44.28 -57.03 32.50
N THR T 192 -43.85 -56.01 31.77
CA THR T 192 -43.55 -54.71 32.36
C THR T 192 -44.26 -53.65 31.51
N MET T 193 -45.04 -52.81 32.17
CA MET T 193 -45.75 -51.73 31.49
C MET T 193 -45.18 -50.37 31.89
N TYR T 194 -44.79 -49.61 30.88
CA TYR T 194 -44.28 -48.25 31.03
C TYR T 194 -45.50 -47.35 30.83
N VAL T 195 -46.00 -46.80 31.92
CA VAL T 195 -47.29 -46.17 31.93
C VAL T 195 -47.09 -44.75 32.27
N GLN T 196 -47.78 -43.91 31.55
CA GLN T 196 -47.82 -42.48 31.89
C GLN T 196 -49.16 -42.19 32.59
N PHE T 197 -49.12 -41.60 33.78
CA PHE T 197 -50.31 -41.16 34.50
C PHE T 197 -50.44 -39.64 34.44
N ARG T 198 -51.66 -39.14 34.42
CA ARG T 198 -51.97 -37.72 34.40
C ARG T 198 -53.03 -37.36 35.39
N GLU T 199 -52.88 -36.20 35.99
CA GLU T 199 -53.88 -35.58 36.90
C GLU T 199 -53.89 -36.29 38.26
N PHE T 200 -53.12 -35.70 39.17
CA PHE T 200 -53.07 -36.17 40.53
C PHE T 200 -54.48 -35.93 41.11
N ASN T 201 -55.07 -36.91 41.78
CA ASN T 201 -56.41 -36.74 42.26
C ASN T 201 -56.55 -37.17 43.72
N LEU T 202 -55.51 -36.99 44.52
CA LEU T 202 -55.57 -37.57 45.88
C LEU T 202 -56.61 -36.90 46.79
N LYS T 203 -57.44 -37.75 47.40
CA LYS T 203 -58.47 -37.33 48.35
C LYS T 203 -57.95 -37.53 49.75
N ASP T 204 -58.06 -36.50 50.60
CA ASP T 204 -57.60 -36.54 52.02
C ASP T 204 -58.73 -36.23 53.02
N PRO T 205 -59.43 -37.24 53.54
CA PRO T 205 -60.49 -36.96 54.54
C PRO T 205 -59.94 -36.81 55.94
N PRO T 206 -60.69 -36.21 56.86
CA PRO T 206 -59.92 -35.73 58.05
C PRO T 206 -59.70 -36.81 59.12
N SER U 19 -5.25 -35.84 57.59
CA SER U 19 -4.88 -37.30 57.51
C SER U 19 -6.13 -38.24 57.41
N HIS U 20 -6.50 -38.53 56.17
CA HIS U 20 -7.47 -39.58 55.84
C HIS U 20 -6.80 -40.86 55.55
N PHE U 21 -7.60 -41.91 55.54
CA PHE U 21 -7.13 -43.18 55.09
C PHE U 21 -8.26 -43.93 54.44
N ASN U 22 -8.14 -44.12 53.13
CA ASN U 22 -9.14 -44.80 52.32
C ASN U 22 -8.81 -46.26 52.20
N THR U 23 -9.77 -47.15 52.48
CA THR U 23 -9.50 -48.58 52.40
C THR U 23 -10.76 -49.37 52.19
N ARG U 24 -10.59 -50.68 52.13
CA ARG U 24 -11.55 -51.62 51.65
C ARG U 24 -11.57 -52.82 52.61
N LEU U 25 -12.76 -53.21 53.01
CA LEU U 25 -12.95 -54.24 54.00
C LEU U 25 -13.97 -55.23 53.53
N SER U 26 -13.62 -56.53 53.59
CA SER U 26 -14.47 -57.59 53.05
C SER U 26 -14.63 -58.73 54.03
N ARG U 27 -15.82 -59.35 53.89
CA ARG U 27 -16.21 -60.57 54.55
C ARG U 27 -17.11 -61.31 53.60
N THR U 28 -17.23 -62.61 53.84
CA THR U 28 -17.96 -63.55 52.98
C THR U 28 -18.69 -64.52 53.89
N PHE U 29 -19.96 -64.80 53.59
CA PHE U 29 -20.79 -65.68 54.41
C PHE U 29 -21.84 -66.36 53.51
N GLY U 30 -22.31 -67.54 53.92
CA GLY U 30 -23.14 -68.36 53.01
C GLY U 30 -24.56 -67.96 53.08
N TYR U 31 -25.35 -68.22 52.04
CA TYR U 31 -26.83 -67.98 52.07
C TYR U 31 -27.47 -69.05 51.22
N THR U 32 -28.50 -69.73 51.73
CA THR U 32 -29.18 -70.79 51.03
C THR U 32 -30.67 -70.52 50.93
N ILE U 33 -31.22 -70.50 49.71
CA ILE U 33 -32.66 -70.58 49.58
C ILE U 33 -32.96 -72.02 49.44
N LYS U 34 -33.79 -72.53 50.35
CA LYS U 34 -34.15 -73.94 50.49
C LYS U 34 -35.23 -74.24 49.48
N ARG U 35 -35.23 -75.47 48.98
CA ARG U 35 -36.14 -75.92 47.92
C ARG U 35 -37.56 -75.91 48.38
N THR U 36 -38.50 -75.63 47.49
CA THR U 36 -39.88 -75.74 47.85
C THR U 36 -40.48 -76.62 46.84
N THR U 37 -41.70 -77.02 47.14
CA THR U 37 -42.53 -77.77 46.24
C THR U 37 -43.86 -77.02 46.02
N VAL U 38 -43.94 -75.74 46.42
CA VAL U 38 -45.04 -74.86 46.01
C VAL U 38 -44.92 -74.82 44.48
N LYS U 39 -46.03 -75.05 43.76
CA LYS U 39 -45.92 -75.17 42.26
C LYS U 39 -45.93 -73.79 41.54
N THR U 40 -46.83 -72.87 41.91
CA THR U 40 -46.78 -71.53 41.29
C THR U 40 -45.54 -70.73 41.77
N PRO U 41 -45.12 -69.69 41.00
CA PRO U 41 -43.96 -68.83 41.38
C PRO U 41 -44.10 -68.23 42.76
N SER U 42 -43.03 -68.32 43.57
CA SER U 42 -42.97 -67.71 44.88
C SER U 42 -41.59 -67.14 45.04
N TRP U 43 -41.41 -66.34 46.10
CA TRP U 43 -40.18 -65.57 46.29
C TRP U 43 -39.70 -65.60 47.73
N ALA U 44 -38.41 -65.84 47.89
CA ALA U 44 -37.77 -65.77 49.21
C ALA U 44 -37.25 -64.37 49.48
N VAL U 45 -37.90 -63.68 50.42
CA VAL U 45 -37.72 -62.26 50.65
C VAL U 45 -36.88 -62.13 51.87
N ASP U 46 -35.88 -61.26 51.86
CA ASP U 46 -34.96 -61.09 53.00
C ASP U 46 -34.35 -59.70 52.77
N MET U 47 -33.22 -59.46 53.45
CA MET U 47 -32.63 -58.17 53.69
C MET U 47 -31.19 -58.30 54.18
N MET U 48 -30.56 -57.14 54.27
CA MET U 48 -29.15 -57.04 54.56
C MET U 48 -28.87 -55.67 55.09
N ARG U 49 -28.22 -55.64 56.25
CA ARG U 49 -27.58 -54.47 56.76
C ARG U 49 -26.04 -54.72 56.86
N PHE U 50 -25.26 -53.64 57.09
CA PHE U 50 -23.82 -53.67 57.07
C PHE U 50 -23.30 -53.05 58.34
N ASN U 51 -22.46 -53.76 59.07
CA ASN U 51 -22.00 -53.23 60.32
C ASN U 51 -20.50 -53.47 60.41
N ILE U 52 -19.75 -52.39 60.57
CA ILE U 52 -18.30 -52.45 60.65
C ILE U 52 -17.75 -53.28 61.83
N ASN U 53 -18.57 -53.61 62.81
CA ASN U 53 -18.20 -54.64 63.79
C ASN U 53 -17.71 -55.96 63.10
N ASP U 54 -18.36 -56.36 62.02
CA ASP U 54 -18.07 -57.59 61.24
C ASP U 54 -16.89 -57.51 60.25
N PHE U 55 -16.23 -56.35 60.16
CA PHE U 55 -15.14 -56.16 59.18
C PHE U 55 -13.83 -55.84 59.85
N LEU U 56 -13.96 -55.38 61.08
CA LEU U 56 -12.90 -54.81 61.87
C LEU U 56 -12.95 -55.56 63.20
N PRO U 57 -11.98 -56.46 63.43
CA PRO U 57 -12.06 -57.08 64.72
C PRO U 57 -11.50 -56.12 65.76
N PRO U 58 -11.60 -56.51 67.03
CA PRO U 58 -10.89 -55.79 68.07
C PRO U 58 -9.35 -55.77 67.90
N GLY U 59 -8.71 -54.86 68.60
CA GLY U 59 -7.27 -54.63 68.45
C GLY U 59 -6.68 -55.16 69.73
N GLY U 60 -5.54 -54.61 70.13
CA GLY U 60 -4.88 -54.97 71.37
C GLY U 60 -4.45 -53.79 72.21
N GLY U 61 -4.45 -54.00 73.53
CA GLY U 61 -3.91 -53.09 74.53
C GLY U 61 -4.61 -51.74 74.57
N SER U 62 -3.80 -50.70 74.39
CA SER U 62 -4.26 -49.34 74.39
C SER U 62 -4.90 -48.95 73.06
N ASN U 63 -4.84 -49.83 72.06
CA ASN U 63 -5.41 -49.54 70.74
C ASN U 63 -6.55 -50.53 70.47
N PRO U 64 -7.74 -50.24 71.03
CA PRO U 64 -8.79 -51.27 71.11
C PRO U 64 -9.33 -51.71 69.76
N ARG U 65 -9.02 -50.99 68.67
CA ARG U 65 -9.45 -51.39 67.31
C ARG U 65 -8.28 -51.70 66.37
N SER U 66 -8.53 -52.55 65.38
CA SER U 66 -7.47 -53.15 64.61
C SER U 66 -6.88 -52.11 63.63
N VAL U 67 -7.71 -51.16 63.15
CA VAL U 67 -7.22 -49.90 62.55
C VAL U 67 -7.23 -48.72 63.57
N PRO U 68 -6.15 -47.96 63.64
CA PRO U 68 -6.07 -46.97 64.70
C PRO U 68 -6.47 -45.55 64.27
N PHE U 69 -7.77 -45.35 64.18
CA PHE U 69 -8.35 -44.09 63.75
C PHE U 69 -9.59 -43.79 64.57
N GLU U 70 -9.88 -42.50 64.75
CA GLU U 70 -10.91 -42.08 65.67
C GLU U 70 -12.26 -42.04 65.00
N TYR U 71 -12.31 -41.61 63.75
CA TYR U 71 -13.62 -41.41 63.04
C TYR U 71 -13.65 -42.23 61.76
N TYR U 72 -14.83 -42.48 61.23
CA TYR U 72 -14.97 -43.16 59.98
C TYR U 72 -16.24 -42.82 59.26
N ARG U 73 -16.36 -43.12 57.98
CA ARG U 73 -17.65 -43.05 57.28
C ARG U 73 -17.54 -43.95 56.09
N ILE U 74 -18.67 -44.55 55.74
CA ILE U 74 -18.71 -45.60 54.74
C ILE U 74 -19.12 -44.90 53.46
N ARG U 75 -18.14 -44.73 52.60
CA ARG U 75 -18.32 -44.27 51.22
C ARG U 75 -19.27 -45.03 50.31
N LYS U 76 -19.09 -46.34 50.28
CA LYS U 76 -19.78 -47.21 49.35
C LYS U 76 -19.79 -48.65 49.84
N VAL U 77 -20.72 -49.44 49.35
CA VAL U 77 -20.79 -50.88 49.66
C VAL U 77 -21.00 -51.62 48.36
N LYS U 78 -20.30 -52.72 48.22
CA LYS U 78 -20.49 -53.62 47.12
C LYS U 78 -20.98 -54.87 47.80
N VAL U 79 -22.05 -55.42 47.26
CA VAL U 79 -22.61 -56.65 47.77
C VAL U 79 -22.66 -57.57 46.59
N GLU U 80 -21.93 -58.69 46.68
CA GLU U 80 -21.83 -59.65 45.57
C GLU U 80 -22.45 -60.99 45.91
N PHE U 81 -23.34 -61.50 45.08
CA PHE U 81 -23.84 -62.84 45.22
C PHE U 81 -23.10 -63.76 44.24
N TRP U 82 -22.18 -64.58 44.75
CA TRP U 82 -21.45 -65.54 43.95
C TRP U 82 -22.19 -66.82 44.06
N PRO U 83 -22.78 -67.31 42.96
CA PRO U 83 -23.56 -68.56 43.00
C PRO U 83 -22.74 -69.77 43.33
N CYS U 84 -23.35 -70.75 44.04
CA CYS U 84 -22.76 -72.12 44.19
C CYS U 84 -23.28 -73.06 43.08
N SER U 85 -24.49 -72.79 42.58
CA SER U 85 -25.17 -73.68 41.69
C SER U 85 -24.40 -73.84 40.38
N PRO U 86 -24.26 -75.09 39.93
CA PRO U 86 -23.63 -75.25 38.64
C PRO U 86 -24.54 -74.68 37.53
N ILE U 87 -23.94 -74.41 36.38
CA ILE U 87 -24.65 -73.82 35.26
C ILE U 87 -25.58 -74.81 34.55
N THR U 88 -25.46 -76.07 34.93
CA THR U 88 -26.36 -77.12 34.47
C THR U 88 -27.70 -77.21 35.20
N GLN U 89 -27.87 -76.35 36.23
CA GLN U 89 -29.02 -76.41 37.12
C GLN U 89 -30.20 -75.75 36.42
N GLY U 90 -31.31 -76.47 36.47
CA GLY U 90 -32.54 -76.08 35.87
C GLY U 90 -33.35 -75.36 36.91
N ASP U 91 -34.67 -75.44 36.71
CA ASP U 91 -35.69 -74.57 37.35
C ASP U 91 -35.13 -73.21 37.69
N ARG U 92 -34.81 -72.52 36.65
CA ARG U 92 -34.25 -71.20 36.78
C ARG U 92 -35.36 -70.17 36.96
N GLY U 93 -35.05 -69.16 37.76
CA GLY U 93 -35.96 -68.06 38.03
C GLY U 93 -35.32 -66.70 38.12
N VAL U 94 -36.11 -65.75 38.56
CA VAL U 94 -35.76 -64.33 38.40
C VAL U 94 -36.32 -63.52 39.55
N GLY U 95 -35.51 -62.67 40.15
CA GLY U 95 -35.94 -61.79 41.25
C GLY U 95 -35.33 -60.41 41.18
N SER U 96 -35.21 -59.79 42.34
CA SER U 96 -34.93 -58.35 42.41
C SER U 96 -34.08 -58.05 43.63
N SER U 97 -33.07 -57.20 43.51
CA SER U 97 -32.50 -56.54 44.69
C SER U 97 -32.90 -55.06 44.65
N ALA U 98 -33.06 -54.45 45.83
CA ALA U 98 -33.45 -53.03 45.95
C ALA U 98 -32.67 -52.40 47.09
N VAL U 99 -32.21 -51.19 46.86
CA VAL U 99 -31.47 -50.43 47.81
C VAL U 99 -32.50 -49.75 48.68
N ILE U 100 -32.34 -49.94 50.00
CA ILE U 100 -33.25 -49.54 51.09
C ILE U 100 -32.40 -48.74 52.10
N LEU U 101 -32.58 -47.42 52.10
CA LEU U 101 -31.80 -46.44 52.84
C LEU U 101 -32.45 -45.98 54.14
N ASP U 102 -33.70 -46.39 54.41
CA ASP U 102 -34.46 -45.95 55.60
C ASP U 102 -34.75 -47.08 56.59
N ASP U 103 -34.02 -48.18 56.47
CA ASP U 103 -34.14 -49.32 57.39
C ASP U 103 -35.56 -49.96 57.49
N ASN U 104 -36.29 -49.97 56.36
CA ASN U 104 -37.65 -50.45 56.23
C ASN U 104 -37.81 -51.37 55.04
N PHE U 105 -37.45 -52.62 55.27
CA PHE U 105 -37.42 -53.60 54.26
C PHE U 105 -38.78 -54.22 54.12
N VAL U 106 -39.09 -54.95 53.06
CA VAL U 106 -40.25 -55.85 53.09
C VAL U 106 -40.09 -56.95 54.16
N THR U 107 -41.20 -57.32 54.80
CA THR U 107 -41.20 -58.41 55.76
C THR U 107 -40.60 -59.69 55.16
N LYS U 108 -39.70 -60.27 55.91
CA LYS U 108 -39.10 -61.56 55.60
C LYS U 108 -40.11 -62.70 55.40
N ALA U 109 -39.90 -63.42 54.29
CA ALA U 109 -40.88 -64.36 53.76
C ALA U 109 -40.17 -65.54 53.08
N THR U 110 -40.69 -66.74 53.24
CA THR U 110 -40.13 -67.90 52.55
C THR U 110 -40.67 -68.06 51.13
N ALA U 111 -41.94 -67.67 50.97
CA ALA U 111 -42.75 -68.04 49.79
C ALA U 111 -43.91 -67.08 49.48
N LEU U 112 -43.59 -65.79 49.48
CA LEU U 112 -44.49 -64.74 48.98
C LEU U 112 -44.89 -64.96 47.53
N THR U 113 -46.16 -64.65 47.23
CA THR U 113 -46.76 -65.02 45.93
C THR U 113 -46.45 -64.08 44.76
N TYR U 114 -45.77 -62.95 45.10
CA TYR U 114 -45.25 -61.96 44.14
C TYR U 114 -43.83 -61.48 44.55
N ASP U 115 -43.10 -60.86 43.62
CA ASP U 115 -41.75 -60.31 43.91
C ASP U 115 -42.03 -58.87 44.35
N PRO U 116 -41.96 -58.64 45.68
CA PRO U 116 -42.37 -57.36 46.21
C PRO U 116 -41.39 -56.20 45.85
N TYR U 117 -40.19 -56.50 45.37
CA TYR U 117 -39.24 -55.44 45.06
C TYR U 117 -39.21 -55.02 43.57
N VAL U 118 -39.96 -55.70 42.76
CA VAL U 118 -39.83 -55.52 41.37
C VAL U 118 -40.14 -54.08 40.85
N ASN U 119 -41.04 -53.37 41.51
CA ASN U 119 -41.42 -52.02 41.04
C ASN U 119 -40.56 -50.89 41.67
N TYR U 120 -39.72 -51.25 42.64
CA TYR U 120 -38.88 -50.30 43.37
C TYR U 120 -37.97 -49.59 42.38
N SER U 121 -37.90 -48.28 42.49
CA SER U 121 -37.04 -47.46 41.62
C SER U 121 -35.63 -48.01 41.52
N SER U 122 -34.98 -48.32 42.63
CA SER U 122 -33.63 -48.91 42.65
C SER U 122 -33.47 -50.39 42.24
N ARG U 123 -34.56 -51.07 41.95
CA ARG U 123 -34.48 -52.51 41.63
C ARG U 123 -33.53 -52.86 40.53
N HIS U 124 -32.70 -53.89 40.73
CA HIS U 124 -31.96 -54.59 39.67
C HIS U 124 -32.49 -56.04 39.65
N THR U 125 -32.66 -56.57 38.44
CA THR U 125 -33.00 -57.96 38.22
C THR U 125 -31.89 -58.98 38.65
N ILE U 126 -32.27 -60.07 39.31
CA ILE U 126 -31.38 -61.18 39.72
C ILE U 126 -31.71 -62.42 38.86
N THR U 127 -30.70 -63.05 38.30
CA THR U 127 -30.89 -64.15 37.39
C THR U 127 -30.45 -65.36 38.21
N GLN U 128 -31.32 -66.36 38.29
CA GLN U 128 -31.10 -67.49 39.24
C GLN U 128 -31.03 -68.81 38.51
N PRO U 129 -30.16 -69.73 38.90
CA PRO U 129 -29.40 -69.72 40.12
C PRO U 129 -27.87 -69.75 39.89
N PHE U 130 -27.43 -69.80 38.65
CA PHE U 130 -26.02 -69.83 38.43
C PHE U 130 -25.43 -68.50 38.02
N SER U 131 -26.11 -67.38 38.18
CA SER U 131 -25.49 -66.08 37.77
C SER U 131 -25.07 -65.25 38.96
N TYR U 132 -23.99 -64.53 38.73
CA TYR U 132 -23.52 -63.48 39.60
C TYR U 132 -24.48 -62.27 39.63
N HIS U 133 -24.48 -61.59 40.75
CA HIS U 133 -25.32 -60.46 40.89
C HIS U 133 -24.59 -59.50 41.83
N SER U 134 -24.47 -58.22 41.47
CA SER U 134 -23.94 -57.25 42.44
C SER U 134 -24.63 -55.93 42.43
N ARG U 135 -24.53 -55.27 43.57
CA ARG U 135 -25.02 -53.91 43.75
C ARG U 135 -23.93 -53.13 44.39
N TYR U 136 -23.92 -51.84 44.11
CA TYR U 136 -22.86 -50.94 44.53
C TYR U 136 -23.49 -49.56 44.71
N PHE U 137 -23.54 -49.11 45.95
CA PHE U 137 -24.28 -47.91 46.33
C PHE U 137 -23.70 -47.30 47.63
N THR U 138 -24.04 -46.09 47.95
CA THR U 138 -23.63 -45.49 49.24
C THR U 138 -24.72 -45.87 50.28
N PRO U 139 -24.40 -46.68 51.32
CA PRO U 139 -25.45 -47.04 52.31
C PRO U 139 -25.63 -45.90 53.33
N LYS U 140 -26.61 -46.01 54.22
CA LYS U 140 -26.78 -44.94 55.26
C LYS U 140 -26.83 -45.49 56.65
N PRO U 141 -26.25 -44.74 57.61
CA PRO U 141 -26.36 -45.11 58.99
C PRO U 141 -27.79 -45.03 59.48
N VAL U 142 -28.15 -45.96 60.37
CA VAL U 142 -29.41 -45.88 61.09
C VAL U 142 -29.22 -45.02 62.30
N LEU U 143 -29.53 -43.74 62.14
CA LEU U 143 -29.26 -42.70 63.17
C LEU U 143 -30.35 -42.64 64.23
N ASP U 144 -31.59 -42.89 63.82
CA ASP U 144 -32.71 -42.86 64.71
C ASP U 144 -33.74 -43.71 64.09
N SER U 145 -34.10 -44.83 64.71
CA SER U 145 -34.98 -45.80 64.00
C SER U 145 -36.50 -45.47 64.05
N THR U 146 -36.92 -44.57 64.94
CA THR U 146 -38.30 -44.06 64.88
C THR U 146 -38.54 -43.24 63.63
N ILE U 147 -37.65 -42.32 63.29
CA ILE U 147 -37.88 -41.34 62.23
C ILE U 147 -37.34 -41.79 60.86
N ASP U 148 -36.21 -42.49 60.94
CA ASP U 148 -35.52 -43.06 59.81
C ASP U 148 -35.16 -42.00 58.77
N TYR U 149 -34.26 -41.09 59.13
CA TYR U 149 -33.75 -40.08 58.20
C TYR U 149 -32.33 -40.34 57.65
N PHE U 150 -32.05 -39.83 56.47
CA PHE U 150 -30.70 -39.96 55.90
C PHE U 150 -30.30 -38.85 54.97
N GLN U 151 -28.99 -38.67 54.81
CA GLN U 151 -28.44 -37.60 53.98
C GLN U 151 -28.53 -37.96 52.50
N PRO U 152 -28.71 -36.95 51.62
CA PRO U 152 -28.66 -37.20 50.19
C PRO U 152 -27.28 -37.63 49.70
N ASN U 153 -27.29 -38.51 48.71
CA ASN U 153 -26.11 -39.29 48.33
C ASN U 153 -25.13 -38.19 47.86
N ASN U 154 -24.12 -37.92 48.70
CA ASN U 154 -23.18 -36.78 48.56
C ASN U 154 -21.77 -37.24 49.02
N LYS U 155 -20.75 -36.39 48.77
CA LYS U 155 -19.36 -36.65 49.21
C LYS U 155 -18.92 -35.80 50.47
N ARG U 156 -18.59 -34.53 50.29
CA ARG U 156 -17.90 -33.84 51.39
C ARG U 156 -18.79 -33.53 52.59
N ASN U 157 -20.12 -33.63 52.45
CA ASN U 157 -21.08 -33.41 53.57
C ASN U 157 -21.37 -34.57 54.45
N GLN U 158 -21.08 -35.76 53.97
CA GLN U 158 -21.33 -36.98 54.70
C GLN U 158 -20.83 -36.93 56.17
N LEU U 159 -21.76 -37.15 57.08
CA LEU U 159 -21.47 -37.38 58.46
C LEU U 159 -20.21 -38.26 58.78
N TRP U 160 -19.35 -37.78 59.67
CA TRP U 160 -18.40 -38.66 60.38
C TRP U 160 -19.05 -39.36 61.59
N LEU U 161 -18.61 -40.59 61.84
CA LEU U 161 -19.09 -41.47 62.89
C LEU U 161 -17.86 -41.96 63.65
N ARG U 162 -18.01 -42.11 64.97
CA ARG U 162 -16.89 -42.54 65.81
C ARG U 162 -16.64 -43.98 65.51
N LEU U 163 -15.38 -44.37 65.40
CA LEU U 163 -15.02 -45.81 65.34
C LEU U 163 -15.14 -46.41 66.75
N GLN U 164 -16.12 -47.27 66.95
CA GLN U 164 -16.32 -47.81 68.28
C GLN U 164 -15.70 -49.18 68.28
N THR U 165 -15.27 -49.61 69.46
CA THR U 165 -14.69 -50.96 69.58
C THR U 165 -15.82 -51.93 69.28
N ALA U 166 -16.98 -51.61 69.87
CA ALA U 166 -17.92 -52.60 70.33
C ALA U 166 -19.19 -52.58 69.52
N GLY U 167 -19.99 -51.52 69.67
CA GLY U 167 -21.40 -51.57 69.30
C GLY U 167 -21.68 -50.60 68.19
N ASN U 168 -21.07 -50.84 67.05
CA ASN U 168 -21.13 -49.87 65.97
C ASN U 168 -22.51 -49.76 65.32
N VAL U 169 -22.74 -48.63 64.68
CA VAL U 169 -24.06 -48.35 64.20
C VAL U 169 -24.27 -49.18 62.94
N ASP U 170 -25.45 -49.79 62.81
CA ASP U 170 -25.85 -50.49 61.55
C ASP U 170 -25.98 -49.51 60.37
N HIS U 171 -25.40 -49.87 59.21
CA HIS U 171 -25.69 -49.19 57.97
C HIS U 171 -26.63 -49.96 57.10
N VAL U 172 -27.31 -49.21 56.25
CA VAL U 172 -28.48 -49.76 55.67
C VAL U 172 -28.59 -49.54 54.16
N GLY U 173 -29.18 -50.59 53.57
CA GLY U 173 -28.95 -50.93 52.23
C GLY U 173 -29.79 -51.96 51.53
N LEU U 174 -29.75 -53.27 51.78
CA LEU U 174 -30.16 -54.12 50.62
C LEU U 174 -31.24 -55.14 50.86
N GLY U 175 -32.42 -54.91 50.26
CA GLY U 175 -33.55 -55.88 50.20
C GLY U 175 -33.42 -56.82 49.00
N THR U 176 -33.81 -58.08 49.18
CA THR U 176 -33.68 -59.12 48.18
C THR U 176 -34.94 -59.94 48.06
N ALA U 177 -35.14 -60.50 46.89
CA ALA U 177 -36.23 -61.40 46.65
C ALA U 177 -35.77 -62.39 45.58
N PHE U 178 -35.60 -63.66 45.97
CA PHE U 178 -35.10 -64.70 45.07
C PHE U 178 -36.26 -65.61 44.73
N GLU U 179 -36.55 -65.82 43.46
CA GLU U 179 -37.57 -66.81 43.14
C GLU U 179 -37.16 -68.18 43.70
N ASN U 180 -38.14 -68.86 44.34
CA ASN U 180 -37.95 -70.20 44.86
C ASN U 180 -37.84 -71.17 43.71
N SER U 181 -37.36 -72.37 44.02
CA SER U 181 -37.11 -73.42 43.06
C SER U 181 -37.35 -74.82 43.64
N ILE U 182 -37.57 -75.72 42.70
CA ILE U 182 -37.57 -77.17 42.89
C ILE U 182 -36.21 -77.65 43.48
N TYR U 183 -35.11 -76.92 43.26
CA TYR U 183 -33.83 -77.19 43.95
C TYR U 183 -33.37 -76.10 44.92
N ASP U 184 -32.42 -76.50 45.77
CA ASP U 184 -31.66 -75.58 46.64
C ASP U 184 -30.75 -74.66 45.81
N GLN U 185 -30.59 -73.41 46.27
CA GLN U 185 -29.78 -72.36 45.63
C GLN U 185 -28.90 -71.72 46.71
N GLU U 186 -27.61 -72.04 46.66
CA GLU U 186 -26.61 -71.63 47.62
C GLU U 186 -25.74 -70.48 46.99
N TYR U 187 -25.31 -69.53 47.83
CA TYR U 187 -24.52 -68.36 47.44
C TYR U 187 -23.51 -68.09 48.52
N ASN U 188 -22.31 -67.76 48.08
CA ASN U 188 -21.38 -67.10 48.92
C ASN U 188 -21.61 -65.63 48.65
N ILE U 189 -21.94 -64.90 49.70
CA ILE U 189 -22.18 -63.45 49.62
C ILE U 189 -20.97 -62.70 50.12
N ARG U 190 -20.31 -61.96 49.23
CA ARG U 190 -19.20 -61.13 49.60
C ARG U 190 -19.63 -59.66 49.75
N VAL U 191 -19.56 -59.15 50.96
CA VAL U 191 -19.86 -57.76 51.21
C VAL U 191 -18.52 -57.02 51.37
N THR U 192 -18.39 -55.86 50.72
CA THR U 192 -17.16 -55.14 50.74
C THR U 192 -17.52 -53.68 50.98
N MET U 193 -16.88 -53.08 51.99
CA MET U 193 -17.17 -51.70 52.39
C MET U 193 -16.01 -50.88 52.00
N TYR U 194 -16.28 -49.79 51.32
CA TYR U 194 -15.24 -48.84 50.99
C TYR U 194 -15.39 -47.77 52.02
N VAL U 195 -14.40 -47.67 52.91
CA VAL U 195 -14.48 -46.88 54.12
C VAL U 195 -13.39 -45.84 54.23
N GLN U 196 -13.74 -44.68 54.69
CA GLN U 196 -12.77 -43.62 54.83
C GLN U 196 -12.64 -43.42 56.34
N PHE U 197 -11.41 -43.39 56.84
CA PHE U 197 -11.10 -43.21 58.29
C PHE U 197 -10.39 -41.88 58.39
N ARG U 198 -10.60 -41.20 59.50
CA ARG U 198 -10.00 -39.90 59.79
C ARG U 198 -9.45 -39.89 61.22
N GLU U 199 -8.30 -39.26 61.41
CA GLU U 199 -7.70 -38.98 62.74
C GLU U 199 -6.97 -40.20 63.31
N PHE U 200 -5.72 -40.33 62.89
CA PHE U 200 -4.82 -41.32 63.40
C PHE U 200 -4.78 -41.10 64.90
N ASN U 201 -4.98 -42.17 65.69
CA ASN U 201 -4.97 -42.05 67.17
C ASN U 201 -4.08 -43.08 67.88
N LEU U 202 -3.04 -43.58 67.22
CA LEU U 202 -2.23 -44.65 67.81
C LEU U 202 -1.56 -44.28 69.17
N LYS U 203 -1.84 -45.13 70.16
CA LYS U 203 -1.23 -45.10 71.49
C LYS U 203 0.01 -45.96 71.54
N ASP U 204 1.07 -45.49 72.18
CA ASP U 204 2.32 -46.22 72.21
C ASP U 204 2.90 -46.29 73.64
N PRO U 205 2.37 -47.22 74.48
CA PRO U 205 2.86 -47.36 75.84
C PRO U 205 4.25 -47.93 75.87
N PRO U 206 5.04 -47.66 76.95
CA PRO U 206 6.29 -48.42 77.21
C PRO U 206 6.06 -49.77 77.94
N SER V 19 -1.61 -49.57 47.74
CA SER V 19 -2.14 -48.67 48.83
C SER V 19 -0.99 -48.40 49.87
N HIS V 20 -0.60 -47.12 49.93
CA HIS V 20 0.37 -46.64 50.91
C HIS V 20 -0.25 -45.81 51.96
N PHE V 21 0.42 -45.77 53.10
CA PHE V 21 -0.06 -45.03 54.25
C PHE V 21 1.15 -44.39 54.90
N ASN V 22 1.22 -43.08 54.79
CA ASN V 22 2.27 -42.26 55.43
C ASN V 22 1.77 -41.82 56.75
N THR V 23 2.48 -42.11 57.82
CA THR V 23 2.13 -41.50 59.07
C THR V 23 3.35 -41.12 59.83
N ARG V 24 3.12 -40.81 61.09
CA ARG V 24 4.08 -40.19 61.98
C ARG V 24 3.91 -40.83 63.36
N LEU V 25 5.00 -41.26 63.98
CA LEU V 25 4.98 -42.02 65.25
C LEU V 25 5.91 -41.37 66.21
N SER V 26 5.54 -41.24 67.48
CA SER V 26 6.47 -40.57 68.39
C SER V 26 6.51 -41.24 69.75
N ARG V 27 7.63 -40.98 70.44
CA ARG V 27 7.81 -41.25 71.85
C ARG V 27 8.79 -40.23 72.51
N THR V 28 8.69 -40.16 73.83
CA THR V 28 9.47 -39.25 74.66
C THR V 28 10.12 -40.04 75.84
N PHE V 29 11.41 -39.87 76.06
CA PHE V 29 12.07 -40.49 77.21
C PHE V 29 13.02 -39.47 77.87
N GLY V 30 13.54 -39.82 79.04
CA GLY V 30 14.37 -38.90 79.79
C GLY V 30 15.79 -39.16 79.42
N TYR V 31 16.57 -38.12 79.42
CA TYR V 31 18.01 -38.28 79.38
C TYR V 31 18.62 -37.26 80.37
N THR V 32 19.32 -37.73 81.40
CA THR V 32 20.14 -36.83 82.23
C THR V 32 21.64 -36.94 81.92
N ILE V 33 22.30 -35.78 81.82
CA ILE V 33 23.74 -35.71 81.96
C ILE V 33 23.96 -35.26 83.40
N LYS V 34 24.69 -36.09 84.15
CA LYS V 34 24.92 -35.92 85.59
C LYS V 34 26.08 -34.96 85.78
N ARG V 35 25.98 -34.10 86.81
CA ARG V 35 27.00 -33.06 87.01
C ARG V 35 28.37 -33.67 87.26
N THR V 36 29.43 -32.87 87.15
CA THR V 36 30.79 -33.28 87.50
C THR V 36 31.58 -32.18 88.16
N THR V 37 32.78 -32.55 88.58
CA THR V 37 33.76 -31.65 89.12
C THR V 37 35.07 -31.65 88.31
N VAL V 38 35.12 -32.29 87.14
CA VAL V 38 36.34 -32.24 86.32
C VAL V 38 36.49 -30.78 85.92
N LYS V 39 37.63 -30.15 86.22
CA LYS V 39 37.76 -28.68 85.96
C LYS V 39 37.80 -28.40 84.43
N THR V 40 38.65 -29.15 83.72
CA THR V 40 38.77 -29.00 82.27
C THR V 40 37.41 -29.27 81.53
N PRO V 41 37.19 -28.49 80.42
CA PRO V 41 36.10 -28.84 79.50
C PRO V 41 36.17 -30.34 79.09
N SER V 42 35.02 -30.99 79.19
CA SER V 42 34.90 -32.44 78.98
C SER V 42 33.52 -32.75 78.37
N TRP V 43 33.38 -33.88 77.68
CA TRP V 43 32.11 -34.18 77.05
C TRP V 43 31.55 -35.51 77.42
N ALA V 44 30.23 -35.55 77.44
CA ALA V 44 29.47 -36.77 77.64
C ALA V 44 29.01 -37.25 76.26
N VAL V 45 29.38 -38.46 75.89
CA VAL V 45 29.33 -38.88 74.52
C VAL V 45 28.48 -40.12 74.49
N ASP V 46 27.47 -40.11 73.64
CA ASP V 46 26.44 -41.17 73.67
C ASP V 46 25.89 -41.38 72.25
N MET V 47 24.87 -42.16 72.12
CA MET V 47 24.47 -42.56 70.80
C MET V 47 22.98 -42.91 70.78
N MET V 48 22.37 -42.77 69.62
CA MET V 48 20.98 -43.14 69.44
C MET V 48 20.77 -43.98 68.22
N ARG V 49 19.97 -45.04 68.38
CA ARG V 49 19.44 -45.86 67.28
C ARG V 49 17.93 -45.79 67.36
N PHE V 50 17.25 -46.36 66.37
CA PHE V 50 15.82 -46.22 66.29
C PHE V 50 15.27 -47.53 65.86
N ASN V 51 14.31 -48.02 66.63
CA ASN V 51 13.65 -49.25 66.32
C ASN V 51 12.11 -49.07 66.46
N ILE V 52 11.40 -49.41 65.38
CA ILE V 52 9.96 -49.33 65.36
C ILE V 52 9.24 -50.17 66.45
N ASN V 53 9.85 -51.21 67.02
CA ASN V 53 9.26 -51.82 68.23
C ASN V 53 9.00 -50.72 69.27
N ASP V 54 9.89 -49.75 69.43
CA ASP V 54 9.63 -48.72 70.45
C ASP V 54 8.52 -47.70 70.17
N PHE V 55 7.91 -47.76 68.99
CA PHE V 55 6.91 -46.80 68.46
C PHE V 55 5.51 -47.41 68.18
N LEU V 56 5.43 -48.71 68.08
CA LEU V 56 4.26 -49.39 67.54
C LEU V 56 3.95 -50.62 68.38
N PRO V 57 2.94 -50.55 69.28
CA PRO V 57 2.75 -51.74 70.14
C PRO V 57 2.25 -52.93 69.38
N PRO V 58 2.24 -54.09 70.05
CA PRO V 58 1.52 -55.21 69.44
C PRO V 58 -0.01 -54.97 69.24
N GLY V 59 -0.55 -55.69 68.26
CA GLY V 59 -1.96 -55.70 67.97
C GLY V 59 -2.54 -56.80 68.80
N GLY V 60 -3.67 -57.30 68.38
CA GLY V 60 -4.33 -58.39 69.08
C GLY V 60 -4.76 -59.47 68.13
N GLY V 61 -4.67 -60.72 68.56
CA GLY V 61 -5.24 -61.84 67.84
C GLY V 61 -4.60 -62.07 66.48
N SER V 62 -5.45 -61.96 65.45
CA SER V 62 -5.05 -62.24 64.10
C SER V 62 -4.34 -61.11 63.38
N ASN V 63 -4.38 -59.91 63.99
CA ASN V 63 -3.67 -58.70 63.50
C ASN V 63 -2.55 -58.35 64.46
N PRO V 64 -1.38 -59.04 64.39
CA PRO V 64 -0.37 -59.00 65.48
C PRO V 64 0.29 -57.63 65.72
N ARG V 65 0.06 -56.68 64.82
CA ARG V 65 0.64 -55.34 64.96
C ARG V 65 -0.49 -54.30 65.01
N SER V 66 -0.24 -53.22 65.74
CA SER V 66 -1.26 -52.21 65.91
C SER V 66 -1.67 -51.52 64.57
N VAL V 67 -0.71 -51.16 63.69
CA VAL V 67 -1.08 -50.85 62.29
C VAL V 67 -1.03 -52.09 61.37
N PRO V 68 -2.11 -52.32 60.55
CA PRO V 68 -2.24 -53.57 59.77
C PRO V 68 -1.65 -53.46 58.35
N PHE V 69 -0.34 -53.39 58.30
CA PHE V 69 0.36 -53.36 57.05
C PHE V 69 1.50 -54.39 57.00
N GLU V 70 1.77 -54.95 55.83
CA GLU V 70 2.79 -55.98 55.71
C GLU V 70 4.19 -55.47 55.70
N TYR V 71 4.41 -54.34 55.03
CA TYR V 71 5.75 -53.73 54.87
C TYR V 71 5.83 -52.28 55.33
N TYR V 72 7.09 -51.83 55.51
CA TYR V 72 7.38 -50.47 55.90
C TYR V 72 8.75 -50.01 55.51
N ARG V 73 8.91 -48.69 55.46
CA ARG V 73 10.25 -48.09 55.50
C ARG V 73 10.14 -46.73 56.16
N ILE V 74 11.25 -46.32 56.75
CA ILE V 74 11.35 -45.07 57.47
C ILE V 74 11.96 -44.00 56.58
N ARG V 75 11.12 -43.11 56.14
CA ARG V 75 11.57 -41.97 55.39
C ARG V 75 12.48 -41.00 56.15
N LYS V 76 12.11 -40.74 57.41
CA LYS V 76 12.69 -39.63 58.14
C LYS V 76 12.53 -39.83 59.65
N VAL V 77 13.54 -39.42 60.42
CA VAL V 77 13.48 -39.34 61.88
C VAL V 77 13.71 -37.90 62.24
N LYS V 78 13.00 -37.45 63.27
CA LYS V 78 13.28 -36.18 63.95
C LYS V 78 13.68 -36.50 65.38
N VAL V 79 14.75 -35.92 65.86
CA VAL V 79 15.12 -36.07 67.24
C VAL V 79 15.08 -34.71 67.85
N GLU V 80 14.23 -34.53 68.85
CA GLU V 80 14.11 -33.24 69.52
C GLU V 80 14.60 -33.42 70.94
N PHE V 81 15.65 -32.71 71.28
CA PHE V 81 16.09 -32.58 72.67
C PHE V 81 15.35 -31.42 73.27
N TRP V 82 14.39 -31.68 74.15
CA TRP V 82 13.67 -30.58 74.83
C TRP V 82 14.16 -30.36 76.25
N PRO V 83 14.90 -29.27 76.47
CA PRO V 83 15.55 -29.04 77.75
C PRO V 83 14.58 -28.89 78.94
N CYS V 84 14.96 -29.46 80.09
CA CYS V 84 14.29 -29.24 81.36
C CYS V 84 14.87 -28.10 82.16
N SER V 85 16.18 -27.84 82.01
CA SER V 85 16.84 -26.79 82.79
C SER V 85 16.16 -25.46 82.49
N PRO V 86 16.15 -24.57 83.43
CA PRO V 86 15.59 -23.29 83.15
C PRO V 86 16.64 -22.35 82.57
N ILE V 87 16.18 -21.20 82.06
CA ILE V 87 17.06 -20.17 81.47
C ILE V 87 17.96 -19.42 82.50
N THR V 88 17.77 -19.75 83.77
CA THR V 88 18.62 -19.22 84.79
C THR V 88 19.85 -20.11 85.00
N GLN V 89 19.90 -21.32 84.43
CA GLN V 89 21.03 -22.23 84.70
C GLN V 89 22.31 -21.70 84.04
N GLY V 90 23.38 -21.60 84.83
CA GLY V 90 24.70 -21.22 84.36
C GLY V 90 25.58 -22.39 83.92
N ASP V 91 26.89 -22.12 83.95
CA ASP V 91 27.89 -23.04 83.43
C ASP V 91 27.38 -23.59 82.11
N ARG V 92 27.06 -22.68 81.22
CA ARG V 92 26.60 -23.06 79.91
C ARG V 92 27.73 -23.60 79.07
N GLY V 93 27.37 -24.51 78.19
CA GLY V 93 28.32 -25.18 77.37
C GLY V 93 27.82 -25.49 75.98
N VAL V 94 28.71 -26.18 75.25
CA VAL V 94 28.52 -26.38 73.83
C VAL V 94 29.16 -27.68 73.33
N GLY V 95 28.28 -28.47 72.71
CA GLY V 95 28.65 -29.73 72.08
C GLY V 95 28.07 -29.96 70.68
N SER V 96 27.98 -31.25 70.32
CA SER V 96 27.65 -31.66 68.99
C SER V 96 26.72 -32.85 68.87
N SER V 97 25.83 -32.77 67.88
CA SER V 97 25.11 -33.93 67.36
C SER V 97 25.66 -34.24 65.96
N ALA V 98 25.72 -35.52 65.59
CA ALA V 98 26.11 -35.92 64.23
C ALA V 98 25.39 -37.17 63.72
N VAL V 99 25.00 -37.11 62.44
CA VAL V 99 24.33 -38.26 61.79
C VAL V 99 25.38 -39.36 61.50
N ILE V 100 25.24 -40.51 62.14
CA ILE V 100 26.00 -41.74 61.90
C ILE V 100 25.09 -42.80 61.25
N LEU V 101 25.31 -43.08 59.95
CA LEU V 101 24.40 -43.93 59.12
C LEU V 101 24.89 -45.37 59.00
N ASP V 102 26.08 -45.61 59.55
CA ASP V 102 26.75 -46.86 59.41
C ASP V 102 26.86 -47.63 60.73
N ASP V 103 26.18 -47.19 61.79
CA ASP V 103 26.18 -47.94 63.06
C ASP V 103 27.54 -48.01 63.81
N ASN V 104 28.51 -47.19 63.44
CA ASN V 104 29.78 -47.09 64.12
C ASN V 104 29.94 -45.75 64.83
N PHE V 105 29.43 -45.69 66.05
CA PHE V 105 29.46 -44.47 66.86
C PHE V 105 30.74 -44.40 67.67
N VAL V 106 31.06 -43.20 68.14
CA VAL V 106 32.15 -42.99 69.13
C VAL V 106 31.74 -43.64 70.42
N THR V 107 32.69 -44.29 71.01
CA THR V 107 32.47 -45.08 72.23
C THR V 107 31.90 -44.25 73.38
N LYS V 108 30.98 -44.86 74.10
CA LYS V 108 30.32 -44.13 75.16
C LYS V 108 31.36 -43.59 76.13
N ALA V 109 31.13 -42.38 76.64
CA ALA V 109 32.07 -41.78 77.61
C ALA V 109 31.47 -40.67 78.47
N THR V 110 31.84 -40.64 79.74
CA THR V 110 31.33 -39.66 80.70
C THR V 110 32.00 -38.27 80.59
N ALA V 111 33.33 -38.29 80.39
CA ALA V 111 34.11 -37.05 80.31
C ALA V 111 35.33 -37.08 79.36
N LEU V 112 35.06 -37.31 78.08
CA LEU V 112 36.09 -37.18 77.06
C LEU V 112 36.66 -35.76 77.06
N THR V 113 37.96 -35.62 76.79
CA THR V 113 38.67 -34.34 76.97
C THR V 113 38.55 -33.40 75.79
N TYR V 114 37.89 -33.92 74.74
CA TYR V 114 37.47 -33.15 73.57
C TYR V 114 36.06 -33.60 73.12
N ASP V 115 35.46 -32.76 72.27
CA ASP V 115 34.16 -33.01 71.62
C ASP V 115 34.45 -33.81 70.37
N PRO V 116 34.28 -35.14 70.46
CA PRO V 116 34.67 -36.04 69.39
C PRO V 116 33.92 -35.84 68.09
N TYR V 117 32.75 -35.23 68.13
CA TYR V 117 31.93 -35.04 66.94
C TYR V 117 32.09 -33.69 66.23
N VAL V 118 32.89 -32.80 66.75
CA VAL V 118 32.80 -31.40 66.25
C VAL V 118 33.23 -31.21 64.77
N ASN V 119 34.12 -32.06 64.27
CA ASN V 119 34.62 -31.94 62.92
C ASN V 119 33.80 -32.81 61.97
N TYR V 120 32.85 -33.57 62.49
CA TYR V 120 32.00 -34.38 61.64
C TYR V 120 31.25 -33.54 60.60
N SER V 121 31.21 -33.96 59.35
CA SER V 121 30.55 -33.18 58.28
C SER V 121 29.07 -32.91 58.58
N SER V 122 28.40 -33.92 59.14
CA SER V 122 27.01 -33.81 59.50
C SER V 122 26.82 -33.14 60.90
N ARG V 123 27.86 -32.55 61.49
CA ARG V 123 27.71 -31.97 62.83
C ARG V 123 26.75 -30.75 62.82
N HIS V 124 25.89 -30.66 63.85
CA HIS V 124 25.17 -29.45 64.19
C HIS V 124 25.57 -29.15 65.63
N THR V 125 25.69 -27.87 65.91
CA THR V 125 26.03 -27.42 67.23
C THR V 125 24.85 -27.53 68.21
N ILE V 126 25.13 -27.90 69.45
CA ILE V 126 24.16 -28.03 70.52
C ILE V 126 24.47 -26.96 71.54
N THR V 127 23.44 -26.38 72.13
CA THR V 127 23.56 -25.29 73.05
C THR V 127 23.02 -25.72 74.41
N GLN V 128 23.86 -25.58 75.42
CA GLN V 128 23.51 -26.19 76.71
C GLN V 128 23.31 -25.09 77.70
N PRO V 129 22.41 -25.24 78.65
CA PRO V 129 21.54 -26.39 78.82
C PRO V 129 20.06 -26.09 78.60
N PHE V 130 19.75 -24.84 78.27
CA PHE V 130 18.34 -24.47 78.27
C PHE V 130 17.73 -24.37 76.91
N SER V 131 18.51 -24.61 75.86
CA SER V 131 18.05 -24.49 74.48
C SER V 131 17.52 -25.80 73.81
N TYR V 132 16.69 -25.57 72.79
CA TYR V 132 16.11 -26.66 72.05
C TYR V 132 17.14 -27.06 71.04
N HIS V 133 17.15 -28.31 70.63
CA HIS V 133 18.05 -28.74 69.60
C HIS V 133 17.37 -29.88 68.84
N SER V 134 17.20 -29.74 67.53
CA SER V 134 16.66 -30.85 66.74
C SER V 134 17.53 -31.21 65.57
N ARG V 135 17.35 -32.49 65.16
CA ARG V 135 17.85 -33.06 63.90
C ARG V 135 16.80 -33.81 63.08
N TYR V 136 17.00 -33.80 61.78
CA TYR V 136 16.00 -34.31 60.86
C TYR V 136 16.73 -34.89 59.69
N PHE V 137 16.61 -36.18 59.47
CA PHE V 137 17.43 -36.87 58.47
C PHE V 137 16.81 -38.22 58.16
N THR V 138 17.26 -38.81 57.06
CA THR V 138 16.82 -40.16 56.67
C THR V 138 17.76 -41.16 57.28
N PRO V 139 17.31 -41.87 58.31
CA PRO V 139 18.21 -42.84 58.98
C PRO V 139 18.37 -44.09 58.07
N LYS V 140 19.20 -45.03 58.48
CA LYS V 140 19.37 -46.27 57.73
C LYS V 140 19.26 -47.47 58.63
N PRO V 141 18.72 -48.55 58.08
CA PRO V 141 18.71 -49.81 58.79
C PRO V 141 20.09 -50.49 58.81
N VAL V 142 20.31 -51.21 59.90
CA VAL V 142 21.52 -51.98 60.10
C VAL V 142 21.25 -53.35 59.45
N LEU V 143 21.58 -53.48 58.18
CA LEU V 143 21.32 -54.71 57.44
C LEU V 143 22.37 -55.77 57.65
N ASP V 144 23.59 -55.37 57.98
CA ASP V 144 24.69 -56.33 58.14
C ASP V 144 25.74 -55.61 58.97
N SER V 145 25.84 -55.98 60.25
CA SER V 145 26.66 -55.21 61.19
C SER V 145 28.16 -55.37 60.97
N THR V 146 28.54 -56.37 60.17
CA THR V 146 29.93 -56.62 59.76
C THR V 146 30.40 -55.75 58.61
N ILE V 147 29.56 -55.45 57.65
CA ILE V 147 30.00 -54.61 56.53
C ILE V 147 29.55 -53.19 56.65
N ASP V 148 28.37 -53.02 57.27
CA ASP V 148 27.76 -51.73 57.56
C ASP V 148 27.49 -50.90 56.32
N TYR V 149 26.67 -51.43 55.41
CA TYR V 149 26.31 -50.71 54.20
C TYR V 149 24.93 -50.02 54.28
N PHE V 150 24.80 -48.93 53.53
CA PHE V 150 23.52 -48.29 53.36
C PHE V 150 23.35 -47.66 52.00
N GLN V 151 22.06 -47.42 51.67
CA GLN V 151 21.61 -46.73 50.46
C GLN V 151 21.81 -45.23 50.53
N PRO V 152 22.16 -44.58 49.42
CA PRO V 152 22.15 -43.10 49.32
C PRO V 152 20.79 -42.41 49.54
N ASN V 153 20.80 -41.20 50.10
CA ASN V 153 19.59 -40.66 50.80
C ASN V 153 18.60 -40.34 49.66
N ASN V 154 17.56 -41.19 49.53
CA ASN V 154 16.69 -41.24 48.30
C ASN V 154 15.17 -41.35 48.64
N LYS V 155 14.32 -41.36 47.59
CA LYS V 155 12.90 -41.75 47.71
C LYS V 155 12.51 -43.09 47.00
N ARG V 156 12.50 -43.07 45.67
CA ARG V 156 11.82 -44.11 44.89
C ARG V 156 12.55 -45.47 44.93
N ASN V 157 13.83 -45.47 45.33
CA ASN V 157 14.64 -46.69 45.40
C ASN V 157 14.96 -47.30 46.77
N GLN V 158 14.42 -46.70 47.86
CA GLN V 158 14.70 -47.08 49.27
C GLN V 158 14.11 -48.46 49.62
N LEU V 159 14.87 -49.31 50.28
CA LEU V 159 14.45 -50.66 50.58
C LEU V 159 13.13 -50.69 51.36
N TRP V 160 12.25 -51.63 51.01
CA TRP V 160 11.09 -51.98 51.87
C TRP V 160 11.55 -53.02 52.86
N LEU V 161 10.86 -53.04 54.00
CA LEU V 161 11.16 -53.94 55.14
C LEU V 161 9.89 -54.59 55.65
N ARG V 162 9.94 -55.86 56.00
CA ARG V 162 8.78 -56.51 56.60
C ARG V 162 8.48 -55.89 57.94
N LEU V 163 7.22 -55.62 58.26
CA LEU V 163 6.83 -55.20 59.63
C LEU V 163 6.75 -56.41 60.57
N GLN V 164 7.76 -56.60 61.40
CA GLN V 164 7.76 -57.74 62.29
C GLN V 164 7.02 -57.42 63.57
N THR V 165 6.37 -58.44 64.16
CA THR V 165 5.65 -58.28 65.46
C THR V 165 6.69 -57.93 66.55
N ALA V 166 7.87 -58.57 66.42
CA ALA V 166 8.76 -58.91 67.51
C ALA V 166 10.07 -58.22 67.41
N GLY V 167 10.88 -58.56 66.42
CA GLY V 167 12.30 -58.18 66.42
C GLY V 167 12.73 -57.32 65.23
N ASN V 168 12.14 -56.15 65.11
CA ASN V 168 12.42 -55.30 63.98
C ASN V 168 13.88 -54.86 64.04
N VAL V 169 14.36 -54.48 62.89
CA VAL V 169 15.73 -54.13 62.66
C VAL V 169 15.98 -52.74 63.23
N ASP V 170 17.08 -52.61 63.96
CA ASP V 170 17.59 -51.32 64.34
C ASP V 170 17.84 -50.41 63.12
N HIS V 171 17.51 -49.13 63.27
CA HIS V 171 17.91 -48.09 62.30
C HIS V 171 18.81 -47.07 62.93
N VAL V 172 19.61 -46.45 62.10
CA VAL V 172 20.72 -45.80 62.69
C VAL V 172 21.02 -44.36 62.30
N GLY V 173 21.57 -43.67 63.30
CA GLY V 173 21.42 -42.27 63.32
C GLY V 173 22.30 -41.42 64.19
N LEU V 174 22.01 -41.20 65.48
CA LEU V 174 22.52 -39.94 66.08
C LEU V 174 23.57 -40.15 67.11
N GLY V 175 24.72 -39.52 66.85
CA GLY V 175 25.80 -39.44 67.82
C GLY V 175 25.69 -38.15 68.57
N THR V 176 25.77 -38.24 69.87
CA THR V 176 25.73 -37.02 70.68
C THR V 176 26.96 -36.83 71.53
N ALA V 177 27.38 -35.57 71.59
CA ALA V 177 28.37 -35.18 72.56
C ALA V 177 28.06 -33.86 73.36
N PHE V 178 27.58 -34.00 74.59
CA PHE V 178 27.21 -32.85 75.43
C PHE V 178 28.35 -32.43 76.36
N GLU V 179 28.69 -31.12 76.39
CA GLU V 179 29.66 -30.62 77.36
C GLU V 179 29.13 -30.84 78.77
N ASN V 180 30.01 -31.35 79.66
CA ASN V 180 29.66 -31.57 81.08
C ASN V 180 29.53 -30.23 81.79
N SER V 181 28.75 -30.20 82.89
CA SER V 181 28.43 -29.01 83.67
C SER V 181 28.60 -29.29 85.20
N ILE V 182 29.05 -28.27 85.94
CA ILE V 182 28.79 -28.14 87.38
C ILE V 182 27.36 -28.59 87.83
N TYR V 183 26.32 -28.32 87.03
CA TYR V 183 24.91 -28.75 87.30
C TYR V 183 24.46 -29.90 86.42
N ASP V 184 23.39 -30.56 86.88
CA ASP V 184 22.70 -31.61 86.09
C ASP V 184 22.03 -31.01 84.89
N GLN V 185 21.91 -31.80 83.84
CA GLN V 185 21.37 -31.30 82.56
C GLN V 185 20.41 -32.36 82.11
N GLU V 186 19.14 -32.06 82.27
CA GLU V 186 18.06 -32.99 82.10
C GLU V 186 17.33 -32.57 80.80
N TYR V 187 16.93 -33.54 79.99
CA TYR V 187 16.22 -33.32 78.70
C TYR V 187 15.09 -34.33 78.57
N ASN V 188 14.00 -33.91 77.93
CA ASN V 188 13.02 -34.85 77.38
C ASN V 188 13.31 -34.97 75.93
N ILE V 189 13.59 -36.18 75.50
CA ILE V 189 14.02 -36.42 74.14
C ILE V 189 12.80 -36.97 73.45
N ARG V 190 12.33 -36.26 72.42
CA ARG V 190 11.19 -36.76 71.66
C ARG V 190 11.68 -37.22 70.32
N VAL V 191 11.39 -38.46 69.98
CA VAL V 191 11.85 -39.03 68.73
C VAL V 191 10.59 -39.29 67.98
N THR V 192 10.62 -38.96 66.68
CA THR V 192 9.49 -39.06 65.81
C THR V 192 9.93 -39.71 64.51
N MET V 193 9.30 -40.82 64.15
CA MET V 193 9.50 -41.47 62.89
C MET V 193 8.40 -41.18 61.89
N TYR V 194 8.81 -40.64 60.76
CA TYR V 194 8.00 -40.55 59.55
C TYR V 194 8.15 -41.88 58.77
N VAL V 195 7.13 -42.72 58.88
CA VAL V 195 7.13 -44.04 58.31
C VAL V 195 6.19 -44.15 57.14
N GLN V 196 6.59 -44.89 56.14
CA GLN V 196 5.67 -45.25 55.03
C GLN V 196 5.30 -46.73 55.22
N PHE V 197 4.02 -47.04 55.31
CA PHE V 197 3.53 -48.41 55.31
C PHE V 197 3.00 -48.77 53.93
N ARG V 198 3.16 -50.05 53.55
CA ARG V 198 2.68 -50.60 52.31
C ARG V 198 2.09 -52.03 52.46
N GLU V 199 1.01 -52.23 51.70
CA GLU V 199 0.22 -53.44 51.72
C GLU V 199 -0.57 -53.59 53.03
N PHE V 200 -1.77 -53.08 52.97
CA PHE V 200 -2.81 -53.35 53.92
C PHE V 200 -3.08 -54.85 54.02
N ASN V 201 -3.16 -55.39 55.24
CA ASN V 201 -3.29 -56.85 55.43
C ASN V 201 -4.25 -57.28 56.52
N LEU V 202 -5.29 -56.44 56.80
CA LEU V 202 -6.24 -56.74 57.88
C LEU V 202 -6.91 -58.12 57.71
N LYS V 203 -6.71 -58.93 58.73
CA LYS V 203 -7.39 -60.19 58.83
C LYS V 203 -8.67 -59.92 59.65
N ASP V 204 -9.78 -60.46 59.16
CA ASP V 204 -11.07 -60.33 59.84
C ASP V 204 -11.77 -61.68 60.15
N PRO V 205 -11.43 -62.33 61.28
CA PRO V 205 -12.06 -63.59 61.62
C PRO V 205 -13.47 -63.40 62.09
N PRO V 206 -14.36 -64.38 61.84
CA PRO V 206 -15.77 -64.18 62.22
C PRO V 206 -16.04 -64.78 63.62
N SER W 19 43.12 14.83 51.76
CA SER W 19 42.90 16.01 52.64
C SER W 19 41.73 15.90 53.67
N HIS W 20 40.82 14.92 53.54
CA HIS W 20 39.81 14.61 54.57
C HIS W 20 39.98 13.31 55.24
N PHE W 21 39.64 13.22 56.51
CA PHE W 21 39.72 11.92 57.17
C PHE W 21 38.47 11.75 57.99
N ASN W 22 37.65 10.76 57.64
CA ASN W 22 36.46 10.46 58.42
C ASN W 22 36.80 9.29 59.30
N THR W 23 36.47 9.45 60.59
CA THR W 23 36.71 8.39 61.55
C THR W 23 35.75 8.49 62.72
N ARG W 24 35.94 7.55 63.65
CA ARG W 24 35.04 7.26 64.69
C ARG W 24 35.84 7.12 65.99
N LEU W 25 35.38 7.83 67.02
CA LEU W 25 36.12 7.91 68.27
C LEU W 25 35.21 7.53 69.38
N SER W 26 35.73 6.77 70.35
CA SER W 26 34.87 6.35 71.45
C SER W 26 35.50 6.38 72.85
N ARG W 27 34.63 6.46 73.83
CA ARG W 27 35.01 6.25 75.20
C ARG W 27 33.83 5.68 75.90
N THR W 28 34.10 5.07 77.04
CA THR W 28 33.07 4.48 77.88
C THR W 28 33.23 4.92 79.35
N PHE W 29 32.12 5.31 79.97
CA PHE W 29 32.13 5.69 81.41
C PHE W 29 30.95 5.20 82.21
N GLY W 30 31.07 5.25 83.55
CA GLY W 30 30.06 4.71 84.46
C GLY W 30 28.98 5.71 84.87
N TYR W 31 27.76 5.25 85.00
CA TYR W 31 26.67 6.08 85.50
C TYR W 31 25.78 5.20 86.38
N THR W 32 25.64 5.59 87.65
CA THR W 32 24.72 4.91 88.58
C THR W 32 23.60 5.88 88.95
N ILE W 33 22.34 5.48 88.79
CA ILE W 33 21.26 6.12 89.51
C ILE W 33 21.15 5.33 90.79
N LYS W 34 21.25 6.03 91.91
CA LYS W 34 21.18 5.42 93.25
C LYS W 34 19.74 5.10 93.63
N ARG W 35 19.59 4.11 94.48
CA ARG W 35 18.27 3.68 94.85
C ARG W 35 17.67 4.72 95.77
N THR W 36 16.35 4.85 95.78
CA THR W 36 15.60 5.62 96.79
C THR W 36 14.53 4.73 97.39
N THR W 37 13.93 5.25 98.43
CA THR W 37 12.76 4.64 99.09
C THR W 37 11.44 5.42 98.92
N VAL W 38 11.49 6.71 98.52
CA VAL W 38 10.30 7.41 97.98
C VAL W 38 9.41 6.43 97.16
N LYS W 39 8.11 6.50 97.39
CA LYS W 39 7.18 5.48 96.84
C LYS W 39 6.62 5.96 95.48
N THR W 40 6.22 7.24 95.40
CA THR W 40 5.66 7.75 94.15
C THR W 40 6.76 7.95 93.11
N PRO W 41 6.44 7.86 91.83
CA PRO W 41 7.43 8.03 90.79
C PRO W 41 8.25 9.33 90.90
N SER W 42 9.53 9.24 90.58
CA SER W 42 10.39 10.39 90.49
C SER W 42 11.54 10.05 89.54
N TRP W 43 12.23 11.09 89.13
CA TRP W 43 13.14 11.02 88.02
C TRP W 43 14.49 11.69 88.32
N ALA W 44 15.57 11.04 87.91
CA ALA W 44 16.94 11.57 88.03
C ALA W 44 17.29 12.31 86.73
N VAL W 45 17.32 13.62 86.80
CA VAL W 45 17.48 14.42 85.63
C VAL W 45 18.97 14.82 85.58
N ASP W 46 19.55 14.74 84.38
CA ASP W 46 21.00 14.96 84.15
C ASP W 46 21.27 15.40 82.74
N MET W 47 22.54 15.52 82.40
CA MET W 47 22.94 16.07 81.12
C MET W 47 24.20 15.43 80.65
N MET W 48 24.44 15.69 79.38
CA MET W 48 25.56 15.18 78.67
C MET W 48 26.06 16.19 77.64
N ARG W 49 27.34 16.55 77.79
CA ARG W 49 28.11 17.25 76.79
C ARG W 49 29.16 16.35 76.21
N PHE W 50 29.75 16.79 75.11
CA PHE W 50 30.75 16.00 74.42
C PHE W 50 31.83 16.94 74.07
N ASN W 51 33.04 16.55 74.42
CA ASN W 51 34.21 17.32 74.15
C ASN W 51 35.32 16.38 73.57
N ILE W 52 35.80 16.72 72.39
CA ILE W 52 36.89 15.98 71.72
C ILE W 52 38.15 15.72 72.55
N ASN W 53 38.41 16.55 73.56
CA ASN W 53 39.54 16.30 74.52
C ASN W 53 39.41 14.96 75.23
N ASP W 54 38.18 14.52 75.47
CA ASP W 54 37.96 13.18 76.03
C ASP W 54 38.09 12.00 75.05
N PHE W 55 38.23 12.24 73.76
CA PHE W 55 38.33 11.19 72.74
C PHE W 55 39.69 11.24 72.01
N LEU W 56 40.38 12.38 72.08
CA LEU W 56 41.72 12.51 71.50
C LEU W 56 42.76 12.80 72.55
N PRO W 57 43.60 11.82 72.89
CA PRO W 57 44.68 12.20 73.78
C PRO W 57 45.75 13.08 73.09
N PRO W 58 46.66 13.70 73.88
CA PRO W 58 47.77 14.47 73.28
C PRO W 58 48.72 13.58 72.47
N GLY W 59 49.44 14.23 71.55
CA GLY W 59 50.59 13.61 70.88
C GLY W 59 51.93 14.03 71.51
N GLY W 60 52.95 14.20 70.69
CA GLY W 60 54.28 14.50 71.18
C GLY W 60 55.26 14.93 70.12
N GLY W 61 56.30 15.59 70.57
CA GLY W 61 57.16 16.36 69.68
C GLY W 61 56.35 17.50 69.07
N SER W 62 56.64 17.74 67.81
CA SER W 62 56.00 18.81 67.09
C SER W 62 54.50 18.57 66.77
N ASN W 63 54.09 17.30 66.81
CA ASN W 63 52.70 16.91 66.56
C ASN W 63 51.89 16.92 67.87
N PRO W 64 51.34 18.10 68.24
CA PRO W 64 50.83 18.16 69.60
C PRO W 64 49.53 17.34 69.87
N ARG W 65 48.85 16.79 68.84
CA ARG W 65 47.59 16.02 69.03
C ARG W 65 47.75 14.72 68.28
N SER W 66 47.11 13.66 68.75
CA SER W 66 47.43 12.32 68.27
C SER W 66 47.08 12.05 66.83
N VAL W 67 46.06 12.76 66.30
CA VAL W 67 45.79 12.75 64.87
C VAL W 67 46.27 14.06 64.31
N PRO W 68 47.02 14.03 63.24
CA PRO W 68 47.73 15.21 62.83
C PRO W 68 46.98 15.95 61.78
N PHE W 69 45.82 16.49 62.13
CA PHE W 69 45.08 17.34 61.21
C PHE W 69 44.87 18.69 61.84
N GLU W 70 44.70 19.70 61.00
CA GLU W 70 44.50 21.05 61.51
C GLU W 70 43.06 21.43 61.83
N TYR W 71 42.06 20.86 61.17
CA TYR W 71 40.67 21.19 61.50
C TYR W 71 39.81 19.99 61.79
N TYR W 72 38.69 20.23 62.48
CA TYR W 72 37.66 19.19 62.64
C TYR W 72 36.17 19.67 62.65
N ARG W 73 35.26 18.72 62.47
CA ARG W 73 33.83 18.98 62.79
C ARG W 73 33.15 17.68 63.05
N ILE W 74 32.14 17.74 63.91
CA ILE W 74 31.53 16.50 64.39
C ILE W 74 30.31 16.25 63.57
N ARG W 75 30.33 15.26 62.74
CA ARG W 75 29.15 14.94 61.92
C ARG W 75 27.98 14.44 62.74
N LYS W 76 28.28 13.59 63.71
CA LYS W 76 27.29 12.81 64.43
C LYS W 76 27.79 12.40 65.79
N VAL W 77 26.89 12.09 66.69
CA VAL W 77 27.26 11.51 67.98
C VAL W 77 26.33 10.37 68.19
N LYS W 78 26.86 9.28 68.67
CA LYS W 78 26.02 8.25 69.17
C LYS W 78 26.29 8.14 70.69
N VAL W 79 25.19 8.12 71.43
CA VAL W 79 25.21 7.83 72.85
C VAL W 79 24.54 6.48 73.07
N GLU W 80 25.24 5.54 73.65
CA GLU W 80 24.70 4.22 73.94
C GLU W 80 24.72 4.06 75.46
N PHE W 81 23.57 3.68 76.00
CA PHE W 81 23.39 3.31 77.42
C PHE W 81 23.30 1.77 77.53
N TRP W 82 24.39 1.15 77.97
CA TRP W 82 24.49 -0.30 78.05
C TRP W 82 24.21 -0.68 79.46
N PRO W 83 23.00 -1.21 79.73
CA PRO W 83 22.63 -1.49 81.10
C PRO W 83 23.48 -2.56 81.75
N CYS W 84 23.73 -2.35 83.03
CA CYS W 84 24.36 -3.36 83.88
C CYS W 84 23.37 -4.26 84.64
N SER W 85 22.22 -3.71 84.99
CA SER W 85 21.18 -4.45 85.73
C SER W 85 20.74 -5.70 84.91
N PRO W 86 20.54 -6.85 85.57
CA PRO W 86 20.16 -8.03 84.78
C PRO W 86 18.69 -8.00 84.45
N ILE W 87 18.31 -8.80 83.48
CA ILE W 87 16.93 -8.82 83.00
C ILE W 87 15.95 -9.30 84.07
N THR W 88 16.46 -9.88 85.17
CA THR W 88 15.65 -10.31 86.30
C THR W 88 15.30 -9.23 87.27
N GLN W 89 15.79 -8.02 87.08
CA GLN W 89 15.54 -6.97 88.10
C GLN W 89 14.10 -6.44 88.03
N GLY W 90 13.56 -6.12 89.18
CA GLY W 90 12.24 -5.55 89.28
C GLY W 90 12.29 -4.05 89.37
N ASP W 91 11.16 -3.54 89.85
CA ASP W 91 10.87 -2.10 89.95
C ASP W 91 11.38 -1.33 88.73
N ARG W 92 10.90 -1.78 87.58
CA ARG W 92 11.29 -1.25 86.28
C ARG W 92 10.57 0.04 86.09
N GLY W 93 11.20 0.96 85.36
CA GLY W 93 10.61 2.25 85.12
C GLY W 93 10.79 2.70 83.71
N VAL W 94 10.34 3.90 83.48
CA VAL W 94 10.30 4.47 82.15
C VAL W 94 10.75 5.91 82.24
N GLY W 95 11.71 6.25 81.40
CA GLY W 95 12.34 7.60 81.38
C GLY W 95 12.40 8.18 79.96
N SER W 96 13.19 9.24 79.83
CA SER W 96 13.32 9.97 78.56
C SER W 96 14.72 10.42 78.20
N SER W 97 15.04 10.43 76.93
CA SER W 97 16.20 11.23 76.49
C SER W 97 15.72 12.27 75.53
N ALA W 98 16.42 13.37 75.49
CA ALA W 98 16.03 14.48 74.61
C ALA W 98 17.25 15.18 74.12
N VAL W 99 17.19 15.69 72.91
CA VAL W 99 18.36 16.26 72.29
C VAL W 99 18.29 17.74 72.46
N ILE W 100 19.27 18.25 73.16
CA ILE W 100 19.44 19.66 73.52
C ILE W 100 20.56 20.34 72.76
N LEU W 101 20.21 21.13 71.76
CA LEU W 101 21.21 21.72 70.87
C LEU W 101 21.72 23.14 71.26
N ASP W 102 21.26 23.69 72.37
CA ASP W 102 21.54 25.08 72.69
C ASP W 102 22.15 25.22 74.08
N ASP W 103 22.64 24.13 74.63
CA ASP W 103 23.28 24.13 75.91
C ASP W 103 22.33 24.63 76.99
N ASN W 104 21.05 24.28 76.93
CA ASN W 104 20.08 24.70 77.92
C ASN W 104 19.30 23.52 78.42
N PHE W 105 19.97 22.79 79.30
CA PHE W 105 19.53 21.56 79.90
C PHE W 105 18.60 21.84 81.06
N VAL W 106 17.85 20.87 81.50
CA VAL W 106 16.95 21.01 82.63
C VAL W 106 17.86 20.84 83.77
N THR W 107 17.63 21.59 84.87
CA THR W 107 18.57 21.59 86.01
C THR W 107 18.60 20.23 86.60
N LYS W 108 19.83 19.78 86.86
CA LYS W 108 20.07 18.51 87.48
C LYS W 108 19.17 18.33 88.74
N ALA W 109 18.76 17.09 88.99
CA ALA W 109 17.90 16.79 90.10
C ALA W 109 17.85 15.27 90.41
N THR W 110 17.76 14.94 91.69
CA THR W 110 17.83 13.53 92.10
C THR W 110 16.49 12.87 92.02
N ALA W 111 15.46 13.63 92.42
CA ALA W 111 14.08 13.11 92.42
C ALA W 111 12.99 14.10 91.95
N LEU W 112 12.99 14.47 90.68
CA LEU W 112 11.97 15.38 90.19
C LEU W 112 10.71 14.62 90.21
N THR W 113 9.60 15.28 90.47
CA THR W 113 8.30 14.63 90.66
C THR W 113 7.50 14.31 89.37
N TYR W 114 8.09 14.72 88.24
CA TYR W 114 7.66 14.39 86.89
C TYR W 114 8.89 14.18 85.99
N ASP W 115 8.71 13.51 84.84
CA ASP W 115 9.73 13.45 83.80
C ASP W 115 9.65 14.78 83.06
N PRO W 116 10.68 15.62 83.19
CA PRO W 116 10.62 16.96 82.59
C PRO W 116 10.85 17.00 81.06
N TYR W 117 11.39 15.93 80.49
CA TYR W 117 11.65 15.85 79.06
C TYR W 117 10.65 15.03 78.31
N VAL W 118 9.78 14.30 78.96
CA VAL W 118 8.73 13.53 78.26
C VAL W 118 8.07 14.26 77.05
N ASN W 119 7.78 15.55 77.21
CA ASN W 119 7.03 16.23 76.17
C ASN W 119 7.98 16.80 75.06
N TYR W 120 9.28 16.73 75.22
CA TYR W 120 10.15 17.35 74.24
C TYR W 120 9.92 16.78 72.85
N SER W 121 9.97 17.62 71.84
CA SER W 121 9.77 17.14 70.46
C SER W 121 10.79 16.00 70.17
N SER W 122 12.05 16.20 70.54
CA SER W 122 13.09 15.21 70.38
C SER W 122 13.05 14.07 71.38
N ARG W 123 12.10 14.04 72.29
CA ARG W 123 12.09 12.95 73.28
C ARG W 123 12.05 11.54 72.67
N HIS W 124 12.82 10.60 73.21
CA HIS W 124 12.63 9.17 72.93
C HIS W 124 12.47 8.48 74.25
N THR W 125 11.70 7.41 74.26
CA THR W 125 11.40 6.77 75.55
C THR W 125 12.56 5.92 75.96
N ILE W 126 12.93 5.91 77.23
CA ILE W 126 13.96 4.97 77.74
C ILE W 126 13.24 3.93 78.63
N THR W 127 13.53 2.66 78.45
CA THR W 127 12.95 1.58 79.24
C THR W 127 13.99 1.08 80.30
N GLN W 128 13.60 0.95 81.57
CA GLN W 128 14.59 0.70 82.64
C GLN W 128 14.27 -0.55 83.43
N PRO W 129 15.24 -1.28 83.94
CA PRO W 129 16.65 -0.87 84.09
C PRO W 129 17.65 -1.69 83.27
N PHE W 130 17.13 -2.64 82.52
CA PHE W 130 17.95 -3.62 81.81
C PHE W 130 17.86 -3.48 80.28
N SER W 131 17.40 -2.37 79.76
CA SER W 131 17.19 -2.31 78.30
C SER W 131 18.26 -1.42 77.73
N TYR W 132 18.64 -1.67 76.47
CA TYR W 132 19.57 -0.79 75.76
C TYR W 132 18.84 0.55 75.45
N HIS W 133 19.58 1.64 75.34
CA HIS W 133 18.99 2.88 74.78
C HIS W 133 20.11 3.69 74.09
N SER W 134 19.84 4.15 72.87
CA SER W 134 20.79 5.02 72.19
C SER W 134 20.12 6.19 71.50
N ARG W 135 20.95 7.18 71.25
CA ARG W 135 20.62 8.29 70.45
C ARG W 135 21.71 8.54 69.41
N TYR W 136 21.29 9.07 68.28
CA TYR W 136 22.18 9.39 67.16
C TYR W 136 21.71 10.68 66.57
N PHE W 137 22.58 11.67 66.58
CA PHE W 137 22.17 12.99 66.09
C PHE W 137 23.39 13.82 65.78
N THR W 138 23.16 14.96 65.09
CA THR W 138 24.25 15.91 64.90
C THR W 138 24.24 16.85 66.12
N PRO W 139 25.30 16.85 66.92
CA PRO W 139 25.39 17.77 68.06
C PRO W 139 25.79 19.14 67.59
N LYS W 140 25.89 20.07 68.52
CA LYS W 140 26.38 21.42 68.15
C LYS W 140 27.48 22.02 69.03
N PRO W 141 28.46 22.67 68.38
CA PRO W 141 29.43 23.38 69.17
C PRO W 141 28.79 24.59 69.85
N VAL W 142 29.23 24.86 71.09
CA VAL W 142 28.80 25.95 71.94
C VAL W 142 29.66 27.17 71.64
N LEU W 143 29.27 27.90 70.62
CA LEU W 143 30.06 29.00 70.13
C LEU W 143 30.02 30.24 71.04
N ASP W 144 28.85 30.51 71.64
CA ASP W 144 28.62 31.69 72.50
C ASP W 144 27.52 31.30 73.48
N SER W 145 27.87 31.05 74.75
CA SER W 145 26.83 30.62 75.73
C SER W 145 25.92 31.74 76.36
N THR W 146 26.10 32.99 75.91
CA THR W 146 25.09 34.04 76.08
C THR W 146 23.91 33.77 75.15
N ILE W 147 24.19 33.68 73.84
CA ILE W 147 23.16 33.67 72.85
C ILE W 147 22.71 32.27 72.56
N ASP W 148 23.65 31.32 72.59
CA ASP W 148 23.42 29.91 72.25
C ASP W 148 22.79 29.71 70.87
N TYR W 149 23.60 29.75 69.83
CA TYR W 149 23.09 29.60 68.48
C TYR W 149 23.78 28.44 67.81
N PHE W 150 23.07 27.86 66.86
CA PHE W 150 23.58 26.70 66.19
C PHE W 150 23.10 26.63 64.75
N GLN W 151 23.88 25.96 63.90
CA GLN W 151 23.53 25.90 62.49
C GLN W 151 22.49 24.82 62.39
N PRO W 152 21.52 24.98 61.50
CA PRO W 152 20.63 23.87 61.21
C PRO W 152 21.39 22.70 60.61
N ASN W 153 20.80 21.54 60.84
CA ASN W 153 21.48 20.27 60.73
C ASN W 153 21.71 20.12 59.20
N ASN W 154 22.94 19.82 58.79
CA ASN W 154 23.36 19.97 57.36
C ASN W 154 24.73 19.29 57.11
N LYS W 155 25.03 18.99 55.85
CA LYS W 155 26.28 18.37 55.47
C LYS W 155 27.37 19.44 55.17
N ARG W 156 27.43 19.99 53.96
CA ARG W 156 28.62 20.75 53.58
C ARG W 156 28.54 22.31 53.77
N ASN W 157 27.69 22.76 54.68
CA ASN W 157 27.74 24.13 55.26
C ASN W 157 28.15 24.20 56.76
N GLN W 158 28.22 23.05 57.44
CA GLN W 158 28.72 22.96 58.82
C GLN W 158 30.09 23.59 59.04
N LEU W 159 30.17 24.53 59.97
CA LEU W 159 31.42 25.11 60.47
C LEU W 159 32.41 24.06 60.77
N TRP W 160 33.62 24.30 60.25
CA TRP W 160 34.87 23.66 60.71
C TRP W 160 35.43 24.42 61.93
N LEU W 161 36.05 23.69 62.85
CA LEU W 161 36.66 24.23 64.06
C LEU W 161 38.12 23.91 64.08
N ARG W 162 38.94 24.74 64.75
CA ARG W 162 40.35 24.38 64.94
C ARG W 162 40.49 23.16 65.83
N LEU W 163 41.36 22.20 65.46
CA LEU W 163 41.81 21.16 66.43
C LEU W 163 42.79 21.73 67.46
N GLN W 164 42.33 21.78 68.70
CA GLN W 164 43.14 22.30 69.75
C GLN W 164 43.75 21.15 70.55
N THR W 165 44.96 21.44 71.04
CA THR W 165 45.69 20.65 72.05
C THR W 165 44.81 20.35 73.26
N ALA W 166 44.35 21.47 73.83
CA ALA W 166 43.89 21.53 75.17
C ALA W 166 42.50 22.12 75.26
N GLY W 167 42.27 23.30 74.68
CA GLY W 167 41.03 24.03 75.06
C GLY W 167 39.77 23.76 74.25
N ASN W 168 39.48 22.51 73.93
CA ASN W 168 38.47 22.27 72.88
C ASN W 168 37.03 22.62 73.30
N VAL W 169 36.25 23.13 72.37
CA VAL W 169 34.92 23.60 72.66
C VAL W 169 33.91 22.45 72.89
N ASP W 170 33.10 22.59 73.93
CA ASP W 170 32.12 21.61 74.24
C ASP W 170 31.12 21.60 73.10
N HIS W 171 30.70 20.41 72.74
CA HIS W 171 29.56 20.21 71.88
C HIS W 171 28.41 19.69 72.67
N VAL W 172 27.24 19.79 72.11
CA VAL W 172 26.10 19.78 72.94
C VAL W 172 24.98 19.01 72.36
N GLY W 173 24.31 18.34 73.29
CA GLY W 173 23.54 17.22 72.94
C GLY W 173 22.54 16.70 73.90
N LEU W 174 22.85 15.92 74.93
CA LEU W 174 21.76 15.06 75.50
C LEU W 174 21.32 15.33 76.94
N GLY W 175 20.02 15.54 77.13
CA GLY W 175 19.38 15.52 78.45
C GLY W 175 18.74 14.19 78.78
N THR W 176 18.65 13.84 80.04
CA THR W 176 18.22 12.49 80.41
C THR W 176 17.40 12.56 81.65
N ALA W 177 16.35 11.72 81.71
CA ALA W 177 15.54 11.57 82.91
C ALA W 177 15.23 10.10 83.13
N PHE W 178 15.88 9.48 84.09
CA PHE W 178 15.60 8.05 84.38
C PHE W 178 14.70 7.95 85.62
N GLU W 179 13.69 7.07 85.57
CA GLU W 179 12.86 6.81 86.73
C GLU W 179 13.70 6.19 87.85
N ASN W 180 13.50 6.76 89.04
CA ASN W 180 14.17 6.23 90.24
C ASN W 180 13.46 4.91 90.58
N SER W 181 14.11 4.20 91.52
CA SER W 181 13.84 2.82 91.81
C SER W 181 14.41 2.37 93.15
N ILE W 182 13.87 1.23 93.59
CA ILE W 182 14.10 0.60 94.90
C ILE W 182 15.52 -0.01 94.85
N TYR W 183 15.96 -0.35 93.62
CA TYR W 183 17.27 -0.94 93.39
C TYR W 183 18.14 0.12 92.73
N ASP W 184 19.46 -0.12 92.78
CA ASP W 184 20.44 0.67 92.02
C ASP W 184 20.36 0.34 90.52
N GLN W 185 20.61 1.33 89.68
CA GLN W 185 20.55 1.14 88.23
C GLN W 185 21.87 1.65 87.69
N GLU W 186 22.73 0.71 87.33
CA GLU W 186 24.05 1.02 86.79
C GLU W 186 24.03 0.87 85.22
N TYR W 187 24.89 1.64 84.56
CA TYR W 187 24.96 1.76 83.09
C TYR W 187 26.41 2.04 82.75
N ASN W 188 26.99 1.28 81.82
CA ASN W 188 28.14 1.77 81.03
C ASN W 188 27.60 2.59 79.86
N ILE W 189 27.90 3.88 79.86
CA ILE W 189 27.56 4.74 78.76
C ILE W 189 28.73 4.78 77.80
N ARG W 190 28.46 4.56 76.52
CA ARG W 190 29.47 4.65 75.48
C ARG W 190 29.15 5.77 74.53
N VAL W 191 30.06 6.73 74.42
CA VAL W 191 29.89 7.81 73.46
C VAL W 191 30.81 7.63 72.28
N THR W 192 30.26 7.85 71.10
CA THR W 192 31.00 7.71 69.86
C THR W 192 30.82 8.94 68.98
N MET W 193 31.94 9.55 68.63
CA MET W 193 31.93 10.73 67.77
C MET W 193 32.34 10.35 66.38
N TYR W 194 31.46 10.61 65.42
CA TYR W 194 31.76 10.45 64.01
C TYR W 194 32.31 11.81 63.63
N VAL W 195 33.61 11.91 63.44
CA VAL W 195 34.31 13.19 63.23
C VAL W 195 34.93 13.23 61.87
N GLN W 196 34.90 14.39 61.27
CA GLN W 196 35.53 14.58 59.99
C GLN W 196 36.65 15.54 60.20
N PHE W 197 37.86 15.09 59.88
CA PHE W 197 39.07 15.92 59.98
C PHE W 197 39.49 16.49 58.63
N ARG W 198 40.17 17.63 58.71
CA ARG W 198 40.64 18.31 57.52
C ARG W 198 42.06 18.96 57.68
N GLU W 199 42.83 18.96 56.58
CA GLU W 199 44.16 19.57 56.46
C GLU W 199 45.18 18.74 57.22
N PHE W 200 45.84 17.83 56.53
CA PHE W 200 46.93 17.06 57.15
C PHE W 200 47.98 18.07 57.57
N ASN W 201 48.51 17.96 58.77
CA ASN W 201 49.55 18.91 59.13
C ASN W 201 50.83 18.34 59.75
N LEU W 202 51.06 17.03 59.58
CA LEU W 202 52.21 16.30 60.21
C LEU W 202 53.55 16.99 60.12
N LYS W 203 54.15 17.24 61.28
CA LYS W 203 55.49 17.79 61.35
C LYS W 203 56.48 16.64 61.44
N ASP W 204 57.61 16.81 60.78
CA ASP W 204 58.64 15.76 60.74
C ASP W 204 60.06 16.32 60.96
N PRO W 205 60.46 16.56 62.23
CA PRO W 205 61.84 17.01 62.48
C PRO W 205 62.89 15.88 62.37
N PRO W 206 64.18 16.21 62.20
CA PRO W 206 65.19 15.20 61.75
C PRO W 206 65.67 14.12 62.77
N SER X 19 38.47 2.64 57.18
CA SER X 19 39.74 1.83 57.23
C SER X 19 41.03 2.44 56.61
N HIS X 20 40.97 2.98 55.36
CA HIS X 20 42.20 3.48 54.66
C HIS X 20 42.44 4.94 54.73
N PHE X 21 43.70 5.29 54.74
CA PHE X 21 44.07 6.65 54.73
C PHE X 21 45.29 6.78 53.82
N ASN X 22 45.08 7.56 52.74
CA ASN X 22 46.10 7.85 51.74
C ASN X 22 46.71 9.16 52.05
N THR X 23 48.03 9.28 52.02
CA THR X 23 48.66 10.59 52.30
C THR X 23 50.10 10.71 51.88
N ARG X 24 50.67 11.88 52.04
CA ARG X 24 51.94 12.20 51.45
C ARG X 24 52.91 12.83 52.45
N LEU X 25 54.03 12.11 52.71
CA LEU X 25 55.05 12.53 53.68
C LEU X 25 56.36 12.97 53.04
N SER X 26 56.92 14.09 53.43
CA SER X 26 58.13 14.61 52.76
C SER X 26 59.28 14.88 53.73
N ARG X 27 60.50 14.91 53.20
CA ARG X 27 61.68 15.45 53.90
C ARG X 27 62.72 15.98 52.92
N THR X 28 63.63 16.80 53.41
CA THR X 28 64.57 17.47 52.52
C THR X 28 65.96 17.52 53.14
N PHE X 29 66.94 16.93 52.46
CA PHE X 29 68.34 16.96 52.87
C PHE X 29 69.32 17.48 51.78
N GLY X 30 70.55 17.77 52.20
CA GLY X 30 71.57 18.38 51.35
C GLY X 30 72.45 17.28 50.76
N TYR X 31 72.96 17.55 49.55
CA TYR X 31 73.82 16.64 48.81
C TYR X 31 74.84 17.43 48.06
N THR X 32 76.10 17.14 48.31
CA THR X 32 77.18 17.85 47.68
C THR X 32 78.07 16.90 46.87
N ILE X 33 78.34 17.26 45.63
CA ILE X 33 79.41 16.60 44.86
C ILE X 33 80.54 17.61 44.86
N LYS X 34 81.67 17.22 45.51
CA LYS X 34 82.78 18.17 45.70
C LYS X 34 83.61 18.21 44.47
N ARG X 35 84.11 19.38 44.13
CA ARG X 35 84.83 19.60 42.89
C ARG X 35 86.04 18.68 42.84
N THR X 36 86.41 18.29 41.64
CA THR X 36 87.65 17.61 41.43
C THR X 36 88.36 18.29 40.27
N THR X 37 89.59 17.86 40.07
CA THR X 37 90.45 18.34 38.99
C THR X 37 90.94 17.18 38.09
N VAL X 38 90.39 15.97 38.23
CA VAL X 38 90.60 14.92 37.20
C VAL X 38 90.10 15.50 35.86
N LYS X 39 91.01 15.62 34.89
CA LYS X 39 90.72 16.28 33.60
C LYS X 39 89.64 15.51 32.82
N THR X 40 89.81 14.20 32.68
CA THR X 40 88.85 13.37 31.98
C THR X 40 87.51 13.20 32.71
N PRO X 41 86.45 13.00 31.90
CA PRO X 41 85.12 12.79 32.46
C PRO X 41 85.08 11.64 33.44
N SER X 42 84.58 11.94 34.64
CA SER X 42 84.40 10.98 35.72
C SER X 42 83.01 11.11 36.38
N TRP X 43 82.61 10.08 37.14
CA TRP X 43 81.30 10.07 37.81
C TRP X 43 81.31 9.80 39.31
N ALA X 44 80.61 10.66 40.06
CA ALA X 44 80.24 10.44 41.47
C ALA X 44 79.02 9.54 41.52
N VAL X 45 79.24 8.33 42.02
CA VAL X 45 78.28 7.25 42.02
C VAL X 45 77.86 6.98 43.46
N ASP X 46 76.54 6.99 43.69
CA ASP X 46 75.99 6.92 45.01
C ASP X 46 74.62 6.23 44.89
N MET X 47 73.79 6.39 45.93
CA MET X 47 72.62 5.57 46.16
C MET X 47 71.74 6.17 47.25
N MET X 48 70.52 5.62 47.29
CA MET X 48 69.41 6.15 48.05
C MET X 48 68.44 5.01 48.37
N ARG X 49 68.21 4.82 49.68
CA ARG X 49 67.18 3.94 50.22
C ARG X 49 66.16 4.83 50.92
N PHE X 50 65.09 4.25 51.44
CA PHE X 50 63.99 5.06 51.96
C PHE X 50 63.33 4.37 53.09
N ASN X 51 63.22 5.06 54.22
CA ASN X 51 62.72 4.42 55.40
C ASN X 51 61.70 5.33 56.04
N ILE X 52 60.54 4.79 56.35
CA ILE X 52 59.48 5.59 56.98
C ILE X 52 59.91 6.14 58.37
N ASN X 53 60.95 5.60 58.99
CA ASN X 53 61.46 6.23 60.21
C ASN X 53 61.91 7.67 60.02
N ASP X 54 62.40 8.04 58.85
CA ASP X 54 62.82 9.44 58.62
C ASP X 54 61.68 10.38 58.24
N PHE X 55 60.44 9.88 58.14
CA PHE X 55 59.31 10.67 57.67
C PHE X 55 58.19 10.92 58.67
N LEU X 56 58.16 10.10 59.71
CA LEU X 56 57.04 9.98 60.60
C LEU X 56 57.71 9.90 61.98
N PRO X 57 57.72 11.03 62.76
CA PRO X 57 58.40 10.95 64.05
C PRO X 57 57.62 10.11 65.04
N PRO X 58 58.25 9.73 66.16
CA PRO X 58 57.52 9.14 67.30
C PRO X 58 56.25 9.94 67.72
N GLY X 59 55.40 9.32 68.54
CA GLY X 59 54.16 9.90 69.04
C GLY X 59 54.33 10.24 70.50
N GLY X 60 53.69 9.47 71.38
CA GLY X 60 53.82 9.67 72.83
C GLY X 60 52.55 9.31 73.53
N GLY X 61 52.63 9.07 74.82
CA GLY X 61 51.55 8.43 75.54
C GLY X 61 51.35 7.04 74.94
N SER X 62 50.10 6.70 74.73
CA SER X 62 49.71 5.37 74.36
C SER X 62 49.71 5.09 72.86
N ASN X 63 49.82 6.18 72.07
CA ASN X 63 49.85 6.18 70.61
C ASN X 63 51.26 6.41 70.14
N PRO X 64 52.07 5.31 70.06
CA PRO X 64 53.54 5.41 69.86
C PRO X 64 53.96 6.07 68.57
N ARG X 65 53.03 6.16 67.62
CA ARG X 65 53.32 6.67 66.30
C ARG X 65 52.42 7.89 66.04
N SER X 66 53.01 8.90 65.40
CA SER X 66 52.32 10.16 65.15
C SER X 66 51.11 9.99 64.20
N VAL X 67 51.09 8.93 63.38
CA VAL X 67 49.83 8.53 62.76
C VAL X 67 49.35 7.23 63.40
N PRO X 68 48.11 7.25 63.90
CA PRO X 68 47.61 6.13 64.67
C PRO X 68 46.99 5.08 63.72
N PHE X 69 47.85 4.43 62.96
CA PHE X 69 47.44 3.35 62.05
C PHE X 69 48.42 2.22 62.25
N GLU X 70 47.90 1.01 62.13
CA GLU X 70 48.59 -0.20 62.50
C GLU X 70 49.42 -0.69 61.34
N TYR X 71 48.87 -0.70 60.13
CA TYR X 71 49.60 -1.17 58.94
C TYR X 71 49.88 -0.06 57.91
N TYR X 72 50.94 -0.23 57.10
CA TYR X 72 51.21 0.67 55.97
C TYR X 72 51.81 0.00 54.75
N ARG X 73 51.83 0.73 53.65
CA ARG X 73 52.59 0.31 52.45
C ARG X 73 52.86 1.50 51.55
N ILE X 74 54.02 1.51 50.94
CA ILE X 74 54.43 2.67 50.17
C ILE X 74 54.08 2.42 48.71
N ARG X 75 53.14 3.24 48.26
CA ARG X 75 52.56 3.17 46.93
C ARG X 75 53.57 3.69 45.90
N LYS X 76 54.22 4.80 46.24
CA LYS X 76 55.11 5.52 45.35
C LYS X 76 56.18 6.29 46.15
N VAL X 77 57.28 6.65 45.50
CA VAL X 77 58.21 7.66 46.02
C VAL X 77 58.47 8.64 44.92
N LYS X 78 58.53 9.92 45.25
CA LYS X 78 59.13 10.87 44.36
C LYS X 78 60.43 11.32 44.99
N VAL X 79 61.48 11.35 44.20
CA VAL X 79 62.80 11.80 44.66
C VAL X 79 63.14 12.98 43.73
N GLU X 80 63.14 14.20 44.25
CA GLU X 80 63.45 15.42 43.49
C GLU X 80 64.79 15.92 43.86
N PHE X 81 65.70 16.02 42.90
CA PHE X 81 66.89 16.82 43.08
C PHE X 81 66.56 18.26 42.69
N TRP X 82 66.56 19.15 43.69
CA TRP X 82 66.50 20.59 43.43
C TRP X 82 67.91 21.23 43.45
N PRO X 83 68.39 21.66 42.27
CA PRO X 83 69.73 22.17 42.16
C PRO X 83 69.96 23.42 42.98
N CYS X 84 71.14 23.50 43.62
CA CYS X 84 71.59 24.75 44.27
C CYS X 84 72.33 25.71 43.35
N SER X 85 73.02 25.21 42.34
CA SER X 85 73.91 26.04 41.49
C SER X 85 73.04 26.98 40.66
N PRO X 86 73.56 28.18 40.30
CA PRO X 86 72.80 29.15 39.51
C PRO X 86 72.94 28.79 38.05
N ILE X 87 72.05 29.33 37.23
CA ILE X 87 72.00 28.99 35.79
C ILE X 87 73.15 29.53 34.97
N THR X 88 74.01 30.29 35.61
CA THR X 88 75.20 30.79 34.97
C THR X 88 76.45 29.95 35.21
N GLN X 89 76.37 28.84 35.96
CA GLN X 89 77.54 27.95 36.14
C GLN X 89 77.77 27.17 34.85
N GLY X 90 79.07 26.89 34.65
CA GLY X 90 79.62 26.18 33.52
C GLY X 90 80.13 24.86 34.04
N ASP X 91 81.09 24.30 33.32
CA ASP X 91 81.42 22.87 33.42
C ASP X 91 80.24 21.96 33.63
N ARG X 92 79.24 22.18 32.79
CA ARG X 92 78.01 21.43 32.82
C ARG X 92 78.33 20.01 32.43
N GLY X 93 77.54 19.08 32.95
CA GLY X 93 77.76 17.68 32.71
C GLY X 93 76.48 16.93 32.51
N VAL X 94 76.62 15.61 32.50
CA VAL X 94 75.51 14.72 32.17
C VAL X 94 75.67 13.38 32.91
N GLY X 95 74.60 12.94 33.59
CA GLY X 95 74.57 11.79 34.49
C GLY X 95 73.34 10.89 34.28
N SER X 96 73.10 10.02 35.27
CA SER X 96 72.09 8.97 35.20
C SER X 96 71.50 8.71 36.58
N SER X 97 70.19 8.51 36.60
CA SER X 97 69.52 7.98 37.78
C SER X 97 68.95 6.68 37.31
N ALA X 98 68.87 5.73 38.23
CA ALA X 98 68.33 4.45 37.93
C ALA X 98 67.60 3.83 39.15
N VAL X 99 66.56 3.07 38.85
CA VAL X 99 65.68 2.53 39.83
C VAL X 99 66.22 1.15 40.09
N ILE X 100 66.42 0.86 41.37
CA ILE X 100 66.98 -0.35 41.88
C ILE X 100 66.02 -0.92 42.93
N LEU X 101 65.31 -1.98 42.60
CA LEU X 101 64.26 -2.57 43.45
C LEU X 101 64.76 -3.79 44.23
N ASP X 102 65.99 -4.22 43.98
CA ASP X 102 66.51 -5.39 44.67
C ASP X 102 67.56 -5.06 45.74
N ASP X 103 67.87 -3.80 46.00
CA ASP X 103 68.90 -3.44 47.02
C ASP X 103 70.35 -3.67 46.61
N ASN X 104 70.61 -3.78 45.31
CA ASN X 104 71.96 -4.01 44.78
C ASN X 104 72.53 -2.88 43.90
N PHE X 105 73.07 -1.89 44.58
CA PHE X 105 73.55 -0.67 43.96
C PHE X 105 74.96 -0.88 43.44
N VAL X 106 75.32 -0.08 42.46
CA VAL X 106 76.70 0.03 42.04
C VAL X 106 77.50 0.55 43.24
N THR X 107 78.76 0.16 43.34
CA THR X 107 79.55 0.54 44.52
C THR X 107 79.83 2.03 44.53
N LYS X 108 79.55 2.59 45.70
CA LYS X 108 79.81 3.98 45.96
C LYS X 108 81.24 4.35 45.50
N ALA X 109 81.39 5.49 44.84
CA ALA X 109 82.65 5.83 44.17
C ALA X 109 82.67 7.33 43.81
N THR X 110 83.81 7.96 44.04
CA THR X 110 83.99 9.39 43.92
C THR X 110 84.19 9.81 42.47
N ALA X 111 85.01 9.02 41.76
CA ALA X 111 85.35 9.34 40.37
C ALA X 111 85.56 8.14 39.45
N LEU X 112 84.53 7.30 39.32
CA LEU X 112 84.48 6.25 38.28
C LEU X 112 84.71 6.83 36.88
N THR X 113 85.43 6.08 36.06
CA THR X 113 85.84 6.49 34.68
C THR X 113 84.77 6.46 33.56
N TYR X 114 83.61 5.83 33.84
CA TYR X 114 82.40 5.79 32.96
C TYR X 114 81.17 6.04 33.85
N ASP X 115 80.00 6.27 33.25
CA ASP X 115 78.69 6.35 33.99
C ASP X 115 78.05 4.92 34.10
N PRO X 116 78.19 4.23 35.27
CA PRO X 116 77.77 2.85 35.40
C PRO X 116 76.27 2.62 35.25
N TYR X 117 75.43 3.67 35.44
CA TYR X 117 73.96 3.51 35.31
C TYR X 117 73.37 3.80 33.90
N VAL X 118 74.20 4.16 32.94
CA VAL X 118 73.69 4.75 31.72
C VAL X 118 72.95 3.79 30.77
N ASN X 119 73.20 2.49 30.89
CA ASN X 119 72.58 1.51 30.00
C ASN X 119 71.43 0.80 30.76
N TYR X 120 71.13 1.24 31.97
CA TYR X 120 70.09 0.57 32.74
C TYR X 120 68.74 0.83 32.07
N SER X 121 67.90 -0.18 31.97
CA SER X 121 66.55 -0.01 31.43
C SER X 121 65.77 1.13 32.09
N SER X 122 66.00 1.33 33.38
CA SER X 122 65.30 2.38 34.08
C SER X 122 66.03 3.71 34.15
N ARG X 123 67.12 3.87 33.40
CA ARG X 123 67.91 5.13 33.41
C ARG X 123 67.14 6.30 32.86
N HIS X 124 67.25 7.42 33.55
CA HIS X 124 66.81 8.73 33.08
C HIS X 124 68.04 9.63 33.18
N THR X 125 68.18 10.49 32.20
CA THR X 125 69.28 11.40 32.13
C THR X 125 69.17 12.50 33.17
N ILE X 126 70.29 12.84 33.79
CA ILE X 126 70.41 13.95 34.69
C ILE X 126 71.27 15.02 34.04
N THR X 127 70.71 16.19 33.77
CA THR X 127 71.41 17.36 33.22
C THR X 127 72.06 18.16 34.38
N GLN X 128 73.32 18.54 34.28
CA GLN X 128 74.00 19.22 35.41
C GLN X 128 74.56 20.60 35.10
N PRO X 129 74.58 21.50 36.06
CA PRO X 129 74.28 21.27 37.45
C PRO X 129 73.11 22.15 37.92
N PHE X 130 72.36 22.76 37.00
CA PHE X 130 71.34 23.75 37.42
C PHE X 130 69.92 23.35 37.01
N SER X 131 69.73 22.05 36.84
CA SER X 131 68.52 21.52 36.33
C SER X 131 67.95 20.68 37.41
N TYR X 132 66.63 20.86 37.56
CA TYR X 132 65.79 19.94 38.32
C TYR X 132 65.92 18.54 37.69
N HIS X 133 65.76 17.50 38.51
CA HIS X 133 65.61 16.13 38.01
C HIS X 133 64.67 15.46 38.97
N SER X 134 63.74 14.64 38.45
CA SER X 134 62.95 13.77 39.35
C SER X 134 62.65 12.39 38.83
N ARG X 135 62.25 11.55 39.78
CA ARG X 135 61.92 10.20 39.52
C ARG X 135 60.74 9.83 40.42
N TYR X 136 59.77 9.12 39.88
CA TYR X 136 58.55 8.79 40.59
C TYR X 136 58.27 7.34 40.28
N PHE X 137 58.21 6.48 41.30
CA PHE X 137 58.14 5.06 41.06
C PHE X 137 57.68 4.31 42.28
N THR X 138 57.42 3.02 42.14
CA THR X 138 57.02 2.18 43.26
C THR X 138 58.23 1.46 43.83
N PRO X 139 58.67 1.87 45.03
CA PRO X 139 59.82 1.24 45.67
C PRO X 139 59.45 -0.09 46.25
N LYS X 140 60.41 -0.80 46.82
CA LYS X 140 60.08 -2.10 47.41
C LYS X 140 60.78 -2.29 48.70
N PRO X 141 60.12 -2.99 49.61
CA PRO X 141 60.82 -3.32 50.84
C PRO X 141 61.98 -4.34 50.70
N VAL X 142 62.87 -4.29 51.67
CA VAL X 142 64.01 -5.18 51.70
C VAL X 142 63.64 -6.28 52.65
N LEU X 143 62.92 -7.28 52.17
CA LEU X 143 62.37 -8.35 53.01
C LEU X 143 63.39 -9.35 53.42
N ASP X 144 64.41 -9.52 52.58
CA ASP X 144 65.43 -10.55 52.77
C ASP X 144 66.60 -10.23 51.88
N SER X 145 67.69 -9.70 52.43
CA SER X 145 68.84 -9.24 51.59
C SER X 145 69.80 -10.31 51.12
N THR X 146 69.64 -11.54 51.55
CA THR X 146 70.33 -12.66 50.92
C THR X 146 69.74 -12.96 49.55
N ILE X 147 68.41 -13.07 49.50
CA ILE X 147 67.72 -13.42 48.27
C ILE X 147 67.26 -12.20 47.45
N ASP X 148 66.98 -11.09 48.10
CA ASP X 148 66.52 -9.86 47.42
C ASP X 148 65.43 -10.05 46.40
N TYR X 149 64.22 -10.26 46.91
CA TYR X 149 63.04 -10.52 46.15
C TYR X 149 61.99 -9.43 46.41
N PHE X 150 61.20 -9.15 45.37
CA PHE X 150 60.20 -8.10 45.45
C PHE X 150 58.98 -8.38 44.60
N GLN X 151 57.90 -7.68 44.91
CA GLN X 151 56.66 -7.90 44.17
C GLN X 151 56.67 -7.09 42.88
N PRO X 152 56.08 -7.64 41.80
CA PRO X 152 55.74 -6.82 40.63
C PRO X 152 54.72 -5.71 40.93
N ASN X 153 54.91 -4.63 40.19
CA ASN X 153 54.52 -3.26 40.57
C ASN X 153 52.99 -3.24 40.34
N ASN X 154 52.25 -3.41 41.41
CA ASN X 154 50.82 -3.74 41.33
C ASN X 154 50.03 -2.90 42.36
N LYS X 155 48.71 -3.08 42.39
CA LYS X 155 47.83 -2.38 43.36
C LYS X 155 47.28 -3.26 44.55
N ARG X 156 46.23 -4.02 44.30
CA ARG X 156 45.52 -4.70 45.38
C ARG X 156 46.20 -5.99 45.84
N ASN X 157 47.45 -6.24 45.43
CA ASN X 157 48.22 -7.40 45.85
C ASN X 157 49.50 -7.07 46.60
N GLN X 158 49.69 -5.80 46.87
CA GLN X 158 50.95 -5.28 47.38
C GLN X 158 50.95 -5.49 48.85
N LEU X 159 52.08 -5.94 49.41
CA LEU X 159 52.17 -6.35 50.80
C LEU X 159 51.87 -5.17 51.73
N TRP X 160 51.07 -5.43 52.78
CA TRP X 160 51.04 -4.60 53.97
C TRP X 160 52.16 -4.95 54.98
N LEU X 161 52.65 -3.86 55.61
CA LEU X 161 53.76 -3.87 56.55
C LEU X 161 53.26 -3.21 57.80
N ARG X 162 53.77 -3.65 58.94
CA ARG X 162 53.34 -3.16 60.23
C ARG X 162 54.02 -1.81 60.35
N LEU X 163 53.28 -0.82 60.84
CA LEU X 163 53.87 0.43 61.19
C LEU X 163 54.55 0.17 62.51
N GLN X 164 55.87 0.29 62.48
CA GLN X 164 56.66 0.15 63.69
C GLN X 164 57.03 1.53 64.24
N THR X 165 57.26 1.57 65.55
CA THR X 165 57.70 2.83 66.19
C THR X 165 59.12 3.17 65.74
N ALA X 166 59.95 2.12 65.74
CA ALA X 166 61.35 2.26 65.84
C ALA X 166 62.04 1.72 64.65
N GLY X 167 61.93 0.42 64.37
CA GLY X 167 62.88 -0.18 63.39
C GLY X 167 62.34 -0.56 62.01
N ASN X 168 61.80 0.40 61.29
CA ASN X 168 61.10 0.08 60.06
C ASN X 168 61.99 -0.43 58.92
N VAL X 169 61.40 -1.21 58.05
CA VAL X 169 62.14 -1.83 57.02
C VAL X 169 62.48 -0.79 55.92
N ASP X 170 63.75 -0.82 55.52
CA ASP X 170 64.25 -0.05 54.37
C ASP X 170 63.45 -0.37 53.09
N HIS X 171 63.08 0.67 52.35
CA HIS X 171 62.55 0.49 50.99
C HIS X 171 63.55 0.96 49.93
N VAL X 172 63.43 0.39 48.74
CA VAL X 172 64.61 0.39 47.94
C VAL X 172 64.33 0.81 46.54
N GLY X 173 65.29 1.62 46.07
CA GLY X 173 65.01 2.60 45.08
C GLY X 173 66.08 3.10 44.17
N LEU X 174 66.94 4.02 44.58
CA LEU X 174 67.57 4.88 43.55
C LEU X 174 69.11 4.91 43.53
N GLY X 175 69.68 4.52 42.38
CA GLY X 175 71.10 4.72 42.07
C GLY X 175 71.35 6.01 41.28
N THR X 176 72.51 6.62 41.51
CA THR X 176 72.83 7.87 40.84
C THR X 176 74.27 7.91 40.42
N ALA X 177 74.47 8.60 39.31
CA ALA X 177 75.78 8.90 38.85
C ALA X 177 75.79 10.33 38.27
N PHE X 178 76.39 11.26 39.02
CA PHE X 178 76.55 12.64 38.57
C PHE X 178 77.97 12.80 38.06
N GLU X 179 78.09 13.51 36.94
CA GLU X 179 79.38 13.78 36.34
C GLU X 179 80.06 14.70 37.28
N ASN X 180 81.37 14.48 37.47
CA ASN X 180 82.18 15.40 38.29
C ASN X 180 82.43 16.72 37.51
N SER X 181 82.72 17.77 38.26
CA SER X 181 82.97 19.11 37.76
C SER X 181 84.15 19.78 38.49
N ILE X 182 84.81 20.66 37.73
CA ILE X 182 85.72 21.71 38.19
C ILE X 182 85.14 22.48 39.41
N TYR X 183 83.82 22.74 39.43
CA TYR X 183 83.12 23.36 40.54
C TYR X 183 82.37 22.36 41.39
N ASP X 184 81.97 22.83 42.55
CA ASP X 184 81.11 22.11 43.46
C ASP X 184 79.71 22.05 42.90
N GLN X 185 78.98 21.04 43.35
CA GLN X 185 77.64 20.79 42.87
C GLN X 185 76.78 20.34 44.06
N GLU X 186 75.99 21.28 44.54
CA GLU X 186 75.17 21.11 45.71
C GLU X 186 73.70 20.86 45.24
N TYR X 187 72.92 20.04 45.94
CA TYR X 187 71.44 19.92 45.71
C TYR X 187 70.70 19.90 47.03
N ASN X 188 69.50 20.44 47.04
CA ASN X 188 68.52 20.02 48.02
C ASN X 188 67.72 18.87 47.44
N ILE X 189 67.69 17.74 48.13
CA ILE X 189 66.96 16.59 47.65
C ILE X 189 65.70 16.52 48.46
N ARG X 190 64.52 16.58 47.83
CA ARG X 190 63.28 16.25 48.51
C ARG X 190 62.78 14.87 48.11
N VAL X 191 62.68 13.97 49.08
CA VAL X 191 62.04 12.71 48.87
C VAL X 191 60.63 12.84 49.44
N THR X 192 59.65 12.29 48.76
CA THR X 192 58.26 12.31 49.19
C THR X 192 57.75 10.89 49.09
N MET X 193 56.97 10.47 50.06
CA MET X 193 56.48 9.11 50.11
C MET X 193 55.00 9.17 50.11
N TYR X 194 54.43 8.57 49.06
CA TYR X 194 53.00 8.42 48.97
C TYR X 194 52.64 7.14 49.67
N VAL X 195 52.08 7.29 50.86
CA VAL X 195 51.82 6.18 51.72
C VAL X 195 50.32 5.91 51.92
N GLN X 196 49.99 4.62 52.01
CA GLN X 196 48.68 4.15 52.30
C GLN X 196 48.72 3.44 53.62
N PHE X 197 47.89 3.92 54.55
CA PHE X 197 47.80 3.37 55.92
C PHE X 197 46.46 2.63 56.11
N ARG X 198 46.48 1.62 56.97
CA ARG X 198 45.31 0.79 57.19
C ARG X 198 45.11 0.42 58.67
N GLU X 199 43.84 0.33 59.06
CA GLU X 199 43.43 0.01 60.43
C GLU X 199 43.77 1.15 61.39
N PHE X 200 42.82 2.09 61.56
CA PHE X 200 42.89 3.08 62.65
C PHE X 200 43.05 2.30 63.93
N ASN X 201 43.92 2.74 64.85
CA ASN X 201 44.18 2.02 66.13
C ASN X 201 44.31 2.93 67.41
N LEU X 202 43.72 4.13 67.33
CA LEU X 202 43.98 5.16 68.31
C LEU X 202 43.42 4.78 69.67
N LYS X 203 44.35 4.88 70.62
CA LYS X 203 44.17 4.60 72.03
C LYS X 203 43.81 5.91 72.70
N ASP X 204 42.82 5.87 73.61
CA ASP X 204 42.30 7.05 74.30
C ASP X 204 42.17 6.79 75.80
N PRO X 205 43.30 6.87 76.54
CA PRO X 205 43.24 6.73 78.02
C PRO X 205 42.40 7.81 78.71
N PRO X 206 41.89 7.57 79.93
CA PRO X 206 41.14 8.65 80.60
C PRO X 206 42.03 9.55 81.48
N SER Y 19 23.20 47.98 43.96
CA SER Y 19 23.42 47.40 45.34
C SER Y 19 24.70 46.52 45.62
N HIS Y 20 25.10 45.53 44.81
CA HIS Y 20 26.36 44.76 45.06
C HIS Y 20 27.45 45.30 44.13
N PHE Y 21 28.69 45.43 44.59
CA PHE Y 21 29.84 45.96 43.80
C PHE Y 21 31.07 45.04 44.02
N ASN Y 22 31.62 44.48 42.93
CA ASN Y 22 32.81 43.57 42.99
C ASN Y 22 34.04 44.30 42.55
N THR Y 23 35.12 44.22 43.32
CA THR Y 23 36.35 44.98 42.96
C THR Y 23 37.54 44.36 43.63
N ARG Y 24 38.68 44.84 43.22
CA ARG Y 24 39.96 44.24 43.50
C ARG Y 24 40.83 45.31 44.18
N LEU Y 25 41.45 44.99 45.30
CA LEU Y 25 42.28 45.97 45.98
C LEU Y 25 43.61 45.34 46.19
N SER Y 26 44.68 46.11 46.02
CA SER Y 26 46.04 45.59 46.16
C SER Y 26 46.98 46.47 47.01
N ARG Y 27 47.89 45.85 47.72
CA ARG Y 27 49.06 46.56 48.25
C ARG Y 27 50.30 45.72 48.07
N THR Y 28 51.43 46.42 48.17
CA THR Y 28 52.76 45.79 48.07
C THR Y 28 53.63 46.18 49.26
N PHE Y 29 54.38 45.23 49.77
CA PHE Y 29 55.36 45.43 50.83
C PHE Y 29 56.57 44.51 50.62
N GLY Y 30 57.77 44.94 51.03
CA GLY Y 30 59.00 44.12 50.96
C GLY Y 30 59.07 43.05 52.04
N TYR Y 31 59.73 41.96 51.74
CA TYR Y 31 60.11 40.98 52.77
C TYR Y 31 61.58 40.60 52.57
N THR Y 32 62.40 40.69 53.59
CA THR Y 32 63.81 40.27 53.42
C THR Y 32 64.21 39.11 54.31
N ILE Y 33 64.57 37.98 53.72
CA ILE Y 33 65.28 36.95 54.47
C ILE Y 33 66.77 37.25 54.37
N LYS Y 34 67.30 37.61 55.53
CA LYS Y 34 68.72 37.77 55.74
C LYS Y 34 69.50 36.45 55.66
N ARG Y 35 70.65 36.51 54.96
CA ARG Y 35 71.53 35.38 54.75
C ARG Y 35 71.97 34.76 56.06
N THR Y 36 72.13 33.46 56.16
CA THR Y 36 72.87 32.91 57.31
C THR Y 36 74.11 32.13 56.87
N THR Y 37 74.86 31.64 57.83
CA THR Y 37 76.00 30.79 57.55
C THR Y 37 75.77 29.34 58.03
N VAL Y 38 74.79 29.10 58.93
CA VAL Y 38 74.16 27.76 59.18
C VAL Y 38 74.37 26.84 57.94
N LYS Y 39 75.10 25.75 58.11
CA LYS Y 39 75.58 24.94 56.96
C LYS Y 39 74.43 24.12 56.39
N THR Y 40 73.85 23.33 57.28
CA THR Y 40 72.81 22.36 56.93
C THR Y 40 71.50 23.12 56.56
N PRO Y 41 70.60 22.49 55.79
CA PRO Y 41 69.38 23.22 55.36
C PRO Y 41 68.52 23.72 56.52
N SER Y 42 68.06 24.95 56.44
CA SER Y 42 67.08 25.45 57.41
C SER Y 42 66.03 26.35 56.75
N TRP Y 43 64.93 26.60 57.48
CA TRP Y 43 63.80 27.33 56.96
C TRP Y 43 63.41 28.49 57.89
N ALA Y 44 63.22 29.69 57.28
CA ALA Y 44 62.59 30.90 57.89
C ALA Y 44 61.07 30.83 57.83
N VAL Y 45 60.43 30.70 58.96
CA VAL Y 45 59.01 30.41 58.97
C VAL Y 45 58.29 31.67 59.34
N ASP Y 46 57.27 32.06 58.57
CA ASP Y 46 56.47 33.27 58.89
C ASP Y 46 54.98 33.03 58.64
N MET Y 47 54.21 34.10 58.73
CA MET Y 47 52.77 34.04 58.57
C MET Y 47 52.36 35.32 57.86
N MET Y 48 51.09 35.35 57.48
CA MET Y 48 50.49 36.43 56.72
C MET Y 48 48.99 36.43 57.08
N ARG Y 49 48.48 37.54 57.57
CA ARG Y 49 47.08 37.75 57.81
C ARG Y 49 46.66 38.87 56.85
N PHE Y 50 45.38 39.12 56.73
CA PHE Y 50 44.92 40.11 55.78
C PHE Y 50 43.83 40.94 56.41
N ASN Y 51 43.93 42.24 56.23
CA ASN Y 51 43.01 43.11 56.91
C ASN Y 51 42.72 44.29 55.96
N ILE Y 52 41.44 44.42 55.63
CA ILE Y 52 41.02 45.46 54.72
C ILE Y 52 41.42 46.87 55.18
N ASN Y 53 41.83 47.08 56.47
CA ASN Y 53 42.37 48.41 56.88
C ASN Y 53 43.58 48.81 56.03
N ASP Y 54 44.42 47.83 55.71
CA ASP Y 54 45.61 48.07 54.88
C ASP Y 54 45.35 48.40 53.36
N PHE Y 55 44.15 48.17 52.86
CA PHE Y 55 43.80 48.41 51.44
C PHE Y 55 42.85 49.59 51.15
N LEU Y 56 42.18 50.09 52.18
CA LEU Y 56 41.10 51.07 52.06
C LEU Y 56 41.52 52.17 52.99
N PRO Y 57 41.87 53.33 52.47
CA PRO Y 57 42.22 54.43 53.40
C PRO Y 57 40.99 55.10 54.02
N PRO Y 58 41.19 55.94 55.05
CA PRO Y 58 40.13 56.87 55.43
C PRO Y 58 39.52 57.71 54.28
N GLY Y 59 38.28 58.12 54.51
CA GLY Y 59 37.54 59.07 53.67
C GLY Y 59 37.13 60.30 54.48
N GLY Y 60 36.83 61.38 53.75
CA GLY Y 60 36.62 62.71 54.32
C GLY Y 60 35.19 63.01 54.68
N GLY Y 61 35.01 63.92 55.64
CA GLY Y 61 33.68 64.34 56.09
C GLY Y 61 32.71 63.26 56.57
N SER Y 62 31.47 63.36 56.07
CA SER Y 62 30.33 62.53 56.49
C SER Y 62 30.44 61.10 56.04
N ASN Y 63 31.19 60.89 54.96
CA ASN Y 63 31.58 59.55 54.44
C ASN Y 63 32.92 59.03 55.00
N PRO Y 64 32.86 58.24 56.11
CA PRO Y 64 34.13 57.79 56.71
C PRO Y 64 35.06 56.98 55.79
N ARG Y 65 34.50 56.13 54.92
CA ARG Y 65 35.32 55.28 54.08
C ARG Y 65 35.44 55.80 52.65
N SER Y 66 36.53 55.44 52.00
CA SER Y 66 36.80 55.86 50.61
C SER Y 66 35.90 55.09 49.62
N VAL Y 67 35.39 53.91 50.01
CA VAL Y 67 34.27 53.26 49.29
C VAL Y 67 33.04 53.33 50.21
N PRO Y 68 31.96 54.01 49.77
CA PRO Y 68 30.77 54.16 50.57
C PRO Y 68 29.87 52.94 50.46
N PHE Y 69 30.22 51.90 51.16
CA PHE Y 69 29.33 50.76 51.33
C PHE Y 69 29.30 50.38 52.77
N GLU Y 70 28.18 49.75 53.12
CA GLU Y 70 27.95 49.37 54.49
C GLU Y 70 28.60 48.01 54.85
N TYR Y 71 28.43 47.03 53.97
CA TYR Y 71 28.90 45.70 54.21
C TYR Y 71 29.95 45.20 53.16
N TYR Y 72 30.78 44.24 53.58
CA TYR Y 72 31.71 43.57 52.69
C TYR Y 72 31.92 42.10 53.06
N ARG Y 73 32.46 41.39 52.10
CA ARG Y 73 33.07 40.09 52.38
C ARG Y 73 34.16 39.86 51.34
N ILE Y 74 35.23 39.21 51.78
CA ILE Y 74 36.33 39.00 50.90
C ILE Y 74 36.09 37.65 50.27
N ARG Y 75 36.11 37.68 48.95
CA ARG Y 75 35.78 36.55 48.13
C ARG Y 75 37.01 35.70 47.95
N LYS Y 76 38.16 36.36 47.83
CA LYS Y 76 39.37 35.66 47.44
C LYS Y 76 40.57 36.51 47.66
N VAL Y 77 41.71 35.91 48.05
CA VAL Y 77 42.98 36.64 48.20
C VAL Y 77 43.98 35.99 47.30
N LYS Y 78 44.64 36.82 46.52
CA LYS Y 78 45.83 36.45 45.84
C LYS Y 78 47.03 37.11 46.55
N VAL Y 79 47.95 36.28 46.96
CA VAL Y 79 49.27 36.68 47.45
C VAL Y 79 50.29 36.32 46.33
N GLU Y 80 51.06 37.31 45.90
CA GLU Y 80 52.13 37.11 44.92
C GLU Y 80 53.46 37.54 45.51
N PHE Y 81 54.42 36.65 45.42
CA PHE Y 81 55.80 36.90 45.83
C PHE Y 81 56.63 37.17 44.59
N TRP Y 82 56.95 38.44 44.38
CA TRP Y 82 57.65 38.84 43.20
C TRP Y 82 59.11 38.95 43.54
N PRO Y 83 59.91 37.98 43.07
CA PRO Y 83 61.27 37.86 43.51
C PRO Y 83 62.16 39.04 43.04
N CYS Y 84 63.04 39.54 43.93
CA CYS Y 84 64.02 40.62 43.65
C CYS Y 84 65.32 40.06 43.11
N SER Y 85 65.71 38.86 43.56
CA SER Y 85 67.07 38.33 43.23
C SER Y 85 67.20 38.08 41.73
N PRO Y 86 68.39 38.28 41.15
CA PRO Y 86 68.46 37.97 39.71
C PRO Y 86 68.54 36.43 39.45
N ILE Y 87 68.23 36.02 38.23
CA ILE Y 87 68.27 34.62 37.81
C ILE Y 87 69.73 34.03 37.85
N THR Y 88 70.72 34.92 37.91
CA THR Y 88 72.10 34.54 38.22
C THR Y 88 72.41 34.17 39.71
N GLN Y 89 71.48 34.38 40.65
CA GLN Y 89 71.79 34.10 42.04
C GLN Y 89 71.86 32.58 42.34
N GLY Y 90 72.84 32.20 43.16
CA GLY Y 90 73.20 30.79 43.48
C GLY Y 90 72.57 30.30 44.74
N ASP Y 91 73.15 29.31 45.39
CA ASP Y 91 72.56 28.70 46.64
C ASP Y 91 71.03 28.70 46.67
N ARG Y 92 70.47 28.06 45.65
CA ARG Y 92 69.03 28.04 45.44
C ARG Y 92 68.35 27.04 46.31
N GLY Y 93 67.11 27.32 46.64
CA GLY Y 93 66.44 26.56 47.63
C GLY Y 93 64.98 26.37 47.37
N VAL Y 94 64.35 25.74 48.38
CA VAL Y 94 63.05 25.13 48.21
C VAL Y 94 62.26 25.14 49.53
N GLY Y 95 61.19 25.96 49.48
CA GLY Y 95 60.17 26.03 50.53
C GLY Y 95 58.69 25.69 50.19
N SER Y 96 57.82 26.21 51.03
CA SER Y 96 56.45 25.79 51.09
C SER Y 96 55.62 26.96 51.52
N SER Y 97 54.50 27.19 50.83
CA SER Y 97 53.44 28.00 51.39
C SER Y 97 52.27 27.08 51.76
N ALA Y 98 51.54 27.46 52.80
CA ALA Y 98 50.31 26.74 53.20
C ALA Y 98 49.18 27.70 53.59
N VAL Y 99 47.97 27.23 53.31
CA VAL Y 99 46.74 27.99 53.59
C VAL Y 99 46.32 27.59 55.00
N ILE Y 100 46.26 28.56 55.90
CA ILE Y 100 45.89 28.36 57.27
C ILE Y 100 44.66 29.19 57.52
N LEU Y 101 43.56 28.48 57.77
CA LEU Y 101 42.23 29.06 57.74
C LEU Y 101 41.68 29.31 59.14
N ASP Y 102 42.43 28.91 60.17
CA ASP Y 102 41.96 28.88 61.56
C ASP Y 102 42.87 29.70 62.46
N ASP Y 103 43.68 30.58 61.87
CA ASP Y 103 44.58 31.49 62.60
C ASP Y 103 45.62 30.75 63.52
N ASN Y 104 45.88 29.46 63.25
CA ASN Y 104 46.95 28.68 63.91
C ASN Y 104 48.20 28.46 63.04
N PHE Y 105 49.02 29.47 62.96
CA PHE Y 105 50.21 29.38 62.19
C PHE Y 105 51.26 28.71 63.04
N VAL Y 106 52.17 28.00 62.38
CA VAL Y 106 53.46 27.56 62.95
C VAL Y 106 54.25 28.75 63.48
N THR Y 107 54.91 28.59 64.61
CA THR Y 107 55.57 29.71 65.28
C THR Y 107 56.66 30.36 64.44
N LYS Y 108 56.76 31.70 64.41
CA LYS Y 108 57.82 32.35 63.59
C LYS Y 108 59.18 31.72 63.93
N ALA Y 109 60.00 31.59 62.93
CA ALA Y 109 61.34 31.13 63.18
C ALA Y 109 62.31 31.65 62.15
N THR Y 110 63.57 31.67 62.54
CA THR Y 110 64.64 32.19 61.70
C THR Y 110 65.32 31.10 60.90
N ALA Y 111 65.50 29.94 61.57
CA ALA Y 111 66.14 28.77 61.00
C ALA Y 111 65.76 27.46 61.75
N LEU Y 112 64.49 27.06 61.61
CA LEU Y 112 64.01 25.74 61.95
C LEU Y 112 64.76 24.66 61.14
N THR Y 113 65.07 23.51 61.75
CA THR Y 113 65.80 22.44 61.04
C THR Y 113 64.97 21.60 60.03
N TYR Y 114 63.74 22.01 59.69
CA TYR Y 114 62.93 21.38 58.62
C TYR Y 114 61.89 22.36 58.11
N ASP Y 115 61.30 22.04 56.95
CA ASP Y 115 60.15 22.74 56.39
C ASP Y 115 58.86 22.19 57.10
N PRO Y 116 58.27 23.00 58.00
CA PRO Y 116 57.18 22.48 58.81
C PRO Y 116 55.86 22.45 58.05
N TYR Y 117 55.82 23.12 56.91
CA TYR Y 117 54.62 23.19 56.09
C TYR Y 117 54.65 22.24 54.86
N VAL Y 118 55.79 21.61 54.57
CA VAL Y 118 55.84 20.59 53.49
C VAL Y 118 54.72 19.53 53.49
N ASN Y 119 54.31 19.01 54.64
CA ASN Y 119 53.33 17.93 54.60
C ASN Y 119 51.90 18.44 54.61
N TYR Y 120 51.72 19.76 54.68
CA TYR Y 120 50.35 20.29 54.74
C TYR Y 120 49.55 19.91 53.47
N SER Y 121 48.32 19.46 53.67
CA SER Y 121 47.44 19.12 52.55
C SER Y 121 47.37 20.25 51.57
N SER Y 122 47.43 21.51 52.00
CA SER Y 122 47.29 22.71 51.14
C SER Y 122 48.63 23.34 50.72
N ARG Y 123 49.73 22.61 50.94
CA ARG Y 123 51.07 23.10 50.64
C ARG Y 123 51.28 23.24 49.16
N HIS Y 124 51.85 24.37 48.76
CA HIS Y 124 52.50 24.52 47.45
C HIS Y 124 54.01 24.71 47.64
N THR Y 125 54.77 24.08 46.74
CA THR Y 125 56.24 24.30 46.65
C THR Y 125 56.64 25.76 46.19
N ILE Y 126 57.63 26.34 46.88
CA ILE Y 126 58.23 27.62 46.57
C ILE Y 126 59.66 27.36 46.11
N THR Y 127 60.05 28.06 45.08
CA THR Y 127 61.31 27.88 44.42
C THR Y 127 62.13 29.15 44.62
N GLN Y 128 63.36 29.03 45.08
CA GLN Y 128 64.06 30.24 45.58
C GLN Y 128 65.38 30.41 44.90
N PRO Y 129 65.85 31.63 44.70
CA PRO Y 129 65.28 32.84 45.18
C PRO Y 129 64.73 33.77 44.07
N PHE Y 130 64.77 33.30 42.83
CA PHE Y 130 64.43 34.13 41.67
C PHE Y 130 63.12 33.77 40.95
N SER Y 131 62.22 33.04 41.59
CA SER Y 131 60.99 32.66 40.90
C SER Y 131 59.82 33.30 41.56
N TYR Y 132 58.80 33.48 40.78
CA TYR Y 132 57.53 33.93 41.25
C TYR Y 132 56.87 32.81 42.05
N HIS Y 133 56.03 33.18 43.00
CA HIS Y 133 55.20 32.24 43.73
C HIS Y 133 53.94 33.01 44.04
N SER Y 134 52.79 32.37 43.87
CA SER Y 134 51.53 33.00 44.25
C SER Y 134 50.51 31.98 44.73
N ARG Y 135 49.57 32.45 45.56
CA ARG Y 135 48.47 31.59 46.01
C ARG Y 135 47.16 32.32 45.90
N TYR Y 136 46.11 31.53 45.66
CA TYR Y 136 44.80 32.07 45.42
C TYR Y 136 43.79 31.20 46.14
N PHE Y 137 43.17 31.80 47.14
CA PHE Y 137 42.16 31.12 47.92
C PHE Y 137 41.16 32.12 48.57
N THR Y 138 40.14 31.54 49.21
CA THR Y 138 39.17 32.25 50.05
C THR Y 138 39.68 32.25 51.53
N PRO Y 139 40.08 33.41 52.04
CA PRO Y 139 40.47 33.48 53.42
C PRO Y 139 39.23 33.52 54.31
N LYS Y 140 39.44 33.50 55.61
CA LYS Y 140 38.36 33.44 56.56
C LYS Y 140 38.56 34.49 57.65
N PRO Y 141 37.46 35.08 58.06
CA PRO Y 141 37.64 36.07 59.09
C PRO Y 141 37.92 35.39 60.44
N VAL Y 142 38.65 36.06 61.29
CA VAL Y 142 38.85 35.61 62.65
C VAL Y 142 37.67 36.10 63.53
N LEU Y 143 36.73 35.24 63.78
CA LEU Y 143 35.54 35.66 64.46
C LEU Y 143 35.72 35.54 65.97
N ASP Y 144 36.32 34.45 66.44
CA ASP Y 144 36.50 34.18 67.88
C ASP Y 144 37.83 33.43 67.99
N SER Y 145 38.91 34.06 68.49
CA SER Y 145 40.24 33.39 68.41
C SER Y 145 40.48 32.27 69.43
N THR Y 146 39.61 32.22 70.43
CA THR Y 146 39.45 31.07 71.33
C THR Y 146 39.00 29.80 70.64
N ILE Y 147 38.08 29.88 69.68
CA ILE Y 147 37.54 28.67 69.01
C ILE Y 147 38.11 28.42 67.59
N ASP Y 148 38.39 29.50 66.89
CA ASP Y 148 39.01 29.52 65.57
C ASP Y 148 38.16 28.70 64.62
N TYR Y 149 36.93 29.18 64.39
CA TYR Y 149 35.94 28.51 63.52
C TYR Y 149 35.71 29.32 62.25
N PHE Y 150 35.34 28.62 61.18
CA PHE Y 150 35.17 29.27 59.89
C PHE Y 150 34.21 28.53 58.95
N GLN Y 151 33.72 29.24 57.97
CA GLN Y 151 32.71 28.66 57.08
C GLN Y 151 33.37 27.87 55.98
N PRO Y 152 32.81 26.70 55.62
CA PRO Y 152 33.27 26.01 54.40
C PRO Y 152 33.17 26.88 53.14
N ASN Y 153 34.23 26.80 52.36
CA ASN Y 153 34.48 27.59 51.15
C ASN Y 153 33.21 27.30 50.28
N ASN Y 154 32.55 28.34 49.77
CA ASN Y 154 31.10 28.27 49.30
C ASN Y 154 30.65 29.70 48.94
N LYS Y 155 29.80 29.84 47.93
CA LYS Y 155 29.52 31.18 47.41
C LYS Y 155 28.36 31.87 48.17
N ARG Y 156 27.11 31.47 47.94
CA ARG Y 156 25.99 32.36 48.31
C ARG Y 156 25.66 32.44 49.79
N ASN Y 157 26.27 31.58 50.64
CA ASN Y 157 26.13 31.62 52.15
C ASN Y 157 27.26 32.31 53.02
N GLN Y 158 28.28 32.88 52.36
CA GLN Y 158 29.36 33.55 53.03
C GLN Y 158 28.88 34.72 53.90
N LEU Y 159 29.30 34.75 55.18
CA LEU Y 159 28.96 35.79 56.12
C LEU Y 159 29.33 37.14 55.58
N TRP Y 160 28.45 38.11 55.78
CA TRP Y 160 28.74 39.50 55.42
C TRP Y 160 29.30 40.18 56.67
N LEU Y 161 30.06 41.23 56.45
CA LEU Y 161 30.73 41.90 57.52
C LEU Y 161 30.52 43.43 57.43
N ARG Y 162 30.37 44.08 58.57
CA ARG Y 162 30.28 45.51 58.57
C ARG Y 162 31.61 46.03 58.10
N LEU Y 163 31.55 46.97 57.17
CA LEU Y 163 32.75 47.70 56.74
C LEU Y 163 33.12 48.79 57.75
N GLN Y 164 34.01 48.50 58.68
CA GLN Y 164 34.48 49.54 59.61
C GLN Y 164 35.46 50.50 58.97
N THR Y 165 35.54 51.72 59.49
CA THR Y 165 36.56 52.69 59.03
C THR Y 165 37.94 52.19 59.50
N ALA Y 166 37.90 51.76 60.74
CA ALA Y 166 39.03 51.67 61.51
C ALA Y 166 39.40 50.24 61.88
N GLY Y 167 38.51 49.53 62.59
CA GLY Y 167 38.93 48.36 63.41
C GLY Y 167 38.52 47.05 62.77
N ASN Y 168 38.80 46.91 61.47
CA ASN Y 168 38.30 45.78 60.72
C ASN Y 168 38.94 44.47 61.14
N VAL Y 169 38.22 43.38 60.95
CA VAL Y 169 38.68 42.10 61.44
C VAL Y 169 39.77 41.43 60.54
N ASP Y 170 40.82 40.91 61.19
CA ASP Y 170 41.83 40.06 60.52
C ASP Y 170 41.16 38.92 59.75
N HIS Y 171 41.53 38.73 58.49
CA HIS Y 171 41.17 37.53 57.77
C HIS Y 171 42.45 36.71 57.62
N VAL Y 172 42.26 35.43 57.44
CA VAL Y 172 43.35 34.56 57.73
C VAL Y 172 43.59 33.50 56.68
N GLY Y 173 44.89 33.17 56.61
CA GLY Y 173 45.49 32.93 55.35
C GLY Y 173 46.71 32.11 55.18
N LEU Y 174 47.89 32.68 55.28
CA LEU Y 174 49.04 32.06 54.62
C LEU Y 174 50.26 31.91 55.47
N GLY Y 175 50.75 30.69 55.54
CA GLY Y 175 52.00 30.40 56.26
C GLY Y 175 53.11 30.10 55.27
N THR Y 176 54.33 30.49 55.58
CA THR Y 176 55.45 30.43 54.66
C THR Y 176 56.63 29.81 55.35
N ALA Y 177 57.40 29.08 54.58
CA ALA Y 177 58.63 28.51 55.09
C ALA Y 177 59.59 28.58 53.91
N PHE Y 178 60.52 29.55 53.93
CA PHE Y 178 61.55 29.74 52.91
C PHE Y 178 62.85 29.10 53.37
N GLU Y 179 63.52 28.36 52.48
CA GLU Y 179 64.84 27.82 52.80
C GLU Y 179 65.82 28.96 52.99
N ASN Y 180 66.68 28.82 54.00
CA ASN Y 180 67.72 29.81 54.25
C ASN Y 180 68.80 29.65 53.20
N SER Y 181 69.43 30.77 52.84
CA SER Y 181 70.53 30.78 51.89
C SER Y 181 71.79 31.59 52.38
N ILE Y 182 72.90 31.41 51.66
CA ILE Y 182 74.20 32.11 51.86
C ILE Y 182 74.14 33.59 51.38
N TYR Y 183 73.15 33.89 50.52
CA TYR Y 183 72.82 35.27 50.13
C TYR Y 183 71.46 35.71 50.69
N ASP Y 184 71.27 37.04 50.65
CA ASP Y 184 70.02 37.63 51.05
C ASP Y 184 68.97 37.21 50.04
N GLN Y 185 67.72 37.12 50.49
CA GLN Y 185 66.58 36.84 49.58
C GLN Y 185 65.47 37.90 49.72
N GLU Y 186 65.43 38.88 48.83
CA GLU Y 186 64.38 39.89 48.84
C GLU Y 186 63.22 39.50 47.95
N TYR Y 187 62.00 39.82 48.39
CA TYR Y 187 60.79 39.78 47.58
C TYR Y 187 59.98 41.07 47.72
N ASN Y 188 59.39 41.54 46.62
CA ASN Y 188 58.20 42.41 46.72
C ASN Y 188 56.99 41.50 46.79
N ILE Y 189 56.22 41.62 47.87
CA ILE Y 189 55.02 40.80 48.04
C ILE Y 189 53.83 41.68 47.69
N ARG Y 190 53.09 41.31 46.66
CA ARG Y 190 51.84 42.00 46.39
C ARG Y 190 50.66 41.16 46.78
N VAL Y 191 49.75 41.79 47.53
CA VAL Y 191 48.52 41.16 48.05
C VAL Y 191 47.29 41.83 47.42
N THR Y 192 46.38 40.98 46.94
CA THR Y 192 45.21 41.44 46.22
C THR Y 192 43.99 40.77 46.81
N MET Y 193 43.13 41.61 47.42
CA MET Y 193 41.80 41.20 47.93
C MET Y 193 40.74 41.40 46.84
N TYR Y 194 39.99 40.34 46.60
CA TYR Y 194 38.84 40.35 45.70
C TYR Y 194 37.61 40.48 46.60
N VAL Y 195 37.05 41.69 46.64
CA VAL Y 195 36.06 42.03 47.69
C VAL Y 195 34.70 42.29 47.07
N GLN Y 196 33.69 41.72 47.69
CA GLN Y 196 32.29 42.05 47.40
C GLN Y 196 31.78 43.06 48.46
N PHE Y 197 31.44 44.28 48.05
CA PHE Y 197 30.80 45.24 48.93
C PHE Y 197 29.30 45.24 48.58
N ARG Y 198 28.45 45.59 49.55
CA ARG Y 198 26.96 45.65 49.41
C ARG Y 198 26.41 46.84 50.16
N GLU Y 199 25.31 47.41 49.62
CA GLU Y 199 24.54 48.50 50.28
C GLU Y 199 25.32 49.80 50.17
N PHE Y 200 25.19 50.46 49.01
CA PHE Y 200 25.65 51.82 48.83
C PHE Y 200 25.09 52.60 50.00
N ASN Y 201 25.94 53.43 50.64
CA ASN Y 201 25.50 54.27 51.78
C ASN Y 201 25.93 55.71 51.69
N LEU Y 202 26.12 56.24 50.50
CA LEU Y 202 26.73 57.57 50.40
C LEU Y 202 25.90 58.68 51.05
N LYS Y 203 26.55 59.49 51.85
CA LYS Y 203 25.95 60.64 52.51
C LYS Y 203 26.37 61.91 51.83
N ASP Y 204 25.40 62.77 51.57
CA ASP Y 204 25.60 63.98 50.83
C ASP Y 204 25.07 65.19 51.60
N PRO Y 205 25.91 65.84 52.43
CA PRO Y 205 25.54 67.14 53.09
C PRO Y 205 25.53 68.33 52.12
N PRO Y 206 24.93 69.47 52.47
CA PRO Y 206 24.87 70.49 51.39
C PRO Y 206 26.13 71.39 51.29
N SER Z 19 35.18 47.70 34.12
CA SER Z 19 34.61 47.91 35.50
C SER Z 19 33.80 49.25 35.59
N HIS Z 20 32.48 49.05 35.45
CA HIS Z 20 31.44 50.04 35.63
C HIS Z 20 30.79 49.93 36.95
N PHE Z 21 30.14 51.00 37.31
CA PHE Z 21 29.36 51.01 38.49
C PHE Z 21 28.19 51.97 38.25
N ASN Z 22 27.01 51.39 38.27
CA ASN Z 22 25.77 52.06 38.09
C ASN Z 22 25.22 52.37 39.45
N THR Z 23 24.83 53.62 39.70
CA THR Z 23 24.22 53.92 40.99
C THR Z 23 23.31 55.11 40.95
N ARG Z 24 22.78 55.44 42.13
CA ARG Z 24 21.79 56.46 42.30
C ARG Z 24 22.15 57.40 43.47
N LEU Z 25 22.17 58.69 43.17
CA LEU Z 25 22.53 59.76 44.11
C LEU Z 25 21.36 60.71 44.09
N SER Z 26 20.91 61.09 45.29
CA SER Z 26 19.74 61.93 45.47
C SER Z 26 20.06 63.08 46.40
N ARG Z 27 19.50 64.26 46.13
CA ARG Z 27 19.47 65.33 47.11
C ARG Z 27 18.09 65.94 47.21
N THR Z 28 17.74 66.53 48.34
CA THR Z 28 16.43 67.21 48.50
C THR Z 28 16.59 68.71 48.83
N PHE Z 29 15.70 69.55 48.34
CA PHE Z 29 15.74 70.95 48.65
C PHE Z 29 14.35 71.61 48.49
N GLY Z 30 14.16 72.81 49.03
CA GLY Z 30 12.84 73.47 49.05
C GLY Z 30 12.68 74.50 47.97
N TYR Z 31 11.43 74.69 47.57
CA TYR Z 31 11.02 75.68 46.59
C TYR Z 31 9.68 76.28 47.03
N THR Z 32 9.59 77.60 47.04
CA THR Z 32 8.34 78.20 47.39
C THR Z 32 7.93 79.13 46.31
N ILE Z 33 6.70 78.94 45.80
CA ILE Z 33 6.03 79.99 45.03
C ILE Z 33 5.23 80.84 46.02
N LYS Z 34 5.54 82.13 46.05
CA LYS Z 34 4.94 83.06 47.00
C LYS Z 34 3.59 83.45 46.50
N ARG Z 35 2.62 83.42 47.40
CA ARG Z 35 1.30 83.85 47.05
C ARG Z 35 1.20 85.29 46.48
N THR Z 36 0.27 85.49 45.58
CA THR Z 36 0.06 86.78 44.90
C THR Z 36 -1.40 87.03 45.00
N THR Z 37 -1.81 88.22 44.60
CA THR Z 37 -3.24 88.56 44.61
C THR Z 37 -3.73 88.82 43.24
N VAL Z 38 -2.90 88.59 42.26
CA VAL Z 38 -3.30 88.80 40.89
C VAL Z 38 -4.45 87.82 40.65
N LYS Z 39 -5.59 88.33 40.14
CA LYS Z 39 -6.85 87.50 39.99
C LYS Z 39 -6.73 86.59 38.76
N THR Z 40 -6.31 87.17 37.66
CA THR Z 40 -6.15 86.41 36.46
C THR Z 40 -5.01 85.37 36.54
N PRO Z 41 -5.13 84.29 35.75
CA PRO Z 41 -4.13 83.27 35.78
C PRO Z 41 -2.75 83.78 35.39
N SER Z 42 -1.74 83.36 36.15
CA SER Z 42 -0.36 83.78 35.94
C SER Z 42 0.56 82.66 36.43
N TRP Z 43 1.79 82.67 35.91
CA TRP Z 43 2.73 81.63 36.22
C TRP Z 43 4.12 82.08 36.68
N ALA Z 44 4.60 81.32 37.66
CA ALA Z 44 5.93 81.35 38.21
C ALA Z 44 6.82 80.41 37.39
N VAL Z 45 7.74 81.02 36.64
CA VAL Z 45 8.55 80.39 35.66
C VAL Z 45 9.97 80.39 36.18
N ASP Z 46 10.55 79.22 36.32
CA ASP Z 46 11.91 79.06 36.77
C ASP Z 46 12.52 77.88 36.00
N MET Z 47 13.65 77.38 36.49
CA MET Z 47 14.46 76.44 35.80
C MET Z 47 15.30 75.62 36.76
N MET Z 48 15.92 74.58 36.18
CA MET Z 48 16.70 73.62 36.94
C MET Z 48 17.80 73.09 36.08
N ARG Z 49 19.05 73.30 36.56
CA ARG Z 49 20.24 72.58 36.06
C ARG Z 49 20.62 71.49 37.05
N PHE Z 50 21.53 70.61 36.69
CA PHE Z 50 21.94 69.49 37.59
C PHE Z 50 23.46 69.34 37.60
N ASN Z 51 24.06 69.25 38.77
CA ASN Z 51 25.50 69.30 38.82
C ASN Z 51 26.01 68.30 39.84
N ILE Z 52 26.83 67.37 39.42
CA ILE Z 52 27.22 66.33 40.35
C ILE Z 52 27.95 66.86 41.65
N ASN Z 53 28.51 68.07 41.60
CA ASN Z 53 28.94 68.75 42.84
C ASN Z 53 27.97 68.63 44.04
N ASP Z 54 26.68 68.80 43.78
CA ASP Z 54 25.69 68.85 44.82
C ASP Z 54 25.21 67.48 45.24
N PHE Z 55 25.65 66.41 44.57
CA PHE Z 55 25.29 65.00 44.90
C PHE Z 55 26.43 64.21 45.47
N LEU Z 56 27.65 64.62 45.21
CA LEU Z 56 28.82 63.84 45.55
C LEU Z 56 29.77 64.71 46.33
N PRO Z 57 29.82 64.53 47.65
CA PRO Z 57 30.72 65.41 48.39
C PRO Z 57 32.21 65.16 48.05
N PRO Z 58 33.08 66.15 48.33
CA PRO Z 58 34.53 65.87 48.25
C PRO Z 58 34.95 64.71 49.19
N GLY Z 59 36.13 64.16 48.94
CA GLY Z 59 36.67 63.01 49.68
C GLY Z 59 37.85 63.42 50.53
N GLY Z 60 38.63 62.42 50.94
CA GLY Z 60 39.74 62.62 51.87
C GLY Z 60 41.05 62.16 51.29
N GLY Z 61 42.11 62.95 51.52
CA GLY Z 61 43.49 62.66 51.12
C GLY Z 61 43.68 62.41 49.62
N SER Z 62 44.20 61.22 49.32
CA SER Z 62 44.53 60.80 47.96
C SER Z 62 43.32 60.36 47.11
N ASN Z 63 42.16 60.13 47.76
CA ASN Z 63 40.88 59.86 47.07
C ASN Z 63 39.94 61.10 47.05
N PRO Z 64 40.21 62.04 46.14
CA PRO Z 64 39.64 63.37 46.26
C PRO Z 64 38.11 63.47 46.24
N ARG Z 65 37.40 62.49 45.65
CA ARG Z 65 35.93 62.49 45.58
C ARG Z 65 35.40 61.29 46.30
N SER Z 66 34.16 61.35 46.77
CA SER Z 66 33.67 60.36 47.71
C SER Z 66 33.33 58.99 47.08
N VAL Z 67 33.31 58.96 45.74
CA VAL Z 67 33.33 57.69 45.01
C VAL Z 67 34.59 57.61 44.13
N PRO Z 68 35.37 56.55 44.28
CA PRO Z 68 36.66 56.41 43.65
C PRO Z 68 36.63 55.93 42.21
N PHE Z 69 36.17 56.81 41.34
CA PHE Z 69 36.13 56.54 39.88
C PHE Z 69 36.65 57.70 39.05
N GLU Z 70 37.27 57.36 37.91
CA GLU Z 70 37.88 58.40 37.08
C GLU Z 70 36.91 59.15 36.22
N TYR Z 71 35.98 58.44 35.56
CA TYR Z 71 35.05 59.03 34.56
C TYR Z 71 33.58 58.76 34.98
N TYR Z 72 32.64 59.57 34.51
CA TYR Z 72 31.20 59.30 34.78
C TYR Z 72 30.38 59.77 33.61
N ARG Z 73 29.14 59.30 33.55
CA ARG Z 73 28.10 59.95 32.70
C ARG Z 73 26.74 59.84 33.35
N ILE Z 74 25.93 60.89 33.19
CA ILE Z 74 24.57 60.82 33.71
C ILE Z 74 23.64 60.16 32.68
N ARG Z 75 23.25 58.96 33.04
CA ARG Z 75 22.33 58.18 32.27
C ARG Z 75 20.89 58.78 32.29
N LYS Z 76 20.44 59.23 33.46
CA LYS Z 76 19.06 59.67 33.67
C LYS Z 76 18.89 60.60 34.92
N VAL Z 77 18.04 61.63 34.85
CA VAL Z 77 17.65 62.41 36.05
C VAL Z 77 16.18 62.21 36.38
N LYS Z 78 15.87 62.03 37.67
CA LYS Z 78 14.52 62.08 38.17
C LYS Z 78 14.30 63.33 39.00
N VAL Z 79 13.42 64.21 38.53
CA VAL Z 79 13.02 65.35 39.33
C VAL Z 79 11.63 65.02 39.96
N GLU Z 80 11.53 64.99 41.27
CA GLU Z 80 10.27 64.83 41.98
C GLU Z 80 9.88 66.14 42.69
N PHE Z 81 8.65 66.59 42.55
CA PHE Z 81 8.09 67.68 43.33
C PHE Z 81 7.20 67.03 44.37
N TRP Z 82 7.70 67.03 45.61
CA TRP Z 82 6.88 66.55 46.68
C TRP Z 82 6.13 67.72 47.30
N PRO Z 83 4.82 67.69 47.20
CA PRO Z 83 4.12 68.86 47.55
C PRO Z 83 3.98 68.99 49.05
N CYS Z 84 4.25 70.17 49.60
CA CYS Z 84 3.98 70.47 51.04
C CYS Z 84 2.54 70.84 51.37
N SER Z 85 1.81 71.49 50.45
CA SER Z 85 0.43 71.87 50.73
C SER Z 85 -0.42 70.66 50.99
N PRO Z 86 -1.35 70.78 51.94
CA PRO Z 86 -2.23 69.69 52.26
C PRO Z 86 -3.30 69.47 51.18
N ILE Z 87 -4.00 68.34 51.26
CA ILE Z 87 -4.99 68.01 50.22
C ILE Z 87 -6.32 68.75 50.34
N THR Z 88 -6.47 69.58 51.37
CA THR Z 88 -7.59 70.51 51.53
C THR Z 88 -7.40 71.88 50.90
N GLN Z 89 -6.22 72.17 50.40
CA GLN Z 89 -5.96 73.56 50.00
C GLN Z 89 -6.60 73.85 48.66
N GLY Z 90 -7.13 75.05 48.54
CA GLY Z 90 -7.81 75.49 47.34
C GLY Z 90 -6.95 76.35 46.44
N ASP Z 91 -7.61 77.23 45.70
CA ASP Z 91 -7.03 77.94 44.55
C ASP Z 91 -6.02 77.06 43.80
N ARG Z 92 -6.55 75.93 43.39
CA ARG Z 92 -5.82 74.91 42.68
C ARG Z 92 -5.59 75.43 41.32
N GLY Z 93 -4.49 75.00 40.73
CA GLY Z 93 -4.12 75.45 39.40
C GLY Z 93 -3.38 74.40 38.61
N VAL Z 94 -2.92 74.82 37.45
CA VAL Z 94 -2.33 73.90 36.52
C VAL Z 94 -1.14 74.57 35.83
N GLY Z 95 -0.06 73.80 35.75
CA GLY Z 95 1.19 74.23 35.06
C GLY Z 95 1.84 73.23 34.08
N SER Z 96 3.13 73.45 33.83
CA SER Z 96 3.91 72.66 32.90
C SER Z 96 5.37 72.48 33.32
N SER Z 97 5.89 71.28 33.08
CA SER Z 97 7.32 71.08 33.04
C SER Z 97 7.73 70.69 31.63
N ALA Z 98 8.83 71.26 31.19
CA ALA Z 98 9.47 70.81 29.96
C ALA Z 98 10.96 70.50 30.19
N VAL Z 99 11.41 69.53 29.43
CA VAL Z 99 12.79 69.14 29.31
C VAL Z 99 13.50 70.08 28.34
N ILE Z 100 14.58 70.70 28.83
CA ILE Z 100 15.41 71.61 28.07
C ILE Z 100 16.84 71.10 28.02
N LEU Z 101 17.26 70.68 26.83
CA LEU Z 101 18.54 69.97 26.71
C LEU Z 101 19.65 70.85 26.18
N ASP Z 102 19.35 72.14 25.93
CA ASP Z 102 20.32 73.10 25.33
C ASP Z 102 20.58 74.33 26.18
N ASP Z 103 20.32 74.20 27.48
CA ASP Z 103 20.64 75.23 28.46
C ASP Z 103 20.01 76.61 28.13
N ASN Z 104 18.84 76.59 27.51
CA ASN Z 104 18.08 77.76 27.07
C ASN Z 104 16.64 77.75 27.61
N PHE Z 105 16.53 78.13 28.85
CA PHE Z 105 15.32 78.20 29.58
C PHE Z 105 14.56 79.46 29.23
N VAL Z 106 13.23 79.46 29.41
CA VAL Z 106 12.47 80.70 29.38
C VAL Z 106 12.96 81.54 30.58
N THR Z 107 13.17 82.83 30.33
CA THR Z 107 13.52 83.80 31.39
C THR Z 107 12.70 83.63 32.67
N LYS Z 108 13.40 83.58 33.82
CA LYS Z 108 12.73 83.56 35.15
C LYS Z 108 11.65 84.62 35.31
N ALA Z 109 10.48 84.28 35.86
CA ALA Z 109 9.38 85.27 35.97
C ALA Z 109 8.51 84.92 37.16
N THR Z 110 7.99 85.95 37.86
CA THR Z 110 7.13 85.71 39.03
C THR Z 110 5.68 85.50 38.61
N ALA Z 111 5.26 86.21 37.56
CA ALA Z 111 3.87 86.18 37.23
C ALA Z 111 3.62 86.51 35.77
N LEU Z 112 3.97 85.52 34.96
CA LEU Z 112 3.83 85.65 33.52
C LEU Z 112 2.39 85.38 33.14
N THR Z 113 1.86 86.08 32.14
CA THR Z 113 0.42 85.95 31.78
C THR Z 113 -0.01 84.70 30.96
N TYR Z 114 0.97 83.84 30.64
CA TYR Z 114 0.70 82.55 30.01
C TYR Z 114 1.69 81.50 30.52
N ASP Z 115 1.32 80.24 30.34
CA ASP Z 115 2.22 79.15 30.67
C ASP Z 115 3.11 79.06 29.48
N PRO Z 116 4.38 79.48 29.61
CA PRO Z 116 5.25 79.49 28.44
C PRO Z 116 5.67 78.11 27.95
N TYR Z 117 5.49 77.07 28.76
CA TYR Z 117 5.93 75.74 28.41
C TYR Z 117 4.81 74.80 28.00
N VAL Z 118 3.60 75.31 27.92
CA VAL Z 118 2.47 74.42 27.59
C VAL Z 118 2.48 73.77 26.19
N ASN Z 119 3.06 74.46 25.21
CA ASN Z 119 3.11 73.93 23.88
C ASN Z 119 4.43 73.17 23.65
N TYR Z 120 5.36 73.13 24.61
CA TYR Z 120 6.61 72.40 24.39
C TYR Z 120 6.34 70.92 24.05
N SER Z 121 7.05 70.34 23.07
CA SER Z 121 6.87 68.91 22.72
C SER Z 121 7.03 67.99 23.94
N SER Z 122 7.94 68.35 24.83
CA SER Z 122 8.32 67.53 25.97
C SER Z 122 7.54 67.92 27.19
N ARG Z 123 6.54 68.81 27.05
CA ARG Z 123 5.72 69.21 28.21
C ARG Z 123 4.92 68.07 28.82
N HIS Z 124 4.93 67.98 30.14
CA HIS Z 124 3.97 67.22 30.95
C HIS Z 124 3.21 68.22 31.86
N THR Z 125 1.95 67.92 32.17
CA THR Z 125 1.12 68.84 33.00
C THR Z 125 1.44 68.75 34.50
N ILE Z 126 1.47 69.89 35.18
CA ILE Z 126 1.62 69.87 36.63
C ILE Z 126 0.31 70.22 37.24
N THR Z 127 -0.02 69.53 38.30
CA THR Z 127 -1.31 69.67 38.95
C THR Z 127 -1.02 70.30 40.34
N GLN Z 128 -1.56 71.48 40.62
CA GLN Z 128 -1.18 72.19 41.87
C GLN Z 128 -2.38 72.28 42.84
N PRO Z 129 -2.15 72.28 44.18
CA PRO Z 129 -0.83 72.39 44.85
C PRO Z 129 -0.36 71.16 45.65
N PHE Z 130 -1.22 70.17 45.77
CA PHE Z 130 -0.98 69.04 46.64
C PHE Z 130 -0.67 67.76 45.87
N SER Z 131 -0.35 67.87 44.58
CA SER Z 131 -0.07 66.67 43.78
C SER Z 131 1.40 66.50 43.61
N TYR Z 132 1.84 65.26 43.65
CA TYR Z 132 3.18 64.90 43.17
C TYR Z 132 3.35 65.20 41.65
N HIS Z 133 4.56 65.48 41.20
CA HIS Z 133 4.87 65.57 39.76
C HIS Z 133 6.23 64.96 39.58
N SER Z 134 6.47 64.21 38.51
CA SER Z 134 7.86 63.86 38.22
C SER Z 134 8.23 63.88 36.81
N ARG Z 135 9.47 64.15 36.57
CA ARG Z 135 10.04 63.99 35.25
C ARG Z 135 11.26 63.06 35.34
N TYR Z 136 11.53 62.30 34.27
CA TYR Z 136 12.53 61.24 34.22
C TYR Z 136 13.10 61.18 32.81
N PHE Z 137 14.36 61.59 32.62
CA PHE Z 137 14.84 61.78 31.27
C PHE Z 137 16.33 61.78 31.19
N THR Z 138 16.87 61.70 29.97
CA THR Z 138 18.32 61.80 29.80
C THR Z 138 18.81 63.25 29.63
N PRO Z 139 19.62 63.78 30.60
CA PRO Z 139 20.03 65.19 30.59
C PRO Z 139 21.26 65.37 29.74
N LYS Z 140 21.62 66.60 29.43
CA LYS Z 140 22.81 66.84 28.63
C LYS Z 140 23.77 67.84 29.27
N PRO Z 141 25.06 67.52 29.22
CA PRO Z 141 26.06 68.40 29.73
C PRO Z 141 26.17 69.65 28.87
N VAL Z 142 26.57 70.74 29.47
CA VAL Z 142 26.73 71.99 28.81
C VAL Z 142 28.16 72.03 28.40
N LEU Z 143 28.39 71.75 27.14
CA LEU Z 143 29.74 71.54 26.67
C LEU Z 143 30.32 72.84 26.17
N ASP Z 144 29.50 73.63 25.51
CA ASP Z 144 29.94 74.87 24.94
C ASP Z 144 28.66 75.64 24.90
N SER Z 145 28.48 76.57 25.85
CA SER Z 145 27.24 77.34 25.91
C SER Z 145 27.18 78.54 24.96
N THR Z 146 27.98 78.58 23.93
CA THR Z 146 27.74 79.53 22.83
C THR Z 146 26.98 78.84 21.68
N ILE Z 147 27.22 77.53 21.56
CA ILE Z 147 26.59 76.73 20.54
C ILE Z 147 25.51 75.84 21.14
N ASP Z 148 25.71 75.43 22.39
CA ASP Z 148 24.72 74.60 23.11
C ASP Z 148 24.33 73.35 22.33
N TYR Z 149 25.31 72.53 22.00
CA TYR Z 149 25.04 71.28 21.36
C TYR Z 149 24.91 70.07 22.32
N PHE Z 150 24.20 69.07 21.84
CA PHE Z 150 24.07 67.88 22.62
C PHE Z 150 23.88 66.65 21.77
N GLN Z 151 24.20 65.50 22.35
CA GLN Z 151 24.09 64.20 21.70
C GLN Z 151 22.66 63.70 21.71
N PRO Z 152 22.23 62.97 20.67
CA PRO Z 152 20.96 62.28 20.71
C PRO Z 152 20.98 61.20 21.72
N ASN Z 153 19.76 60.95 22.18
CA ASN Z 153 19.53 60.33 23.45
C ASN Z 153 19.89 58.87 23.03
N ASN Z 154 20.99 58.43 23.64
CA ASN Z 154 21.69 57.19 23.29
C ASN Z 154 22.29 56.57 24.55
N LYS Z 155 22.52 55.25 24.51
CA LYS Z 155 23.13 54.55 25.61
C LYS Z 155 24.66 54.43 25.34
N ARG Z 156 25.12 53.44 24.60
CA ARG Z 156 26.57 53.13 24.55
C ARG Z 156 27.46 54.12 23.75
N ASN Z 157 26.90 55.15 23.12
CA ASN Z 157 27.69 56.23 22.45
C ASN Z 157 27.81 57.54 23.20
N GLN Z 158 27.36 57.56 24.44
CA GLN Z 158 27.29 58.76 25.28
C GLN Z 158 28.64 59.13 25.89
N LEU Z 159 29.04 60.37 25.58
CA LEU Z 159 30.23 61.02 26.11
C LEU Z 159 30.51 60.65 27.57
N TRP Z 160 31.72 60.14 27.83
CA TRP Z 160 32.21 60.04 29.21
C TRP Z 160 32.81 61.36 29.61
N LEU Z 161 32.71 61.66 30.91
CA LEU Z 161 33.30 62.87 31.54
C LEU Z 161 34.17 62.55 32.76
N ARG Z 162 35.28 63.28 32.88
CA ARG Z 162 36.13 63.27 34.04
C ARG Z 162 35.25 63.67 35.18
N LEU Z 163 35.28 62.83 36.22
CA LEU Z 163 34.79 63.19 37.57
C LEU Z 163 35.76 64.16 38.26
N GLN Z 164 35.49 65.43 38.18
CA GLN Z 164 36.30 66.44 38.86
C GLN Z 164 35.91 66.50 40.36
N THR Z 165 36.86 66.85 41.21
CA THR Z 165 36.56 67.11 42.62
C THR Z 165 35.68 68.33 42.73
N ALA Z 166 36.05 69.33 41.92
CA ALA Z 166 35.72 70.67 42.19
C ALA Z 166 34.62 71.12 41.29
N GLY Z 167 34.91 71.34 40.03
CA GLY Z 167 34.04 72.21 39.23
C GLY Z 167 33.46 71.40 38.10
N ASN Z 168 32.64 70.43 38.46
CA ASN Z 168 32.07 69.57 37.46
C ASN Z 168 31.10 70.38 36.61
N VAL Z 169 30.90 69.93 35.38
CA VAL Z 169 30.05 70.66 34.45
C VAL Z 169 28.56 70.55 34.78
N ASP Z 170 27.84 71.61 34.51
CA ASP Z 170 26.39 71.56 34.57
C ASP Z 170 25.83 70.66 33.46
N HIS Z 171 24.82 69.87 33.83
CA HIS Z 171 24.00 69.09 32.97
C HIS Z 171 22.65 69.72 33.00
N VAL Z 172 21.82 69.37 32.04
CA VAL Z 172 20.74 70.26 31.72
C VAL Z 172 19.46 69.60 31.24
N GLY Z 173 18.44 70.43 31.50
CA GLY Z 173 17.42 70.02 32.40
C GLY Z 173 16.02 70.41 32.25
N LEU Z 174 15.47 71.18 33.20
CA LEU Z 174 14.00 71.32 33.40
C LEU Z 174 13.50 72.72 33.62
N GLY Z 175 12.63 73.15 32.73
CA GLY Z 175 11.88 74.39 32.86
C GLY Z 175 10.56 74.12 33.59
N THR Z 176 10.09 75.09 34.36
CA THR Z 176 8.86 74.94 35.15
C THR Z 176 8.07 76.21 35.16
N ALA Z 177 6.76 76.01 35.19
CA ALA Z 177 5.78 77.06 35.15
C ALA Z 177 4.73 76.60 36.15
N PHE Z 178 4.80 77.07 37.40
CA PHE Z 178 3.70 76.80 38.36
C PHE Z 178 2.74 77.96 38.31
N GLU Z 179 1.46 77.68 38.24
CA GLU Z 179 0.43 78.73 38.29
C GLU Z 179 0.42 79.27 39.70
N ASN Z 180 0.29 80.60 39.80
CA ASN Z 180 0.31 81.33 41.09
C ASN Z 180 -1.06 81.20 41.69
N SER Z 181 -1.11 81.43 42.99
CA SER Z 181 -2.25 81.14 43.83
C SER Z 181 -2.37 82.18 44.95
N ILE Z 182 -3.55 82.19 45.53
CA ILE Z 182 -3.88 83.06 46.64
C ILE Z 182 -3.12 82.63 47.92
N TYR Z 183 -2.67 81.36 47.92
CA TYR Z 183 -1.89 80.70 48.96
C TYR Z 183 -0.44 80.36 48.50
N ASP Z 184 0.52 80.44 49.41
CA ASP Z 184 1.85 79.92 49.20
C ASP Z 184 1.82 78.45 48.76
N GLN Z 185 2.69 78.13 47.82
CA GLN Z 185 2.85 76.77 47.38
C GLN Z 185 4.28 76.32 47.67
N GLU Z 186 4.43 75.48 48.71
CA GLU Z 186 5.73 74.90 49.05
C GLU Z 186 5.86 73.52 48.50
N TYR Z 187 7.07 73.20 48.03
CA TYR Z 187 7.49 71.82 47.66
C TYR Z 187 8.86 71.48 48.24
N ASN Z 188 9.08 70.17 48.46
CA ASN Z 188 10.42 69.60 48.67
C ASN Z 188 10.77 68.87 47.34
N ILE Z 189 11.68 69.44 46.57
CA ILE Z 189 12.10 68.92 45.31
C ILE Z 189 13.20 67.93 45.61
N ARG Z 190 13.03 66.69 45.17
CA ARG Z 190 14.09 65.73 45.25
C ARG Z 190 14.65 65.42 43.88
N VAL Z 191 15.92 65.69 43.66
CA VAL Z 191 16.60 65.31 42.43
C VAL Z 191 17.45 64.07 42.68
N THR Z 192 17.31 63.10 41.80
CA THR Z 192 18.06 61.87 41.80
C THR Z 192 18.78 61.76 40.46
N MET Z 193 20.08 61.51 40.49
CA MET Z 193 20.87 61.19 39.28
C MET Z 193 21.21 59.68 39.17
N TYR Z 194 20.97 59.15 37.98
CA TYR Z 194 21.32 57.79 37.58
C TYR Z 194 22.64 57.89 36.82
N VAL Z 195 23.72 57.66 37.56
CA VAL Z 195 25.05 57.94 37.14
C VAL Z 195 25.80 56.64 36.91
N GLN Z 196 26.54 56.60 35.84
CA GLN Z 196 27.32 55.41 35.57
C GLN Z 196 28.78 55.85 35.65
N PHE Z 197 29.48 55.21 36.57
CA PHE Z 197 30.89 55.49 36.80
C PHE Z 197 31.74 54.43 36.09
N ARG Z 198 32.98 54.78 35.81
CA ARG Z 198 33.91 53.94 35.08
C ARG Z 198 35.34 54.20 35.53
N GLU Z 199 36.07 53.08 35.70
CA GLU Z 199 37.49 53.06 35.97
C GLU Z 199 37.67 53.41 37.41
N PHE Z 200 37.46 52.40 38.22
CA PHE Z 200 37.86 52.39 39.62
C PHE Z 200 39.27 52.92 39.70
N ASN Z 201 39.51 53.93 40.55
CA ASN Z 201 40.87 54.52 40.74
C ASN Z 201 41.38 54.62 42.16
N LEU Z 202 40.87 53.81 43.09
CA LEU Z 202 41.23 53.96 44.53
C LEU Z 202 42.75 53.94 44.80
N LYS Z 203 43.21 55.00 45.43
CA LYS Z 203 44.59 55.10 45.87
C LYS Z 203 44.65 54.62 47.31
N ASP Z 204 45.72 53.93 47.66
CA ASP Z 204 45.88 53.34 49.00
C ASP Z 204 47.31 53.66 49.59
N PRO Z 205 47.50 54.85 50.22
CA PRO Z 205 48.76 55.17 50.96
C PRO Z 205 48.89 54.30 52.21
N PRO Z 206 50.08 54.23 52.87
CA PRO Z 206 50.12 53.41 54.11
C PRO Z 206 50.09 54.24 55.39
N SER AA 19 39.94 57.16 -0.85
CA SER AA 19 39.52 58.18 0.16
C SER AA 19 40.18 57.98 1.54
N HIS AA 20 40.13 56.76 2.10
CA HIS AA 20 40.76 56.43 3.41
C HIS AA 20 42.06 55.74 3.26
N PHE AA 21 42.96 55.99 4.17
CA PHE AA 21 44.26 55.33 4.17
C PHE AA 21 44.68 54.97 5.57
N ASN AA 22 44.78 53.69 5.86
CA ASN AA 22 45.28 53.23 7.15
C ASN AA 22 46.74 53.03 7.14
N THR AA 23 47.37 53.30 8.26
CA THR AA 23 48.80 53.19 8.38
C THR AA 23 49.28 53.42 9.81
N ARG AA 24 50.57 53.33 9.97
CA ARG AA 24 51.17 53.06 11.23
C ARG AA 24 52.40 53.92 11.30
N LEU AA 25 52.48 54.76 12.32
CA LEU AA 25 53.63 55.61 12.53
C LEU AA 25 54.30 55.37 13.87
N SER AA 26 55.64 55.39 13.89
CA SER AA 26 56.41 55.09 15.09
C SER AA 26 57.48 56.10 15.44
N ARG AA 27 57.87 56.11 16.72
CA ARG AA 27 59.01 56.89 17.24
C ARG AA 27 59.54 56.23 18.48
N THR AA 28 60.84 56.38 18.70
CA THR AA 28 61.51 55.73 19.80
C THR AA 28 62.27 56.82 20.63
N PHE AA 29 62.35 56.66 21.95
CA PHE AA 29 62.95 57.66 22.82
C PHE AA 29 63.29 57.02 24.16
N GLY AA 30 64.29 57.61 24.86
CA GLY AA 30 64.85 57.06 26.10
C GLY AA 30 64.00 57.37 27.30
N TYR AA 31 64.01 56.50 28.28
CA TYR AA 31 63.39 56.75 29.59
C TYR AA 31 64.29 56.10 30.63
N THR AA 32 64.70 56.86 31.64
CA THR AA 32 65.58 56.32 32.68
C THR AA 32 64.96 56.56 34.02
N ILE AA 33 64.80 55.52 34.81
CA ILE AA 33 64.55 55.67 36.23
C ILE AA 33 65.92 55.66 36.92
N LYS AA 34 66.25 56.80 37.52
CA LYS AA 34 67.42 57.02 38.38
C LYS AA 34 67.37 56.09 39.61
N ARG AA 35 68.56 55.70 40.04
CA ARG AA 35 68.67 54.78 41.17
C ARG AA 35 68.25 55.52 42.47
N THR AA 36 67.84 54.79 43.51
CA THR AA 36 67.58 55.44 44.80
C THR AA 36 68.08 54.57 45.96
N THR AA 37 68.39 55.22 47.10
CA THR AA 37 69.04 54.57 48.25
C THR AA 37 68.03 54.08 49.31
N VAL AA 38 66.87 54.71 49.46
CA VAL AA 38 65.74 54.09 50.23
C VAL AA 38 65.64 52.55 50.09
N LYS AA 39 65.65 51.82 51.21
CA LYS AA 39 65.45 50.35 51.13
C LYS AA 39 63.98 50.04 50.83
N THR AA 40 63.05 50.72 51.49
CA THR AA 40 61.63 50.42 51.35
C THR AA 40 61.05 50.79 49.99
N PRO AA 41 59.98 50.09 49.59
CA PRO AA 41 59.44 50.25 48.26
C PRO AA 41 58.84 51.62 47.98
N SER AA 42 59.17 52.14 46.81
CA SER AA 42 58.69 53.43 46.34
C SER AA 42 58.59 53.38 44.80
N TRP AA 43 57.89 54.36 44.20
CA TRP AA 43 57.48 54.29 42.78
C TRP AA 43 57.74 55.60 42.08
N ALA AA 44 58.40 55.55 40.93
CA ALA AA 44 58.52 56.69 40.06
C ALA AA 44 57.23 56.72 39.23
N VAL AA 45 56.49 57.80 39.44
CA VAL AA 45 55.20 58.06 38.84
C VAL AA 45 55.35 59.11 37.71
N ASP AA 46 54.78 58.82 36.55
CA ASP AA 46 54.89 59.67 35.35
C ASP AA 46 53.72 59.35 34.40
N MET AA 47 53.81 59.88 33.18
CA MET AA 47 52.70 59.94 32.21
C MET AA 47 53.20 60.05 30.78
N MET AA 48 52.27 59.78 29.87
CA MET AA 48 52.51 59.82 28.45
C MET AA 48 51.33 60.36 27.72
N ARG AA 49 51.60 61.36 26.91
CA ARG AA 49 50.64 61.86 25.95
C ARG AA 49 51.17 61.55 24.56
N PHE AA 50 50.29 61.60 23.58
CA PHE AA 50 50.63 61.32 22.18
C PHE AA 50 50.13 62.45 21.31
N ASN AA 51 50.96 62.84 20.36
CA ASN AA 51 50.65 63.95 19.48
C ASN AA 51 51.30 63.68 18.16
N ILE AA 52 50.47 63.72 17.13
CA ILE AA 52 50.90 63.38 15.78
C ILE AA 52 52.04 64.26 15.33
N ASN AA 53 52.12 65.52 15.74
CA ASN AA 53 53.32 66.37 15.45
C ASN AA 53 54.71 65.63 15.51
N ASP AA 54 54.81 64.68 16.45
CA ASP AA 54 56.05 63.95 16.71
C ASP AA 54 56.23 62.78 15.81
N PHE AA 55 55.18 62.41 15.08
CA PHE AA 55 55.18 61.26 14.18
C PHE AA 55 55.20 61.59 12.69
N LEU AA 56 54.93 62.83 12.32
CA LEU AA 56 54.62 63.21 10.96
C LEU AA 56 55.30 64.54 10.73
N PRO AA 57 56.51 64.50 10.14
CA PRO AA 57 57.16 65.79 9.90
C PRO AA 57 56.41 66.72 8.93
N PRO AA 58 56.88 67.98 8.87
CA PRO AA 58 56.34 68.90 7.87
C PRO AA 58 56.62 68.38 6.47
N GLY AA 59 55.91 68.90 5.49
CA GLY AA 59 56.16 68.59 4.10
C GLY AA 59 56.91 69.74 3.45
N GLY AA 60 56.67 69.93 2.16
CA GLY AA 60 57.29 71.00 1.41
C GLY AA 60 56.38 71.56 0.37
N GLY AA 61 56.71 72.78 -0.08
CA GLY AA 61 55.92 73.54 -1.06
C GLY AA 61 54.44 73.65 -0.67
N SER AA 62 53.60 73.46 -1.69
CA SER AA 62 52.15 73.55 -1.57
C SER AA 62 51.48 72.45 -0.75
N ASN AA 63 52.23 71.39 -0.37
CA ASN AA 63 51.73 70.23 0.44
C ASN AA 63 52.41 70.25 1.84
N PRO AA 64 51.83 71.01 2.82
CA PRO AA 64 52.55 71.31 4.11
C PRO AA 64 52.84 70.14 5.01
N ARG AA 65 52.13 69.00 4.87
CA ARG AA 65 52.41 67.77 5.63
C ARG AA 65 52.93 66.61 4.76
N SER AA 66 53.70 65.75 5.38
CA SER AA 66 54.32 64.63 4.71
C SER AA 66 53.32 63.53 4.27
N VAL AA 67 52.11 63.49 4.84
CA VAL AA 67 51.06 62.65 4.21
C VAL AA 67 49.93 63.59 3.75
N PRO AA 68 49.60 63.56 2.45
CA PRO AA 68 48.74 64.56 1.88
C PRO AA 68 47.26 64.19 2.02
N PHE AA 69 46.83 64.24 3.27
CA PHE AA 69 45.44 64.04 3.64
C PHE AA 69 44.94 65.21 4.50
N GLU AA 70 43.64 65.48 4.35
CA GLU AA 70 43.01 66.60 5.03
C GLU AA 70 42.62 66.32 6.48
N TYR AA 71 42.27 65.07 6.80
CA TYR AA 71 41.70 64.70 8.11
C TYR AA 71 42.36 63.40 8.63
N TYR AA 72 42.41 63.24 9.95
CA TYR AA 72 42.86 61.96 10.56
C TYR AA 72 42.08 61.60 11.81
N ARG AA 73 42.26 60.35 12.24
CA ARG AA 73 41.93 59.96 13.60
C ARG AA 73 42.79 58.77 14.06
N ILE AA 74 43.04 58.70 15.34
CA ILE AA 74 43.93 57.69 15.81
C ILE AA 74 43.10 56.55 16.28
N ARG AA 75 43.13 55.48 15.52
CA ARG AA 75 42.49 54.20 15.93
C ARG AA 75 43.07 53.50 17.17
N LYS AA 76 44.38 53.45 17.26
CA LYS AA 76 45.08 52.71 18.31
C LYS AA 76 46.43 53.39 18.61
N VAL AA 77 46.89 53.31 19.86
CA VAL AA 77 48.28 53.53 20.26
C VAL AA 77 48.74 52.19 20.87
N LYS AA 78 49.95 51.82 20.49
CA LYS AA 78 50.75 50.85 21.22
C LYS AA 78 51.90 51.60 21.85
N VAL AA 79 52.19 51.22 23.07
CA VAL AA 79 53.32 51.74 23.80
C VAL AA 79 54.10 50.50 24.21
N GLU AA 80 55.29 50.36 23.65
CA GLU AA 80 56.20 49.30 23.96
C GLU AA 80 57.31 49.88 24.82
N PHE AA 81 57.47 49.37 26.04
CA PHE AA 81 58.70 49.58 26.84
C PHE AA 81 59.72 48.49 26.60
N TRP AA 82 60.77 48.79 25.87
CA TRP AA 82 61.80 47.82 25.60
C TRP AA 82 62.86 48.04 26.64
N PRO AA 83 63.03 47.07 27.55
CA PRO AA 83 64.06 47.17 28.60
C PRO AA 83 65.51 47.17 28.09
N CYS AA 84 66.33 48.07 28.64
CA CYS AA 84 67.80 48.11 28.42
C CYS AA 84 68.61 47.20 29.37
N SER AA 85 68.11 47.03 30.59
CA SER AA 85 68.81 46.26 31.61
C SER AA 85 68.92 44.82 31.13
N PRO AA 86 70.08 44.19 31.32
CA PRO AA 86 70.16 42.77 31.00
C PRO AA 86 69.42 41.92 31.97
N ILE AA 87 69.20 40.70 31.52
CA ILE AA 87 68.40 39.74 32.27
C ILE AA 87 69.14 39.16 33.49
N THR AA 88 70.36 39.62 33.79
CA THR AA 88 71.09 39.32 35.05
C THR AA 88 71.03 40.41 36.17
N GLN AA 89 70.28 41.50 35.92
CA GLN AA 89 70.18 42.58 36.92
C GLN AA 89 69.21 42.16 38.01
N GLY AA 90 69.53 42.55 39.25
CA GLY AA 90 68.76 42.20 40.44
C GLY AA 90 67.90 43.37 40.91
N ASP AA 91 67.53 43.34 42.18
CA ASP AA 91 66.63 44.34 42.74
C ASP AA 91 65.43 44.59 41.85
N ARG AA 92 64.81 43.48 41.53
CA ARG AA 92 63.66 43.48 40.65
C ARG AA 92 62.46 43.99 41.38
N GLY AA 93 61.53 44.57 40.64
CA GLY AA 93 60.40 45.26 41.19
C GLY AA 93 59.17 45.14 40.33
N VAL AA 94 58.14 45.89 40.67
CA VAL AA 94 56.83 45.56 40.15
C VAL AA 94 55.93 46.80 40.12
N GLY AA 95 55.60 47.24 38.93
CA GLY AA 95 54.84 48.47 38.74
C GLY AA 95 53.47 48.29 38.05
N SER AA 96 53.01 49.37 37.43
CA SER AA 96 51.63 49.44 36.90
C SER AA 96 51.61 50.45 35.79
N SER AA 97 51.03 50.06 34.68
CA SER AA 97 50.65 50.98 33.65
C SER AA 97 49.12 51.07 33.72
N ALA AA 98 48.60 52.22 33.36
CA ALA AA 98 47.13 52.34 33.25
C ALA AA 98 46.68 53.35 32.21
N VAL AA 99 45.51 53.06 31.63
CA VAL AA 99 44.99 53.91 30.54
C VAL AA 99 44.19 55.04 31.14
N ILE AA 100 44.61 56.25 30.80
CA ILE AA 100 44.07 57.51 31.22
C ILE AA 100 43.48 58.32 30.02
N LEU AA 101 42.18 58.28 29.88
CA LEU AA 101 41.51 58.81 28.70
C LEU AA 101 40.98 60.24 28.85
N ASP AA 102 41.08 60.77 30.08
CA ASP AA 102 40.52 62.07 30.46
C ASP AA 102 41.57 63.10 30.79
N ASP AA 103 42.83 62.84 30.40
CA ASP AA 103 43.94 63.79 30.58
C ASP AA 103 44.20 64.11 32.06
N ASN AA 104 43.96 63.17 32.96
CA ASN AA 104 44.11 63.45 34.37
C ASN AA 104 44.97 62.41 35.05
N PHE AA 105 46.25 62.65 34.93
CA PHE AA 105 47.24 61.75 35.41
C PHE AA 105 47.50 62.03 36.89
N VAL AA 106 47.94 61.01 37.60
CA VAL AA 106 48.53 61.21 38.89
C VAL AA 106 49.80 62.01 38.67
N THR AA 107 49.98 62.93 39.61
CA THR AA 107 51.07 63.92 39.58
C THR AA 107 52.40 63.24 39.58
N LYS AA 108 53.22 63.66 38.63
CA LYS AA 108 54.59 63.19 38.42
C LYS AA 108 55.32 63.18 39.76
N ALA AA 109 55.98 62.08 40.08
CA ALA AA 109 56.69 61.90 41.38
C ALA AA 109 57.88 60.96 41.26
N THR AA 110 58.84 61.14 42.13
CA THR AA 110 60.08 60.33 42.08
C THR AA 110 60.02 59.02 42.87
N ALA AA 111 59.26 59.09 43.97
CA ALA AA 111 59.33 58.11 45.02
C ALA AA 111 58.11 58.15 45.93
N LEU AA 112 56.95 58.05 45.32
CA LEU AA 112 55.73 57.79 46.06
C LEU AA 112 55.87 56.47 46.84
N THR AA 113 55.24 56.35 48.02
CA THR AA 113 55.37 55.14 48.90
C THR AA 113 54.36 54.03 48.67
N TYR AA 114 53.51 54.21 47.66
CA TYR AA 114 52.58 53.18 47.19
C TYR AA 114 52.53 53.25 45.67
N ASP AA 115 51.94 52.26 45.01
CA ASP AA 115 51.71 52.29 43.55
C ASP AA 115 50.39 53.00 43.29
N PRO AA 116 50.44 54.27 42.85
CA PRO AA 116 49.16 54.95 42.74
C PRO AA 116 48.21 54.30 41.69
N TYR AA 117 48.75 53.51 40.74
CA TYR AA 117 47.86 52.93 39.68
C TYR AA 117 47.50 51.46 39.88
N VAL AA 118 47.99 50.80 40.92
CA VAL AA 118 47.70 49.37 41.08
C VAL AA 118 46.20 49.03 41.01
N ASN AA 119 45.36 49.84 41.60
CA ASN AA 119 43.93 49.52 41.67
C ASN AA 119 43.13 50.02 40.44
N TYR AA 120 43.78 50.73 39.52
CA TYR AA 120 43.07 51.19 38.33
C TYR AA 120 42.49 50.00 37.57
N SER AA 121 41.23 50.05 37.19
CA SER AA 121 40.62 48.98 36.41
C SER AA 121 41.49 48.63 35.16
N SER AA 122 42.07 49.64 34.48
CA SER AA 122 42.89 49.45 33.29
C SER AA 122 44.36 49.12 33.60
N ARG AA 123 44.67 48.83 34.85
CA ARG AA 123 46.05 48.52 35.18
C ARG AA 123 46.49 47.18 34.59
N HIS AA 124 47.63 47.18 33.98
CA HIS AA 124 48.39 45.97 33.73
C HIS AA 124 49.72 46.08 34.51
N THR AA 125 50.22 44.93 34.91
CA THR AA 125 51.36 44.82 35.79
C THR AA 125 52.64 44.95 34.99
N ILE AA 126 53.60 45.71 35.52
CA ILE AA 126 54.86 45.90 34.83
C ILE AA 126 55.87 45.11 35.59
N THR AA 127 56.67 44.33 34.88
CA THR AA 127 57.70 43.53 35.51
C THR AA 127 59.06 44.20 35.26
N GLN AA 128 59.89 44.28 36.31
CA GLN AA 128 61.11 45.12 36.25
C GLN AA 128 62.40 44.39 36.67
N PRO AA 129 63.55 44.75 36.12
CA PRO AA 129 63.78 45.83 35.14
C PRO AA 129 64.04 45.35 33.69
N PHE AA 130 63.98 44.04 33.45
CA PHE AA 130 64.47 43.47 32.19
C PHE AA 130 63.35 42.95 31.32
N SER AA 131 62.10 43.17 31.68
CA SER AA 131 61.00 42.51 30.97
C SER AA 131 60.36 43.47 30.03
N TYR AA 132 59.84 42.95 28.92
CA TYR AA 132 59.12 43.79 27.95
C TYR AA 132 57.78 44.26 28.57
N HIS AA 133 57.25 45.41 28.22
CA HIS AA 133 55.87 45.75 28.66
C HIS AA 133 55.25 46.52 27.52
N SER AA 134 54.00 46.21 27.19
CA SER AA 134 53.28 46.99 26.20
C SER AA 134 51.84 47.13 26.53
N ARG AA 135 51.27 48.20 26.02
CA ARG AA 135 49.84 48.41 26.06
C ARG AA 135 49.35 48.82 24.72
N TYR AA 136 48.11 48.47 24.43
CA TYR AA 136 47.52 48.74 23.14
C TYR AA 136 46.09 49.14 23.40
N PHE AA 137 45.72 50.39 23.13
CA PHE AA 137 44.36 50.84 23.46
C PHE AA 137 43.93 51.96 22.47
N THR AA 138 42.63 52.26 22.37
CA THR AA 138 42.25 53.44 21.64
C THR AA 138 42.35 54.68 22.53
N PRO AA 139 43.11 55.69 22.07
CA PRO AA 139 43.35 56.92 22.84
C PRO AA 139 42.34 57.98 22.46
N LYS AA 140 42.28 59.09 23.21
CA LYS AA 140 41.27 60.17 22.98
C LYS AA 140 41.89 61.52 22.81
N PRO AA 141 41.42 62.31 21.85
CA PRO AA 141 41.97 63.64 21.80
C PRO AA 141 41.57 64.43 23.03
N VAL AA 142 42.38 65.37 23.44
CA VAL AA 142 41.98 66.32 24.46
C VAL AA 142 41.18 67.47 23.78
N LEU AA 143 39.85 67.39 23.84
CA LEU AA 143 39.04 68.38 23.17
C LEU AA 143 38.71 69.62 24.01
N ASP AA 144 38.70 69.51 25.33
CA ASP AA 144 38.41 70.68 26.17
C ASP AA 144 38.92 70.31 27.55
N SER AA 145 40.08 70.82 27.94
CA SER AA 145 40.71 70.34 29.19
C SER AA 145 40.03 70.78 30.50
N THR AA 146 39.10 71.73 30.42
CA THR AA 146 38.25 72.11 31.56
C THR AA 146 37.34 70.95 31.95
N ILE AA 147 36.65 70.40 30.95
CA ILE AA 147 35.63 69.35 31.13
C ILE AA 147 36.17 67.90 30.95
N ASP AA 148 37.13 67.72 30.03
CA ASP AA 148 37.81 66.44 29.83
C ASP AA 148 36.83 65.31 29.50
N TYR AA 149 36.09 65.52 28.43
CA TYR AA 149 35.16 64.54 27.88
C TYR AA 149 35.72 63.72 26.69
N PHE AA 150 35.21 62.53 26.49
CA PHE AA 150 35.68 61.70 25.42
C PHE AA 150 34.64 60.68 24.91
N GLN AA 151 34.83 60.20 23.68
CA GLN AA 151 33.89 59.26 23.14
C GLN AA 151 34.11 57.85 23.69
N PRO AA 152 33.01 57.10 23.95
CA PRO AA 152 33.15 55.64 24.15
C PRO AA 152 33.84 54.97 22.97
N ASN AA 153 34.63 53.97 23.32
CA ASN AA 153 35.67 53.44 22.44
C ASN AA 153 34.85 52.78 21.30
N ASN AA 154 34.97 53.34 20.09
CA ASN AA 154 34.11 52.97 18.93
C ASN AA 154 34.91 52.91 17.61
N LYS AA 155 34.35 52.22 16.62
CA LYS AA 155 34.89 52.26 15.28
C LYS AA 155 34.15 53.37 14.47
N ARG AA 156 33.07 53.04 13.76
CA ARG AA 156 32.48 53.91 12.70
C ARG AA 156 32.13 55.38 13.03
N ASN AA 157 31.83 55.64 14.32
CA ASN AA 157 31.47 56.97 14.94
C ASN AA 157 32.55 57.92 15.53
N GLN AA 158 33.81 57.49 15.62
CA GLN AA 158 34.93 58.30 16.14
C GLN AA 158 35.17 59.61 15.36
N LEU AA 159 35.33 60.70 16.10
CA LEU AA 159 35.46 62.02 15.51
C LEU AA 159 36.63 62.11 14.53
N TRP AA 160 36.41 62.79 13.41
CA TRP AA 160 37.50 63.18 12.49
C TRP AA 160 38.14 64.48 12.99
N LEU AA 161 39.46 64.60 12.85
CA LEU AA 161 40.23 65.79 13.19
C LEU AA 161 40.97 66.29 11.98
N ARG AA 162 41.10 67.60 11.86
CA ARG AA 162 41.92 68.20 10.81
C ARG AA 162 43.41 67.83 11.02
N LEU AA 163 44.08 67.42 9.94
CA LEU AA 163 45.52 67.25 9.97
C LEU AA 163 46.13 68.67 9.83
N GLN AA 164 46.67 69.18 10.93
CA GLN AA 164 47.28 70.50 10.96
C GLN AA 164 48.81 70.31 10.74
N THR AA 165 49.43 71.39 10.25
CA THR AA 165 50.87 71.36 10.09
C THR AA 165 51.52 71.44 11.48
N ALA AA 166 50.98 72.38 12.25
CA ALA AA 166 51.65 72.96 13.40
C ALA AA 166 51.23 72.42 14.76
N GLY AA 167 49.94 72.56 15.07
CA GLY AA 167 49.52 72.63 16.46
C GLY AA 167 48.49 71.60 16.76
N ASN AA 168 48.79 70.37 16.35
CA ASN AA 168 47.85 69.28 16.48
C ASN AA 168 47.53 68.97 17.94
N VAL AA 169 46.38 68.39 18.15
CA VAL AA 169 45.83 68.25 19.46
C VAL AA 169 46.51 67.07 20.13
N ASP AA 170 46.76 67.19 21.43
CA ASP AA 170 47.28 66.07 22.23
C ASP AA 170 46.27 64.95 22.33
N HIS AA 171 46.74 63.73 22.33
CA HIS AA 171 45.90 62.53 22.55
C HIS AA 171 46.43 61.83 23.71
N VAL AA 172 45.55 61.17 24.41
CA VAL AA 172 45.84 60.96 25.76
C VAL AA 172 45.55 59.57 26.25
N GLY AA 173 46.39 59.20 27.21
CA GLY AA 173 47.03 57.94 27.14
C GLY AA 173 47.38 57.23 28.40
N LEU AA 174 48.64 57.27 28.80
CA LEU AA 174 49.13 56.23 29.70
C LEU AA 174 49.86 56.80 30.87
N GLY AA 175 49.48 56.30 32.02
CA GLY AA 175 50.18 56.59 33.27
C GLY AA 175 51.04 55.43 33.72
N THR AA 176 52.20 55.76 34.26
CA THR AA 176 53.18 54.75 34.66
C THR AA 176 53.59 54.91 36.10
N ALA AA 177 53.86 53.78 36.70
CA ALA AA 177 54.43 53.75 38.05
C ALA AA 177 55.51 52.66 38.08
N PHE AA 178 56.78 53.06 37.92
CA PHE AA 178 57.87 52.07 37.99
C PHE AA 178 58.40 52.02 39.42
N GLU AA 179 58.64 50.82 39.98
CA GLU AA 179 59.16 50.71 41.32
C GLU AA 179 60.61 51.15 41.21
N ASN AA 180 61.02 51.97 42.19
CA ASN AA 180 62.40 52.49 42.24
C ASN AA 180 63.28 51.33 42.64
N SER AA 181 64.56 51.46 42.31
CA SER AA 181 65.59 50.41 42.45
C SER AA 181 66.97 50.93 42.96
N ILE AA 182 67.66 50.04 43.62
CA ILE AA 182 69.06 50.20 43.99
C ILE AA 182 69.88 50.52 42.76
N TYR AA 183 69.47 50.02 41.57
CA TYR AA 183 70.07 50.38 40.27
C TYR AA 183 69.20 51.27 39.38
N ASP AA 184 69.91 51.93 38.45
CA ASP AA 184 69.32 52.63 37.30
C ASP AA 184 68.54 51.67 36.44
N GLN AA 185 67.42 52.14 35.90
CA GLN AA 185 66.60 51.32 35.03
C GLN AA 185 66.30 52.14 33.81
N GLU AA 186 66.77 51.65 32.67
CA GLU AA 186 66.77 52.39 31.44
C GLU AA 186 65.82 51.63 30.50
N TYR AA 187 65.13 52.36 29.64
CA TYR AA 187 64.21 51.79 28.67
C TYR AA 187 64.29 52.60 27.38
N ASN AA 188 64.25 51.93 26.23
CA ASN AA 188 63.80 52.58 25.00
C ASN AA 188 62.27 52.36 24.87
N ILE AA 189 61.54 53.48 24.79
CA ILE AA 189 60.12 53.42 24.64
C ILE AA 189 59.79 53.62 23.18
N ARG AA 190 59.04 52.68 22.61
CA ARG AA 190 58.53 52.88 21.26
C ARG AA 190 56.99 53.06 21.24
N VAL AA 191 56.56 54.12 20.57
CA VAL AA 191 55.18 54.51 20.50
C VAL AA 191 54.74 54.39 19.07
N THR AA 192 53.66 53.67 18.84
CA THR AA 192 53.18 53.47 17.50
C THR AA 192 51.74 53.92 17.48
N MET AA 193 51.41 54.78 16.53
CA MET AA 193 50.06 55.24 16.35
C MET AA 193 49.53 54.56 15.08
N TYR AA 194 48.38 53.91 15.22
CA TYR AA 194 47.67 53.30 14.14
C TYR AA 194 46.61 54.34 13.76
N VAL AA 195 46.82 55.00 12.64
CA VAL AA 195 46.14 56.20 12.26
C VAL AA 195 45.43 56.01 10.95
N GLN AA 196 44.18 56.45 10.89
CA GLN AA 196 43.34 56.39 9.71
C GLN AA 196 43.18 57.82 9.15
N PHE AA 197 43.74 58.08 7.97
CA PHE AA 197 43.67 59.40 7.30
C PHE AA 197 42.50 59.45 6.29
N ARG AA 198 42.01 60.64 5.95
CA ARG AA 198 40.84 60.74 5.03
C ARG AA 198 40.85 61.97 4.14
N GLU AA 199 40.39 61.86 2.90
CA GLU AA 199 40.37 62.97 1.96
C GLU AA 199 41.81 63.31 1.54
N PHE AA 200 42.21 62.63 0.46
CA PHE AA 200 43.47 62.92 -0.22
C PHE AA 200 43.40 64.39 -0.68
N ASN AA 201 44.48 65.17 -0.46
CA ASN AA 201 44.44 66.59 -0.91
C ASN AA 201 45.66 67.04 -1.74
N LEU AA 202 46.39 66.11 -2.36
CA LEU AA 202 47.60 66.51 -3.13
C LEU AA 202 47.44 67.72 -4.06
N LYS AA 203 48.29 68.70 -3.84
CA LYS AA 203 48.39 69.83 -4.74
C LYS AA 203 49.61 69.62 -5.63
N ASP AA 204 49.45 70.10 -6.86
CA ASP AA 204 50.43 69.88 -7.91
C ASP AA 204 50.58 71.12 -8.77
N PRO AA 205 51.33 72.12 -8.25
CA PRO AA 205 51.68 73.38 -8.98
C PRO AA 205 52.49 73.11 -10.25
N PRO AA 206 52.48 74.00 -11.26
CA PRO AA 206 53.20 73.71 -12.54
C PRO AA 206 54.63 74.24 -12.61
N SER BA 19 51.71 48.18 2.83
CA SER BA 19 50.41 48.57 2.29
C SER BA 19 50.58 49.09 0.83
N HIS BA 20 49.44 49.12 0.15
CA HIS BA 20 49.33 49.31 -1.29
C HIS BA 20 48.26 50.33 -1.28
N PHE BA 21 48.50 51.55 -1.75
CA PHE BA 21 47.60 52.72 -1.66
C PHE BA 21 47.15 53.08 -3.05
N ASN BA 22 45.84 53.10 -3.30
CA ASN BA 22 45.29 53.38 -4.69
C ASN BA 22 44.87 54.88 -4.81
N THR BA 23 45.29 55.58 -5.86
CA THR BA 23 44.82 56.96 -5.96
C THR BA 23 44.86 57.54 -7.34
N ARG BA 24 44.32 58.74 -7.42
CA ARG BA 24 44.13 59.37 -8.68
C ARG BA 24 44.85 60.71 -8.73
N LEU BA 25 45.72 60.96 -9.69
CA LEU BA 25 46.39 62.29 -9.80
C LEU BA 25 45.96 62.98 -11.06
N SER BA 26 45.84 64.30 -11.06
CA SER BA 26 45.48 65.00 -12.30
C SER BA 26 46.22 66.31 -12.54
N ARG BA 27 46.21 66.73 -13.81
CA ARG BA 27 46.78 68.01 -14.26
C ARG BA 27 46.07 68.42 -15.51
N THR BA 28 45.93 69.73 -15.72
CA THR BA 28 45.24 70.25 -16.87
C THR BA 28 46.17 71.23 -17.57
N PHE BA 29 46.30 71.10 -18.90
CA PHE BA 29 47.02 72.08 -19.75
C PHE BA 29 46.26 72.51 -21.02
N GLY BA 30 46.76 73.57 -21.65
CA GLY BA 30 46.22 74.10 -22.91
C GLY BA 30 46.69 73.39 -24.16
N TYR BA 31 45.80 73.26 -25.14
CA TYR BA 31 46.15 72.76 -26.49
C TYR BA 31 45.36 73.54 -27.54
N THR BA 32 46.07 74.06 -28.53
CA THR BA 32 45.50 74.82 -29.60
C THR BA 32 45.94 74.31 -30.98
N ILE BA 33 44.98 74.09 -31.84
CA ILE BA 33 45.22 73.92 -33.21
C ILE BA 33 44.98 75.28 -33.85
N LYS BA 34 46.04 75.83 -34.42
CA LYS BA 34 45.98 77.05 -35.19
C LYS BA 34 45.13 76.86 -36.43
N ARG BA 35 44.40 77.92 -36.78
CA ARG BA 35 43.60 77.92 -37.98
C ARG BA 35 44.50 77.82 -39.16
N THR BA 36 44.03 77.17 -40.22
CA THR BA 36 44.65 77.23 -41.56
C THR BA 36 43.66 77.72 -42.59
N THR BA 37 44.19 77.98 -43.76
CA THR BA 37 43.39 78.33 -44.92
C THR BA 37 43.74 77.44 -46.12
N VAL BA 38 44.42 76.32 -45.89
CA VAL BA 38 44.30 75.13 -46.74
C VAL BA 38 42.79 74.90 -46.94
N LYS BA 39 42.35 74.81 -48.19
CA LYS BA 39 40.91 74.74 -48.47
C LYS BA 39 40.40 73.31 -48.26
N THR BA 40 41.25 72.33 -48.62
CA THR BA 40 40.94 70.88 -48.48
C THR BA 40 41.26 70.22 -47.11
N PRO BA 41 40.56 69.09 -46.78
CA PRO BA 41 40.74 68.39 -45.48
C PRO BA 41 42.18 68.07 -45.12
N SER BA 42 42.63 68.50 -43.95
CA SER BA 42 44.02 68.27 -43.44
C SER BA 42 43.98 68.01 -41.91
N TRP BA 43 45.02 67.36 -41.38
CA TRP BA 43 45.03 66.96 -39.99
C TRP BA 43 46.30 67.38 -39.27
N ALA BA 44 46.14 67.86 -38.03
CA ALA BA 44 47.18 68.21 -37.10
C ALA BA 44 47.54 66.98 -36.17
N VAL BA 45 48.65 66.34 -36.46
CA VAL BA 45 49.06 65.12 -35.81
C VAL BA 45 50.00 65.48 -34.69
N ASP BA 46 49.83 64.84 -33.54
CA ASP BA 46 50.62 65.16 -32.39
C ASP BA 46 50.62 63.95 -31.46
N MET BA 47 51.08 64.14 -30.22
CA MET BA 47 51.31 62.99 -29.35
C MET BA 47 51.28 63.42 -27.84
N MET BA 48 51.53 62.41 -26.99
CA MET BA 48 51.28 62.47 -25.58
C MET BA 48 51.89 61.29 -24.88
N ARG BA 49 52.78 61.61 -23.95
CA ARG BA 49 53.40 60.71 -23.02
C ARG BA 49 53.06 61.23 -21.63
N PHE BA 50 53.01 60.32 -20.66
CA PHE BA 50 52.64 60.69 -19.30
C PHE BA 50 53.82 60.34 -18.41
N ASN BA 51 54.14 61.25 -17.51
CA ASN BA 51 55.23 61.11 -16.61
C ASN BA 51 54.83 61.64 -15.23
N ILE BA 52 54.90 60.78 -14.24
CA ILE BA 52 54.56 61.13 -12.88
C ILE BA 52 55.32 62.34 -12.35
N ASN BA 53 56.53 62.65 -12.82
CA ASN BA 53 57.11 64.01 -12.53
C ASN BA 53 56.14 65.20 -12.65
N ASP BA 54 55.29 65.21 -13.64
CA ASP BA 54 54.35 66.32 -13.75
C ASP BA 54 53.12 66.18 -12.82
N PHE BA 55 53.00 65.11 -12.06
CA PHE BA 55 51.81 64.90 -11.22
C PHE BA 55 52.08 64.95 -9.73
N LEU BA 56 53.33 64.82 -9.33
CA LEU BA 56 53.69 64.60 -7.96
C LEU BA 56 54.80 65.59 -7.73
N PRO BA 57 54.52 66.73 -7.10
CA PRO BA 57 55.65 67.63 -6.91
C PRO BA 57 56.62 67.05 -5.87
N PRO BA 58 57.82 67.67 -5.73
CA PRO BA 58 58.81 67.28 -4.69
C PRO BA 58 58.24 67.34 -3.28
N GLY BA 59 58.89 66.68 -2.35
CA GLY BA 59 58.46 66.64 -0.94
C GLY BA 59 59.29 67.59 -0.10
N GLY BA 60 59.60 67.21 1.14
CA GLY BA 60 60.42 68.04 2.03
C GLY BA 60 61.30 67.24 2.94
N GLY BA 61 62.45 67.81 3.29
CA GLY BA 61 63.48 67.14 4.09
C GLY BA 61 63.75 65.69 3.68
N SER BA 62 63.69 64.81 4.69
CA SER BA 62 63.91 63.36 4.60
C SER BA 62 62.97 62.63 3.65
N ASN BA 63 61.74 63.14 3.49
CA ASN BA 63 60.73 62.56 2.58
C ASN BA 63 60.81 63.31 1.26
N PRO BA 64 61.64 62.82 0.31
CA PRO BA 64 61.80 63.63 -0.89
C PRO BA 64 60.55 63.65 -1.77
N ARG BA 65 59.56 62.80 -1.50
CA ARG BA 65 58.39 62.78 -2.37
C ARG BA 65 57.09 63.06 -1.60
N SER BA 66 56.19 63.81 -2.24
CA SER BA 66 55.03 64.34 -1.54
C SER BA 66 54.05 63.24 -1.18
N VAL BA 67 54.20 62.06 -1.80
CA VAL BA 67 53.59 60.85 -1.25
C VAL BA 67 54.68 59.90 -0.76
N PRO BA 68 54.50 59.34 0.43
CA PRO BA 68 55.63 58.63 1.08
C PRO BA 68 55.62 57.10 0.82
N PHE BA 69 55.92 56.73 -0.40
CA PHE BA 69 55.94 55.36 -0.81
C PHE BA 69 57.14 55.13 -1.71
N GLU BA 70 57.69 53.93 -1.62
CA GLU BA 70 58.91 53.55 -2.32
C GLU BA 70 58.70 53.10 -3.81
N TYR BA 71 57.57 52.48 -4.08
CA TYR BA 71 57.20 51.93 -5.39
C TYR BA 71 55.84 52.50 -5.91
N TYR BA 72 55.70 52.58 -7.24
CA TYR BA 72 54.42 52.79 -7.91
C TYR BA 72 54.26 52.00 -9.21
N ARG BA 73 53.02 51.89 -9.65
CA ARG BA 73 52.74 51.57 -11.06
C ARG BA 73 51.48 52.22 -11.54
N ILE BA 74 51.44 52.58 -12.82
CA ILE BA 74 50.27 53.23 -13.35
C ILE BA 74 49.30 52.18 -13.84
N ARG BA 75 48.15 52.15 -13.18
CA ARG BA 75 47.09 51.17 -13.42
C ARG BA 75 46.28 51.51 -14.70
N LYS BA 76 45.93 52.80 -14.78
CA LYS BA 76 45.14 53.38 -15.90
C LYS BA 76 45.51 54.88 -16.07
N VAL BA 77 45.32 55.41 -17.27
CA VAL BA 77 45.42 56.84 -17.62
C VAL BA 77 44.09 57.16 -18.25
N LYS BA 78 43.53 58.33 -17.95
CA LYS BA 78 42.40 58.91 -18.66
C LYS BA 78 42.91 60.18 -19.25
N VAL BA 79 42.55 60.46 -20.50
CA VAL BA 79 42.96 61.68 -21.14
C VAL BA 79 41.66 62.30 -21.62
N GLU BA 80 41.39 63.55 -21.23
CA GLU BA 80 40.16 64.30 -21.54
C GLU BA 80 40.44 65.57 -22.36
N PHE BA 81 39.91 65.66 -23.57
CA PHE BA 81 39.93 66.89 -24.39
C PHE BA 81 38.64 67.63 -24.06
N TRP BA 82 38.76 68.74 -23.33
CA TRP BA 82 37.62 69.55 -22.98
C TRP BA 82 37.60 70.72 -23.94
N PRO BA 83 36.66 70.70 -24.89
CA PRO BA 83 36.64 71.74 -25.89
C PRO BA 83 36.38 73.15 -25.31
N CYS BA 84 37.10 74.15 -25.83
CA CYS BA 84 36.85 75.54 -25.50
C CYS BA 84 35.96 76.23 -26.47
N SER BA 85 35.73 75.66 -27.66
CA SER BA 85 34.97 76.39 -28.68
C SER BA 85 33.49 76.33 -28.31
N PRO BA 86 32.74 77.35 -28.67
CA PRO BA 86 31.32 77.30 -28.26
C PRO BA 86 30.49 76.35 -29.15
N ILE BA 87 29.41 75.79 -28.63
CA ILE BA 87 28.65 74.82 -29.45
C ILE BA 87 27.95 75.46 -30.67
N THR BA 88 28.14 76.78 -30.86
CA THR BA 88 27.74 77.50 -32.10
C THR BA 88 28.74 77.53 -33.25
N GLN BA 89 29.93 76.95 -33.05
CA GLN BA 89 31.05 77.13 -34.00
C GLN BA 89 30.89 76.20 -35.20
N GLY BA 90 31.29 76.70 -36.35
CA GLY BA 90 31.22 75.96 -37.61
C GLY BA 90 32.56 75.37 -38.01
N ASP BA 91 32.67 75.10 -39.32
CA ASP BA 91 33.75 74.35 -39.90
C ASP BA 91 34.13 73.14 -39.02
N ARG BA 92 33.11 72.37 -38.69
CA ARG BA 92 33.29 71.15 -37.92
C ARG BA 92 33.95 70.03 -38.68
N GLY BA 93 34.71 69.26 -37.95
CA GLY BA 93 35.50 68.23 -38.53
C GLY BA 93 35.55 66.99 -37.68
N VAL BA 94 36.37 66.08 -38.18
CA VAL BA 94 36.45 64.77 -37.64
C VAL BA 94 37.91 64.26 -37.61
N GLY BA 95 38.33 63.85 -36.43
CA GLY BA 95 39.66 63.30 -36.24
C GLY BA 95 39.72 61.90 -35.65
N SER BA 96 40.80 61.63 -34.92
CA SER BA 96 41.16 60.28 -34.43
C SER BA 96 42.13 60.35 -33.25
N SER BA 97 41.88 59.52 -32.26
CA SER BA 97 42.87 59.33 -31.22
C SER BA 97 43.20 57.88 -31.28
N ALA BA 98 44.40 57.53 -30.86
CA ALA BA 98 44.80 56.14 -30.84
C ALA BA 98 45.81 55.84 -29.72
N VAL BA 99 45.74 54.59 -29.26
CA VAL BA 99 46.59 54.14 -28.21
C VAL BA 99 47.80 53.44 -28.79
N ILE BA 100 48.95 54.00 -28.39
CA ILE BA 100 50.28 53.72 -28.88
C ILE BA 100 51.12 53.35 -27.65
N LEU BA 101 51.40 52.03 -27.51
CA LEU BA 101 52.04 51.51 -26.30
C LEU BA 101 53.54 51.25 -26.41
N ASP BA 102 54.07 51.52 -27.59
CA ASP BA 102 55.45 51.24 -27.88
C ASP BA 102 56.27 52.51 -28.18
N ASP BA 103 55.76 53.69 -27.83
CA ASP BA 103 56.49 54.96 -27.95
C ASP BA 103 56.90 55.27 -29.39
N ASN BA 104 56.10 54.84 -30.37
CA ASN BA 104 56.35 55.08 -31.80
C ASN BA 104 55.12 55.74 -32.42
N PHE BA 105 55.17 57.06 -32.48
CA PHE BA 105 54.05 57.87 -32.86
C PHE BA 105 54.19 58.21 -34.28
N VAL BA 106 53.11 58.52 -34.94
CA VAL BA 106 53.18 59.17 -36.23
C VAL BA 106 53.86 60.51 -35.98
N THR BA 107 54.86 60.75 -36.82
CA THR BA 107 55.54 62.04 -36.83
C THR BA 107 54.56 63.23 -36.84
N LYS BA 108 54.86 64.16 -35.91
CA LYS BA 108 54.16 65.45 -35.74
C LYS BA 108 54.04 66.19 -37.04
N ALA BA 109 52.86 66.73 -37.32
CA ALA BA 109 52.59 67.36 -38.62
C ALA BA 109 51.56 68.50 -38.49
N THR BA 110 51.79 69.64 -39.12
CA THR BA 110 50.78 70.70 -38.98
C THR BA 110 49.53 70.43 -39.81
N ALA BA 111 49.74 69.92 -41.04
CA ALA BA 111 48.65 69.68 -41.96
C ALA BA 111 48.84 68.51 -42.93
N LEU BA 112 48.86 67.29 -42.38
CA LEU BA 112 48.90 66.08 -43.19
C LEU BA 112 47.64 66.02 -44.04
N THR BA 113 47.78 65.58 -45.26
CA THR BA 113 46.66 65.40 -46.21
C THR BA 113 45.67 64.25 -45.88
N TYR BA 114 45.89 63.48 -44.83
CA TYR BA 114 45.00 62.37 -44.44
C TYR BA 114 45.12 62.15 -42.88
N ASP BA 115 44.10 61.51 -42.31
CA ASP BA 115 44.12 61.17 -40.92
C ASP BA 115 44.90 59.85 -40.74
N PRO BA 116 46.16 59.95 -40.27
CA PRO BA 116 47.01 58.77 -40.28
C PRO BA 116 46.58 57.76 -39.24
N TYR BA 117 45.80 58.15 -38.22
CA TYR BA 117 45.37 57.18 -37.19
C TYR BA 117 43.96 56.61 -37.46
N VAL BA 118 43.30 56.96 -38.57
CA VAL BA 118 41.91 56.54 -38.73
C VAL BA 118 41.78 55.00 -38.78
N ASN BA 119 42.78 54.29 -39.28
CA ASN BA 119 42.68 52.85 -39.42
C ASN BA 119 43.29 52.09 -38.24
N TYR BA 120 43.77 52.80 -37.23
CA TYR BA 120 44.44 52.11 -36.14
C TYR BA 120 43.37 51.32 -35.42
N SER BA 121 43.71 50.11 -35.02
CA SER BA 121 42.79 49.24 -34.28
C SER BA 121 42.23 49.95 -33.06
N SER BA 122 43.07 50.61 -32.29
CA SER BA 122 42.65 51.28 -31.08
C SER BA 122 42.01 52.66 -31.34
N ARG BA 123 41.83 53.05 -32.59
CA ARG BA 123 41.25 54.35 -32.90
C ARG BA 123 39.84 54.59 -32.34
N HIS BA 124 39.57 55.83 -31.94
CA HIS BA 124 38.26 56.35 -31.57
C HIS BA 124 38.14 57.65 -32.36
N THR BA 125 36.93 57.97 -32.78
CA THR BA 125 36.65 59.13 -33.56
C THR BA 125 36.60 60.34 -32.68
N ILE BA 126 37.29 61.42 -33.06
CA ILE BA 126 37.16 62.69 -32.35
C ILE BA 126 36.18 63.61 -33.06
N THR BA 127 35.27 64.25 -32.34
CA THR BA 127 34.31 65.18 -32.98
C THR BA 127 34.71 66.65 -32.68
N GLN BA 128 34.84 67.48 -33.70
CA GLN BA 128 35.45 68.81 -33.50
C GLN BA 128 34.51 69.89 -33.98
N PRO BA 129 34.52 71.06 -33.36
CA PRO BA 129 35.45 71.52 -32.34
C PRO BA 129 34.91 71.64 -30.95
N PHE BA 130 33.60 71.44 -30.79
CA PHE BA 130 32.90 71.71 -29.51
C PHE BA 130 32.52 70.50 -28.67
N SER BA 131 33.18 69.35 -28.86
CA SER BA 131 32.76 68.10 -28.20
C SER BA 131 33.81 67.55 -27.28
N TYR BA 132 33.34 67.02 -26.17
CA TYR BA 132 34.20 66.24 -25.28
C TYR BA 132 34.85 65.05 -26.02
N HIS BA 133 35.97 64.57 -25.51
CA HIS BA 133 36.59 63.34 -26.02
C HIS BA 133 37.48 62.78 -24.93
N SER BA 134 37.34 61.49 -24.63
CA SER BA 134 38.21 60.84 -23.69
C SER BA 134 38.66 59.49 -24.14
N ARG BA 135 39.89 59.13 -23.75
CA ARG BA 135 40.40 57.76 -23.81
C ARG BA 135 40.84 57.37 -22.42
N TYR BA 136 40.66 56.11 -22.09
CA TYR BA 136 40.99 55.53 -20.82
C TYR BA 136 41.65 54.20 -21.09
N PHE BA 137 42.87 53.99 -20.60
CA PHE BA 137 43.64 52.74 -20.90
C PHE BA 137 44.83 52.56 -19.98
N THR BA 138 45.35 51.37 -19.99
CA THR BA 138 46.59 51.14 -19.26
C THR BA 138 47.71 51.59 -20.15
N PRO BA 139 48.44 52.64 -19.79
CA PRO BA 139 49.67 53.01 -20.55
C PRO BA 139 50.82 52.09 -20.24
N LYS BA 140 51.93 52.31 -20.88
CA LYS BA 140 53.08 51.45 -20.61
C LYS BA 140 54.33 52.26 -20.42
N PRO BA 141 55.21 51.77 -19.56
CA PRO BA 141 56.51 52.46 -19.43
C PRO BA 141 57.44 52.21 -20.60
N VAL BA 142 58.33 53.17 -20.79
CA VAL BA 142 59.40 53.08 -21.79
C VAL BA 142 60.65 52.52 -21.13
N LEU BA 143 60.77 51.20 -21.19
CA LEU BA 143 61.78 50.48 -20.49
C LEU BA 143 63.08 50.41 -21.28
N ASP BA 144 62.99 50.45 -22.59
CA ASP BA 144 64.16 50.32 -23.44
C ASP BA 144 63.66 50.75 -24.80
N SER BA 145 63.82 52.02 -25.12
CA SER BA 145 63.32 52.59 -26.38
C SER BA 145 64.10 52.11 -27.63
N THR BA 146 65.11 51.25 -27.50
CA THR BA 146 65.68 50.60 -28.69
C THR BA 146 64.79 49.45 -29.25
N ILE BA 147 64.27 48.64 -28.32
CA ILE BA 147 63.40 47.53 -28.60
C ILE BA 147 61.92 47.92 -28.46
N ASP BA 148 61.62 48.81 -27.52
CA ASP BA 148 60.28 49.28 -27.26
C ASP BA 148 59.38 48.12 -27.04
N TYR BA 149 59.52 47.46 -25.89
CA TYR BA 149 58.63 46.37 -25.51
C TYR BA 149 57.74 46.80 -24.35
N PHE BA 150 56.70 46.00 -24.10
CA PHE BA 150 55.76 46.20 -23.00
C PHE BA 150 54.97 44.98 -22.66
N GLN BA 151 54.56 44.89 -21.39
CA GLN BA 151 53.70 43.80 -20.89
C GLN BA 151 52.28 43.80 -21.51
N PRO BA 152 51.65 42.61 -21.70
CA PRO BA 152 50.26 42.62 -22.02
C PRO BA 152 49.48 43.15 -20.85
N ASN BA 153 48.28 43.61 -21.16
CA ASN BA 153 47.40 44.36 -20.23
C ASN BA 153 46.87 43.30 -19.21
N ASN BA 154 47.14 43.55 -17.92
CA ASN BA 154 47.07 42.52 -16.84
C ASN BA 154 46.98 43.21 -15.47
N LYS BA 155 46.62 42.43 -14.46
CA LYS BA 155 46.55 42.94 -13.09
C LYS BA 155 47.81 42.61 -12.24
N ARG BA 156 47.89 41.41 -11.67
CA ARG BA 156 48.95 41.10 -10.71
C ARG BA 156 50.33 40.90 -11.29
N ASN BA 157 50.52 40.90 -12.60
CA ASN BA 157 51.86 40.80 -13.17
C ASN BA 157 52.51 42.10 -13.65
N GLN BA 158 51.85 43.25 -13.47
CA GLN BA 158 52.40 44.53 -13.93
C GLN BA 158 53.65 44.95 -13.12
N LEU BA 159 54.71 45.22 -13.87
CA LEU BA 159 55.95 45.66 -13.33
C LEU BA 159 55.78 46.79 -12.31
N TRP BA 160 56.35 46.62 -11.12
CA TRP BA 160 56.52 47.73 -10.12
C TRP BA 160 57.72 48.59 -10.47
N LEU BA 161 57.54 49.90 -10.40
CA LEU BA 161 58.64 50.87 -10.57
C LEU BA 161 59.02 51.69 -9.32
N ARG BA 162 60.31 51.94 -9.11
CA ARG BA 162 60.78 52.88 -8.10
C ARG BA 162 60.18 54.29 -8.35
N LEU BA 163 59.51 54.78 -7.29
CA LEU BA 163 59.16 56.20 -7.19
C LEU BA 163 60.43 57.05 -7.00
N GLN BA 164 60.76 57.79 -8.05
CA GLN BA 164 61.96 58.60 -8.10
C GLN BA 164 61.56 60.05 -7.82
N THR BA 165 62.49 60.77 -7.24
CA THR BA 165 62.23 62.16 -6.99
C THR BA 165 62.15 62.92 -8.31
N ALA BA 166 63.01 62.57 -9.27
CA ALA BA 166 63.17 63.40 -10.48
C ALA BA 166 63.31 62.68 -11.82
N GLY BA 167 63.78 61.46 -11.85
CA GLY BA 167 64.16 60.90 -13.12
C GLY BA 167 63.13 59.96 -13.66
N ASN BA 168 61.85 60.27 -13.43
CA ASN BA 168 60.85 59.24 -13.59
C ASN BA 168 60.67 58.88 -15.08
N VAL BA 169 60.36 57.62 -15.31
CA VAL BA 169 60.22 57.09 -16.63
C VAL BA 169 58.92 57.56 -17.29
N ASP BA 170 59.04 57.89 -18.54
CA ASP BA 170 57.96 58.24 -19.38
C ASP BA 170 57.10 57.00 -19.50
N HIS BA 171 55.78 57.15 -19.36
CA HIS BA 171 54.84 56.16 -19.82
C HIS BA 171 54.17 56.57 -21.15
N VAL BA 172 53.59 55.63 -21.86
CA VAL BA 172 53.31 55.92 -23.23
C VAL BA 172 51.94 55.42 -23.70
N GLY BA 173 51.34 56.23 -24.57
CA GLY BA 173 49.92 56.19 -24.74
C GLY BA 173 49.28 56.87 -25.92
N LEU BA 174 49.23 58.18 -26.06
CA LEU BA 174 48.16 58.66 -26.98
C LEU BA 174 48.57 59.51 -28.19
N GLY BA 175 48.11 59.12 -29.40
CA GLY BA 175 48.44 59.84 -30.63
C GLY BA 175 47.13 60.45 -31.13
N THR BA 176 47.21 61.67 -31.66
CA THR BA 176 46.00 62.43 -32.05
C THR BA 176 46.12 63.07 -33.40
N ALA BA 177 45.03 63.03 -34.14
CA ALA BA 177 44.92 63.71 -35.40
C ALA BA 177 43.65 64.56 -35.32
N PHE BA 178 43.80 65.88 -35.42
CA PHE BA 178 42.69 66.85 -35.37
C PHE BA 178 42.50 67.51 -36.73
N GLU BA 179 41.28 67.46 -37.28
CA GLU BA 179 41.07 68.07 -38.55
C GLU BA 179 41.27 69.57 -38.35
N ASN BA 180 41.94 70.15 -39.34
CA ASN BA 180 42.22 71.55 -39.38
C ASN BA 180 40.93 72.24 -39.76
N SER BA 181 40.78 73.49 -39.29
CA SER BA 181 39.58 74.32 -39.41
C SER BA 181 39.99 75.73 -39.84
N ILE BA 182 39.05 76.36 -40.52
CA ILE BA 182 39.09 77.79 -40.82
C ILE BA 182 39.28 78.68 -39.57
N TYR BA 183 38.73 78.27 -38.40
CA TYR BA 183 38.90 78.90 -37.06
C TYR BA 183 39.94 78.17 -36.16
N ASP BA 184 40.40 78.82 -35.08
CA ASP BA 184 41.22 78.16 -34.03
C ASP BA 184 40.40 77.14 -33.24
N GLN BA 185 41.02 76.07 -32.79
CA GLN BA 185 40.30 75.11 -31.95
C GLN BA 185 41.12 74.91 -30.71
N GLU BA 186 40.66 75.41 -29.59
CA GLU BA 186 41.36 75.23 -28.32
C GLU BA 186 40.70 74.17 -27.50
N TYR BA 187 41.53 73.60 -26.64
CA TYR BA 187 41.10 72.62 -25.67
C TYR BA 187 41.94 72.86 -24.44
N ASN BA 188 41.31 72.69 -23.29
CA ASN BA 188 41.99 72.31 -22.09
C ASN BA 188 42.02 70.82 -22.13
N ILE BA 189 43.15 70.23 -21.84
CA ILE BA 189 43.30 68.78 -21.79
C ILE BA 189 43.56 68.52 -20.35
N ARG BA 190 42.80 67.66 -19.74
CA ARG BA 190 43.16 67.15 -18.43
C ARG BA 190 43.50 65.69 -18.51
N VAL BA 191 44.75 65.36 -18.19
CA VAL BA 191 45.19 64.01 -17.96
C VAL BA 191 45.06 63.66 -16.48
N THR BA 192 44.61 62.43 -16.21
CA THR BA 192 44.48 61.85 -14.87
C THR BA 192 45.17 60.50 -14.87
N MET BA 193 46.15 60.27 -14.00
CA MET BA 193 46.79 58.97 -13.92
C MET BA 193 46.19 58.28 -12.72
N TYR BA 194 45.77 57.02 -12.87
CA TYR BA 194 45.28 56.19 -11.74
C TYR BA 194 46.42 55.30 -11.32
N VAL BA 195 47.15 55.75 -10.28
CA VAL BA 195 48.38 55.13 -9.80
C VAL BA 195 48.19 54.30 -8.59
N GLN BA 196 48.92 53.22 -8.55
CA GLN BA 196 48.93 52.37 -7.38
C GLN BA 196 50.32 52.45 -6.74
N PHE BA 197 50.35 52.85 -5.48
CA PHE BA 197 51.60 53.03 -4.76
C PHE BA 197 51.77 51.87 -3.80
N ARG BA 198 53.02 51.43 -3.63
CA ARG BA 198 53.37 50.35 -2.71
C ARG BA 198 54.50 50.73 -1.81
N GLU BA 199 54.40 50.31 -0.54
CA GLU BA 199 55.48 50.32 0.44
C GLU BA 199 55.68 51.70 1.02
N PHE BA 200 54.89 51.96 2.05
CA PHE BA 200 54.99 53.15 2.89
C PHE BA 200 56.40 53.25 3.50
N ASN BA 201 57.12 54.34 3.17
CA ASN BA 201 58.50 54.61 3.63
C ASN BA 201 58.63 55.89 4.42
N LEU BA 202 57.56 56.41 5.04
CA LEU BA 202 57.76 57.67 5.78
C LEU BA 202 58.88 57.68 6.82
N LYS BA 203 59.81 58.59 6.62
CA LYS BA 203 60.91 58.89 7.56
C LYS BA 203 60.46 59.97 8.56
N ASP BA 204 60.83 59.81 9.83
CA ASP BA 204 60.41 60.76 10.90
C ASP BA 204 61.59 61.13 11.82
N PRO BA 205 62.37 62.18 11.42
CA PRO BA 205 63.45 62.80 12.25
C PRO BA 205 62.92 63.51 13.51
N PRO BA 206 63.72 63.63 14.59
CA PRO BA 206 63.26 64.39 15.78
C PRO BA 206 63.63 65.88 15.71
N LEU BA 207 63.52 66.59 16.86
CA LEU BA 207 64.06 67.99 17.17
C LEU BA 207 63.24 69.04 16.48
N SER CA 19 -36.41 28.19 -52.91
CA SER CA 19 -37.30 26.97 -53.07
C SER CA 19 -38.58 26.93 -52.17
N HIS CA 20 -38.47 27.32 -50.89
CA HIS CA 20 -39.56 27.21 -49.88
C HIS CA 20 -39.68 28.63 -49.27
N PHE CA 21 -40.77 29.36 -49.46
CA PHE CA 21 -40.90 30.73 -48.92
C PHE CA 21 -42.13 30.93 -47.97
N ASN CA 22 -41.85 31.26 -46.71
CA ASN CA 22 -42.90 31.50 -45.69
C ASN CA 22 -43.24 32.97 -45.52
N THR CA 23 -44.49 33.32 -45.44
CA THR CA 23 -44.84 34.70 -45.27
C THR CA 23 -46.23 34.83 -44.71
N ARG CA 24 -46.56 36.07 -44.44
CA ARG CA 24 -47.72 36.41 -43.71
C ARG CA 24 -48.50 37.44 -44.48
N LEU CA 25 -49.78 37.18 -44.65
CA LEU CA 25 -50.63 37.98 -45.52
C LEU CA 25 -51.87 38.36 -44.76
N SER CA 26 -52.26 39.65 -44.82
CA SER CA 26 -53.45 40.10 -44.09
C SER CA 26 -54.46 40.94 -44.87
N ARG CA 27 -55.68 40.91 -44.37
CA ARG CA 27 -56.75 41.78 -44.87
C ARG CA 27 -57.61 42.10 -43.72
N THR CA 28 -58.45 43.13 -43.89
CA THR CA 28 -59.25 43.65 -42.80
C THR CA 28 -60.57 44.11 -43.37
N PHE CA 29 -61.65 43.58 -42.80
CA PHE CA 29 -63.01 43.98 -43.20
C PHE CA 29 -63.92 44.31 -41.97
N GLY CA 30 -65.02 45.04 -42.22
CA GLY CA 30 -66.00 45.41 -41.19
C GLY CA 30 -67.01 44.30 -40.90
N TYR CA 31 -67.49 44.23 -39.66
CA TYR CA 31 -68.57 43.33 -39.24
C TYR CA 31 -69.42 44.05 -38.22
N THR CA 32 -70.73 44.14 -38.47
CA THR CA 32 -71.63 44.75 -37.54
C THR CA 32 -72.66 43.74 -37.18
N ILE CA 33 -72.87 43.56 -35.90
CA ILE CA 33 -73.99 42.85 -35.34
C ILE CA 33 -74.94 43.94 -34.96
N LYS CA 34 -76.14 43.89 -35.51
CA LYS CA 34 -77.08 45.02 -35.41
C LYS CA 34 -77.86 44.95 -34.14
N ARG CA 35 -78.21 46.13 -33.61
CA ARG CA 35 -79.00 46.24 -32.39
C ARG CA 35 -80.35 45.51 -32.51
N THR CA 36 -80.78 44.79 -31.45
CA THR CA 36 -82.08 44.14 -31.36
C THR CA 36 -82.81 44.52 -30.10
N THR CA 37 -84.10 44.18 -30.10
CA THR CA 37 -85.03 44.52 -29.01
C THR CA 37 -85.59 43.31 -28.28
N VAL CA 38 -85.45 42.10 -28.86
CA VAL CA 38 -85.56 40.81 -28.12
C VAL CA 38 -85.00 40.96 -26.68
N LYS CA 39 -85.78 40.50 -25.70
CA LYS CA 39 -85.52 40.84 -24.28
C LYS CA 39 -84.55 39.79 -23.76
N THR CA 40 -84.91 38.53 -24.00
CA THR CA 40 -84.08 37.38 -23.64
C THR CA 40 -82.76 37.28 -24.41
N PRO CA 41 -81.74 36.65 -23.79
CA PRO CA 41 -80.51 36.40 -24.54
C PRO CA 41 -80.74 35.68 -25.87
N SER CA 42 -80.28 36.28 -26.95
CA SER CA 42 -80.14 35.60 -28.24
C SER CA 42 -78.75 35.78 -28.88
N TRP CA 43 -78.47 35.00 -29.92
CA TRP CA 43 -77.12 34.96 -30.49
C TRP CA 43 -77.12 35.18 -32.00
N ALA CA 44 -76.20 36.00 -32.47
CA ALA CA 44 -75.99 36.20 -33.86
C ALA CA 44 -74.93 35.19 -34.30
N VAL CA 45 -75.31 34.34 -35.26
CA VAL CA 45 -74.60 33.16 -35.66
C VAL CA 45 -74.18 33.39 -37.06
N ASP CA 46 -72.89 33.24 -37.27
CA ASP CA 46 -72.31 33.38 -38.58
C ASP CA 46 -71.06 32.45 -38.70
N MET CA 47 -70.26 32.69 -39.72
CA MET CA 47 -69.21 31.79 -40.12
C MET CA 47 -68.20 32.50 -40.98
N MET CA 48 -67.07 31.83 -41.10
CA MET CA 48 -65.93 32.32 -41.81
C MET CA 48 -65.22 31.26 -42.61
N ARG CA 49 -65.07 31.54 -43.89
CA ARG CA 49 -64.10 30.82 -44.69
C ARG CA 49 -62.93 31.72 -45.06
N PHE CA 50 -61.85 31.13 -45.58
CA PHE CA 50 -60.61 31.85 -45.96
C PHE CA 50 -60.20 31.45 -47.35
N ASN CA 51 -59.98 32.42 -48.23
CA ASN CA 51 -59.64 32.09 -49.60
C ASN CA 51 -58.49 32.98 -50.03
N ILE CA 52 -57.37 32.40 -50.45
CA ILE CA 52 -56.17 33.17 -50.80
C ILE CA 52 -56.43 34.25 -51.89
N ASN CA 53 -57.44 34.04 -52.75
CA ASN CA 53 -57.91 35.04 -53.70
C ASN CA 53 -57.96 36.40 -53.03
N ASP CA 54 -58.39 36.45 -51.76
CA ASP CA 54 -58.54 37.70 -51.03
C ASP CA 54 -57.29 38.27 -50.39
N PHE CA 55 -56.16 37.59 -50.48
CA PHE CA 55 -54.95 38.04 -49.79
C PHE CA 55 -53.84 38.44 -50.73
N LEU CA 56 -53.92 37.91 -51.92
CA LEU CA 56 -52.91 37.96 -52.95
C LEU CA 56 -53.55 38.43 -54.27
N PRO CA 57 -53.35 39.72 -54.64
CA PRO CA 57 -53.87 40.23 -55.91
C PRO CA 57 -53.26 39.58 -57.18
N PRO CA 58 -53.96 39.69 -58.32
CA PRO CA 58 -53.36 39.30 -59.64
C PRO CA 58 -52.03 40.03 -59.96
N GLY CA 59 -51.09 39.31 -60.57
CA GLY CA 59 -49.80 39.86 -60.99
C GLY CA 59 -49.93 40.51 -62.34
N GLY CA 60 -48.87 40.48 -63.14
CA GLY CA 60 -48.85 41.14 -64.45
C GLY CA 60 -48.09 40.41 -65.54
N GLY CA 61 -48.60 40.51 -66.77
CA GLY CA 61 -48.07 39.77 -67.94
C GLY CA 61 -47.84 38.26 -67.74
N SER CA 62 -46.59 37.86 -67.87
CA SER CA 62 -46.16 36.47 -67.69
C SER CA 62 -46.17 35.88 -66.26
N ASN CA 63 -46.44 36.74 -65.26
CA ASN CA 63 -46.46 36.37 -63.86
C ASN CA 63 -47.87 36.69 -63.36
N PRO CA 64 -48.81 35.75 -63.53
CA PRO CA 64 -50.19 36.08 -63.24
C PRO CA 64 -50.48 36.33 -61.79
N ARG CA 65 -49.68 35.80 -60.85
CA ARG CA 65 -49.91 36.08 -59.39
C ARG CA 65 -48.79 36.94 -58.78
N SER CA 66 -49.16 37.81 -57.86
CA SER CA 66 -48.23 38.78 -57.27
C SER CA 66 -47.03 38.17 -56.49
N VAL CA 67 -47.17 36.94 -55.99
CA VAL CA 67 -45.97 36.14 -55.65
C VAL CA 67 -45.69 35.07 -56.68
N PRO CA 68 -44.46 35.01 -57.11
CA PRO CA 68 -44.17 34.14 -58.26
C PRO CA 68 -43.79 32.72 -57.83
N PHE CA 69 -44.80 32.00 -57.43
CA PHE CA 69 -44.66 30.69 -56.90
C PHE CA 69 -45.76 29.79 -57.41
N GLU CA 70 -45.41 28.50 -57.52
CA GLU CA 70 -46.23 27.52 -58.20
C GLU CA 70 -47.21 26.83 -57.26
N TYR CA 71 -46.73 26.49 -56.06
CA TYR CA 71 -47.53 25.76 -55.06
C TYR CA 71 -47.74 26.59 -53.74
N TYR CA 72 -48.85 26.34 -53.01
CA TYR CA 72 -48.93 26.79 -51.59
C TYR CA 72 -49.55 25.77 -50.62
N ARG CA 73 -49.38 25.96 -49.34
CA ARG CA 73 -50.32 25.43 -48.39
C ARG CA 73 -50.36 26.39 -47.25
N ILE CA 74 -51.52 26.46 -46.60
CA ILE CA 74 -51.73 27.46 -45.58
C ILE CA 74 -51.40 26.80 -44.26
N ARG CA 75 -50.30 27.22 -43.68
CA ARG CA 75 -49.78 26.65 -42.47
C ARG CA 75 -50.67 26.94 -41.24
N LYS CA 76 -51.22 28.15 -41.18
CA LYS CA 76 -51.94 28.68 -40.03
C LYS CA 76 -52.80 29.92 -40.39
N VAL CA 77 -53.88 30.15 -39.67
CA VAL CA 77 -54.76 31.29 -39.87
C VAL CA 77 -54.90 31.97 -38.52
N LYS CA 78 -54.74 33.28 -38.46
CA LYS CA 78 -55.10 34.02 -37.28
C LYS CA 78 -56.28 34.91 -37.67
N VAL CA 79 -57.34 34.84 -36.89
CA VAL CA 79 -58.51 35.68 -37.05
C VAL CA 79 -58.59 36.54 -35.79
N GLU CA 80 -58.57 37.86 -36.03
CA GLU CA 80 -58.61 38.86 -34.97
C GLU CA 80 -59.83 39.68 -35.07
N PHE CA 81 -60.57 39.76 -33.99
CA PHE CA 81 -61.70 40.66 -33.94
C PHE CA 81 -61.29 41.92 -33.18
N TRP CA 82 -61.17 43.07 -33.86
CA TRP CA 82 -60.76 44.26 -33.12
C TRP CA 82 -61.94 45.10 -32.88
N PRO CA 83 -62.45 45.14 -31.69
CA PRO CA 83 -63.70 45.79 -31.42
C PRO CA 83 -63.68 47.28 -31.61
N CYS CA 84 -64.76 47.80 -32.21
CA CYS CA 84 -64.92 49.23 -32.37
C CYS CA 84 -65.52 49.90 -31.17
N SER CA 85 -66.39 49.20 -30.44
CA SER CA 85 -67.12 49.82 -29.33
C SER CA 85 -66.18 50.25 -28.23
N PRO CA 86 -66.50 51.36 -27.57
CA PRO CA 86 -65.63 51.90 -26.55
C PRO CA 86 -65.74 51.08 -25.26
N ILE CA 87 -64.76 51.22 -24.35
CA ILE CA 87 -64.77 50.45 -23.09
C ILE CA 87 -65.85 50.92 -22.10
N THR CA 88 -66.53 52.02 -22.45
CA THR CA 88 -67.77 52.44 -21.78
C THR CA 88 -69.10 51.79 -22.19
N GLN CA 89 -69.14 51.01 -23.26
CA GLN CA 89 -70.42 50.50 -23.74
C GLN CA 89 -70.98 49.43 -22.81
N GLY CA 90 -72.29 49.49 -22.63
CA GLY CA 90 -72.99 48.58 -21.72
C GLY CA 90 -73.59 47.42 -22.48
N ASP CA 91 -74.60 46.84 -21.87
CA ASP CA 91 -75.20 45.58 -22.34
C ASP CA 91 -74.14 44.62 -22.88
N ARG CA 92 -73.17 44.32 -22.04
CA ARG CA 92 -72.09 43.44 -22.38
C ARG CA 92 -72.63 42.06 -22.42
N GLY CA 93 -71.93 41.22 -23.18
CA GLY CA 93 -72.43 39.89 -23.57
C GLY CA 93 -71.33 38.85 -23.66
N VAL CA 94 -71.77 37.64 -23.96
CA VAL CA 94 -70.85 36.54 -23.99
C VAL CA 94 -71.16 35.61 -25.14
N GLY CA 95 -70.12 35.28 -25.88
CA GLY CA 95 -70.26 34.50 -27.09
C GLY CA 95 -69.23 33.38 -27.25
N SER CA 96 -69.26 32.78 -28.46
CA SER CA 96 -68.38 31.68 -28.76
C SER CA 96 -67.86 31.74 -30.18
N SER CA 97 -66.61 31.37 -30.32
CA SER CA 97 -66.04 31.08 -31.60
C SER CA 97 -65.67 29.60 -31.60
N ALA CA 98 -65.77 28.92 -32.73
CA ALA CA 98 -65.31 27.51 -32.79
C ALA CA 98 -64.64 27.13 -34.12
N VAL CA 99 -63.69 26.21 -34.07
CA VAL CA 99 -62.96 25.83 -35.26
C VAL CA 99 -63.71 24.74 -36.02
N ILE CA 100 -64.10 25.05 -37.23
CA ILE CA 100 -64.89 24.18 -38.05
C ILE CA 100 -64.06 23.79 -39.24
N LEU CA 101 -63.57 22.56 -39.29
CA LEU CA 101 -62.59 22.11 -40.26
C LEU CA 101 -63.20 21.33 -41.44
N ASP CA 102 -64.50 21.11 -41.34
CA ASP CA 102 -65.20 20.31 -42.34
C ASP CA 102 -66.21 21.11 -43.14
N ASP CA 103 -66.25 22.45 -43.06
CA ASP CA 103 -67.13 23.24 -43.95
C ASP CA 103 -68.63 23.00 -43.65
N ASN CA 104 -68.92 22.64 -42.40
CA ASN CA 104 -70.27 22.43 -41.90
C ASN CA 104 -70.57 23.33 -40.71
N PHE CA 105 -70.99 24.55 -41.01
CA PHE CA 105 -71.19 25.57 -40.02
C PHE CA 105 -72.64 25.56 -39.62
N VAL CA 106 -72.92 25.98 -38.42
CA VAL CA 106 -74.27 26.18 -37.94
C VAL CA 106 -74.96 27.28 -38.79
N THR CA 107 -76.21 27.00 -39.16
CA THR CA 107 -76.95 27.90 -40.02
C THR CA 107 -76.96 29.26 -39.44
N LYS CA 108 -76.56 30.17 -40.32
CA LYS CA 108 -76.71 31.59 -40.11
C LYS CA 108 -78.03 32.04 -39.51
N ALA CA 109 -77.97 32.87 -38.49
CA ALA CA 109 -79.15 33.21 -37.69
C ALA CA 109 -79.02 34.58 -37.12
N THR CA 110 -80.12 35.35 -37.10
CA THR CA 110 -80.09 36.72 -36.48
C THR CA 110 -80.17 36.72 -34.94
N ALA CA 111 -81.01 35.81 -34.41
CA ALA CA 111 -81.27 35.75 -33.00
C ALA CA 111 -81.69 34.35 -32.53
N LEU CA 112 -80.77 33.40 -32.67
CA LEU CA 112 -80.94 32.07 -32.09
C LEU CA 112 -81.04 32.20 -30.61
N THR CA 113 -81.81 31.35 -29.97
CA THR CA 113 -82.08 31.44 -28.52
C THR CA 113 -81.08 30.76 -27.63
N TYR CA 114 -80.04 30.20 -28.21
CA TYR CA 114 -78.88 29.69 -27.43
C TYR CA 114 -77.65 29.97 -28.23
N ASP CA 115 -76.51 29.75 -27.59
CA ASP CA 115 -75.20 29.87 -28.26
C ASP CA 115 -74.91 28.47 -28.73
N PRO CA 116 -75.11 28.23 -30.01
CA PRO CA 116 -74.92 26.93 -30.56
C PRO CA 116 -73.51 26.40 -30.63
N TYR CA 117 -72.49 27.19 -30.34
CA TYR CA 117 -71.12 26.69 -30.40
C TYR CA 117 -70.46 26.44 -29.03
N VAL CA 118 -71.20 26.76 -27.98
CA VAL CA 118 -70.62 26.88 -26.68
C VAL CA 118 -70.06 25.54 -26.25
N ASN CA 119 -70.70 24.46 -26.69
CA ASN CA 119 -70.27 23.16 -26.28
C ASN CA 119 -69.11 22.54 -27.12
N TYR CA 120 -68.68 23.23 -28.16
CA TYR CA 120 -67.81 22.62 -29.12
C TYR CA 120 -66.45 22.41 -28.45
N SER CA 121 -65.74 21.36 -28.79
CA SER CA 121 -64.48 21.10 -28.12
C SER CA 121 -63.46 22.25 -28.36
N SER CA 122 -63.53 22.86 -29.54
CA SER CA 122 -62.64 23.91 -29.98
C SER CA 122 -63.17 25.31 -29.68
N ARG CA 123 -64.16 25.41 -28.81
CA ARG CA 123 -64.75 26.70 -28.48
C ARG CA 123 -63.85 27.56 -27.63
N HIS CA 124 -63.74 28.83 -27.97
CA HIS CA 124 -63.19 29.86 -27.07
C HIS CA 124 -64.30 30.86 -26.89
N THR CA 125 -64.28 31.42 -25.69
CA THR CA 125 -65.26 32.38 -25.27
C THR CA 125 -64.92 33.75 -25.83
N ILE CA 126 -65.95 34.47 -26.23
CA ILE CA 126 -65.83 35.79 -26.78
C ILE CA 126 -66.46 36.76 -25.79
N THR CA 127 -65.74 37.79 -25.43
CA THR CA 127 -66.18 38.74 -24.42
C THR CA 127 -66.61 40.00 -25.19
N GLN CA 128 -67.81 40.53 -24.94
CA GLN CA 128 -68.42 41.61 -25.79
C GLN CA 128 -68.84 42.82 -24.98
N PRO CA 129 -68.81 44.02 -25.55
CA PRO CA 129 -68.53 44.32 -26.96
C PRO CA 129 -67.21 44.99 -27.23
N PHE CA 130 -66.44 45.25 -26.18
CA PHE CA 130 -65.26 46.13 -26.29
C PHE CA 130 -63.97 45.31 -26.19
N SER CA 131 -64.04 44.00 -26.30
CA SER CA 131 -62.81 43.21 -26.05
C SER CA 131 -62.30 42.62 -27.33
N TYR CA 132 -61.00 42.46 -27.36
CA TYR CA 132 -60.31 41.77 -28.46
C TYR CA 132 -60.59 40.28 -28.35
N HIS CA 133 -60.62 39.56 -29.46
CA HIS CA 133 -60.79 38.08 -29.48
C HIS CA 133 -59.98 37.56 -30.66
N SER CA 134 -59.16 36.51 -30.43
CA SER CA 134 -58.41 35.95 -31.55
C SER CA 134 -58.35 34.48 -31.52
N ARG CA 135 -58.31 33.88 -32.71
CA ARG CA 135 -58.13 32.42 -32.86
C ARG CA 135 -56.99 32.21 -33.84
N TYR CA 136 -56.25 31.11 -33.61
CA TYR CA 136 -55.06 30.79 -34.37
C TYR CA 136 -55.00 29.30 -34.46
N PHE CA 137 -55.16 28.78 -35.68
CA PHE CA 137 -55.23 27.37 -35.94
C PHE CA 137 -54.85 27.02 -37.38
N THR CA 138 -54.63 25.73 -37.63
CA THR CA 138 -54.44 25.26 -38.99
C THR CA 138 -55.80 25.02 -39.64
N PRO CA 139 -56.15 25.82 -40.62
CA PRO CA 139 -57.40 25.61 -41.37
C PRO CA 139 -57.25 24.45 -42.36
N LYS CA 140 -58.29 24.13 -43.13
CA LYS CA 140 -58.22 23.02 -44.05
C LYS CA 140 -58.89 23.33 -45.38
N PRO CA 141 -58.27 22.92 -46.47
CA PRO CA 141 -58.95 23.10 -47.73
C PRO CA 141 -60.27 22.29 -47.90
N VAL CA 142 -61.25 22.88 -48.62
CA VAL CA 142 -62.47 22.19 -49.07
C VAL CA 142 -62.18 21.44 -50.40
N LEU CA 143 -61.66 20.24 -50.25
CA LEU CA 143 -61.31 19.35 -51.33
C LEU CA 143 -62.49 18.66 -51.91
N ASP CA 144 -63.47 18.28 -51.09
CA ASP CA 144 -64.70 17.64 -51.59
C ASP CA 144 -65.90 17.96 -50.70
N SER CA 145 -66.73 18.95 -51.09
CA SER CA 145 -67.90 19.35 -50.22
C SER CA 145 -68.98 18.29 -49.96
N THR CA 146 -68.92 17.15 -50.63
CA THR CA 146 -69.76 16.01 -50.34
C THR CA 146 -69.29 15.16 -49.21
N ILE CA 147 -68.02 14.78 -49.23
CA ILE CA 147 -67.46 13.92 -48.21
C ILE CA 147 -66.88 14.77 -47.10
N ASP CA 148 -66.30 15.92 -47.42
CA ASP CA 148 -65.76 16.83 -46.41
C ASP CA 148 -64.76 16.21 -45.53
N TYR CA 149 -63.70 15.70 -46.15
CA TYR CA 149 -62.57 15.16 -45.44
C TYR CA 149 -61.42 16.15 -45.32
N PHE CA 150 -60.60 15.93 -44.30
CA PHE CA 150 -59.43 16.77 -44.07
C PHE CA 150 -58.29 16.05 -43.37
N GLN CA 151 -57.08 16.58 -43.49
CA GLN CA 151 -55.87 15.98 -42.87
C GLN CA 151 -55.74 16.33 -41.39
N PRO CA 152 -55.26 15.37 -40.56
CA PRO CA 152 -54.82 15.70 -39.24
C PRO CA 152 -53.73 16.75 -39.27
N ASN CA 153 -53.77 17.55 -38.22
CA ASN CA 153 -52.94 18.74 -38.06
C ASN CA 153 -51.50 18.17 -38.08
N ASN CA 154 -50.62 18.85 -38.82
CA ASN CA 154 -49.36 18.23 -39.29
C ASN CA 154 -48.39 19.29 -39.90
N LYS CA 155 -47.15 18.83 -40.06
CA LYS CA 155 -46.13 19.63 -40.74
C LYS CA 155 -45.68 19.02 -42.12
N ARG CA 156 -44.80 18.04 -42.12
CA ARG CA 156 -44.25 17.52 -43.39
C ARG CA 156 -45.19 16.66 -44.24
N ASN CA 157 -46.43 16.38 -43.81
CA ASN CA 157 -47.42 15.69 -44.64
C ASN CA 157 -48.56 16.53 -45.23
N GLN CA 158 -48.64 17.79 -44.91
CA GLN CA 158 -49.75 18.61 -45.42
C GLN CA 158 -49.71 18.78 -46.94
N LEU CA 159 -50.85 18.52 -47.56
CA LEU CA 159 -51.01 18.73 -48.97
C LEU CA 159 -50.48 20.11 -49.46
N TRP CA 160 -49.78 20.09 -50.59
CA TRP CA 160 -49.51 21.29 -51.41
C TRP CA 160 -50.65 21.50 -52.37
N LEU CA 161 -50.94 22.75 -52.68
CA LEU CA 161 -52.00 23.17 -53.58
C LEU CA 161 -51.39 24.07 -54.64
N ARG CA 162 -51.91 24.00 -55.85
CA ARG CA 162 -51.53 24.92 -56.90
C ARG CA 162 -51.96 26.34 -56.55
N LEU CA 163 -51.04 27.30 -56.77
CA LEU CA 163 -51.37 28.74 -56.67
C LEU CA 163 -52.02 29.11 -57.95
N GLN CA 164 -53.29 29.47 -57.84
CA GLN CA 164 -54.10 29.80 -58.96
C GLN CA 164 -54.25 31.30 -59.10
N THR CA 165 -54.58 31.65 -60.35
CA THR CA 165 -54.81 33.05 -60.66
C THR CA 165 -56.08 33.48 -59.91
N ALA CA 166 -57.14 32.68 -60.15
CA ALA CA 166 -58.54 33.09 -59.99
C ALA CA 166 -59.45 32.20 -59.15
N GLY CA 167 -59.33 30.90 -59.25
CA GLY CA 167 -60.35 30.10 -58.61
C GLY CA 167 -59.77 29.31 -57.50
N ASN CA 168 -59.07 29.95 -56.56
CA ASN CA 168 -58.45 29.19 -55.50
C ASN CA 168 -59.51 28.55 -54.59
N VAL CA 169 -59.10 27.53 -53.89
CA VAL CA 169 -59.98 26.68 -53.15
C VAL CA 169 -60.23 27.31 -51.80
N ASP CA 170 -61.48 27.33 -51.35
CA ASP CA 170 -61.79 27.84 -50.01
C ASP CA 170 -61.10 26.99 -48.96
N HIS CA 171 -60.56 27.65 -47.95
CA HIS CA 171 -60.14 26.97 -46.73
C HIS CA 171 -61.06 27.34 -45.58
N VAL CA 172 -61.08 26.52 -44.57
CA VAL CA 172 -62.21 26.55 -43.74
C VAL CA 172 -61.77 26.34 -42.33
N GLY CA 173 -62.64 26.91 -41.49
CA GLY CA 173 -62.19 27.35 -40.22
C GLY CA 173 -63.23 27.83 -39.27
N LEU CA 174 -63.81 29.04 -39.42
CA LEU CA 174 -64.44 29.64 -38.20
C LEU CA 174 -65.92 29.90 -38.13
N GLY CA 175 -66.54 29.37 -37.08
CA GLY CA 175 -67.95 29.62 -36.74
C GLY CA 175 -68.01 30.60 -35.57
N THR CA 176 -68.97 31.53 -35.62
CA THR CA 176 -69.14 32.49 -34.55
C THR CA 176 -70.59 32.61 -34.02
N ALA CA 177 -70.66 32.89 -32.72
CA ALA CA 177 -71.88 33.21 -32.00
C ALA CA 177 -71.64 34.44 -31.09
N PHE CA 178 -72.12 35.61 -31.53
CA PHE CA 178 -72.04 36.83 -30.76
C PHE CA 178 -73.37 37.07 -30.09
N GLU CA 179 -73.42 37.30 -28.79
CA GLU CA 179 -74.68 37.59 -28.13
C GLU CA 179 -75.22 38.95 -28.60
N ASN CA 180 -76.54 39.03 -28.72
CA ASN CA 180 -77.15 40.24 -29.24
C ASN CA 180 -77.22 41.27 -28.11
N SER CA 181 -77.31 42.55 -28.53
CA SER CA 181 -77.39 43.65 -27.61
C SER CA 181 -78.45 44.68 -28.04
N ILE CA 182 -78.93 45.39 -27.05
CA ILE CA 182 -79.57 46.72 -27.14
C ILE CA 182 -78.83 47.74 -28.05
N TYR CA 183 -77.47 47.70 -28.07
CA TYR CA 183 -76.64 48.55 -28.95
C TYR CA 183 -75.97 47.78 -30.10
N ASP CA 184 -75.63 48.49 -31.17
CA ASP CA 184 -74.87 47.93 -32.27
C ASP CA 184 -73.53 47.50 -31.75
N GLN CA 185 -72.90 46.51 -32.38
CA GLN CA 185 -71.57 46.07 -31.97
C GLN CA 185 -70.79 45.91 -33.24
N GLU CA 186 -69.82 46.76 -33.46
CA GLU CA 186 -69.03 46.80 -34.69
C GLU CA 186 -67.67 46.19 -34.40
N TYR CA 187 -67.08 45.55 -35.42
CA TYR CA 187 -65.72 45.03 -35.31
C TYR CA 187 -64.97 45.33 -36.56
N ASN CA 188 -63.69 45.69 -36.48
CA ASN CA 188 -62.76 45.38 -37.60
C ASN CA 188 -62.15 43.99 -37.44
N ILE CA 189 -62.42 43.16 -38.44
CA ILE CA 189 -61.93 41.83 -38.42
C ILE CA 189 -60.68 41.77 -39.27
N ARG CA 190 -59.54 41.54 -38.62
CA ARG CA 190 -58.33 41.26 -39.34
C ARG CA 190 -58.06 39.75 -39.47
N VAL CA 191 -57.99 39.20 -40.70
CA VAL CA 191 -57.54 37.83 -40.90
C VAL CA 191 -56.10 37.80 -41.42
N THR CA 192 -55.30 36.89 -40.88
CA THR CA 192 -53.92 36.70 -41.32
C THR CA 192 -53.66 35.22 -41.64
N MET CA 193 -53.16 34.98 -42.84
CA MET CA 193 -52.74 33.66 -43.32
C MET CA 193 -51.21 33.54 -43.29
N TYR CA 194 -50.72 32.48 -42.67
CA TYR CA 194 -49.28 32.19 -42.63
C TYR CA 194 -49.15 31.15 -43.71
N VAL CA 195 -48.61 31.59 -44.86
CA VAL CA 195 -48.54 30.76 -46.03
C VAL CA 195 -47.15 30.32 -46.34
N GLN CA 196 -47.02 29.11 -46.77
CA GLN CA 196 -45.75 28.63 -47.19
C GLN CA 196 -45.93 28.40 -48.70
N PHE CA 197 -45.09 29.07 -49.48
CA PHE CA 197 -45.03 28.90 -50.94
C PHE CA 197 -43.86 28.01 -51.38
N ARG CA 198 -44.01 27.34 -52.52
CA ARG CA 198 -42.98 26.41 -53.04
C ARG CA 198 -42.91 26.48 -54.57
N GLU CA 199 -41.67 26.46 -55.07
CA GLU CA 199 -41.31 26.44 -56.48
C GLU CA 199 -41.37 27.82 -57.01
N PHE CA 200 -40.31 28.59 -56.78
CA PHE CA 200 -40.10 29.87 -57.51
C PHE CA 200 -40.34 29.61 -58.99
N ASN CA 201 -41.14 30.44 -59.63
CA ASN CA 201 -41.49 30.22 -61.00
C ASN CA 201 -41.37 31.48 -61.89
N LEU CA 202 -40.69 32.53 -61.43
CA LEU CA 202 -40.70 33.83 -62.13
C LEU CA 202 -40.33 33.77 -63.60
N LYS CA 203 -41.16 34.38 -64.43
CA LYS CA 203 -40.88 34.40 -65.87
C LYS CA 203 -40.33 35.78 -66.22
N ASP CA 204 -39.40 35.86 -67.18
CA ASP CA 204 -38.63 37.03 -67.55
C ASP CA 204 -38.56 37.25 -69.06
N PRO CA 205 -39.66 37.71 -69.68
CA PRO CA 205 -39.61 37.85 -71.14
C PRO CA 205 -38.81 39.08 -71.54
N PRO CA 206 -38.24 39.14 -72.76
CA PRO CA 206 -37.31 40.23 -73.06
C PRO CA 206 -38.00 41.42 -73.71
N SER DA 19 -37.77 40.12 -43.06
CA SER DA 19 -37.84 38.88 -43.92
C SER DA 19 -36.87 39.03 -45.12
N HIS DA 20 -35.91 38.11 -45.19
CA HIS DA 20 -35.03 37.95 -46.33
C HIS DA 20 -35.45 36.80 -47.17
N PHE DA 21 -35.37 37.02 -48.48
CA PHE DA 21 -35.66 36.03 -49.46
C PHE DA 21 -34.49 35.97 -50.41
N ASN DA 22 -33.80 34.84 -50.41
CA ASN DA 22 -32.74 34.56 -51.36
C ASN DA 22 -33.24 33.85 -52.58
N THR DA 23 -32.80 34.34 -53.74
CA THR DA 23 -33.17 33.68 -54.97
C THR DA 23 -32.20 33.91 -56.07
N ARG DA 24 -32.56 33.39 -57.23
CA ARG DA 24 -31.72 33.26 -58.39
C ARG DA 24 -32.49 33.62 -59.70
N LEU DA 25 -32.01 34.60 -60.47
CA LEU DA 25 -32.69 35.10 -61.67
C LEU DA 25 -31.78 34.86 -62.83
N SER DA 26 -32.31 34.38 -63.97
CA SER DA 26 -31.45 34.19 -65.12
C SER DA 26 -31.99 34.86 -66.35
N ARG DA 27 -31.07 35.18 -67.26
CA ARG DA 27 -31.43 35.48 -68.65
C ARG DA 27 -30.37 35.02 -69.61
N THR DA 28 -30.78 34.77 -70.85
CA THR DA 28 -29.88 34.24 -71.85
C THR DA 28 -29.97 35.12 -73.05
N PHE DA 29 -28.84 35.48 -73.66
CA PHE DA 29 -28.80 36.26 -74.91
C PHE DA 29 -27.67 35.82 -75.84
N GLY DA 30 -27.76 36.21 -77.12
CA GLY DA 30 -26.75 35.84 -78.12
C GLY DA 30 -25.57 36.76 -78.05
N TYR DA 31 -24.39 36.21 -78.36
CA TYR DA 31 -23.12 36.97 -78.64
C TYR DA 31 -22.38 36.35 -79.86
N THR DA 32 -22.13 37.15 -80.90
CA THR DA 32 -21.34 36.68 -82.03
C THR DA 32 -20.11 37.50 -82.31
N ILE DA 33 -18.98 36.83 -82.41
CA ILE DA 33 -17.75 37.42 -82.89
C ILE DA 33 -17.65 37.01 -84.34
N LYS DA 34 -17.60 38.02 -85.18
CA LYS DA 34 -17.56 37.83 -86.62
C LYS DA 34 -16.15 37.48 -87.08
N ARG DA 35 -16.11 36.75 -88.18
CA ARG DA 35 -14.90 36.22 -88.71
C ARG DA 35 -14.00 37.37 -89.20
N THR DA 36 -12.69 37.26 -89.10
CA THR DA 36 -11.77 38.20 -89.74
C THR DA 36 -10.76 37.46 -90.58
N THR DA 37 -10.14 38.25 -91.45
CA THR DA 37 -9.12 37.78 -92.37
C THR DA 37 -7.75 38.22 -91.88
N VAL DA 38 -7.71 39.23 -91.00
CA VAL DA 38 -6.49 39.63 -90.31
C VAL DA 38 -5.74 38.33 -89.94
N LYS DA 39 -4.46 38.34 -90.29
CA LYS DA 39 -3.60 37.13 -90.29
C LYS DA 39 -3.16 36.92 -88.82
N THR DA 40 -2.60 37.97 -88.24
CA THR DA 40 -2.00 37.91 -86.92
C THR DA 40 -3.04 37.78 -85.84
N PRO DA 41 -2.63 37.16 -84.72
CA PRO DA 41 -3.53 37.06 -83.60
C PRO DA 41 -3.98 38.44 -83.24
N SER DA 42 -5.31 38.54 -83.10
CA SER DA 42 -6.03 39.75 -82.68
C SER DA 42 -7.24 39.37 -81.78
N TRP DA 43 -7.75 40.36 -81.04
CA TRP DA 43 -8.76 40.14 -80.02
C TRP DA 43 -9.93 41.12 -80.12
N ALA DA 44 -11.11 40.53 -80.08
CA ALA DA 44 -12.34 41.21 -79.94
C ALA DA 44 -12.53 41.53 -78.43
N VAL DA 45 -12.67 42.83 -78.16
CA VAL DA 45 -12.69 43.31 -76.82
C VAL DA 45 -14.00 44.00 -76.58
N ASP DA 46 -14.68 43.52 -75.53
CA ASP DA 46 -16.02 43.97 -75.15
C ASP DA 46 -16.17 43.88 -73.61
N MET DA 47 -17.40 43.93 -73.13
CA MET DA 47 -17.70 44.16 -71.70
C MET DA 47 -19.17 43.88 -71.41
N MET DA 48 -19.50 43.90 -70.12
CA MET DA 48 -20.77 43.47 -69.61
C MET DA 48 -21.05 44.22 -68.37
N ARG DA 49 -22.27 44.74 -68.32
CA ARG DA 49 -22.86 45.19 -67.08
C ARG DA 49 -24.11 44.38 -66.77
N PHE DA 50 -24.50 44.35 -65.49
CA PHE DA 50 -25.65 43.63 -65.02
C PHE DA 50 -26.65 44.60 -64.44
N ASN DA 51 -27.91 44.49 -64.83
CA ASN DA 51 -28.94 45.32 -64.28
C ASN DA 51 -30.23 44.53 -63.97
N ILE DA 52 -30.72 44.61 -62.74
CA ILE DA 52 -31.95 43.91 -62.40
C ILE DA 52 -33.18 44.29 -63.28
N ASN DA 53 -33.22 45.46 -63.92
CA ASN DA 53 -34.32 45.70 -64.90
C ASN DA 53 -34.44 44.53 -65.91
N ASP DA 54 -33.31 44.03 -66.39
CA ASP DA 54 -33.23 42.93 -67.36
C ASP DA 54 -33.59 41.54 -66.80
N PHE DA 55 -33.74 41.41 -65.48
CA PHE DA 55 -34.00 40.10 -64.84
C PHE DA 55 -35.36 39.82 -64.20
N LEU DA 56 -36.10 40.89 -63.91
CA LEU DA 56 -37.32 40.99 -63.12
C LEU DA 56 -38.31 41.79 -63.93
N PRO DA 57 -39.43 41.24 -64.33
CA PRO DA 57 -40.28 42.19 -65.11
C PRO DA 57 -41.22 43.08 -64.27
N PRO DA 58 -41.83 44.06 -64.96
CA PRO DA 58 -42.88 44.84 -64.23
C PRO DA 58 -44.02 43.97 -63.68
N GLY DA 59 -44.62 44.47 -62.62
CA GLY DA 59 -45.65 43.76 -61.87
C GLY DA 59 -46.99 44.15 -62.43
N GLY DA 60 -48.01 44.08 -61.62
CA GLY DA 60 -49.36 44.47 -62.04
C GLY DA 60 -50.04 45.10 -60.87
N GLY DA 61 -50.94 46.02 -61.17
CA GLY DA 61 -51.72 46.71 -60.11
C GLY DA 61 -50.93 47.55 -59.10
N SER DA 62 -51.13 47.27 -57.82
CA SER DA 62 -50.50 48.00 -56.71
C SER DA 62 -49.15 47.44 -56.32
N ASN DA 63 -48.74 46.34 -56.99
CA ASN DA 63 -47.40 45.72 -56.79
C ASN DA 63 -46.56 45.87 -58.08
N PRO DA 64 -45.83 47.03 -58.21
CA PRO DA 64 -45.16 47.39 -59.45
C PRO DA 64 -44.06 46.44 -59.88
N ARG DA 65 -43.51 45.64 -58.97
CA ARG DA 65 -42.45 44.74 -59.32
C ARG DA 65 -42.92 43.34 -59.06
N SER DA 66 -42.48 42.40 -59.91
CA SER DA 66 -42.92 40.98 -59.86
C SER DA 66 -42.43 40.18 -58.64
N VAL DA 67 -41.39 40.65 -57.94
CA VAL DA 67 -41.17 40.20 -56.56
C VAL DA 67 -41.55 41.37 -55.69
N PRO DA 68 -42.39 41.11 -54.68
CA PRO DA 68 -42.92 42.16 -53.83
C PRO DA 68 -42.03 42.34 -52.65
N PHE DA 69 -40.91 42.97 -52.93
CA PHE DA 69 -39.99 43.39 -51.88
C PHE DA 69 -39.47 44.82 -52.16
N GLU DA 70 -39.12 45.49 -51.07
CA GLU DA 70 -38.69 46.87 -51.05
C GLU DA 70 -37.19 47.05 -51.35
N TYR DA 71 -36.35 46.17 -50.81
CA TYR DA 71 -34.90 46.33 -50.94
C TYR DA 71 -34.28 45.07 -51.60
N TYR DA 72 -33.09 45.25 -52.15
CA TYR DA 72 -32.32 44.15 -52.73
C TYR DA 72 -30.82 44.42 -52.68
N ARG DA 73 -30.05 43.35 -52.76
CA ARG DA 73 -28.65 43.45 -53.11
C ARG DA 73 -28.21 42.17 -53.79
N ILE DA 74 -27.25 42.32 -54.72
CA ILE DA 74 -26.79 41.22 -55.55
C ILE DA 74 -25.57 40.59 -54.92
N ARG DA 75 -25.78 39.37 -54.49
CA ARG DA 75 -24.83 38.70 -53.65
C ARG DA 75 -23.62 38.18 -54.46
N LYS DA 76 -23.97 37.70 -55.66
CA LYS DA 76 -23.10 37.02 -56.64
C LYS DA 76 -23.71 37.08 -58.00
N VAL DA 77 -22.88 37.14 -59.03
CA VAL DA 77 -23.28 36.99 -60.45
C VAL DA 77 -22.55 35.82 -61.05
N LYS DA 78 -23.21 35.03 -61.88
CA LYS DA 78 -22.54 34.00 -62.66
C LYS DA 78 -22.69 34.38 -64.10
N VAL DA 79 -21.58 34.50 -64.80
CA VAL DA 79 -21.63 34.69 -66.22
C VAL DA 79 -21.13 33.42 -66.95
N GLU DA 80 -21.99 32.84 -67.80
CA GLU DA 80 -21.67 31.61 -68.46
C GLU DA 80 -21.67 31.82 -69.94
N PHE DA 81 -20.55 31.52 -70.59
CA PHE DA 81 -20.46 31.53 -72.05
C PHE DA 81 -20.67 30.11 -72.57
N TRP DA 82 -21.82 29.87 -73.19
CA TRP DA 82 -22.12 28.57 -73.67
C TRP DA 82 -21.86 28.55 -75.18
N PRO DA 83 -20.80 27.86 -75.62
CA PRO DA 83 -20.42 27.84 -77.04
C PRO DA 83 -21.48 27.22 -77.95
N CYS DA 84 -21.73 27.89 -79.07
CA CYS DA 84 -22.45 27.30 -80.18
C CYS DA 84 -21.58 26.44 -81.10
N SER DA 85 -20.30 26.76 -81.22
CA SER DA 85 -19.49 26.13 -82.26
C SER DA 85 -19.25 24.67 -81.90
N PRO DA 86 -19.15 23.84 -82.92
CA PRO DA 86 -19.13 22.40 -82.60
C PRO DA 86 -17.75 22.02 -82.17
N ILE DA 87 -17.60 20.86 -81.51
CA ILE DA 87 -16.25 20.45 -81.10
C ILE DA 87 -15.34 20.06 -82.30
N THR DA 88 -15.88 20.06 -83.51
CA THR DA 88 -15.08 20.01 -84.73
C THR DA 88 -14.41 21.31 -85.20
N GLN DA 89 -14.77 22.49 -84.72
CA GLN DA 89 -14.29 23.75 -85.37
C GLN DA 89 -12.82 24.06 -85.05
N GLY DA 90 -12.12 24.56 -86.07
CA GLY DA 90 -10.72 24.94 -86.00
C GLY DA 90 -10.46 26.41 -85.69
N ASP DA 91 -9.28 26.85 -86.07
CA ASP DA 91 -8.70 28.12 -85.69
C ASP DA 91 -8.93 28.53 -84.22
N ARG DA 92 -8.76 27.57 -83.33
CA ARG DA 92 -8.97 27.75 -81.95
C ARG DA 92 -7.99 28.75 -81.35
N GLY DA 93 -8.56 29.70 -80.62
CA GLY DA 93 -7.82 30.74 -79.97
C GLY DA 93 -7.88 30.55 -78.47
N VAL DA 94 -7.35 31.55 -77.80
CA VAL DA 94 -7.26 31.67 -76.38
C VAL DA 94 -7.43 33.18 -76.00
N GLY DA 95 -8.24 33.45 -74.99
CA GLY DA 95 -8.64 34.78 -74.59
C GLY DA 95 -8.71 34.92 -73.10
N SER DA 96 -9.31 36.03 -72.68
CA SER DA 96 -9.41 36.38 -71.25
C SER DA 96 -10.69 37.01 -70.83
N SER DA 97 -11.05 36.73 -69.59
CA SER DA 97 -12.11 37.49 -68.92
C SER DA 97 -11.51 38.05 -67.68
N ALA DA 98 -12.00 39.20 -67.25
CA ALA DA 98 -11.52 39.85 -66.03
C ALA DA 98 -12.67 40.56 -65.33
N VAL DA 99 -12.55 40.61 -64.00
CA VAL DA 99 -13.54 41.27 -63.16
C VAL DA 99 -13.11 42.71 -62.96
N ILE DA 100 -14.06 43.57 -63.25
CA ILE DA 100 -13.91 44.97 -63.37
C ILE DA 100 -15.05 45.58 -62.55
N LEU DA 101 -14.67 45.94 -61.31
CA LEU DA 101 -15.56 46.38 -60.25
C LEU DA 101 -15.79 47.91 -60.19
N ASP DA 102 -15.11 48.67 -61.05
CA ASP DA 102 -15.10 50.12 -60.99
C ASP DA 102 -15.72 50.76 -62.25
N ASP DA 103 -16.33 49.95 -63.12
CA ASP DA 103 -17.00 50.46 -64.30
C ASP DA 103 -16.06 51.13 -65.31
N ASN DA 104 -14.81 50.66 -65.36
CA ASN DA 104 -13.81 51.18 -66.28
C ASN DA 104 -13.20 50.03 -67.11
N PHE DA 105 -13.84 49.75 -68.23
CA PHE DA 105 -13.48 48.64 -69.07
C PHE DA 105 -12.54 49.06 -70.13
N VAL DA 106 -11.67 48.16 -70.58
CA VAL DA 106 -10.91 48.42 -71.80
C VAL DA 106 -11.92 48.66 -72.91
N THR DA 107 -11.59 49.70 -73.68
CA THR DA 107 -12.42 50.16 -74.78
C THR DA 107 -12.73 49.07 -75.78
N LYS DA 108 -14.00 49.08 -76.17
CA LYS DA 108 -14.51 48.08 -77.06
C LYS DA 108 -13.67 48.10 -78.35
N ALA DA 109 -13.19 46.93 -78.79
CA ALA DA 109 -12.27 46.83 -79.98
C ALA DA 109 -12.59 45.58 -80.81
N THR DA 110 -12.61 45.73 -82.13
CA THR DA 110 -12.83 44.58 -83.02
C THR DA 110 -11.59 43.66 -83.08
N ALA DA 111 -10.41 44.26 -83.07
CA ALA DA 111 -9.18 43.54 -83.32
C ALA DA 111 -7.96 44.21 -82.76
N LEU DA 112 -7.97 44.41 -81.46
CA LEU DA 112 -6.75 44.79 -80.76
C LEU DA 112 -5.67 43.77 -81.05
N THR DA 113 -4.41 44.19 -81.05
CA THR DA 113 -3.26 43.33 -81.43
C THR DA 113 -2.62 42.64 -80.22
N TYR DA 114 -3.27 42.76 -79.07
CA TYR DA 114 -2.90 42.02 -77.87
C TYR DA 114 -4.13 41.83 -77.03
N ASP DA 115 -4.11 40.84 -76.17
CA ASP DA 115 -5.21 40.57 -75.26
C ASP DA 115 -5.06 41.54 -74.08
N PRO DA 116 -5.82 42.64 -74.07
CA PRO DA 116 -5.58 43.61 -73.03
C PRO DA 116 -5.92 43.16 -71.62
N TYR DA 117 -6.65 42.05 -71.39
CA TYR DA 117 -6.95 41.64 -70.02
C TYR DA 117 -6.10 40.51 -69.47
N VAL DA 118 -5.17 40.01 -70.25
CA VAL DA 118 -4.43 38.81 -69.84
C VAL DA 118 -3.65 39.01 -68.54
N ASN DA 119 -3.05 40.19 -68.32
CA ASN DA 119 -2.21 40.37 -67.11
C ASN DA 119 -3.09 40.73 -65.87
N TYR DA 120 -4.39 40.98 -66.06
CA TYR DA 120 -5.21 41.36 -64.92
C TYR DA 120 -5.16 40.32 -63.83
N SER DA 121 -5.06 40.77 -62.59
CA SER DA 121 -5.16 39.90 -61.38
C SER DA 121 -6.33 38.97 -61.40
N SER DA 122 -7.49 39.46 -61.85
CA SER DA 122 -8.74 38.71 -61.81
C SER DA 122 -8.92 37.86 -63.09
N ARG DA 123 -7.89 37.80 -63.94
CA ARG DA 123 -8.07 37.20 -65.25
C ARG DA 123 -8.24 35.69 -65.18
N HIS DA 124 -9.19 35.15 -65.92
CA HIS DA 124 -9.26 33.71 -66.16
C HIS DA 124 -9.19 33.49 -67.66
N THR DA 125 -8.53 32.41 -68.01
CA THR DA 125 -8.28 32.12 -69.42
C THR DA 125 -9.58 31.66 -70.10
N ILE DA 126 -9.83 32.10 -71.33
CA ILE DA 126 -10.97 31.62 -72.10
C ILE DA 126 -10.39 30.74 -73.18
N THR DA 127 -11.03 29.60 -73.41
CA THR DA 127 -10.63 28.65 -74.41
C THR DA 127 -11.69 28.75 -75.55
N GLN DA 128 -11.26 28.81 -76.83
CA GLN DA 128 -12.18 29.11 -77.94
C GLN DA 128 -12.01 28.12 -79.08
N PRO DA 129 -13.08 27.72 -79.77
CA PRO DA 129 -14.41 28.36 -79.71
C PRO DA 129 -15.52 27.44 -79.23
N PHE DA 130 -15.19 26.20 -78.89
CA PHE DA 130 -16.17 25.18 -78.49
C PHE DA 130 -16.19 24.85 -76.97
N SER DA 131 -15.78 25.79 -76.14
CA SER DA 131 -15.62 25.50 -74.70
C SER DA 131 -16.49 26.39 -73.87
N TYR DA 132 -16.92 25.83 -72.74
CA TYR DA 132 -17.65 26.60 -71.73
C TYR DA 132 -16.67 27.53 -71.01
N HIS DA 133 -17.12 28.71 -70.64
CA HIS DA 133 -16.32 29.59 -69.79
C HIS DA 133 -17.32 30.19 -68.85
N SER DA 134 -16.98 30.19 -67.57
CA SER DA 134 -17.83 30.87 -66.60
C SER DA 134 -17.03 31.60 -65.58
N ARG DA 135 -17.69 32.59 -64.99
CA ARG DA 135 -17.17 33.47 -63.94
C ARG DA 135 -18.25 33.64 -62.92
N TYR DA 136 -17.81 33.76 -61.67
CA TYR DA 136 -18.70 33.76 -60.50
C TYR DA 136 -18.07 34.66 -59.48
N PHE DA 137 -18.75 35.75 -59.11
CA PHE DA 137 -18.07 36.84 -58.32
C PHE DA 137 -19.08 37.82 -57.81
N THR DA 138 -18.78 38.51 -56.72
CA THR DA 138 -19.69 39.59 -56.24
C THR DA 138 -19.50 40.88 -57.06
N PRO DA 139 -20.54 41.33 -57.77
CA PRO DA 139 -20.39 42.55 -58.58
C PRO DA 139 -20.61 43.77 -57.69
N LYS DA 140 -20.45 44.96 -58.24
CA LYS DA 140 -20.70 46.19 -57.47
C LYS DA 140 -21.62 47.13 -58.17
N PRO DA 141 -22.47 47.84 -57.41
CA PRO DA 141 -23.28 48.88 -58.03
C PRO DA 141 -22.44 50.12 -58.47
N VAL DA 142 -22.85 50.80 -59.54
CA VAL DA 142 -22.18 52.00 -60.01
C VAL DA 142 -22.87 53.11 -59.28
N LEU DA 143 -22.31 53.51 -58.13
CA LEU DA 143 -22.94 54.53 -57.28
C LEU DA 143 -22.66 55.98 -57.71
N ASP DA 144 -21.45 56.23 -58.17
CA ASP DA 144 -21.08 57.55 -58.63
C ASP DA 144 -20.05 57.31 -59.73
N SER DA 145 -20.45 57.51 -60.99
CA SER DA 145 -19.51 57.16 -62.07
C SER DA 145 -18.33 58.13 -62.22
N THR DA 146 -18.29 59.22 -61.50
CA THR DA 146 -17.09 60.09 -61.48
C THR DA 146 -15.90 59.62 -60.60
N ILE DA 147 -16.20 58.99 -59.47
CA ILE DA 147 -15.22 58.52 -58.51
C ILE DA 147 -14.97 57.01 -58.62
N ASP DA 148 -16.05 56.28 -58.93
CA ASP DA 148 -16.11 54.83 -59.14
C ASP DA 148 -15.59 54.12 -57.90
N TYR DA 149 -16.33 54.25 -56.82
CA TYR DA 149 -15.93 53.59 -55.60
C TYR DA 149 -16.77 52.36 -55.37
N PHE DA 150 -16.26 51.46 -54.56
CA PHE DA 150 -17.01 50.28 -54.23
C PHE DA 150 -16.55 49.64 -52.93
N GLN DA 151 -17.42 48.85 -52.29
CA GLN DA 151 -17.08 48.19 -51.00
C GLN DA 151 -16.19 46.99 -51.19
N PRO DA 152 -15.37 46.65 -50.19
CA PRO DA 152 -14.72 45.34 -50.21
C PRO DA 152 -15.68 44.21 -50.13
N ASN DA 153 -15.31 43.14 -50.83
CA ASN DA 153 -16.19 41.97 -51.11
C ASN DA 153 -16.46 41.42 -49.65
N ASN DA 154 -17.71 41.26 -49.19
CA ASN DA 154 -18.04 41.11 -47.71
C ASN DA 154 -19.57 40.94 -47.50
N LYS DA 155 -19.98 40.03 -46.62
CA LYS DA 155 -21.39 39.62 -46.56
C LYS DA 155 -22.25 40.54 -45.62
N ARG DA 156 -22.06 40.53 -44.32
CA ARG DA 156 -22.98 41.28 -43.44
C ARG DA 156 -23.16 42.80 -43.77
N ASN DA 157 -22.07 43.47 -44.22
CA ASN DA 157 -21.95 44.95 -44.49
C ASN DA 157 -22.33 45.52 -45.88
N GLN DA 158 -22.72 44.68 -46.80
CA GLN DA 158 -23.04 45.14 -48.13
C GLN DA 158 -24.22 46.13 -48.17
N LEU DA 159 -24.06 47.22 -48.90
CA LEU DA 159 -25.16 48.15 -49.14
C LEU DA 159 -26.46 47.48 -49.63
N TRP DA 160 -27.58 47.99 -49.15
CA TRP DA 160 -28.92 47.64 -49.62
C TRP DA 160 -29.34 48.70 -50.64
N LEU DA 161 -30.12 48.28 -51.62
CA LEU DA 161 -30.59 49.15 -52.70
C LEU DA 161 -32.09 49.04 -52.80
N ARG DA 162 -32.73 50.16 -53.08
CA ARG DA 162 -34.20 50.15 -53.26
C ARG DA 162 -34.50 49.33 -54.53
N LEU DA 163 -35.49 48.43 -54.50
CA LEU DA 163 -35.94 47.73 -55.74
C LEU DA 163 -36.79 48.71 -56.47
N GLN DA 164 -36.29 49.18 -57.60
CA GLN DA 164 -37.01 50.12 -58.43
C GLN DA 164 -37.80 49.41 -59.53
N THR DA 165 -38.93 49.99 -59.87
CA THR DA 165 -39.73 49.47 -60.98
C THR DA 165 -38.90 49.52 -62.27
N ALA DA 166 -38.19 50.64 -62.42
CA ALA DA 166 -37.67 51.13 -63.68
C ALA DA 166 -36.22 51.66 -63.73
N GLY DA 167 -35.72 52.37 -62.75
CA GLY DA 167 -34.42 52.97 -63.02
C GLY DA 167 -33.25 52.30 -62.34
N ASN DA 168 -33.20 50.96 -62.36
CA ASN DA 168 -32.27 50.28 -61.48
C ASN DA 168 -30.79 50.54 -61.87
N VAL DA 169 -29.98 50.69 -60.84
CA VAL DA 169 -28.61 51.00 -61.02
C VAL DA 169 -27.86 49.85 -61.72
N ASP DA 170 -27.00 50.19 -62.67
CA ASP DA 170 -26.15 49.21 -63.30
C ASP DA 170 -25.18 48.63 -62.24
N HIS DA 171 -24.98 47.33 -62.25
CA HIS DA 171 -23.90 46.69 -61.52
C HIS DA 171 -22.80 46.19 -62.45
N VAL DA 172 -21.63 46.10 -61.92
CA VAL DA 172 -20.52 46.05 -62.77
C VAL DA 172 -19.57 44.97 -62.35
N GLY DA 173 -18.79 44.58 -63.34
CA GLY DA 173 -18.47 43.21 -63.43
C GLY DA 173 -17.48 42.78 -64.42
N LEU DA 174 -17.80 42.60 -65.73
CA LEU DA 174 -16.95 41.69 -66.59
C LEU DA 174 -16.44 42.22 -67.93
N GLY DA 175 -15.11 42.19 -68.09
CA GLY DA 175 -14.44 42.54 -69.34
C GLY DA 175 -14.06 41.26 -70.09
N THR DA 176 -14.23 41.25 -71.43
CA THR DA 176 -13.87 40.13 -72.28
C THR DA 176 -12.99 40.53 -73.40
N ALA DA 177 -12.04 39.64 -73.64
CA ALA DA 177 -11.25 39.63 -74.82
C ALA DA 177 -11.25 38.21 -75.47
N PHE DA 178 -11.96 38.01 -76.58
CA PHE DA 178 -11.93 36.76 -77.37
C PHE DA 178 -10.98 36.89 -78.52
N GLU DA 179 -10.08 35.92 -78.69
CA GLU DA 179 -9.23 35.87 -79.88
C GLU DA 179 -10.10 35.72 -81.15
N ASN DA 180 -9.76 36.47 -82.20
CA ASN DA 180 -10.52 36.49 -83.47
C ASN DA 180 -10.21 35.20 -84.25
N SER DA 181 -11.10 34.81 -85.15
CA SER DA 181 -10.97 33.60 -85.92
C SER DA 181 -11.38 33.76 -87.41
N ILE DA 182 -10.81 32.89 -88.22
CA ILE DA 182 -11.16 32.76 -89.66
C ILE DA 182 -12.64 32.41 -89.80
N TYR DA 183 -13.22 31.80 -88.75
CA TYR DA 183 -14.65 31.46 -88.60
C TYR DA 183 -15.34 32.27 -87.53
N ASP DA 184 -16.67 32.29 -87.66
CA ASP DA 184 -17.54 32.96 -86.69
C ASP DA 184 -17.55 32.13 -85.42
N GLN DA 185 -17.67 32.83 -84.31
CA GLN DA 185 -17.73 32.20 -83.01
C GLN DA 185 -18.94 32.79 -82.37
N GLU DA 186 -19.88 31.93 -82.05
CA GLU DA 186 -21.20 32.31 -81.62
C GLU DA 186 -21.39 31.66 -80.22
N TYR DA 187 -22.01 32.41 -79.30
CA TYR DA 187 -22.26 31.93 -77.94
C TYR DA 187 -23.65 32.25 -77.50
N ASN DA 188 -24.27 31.37 -76.71
CA ASN DA 188 -25.45 31.74 -75.90
C ASN DA 188 -24.87 32.10 -74.55
N ILE DA 189 -25.08 33.33 -74.12
CA ILE DA 189 -24.52 33.79 -72.86
C ILE DA 189 -25.60 33.76 -71.83
N ARG DA 190 -25.40 33.04 -70.73
CA ARG DA 190 -26.36 33.07 -69.62
C ARG DA 190 -25.83 33.76 -68.36
N VAL DA 191 -26.49 34.82 -67.96
CA VAL DA 191 -26.16 35.58 -66.80
C VAL DA 191 -27.20 35.23 -65.81
N THR DA 192 -26.74 34.93 -64.59
CA THR DA 192 -27.56 34.56 -63.45
C THR DA 192 -27.20 35.45 -62.21
N MET DA 193 -28.17 36.12 -61.62
CA MET DA 193 -27.95 36.93 -60.42
C MET DA 193 -28.48 36.21 -59.17
N TYR DA 194 -27.63 36.17 -58.15
CA TYR DA 194 -27.99 35.60 -56.91
C TYR DA 194 -28.26 36.78 -56.00
N VAL DA 195 -29.54 37.04 -55.81
CA VAL DA 195 -30.07 38.29 -55.26
C VAL DA 195 -30.71 38.00 -53.96
N GLN DA 196 -30.36 38.81 -52.96
CA GLN DA 196 -31.03 38.79 -51.66
C GLN DA 196 -32.02 39.98 -51.58
N PHE DA 197 -33.30 39.71 -51.39
CA PHE DA 197 -34.30 40.79 -51.31
C PHE DA 197 -34.57 40.87 -49.84
N ARG DA 198 -34.91 42.09 -49.37
CA ARG DA 198 -35.38 42.31 -47.99
C ARG DA 198 -36.68 43.14 -47.93
N GLU DA 199 -37.48 42.94 -46.88
CA GLU DA 199 -38.76 43.65 -46.66
C GLU DA 199 -39.87 43.31 -47.65
N PHE DA 200 -40.68 42.36 -47.25
CA PHE DA 200 -41.88 42.01 -48.01
C PHE DA 200 -42.72 43.24 -47.95
N ASN DA 201 -43.24 43.70 -49.10
CA ASN DA 201 -44.12 44.87 -49.14
C ASN DA 201 -45.47 44.65 -49.82
N LEU DA 202 -45.94 43.41 -49.96
CA LEU DA 202 -47.14 43.13 -50.80
C LEU DA 202 -48.39 43.94 -50.45
N LYS DA 203 -48.93 44.58 -51.48
CA LYS DA 203 -50.15 45.36 -51.35
C LYS DA 203 -51.33 44.53 -51.81
N ASP DA 204 -52.36 44.43 -50.97
CA ASP DA 204 -53.60 43.73 -51.24
C ASP DA 204 -54.88 44.60 -51.17
N PRO DA 205 -55.21 45.29 -52.27
CA PRO DA 205 -56.41 46.10 -52.30
C PRO DA 205 -57.64 45.21 -52.31
N PRO DA 206 -58.84 45.76 -52.00
CA PRO DA 206 -60.14 45.09 -52.25
C PRO DA 206 -60.56 45.20 -53.71
N SER EA 19 -1.83 40.15 -56.18
CA SER EA 19 -3.10 40.99 -56.29
C SER EA 19 -3.14 42.39 -55.55
N HIS EA 20 -2.43 42.54 -54.40
CA HIS EA 20 -2.38 43.80 -53.60
C HIS EA 20 -1.02 44.32 -53.48
N PHE EA 21 -0.86 45.61 -53.56
CA PHE EA 21 0.46 46.17 -53.43
C PHE EA 21 0.30 47.38 -52.52
N ASN EA 22 0.91 47.31 -51.33
CA ASN EA 22 1.12 48.40 -50.39
C ASN EA 22 2.37 49.20 -50.74
N THR EA 23 2.29 50.53 -50.75
CA THR EA 23 3.50 51.34 -50.83
C THR EA 23 3.32 52.76 -50.32
N ARG EA 24 4.36 53.54 -50.47
CA ARG EA 24 4.52 54.78 -49.82
C ARG EA 24 4.93 55.81 -50.86
N LEU EA 25 4.31 56.96 -50.84
CA LEU EA 25 4.51 57.90 -51.91
C LEU EA 25 4.68 59.24 -51.27
N SER EA 26 5.70 60.01 -51.67
CA SER EA 26 6.04 61.25 -50.96
C SER EA 26 6.18 62.40 -51.91
N ARG EA 27 5.79 63.60 -51.45
CA ARG EA 27 6.21 64.87 -52.08
C ARG EA 27 6.55 65.89 -51.01
N THR EA 28 7.38 66.87 -51.40
CA THR EA 28 7.72 67.97 -50.52
C THR EA 28 7.38 69.29 -51.20
N PHE EA 29 6.85 70.22 -50.41
CA PHE EA 29 6.69 71.59 -50.88
C PHE EA 29 6.91 72.60 -49.77
N GLY EA 30 7.06 73.86 -50.17
CA GLY EA 30 7.30 74.95 -49.19
C GLY EA 30 6.05 75.68 -48.64
N TYR EA 31 6.19 76.12 -47.39
CA TYR EA 31 5.17 76.90 -46.66
C TYR EA 31 5.85 77.97 -45.81
N THR EA 32 5.48 79.22 -46.09
CA THR EA 32 5.95 80.37 -45.39
C THR EA 32 4.78 81.05 -44.73
N ILE EA 33 4.87 81.15 -43.40
CA ILE EA 33 4.09 82.14 -42.63
C ILE EA 33 4.88 83.40 -42.57
N LYS EA 34 4.33 84.47 -43.14
CA LYS EA 34 5.12 85.74 -43.30
C LYS EA 34 5.06 86.61 -42.04
N ARG EA 35 6.14 87.30 -41.72
CA ARG EA 35 6.24 88.05 -40.43
C ARG EA 35 5.09 89.06 -40.22
N THR EA 36 4.69 89.34 -38.99
CA THR EA 36 3.74 90.44 -38.79
C THR EA 36 4.24 91.36 -37.75
N THR EA 37 3.55 92.49 -37.71
CA THR EA 37 3.74 93.54 -36.70
C THR EA 37 2.55 93.66 -35.77
N VAL EA 38 1.52 92.83 -35.91
CA VAL EA 38 0.48 92.71 -34.88
C VAL EA 38 1.20 92.43 -33.56
N LYS EA 39 0.76 93.08 -32.50
CA LYS EA 39 1.48 93.02 -31.20
C LYS EA 39 1.08 91.75 -30.48
N THR EA 40 -0.24 91.64 -30.35
CA THR EA 40 -0.90 90.57 -29.62
C THR EA 40 -0.78 89.22 -30.31
N PRO EA 41 -0.82 88.14 -29.51
CA PRO EA 41 -0.87 86.82 -30.08
C PRO EA 41 -1.97 86.70 -31.11
N SER EA 42 -1.57 86.27 -32.33
CA SER EA 42 -2.44 85.98 -33.50
C SER EA 42 -1.96 84.72 -34.22
N TRP EA 43 -2.79 84.14 -35.07
CA TRP EA 43 -2.53 82.84 -35.70
C TRP EA 43 -2.85 82.81 -37.14
N ALA EA 44 -2.00 82.16 -37.93
CA ALA EA 44 -2.24 81.98 -39.34
C ALA EA 44 -2.99 80.67 -39.56
N VAL EA 45 -4.20 80.75 -40.05
CA VAL EA 45 -4.99 79.57 -40.16
C VAL EA 45 -5.01 79.07 -41.60
N ASP EA 46 -4.70 77.80 -41.80
CA ASP EA 46 -4.77 77.25 -43.16
C ASP EA 46 -5.17 75.76 -43.09
N MET EA 47 -5.11 75.10 -44.24
CA MET EA 47 -5.66 73.77 -44.46
C MET EA 47 -4.81 73.03 -45.46
N MET EA 48 -5.12 71.74 -45.56
CA MET EA 48 -4.42 70.75 -46.33
C MET EA 48 -5.34 69.65 -46.76
N ARG EA 49 -5.43 69.47 -48.06
CA ARG EA 49 -6.03 68.32 -48.65
C ARG EA 49 -4.91 67.49 -49.32
N PHE EA 50 -5.28 66.28 -49.70
CA PHE EA 50 -4.35 65.35 -50.30
C PHE EA 50 -4.93 64.69 -51.51
N ASN EA 51 -4.21 64.76 -52.63
CA ASN EA 51 -4.76 64.18 -53.86
C ASN EA 51 -3.71 63.32 -54.56
N ILE EA 52 -4.10 62.13 -54.97
CA ILE EA 52 -3.12 61.17 -55.53
C ILE EA 52 -2.45 61.67 -56.84
N ASN EA 53 -3.20 62.42 -57.65
CA ASN EA 53 -2.63 63.27 -58.73
C ASN EA 53 -1.25 63.90 -58.40
N ASP EA 54 -1.09 64.50 -57.25
CA ASP EA 54 0.26 65.04 -56.89
C ASP EA 54 1.37 64.05 -56.48
N PHE EA 55 1.02 62.78 -56.33
CA PHE EA 55 1.96 61.76 -55.91
C PHE EA 55 2.35 60.78 -57.00
N LEU EA 56 1.44 60.62 -57.96
CA LEU EA 56 1.51 59.66 -59.05
C LEU EA 56 1.45 60.41 -60.41
N PRO EA 57 2.61 60.58 -61.06
CA PRO EA 57 2.54 61.26 -62.35
C PRO EA 57 1.86 60.32 -63.39
N PRO EA 58 1.59 60.83 -64.59
CA PRO EA 58 1.15 59.96 -65.71
C PRO EA 58 2.14 58.87 -66.16
N GLY EA 59 1.60 57.79 -66.72
CA GLY EA 59 2.40 56.75 -67.37
C GLY EA 59 2.43 57.07 -68.84
N GLY EA 60 2.90 56.11 -69.65
CA GLY EA 60 3.02 56.30 -71.10
C GLY EA 60 2.22 55.26 -71.85
N GLY EA 61 1.71 55.65 -73.01
CA GLY EA 61 0.94 54.74 -73.91
C GLY EA 61 -0.29 54.01 -73.35
N SER EA 62 -0.22 52.70 -73.36
CA SER EA 62 -1.39 51.89 -73.05
C SER EA 62 -1.59 51.69 -71.52
N ASN EA 63 -0.60 52.12 -70.76
CA ASN EA 63 -0.61 52.16 -69.31
C ASN EA 63 -0.57 53.63 -68.82
N PRO EA 64 -1.76 54.24 -68.66
CA PRO EA 64 -1.80 55.69 -68.50
C PRO EA 64 -1.34 56.24 -67.14
N ARG EA 65 -1.25 55.37 -66.12
CA ARG EA 65 -0.76 55.76 -64.79
C ARG EA 65 0.51 54.97 -64.51
N SER EA 66 1.38 55.56 -63.71
CA SER EA 66 2.76 55.05 -63.58
C SER EA 66 2.86 53.80 -62.68
N VAL EA 67 1.79 53.54 -61.90
CA VAL EA 67 1.55 52.24 -61.24
C VAL EA 67 0.38 51.57 -61.94
N PRO EA 68 0.64 50.41 -62.53
CA PRO EA 68 -0.31 49.77 -63.35
C PRO EA 68 -1.28 48.91 -62.50
N PHE EA 69 -2.15 49.61 -61.80
CA PHE EA 69 -3.19 49.03 -61.00
C PHE EA 69 -4.51 49.79 -61.19
N GLU EA 70 -5.64 49.07 -61.05
CA GLU EA 70 -6.95 49.60 -61.38
C GLU EA 70 -7.59 50.38 -60.21
N TYR EA 71 -7.32 49.93 -58.96
CA TYR EA 71 -8.04 50.41 -57.77
C TYR EA 71 -7.07 50.89 -56.70
N TYR EA 72 -7.42 51.91 -55.89
CA TYR EA 72 -6.59 52.24 -54.70
C TYR EA 72 -7.40 52.66 -53.49
N ARG EA 73 -6.70 52.64 -52.38
CA ARG EA 73 -7.23 53.31 -51.22
C ARG EA 73 -6.08 53.72 -50.34
N ILE EA 74 -6.29 54.84 -49.63
CA ILE EA 74 -5.23 55.43 -48.87
C ILE EA 74 -5.41 55.09 -47.42
N ARG EA 75 -4.46 54.31 -46.95
CA ARG EA 75 -4.51 53.68 -45.63
C ARG EA 75 -4.12 54.69 -44.54
N LYS EA 76 -3.06 55.46 -44.85
CA LYS EA 76 -2.50 56.43 -43.95
C LYS EA 76 -1.85 57.60 -44.69
N VAL EA 77 -1.88 58.79 -44.11
CA VAL EA 77 -1.16 59.94 -44.57
C VAL EA 77 -0.26 60.35 -43.42
N LYS EA 78 1.01 60.62 -43.66
CA LYS EA 78 1.88 61.32 -42.74
C LYS EA 78 2.17 62.71 -43.29
N VAL EA 79 1.84 63.74 -42.56
CA VAL EA 79 2.13 65.09 -42.98
C VAL EA 79 3.26 65.48 -42.10
N GLU EA 80 4.39 65.97 -42.60
CA GLU EA 80 5.51 66.37 -41.75
C GLU EA 80 5.85 67.83 -42.00
N PHE EA 81 5.94 68.60 -40.92
CA PHE EA 81 6.43 69.97 -41.00
C PHE EA 81 7.89 69.98 -40.64
N TRP EA 82 8.80 69.98 -41.65
CA TRP EA 82 10.26 70.09 -41.36
C TRP EA 82 10.69 71.55 -41.29
N PRO EA 83 11.07 72.04 -40.07
CA PRO EA 83 11.27 73.49 -39.91
C PRO EA 83 12.49 74.02 -40.66
N CYS EA 84 12.31 75.16 -41.34
CA CYS EA 84 13.49 75.84 -41.94
C CYS EA 84 14.34 76.71 -40.97
N SER EA 85 13.69 77.32 -39.98
CA SER EA 85 14.31 78.32 -39.14
C SER EA 85 15.30 77.65 -38.19
N PRO EA 86 16.36 78.36 -37.79
CA PRO EA 86 17.41 77.75 -36.95
C PRO EA 86 17.03 77.76 -35.48
N ILE EA 87 17.68 76.91 -34.67
CA ILE EA 87 17.41 76.86 -33.22
C ILE EA 87 17.72 78.12 -32.43
N THR EA 88 18.47 79.02 -33.07
CA THR EA 88 18.70 80.37 -32.56
C THR EA 88 17.55 81.32 -32.67
N GLN EA 89 16.58 81.03 -33.52
CA GLN EA 89 15.53 81.98 -33.79
C GLN EA 89 14.60 82.07 -32.57
N GLY EA 90 14.23 83.32 -32.27
CA GLY EA 90 13.37 83.66 -31.16
C GLY EA 90 11.98 84.05 -31.64
N ASP EA 91 11.25 84.82 -30.80
CA ASP EA 91 9.83 85.03 -30.88
C ASP EA 91 9.17 83.69 -31.17
N ARG EA 92 9.39 82.74 -30.25
CA ARG EA 92 8.84 81.38 -30.36
C ARG EA 92 7.41 81.37 -30.01
N GLY EA 93 6.70 80.37 -30.54
CA GLY EA 93 5.27 80.28 -30.46
C GLY EA 93 4.70 78.89 -30.33
N VAL EA 94 3.38 78.89 -30.36
CA VAL EA 94 2.64 77.72 -30.03
C VAL EA 94 1.34 77.71 -30.84
N GLY EA 95 1.10 76.57 -31.52
CA GLY EA 95 -0.05 76.37 -32.45
C GLY EA 95 -0.67 74.99 -32.42
N SER EA 96 -1.32 74.64 -33.51
CA SER EA 96 -2.22 73.47 -33.51
C SER EA 96 -2.42 72.91 -34.91
N SER EA 97 -2.28 71.61 -35.04
CA SER EA 97 -2.88 70.84 -36.13
C SER EA 97 -4.11 70.07 -35.63
N ALA EA 98 -5.12 69.95 -36.48
CA ALA EA 98 -6.23 69.06 -36.16
C ALA EA 98 -6.62 68.23 -37.39
N VAL EA 99 -6.99 67.00 -37.17
CA VAL EA 99 -7.40 66.14 -38.25
C VAL EA 99 -8.89 66.45 -38.54
N ILE EA 100 -9.16 66.87 -39.77
CA ILE EA 100 -10.47 67.22 -40.27
C ILE EA 100 -10.88 66.25 -41.39
N LEU EA 101 -11.83 65.37 -41.12
CA LEU EA 101 -12.19 64.29 -42.02
C LEU EA 101 -13.36 64.64 -42.93
N ASP EA 102 -13.99 65.79 -42.70
CA ASP EA 102 -15.31 66.04 -43.29
C ASP EA 102 -15.24 67.17 -44.25
N ASP EA 103 -14.01 67.55 -44.61
CA ASP EA 103 -13.75 68.63 -45.58
C ASP EA 103 -14.35 69.96 -45.12
N ASN EA 104 -14.32 70.22 -43.81
CA ASN EA 104 -14.89 71.45 -43.22
C ASN EA 104 -13.89 72.15 -42.26
N PHE EA 105 -13.07 72.96 -42.91
CA PHE EA 105 -11.95 73.64 -42.28
C PHE EA 105 -12.33 75.04 -41.78
N VAL EA 106 -11.61 75.47 -40.74
CA VAL EA 106 -11.72 76.83 -40.28
C VAL EA 106 -11.24 77.69 -41.46
N THR EA 107 -12.03 78.70 -41.83
CA THR EA 107 -11.74 79.55 -42.97
C THR EA 107 -10.35 80.11 -42.86
N LYS EA 108 -9.69 80.26 -44.01
CA LYS EA 108 -8.33 80.75 -44.02
C LYS EA 108 -8.22 82.18 -43.42
N ALA EA 109 -7.11 82.46 -42.73
CA ALA EA 109 -6.94 83.70 -41.99
C ALA EA 109 -5.47 84.05 -41.83
N THR EA 110 -5.10 85.32 -42.03
CA THR EA 110 -3.71 85.74 -41.81
C THR EA 110 -3.33 85.88 -40.36
N ALA EA 111 -4.23 86.51 -39.59
CA ALA EA 111 -4.02 86.75 -38.17
C ALA EA 111 -5.30 86.67 -37.32
N LEU EA 112 -5.77 85.46 -37.07
CA LEU EA 112 -6.87 85.31 -36.14
C LEU EA 112 -6.41 85.53 -34.69
N THR EA 113 -7.30 86.13 -33.87
CA THR EA 113 -6.99 86.54 -32.50
C THR EA 113 -6.94 85.41 -31.46
N TYR EA 114 -7.29 84.18 -31.87
CA TYR EA 114 -7.17 82.94 -31.09
C TYR EA 114 -6.80 81.84 -32.06
N ASP EA 115 -6.53 80.65 -31.52
CA ASP EA 115 -6.10 79.47 -32.27
C ASP EA 115 -7.36 78.65 -32.31
N PRO EA 116 -8.07 78.66 -33.44
CA PRO EA 116 -9.36 78.00 -33.55
C PRO EA 116 -9.32 76.48 -33.46
N TYR EA 117 -8.13 75.86 -33.49
CA TYR EA 117 -8.00 74.42 -33.43
C TYR EA 117 -7.53 73.88 -32.10
N VAL EA 118 -7.35 74.74 -31.12
CA VAL EA 118 -6.82 74.27 -29.80
C VAL EA 118 -7.75 73.29 -29.08
N ASN EA 119 -9.03 73.53 -29.18
CA ASN EA 119 -10.00 72.68 -28.49
C ASN EA 119 -10.41 71.37 -29.20
N TYR EA 120 -9.96 71.18 -30.43
CA TYR EA 120 -10.32 70.01 -31.24
C TYR EA 120 -9.86 68.75 -30.57
N SER EA 121 -10.73 67.77 -30.57
CA SER EA 121 -10.40 66.46 -30.01
C SER EA 121 -9.12 65.95 -30.62
N SER EA 122 -8.92 66.17 -31.92
CA SER EA 122 -7.72 65.66 -32.61
C SER EA 122 -6.49 66.56 -32.51
N ARG EA 123 -6.61 67.70 -31.83
CA ARG EA 123 -5.52 68.68 -31.81
C ARG EA 123 -4.16 68.08 -31.36
N HIS EA 124 -3.09 68.41 -32.04
CA HIS EA 124 -1.69 68.22 -31.50
C HIS EA 124 -1.03 69.59 -31.49
N THR EA 125 -0.22 69.83 -30.46
CA THR EA 125 0.43 71.12 -30.26
C THR EA 125 1.62 71.22 -31.21
N ILE EA 126 1.73 72.34 -31.91
CA ILE EA 126 2.85 72.66 -32.71
C ILE EA 126 3.75 73.63 -31.94
N THR EA 127 5.02 73.32 -31.89
CA THR EA 127 6.00 74.21 -31.31
C THR EA 127 6.78 74.92 -32.44
N GLN EA 128 6.86 76.24 -32.36
CA GLN EA 128 7.40 77.06 -33.46
C GLN EA 128 8.55 77.90 -32.97
N PRO EA 129 9.53 78.22 -33.81
CA PRO EA 129 9.53 77.98 -35.24
C PRO EA 129 10.53 76.93 -35.68
N PHE EA 130 11.29 76.34 -34.76
CA PHE EA 130 12.38 75.51 -35.16
C PHE EA 130 12.15 74.03 -34.87
N SER EA 131 10.94 73.59 -34.58
CA SER EA 131 10.74 72.18 -34.22
C SER EA 131 10.00 71.44 -35.29
N TYR EA 132 10.22 70.11 -35.34
CA TYR EA 132 9.48 69.16 -36.21
C TYR EA 132 8.07 69.10 -35.69
N HIS EA 133 7.12 68.78 -36.52
CA HIS EA 133 5.75 68.47 -36.12
C HIS EA 133 5.23 67.50 -37.16
N SER EA 134 4.61 66.41 -36.71
CA SER EA 134 4.00 65.49 -37.64
C SER EA 134 2.71 64.88 -37.12
N ARG EA 135 1.95 64.39 -38.09
CA ARG EA 135 0.63 63.80 -37.92
C ARG EA 135 0.54 62.60 -38.84
N TYR EA 136 -0.25 61.66 -38.35
CA TYR EA 136 -0.36 60.37 -38.96
C TYR EA 136 -1.77 59.80 -38.69
N PHE EA 137 -2.56 59.75 -39.73
CA PHE EA 137 -3.96 59.37 -39.58
C PHE EA 137 -4.51 58.84 -40.90
N THR EA 138 -5.70 58.26 -40.84
CA THR EA 138 -6.38 57.76 -42.00
C THR EA 138 -7.25 58.87 -42.63
N PRO EA 139 -6.82 59.37 -43.79
CA PRO EA 139 -7.65 60.43 -44.42
C PRO EA 139 -8.92 59.84 -45.01
N LYS EA 140 -9.78 60.70 -45.52
CA LYS EA 140 -11.06 60.21 -46.09
C LYS EA 140 -11.35 60.87 -47.41
N PRO EA 141 -11.87 60.10 -48.36
CA PRO EA 141 -12.18 60.70 -49.64
C PRO EA 141 -13.39 61.73 -49.59
N VAL EA 142 -13.41 62.72 -50.44
CA VAL EA 142 -14.56 63.59 -50.39
C VAL EA 142 -15.57 63.02 -51.37
N LEU EA 143 -16.52 62.25 -50.91
CA LEU EA 143 -17.42 61.58 -51.84
C LEU EA 143 -18.64 62.38 -52.16
N ASP EA 144 -19.11 63.14 -51.19
CA ASP EA 144 -20.15 64.08 -51.52
C ASP EA 144 -20.05 65.34 -50.67
N SER EA 145 -19.67 66.46 -51.27
CA SER EA 145 -19.41 67.66 -50.49
C SER EA 145 -20.65 68.28 -49.91
N THR EA 146 -21.84 67.94 -50.40
CA THR EA 146 -23.04 68.50 -49.77
C THR EA 146 -23.29 67.97 -48.35
N ILE EA 147 -23.12 66.65 -48.22
CA ILE EA 147 -23.42 65.91 -47.01
C ILE EA 147 -22.19 65.71 -46.13
N ASP EA 148 -21.04 65.47 -46.78
CA ASP EA 148 -19.75 65.33 -46.16
C ASP EA 148 -19.73 64.15 -45.21
N TYR EA 149 -19.91 62.99 -45.80
CA TYR EA 149 -19.94 61.77 -45.04
C TYR EA 149 -18.65 60.98 -45.21
N PHE EA 150 -18.35 60.16 -44.21
CA PHE EA 150 -17.13 59.36 -44.28
C PHE EA 150 -17.18 58.15 -43.36
N GLN EA 151 -16.37 57.14 -43.70
CA GLN EA 151 -16.37 55.84 -43.07
C GLN EA 151 -15.57 55.87 -41.78
N PRO EA 152 -15.98 55.13 -40.78
CA PRO EA 152 -15.16 54.92 -39.63
C PRO EA 152 -13.86 54.24 -39.93
N ASN EA 153 -12.89 54.58 -39.10
CA ASN EA 153 -11.48 54.35 -39.32
C ASN EA 153 -11.37 52.76 -39.23
N ASN EA 154 -10.92 52.10 -40.30
CA ASN EA 154 -10.97 50.61 -40.36
C ASN EA 154 -9.78 50.03 -41.18
N LYS EA 155 -9.78 48.70 -41.26
CA LYS EA 155 -9.05 47.96 -42.26
C LYS EA 155 -10.00 47.31 -43.32
N ARG EA 156 -10.64 46.19 -42.98
CA ARG EA 156 -11.32 45.34 -44.00
C ARG EA 156 -12.48 46.00 -44.77
N ASN EA 157 -13.07 47.09 -44.26
CA ASN EA 157 -14.25 47.68 -44.85
C ASN EA 157 -14.02 48.94 -45.69
N GLN EA 158 -12.77 49.39 -45.82
CA GLN EA 158 -12.49 50.71 -46.42
C GLN EA 158 -12.77 50.73 -47.92
N LEU EA 159 -13.51 51.71 -48.38
CA LEU EA 159 -13.90 51.78 -49.80
C LEU EA 159 -12.69 51.78 -50.78
N TRP EA 160 -12.80 51.02 -51.87
CA TRP EA 160 -11.84 51.10 -53.02
C TRP EA 160 -12.26 52.17 -54.02
N LEU EA 161 -11.28 52.75 -54.69
CA LEU EA 161 -11.47 53.88 -55.60
C LEU EA 161 -10.73 53.57 -56.87
N ARG EA 162 -11.31 53.94 -58.03
CA ARG EA 162 -10.64 53.76 -59.31
C ARG EA 162 -9.48 54.69 -59.29
N LEU EA 163 -8.35 54.20 -59.74
CA LEU EA 163 -7.16 55.00 -59.94
C LEU EA 163 -7.33 55.72 -61.24
N GLN EA 164 -7.74 56.97 -61.16
CA GLN EA 164 -7.98 57.73 -62.35
C GLN EA 164 -6.66 58.30 -62.92
N THR EA 165 -6.65 58.63 -64.21
CA THR EA 165 -5.42 59.22 -64.76
C THR EA 165 -5.38 60.67 -64.31
N ALA EA 166 -6.55 61.30 -64.29
CA ALA EA 166 -6.61 62.74 -64.19
C ALA EA 166 -7.40 63.20 -63.02
N GLY EA 167 -8.66 62.85 -62.93
CA GLY EA 167 -9.52 63.60 -62.00
C GLY EA 167 -9.64 62.98 -60.62
N ASN EA 168 -8.52 62.74 -59.95
CA ASN EA 168 -8.62 61.95 -58.74
C ASN EA 168 -9.35 62.75 -57.64
N VAL EA 169 -9.98 62.01 -56.73
CA VAL EA 169 -10.75 62.59 -55.65
C VAL EA 169 -9.87 63.06 -54.48
N ASP EA 170 -10.17 64.26 -53.96
CA ASP EA 170 -9.50 64.76 -52.82
C ASP EA 170 -9.81 63.89 -51.63
N HIS EA 171 -8.78 63.65 -50.86
CA HIS EA 171 -8.90 63.19 -49.51
C HIS EA 171 -8.57 64.27 -48.54
N VAL EA 172 -9.04 64.08 -47.35
CA VAL EA 172 -9.13 65.19 -46.50
C VAL EA 172 -8.76 64.84 -45.11
N GLY EA 173 -8.45 65.91 -44.41
CA GLY EA 173 -7.19 65.93 -43.78
C GLY EA 173 -6.94 66.87 -42.70
N LEU EA 174 -6.12 67.89 -42.94
CA LEU EA 174 -5.38 68.52 -41.83
C LEU EA 174 -5.61 70.01 -41.76
N GLY EA 175 -5.98 70.53 -40.60
CA GLY EA 175 -6.09 71.97 -40.41
C GLY EA 175 -4.94 72.49 -39.59
N THR EA 176 -4.45 73.67 -39.89
CA THR EA 176 -3.28 74.24 -39.21
C THR EA 176 -3.53 75.66 -38.73
N ALA EA 177 -3.13 75.96 -37.50
CA ALA EA 177 -3.05 77.31 -37.01
C ALA EA 177 -1.66 77.47 -36.39
N PHE EA 178 -0.84 78.36 -37.00
CA PHE EA 178 0.57 78.63 -36.54
C PHE EA 178 0.53 80.02 -35.96
N GLU EA 179 1.11 80.22 -34.79
CA GLU EA 179 1.18 81.57 -34.24
C GLU EA 179 2.04 82.42 -35.15
N ASN EA 180 1.64 83.68 -35.30
CA ASN EA 180 2.39 84.62 -36.13
C ASN EA 180 3.65 85.09 -35.33
N SER EA 181 4.54 85.81 -36.00
CA SER EA 181 5.84 86.07 -35.42
C SER EA 181 6.41 87.29 -36.06
N ILE EA 182 7.37 87.85 -35.36
CA ILE EA 182 8.09 89.05 -35.79
C ILE EA 182 9.04 88.67 -36.91
N TYR EA 183 9.48 87.40 -36.96
CA TYR EA 183 10.20 86.85 -38.11
C TYR EA 183 9.29 85.94 -38.91
N ASP EA 184 9.78 85.62 -40.13
CA ASP EA 184 9.17 84.65 -41.06
C ASP EA 184 9.42 83.26 -40.50
N GLN EA 185 8.49 82.35 -40.78
CA GLN EA 185 8.65 80.95 -40.41
C GLN EA 185 8.39 80.13 -41.67
N GLU EA 186 9.46 79.58 -42.23
CA GLU EA 186 9.46 78.84 -43.48
C GLU EA 186 9.59 77.38 -43.03
N TYR EA 187 8.96 76.50 -43.76
CA TYR EA 187 8.99 75.06 -43.48
C TYR EA 187 9.08 74.31 -44.80
N ASN EA 188 9.69 73.11 -44.76
CA ASN EA 188 9.54 72.10 -45.87
C ASN EA 188 8.52 71.04 -45.45
N ILE EA 189 7.33 71.06 -46.06
CA ILE EA 189 6.23 70.14 -45.69
C ILE EA 189 6.35 68.90 -46.54
N ARG EA 190 6.58 67.75 -45.94
CA ARG EA 190 6.67 66.55 -46.71
C ARG EA 190 5.40 65.82 -46.40
N VAL EA 191 4.58 65.49 -47.41
CA VAL EA 191 3.40 64.63 -47.25
C VAL EA 191 3.70 63.29 -47.85
N THR EA 192 3.48 62.26 -47.05
CA THR EA 192 3.56 60.89 -47.50
C THR EA 192 2.19 60.19 -47.39
N MET EA 193 1.79 59.52 -48.45
CA MET EA 193 0.59 58.69 -48.52
C MET EA 193 1.04 57.20 -48.52
N TYR EA 194 0.35 56.40 -47.67
CA TYR EA 194 0.53 54.97 -47.53
C TYR EA 194 -0.66 54.38 -48.25
N VAL EA 195 -0.42 53.97 -49.49
CA VAL EA 195 -1.44 53.56 -50.42
C VAL EA 195 -1.44 52.08 -50.62
N GLN EA 196 -2.64 51.57 -50.84
CA GLN EA 196 -2.86 50.17 -51.14
C GLN EA 196 -3.53 50.12 -52.52
N PHE EA 197 -2.89 49.43 -53.45
CA PHE EA 197 -3.35 49.33 -54.81
C PHE EA 197 -3.85 47.90 -54.95
N ARG EA 198 -4.82 47.70 -55.85
CA ARG EA 198 -5.41 46.37 -56.14
C ARG EA 198 -5.75 46.19 -57.64
N GLU EA 199 -5.55 44.95 -58.12
CA GLU EA 199 -5.81 44.58 -59.51
C GLU EA 199 -4.74 45.15 -60.46
N PHE EA 200 -3.71 44.35 -60.63
CA PHE EA 200 -2.70 44.60 -61.63
C PHE EA 200 -3.44 44.66 -62.95
N ASN EA 201 -3.17 45.72 -63.79
CA ASN EA 201 -3.77 45.92 -65.15
C ASN EA 201 -2.81 46.11 -66.31
N LEU EA 202 -1.54 45.84 -66.10
CA LEU EA 202 -0.53 46.12 -67.12
C LEU EA 202 -0.90 45.63 -68.50
N LYS EA 203 -0.95 46.60 -69.42
CA LYS EA 203 -1.16 46.39 -70.87
C LYS EA 203 0.16 46.26 -71.55
N ASP EA 204 0.27 45.31 -72.47
CA ASP EA 204 1.56 44.94 -73.08
C ASP EA 204 1.44 44.78 -74.59
N PRO EA 205 1.23 45.88 -75.34
CA PRO EA 205 1.16 45.75 -76.79
C PRO EA 205 2.51 45.35 -77.40
N PRO EA 206 2.50 44.75 -78.59
CA PRO EA 206 3.71 44.20 -79.21
C PRO EA 206 4.60 45.17 -80.04
N SER FA 19 11.23 45.57 -49.74
CA SER FA 19 10.03 45.95 -50.58
C SER FA 19 10.11 45.36 -52.04
N HIS FA 20 9.24 44.33 -52.17
CA HIS FA 20 9.20 43.32 -53.19
C HIS FA 20 7.84 43.30 -53.79
N PHE FA 21 7.77 42.74 -54.98
CA PHE FA 21 6.55 42.74 -55.71
C PHE FA 21 6.58 41.59 -56.63
N ASN FA 22 5.81 40.57 -56.31
CA ASN FA 22 5.78 39.37 -57.14
C ASN FA 22 4.68 39.56 -58.12
N THR FA 23 4.94 39.43 -59.41
CA THR FA 23 3.81 39.40 -60.31
C THR FA 23 3.98 38.42 -61.47
N ARG FA 24 3.08 38.58 -62.45
CA ARG FA 24 2.90 37.68 -63.57
C ARG FA 24 2.60 38.47 -64.88
N LEU FA 25 3.42 38.22 -65.91
CA LEU FA 25 3.39 38.96 -67.16
C LEU FA 25 3.23 37.98 -68.29
N SER FA 26 2.35 38.31 -69.24
CA SER FA 26 2.05 37.37 -70.34
C SER FA 26 2.01 38.05 -71.71
N ARG FA 27 2.30 37.25 -72.74
CA ARG FA 27 2.12 37.62 -74.14
C ARG FA 27 1.81 36.33 -74.85
N THR FA 28 1.21 36.49 -76.03
CA THR FA 28 0.70 35.41 -76.88
C THR FA 28 1.11 35.72 -78.32
N PHE FA 29 1.67 34.75 -79.02
CA PHE FA 29 2.07 34.94 -80.41
C PHE FA 29 1.81 33.69 -81.26
N GLY FA 30 1.63 33.87 -82.58
CA GLY FA 30 1.47 32.75 -83.48
C GLY FA 30 2.73 31.91 -83.76
N TYR FA 31 2.55 30.62 -84.01
CA TYR FA 31 3.58 29.72 -84.49
C TYR FA 31 2.86 28.75 -85.42
N THR FA 32 3.34 28.69 -86.69
CA THR FA 32 2.85 27.77 -87.70
C THR FA 32 3.95 26.73 -88.12
N ILE FA 33 3.65 25.44 -88.11
CA ILE FA 33 4.51 24.50 -88.81
C ILE FA 33 3.80 24.20 -90.13
N LYS FA 34 4.51 24.42 -91.23
CA LYS FA 34 3.93 24.36 -92.57
C LYS FA 34 3.98 22.94 -93.06
N ARG FA 35 2.95 22.55 -93.79
CA ARG FA 35 2.78 21.20 -94.25
C ARG FA 35 3.91 20.70 -95.13
N THR FA 36 4.24 19.44 -95.01
CA THR FA 36 5.16 18.84 -95.96
C THR FA 36 4.45 17.72 -96.65
N THR FA 37 4.82 17.50 -97.87
CA THR FA 37 4.35 16.37 -98.59
C THR FA 37 5.26 15.19 -98.40
N VAL FA 38 6.57 15.39 -98.17
CA VAL FA 38 7.47 14.32 -97.61
C VAL FA 38 6.74 13.56 -96.50
N LYS FA 39 6.66 12.25 -96.66
CA LYS FA 39 5.77 11.39 -95.88
C LYS FA 39 6.53 10.66 -94.70
N THR FA 40 7.84 10.44 -94.85
CA THR FA 40 8.55 9.71 -93.81
C THR FA 40 8.72 10.70 -92.68
N PRO FA 41 8.58 10.25 -91.43
CA PRO FA 41 8.67 11.08 -90.24
C PRO FA 41 9.84 12.03 -90.25
N SER FA 42 9.61 13.26 -89.81
CA SER FA 42 10.60 14.35 -89.82
C SER FA 42 10.18 15.46 -88.86
N TRP FA 43 11.12 16.25 -88.39
CA TRP FA 43 10.82 17.18 -87.28
C TRP FA 43 11.25 18.60 -87.58
N ALA FA 44 10.35 19.54 -87.24
CA ALA FA 44 10.63 20.97 -87.27
C ALA FA 44 11.31 21.32 -85.93
N VAL FA 45 12.60 21.61 -85.95
CA VAL FA 45 13.32 21.95 -84.71
C VAL FA 45 13.36 23.45 -84.55
N ASP FA 46 13.27 23.93 -83.34
CA ASP FA 46 13.18 25.40 -83.07
C ASP FA 46 13.39 25.69 -81.61
N MET FA 47 13.29 26.94 -81.25
CA MET FA 47 13.85 27.39 -79.95
C MET FA 47 13.14 28.59 -79.41
N MET FA 48 13.26 28.79 -78.13
CA MET FA 48 12.56 29.86 -77.41
C MET FA 48 13.47 30.51 -76.37
N ARG FA 49 13.56 31.82 -76.47
CA ARG FA 49 14.13 32.64 -75.41
C ARG FA 49 13.08 33.57 -74.81
N PHE FA 50 13.42 34.14 -73.67
CA PHE FA 50 12.46 34.98 -72.97
C PHE FA 50 13.13 36.27 -72.60
N ASN FA 51 12.64 37.36 -73.15
CA ASN FA 51 13.14 38.68 -72.82
C ASN FA 51 12.05 39.56 -72.22
N ILE FA 52 12.32 40.16 -71.08
CA ILE FA 52 11.30 41.02 -70.45
C ILE FA 52 10.91 42.25 -71.33
N ASN FA 53 11.73 42.65 -72.32
CA ASN FA 53 11.34 43.76 -73.17
C ASN FA 53 10.04 43.43 -73.85
N ASP FA 54 9.74 42.15 -74.06
CA ASP FA 54 8.47 41.74 -74.69
C ASP FA 54 7.19 41.72 -73.82
N PHE FA 55 7.38 41.86 -72.50
CA PHE FA 55 6.39 41.72 -71.45
C PHE FA 55 6.04 43.02 -70.75
N LEU FA 56 6.96 43.97 -70.77
CA LEU FA 56 6.84 45.16 -70.01
C LEU FA 56 7.01 46.30 -70.97
N PRO FA 57 5.93 46.94 -71.42
CA PRO FA 57 6.28 48.06 -72.33
C PRO FA 57 7.07 49.21 -71.63
N PRO FA 58 7.67 50.09 -72.43
CA PRO FA 58 8.24 51.32 -71.81
C PRO FA 58 7.20 52.22 -71.05
N GLY FA 59 7.70 53.02 -70.15
CA GLY FA 59 6.88 53.86 -69.29
C GLY FA 59 6.67 55.20 -69.93
N GLY FA 60 6.82 56.25 -69.16
CA GLY FA 60 6.58 57.61 -69.64
C GLY FA 60 7.14 58.60 -68.66
N GLY FA 61 7.66 59.72 -69.20
CA GLY FA 61 8.32 60.78 -68.43
C GLY FA 61 9.50 60.32 -67.58
N SER FA 62 9.40 60.59 -66.30
CA SER FA 62 10.51 60.32 -65.40
C SER FA 62 10.57 58.84 -64.93
N ASN FA 63 9.63 58.02 -65.40
CA ASN FA 63 9.53 56.61 -65.00
C ASN FA 63 9.67 55.84 -66.33
N PRO FA 64 10.91 55.41 -66.65
CA PRO FA 64 11.18 54.88 -67.98
C PRO FA 64 10.47 53.55 -68.29
N ARG FA 65 10.21 52.75 -67.25
CA ARG FA 65 9.51 51.48 -67.41
C ARG FA 65 8.19 51.55 -66.66
N SER FA 66 7.25 50.76 -67.20
CA SER FA 66 5.88 50.76 -66.81
C SER FA 66 5.65 50.12 -65.50
N VAL FA 67 6.59 49.31 -64.99
CA VAL FA 67 6.64 49.07 -63.53
C VAL FA 67 7.81 49.81 -62.91
N PRO FA 68 7.53 50.59 -61.89
CA PRO FA 68 8.52 51.44 -61.32
C PRO FA 68 9.38 50.73 -60.28
N PHE FA 69 10.22 49.80 -60.71
CA PHE FA 69 11.18 49.11 -59.82
C PHE FA 69 12.53 49.11 -60.46
N GLU FA 70 13.55 49.04 -59.63
CA GLU FA 70 14.92 49.13 -60.07
C GLU FA 70 15.43 47.73 -60.45
N TYR FA 71 14.99 46.68 -59.76
CA TYR FA 71 15.56 45.32 -59.96
C TYR FA 71 14.51 44.25 -60.30
N TYR FA 72 14.91 43.23 -61.06
CA TYR FA 72 14.04 42.06 -61.20
C TYR FA 72 14.78 40.72 -61.28
N ARG FA 73 14.01 39.65 -61.17
CA ARG FA 73 14.50 38.32 -61.49
C ARG FA 73 13.29 37.46 -61.79
N ILE FA 74 13.47 36.56 -62.74
CA ILE FA 74 12.38 35.78 -63.25
C ILE FA 74 12.47 34.49 -62.51
N ARG FA 75 11.43 34.28 -61.75
CA ARG FA 75 11.38 33.17 -60.85
C ARG FA 75 11.11 31.87 -61.60
N LYS FA 76 10.23 31.97 -62.58
CA LYS FA 76 9.66 30.83 -63.27
C LYS FA 76 9.13 31.30 -64.62
N VAL FA 77 9.04 30.38 -65.58
CA VAL FA 77 8.39 30.68 -66.85
C VAL FA 77 7.46 29.55 -67.22
N LYS FA 78 6.33 29.94 -67.77
CA LYS FA 78 5.43 28.97 -68.28
C LYS FA 78 5.36 29.23 -69.74
N VAL FA 79 5.62 28.20 -70.52
CA VAL FA 79 5.29 28.18 -71.94
C VAL FA 79 4.03 27.32 -72.24
N GLU FA 80 3.00 27.88 -72.85
CA GLU FA 80 1.82 27.09 -73.16
C GLU FA 80 1.62 27.15 -74.67
N PHE FA 81 1.53 25.97 -75.26
CA PHE FA 81 1.18 25.78 -76.63
C PHE FA 81 -0.32 25.48 -76.70
N TRP FA 82 -1.10 26.44 -77.18
CA TRP FA 82 -2.56 26.30 -77.37
C TRP FA 82 -2.79 25.97 -78.84
N PRO FA 83 -3.07 24.72 -79.13
CA PRO FA 83 -3.26 24.36 -80.51
C PRO FA 83 -4.44 25.03 -81.18
N CYS FA 84 -4.24 25.47 -82.43
CA CYS FA 84 -5.35 25.94 -83.27
C CYS FA 84 -6.11 24.82 -84.01
N SER FA 85 -5.45 23.67 -84.29
CA SER FA 85 -6.07 22.61 -85.15
C SER FA 85 -7.29 22.06 -84.46
N PRO FA 86 -8.31 21.63 -85.23
CA PRO FA 86 -9.47 21.08 -84.56
C PRO FA 86 -9.19 19.66 -84.15
N ILE FA 87 -9.93 19.16 -83.16
CA ILE FA 87 -9.72 17.75 -82.70
C ILE FA 87 -10.10 16.66 -83.76
N THR FA 88 -10.61 17.11 -84.89
CA THR FA 88 -10.86 16.26 -86.03
C THR FA 88 -9.68 16.15 -86.93
N GLN FA 89 -8.58 16.85 -86.68
CA GLN FA 89 -7.46 16.82 -87.69
C GLN FA 89 -6.69 15.50 -87.56
N GLY FA 90 -6.23 15.04 -88.73
CA GLY FA 90 -5.59 13.75 -88.93
C GLY FA 90 -4.08 13.89 -88.92
N ASP FA 91 -3.38 12.90 -89.48
CA ASP FA 91 -1.91 12.86 -89.52
C ASP FA 91 -1.25 13.31 -88.21
N ARG FA 92 -1.69 12.71 -87.13
CA ARG FA 92 -1.26 13.07 -85.84
C ARG FA 92 0.11 12.57 -85.58
N GLY FA 93 0.86 13.32 -84.78
CA GLY FA 93 2.33 13.11 -84.67
C GLY FA 93 2.77 13.28 -83.25
N VAL FA 94 4.06 13.17 -83.03
CA VAL FA 94 4.61 13.18 -81.69
C VAL FA 94 5.96 13.90 -81.68
N GLY FA 95 6.15 14.85 -80.78
CA GLY FA 95 7.39 15.61 -80.66
C GLY FA 95 7.97 15.62 -79.26
N SER FA 96 8.94 16.54 -79.07
CA SER FA 96 9.53 16.81 -77.76
C SER FA 96 9.73 18.31 -77.49
N SER FA 97 9.54 18.74 -76.24
CA SER FA 97 10.12 19.99 -75.72
C SER FA 97 11.24 19.66 -74.71
N ALA FA 98 12.33 20.46 -74.67
CA ALA FA 98 13.41 20.28 -73.68
C ALA FA 98 13.77 21.62 -73.09
N VAL FA 99 14.15 21.63 -71.82
CA VAL FA 99 14.61 22.84 -71.13
C VAL FA 99 16.11 22.98 -71.42
N ILE FA 100 16.48 24.12 -71.98
CA ILE FA 100 17.85 24.51 -72.34
C ILE FA 100 18.28 25.81 -71.56
N LEU FA 101 19.15 25.68 -70.58
CA LEU FA 101 19.45 26.71 -69.67
C LEU FA 101 20.78 27.34 -69.98
N ASP FA 102 21.52 26.80 -70.93
CA ASP FA 102 22.86 27.34 -71.26
C ASP FA 102 22.88 27.99 -72.65
N ASP FA 103 21.72 28.38 -73.15
CA ASP FA 103 21.55 29.04 -74.44
C ASP FA 103 22.17 28.25 -75.59
N ASN FA 104 22.12 26.91 -75.58
CA ASN FA 104 22.73 26.10 -76.67
C ASN FA 104 21.69 25.12 -77.19
N PHE FA 105 20.90 25.68 -78.07
CA PHE FA 105 19.82 24.98 -78.64
C PHE FA 105 20.29 24.20 -79.83
N VAL FA 106 19.55 23.16 -80.17
CA VAL FA 106 19.80 22.38 -81.36
C VAL FA 106 19.48 23.32 -82.50
N THR FA 107 20.29 23.26 -83.54
CA THR FA 107 20.24 24.19 -84.62
C THR FA 107 18.88 24.14 -85.21
N LYS FA 108 18.25 25.27 -85.46
CA LYS FA 108 16.92 25.35 -86.07
C LYS FA 108 16.88 24.56 -87.38
N ALA FA 109 15.83 23.75 -87.54
CA ALA FA 109 15.68 22.91 -88.77
C ALA FA 109 14.23 22.74 -89.19
N THR FA 110 13.98 22.86 -90.48
CA THR FA 110 12.63 22.74 -91.02
C THR FA 110 12.20 21.29 -90.99
N ALA FA 111 13.17 20.42 -91.21
CA ALA FA 111 12.95 18.99 -91.19
C ALA FA 111 14.32 18.36 -90.92
N LEU FA 112 14.35 17.62 -89.81
CA LEU FA 112 15.40 16.72 -89.43
C LEU FA 112 14.77 15.33 -89.51
N THR FA 113 15.59 14.32 -89.59
CA THR FA 113 15.10 12.98 -89.80
C THR FA 113 14.94 12.20 -88.53
N TYR FA 114 15.16 12.85 -87.39
CA TYR FA 114 14.87 12.28 -86.07
C TYR FA 114 14.45 13.42 -85.18
N ASP FA 115 13.95 13.08 -84.00
CA ASP FA 115 13.69 14.10 -82.95
C ASP FA 115 14.98 14.20 -82.12
N PRO FA 116 15.67 15.33 -82.23
CA PRO FA 116 16.89 15.55 -81.47
C PRO FA 116 16.73 15.78 -79.99
N TYR FA 117 15.51 16.11 -79.55
CA TYR FA 117 15.26 16.36 -78.14
C TYR FA 117 14.72 15.14 -77.41
N VAL FA 118 14.46 14.05 -78.12
CA VAL FA 118 13.79 12.92 -77.49
C VAL FA 118 14.54 12.31 -76.30
N ASN FA 119 15.86 12.28 -76.31
CA ASN FA 119 16.59 11.65 -75.24
C ASN FA 119 17.02 12.65 -74.18
N TYR FA 120 16.75 13.94 -74.36
CA TYR FA 120 17.19 14.89 -73.35
C TYR FA 120 16.59 14.53 -71.98
N SER FA 121 17.37 14.63 -70.89
CA SER FA 121 16.79 14.44 -69.53
C SER FA 121 15.53 15.27 -69.28
N SER FA 122 15.43 16.48 -69.80
CA SER FA 122 14.32 17.40 -69.49
C SER FA 122 13.19 17.27 -70.51
N ARG FA 123 13.25 16.27 -71.38
CA ARG FA 123 12.27 16.17 -72.43
C ARG FA 123 10.94 15.89 -71.83
N HIS FA 124 9.93 16.63 -72.22
CA HIS FA 124 8.52 16.21 -72.08
C HIS FA 124 7.95 15.90 -73.49
N THR FA 125 7.10 14.90 -73.64
CA THR FA 125 6.46 14.58 -74.96
C THR FA 125 5.38 15.56 -75.39
N ILE FA 126 5.37 15.92 -76.69
CA ILE FA 126 4.31 16.79 -77.25
C ILE FA 126 3.49 15.93 -78.17
N THR FA 127 2.20 16.07 -78.02
CA THR FA 127 1.23 15.34 -78.72
C THR FA 127 0.62 16.35 -79.73
N GLN FA 128 0.50 15.94 -80.98
CA GLN FA 128 0.18 16.83 -82.10
C GLN FA 128 -1.01 16.28 -82.86
N PRO FA 129 -1.83 17.12 -83.47
CA PRO FA 129 -1.67 18.59 -83.52
C PRO FA 129 -2.68 19.34 -82.64
N PHE FA 130 -3.59 18.59 -82.01
CA PHE FA 130 -4.70 19.25 -81.35
C PHE FA 130 -4.57 19.23 -79.83
N SER FA 131 -3.39 18.99 -79.27
CA SER FA 131 -3.27 18.88 -77.83
C SER FA 131 -2.57 20.11 -77.24
N TYR FA 132 -3.05 20.52 -76.07
CA TYR FA 132 -2.33 21.48 -75.26
C TYR FA 132 -0.95 20.91 -74.89
N HIS FA 133 0.06 21.74 -74.75
CA HIS FA 133 1.37 21.32 -74.17
C HIS FA 133 1.87 22.50 -73.33
N SER FA 134 2.42 22.23 -72.15
CA SER FA 134 3.09 23.31 -71.41
C SER FA 134 4.30 22.89 -70.61
N ARG FA 135 5.11 23.86 -70.30
CA ARG FA 135 6.29 23.62 -69.50
C ARG FA 135 6.39 24.80 -68.56
N TYR FA 136 7.06 24.55 -67.44
CA TYR FA 136 7.06 25.45 -66.31
C TYR FA 136 8.36 25.20 -65.63
N PHE FA 137 9.27 26.16 -65.70
CA PHE FA 137 10.59 25.96 -65.11
C PHE FA 137 11.25 27.29 -64.75
N THR FA 138 12.34 27.18 -64.00
CA THR FA 138 13.17 28.38 -63.73
C THR FA 138 14.16 28.64 -64.89
N PRO FA 139 13.97 29.75 -65.65
CA PRO FA 139 14.86 29.98 -66.79
C PRO FA 139 16.12 30.65 -66.26
N LYS FA 140 17.10 30.89 -67.12
CA LYS FA 140 18.32 31.54 -66.70
C LYS FA 140 18.71 32.67 -67.63
N PRO FA 141 19.30 33.70 -67.06
CA PRO FA 141 19.82 34.73 -67.88
C PRO FA 141 21.11 34.31 -68.60
N VAL FA 142 21.30 34.92 -69.79
CA VAL FA 142 22.50 34.72 -70.59
C VAL FA 142 23.53 35.75 -70.11
N LEU FA 143 24.27 35.43 -69.07
CA LEU FA 143 25.20 36.40 -68.55
C LEU FA 143 26.41 36.54 -69.41
N ASP FA 144 26.83 35.46 -70.06
CA ASP FA 144 28.03 35.44 -70.94
C ASP FA 144 27.96 34.27 -71.88
N SER FA 145 27.60 34.55 -73.13
CA SER FA 145 27.43 33.51 -74.15
C SER FA 145 28.73 32.85 -74.78
N THR FA 146 29.92 33.28 -74.38
CA THR FA 146 31.16 32.53 -74.61
C THR FA 146 31.23 31.30 -73.70
N ILE FA 147 30.89 31.47 -72.43
CA ILE FA 147 31.07 30.41 -71.42
C ILE FA 147 29.74 29.71 -71.12
N ASP FA 148 28.63 30.47 -71.07
CA ASP FA 148 27.30 29.97 -70.75
C ASP FA 148 27.19 29.28 -69.38
N TYR FA 149 27.31 30.13 -68.37
CA TYR FA 149 27.16 29.67 -67.03
C TYR FA 149 25.81 30.12 -66.45
N PHE FA 150 25.33 29.27 -65.57
CA PHE FA 150 24.10 29.52 -64.90
C PHE FA 150 23.97 28.93 -63.47
N GLN FA 151 23.14 29.55 -62.64
CA GLN FA 151 23.00 29.08 -61.27
C GLN FA 151 22.15 27.81 -61.18
N PRO FA 152 22.57 26.88 -60.30
CA PRO FA 152 21.67 25.81 -59.98
C PRO FA 152 20.44 26.40 -59.33
N ASN FA 153 19.35 25.67 -59.56
CA ASN FA 153 17.99 26.20 -59.44
C ASN FA 153 17.82 26.49 -57.89
N ASN FA 154 17.23 27.62 -57.55
CA ASN FA 154 17.21 28.07 -56.13
C ASN FA 154 16.07 29.08 -55.90
N LYS FA 155 15.91 29.44 -54.64
CA LYS FA 155 15.13 30.59 -54.33
C LYS FA 155 16.04 31.74 -53.81
N ARG FA 156 16.66 31.61 -52.64
CA ARG FA 156 17.20 32.79 -51.95
C ARG FA 156 18.43 33.43 -52.57
N ASN FA 157 19.29 32.65 -53.24
CA ASN FA 157 20.55 33.13 -53.87
C ASN FA 157 20.52 33.53 -55.33
N GLN FA 158 19.37 33.59 -55.99
CA GLN FA 158 19.28 33.88 -57.42
C GLN FA 158 19.72 35.31 -57.67
N LEU FA 159 20.47 35.52 -58.74
CA LEU FA 159 20.99 36.82 -59.06
C LEU FA 159 19.84 37.81 -59.32
N TRP FA 160 20.08 39.04 -58.87
CA TRP FA 160 19.22 40.18 -59.18
C TRP FA 160 19.77 40.83 -60.46
N LEU FA 161 18.89 41.40 -61.26
CA LEU FA 161 19.22 42.00 -62.51
C LEU FA 161 18.61 43.38 -62.53
N ARG FA 162 19.32 44.34 -63.13
CA ARG FA 162 18.78 45.68 -63.36
C ARG FA 162 17.61 45.64 -64.37
N LEU FA 163 16.51 46.28 -64.01
CA LEU FA 163 15.39 46.48 -64.96
C LEU FA 163 15.76 47.53 -65.95
N GLN FA 164 16.00 47.13 -67.17
CA GLN FA 164 16.38 48.08 -68.18
C GLN FA 164 15.18 48.56 -68.98
N THR FA 165 15.33 49.74 -69.55
CA THR FA 165 14.21 50.25 -70.32
C THR FA 165 14.04 49.43 -71.57
N ALA FA 166 15.17 49.04 -72.15
CA ALA FA 166 15.20 48.63 -73.52
C ALA FA 166 16.09 47.46 -73.83
N GLY FA 167 17.28 47.37 -73.28
CA GLY FA 167 18.21 46.37 -73.81
C GLY FA 167 18.36 45.19 -72.85
N ASN FA 168 17.25 44.72 -72.27
CA ASN FA 168 17.31 43.69 -71.25
C ASN FA 168 17.87 42.34 -71.76
N VAL FA 169 18.54 41.63 -70.88
CA VAL FA 169 19.16 40.38 -71.15
C VAL FA 169 18.17 39.21 -71.43
N ASP FA 170 18.48 38.40 -72.45
CA ASP FA 170 17.67 37.24 -72.83
C ASP FA 170 17.78 36.26 -71.69
N HIS FA 171 16.65 35.61 -71.42
CA HIS FA 171 16.58 34.48 -70.52
C HIS FA 171 16.34 33.26 -71.32
N VAL FA 172 16.63 32.12 -70.75
CA VAL FA 172 16.81 31.04 -71.60
C VAL FA 172 16.29 29.78 -71.06
N GLY FA 173 15.87 28.96 -72.02
CA GLY FA 173 14.72 28.16 -71.81
C GLY FA 173 14.38 27.02 -72.69
N LEU FA 174 13.83 27.19 -73.88
CA LEU FA 174 13.07 26.02 -74.42
C LEU FA 174 13.29 25.59 -75.87
N GLY FA 175 13.60 24.32 -76.05
CA GLY FA 175 13.86 23.80 -77.39
C GLY FA 175 12.66 23.05 -77.86
N THR FA 176 12.31 23.13 -79.13
CA THR FA 176 11.17 22.32 -79.63
C THR FA 176 11.42 21.56 -80.84
N ALA FA 177 10.80 20.42 -80.88
CA ALA FA 177 10.84 19.52 -82.02
C ALA FA 177 9.40 19.02 -82.24
N PHE FA 178 8.77 19.50 -83.29
CA PHE FA 178 7.40 19.08 -83.68
C PHE FA 178 7.47 18.22 -84.94
N GLU FA 179 6.76 17.11 -84.93
CA GLU FA 179 6.70 16.27 -86.08
C GLU FA 179 5.92 17.01 -87.15
N ASN FA 180 6.50 17.02 -88.35
CA ASN FA 180 5.92 17.54 -89.59
C ASN FA 180 4.76 16.74 -90.01
N SER FA 181 3.91 17.35 -90.85
CA SER FA 181 2.67 16.79 -91.25
C SER FA 181 2.22 17.28 -92.62
N ILE FA 182 1.29 16.47 -93.14
CA ILE FA 182 0.64 16.60 -94.42
C ILE FA 182 -0.23 17.82 -94.37
N TYR FA 183 -0.68 18.23 -93.17
CA TYR FA 183 -1.44 19.48 -92.93
C TYR FA 183 -0.70 20.45 -92.03
N ASP FA 184 -1.07 21.71 -92.21
CA ASP FA 184 -0.51 22.80 -91.41
C ASP FA 184 -0.90 22.60 -89.96
N GLN FA 185 -0.03 23.04 -89.07
CA GLN FA 185 -0.17 22.88 -87.63
C GLN FA 185 0.13 24.24 -86.95
N GLU FA 186 -0.91 24.93 -86.59
CA GLU FA 186 -0.83 26.29 -86.13
C GLU FA 186 -1.08 26.17 -84.58
N TYR FA 187 -0.34 27.00 -83.84
CA TYR FA 187 -0.48 27.17 -82.37
C TYR FA 187 -0.54 28.66 -81.98
N ASN FA 188 -1.35 29.01 -80.99
CA ASN FA 188 -1.20 30.28 -80.31
C ASN FA 188 -0.39 30.02 -79.12
N ILE FA 189 0.77 30.65 -78.96
CA ILE FA 189 1.70 30.30 -77.87
C ILE FA 189 1.63 31.37 -76.79
N ARG FA 190 1.44 30.99 -75.53
CA ARG FA 190 1.44 31.99 -74.49
C ARG FA 190 2.57 31.75 -73.56
N VAL FA 191 3.34 32.79 -73.36
CA VAL FA 191 4.45 32.72 -72.47
C VAL FA 191 4.11 33.57 -71.24
N THR FA 192 4.38 33.04 -70.06
CA THR FA 192 4.13 33.74 -68.83
C THR FA 192 5.40 33.76 -67.96
N MET FA 193 5.78 34.98 -67.57
CA MET FA 193 6.90 35.18 -66.67
C MET FA 193 6.36 35.50 -65.29
N TYR FA 194 6.86 34.73 -64.31
CA TYR FA 194 6.61 34.97 -62.86
C TYR FA 194 7.86 35.70 -62.36
N VAL FA 195 7.74 37.00 -62.32
CA VAL FA 195 8.84 37.87 -62.08
C VAL FA 195 8.75 38.41 -60.69
N GLN FA 196 9.89 38.40 -60.03
CA GLN FA 196 10.04 39.11 -58.74
C GLN FA 196 10.74 40.47 -58.88
N PHE FA 197 10.07 41.57 -58.51
CA PHE FA 197 10.60 42.93 -58.67
C PHE FA 197 11.03 43.44 -57.31
N ARG FA 198 12.10 44.23 -57.29
CA ARG FA 198 12.65 44.74 -56.07
C ARG FA 198 13.07 46.22 -56.23
N GLU FA 199 12.77 46.99 -55.16
CA GLU FA 199 13.17 48.38 -54.90
C GLU FA 199 12.31 49.27 -55.73
N PHE FA 200 11.16 49.61 -55.15
CA PHE FA 200 10.27 50.67 -55.66
C PHE FA 200 11.14 51.87 -55.95
N ASN FA 201 10.95 52.49 -57.12
CA ASN FA 201 11.74 53.63 -57.50
C ASN FA 201 10.94 54.79 -58.10
N LEU FA 202 9.63 54.78 -57.96
CA LEU FA 202 8.78 55.79 -58.64
C LEU FA 202 9.21 57.24 -58.38
N LYS FA 203 9.50 57.91 -59.51
CA LYS FA 203 9.86 59.33 -59.54
C LYS FA 203 8.60 60.19 -59.67
N ASP FA 204 8.57 61.33 -58.98
CA ASP FA 204 7.37 62.19 -58.97
C ASP FA 204 7.58 63.71 -59.16
N PRO FA 205 7.73 64.19 -60.42
CA PRO FA 205 7.87 65.69 -60.64
C PRO FA 205 6.60 66.54 -60.33
N PRO FA 206 6.75 67.88 -60.12
CA PRO FA 206 5.58 68.84 -59.97
C PRO FA 206 5.09 69.48 -61.26
N SER GA 19 -34.95 -8.59 -58.71
CA SER GA 19 -34.74 -9.84 -59.50
C SER GA 19 -35.69 -11.01 -59.12
N HIS GA 20 -36.02 -11.20 -57.81
CA HIS GA 20 -36.85 -12.32 -57.29
C HIS GA 20 -38.19 -11.96 -56.77
N PHE GA 21 -39.11 -12.89 -56.91
CA PHE GA 21 -40.42 -12.69 -56.41
C PHE GA 21 -40.94 -13.98 -55.83
N ASN GA 22 -41.11 -14.04 -54.50
CA ASN GA 22 -41.69 -15.22 -53.84
C ASN GA 22 -43.19 -15.08 -53.72
N THR GA 23 -43.93 -16.18 -53.86
CA THR GA 23 -45.40 -16.05 -53.80
C THR GA 23 -45.94 -17.39 -53.66
N ARG GA 24 -47.25 -17.46 -53.69
CA ARG GA 24 -47.99 -18.60 -53.22
C ARG GA 24 -49.20 -18.75 -54.14
N LEU GA 25 -49.38 -19.98 -54.61
CA LEU GA 25 -50.39 -20.28 -55.59
C LEU GA 25 -51.18 -21.51 -55.16
N SER GA 26 -52.51 -21.48 -55.40
CA SER GA 26 -53.44 -22.49 -54.93
C SER GA 26 -54.51 -22.89 -55.94
N ARG GA 27 -54.93 -24.13 -55.76
CA ARG GA 27 -56.06 -24.68 -56.46
C ARG GA 27 -56.70 -25.65 -55.49
N THR GA 28 -57.99 -25.88 -55.68
CA THR GA 28 -58.76 -26.83 -54.92
C THR GA 28 -59.50 -27.77 -55.87
N PHE GA 29 -59.48 -29.05 -55.60
CA PHE GA 29 -60.28 -30.02 -56.33
C PHE GA 29 -60.83 -31.14 -55.43
N GLY GA 30 -61.89 -31.80 -55.88
CA GLY GA 30 -62.55 -32.88 -55.10
C GLY GA 30 -61.93 -34.24 -55.24
N TYR GA 31 -62.09 -35.07 -54.24
CA TYR GA 31 -61.59 -36.44 -54.28
C TYR GA 31 -62.63 -37.25 -53.52
N THR GA 32 -63.12 -38.32 -54.11
CA THR GA 32 -64.00 -39.20 -53.40
C THR GA 32 -63.48 -40.63 -53.28
N ILE GA 33 -63.43 -41.19 -52.08
CA ILE GA 33 -63.28 -42.61 -51.95
C ILE GA 33 -64.67 -43.16 -51.91
N LYS GA 34 -65.00 -43.95 -52.92
CA LYS GA 34 -66.28 -44.65 -53.00
C LYS GA 34 -66.47 -45.69 -51.90
N ARG GA 35 -67.75 -45.85 -51.52
CA ARG GA 35 -68.19 -46.79 -50.53
C ARG GA 35 -67.88 -48.23 -51.03
N THR GA 36 -67.36 -49.09 -50.16
CA THR GA 36 -67.20 -50.50 -50.49
C THR GA 36 -67.87 -51.31 -49.45
N THR GA 37 -68.12 -52.57 -49.78
CA THR GA 37 -68.84 -53.49 -48.87
C THR GA 37 -67.97 -54.55 -48.30
N VAL GA 38 -66.87 -54.88 -48.97
CA VAL GA 38 -65.77 -55.59 -48.32
C VAL GA 38 -65.80 -55.23 -46.85
N LYS GA 39 -65.75 -56.26 -46.04
CA LYS GA 39 -65.89 -56.09 -44.60
C LYS GA 39 -64.46 -55.92 -44.02
N THR GA 40 -63.48 -56.69 -44.53
CA THR GA 40 -62.14 -56.62 -43.96
C THR GA 40 -61.38 -55.37 -44.40
N PRO GA 41 -60.53 -54.86 -43.50
CA PRO GA 41 -59.87 -53.62 -43.79
C PRO GA 41 -59.16 -53.65 -45.12
N SER GA 42 -59.33 -52.56 -45.87
CA SER GA 42 -58.75 -52.39 -47.22
C SER GA 42 -58.48 -50.89 -47.50
N TRP GA 43 -57.53 -50.60 -48.39
CA TRP GA 43 -57.07 -49.21 -48.64
C TRP GA 43 -57.23 -48.80 -50.10
N ALA GA 44 -57.69 -47.57 -50.32
CA ALA GA 44 -57.67 -46.93 -51.64
C ALA GA 44 -56.31 -46.21 -51.75
N VAL GA 45 -55.53 -46.65 -52.71
CA VAL GA 45 -54.21 -46.22 -52.88
C VAL GA 45 -54.19 -45.36 -54.11
N ASP GA 46 -53.67 -44.14 -53.99
CA ASP GA 46 -53.53 -43.25 -55.13
C ASP GA 46 -52.25 -42.38 -54.97
N MET GA 47 -52.14 -41.36 -55.81
CA MET GA 47 -50.94 -40.55 -55.96
C MET GA 47 -51.29 -39.13 -56.41
N MET GA 48 -50.30 -38.25 -56.24
CA MET GA 48 -50.38 -36.83 -56.56
C MET GA 48 -49.13 -36.32 -57.15
N ARG GA 49 -49.29 -35.66 -58.29
CA ARG GA 49 -48.24 -34.85 -58.86
C ARG GA 49 -48.65 -33.37 -58.85
N PHE GA 50 -47.69 -32.46 -58.99
CA PHE GA 50 -47.99 -31.06 -59.00
C PHE GA 50 -47.37 -30.42 -60.20
N ASN GA 51 -48.13 -29.71 -61.00
CA ASN GA 51 -47.58 -29.05 -62.20
C ASN GA 51 -48.02 -27.60 -62.23
N ILE GA 52 -47.09 -26.71 -62.43
CA ILE GA 52 -47.41 -25.28 -62.41
C ILE GA 52 -48.48 -24.91 -63.49
N ASN GA 53 -48.62 -25.71 -64.56
CA ASN GA 53 -49.77 -25.57 -65.54
C ASN GA 53 -51.11 -25.31 -64.84
N ASP GA 54 -51.36 -26.03 -63.74
CA ASP GA 54 -52.66 -26.00 -63.02
C ASP GA 54 -52.78 -24.80 -62.03
N PHE GA 55 -51.76 -23.94 -61.94
CA PHE GA 55 -51.76 -22.87 -60.97
C PHE GA 55 -51.70 -21.48 -61.56
N LEU GA 56 -51.21 -21.38 -62.77
CA LEU GA 56 -50.83 -20.17 -63.43
C LEU GA 56 -51.50 -20.23 -64.78
N PRO GA 57 -52.57 -19.49 -65.02
CA PRO GA 57 -53.06 -19.53 -66.41
C PRO GA 57 -52.15 -18.80 -67.49
N PRO GA 58 -52.49 -18.99 -68.78
CA PRO GA 58 -51.79 -18.22 -69.80
C PRO GA 58 -52.09 -16.73 -69.67
N GLY GA 59 -51.23 -15.91 -70.25
CA GLY GA 59 -51.31 -14.42 -70.21
C GLY GA 59 -52.04 -13.90 -71.42
N GLY GA 60 -51.70 -12.71 -71.92
CA GLY GA 60 -52.20 -12.27 -73.25
C GLY GA 60 -51.07 -11.59 -74.02
N GLY GA 61 -51.35 -11.23 -75.28
CA GLY GA 61 -50.40 -10.47 -76.09
C GLY GA 61 -49.00 -11.11 -76.10
N SER GA 62 -47.98 -10.26 -75.91
CA SER GA 62 -46.57 -10.64 -75.85
C SER GA 62 -46.13 -11.23 -74.55
N ASN GA 63 -46.99 -11.19 -73.52
CA ASN GA 63 -46.63 -11.72 -72.20
C ASN GA 63 -47.37 -13.00 -72.06
N PRO GA 64 -46.74 -14.13 -72.48
CA PRO GA 64 -47.54 -15.34 -72.64
C PRO GA 64 -47.98 -16.04 -71.29
N ARG GA 65 -47.38 -15.65 -70.16
CA ARG GA 65 -47.81 -16.16 -68.88
C ARG GA 65 -48.24 -15.01 -67.95
N SER GA 66 -49.15 -15.33 -67.04
CA SER GA 66 -49.80 -14.34 -66.23
C SER GA 66 -48.87 -13.79 -65.17
N VAL GA 67 -47.85 -14.52 -64.72
CA VAL GA 67 -46.76 -13.87 -64.03
C VAL GA 67 -45.62 -13.71 -64.98
N PRO GA 68 -45.10 -12.49 -65.12
CA PRO GA 68 -44.09 -12.17 -66.11
C PRO GA 68 -42.65 -12.30 -65.59
N PHE GA 69 -42.24 -13.56 -65.40
CA PHE GA 69 -40.86 -13.89 -65.07
C PHE GA 69 -40.50 -15.04 -65.96
N GLU GA 70 -39.19 -15.22 -66.07
CA GLU GA 70 -38.62 -16.08 -67.08
C GLU GA 70 -38.41 -17.44 -66.49
N TYR GA 71 -37.97 -17.44 -65.23
CA TYR GA 71 -37.54 -18.65 -64.51
C TYR GA 71 -38.28 -18.82 -63.21
N TYR GA 72 -38.35 -20.07 -62.73
CA TYR GA 72 -38.99 -20.40 -61.44
C TYR GA 72 -38.42 -21.65 -60.80
N ARG GA 73 -38.75 -21.85 -59.54
CA ARG GA 73 -38.54 -23.15 -58.89
C ARG GA 73 -39.46 -23.32 -57.67
N ILE GA 74 -39.89 -24.54 -57.40
CA ILE GA 74 -40.81 -24.75 -56.36
C ILE GA 74 -40.12 -25.04 -55.06
N ARG GA 75 -40.39 -24.15 -54.10
CA ARG GA 75 -39.71 -24.15 -52.81
C ARG GA 75 -40.34 -25.16 -51.88
N LYS GA 76 -41.65 -25.13 -51.84
CA LYS GA 76 -42.42 -25.95 -50.95
C LYS GA 76 -43.85 -26.20 -51.49
N VAL GA 77 -44.39 -27.38 -51.20
CA VAL GA 77 -45.78 -27.68 -51.45
C VAL GA 77 -46.50 -27.95 -50.16
N LYS GA 78 -47.74 -27.46 -50.11
CA LYS GA 78 -48.68 -27.87 -49.09
C LYS GA 78 -49.87 -28.54 -49.74
N VAL GA 79 -50.10 -29.74 -49.30
CA VAL GA 79 -51.21 -30.51 -49.68
C VAL GA 79 -52.09 -30.63 -48.45
N GLU GA 80 -53.34 -30.25 -48.59
CA GLU GA 80 -54.30 -30.21 -47.52
C GLU GA 80 -55.54 -31.01 -47.90
N PHE GA 81 -55.88 -32.00 -47.08
CA PHE GA 81 -57.14 -32.78 -47.22
C PHE GA 81 -58.20 -32.25 -46.27
N TRP GA 82 -59.11 -31.43 -46.83
CA TRP GA 82 -60.18 -30.82 -46.07
C TRP GA 82 -61.32 -31.79 -46.21
N PRO GA 83 -61.71 -32.44 -45.14
CA PRO GA 83 -62.81 -33.41 -45.26
C PRO GA 83 -64.20 -32.78 -45.42
N CYS GA 84 -65.03 -33.41 -46.24
CA CYS GA 84 -66.43 -33.09 -46.33
C CYS GA 84 -67.30 -33.86 -45.39
N SER GA 85 -66.86 -35.02 -44.91
CA SER GA 85 -67.69 -35.85 -44.04
C SER GA 85 -67.95 -35.14 -42.71
N PRO GA 86 -69.19 -35.24 -42.18
CA PRO GA 86 -69.43 -34.61 -40.91
C PRO GA 86 -68.74 -35.36 -39.77
N ILE GA 87 -68.56 -34.70 -38.65
CA ILE GA 87 -67.94 -35.31 -37.49
C ILE GA 87 -68.79 -36.40 -36.83
N THR GA 88 -70.01 -36.59 -37.30
CA THR GA 88 -70.91 -37.62 -36.84
C THR GA 88 -70.78 -38.87 -37.67
N GLN GA 89 -70.01 -38.86 -38.74
CA GLN GA 89 -69.89 -40.03 -39.55
C GLN GA 89 -69.08 -41.11 -38.82
N GLY GA 90 -69.50 -42.36 -39.07
CA GLY GA 90 -68.95 -43.56 -38.48
C GLY GA 90 -68.05 -44.30 -39.43
N ASP GA 91 -67.81 -45.58 -39.15
CA ASP GA 91 -66.88 -46.47 -39.85
C ASP GA 91 -65.61 -45.74 -40.17
N ARG GA 92 -65.02 -45.26 -39.10
CA ARG GA 92 -63.84 -44.44 -39.18
C ARG GA 92 -62.63 -45.30 -39.39
N GLY GA 93 -61.61 -44.75 -40.03
CA GLY GA 93 -60.49 -45.54 -40.40
C GLY GA 93 -59.20 -44.82 -40.28
N VAL GA 94 -58.15 -45.48 -40.67
CA VAL GA 94 -56.85 -44.92 -40.53
C VAL GA 94 -56.02 -45.29 -41.77
N GLY GA 95 -55.43 -44.27 -42.38
CA GLY GA 95 -54.55 -44.38 -43.53
C GLY GA 95 -53.20 -43.66 -43.40
N SER GA 96 -52.59 -43.42 -44.55
CA SER GA 96 -51.20 -43.02 -44.62
C SER GA 96 -50.96 -42.13 -45.84
N SER GA 97 -50.12 -41.11 -45.64
CA SER GA 97 -49.57 -40.26 -46.71
C SER GA 97 -48.04 -40.37 -46.63
N ALA GA 98 -47.40 -40.38 -47.78
CA ALA GA 98 -45.93 -40.36 -47.93
C ALA GA 98 -45.46 -39.53 -49.13
N VAL GA 99 -44.27 -38.95 -48.90
CA VAL GA 99 -43.57 -38.11 -49.80
C VAL GA 99 -42.69 -39.03 -50.64
N ILE GA 100 -43.07 -39.06 -51.93
CA ILE GA 100 -42.44 -39.76 -53.05
C ILE GA 100 -41.80 -38.76 -54.04
N LEU GA 101 -40.45 -38.61 -53.93
CA LEU GA 101 -39.62 -37.60 -54.62
C LEU GA 101 -39.03 -38.04 -56.01
N ASP GA 102 -39.22 -39.31 -56.36
CA ASP GA 102 -38.61 -39.94 -57.51
C ASP GA 102 -39.67 -40.51 -58.43
N ASP GA 103 -40.89 -40.01 -58.32
CA ASP GA 103 -41.96 -40.34 -59.25
C ASP GA 103 -42.24 -41.80 -59.33
N ASN GA 104 -41.92 -42.57 -58.29
CA ASN GA 104 -42.29 -43.96 -58.24
C ASN GA 104 -43.23 -44.27 -57.07
N PHE GA 105 -44.50 -44.09 -57.39
CA PHE GA 105 -45.57 -44.35 -56.47
C PHE GA 105 -45.91 -45.86 -56.48
N VAL GA 106 -46.60 -46.28 -55.44
CA VAL GA 106 -47.21 -47.60 -55.29
C VAL GA 106 -48.39 -47.60 -56.25
N THR GA 107 -48.51 -48.68 -57.02
CA THR GA 107 -49.57 -48.79 -58.01
C THR GA 107 -51.00 -48.48 -57.45
N LYS GA 108 -51.78 -47.79 -58.26
CA LYS GA 108 -53.11 -47.36 -57.83
C LYS GA 108 -53.94 -48.59 -57.48
N ALA GA 109 -54.76 -48.55 -56.43
CA ALA GA 109 -55.61 -49.71 -56.08
C ALA GA 109 -56.93 -49.28 -55.46
N THR GA 110 -58.03 -49.94 -55.73
CA THR GA 110 -59.27 -49.63 -55.01
C THR GA 110 -59.33 -50.28 -53.64
N ALA GA 111 -58.89 -51.54 -53.54
CA ALA GA 111 -58.87 -52.20 -52.25
C ALA GA 111 -57.68 -53.13 -52.16
N LEU GA 112 -56.56 -52.54 -51.78
CA LEU GA 112 -55.39 -53.25 -51.32
C LEU GA 112 -55.71 -53.77 -49.92
N THR GA 113 -55.24 -54.96 -49.60
CA THR GA 113 -55.57 -55.58 -48.28
C THR GA 113 -54.67 -55.19 -47.11
N TYR GA 114 -53.74 -54.27 -47.35
CA TYR GA 114 -52.87 -53.66 -46.35
C TYR GA 114 -52.55 -52.23 -46.80
N ASP GA 115 -51.99 -51.42 -45.93
CA ASP GA 115 -51.65 -50.05 -46.22
C ASP GA 115 -50.20 -50.12 -46.70
N PRO GA 116 -49.99 -49.99 -48.00
CA PRO GA 116 -48.63 -50.03 -48.50
C PRO GA 116 -47.69 -48.88 -48.11
N TYR GA 117 -48.22 -47.78 -47.57
CA TYR GA 117 -47.33 -46.67 -47.21
C TYR GA 117 -47.01 -46.67 -45.72
N VAL GA 118 -47.57 -47.59 -44.97
CA VAL GA 118 -47.44 -47.41 -43.55
C VAL GA 118 -46.02 -47.45 -42.99
N ASN GA 119 -45.10 -48.16 -43.62
CA ASN GA 119 -43.75 -48.24 -43.09
C ASN GA 119 -42.87 -47.26 -43.79
N TYR GA 120 -43.39 -46.37 -44.66
CA TYR GA 120 -42.48 -45.45 -45.38
C TYR GA 120 -41.84 -44.52 -44.35
N SER GA 121 -40.58 -44.23 -44.49
CA SER GA 121 -39.93 -43.35 -43.53
C SER GA 121 -40.68 -42.04 -43.48
N SER GA 122 -41.22 -41.57 -44.60
CA SER GA 122 -41.91 -40.29 -44.63
C SER GA 122 -43.40 -40.45 -44.34
N ARG GA 123 -43.85 -41.58 -43.81
CA ARG GA 123 -45.27 -41.71 -43.50
C ARG GA 123 -45.80 -40.78 -42.40
N HIS GA 124 -46.94 -40.14 -42.66
CA HIS GA 124 -47.72 -39.47 -41.62
C HIS GA 124 -49.06 -40.21 -41.61
N THR GA 125 -49.66 -40.26 -40.46
CA THR GA 125 -50.94 -40.91 -40.35
C THR GA 125 -52.14 -40.08 -40.80
N ILE GA 126 -53.07 -40.70 -41.53
CA ILE GA 126 -54.34 -40.03 -41.90
C ILE GA 126 -55.47 -40.58 -41.06
N THR GA 127 -56.29 -39.71 -40.54
CA THR GA 127 -57.41 -40.04 -39.68
C THR GA 127 -58.65 -39.75 -40.53
N GLN GA 128 -59.57 -40.70 -40.54
CA GLN GA 128 -60.69 -40.69 -41.53
C GLN GA 128 -62.01 -40.90 -40.81
N PRO GA 129 -63.09 -40.28 -41.27
CA PRO GA 129 -63.17 -39.50 -42.51
C PRO GA 129 -63.32 -37.97 -42.35
N PHE GA 130 -63.29 -37.47 -41.11
CA PHE GA 130 -63.71 -36.10 -40.77
C PHE GA 130 -62.58 -35.21 -40.28
N SER GA 131 -61.37 -35.76 -40.35
CA SER GA 131 -60.20 -35.08 -39.88
C SER GA 131 -59.48 -34.34 -40.98
N TYR GA 132 -58.86 -33.20 -40.61
CA TYR GA 132 -57.90 -32.56 -41.52
C TYR GA 132 -56.65 -33.41 -41.74
N HIS GA 133 -55.92 -33.18 -42.81
CA HIS GA 133 -54.60 -33.85 -42.99
C HIS GA 133 -53.82 -32.98 -43.92
N SER GA 134 -52.57 -32.70 -43.55
CA SER GA 134 -51.74 -31.86 -44.42
C SER GA 134 -50.34 -32.33 -44.41
N ARG GA 135 -49.65 -32.09 -45.53
CA ARG GA 135 -48.23 -32.32 -45.63
C ARG GA 135 -47.57 -31.11 -46.27
N TYR GA 136 -46.30 -30.92 -45.92
CA TYR GA 136 -45.57 -29.78 -46.38
C TYR GA 136 -44.11 -30.17 -46.54
N PHE GA 137 -43.65 -30.09 -47.77
CA PHE GA 137 -42.34 -30.59 -48.11
C PHE GA 137 -41.89 -29.96 -49.45
N THR GA 138 -40.57 -30.00 -49.69
CA THR GA 138 -40.01 -29.54 -50.95
C THR GA 138 -40.17 -30.69 -51.97
N PRO GA 139 -40.90 -30.45 -53.05
CA PRO GA 139 -41.09 -31.49 -54.07
C PRO GA 139 -39.94 -31.46 -55.05
N LYS GA 140 -40.01 -32.31 -56.05
CA LYS GA 140 -38.92 -32.38 -57.01
C LYS GA 140 -39.40 -32.49 -58.43
N PRO GA 141 -38.75 -31.78 -59.33
CA PRO GA 141 -39.11 -31.94 -60.73
C PRO GA 141 -38.79 -33.35 -61.27
N VAL GA 142 -39.54 -33.79 -62.26
CA VAL GA 142 -39.24 -35.04 -62.98
C VAL GA 142 -38.37 -34.71 -64.21
N LEU GA 143 -37.06 -34.69 -64.00
CA LEU GA 143 -36.09 -34.29 -65.03
C LEU GA 143 -35.80 -35.38 -66.04
N ASP GA 144 -35.86 -36.64 -65.63
CA ASP GA 144 -35.63 -37.81 -66.50
C ASP GA 144 -36.35 -39.04 -65.93
N SER GA 145 -37.44 -39.53 -66.52
CA SER GA 145 -38.17 -40.66 -65.88
C SER GA 145 -37.68 -42.06 -66.15
N THR GA 146 -36.68 -42.22 -67.00
CA THR GA 146 -35.79 -43.36 -66.92
C THR GA 146 -35.07 -43.45 -65.58
N ILE GA 147 -34.27 -42.44 -65.23
CA ILE GA 147 -33.35 -42.56 -64.13
C ILE GA 147 -33.93 -42.10 -62.86
N ASP GA 148 -34.90 -41.22 -62.92
CA ASP GA 148 -35.52 -40.59 -61.73
C ASP GA 148 -34.53 -40.14 -60.68
N TYR GA 149 -33.93 -38.96 -60.87
CA TYR GA 149 -33.00 -38.41 -59.93
C TYR GA 149 -33.42 -37.04 -59.38
N PHE GA 150 -33.03 -36.77 -58.14
CA PHE GA 150 -33.36 -35.51 -57.58
C PHE GA 150 -32.28 -34.95 -56.67
N GLN GA 151 -32.39 -33.63 -56.40
CA GLN GA 151 -31.44 -32.88 -55.58
C GLN GA 151 -31.79 -33.06 -54.14
N PRO GA 152 -30.81 -33.33 -53.25
CA PRO GA 152 -31.05 -33.25 -51.80
C PRO GA 152 -31.63 -31.89 -51.44
N ASN GA 153 -32.47 -31.95 -50.43
CA ASN GA 153 -33.49 -30.90 -50.15
C ASN GA 153 -32.62 -29.64 -49.73
N ASN GA 154 -32.70 -28.57 -50.52
CA ASN GA 154 -31.84 -27.40 -50.33
C ASN GA 154 -32.61 -26.12 -50.65
N LYS GA 155 -31.90 -25.01 -50.37
CA LYS GA 155 -32.28 -23.66 -50.75
C LYS GA 155 -31.31 -23.09 -51.81
N ARG GA 156 -30.12 -22.67 -51.43
CA ARG GA 156 -29.32 -21.85 -52.35
C ARG GA 156 -28.93 -22.58 -53.66
N ASN GA 157 -28.74 -23.93 -53.62
CA ASN GA 157 -28.28 -24.79 -54.79
C ASN GA 157 -29.38 -25.44 -55.65
N GLN GA 158 -30.65 -25.11 -55.46
CA GLN GA 158 -31.78 -25.77 -56.17
C GLN GA 158 -31.88 -25.30 -57.60
N LEU GA 159 -32.08 -26.23 -58.51
CA LEU GA 159 -32.24 -25.92 -59.92
C LEU GA 159 -33.33 -24.82 -60.21
N TRP GA 160 -33.02 -23.94 -61.16
CA TRP GA 160 -34.03 -23.06 -61.80
C TRP GA 160 -34.56 -23.75 -63.04
N LEU GA 161 -35.83 -23.51 -63.28
CA LEU GA 161 -36.55 -24.02 -64.40
C LEU GA 161 -37.12 -22.84 -65.21
N ARG GA 162 -37.00 -22.92 -66.54
CA ARG GA 162 -37.82 -22.07 -67.40
C ARG GA 162 -39.34 -22.20 -67.13
N LEU GA 163 -40.04 -21.08 -67.15
CA LEU GA 163 -41.45 -21.03 -66.95
C LEU GA 163 -42.01 -21.05 -68.36
N GLN GA 164 -42.68 -22.15 -68.66
CA GLN GA 164 -43.21 -22.41 -70.00
C GLN GA 164 -44.62 -21.97 -70.08
N THR GA 165 -45.07 -21.61 -71.28
CA THR GA 165 -46.50 -21.23 -71.41
C THR GA 165 -47.40 -22.43 -71.17
N ALA GA 166 -47.01 -23.55 -71.75
CA ALA GA 166 -47.85 -24.69 -71.86
C ALA GA 166 -47.33 -25.99 -71.26
N GLY GA 167 -46.05 -26.29 -71.31
CA GLY GA 167 -45.70 -27.72 -71.16
C GLY GA 167 -44.81 -28.01 -69.99
N ASN GA 168 -45.23 -27.47 -68.84
CA ASN GA 168 -44.31 -27.42 -67.71
C ASN GA 168 -44.06 -28.84 -67.12
N VAL GA 169 -42.89 -28.98 -66.49
CA VAL GA 169 -42.45 -30.24 -65.94
C VAL GA 169 -43.26 -30.57 -64.70
N ASP GA 170 -43.75 -31.81 -64.63
CA ASP GA 170 -44.35 -32.38 -63.39
C ASP GA 170 -43.34 -32.35 -62.19
N HIS GA 171 -43.84 -31.93 -61.05
CA HIS GA 171 -43.14 -32.09 -59.76
C HIS GA 171 -43.81 -33.17 -58.98
N VAL GA 172 -43.06 -33.66 -58.02
CA VAL GA 172 -43.37 -34.95 -57.53
C VAL GA 172 -43.13 -35.09 -56.07
N GLY GA 173 -43.98 -35.96 -55.58
CA GLY GA 173 -44.87 -35.57 -54.54
C GLY GA 173 -45.43 -36.57 -53.61
N LEU GA 174 -46.71 -36.93 -53.76
CA LEU GA 174 -47.40 -37.50 -52.62
C LEU GA 174 -48.18 -38.79 -52.88
N GLY GA 175 -47.85 -39.87 -52.18
CA GLY GA 175 -48.69 -41.08 -52.18
C GLY GA 175 -49.68 -41.20 -51.02
N THR GA 176 -50.83 -41.76 -51.27
CA THR GA 176 -51.88 -41.87 -50.28
C THR GA 176 -52.50 -43.25 -50.26
N ALA GA 177 -52.77 -43.73 -49.07
CA ALA GA 177 -53.60 -44.90 -48.86
C ALA GA 177 -54.69 -44.51 -47.85
N PHE GA 178 -55.94 -44.40 -48.32
CA PHE GA 178 -57.07 -44.14 -47.47
C PHE GA 178 -57.74 -45.46 -47.16
N GLU GA 179 -58.09 -45.72 -45.89
CA GLU GA 179 -58.95 -46.90 -45.58
C GLU GA 179 -60.37 -46.79 -46.13
N ASN GA 180 -60.83 -47.87 -46.73
CA ASN GA 180 -62.13 -47.88 -47.33
C ASN GA 180 -63.16 -47.95 -46.27
N SER GA 181 -64.39 -47.60 -46.66
CA SER GA 181 -65.51 -47.47 -45.73
C SER GA 181 -66.85 -47.92 -46.36
N ILE GA 182 -67.75 -48.20 -45.44
CA ILE GA 182 -69.15 -48.51 -45.68
C ILE GA 182 -69.86 -47.26 -46.27
N TYR GA 183 -69.38 -46.06 -45.93
CA TYR GA 183 -69.86 -44.80 -46.54
C TYR GA 183 -68.83 -44.22 -47.48
N ASP GA 184 -69.33 -43.30 -48.30
CA ASP GA 184 -68.48 -42.45 -49.13
C ASP GA 184 -67.60 -41.52 -48.29
N GLN GA 185 -66.38 -41.25 -48.72
CA GLN GA 185 -65.48 -40.29 -48.00
C GLN GA 185 -65.08 -39.20 -49.01
N GLU GA 186 -65.77 -38.06 -49.00
CA GLU GA 186 -65.52 -36.98 -49.97
C GLU GA 186 -64.48 -36.08 -49.26
N TYR GA 187 -63.56 -35.51 -50.03
CA TYR GA 187 -62.57 -34.47 -49.60
C TYR GA 187 -62.48 -33.32 -50.62
N ASN GA 188 -62.28 -32.09 -50.16
CA ASN GA 188 -61.72 -30.99 -50.99
C ASN GA 188 -60.23 -30.98 -50.76
N ILE GA 189 -59.43 -31.14 -51.81
CA ILE GA 189 -58.00 -31.15 -51.63
C ILE GA 189 -57.50 -29.84 -52.12
N ARG GA 190 -56.65 -29.19 -51.31
CA ARG GA 190 -56.10 -27.95 -51.74
C ARG GA 190 -54.59 -28.00 -51.73
N VAL GA 191 -54.00 -27.74 -52.88
CA VAL GA 191 -52.56 -27.76 -53.04
C VAL GA 191 -52.12 -26.35 -53.16
N THR GA 192 -51.07 -26.02 -52.43
CA THR GA 192 -50.51 -24.72 -52.49
C THR GA 192 -49.01 -24.85 -52.78
N MET GA 193 -48.54 -24.25 -53.88
CA MET GA 193 -47.09 -24.15 -54.18
C MET GA 193 -46.47 -22.83 -53.71
N TYR GA 194 -45.33 -22.91 -53.06
CA TYR GA 194 -44.56 -21.79 -52.60
C TYR GA 194 -43.47 -21.64 -53.60
N VAL GA 195 -43.72 -20.77 -54.58
CA VAL GA 195 -42.87 -20.66 -55.77
C VAL GA 195 -41.98 -19.42 -55.68
N GLN GA 196 -40.79 -19.57 -56.25
CA GLN GA 196 -39.81 -18.50 -56.34
C GLN GA 196 -39.63 -18.26 -57.82
N PHE GA 197 -40.09 -17.10 -58.27
CA PHE GA 197 -39.86 -16.65 -59.63
C PHE GA 197 -38.56 -15.83 -59.71
N ARG GA 198 -37.89 -15.85 -60.87
CA ARG GA 198 -36.72 -14.99 -61.14
C ARG GA 198 -36.72 -14.39 -62.60
N GLU GA 199 -36.17 -13.17 -62.72
CA GLU GA 199 -35.95 -12.42 -63.95
C GLU GA 199 -37.24 -11.95 -64.52
N PHE GA 200 -37.58 -10.73 -64.12
CA PHE GA 200 -38.78 -10.04 -64.59
C PHE GA 200 -38.63 -9.88 -66.06
N ASN GA 201 -39.70 -10.15 -66.84
CA ASN GA 201 -39.55 -10.14 -68.32
C ASN GA 201 -40.59 -9.39 -69.06
N LEU GA 202 -41.27 -8.46 -68.42
CA LEU GA 202 -42.53 -7.96 -68.99
C LEU GA 202 -42.31 -7.25 -70.29
N LYS GA 203 -42.91 -7.72 -71.35
CA LYS GA 203 -42.83 -6.97 -72.61
C LYS GA 203 -43.90 -5.88 -72.67
N ASP GA 204 -43.56 -4.73 -73.26
CA ASP GA 204 -44.49 -3.63 -73.31
C ASP GA 204 -44.62 -3.03 -74.71
N PRO GA 205 -45.41 -3.66 -75.60
CA PRO GA 205 -45.47 -3.08 -76.96
C PRO GA 205 -46.37 -1.86 -76.96
N PRO GA 206 -46.29 -1.07 -78.02
CA PRO GA 206 -47.13 0.10 -78.15
C PRO GA 206 -48.33 -0.21 -79.03
N SER HA 19 -46.26 -9.73 -50.14
CA SER HA 19 -47.30 -8.69 -50.46
C SER HA 19 -46.83 -7.51 -51.36
N HIS HA 20 -45.58 -7.02 -51.22
CA HIS HA 20 -45.05 -5.97 -52.15
C HIS HA 20 -44.20 -6.52 -53.20
N PHE HA 21 -44.31 -5.89 -54.35
CA PHE HA 21 -43.45 -6.13 -55.45
C PHE HA 21 -42.87 -4.76 -55.97
N ASN HA 22 -41.58 -4.59 -55.82
CA ASN HA 22 -40.95 -3.42 -56.39
C ASN HA 22 -40.40 -3.78 -57.74
N THR HA 23 -40.72 -3.01 -58.76
CA THR HA 23 -40.09 -3.17 -60.04
C THR HA 23 -39.98 -1.87 -60.87
N ARG HA 24 -39.61 -2.07 -62.12
CA ARG HA 24 -39.14 -1.05 -63.00
C ARG HA 24 -39.64 -1.32 -64.43
N LEU HA 25 -40.36 -0.34 -64.97
CA LEU HA 25 -40.96 -0.40 -66.31
C LEU HA 25 -40.44 0.76 -67.15
N SER HA 26 -40.15 0.52 -68.41
CA SER HA 26 -39.73 1.62 -69.30
C SER HA 26 -40.44 1.57 -70.63
N ARG HA 27 -40.37 2.69 -71.32
CA ARG HA 27 -40.76 2.85 -72.69
C ARG HA 27 -39.91 3.91 -73.29
N THR HA 28 -39.81 3.94 -74.61
CA THR HA 28 -38.87 4.82 -75.32
C THR HA 28 -39.64 5.37 -76.47
N PHE HA 29 -39.70 6.67 -76.64
CA PHE HA 29 -40.40 7.25 -77.79
C PHE HA 29 -39.58 8.40 -78.42
N GLY HA 30 -39.99 8.88 -79.59
CA GLY HA 30 -39.18 9.91 -80.30
C GLY HA 30 -39.62 11.33 -80.02
N TYR HA 31 -38.70 12.27 -80.11
CA TYR HA 31 -39.01 13.72 -80.01
C TYR HA 31 -38.14 14.44 -81.01
N THR HA 32 -38.73 15.27 -81.84
CA THR HA 32 -37.92 16.08 -82.76
C THR HA 32 -38.30 17.53 -82.54
N ILE HA 33 -37.32 18.38 -82.19
CA ILE HA 33 -37.49 19.84 -82.28
C ILE HA 33 -37.08 20.18 -83.69
N LYS HA 34 -37.98 20.82 -84.41
CA LYS HA 34 -37.78 21.17 -85.82
C LYS HA 34 -36.82 22.36 -85.97
N ARG HA 35 -36.12 22.37 -87.09
CA ARG HA 35 -35.21 23.45 -87.40
C ARG HA 35 -36.07 24.70 -87.57
N THR HA 36 -35.63 25.85 -87.06
CA THR HA 36 -36.25 27.13 -87.38
C THR HA 36 -35.24 28.05 -88.01
N THR HA 37 -35.74 29.13 -88.58
CA THR HA 37 -34.85 30.14 -89.12
C THR HA 37 -34.90 31.46 -88.38
N VAL HA 38 -35.72 31.58 -87.33
CA VAL HA 38 -35.71 32.76 -86.45
C VAL HA 38 -34.24 33.00 -85.99
N LYS HA 39 -33.71 34.22 -86.13
CA LYS HA 39 -32.28 34.47 -85.77
C LYS HA 39 -32.02 34.60 -84.23
N THR HA 40 -32.86 35.38 -83.54
CA THR HA 40 -32.69 35.61 -82.08
C THR HA 40 -33.02 34.30 -81.34
N PRO HA 41 -32.44 34.07 -80.14
CA PRO HA 41 -32.68 32.91 -79.27
C PRO HA 41 -34.14 32.72 -79.00
N SER HA 42 -34.60 31.47 -79.10
CA SER HA 42 -36.01 31.09 -79.04
C SER HA 42 -36.10 29.67 -78.55
N TRP HA 43 -37.24 29.35 -77.92
CA TRP HA 43 -37.35 28.08 -77.18
C TRP HA 43 -38.58 27.29 -77.56
N ALA HA 44 -38.43 25.96 -77.69
CA ALA HA 44 -39.53 25.00 -77.87
C ALA HA 44 -39.96 24.45 -76.48
N VAL HA 45 -41.13 24.90 -76.05
CA VAL HA 45 -41.64 24.62 -74.76
C VAL HA 45 -42.65 23.48 -74.99
N ASP HA 46 -42.40 22.38 -74.27
CA ASP HA 46 -43.32 21.26 -74.21
C ASP HA 46 -43.55 20.74 -72.77
N MET HA 47 -44.14 19.55 -72.65
CA MET HA 47 -44.50 19.00 -71.35
C MET HA 47 -44.54 17.52 -71.37
N MET HA 48 -44.58 16.90 -70.21
CA MET HA 48 -44.52 15.45 -70.08
C MET HA 48 -45.40 14.96 -68.95
N ARG HA 49 -46.33 14.05 -69.30
CA ARG HA 49 -47.14 13.31 -68.33
C ARG HA 49 -46.78 11.86 -68.38
N PHE HA 50 -47.16 11.16 -67.33
CA PHE HA 50 -46.75 9.76 -67.18
C PHE HA 50 -47.94 8.96 -66.82
N ASN HA 51 -48.28 7.93 -67.61
CA ASN HA 51 -49.43 7.12 -67.34
C ASN HA 51 -49.15 5.69 -67.50
N ILE HA 52 -49.39 4.90 -66.45
CA ILE HA 52 -49.02 3.46 -66.44
C ILE HA 52 -49.67 2.64 -67.58
N ASN HA 53 -50.71 3.19 -68.21
CA ASN HA 53 -51.31 2.57 -69.39
C ASN HA 53 -50.24 2.29 -70.43
N ASP HA 54 -49.23 3.13 -70.54
CA ASP HA 54 -48.19 3.03 -71.57
C ASP HA 54 -47.00 2.11 -71.21
N PHE HA 55 -47.01 1.57 -70.02
CA PHE HA 55 -45.89 0.78 -69.53
C PHE HA 55 -46.34 -0.67 -69.27
N LEU HA 56 -47.66 -0.91 -69.16
CA LEU HA 56 -48.25 -2.17 -68.70
C LEU HA 56 -49.28 -2.64 -69.69
N PRO HA 57 -48.95 -3.61 -70.53
CA PRO HA 57 -50.01 -3.95 -71.49
C PRO HA 57 -51.19 -4.63 -70.80
N PRO HA 58 -52.31 -4.80 -71.54
CA PRO HA 58 -53.38 -5.64 -70.93
C PRO HA 58 -52.91 -7.11 -70.73
N GLY HA 59 -53.72 -7.89 -70.04
CA GLY HA 59 -53.37 -9.22 -69.56
C GLY HA 59 -54.21 -10.15 -70.39
N GLY HA 60 -54.62 -11.29 -69.87
CA GLY HA 60 -55.49 -12.18 -70.61
C GLY HA 60 -56.42 -12.96 -69.70
N GLY HA 61 -57.60 -13.32 -70.24
CA GLY HA 61 -58.64 -14.04 -69.50
C GLY HA 61 -59.07 -13.43 -68.16
N SER HA 62 -58.84 -14.18 -67.08
CA SER HA 62 -59.32 -13.77 -65.77
C SER HA 62 -58.41 -12.79 -65.05
N ASN HA 63 -57.28 -12.43 -65.70
CA ASN HA 63 -56.24 -11.51 -65.17
C ASN HA 63 -56.13 -10.36 -66.11
N PRO HA 64 -56.96 -9.35 -65.91
CA PRO HA 64 -56.99 -8.32 -66.94
C PRO HA 64 -55.67 -7.58 -67.17
N ARG HA 65 -54.73 -7.58 -66.21
CA ARG HA 65 -53.44 -6.85 -66.40
C ARG HA 65 -52.19 -7.74 -66.34
N SER HA 66 -51.15 -7.28 -66.98
CA SER HA 66 -50.00 -8.12 -67.21
C SER HA 66 -49.25 -8.41 -65.93
N VAL HA 67 -49.20 -7.43 -65.01
CA VAL HA 67 -48.82 -7.75 -63.61
C VAL HA 67 -50.05 -8.01 -62.71
N PRO HA 68 -50.02 -9.12 -61.97
CA PRO HA 68 -51.22 -9.51 -61.25
C PRO HA 68 -51.25 -8.99 -59.83
N PHE HA 69 -51.52 -7.68 -59.71
CA PHE HA 69 -51.57 -6.99 -58.40
C PHE HA 69 -52.71 -6.00 -58.40
N GLU HA 70 -53.25 -5.72 -57.21
CA GLU HA 70 -54.50 -4.99 -57.13
C GLU HA 70 -54.27 -3.52 -56.98
N TYR HA 71 -53.19 -3.13 -56.35
CA TYR HA 71 -52.80 -1.74 -56.19
C TYR HA 71 -51.35 -1.43 -56.56
N TYR HA 72 -51.11 -0.15 -56.79
CA TYR HA 72 -49.76 0.32 -57.10
C TYR HA 72 -49.57 1.72 -56.65
N ARG HA 73 -48.30 2.12 -56.50
CA ARG HA 73 -47.98 3.53 -56.51
C ARG HA 73 -46.61 3.74 -57.13
N ILE HA 74 -46.40 4.96 -57.67
CA ILE HA 74 -45.16 5.28 -58.40
C ILE HA 74 -44.21 5.98 -57.51
N ARG HA 75 -43.25 5.22 -57.04
CA ARG HA 75 -42.15 5.73 -56.26
C ARG HA 75 -41.33 6.90 -56.87
N LYS HA 76 -41.06 6.76 -58.16
CA LYS HA 76 -40.05 7.59 -58.83
C LYS HA 76 -40.22 7.46 -60.34
N VAL HA 77 -39.76 8.46 -61.05
CA VAL HA 77 -39.71 8.42 -62.50
C VAL HA 77 -38.34 8.86 -62.94
N LYS HA 78 -37.75 8.16 -63.89
CA LYS HA 78 -36.59 8.70 -64.62
C LYS HA 78 -37.04 9.10 -66.00
N VAL HA 79 -36.66 10.30 -66.43
CA VAL HA 79 -36.90 10.75 -67.78
C VAL HA 79 -35.50 10.95 -68.33
N GLU HA 80 -35.18 10.19 -69.38
CA GLU HA 80 -33.88 10.26 -70.05
C GLU HA 80 -34.01 10.82 -71.48
N PHE HA 81 -33.35 11.94 -71.78
CA PHE HA 81 -33.25 12.47 -73.16
C PHE HA 81 -31.92 11.96 -73.74
N TRP HA 82 -31.96 10.89 -74.55
CA TRP HA 82 -30.79 10.30 -75.22
C TRP HA 82 -30.68 10.98 -76.59
N PRO HA 83 -29.62 11.75 -76.82
CA PRO HA 83 -29.61 12.57 -78.05
C PRO HA 83 -29.27 11.76 -79.28
N CYS HA 84 -29.89 12.08 -80.40
CA CYS HA 84 -29.49 11.46 -81.67
C CYS HA 84 -28.41 12.23 -82.43
N SER HA 85 -28.34 13.54 -82.23
CA SER HA 85 -27.48 14.38 -83.07
C SER HA 85 -26.07 13.93 -82.75
N PRO HA 86 -25.16 14.00 -83.73
CA PRO HA 86 -23.74 13.59 -83.45
C PRO HA 86 -22.99 14.66 -82.68
N ILE HA 87 -21.84 14.34 -82.07
CA ILE HA 87 -21.02 15.37 -81.32
C ILE HA 87 -20.35 16.42 -82.21
N THR HA 88 -20.36 16.16 -83.50
CA THR HA 88 -19.97 17.16 -84.47
C THR HA 88 -20.99 18.23 -84.72
N GLN HA 89 -22.23 18.13 -84.22
CA GLN HA 89 -23.27 19.08 -84.63
C GLN HA 89 -23.04 20.43 -83.89
N GLY HA 90 -23.31 21.52 -84.59
CA GLY HA 90 -23.01 22.90 -84.16
C GLY HA 90 -24.32 23.59 -83.92
N ASP HA 91 -24.30 24.93 -83.95
CA ASP HA 91 -25.40 25.76 -83.43
C ASP HA 91 -25.98 25.12 -82.21
N ARG HA 92 -25.11 24.93 -81.22
CA ARG HA 92 -25.46 24.32 -79.94
C ARG HA 92 -26.14 25.30 -79.04
N GLY HA 93 -26.90 24.77 -78.08
CA GLY HA 93 -27.87 25.58 -77.37
C GLY HA 93 -27.98 25.20 -75.94
N VAL HA 94 -28.78 25.97 -75.23
CA VAL HA 94 -28.96 25.77 -73.84
C VAL HA 94 -30.43 26.02 -73.43
N GLY HA 95 -30.95 25.05 -72.67
CA GLY HA 95 -32.33 25.08 -72.16
C GLY HA 95 -32.54 24.55 -70.74
N SER HA 96 -33.74 23.98 -70.50
CA SER HA 96 -34.22 23.75 -69.13
C SER HA 96 -35.21 22.62 -69.08
N SER HA 97 -35.13 21.82 -68.03
CA SER HA 97 -36.24 21.00 -67.59
C SER HA 97 -36.61 21.41 -66.18
N ALA HA 98 -37.93 21.37 -65.90
CA ALA HA 98 -38.44 21.63 -64.58
C ALA HA 98 -39.46 20.60 -64.13
N VAL HA 99 -39.43 20.29 -62.85
CA VAL HA 99 -40.45 19.37 -62.29
C VAL HA 99 -41.72 20.15 -61.90
N ILE HA 100 -42.84 19.62 -62.38
CA ILE HA 100 -44.16 20.24 -62.29
C ILE HA 100 -45.13 19.24 -61.67
N LEU HA 101 -45.49 19.49 -60.45
CA LEU HA 101 -46.15 18.46 -59.71
C LEU HA 101 -47.62 18.71 -59.63
N ASP HA 102 -48.09 19.82 -60.17
CA ASP HA 102 -49.45 20.23 -60.00
C ASP HA 102 -50.17 20.24 -61.32
N ASP HA 103 -49.59 19.62 -62.34
CA ASP HA 103 -50.22 19.50 -63.64
C ASP HA 103 -50.45 20.87 -64.26
N ASN HA 104 -49.55 21.83 -64.11
CA ASN HA 104 -49.73 23.14 -64.70
C ASN HA 104 -48.43 23.59 -65.38
N PHE HA 105 -48.44 23.31 -66.67
CA PHE HA 105 -47.31 23.51 -67.50
C PHE HA 105 -47.35 24.85 -68.17
N VAL HA 106 -46.19 25.32 -68.58
CA VAL HA 106 -46.14 26.50 -69.45
C VAL HA 106 -46.75 26.06 -70.80
N THR HA 107 -47.75 26.82 -71.25
CA THR HA 107 -48.36 26.63 -72.58
C THR HA 107 -47.29 26.20 -73.61
N LYS HA 108 -47.63 25.18 -74.40
CA LYS HA 108 -46.77 24.68 -75.45
C LYS HA 108 -46.52 25.75 -76.46
N ALA HA 109 -45.33 25.74 -77.04
CA ALA HA 109 -44.86 26.86 -77.88
C ALA HA 109 -43.72 26.43 -78.78
N THR HA 110 -43.74 26.86 -80.02
CA THR HA 110 -42.65 26.50 -80.93
C THR HA 110 -41.36 27.32 -80.73
N ALA HA 111 -41.53 28.63 -80.55
CA ALA HA 111 -40.37 29.54 -80.42
C ALA HA 111 -40.59 30.74 -79.47
N LEU HA 112 -40.83 30.47 -78.19
CA LEU HA 112 -40.82 31.53 -77.18
C LEU HA 112 -39.52 32.28 -77.25
N THR HA 113 -39.54 33.56 -76.87
CA THR HA 113 -38.38 34.46 -76.98
C THR HA 113 -37.53 34.47 -75.71
N TYR HA 114 -37.97 33.70 -74.69
CA TYR HA 114 -37.17 33.40 -73.49
C TYR HA 114 -37.43 31.94 -73.10
N ASP HA 115 -36.57 31.42 -72.23
CA ASP HA 115 -36.71 30.10 -71.56
C ASP HA 115 -37.63 30.25 -70.30
N PRO HA 116 -38.88 29.89 -70.45
CA PRO HA 116 -39.79 30.09 -69.31
C PRO HA 116 -39.50 29.29 -68.04
N TYR HA 117 -38.75 28.18 -68.18
CA TYR HA 117 -38.45 27.36 -67.04
C TYR HA 117 -37.16 27.74 -66.31
N VAL HA 118 -36.31 28.58 -66.88
CA VAL HA 118 -34.97 28.76 -66.30
C VAL HA 118 -34.93 29.24 -64.84
N ASN HA 119 -35.92 30.03 -64.43
CA ASN HA 119 -35.92 30.49 -63.03
C ASN HA 119 -36.62 29.48 -62.08
N TYR HA 120 -37.16 28.37 -62.57
CA TYR HA 120 -37.83 27.45 -61.68
C TYR HA 120 -36.84 26.90 -60.66
N SER HA 121 -37.34 26.77 -59.44
CA SER HA 121 -36.58 26.18 -58.36
C SER HA 121 -36.06 24.81 -58.75
N SER HA 122 -36.84 24.01 -59.48
CA SER HA 122 -36.50 22.64 -59.77
C SER HA 122 -35.77 22.51 -61.10
N ARG HA 123 -35.38 23.63 -61.68
CA ARG HA 123 -34.78 23.62 -62.99
C ARG HA 123 -33.44 22.97 -62.94
N HIS HA 124 -33.14 22.18 -63.96
CA HIS HA 124 -31.78 21.71 -64.34
C HIS HA 124 -31.50 22.12 -65.77
N THR HA 125 -30.25 22.42 -66.07
CA THR HA 125 -29.86 22.86 -67.41
C THR HA 125 -29.84 21.67 -68.34
N ILE HA 126 -30.22 21.90 -69.60
CA ILE HA 126 -30.15 20.90 -70.67
C ILE HA 126 -29.12 21.45 -71.66
N THR HA 127 -28.28 20.57 -72.15
CA THR HA 127 -27.19 20.97 -73.01
C THR HA 127 -27.51 20.37 -74.39
N GLN HA 128 -27.44 21.18 -75.44
CA GLN HA 128 -27.97 20.81 -76.77
C GLN HA 128 -26.92 20.94 -77.90
N PRO HA 129 -26.89 19.97 -78.84
CA PRO HA 129 -27.93 18.95 -79.03
C PRO HA 129 -27.40 17.53 -78.95
N PHE HA 130 -26.15 17.40 -78.52
CA PHE HA 130 -25.56 16.08 -78.46
C PHE HA 130 -25.38 15.56 -77.06
N SER HA 131 -25.97 16.20 -76.05
CA SER HA 131 -25.73 15.79 -74.66
C SER HA 131 -26.91 15.10 -74.04
N TYR HA 132 -26.59 14.13 -73.18
CA TYR HA 132 -27.56 13.38 -72.42
C TYR HA 132 -28.11 14.34 -71.38
N HIS HA 133 -29.38 14.14 -71.05
CA HIS HA 133 -30.04 14.91 -69.99
C HIS HA 133 -30.95 13.90 -69.30
N SER HA 134 -30.83 13.71 -67.98
CA SER HA 134 -31.90 13.00 -67.25
C SER HA 134 -32.40 13.69 -65.99
N ARG HA 135 -33.61 13.30 -65.59
CA ARG HA 135 -34.21 13.76 -64.35
C ARG HA 135 -34.80 12.53 -63.66
N TYR HA 136 -34.84 12.56 -62.32
CA TYR HA 136 -35.33 11.49 -61.48
C TYR HA 136 -35.97 12.11 -60.23
N PHE HA 137 -37.27 11.89 -60.06
CA PHE HA 137 -38.07 12.53 -59.02
C PHE HA 137 -39.34 11.70 -58.73
N THR HA 138 -39.96 11.98 -57.61
CA THR HA 138 -41.26 11.40 -57.35
C THR HA 138 -42.34 12.27 -58.04
N PRO HA 139 -43.09 11.68 -58.95
CA PRO HA 139 -44.17 12.38 -59.64
C PRO HA 139 -45.41 12.30 -58.79
N LYS HA 140 -46.49 12.94 -59.21
CA LYS HA 140 -47.73 12.84 -58.45
C LYS HA 140 -48.94 12.59 -59.32
N PRO HA 141 -49.87 11.83 -58.80
CA PRO HA 141 -51.06 11.71 -59.53
C PRO HA 141 -51.87 13.00 -59.61
N VAL HA 142 -52.61 13.09 -60.71
CA VAL HA 142 -53.64 14.08 -60.93
C VAL HA 142 -54.96 13.57 -60.36
N LEU HA 143 -55.13 13.75 -59.06
CA LEU HA 143 -56.38 13.43 -58.36
C LEU HA 143 -57.53 14.40 -58.59
N ASP HA 144 -57.26 15.66 -58.86
CA ASP HA 144 -58.34 16.67 -59.06
C ASP HA 144 -57.73 17.88 -59.79
N SER HA 145 -58.05 18.04 -61.06
CA SER HA 145 -57.32 18.99 -61.86
C SER HA 145 -57.90 20.38 -61.66
N THR HA 146 -59.02 20.48 -60.99
CA THR HA 146 -59.51 21.77 -60.55
C THR HA 146 -58.64 22.39 -59.44
N ILE HA 147 -58.18 21.59 -58.49
CA ILE HA 147 -57.50 22.11 -57.31
C ILE HA 147 -56.00 21.88 -57.39
N ASP HA 148 -55.64 20.74 -57.92
CA ASP HA 148 -54.29 20.41 -58.26
C ASP HA 148 -53.49 20.34 -57.00
N TYR HA 149 -53.86 19.42 -56.15
CA TYR HA 149 -53.15 19.15 -54.93
C TYR HA 149 -52.33 17.86 -54.98
N PHE HA 150 -51.25 17.84 -54.19
CA PHE HA 150 -50.44 16.66 -54.13
C PHE HA 150 -49.78 16.46 -52.80
N GLN HA 151 -49.31 15.25 -52.58
CA GLN HA 151 -48.64 14.91 -51.33
C GLN HA 151 -47.23 15.40 -51.35
N PRO HA 152 -46.73 15.86 -50.20
CA PRO HA 152 -45.31 15.96 -49.98
C PRO HA 152 -44.60 14.66 -50.11
N ASN HA 153 -43.35 14.82 -50.50
CA ASN HA 153 -42.61 13.73 -51.15
C ASN HA 153 -42.36 12.86 -49.92
N ASN HA 154 -42.57 11.56 -50.04
CA ASN HA 154 -42.58 10.71 -48.83
C ASN HA 154 -42.40 9.26 -49.23
N LYS HA 155 -42.42 8.41 -48.20
CA LYS HA 155 -42.42 6.96 -48.41
C LYS HA 155 -43.67 6.24 -47.77
N ARG HA 156 -43.70 5.99 -46.46
CA ARG HA 156 -44.80 5.24 -45.84
C ARG HA 156 -46.19 5.89 -45.78
N ASN HA 157 -46.28 7.20 -46.04
CA ASN HA 157 -47.57 7.89 -46.24
C ASN HA 157 -48.11 8.11 -47.69
N GLN HA 158 -47.46 7.62 -48.77
CA GLN HA 158 -47.91 7.89 -50.14
C GLN HA 158 -49.18 7.13 -50.51
N LEU HA 159 -50.17 7.81 -51.05
CA LEU HA 159 -51.38 7.15 -51.51
C LEU HA 159 -51.14 5.84 -52.36
N TRP HA 160 -52.00 4.84 -52.11
CA TRP HA 160 -52.12 3.63 -52.96
C TRP HA 160 -53.24 3.86 -53.99
N LEU HA 161 -53.01 3.42 -55.23
CA LEU HA 161 -53.94 3.57 -56.37
C LEU HA 161 -54.31 2.20 -56.95
N ARG HA 162 -55.56 2.07 -57.39
CA ARG HA 162 -56.01 0.85 -57.99
C ARG HA 162 -55.34 0.66 -59.30
N LEU HA 163 -54.91 -0.56 -59.57
CA LEU HA 163 -54.34 -0.88 -60.90
C LEU HA 163 -55.54 -1.13 -61.80
N GLN HA 164 -55.73 -0.27 -62.77
CA GLN HA 164 -56.90 -0.40 -63.56
C GLN HA 164 -56.43 -1.05 -64.82
N THR HA 165 -57.36 -1.70 -65.52
CA THR HA 165 -57.02 -2.23 -66.87
C THR HA 165 -56.81 -1.07 -67.85
N ALA HA 166 -57.73 -0.12 -67.74
CA ALA HA 166 -58.04 0.75 -68.79
C ALA HA 166 -57.59 2.15 -68.45
N GLY HA 167 -58.26 2.84 -67.54
CA GLY HA 167 -58.17 4.32 -67.54
C GLY HA 167 -57.48 4.82 -66.31
N ASN HA 168 -56.20 4.48 -66.21
CA ASN HA 168 -55.36 4.88 -65.11
C ASN HA 168 -55.12 6.36 -65.15
N VAL HA 169 -54.78 6.89 -64.00
CA VAL HA 169 -54.67 8.31 -63.77
C VAL HA 169 -53.31 8.86 -64.20
N ASP HA 170 -53.35 10.05 -64.76
CA ASP HA 170 -52.13 10.67 -65.17
C ASP HA 170 -51.34 11.03 -63.92
N HIS HA 171 -50.02 10.88 -64.03
CA HIS HA 171 -49.09 11.45 -63.10
C HIS HA 171 -48.21 12.44 -63.76
N VAL HA 172 -47.75 13.35 -62.95
CA VAL HA 172 -47.34 14.57 -63.47
C VAL HA 172 -45.96 14.97 -62.97
N GLY HA 173 -45.34 15.77 -63.85
CA GLY HA 173 -43.93 15.82 -63.86
C GLY HA 173 -43.18 16.84 -64.63
N LEU HA 174 -43.03 16.76 -65.95
CA LEU HA 174 -41.87 17.48 -66.58
C LEU HA 174 -42.11 18.49 -67.71
N GLY HA 175 -41.80 19.74 -67.40
CA GLY HA 175 -41.73 20.78 -68.41
C GLY HA 175 -40.33 20.87 -69.01
N THR HA 176 -40.29 21.20 -70.30
CA THR HA 176 -39.03 21.32 -71.03
C THR HA 176 -39.07 22.53 -71.92
N ALA HA 177 -37.95 23.23 -72.02
CA ALA HA 177 -37.80 24.27 -73.00
C ALA HA 177 -36.50 23.99 -73.67
N PHE HA 178 -36.55 23.48 -74.90
CA PHE HA 178 -35.31 23.27 -75.69
C PHE HA 178 -35.05 24.51 -76.54
N GLU HA 179 -33.84 25.03 -76.56
CA GLU HA 179 -33.53 26.15 -77.45
C GLU HA 179 -33.61 25.67 -78.89
N ASN HA 180 -34.14 26.51 -79.77
CA ASN HA 180 -34.25 26.19 -81.20
C ASN HA 180 -32.96 26.43 -81.89
N SER HA 181 -32.72 25.64 -82.92
CA SER HA 181 -31.46 25.66 -83.67
C SER HA 181 -31.66 25.71 -85.23
N ILE HA 182 -30.56 25.98 -85.91
CA ILE HA 182 -30.48 26.04 -87.40
C ILE HA 182 -30.72 24.65 -87.99
N TYR HA 183 -30.33 23.62 -87.26
CA TYR HA 183 -30.58 22.21 -87.61
C TYR HA 183 -31.66 21.54 -86.78
N ASP HA 184 -32.15 20.40 -87.31
CA ASP HA 184 -33.10 19.52 -86.60
C ASP HA 184 -32.43 18.94 -85.35
N GLN HA 185 -33.14 18.86 -84.21
CA GLN HA 185 -32.61 18.21 -82.97
C GLN HA 185 -33.54 17.10 -82.50
N GLU HA 186 -33.02 15.89 -82.43
CA GLU HA 186 -33.79 14.66 -82.35
C GLU HA 186 -33.34 13.78 -81.16
N TYR HA 187 -34.33 13.31 -80.41
CA TYR HA 187 -34.07 12.58 -79.24
C TYR HA 187 -34.86 11.26 -79.16
N ASN HA 188 -34.26 10.22 -78.59
CA ASN HA 188 -35.04 9.11 -78.03
C ASN HA 188 -35.22 9.39 -76.56
N ILE HA 189 -36.47 9.51 -76.13
CA ILE HA 189 -36.72 9.73 -74.74
C ILE HA 189 -37.10 8.39 -74.15
N ARG HA 190 -36.46 7.99 -73.09
CA ARG HA 190 -36.88 6.82 -72.38
C ARG HA 190 -37.38 7.23 -71.02
N VAL HA 191 -38.65 6.93 -70.78
CA VAL HA 191 -39.27 7.10 -69.47
C VAL HA 191 -39.21 5.76 -68.76
N THR HA 192 -38.76 5.77 -67.52
CA THR HA 192 -38.69 4.60 -66.67
C THR HA 192 -39.48 4.89 -65.32
N MET HA 193 -40.47 4.07 -65.02
CA MET HA 193 -41.19 4.17 -63.80
C MET HA 193 -40.73 3.14 -62.82
N TYR HA 194 -40.43 3.59 -61.60
CA TYR HA 194 -40.15 2.70 -60.49
C TYR HA 194 -41.42 2.55 -59.63
N VAL HA 195 -42.04 1.39 -59.71
CA VAL HA 195 -43.39 1.18 -59.25
C VAL HA 195 -43.39 0.16 -58.14
N GLN HA 196 -44.19 0.38 -57.13
CA GLN HA 196 -44.34 -0.54 -56.05
C GLN HA 196 -45.76 -1.07 -56.24
N PHE HA 197 -45.95 -2.37 -56.26
CA PHE HA 197 -47.27 -2.97 -56.47
C PHE HA 197 -47.64 -3.66 -55.14
N ARG HA 198 -48.95 -3.75 -54.88
CA ARG HA 198 -49.40 -4.30 -53.63
C ARG HA 198 -50.65 -5.14 -53.82
N GLU HA 199 -50.67 -6.27 -53.09
CA GLU HA 199 -51.79 -7.24 -53.08
C GLU HA 199 -51.87 -8.05 -54.38
N PHE HA 200 -51.15 -9.17 -54.34
CA PHE HA 200 -51.16 -10.16 -55.41
C PHE HA 200 -52.57 -10.70 -55.58
N ASN HA 201 -53.06 -10.84 -56.83
CA ASN HA 201 -54.49 -11.14 -57.08
C ASN HA 201 -54.80 -12.19 -58.14
N LEU HA 202 -53.81 -13.02 -58.45
CA LEU HA 202 -53.85 -13.94 -59.60
C LEU HA 202 -55.04 -14.87 -59.53
N LYS HA 203 -55.80 -14.91 -60.60
CA LYS HA 203 -56.95 -15.78 -60.65
C LYS HA 203 -56.52 -17.00 -61.39
N ASP HA 204 -56.93 -18.17 -60.96
CA ASP HA 204 -56.56 -19.40 -61.65
C ASP HA 204 -57.76 -20.30 -62.01
N PRO HA 205 -58.47 -20.04 -63.14
CA PRO HA 205 -59.60 -20.91 -63.55
C PRO HA 205 -59.18 -22.33 -64.03
N PRO HA 206 -60.02 -23.37 -63.86
CA PRO HA 206 -59.75 -24.84 -64.25
C PRO HA 206 -59.76 -25.37 -65.70
N SER IA 19 -43.89 -54.34 7.17
CA SER IA 19 -44.06 -53.97 5.75
C SER IA 19 -45.44 -53.26 5.59
N HIS IA 20 -45.40 -52.18 4.79
CA HIS IA 20 -46.56 -51.49 4.31
C HIS IA 20 -46.65 -51.87 2.92
N PHE IA 21 -47.85 -52.01 2.44
CA PHE IA 21 -48.03 -52.24 1.03
C PHE IA 21 -49.10 -51.24 0.64
N ASN IA 22 -48.76 -50.37 -0.29
CA ASN IA 22 -49.68 -49.38 -0.83
C ASN IA 22 -50.25 -49.89 -2.12
N THR IA 23 -51.57 -49.86 -2.30
CA THR IA 23 -52.17 -50.24 -3.55
C THR IA 23 -53.56 -49.60 -3.88
N ARG IA 24 -54.09 -50.03 -5.01
CA ARG IA 24 -55.27 -49.51 -5.60
C ARG IA 24 -56.25 -50.68 -5.92
N LEU IA 25 -57.52 -50.51 -5.52
CA LEU IA 25 -58.58 -51.51 -5.73
C LEU IA 25 -59.80 -50.84 -6.41
N SER IA 26 -60.36 -51.45 -7.45
CA SER IA 26 -61.43 -50.81 -8.14
C SER IA 26 -62.54 -51.82 -8.33
N ARG IA 27 -63.72 -51.28 -8.66
CA ARG IA 27 -64.90 -52.03 -9.03
C ARG IA 27 -65.79 -51.11 -9.83
N THR IA 28 -66.65 -51.63 -10.70
CA THR IA 28 -67.50 -50.76 -11.48
C THR IA 28 -68.88 -51.28 -11.41
N PHE IA 29 -69.87 -50.41 -11.21
CA PHE IA 29 -71.32 -50.78 -11.27
C PHE IA 29 -72.16 -49.74 -12.05
N GLY IA 30 -73.37 -50.13 -12.46
CA GLY IA 30 -74.26 -49.29 -13.20
C GLY IA 30 -75.10 -48.41 -12.27
N TYR IA 31 -75.42 -47.19 -12.75
CA TYR IA 31 -76.41 -46.29 -12.13
C TYR IA 31 -77.26 -45.69 -13.26
N THR IA 32 -78.57 -45.73 -13.12
CA THR IA 32 -79.43 -45.15 -14.08
C THR IA 32 -80.33 -44.19 -13.37
N ILE IA 33 -80.39 -42.91 -13.83
CA ILE IA 33 -81.47 -42.00 -13.47
C ILE IA 33 -82.59 -42.12 -14.49
N LYS IA 34 -83.76 -42.55 -14.04
CA LYS IA 34 -84.89 -42.74 -14.99
C LYS IA 34 -85.57 -41.43 -15.38
N ARG IA 35 -85.85 -41.35 -16.68
CA ARG IA 35 -86.52 -40.20 -17.30
C ARG IA 35 -87.78 -39.74 -16.55
N THR IA 36 -88.05 -38.44 -16.57
CA THR IA 36 -89.32 -37.94 -16.09
C THR IA 36 -90.01 -36.99 -17.01
N THR IA 37 -91.24 -36.76 -16.68
CA THR IA 37 -92.07 -35.81 -17.38
C THR IA 37 -92.48 -34.70 -16.43
N VAL IA 38 -91.86 -34.58 -15.25
CA VAL IA 38 -91.98 -33.35 -14.44
C VAL IA 38 -91.45 -32.16 -15.29
N LYS IA 39 -92.11 -31.00 -15.16
CA LYS IA 39 -91.93 -29.88 -16.13
C LYS IA 39 -90.73 -29.08 -15.63
N THR IA 40 -90.89 -28.61 -14.38
CA THR IA 40 -89.88 -27.83 -13.68
C THR IA 40 -88.66 -28.66 -13.31
N PRO IA 41 -87.50 -27.97 -13.11
CA PRO IA 41 -86.29 -28.64 -12.64
C PRO IA 41 -86.49 -29.45 -11.34
N SER IA 42 -86.07 -30.71 -11.39
CA SER IA 42 -86.10 -31.64 -10.25
C SER IA 42 -84.75 -32.39 -10.19
N TRP IA 43 -84.38 -32.93 -9.01
CA TRP IA 43 -83.08 -33.59 -8.78
C TRP IA 43 -83.29 -34.97 -8.20
N ALA IA 44 -82.52 -35.92 -8.69
CA ALA IA 44 -82.49 -37.27 -8.12
C ALA IA 44 -81.33 -37.23 -7.18
N VAL IA 45 -81.63 -37.41 -5.89
CA VAL IA 45 -80.69 -37.31 -4.83
C VAL IA 45 -80.44 -38.73 -4.38
N ASP IA 46 -79.17 -39.05 -4.21
CA ASP IA 46 -78.77 -40.35 -3.73
C ASP IA 46 -77.45 -40.24 -3.01
N MET IA 47 -76.83 -41.37 -2.74
CA MET IA 47 -75.62 -41.41 -1.91
C MET IA 47 -74.73 -42.64 -2.21
N MET IA 48 -73.57 -42.67 -1.54
CA MET IA 48 -72.51 -43.67 -1.72
C MET IA 48 -71.68 -43.84 -0.46
N ARG IA 49 -71.60 -45.09 -0.01
CA ARG IA 49 -70.60 -45.53 0.96
C ARG IA 49 -69.61 -46.42 0.27
N PHE IA 50 -68.50 -46.68 0.96
CA PHE IA 50 -67.43 -47.53 0.41
C PHE IA 50 -67.07 -48.59 1.42
N ASN IA 51 -67.26 -49.84 1.07
CA ASN IA 51 -66.89 -50.95 1.92
C ASN IA 51 -65.87 -51.88 1.21
N ILE IA 52 -64.77 -52.18 1.90
CA ILE IA 52 -63.68 -52.95 1.29
C ILE IA 52 -64.12 -54.36 0.98
N ASN IA 53 -65.20 -54.80 1.63
CA ASN IA 53 -65.89 -56.06 1.24
C ASN IA 53 -66.10 -56.17 -0.25
N ASP IA 54 -66.56 -55.07 -0.88
CA ASP IA 54 -66.86 -55.05 -2.28
C ASP IA 54 -65.60 -55.01 -3.18
N PHE IA 55 -64.40 -54.98 -2.60
CA PHE IA 55 -63.15 -54.77 -3.36
C PHE IA 55 -62.17 -55.93 -3.31
N LEU IA 56 -62.38 -56.83 -2.36
CA LEU IA 56 -61.37 -57.76 -1.90
C LEU IA 56 -62.10 -59.03 -1.72
N PRO IA 57 -62.10 -59.89 -2.74
CA PRO IA 57 -62.79 -61.16 -2.48
C PRO IA 57 -62.09 -62.00 -1.43
N PRO IA 58 -62.81 -62.99 -0.89
CA PRO IA 58 -62.21 -63.86 0.14
C PRO IA 58 -61.00 -64.70 -0.31
N GLY IA 59 -60.26 -65.19 0.67
CA GLY IA 59 -59.07 -65.96 0.41
C GLY IA 59 -59.33 -67.44 0.15
N GLY IA 60 -58.50 -68.26 0.76
CA GLY IA 60 -58.58 -69.70 0.76
C GLY IA 60 -57.58 -70.25 1.78
N GLY IA 61 -57.88 -71.47 2.23
CA GLY IA 61 -57.11 -72.13 3.25
C GLY IA 61 -57.01 -71.28 4.50
N SER IA 62 -55.79 -71.22 5.03
CA SER IA 62 -55.48 -70.50 6.27
C SER IA 62 -55.18 -69.00 6.05
N ASN IA 63 -55.30 -68.53 4.79
CA ASN IA 63 -55.14 -67.09 4.43
C ASN IA 63 -56.49 -66.56 4.01
N PRO IA 64 -57.32 -66.22 5.00
CA PRO IA 64 -58.74 -66.11 4.67
C PRO IA 64 -59.09 -64.90 3.78
N ARG IA 65 -58.15 -63.99 3.56
CA ARG IA 65 -58.35 -62.90 2.57
C ARG IA 65 -57.31 -62.89 1.42
N SER IA 66 -57.74 -62.36 0.29
CA SER IA 66 -56.98 -62.43 -0.95
C SER IA 66 -55.72 -61.58 -0.92
N VAL IA 67 -55.64 -60.55 -0.09
CA VAL IA 67 -54.32 -59.97 0.25
C VAL IA 67 -53.99 -60.41 1.65
N PRO IA 68 -52.75 -60.84 1.94
CA PRO IA 68 -52.45 -61.38 3.26
C PRO IA 68 -51.79 -60.35 4.15
N PHE IA 69 -52.62 -59.44 4.65
CA PHE IA 69 -52.20 -58.40 5.60
C PHE IA 69 -53.18 -58.31 6.75
N GLU IA 70 -52.66 -58.02 7.93
CA GLU IA 70 -53.51 -57.93 9.10
C GLU IA 70 -54.35 -56.65 9.20
N TYR IA 71 -53.76 -55.51 8.82
CA TYR IA 71 -54.34 -54.16 9.02
C TYR IA 71 -54.42 -53.34 7.71
N TYR IA 72 -55.41 -52.43 7.62
CA TYR IA 72 -55.54 -51.49 6.53
C TYR IA 72 -56.08 -50.11 6.93
N ARG IA 73 -55.90 -49.13 6.08
CA ARG IA 73 -56.66 -47.88 6.16
C ARG IA 73 -56.76 -47.33 4.75
N ILE IA 74 -57.84 -46.61 4.48
CA ILE IA 74 -58.08 -46.08 3.17
C ILE IA 74 -57.57 -44.64 3.12
N ARG IA 75 -56.53 -44.45 2.34
CA ARG IA 75 -55.96 -43.14 2.11
C ARG IA 75 -56.91 -42.20 1.40
N LYS IA 76 -57.56 -42.69 0.37
CA LYS IA 76 -58.12 -41.86 -0.66
C LYS IA 76 -59.10 -42.76 -1.43
N VAL IA 77 -60.25 -42.22 -1.85
CA VAL IA 77 -61.18 -42.87 -2.80
C VAL IA 77 -61.27 -41.94 -4.03
N LYS IA 78 -61.40 -42.58 -5.20
CA LYS IA 78 -61.80 -41.91 -6.41
C LYS IA 78 -63.15 -42.47 -6.71
N VAL IA 79 -64.11 -41.57 -6.90
CA VAL IA 79 -65.39 -41.92 -7.53
C VAL IA 79 -65.44 -41.32 -8.97
N GLU IA 80 -65.64 -42.16 -9.99
CA GLU IA 80 -65.71 -41.70 -11.38
C GLU IA 80 -67.08 -41.98 -11.93
N PHE IA 81 -67.71 -40.98 -12.49
CA PHE IA 81 -68.92 -41.18 -13.21
C PHE IA 81 -68.61 -41.16 -14.68
N TRP IA 82 -68.68 -42.34 -15.32
CA TRP IA 82 -68.38 -42.47 -16.72
C TRP IA 82 -69.73 -42.51 -17.42
N PRO IA 83 -70.11 -41.42 -18.05
CA PRO IA 83 -71.40 -41.41 -18.69
C PRO IA 83 -71.60 -42.41 -19.86
N CYS IA 84 -72.83 -42.94 -20.00
CA CYS IA 84 -73.17 -43.79 -21.16
C CYS IA 84 -73.78 -42.98 -22.24
N SER IA 85 -74.50 -41.90 -21.95
CA SER IA 85 -75.24 -41.13 -22.97
C SER IA 85 -74.27 -40.59 -24.02
N PRO IA 86 -74.71 -40.49 -25.28
CA PRO IA 86 -73.81 -39.89 -26.30
C PRO IA 86 -73.69 -38.37 -26.17
N ILE IA 87 -72.65 -37.80 -26.76
CA ILE IA 87 -72.48 -36.35 -26.73
C ILE IA 87 -73.46 -35.62 -27.63
N THR IA 88 -74.31 -36.35 -28.34
CA THR IA 88 -75.43 -35.76 -29.07
C THR IA 88 -76.68 -35.57 -28.25
N GLN IA 89 -76.73 -36.10 -27.05
CA GLN IA 89 -78.01 -36.07 -26.32
C GLN IA 89 -78.35 -34.65 -25.82
N GLY IA 90 -79.62 -34.32 -25.92
CA GLY IA 90 -80.15 -33.07 -25.42
C GLY IA 90 -80.68 -33.23 -24.03
N ASP IA 91 -81.61 -32.31 -23.69
CA ASP IA 91 -82.13 -32.05 -22.33
C ASP IA 91 -81.08 -32.10 -21.20
N ARG IA 92 -80.00 -31.41 -21.48
CA ARG IA 92 -78.87 -31.35 -20.56
C ARG IA 92 -79.23 -30.55 -19.30
N GLY IA 93 -78.51 -30.88 -18.23
CA GLY IA 93 -78.74 -30.37 -16.94
C GLY IA 93 -77.46 -30.24 -16.18
N VAL IA 94 -77.68 -29.90 -14.91
CA VAL IA 94 -76.63 -29.46 -14.01
C VAL IA 94 -77.04 -29.90 -12.60
N GLY IA 95 -76.07 -30.57 -11.99
CA GLY IA 95 -76.21 -31.26 -10.68
C GLY IA 95 -75.05 -30.97 -9.70
N SER IA 96 -74.97 -31.73 -8.60
CA SER IA 96 -73.94 -31.55 -7.59
C SER IA 96 -73.48 -32.84 -6.93
N SER IA 97 -72.16 -32.98 -6.75
CA SER IA 97 -71.60 -33.94 -5.76
C SER IA 97 -71.06 -33.21 -4.52
N ALA IA 98 -71.18 -33.88 -3.39
CA ALA IA 98 -70.62 -33.37 -2.16
C ALA IA 98 -70.07 -34.52 -1.21
N VAL IA 99 -69.07 -34.15 -0.47
CA VAL IA 99 -68.34 -35.07 0.31
C VAL IA 99 -68.98 -34.97 1.69
N ILE IA 100 -69.51 -36.11 2.12
CA ILE IA 100 -70.19 -36.34 3.37
C ILE IA 100 -69.41 -37.30 4.26
N LEU IA 101 -68.67 -36.78 5.23
CA LEU IA 101 -67.74 -37.55 6.07
C LEU IA 101 -68.32 -38.11 7.39
N ASP IA 102 -69.56 -37.71 7.66
CA ASP IA 102 -70.23 -38.00 8.93
C ASP IA 102 -71.41 -38.98 8.77
N ASP IA 103 -71.49 -39.64 7.60
CA ASP IA 103 -72.52 -40.66 7.32
C ASP IA 103 -73.92 -40.09 7.43
N ASN IA 104 -74.11 -38.86 6.99
CA ASN IA 104 -75.38 -38.11 7.17
C ASN IA 104 -75.78 -37.37 5.90
N PHE IA 105 -76.38 -38.17 5.04
CA PHE IA 105 -76.75 -37.81 3.69
C PHE IA 105 -78.17 -37.27 3.60
N VAL IA 106 -78.34 -36.31 2.73
CA VAL IA 106 -79.67 -35.92 2.35
C VAL IA 106 -80.44 -37.15 1.92
N THR IA 107 -81.69 -37.15 2.31
CA THR IA 107 -82.54 -38.30 2.11
C THR IA 107 -82.77 -38.57 0.63
N LYS IA 108 -82.66 -39.84 0.27
CA LYS IA 108 -82.84 -40.29 -1.10
C LYS IA 108 -84.21 -39.73 -1.67
N ALA IA 109 -84.25 -39.36 -2.94
CA ALA IA 109 -85.42 -38.62 -3.48
C ALA IA 109 -85.40 -38.74 -4.98
N THR IA 110 -86.56 -39.01 -5.55
CA THR IA 110 -86.64 -39.19 -6.98
C THR IA 110 -86.57 -37.85 -7.71
N ALA IA 111 -87.35 -36.87 -7.22
CA ALA IA 111 -87.44 -35.58 -7.88
C ALA IA 111 -87.64 -34.40 -6.92
N LEU IA 112 -86.64 -34.10 -6.11
CA LEU IA 112 -86.70 -32.94 -5.19
C LEU IA 112 -86.71 -31.68 -6.02
N THR IA 113 -87.36 -30.66 -5.55
CA THR IA 113 -87.59 -29.47 -6.39
C THR IA 113 -86.40 -28.45 -6.37
N TYR IA 114 -85.29 -28.82 -5.67
CA TYR IA 114 -84.00 -28.03 -5.67
C TYR IA 114 -82.85 -28.96 -5.59
N ASP IA 115 -81.65 -28.41 -5.78
CA ASP IA 115 -80.40 -29.22 -5.72
C ASP IA 115 -79.99 -29.10 -4.29
N PRO IA 116 -80.17 -30.14 -3.46
CA PRO IA 116 -79.90 -29.96 -2.05
C PRO IA 116 -78.41 -29.85 -1.68
N TYR IA 117 -77.49 -30.19 -2.58
CA TYR IA 117 -76.03 -30.14 -2.27
C TYR IA 117 -75.28 -28.95 -2.90
N VAL IA 118 -75.98 -28.10 -3.64
CA VAL IA 118 -75.29 -27.01 -4.32
C VAL IA 118 -74.47 -26.03 -3.38
N ASN IA 119 -74.92 -25.79 -2.14
CA ASN IA 119 -74.25 -24.81 -1.27
C ASN IA 119 -73.29 -25.52 -0.36
N TYR IA 120 -73.19 -26.84 -0.45
CA TYR IA 120 -72.17 -27.47 0.41
C TYR IA 120 -70.80 -26.91 0.03
N SER IA 121 -69.96 -26.74 1.02
CA SER IA 121 -68.57 -26.31 0.81
C SER IA 121 -67.77 -27.26 -0.09
N SER IA 122 -67.98 -28.55 0.07
CA SER IA 122 -67.29 -29.55 -0.68
C SER IA 122 -67.95 -29.85 -1.99
N ARG IA 123 -68.92 -29.07 -2.41
CA ARG IA 123 -69.64 -29.34 -3.68
C ARG IA 123 -68.77 -29.21 -4.93
N HIS IA 124 -68.85 -30.14 -5.86
CA HIS IA 124 -68.41 -29.90 -7.24
C HIS IA 124 -69.65 -30.00 -8.16
N THR IA 125 -69.63 -29.20 -9.23
CA THR IA 125 -70.69 -29.16 -10.20
C THR IA 125 -70.60 -30.40 -11.09
N ILE IA 126 -71.74 -31.08 -11.31
CA ILE IA 126 -71.86 -32.15 -12.30
C ILE IA 126 -72.55 -31.65 -13.57
N THR IA 127 -71.99 -31.99 -14.71
CA THR IA 127 -72.51 -31.59 -16.00
C THR IA 127 -73.16 -32.85 -16.64
N GLN IA 128 -74.38 -32.75 -17.15
CA GLN IA 128 -75.18 -33.92 -17.54
C GLN IA 128 -75.66 -33.76 -18.96
N PRO IA 129 -75.84 -34.84 -19.70
CA PRO IA 129 -75.67 -36.22 -19.28
C PRO IA 129 -74.46 -36.97 -19.90
N PHE IA 130 -73.65 -36.25 -20.68
CA PHE IA 130 -72.51 -36.85 -21.42
C PHE IA 130 -71.16 -36.50 -20.89
N SER IA 131 -71.07 -35.88 -19.72
CA SER IA 131 -69.76 -35.41 -19.19
C SER IA 131 -69.30 -36.25 -18.05
N TYR IA 132 -68.01 -36.54 -18.06
CA TYR IA 132 -67.38 -37.27 -16.94
C TYR IA 132 -67.43 -36.49 -15.64
N HIS IA 133 -67.43 -37.16 -14.51
CA HIS IA 133 -67.32 -36.39 -13.27
C HIS IA 133 -66.48 -37.16 -12.26
N SER IA 134 -65.51 -36.53 -11.60
CA SER IA 134 -64.88 -37.27 -10.50
C SER IA 134 -64.64 -36.52 -9.20
N ARG IA 135 -64.45 -37.31 -8.15
CA ARG IA 135 -64.17 -36.81 -6.83
C ARG IA 135 -63.06 -37.65 -6.27
N TYR IA 136 -62.15 -37.01 -5.56
CA TYR IA 136 -61.00 -37.68 -5.00
C TYR IA 136 -60.85 -37.08 -3.59
N PHE IA 137 -60.93 -37.92 -2.58
CA PHE IA 137 -60.90 -37.41 -1.20
C PHE IA 137 -60.59 -38.55 -0.22
N THR IA 138 -60.21 -38.14 0.97
CA THR IA 138 -60.05 -39.07 2.05
C THR IA 138 -61.40 -39.36 2.74
N PRO IA 139 -61.91 -40.59 2.54
CA PRO IA 139 -63.17 -40.99 3.15
C PRO IA 139 -62.95 -41.30 4.64
N LYS IA 140 -64.02 -41.49 5.41
CA LYS IA 140 -63.88 -41.79 6.84
C LYS IA 140 -64.62 -43.04 7.26
N PRO IA 141 -64.05 -43.79 8.23
CA PRO IA 141 -64.78 -44.96 8.68
C PRO IA 141 -65.99 -44.56 9.54
N VAL IA 142 -66.98 -45.46 9.56
CA VAL IA 142 -68.15 -45.29 10.40
C VAL IA 142 -67.92 -46.05 11.71
N LEU IA 143 -67.47 -45.29 12.69
CA LEU IA 143 -66.95 -45.81 13.92
C LEU IA 143 -68.04 -45.90 14.98
N ASP IA 144 -68.97 -44.94 15.01
CA ASP IA 144 -70.04 -44.91 15.98
C ASP IA 144 -71.05 -44.02 15.38
N SER IA 145 -72.08 -44.60 14.80
CA SER IA 145 -73.09 -43.85 14.06
C SER IA 145 -74.13 -43.17 14.92
N THR IA 146 -74.01 -43.29 16.22
CA THR IA 146 -74.77 -42.40 17.12
C THR IA 146 -74.12 -41.04 17.10
N ILE IA 147 -72.81 -40.96 17.32
CA ILE IA 147 -72.16 -39.70 17.51
C ILE IA 147 -71.65 -39.16 16.19
N ASP IA 148 -71.28 -40.08 15.31
CA ASP IA 148 -70.66 -39.79 13.99
C ASP IA 148 -69.43 -38.89 14.04
N TYR IA 149 -68.33 -39.44 14.47
CA TYR IA 149 -67.12 -38.69 14.56
C TYR IA 149 -66.05 -39.20 13.58
N PHE IA 150 -65.18 -38.28 13.18
CA PHE IA 150 -64.10 -38.63 12.24
C PHE IA 150 -62.87 -37.84 12.49
N GLN IA 151 -61.75 -38.32 11.94
CA GLN IA 151 -60.46 -37.64 12.11
C GLN IA 151 -60.29 -36.63 11.01
N PRO IA 152 -59.64 -35.50 11.31
CA PRO IA 152 -59.21 -34.63 10.28
C PRO IA 152 -58.24 -35.36 9.39
N ASN IA 153 -58.27 -34.91 8.15
CA ASN IA 153 -57.58 -35.52 7.02
C ASN IA 153 -56.05 -35.39 7.35
N ASN IA 154 -55.35 -36.51 7.25
CA ASN IA 154 -53.96 -36.58 7.74
C ASN IA 154 -53.29 -37.77 7.05
N LYS IA 155 -51.99 -37.85 7.27
CA LYS IA 155 -51.23 -38.99 6.83
C LYS IA 155 -50.84 -39.85 8.07
N ARG IA 156 -49.77 -39.49 8.76
CA ARG IA 156 -49.26 -40.34 9.83
C ARG IA 156 -50.21 -40.71 10.99
N ASN IA 157 -51.32 -39.98 11.19
CA ASN IA 157 -52.24 -40.20 12.34
C ASN IA 157 -53.50 -41.00 12.09
N GLN IA 158 -53.80 -41.28 10.84
CA GLN IA 158 -54.95 -42.03 10.50
C GLN IA 158 -54.98 -43.42 11.16
N LEU IA 159 -56.09 -43.69 11.85
CA LEU IA 159 -56.39 -44.94 12.47
C LEU IA 159 -56.11 -46.14 11.57
N TRP IA 160 -55.51 -47.20 12.13
CA TRP IA 160 -55.43 -48.48 11.42
C TRP IA 160 -56.65 -49.30 11.81
N LEU IA 161 -57.22 -50.07 10.87
CA LEU IA 161 -58.35 -50.92 11.09
C LEU IA 161 -57.98 -52.33 10.69
N ARG IA 162 -58.64 -53.31 11.30
CA ARG IA 162 -58.39 -54.71 11.02
C ARG IA 162 -59.07 -55.09 9.73
N LEU IA 163 -58.31 -55.77 8.87
CA LEU IA 163 -58.82 -56.41 7.65
C LEU IA 163 -59.64 -57.63 8.04
N GLN IA 164 -60.93 -57.50 7.89
CA GLN IA 164 -61.82 -58.59 8.21
C GLN IA 164 -62.18 -59.36 6.97
N THR IA 165 -62.56 -60.62 7.18
CA THR IA 165 -62.97 -61.44 6.04
C THR IA 165 -64.37 -60.97 5.61
N ALA IA 166 -65.22 -60.73 6.56
CA ALA IA 166 -66.60 -60.65 6.22
C ALA IA 166 -67.30 -59.31 6.53
N GLY IA 167 -67.00 -58.69 7.65
CA GLY IA 167 -67.95 -57.63 8.06
C GLY IA 167 -67.26 -56.34 8.32
N ASN IA 168 -66.53 -55.89 7.29
CA ASN IA 168 -65.72 -54.70 7.42
C ASN IA 168 -66.66 -53.47 7.53
N VAL IA 169 -66.04 -52.36 7.96
CA VAL IA 169 -66.75 -51.13 8.29
C VAL IA 169 -66.91 -50.22 7.10
N ASP IA 170 -68.14 -49.79 6.86
CA ASP IA 170 -68.41 -48.82 5.84
C ASP IA 170 -67.49 -47.59 6.05
N HIS IA 171 -66.92 -47.11 4.97
CA HIS IA 171 -66.35 -45.81 4.96
C HIS IA 171 -67.31 -44.88 4.24
N VAL IA 172 -67.12 -43.61 4.42
CA VAL IA 172 -68.13 -42.75 3.99
C VAL IA 172 -67.62 -41.51 3.38
N GLY IA 173 -68.55 -41.01 2.55
CA GLY IA 173 -68.17 -40.31 1.39
C GLY IA 173 -69.03 -39.39 0.61
N LEU IA 174 -69.88 -39.88 -0.29
CA LEU IA 174 -70.35 -38.99 -1.39
C LEU IA 174 -71.83 -38.95 -1.58
N GLY IA 175 -72.38 -37.74 -1.67
CA GLY IA 175 -73.78 -37.46 -1.94
C GLY IA 175 -73.95 -36.86 -3.32
N THR IA 176 -75.03 -37.17 -3.99
CA THR IA 176 -75.22 -36.80 -5.37
C THR IA 176 -76.62 -36.33 -5.62
N ALA IA 177 -76.71 -35.31 -6.43
CA ALA IA 177 -77.94 -34.76 -6.89
C ALA IA 177 -77.78 -34.54 -8.40
N PHE IA 178 -78.43 -35.42 -9.19
CA PHE IA 178 -78.47 -35.32 -10.65
C PHE IA 178 -79.83 -34.73 -11.07
N GLU IA 179 -79.77 -33.73 -11.95
CA GLU IA 179 -80.99 -33.13 -12.52
C GLU IA 179 -81.66 -34.17 -13.36
N ASN IA 180 -82.96 -34.30 -13.15
CA ASN IA 180 -83.80 -35.16 -13.92
C ASN IA 180 -83.92 -34.66 -15.33
N SER IA 181 -84.22 -35.59 -16.21
CA SER IA 181 -84.28 -35.35 -17.65
C SER IA 181 -85.51 -36.07 -18.28
N ILE IA 182 -85.81 -35.59 -19.46
CA ILE IA 182 -86.76 -36.19 -20.40
C ILE IA 182 -86.27 -37.52 -20.99
N TYR IA 183 -84.95 -37.74 -21.06
CA TYR IA 183 -84.35 -39.04 -21.47
C TYR IA 183 -83.73 -39.68 -20.26
N ASP IA 184 -83.55 -40.99 -20.31
CA ASP IA 184 -82.75 -41.68 -19.28
C ASP IA 184 -81.27 -41.18 -19.26
N GLN IA 185 -80.54 -41.49 -18.22
CA GLN IA 185 -79.15 -41.00 -18.07
C GLN IA 185 -78.45 -42.11 -17.35
N GLU IA 186 -77.66 -42.88 -18.08
CA GLU IA 186 -76.91 -43.97 -17.47
C GLU IA 186 -75.43 -43.59 -17.30
N TYR IA 187 -74.85 -44.11 -16.24
CA TYR IA 187 -73.44 -44.03 -16.02
C TYR IA 187 -72.96 -45.41 -15.66
N ASN IA 188 -71.72 -45.71 -16.03
CA ASN IA 188 -70.96 -46.71 -15.32
C ASN IA 188 -70.20 -45.96 -14.25
N ILE IA 189 -70.30 -46.39 -12.99
CA ILE IA 189 -69.54 -45.75 -11.93
C ILE IA 189 -68.33 -46.58 -11.53
N ARG IA 190 -67.15 -46.02 -11.59
CA ARG IA 190 -65.98 -46.70 -11.09
C ARG IA 190 -65.51 -46.07 -9.82
N VAL IA 191 -65.48 -46.87 -8.77
CA VAL IA 191 -65.00 -46.49 -7.46
C VAL IA 191 -63.62 -47.16 -7.29
N THR IA 192 -62.62 -46.38 -6.86
CA THR IA 192 -61.27 -46.88 -6.69
C THR IA 192 -60.86 -46.52 -5.28
N MET IA 193 -60.43 -47.52 -4.51
CA MET IA 193 -59.88 -47.29 -3.18
C MET IA 193 -58.32 -47.34 -3.22
N TYR IA 194 -57.66 -46.29 -2.74
CA TYR IA 194 -56.21 -46.29 -2.55
C TYR IA 194 -55.98 -46.61 -1.06
N VAL IA 195 -55.67 -47.87 -0.86
CA VAL IA 195 -55.54 -48.50 0.46
C VAL IA 195 -54.08 -48.74 0.86
N GLN IA 196 -53.82 -48.59 2.13
CA GLN IA 196 -52.49 -48.91 2.66
C GLN IA 196 -52.66 -50.10 3.59
N PHE IA 197 -51.97 -51.20 3.31
CA PHE IA 197 -52.05 -52.39 4.15
C PHE IA 197 -50.76 -52.50 4.99
N ARG IA 198 -50.87 -53.14 6.16
CA ARG IA 198 -49.79 -53.25 7.12
C ARG IA 198 -49.80 -54.59 7.87
N GLU IA 199 -48.58 -55.08 8.18
CA GLU IA 199 -48.30 -56.40 8.75
C GLU IA 199 -48.68 -57.53 7.81
N PHE IA 200 -47.72 -57.93 7.01
CA PHE IA 200 -47.81 -59.18 6.25
C PHE IA 200 -48.07 -60.33 7.28
N ASN IA 201 -49.02 -61.20 6.95
CA ASN IA 201 -49.50 -62.27 7.85
C ASN IA 201 -49.63 -63.69 7.16
N LEU IA 202 -49.00 -63.89 5.99
CA LEU IA 202 -49.22 -65.11 5.25
C LEU IA 202 -48.88 -66.35 6.06
N LYS IA 203 -49.85 -67.25 6.12
CA LYS IA 203 -49.72 -68.57 6.79
C LYS IA 203 -49.34 -69.58 5.71
N ASP IA 204 -48.43 -70.47 6.04
CA ASP IA 204 -47.95 -71.46 5.09
C ASP IA 204 -48.03 -72.86 5.64
N PRO IA 205 -49.23 -73.47 5.59
CA PRO IA 205 -49.28 -74.87 6.08
C PRO IA 205 -48.48 -75.82 5.16
N PRO IA 206 -48.32 -77.09 5.54
CA PRO IA 206 -47.62 -77.99 4.64
C PRO IA 206 -48.58 -78.74 3.70
N LEU IA 207 -48.04 -79.34 2.62
CA LEU IA 207 -48.73 -80.17 1.55
C LEU IA 207 -49.02 -79.30 0.34
N SER JA 19 -45.47 -51.76 -9.81
CA SER JA 19 -45.37 -51.71 -8.31
C SER JA 19 -44.87 -53.12 -7.79
N HIS JA 20 -43.85 -53.07 -6.91
CA HIS JA 20 -43.14 -54.23 -6.39
C HIS JA 20 -43.43 -54.42 -4.95
N PHE JA 21 -43.31 -55.61 -4.50
CA PHE JA 21 -43.52 -55.80 -3.11
C PHE JA 21 -42.42 -56.76 -2.71
N ASN JA 22 -41.61 -56.36 -1.76
CA ASN JA 22 -40.58 -57.24 -1.19
C ASN JA 22 -41.12 -57.85 0.07
N THR JA 23 -40.79 -59.10 0.26
CA THR JA 23 -41.27 -59.77 1.41
C THR JA 23 -40.40 -60.96 1.63
N ARG JA 24 -40.63 -61.57 2.76
CA ARG JA 24 -39.83 -62.65 3.25
C ARG JA 24 -40.76 -63.81 3.50
N LEU JA 25 -40.36 -65.02 3.15
CA LEU JA 25 -41.22 -66.19 3.36
C LEU JA 25 -40.43 -67.31 4.01
N SER JA 26 -41.03 -68.01 4.97
CA SER JA 26 -40.25 -69.01 5.69
C SER JA 26 -40.98 -70.31 5.88
N ARG JA 27 -40.17 -71.37 6.01
CA ARG JA 27 -40.67 -72.69 6.42
C ARG JA 27 -39.63 -73.44 7.20
N THR JA 28 -40.12 -74.35 8.01
CA THR JA 28 -39.24 -75.08 8.93
C THR JA 28 -39.51 -76.54 8.88
N PHE JA 29 -38.45 -77.34 8.68
CA PHE JA 29 -38.50 -78.81 8.73
C PHE JA 29 -37.30 -79.49 9.42
N GLY JA 30 -37.53 -80.73 9.81
CA GLY JA 30 -36.49 -81.58 10.45
C GLY JA 30 -35.47 -82.23 9.52
N TYR JA 31 -34.29 -82.48 10.08
CA TYR JA 31 -33.25 -83.21 9.43
C TYR JA 31 -32.51 -83.95 10.50
N THR JA 32 -32.27 -85.22 10.24
CA THR JA 32 -31.54 -86.05 11.20
C THR JA 32 -30.40 -86.73 10.53
N ILE JA 33 -29.22 -86.63 11.11
CA ILE JA 33 -28.14 -87.53 10.69
C ILE JA 33 -28.11 -88.67 11.71
N LYS JA 34 -28.45 -89.88 11.23
CA LYS JA 34 -28.50 -91.08 12.08
C LYS JA 34 -27.10 -91.43 12.59
N ARG JA 35 -27.05 -91.99 13.80
CA ARG JA 35 -25.77 -92.36 14.43
C ARG JA 35 -25.11 -93.47 13.62
N THR JA 36 -23.78 -93.55 13.67
CA THR JA 36 -23.06 -94.69 13.10
C THR JA 36 -21.99 -95.17 14.07
N THR JA 37 -21.47 -96.34 13.73
CA THR JA 37 -20.39 -96.98 14.44
C THR JA 37 -19.14 -97.06 13.60
N VAL JA 38 -19.16 -96.69 12.29
CA VAL JA 38 -17.90 -96.46 11.50
C VAL JA 38 -16.88 -95.78 12.43
N LYS JA 39 -15.68 -96.33 12.54
CA LYS JA 39 -14.71 -95.75 13.52
C LYS JA 39 -13.99 -94.51 12.89
N THR JA 40 -13.59 -94.60 11.61
CA THR JA 40 -12.93 -93.47 10.97
C THR JA 40 -13.91 -92.37 10.62
N PRO JA 41 -13.42 -91.12 10.66
CA PRO JA 41 -14.19 -89.95 10.26
C PRO JA 41 -14.89 -90.17 8.91
N SER JA 42 -16.18 -89.89 8.88
CA SER JA 42 -17.03 -90.08 7.73
C SER JA 42 -18.07 -88.96 7.70
N TRP JA 43 -18.54 -88.60 6.48
CA TRP JA 43 -19.50 -87.49 6.27
C TRP JA 43 -20.77 -87.93 5.59
N ALA JA 44 -21.89 -87.50 6.16
CA ALA JA 44 -23.21 -87.58 5.56
C ALA JA 44 -23.32 -86.39 4.61
N VAL JA 45 -23.64 -86.70 3.37
CA VAL JA 45 -23.61 -85.74 2.29
C VAL JA 45 -25.01 -85.71 1.72
N ASP JA 46 -25.55 -84.50 1.61
CA ASP JA 46 -26.85 -84.29 1.01
C ASP JA 46 -26.90 -82.93 0.27
N MET JA 47 -28.11 -82.38 0.10
CA MET JA 47 -28.34 -81.26 -0.76
C MET JA 47 -29.71 -80.62 -0.42
N MET JA 48 -29.88 -79.39 -0.92
CA MET JA 48 -31.04 -78.57 -0.69
C MET JA 48 -31.32 -77.77 -1.96
N ARG JA 49 -32.50 -77.99 -2.52
CA ARG JA 49 -33.13 -77.08 -3.48
C ARG JA 49 -34.24 -76.27 -2.81
N PHE JA 50 -34.61 -75.17 -3.45
CA PHE JA 50 -35.65 -74.31 -2.92
C PHE JA 50 -36.70 -74.15 -4.00
N ASN JA 51 -37.95 -74.50 -3.68
CA ASN JA 51 -39.07 -74.24 -4.57
C ASN JA 51 -40.17 -73.43 -3.89
N ILE JA 52 -40.57 -72.33 -4.54
CA ILE JA 52 -41.60 -71.48 -3.96
C ILE JA 52 -42.97 -72.17 -3.68
N ASN JA 53 -43.26 -73.34 -4.28
CA ASN JA 53 -44.49 -74.06 -3.98
C ASN JA 53 -44.57 -74.41 -2.49
N ASP JA 54 -43.42 -74.57 -1.82
CA ASP JA 54 -43.40 -74.90 -0.41
C ASP JA 54 -43.48 -73.68 0.53
N PHE JA 55 -43.51 -72.47 0.00
CA PHE JA 55 -43.55 -71.26 0.81
C PHE JA 55 -44.87 -70.42 0.71
N LEU JA 56 -45.62 -70.65 -0.35
CA LEU JA 56 -46.76 -69.83 -0.74
C LEU JA 56 -47.86 -70.82 -1.03
N PRO JA 57 -48.86 -70.90 -0.13
CA PRO JA 57 -49.92 -71.86 -0.42
C PRO JA 57 -50.82 -71.39 -1.57
N PRO JA 58 -51.66 -72.30 -2.06
CA PRO JA 58 -52.66 -71.90 -3.06
C PRO JA 58 -53.68 -70.96 -2.49
N GLY JA 59 -54.34 -70.23 -3.40
CA GLY JA 59 -55.12 -69.07 -3.06
C GLY JA 59 -56.55 -69.48 -2.94
N GLY JA 60 -57.41 -68.93 -3.79
CA GLY JA 60 -58.86 -69.15 -3.67
C GLY JA 60 -59.75 -68.40 -4.64
N GLY JA 61 -60.58 -69.15 -5.35
CA GLY JA 61 -61.48 -68.57 -6.35
C GLY JA 61 -60.66 -68.10 -7.55
N SER JA 62 -60.91 -66.86 -7.94
CA SER JA 62 -60.33 -66.26 -9.15
C SER JA 62 -58.95 -65.63 -8.91
N ASN JA 63 -58.47 -65.67 -7.64
CA ASN JA 63 -57.02 -65.42 -7.27
C ASN JA 63 -56.32 -66.76 -6.89
N PRO JA 64 -55.70 -67.44 -7.85
CA PRO JA 64 -55.18 -68.78 -7.58
C PRO JA 64 -54.08 -68.88 -6.53
N ARG JA 65 -53.36 -67.78 -6.28
CA ARG JA 65 -52.19 -67.79 -5.38
C ARG JA 65 -52.40 -66.80 -4.28
N SER JA 66 -51.99 -67.22 -3.08
CA SER JA 66 -52.24 -66.45 -1.86
C SER JA 66 -51.53 -65.08 -1.87
N VAL JA 67 -50.52 -64.89 -2.73
CA VAL JA 67 -50.10 -63.52 -3.04
C VAL JA 67 -50.43 -63.21 -4.48
N PRO JA 68 -51.21 -62.12 -4.66
CA PRO JA 68 -51.77 -61.73 -5.98
C PRO JA 68 -50.81 -60.83 -6.78
N PHE JA 69 -49.82 -61.51 -7.30
CA PHE JA 69 -48.86 -60.92 -8.13
C PHE JA 69 -48.66 -61.88 -9.26
N GLU JA 70 -48.26 -61.33 -10.40
CA GLU JA 70 -48.10 -62.06 -11.65
C GLU JA 70 -46.71 -62.64 -11.81
N TYR JA 71 -45.71 -61.91 -11.31
CA TYR JA 71 -44.28 -62.24 -11.45
C TYR JA 71 -43.56 -62.16 -10.11
N TYR JA 72 -42.49 -62.99 -9.98
CA TYR JA 72 -41.58 -62.98 -8.82
C TYR JA 72 -40.15 -63.18 -9.25
N ARG JA 73 -39.22 -62.86 -8.37
CA ARG JA 73 -37.87 -63.41 -8.42
C ARG JA 73 -37.26 -63.46 -7.04
N ILE JA 74 -36.40 -64.42 -6.81
CA ILE JA 74 -35.86 -64.64 -5.48
C ILE JA 74 -34.55 -63.91 -5.39
N ARG JA 75 -34.53 -62.86 -4.61
CA ARG JA 75 -33.33 -62.09 -4.32
C ARG JA 75 -32.29 -62.87 -3.53
N LYS JA 76 -32.76 -63.55 -2.49
CA LYS JA 76 -31.88 -64.12 -1.49
C LYS JA 76 -32.56 -65.30 -0.82
N VAL JA 77 -31.74 -66.17 -0.25
CA VAL JA 77 -32.20 -67.34 0.52
C VAL JA 77 -31.33 -67.40 1.70
N LYS JA 78 -31.92 -67.58 2.87
CA LYS JA 78 -31.16 -67.90 4.07
C LYS JA 78 -31.53 -69.34 4.43
N VAL JA 79 -30.53 -70.19 4.55
CA VAL JA 79 -30.72 -71.51 5.13
C VAL JA 79 -30.14 -71.48 6.51
N GLU JA 80 -30.94 -71.79 7.52
CA GLU JA 80 -30.49 -71.88 8.91
C GLU JA 80 -30.58 -73.26 9.44
N PHE JA 81 -29.49 -73.71 10.02
CA PHE JA 81 -29.45 -74.97 10.69
C PHE JA 81 -29.53 -74.75 12.21
N TRP JA 82 -30.68 -75.06 12.77
CA TRP JA 82 -30.93 -74.88 14.19
C TRP JA 82 -30.70 -76.20 14.94
N PRO JA 83 -29.54 -76.33 15.61
CA PRO JA 83 -29.28 -77.55 16.29
C PRO JA 83 -30.29 -77.85 17.41
N CYS JA 84 -30.69 -79.13 17.44
CA CYS JA 84 -31.50 -79.71 18.48
C CYS JA 84 -30.61 -80.25 19.60
N SER JA 85 -29.37 -80.67 19.32
CA SER JA 85 -28.56 -81.39 20.30
C SER JA 85 -28.10 -80.39 21.36
N PRO JA 86 -28.04 -80.81 22.62
CA PRO JA 86 -27.71 -79.86 23.68
C PRO JA 86 -26.23 -79.59 23.73
N ILE JA 87 -25.82 -78.51 24.37
CA ILE JA 87 -24.41 -78.08 24.34
C ILE JA 87 -23.46 -79.01 25.12
N THR JA 88 -24.04 -79.97 25.87
CA THR JA 88 -23.28 -81.06 26.53
C THR JA 88 -22.90 -82.27 25.66
N GLN JA 89 -23.36 -82.28 24.42
CA GLN JA 89 -23.11 -83.43 23.59
C GLN JA 89 -21.62 -83.55 23.17
N GLY JA 90 -21.15 -84.80 23.15
CA GLY JA 90 -19.76 -85.18 22.82
C GLY JA 90 -19.68 -85.76 21.42
N ASP JA 91 -18.53 -86.32 21.07
CA ASP JA 91 -18.21 -86.70 19.69
C ASP JA 91 -18.52 -85.61 18.69
N ARG JA 92 -18.03 -84.43 18.97
CA ARG JA 92 -18.24 -83.27 18.09
C ARG JA 92 -17.46 -83.41 16.78
N GLY JA 93 -17.93 -82.73 15.77
CA GLY JA 93 -17.44 -82.97 14.43
C GLY JA 93 -17.36 -81.67 13.66
N VAL JA 94 -16.92 -81.79 12.43
CA VAL JA 94 -16.72 -80.64 11.65
C VAL JA 94 -17.01 -80.95 10.21
N GLY JA 95 -17.95 -80.20 9.66
CA GLY JA 95 -18.43 -80.35 8.30
C GLY JA 95 -18.36 -79.08 7.41
N SER JA 96 -19.20 -79.09 6.37
CA SER JA 96 -19.09 -78.14 5.31
C SER JA 96 -20.41 -77.94 4.66
N SER JA 97 -20.69 -76.66 4.41
CA SER JA 97 -21.70 -76.25 3.44
C SER JA 97 -20.99 -75.50 2.32
N ALA JA 98 -21.52 -75.74 1.11
CA ALA JA 98 -21.16 -75.04 -0.13
C ALA JA 98 -22.38 -74.67 -0.98
N VAL JA 99 -22.26 -73.55 -1.62
CA VAL JA 99 -23.28 -73.02 -2.50
C VAL JA 99 -23.08 -73.64 -3.89
N ILE JA 100 -24.11 -74.36 -4.33
CA ILE JA 100 -24.21 -74.96 -5.64
C ILE JA 100 -25.28 -74.24 -6.52
N LEU JA 101 -24.86 -73.58 -7.57
CA LEU JA 101 -25.76 -72.74 -8.36
C LEU JA 101 -26.11 -73.34 -9.71
N ASP JA 102 -25.63 -74.54 -10.01
CA ASP JA 102 -25.84 -75.18 -11.33
C ASP JA 102 -26.54 -76.52 -11.20
N ASP JA 103 -27.13 -76.78 -10.04
CA ASP JA 103 -27.95 -77.94 -9.84
C ASP JA 103 -27.10 -79.20 -10.06
N ASN JA 104 -25.83 -79.15 -9.69
CA ASN JA 104 -24.97 -80.32 -9.77
C ASN JA 104 -24.25 -80.53 -8.45
N PHE JA 105 -24.95 -81.24 -7.58
CA PHE JA 105 -24.48 -81.60 -6.25
C PHE JA 105 -23.72 -82.90 -6.27
N VAL JA 106 -22.97 -83.09 -5.21
CA VAL JA 106 -22.33 -84.36 -4.92
C VAL JA 106 -23.42 -85.37 -4.58
N THR JA 107 -23.12 -86.61 -4.94
CA THR JA 107 -24.08 -87.67 -4.80
C THR JA 107 -24.33 -87.95 -3.32
N LYS JA 108 -25.59 -88.04 -2.99
CA LYS JA 108 -26.00 -88.27 -1.64
C LYS JA 108 -25.26 -89.52 -1.10
N ALA JA 109 -24.75 -89.46 0.12
CA ALA JA 109 -23.95 -90.57 0.63
C ALA JA 109 -24.05 -90.61 2.15
N THR JA 110 -24.20 -91.80 2.73
CA THR JA 110 -24.39 -91.92 4.19
C THR JA 110 -23.11 -91.74 4.95
N ALA JA 111 -22.03 -92.29 4.40
CA ALA JA 111 -20.72 -92.20 5.07
C ALA JA 111 -19.52 -92.19 4.09
N LEU JA 112 -19.38 -91.06 3.39
CA LEU JA 112 -18.22 -90.79 2.58
C LEU JA 112 -17.00 -90.68 3.47
N THR JA 113 -15.85 -91.10 2.97
CA THR JA 113 -14.63 -91.17 3.77
C THR JA 113 -13.84 -89.84 3.86
N TYR JA 114 -14.35 -88.82 3.18
CA TYR JA 114 -13.84 -87.46 3.24
C TYR JA 114 -15.02 -86.50 3.12
N ASP JA 115 -14.78 -85.22 3.37
CA ASP JA 115 -15.77 -84.16 3.22
C ASP JA 115 -15.64 -83.62 1.80
N PRO JA 116 -16.58 -83.97 0.91
CA PRO JA 116 -16.35 -83.63 -0.50
C PRO JA 116 -16.44 -82.12 -0.80
N TYR JA 117 -16.97 -81.33 0.14
CA TYR JA 117 -17.22 -79.93 -0.13
C TYR JA 117 -16.20 -78.94 0.48
N VAL JA 118 -15.20 -79.47 1.19
CA VAL JA 118 -14.28 -78.65 2.02
C VAL JA 118 -13.40 -77.68 1.21
N ASN JA 119 -13.04 -78.10 0.02
CA ASN JA 119 -12.18 -77.32 -0.82
C ASN JA 119 -13.01 -76.40 -1.73
N TYR JA 120 -14.36 -76.45 -1.68
CA TYR JA 120 -15.17 -75.58 -2.56
C TYR JA 120 -14.87 -74.12 -2.25
N SER JA 121 -14.71 -73.29 -3.28
CA SER JA 121 -14.57 -71.85 -3.08
C SER JA 121 -15.69 -71.24 -2.22
N SER JA 122 -16.92 -71.71 -2.32
CA SER JA 122 -18.02 -71.11 -1.57
C SER JA 122 -18.18 -71.73 -0.19
N ARG JA 123 -17.18 -72.45 0.32
CA ARG JA 123 -17.36 -73.28 1.54
C ARG JA 123 -17.34 -72.49 2.81
N HIS JA 124 -18.22 -72.88 3.73
CA HIS JA 124 -18.16 -72.42 5.13
C HIS JA 124 -18.07 -73.67 5.98
N THR JA 125 -17.23 -73.61 6.98
CA THR JA 125 -17.18 -74.63 8.07
C THR JA 125 -18.52 -74.76 8.89
N ILE JA 126 -19.00 -76.01 9.10
CA ILE JA 126 -20.11 -76.32 10.01
C ILE JA 126 -19.51 -76.97 11.24
N THR JA 127 -19.93 -76.50 12.40
CA THR JA 127 -19.48 -77.02 13.71
C THR JA 127 -20.60 -77.96 14.26
N GLN JA 128 -20.27 -79.13 14.78
CA GLN JA 128 -21.33 -80.06 15.20
C GLN JA 128 -21.13 -80.52 16.63
N PRO JA 129 -22.22 -80.85 17.34
CA PRO JA 129 -23.62 -80.95 16.83
C PRO JA 129 -24.58 -79.88 17.35
N PHE JA 130 -23.98 -78.96 18.10
CA PHE JA 130 -24.78 -78.06 18.90
C PHE JA 130 -24.60 -76.63 18.47
N SER JA 131 -24.14 -76.42 17.24
CA SER JA 131 -23.90 -75.08 16.79
C SER JA 131 -24.81 -74.69 15.65
N TYR JA 132 -25.09 -73.40 15.60
CA TYR JA 132 -25.99 -72.81 14.60
C TYR JA 132 -25.15 -72.66 13.37
N HIS JA 133 -25.76 -72.84 12.22
CA HIS JA 133 -25.04 -72.60 10.97
C HIS JA 133 -26.02 -71.95 10.00
N SER JA 134 -25.61 -70.81 9.43
CA SER JA 134 -26.38 -70.22 8.35
C SER JA 134 -25.58 -69.96 7.10
N ARG JA 135 -26.29 -70.02 5.97
CA ARG JA 135 -25.81 -69.53 4.71
C ARG JA 135 -26.85 -68.63 4.10
N TYR JA 136 -26.37 -67.59 3.44
CA TYR JA 136 -27.22 -66.54 2.86
C TYR JA 136 -26.58 -66.11 1.55
N PHE JA 137 -27.37 -66.08 0.50
CA PHE JA 137 -26.85 -65.99 -0.91
C PHE JA 137 -28.00 -65.90 -1.89
N THR JA 138 -27.66 -65.52 -3.09
CA THR JA 138 -28.62 -65.48 -4.19
C THR JA 138 -28.70 -66.85 -4.89
N PRO JA 139 -29.80 -67.56 -4.79
CA PRO JA 139 -29.86 -68.83 -5.50
C PRO JA 139 -30.25 -68.56 -6.94
N LYS JA 140 -30.34 -69.62 -7.73
CA LYS JA 140 -30.61 -69.50 -9.18
C LYS JA 140 -31.67 -70.48 -9.67
N PRO JA 141 -32.54 -70.01 -10.58
CA PRO JA 141 -33.54 -70.93 -11.07
C PRO JA 141 -32.91 -72.03 -11.97
N VAL JA 142 -33.51 -73.21 -11.93
CA VAL JA 142 -33.10 -74.29 -12.78
C VAL JA 142 -33.86 -74.19 -14.09
N LEU JA 143 -33.17 -73.59 -15.06
CA LEU JA 143 -33.80 -73.11 -16.25
C LEU JA 143 -33.67 -74.13 -17.33
N ASP JA 144 -32.54 -74.82 -17.37
CA ASP JA 144 -32.30 -75.94 -18.32
C ASP JA 144 -31.31 -76.90 -17.66
N SER JA 145 -31.76 -78.02 -17.15
CA SER JA 145 -30.82 -78.92 -16.44
C SER JA 145 -29.85 -79.72 -17.34
N THR JA 146 -30.02 -79.65 -18.65
CA THR JA 146 -29.05 -80.16 -19.62
C THR JA 146 -27.79 -79.32 -19.63
N ILE JA 147 -27.94 -78.00 -19.72
CA ILE JA 147 -26.79 -77.03 -19.80
C ILE JA 147 -26.41 -76.42 -18.46
N ASP JA 148 -27.40 -76.34 -17.59
CA ASP JA 148 -27.25 -75.81 -16.24
C ASP JA 148 -26.58 -74.47 -16.25
N TYR JA 149 -27.23 -73.46 -16.81
CA TYR JA 149 -26.71 -72.12 -16.81
C TYR JA 149 -27.45 -71.21 -15.86
N PHE JA 150 -26.77 -70.16 -15.45
CA PHE JA 150 -27.36 -69.18 -14.56
C PHE JA 150 -26.71 -67.79 -14.69
N GLN JA 151 -27.41 -66.77 -14.23
CA GLN JA 151 -26.95 -65.39 -14.37
C GLN JA 151 -25.97 -65.15 -13.29
N PRO JA 152 -25.02 -64.23 -13.52
CA PRO JA 152 -24.17 -63.72 -12.48
C PRO JA 152 -24.94 -62.88 -11.47
N ASN JA 153 -24.51 -63.00 -10.23
CA ASN JA 153 -25.30 -62.48 -9.09
C ASN JA 153 -25.45 -60.96 -9.45
N ASN JA 154 -26.67 -60.52 -9.67
CA ASN JA 154 -26.94 -59.09 -9.97
C ASN JA 154 -28.26 -58.66 -9.29
N LYS JA 155 -28.61 -57.40 -9.51
CA LYS JA 155 -29.83 -56.85 -8.99
C LYS JA 155 -30.79 -56.57 -10.15
N ARG JA 156 -30.60 -55.49 -10.86
CA ARG JA 156 -31.66 -55.00 -11.71
C ARG JA 156 -31.72 -55.76 -13.02
N ASN JA 157 -30.68 -56.53 -13.40
CA ASN JA 157 -30.75 -57.45 -14.57
C ASN JA 157 -31.33 -58.85 -14.32
N GLN JA 158 -31.75 -59.16 -13.09
CA GLN JA 158 -32.17 -60.52 -12.70
C GLN JA 158 -33.46 -60.92 -13.41
N LEU JA 159 -33.49 -62.15 -13.93
CA LEU JA 159 -34.64 -62.67 -14.59
C LEU JA 159 -35.88 -62.64 -13.72
N TRP JA 160 -37.01 -62.25 -14.31
CA TRP JA 160 -38.34 -62.34 -13.71
C TRP JA 160 -38.97 -63.68 -14.13
N LEU JA 161 -39.69 -64.30 -13.20
CA LEU JA 161 -40.38 -65.58 -13.40
C LEU JA 161 -41.93 -65.46 -13.12
N ARG JA 162 -42.73 -66.29 -13.80
CA ARG JA 162 -44.17 -66.26 -13.57
C ARG JA 162 -44.47 -66.93 -12.24
N LEU JA 163 -45.34 -66.32 -11.45
CA LEU JA 163 -45.81 -66.97 -10.23
C LEU JA 163 -46.78 -68.00 -10.67
N GLN JA 164 -46.40 -69.23 -10.48
CA GLN JA 164 -47.29 -70.32 -10.83
C GLN JA 164 -48.04 -70.80 -9.64
N THR JA 165 -49.17 -71.40 -9.95
CA THR JA 165 -49.98 -72.00 -8.89
C THR JA 165 -49.34 -73.31 -8.48
N ALA JA 166 -48.98 -74.12 -9.45
CA ALA JA 166 -48.67 -75.48 -9.19
C ALA JA 166 -47.21 -75.80 -9.44
N GLY JA 167 -46.69 -75.38 -10.56
CA GLY JA 167 -45.53 -76.08 -11.07
C GLY JA 167 -44.33 -75.19 -11.12
N ASN JA 168 -44.01 -74.59 -10.01
CA ASN JA 168 -42.89 -73.67 -9.98
C ASN JA 168 -41.51 -74.34 -10.17
N VAL JA 169 -40.58 -73.54 -10.67
CA VAL JA 169 -39.27 -73.97 -10.95
C VAL JA 169 -38.38 -74.05 -9.71
N ASP JA 170 -37.69 -75.16 -9.54
CA ASP JA 170 -36.74 -75.27 -8.47
C ASP JA 170 -35.71 -74.14 -8.57
N HIS JA 171 -35.33 -73.55 -7.45
CA HIS JA 171 -34.10 -72.76 -7.37
C HIS JA 171 -32.99 -73.52 -6.65
N VAL JA 172 -31.78 -73.11 -6.87
CA VAL JA 172 -30.77 -74.04 -6.56
C VAL JA 172 -29.63 -73.38 -5.87
N GLY JA 173 -29.02 -74.22 -5.04
CA GLY JA 173 -28.53 -73.73 -3.82
C GLY JA 173 -27.58 -74.45 -2.95
N LEU JA 174 -27.95 -75.44 -2.15
CA LEU JA 174 -26.98 -75.77 -1.07
C LEU JA 174 -26.58 -77.24 -0.92
N GLY JA 175 -25.26 -77.50 -0.92
CA GLY JA 175 -24.71 -78.82 -0.63
C GLY JA 175 -24.27 -78.94 0.80
N THR JA 176 -24.43 -80.11 1.42
CA THR JA 176 -23.96 -80.27 2.80
C THR JA 176 -23.15 -81.50 3.03
N ALA JA 177 -22.16 -81.39 3.91
CA ALA JA 177 -21.43 -82.57 4.39
C ALA JA 177 -21.32 -82.46 5.90
N PHE JA 178 -22.10 -83.23 6.66
CA PHE JA 178 -21.97 -83.29 8.15
C PHE JA 178 -21.12 -84.53 8.54
N GLU JA 179 -20.23 -84.36 9.52
CA GLU JA 179 -19.42 -85.45 10.00
C GLU JA 179 -20.35 -86.30 10.77
N ASN JA 180 -20.18 -87.61 10.62
CA ASN JA 180 -21.02 -88.62 11.33
C ASN JA 180 -20.56 -88.72 12.80
N SER JA 181 -21.41 -89.29 13.62
CA SER JA 181 -21.20 -89.25 15.06
C SER JA 181 -21.70 -90.57 15.66
N ILE JA 182 -21.21 -90.84 16.85
CA ILE JA 182 -21.69 -91.97 17.67
C ILE JA 182 -23.13 -91.70 18.21
N TYR JA 183 -23.51 -90.42 18.18
CA TYR JA 183 -24.85 -89.99 18.45
C TYR JA 183 -25.64 -89.49 17.23
N ASP JA 184 -26.95 -89.53 17.43
CA ASP JA 184 -27.87 -88.80 16.59
C ASP JA 184 -27.66 -87.26 16.63
N GLN JA 185 -27.85 -86.65 15.47
CA GLN JA 185 -27.54 -85.26 15.27
C GLN JA 185 -28.74 -84.72 14.57
N GLU JA 186 -29.61 -84.07 15.33
CA GLU JA 186 -30.89 -83.51 14.82
C GLU JA 186 -30.78 -82.03 14.63
N TYR JA 187 -31.46 -81.54 13.62
CA TYR JA 187 -31.61 -80.11 13.41
C TYR JA 187 -33.00 -79.79 12.95
N ASN JA 188 -33.45 -78.60 13.31
CA ASN JA 188 -34.56 -77.97 12.65
C ASN JA 188 -33.92 -77.10 11.62
N ILE JA 189 -34.27 -77.31 10.36
CA ILE JA 189 -33.80 -76.39 9.31
C ILE JA 189 -34.87 -75.37 8.99
N ARG JA 190 -34.45 -74.12 8.90
CA ARG JA 190 -35.36 -73.07 8.50
C ARG JA 190 -34.87 -72.36 7.24
N VAL JA 191 -35.55 -72.62 6.13
CA VAL JA 191 -35.33 -71.88 4.90
C VAL JA 191 -36.24 -70.62 4.86
N THR JA 192 -35.67 -69.56 4.30
CA THR JA 192 -36.28 -68.23 4.25
C THR JA 192 -35.93 -67.64 2.92
N MET JA 193 -36.95 -67.27 2.16
CA MET JA 193 -36.78 -66.68 0.85
C MET JA 193 -37.19 -65.22 0.89
N TYR JA 194 -36.27 -64.36 0.51
CA TYR JA 194 -36.48 -62.95 0.34
C TYR JA 194 -36.87 -62.80 -1.15
N VAL JA 195 -38.17 -62.59 -1.38
CA VAL JA 195 -38.76 -62.61 -2.71
C VAL JA 195 -39.13 -61.22 -3.05
N GLN JA 196 -39.02 -60.89 -4.33
CA GLN JA 196 -39.56 -59.64 -4.87
C GLN JA 196 -40.72 -60.03 -5.79
N PHE JA 197 -41.88 -59.45 -5.54
CA PHE JA 197 -43.02 -59.67 -6.39
C PHE JA 197 -43.27 -58.44 -7.24
N ARG JA 198 -43.80 -58.65 -8.44
CA ARG JA 198 -44.10 -57.59 -9.37
C ARG JA 198 -45.43 -57.86 -10.10
N GLU JA 199 -46.21 -56.77 -10.27
CA GLU JA 199 -47.46 -56.75 -11.01
C GLU JA 199 -48.58 -57.31 -10.14
N PHE JA 200 -49.15 -56.39 -9.36
CA PHE JA 200 -50.37 -56.70 -8.56
C PHE JA 200 -51.40 -57.16 -9.57
N ASN JA 201 -52.21 -58.16 -9.25
CA ASN JA 201 -53.18 -58.69 -10.29
C ASN JA 201 -54.54 -59.11 -9.76
N LEU JA 202 -54.93 -58.56 -8.61
CA LEU JA 202 -56.11 -59.04 -7.90
C LEU JA 202 -57.43 -58.96 -8.68
N LYS JA 203 -58.12 -60.06 -8.75
CA LYS JA 203 -59.42 -60.16 -9.36
C LYS JA 203 -60.50 -59.95 -8.28
N ASP JA 204 -61.53 -59.22 -8.60
CA ASP JA 204 -62.61 -58.97 -7.67
C ASP JA 204 -63.94 -59.27 -8.38
N PRO JA 205 -64.29 -60.55 -8.49
CA PRO JA 205 -65.62 -60.80 -9.00
C PRO JA 205 -66.67 -60.26 -8.01
N PRO JA 206 -67.89 -60.04 -8.47
CA PRO JA 206 -68.98 -59.56 -7.60
C PRO JA 206 -69.77 -60.70 -6.85
N LEU JA 207 -71.03 -60.39 -6.46
CA LEU JA 207 -72.03 -61.30 -5.77
C LEU JA 207 -71.53 -61.43 -4.33
N SER KA 19 45.15 -31.70 43.52
CA SER KA 19 43.75 -32.01 43.98
C SER KA 19 43.57 -31.15 45.26
N HIS KA 20 42.44 -30.42 45.33
CA HIS KA 20 42.16 -29.57 46.50
C HIS KA 20 41.23 -30.23 47.38
N PHE KA 21 41.30 -29.84 48.66
CA PHE KA 21 40.43 -30.39 49.70
C PHE KA 21 40.04 -29.28 50.71
N ASN KA 22 38.80 -28.83 50.62
CA ASN KA 22 38.29 -27.85 51.57
C ASN KA 22 37.66 -28.57 52.74
N THR KA 23 38.02 -28.15 53.94
CA THR KA 23 37.43 -28.69 55.16
C THR KA 23 37.47 -27.63 56.27
N ARG KA 24 37.08 -28.09 57.46
CA ARG KA 24 36.79 -27.26 58.60
C ARG KA 24 37.31 -27.99 59.80
N LEU KA 25 38.10 -27.31 60.61
CA LEU KA 25 38.69 -27.89 61.81
C LEU KA 25 38.32 -27.04 63.03
N SER KA 26 37.90 -27.70 64.12
CA SER KA 26 37.50 -26.98 65.30
C SER KA 26 38.14 -27.55 66.55
N ARG KA 27 38.43 -26.67 67.50
CA ARG KA 27 38.75 -27.03 68.87
C ARG KA 27 38.07 -26.05 69.80
N THR KA 28 37.86 -26.48 71.05
CA THR KA 28 37.15 -25.67 72.02
C THR KA 28 37.92 -25.66 73.30
N PHE KA 29 38.02 -24.48 73.93
CA PHE KA 29 38.80 -24.32 75.15
C PHE KA 29 38.23 -23.24 76.10
N GLY KA 30 38.41 -23.43 77.42
CA GLY KA 30 37.95 -22.45 78.43
C GLY KA 30 38.71 -21.14 78.49
N TYR KA 31 38.00 -20.10 78.90
CA TYR KA 31 38.63 -18.82 79.18
C TYR KA 31 37.80 -18.22 80.30
N THR KA 32 38.47 -17.68 81.33
CA THR KA 32 37.80 -17.10 82.52
C THR KA 32 38.34 -15.70 82.82
N ILE KA 33 37.43 -14.72 82.86
CA ILE KA 33 37.80 -13.41 83.38
C ILE KA 33 37.41 -13.47 84.81
N LYS KA 34 38.44 -13.32 85.63
CA LYS KA 34 38.33 -13.42 87.08
C LYS KA 34 37.72 -12.13 87.67
N ARG KA 35 36.86 -12.32 88.68
CA ARG KA 35 36.10 -11.26 89.30
C ARG KA 35 37.04 -10.19 89.85
N THR KA 36 36.63 -8.92 89.81
CA THR KA 36 37.39 -7.82 90.40
C THR KA 36 36.50 -6.99 91.25
N THR KA 37 37.11 -6.25 92.16
CA THR KA 37 36.38 -5.27 92.93
C THR KA 37 36.67 -3.85 92.50
N VAL KA 38 37.52 -3.62 91.51
CA VAL KA 38 37.60 -2.30 90.89
C VAL KA 38 36.13 -1.86 90.57
N LYS KA 39 35.76 -0.69 91.09
CA LYS KA 39 34.39 -0.18 90.96
C LYS KA 39 34.32 0.50 89.56
N THR KA 40 35.35 1.30 89.22
CA THR KA 40 35.36 2.02 87.96
C THR KA 40 35.65 1.04 86.81
N PRO KA 41 35.16 1.38 85.60
CA PRO KA 41 35.28 0.50 84.48
C PRO KA 41 36.72 0.19 84.16
N SER KA 42 37.03 -1.08 84.00
CA SER KA 42 38.31 -1.49 83.50
C SER KA 42 38.16 -2.75 82.64
N TRP KA 43 39.20 -2.95 81.81
CA TRP KA 43 39.21 -3.99 80.81
C TRP KA 43 40.35 -5.03 80.99
N ALA KA 44 39.99 -6.33 80.84
CA ALA KA 44 40.92 -7.48 80.69
C ALA KA 44 41.27 -7.72 79.21
N VAL KA 45 42.50 -7.35 78.87
CA VAL KA 45 43.01 -7.33 77.52
C VAL KA 45 43.84 -8.59 77.27
N ASP KA 46 43.47 -9.34 76.25
CA ASP KA 46 44.20 -10.52 75.84
C ASP KA 46 44.31 -10.66 74.26
N MET KA 47 44.79 -11.81 73.84
CA MET KA 47 45.09 -12.04 72.46
C MET KA 47 44.87 -13.51 72.16
N MET KA 48 44.93 -13.79 70.85
CA MET KA 48 44.68 -15.08 70.28
C MET KA 48 45.47 -15.23 69.01
N ARG KA 49 46.23 -16.31 68.93
CA ARG KA 49 46.87 -16.79 67.72
C ARG KA 49 46.30 -18.17 67.33
N PHE KA 50 46.46 -18.60 66.08
CA PHE KA 50 45.84 -19.83 65.57
C PHE KA 50 46.90 -20.68 64.98
N ASN KA 51 46.95 -21.93 65.41
CA ASN KA 51 47.96 -22.77 64.86
C ASN KA 51 47.45 -24.15 64.53
N ILE KA 52 47.68 -24.55 63.30
CA ILE KA 52 47.15 -25.85 62.84
C ILE KA 52 47.63 -27.07 63.67
N ASN KA 53 48.80 -26.95 64.32
CA ASN KA 53 49.27 -27.96 65.30
C ASN KA 53 48.15 -28.32 66.24
N ASP KA 54 47.44 -27.30 66.73
CA ASP KA 54 46.33 -27.49 67.69
C ASP KA 54 45.02 -28.09 67.08
N PHE KA 55 44.88 -28.21 65.76
CA PHE KA 55 43.63 -28.71 65.16
C PHE KA 55 43.72 -30.08 64.47
N LEU KA 56 44.93 -30.56 64.29
CA LEU KA 56 45.21 -31.68 63.45
C LEU KA 56 46.18 -32.46 64.28
N PRO KA 57 45.81 -33.64 64.76
CA PRO KA 57 46.85 -34.36 65.49
C PRO KA 57 47.85 -34.97 64.53
N PRO KA 58 48.97 -35.52 65.07
CA PRO KA 58 49.83 -36.47 64.35
C PRO KA 58 49.13 -37.69 63.74
N GLY KA 59 49.81 -38.27 62.77
CA GLY KA 59 49.38 -39.47 62.06
C GLY KA 59 50.15 -40.70 62.53
N GLY KA 60 50.39 -41.57 61.57
CA GLY KA 60 50.96 -42.87 61.85
C GLY KA 60 51.55 -43.48 60.60
N GLY KA 61 52.71 -44.08 60.80
CA GLY KA 61 53.39 -44.84 59.76
C GLY KA 61 54.09 -43.81 58.92
N SER KA 62 54.12 -44.11 57.64
CA SER KA 62 54.68 -43.21 56.66
C SER KA 62 53.83 -41.98 56.42
N ASN KA 63 52.57 -42.02 56.89
CA ASN KA 63 51.66 -40.86 56.84
C ASN KA 63 51.71 -40.04 58.11
N PRO KA 64 52.68 -39.09 58.17
CA PRO KA 64 52.98 -38.48 59.48
C PRO KA 64 51.93 -37.47 59.98
N ARG KA 65 50.94 -37.12 59.14
CA ARG KA 65 49.85 -36.20 59.53
C ARG KA 65 48.48 -36.85 59.27
N SER KA 66 47.50 -36.52 60.10
CA SER KA 66 46.18 -37.12 59.99
C SER KA 66 45.38 -36.74 58.76
N VAL KA 67 45.65 -35.57 58.16
CA VAL KA 67 45.21 -35.38 56.78
C VAL KA 67 46.41 -35.50 55.84
N PRO KA 68 46.32 -36.42 54.83
CA PRO KA 68 47.45 -36.72 53.99
C PRO KA 68 47.59 -35.78 52.82
N PHE KA 69 48.04 -34.56 53.11
CA PHE KA 69 48.22 -33.52 52.09
C PHE KA 69 49.53 -32.79 52.37
N GLU KA 70 50.12 -32.25 51.31
CA GLU KA 70 51.44 -31.64 51.35
C GLU KA 70 51.40 -30.16 51.72
N TYR KA 71 50.32 -29.50 51.33
CA TYR KA 71 50.23 -28.06 51.45
C TYR KA 71 48.88 -27.66 52.04
N TYR KA 72 48.86 -26.51 52.69
CA TYR KA 72 47.65 -25.93 53.24
C TYR KA 72 47.70 -24.42 53.21
N ARG KA 73 46.53 -23.83 53.21
CA ARG KA 73 46.43 -22.43 53.54
C ARG KA 73 45.08 -22.22 54.13
N ILE KA 74 45.04 -21.25 55.04
CA ILE KA 74 43.89 -21.07 55.89
C ILE KA 74 43.07 -19.97 55.26
N ARG KA 75 41.95 -20.38 54.74
CA ARG KA 75 41.06 -19.49 54.05
C ARG KA 75 40.39 -18.54 55.04
N LYS KA 76 39.83 -19.09 56.11
CA LYS KA 76 39.06 -18.28 57.03
C LYS KA 76 39.19 -18.82 58.48
N VAL KA 77 39.18 -17.96 59.50
CA VAL KA 77 38.98 -18.37 60.91
C VAL KA 77 37.62 -17.91 61.38
N LYS KA 78 36.95 -18.75 62.16
CA LYS KA 78 35.81 -18.31 62.98
C LYS KA 78 36.18 -18.41 64.45
N VAL KA 79 36.20 -17.28 65.16
CA VAL KA 79 36.34 -17.35 66.61
C VAL KA 79 34.96 -17.16 67.22
N GLU KA 80 34.45 -18.16 67.93
CA GLU KA 80 33.18 -18.01 68.68
C GLU KA 80 33.40 -18.00 70.23
N PHE KA 81 32.86 -16.97 70.89
CA PHE KA 81 32.80 -16.93 72.36
C PHE KA 81 31.41 -17.38 72.82
N TRP KA 82 31.33 -18.62 73.29
CA TRP KA 82 30.12 -19.16 73.85
C TRP KA 82 30.09 -18.92 75.35
N PRO KA 83 29.29 -17.94 75.78
CA PRO KA 83 29.23 -17.50 77.15
C PRO KA 83 28.70 -18.58 78.12
N CYS KA 84 29.41 -18.80 79.24
CA CYS KA 84 28.97 -19.74 80.30
C CYS KA 84 27.91 -19.12 81.24
N SER KA 85 28.01 -17.81 81.49
CA SER KA 85 27.17 -17.12 82.47
C SER KA 85 25.74 -17.19 82.01
N PRO KA 86 24.83 -17.33 82.97
CA PRO KA 86 23.40 -17.40 82.61
C PRO KA 86 22.85 -16.02 82.25
N ILE KA 87 21.66 -15.98 81.65
CA ILE KA 87 21.06 -14.68 81.22
C ILE KA 87 20.45 -13.84 82.36
N THR KA 88 20.48 -14.42 83.56
CA THR KA 88 20.15 -13.71 84.79
C THR KA 88 21.30 -12.96 85.49
N GLN KA 89 22.52 -13.01 84.94
CA GLN KA 89 23.67 -12.47 85.66
C GLN KA 89 23.64 -11.01 85.39
N GLY KA 90 24.04 -10.21 86.36
CA GLY KA 90 24.13 -8.75 86.24
C GLY KA 90 25.58 -8.26 86.08
N ASP KA 91 25.86 -7.02 86.51
CA ASP KA 91 27.11 -6.27 86.21
C ASP KA 91 27.56 -6.53 84.80
N ARG KA 92 26.63 -6.32 83.92
CA ARG KA 92 26.81 -6.53 82.54
C ARG KA 92 27.66 -5.42 82.01
N GLY KA 93 28.52 -5.78 81.08
CA GLY KA 93 29.44 -4.83 80.49
C GLY KA 93 29.51 -4.87 79.00
N VAL KA 94 30.57 -4.24 78.51
CA VAL KA 94 30.76 -4.06 77.10
C VAL KA 94 32.25 -3.97 76.71
N GLY KA 95 32.65 -4.68 75.66
CA GLY KA 95 34.07 -4.71 75.25
C GLY KA 95 34.30 -4.68 73.75
N SER KA 96 35.49 -5.10 73.36
CA SER KA 96 35.86 -5.11 71.95
C SER KA 96 36.68 -6.35 71.51
N SER KA 97 36.43 -6.80 70.29
CA SER KA 97 37.32 -7.75 69.64
C SER KA 97 37.88 -6.99 68.48
N ALA KA 98 39.12 -7.30 68.10
CA ALA KA 98 39.68 -6.63 66.93
C ALA KA 98 40.63 -7.57 66.18
N VAL KA 99 40.62 -7.47 64.85
CA VAL KA 99 41.43 -8.28 63.98
C VAL KA 99 42.79 -7.58 63.85
N ILE KA 100 43.83 -8.38 64.14
CA ILE KA 100 45.22 -7.98 64.23
C ILE KA 100 46.01 -8.92 63.35
N LEU KA 101 46.44 -8.43 62.20
CA LEU KA 101 46.95 -9.26 61.12
C LEU KA 101 48.45 -9.24 61.09
N ASP KA 102 49.06 -8.41 61.96
CA ASP KA 102 50.50 -8.12 61.94
C ASP KA 102 51.24 -8.65 63.20
N ASP KA 103 50.57 -9.49 63.97
CA ASP KA 103 51.12 -10.10 65.20
C ASP KA 103 51.58 -9.03 66.20
N ASN KA 104 50.83 -7.94 66.28
CA ASN KA 104 51.15 -6.85 67.19
C ASN KA 104 49.95 -6.46 68.05
N PHE KA 105 49.82 -7.18 69.16
CA PHE KA 105 48.68 -7.07 70.00
C PHE KA 105 48.86 -5.98 71.04
N VAL KA 106 47.77 -5.49 71.60
CA VAL KA 106 47.87 -4.61 72.74
C VAL KA 106 48.36 -5.52 73.90
N THR KA 107 49.32 -5.02 74.70
CA THR KA 107 49.87 -5.80 75.81
C THR KA 107 48.81 -6.27 76.80
N LYS KA 108 48.89 -7.58 77.07
CA LYS KA 108 48.01 -8.28 77.96
C LYS KA 108 47.90 -7.58 79.33
N ALA KA 109 46.67 -7.49 79.84
CA ALA KA 109 46.35 -6.69 81.05
C ALA KA 109 45.08 -7.21 81.79
N THR KA 110 45.11 -7.15 83.12
CA THR KA 110 44.01 -7.67 83.93
C THR KA 110 42.93 -6.60 84.09
N ALA KA 111 43.36 -5.34 84.12
CA ALA KA 111 42.46 -4.21 84.28
C ALA KA 111 42.95 -2.82 83.73
N LEU KA 112 43.04 -2.72 82.44
CA LEU KA 112 43.32 -1.44 81.81
C LEU KA 112 42.16 -0.47 82.01
N THR KA 113 42.45 0.80 82.10
CA THR KA 113 41.41 1.80 82.45
C THR KA 113 40.59 2.35 81.25
N TYR KA 114 40.83 1.77 80.07
CA TYR KA 114 40.01 2.00 78.90
C TYR KA 114 39.98 0.70 78.15
N ASP KA 115 39.09 0.67 77.15
CA ASP KA 115 39.03 -0.41 76.20
C ASP KA 115 40.05 -0.11 75.11
N PRO KA 116 41.24 -0.78 75.14
CA PRO KA 116 42.26 -0.36 74.17
C PRO KA 116 41.87 -0.65 72.71
N TYR KA 117 40.87 -1.49 72.41
CA TYR KA 117 40.51 -1.87 71.01
C TYR KA 117 39.25 -1.19 70.45
N VAL KA 118 38.58 -0.35 71.24
CA VAL KA 118 37.26 0.21 70.83
C VAL KA 118 37.30 0.99 69.51
N ASN KA 119 38.39 1.72 69.27
CA ASN KA 119 38.57 2.58 68.10
C ASN KA 119 39.25 1.86 66.88
N TYR KA 120 39.64 0.59 67.03
CA TYR KA 120 40.18 -0.18 65.89
C TYR KA 120 39.18 -0.25 64.73
N SER KA 121 39.63 0.04 63.52
CA SER KA 121 38.77 -0.07 62.32
C SER KA 121 38.04 -1.39 62.25
N SER KA 122 38.70 -2.49 62.65
CA SER KA 122 38.14 -3.84 62.64
C SER KA 122 37.38 -4.21 63.87
N ARG KA 123 37.08 -3.26 64.75
CA ARG KA 123 36.49 -3.60 66.05
C ARG KA 123 35.05 -4.04 65.87
N HIS KA 124 34.66 -5.09 66.62
CA HIS KA 124 33.25 -5.39 66.87
C HIS KA 124 33.02 -5.35 68.39
N THR KA 125 31.76 -5.12 68.75
CA THR KA 125 31.33 -4.98 70.14
C THR KA 125 31.09 -6.33 70.76
N ILE KA 126 31.59 -6.52 71.97
CA ILE KA 126 31.30 -7.68 72.74
C ILE KA 126 30.34 -7.18 73.79
N THR KA 127 29.28 -7.95 74.01
CA THR KA 127 28.22 -7.64 74.90
C THR KA 127 28.30 -8.78 75.96
N GLN KA 128 28.50 -8.39 77.24
CA GLN KA 128 28.92 -9.28 78.34
C GLN KA 128 27.88 -9.38 79.45
N PRO KA 129 27.77 -10.50 80.15
CA PRO KA 129 28.64 -11.69 80.00
C PRO KA 129 27.89 -12.85 79.38
N PHE KA 130 26.62 -12.69 79.03
CA PHE KA 130 25.85 -13.84 78.66
C PHE KA 130 25.52 -13.90 77.17
N SER KA 131 26.27 -13.17 76.35
CA SER KA 131 25.99 -13.09 74.91
C SER KA 131 27.03 -13.75 74.02
N TYR KA 132 26.56 -14.14 72.84
CA TYR KA 132 27.43 -14.84 71.91
C TYR KA 132 28.21 -13.79 71.21
N HIS KA 133 29.40 -14.15 70.80
CA HIS KA 133 30.22 -13.24 70.03
C HIS KA 133 31.02 -14.08 69.11
N SER KA 134 31.08 -13.69 67.85
CA SER KA 134 31.92 -14.30 66.87
C SER KA 134 32.61 -13.31 65.95
N ARG KA 135 33.73 -13.74 65.43
CA ARG KA 135 34.33 -13.10 64.33
C ARG KA 135 34.65 -14.16 63.27
N TYR KA 136 34.63 -13.70 62.02
CA TYR KA 136 35.00 -14.50 60.85
C TYR KA 136 35.84 -13.58 59.96
N PHE KA 137 37.02 -14.03 59.59
CA PHE KA 137 38.04 -13.20 58.87
C PHE KA 137 39.19 -14.07 58.26
N THR KA 138 40.01 -13.48 57.40
CA THR KA 138 41.10 -14.25 56.83
C THR KA 138 42.35 -13.96 57.65
N PRO KA 139 42.85 -14.95 58.42
CA PRO KA 139 44.04 -14.67 59.27
C PRO KA 139 45.28 -14.66 58.42
N LYS KA 140 46.41 -14.21 58.92
CA LYS KA 140 47.60 -14.26 58.11
C LYS KA 140 48.69 -15.05 58.79
N PRO KA 141 49.56 -15.65 58.00
CA PRO KA 141 50.72 -16.28 58.59
C PRO KA 141 51.83 -15.27 58.99
N VAL KA 142 52.52 -15.61 60.07
CA VAL KA 142 53.58 -14.80 60.67
C VAL KA 142 54.81 -15.30 59.98
N LEU KA 143 55.33 -14.53 59.03
CA LEU KA 143 56.39 -15.02 58.15
C LEU KA 143 57.74 -14.54 58.61
N ASP KA 144 57.85 -13.25 58.90
CA ASP KA 144 59.02 -12.63 59.51
C ASP KA 144 58.53 -11.69 60.64
N SER KA 145 58.79 -12.05 61.90
CA SER KA 145 58.30 -11.24 63.05
C SER KA 145 58.96 -9.89 63.20
N THR KA 146 60.13 -9.70 62.59
CA THR KA 146 60.86 -8.41 62.61
C THR KA 146 60.18 -7.35 61.73
N ILE KA 147 59.61 -7.78 60.60
CA ILE KA 147 58.97 -6.89 59.66
C ILE KA 147 57.46 -6.92 59.75
N ASP KA 148 56.91 -8.10 60.06
CA ASP KA 148 55.45 -8.32 60.21
C ASP KA 148 54.70 -7.87 58.94
N TYR KA 149 54.75 -8.71 57.91
CA TYR KA 149 54.10 -8.37 56.61
C TYR KA 149 53.11 -9.41 56.25
N PHE KA 150 52.12 -8.99 55.52
CA PHE KA 150 51.12 -9.95 55.11
C PHE KA 150 50.47 -9.53 53.84
N GLN KA 151 49.85 -10.48 53.17
CA GLN KA 151 49.17 -10.25 51.88
C GLN KA 151 47.78 -9.67 52.06
N PRO KA 152 47.34 -8.83 51.12
CA PRO KA 152 45.95 -8.42 51.05
C PRO KA 152 45.02 -9.55 50.91
N ASN KA 153 43.89 -9.37 51.56
CA ASN KA 153 42.91 -10.46 51.82
C ASN KA 153 42.49 -10.88 50.39
N ASN KA 154 42.69 -12.14 50.05
CA ASN KA 154 42.66 -12.56 48.63
C ASN KA 154 42.24 -14.02 48.56
N LYS KA 155 41.81 -14.45 47.37
CA LYS KA 155 41.58 -15.86 47.12
C LYS KA 155 42.75 -16.43 46.27
N ARG KA 156 42.66 -16.41 44.94
CA ARG KA 156 43.52 -17.18 44.05
C ARG KA 156 45.01 -17.12 44.28
N ASN KA 157 45.48 -15.95 44.80
CA ASN KA 157 46.90 -15.51 45.08
C ASN KA 157 47.56 -15.77 46.43
N GLN KA 158 46.80 -16.31 47.38
CA GLN KA 158 47.26 -16.60 48.74
C GLN KA 158 48.40 -17.63 48.81
N LEU KA 159 49.43 -17.31 49.59
CA LEU KA 159 50.59 -18.18 49.83
C LEU KA 159 50.10 -19.54 50.22
N TRP KA 160 50.75 -20.56 49.69
CA TRP KA 160 50.58 -21.94 50.14
C TRP KA 160 51.69 -22.20 51.12
N LEU KA 161 51.39 -22.97 52.18
CA LEU KA 161 52.35 -23.36 53.23
C LEU KA 161 52.49 -24.87 53.31
N ARG KA 162 53.70 -25.37 53.59
CA ARG KA 162 53.88 -26.80 53.81
C ARG KA 162 53.20 -27.24 55.10
N LEU KA 163 52.44 -28.32 55.04
CA LEU KA 163 51.78 -28.86 56.23
C LEU KA 163 52.85 -29.69 56.90
N GLN KA 164 53.29 -29.23 58.08
CA GLN KA 164 54.38 -29.88 58.79
C GLN KA 164 53.80 -30.77 59.85
N THR KA 165 54.59 -31.75 60.31
CA THR KA 165 54.12 -32.56 61.41
C THR KA 165 54.21 -31.76 62.70
N ALA KA 166 55.32 -31.03 62.83
CA ALA KA 166 55.80 -30.51 64.09
C ALA KA 166 55.51 -29.04 64.24
N GLY KA 167 56.22 -28.23 63.51
CA GLY KA 167 56.44 -26.85 63.94
C GLY KA 167 55.73 -25.89 63.03
N ASN KA 168 54.43 -26.11 62.87
CA ASN KA 168 53.68 -25.26 61.98
C ASN KA 168 53.65 -23.83 62.45
N VAL KA 169 53.49 -22.93 61.49
CA VAL KA 169 53.58 -21.53 61.74
C VAL KA 169 52.31 -20.96 62.38
N ASP KA 170 52.50 -19.95 63.21
CA ASP KA 170 51.40 -19.24 63.84
C ASP KA 170 50.69 -18.43 62.82
N HIS KA 171 49.37 -18.42 62.87
CA HIS KA 171 48.57 -17.45 62.15
C HIS KA 171 47.92 -16.47 63.09
N VAL KA 172 47.70 -15.28 62.57
CA VAL KA 172 47.43 -14.20 63.42
C VAL KA 172 46.18 -13.45 63.11
N GLY KA 173 45.70 -12.83 64.19
CA GLY KA 173 44.31 -12.88 64.44
C GLY KA 173 43.63 -11.88 65.27
N LEU KA 174 43.51 -12.14 66.58
CA LEU KA 174 42.44 -11.42 67.39
C LEU KA 174 42.77 -10.87 68.77
N GLY KA 175 42.66 -9.56 68.91
CA GLY KA 175 42.71 -8.90 70.23
C GLY KA 175 41.35 -8.83 70.95
N THR KA 176 41.38 -8.84 72.26
CA THR KA 176 40.16 -8.78 73.01
C THR KA 176 40.30 -7.89 74.13
N ALA KA 177 39.18 -7.36 74.57
CA ALA KA 177 39.12 -6.55 75.77
C ALA KA 177 37.73 -6.77 76.26
N PHE KA 178 37.66 -7.42 77.42
CA PHE KA 178 36.43 -7.75 78.09
C PHE KA 178 36.30 -6.82 79.27
N GLU KA 179 35.20 -6.07 79.39
CA GLU KA 179 34.99 -5.29 80.61
C GLU KA 179 34.94 -6.25 81.83
N ASN KA 180 35.71 -5.87 82.87
CA ASN KA 180 35.76 -6.60 84.13
C ASN KA 180 34.43 -6.46 84.84
N SER KA 181 34.11 -7.46 85.67
CA SER KA 181 32.90 -7.57 86.46
C SER KA 181 33.20 -7.98 87.93
N ILE KA 182 32.31 -7.53 88.80
CA ILE KA 182 32.01 -8.02 90.13
C ILE KA 182 31.91 -9.57 90.24
N TYR KA 183 31.45 -10.26 89.19
CA TYR KA 183 31.38 -11.73 89.17
C TYR KA 183 32.39 -12.32 88.16
N ASP KA 184 32.57 -13.64 88.25
CA ASP KA 184 33.32 -14.38 87.25
C ASP KA 184 32.56 -14.44 85.90
N GLN KA 185 33.33 -14.38 84.82
CA GLN KA 185 32.80 -14.38 83.47
C GLN KA 185 33.54 -15.50 82.76
N GLU KA 186 32.92 -16.66 82.70
CA GLU KA 186 33.50 -17.81 82.03
C GLU KA 186 32.94 -17.86 80.57
N TYR KA 187 33.75 -18.39 79.64
CA TYR KA 187 33.35 -18.68 78.23
C TYR KA 187 33.98 -19.98 77.68
N ASN KA 188 33.26 -20.72 76.87
CA ASN KA 188 33.93 -21.68 75.97
C ASN KA 188 34.20 -20.99 74.68
N ILE KA 189 35.47 -20.91 74.35
CA ILE KA 189 35.86 -20.37 73.06
C ILE KA 189 35.99 -21.51 72.07
N ARG KA 190 35.28 -21.43 70.95
CA ARG KA 190 35.46 -22.39 69.88
C ARG KA 190 36.02 -21.64 68.71
N VAL KA 191 37.22 -22.07 68.32
CA VAL KA 191 37.92 -21.58 67.14
C VAL KA 191 37.68 -22.59 66.03
N THR KA 192 37.38 -22.10 64.81
CA THR KA 192 37.26 -22.93 63.62
C THR KA 192 38.20 -22.49 62.46
N MET KA 193 39.02 -23.38 61.94
CA MET KA 193 39.82 -23.00 60.80
C MET KA 193 39.20 -23.60 59.55
N TYR KA 194 39.02 -22.78 58.51
CA TYR KA 194 38.50 -23.21 57.19
C TYR KA 194 39.73 -23.39 56.33
N VAL KA 195 40.12 -24.65 56.19
CA VAL KA 195 41.44 -24.97 55.66
C VAL KA 195 41.29 -25.60 54.30
N GLN KA 196 42.19 -25.19 53.44
CA GLN KA 196 42.22 -25.71 52.10
C GLN KA 196 43.57 -26.41 51.99
N PHE KA 197 43.49 -27.67 51.60
CA PHE KA 197 44.62 -28.53 51.43
C PHE KA 197 44.87 -28.81 49.96
N ARG KA 198 46.13 -28.97 49.60
CA ARG KA 198 46.54 -29.23 48.23
C ARG KA 198 47.64 -30.32 48.20
N GLU KA 199 47.56 -31.22 47.22
CA GLU KA 199 48.54 -32.28 46.91
C GLU KA 199 48.37 -33.50 47.79
N PHE KA 200 47.41 -34.35 47.41
CA PHE KA 200 47.28 -35.67 48.05
C PHE KA 200 48.68 -36.29 48.04
N ASN KA 201 49.11 -36.85 49.18
CA ASN KA 201 50.43 -37.39 49.31
C ASN KA 201 50.54 -38.77 49.93
N LEU KA 202 49.39 -39.42 50.14
CA LEU KA 202 49.31 -40.64 50.92
C LEU KA 202 50.30 -41.69 50.50
N LYS KA 203 51.09 -42.19 51.45
CA LYS KA 203 52.04 -43.29 51.23
C LYS KA 203 51.31 -44.56 51.61
N ASP KA 204 51.61 -45.67 50.94
CA ASP KA 204 50.96 -46.99 51.24
C ASP KA 204 51.98 -48.12 51.25
N PRO KA 205 52.65 -48.32 52.38
CA PRO KA 205 53.60 -49.45 52.50
C PRO KA 205 52.86 -50.81 52.49
N PRO KA 206 53.51 -51.88 51.99
CA PRO KA 206 52.93 -53.24 51.62
C PRO KA 206 51.87 -54.04 52.46
N SER LA 19 32.32 -32.40 52.57
CA SER LA 19 31.61 -33.69 52.88
C SER LA 19 31.97 -34.89 51.94
N HIS LA 20 32.21 -34.68 50.63
CA HIS LA 20 32.80 -35.69 49.71
C HIS LA 20 34.20 -35.39 49.35
N PHE LA 21 34.92 -36.43 49.01
CA PHE LA 21 36.32 -36.36 48.67
C PHE LA 21 36.59 -37.50 47.71
N ASN LA 22 36.78 -37.19 46.43
CA ASN LA 22 37.18 -38.19 45.47
C ASN LA 22 38.73 -38.28 45.43
N THR LA 23 39.26 -39.48 45.28
CA THR LA 23 40.68 -39.66 45.14
C THR LA 23 41.12 -41.05 44.51
N ARG LA 24 42.41 -41.22 44.41
CA ARG LA 24 42.98 -42.26 43.65
C ARG LA 24 44.06 -42.89 44.51
N LEU LA 25 43.99 -44.20 44.66
CA LEU LA 25 44.89 -44.98 45.48
C LEU LA 25 45.46 -46.11 44.63
N SER LA 26 46.76 -46.29 44.69
CA SER LA 26 47.41 -47.34 43.92
C SER LA 26 48.35 -48.18 44.68
N ARG LA 27 48.46 -49.39 44.19
CA ARG LA 27 49.54 -50.31 44.57
C ARG LA 27 50.09 -51.03 43.39
N THR LA 28 51.31 -51.52 43.55
CA THR LA 28 52.00 -52.22 42.46
C THR LA 28 52.65 -53.47 43.01
N PHE LA 29 52.38 -54.64 42.45
CA PHE LA 29 53.01 -55.91 42.90
C PHE LA 29 53.46 -56.79 41.69
N GLY LA 30 54.47 -57.65 41.86
CA GLY LA 30 54.91 -58.63 40.82
C GLY LA 30 53.92 -59.75 40.51
N TYR LA 31 53.93 -60.22 39.26
CA TYR LA 31 53.19 -61.44 38.88
C TYR LA 31 54.04 -62.17 37.89
N THR LA 32 54.23 -63.48 38.10
CA THR LA 32 55.02 -64.30 37.18
C THR LA 32 54.26 -65.49 36.65
N ILE LA 33 54.17 -65.66 35.33
CA ILE LA 33 53.80 -66.95 34.75
C ILE LA 33 55.11 -67.66 34.42
N LYS LA 34 55.29 -68.81 35.05
CA LYS LA 34 56.51 -69.58 34.88
C LYS LA 34 56.45 -70.33 33.54
N ARG LA 35 57.62 -70.53 32.94
CA ARG LA 35 57.73 -71.23 31.64
C ARG LA 35 57.16 -72.61 31.73
N THR LA 36 56.66 -73.15 30.64
CA THR LA 36 56.30 -74.56 30.55
C THR LA 36 56.94 -75.14 29.30
N THR LA 37 56.99 -76.47 29.30
CA THR LA 37 57.39 -77.27 28.15
C THR LA 37 56.22 -77.92 27.43
N VAL LA 38 55.02 -77.88 28.02
CA VAL LA 38 53.75 -78.23 27.32
C VAL LA 38 53.86 -77.75 25.86
N LYS LA 39 53.79 -78.65 24.89
CA LYS LA 39 53.91 -78.23 23.46
C LYS LA 39 52.64 -77.48 22.97
N THR LA 40 51.51 -78.12 23.18
CA THR LA 40 50.24 -77.53 22.81
C THR LA 40 49.89 -76.22 23.59
N PRO LA 41 49.15 -75.31 22.93
CA PRO LA 41 48.76 -74.11 23.65
C PRO LA 41 48.04 -74.40 24.96
N SER LA 42 48.29 -73.57 25.94
CA SER LA 42 47.70 -73.72 27.26
C SER LA 42 47.66 -72.37 28.03
N TRP LA 43 46.86 -72.35 29.11
CA TRP LA 43 46.49 -71.12 29.80
C TRP LA 43 46.70 -71.19 31.31
N ALA LA 44 47.50 -70.24 31.79
CA ALA LA 44 47.63 -69.91 33.19
C ALA LA 44 46.45 -69.03 33.53
N VAL LA 45 45.57 -69.60 34.35
CA VAL LA 45 44.36 -68.95 34.79
C VAL LA 45 44.51 -68.53 36.25
N ASP LA 46 44.07 -67.31 36.53
CA ASP LA 46 44.09 -66.73 37.89
C ASP LA 46 42.95 -65.72 38.00
N MET LA 47 42.96 -64.97 39.08
CA MET LA 47 41.83 -64.12 39.45
C MET LA 47 42.36 -63.04 40.32
N MET LA 48 41.58 -62.01 40.49
CA MET LA 48 42.01 -60.83 41.16
C MET LA 48 40.81 -60.22 41.93
N ARG LA 49 40.98 -60.06 43.25
CA ARG LA 49 40.09 -59.27 44.10
C ARG LA 49 40.71 -57.96 44.58
N PHE LA 50 39.87 -57.02 44.98
CA PHE LA 50 40.36 -55.74 45.50
C PHE LA 50 39.89 -55.43 46.90
N ASN LA 51 40.81 -54.94 47.70
CA ASN LA 51 40.50 -54.66 49.03
C ASN LA 51 41.22 -53.41 49.48
N ILE LA 52 40.43 -52.45 49.98
CA ILE LA 52 40.99 -51.22 50.45
C ILE LA 52 41.99 -51.39 51.59
N ASN LA 53 41.90 -52.45 52.40
CA ASN LA 53 43.04 -52.78 53.36
C ASN LA 53 44.46 -52.53 52.73
N ASP LA 54 44.60 -53.00 51.49
CA ASP LA 54 45.83 -52.93 50.72
C ASP LA 54 46.19 -51.57 50.17
N PHE LA 55 45.31 -50.59 50.19
CA PHE LA 55 45.57 -49.28 49.56
C PHE LA 55 45.74 -48.10 50.51
N LEU LA 56 45.27 -48.33 51.73
CA LEU LA 56 45.15 -47.38 52.77
C LEU LA 56 45.77 -48.00 54.01
N PRO LA 57 46.95 -47.51 54.44
CA PRO LA 57 47.44 -48.05 55.71
C PRO LA 57 46.59 -47.58 56.92
N PRO LA 58 46.84 -48.20 58.10
CA PRO LA 58 46.37 -47.63 59.38
C PRO LA 58 46.93 -46.21 59.66
N GLY LA 59 46.29 -45.49 60.57
CA GLY LA 59 46.71 -44.16 60.98
C GLY LA 59 47.05 -44.17 62.46
N GLY LA 60 47.03 -42.97 63.03
CA GLY LA 60 47.59 -42.70 64.37
C GLY LA 60 46.57 -42.22 65.35
N GLY LA 61 46.59 -42.84 66.54
CA GLY LA 61 45.82 -42.39 67.69
C GLY LA 61 44.34 -42.62 67.55
N SER LA 62 43.58 -41.53 67.74
CA SER LA 62 42.10 -41.49 67.66
C SER LA 62 41.44 -41.42 66.24
N ASN LA 63 42.30 -41.19 65.23
CA ASN LA 63 42.02 -41.28 63.78
C ASN LA 63 42.68 -42.59 63.29
N PRO LA 64 41.94 -43.72 63.45
CA PRO LA 64 42.53 -45.01 63.17
C PRO LA 64 42.82 -45.31 61.70
N ARG LA 65 42.32 -44.49 60.76
CA ARG LA 65 42.58 -44.72 59.33
C ARG LA 65 43.31 -43.52 58.72
N SER LA 66 44.09 -43.78 57.70
CA SER LA 66 44.96 -42.70 57.23
C SER LA 66 44.16 -41.66 56.47
N VAL LA 67 43.00 -42.00 55.89
CA VAL LA 67 42.07 -40.92 55.58
C VAL LA 67 40.99 -40.85 56.65
N PRO LA 68 40.69 -39.62 57.09
CA PRO LA 68 39.75 -39.41 58.15
C PRO LA 68 38.32 -39.23 57.58
N PHE LA 69 37.75 -40.34 57.13
CA PHE LA 69 36.38 -40.35 56.68
C PHE LA 69 35.65 -41.55 57.20
N GLU LA 70 34.34 -41.42 57.37
CA GLU LA 70 33.56 -42.50 57.94
C GLU LA 70 33.09 -43.50 56.92
N TYR LA 71 32.73 -43.00 55.74
CA TYR LA 71 32.16 -43.84 54.66
C TYR LA 71 32.97 -43.84 53.31
N TYR LA 72 32.87 -44.94 52.52
CA TYR LA 72 33.48 -45.04 51.15
C TYR LA 72 32.73 -45.92 50.19
N ARG LA 73 32.92 -45.66 48.92
CA ARG LA 73 32.49 -46.58 47.87
C ARG LA 73 33.47 -46.48 46.73
N ILE LA 74 33.71 -47.62 46.10
CA ILE LA 74 34.73 -47.70 45.09
C ILE LA 74 34.01 -47.46 43.80
N ARG LA 75 34.16 -46.24 43.31
CA ARG LA 75 33.68 -45.80 41.99
C ARG LA 75 34.17 -46.58 40.74
N LYS LA 76 35.45 -46.93 40.73
CA LYS LA 76 36.09 -47.48 39.56
C LYS LA 76 37.36 -48.14 40.02
N VAL LA 77 37.72 -49.27 39.39
CA VAL LA 77 39.09 -49.86 39.44
C VAL LA 77 39.73 -49.82 38.08
N LYS LA 78 41.02 -49.50 38.00
CA LYS LA 78 41.87 -49.68 36.82
C LYS LA 78 42.89 -50.71 37.21
N VAL LA 79 43.18 -51.66 36.30
CA VAL LA 79 44.13 -52.77 36.51
C VAL LA 79 45.10 -52.73 35.35
N GLU LA 80 46.37 -52.49 35.61
CA GLU LA 80 47.34 -52.31 34.52
C GLU LA 80 48.41 -53.38 34.66
N PHE LA 81 48.51 -54.26 33.66
CA PHE LA 81 49.59 -55.23 33.52
C PHE LA 81 50.72 -54.53 32.76
N TRP LA 82 51.81 -54.23 33.47
CA TRP LA 82 52.96 -53.53 32.89
C TRP LA 82 53.98 -54.62 32.63
N PRO LA 83 54.15 -54.95 31.37
CA PRO LA 83 55.00 -56.05 31.02
C PRO LA 83 56.48 -55.79 31.32
N CYS LA 84 57.14 -56.80 31.86
CA CYS LA 84 58.55 -56.76 32.11
C CYS LA 84 59.34 -57.22 30.89
N SER LA 85 58.82 -58.22 30.17
CA SER LA 85 59.54 -58.79 29.06
C SER LA 85 59.84 -57.72 27.95
N PRO LA 86 61.05 -57.77 27.38
CA PRO LA 86 61.39 -56.80 26.37
C PRO LA 86 60.73 -57.15 25.03
N ILE LA 87 60.65 -56.15 24.13
CA ILE LA 87 59.99 -56.34 22.82
C ILE LA 87 60.66 -57.44 21.97
N THR LA 88 61.91 -57.75 22.33
CA THR LA 88 62.62 -58.90 21.73
C THR LA 88 62.11 -60.31 22.01
N GLN LA 89 61.28 -60.54 23.02
CA GLN LA 89 60.96 -61.94 23.37
C GLN LA 89 59.94 -62.57 22.38
N GLY LA 90 60.21 -63.85 22.09
CA GLY LA 90 59.43 -64.67 21.18
C GLY LA 90 58.45 -65.52 21.94
N ASP LA 91 57.92 -66.51 21.25
CA ASP LA 91 56.81 -67.36 21.72
C ASP LA 91 55.62 -66.54 22.27
N ARG LA 92 55.32 -65.49 21.53
CA ARG LA 92 54.24 -64.59 21.81
C ARG LA 92 52.96 -65.33 21.77
N GLY LA 93 52.09 -65.03 22.70
CA GLY LA 93 50.80 -65.65 22.75
C GLY LA 93 49.71 -64.66 22.98
N VAL LA 94 48.54 -65.21 23.28
CA VAL LA 94 47.34 -64.43 23.38
C VAL LA 94 46.38 -65.01 24.44
N GLY LA 95 45.94 -64.13 25.34
CA GLY LA 95 45.01 -64.48 26.40
C GLY LA 95 43.80 -63.56 26.51
N SER LA 96 43.14 -63.69 27.67
CA SER LA 96 41.88 -62.99 27.94
C SER LA 96 41.86 -62.35 29.34
N SER LA 97 41.39 -61.09 29.43
CA SER LA 97 40.90 -60.56 30.71
C SER LA 97 39.36 -60.51 30.69
N ALA LA 98 38.70 -60.70 31.86
CA ALA LA 98 37.23 -60.62 31.94
C ALA LA 98 36.76 -60.14 33.30
N VAL LA 99 35.64 -59.44 33.30
CA VAL LA 99 35.06 -58.82 34.48
C VAL LA 99 34.09 -59.76 35.14
N ILE LA 100 34.37 -59.98 36.41
CA ILE LA 100 33.68 -60.90 37.26
C ILE LA 100 33.16 -60.11 38.48
N LEU LA 101 31.86 -59.94 38.52
CA LEU LA 101 31.27 -59.11 39.51
C LEU LA 101 30.59 -59.95 40.59
N ASP LA 102 30.65 -61.26 40.47
CA ASP LA 102 29.86 -62.10 41.34
C ASP LA 102 30.72 -63.01 42.21
N ASP LA 103 32.01 -62.72 42.37
CA ASP LA 103 32.94 -63.56 43.13
C ASP LA 103 32.98 -65.00 42.64
N ASN LA 104 32.58 -65.27 41.39
CA ASN LA 104 32.67 -66.63 40.81
C ASN LA 104 33.73 -66.76 39.71
N PHE LA 105 34.99 -66.94 40.10
CA PHE LA 105 36.11 -66.97 39.14
C PHE LA 105 36.36 -68.35 38.61
N VAL LA 106 36.95 -68.51 37.43
CA VAL LA 106 37.38 -69.84 36.98
C VAL LA 106 38.49 -70.36 37.92
N THR LA 107 38.42 -71.63 38.21
CA THR LA 107 39.43 -72.22 39.08
C THR LA 107 40.87 -71.97 38.61
N LYS LA 108 41.70 -71.60 39.55
CA LYS LA 108 43.08 -71.38 39.26
C LYS LA 108 43.66 -72.63 38.60
N ALA LA 109 44.51 -72.40 37.61
CA ALA LA 109 45.09 -73.48 36.82
C ALA LA 109 46.39 -73.05 36.21
N THR LA 110 47.33 -73.97 36.16
CA THR LA 110 48.66 -73.66 35.69
C THR LA 110 48.75 -73.66 34.19
N ALA LA 111 48.00 -74.62 33.61
CA ALA LA 111 47.89 -74.84 32.16
C ALA LA 111 46.58 -75.54 31.73
N LEU LA 112 45.52 -74.79 31.65
CA LEU LA 112 44.28 -75.30 31.07
C LEU LA 112 44.47 -75.42 29.56
N THR LA 113 43.77 -76.35 28.91
CA THR LA 113 43.96 -76.61 27.46
C THR LA 113 43.10 -75.72 26.56
N TYR LA 114 42.43 -74.72 27.13
CA TYR LA 114 41.74 -73.68 26.34
C TYR LA 114 41.70 -72.39 27.15
N ASP LA 115 41.28 -71.29 26.48
CA ASP LA 115 41.24 -69.99 27.16
C ASP LA 115 39.81 -69.88 27.70
N PRO LA 116 39.66 -70.00 29.04
CA PRO LA 116 38.31 -70.15 29.49
C PRO LA 116 37.59 -68.81 29.53
N TYR LA 117 38.26 -67.70 29.39
CA TYR LA 117 37.54 -66.42 29.42
C TYR LA 117 37.20 -65.84 28.04
N VAL LA 118 37.74 -66.44 26.99
CA VAL LA 118 37.66 -65.89 25.62
C VAL LA 118 36.22 -65.54 25.18
N ASN LA 119 35.25 -66.35 25.53
CA ASN LA 119 33.88 -66.11 25.16
C ASN LA 119 33.11 -65.15 26.08
N TYR LA 120 33.66 -64.74 27.21
CA TYR LA 120 32.91 -63.86 28.13
C TYR LA 120 32.56 -62.50 27.47
N SER LA 121 31.32 -62.07 27.65
CA SER LA 121 30.92 -60.76 27.16
C SER LA 121 31.86 -59.63 27.55
N SER LA 122 32.42 -59.67 28.75
CA SER LA 122 33.37 -58.64 29.20
C SER LA 122 34.83 -58.90 28.76
N ARG LA 123 35.06 -59.94 27.98
CA ARG LA 123 36.41 -60.31 27.60
C ARG LA 123 37.11 -59.23 26.84
N HIS LA 124 38.33 -58.87 27.23
CA HIS LA 124 39.26 -58.16 26.36
C HIS LA 124 40.45 -59.09 26.06
N THR LA 125 41.01 -58.89 24.87
CA THR LA 125 42.19 -59.63 24.47
C THR LA 125 43.44 -59.11 25.18
N ILE LA 126 44.28 -60.04 25.63
CA ILE LA 126 45.61 -59.77 26.16
C ILE LA 126 46.64 -60.26 25.11
N THR LA 127 47.62 -59.42 24.83
CA THR LA 127 48.70 -59.70 23.89
C THR LA 127 49.97 -59.92 24.71
N GLN LA 128 50.73 -60.96 24.42
CA GLN LA 128 51.85 -61.33 25.31
C GLN LA 128 53.13 -61.52 24.57
N PRO LA 129 54.27 -61.30 25.22
CA PRO LA 129 54.40 -61.01 26.63
C PRO LA 129 54.88 -59.57 26.90
N PHE LA 130 55.04 -58.79 25.87
CA PHE LA 130 55.64 -57.53 26.07
C PHE LA 130 54.67 -56.39 25.89
N SER LA 131 53.37 -56.60 26.00
CA SER LA 131 52.45 -55.49 25.74
C SER LA 131 51.75 -55.08 26.99
N TYR LA 132 51.24 -53.83 26.96
CA TYR LA 132 50.45 -53.25 28.02
C TYR LA 132 49.04 -53.89 28.01
N HIS LA 133 48.38 -53.87 29.14
CA HIS LA 133 46.99 -54.30 29.15
C HIS LA 133 46.32 -53.60 30.31
N SER LA 134 45.14 -53.05 30.08
CA SER LA 134 44.41 -52.50 31.20
C SER LA 134 42.93 -52.76 31.01
N ARG LA 135 42.24 -52.66 32.14
CA ARG LA 135 40.84 -52.79 32.25
C ARG LA 135 40.38 -51.74 33.27
N TYR LA 136 39.18 -51.23 33.06
CA TYR LA 136 38.70 -50.09 33.84
C TYR LA 136 37.19 -50.22 33.99
N PHE LA 137 36.77 -50.54 35.20
CA PHE LA 137 35.39 -50.94 35.42
C PHE LA 137 34.97 -50.58 36.84
N THR LA 138 33.68 -50.61 37.08
CA THR LA 138 33.14 -50.49 38.41
C THR LA 138 33.05 -51.87 39.04
N PRO LA 139 33.84 -52.12 40.08
CA PRO LA 139 33.74 -53.39 40.80
C PRO LA 139 32.61 -53.40 41.84
N LYS LA 140 32.45 -54.55 42.45
CA LYS LA 140 31.36 -54.77 43.35
C LYS LA 140 31.90 -55.32 44.62
N PRO LA 141 31.32 -54.90 45.74
CA PRO LA 141 31.64 -55.51 46.99
C PRO LA 141 31.04 -56.94 47.09
N VAL LA 142 31.65 -57.78 47.93
CA VAL LA 142 31.12 -59.11 48.14
C VAL LA 142 30.28 -59.05 49.39
N LEU LA 143 28.99 -58.98 49.17
CA LEU LA 143 28.05 -58.65 50.22
C LEU LA 143 27.60 -59.88 50.96
N ASP LA 144 27.14 -60.90 50.24
CA ASP LA 144 26.77 -62.18 50.81
C ASP LA 144 27.30 -63.18 49.80
N SER LA 145 28.38 -63.90 50.13
CA SER LA 145 28.95 -64.85 49.17
C SER LA 145 28.13 -66.14 48.99
N THR LA 146 27.11 -66.41 49.80
CA THR LA 146 26.12 -67.47 49.49
C THR LA 146 25.25 -67.17 48.24
N ILE LA 147 24.80 -65.92 48.07
CA ILE LA 147 23.87 -65.54 47.01
C ILE LA 147 24.56 -64.76 45.90
N ASP LA 148 25.54 -63.96 46.27
CA ASP LA 148 26.44 -63.32 45.31
C ASP LA 148 25.80 -62.24 44.48
N TYR LA 149 25.13 -61.31 45.15
CA TYR LA 149 24.36 -60.29 44.47
C TYR LA 149 25.13 -58.97 44.34
N PHE LA 150 24.76 -58.19 43.35
CA PHE LA 150 25.37 -56.87 43.18
C PHE LA 150 24.45 -55.88 42.49
N GLN LA 151 24.85 -54.62 42.60
CA GLN LA 151 24.07 -53.54 42.00
C GLN LA 151 24.45 -53.27 40.58
N PRO LA 152 23.45 -52.89 39.77
CA PRO LA 152 23.73 -52.48 38.43
C PRO LA 152 24.63 -51.28 38.45
N ASN LA 153 25.64 -51.37 37.59
CA ASN LA 153 26.72 -50.38 37.42
C ASN LA 153 26.03 -48.97 37.39
N ASN LA 154 26.29 -48.17 38.42
CA ASN LA 154 25.46 -46.95 38.67
C ASN LA 154 26.20 -45.94 39.59
N LYS LA 155 25.81 -44.68 39.50
CA LYS LA 155 26.47 -43.63 40.25
C LYS LA 155 25.72 -43.30 41.54
N ARG LA 156 24.54 -42.69 41.46
CA ARG LA 156 23.90 -42.07 42.65
C ARG LA 156 23.08 -43.03 43.53
N ASN LA 157 23.01 -44.31 43.12
CA ASN LA 157 22.33 -45.40 43.86
C ASN LA 157 23.27 -46.42 44.49
N GLN LA 158 24.59 -46.23 44.33
CA GLN LA 158 25.61 -47.19 44.71
C GLN LA 158 25.77 -47.16 46.22
N LEU LA 159 25.69 -48.32 46.86
CA LEU LA 159 25.81 -48.43 48.30
C LEU LA 159 27.06 -47.76 48.90
N TRP LA 160 26.85 -47.21 50.09
CA TRP LA 160 27.95 -46.75 50.88
C TRP LA 160 28.34 -47.83 51.81
N LEU LA 161 29.62 -47.84 52.17
CA LEU LA 161 30.19 -48.81 53.10
C LEU LA 161 30.97 -48.09 54.18
N ARG LA 162 31.03 -48.66 55.37
CA ARG LA 162 31.93 -48.15 56.40
C ARG LA 162 33.37 -48.36 56.07
N LEU LA 163 34.17 -47.31 56.35
CA LEU LA 163 35.65 -47.40 56.25
C LEU LA 163 36.10 -48.06 57.53
N GLN LA 164 36.55 -49.29 57.41
CA GLN LA 164 36.98 -50.08 58.56
C GLN LA 164 38.48 -50.03 58.69
N THR LA 165 38.90 -50.11 59.94
CA THR LA 165 40.30 -50.17 60.23
C THR LA 165 40.90 -51.47 59.68
N ALA LA 166 40.25 -52.58 60.01
CA ALA LA 166 40.81 -53.91 59.78
C ALA LA 166 40.06 -54.75 58.79
N GLY LA 167 38.75 -54.91 58.96
CA GLY LA 167 38.07 -56.00 58.28
C GLY LA 167 37.48 -55.73 56.89
N ASN LA 168 38.11 -54.87 56.07
CA ASN LA 168 37.34 -54.31 54.95
C ASN LA 168 36.93 -55.42 53.97
N VAL LA 169 35.77 -55.24 53.36
CA VAL LA 169 35.16 -56.25 52.50
C VAL LA 169 35.86 -56.25 51.17
N ASP LA 170 36.07 -57.45 50.62
CA ASP LA 170 36.58 -57.63 49.26
C ASP LA 170 35.64 -57.04 48.16
N HIS LA 171 36.26 -56.39 47.20
CA HIS LA 171 35.59 -56.02 46.00
C HIS LA 171 36.12 -56.88 44.89
N VAL LA 172 35.33 -56.92 43.83
CA VAL LA 172 35.45 -58.04 42.97
C VAL LA 172 35.31 -57.69 41.51
N GLY LA 173 36.26 -58.29 40.75
CA GLY LA 173 36.57 -57.77 39.49
C GLY LA 173 37.13 -58.67 38.45
N LEU LA 174 38.43 -58.99 38.47
CA LEU LA 174 39.14 -59.45 37.25
C LEU LA 174 39.58 -60.92 37.16
N GLY LA 175 39.00 -61.65 36.21
CA GLY LA 175 39.53 -62.95 35.75
C GLY LA 175 40.65 -62.77 34.73
N THR LA 176 41.69 -63.63 34.82
CA THR LA 176 42.79 -63.61 33.84
C THR LA 176 43.12 -64.95 33.24
N ALA LA 177 43.62 -64.93 32.03
CA ALA LA 177 44.08 -66.16 31.37
C ALA LA 177 45.17 -65.72 30.44
N PHE LA 178 46.42 -65.96 30.86
CA PHE LA 178 47.62 -65.70 30.06
C PHE LA 178 48.07 -67.04 29.45
N GLU LA 179 48.44 -67.00 28.18
CA GLU LA 179 48.91 -68.17 27.45
C GLU LA 179 50.28 -68.53 27.99
N ASN LA 180 50.54 -69.82 28.12
CA ASN LA 180 51.83 -70.28 28.59
C ASN LA 180 52.86 -70.10 27.47
N SER LA 181 54.13 -70.14 27.82
CA SER LA 181 55.23 -69.84 26.90
C SER LA 181 56.44 -70.69 27.31
N ILE LA 182 57.31 -70.89 26.36
CA ILE LA 182 58.59 -71.55 26.53
C ILE LA 182 59.50 -70.67 27.43
N TYR LA 183 59.22 -69.34 27.52
CA TYR LA 183 59.88 -68.40 28.48
C TYR LA 183 58.96 -67.91 29.56
N ASP LA 184 59.63 -67.43 30.60
CA ASP LA 184 59.01 -66.74 31.71
C ASP LA 184 58.32 -65.46 31.18
N GLN LA 185 57.19 -65.12 31.79
CA GLN LA 185 56.48 -63.85 31.51
C GLN LA 185 56.22 -63.14 32.83
N GLU LA 186 56.85 -62.00 33.03
CA GLU LA 186 56.78 -61.25 34.26
C GLU LA 186 56.03 -59.95 34.02
N TYR LA 187 55.27 -59.53 34.99
CA TYR LA 187 54.54 -58.26 34.91
C TYR LA 187 54.66 -57.49 36.22
N ASN LA 188 54.69 -56.16 36.18
CA ASN LA 188 54.31 -55.35 37.37
C ASN LA 188 52.86 -55.01 37.17
N ILE LA 189 52.04 -55.36 38.16
CA ILE LA 189 50.63 -55.10 38.11
C ILE LA 189 50.33 -53.96 39.06
N ARG LA 190 49.82 -52.86 38.46
CA ARG LA 190 49.33 -51.73 39.17
C ARG LA 190 47.81 -51.73 39.13
N VAL LA 191 47.25 -51.43 40.28
CA VAL LA 191 45.81 -51.46 40.53
C VAL LA 191 45.57 -50.14 41.14
N THR LA 192 44.55 -49.44 40.70
CA THR LA 192 44.31 -48.12 41.16
C THR LA 192 42.84 -48.03 41.40
N MET LA 193 42.47 -47.70 42.63
CA MET LA 193 41.07 -47.59 42.98
C MET LA 193 40.68 -46.13 42.97
N TYR LA 194 39.64 -45.83 42.22
CA TYR LA 194 39.03 -44.50 42.31
C TYR LA 194 37.89 -44.53 43.36
N VAL LA 195 38.17 -43.95 44.51
CA VAL LA 195 37.32 -44.08 45.72
C VAL LA 195 36.68 -42.77 46.08
N GLN LA 196 35.41 -42.80 46.42
CA GLN LA 196 34.74 -41.62 46.88
C GLN LA 196 34.52 -41.77 48.38
N PHE LA 197 35.04 -40.84 49.18
CA PHE LA 197 34.89 -40.92 50.65
C PHE LA 197 33.84 -39.90 51.09
N ARG LA 198 33.11 -40.24 52.14
CA ARG LA 198 32.07 -39.39 52.67
C ARG LA 198 32.08 -39.30 54.22
N GLU LA 199 31.86 -38.09 54.71
CA GLU LA 199 31.73 -37.77 56.16
C GLU LA 199 33.09 -37.65 56.80
N PHE LA 200 33.65 -36.46 56.69
CA PHE LA 200 34.84 -36.12 57.42
C PHE LA 200 34.54 -36.50 58.86
N ASN LA 201 35.47 -37.17 59.56
CA ASN LA 201 35.27 -37.57 60.93
C ASN LA 201 36.48 -37.30 61.84
N LEU LA 202 37.38 -36.40 61.43
CA LEU LA 202 38.64 -36.16 62.15
C LEU LA 202 38.48 -35.87 63.63
N LYS LA 203 39.09 -36.71 64.46
CA LYS LA 203 39.19 -36.47 65.88
C LYS LA 203 40.46 -35.64 66.23
N ASP LA 204 40.31 -34.69 67.14
CA ASP LA 204 41.40 -33.80 67.55
C ASP LA 204 41.52 -33.68 69.09
N PRO LA 205 42.18 -34.66 69.72
CA PRO LA 205 42.54 -34.62 71.16
C PRO LA 205 43.56 -33.52 71.55
N PRO LA 206 43.44 -32.91 72.73
CA PRO LA 206 44.15 -31.64 73.11
C PRO LA 206 45.73 -31.47 73.05
N SER MA 19 25.17 -60.81 25.08
CA SER MA 19 25.57 -60.04 26.32
C SER MA 19 24.48 -59.91 27.46
N HIS MA 20 23.29 -59.35 27.14
CA HIS MA 20 22.03 -59.41 27.97
C HIS MA 20 21.13 -60.30 27.13
N PHE MA 21 20.44 -61.22 27.76
CA PHE MA 21 19.58 -62.14 27.04
C PHE MA 21 18.28 -62.30 27.85
N ASN MA 22 17.16 -61.93 27.25
CA ASN MA 22 15.85 -62.03 27.88
C ASN MA 22 15.15 -63.31 27.48
N THR MA 23 14.70 -64.08 28.44
CA THR MA 23 13.88 -65.22 28.05
C THR MA 23 12.78 -65.54 29.06
N ARG MA 24 12.11 -66.64 28.80
CA ARG MA 24 10.96 -67.04 29.50
C ARG MA 24 11.06 -68.56 29.80
N LEU MA 25 10.90 -68.96 31.07
CA LEU MA 25 10.96 -70.38 31.49
C LEU MA 25 9.74 -70.80 32.24
N SER MA 26 9.24 -71.99 31.95
CA SER MA 26 7.99 -72.48 32.52
C SER MA 26 8.04 -73.89 33.08
N ARG MA 27 7.15 -74.15 34.01
CA ARG MA 27 6.95 -75.47 34.54
C ARG MA 27 5.56 -75.57 35.03
N THR MA 28 5.12 -76.82 35.19
CA THR MA 28 3.73 -77.15 35.43
C THR MA 28 3.63 -78.28 36.44
N PHE MA 29 3.00 -78.02 37.56
CA PHE MA 29 2.72 -79.05 38.54
C PHE MA 29 1.23 -79.07 38.98
N GLY MA 30 0.74 -80.22 39.40
CA GLY MA 30 -0.60 -80.32 39.99
C GLY MA 30 -0.78 -79.80 41.44
N TYR MA 31 -2.02 -79.43 41.73
CA TYR MA 31 -2.41 -78.94 43.04
C TYR MA 31 -3.85 -79.36 43.28
N THR MA 32 -4.07 -80.18 44.30
CA THR MA 32 -5.42 -80.61 44.68
C THR MA 32 -5.84 -80.01 46.02
N ILE MA 33 -6.96 -79.30 46.01
CA ILE MA 33 -7.67 -78.96 47.24
C ILE MA 33 -8.67 -80.07 47.48
N LYS MA 34 -8.51 -80.77 48.61
CA LYS MA 34 -9.28 -82.01 48.94
C LYS MA 34 -10.65 -81.69 49.46
N ARG MA 35 -11.65 -82.47 49.05
CA ARG MA 35 -13.03 -82.29 49.55
C ARG MA 35 -13.08 -82.15 51.09
N THR MA 36 -13.99 -81.33 51.59
CA THR MA 36 -14.33 -81.36 52.99
C THR MA 36 -15.81 -81.44 53.11
N THR MA 37 -16.24 -81.78 54.31
CA THR MA 37 -17.65 -81.82 54.67
C THR MA 37 -18.05 -80.71 55.65
N VAL MA 38 -17.09 -80.00 56.27
CA VAL MA 38 -17.41 -78.72 56.96
C VAL MA 38 -18.51 -78.04 56.12
N LYS MA 39 -19.59 -77.69 56.82
CA LYS MA 39 -20.76 -77.08 56.16
C LYS MA 39 -20.48 -75.57 55.89
N THR MA 40 -19.98 -74.88 56.92
CA THR MA 40 -19.74 -73.44 56.80
C THR MA 40 -18.58 -73.17 55.81
N PRO MA 41 -18.59 -71.97 55.18
CA PRO MA 41 -17.48 -71.61 54.31
C PRO MA 41 -16.12 -71.74 55.03
N SER MA 42 -15.21 -72.49 54.42
CA SER MA 42 -13.84 -72.60 54.90
C SER MA 42 -12.80 -72.36 53.77
N TRP MA 43 -11.57 -71.92 54.11
CA TRP MA 43 -10.53 -71.64 53.08
C TRP MA 43 -9.25 -72.43 53.29
N ALA MA 44 -8.72 -72.99 52.21
CA ALA MA 44 -7.45 -73.73 52.17
C ALA MA 44 -6.35 -72.75 51.87
N VAL MA 45 -5.56 -72.46 52.86
CA VAL MA 45 -4.53 -71.47 52.77
C VAL MA 45 -3.22 -72.15 52.41
N ASP MA 46 -2.50 -71.57 51.46
CA ASP MA 46 -1.21 -72.10 51.03
C ASP MA 46 -0.32 -70.96 50.48
N MET MA 47 0.74 -71.29 49.78
CA MET MA 47 1.71 -70.30 49.41
C MET MA 47 2.58 -70.82 48.29
N MET MA 48 3.36 -69.91 47.73
CA MET MA 48 4.25 -70.23 46.64
C MET MA 48 5.45 -69.37 46.68
N ARG MA 49 6.58 -70.06 46.57
CA ARG MA 49 7.83 -69.45 46.13
C ARG MA 49 8.21 -69.93 44.72
N PHE MA 50 9.24 -69.29 44.21
CA PHE MA 50 9.77 -69.61 42.90
C PHE MA 50 11.28 -69.66 42.96
N ASN MA 51 11.82 -70.82 42.65
CA ASN MA 51 13.22 -70.96 42.62
C ASN MA 51 13.67 -71.39 41.27
N ILE MA 52 14.71 -70.75 40.75
CA ILE MA 52 15.18 -71.09 39.40
C ILE MA 52 15.75 -72.52 39.23
N ASN MA 53 16.02 -73.25 40.31
CA ASN MA 53 16.52 -74.66 40.20
C ASN MA 53 15.46 -75.55 39.53
N ASP MA 54 14.20 -75.23 39.76
CA ASP MA 54 13.07 -75.96 39.21
C ASP MA 54 12.79 -75.52 37.77
N PHE MA 55 13.55 -74.57 37.22
CA PHE MA 55 13.32 -74.08 35.82
C PHE MA 55 14.40 -74.33 34.81
N LEU MA 56 15.61 -74.60 35.33
CA LEU MA 56 16.86 -74.64 34.61
C LEU MA 56 17.63 -75.84 35.08
N PRO MA 57 17.64 -76.90 34.28
CA PRO MA 57 18.46 -78.02 34.76
C PRO MA 57 19.99 -77.75 34.70
N PRO MA 58 20.78 -78.72 35.21
CA PRO MA 58 22.23 -78.66 34.94
C PRO MA 58 22.58 -78.92 33.46
N GLY MA 59 23.77 -78.47 33.08
CA GLY MA 59 24.40 -78.85 31.82
C GLY MA 59 25.67 -79.66 32.01
N GLY MA 60 26.33 -79.99 30.91
CA GLY MA 60 27.45 -80.91 30.93
C GLY MA 60 28.83 -80.29 30.88
N GLY MA 61 29.78 -81.04 31.46
CA GLY MA 61 31.20 -80.80 31.26
C GLY MA 61 31.71 -79.51 31.89
N SER MA 62 32.30 -78.64 31.07
CA SER MA 62 32.81 -77.35 31.56
C SER MA 62 31.74 -76.24 31.68
N ASN MA 63 30.47 -76.53 31.32
CA ASN MA 63 29.34 -75.59 31.42
C ASN MA 63 28.32 -76.13 32.39
N PRO MA 64 28.46 -75.78 33.68
CA PRO MA 64 27.62 -76.41 34.70
C PRO MA 64 26.13 -76.14 34.57
N ARG MA 65 25.73 -75.05 33.88
CA ARG MA 65 24.30 -74.68 33.72
C ARG MA 65 23.92 -74.65 32.27
N SER MA 66 22.66 -74.95 32.02
CA SER MA 66 22.23 -75.20 30.65
C SER MA 66 21.92 -73.91 29.88
N VAL MA 67 21.90 -72.78 30.58
CA VAL MA 67 22.12 -71.49 29.91
C VAL MA 67 23.52 -70.94 30.29
N PRO MA 68 24.35 -70.68 29.30
CA PRO MA 68 25.69 -70.27 29.66
C PRO MA 68 25.80 -68.77 30.00
N PHE MA 69 25.31 -68.37 31.18
CA PHE MA 69 25.41 -66.98 31.63
C PHE MA 69 25.80 -66.95 33.09
N GLU MA 70 26.48 -65.86 33.45
CA GLU MA 70 27.04 -65.75 34.76
C GLU MA 70 26.06 -65.14 35.77
N TYR MA 71 25.19 -64.24 35.33
CA TYR MA 71 24.29 -63.55 36.26
C TYR MA 71 22.85 -63.56 35.77
N TYR MA 72 21.91 -63.38 36.66
CA TYR MA 72 20.51 -63.28 36.28
C TYR MA 72 19.70 -62.38 37.23
N ARG MA 73 18.56 -61.92 36.76
CA ARG MA 73 17.51 -61.44 37.65
C ARG MA 73 16.17 -61.80 37.08
N ILE MA 74 15.17 -61.82 37.96
CA ILE MA 74 13.80 -62.25 37.61
C ILE MA 74 13.00 -61.02 37.54
N ARG MA 75 12.68 -60.68 36.30
CA ARG MA 75 11.96 -59.50 35.93
C ARG MA 75 10.46 -59.55 36.31
N LYS MA 76 9.87 -60.72 36.00
CA LYS MA 76 8.48 -61.02 36.19
C LYS MA 76 8.26 -62.50 36.42
N VAL MA 77 7.19 -62.85 37.14
CA VAL MA 77 6.63 -64.21 37.25
C VAL MA 77 5.17 -64.12 36.92
N LYS MA 78 4.67 -65.15 36.23
CA LYS MA 78 3.28 -65.32 35.93
C LYS MA 78 2.87 -66.65 36.50
N VAL MA 79 1.96 -66.65 37.48
CA VAL MA 79 1.40 -67.89 38.00
C VAL MA 79 0.06 -68.02 37.37
N GLU MA 80 -0.22 -69.19 36.77
CA GLU MA 80 -1.51 -69.50 36.16
C GLU MA 80 -2.10 -70.72 36.84
N PHE MA 81 -3.40 -70.62 37.13
CA PHE MA 81 -4.19 -71.70 37.71
C PHE MA 81 -5.13 -72.17 36.64
N TRP MA 82 -4.77 -73.32 36.05
CA TRP MA 82 -5.55 -73.96 35.01
C TRP MA 82 -6.43 -75.00 35.68
N PRO MA 83 -7.74 -74.76 35.74
CA PRO MA 83 -8.63 -75.68 36.41
C PRO MA 83 -8.75 -77.01 35.72
N CYS MA 84 -8.78 -78.11 36.46
CA CYS MA 84 -9.14 -79.41 35.90
C CYS MA 84 -10.65 -79.65 35.96
N SER MA 85 -11.34 -79.05 36.94
CA SER MA 85 -12.77 -79.34 37.10
C SER MA 85 -13.58 -78.86 35.92
N PRO MA 86 -14.57 -79.65 35.51
CA PRO MA 86 -15.42 -79.25 34.40
C PRO MA 86 -16.33 -78.05 34.69
N ILE MA 87 -16.75 -77.35 33.63
CA ILE MA 87 -17.62 -76.16 33.80
C ILE MA 87 -18.99 -76.55 34.30
N THR MA 88 -19.25 -77.82 34.59
CA THR MA 88 -20.54 -78.22 35.10
C THR MA 88 -20.51 -78.42 36.58
N GLN MA 89 -19.34 -78.28 37.21
CA GLN MA 89 -19.22 -78.59 38.65
C GLN MA 89 -19.94 -77.50 39.44
N GLY MA 90 -20.64 -77.92 40.50
CA GLY MA 90 -21.27 -77.01 41.44
C GLY MA 90 -20.42 -76.77 42.67
N ASP MA 91 -21.08 -76.30 43.70
CA ASP MA 91 -20.46 -75.85 44.93
C ASP MA 91 -19.34 -74.86 44.71
N ARG MA 92 -19.61 -73.98 43.79
CA ARG MA 92 -18.69 -72.94 43.38
C ARG MA 92 -18.40 -72.00 44.51
N GLY MA 93 -17.18 -71.57 44.56
CA GLY MA 93 -16.71 -70.82 45.69
C GLY MA 93 -15.93 -69.65 45.17
N VAL MA 94 -15.37 -68.90 46.12
CA VAL MA 94 -14.69 -67.67 45.86
C VAL MA 94 -13.51 -67.50 46.83
N GLY MA 95 -12.34 -67.11 46.33
CA GLY MA 95 -11.13 -67.03 47.14
C GLY MA 95 -10.19 -65.92 46.77
N SER MA 96 -8.92 -66.02 47.18
CA SER MA 96 -7.98 -64.92 47.06
C SER MA 96 -6.52 -65.32 46.82
N SER MA 97 -5.85 -64.55 45.99
CA SER MA 97 -4.40 -64.66 45.77
C SER MA 97 -3.89 -63.26 46.11
N ALA MA 98 -2.71 -63.24 46.68
CA ALA MA 98 -2.07 -62.01 47.12
C ALA MA 98 -0.60 -62.17 46.88
N VAL MA 99 0.03 -61.03 46.60
CA VAL MA 99 1.45 -60.97 46.31
C VAL MA 99 2.16 -60.67 47.62
N ILE MA 100 3.17 -61.47 47.93
CA ILE MA 100 3.82 -61.49 49.23
C ILE MA 100 5.30 -61.39 48.96
N LEU MA 101 5.79 -60.16 48.97
CA LEU MA 101 7.15 -59.85 48.57
C LEU MA 101 8.18 -59.97 49.68
N ASP MA 102 7.73 -60.33 50.88
CA ASP MA 102 8.57 -60.33 52.06
C ASP MA 102 8.63 -61.71 52.72
N ASP MA 103 8.33 -62.75 51.96
CA ASP MA 103 8.52 -64.09 52.51
C ASP MA 103 7.80 -64.29 53.85
N ASN MA 104 6.66 -63.59 54.07
CA ASN MA 104 5.82 -63.73 55.28
C ASN MA 104 4.34 -64.01 54.95
N PHE MA 105 4.15 -65.29 54.69
CA PHE MA 105 2.90 -65.90 54.33
C PHE MA 105 2.06 -66.21 55.58
N VAL MA 106 0.72 -66.25 55.40
CA VAL MA 106 -0.25 -66.74 56.39
C VAL MA 106 0.05 -68.24 56.53
N THR MA 107 0.13 -68.75 57.76
CA THR MA 107 0.29 -70.18 58.02
C THR MA 107 -0.65 -71.01 57.15
N LYS MA 108 -0.06 -71.98 56.49
CA LYS MA 108 -0.81 -72.97 55.74
C LYS MA 108 -1.91 -73.54 56.62
N ALA MA 109 -3.15 -73.61 56.13
CA ALA MA 109 -4.30 -74.18 56.89
C ALA MA 109 -5.22 -75.01 55.95
N THR MA 110 -5.76 -76.11 56.42
CA THR MA 110 -6.70 -76.92 55.63
C THR MA 110 -8.11 -76.26 55.46
N ALA MA 111 -8.56 -75.63 56.56
CA ALA MA 111 -9.89 -75.07 56.63
C ALA MA 111 -10.08 -73.91 57.66
N LEU MA 112 -9.39 -72.82 57.38
CA LEU MA 112 -9.56 -71.59 58.12
C LEU MA 112 -10.97 -71.09 57.95
N THR MA 113 -11.46 -70.43 58.96
CA THR MA 113 -12.88 -70.03 58.99
C THR MA 113 -13.19 -68.74 58.24
N TYR MA 114 -12.16 -68.06 57.72
CA TYR MA 114 -12.28 -66.88 56.84
C TYR MA 114 -11.19 -66.84 55.73
N ASP MA 115 -11.34 -65.94 54.76
CA ASP MA 115 -10.31 -65.80 53.74
C ASP MA 115 -9.30 -64.78 54.24
N PRO MA 116 -8.11 -65.27 54.66
CA PRO MA 116 -7.19 -64.34 55.27
C PRO MA 116 -6.53 -63.41 54.27
N TYR MA 117 -6.66 -63.61 52.95
CA TYR MA 117 -6.07 -62.62 51.99
C TYR MA 117 -7.04 -61.60 51.36
N VAL MA 118 -8.33 -61.68 51.66
CA VAL MA 118 -9.31 -60.87 50.95
C VAL MA 118 -9.06 -59.34 51.11
N ASN MA 119 -8.67 -58.92 52.30
CA ASN MA 119 -8.36 -57.50 52.53
C ASN MA 119 -6.99 -57.08 52.04
N TYR MA 120 -6.18 -57.96 51.46
CA TYR MA 120 -4.85 -57.53 51.11
C TYR MA 120 -4.92 -56.56 49.93
N SER MA 121 -4.03 -55.57 49.90
CA SER MA 121 -4.02 -54.55 48.85
C SER MA 121 -3.83 -55.16 47.45
N SER MA 122 -2.95 -56.15 47.35
CA SER MA 122 -2.62 -56.83 46.11
C SER MA 122 -3.54 -58.03 45.83
N ARG MA 123 -4.60 -58.23 46.62
CA ARG MA 123 -5.54 -59.35 46.39
C ARG MA 123 -6.24 -59.24 45.05
N HIS MA 124 -6.32 -60.37 44.38
CA HIS MA 124 -7.21 -60.60 43.19
C HIS MA 124 -8.11 -61.79 43.54
N THR MA 125 -9.30 -61.75 42.97
CA THR MA 125 -10.31 -62.71 43.36
C THR MA 125 -10.17 -64.00 42.55
N ILE MA 126 -10.24 -65.16 43.18
CA ILE MA 126 -10.21 -66.40 42.47
C ILE MA 126 -11.62 -66.88 42.37
N THR MA 127 -12.00 -67.40 41.24
CA THR MA 127 -13.31 -67.96 41.07
C THR MA 127 -13.10 -69.47 40.88
N GLN MA 128 -13.94 -70.24 41.57
CA GLN MA 128 -13.70 -71.68 41.75
C GLN MA 128 -14.99 -72.40 41.36
N PRO MA 129 -14.87 -73.64 40.89
CA PRO MA 129 -13.64 -74.40 40.65
C PRO MA 129 -13.14 -74.46 39.19
N PHE MA 130 -13.94 -74.01 38.25
CA PHE MA 130 -13.65 -74.23 36.86
C PHE MA 130 -13.15 -72.96 36.20
N SER MA 131 -12.68 -71.94 36.91
CA SER MA 131 -12.21 -70.72 36.20
C SER MA 131 -10.70 -70.58 36.20
N TYR MA 132 -10.15 -70.01 35.15
CA TYR MA 132 -8.74 -69.67 35.09
C TYR MA 132 -8.38 -68.60 36.14
N HIS MA 133 -7.13 -68.55 36.57
CA HIS MA 133 -6.70 -67.46 37.47
C HIS MA 133 -5.23 -67.24 37.19
N SER MA 134 -4.86 -65.99 36.98
CA SER MA 134 -3.47 -65.64 36.78
C SER MA 134 -3.11 -64.34 37.51
N ARG MA 135 -1.83 -64.25 37.86
CA ARG MA 135 -1.20 -63.14 38.53
C ARG MA 135 0.13 -62.93 37.90
N TYR MA 136 0.57 -61.67 37.88
CA TYR MA 136 1.68 -61.27 37.06
C TYR MA 136 2.33 -60.15 37.76
N PHE MA 137 3.55 -60.35 38.24
CA PHE MA 137 4.21 -59.39 39.09
C PHE MA 137 5.71 -59.62 39.19
N THR MA 138 6.41 -58.68 39.79
CA THR MA 138 7.87 -58.79 40.00
C THR MA 138 8.15 -59.45 41.32
N PRO MA 139 8.66 -60.67 41.30
CA PRO MA 139 8.88 -61.27 42.63
C PRO MA 139 10.17 -60.68 43.24
N LYS MA 140 10.54 -61.10 44.44
CA LYS MA 140 11.77 -60.62 45.04
C LYS MA 140 12.58 -61.78 45.56
N PRO MA 141 13.92 -61.65 45.47
CA PRO MA 141 14.76 -62.60 46.15
C PRO MA 141 14.70 -62.42 47.67
N VAL MA 142 14.74 -63.58 48.35
CA VAL MA 142 14.91 -63.69 49.79
C VAL MA 142 16.38 -63.53 50.18
N LEU MA 143 16.78 -62.32 50.47
CA LEU MA 143 18.16 -62.01 50.70
C LEU MA 143 18.60 -62.22 52.14
N ASP MA 144 17.69 -62.07 53.09
CA ASP MA 144 17.99 -62.27 54.52
C ASP MA 144 16.64 -62.50 55.24
N SER MA 145 16.34 -63.73 55.63
CA SER MA 145 14.97 -64.05 56.04
C SER MA 145 14.62 -63.58 57.47
N THR MA 146 15.63 -63.18 58.25
CA THR MA 146 15.38 -62.42 59.49
C THR MA 146 14.73 -61.07 59.17
N ILE MA 147 15.45 -60.20 58.46
CA ILE MA 147 15.06 -58.81 58.23
C ILE MA 147 13.95 -58.67 57.18
N ASP MA 148 14.05 -59.52 56.14
CA ASP MA 148 13.09 -59.64 55.03
C ASP MA 148 12.91 -58.33 54.24
N TYR MA 149 13.92 -57.94 53.49
CA TYR MA 149 13.93 -56.69 52.78
C TYR MA 149 13.90 -56.92 51.26
N PHE MA 150 13.36 -55.95 50.57
CA PHE MA 150 13.24 -56.05 49.14
C PHE MA 150 13.34 -54.71 48.48
N GLN MA 151 13.77 -54.72 47.21
CA GLN MA 151 13.81 -53.48 46.42
C GLN MA 151 12.46 -53.09 45.91
N PRO MA 152 12.19 -51.79 45.84
CA PRO MA 152 11.03 -51.29 45.13
C PRO MA 152 11.02 -51.68 43.68
N ASN MA 153 9.82 -51.83 43.18
CA ASN MA 153 9.58 -52.45 41.89
C ASN MA 153 10.16 -51.38 40.91
N ASN MA 154 11.22 -51.75 40.22
CA ASN MA 154 12.04 -50.81 39.42
C ASN MA 154 12.82 -51.68 38.44
N LYS MA 155 13.36 -51.09 37.37
CA LYS MA 155 13.95 -51.88 36.31
C LYS MA 155 15.48 -51.73 36.23
N ARG MA 156 16.00 -50.61 35.77
CA ARG MA 156 17.46 -50.49 35.61
C ARG MA 156 18.28 -50.82 36.86
N ASN MA 157 17.65 -50.66 38.06
CA ASN MA 157 18.27 -50.87 39.40
C ASN MA 157 18.16 -52.23 40.15
N GLN MA 158 17.37 -53.16 39.62
CA GLN MA 158 17.18 -54.50 40.19
C GLN MA 158 18.54 -55.18 40.37
N LEU MA 159 18.80 -55.68 41.57
CA LEU MA 159 19.97 -56.49 41.84
C LEU MA 159 20.19 -57.68 40.85
N TRP MA 160 21.47 -57.92 40.51
CA TRP MA 160 21.92 -59.04 39.71
C TRP MA 160 22.33 -60.12 40.69
N LEU MA 161 21.97 -61.36 40.45
CA LEU MA 161 22.37 -62.52 41.28
C LEU MA 161 23.26 -63.44 40.43
N ARG MA 162 24.19 -64.16 41.06
CA ARG MA 162 24.97 -65.18 40.40
C ARG MA 162 24.06 -66.32 40.09
N LEU MA 163 24.11 -66.80 38.88
CA LEU MA 163 23.40 -68.01 38.46
C LEU MA 163 24.17 -69.22 38.99
N GLN MA 164 23.60 -69.92 39.94
CA GLN MA 164 24.33 -71.02 40.56
C GLN MA 164 23.87 -72.31 39.97
N THR MA 165 24.64 -73.34 40.25
CA THR MA 165 24.26 -74.67 39.74
C THR MA 165 23.18 -75.31 40.59
N ALA MA 166 23.44 -75.31 41.88
CA ALA MA 166 22.66 -76.09 42.79
C ALA MA 166 21.67 -75.26 43.58
N GLY MA 167 22.12 -74.27 44.35
CA GLY MA 167 21.32 -73.81 45.47
C GLY MA 167 20.98 -72.36 45.30
N ASN MA 168 20.11 -72.10 44.33
CA ASN MA 168 19.80 -70.71 44.03
C ASN MA 168 18.86 -70.18 45.11
N VAL MA 169 18.86 -68.88 45.26
CA VAL MA 169 17.98 -68.21 46.20
C VAL MA 169 16.48 -68.24 45.83
N ASP MA 170 15.63 -68.39 46.85
CA ASP MA 170 14.19 -68.42 46.66
C ASP MA 170 13.76 -66.99 46.32
N HIS MA 171 12.81 -66.88 45.39
CA HIS MA 171 12.11 -65.64 45.15
C HIS MA 171 10.67 -65.82 45.55
N VAL MA 172 10.04 -64.71 45.84
CA VAL MA 172 8.97 -64.73 46.78
C VAL MA 172 7.86 -63.83 46.34
N GLY MA 173 6.65 -64.36 46.54
CA GLY MA 173 5.61 -63.99 45.68
C GLY MA 173 4.22 -64.25 46.09
N LEU MA 174 3.71 -65.50 46.21
CA LEU MA 174 2.22 -65.67 46.12
C LEU MA 174 1.55 -66.50 47.17
N GLY MA 175 0.64 -65.87 47.89
CA GLY MA 175 -0.19 -66.54 48.87
C GLY MA 175 -1.55 -66.79 48.29
N THR MA 176 -2.15 -67.89 48.67
CA THR MA 176 -3.37 -68.35 48.04
C THR MA 176 -4.34 -68.80 49.12
N ALA MA 177 -5.62 -68.67 48.83
CA ALA MA 177 -6.64 -69.11 49.71
C ALA MA 177 -7.79 -69.56 48.84
N PHE MA 178 -7.96 -70.87 48.70
CA PHE MA 178 -9.10 -71.39 47.96
C PHE MA 178 -10.24 -71.74 48.92
N GLU MA 179 -11.48 -71.36 48.59
CA GLU MA 179 -12.61 -71.87 49.31
C GLU MA 179 -12.80 -73.41 49.12
N ASN MA 180 -13.03 -74.08 50.26
CA ASN MA 180 -13.32 -75.51 50.30
C ASN MA 180 -14.66 -75.86 49.71
N SER MA 181 -14.74 -77.08 49.21
CA SER MA 181 -15.85 -77.56 48.47
C SER MA 181 -16.16 -79.02 48.82
N ILE MA 182 -17.38 -79.35 48.47
CA ILE MA 182 -17.95 -80.63 48.74
C ILE MA 182 -17.28 -81.59 47.74
N TYR MA 183 -16.75 -81.07 46.64
CA TYR MA 183 -15.97 -81.89 45.70
C TYR MA 183 -14.45 -81.57 45.74
N ASP MA 184 -13.63 -82.48 45.13
CA ASP MA 184 -12.18 -82.22 44.96
C ASP MA 184 -12.04 -81.07 43.96
N GLN MA 185 -11.11 -80.16 44.19
CA GLN MA 185 -10.83 -79.11 43.19
C GLN MA 185 -9.35 -79.26 42.78
N GLU MA 186 -9.13 -79.65 41.54
CA GLU MA 186 -7.81 -79.96 41.04
C GLU MA 186 -7.42 -78.87 40.04
N TYR MA 187 -6.16 -78.48 40.08
CA TYR MA 187 -5.62 -77.48 39.18
C TYR MA 187 -4.30 -77.95 38.61
N ASN MA 188 -4.02 -77.69 37.33
CA ASN MA 188 -2.62 -77.63 36.86
C ASN MA 188 -2.13 -76.19 37.03
N ILE MA 189 -1.04 -76.05 37.76
CA ILE MA 189 -0.40 -74.73 37.97
C ILE MA 189 0.85 -74.57 37.10
N ARG MA 190 0.76 -73.64 36.16
CA ARG MA 190 1.87 -73.26 35.39
C ARG MA 190 2.46 -71.95 35.85
N VAL MA 191 3.73 -72.02 36.20
CA VAL MA 191 4.55 -70.90 36.58
C VAL MA 191 5.53 -70.56 35.43
N THR MA 192 5.71 -69.27 35.21
CA THR MA 192 6.59 -68.80 34.16
C THR MA 192 7.45 -67.65 34.70
N MET MA 193 8.77 -67.76 34.59
CA MET MA 193 9.70 -66.70 34.97
C MET MA 193 10.21 -66.03 33.71
N TYR MA 194 9.97 -64.73 33.63
CA TYR MA 194 10.57 -63.89 32.62
C TYR MA 194 11.90 -63.47 33.22
N VAL MA 195 12.95 -64.17 32.79
CA VAL MA 195 14.29 -63.99 33.31
C VAL MA 195 15.13 -63.23 32.36
N GLN MA 196 15.90 -62.32 32.91
CA GLN MA 196 16.91 -61.61 32.17
C GLN MA 196 18.28 -62.10 32.63
N PHE MA 197 19.14 -62.56 31.70
CA PHE MA 197 20.52 -63.15 31.98
C PHE MA 197 21.60 -62.19 31.52
N ARG MA 198 22.75 -62.18 32.19
CA ARG MA 198 23.84 -61.32 31.70
C ARG MA 198 25.19 -62.01 31.73
N GLU MA 199 26.04 -61.70 30.74
CA GLU MA 199 27.45 -62.14 30.64
C GLU MA 199 27.50 -63.52 30.12
N PHE MA 200 27.50 -63.65 28.82
CA PHE MA 200 27.72 -64.97 28.22
C PHE MA 200 29.01 -65.56 28.82
N ASN MA 201 29.04 -66.83 29.21
CA ASN MA 201 30.26 -67.37 29.83
C ASN MA 201 30.77 -68.70 29.24
N LEU MA 202 30.26 -69.04 28.06
CA LEU MA 202 30.44 -70.38 27.48
C LEU MA 202 31.91 -70.83 27.42
N LYS MA 203 32.13 -72.08 27.81
CA LYS MA 203 33.43 -72.70 27.85
C LYS MA 203 33.43 -73.68 26.73
N ASP MA 204 34.60 -73.83 26.13
CA ASP MA 204 34.79 -74.66 24.96
C ASP MA 204 36.12 -75.40 25.10
N PRO MA 205 36.10 -76.53 25.84
CA PRO MA 205 37.18 -77.49 25.90
C PRO MA 205 37.44 -78.14 24.58
N PRO MA 206 38.67 -78.59 24.31
CA PRO MA 206 39.00 -78.93 22.91
C PRO MA 206 38.37 -80.21 22.26
N SER NA 19 13.30 -64.43 21.12
CA SER NA 19 13.46 -65.47 20.03
C SER NA 19 14.88 -65.61 19.35
N HIS NA 20 15.59 -64.50 19.11
CA HIS NA 20 16.94 -64.46 18.54
C HIS NA 20 17.99 -64.11 19.50
N PHE NA 21 19.12 -64.78 19.43
CA PHE NA 21 20.27 -64.44 20.23
C PHE NA 21 21.48 -64.36 19.29
N ASN NA 22 22.14 -63.21 19.30
CA ASN NA 22 23.40 -62.96 18.60
C ASN NA 22 24.49 -63.07 19.57
N THR NA 23 25.53 -63.81 19.24
CA THR NA 23 26.67 -63.89 20.11
C THR NA 23 27.89 -64.33 19.35
N ARG NA 24 28.98 -64.50 20.08
CA ARG NA 24 30.31 -64.58 19.54
C ARG NA 24 31.04 -65.75 20.18
N LEU NA 25 31.65 -66.61 19.36
CA LEU NA 25 32.29 -67.85 19.86
C LEU NA 25 33.70 -67.93 19.38
N SER NA 26 34.63 -68.34 20.24
CA SER NA 26 36.04 -68.40 19.84
C SER NA 26 36.74 -69.63 20.23
N ARG NA 27 37.75 -69.94 19.42
CA ARG NA 27 38.72 -70.97 19.71
C ARG NA 27 40.08 -70.53 19.14
N THR NA 28 41.16 -71.03 19.74
CA THR NA 28 42.54 -70.68 19.39
C THR NA 28 43.30 -71.98 19.23
N PHE NA 29 44.00 -72.18 18.11
CA PHE NA 29 44.93 -73.30 17.94
C PHE NA 29 46.32 -72.90 17.37
N GLY NA 30 47.23 -73.87 17.42
CA GLY NA 30 48.57 -73.75 16.88
C GLY NA 30 48.58 -73.97 15.37
N TYR NA 31 49.42 -73.19 14.68
CA TYR NA 31 49.86 -73.47 13.29
C TYR NA 31 51.38 -73.24 13.14
N THR NA 32 52.11 -74.25 12.66
CA THR NA 32 53.53 -74.02 12.42
C THR NA 32 53.98 -74.23 11.01
N ILE NA 33 54.72 -73.27 10.47
CA ILE NA 33 55.42 -73.46 9.22
C ILE NA 33 56.87 -73.76 9.56
N LYS NA 34 57.34 -74.93 9.11
CA LYS NA 34 58.61 -75.44 9.56
C LYS NA 34 59.64 -74.91 8.59
N ARG NA 35 60.81 -74.61 9.13
CA ARG NA 35 61.90 -74.09 8.33
C ARG NA 35 62.21 -74.93 7.06
N THR NA 36 62.58 -74.25 5.98
CA THR NA 36 63.15 -74.96 4.83
C THR NA 36 64.54 -74.47 4.56
N THR NA 37 65.18 -75.24 3.70
CA THR NA 37 66.50 -74.95 3.19
C THR NA 37 66.48 -74.59 1.72
N VAL NA 38 65.38 -74.88 1.01
CA VAL NA 38 65.13 -74.36 -0.33
C VAL NA 38 65.53 -72.87 -0.38
N LYS NA 39 66.18 -72.49 -1.48
CA LYS NA 39 66.83 -71.18 -1.59
C LYS NA 39 65.87 -70.19 -2.25
N THR NA 40 65.40 -70.56 -3.45
CA THR NA 40 64.42 -69.73 -4.12
C THR NA 40 63.12 -69.69 -3.30
N PRO NA 41 62.42 -68.53 -3.34
CA PRO NA 41 61.13 -68.29 -2.73
C PRO NA 41 60.13 -69.44 -2.94
N SER NA 42 59.47 -69.86 -1.87
CA SER NA 42 58.45 -70.89 -1.90
C SER NA 42 57.39 -70.64 -0.87
N TRP NA 43 56.21 -71.25 -1.07
CA TRP NA 43 55.04 -70.99 -0.24
C TRP NA 43 54.44 -72.26 0.35
N ALA NA 44 54.21 -72.22 1.67
CA ALA NA 44 53.40 -73.22 2.39
C ALA NA 44 51.99 -72.85 2.05
N VAL NA 45 51.22 -73.75 1.44
CA VAL NA 45 49.84 -73.50 1.11
C VAL NA 45 48.98 -74.38 1.92
N ASP NA 46 47.96 -73.79 2.52
CA ASP NA 46 47.04 -74.52 3.43
C ASP NA 46 45.64 -73.94 3.32
N MET NA 47 44.78 -74.28 4.26
CA MET NA 47 43.36 -73.94 4.17
C MET NA 47 42.69 -74.04 5.53
N MET NA 48 41.49 -73.46 5.59
CA MET NA 48 40.75 -73.28 6.82
C MET NA 48 39.28 -73.39 6.50
N ARG NA 49 38.63 -74.33 7.18
CA ARG NA 49 37.21 -74.47 7.25
C ARG NA 49 36.81 -74.11 8.65
N PHE NA 50 35.53 -73.85 8.88
CA PHE NA 50 35.01 -73.52 10.22
C PHE NA 50 33.74 -74.34 10.47
N ASN NA 51 33.72 -75.01 11.62
CA ASN NA 51 32.64 -75.89 12.01
C ASN NA 51 32.32 -75.56 13.46
N ILE NA 52 31.07 -75.27 13.70
CA ILE NA 52 30.53 -74.99 15.04
C ILE NA 52 30.69 -76.15 16.00
N ASN NA 53 30.92 -77.38 15.50
CA ASN NA 53 31.26 -78.55 16.35
C ASN NA 53 32.42 -78.20 17.27
N ASP NA 54 33.40 -77.46 16.74
CA ASP NA 54 34.59 -76.95 17.44
C ASP NA 54 34.42 -75.72 18.32
N PHE NA 55 33.24 -75.13 18.39
CA PHE NA 55 33.04 -73.91 19.19
C PHE NA 55 32.07 -74.09 20.35
N LEU NA 56 31.30 -75.18 20.29
CA LEU NA 56 30.13 -75.41 21.11
C LEU NA 56 30.24 -76.84 21.57
N PRO NA 57 30.61 -77.06 22.85
CA PRO NA 57 30.63 -78.45 23.36
C PRO NA 57 29.23 -79.04 23.47
N PRO NA 58 29.15 -80.37 23.67
CA PRO NA 58 27.83 -80.91 24.02
C PRO NA 58 27.33 -80.34 25.39
N GLY NA 59 26.01 -80.35 25.56
CA GLY NA 59 25.36 -79.93 26.80
C GLY NA 59 25.08 -81.12 27.69
N GLY NA 60 24.21 -80.96 28.67
CA GLY NA 60 23.81 -82.05 29.58
C GLY NA 60 22.35 -82.44 29.46
N GLY NA 61 22.09 -83.74 29.68
CA GLY NA 61 20.75 -84.27 29.89
C GLY NA 61 19.85 -84.17 28.66
N SER NA 62 18.67 -83.63 28.91
CA SER NA 62 17.67 -83.30 27.89
C SER NA 62 17.96 -82.04 27.00
N ASN NA 63 18.97 -81.23 27.37
CA ASN NA 63 19.55 -80.14 26.52
C ASN NA 63 20.93 -80.54 25.92
N PRO NA 64 20.90 -81.21 24.74
CA PRO NA 64 22.09 -81.89 24.21
C PRO NA 64 23.15 -80.96 23.68
N ARG NA 65 22.79 -79.71 23.40
CA ARG NA 65 23.79 -78.63 23.12
C ARG NA 65 23.88 -77.57 24.22
N SER NA 66 25.10 -77.15 24.51
CA SER NA 66 25.39 -76.14 25.52
C SER NA 66 24.67 -74.82 25.35
N VAL NA 67 24.31 -74.45 24.10
CA VAL NA 67 23.36 -73.35 23.90
C VAL NA 67 22.03 -73.93 23.45
N PRO NA 68 20.96 -73.66 24.20
CA PRO NA 68 19.66 -74.26 23.94
C PRO NA 68 18.87 -73.54 22.87
N PHE NA 69 19.38 -73.51 21.65
CA PHE NA 69 18.57 -72.99 20.55
C PHE NA 69 18.38 -74.03 19.43
N GLU NA 70 17.28 -73.92 18.69
CA GLU NA 70 17.04 -74.89 17.64
C GLU NA 70 17.85 -74.67 16.32
N TYR NA 71 17.94 -73.40 15.90
CA TYR NA 71 18.48 -73.00 14.60
C TYR NA 71 19.63 -72.06 14.78
N TYR NA 72 20.52 -72.03 13.78
CA TYR NA 72 21.61 -71.02 13.75
C TYR NA 72 21.93 -70.59 12.37
N ARG NA 73 22.63 -69.47 12.27
CA ARG NA 73 23.41 -69.16 11.09
C ARG NA 73 24.62 -68.31 11.41
N ILE NA 74 25.64 -68.39 10.55
CA ILE NA 74 26.86 -67.69 10.82
C ILE NA 74 26.84 -66.42 10.02
N ARG NA 75 26.81 -65.32 10.76
CA ARG NA 75 26.78 -63.98 10.20
C ARG NA 75 28.12 -63.60 9.61
N LYS NA 76 29.21 -64.03 10.28
CA LYS NA 76 30.57 -63.52 10.04
C LYS NA 76 31.65 -64.42 10.70
N VAL NA 77 32.84 -64.60 10.11
CA VAL NA 77 33.97 -65.21 10.83
C VAL NA 77 35.03 -64.20 10.92
N LYS NA 78 35.85 -64.25 11.96
CA LYS NA 78 37.06 -63.46 11.98
C LYS NA 78 38.16 -64.44 12.20
N VAL NA 79 39.18 -64.37 11.37
CA VAL NA 79 40.30 -65.22 11.52
C VAL NA 79 41.47 -64.37 11.83
N GLU NA 80 41.99 -64.51 13.04
CA GLU NA 80 43.16 -63.76 13.50
C GLU NA 80 44.39 -64.67 13.46
N PHE NA 81 45.45 -64.22 12.82
CA PHE NA 81 46.77 -64.85 12.95
C PHE NA 81 47.66 -64.11 13.97
N TRP NA 82 47.84 -64.65 15.16
CA TRP NA 82 48.61 -63.93 16.15
C TRP NA 82 50.01 -64.48 16.07
N PRO NA 83 50.94 -63.65 15.62
CA PRO NA 83 52.27 -64.19 15.46
C PRO NA 83 53.04 -64.50 16.78
N CYS NA 84 53.67 -65.67 16.82
CA CYS NA 84 54.60 -66.05 17.91
C CYS NA 84 56.01 -65.48 17.77
N SER NA 85 56.51 -65.27 16.55
CA SER NA 85 57.92 -64.92 16.33
C SER NA 85 58.16 -63.54 16.86
N PRO NA 86 59.38 -63.28 17.35
CA PRO NA 86 59.69 -61.96 17.90
C PRO NA 86 59.89 -60.98 16.76
N ILE NA 87 59.80 -59.66 16.99
CA ILE NA 87 60.07 -58.64 15.92
C ILE NA 87 61.54 -58.47 15.51
N THR NA 88 62.40 -59.21 16.21
CA THR NA 88 63.81 -59.32 15.82
C THR NA 88 64.07 -60.39 14.79
N GLN NA 89 63.02 -61.11 14.33
CA GLN NA 89 63.27 -62.30 13.50
C GLN NA 89 63.43 -61.84 12.04
N GLY NA 90 64.47 -62.39 11.39
CA GLY NA 90 64.88 -62.05 10.02
C GLY NA 90 64.25 -63.01 9.04
N ASP NA 91 64.79 -63.09 7.82
CA ASP NA 91 64.20 -63.80 6.63
C ASP NA 91 62.69 -63.62 6.48
N ARG NA 92 62.32 -62.36 6.50
CA ARG NA 92 60.95 -61.92 6.45
C ARG NA 92 60.44 -62.05 5.06
N GLY NA 93 59.19 -62.49 4.96
CA GLY NA 93 58.56 -62.80 3.67
C GLY NA 93 57.19 -62.19 3.57
N VAL NA 94 56.54 -62.52 2.47
CA VAL NA 94 55.25 -61.96 2.14
C VAL NA 94 54.40 -62.98 1.41
N GLY NA 95 53.12 -63.04 1.80
CA GLY NA 95 52.21 -64.09 1.36
C GLY NA 95 50.80 -63.62 1.17
N SER NA 96 49.87 -64.59 1.16
CA SER NA 96 48.52 -64.25 0.82
C SER NA 96 47.45 -65.05 1.56
N SER NA 97 46.36 -64.35 1.87
CA SER NA 97 45.13 -65.03 2.28
C SER NA 97 44.02 -64.69 1.28
N ALA NA 98 43.23 -65.68 0.86
CA ALA NA 98 42.02 -65.40 0.06
C ALA NA 98 40.82 -66.11 0.65
N VAL NA 99 39.67 -65.49 0.39
CA VAL NA 99 38.38 -66.00 0.87
C VAL NA 99 37.86 -66.98 -0.17
N ILE NA 100 37.46 -68.16 0.28
CA ILE NA 100 37.14 -69.24 -0.58
C ILE NA 100 35.74 -69.70 -0.18
N LEU NA 101 34.71 -69.38 -0.97
CA LEU NA 101 33.30 -69.60 -0.57
C LEU NA 101 32.73 -70.93 -1.05
N ASP NA 102 33.42 -71.57 -1.98
CA ASP NA 102 32.85 -72.69 -2.66
C ASP NA 102 33.54 -74.00 -2.27
N ASP NA 103 34.35 -73.96 -1.18
CA ASP NA 103 35.03 -75.16 -0.64
C ASP NA 103 36.07 -75.78 -1.61
N ASN NA 104 36.73 -74.93 -2.39
CA ASN NA 104 37.66 -75.33 -3.48
C ASN NA 104 39.01 -74.63 -3.30
N PHE NA 105 39.78 -75.21 -2.43
CA PHE NA 105 41.04 -74.65 -2.10
C PHE NA 105 42.17 -75.14 -2.99
N VAL NA 106 43.20 -74.30 -3.10
CA VAL NA 106 44.44 -74.75 -3.72
C VAL NA 106 45.03 -75.90 -2.86
N THR NA 107 45.41 -77.01 -3.50
CA THR NA 107 45.96 -78.16 -2.78
C THR NA 107 47.10 -77.78 -1.82
N LYS NA 108 47.00 -78.34 -0.62
CA LYS NA 108 48.03 -78.19 0.38
C LYS NA 108 49.37 -78.56 -0.22
N ALA NA 109 50.36 -77.71 0.10
CA ALA NA 109 51.71 -77.80 -0.43
C ALA NA 109 52.67 -77.26 0.58
N THR NA 110 53.80 -77.95 0.67
CA THR NA 110 54.91 -77.50 1.50
C THR NA 110 55.72 -76.38 0.90
N ALA NA 111 56.04 -76.49 -0.39
CA ALA NA 111 56.84 -75.46 -1.03
C ALA NA 111 56.58 -75.27 -2.51
N LEU NA 112 55.41 -74.75 -2.80
CA LEU NA 112 55.07 -74.35 -4.14
C LEU NA 112 56.04 -73.21 -4.54
N THR NA 113 56.40 -73.18 -5.81
CA THR NA 113 57.36 -72.23 -6.33
C THR NA 113 56.80 -70.84 -6.59
N TYR NA 114 55.51 -70.65 -6.32
CA TYR NA 114 54.81 -69.34 -6.47
C TYR NA 114 53.68 -69.26 -5.39
N ASP NA 115 53.11 -68.05 -5.25
CA ASP NA 115 52.06 -67.78 -4.29
C ASP NA 115 50.73 -67.94 -5.03
N PRO NA 116 50.08 -69.07 -4.88
CA PRO NA 116 48.93 -69.31 -5.76
C PRO NA 116 47.74 -68.45 -5.47
N TYR NA 117 47.74 -67.69 -4.39
CA TYR NA 117 46.57 -66.88 -4.07
C TYR NA 117 46.76 -65.40 -4.35
N VAL NA 118 47.94 -64.97 -4.75
CA VAL NA 118 48.22 -63.55 -4.88
C VAL NA 118 47.28 -62.81 -5.88
N ASN NA 119 46.81 -63.50 -6.89
CA ASN NA 119 45.92 -62.86 -7.88
C ASN NA 119 44.42 -62.93 -7.50
N TYR NA 120 44.08 -63.66 -6.46
CA TYR NA 120 42.69 -63.80 -6.06
C TYR NA 120 42.17 -62.42 -5.72
N SER NA 121 40.99 -62.11 -6.27
CA SER NA 121 40.29 -60.88 -6.02
C SER NA 121 40.06 -60.67 -4.53
N SER NA 122 39.85 -61.72 -3.75
CA SER NA 122 39.71 -61.58 -2.30
C SER NA 122 41.08 -61.58 -1.56
N ARG NA 123 42.20 -61.46 -2.29
CA ARG NA 123 43.47 -61.55 -1.64
C ARG NA 123 43.76 -60.36 -0.79
N HIS NA 124 44.23 -60.58 0.41
CA HIS NA 124 44.90 -59.60 1.23
C HIS NA 124 46.34 -60.12 1.46
N THR NA 125 47.27 -59.19 1.55
CA THR NA 125 48.68 -59.52 1.79
C THR NA 125 48.98 -59.88 3.24
N ILE NA 126 49.83 -60.90 3.42
CA ILE NA 126 50.26 -61.29 4.76
C ILE NA 126 51.74 -60.89 4.86
N THR NA 127 52.09 -60.25 5.97
CA THR NA 127 53.45 -59.83 6.28
C THR NA 127 54.04 -60.80 7.36
N GLN NA 128 55.21 -61.37 7.10
CA GLN NA 128 55.77 -62.45 7.91
C GLN NA 128 57.18 -62.10 8.43
N PRO NA 129 57.57 -62.61 9.59
CA PRO NA 129 56.84 -63.57 10.40
C PRO NA 129 56.26 -62.97 11.69
N PHE NA 130 56.51 -61.69 11.95
CA PHE NA 130 56.15 -61.10 13.24
C PHE NA 130 54.93 -60.15 13.20
N SER NA 131 54.08 -60.22 12.18
CA SER NA 131 52.95 -59.28 12.08
C SER NA 131 51.61 -59.97 12.19
N TYR NA 132 50.68 -59.30 12.87
CA TYR NA 132 49.29 -59.70 12.92
C TYR NA 132 48.67 -59.80 11.51
N HIS NA 133 47.79 -60.75 11.25
CA HIS NA 133 46.95 -60.74 10.01
C HIS NA 133 45.51 -61.15 10.38
N SER NA 134 44.53 -60.52 9.76
CA SER NA 134 43.16 -60.91 10.03
C SER NA 134 42.30 -60.75 8.85
N ARG NA 135 41.24 -61.50 8.85
CA ARG NA 135 40.27 -61.47 7.77
C ARG NA 135 38.94 -61.53 8.41
N TYR NA 136 37.99 -60.83 7.84
CA TYR NA 136 36.63 -60.80 8.41
C TYR NA 136 35.60 -60.79 7.29
N PHE NA 137 34.81 -61.84 7.19
CA PHE NA 137 33.90 -62.05 6.06
C PHE NA 137 32.74 -62.96 6.47
N THR NA 138 31.67 -62.94 5.65
CA THR NA 138 30.56 -63.91 5.77
C THR NA 138 30.97 -65.23 5.10
N PRO NA 139 31.15 -66.32 5.87
CA PRO NA 139 31.47 -67.63 5.28
C PRO NA 139 30.19 -68.32 4.87
N LYS NA 140 30.33 -69.41 4.12
CA LYS NA 140 29.17 -70.12 3.57
C LYS NA 140 29.17 -71.60 3.92
N PRO NA 141 27.97 -72.17 4.15
CA PRO NA 141 27.83 -73.59 4.48
C PRO NA 141 28.08 -74.45 3.26
N VAL NA 142 28.53 -75.68 3.53
CA VAL NA 142 28.92 -76.59 2.49
C VAL NA 142 27.73 -77.49 2.41
N LEU NA 143 26.84 -77.07 1.52
CA LEU NA 143 25.51 -77.61 1.35
C LEU NA 143 25.41 -78.76 0.33
N ASP NA 144 26.25 -78.77 -0.69
CA ASP NA 144 26.36 -79.90 -1.64
C ASP NA 144 27.76 -79.76 -2.17
N SER NA 145 28.70 -80.62 -1.80
CA SER NA 145 30.08 -80.44 -2.30
C SER NA 145 30.33 -81.00 -3.70
N THR NA 146 29.31 -81.52 -4.38
CA THR NA 146 29.41 -81.79 -5.83
C THR NA 146 29.28 -80.49 -6.62
N ILE NA 147 28.25 -79.73 -6.31
CA ILE NA 147 27.90 -78.51 -7.01
C ILE NA 147 28.61 -77.27 -6.44
N ASP NA 148 28.76 -77.24 -5.14
CA ASP NA 148 29.32 -76.13 -4.39
C ASP NA 148 28.59 -74.79 -4.68
N TYR NA 149 27.38 -74.64 -4.21
CA TYR NA 149 26.71 -73.40 -4.43
C TYR NA 149 26.61 -72.64 -3.15
N PHE NA 150 26.40 -71.34 -3.29
CA PHE NA 150 26.25 -70.52 -2.12
C PHE NA 150 25.51 -69.26 -2.44
N GLN NA 151 24.89 -68.73 -1.40
CA GLN NA 151 24.09 -67.56 -1.45
C GLN NA 151 24.94 -66.32 -1.48
N PRO NA 152 24.50 -65.25 -2.18
CA PRO NA 152 25.04 -63.90 -2.05
C PRO NA 152 24.99 -63.35 -0.66
N ASN NA 153 26.02 -62.56 -0.35
CA ASN NA 153 26.32 -62.11 1.03
C ASN NA 153 25.14 -61.16 1.32
N ASN NA 154 24.51 -61.36 2.46
CA ASN NA 154 23.17 -60.79 2.72
C ASN NA 154 22.87 -61.03 4.18
N LYS NA 155 21.88 -60.31 4.69
CA LYS NA 155 21.42 -60.51 6.03
C LYS NA 155 20.06 -61.30 6.08
N ARG NA 156 18.97 -60.71 5.63
CA ARG NA 156 17.65 -61.22 6.01
C ARG NA 156 17.20 -62.40 5.18
N ASN NA 157 17.89 -62.70 4.06
CA ASN NA 157 17.63 -63.90 3.17
C ASN NA 157 18.51 -65.15 3.32
N GLN NA 158 19.50 -65.04 4.21
CA GLN NA 158 20.43 -66.10 4.53
C GLN NA 158 19.76 -67.31 5.24
N LEU NA 159 20.02 -68.49 4.73
CA LEU NA 159 19.51 -69.68 5.30
C LEU NA 159 19.86 -69.84 6.77
N TRP NA 160 18.89 -70.44 7.45
CA TRP NA 160 19.03 -70.97 8.81
C TRP NA 160 19.36 -72.43 8.66
N LEU NA 161 20.06 -72.95 9.65
CA LEU NA 161 20.55 -74.30 9.68
C LEU NA 161 20.15 -74.86 10.98
N ARG NA 162 19.88 -76.16 11.08
CA ARG NA 162 19.70 -76.80 12.41
C ARG NA 162 20.95 -76.77 13.26
N LEU NA 163 20.86 -76.38 14.53
CA LEU NA 163 21.95 -76.68 15.57
C LEU NA 163 22.01 -78.19 15.89
N GLN NA 164 23.06 -78.85 15.47
CA GLN NA 164 23.20 -80.26 15.71
C GLN NA 164 24.14 -80.43 16.89
N THR NA 165 23.99 -81.56 17.61
CA THR NA 165 24.89 -81.88 18.71
C THR NA 165 26.28 -82.25 18.19
N ALA NA 166 26.26 -83.08 17.13
CA ALA NA 166 27.43 -83.73 16.57
C ALA NA 166 27.76 -83.38 15.09
N GLY NA 167 26.82 -83.52 14.18
CA GLY NA 167 27.28 -83.62 12.80
C GLY NA 167 27.18 -82.37 11.97
N ASN NA 168 27.62 -81.25 12.55
CA ASN NA 168 27.35 -79.94 11.93
C ASN NA 168 28.14 -79.75 10.67
N VAL NA 169 27.67 -78.80 9.87
CA VAL NA 169 28.11 -78.61 8.48
C VAL NA 169 29.34 -77.71 8.45
N ASP NA 170 30.37 -78.10 7.68
CA ASP NA 170 31.50 -77.21 7.54
C ASP NA 170 30.99 -75.90 6.87
N HIS NA 171 31.47 -74.79 7.40
CA HIS NA 171 31.42 -73.56 6.70
C HIS NA 171 32.81 -73.32 6.15
N VAL NA 172 32.86 -72.36 5.24
CA VAL NA 172 33.97 -72.35 4.30
C VAL NA 172 34.38 -70.93 3.91
N GLY NA 173 35.69 -70.87 3.65
CA GLY NA 173 36.44 -69.85 4.25
C GLY NA 173 37.71 -69.46 3.72
N LEU NA 174 38.81 -70.07 4.18
CA LEU NA 174 40.08 -69.32 4.02
C LEU NA 174 41.23 -70.11 3.54
N GLY NA 175 41.82 -69.64 2.44
CA GLY NA 175 43.04 -70.24 1.91
C GLY NA 175 44.25 -69.39 2.27
N THR NA 176 45.39 -70.04 2.49
CA THR NA 176 46.54 -69.28 2.90
C THR NA 176 47.73 -69.75 2.16
N ALA NA 177 48.58 -68.77 1.85
CA ALA NA 177 49.91 -69.05 1.40
C ALA NA 177 50.91 -68.24 2.20
N PHE NA 178 51.67 -68.92 3.04
CA PHE NA 178 52.79 -68.30 3.76
C PHE NA 178 54.13 -68.60 3.11
N GLU NA 179 54.94 -67.57 2.90
CA GLU NA 179 56.30 -67.72 2.36
C GLU NA 179 57.15 -68.51 3.33
N ASN NA 180 57.90 -69.44 2.78
CA ASN NA 180 58.81 -70.22 3.57
C ASN NA 180 60.00 -69.37 4.03
N SER NA 181 60.65 -69.85 5.07
CA SER NA 181 61.75 -69.16 5.69
C SER NA 181 62.82 -70.16 6.21
N ILE NA 182 63.97 -69.58 6.56
CA ILE NA 182 65.19 -70.24 7.03
C ILE NA 182 64.97 -70.59 8.49
N TYR NA 183 64.11 -69.79 9.16
CA TYR NA 183 63.50 -70.09 10.51
C TYR NA 183 62.05 -70.70 10.46
N ASP NA 184 61.71 -71.41 11.54
CA ASP NA 184 60.33 -71.72 11.92
C ASP NA 184 59.43 -70.49 12.11
N GLN NA 185 58.15 -70.63 11.83
CA GLN NA 185 57.18 -69.51 11.91
C GLN NA 185 55.97 -70.09 12.56
N GLU NA 186 55.85 -69.82 13.87
CA GLU NA 186 54.84 -70.39 14.75
C GLU NA 186 53.76 -69.24 14.87
N TYR NA 187 52.48 -69.61 14.87
CA TYR NA 187 51.37 -68.68 15.06
C TYR NA 187 50.33 -69.29 15.99
N ASN NA 188 49.74 -68.47 16.84
CA ASN NA 188 48.40 -68.80 17.41
C ASN NA 188 47.32 -68.18 16.55
N ILE NA 189 46.44 -69.03 16.06
CA ILE NA 189 45.39 -68.58 15.15
C ILE NA 189 44.16 -68.61 15.97
N ARG NA 190 43.50 -67.48 16.07
CA ARG NA 190 42.22 -67.44 16.72
C ARG NA 190 41.09 -67.25 15.67
N VAL NA 191 40.11 -68.13 15.78
CA VAL NA 191 38.94 -68.09 14.93
C VAL NA 191 37.72 -67.70 15.76
N THR NA 192 36.88 -66.85 15.22
CA THR NA 192 35.77 -66.29 15.98
C THR NA 192 34.53 -66.31 15.10
N MET NA 193 33.44 -66.97 15.54
CA MET NA 193 32.19 -67.05 14.81
C MET NA 193 31.23 -66.08 15.40
N TYR NA 194 30.67 -65.22 14.59
CA TYR NA 194 29.65 -64.29 15.03
C TYR NA 194 28.38 -64.98 14.57
N VAL NA 195 27.81 -65.74 15.49
CA VAL NA 195 26.67 -66.58 15.22
C VAL NA 195 25.37 -65.99 15.68
N GLN NA 196 24.33 -66.33 14.94
CA GLN NA 196 22.96 -65.89 15.30
C GLN NA 196 22.15 -67.12 15.50
N PHE NA 197 21.51 -67.20 16.67
CA PHE NA 197 20.75 -68.36 17.14
C PHE NA 197 19.27 -67.99 17.13
N ARG NA 198 18.41 -68.98 16.90
CA ARG NA 198 16.98 -68.77 16.76
C ARG NA 198 16.20 -70.00 17.29
N GLU NA 199 15.15 -69.70 18.08
CA GLU NA 199 14.17 -70.64 18.64
C GLU NA 199 14.79 -71.21 19.86
N PHE NA 200 14.58 -70.51 20.97
CA PHE NA 200 14.88 -71.05 22.30
C PHE NA 200 14.16 -72.38 22.49
N ASN NA 201 14.87 -73.39 23.02
CA ASN NA 201 14.29 -74.73 23.17
C ASN NA 201 14.53 -75.46 24.51
N LEU NA 202 14.82 -74.72 25.56
CA LEU NA 202 15.25 -75.34 26.80
C LEU NA 202 14.21 -76.32 27.32
N LYS NA 203 14.69 -77.54 27.55
CA LYS NA 203 13.91 -78.63 28.14
C LYS NA 203 14.15 -78.63 29.62
N ASP NA 204 13.10 -78.80 30.40
CA ASP NA 204 13.23 -78.72 31.86
C ASP NA 204 12.52 -79.86 32.59
N PRO NA 205 13.14 -81.06 32.67
CA PRO NA 205 12.49 -82.20 33.32
C PRO NA 205 12.48 -82.03 34.83
N PRO NA 206 11.75 -82.87 35.60
CA PRO NA 206 11.70 -82.70 37.12
C PRO NA 206 12.83 -83.42 37.94
N LEU NA 207 12.87 -83.21 39.28
CA LEU NA 207 13.90 -83.77 40.26
C LEU NA 207 15.32 -83.40 39.87
N SER OA 19 65.29 -15.64 18.49
CA SER OA 19 65.19 -14.66 19.62
C SER OA 19 65.92 -13.41 19.11
N HIS OA 20 65.16 -12.31 18.97
CA HIS OA 20 65.68 -10.95 18.75
C HIS OA 20 65.70 -10.27 20.04
N PHE OA 21 66.70 -9.44 20.27
CA PHE OA 21 66.82 -8.63 21.48
C PHE OA 21 67.16 -7.18 21.12
N ASN OA 22 66.24 -6.27 21.33
CA ASN OA 22 66.48 -4.86 20.97
C ASN OA 22 66.99 -4.17 22.19
N THR OA 23 68.07 -3.42 22.11
CA THR OA 23 68.49 -2.68 23.29
C THR OA 23 69.27 -1.43 22.92
N ARG OA 24 69.62 -0.69 23.96
CA ARG OA 24 70.23 0.63 23.85
C ARG OA 24 71.56 0.59 24.65
N LEU OA 25 72.63 1.08 24.03
CA LEU OA 25 73.98 1.10 24.60
C LEU OA 25 74.61 2.52 24.51
N SER OA 26 75.19 3.03 25.58
CA SER OA 26 75.70 4.41 25.54
C SER OA 26 77.11 4.53 25.99
N ARG OA 27 77.72 5.65 25.64
CA ARG OA 27 79.02 6.01 26.18
C ARG OA 27 79.14 7.51 26.03
N THR OA 28 79.97 8.10 26.86
CA THR OA 28 80.09 9.54 26.89
C THR OA 28 81.58 9.89 26.86
N PHE OA 29 81.98 10.87 26.06
CA PHE OA 29 83.37 11.30 26.04
C PHE OA 29 83.53 12.81 25.86
N GLY OA 30 84.72 13.34 26.14
CA GLY OA 30 84.97 14.80 26.07
C GLY OA 30 85.31 15.23 24.65
N TYR OA 31 84.98 16.47 24.30
CA TYR OA 31 85.43 17.11 23.03
C TYR OA 31 85.60 18.56 23.34
N THR OA 32 86.77 19.09 23.03
CA THR OA 32 87.01 20.51 23.21
C THR OA 32 87.43 21.12 21.91
N ILE OA 33 86.81 22.23 21.55
CA ILE OA 33 87.34 23.06 20.49
C ILE OA 33 88.11 24.18 21.15
N LYS OA 34 89.34 24.34 20.72
CA LYS OA 34 90.27 25.23 21.35
C LYS OA 34 90.16 26.65 20.81
N ARG OA 35 90.25 27.57 21.76
CA ARG OA 35 90.20 28.99 21.46
C ARG OA 35 91.20 29.36 20.34
N THR OA 36 90.77 30.16 19.39
CA THR OA 36 91.70 30.76 18.45
C THR OA 36 91.51 32.25 18.50
N THR OA 37 92.46 32.90 17.86
CA THR OA 37 92.59 34.34 17.85
C THR OA 37 92.39 34.88 16.44
N VAL OA 38 92.05 34.00 15.49
CA VAL OA 38 91.84 34.40 14.09
C VAL OA 38 90.66 35.37 14.15
N LYS OA 39 90.80 36.50 13.46
CA LYS OA 39 89.77 37.55 13.58
C LYS OA 39 88.52 37.12 12.77
N THR OA 40 88.75 36.65 11.54
CA THR OA 40 87.66 36.26 10.63
C THR OA 40 86.95 34.93 11.02
N PRO OA 41 85.63 34.84 10.68
CA PRO OA 41 84.89 33.63 11.01
C PRO OA 41 85.56 32.38 10.41
N SER OA 42 85.72 31.34 11.22
CA SER OA 42 86.43 30.11 10.83
C SER OA 42 85.82 28.93 11.54
N TRP OA 43 85.95 27.75 10.94
CA TRP OA 43 85.32 26.53 11.45
C TRP OA 43 86.33 25.40 11.72
N ALA OA 44 86.13 24.74 12.87
CA ALA OA 44 86.85 23.56 13.28
C ALA OA 44 86.02 22.40 12.80
N VAL OA 45 86.64 21.54 11.99
CA VAL OA 45 85.91 20.51 11.27
C VAL OA 45 86.44 19.17 11.74
N ASP OA 46 85.54 18.26 12.13
CA ASP OA 46 85.94 16.92 12.56
C ASP OA 46 84.93 15.89 12.07
N MET OA 47 85.01 14.68 12.55
CA MET OA 47 84.21 13.58 12.07
C MET OA 47 83.93 12.59 13.23
N MET OA 48 83.05 11.66 12.94
CA MET OA 48 82.62 10.69 13.93
C MET OA 48 82.26 9.40 13.23
N ARG OA 49 82.89 8.32 13.70
CA ARG OA 49 82.52 6.96 13.37
C ARG OA 49 82.00 6.28 14.59
N PHE OA 50 81.38 5.11 14.45
CA PHE OA 50 80.75 4.43 15.58
C PHE OA 50 81.07 2.98 15.52
N ASN OA 51 81.50 2.40 16.63
CA ASN OA 51 81.92 1.01 16.57
C ASN OA 51 81.54 0.31 17.83
N ILE OA 52 80.80 -0.79 17.72
CA ILE OA 52 80.29 -1.50 18.88
C ILE OA 52 81.40 -2.01 19.81
N ASN OA 53 82.67 -2.04 19.43
CA ASN OA 53 83.74 -2.36 20.38
C ASN OA 53 83.78 -1.42 21.58
N ASP OA 54 83.60 -0.13 21.31
CA ASP OA 54 83.45 0.88 22.36
C ASP OA 54 82.14 0.83 23.14
N PHE OA 55 81.21 -0.08 22.84
CA PHE OA 55 79.90 -0.11 23.55
C PHE OA 55 79.62 -1.38 24.33
N LEU OA 56 80.46 -2.37 24.14
CA LEU OA 56 80.18 -3.74 24.55
C LEU OA 56 81.50 -4.28 25.03
N PRO OA 57 81.72 -4.29 26.37
CA PRO OA 57 83.01 -4.82 26.80
C PRO OA 57 83.15 -6.31 26.49
N PRO OA 58 84.37 -6.82 26.60
CA PRO OA 58 84.46 -8.29 26.62
C PRO OA 58 83.75 -8.91 27.85
N GLY OA 59 83.46 -10.20 27.70
CA GLY OA 59 82.88 -11.02 28.75
C GLY OA 59 83.97 -11.89 29.33
N GLY OA 60 83.63 -13.09 29.78
CA GLY OA 60 84.61 -14.03 30.34
C GLY OA 60 84.43 -15.48 29.96
N GLY OA 61 85.50 -16.27 30.14
CA GLY OA 61 85.52 -17.70 29.85
C GLY OA 61 84.99 -18.13 28.47
N SER OA 62 83.89 -18.89 28.51
CA SER OA 62 83.32 -19.43 27.27
C SER OA 62 82.29 -18.50 26.64
N ASN OA 63 82.04 -17.34 27.26
CA ASN OA 63 81.23 -16.29 26.65
C ASN OA 63 82.08 -15.11 26.37
N PRO OA 64 82.56 -15.00 25.12
CA PRO OA 64 83.56 -13.97 24.88
C PRO OA 64 83.00 -12.54 24.86
N ARG OA 65 81.68 -12.38 24.72
CA ARG OA 65 81.04 -11.02 24.72
C ARG OA 65 79.94 -10.92 25.76
N SER OA 66 79.82 -9.74 26.30
CA SER OA 66 79.03 -9.51 27.50
C SER OA 66 77.54 -9.62 27.22
N VAL OA 67 77.11 -9.39 25.98
CA VAL OA 67 75.79 -9.89 25.53
C VAL OA 67 76.04 -11.14 24.68
N PRO OA 68 75.42 -12.28 25.04
CA PRO OA 68 75.70 -13.56 24.41
C PRO OA 68 74.75 -13.80 23.21
N PHE OA 69 74.90 -12.97 22.20
CA PHE OA 69 74.22 -13.16 20.90
C PHE OA 69 75.24 -13.29 19.80
N GLU OA 70 74.78 -13.94 18.73
CA GLU OA 70 75.67 -14.31 17.66
C GLU OA 70 75.73 -13.20 16.60
N TYR OA 71 74.58 -12.57 16.33
CA TYR OA 71 74.47 -11.55 15.28
C TYR OA 71 73.96 -10.22 15.82
N TYR OA 72 74.20 -9.12 15.11
CA TYR OA 72 73.67 -7.80 15.46
C TYR OA 72 73.54 -6.93 14.25
N ARG OA 73 72.64 -5.98 14.33
CA ARG OA 73 72.67 -4.82 13.40
C ARG OA 73 72.35 -3.53 14.12
N ILE OA 74 72.88 -2.43 13.59
CA ILE OA 74 72.65 -1.11 14.19
C ILE OA 74 71.45 -0.42 13.57
N ARG OA 75 70.40 -0.38 14.35
CA ARG OA 75 69.13 0.12 13.89
C ARG OA 75 69.17 1.68 13.71
N LYS OA 76 69.77 2.34 14.72
CA LYS OA 76 69.80 3.79 14.90
C LYS OA 76 70.99 4.26 15.81
N VAL OA 77 71.51 5.46 15.55
CA VAL OA 77 72.50 6.11 16.43
C VAL OA 77 71.87 7.42 16.83
N LYS OA 78 72.07 7.78 18.10
CA LYS OA 78 71.88 9.11 18.53
C LYS OA 78 73.20 9.66 19.02
N VAL OA 79 73.59 10.76 18.42
CA VAL OA 79 74.75 11.54 18.84
C VAL OA 79 74.22 12.83 19.50
N GLU OA 80 74.50 12.98 20.79
CA GLU OA 80 74.14 14.14 21.56
C GLU OA 80 75.41 14.94 21.90
N PHE OA 81 75.45 16.20 21.54
CA PHE OA 81 76.45 17.13 22.07
C PHE OA 81 75.87 17.87 23.29
N TRP OA 82 76.30 17.51 24.51
CA TRP OA 82 75.84 18.22 25.68
C TRP OA 82 76.84 19.33 25.98
N PRO OA 83 76.48 20.58 25.74
CA PRO OA 83 77.44 21.66 25.98
C PRO OA 83 77.86 21.80 27.44
N CYS OA 84 79.17 22.03 27.67
CA CYS OA 84 79.74 22.37 28.99
C CYS OA 84 79.72 23.86 29.33
N SER OA 85 79.80 24.72 28.32
CA SER OA 85 79.78 26.17 28.50
C SER OA 85 78.55 26.64 29.26
N PRO OA 86 78.72 27.63 30.16
CA PRO OA 86 77.55 28.18 30.84
C PRO OA 86 76.68 28.97 29.87
N ILE OA 87 75.42 29.24 30.23
CA ILE OA 87 74.55 30.06 29.34
C ILE OA 87 74.88 31.56 29.24
N THR OA 88 75.91 32.01 29.95
CA THR OA 88 76.46 33.37 29.84
C THR OA 88 77.60 33.56 28.82
N GLN OA 89 78.07 32.48 28.17
CA GLN OA 89 79.22 32.65 27.26
C GLN OA 89 78.85 33.43 25.97
N GLY OA 90 79.78 34.27 25.55
CA GLY OA 90 79.68 35.09 24.39
C GLY OA 90 80.55 34.51 23.30
N ASP OA 91 80.88 35.40 22.37
CA ASP OA 91 81.38 35.06 21.02
C ASP OA 91 80.65 33.84 20.43
N ARG OA 92 79.33 33.86 20.49
CA ARG OA 92 78.49 32.74 20.05
C ARG OA 92 78.55 32.60 18.56
N GLY OA 93 78.38 31.38 18.11
CA GLY OA 93 78.53 31.08 16.70
C GLY OA 93 77.63 29.97 16.23
N VAL OA 94 77.75 29.67 14.93
CA VAL OA 94 76.78 28.88 14.22
C VAL OA 94 77.50 27.85 13.33
N GLY OA 95 77.27 26.58 13.64
CA GLY OA 95 77.90 25.43 12.96
C GLY OA 95 76.97 24.46 12.25
N SER OA 96 77.49 23.32 11.89
CA SER OA 96 76.79 22.30 11.12
C SER OA 96 77.23 20.86 11.47
N SER OA 97 76.22 20.02 11.63
CA SER OA 97 76.38 18.55 11.55
C SER OA 97 75.75 18.05 10.23
N ALA OA 98 76.27 16.94 9.75
CA ALA OA 98 75.76 16.35 8.51
C ALA OA 98 75.99 14.83 8.60
N VAL OA 99 75.05 14.07 8.05
CA VAL OA 99 75.16 12.62 8.04
C VAL OA 99 75.89 12.15 6.75
N ILE OA 100 77.06 11.58 6.99
CA ILE OA 100 77.93 10.94 6.02
C ILE OA 100 77.83 9.39 6.10
N LEU OA 101 77.16 8.80 5.11
CA LEU OA 101 76.87 7.38 5.12
C LEU OA 101 77.89 6.54 4.39
N ASP OA 102 78.87 7.19 3.76
CA ASP OA 102 79.80 6.53 2.84
C ASP OA 102 81.24 6.62 3.28
N ASP OA 103 81.46 7.06 4.53
CA ASP OA 103 82.77 7.09 5.16
C ASP OA 103 83.64 8.09 4.46
N ASN OA 104 83.05 9.07 3.76
CA ASN OA 104 83.78 10.13 3.11
C ASN OA 104 83.65 11.53 3.75
N PHE OA 105 84.53 11.78 4.70
CA PHE OA 105 84.46 12.99 5.51
C PHE OA 105 85.25 14.19 4.99
N VAL OA 106 84.78 15.41 5.27
CA VAL OA 106 85.57 16.60 4.97
C VAL OA 106 86.82 16.51 5.86
N THR OA 107 87.99 16.70 5.24
CA THR OA 107 89.25 16.60 5.96
C THR OA 107 89.25 17.46 7.19
N LYS OA 108 89.62 16.81 8.30
CA LYS OA 108 89.82 17.45 9.59
C LYS OA 108 90.60 18.75 9.42
N ALA OA 109 90.12 19.81 10.05
CA ALA OA 109 90.73 21.16 9.95
C ALA OA 109 90.51 21.93 11.25
N THR OA 110 91.46 22.80 11.59
CA THR OA 110 91.36 23.57 12.85
C THR OA 110 90.58 24.85 12.60
N ALA OA 111 90.83 25.47 11.43
CA ALA OA 111 90.16 26.72 11.06
C ALA OA 111 90.04 26.88 9.56
N LEU OA 112 89.17 26.09 8.99
CA LEU OA 112 88.75 26.33 7.63
C LEU OA 112 88.05 27.68 7.55
N THR OA 113 88.13 28.32 6.41
CA THR OA 113 87.59 29.65 6.23
C THR OA 113 86.07 29.67 5.86
N TYR OA 114 85.43 28.51 5.85
CA TYR OA 114 84.00 28.41 5.56
C TYR OA 114 83.44 27.12 6.23
N ASP OA 115 82.12 27.05 6.37
CA ASP OA 115 81.48 25.85 6.88
C ASP OA 115 81.30 24.83 5.75
N PRO OA 116 82.13 23.77 5.70
CA PRO OA 116 82.04 22.88 4.53
C PRO OA 116 80.77 22.04 4.52
N TYR OA 117 80.13 21.93 5.68
CA TYR OA 117 78.95 21.16 5.74
C TYR OA 117 77.65 21.92 5.51
N VAL OA 118 77.69 23.23 5.42
CA VAL OA 118 76.42 24.00 5.47
C VAL OA 118 75.42 23.65 4.36
N ASN OA 119 75.90 23.37 3.15
CA ASN OA 119 74.99 23.07 2.04
C ASN OA 119 74.51 21.59 1.96
N TYR OA 120 75.03 20.73 2.83
CA TYR OA 120 74.70 19.30 2.73
C TYR OA 120 73.17 19.09 2.96
N SER OA 121 72.57 18.25 2.13
CA SER OA 121 71.15 17.99 2.23
C SER OA 121 70.78 17.48 3.64
N SER OA 122 71.68 16.76 4.32
CA SER OA 122 71.43 16.23 5.66
C SER OA 122 71.89 17.18 6.81
N ARG OA 123 72.26 18.42 6.45
CA ARG OA 123 72.78 19.37 7.42
C ARG OA 123 71.70 19.80 8.39
N HIS OA 124 72.06 19.89 9.66
CA HIS OA 124 71.25 20.53 10.72
C HIS OA 124 72.22 21.62 11.33
N THR OA 125 71.66 22.74 11.72
CA THR OA 125 72.45 23.88 12.26
C THR OA 125 72.90 23.60 13.67
N ILE OA 126 74.10 23.98 14.06
CA ILE OA 126 74.59 23.83 15.42
C ILE OA 126 74.67 25.22 16.04
N THR OA 127 74.18 25.35 17.27
CA THR OA 127 74.10 26.63 17.91
C THR OA 127 75.09 26.60 19.07
N GLN OA 128 76.05 27.54 19.04
CA GLN OA 128 77.23 27.47 19.90
C GLN OA 128 77.37 28.68 20.88
N PRO OA 129 77.77 28.46 22.12
CA PRO OA 129 78.45 27.27 22.63
C PRO OA 129 77.70 26.54 23.73
N PHE OA 130 76.49 27.00 24.02
CA PHE OA 130 75.81 26.52 25.22
C PHE OA 130 74.53 25.77 24.88
N SER OA 131 74.40 25.38 23.61
CA SER OA 131 73.21 24.65 23.18
C SER OA 131 73.46 23.18 22.99
N TYR OA 132 72.44 22.45 23.36
CA TYR OA 132 72.29 21.04 22.97
C TYR OA 132 72.22 20.91 21.47
N HIS OA 133 72.80 19.82 20.99
CA HIS OA 133 72.65 19.42 19.58
C HIS OA 133 72.55 17.89 19.57
N SER OA 134 71.55 17.36 18.84
CA SER OA 134 71.40 15.91 18.62
C SER OA 134 71.07 15.60 17.20
N ARG OA 135 71.59 14.49 16.75
CA ARG OA 135 71.20 13.85 15.48
C ARG OA 135 70.79 12.44 15.79
N TYR OA 136 69.93 11.92 14.92
CA TYR OA 136 69.34 10.60 15.05
C TYR OA 136 69.10 10.07 13.61
N PHE OA 137 69.75 8.95 13.32
CA PHE OA 137 69.74 8.41 12.00
C PHE OA 137 70.22 6.99 12.02
N THR OA 138 69.95 6.29 10.91
CA THR OA 138 70.52 4.99 10.67
C THR OA 138 71.89 5.10 10.04
N PRO OA 139 72.92 4.64 10.76
CA PRO OA 139 74.26 4.69 10.20
C PRO OA 139 74.45 3.45 9.35
N LYS OA 140 75.58 3.37 8.69
CA LYS OA 140 75.85 2.25 7.79
C LYS OA 140 77.24 1.67 8.04
N PRO OA 141 77.35 0.36 8.02
CA PRO OA 141 78.64 -0.24 8.13
C PRO OA 141 79.51 0.03 6.92
N VAL OA 142 80.82 -0.01 7.15
CA VAL OA 142 81.84 0.26 6.12
C VAL OA 142 82.21 -1.11 5.60
N LEU OA 143 81.44 -1.68 4.68
CA LEU OA 143 81.73 -3.07 4.19
C LEU OA 143 82.95 -3.16 3.28
N ASP OA 144 83.19 -2.12 2.50
CA ASP OA 144 84.23 -2.10 1.54
C ASP OA 144 84.64 -0.68 1.23
N SER OA 145 85.78 -0.26 1.76
CA SER OA 145 86.05 1.18 1.69
C SER OA 145 86.62 1.66 0.32
N THR OA 146 86.95 0.71 -0.55
CA THR OA 146 87.29 1.02 -1.94
C THR OA 146 86.09 1.62 -2.66
N ILE OA 147 84.91 1.03 -2.48
CA ILE OA 147 83.68 1.47 -3.17
C ILE OA 147 82.75 2.29 -2.28
N ASP OA 148 82.74 2.03 -0.97
CA ASP OA 148 81.84 2.69 -0.01
C ASP OA 148 80.42 2.59 -0.44
N TYR OA 149 79.85 1.41 -0.29
CA TYR OA 149 78.48 1.21 -0.63
C TYR OA 149 77.67 0.95 0.62
N PHE OA 150 76.39 1.27 0.52
CA PHE OA 150 75.52 1.09 1.63
C PHE OA 150 74.09 0.94 1.15
N GLN OA 151 73.31 0.26 2.01
CA GLN OA 151 71.90 -0.02 1.74
C GLN OA 151 71.06 1.18 2.03
N PRO OA 152 70.01 1.40 1.22
CA PRO OA 152 68.94 2.32 1.55
C PRO OA 152 68.32 2.04 2.89
N ASN OA 153 67.77 3.11 3.45
CA ASN OA 153 67.25 3.18 4.84
C ASN OA 153 65.94 2.32 4.75
N ASN OA 154 65.88 1.27 5.56
CA ASN OA 154 64.98 0.13 5.28
C ASN OA 154 65.14 -0.93 6.39
N LYS OA 155 64.02 -1.52 6.83
CA LYS OA 155 64.02 -2.20 8.12
C LYS OA 155 64.27 -3.71 8.01
N ARG OA 156 63.45 -4.44 7.24
CA ARG OA 156 63.57 -5.91 7.25
C ARG OA 156 64.58 -6.49 6.25
N ASN OA 157 65.29 -5.64 5.50
CA ASN OA 157 66.33 -6.04 4.55
C ASN OA 157 67.76 -5.70 5.00
N GLN OA 158 67.91 -5.03 6.15
CA GLN OA 158 69.21 -4.58 6.64
C GLN OA 158 70.13 -5.77 6.98
N LEU OA 159 71.33 -5.72 6.47
CA LEU OA 159 72.33 -6.67 6.76
C LEU OA 159 72.49 -7.03 8.23
N TRP OA 160 72.56 -8.33 8.52
CA TRP OA 160 73.06 -8.83 9.80
C TRP OA 160 74.62 -8.97 9.75
N LEU OA 161 75.29 -8.55 10.83
CA LEU OA 161 76.73 -8.66 10.94
C LEU OA 161 77.01 -9.58 12.12
N ARG OA 162 78.12 -10.35 12.05
CA ARG OA 162 78.58 -11.11 13.21
C ARG OA 162 79.07 -10.17 14.33
N LEU OA 163 78.59 -10.43 15.56
CA LEU OA 163 79.15 -9.81 16.77
C LEU OA 163 80.53 -10.40 17.04
N GLN OA 164 81.55 -9.64 16.69
CA GLN OA 164 82.92 -10.08 16.95
C GLN OA 164 83.40 -9.69 18.31
N THR OA 165 84.36 -10.48 18.80
CA THR OA 165 84.95 -10.24 20.14
C THR OA 165 85.72 -8.93 20.10
N ALA OA 166 86.47 -8.81 19.01
CA ALA OA 166 87.58 -7.91 18.90
C ALA OA 166 87.45 -6.85 17.78
N GLY OA 167 87.24 -7.26 16.55
CA GLY OA 167 87.55 -6.35 15.45
C GLY OA 167 86.29 -6.09 14.69
N ASN OA 168 85.31 -5.56 15.41
CA ASN OA 168 84.03 -5.19 14.82
C ASN OA 168 84.14 -4.02 13.86
N VAL OA 169 83.26 -3.96 12.89
CA VAL OA 169 83.39 -3.04 11.76
C VAL OA 169 82.92 -1.65 12.12
N ASP OA 170 83.61 -0.62 11.64
CA ASP OA 170 83.16 0.76 11.87
C ASP OA 170 81.78 1.01 11.19
N HIS OA 171 80.91 1.77 11.87
CA HIS OA 171 79.66 2.26 11.31
C HIS OA 171 79.81 3.74 11.11
N VAL OA 172 79.02 4.28 10.20
CA VAL OA 172 79.38 5.56 9.69
C VAL OA 172 78.21 6.53 9.56
N GLY OA 173 78.62 7.80 9.58
CA GLY OA 173 78.00 8.69 10.44
C GLY OA 173 78.14 10.14 10.25
N LEU OA 174 78.89 10.80 11.12
CA LEU OA 174 78.68 12.24 11.31
C LEU OA 174 79.87 13.14 11.17
N GLY OA 175 79.74 14.11 10.28
CA GLY OA 175 80.69 15.21 10.13
C GLY OA 175 80.22 16.40 10.92
N THR OA 176 81.17 17.24 11.33
CA THR OA 176 80.86 18.42 12.13
C THR OA 176 81.77 19.54 11.79
N ALA OA 177 81.20 20.72 11.80
CA ALA OA 177 81.94 21.93 11.64
C ALA OA 177 81.36 22.88 12.68
N PHE OA 178 82.12 23.09 13.77
CA PHE OA 178 81.81 24.12 14.81
C PHE OA 178 82.61 25.39 14.54
N GLU OA 179 81.93 26.54 14.65
CA GLU OA 179 82.58 27.88 14.50
C GLU OA 179 83.58 28.11 15.63
N ASN OA 180 84.77 28.59 15.28
CA ASN OA 180 85.79 28.85 16.31
C ASN OA 180 85.40 30.11 17.05
N SER OA 181 85.83 30.14 18.32
CA SER OA 181 85.60 31.21 19.26
C SER OA 181 86.91 31.75 19.93
N ILE OA 182 86.75 32.96 20.44
CA ILE OA 182 87.65 33.65 21.38
C ILE OA 182 87.86 32.80 22.65
N TYR OA 183 86.83 32.04 23.06
CA TYR OA 183 86.81 31.18 24.24
C TYR OA 183 86.87 29.67 23.83
N ASP OA 184 87.22 28.82 24.81
CA ASP OA 184 87.18 27.36 24.65
C ASP OA 184 85.74 26.90 24.55
N GLN OA 185 85.44 25.88 23.75
CA GLN OA 185 84.08 25.30 23.74
C GLN OA 185 84.16 23.81 24.03
N GLU OA 186 83.80 23.42 25.23
CA GLU OA 186 83.97 22.07 25.73
C GLU OA 186 82.56 21.37 25.67
N TYR OA 187 82.48 20.11 25.23
CA TYR OA 187 81.22 19.32 25.20
C TYR OA 187 81.46 17.96 25.81
N ASN OA 188 80.45 17.41 26.47
CA ASN OA 188 80.31 15.95 26.65
C ASN OA 188 79.46 15.34 25.54
N ILE OA 189 80.07 14.51 24.71
CA ILE OA 189 79.35 13.87 23.64
C ILE OA 189 78.86 12.52 24.13
N ARG OA 190 77.55 12.27 23.96
CA ARG OA 190 77.00 10.98 24.27
C ARG OA 190 76.51 10.31 23.03
N VAL OA 191 77.15 9.21 22.65
CA VAL OA 191 76.66 8.38 21.57
C VAL OA 191 75.85 7.22 22.14
N THR OA 192 74.73 6.89 21.48
CA THR OA 192 73.80 5.88 21.92
C THR OA 192 73.42 5.04 20.70
N MET OA 193 73.71 3.75 20.77
CA MET OA 193 73.39 2.81 19.68
C MET OA 193 72.12 2.03 19.99
N TYR OA 194 71.14 2.12 19.12
CA TYR OA 194 70.00 1.26 19.21
C TYR OA 194 70.29 0.03 18.37
N VAL OA 195 70.50 -1.09 19.04
CA VAL OA 195 71.10 -2.26 18.43
C VAL OA 195 70.06 -3.33 18.53
N GLN OA 196 69.94 -4.11 17.46
CA GLN OA 196 69.13 -5.35 17.43
C GLN OA 196 70.05 -6.56 17.36
N PHE OA 197 69.94 -7.45 18.35
CA PHE OA 197 70.77 -8.68 18.41
C PHE OA 197 69.92 -9.90 18.05
N ARG OA 198 70.56 -10.89 17.43
CA ARG OA 198 69.86 -12.08 17.00
C ARG OA 198 70.72 -13.30 17.34
N GLU OA 199 70.04 -14.39 17.68
CA GLU OA 199 70.63 -15.69 17.95
C GLU OA 199 71.38 -15.71 19.25
N PHE OA 200 70.63 -16.06 20.32
CA PHE OA 200 71.18 -16.33 21.67
C PHE OA 200 72.15 -17.50 21.57
N ASN OA 201 73.35 -17.37 22.12
CA ASN OA 201 74.41 -18.40 21.95
C ASN OA 201 75.10 -18.82 23.29
N LEU OA 202 74.49 -18.47 24.44
CA LEU OA 202 75.13 -18.72 25.72
C LEU OA 202 75.66 -20.16 25.94
N LYS OA 203 76.94 -20.21 26.26
CA LYS OA 203 77.64 -21.42 26.57
C LYS OA 203 77.68 -21.58 28.10
N ASP OA 204 77.31 -22.78 28.56
CA ASP OA 204 77.21 -23.04 29.97
C ASP OA 204 78.01 -24.29 30.37
N PRO OA 205 79.35 -24.11 30.60
CA PRO OA 205 80.20 -25.22 31.10
C PRO OA 205 79.98 -25.56 32.57
N PRO OA 206 80.27 -26.82 32.97
CA PRO OA 206 80.09 -27.25 34.38
C PRO OA 206 80.99 -26.55 35.44
N SER PA 19 64.04 -3.30 30.18
CA SER PA 19 63.12 -4.10 29.34
C SER PA 19 63.21 -5.58 29.85
N HIS PA 20 62.47 -6.45 29.17
CA HIS PA 20 62.34 -7.83 29.49
C HIS PA 20 62.96 -8.68 28.43
N PHE PA 21 63.42 -9.84 28.83
CA PHE PA 21 64.08 -10.73 27.88
C PHE PA 21 63.76 -12.15 28.33
N ASN PA 22 63.03 -12.91 27.51
CA ASN PA 22 62.68 -14.31 27.86
C ASN PA 22 63.59 -15.24 27.16
N THR PA 23 64.10 -16.22 27.87
CA THR PA 23 65.00 -17.15 27.23
C THR PA 23 64.95 -18.46 27.93
N ARG PA 24 65.63 -19.40 27.29
CA ARG PA 24 65.65 -20.76 27.68
C ARG PA 24 67.10 -21.13 27.91
N LEU PA 25 67.38 -21.78 29.04
CA LEU PA 25 68.75 -22.23 29.36
C LEU PA 25 68.71 -23.67 29.77
N SER PA 26 69.76 -24.42 29.46
CA SER PA 26 69.76 -25.87 29.62
C SER PA 26 71.10 -26.43 30.00
N ARG PA 27 71.04 -27.55 30.71
CA ARG PA 27 72.20 -28.41 31.00
C ARG PA 27 71.79 -29.87 31.01
N THR PA 28 72.78 -30.73 30.94
CA THR PA 28 72.57 -32.15 30.87
C THR PA 28 73.50 -32.81 31.85
N PHE PA 29 73.01 -33.81 32.59
CA PHE PA 29 73.86 -34.64 33.43
C PHE PA 29 73.42 -36.10 33.45
N GLY PA 30 74.31 -36.99 33.89
CA GLY PA 30 74.04 -38.42 33.89
C GLY PA 30 73.33 -38.74 35.18
N TYR PA 31 72.58 -39.84 35.18
CA TYR PA 31 72.03 -40.44 36.41
C TYR PA 31 71.96 -41.94 36.28
N THR PA 32 72.68 -42.68 37.11
CA THR PA 32 72.54 -44.13 37.08
C THR PA 32 71.78 -44.70 38.29
N ILE PA 33 70.71 -45.43 37.98
CA ILE PA 33 70.17 -46.42 38.91
C ILE PA 33 70.92 -47.73 38.69
N LYS PA 34 71.68 -48.17 39.69
CA LYS PA 34 72.52 -49.39 39.58
C LYS PA 34 71.66 -50.62 39.80
N ARG PA 35 72.16 -51.75 39.33
CA ARG PA 35 71.39 -52.98 39.39
C ARG PA 35 71.13 -53.39 40.83
N THR PA 36 70.13 -54.23 41.07
CA THR PA 36 69.98 -54.87 42.38
C THR PA 36 69.66 -56.33 42.16
N THR PA 37 69.69 -57.10 43.25
CA THR PA 37 69.15 -58.48 43.30
C THR PA 37 68.14 -58.58 44.45
N VAL PA 38 67.38 -57.51 44.71
CA VAL PA 38 66.14 -57.63 45.44
C VAL PA 38 65.23 -58.19 44.36
N LYS PA 39 64.41 -59.16 44.71
CA LYS PA 39 63.61 -59.85 43.69
C LYS PA 39 62.22 -59.19 43.63
N THR PA 40 61.67 -58.87 44.80
CA THR PA 40 60.40 -58.19 44.84
C THR PA 40 60.64 -56.73 44.47
N PRO PA 41 59.58 -56.08 43.96
CA PRO PA 41 59.70 -54.76 43.40
C PRO PA 41 60.13 -53.73 44.45
N SER PA 42 61.02 -52.82 44.03
CA SER PA 42 61.67 -51.82 44.88
C SER PA 42 61.99 -50.56 44.07
N TRP PA 43 62.07 -49.41 44.74
CA TRP PA 43 62.23 -48.13 44.04
C TRP PA 43 63.45 -47.37 44.51
N ALA PA 44 64.23 -46.88 43.58
CA ALA PA 44 65.23 -45.88 43.91
C ALA PA 44 64.51 -44.52 43.96
N VAL PA 45 64.55 -43.90 45.12
CA VAL PA 45 63.89 -42.63 45.37
C VAL PA 45 64.89 -41.48 45.39
N ASP PA 46 64.59 -40.42 44.67
CA ASP PA 46 65.50 -39.29 44.63
C ASP PA 46 64.73 -37.98 44.53
N MET PA 47 65.47 -36.88 44.41
CA MET PA 47 64.88 -35.55 44.37
C MET PA 47 65.67 -34.68 43.40
N MET PA 48 65.13 -33.52 43.06
CA MET PA 48 65.80 -32.60 42.15
C MET PA 48 65.43 -31.16 42.51
N ARG PA 49 66.47 -30.34 42.68
CA ARG PA 49 66.30 -28.93 42.75
C ARG PA 49 66.94 -28.28 41.56
N PHE PA 50 66.69 -27.01 41.35
CA PHE PA 50 67.14 -26.27 40.14
C PHE PA 50 67.64 -24.97 40.64
N ASN PA 51 68.79 -24.58 40.11
CA ASN PA 51 69.49 -23.43 40.61
C ASN PA 51 70.16 -22.77 39.45
N ILE PA 52 69.79 -21.53 39.17
CA ILE PA 52 70.33 -20.85 38.04
C ILE PA 52 71.87 -20.82 37.96
N ASN PA 53 72.60 -20.93 39.07
CA ASN PA 53 74.09 -21.05 39.04
C ASN PA 53 74.53 -22.13 38.10
N ASP PA 54 73.78 -23.24 38.06
CA ASP PA 54 74.10 -24.32 37.12
C ASP PA 54 73.81 -24.01 35.63
N PHE PA 55 73.19 -22.87 35.31
CA PHE PA 55 72.76 -22.56 33.92
C PHE PA 55 73.41 -21.32 33.32
N LEU PA 56 74.09 -20.52 34.13
CA LEU PA 56 74.55 -19.20 33.75
C LEU PA 56 75.92 -19.05 34.32
N PRO PA 57 76.97 -19.14 33.49
CA PRO PA 57 78.27 -19.03 34.16
C PRO PA 57 78.59 -17.58 34.58
N PRO PA 58 79.64 -17.41 35.40
CA PRO PA 58 80.21 -16.08 35.63
C PRO PA 58 80.51 -15.34 34.32
N GLY PA 59 80.31 -14.02 34.37
CA GLY PA 59 80.74 -13.11 33.33
C GLY PA 59 82.20 -12.69 33.54
N GLY PA 60 82.57 -11.55 32.96
CA GLY PA 60 83.87 -10.94 33.24
C GLY PA 60 83.82 -9.42 33.33
N GLY PA 61 84.90 -8.88 33.93
CA GLY PA 61 85.06 -7.46 34.12
C GLY PA 61 84.03 -6.84 35.09
N SER PA 62 83.61 -5.63 34.75
CA SER PA 62 82.48 -5.00 35.41
C SER PA 62 81.11 -5.68 35.21
N ASN PA 63 80.99 -6.67 34.32
CA ASN PA 63 79.74 -7.42 34.15
C ASN PA 63 79.87 -8.81 34.72
N PRO PA 64 79.52 -8.99 36.01
CA PRO PA 64 79.86 -10.28 36.65
C PRO PA 64 79.00 -11.45 36.21
N ARG PA 65 78.03 -11.25 35.33
CA ARG PA 65 77.14 -12.32 34.92
C ARG PA 65 77.02 -12.33 33.41
N SER PA 66 77.04 -13.55 32.89
CA SER PA 66 77.13 -13.76 31.47
C SER PA 66 75.90 -13.17 30.75
N VAL PA 67 74.77 -13.05 31.45
CA VAL PA 67 73.68 -12.22 30.98
C VAL PA 67 73.53 -10.96 31.85
N PRO PA 68 73.61 -9.77 31.22
CA PRO PA 68 73.62 -8.49 31.91
C PRO PA 68 72.25 -7.96 32.23
N PHE PA 69 71.55 -8.66 33.13
CA PHE PA 69 70.29 -8.25 33.69
C PHE PA 69 70.36 -8.31 35.19
N GLU PA 70 69.58 -7.46 35.87
CA GLU PA 70 69.59 -7.29 37.32
C GLU PA 70 68.63 -8.23 38.07
N TYR PA 71 67.44 -8.45 37.53
CA TYR PA 71 66.46 -9.33 38.16
C TYR PA 71 66.12 -10.53 37.25
N TYR PA 72 65.68 -11.65 37.84
CA TYR PA 72 65.14 -12.80 37.09
C TYR PA 72 63.93 -13.45 37.78
N ARG PA 73 63.16 -14.25 37.06
CA ARG PA 73 62.21 -15.24 37.66
C ARG PA 73 62.07 -16.39 36.69
N ILE PA 74 61.84 -17.59 37.22
CA ILE PA 74 61.79 -18.76 36.39
C ILE PA 74 60.33 -18.96 36.16
N ARG PA 75 59.96 -18.92 34.91
CA ARG PA 75 58.58 -19.05 34.51
C ARG PA 75 58.16 -20.54 34.59
N LYS PA 76 59.05 -21.39 34.04
CA LYS PA 76 58.78 -22.79 33.82
C LYS PA 76 60.12 -23.54 33.83
N VAL PA 77 60.12 -24.77 34.34
CA VAL PA 77 61.22 -25.73 34.23
C VAL PA 77 60.71 -26.83 33.37
N LYS PA 78 61.57 -27.38 32.52
CA LYS PA 78 61.33 -28.67 31.85
C LYS PA 78 62.42 -29.64 32.29
N VAL PA 79 62.00 -30.79 32.77
CA VAL PA 79 62.91 -31.84 33.09
C VAL PA 79 62.64 -32.95 32.17
N GLU PA 80 63.64 -33.29 31.39
CA GLU PA 80 63.55 -34.41 30.47
C GLU PA 80 64.52 -35.52 30.88
N PHE PA 81 63.98 -36.72 31.01
CA PHE PA 81 64.78 -37.91 31.24
C PHE PA 81 64.94 -38.68 29.93
N TRP PA 82 66.12 -38.61 29.35
CA TRP PA 82 66.35 -39.28 28.09
C TRP PA 82 67.05 -40.63 28.32
N PRO PA 83 66.34 -41.71 28.12
CA PRO PA 83 66.90 -42.99 28.43
C PRO PA 83 68.11 -43.39 27.61
N CYS PA 84 69.08 -44.00 28.27
CA CYS PA 84 70.27 -44.56 27.65
C CYS PA 84 70.05 -46.01 27.23
N SER PA 85 69.24 -46.74 27.97
CA SER PA 85 69.08 -48.17 27.74
C SER PA 85 68.43 -48.42 26.32
N PRO PA 86 68.81 -49.51 25.68
CA PRO PA 86 68.20 -49.85 24.42
C PRO PA 86 66.74 -50.38 24.55
N ILE PA 87 65.99 -50.43 23.44
CA ILE PA 87 64.60 -50.95 23.47
C ILE PA 87 64.52 -52.48 23.58
N THR PA 88 65.67 -53.10 23.42
CA THR PA 88 65.84 -54.51 23.75
C THR PA 88 65.79 -54.86 25.25
N GLN PA 89 66.06 -53.92 26.14
CA GLN PA 89 66.28 -54.28 27.56
C GLN PA 89 64.97 -54.68 28.20
N GLY PA 90 65.02 -55.72 29.02
CA GLY PA 90 63.89 -56.30 29.73
C GLY PA 90 63.93 -55.94 31.20
N ASP PA 91 63.40 -56.81 32.04
CA ASP PA 91 63.08 -56.42 33.43
C ASP PA 91 62.60 -54.96 33.50
N ARG PA 92 61.55 -54.70 32.74
CA ARG PA 92 61.00 -53.39 32.63
C ARG PA 92 60.13 -53.04 33.83
N GLY PA 93 60.18 -51.77 34.19
CA GLY PA 93 59.58 -51.30 35.39
C GLY PA 93 58.66 -50.16 35.17
N VAL PA 94 58.15 -49.64 36.29
CA VAL PA 94 57.21 -48.55 36.33
C VAL PA 94 57.36 -47.75 37.66
N GLY PA 95 57.46 -46.43 37.52
CA GLY PA 95 57.77 -45.53 38.62
C GLY PA 95 56.96 -44.24 38.51
N SER PA 96 57.36 -43.21 39.24
CA SER PA 96 56.58 -41.98 39.38
C SER PA 96 57.50 -40.77 39.44
N SER PA 97 57.19 -39.72 38.72
CA SER PA 97 57.78 -38.44 39.04
C SER PA 97 56.65 -37.67 39.68
N ALA PA 98 56.99 -36.75 40.59
CA ALA PA 98 56.01 -35.89 41.19
C ALA PA 98 56.58 -34.52 41.51
N VAL PA 99 55.74 -33.49 41.41
CA VAL PA 99 56.13 -32.06 41.61
C VAL PA 99 55.95 -31.62 43.08
N ILE PA 100 57.11 -31.37 43.68
CA ILE PA 100 57.29 -30.90 45.05
C ILE PA 100 57.67 -29.41 45.07
N LEU PA 101 56.73 -28.57 45.51
CA LEU PA 101 56.89 -27.09 45.48
C LEU PA 101 57.31 -26.53 46.83
N ASP PA 102 57.31 -27.37 47.87
CA ASP PA 102 57.55 -26.92 49.22
C ASP PA 102 58.90 -27.39 49.71
N ASP PA 103 59.73 -27.93 48.83
CA ASP PA 103 61.07 -28.39 49.21
C ASP PA 103 61.07 -29.55 50.19
N ASN PA 104 60.01 -30.35 50.25
CA ASN PA 104 59.93 -31.51 51.17
C ASN PA 104 59.80 -32.83 50.46
N PHE PA 105 60.93 -33.37 50.10
CA PHE PA 105 60.96 -34.56 49.25
C PHE PA 105 60.97 -35.80 50.11
N VAL PA 106 60.52 -36.91 49.60
CA VAL PA 106 60.71 -38.15 50.32
C VAL PA 106 62.23 -38.41 50.44
N THR PA 107 62.58 -38.96 51.58
CA THR PA 107 63.96 -39.26 51.88
C THR PA 107 64.51 -40.19 50.83
N LYS PA 108 65.68 -39.78 50.31
CA LYS PA 108 66.46 -40.62 49.38
C LYS PA 108 66.59 -42.09 49.82
N ALA PA 109 66.55 -43.02 48.86
CA ALA PA 109 66.49 -44.45 49.16
C ALA PA 109 66.93 -45.31 47.95
N THR PA 110 67.58 -46.42 48.24
CA THR PA 110 68.12 -47.30 47.20
C THR PA 110 67.09 -48.35 46.79
N ALA PA 111 66.32 -48.83 47.77
CA ALA PA 111 65.31 -49.81 47.49
C ALA PA 111 64.16 -49.82 48.50
N LEU PA 112 63.47 -48.71 48.53
CA LEU PA 112 62.16 -48.61 49.19
C LEU PA 112 61.26 -49.69 48.60
N THR PA 113 60.48 -50.35 49.46
CA THR PA 113 59.61 -51.49 49.07
C THR PA 113 58.25 -51.05 48.47
N TYR PA 114 57.98 -49.75 48.42
CA TYR PA 114 56.85 -49.23 47.67
C TYR PA 114 57.28 -47.97 46.89
N ASP PA 115 56.43 -47.55 45.95
CA ASP PA 115 56.62 -46.29 45.18
C ASP PA 115 56.02 -45.10 45.96
N PRO PA 116 56.83 -44.42 46.80
CA PRO PA 116 56.29 -43.33 47.62
C PRO PA 116 55.52 -42.19 46.89
N TYR PA 117 55.78 -41.95 45.63
CA TYR PA 117 55.08 -40.86 44.95
C TYR PA 117 53.83 -41.28 44.16
N VAL PA 118 53.53 -42.56 44.03
CA VAL PA 118 52.46 -42.97 43.13
C VAL PA 118 51.08 -42.31 43.36
N ASN PA 119 50.73 -41.99 44.60
CA ASN PA 119 49.44 -41.33 44.91
C ASN PA 119 49.52 -39.84 44.96
N TYR PA 120 50.68 -39.24 44.74
CA TYR PA 120 50.74 -37.81 44.75
C TYR PA 120 49.84 -37.33 43.66
N SER PA 121 49.07 -36.29 43.91
CA SER PA 121 48.26 -35.57 42.90
C SER PA 121 48.98 -35.18 41.62
N SER PA 122 50.15 -34.55 41.80
CA SER PA 122 51.01 -34.17 40.70
C SER PA 122 51.77 -35.35 40.09
N ARG PA 123 51.50 -36.62 40.48
CA ARG PA 123 52.21 -37.79 39.88
C ARG PA 123 52.01 -38.02 38.37
N HIS PA 124 53.08 -38.27 37.65
CA HIS PA 124 53.02 -38.81 36.26
C HIS PA 124 53.81 -40.09 36.29
N THR PA 125 53.32 -41.05 35.51
CA THR PA 125 53.90 -42.40 35.47
C THR PA 125 55.20 -42.42 34.69
N ILE PA 126 56.24 -43.09 35.18
CA ILE PA 126 57.53 -43.25 34.45
C ILE PA 126 57.59 -44.68 33.92
N THR PA 127 58.07 -44.85 32.71
CA THR PA 127 58.07 -46.14 32.01
C THR PA 127 59.58 -46.49 31.80
N GLN PA 128 59.97 -47.70 32.21
CA GLN PA 128 61.40 -48.03 32.38
C GLN PA 128 61.79 -49.29 31.61
N PRO PA 129 62.99 -49.33 31.04
CA PRO PA 129 64.03 -48.34 31.16
C PRO PA 129 64.30 -47.52 29.86
N PHE PA 130 63.45 -47.68 28.84
CA PHE PA 130 63.82 -47.16 27.51
C PHE PA 130 62.90 -46.10 26.98
N SER PA 131 62.09 -45.53 27.84
CA SER PA 131 61.12 -44.61 27.45
C SER PA 131 61.55 -43.25 27.92
N TYR PA 132 61.19 -42.24 27.15
CA TYR PA 132 61.35 -40.81 27.55
C TYR PA 132 60.40 -40.50 28.66
N HIS PA 133 60.73 -39.52 29.47
CA HIS PA 133 59.75 -38.95 30.39
C HIS PA 133 60.05 -37.49 30.59
N SER PA 134 59.05 -36.62 30.53
CA SER PA 134 59.30 -35.24 30.91
C SER PA 134 58.23 -34.67 31.80
N ARG PA 135 58.58 -33.61 32.52
CA ARG PA 135 57.65 -32.83 33.32
C ARG PA 135 57.85 -31.40 32.99
N TYR PA 136 56.78 -30.60 33.18
CA TYR PA 136 56.80 -29.14 32.85
C TYR PA 136 55.88 -28.37 33.78
N PHE PA 137 56.44 -27.51 34.60
CA PHE PA 137 55.71 -26.92 35.69
C PHE PA 137 56.38 -25.61 36.09
N THR PA 138 55.70 -24.82 36.89
CA THR PA 138 56.33 -23.59 37.40
C THR PA 138 57.06 -24.01 38.69
N PRO PA 139 58.39 -23.90 38.77
CA PRO PA 139 59.05 -24.23 40.01
C PRO PA 139 58.89 -23.08 40.99
N LYS PA 140 59.26 -23.35 42.26
CA LYS PA 140 59.22 -22.31 43.28
C LYS PA 140 60.49 -22.11 43.99
N PRO PA 141 60.84 -20.87 44.26
CA PRO PA 141 61.99 -20.64 45.10
C PRO PA 141 61.85 -21.01 46.62
N VAL PA 142 63.01 -21.31 47.21
CA VAL PA 142 63.10 -21.74 48.61
C VAL PA 142 63.40 -20.45 49.35
N LEU PA 143 62.32 -19.75 49.67
CA LEU PA 143 62.42 -18.46 50.29
C LEU PA 143 62.59 -18.54 51.78
N ASP PA 144 61.95 -19.53 52.39
CA ASP PA 144 62.08 -19.77 53.82
C ASP PA 144 61.92 -21.24 54.09
N SER PA 145 63.05 -21.94 54.19
CA SER PA 145 63.06 -23.38 54.43
C SER PA 145 62.50 -23.84 55.78
N THR PA 146 62.19 -22.93 56.70
CA THR PA 146 61.48 -23.35 57.89
C THR PA 146 60.02 -23.55 57.53
N ILE PA 147 59.41 -22.50 57.02
CA ILE PA 147 57.96 -22.39 56.87
C ILE PA 147 57.54 -23.07 55.58
N ASP PA 148 58.40 -22.93 54.56
CA ASP PA 148 58.21 -23.52 53.24
C ASP PA 148 56.94 -23.07 52.54
N TYR PA 149 56.92 -21.78 52.22
CA TYR PA 149 55.78 -21.12 51.57
C TYR PA 149 56.08 -20.84 50.06
N PHE PA 150 55.03 -20.82 49.27
CA PHE PA 150 55.21 -20.51 47.91
C PHE PA 150 53.98 -19.88 47.31
N GLN PA 151 54.19 -19.22 46.18
CA GLN PA 151 53.12 -18.52 45.52
C GLN PA 151 52.32 -19.49 44.67
N PRO PA 152 51.02 -19.22 44.50
CA PRO PA 152 50.21 -19.97 43.54
C PRO PA 152 50.60 -19.60 42.17
N ASN PA 153 50.45 -20.58 41.28
CA ASN PA 153 51.04 -20.52 39.93
C ASN PA 153 50.37 -19.31 39.26
N ASN PA 154 51.21 -18.35 38.88
CA ASN PA 154 50.75 -17.06 38.36
C ASN PA 154 51.71 -16.53 37.33
N LYS PA 155 51.16 -15.64 36.49
CA LYS PA 155 51.94 -14.90 35.53
C LYS PA 155 52.31 -13.54 36.12
N ARG PA 156 51.31 -12.69 36.27
CA ARG PA 156 51.56 -11.28 36.51
C ARG PA 156 51.95 -10.93 37.96
N ASN PA 157 51.86 -11.88 38.90
CA ASN PA 157 52.23 -11.62 40.29
C ASN PA 157 53.48 -12.39 40.76
N GLN PA 158 54.11 -13.20 39.92
CA GLN PA 158 55.29 -13.94 40.35
C GLN PA 158 56.44 -13.05 40.82
N LEU PA 159 57.01 -13.35 41.99
CA LEU PA 159 58.11 -12.60 42.59
C LEU PA 159 59.28 -12.45 41.65
N TRP PA 160 59.89 -11.28 41.67
CA TRP PA 160 61.17 -11.08 40.97
C TRP PA 160 62.26 -11.42 41.94
N LEU PA 161 63.41 -11.88 41.45
CA LEU PA 161 64.56 -12.28 42.28
C LEU PA 161 65.79 -11.56 41.78
N ARG PA 162 66.70 -11.08 42.63
CA ARG PA 162 67.97 -10.53 42.11
C ARG PA 162 68.82 -11.59 41.44
N LEU PA 163 69.53 -11.21 40.37
CA LEU PA 163 70.38 -12.16 39.64
C LEU PA 163 71.71 -12.16 40.32
N GLN PA 164 72.05 -13.26 40.95
CA GLN PA 164 73.19 -13.16 41.82
C GLN PA 164 74.52 -13.54 41.21
N THR PA 165 75.47 -12.67 41.63
CA THR PA 165 76.88 -12.99 41.91
C THR PA 165 77.15 -14.61 41.82
N ALA PA 166 76.80 -15.24 42.93
CA ALA PA 166 77.35 -16.50 43.31
C ALA PA 166 76.32 -17.48 43.83
N GLY PA 167 75.51 -17.07 44.81
CA GLY PA 167 74.79 -18.04 45.65
C GLY PA 167 73.34 -17.83 45.35
N ASN PA 168 72.96 -18.13 44.12
CA ASN PA 168 71.58 -17.95 43.73
C ASN PA 168 70.71 -18.95 44.53
N VAL PA 169 69.49 -18.51 44.77
CA VAL PA 169 68.56 -19.30 45.52
C VAL PA 169 68.07 -20.58 44.79
N ASP PA 170 67.94 -21.67 45.54
CA ASP PA 170 67.38 -22.90 45.01
C ASP PA 170 65.92 -22.73 44.64
N HIS PA 171 65.52 -23.32 43.54
CA HIS PA 171 64.15 -23.44 43.20
C HIS PA 171 63.85 -24.93 43.19
N VAL PA 172 62.58 -25.22 43.34
CA VAL PA 172 62.23 -26.51 43.82
C VAL PA 172 61.00 -27.11 43.11
N GLY PA 173 61.04 -28.45 43.13
CA GLY PA 173 60.73 -29.18 41.97
C GLY PA 173 60.38 -30.60 42.08
N LEU PA 174 61.35 -31.51 41.95
CA LEU PA 174 60.98 -32.83 41.42
C LEU PA 174 61.43 -34.03 42.15
N GLY PA 175 60.45 -34.74 42.71
CA GLY PA 175 60.70 -36.06 43.34
C GLY PA 175 60.54 -37.24 42.38
N THR PA 176 61.49 -38.15 42.39
CA THR PA 176 61.50 -39.28 41.45
C THR PA 176 61.60 -40.59 42.20
N ALA PA 177 60.85 -41.57 41.73
CA ALA PA 177 60.99 -42.92 42.20
C ALA PA 177 61.02 -43.80 40.96
N PHE PA 178 62.16 -44.44 40.73
CA PHE PA 178 62.40 -45.36 39.59
C PHE PA 178 62.42 -46.76 40.08
N GLU PA 179 61.64 -47.66 39.51
CA GLU PA 179 61.70 -49.05 39.89
C GLU PA 179 63.07 -49.60 39.61
N ASN PA 180 63.67 -50.29 40.61
CA ASN PA 180 64.98 -50.90 40.47
C ASN PA 180 64.82 -52.11 39.53
N SER PA 181 65.95 -52.58 39.00
CA SER PA 181 65.97 -53.63 37.99
C SER PA 181 67.19 -54.51 38.17
N ILE PA 182 67.12 -55.69 37.59
CA ILE PA 182 68.24 -56.62 37.43
C ILE PA 182 69.41 -55.92 36.56
N TYR PA 183 69.07 -54.99 35.66
CA TYR PA 183 70.09 -54.34 34.81
C TYR PA 183 70.25 -52.92 35.28
N ASP PA 184 71.43 -52.37 35.05
CA ASP PA 184 71.65 -50.94 35.20
C ASP PA 184 70.61 -50.17 34.36
N GLN PA 185 70.14 -49.04 34.89
CA GLN PA 185 69.31 -48.11 34.09
C GLN PA 185 69.94 -46.74 34.13
N GLU PA 186 70.58 -46.38 33.06
CA GLU PA 186 71.28 -45.15 32.97
C GLU PA 186 70.40 -44.13 32.20
N TYR PA 187 70.53 -42.84 32.52
CA TYR PA 187 69.78 -41.75 31.88
C TYR PA 187 70.65 -40.56 31.62
N ASN PA 188 70.47 -39.86 30.50
CA ASN PA 188 70.90 -38.45 30.44
C ASN PA 188 69.75 -37.58 30.78
N ILE PA 189 69.89 -36.70 31.75
CA ILE PA 189 68.80 -35.83 32.15
C ILE PA 189 69.11 -34.44 31.67
N ARG PA 190 68.16 -33.78 31.02
CA ARG PA 190 68.39 -32.43 30.53
C ARG PA 190 67.36 -31.53 31.18
N VAL PA 191 67.83 -30.55 31.93
CA VAL PA 191 66.96 -29.64 32.60
C VAL PA 191 67.07 -28.36 31.85
N THR PA 192 65.90 -27.72 31.65
CA THR PA 192 65.75 -26.50 30.89
C THR PA 192 64.88 -25.52 31.65
N MET PA 193 65.41 -24.32 31.85
CA MET PA 193 64.70 -23.28 32.57
C MET PA 193 64.25 -22.26 31.57
N TYR PA 194 62.97 -21.97 31.63
CA TYR PA 194 62.40 -20.84 30.87
C TYR PA 194 62.44 -19.60 31.75
N VAL PA 195 63.52 -18.83 31.66
CA VAL PA 195 63.77 -17.71 32.54
C VAL PA 195 63.43 -16.35 31.94
N GLN PA 196 62.92 -15.48 32.78
CA GLN PA 196 62.55 -14.16 32.37
C GLN PA 196 63.48 -13.20 33.08
N PHE PA 197 64.24 -12.42 32.34
CA PHE PA 197 65.14 -11.44 32.94
C PHE PA 197 64.53 -10.06 32.81
N ARG PA 198 64.82 -9.19 33.74
CA ARG PA 198 64.41 -7.84 33.71
C ARG PA 198 65.57 -6.87 34.18
N GLU PA 199 65.53 -5.65 33.61
CA GLU PA 199 66.44 -4.55 33.86
C GLU PA 199 67.82 -4.83 33.31
N PHE PA 200 68.02 -4.48 32.04
CA PHE PA 200 69.36 -4.52 31.36
C PHE PA 200 70.35 -3.69 32.21
N ASN PA 201 71.58 -4.18 32.52
CA ASN PA 201 72.46 -3.43 33.42
C ASN PA 201 73.91 -3.27 32.94
N LEU PA 202 74.12 -3.41 31.64
CA LEU PA 202 75.47 -3.55 31.09
C LEU PA 202 76.32 -2.37 31.44
N LYS PA 203 77.45 -2.71 32.03
CA LYS PA 203 78.47 -1.74 32.36
C LYS PA 203 79.46 -1.69 31.23
N ASP PA 204 79.94 -0.50 30.85
CA ASP PA 204 80.82 -0.34 29.68
C ASP PA 204 82.01 0.53 30.06
N PRO PA 205 83.04 -0.04 30.76
CA PRO PA 205 84.28 0.70 31.08
C PRO PA 205 85.03 1.08 29.81
N PRO PA 206 86.13 1.86 29.90
CA PRO PA 206 86.61 2.44 28.60
C PRO PA 206 87.55 1.60 27.72
N SER QA 19 41.59 43.22 -34.04
CA SER QA 19 42.88 43.75 -33.44
C SER QA 19 44.12 42.83 -33.49
N HIS QA 20 43.98 41.49 -33.46
CA HIS QA 20 45.09 40.49 -33.51
C HIS QA 20 45.18 39.75 -34.81
N PHE QA 21 46.35 39.28 -35.18
CA PHE QA 21 46.57 38.61 -36.45
C PHE QA 21 47.64 37.52 -36.32
N ASN QA 22 47.25 36.28 -36.50
CA ASN QA 22 48.14 35.15 -36.31
C ASN QA 22 48.57 34.72 -37.68
N THR QA 23 49.87 34.65 -37.96
CA THR QA 23 50.32 34.09 -39.18
C THR QA 23 51.64 33.40 -39.07
N ARG QA 24 52.12 33.02 -40.24
CA ARG QA 24 53.22 32.18 -40.38
C ARG QA 24 54.15 32.70 -41.47
N LEU QA 25 55.44 32.75 -41.15
CA LEU QA 25 56.45 33.30 -42.05
C LEU QA 25 57.63 32.36 -42.11
N SER QA 26 58.12 32.11 -43.31
CA SER QA 26 59.21 31.12 -43.52
C SER QA 26 60.34 31.66 -44.41
N ARG QA 27 61.55 31.17 -44.16
CA ARG QA 27 62.66 31.32 -45.10
C ARG QA 27 63.45 30.02 -45.13
N THR QA 28 64.21 29.83 -46.20
CA THR QA 28 65.03 28.66 -46.37
C THR QA 28 66.41 29.11 -46.82
N PHE QA 29 67.47 28.61 -46.21
CA PHE QA 29 68.86 28.84 -46.63
C PHE QA 29 69.70 27.54 -46.48
N GLY QA 30 70.90 27.48 -47.08
CA GLY QA 30 71.76 26.29 -47.06
C GLY QA 30 72.68 26.25 -45.86
N TYR QA 31 73.04 25.03 -45.44
CA TYR QA 31 74.05 24.77 -44.45
C TYR QA 31 74.83 23.56 -44.96
N THR QA 32 76.16 23.62 -44.99
CA THR QA 32 76.97 22.46 -45.29
C THR QA 32 77.94 22.12 -44.16
N ILE QA 33 77.98 20.89 -43.71
CA ILE QA 33 79.11 20.41 -42.97
C ILE QA 33 80.12 19.83 -43.97
N LYS QA 34 81.31 20.43 -43.98
CA LYS QA 34 82.41 20.04 -44.88
C LYS QA 34 83.00 18.75 -44.43
N ARG QA 35 83.36 17.86 -45.36
CA ARG QA 35 83.92 16.56 -45.02
C ARG QA 35 85.25 16.68 -44.30
N THR QA 36 85.50 15.80 -43.34
CA THR QA 36 86.84 15.61 -42.80
C THR QA 36 87.28 14.18 -42.93
N THR QA 37 88.56 13.97 -42.72
CA THR QA 37 89.13 12.61 -42.70
C THR QA 37 89.36 12.14 -41.30
N VAL QA 38 89.38 13.07 -40.32
CA VAL QA 38 89.56 12.74 -38.89
C VAL QA 38 88.81 11.43 -38.62
N LYS QA 39 89.52 10.46 -38.02
CA LYS QA 39 89.07 9.03 -37.82
C LYS QA 39 87.85 8.98 -36.88
N THR QA 40 88.19 9.46 -35.68
CA THR QA 40 87.45 9.22 -34.50
C THR QA 40 86.37 10.29 -34.51
N PRO QA 41 85.29 10.03 -33.80
CA PRO QA 41 84.13 10.89 -33.80
C PRO QA 41 84.44 12.33 -33.39
N SER QA 42 84.03 13.26 -34.22
CA SER QA 42 84.14 14.68 -33.94
C SER QA 42 82.79 15.37 -34.25
N TRP QA 43 82.57 16.55 -33.74
CA TRP QA 43 81.33 17.25 -34.02
C TRP QA 43 81.55 18.67 -34.52
N ALA QA 44 80.78 19.06 -35.54
CA ALA QA 44 80.66 20.47 -35.95
C ALA QA 44 79.55 21.14 -35.16
N VAL QA 45 79.94 22.17 -34.41
CA VAL QA 45 79.10 22.86 -33.45
C VAL QA 45 78.82 24.23 -33.99
N ASP QA 46 77.57 24.63 -33.94
CA ASP QA 46 77.16 25.92 -34.50
C ASP QA 46 75.84 26.33 -33.82
N MET QA 47 75.25 27.42 -34.28
CA MET QA 47 74.16 28.11 -33.58
C MET QA 47 73.21 28.72 -34.58
N MET QA 48 72.08 29.17 -34.03
CA MET QA 48 70.98 29.73 -34.78
C MET QA 48 70.28 30.79 -33.99
N ARG QA 49 70.22 31.99 -34.54
CA ARG QA 49 69.42 33.06 -33.98
C ARG QA 49 68.24 33.31 -34.87
N PHE QA 50 67.20 34.00 -34.43
CA PHE QA 50 66.08 34.29 -35.34
C PHE QA 50 65.70 35.72 -35.29
N ASN QA 51 65.71 36.40 -36.42
CA ASN QA 51 65.38 37.84 -36.46
C ASN QA 51 64.29 38.11 -37.50
N ILE QA 52 63.19 38.72 -37.06
CA ILE QA 52 62.05 38.97 -37.96
C ILE QA 52 62.46 39.77 -39.26
N ASN QA 53 63.57 40.51 -39.21
CA ASN QA 53 64.07 41.23 -40.40
C ASN QA 53 64.20 40.29 -41.59
N ASP QA 54 64.60 39.03 -41.38
CA ASP QA 54 64.79 38.08 -42.47
C ASP QA 54 63.54 37.41 -42.99
N PHE QA 55 62.42 37.63 -42.35
CA PHE QA 55 61.14 37.00 -42.74
C PHE QA 55 60.17 37.94 -43.36
N LEU QA 56 60.39 39.22 -43.17
CA LEU QA 56 59.39 40.24 -43.40
C LEU QA 56 60.09 41.38 -44.09
N PRO QA 57 60.00 41.44 -45.42
CA PRO QA 57 60.73 42.52 -46.13
C PRO QA 57 60.11 43.88 -45.82
N PRO QA 58 60.76 44.94 -46.30
CA PRO QA 58 60.15 46.30 -46.17
C PRO QA 58 58.89 46.51 -46.99
N GLY QA 59 58.18 47.59 -46.68
CA GLY QA 59 56.95 47.98 -47.36
C GLY QA 59 57.22 49.10 -48.35
N GLY QA 60 56.22 49.92 -48.56
CA GLY QA 60 56.33 51.01 -49.51
C GLY QA 60 55.57 52.13 -48.91
N GLY QA 61 55.92 53.36 -49.32
CA GLY QA 61 55.22 54.59 -48.95
C GLY QA 61 55.15 54.84 -47.45
N SER QA 62 53.95 55.15 -47.01
CA SER QA 62 53.68 55.48 -45.60
C SER QA 62 53.52 54.26 -44.71
N ASN QA 63 53.41 53.08 -45.35
CA ASN QA 63 53.43 51.76 -44.69
C ASN QA 63 54.79 51.10 -44.87
N PRO QA 64 55.79 51.45 -44.03
CA PRO QA 64 57.15 50.95 -44.27
C PRO QA 64 57.38 49.46 -43.95
N ARG QA 65 56.41 48.72 -43.40
CA ARG QA 65 56.58 47.27 -43.21
C ARG QA 65 55.51 46.52 -44.00
N SER QA 66 55.89 45.37 -44.56
CA SER QA 66 55.03 44.64 -45.50
C SER QA 66 53.85 43.98 -44.80
N VAL QA 67 53.91 43.82 -43.48
CA VAL QA 67 52.66 43.66 -42.71
C VAL QA 67 52.39 44.89 -41.85
N PRO QA 68 51.19 45.50 -42.00
CA PRO QA 68 50.96 46.82 -41.45
C PRO QA 68 50.34 46.71 -40.06
N PHE QA 69 51.22 46.40 -39.12
CA PHE QA 69 50.89 46.25 -37.69
C PHE QA 69 52.01 46.84 -36.84
N GLU QA 70 51.59 47.37 -35.71
CA GLU QA 70 52.45 48.08 -34.83
C GLU QA 70 53.23 47.16 -33.89
N TYR QA 71 52.60 46.15 -33.32
CA TYR QA 71 53.31 45.30 -32.35
C TYR QA 71 53.34 43.87 -32.90
N TYR QA 72 54.22 43.00 -32.36
CA TYR QA 72 54.24 41.55 -32.70
C TYR QA 72 54.88 40.81 -31.62
N ARG QA 73 54.72 39.52 -31.64
CA ARG QA 73 55.49 38.63 -30.74
C ARG QA 73 55.58 37.25 -31.32
N ILE QA 74 56.69 36.59 -31.01
CA ILE QA 74 56.97 35.34 -31.68
C ILE QA 74 56.53 34.28 -30.73
N ARG QA 75 55.40 33.72 -31.11
CA ARG QA 75 54.70 32.67 -30.40
C ARG QA 75 55.50 31.35 -30.45
N LYS QA 76 56.00 31.04 -31.63
CA LYS QA 76 56.64 29.78 -31.85
C LYS QA 76 57.60 29.84 -33.04
N VAL QA 77 58.75 29.17 -32.95
CA VAL QA 77 59.62 28.79 -34.09
C VAL QA 77 59.61 27.31 -34.40
N LYS QA 78 59.59 26.96 -35.68
CA LYS QA 78 59.86 25.59 -36.12
C LYS QA 78 61.17 25.69 -36.91
N VAL QA 79 62.18 24.93 -36.50
CA VAL QA 79 63.38 24.86 -37.30
C VAL QA 79 63.44 23.49 -37.98
N GLU QA 80 63.46 23.45 -39.30
CA GLU QA 80 63.56 22.16 -39.98
C GLU QA 80 64.84 22.03 -40.77
N PHE QA 81 65.54 20.93 -40.57
CA PHE QA 81 66.70 20.56 -41.39
C PHE QA 81 66.22 19.55 -42.42
N TRP QA 82 66.19 19.92 -43.69
CA TRP QA 82 65.81 18.98 -44.75
C TRP QA 82 67.07 18.53 -45.39
N PRO QA 83 67.45 17.26 -45.17
CA PRO QA 83 68.65 16.76 -45.84
C PRO QA 83 68.65 16.81 -47.37
N CYS QA 84 69.86 17.06 -47.87
CA CYS QA 84 70.16 16.99 -49.29
C CYS QA 84 70.74 15.65 -49.64
N SER QA 85 71.28 14.94 -48.65
CA SER QA 85 72.04 13.75 -48.91
C SER QA 85 71.06 12.65 -49.30
N PRO QA 86 71.46 11.87 -50.32
CA PRO QA 86 70.58 10.77 -50.73
C PRO QA 86 70.53 9.72 -49.62
N ILE QA 87 69.49 8.87 -49.62
CA ILE QA 87 69.34 7.86 -48.56
C ILE QA 87 70.32 6.66 -48.63
N THR QA 88 71.12 6.64 -49.68
CA THR QA 88 72.17 5.64 -49.89
C THR QA 88 73.53 6.05 -49.33
N GLN QA 89 73.59 7.20 -48.67
CA GLN QA 89 74.88 7.77 -48.28
C GLN QA 89 75.32 7.22 -46.93
N GLY QA 90 76.62 6.98 -46.84
CA GLY QA 90 77.19 6.29 -45.72
C GLY QA 90 77.76 7.20 -44.67
N ASP QA 91 78.71 6.57 -43.95
CA ASP QA 91 79.31 7.09 -42.77
C ASP QA 91 78.35 7.91 -41.93
N ARG QA 92 77.35 7.23 -41.42
CA ARG QA 92 76.21 7.87 -40.80
C ARG QA 92 76.47 8.21 -39.39
N GLY QA 93 75.87 9.31 -39.00
CA GLY QA 93 76.26 9.95 -37.77
C GLY QA 93 75.10 10.30 -36.88
N VAL QA 94 75.48 10.71 -35.70
CA VAL QA 94 74.52 11.04 -34.68
C VAL QA 94 74.98 12.29 -33.92
N GLY QA 95 74.12 13.31 -33.95
CA GLY QA 95 74.32 14.65 -33.33
C GLY QA 95 73.20 15.07 -32.37
N SER QA 96 73.16 16.36 -32.09
CA SER QA 96 72.19 16.96 -31.13
C SER QA 96 71.83 18.39 -31.45
N SER QA 97 70.54 18.68 -31.38
CA SER QA 97 70.08 20.07 -31.22
C SER QA 97 69.68 20.27 -29.78
N ALA QA 98 69.83 21.50 -29.33
CA ALA QA 98 69.33 21.97 -28.02
C ALA QA 98 68.81 23.40 -28.12
N VAL QA 99 67.81 23.68 -27.31
CA VAL QA 99 67.17 24.95 -27.30
C VAL QA 99 67.89 25.80 -26.28
N ILE QA 100 68.37 26.95 -26.73
CA ILE QA 100 69.16 27.88 -25.94
C ILE QA 100 68.43 29.25 -25.82
N LEU QA 101 67.89 29.50 -24.62
CA LEU QA 101 66.96 30.62 -24.38
C LEU QA 101 67.64 31.90 -23.86
N ASP QA 102 68.92 31.81 -23.56
CA ASP QA 102 69.61 32.84 -22.83
C ASP QA 102 70.73 33.42 -23.69
N ASP QA 103 70.65 33.25 -25.00
CA ASP QA 103 71.71 33.65 -25.93
C ASP QA 103 73.13 33.11 -25.66
N ASN QA 104 73.28 31.98 -24.95
CA ASN QA 104 74.63 31.49 -24.58
C ASN QA 104 74.98 30.14 -25.20
N PHE QA 105 75.43 30.21 -26.42
CA PHE QA 105 75.69 29.02 -27.14
C PHE QA 105 77.08 28.43 -26.85
N VAL QA 106 77.23 27.14 -27.03
CA VAL QA 106 78.58 26.57 -27.16
C VAL QA 106 79.36 27.23 -28.32
N THR QA 107 80.66 27.42 -28.14
CA THR QA 107 81.45 28.14 -29.15
C THR QA 107 81.50 27.35 -30.43
N LYS QA 108 81.29 28.05 -31.54
CA LYS QA 108 81.34 27.43 -32.84
C LYS QA 108 82.66 26.68 -32.99
N ALA QA 109 82.62 25.45 -33.49
CA ALA QA 109 83.75 24.52 -33.50
C ALA QA 109 83.67 23.59 -34.72
N THR QA 110 84.78 23.27 -35.36
CA THR QA 110 84.72 22.46 -36.57
C THR QA 110 84.68 20.95 -36.28
N ALA QA 111 85.49 20.54 -35.30
CA ALA QA 111 85.60 19.15 -34.94
C ALA QA 111 85.92 19.01 -33.44
N LEU QA 112 84.98 19.42 -32.61
CA LEU QA 112 84.99 19.09 -31.19
C LEU QA 112 84.91 17.56 -30.94
N THR QA 113 85.58 17.11 -29.89
CA THR QA 113 85.86 15.73 -29.70
C THR QA 113 84.80 15.06 -28.87
N TYR QA 114 83.72 15.78 -28.65
CA TYR QA 114 82.51 15.24 -28.04
C TYR QA 114 81.33 16.08 -28.51
N ASP QA 115 80.13 15.52 -28.47
CA ASP QA 115 78.87 16.26 -28.70
C ASP QA 115 78.53 17.10 -27.45
N PRO QA 116 78.76 18.41 -27.50
CA PRO QA 116 78.57 19.18 -26.30
C PRO QA 116 77.13 19.44 -25.92
N TYR QA 117 76.19 19.14 -26.81
CA TYR QA 117 74.78 19.35 -26.49
C TYR QA 117 74.05 18.10 -25.98
N VAL QA 118 74.72 16.97 -26.00
CA VAL QA 118 74.04 15.69 -25.81
C VAL QA 118 73.36 15.60 -24.45
N ASN QA 119 73.96 16.16 -23.40
CA ASN QA 119 73.34 16.10 -22.07
C ASN QA 119 72.38 17.24 -21.76
N TYR QA 120 72.20 18.19 -22.67
CA TYR QA 120 71.27 19.26 -22.45
C TYR QA 120 69.89 18.67 -22.24
N SER QA 121 69.15 19.25 -21.31
CA SER QA 121 67.79 18.77 -20.97
C SER QA 121 66.87 18.84 -22.19
N SER QA 122 66.94 19.95 -22.93
CA SER QA 122 66.23 20.16 -24.18
C SER QA 122 66.87 19.49 -25.37
N ARG QA 123 67.80 18.56 -25.21
CA ARG QA 123 68.38 17.91 -26.40
C ARG QA 123 67.45 16.93 -27.07
N HIS QA 124 67.42 16.94 -28.40
CA HIS QA 124 66.82 15.89 -29.27
C HIS QA 124 67.96 15.38 -30.16
N THR QA 125 67.92 14.09 -30.44
CA THR QA 125 68.92 13.45 -31.30
C THR QA 125 68.77 13.76 -32.81
N ILE QA 126 69.88 13.98 -33.49
CA ILE QA 126 69.91 14.26 -34.91
C ILE QA 126 70.52 13.03 -35.52
N THR QA 127 69.93 12.58 -36.63
CA THR QA 127 70.26 11.34 -37.25
C THR QA 127 70.74 11.77 -38.64
N GLN QA 128 71.96 11.40 -38.97
CA GLN QA 128 72.63 11.95 -40.15
C GLN QA 128 73.08 10.80 -41.04
N PRO QA 129 73.16 11.08 -42.35
CA PRO QA 129 73.00 12.43 -42.94
C PRO QA 129 71.69 12.65 -43.76
N PHE QA 130 70.85 11.63 -43.82
CA PHE QA 130 69.77 11.70 -44.78
C PHE QA 130 68.43 11.80 -44.14
N SER QA 131 68.35 12.31 -42.93
CA SER QA 131 67.09 12.35 -42.23
C SER QA 131 66.72 13.72 -41.83
N TYR QA 132 65.42 13.91 -41.84
CA TYR QA 132 64.76 15.13 -41.41
C TYR QA 132 64.99 15.23 -39.92
N HIS QA 133 65.01 16.46 -39.42
CA HIS QA 133 65.12 16.72 -37.97
C HIS QA 133 64.43 18.04 -37.84
N SER QA 134 63.49 18.14 -36.90
CA SER QA 134 62.91 19.48 -36.58
C SER QA 134 62.72 19.71 -35.08
N ARG QA 135 62.65 20.99 -34.74
CA ARG QA 135 62.36 21.49 -33.38
C ARG QA 135 61.32 22.60 -33.42
N TYR QA 136 60.59 22.68 -32.32
CA TYR QA 136 59.44 23.54 -32.25
C TYR QA 136 59.31 23.97 -30.85
N PHE QA 137 59.42 25.25 -30.64
CA PHE QA 137 59.58 25.76 -29.30
C PHE QA 137 59.34 27.27 -29.32
N THR QA 138 59.12 27.82 -28.13
CA THR QA 138 58.90 29.23 -28.00
C THR QA 138 60.26 29.90 -27.84
N PRO QA 139 60.69 30.73 -28.81
CA PRO QA 139 61.97 31.45 -28.65
C PRO QA 139 61.82 32.71 -27.81
N LYS QA 140 62.94 33.25 -27.32
CA LYS QA 140 62.93 34.47 -26.48
C LYS QA 140 63.76 35.55 -27.07
N PRO QA 141 63.28 36.82 -26.98
CA PRO QA 141 64.04 37.96 -27.44
C PRO QA 141 65.29 38.22 -26.57
N VAL QA 142 66.35 38.75 -27.19
CA VAL QA 142 67.55 39.11 -26.49
C VAL QA 142 67.29 40.54 -26.02
N LEU QA 143 66.91 40.64 -24.76
CA LEU QA 143 66.50 41.93 -24.15
C LEU QA 143 67.66 42.66 -23.51
N ASP QA 144 68.56 41.93 -22.90
CA ASP QA 144 69.73 42.57 -22.37
C ASP QA 144 70.81 41.50 -22.43
N SER QA 145 71.79 41.62 -23.33
CA SER QA 145 72.82 40.54 -23.49
C SER QA 145 73.85 40.44 -22.37
N THR QA 146 73.83 41.34 -21.42
CA THR QA 146 74.66 41.21 -20.25
C THR QA 146 74.02 40.20 -19.31
N ILE QA 147 72.79 40.48 -18.92
CA ILE QA 147 72.14 39.71 -17.85
C ILE QA 147 71.53 38.39 -18.38
N ASP QA 148 71.06 38.44 -19.63
CA ASP QA 148 70.47 37.32 -20.35
C ASP QA 148 69.27 36.67 -19.65
N TYR QA 149 68.22 37.45 -19.53
CA TYR QA 149 67.01 37.02 -18.89
C TYR QA 149 65.86 36.78 -19.92
N PHE QA 150 64.91 35.94 -19.52
CA PHE QA 150 63.79 35.68 -20.39
C PHE QA 150 62.58 35.27 -19.65
N GLN QA 151 61.42 35.48 -20.27
CA GLN QA 151 60.13 35.16 -19.64
C GLN QA 151 59.91 33.71 -19.64
N PRO QA 152 59.26 33.15 -18.60
CA PRO QA 152 58.89 31.76 -18.66
C PRO QA 152 57.83 31.51 -19.67
N ASN QA 153 57.87 30.26 -20.15
CA ASN QA 153 57.14 29.77 -21.33
C ASN QA 153 55.60 29.89 -20.96
N ASN QA 154 54.98 30.91 -21.54
CA ASN QA 154 53.63 31.35 -21.20
C ASN QA 154 52.86 31.78 -22.46
N LYS QA 155 51.55 31.90 -22.29
CA LYS QA 155 50.67 32.28 -23.35
C LYS QA 155 50.36 33.78 -23.23
N ARG QA 156 49.37 34.18 -22.44
CA ARG QA 156 48.91 35.56 -22.50
C ARG QA 156 49.72 36.61 -21.71
N ASN QA 157 50.85 36.24 -21.07
CA ASN QA 157 51.81 37.22 -20.44
C ASN QA 157 53.08 37.57 -21.20
N GLN QA 158 53.27 37.08 -22.42
CA GLN QA 158 54.47 37.32 -23.19
C GLN QA 158 54.54 38.76 -23.66
N LEU QA 159 55.71 39.35 -23.49
CA LEU QA 159 56.00 40.69 -23.89
C LEU QA 159 55.64 40.88 -25.36
N TRP QA 160 54.95 41.99 -25.64
CA TRP QA 160 54.81 42.54 -27.01
C TRP QA 160 56.04 43.28 -27.35
N LEU QA 161 56.41 43.36 -28.62
CA LEU QA 161 57.55 44.18 -29.12
C LEU QA 161 57.12 45.09 -30.29
N ARG QA 162 57.78 46.22 -30.48
CA ARG QA 162 57.53 47.02 -31.68
C ARG QA 162 57.96 46.27 -32.94
N LEU QA 163 57.12 46.36 -33.99
CA LEU QA 163 57.52 45.98 -35.35
C LEU QA 163 58.32 47.12 -35.93
N GLN QA 164 59.62 46.93 -35.97
CA GLN QA 164 60.50 47.87 -36.60
C GLN QA 164 60.68 47.61 -38.09
N THR QA 165 60.97 48.68 -38.84
CA THR QA 165 61.29 48.51 -40.26
C THR QA 165 62.61 47.74 -40.26
N ALA QA 166 63.54 48.14 -39.37
CA ALA QA 166 64.96 47.96 -39.58
C ALA QA 166 65.63 47.10 -38.52
N GLY QA 167 65.70 47.53 -37.28
CA GLY QA 167 66.74 46.95 -36.43
C GLY QA 167 66.13 46.01 -35.45
N ASN QA 168 65.40 45.03 -35.97
CA ASN QA 168 64.55 44.20 -35.11
C ASN QA 168 65.42 43.33 -34.23
N VAL QA 169 64.90 43.05 -33.04
CA VAL QA 169 65.66 42.39 -32.03
C VAL QA 169 65.77 40.93 -32.33
N ASP QA 170 66.96 40.42 -32.07
CA ASP QA 170 67.29 39.01 -32.20
C ASP QA 170 66.50 38.18 -31.15
N HIS QA 171 65.96 37.04 -31.57
CA HIS QA 171 65.32 36.08 -30.70
C HIS QA 171 66.13 34.80 -30.76
N VAL QA 172 66.01 34.01 -29.72
CA VAL QA 172 67.02 33.06 -29.48
C VAL QA 172 66.51 31.67 -29.08
N GLY QA 173 67.44 30.75 -29.35
CA GLY QA 173 67.14 29.75 -30.26
C GLY QA 173 67.86 28.51 -30.12
N LEU QA 174 68.68 28.14 -31.13
CA LEU QA 174 69.13 26.73 -31.27
C LEU QA 174 70.62 26.43 -31.48
N GLY QA 175 71.12 25.51 -30.67
CA GLY QA 175 72.53 25.04 -30.76
C GLY QA 175 72.55 23.70 -31.45
N THR QA 176 73.42 23.53 -32.43
CA THR QA 176 73.43 22.31 -33.23
C THR QA 176 74.77 21.69 -33.09
N ALA QA 177 74.80 20.35 -32.99
CA ALA QA 177 76.09 19.62 -33.01
C ALA QA 177 75.92 18.44 -33.93
N PHE QA 178 76.51 18.55 -35.14
CA PHE QA 178 76.51 17.46 -36.17
C PHE QA 178 77.81 16.71 -36.22
N GLU QA 179 77.71 15.38 -36.08
CA GLU QA 179 78.86 14.52 -36.23
C GLU QA 179 79.45 14.65 -37.64
N ASN QA 180 80.79 14.65 -37.69
CA ASN QA 180 81.55 14.85 -38.91
C ASN QA 180 81.58 13.59 -39.71
N SER QA 181 81.81 13.73 -41.01
CA SER QA 181 81.73 12.66 -41.96
C SER QA 181 82.84 12.68 -43.03
N ILE QA 182 83.18 11.49 -43.49
CA ILE QA 182 83.97 11.24 -44.70
C ILE QA 182 83.40 12.06 -45.89
N TYR QA 183 82.07 12.26 -45.93
CA TYR QA 183 81.38 12.99 -47.01
C TYR QA 183 80.80 14.32 -46.57
N ASP QA 184 80.56 15.21 -47.55
CA ASP QA 184 79.87 16.50 -47.24
C ASP QA 184 78.46 16.14 -46.77
N GLN QA 185 77.98 16.94 -45.85
CA GLN QA 185 76.60 16.76 -45.36
C GLN QA 185 75.89 18.10 -45.53
N GLU QA 186 74.96 18.17 -46.46
CA GLU QA 186 74.35 19.43 -46.88
C GLU QA 186 72.82 19.41 -46.50
N TYR QA 187 72.30 20.54 -46.03
CA TYR QA 187 70.89 20.62 -45.64
C TYR QA 187 70.21 21.79 -46.31
N ASN QA 188 68.90 21.67 -46.54
CA ASN QA 188 68.09 22.91 -46.62
C ASN QA 188 67.48 23.15 -45.24
N ILE QA 189 67.83 24.26 -44.64
CA ILE QA 189 67.28 24.65 -43.36
C ILE QA 189 66.09 25.59 -43.58
N ARG QA 190 64.91 25.17 -43.13
CA ARG QA 190 63.75 26.02 -43.24
C ARG QA 190 63.36 26.48 -41.87
N VAL QA 191 63.43 27.78 -41.65
CA VAL QA 191 62.92 28.34 -40.41
C VAL QA 191 61.51 28.94 -40.66
N THR QA 192 60.60 28.67 -39.75
CA THR QA 192 59.29 29.19 -39.80
C THR QA 192 58.94 29.86 -38.46
N MET QA 193 58.66 31.16 -38.49
CA MET QA 193 58.10 31.86 -37.32
C MET QA 193 56.57 31.93 -37.38
N TYR QA 194 56.00 31.69 -36.20
CA TYR QA 194 54.59 31.66 -35.87
C TYR QA 194 54.41 32.92 -35.02
N VAL QA 195 53.94 33.98 -35.68
CA VAL QA 195 53.97 35.33 -35.18
C VAL QA 195 52.57 35.81 -34.98
N GLN QA 196 52.39 36.54 -33.89
CA GLN QA 196 51.11 37.14 -33.53
C GLN QA 196 51.37 38.63 -33.64
N PHE QA 197 50.69 39.30 -34.55
CA PHE QA 197 50.82 40.75 -34.72
C PHE QA 197 49.69 41.40 -33.98
N ARG QA 198 49.88 42.64 -33.57
CA ARG QA 198 48.83 43.42 -32.90
C ARG QA 198 48.84 44.89 -33.38
N GLU QA 199 47.63 45.38 -33.62
CA GLU QA 199 47.31 46.77 -33.83
C GLU QA 199 47.51 47.14 -35.29
N PHE QA 200 46.44 46.92 -36.03
CA PHE QA 200 46.46 47.28 -37.42
C PHE QA 200 46.74 48.77 -37.47
N ASN QA 201 47.74 49.20 -38.25
CA ASN QA 201 48.11 50.67 -38.40
C ASN QA 201 48.19 51.18 -39.83
N LEU QA 202 47.61 50.47 -40.79
CA LEU QA 202 47.57 50.89 -42.21
C LEU QA 202 47.28 52.39 -42.50
N LYS QA 203 48.27 53.02 -43.14
CA LYS QA 203 48.14 54.39 -43.61
C LYS QA 203 47.56 54.43 -45.03
N ASP QA 204 46.72 55.43 -45.29
CA ASP QA 204 46.16 55.57 -46.61
C ASP QA 204 46.25 57.02 -47.14
N PRO QA 205 47.41 57.37 -47.73
CA PRO QA 205 47.59 58.68 -48.39
C PRO QA 205 46.66 58.87 -49.58
N PRO QA 206 46.33 60.11 -49.90
CA PRO QA 206 45.35 60.23 -50.97
C PRO QA 206 45.95 60.20 -52.41
N SER RA 19 44.12 32.34 -42.03
CA SER RA 19 43.72 32.26 -43.48
C SER RA 19 42.76 33.42 -43.94
N HIS RA 20 41.78 33.81 -43.11
CA HIS RA 20 40.92 34.99 -43.42
C HIS RA 20 41.28 36.04 -42.41
N PHE RA 21 41.29 37.30 -42.82
CA PHE RA 21 41.63 38.44 -41.97
C PHE RA 21 40.56 39.49 -42.18
N ASN RA 22 39.84 39.83 -41.12
CA ASN RA 22 38.76 40.84 -41.17
C ASN RA 22 39.29 42.17 -40.72
N THR RA 23 39.09 43.24 -41.49
CA THR RA 23 39.43 44.54 -40.97
C THR RA 23 38.53 45.62 -41.54
N ARG RA 24 38.95 46.84 -41.28
CA ARG RA 24 38.23 48.06 -41.52
C ARG RA 24 39.24 49.11 -42.06
N LEU RA 25 38.92 49.69 -43.24
CA LEU RA 25 39.73 50.72 -43.92
C LEU RA 25 38.88 51.97 -44.14
N SER RA 26 39.42 53.16 -43.91
CA SER RA 26 38.56 54.34 -43.93
C SER RA 26 39.27 55.47 -44.66
N ARG RA 27 38.50 56.46 -45.04
CA ARG RA 27 39.00 57.64 -45.72
C ARG RA 27 37.94 58.68 -45.65
N THR RA 28 38.39 59.94 -45.72
CA THR RA 28 37.53 61.10 -45.46
C THR RA 28 37.77 62.11 -46.57
N PHE RA 29 36.72 62.77 -47.04
CA PHE RA 29 36.86 63.79 -48.09
C PHE RA 29 35.72 64.84 -48.03
N GLY RA 30 35.94 66.02 -48.63
CA GLY RA 30 35.00 67.14 -48.61
C GLY RA 30 33.86 66.94 -49.59
N TYR RA 31 32.65 67.36 -49.19
CA TYR RA 31 31.52 67.54 -50.14
C TYR RA 31 30.85 68.86 -49.86
N THR RA 32 30.60 69.62 -50.92
CA THR RA 32 30.00 70.92 -50.76
C THR RA 32 28.78 71.04 -51.62
N ILE RA 33 27.65 71.37 -51.03
CA ILE RA 33 26.50 71.81 -51.79
C ILE RA 33 26.61 73.33 -51.84
N LYS RA 34 26.71 73.91 -53.04
CA LYS RA 34 26.95 75.37 -53.20
C LYS RA 34 25.64 76.11 -53.04
N ARG RA 35 25.64 77.27 -52.41
CA ARG RA 35 24.39 78.01 -52.19
C ARG RA 35 23.74 78.32 -53.51
N THR RA 36 22.42 78.45 -53.51
CA THR RA 36 21.70 78.90 -54.69
C THR RA 36 20.72 79.98 -54.27
N THR RA 37 20.10 80.57 -55.28
CA THR RA 37 19.07 81.58 -55.10
C THR RA 37 17.73 81.12 -55.65
N VAL RA 38 17.67 79.91 -56.22
CA VAL RA 38 16.43 79.29 -56.73
C VAL RA 38 15.33 79.37 -55.63
N LYS RA 39 14.19 80.00 -55.97
CA LYS RA 39 13.09 80.32 -55.01
C LYS RA 39 12.54 79.02 -54.37
N THR RA 40 12.05 78.15 -55.27
CA THR RA 40 11.35 76.92 -54.88
C THR RA 40 12.29 75.82 -54.41
N PRO RA 41 11.81 74.88 -53.59
CA PRO RA 41 12.63 73.70 -53.27
C PRO RA 41 13.27 73.04 -54.48
N SER RA 42 14.54 72.69 -54.33
CA SER RA 42 15.31 72.04 -55.37
C SER RA 42 16.31 71.10 -54.69
N TRP RA 43 16.85 70.13 -55.43
CA TRP RA 43 17.72 69.11 -54.86
C TRP RA 43 18.97 68.92 -55.71
N ALA RA 44 20.12 68.83 -55.02
CA ALA RA 44 21.40 68.51 -55.57
C ALA RA 44 21.54 67.02 -55.56
N VAL RA 45 21.75 66.40 -56.71
CA VAL RA 45 21.63 64.97 -56.84
C VAL RA 45 22.96 64.43 -57.26
N ASP RA 46 23.39 63.38 -56.59
CA ASP RA 46 24.68 62.85 -56.84
C ASP RA 46 24.72 61.35 -56.57
N MET RA 47 25.91 60.85 -56.31
CA MET RA 47 26.12 59.42 -56.22
C MET RA 47 27.47 59.10 -55.68
N MET RA 48 27.58 57.90 -55.17
CA MET RA 48 28.79 57.43 -54.57
C MET RA 48 29.05 56.06 -55.06
N ARG RA 49 30.32 55.81 -55.35
CA ARG RA 49 30.80 54.47 -55.53
C ARG RA 49 31.94 54.20 -54.58
N PHE RA 50 32.36 52.93 -54.45
CA PHE RA 50 33.43 52.54 -53.48
C PHE RA 50 34.45 51.63 -54.11
N ASN RA 51 35.69 52.03 -54.14
CA ASN RA 51 36.70 51.25 -54.76
C ASN RA 51 37.90 51.18 -53.82
N ILE RA 52 38.31 49.95 -53.53
CA ILE RA 52 39.44 49.70 -52.63
C ILE RA 52 40.76 50.34 -53.14
N ASN RA 53 40.84 50.72 -54.41
CA ASN RA 53 41.99 51.50 -54.86
C ASN RA 53 42.29 52.69 -53.94
N ASP RA 54 41.21 53.40 -53.56
CA ASP RA 54 41.26 54.57 -52.67
C ASP RA 54 41.41 54.25 -51.20
N PHE RA 55 41.37 52.98 -50.77
CA PHE RA 55 41.52 52.64 -49.32
C PHE RA 55 42.79 51.91 -48.97
N LEU RA 56 43.47 51.36 -49.96
CA LEU RA 56 44.59 50.45 -49.74
C LEU RA 56 45.71 50.90 -50.59
N PRO RA 57 46.68 51.64 -50.03
CA PRO RA 57 47.75 52.12 -50.96
C PRO RA 57 48.61 50.98 -51.57
N PRO RA 58 49.40 51.29 -52.61
CA PRO RA 58 50.37 50.25 -53.05
C PRO RA 58 51.45 49.94 -52.02
N GLY RA 59 51.97 48.71 -52.11
CA GLY RA 59 53.13 48.26 -51.31
C GLY RA 59 54.43 48.45 -52.09
N GLY RA 60 55.37 47.56 -51.89
CA GLY RA 60 56.66 47.70 -52.55
C GLY RA 60 57.42 46.42 -52.65
N GLY RA 61 58.37 46.40 -53.58
CA GLY RA 61 59.16 45.22 -53.87
C GLY RA 61 58.25 44.17 -54.44
N SER RA 62 58.32 42.97 -53.87
CA SER RA 62 57.59 41.78 -54.37
C SER RA 62 56.13 41.60 -53.89
N ASN RA 63 55.76 42.44 -52.92
CA ASN RA 63 54.44 42.49 -52.29
C ASN RA 63 53.76 43.77 -52.80
N PRO RA 64 53.19 43.70 -54.02
CA PRO RA 64 52.72 44.93 -54.64
C PRO RA 64 51.57 45.61 -53.90
N ARG RA 65 50.97 44.96 -52.87
CA ARG RA 65 49.89 45.59 -52.10
C ARG RA 65 50.17 45.66 -50.59
N SER RA 66 49.76 46.79 -50.00
CA SER RA 66 50.02 47.06 -48.56
C SER RA 66 49.46 46.05 -47.61
N VAL RA 67 48.37 45.36 -47.96
CA VAL RA 67 48.00 44.15 -47.21
C VAL RA 67 48.34 42.94 -48.04
N PRO RA 68 49.06 41.97 -47.50
CA PRO RA 68 49.57 40.85 -48.28
C PRO RA 68 48.60 39.71 -48.35
N PHE RA 69 47.54 39.94 -49.10
CA PHE RA 69 46.50 38.92 -49.34
C PHE RA 69 46.08 38.88 -50.79
N GLU RA 70 45.79 37.67 -51.25
CA GLU RA 70 45.49 37.38 -52.65
C GLU RA 70 44.06 37.70 -53.00
N TYR RA 71 43.10 37.43 -52.11
CA TYR RA 71 41.69 37.73 -52.42
C TYR RA 71 41.00 38.63 -51.40
N TYR RA 72 39.94 39.34 -51.82
CA TYR RA 72 39.07 40.04 -50.83
C TYR RA 72 37.60 40.06 -51.17
N ARG RA 73 36.77 40.49 -50.23
CA ARG RA 73 35.38 40.91 -50.55
C ARG RA 73 34.87 41.88 -49.50
N ILE RA 74 33.97 42.76 -49.90
CA ILE RA 74 33.54 43.86 -49.08
C ILE RA 74 32.29 43.40 -48.47
N ARG RA 75 32.34 43.25 -47.18
CA ARG RA 75 31.27 42.71 -46.38
C ARG RA 75 30.16 43.75 -46.18
N LYS RA 76 30.57 45.00 -45.99
CA LYS RA 76 29.73 46.10 -45.58
C LYS RA 76 30.45 47.44 -45.87
N VAL RA 77 29.72 48.49 -46.18
CA VAL RA 77 30.28 49.85 -46.23
C VAL RA 77 29.53 50.77 -45.27
N LYS RA 78 30.20 51.60 -44.49
CA LYS RA 78 29.54 52.69 -43.78
C LYS RA 78 29.89 53.89 -44.60
N VAL RA 79 28.89 54.75 -44.78
CA VAL RA 79 29.07 56.06 -45.32
C VAL RA 79 28.51 57.02 -44.30
N GLU RA 80 29.36 57.94 -43.84
CA GLU RA 80 29.02 58.96 -42.88
C GLU RA 80 29.19 60.34 -43.50
N PHE RA 81 28.13 61.12 -43.41
CA PHE RA 81 28.20 62.56 -43.71
C PHE RA 81 28.29 63.31 -42.39
N TRP RA 82 29.50 63.72 -42.01
CA TRP RA 82 29.71 64.50 -40.78
C TRP RA 82 29.52 65.98 -41.12
N PRO RA 83 28.45 66.57 -40.68
CA PRO RA 83 28.19 67.93 -41.09
C PRO RA 83 29.23 68.97 -40.61
N CYS RA 84 29.59 69.91 -41.49
CA CYS RA 84 30.44 71.03 -41.10
C CYS RA 84 29.68 72.30 -40.67
N SER RA 85 28.42 72.45 -41.07
CA SER RA 85 27.65 73.67 -40.80
C SER RA 85 27.38 73.69 -39.31
N PRO RA 86 27.34 74.87 -38.67
CA PRO RA 86 27.02 74.90 -37.23
C PRO RA 86 25.51 74.68 -36.94
N ILE RA 87 25.18 74.48 -35.67
CA ILE RA 87 23.78 74.21 -35.29
C ILE RA 87 22.89 75.49 -35.35
N THR RA 88 23.60 76.63 -35.48
CA THR RA 88 22.97 77.90 -35.67
C THR RA 88 22.52 78.18 -37.09
N GLN RA 89 22.95 77.38 -38.07
CA GLN RA 89 22.66 77.70 -39.49
C GLN RA 89 21.19 77.44 -39.82
N GLY RA 90 20.57 78.36 -40.55
CA GLY RA 90 19.18 78.27 -40.99
C GLY RA 90 19.00 77.84 -42.42
N ASP RA 91 17.81 78.13 -42.95
CA ASP RA 91 17.31 77.55 -44.20
C ASP RA 91 17.59 76.05 -44.23
N ARG RA 92 17.09 75.39 -43.22
CA ARG RA 92 17.25 73.97 -43.11
C ARG RA 92 16.34 73.18 -44.08
N GLY RA 93 16.79 71.98 -44.40
CA GLY RA 93 16.14 71.26 -45.45
C GLY RA 93 16.22 69.80 -45.24
N VAL RA 94 15.65 69.08 -46.20
CA VAL RA 94 15.41 67.66 -46.05
C VAL RA 94 15.65 66.92 -47.38
N GLY RA 95 16.45 65.86 -47.27
CA GLY RA 95 16.88 65.05 -48.41
C GLY RA 95 16.74 63.55 -48.19
N SER RA 96 17.48 62.82 -49.04
CA SER RA 96 17.31 61.39 -49.17
C SER RA 96 18.59 60.72 -49.63
N SER RA 97 18.91 59.58 -49.02
CA SER RA 97 20.07 58.73 -49.46
C SER RA 97 19.38 57.45 -49.81
N ALA RA 98 19.65 56.87 -50.95
CA ALA RA 98 19.12 55.52 -51.26
C ALA RA 98 20.26 54.59 -51.67
N VAL RA 99 20.12 53.33 -51.36
CA VAL RA 99 21.12 52.31 -51.73
C VAL RA 99 20.85 51.78 -53.14
N ILE RA 100 21.89 51.83 -53.95
CA ILE RA 100 21.87 51.60 -55.39
C ILE RA 100 22.90 50.52 -55.65
N LEU RA 101 22.40 49.33 -55.92
CA LEU RA 101 23.20 48.11 -56.02
C LEU RA 101 23.47 47.66 -57.49
N ASP RA 102 22.85 48.31 -58.49
CA ASP RA 102 23.01 47.91 -59.90
C ASP RA 102 23.73 49.00 -60.71
N ASP RA 103 24.37 49.91 -59.99
CA ASP RA 103 25.18 50.96 -60.59
C ASP RA 103 24.35 51.84 -61.53
N ASN RA 104 23.07 52.02 -61.22
CA ASN RA 104 22.17 52.86 -62.01
C ASN RA 104 21.51 54.02 -61.18
N PHE RA 105 22.24 55.11 -61.11
CA PHE RA 105 21.96 56.19 -60.19
C PHE RA 105 21.20 57.20 -60.96
N VAL RA 106 20.42 58.02 -60.30
CA VAL RA 106 19.81 59.16 -60.97
C VAL RA 106 20.93 60.10 -61.46
N THR RA 107 20.73 60.62 -62.66
CA THR RA 107 21.64 61.60 -63.26
C THR RA 107 21.87 62.80 -62.33
N LYS RA 108 23.13 63.20 -62.28
CA LYS RA 108 23.59 64.26 -61.42
C LYS RA 108 22.93 65.56 -61.83
N ALA RA 109 22.71 66.41 -60.85
CA ALA RA 109 21.90 67.60 -61.06
C ALA RA 109 22.08 68.59 -59.92
N THR RA 110 22.22 69.86 -60.29
CA THR RA 110 22.49 70.89 -59.33
C THR RA 110 21.23 71.21 -58.59
N ALA RA 111 20.12 71.25 -59.35
CA ALA RA 111 18.87 71.81 -58.85
C ALA RA 111 17.59 71.23 -59.45
N LEU RA 112 17.45 69.94 -59.30
CA LEU RA 112 16.26 69.23 -59.73
C LEU RA 112 15.04 69.66 -58.90
N THR RA 113 13.86 69.74 -59.50
CA THR RA 113 12.70 70.32 -58.83
C THR RA 113 11.91 69.38 -57.87
N TYR RA 114 12.38 68.14 -57.70
CA TYR RA 114 11.83 67.20 -56.69
C TYR RA 114 12.98 66.36 -56.19
N ASP RA 115 12.75 65.69 -55.09
CA ASP RA 115 13.72 64.74 -54.53
C ASP RA 115 13.55 63.40 -55.27
N PRO RA 116 14.49 63.08 -56.14
CA PRO RA 116 14.25 61.86 -56.91
C PRO RA 116 14.36 60.57 -56.09
N TYR RA 117 14.95 60.61 -54.90
CA TYR RA 117 15.14 59.37 -54.19
C TYR RA 117 14.16 59.11 -53.08
N VAL RA 118 13.20 59.97 -52.90
CA VAL RA 118 12.40 59.98 -51.68
C VAL RA 118 11.50 58.75 -51.60
N ASN RA 119 11.12 58.24 -52.76
CA ASN RA 119 10.25 57.11 -52.83
C ASN RA 119 11.04 55.80 -52.92
N TYR RA 120 12.36 55.78 -53.00
CA TYR RA 120 13.03 54.50 -53.13
C TYR RA 120 12.81 53.73 -51.85
N SER RA 121 12.59 52.42 -51.97
CA SER RA 121 12.37 51.53 -50.80
C SER RA 121 13.52 51.60 -49.82
N SER RA 122 14.75 51.81 -50.29
CA SER RA 122 15.93 51.86 -49.41
C SER RA 122 16.19 53.27 -48.93
N ARG RA 123 15.23 54.17 -49.09
CA ARG RA 123 15.49 55.58 -48.74
C ARG RA 123 15.63 55.82 -47.26
N HIS RA 124 16.58 56.62 -46.84
CA HIS RA 124 16.62 57.15 -45.45
C HIS RA 124 16.62 58.66 -45.58
N THR RA 125 15.86 59.32 -44.71
CA THR RA 125 15.78 60.80 -44.70
C THR RA 125 17.12 61.41 -44.26
N ILE RA 126 17.53 62.51 -44.89
CA ILE RA 126 18.70 63.28 -44.51
C ILE RA 126 18.16 64.58 -43.92
N THR RA 127 18.68 64.96 -42.77
CA THR RA 127 18.34 66.22 -42.13
C THR RA 127 19.48 67.23 -42.39
N GLN RA 128 19.13 68.43 -42.82
CA GLN RA 128 20.14 69.41 -43.23
C GLN RA 128 20.06 70.75 -42.47
N PRO RA 129 21.19 71.40 -42.22
CA PRO RA 129 22.54 71.05 -42.71
C PRO RA 129 23.55 70.69 -41.61
N PHE RA 130 23.09 70.69 -40.36
CA PHE RA 130 23.95 70.39 -39.21
C PHE RA 130 23.74 68.99 -38.63
N SER RA 131 23.26 68.05 -39.41
CA SER RA 131 22.96 66.72 -38.81
C SER RA 131 23.82 65.71 -39.42
N TYR RA 132 24.21 64.76 -38.58
CA TYR RA 132 24.84 63.50 -39.02
C TYR RA 132 23.87 62.68 -39.86
N HIS RA 133 24.39 61.96 -40.83
CA HIS RA 133 23.64 60.97 -41.55
C HIS RA 133 24.60 59.85 -41.83
N SER RA 134 24.14 58.61 -41.68
CA SER RA 134 24.93 57.48 -42.14
C SER RA 134 24.09 56.43 -42.78
N ARG RA 135 24.70 55.66 -43.67
CA ARG RA 135 24.15 54.41 -44.13
C ARG RA 135 25.17 53.29 -43.99
N TYR RA 136 24.68 52.07 -43.90
CA TYR RA 136 25.52 50.92 -43.57
C TYR RA 136 24.88 49.75 -44.29
N PHE RA 137 25.52 49.14 -45.27
CA PHE RA 137 24.88 48.07 -46.07
C PHE RA 137 25.94 47.29 -46.83
N THR RA 138 25.55 46.20 -47.44
CA THR RA 138 26.50 45.42 -48.25
C THR RA 138 26.47 45.99 -49.64
N PRO RA 139 27.60 46.55 -50.11
CA PRO RA 139 27.65 47.09 -51.45
C PRO RA 139 27.81 45.94 -52.45
N LYS RA 140 27.71 46.19 -53.77
CA LYS RA 140 27.98 45.11 -54.78
C LYS RA 140 28.99 45.50 -55.83
N PRO RA 141 29.85 44.55 -56.23
CA PRO RA 141 30.77 44.86 -57.31
C PRO RA 141 29.99 45.00 -58.65
N VAL RA 142 30.59 45.75 -59.58
CA VAL RA 142 30.05 46.08 -60.89
C VAL RA 142 30.77 45.06 -61.70
N LEU RA 143 30.12 43.93 -61.90
CA LEU RA 143 30.73 42.78 -62.55
C LEU RA 143 30.55 42.85 -64.05
N ASP RA 144 29.44 43.44 -64.50
CA ASP RA 144 29.13 43.58 -65.94
C ASP RA 144 28.22 44.79 -66.13
N SER RA 145 28.78 45.93 -66.48
CA SER RA 145 27.90 47.09 -66.47
C SER RA 145 26.91 47.15 -67.61
N THR RA 146 26.93 46.20 -68.54
CA THR RA 146 25.84 46.01 -69.52
C THR RA 146 24.56 45.43 -68.87
N ILE RA 147 24.71 44.50 -67.90
CA ILE RA 147 23.59 43.73 -67.31
C ILE RA 147 23.27 44.11 -65.87
N ASP RA 148 24.33 44.46 -65.15
CA ASP RA 148 24.27 45.01 -63.82
C ASP RA 148 23.57 43.97 -62.99
N TYR RA 149 24.23 42.87 -62.74
CA TYR RA 149 23.64 41.88 -61.88
C TYR RA 149 24.43 41.84 -60.58
N PHE RA 150 23.78 41.41 -59.51
CA PHE RA 150 24.43 41.29 -58.23
C PHE RA 150 23.81 40.22 -57.41
N GLN RA 151 24.56 39.69 -56.47
CA GLN RA 151 24.06 38.57 -55.66
C GLN RA 151 23.24 39.10 -54.51
N PRO RA 152 22.27 38.29 -54.05
CA PRO RA 152 21.52 38.69 -52.89
C PRO RA 152 22.36 38.77 -51.65
N ASN RA 153 21.90 39.65 -50.80
CA ASN RA 153 22.65 40.17 -49.67
C ASN RA 153 22.77 38.86 -48.82
N ASN RA 154 24.00 38.39 -48.66
CA ASN RA 154 24.28 37.06 -48.02
C ASN RA 154 25.66 37.17 -47.38
N LYS RA 155 26.10 36.05 -46.78
CA LYS RA 155 27.39 35.94 -46.17
C LYS RA 155 28.26 34.78 -46.74
N ARG RA 156 27.93 33.51 -46.49
CA ARG RA 156 28.90 32.45 -46.85
C ARG RA 156 29.04 32.22 -48.35
N ASN RA 157 28.06 32.67 -49.18
CA ASN RA 157 28.04 32.53 -50.67
C ASN RA 157 28.65 33.69 -51.49
N GLN RA 158 29.06 34.77 -50.84
CA GLN RA 158 29.55 35.98 -51.50
C GLN RA 158 30.82 35.73 -52.32
N LEU RA 159 30.84 36.24 -53.55
CA LEU RA 159 32.00 36.17 -54.41
C LEU RA 159 33.30 36.72 -53.79
N TRP RA 160 34.38 36.01 -54.03
CA TRP RA 160 35.70 36.46 -53.71
C TRP RA 160 36.26 37.10 -54.93
N LEU RA 161 37.03 38.14 -54.75
CA LEU RA 161 37.55 38.94 -55.82
C LEU RA 161 39.05 38.98 -55.63
N ARG RA 162 39.79 39.07 -56.72
CA ARG RA 162 41.23 39.19 -56.64
C ARG RA 162 41.54 40.57 -56.19
N LEU RA 163 42.42 40.69 -55.17
CA LEU RA 163 43.08 41.95 -54.77
C LEU RA 163 44.09 42.45 -55.85
N GLN RA 164 43.65 43.38 -56.69
CA GLN RA 164 44.51 43.93 -57.74
C GLN RA 164 45.28 45.07 -57.16
N THR RA 165 46.48 45.32 -57.69
CA THR RA 165 47.23 46.50 -57.16
C THR RA 165 46.53 47.77 -57.55
N ALA RA 166 46.14 47.71 -58.82
CA ALA RA 166 45.93 48.83 -59.66
C ALA RA 166 44.49 49.04 -60.05
N GLY RA 167 43.87 48.06 -60.66
CA GLY RA 167 42.62 48.35 -61.40
C GLY RA 167 41.43 47.64 -60.79
N ASN RA 168 41.21 47.88 -59.50
CA ASN RA 168 40.18 47.16 -58.79
C ASN RA 168 38.81 47.63 -59.22
N VAL RA 169 37.87 46.73 -59.08
CA VAL RA 169 36.51 46.89 -59.52
C VAL RA 169 35.69 47.79 -58.58
N ASP RA 170 34.91 48.67 -59.22
CA ASP RA 170 34.01 49.57 -58.50
C ASP RA 170 32.92 48.74 -57.82
N HIS RA 171 32.65 49.10 -56.57
CA HIS RA 171 31.51 48.59 -55.79
C HIS RA 171 30.48 49.67 -55.59
N VAL RA 172 29.26 49.23 -55.42
CA VAL RA 172 28.22 50.12 -55.70
C VAL RA 172 27.13 50.12 -54.67
N GLY RA 173 26.60 51.35 -54.62
CA GLY RA 173 26.26 51.95 -53.40
C GLY RA 173 25.22 53.04 -53.28
N LEU RA 174 25.61 54.31 -53.23
CA LEU RA 174 24.72 55.23 -52.61
C LEU RA 174 24.39 56.46 -53.45
N GLY RA 175 23.10 56.70 -53.67
CA GLY RA 175 22.65 57.87 -54.39
C GLY RA 175 22.18 58.88 -53.35
N THR RA 176 22.45 60.16 -53.57
CA THR RA 176 22.10 61.21 -52.62
C THR RA 176 21.32 62.30 -53.25
N ALA RA 177 20.52 62.96 -52.42
CA ALA RA 177 19.77 64.15 -52.84
C ALA RA 177 19.72 65.06 -51.69
N PHE RA 178 20.48 66.14 -51.72
CA PHE RA 178 20.42 67.19 -50.66
C PHE RA 178 19.57 68.36 -51.18
N GLU RA 179 18.71 68.85 -50.27
CA GLU RA 179 17.94 70.05 -50.53
C GLU RA 179 18.91 71.21 -50.49
N ASN RA 180 18.86 71.99 -51.58
CA ASN RA 180 19.59 73.22 -51.74
C ASN RA 180 19.11 74.28 -50.74
N SER RA 181 20.02 75.20 -50.48
CA SER RA 181 19.90 76.20 -49.47
C SER RA 181 20.53 77.54 -49.89
N ILE RA 182 20.14 78.55 -49.13
CA ILE RA 182 20.53 79.93 -49.36
C ILE RA 182 21.99 80.08 -48.95
N TYR RA 183 22.45 79.16 -48.11
CA TYR RA 183 23.86 78.99 -47.73
C TYR RA 183 24.50 77.75 -48.34
N ASP RA 184 25.81 77.74 -48.21
CA ASP RA 184 26.64 76.61 -48.50
C ASP RA 184 26.45 75.61 -47.39
N GLN RA 185 26.42 74.34 -47.75
CA GLN RA 185 26.38 73.23 -46.82
C GLN RA 185 27.55 72.33 -47.12
N GLU RA 186 28.60 72.41 -46.30
CA GLU RA 186 29.80 71.55 -46.40
C GLU RA 186 29.65 70.34 -45.50
N TYR RA 187 30.30 69.27 -45.92
CA TYR RA 187 30.34 68.02 -45.15
C TYR RA 187 31.73 67.36 -45.24
N ASN RA 188 32.19 66.73 -44.17
CA ASN RA 188 33.27 65.75 -44.29
C ASN RA 188 32.64 64.40 -44.39
N ILE RA 189 32.90 63.70 -45.49
CA ILE RA 189 32.34 62.36 -45.71
C ILE RA 189 33.38 61.31 -45.41
N ARG RA 190 33.10 60.49 -44.42
CA ARG RA 190 33.98 59.36 -44.15
C ARG RA 190 33.32 58.08 -44.63
N VAL RA 191 34.03 57.37 -45.51
CA VAL RA 191 33.64 56.05 -45.97
C VAL RA 191 34.53 55.04 -45.24
N THR RA 192 33.92 54.00 -44.68
CA THR RA 192 34.63 52.90 -44.00
C THR RA 192 34.26 51.57 -44.73
N MET RA 193 35.20 50.79 -45.20
CA MET RA 193 34.91 49.45 -45.80
C MET RA 193 35.19 48.38 -44.78
N TYR RA 194 34.28 47.45 -44.61
CA TYR RA 194 34.55 46.34 -43.73
C TYR RA 194 34.95 45.17 -44.63
N VAL RA 195 36.27 44.92 -44.73
CA VAL RA 195 36.83 43.98 -45.76
C VAL RA 195 37.26 42.68 -45.12
N GLN RA 196 36.97 41.61 -45.82
CA GLN RA 196 37.40 40.28 -45.45
C GLN RA 196 38.38 39.93 -46.54
N PHE RA 197 39.58 39.55 -46.09
CA PHE RA 197 40.75 39.24 -46.91
C PHE RA 197 41.05 37.74 -46.72
N ARG RA 198 41.52 37.08 -47.79
CA ARG RA 198 41.71 35.62 -47.79
C ARG RA 198 42.96 35.28 -48.55
N GLU RA 199 43.75 34.35 -47.99
CA GLU RA 199 44.96 33.81 -48.61
C GLU RA 199 46.13 34.75 -48.45
N PHE RA 200 46.81 34.56 -47.32
CA PHE RA 200 48.03 35.28 -47.04
C PHE RA 200 49.00 34.93 -48.12
N ASN RA 201 49.68 35.95 -48.67
CA ASN RA 201 50.56 35.76 -49.82
C ASN RA 201 51.96 36.38 -49.73
N LEU RA 202 52.37 36.85 -48.54
CA LEU RA 202 53.69 37.48 -48.33
C LEU RA 202 54.88 36.83 -49.04
N LYS RA 203 55.59 37.64 -49.80
CA LYS RA 203 56.82 37.24 -50.47
C LYS RA 203 57.98 37.79 -49.64
N ASP RA 204 59.09 37.05 -49.63
CA ASP RA 204 60.24 37.36 -48.77
C ASP RA 204 61.58 37.16 -49.48
N PRO RA 205 61.99 38.11 -50.31
CA PRO RA 205 63.29 37.94 -50.99
C PRO RA 205 64.48 38.19 -50.07
N PRO RA 206 65.64 37.47 -50.23
CA PRO RA 206 66.82 37.63 -49.26
C PRO RA 206 67.74 38.85 -49.41
N SER SA 19 66.64 18.01 -14.88
CA SER SA 19 66.10 19.05 -15.87
C SER SA 19 65.52 20.42 -15.27
N HIS SA 20 64.89 20.34 -14.08
CA HIS SA 20 64.49 21.52 -13.31
C HIS SA 20 64.93 21.19 -11.82
N PHE SA 21 65.76 21.99 -11.15
CA PHE SA 21 66.50 21.54 -9.93
C PHE SA 21 66.54 22.56 -8.78
N ASN SA 22 65.93 22.22 -7.64
CA ASN SA 22 65.66 23.13 -6.53
C ASN SA 22 66.60 22.84 -5.42
N THR SA 23 67.31 23.87 -4.95
CA THR SA 23 68.31 23.70 -3.90
C THR SA 23 68.59 24.99 -3.14
N ARG SA 24 69.35 24.80 -2.05
CA ARG SA 24 69.58 25.74 -0.97
C ARG SA 24 71.10 25.91 -0.74
N LEU SA 25 71.55 27.14 -0.95
CA LEU SA 25 72.95 27.49 -0.88
C LEU SA 25 73.17 28.48 0.24
N SER SA 26 74.19 28.27 1.06
CA SER SA 26 74.44 29.20 2.14
C SER SA 26 75.84 29.70 2.19
N ARG SA 27 75.97 30.86 2.82
CA ARG SA 27 77.26 31.40 3.31
C ARG SA 27 77.04 32.13 4.64
N THR SA 28 78.13 32.45 5.30
CA THR SA 28 78.13 33.16 6.58
C THR SA 28 79.28 34.14 6.62
N PHE SA 29 79.05 35.35 7.10
CA PHE SA 29 80.10 36.38 7.23
C PHE SA 29 79.88 37.23 8.49
N GLY SA 30 80.92 37.88 9.02
CA GLY SA 30 80.81 38.73 10.24
C GLY SA 30 80.25 40.16 10.03
N TYR SA 31 79.65 40.74 11.08
CA TYR SA 31 79.06 42.11 11.07
C TYR SA 31 79.18 42.62 12.48
N THR SA 32 79.81 43.77 12.62
CA THR SA 32 80.00 44.36 13.92
C THR SA 32 79.48 45.79 13.92
N ILE SA 33 78.50 46.06 14.78
CA ILE SA 33 78.20 47.41 15.17
C ILE SA 33 79.22 47.77 16.25
N LYS SA 34 79.99 48.83 15.95
CA LYS SA 34 81.02 49.36 16.84
C LYS SA 34 80.40 50.16 17.99
N ARG SA 35 80.85 49.89 19.22
CA ARG SA 35 80.30 50.61 20.38
C ARG SA 35 80.42 52.07 20.15
N THR SA 36 79.51 52.85 20.70
CA THR SA 36 79.65 54.31 20.65
C THR SA 36 79.40 54.87 22.02
N THR SA 37 79.54 56.18 22.13
CA THR SA 37 79.30 56.90 23.37
C THR SA 37 78.29 58.00 23.21
N VAL SA 38 77.84 58.33 21.99
CA VAL SA 38 76.62 59.15 21.81
C VAL SA 38 75.57 58.76 22.92
N LYS SA 39 74.91 59.75 23.53
CA LYS SA 39 74.05 59.47 24.73
C LYS SA 39 72.60 59.19 24.29
N THR SA 40 72.05 60.05 23.45
CA THR SA 40 70.72 59.81 22.95
C THR SA 40 70.73 58.66 21.90
N PRO SA 41 69.64 57.83 21.89
CA PRO SA 41 69.35 56.82 20.87
C PRO SA 41 69.83 57.16 19.48
N SER SA 42 70.71 56.30 18.93
CA SER SA 42 71.18 56.39 17.53
C SER SA 42 71.10 55.00 16.89
N TRP SA 43 70.94 54.97 15.56
CA TRP SA 43 70.91 53.72 14.81
C TRP SA 43 72.07 53.70 13.81
N ALA SA 44 72.65 52.51 13.68
CA ALA SA 44 73.58 52.20 12.60
C ALA SA 44 72.78 51.60 11.42
N VAL SA 45 72.90 52.26 10.28
CA VAL SA 45 72.04 52.02 9.13
C VAL SA 45 72.90 51.44 8.01
N ASP SA 46 72.49 50.29 7.49
CA ASP SA 46 73.22 49.60 6.44
C ASP SA 46 72.27 48.85 5.45
N MET SA 47 72.86 47.95 4.67
CA MET SA 47 72.15 47.32 3.60
C MET SA 47 72.79 46.01 3.27
N MET SA 48 72.04 45.26 2.48
CA MET SA 48 72.41 43.93 1.99
C MET SA 48 71.92 43.72 0.58
N ARG SA 49 72.84 43.22 -0.23
CA ARG SA 49 72.54 42.66 -1.51
C ARG SA 49 73.00 41.20 -1.57
N PHE SA 50 72.41 40.51 -2.52
CA PHE SA 50 72.65 39.12 -2.73
C PHE SA 50 73.05 38.83 -4.21
N ASN SA 51 74.13 38.07 -4.31
CA ASN SA 51 74.70 37.78 -5.57
C ASN SA 51 75.26 36.37 -5.53
N ILE SA 52 74.77 35.56 -6.47
CA ILE SA 52 75.11 34.14 -6.53
C ILE SA 52 76.60 33.83 -6.72
N ASN SA 53 77.41 34.82 -7.14
CA ASN SA 53 78.89 34.66 -7.13
C ASN SA 53 79.39 34.23 -5.76
N ASP SA 54 78.80 34.76 -4.72
CA ASP SA 54 79.23 34.47 -3.37
C ASP SA 54 78.77 33.12 -2.85
N PHE SA 55 78.07 32.34 -3.67
CA PHE SA 55 77.38 31.12 -3.20
C PHE SA 55 77.75 29.85 -3.95
N LEU SA 56 78.35 30.02 -5.11
CA LEU SA 56 78.48 29.02 -6.12
C LEU SA 56 79.86 29.31 -6.58
N PRO SA 57 80.82 28.44 -6.29
CA PRO SA 57 82.13 28.76 -6.85
C PRO SA 57 82.25 28.42 -8.37
N PRO SA 58 83.45 28.68 -8.92
CA PRO SA 58 83.81 28.15 -10.22
C PRO SA 58 83.91 26.62 -10.26
N GLY SA 59 83.54 26.07 -11.42
CA GLY SA 59 83.77 24.70 -11.74
C GLY SA 59 85.08 24.57 -12.50
N GLY SA 60 85.22 23.50 -13.24
CA GLY SA 60 86.47 23.23 -13.90
C GLY SA 60 86.24 22.46 -15.15
N GLY SA 61 87.21 22.67 -16.06
CA GLY SA 61 87.21 22.17 -17.44
C GLY SA 61 86.18 22.90 -18.26
N SER SA 62 85.47 22.13 -19.09
CA SER SA 62 84.34 22.63 -19.92
C SER SA 62 83.03 22.95 -19.17
N ASN SA 63 83.03 22.67 -17.86
CA ASN SA 63 81.93 22.94 -16.91
C ASN SA 63 82.35 24.11 -16.03
N PRO SA 64 82.12 25.34 -16.51
CA PRO SA 64 82.72 26.48 -15.82
C PRO SA 64 82.05 26.78 -14.47
N ARG SA 65 80.84 26.23 -14.24
CA ARG SA 65 80.14 26.47 -12.96
C ARG SA 65 79.99 25.21 -12.13
N SER SA 66 80.17 25.34 -10.83
CA SER SA 66 80.16 24.15 -10.00
C SER SA 66 78.82 23.42 -10.01
N VAL SA 67 77.73 24.11 -10.36
CA VAL SA 67 76.49 23.42 -10.71
C VAL SA 67 76.27 23.56 -12.21
N PRO SA 68 76.03 22.43 -12.88
CA PRO SA 68 76.02 22.42 -14.34
C PRO SA 68 74.63 22.63 -14.96
N PHE SA 69 74.01 23.78 -14.67
CA PHE SA 69 72.73 24.15 -15.30
C PHE SA 69 72.89 25.46 -15.99
N GLU SA 70 72.19 25.69 -17.08
CA GLU SA 70 72.32 26.96 -17.78
C GLU SA 70 71.59 28.19 -17.14
N TYR SA 71 70.42 27.95 -16.51
CA TYR SA 71 69.53 29.03 -16.06
C TYR SA 71 69.23 28.88 -14.57
N TYR SA 72 68.93 30.00 -13.93
CA TYR SA 72 68.62 30.04 -12.51
C TYR SA 72 67.67 31.19 -12.30
N ARG SA 73 66.88 31.05 -11.26
CA ARG SA 73 66.20 32.18 -10.65
C ARG SA 73 66.14 31.98 -9.13
N ILE SA 74 66.11 33.09 -8.40
CA ILE SA 74 66.23 32.99 -6.97
C ILE SA 74 64.86 33.11 -6.42
N ARG SA 75 64.45 32.08 -5.71
CA ARG SA 75 63.05 31.94 -5.31
C ARG SA 75 62.79 32.74 -4.05
N LYS SA 76 63.77 32.68 -3.15
CA LYS SA 76 63.68 33.15 -1.83
C LYS SA 76 65.11 33.38 -1.21
N VAL SA 77 65.27 34.40 -0.39
CA VAL SA 77 66.48 34.50 0.43
C VAL SA 77 66.06 34.44 1.86
N LYS SA 78 66.88 33.82 2.69
CA LYS SA 78 66.75 33.87 4.13
C LYS SA 78 67.97 34.63 4.61
N VAL SA 79 67.75 35.63 5.44
CA VAL SA 79 68.85 36.34 6.04
C VAL SA 79 68.73 36.08 7.54
N GLU SA 80 69.75 35.45 8.13
CA GLU SA 80 69.77 35.15 9.56
C GLU SA 80 70.86 35.95 10.33
N PHE SA 81 70.45 36.73 11.32
CA PHE SA 81 71.38 37.41 12.20
C PHE SA 81 71.53 36.58 13.44
N TRP SA 82 72.65 35.86 13.52
CA TRP SA 82 72.94 35.05 14.70
C TRP SA 82 73.74 35.86 15.69
N PRO SA 83 73.14 36.27 16.81
CA PRO SA 83 73.86 37.11 17.74
C PRO SA 83 75.15 36.48 18.30
N CYS SA 84 76.20 37.32 18.43
CA CYS SA 84 77.41 36.86 19.11
C CYS SA 84 77.40 37.18 20.56
N SER SA 85 76.66 38.22 20.93
CA SER SA 85 76.73 38.83 22.25
C SER SA 85 76.01 37.84 23.21
N PRO SA 86 76.55 37.65 24.42
CA PRO SA 86 75.86 36.80 25.39
C PRO SA 86 74.55 37.42 25.96
N ILE SA 87 73.70 36.56 26.53
CA ILE SA 87 72.38 36.96 27.12
C ILE SA 87 72.47 37.83 28.42
N THR SA 88 73.67 37.84 29.00
CA THR SA 88 74.02 38.79 30.06
C THR SA 88 74.17 40.24 29.63
N GLN SA 89 74.43 40.48 28.34
CA GLN SA 89 74.79 41.85 27.92
C GLN SA 89 73.59 42.79 28.09
N GLY SA 90 73.89 44.01 28.50
CA GLY SA 90 72.91 45.10 28.64
C GLY SA 90 73.00 46.13 27.51
N ASP SA 91 72.72 47.39 27.88
CA ASP SA 91 72.38 48.49 26.94
C ASP SA 91 71.66 47.94 25.72
N ARG SA 92 70.57 47.28 26.01
CA ARG SA 92 69.79 46.60 25.03
C ARG SA 92 69.01 47.56 24.20
N GLY SA 93 68.78 47.19 22.96
CA GLY SA 93 68.10 48.04 22.03
C GLY SA 93 67.16 47.37 21.09
N VAL SA 94 66.66 48.17 20.17
CA VAL SA 94 65.56 47.81 19.33
C VAL SA 94 65.76 48.54 18.01
N GLY SA 95 65.68 47.76 16.92
CA GLY SA 95 65.90 48.26 15.53
C GLY SA 95 64.90 47.73 14.52
N SER SA 96 65.24 47.82 13.25
CA SER SA 96 64.32 47.48 12.17
C SER SA 96 65.08 46.90 10.97
N SER SA 97 64.55 45.82 10.39
CA SER SA 97 64.95 45.34 9.05
C SER SA 97 63.77 45.57 8.13
N ALA SA 98 64.06 45.93 6.87
CA ALA SA 98 63.03 46.16 5.84
C ALA SA 98 63.47 45.63 4.49
N VAL SA 99 62.49 45.17 3.74
CA VAL SA 99 62.70 44.60 2.41
C VAL SA 99 62.65 45.72 1.40
N ILE SA 100 63.67 45.79 0.57
CA ILE SA 100 63.94 46.84 -0.40
C ILE SA 100 64.23 46.22 -1.76
N LEU SA 101 63.24 46.26 -2.65
CA LEU SA 101 63.22 45.50 -3.91
C LEU SA 101 63.61 46.32 -5.14
N ASP SA 102 63.83 47.62 -4.95
CA ASP SA 102 64.16 48.52 -6.04
C ASP SA 102 65.59 49.05 -5.87
N ASP SA 103 66.38 48.37 -5.04
CA ASP SA 103 67.76 48.72 -4.90
C ASP SA 103 67.98 50.17 -4.49
N ASN SA 104 67.04 50.74 -3.72
CA ASN SA 104 67.15 52.09 -3.23
C ASN SA 104 67.02 52.19 -1.69
N PHE SA 105 68.18 51.99 -1.08
CA PHE SA 105 68.36 51.89 0.34
C PHE SA 105 68.53 53.29 0.93
N VAL SA 106 68.37 53.39 2.24
CA VAL SA 106 68.73 54.59 3.02
C VAL SA 106 70.27 54.66 3.18
N THR SA 107 70.85 55.83 2.94
CA THR SA 107 72.28 56.02 2.98
C THR SA 107 72.94 55.37 4.20
N LYS SA 108 74.06 54.69 4.00
CA LYS SA 108 74.80 54.17 5.14
C LYS SA 108 74.97 55.25 6.20
N ALA SA 109 74.92 54.86 7.49
CA ALA SA 109 75.15 55.80 8.59
C ALA SA 109 75.51 55.10 9.92
N THR SA 110 76.39 55.75 10.67
CA THR SA 110 76.89 55.24 11.95
C THR SA 110 75.95 55.53 13.12
N ALA SA 111 75.42 56.76 13.17
CA ALA SA 111 74.59 57.26 14.28
C ALA SA 111 73.57 58.29 13.79
N LEU SA 112 72.65 57.83 12.96
CA LEU SA 112 71.45 58.58 12.62
C LEU SA 112 70.55 58.62 13.86
N THR SA 113 69.81 59.73 13.97
CA THR SA 113 69.11 60.14 15.22
C THR SA 113 67.68 59.62 15.36
N TYR SA 114 67.25 58.84 14.38
CA TYR SA 114 65.94 58.13 14.36
C TYR SA 114 66.15 56.75 13.66
N ASP SA 115 65.11 55.91 13.68
CA ASP SA 115 65.21 54.59 12.99
C ASP SA 115 64.56 54.75 11.64
N PRO SA 116 65.36 54.96 10.58
CA PRO SA 116 64.74 55.33 9.31
C PRO SA 116 63.82 54.27 8.68
N TYR SA 117 63.91 53.01 9.13
CA TYR SA 117 63.14 51.94 8.55
C TYR SA 117 61.85 51.60 9.30
N VAL SA 118 61.67 52.19 10.47
CA VAL SA 118 60.63 51.75 11.38
C VAL SA 118 59.17 51.78 10.81
N ASN SA 119 58.86 52.76 9.96
CA ASN SA 119 57.56 52.93 9.36
C ASN SA 119 57.41 52.23 8.00
N TYR SA 120 58.45 51.56 7.56
CA TYR SA 120 58.41 50.81 6.31
C TYR SA 120 57.34 49.70 6.41
N SER SA 121 56.51 49.60 5.40
CA SER SA 121 55.54 48.53 5.38
C SER SA 121 56.18 47.18 5.57
N SER SA 122 57.33 46.96 4.93
CA SER SA 122 58.05 45.68 5.04
C SER SA 122 58.83 45.49 6.37
N ARG SA 123 58.82 46.50 7.24
CA ARG SA 123 59.58 46.45 8.51
C ARG SA 123 59.23 45.28 9.44
N HIS SA 124 60.27 44.67 10.00
CA HIS SA 124 60.20 43.79 11.18
C HIS SA 124 61.15 44.38 12.22
N THR SA 125 60.88 44.02 13.44
CA THR SA 125 61.55 44.61 14.54
C THR SA 125 62.71 43.72 14.86
N ILE SA 126 63.89 44.31 15.02
CA ILE SA 126 65.09 43.63 15.53
C ILE SA 126 65.30 43.94 17.01
N THR SA 127 65.46 42.88 17.80
CA THR SA 127 65.70 43.00 19.24
C THR SA 127 67.21 42.70 19.52
N GLN SA 128 67.89 43.62 20.20
CA GLN SA 128 69.41 43.62 20.31
C GLN SA 128 69.85 43.48 21.74
N PRO SA 129 71.01 42.83 22.03
CA PRO SA 129 72.01 42.35 21.05
C PRO SA 129 72.21 40.86 21.02
N PHE SA 130 71.46 40.18 21.87
CA PHE SA 130 71.60 38.74 22.07
C PHE SA 130 70.46 37.93 21.43
N SER SA 131 69.79 38.48 20.40
CA SER SA 131 68.59 37.83 19.86
C SER SA 131 68.72 37.54 18.40
N TYR SA 132 68.07 36.46 18.01
CA TYR SA 132 68.06 36.00 16.64
C TYR SA 132 67.09 36.86 15.87
N HIS SA 133 67.43 37.25 14.66
CA HIS SA 133 66.50 37.89 13.74
C HIS SA 133 66.66 37.24 12.38
N SER SA 134 65.55 37.14 11.63
CA SER SA 134 65.65 36.63 10.26
C SER SA 134 64.46 37.04 9.46
N ARG SA 135 64.69 37.10 8.16
CA ARG SA 135 63.76 37.49 7.15
C ARG SA 135 63.82 36.49 5.99
N TYR SA 136 62.72 36.38 5.28
CA TYR SA 136 62.56 35.36 4.27
C TYR SA 136 61.59 35.94 3.20
N PHE SA 137 62.18 36.30 2.07
CA PHE SA 137 61.41 36.94 1.02
C PHE SA 137 61.95 36.61 -0.37
N THR SA 138 61.15 36.96 -1.34
CA THR SA 138 61.55 36.84 -2.71
C THR SA 138 62.32 38.10 -3.11
N PRO SA 139 63.65 38.00 -3.25
CA PRO SA 139 64.42 39.15 -3.70
C PRO SA 139 64.11 39.47 -5.16
N LYS SA 140 64.72 40.52 -5.71
CA LYS SA 140 64.58 40.85 -7.13
C LYS SA 140 65.92 41.20 -7.70
N PRO SA 141 66.15 40.78 -8.94
CA PRO SA 141 67.34 41.20 -9.62
C PRO SA 141 67.39 42.69 -9.99
N VAL SA 142 68.61 43.24 -10.03
CA VAL SA 142 68.81 44.64 -10.48
C VAL SA 142 68.96 44.65 -12.01
N LEU SA 143 67.84 44.81 -12.72
CA LEU SA 143 67.82 44.72 -14.18
C LEU SA 143 68.25 46.03 -14.86
N ASP SA 144 67.80 47.14 -14.31
CA ASP SA 144 68.00 48.45 -14.90
C ASP SA 144 67.97 49.49 -13.75
N SER SA 145 69.13 49.83 -13.25
CA SER SA 145 69.24 50.65 -12.04
C SER SA 145 69.00 52.13 -12.26
N THR SA 146 68.63 52.56 -13.47
CA THR SA 146 68.00 53.88 -13.68
C THR SA 146 66.50 53.92 -13.27
N ILE SA 147 65.73 52.95 -13.75
CA ILE SA 147 64.28 52.86 -13.56
C ILE SA 147 63.86 52.01 -12.35
N ASP SA 148 64.63 50.96 -12.09
CA ASP SA 148 64.45 50.01 -10.98
C ASP SA 148 63.13 49.38 -10.97
N TYR SA 149 62.88 48.64 -12.00
CA TYR SA 149 61.66 47.92 -12.00
C TYR SA 149 61.87 46.48 -11.47
N PHE SA 150 60.78 45.85 -11.07
CA PHE SA 150 60.81 44.49 -10.64
C PHE SA 150 59.45 43.83 -10.82
N GLN SA 151 59.48 42.49 -10.84
CA GLN SA 151 58.26 41.66 -10.92
C GLN SA 151 57.45 41.51 -9.63
N PRO SA 152 56.10 41.47 -9.73
CA PRO SA 152 55.31 41.13 -8.59
C PRO SA 152 55.58 39.73 -8.16
N ASN SA 153 55.58 39.59 -6.83
CA ASN SA 153 56.14 38.44 -6.13
C ASN SA 153 55.25 37.29 -6.65
N ASN SA 154 55.80 36.51 -7.57
CA ASN SA 154 55.03 35.47 -8.28
C ASN SA 154 55.84 34.16 -8.27
N LYS SA 155 55.16 33.09 -8.69
CA LYS SA 155 55.78 31.80 -8.91
C LYS SA 155 56.09 31.61 -10.44
N ARG SA 156 55.10 31.22 -11.24
CA ARG SA 156 55.41 30.56 -12.52
C ARG SA 156 56.02 31.48 -13.61
N ASN SA 157 55.70 32.80 -13.53
CA ASN SA 157 56.16 33.92 -14.45
C ASN SA 157 57.43 34.70 -14.10
N GLN SA 158 58.13 34.28 -13.06
CA GLN SA 158 59.39 34.87 -12.63
C GLN SA 158 60.48 34.66 -13.68
N LEU SA 159 61.22 35.73 -13.96
CA LEU SA 159 62.24 35.73 -14.99
C LEU SA 159 63.29 34.66 -14.72
N TRP SA 160 63.66 33.91 -15.75
CA TRP SA 160 64.90 33.12 -15.72
C TRP SA 160 66.10 34.01 -16.08
N LEU SA 161 67.21 33.81 -15.39
CA LEU SA 161 68.46 34.52 -15.65
C LEU SA 161 69.51 33.52 -16.07
N ARG SA 162 70.40 33.91 -16.98
CA ARG SA 162 71.56 33.05 -17.32
C ARG SA 162 72.45 32.83 -16.09
N LEU SA 163 72.92 31.62 -15.86
CA LEU SA 163 73.93 31.39 -14.78
C LEU SA 163 75.37 31.70 -15.27
N GLN SA 164 75.87 32.90 -15.02
CA GLN SA 164 77.20 33.32 -15.48
C GLN SA 164 78.28 32.76 -14.60
N THR SA 165 79.50 32.62 -15.15
CA THR SA 165 80.66 32.16 -14.35
C THR SA 165 81.04 33.28 -13.38
N ALA SA 166 80.99 34.52 -13.91
CA ALA SA 166 81.59 35.71 -13.27
C ALA SA 166 80.66 36.90 -12.98
N GLY SA 167 79.86 37.33 -13.91
CA GLY SA 167 79.27 38.67 -13.74
C GLY SA 167 77.81 38.61 -13.34
N ASN SA 168 77.48 37.81 -12.36
CA ASN SA 168 76.09 37.52 -12.12
C ASN SA 168 75.41 38.78 -11.55
N VAL SA 169 74.16 39.06 -11.93
CA VAL SA 169 73.51 40.26 -11.50
C VAL SA 169 73.19 40.26 -10.03
N ASP SA 170 73.35 41.42 -9.41
CA ASP SA 170 72.96 41.59 -8.00
C ASP SA 170 71.45 41.36 -7.83
N HIS SA 171 71.12 40.69 -6.73
CA HIS SA 171 69.77 40.62 -6.22
C HIS SA 171 69.60 41.46 -5.00
N VAL SA 172 68.40 42.00 -4.88
CA VAL SA 172 68.20 43.08 -4.01
C VAL SA 172 67.07 42.83 -3.03
N GLY SA 173 67.24 43.39 -1.85
CA GLY SA 173 66.52 42.95 -0.72
C GLY SA 173 66.67 43.81 0.50
N LEU SA 174 67.72 43.72 1.33
CA LEU SA 174 67.48 44.10 2.78
C LEU SA 174 68.12 45.35 3.36
N GLY SA 175 67.32 46.19 4.02
CA GLY SA 175 67.81 47.39 4.72
C GLY SA 175 67.84 47.17 6.20
N THR SA 176 68.87 47.68 6.89
CA THR SA 176 69.03 47.46 8.35
C THR SA 176 69.30 48.73 9.10
N ALA SA 177 68.70 48.84 10.28
CA ALA SA 177 68.93 49.91 11.24
C ALA SA 177 69.01 49.29 12.62
N PHE SA 178 70.23 49.17 13.13
CA PHE SA 178 70.48 48.62 14.48
C PHE SA 178 70.77 49.78 15.50
N GLU SA 179 70.06 49.77 16.62
CA GLU SA 179 70.25 50.78 17.62
C GLU SA 179 71.66 50.62 18.15
N ASN SA 180 72.35 51.74 18.33
CA ASN SA 180 73.71 51.75 18.86
C ASN SA 180 73.72 51.54 20.36
N SER SA 181 74.89 51.14 20.84
CA SER SA 181 75.10 50.69 22.19
C SER SA 181 76.49 51.07 22.73
N ILE SA 182 76.57 50.97 24.04
CA ILE SA 182 77.74 51.32 24.85
C ILE SA 182 78.77 50.22 24.66
N TYR SA 183 78.30 49.02 24.26
CA TYR SA 183 79.15 47.85 23.91
C TYR SA 183 79.05 47.50 22.44
N ASP SA 184 79.99 46.66 22.06
CA ASP SA 184 80.01 46.10 20.74
C ASP SA 184 78.90 45.11 20.54
N GLN SA 185 78.40 45.10 19.33
CA GLN SA 185 77.38 44.17 18.94
C GLN SA 185 77.87 43.38 17.71
N GLU SA 186 78.42 42.18 17.97
CA GLU SA 186 78.89 41.28 16.93
C GLU SA 186 77.75 40.31 16.53
N TYR SA 187 77.63 40.11 15.22
CA TYR SA 187 76.74 39.14 14.63
C TYR SA 187 77.51 38.22 13.62
N ASN SA 188 77.18 36.92 13.58
CA ASN SA 188 77.36 36.06 12.38
C ASN SA 188 76.08 36.08 11.55
N ILE SA 189 76.18 36.52 10.30
CA ILE SA 189 75.04 36.62 9.39
C ILE SA 189 75.13 35.48 8.38
N ARG SA 190 74.06 34.67 8.32
CA ARG SA 190 73.99 33.59 7.38
C ARG SA 190 72.98 33.97 6.34
N VAL SA 191 73.38 33.94 5.08
CA VAL SA 191 72.45 34.21 3.97
C VAL SA 191 72.23 32.92 3.26
N THR SA 192 71.00 32.65 2.89
CA THR SA 192 70.63 31.43 2.22
C THR SA 192 69.73 31.74 1.09
N MET SA 193 70.11 31.31 -0.09
CA MET SA 193 69.30 31.50 -1.26
C MET SA 193 68.71 30.14 -1.57
N TYR SA 194 67.41 30.15 -1.82
CA TYR SA 194 66.63 29.03 -2.28
C TYR SA 194 66.59 29.20 -3.76
N VAL SA 195 67.55 28.61 -4.45
CA VAL SA 195 67.70 28.83 -5.89
C VAL SA 195 67.05 27.71 -6.68
N GLN SA 196 66.54 28.05 -7.84
CA GLN SA 196 65.92 27.08 -8.68
C GLN SA 196 66.71 27.15 -9.98
N PHE SA 197 67.27 26.00 -10.39
CA PHE SA 197 68.06 25.89 -11.62
C PHE SA 197 67.32 25.11 -12.69
N ARG SA 198 67.70 25.33 -13.95
CA ARG SA 198 66.99 24.79 -15.10
C ARG SA 198 67.90 24.59 -16.22
N GLU SA 199 67.63 23.54 -17.01
CA GLU SA 199 68.40 23.16 -18.18
C GLU SA 199 69.81 22.58 -17.80
N PHE SA 200 69.81 21.30 -17.49
CA PHE SA 200 71.05 20.59 -17.24
C PHE SA 200 71.92 20.83 -18.45
N ASN SA 201 73.20 21.16 -18.27
CA ASN SA 201 74.11 21.35 -19.44
C ASN SA 201 75.50 20.72 -19.38
N LEU SA 202 75.73 19.81 -18.45
CA LEU SA 202 77.03 19.16 -18.28
C LEU SA 202 77.73 18.73 -19.58
N LYS SA 203 78.97 19.13 -19.71
CA LYS SA 203 79.85 18.73 -20.82
C LYS SA 203 80.75 17.61 -20.35
N ASP SA 204 81.08 16.70 -21.25
CA ASP SA 204 81.84 15.48 -20.91
C ASP SA 204 82.83 15.17 -22.03
N PRO SA 205 83.97 15.83 -22.00
CA PRO SA 205 85.03 15.54 -22.96
C PRO SA 205 85.81 14.29 -22.57
N PRO SA 206 86.44 13.62 -23.53
CA PRO SA 206 87.14 12.34 -23.24
C PRO SA 206 88.12 12.27 -22.00
N SER TA 19 67.37 17.13 -2.39
CA SER TA 19 68.05 15.91 -1.80
C SER TA 19 68.41 14.78 -2.82
N HIS TA 20 67.43 14.22 -3.55
CA HIS TA 20 67.69 13.27 -4.67
C HIS TA 20 67.68 14.12 -5.94
N PHE TA 21 68.38 13.68 -6.98
CA PHE TA 21 68.45 14.35 -8.30
C PHE TA 21 68.61 13.30 -9.35
N ASN TA 22 67.64 13.17 -10.25
CA ASN TA 22 67.65 12.19 -11.35
C ASN TA 22 68.10 12.80 -12.63
N THR TA 23 69.08 12.23 -13.30
CA THR TA 23 69.54 12.81 -14.56
C THR TA 23 70.03 11.73 -15.50
N ARG TA 24 70.45 12.17 -16.68
CA ARG TA 24 70.80 11.38 -17.80
C ARG TA 24 72.13 11.90 -18.34
N LEU TA 25 73.13 11.02 -18.39
CA LEU TA 25 74.48 11.29 -18.87
C LEU TA 25 74.79 10.38 -20.08
N SER TA 26 75.33 10.96 -21.15
CA SER TA 26 75.61 10.24 -22.36
C SER TA 26 77.01 10.53 -22.79
N ARG TA 27 77.58 9.55 -23.51
CA ARG TA 27 78.76 9.71 -24.36
C ARG TA 27 78.64 8.80 -25.61
N THR TA 28 79.45 9.10 -26.62
CA THR TA 28 79.33 8.42 -27.91
C THR TA 28 80.76 8.04 -28.34
N PHE TA 29 81.09 6.78 -28.65
CA PHE TA 29 82.43 6.38 -29.18
C PHE TA 29 82.30 5.44 -30.41
N GLY TA 30 83.34 5.30 -31.21
CA GLY TA 30 83.26 4.47 -32.48
C GLY TA 30 83.57 3.03 -32.21
N TYR TA 31 83.09 2.17 -33.09
CA TYR TA 31 83.27 0.73 -33.01
C TYR TA 31 83.30 0.20 -34.42
N THR TA 32 84.38 -0.46 -34.77
CA THR TA 32 84.57 -0.97 -36.14
C THR TA 32 84.82 -2.46 -36.13
N ILE TA 33 83.99 -3.19 -36.88
CA ILE TA 33 84.27 -4.56 -37.20
C ILE TA 33 84.82 -4.62 -38.61
N LYS TA 34 86.07 -5.07 -38.64
CA LYS TA 34 86.85 -5.04 -39.82
C LYS TA 34 86.38 -6.22 -40.61
N ARG TA 35 86.09 -5.96 -41.89
CA ARG TA 35 85.97 -6.91 -42.98
C ARG TA 35 86.69 -8.21 -42.76
N THR TA 36 86.04 -9.32 -43.07
CA THR TA 36 86.71 -10.62 -43.18
C THR TA 36 86.41 -11.29 -44.52
N THR TA 37 87.23 -12.25 -44.88
CA THR TA 37 86.96 -13.06 -46.04
C THR TA 37 87.02 -14.52 -45.58
N VAL TA 38 86.42 -14.82 -44.42
CA VAL TA 38 86.12 -16.20 -44.02
C VAL TA 38 84.95 -16.57 -44.92
N LYS TA 39 84.86 -17.86 -45.29
CA LYS TA 39 83.77 -18.38 -46.21
C LYS TA 39 82.44 -18.41 -45.42
N THR TA 40 82.51 -19.22 -44.36
CA THR TA 40 81.39 -19.57 -43.53
C THR TA 40 81.06 -18.44 -42.54
N PRO TA 41 79.86 -18.47 -41.95
CA PRO TA 41 79.56 -17.51 -40.93
C PRO TA 41 80.52 -17.60 -39.73
N SER TA 42 80.83 -16.44 -39.18
CA SER TA 42 81.67 -16.27 -38.04
C SER TA 42 81.24 -14.98 -37.32
N TRP TA 43 81.56 -14.88 -36.02
CA TRP TA 43 81.13 -13.74 -35.21
C TRP TA 43 82.25 -13.07 -34.46
N ALA TA 44 82.16 -11.74 -34.37
CA ALA TA 44 83.09 -10.89 -33.64
C ALA TA 44 82.50 -10.69 -32.27
N VAL TA 45 83.16 -11.24 -31.25
CA VAL TA 45 82.58 -11.33 -29.94
C VAL TA 45 83.28 -10.31 -29.11
N ASP TA 46 82.52 -9.54 -28.33
CA ASP TA 46 83.07 -8.44 -27.52
C ASP TA 46 82.16 -8.16 -26.28
N MET TA 47 82.43 -7.09 -25.56
CA MET TA 47 81.80 -6.82 -24.25
C MET TA 47 81.78 -5.32 -23.93
N MET TA 48 80.97 -4.95 -22.97
CA MET TA 48 80.75 -3.52 -22.67
C MET TA 48 80.58 -3.38 -21.19
N ARG TA 49 81.48 -2.62 -20.55
CA ARG TA 49 81.30 -2.10 -19.20
C ARG TA 49 80.93 -0.64 -19.19
N PHE TA 50 80.34 -0.18 -18.09
CA PHE TA 50 79.86 1.23 -17.96
C PHE TA 50 80.46 1.81 -16.70
N ASN TA 51 81.33 2.80 -16.82
CA ASN TA 51 81.93 3.41 -15.66
C ASN TA 51 81.55 4.88 -15.72
N ILE TA 52 81.07 5.44 -14.60
CA ILE TA 52 80.74 6.87 -14.50
C ILE TA 52 81.92 7.84 -14.62
N ASN TA 53 83.14 7.38 -14.41
CA ASN TA 53 84.34 8.15 -14.85
C ASN TA 53 84.25 8.63 -16.29
N ASP TA 54 83.73 7.82 -17.19
CA ASP TA 54 83.63 8.19 -18.59
C ASP TA 54 82.51 9.24 -18.88
N PHE TA 55 81.60 9.48 -17.93
CA PHE TA 55 80.39 10.31 -18.21
C PHE TA 55 80.39 11.65 -17.49
N LEU TA 56 81.12 11.65 -16.38
CA LEU TA 56 81.19 12.73 -15.40
C LEU TA 56 82.67 13.22 -15.23
N PRO TA 57 83.06 14.37 -15.88
CA PRO TA 57 84.45 14.83 -15.72
C PRO TA 57 84.72 15.40 -14.31
N PRO TA 58 86.01 15.57 -13.94
CA PRO TA 58 86.29 16.21 -12.65
C PRO TA 58 85.82 17.66 -12.53
N GLY TA 59 85.70 18.10 -11.27
CA GLY TA 59 85.26 19.44 -10.91
C GLY TA 59 86.43 20.44 -10.82
N GLY TA 60 86.55 21.13 -9.70
CA GLY TA 60 87.54 22.19 -9.53
C GLY TA 60 87.43 22.89 -8.18
N GLY TA 61 88.58 23.28 -7.63
CA GLY TA 61 88.69 23.73 -6.25
C GLY TA 61 88.21 22.66 -5.27
N SER TA 62 87.43 23.11 -4.28
CA SER TA 62 86.87 22.26 -3.20
C SER TA 62 85.77 21.25 -3.61
N ASN TA 63 85.21 21.46 -4.81
CA ASN TA 63 84.21 20.61 -5.43
C ASN TA 63 84.83 19.68 -6.46
N PRO TA 64 85.18 18.45 -6.06
CA PRO TA 64 86.00 17.63 -6.92
C PRO TA 64 85.27 16.92 -8.10
N ARG TA 65 83.94 16.85 -8.09
CA ARG TA 65 83.22 16.33 -9.25
C ARG TA 65 82.18 17.38 -9.71
N SER TA 66 82.01 17.40 -11.03
CA SER TA 66 81.18 18.36 -11.74
C SER TA 66 79.67 18.26 -11.46
N VAL TA 67 79.17 17.16 -10.90
CA VAL TA 67 77.91 17.28 -10.17
C VAL TA 67 78.25 17.20 -8.69
N PRO TA 68 77.75 18.11 -7.87
CA PRO TA 68 78.10 18.12 -6.47
C PRO TA 68 77.16 17.33 -5.60
N PHE TA 69 77.31 16.03 -5.72
CA PHE TA 69 76.62 15.11 -4.88
C PHE TA 69 77.58 14.09 -4.34
N GLU TA 70 77.16 13.44 -3.27
CA GLU TA 70 78.01 12.55 -2.53
C GLU TA 70 77.77 11.08 -2.95
N TYR TA 71 76.51 10.68 -3.19
CA TYR TA 71 76.19 9.30 -3.51
C TYR TA 71 75.52 9.27 -4.89
N TYR TA 72 75.59 8.10 -5.56
CA TYR TA 72 74.88 7.80 -6.84
C TYR TA 72 74.57 6.33 -6.91
N ARG TA 73 73.59 6.01 -7.71
CA ARG TA 73 73.36 4.66 -8.19
C ARG TA 73 72.81 4.75 -9.60
N ILE TA 74 73.07 3.76 -10.41
CA ILE TA 74 72.73 3.82 -11.81
C ILE TA 74 71.50 2.99 -11.92
N ARG TA 75 70.43 3.69 -12.25
CA ARG TA 75 69.11 3.11 -12.36
C ARG TA 75 68.94 2.31 -13.63
N LYS TA 76 69.46 2.83 -14.73
CA LYS TA 76 69.30 2.22 -16.04
C LYS TA 76 70.46 2.63 -16.98
N VAL TA 77 70.92 1.71 -17.82
CA VAL TA 77 71.84 2.02 -18.91
C VAL TA 77 71.02 1.88 -20.16
N LYS TA 78 71.19 2.79 -21.11
CA LYS TA 78 70.77 2.53 -22.47
C LYS TA 78 72.00 2.44 -23.34
N VAL TA 79 72.06 1.42 -24.19
CA VAL TA 79 73.16 1.30 -25.18
C VAL TA 79 72.51 1.32 -26.55
N GLU TA 80 73.00 2.20 -27.43
CA GLU TA 80 72.49 2.38 -28.80
C GLU TA 80 73.62 2.11 -29.81
N PHE TA 81 73.40 1.18 -30.70
CA PHE TA 81 74.28 0.99 -31.86
C PHE TA 81 73.69 1.78 -32.98
N TRP TA 82 74.33 2.90 -33.31
CA TRP TA 82 73.89 3.74 -34.39
C TRP TA 82 74.74 3.40 -35.61
N PRO TA 83 74.19 2.63 -36.53
CA PRO TA 83 74.98 2.13 -37.64
C PRO TA 83 75.53 3.18 -38.60
N CYS TA 84 76.76 3.01 -39.07
CA CYS TA 84 77.32 3.92 -40.09
C CYS TA 84 77.01 3.48 -41.51
N SER TA 85 76.80 2.19 -41.74
CA SER TA 85 76.78 1.69 -43.10
C SER TA 85 75.53 2.21 -43.75
N PRO TA 86 75.59 2.45 -45.06
CA PRO TA 86 74.37 2.85 -45.72
C PRO TA 86 73.41 1.67 -45.84
N ILE TA 87 72.13 1.98 -46.10
CA ILE TA 87 71.11 0.95 -46.34
C ILE TA 87 71.28 0.21 -47.67
N THR TA 88 72.30 0.53 -48.45
CA THR TA 88 72.58 -0.20 -49.66
C THR TA 88 73.58 -1.30 -49.45
N GLN TA 89 74.16 -1.38 -48.26
CA GLN TA 89 75.29 -2.25 -48.10
C GLN TA 89 74.80 -3.69 -48.07
N GLY TA 90 75.49 -4.56 -48.79
CA GLY TA 90 75.21 -5.99 -48.78
C GLY TA 90 75.97 -6.74 -47.67
N ASP TA 91 76.09 -8.05 -47.92
CA ASP TA 91 76.60 -9.08 -46.98
C ASP TA 91 76.06 -8.83 -45.62
N ARG TA 92 74.75 -8.74 -45.59
CA ARG TA 92 73.99 -8.54 -44.35
C ARG TA 92 73.98 -9.82 -43.52
N GLY TA 93 73.99 -9.63 -42.20
CA GLY TA 93 74.02 -10.71 -41.25
C GLY TA 93 73.30 -10.44 -39.96
N VAL TA 94 73.51 -11.39 -39.07
CA VAL TA 94 72.67 -11.49 -37.89
C VAL TA 94 73.48 -11.97 -36.64
N GLY TA 95 73.38 -11.18 -35.57
CA GLY TA 95 74.02 -11.41 -34.30
C GLY TA 95 73.13 -11.20 -33.09
N SER TA 96 73.80 -10.86 -32.00
CA SER TA 96 73.23 -11.05 -30.65
C SER TA 96 73.78 -10.10 -29.64
N SER TA 97 72.92 -9.50 -28.89
CA SER TA 97 73.38 -8.79 -27.68
C SER TA 97 72.81 -9.63 -26.52
N ALA TA 98 73.55 -9.70 -25.43
CA ALA TA 98 73.00 -10.21 -24.20
C ALA TA 98 73.53 -9.47 -22.95
N VAL TA 99 72.66 -9.36 -21.97
CA VAL TA 99 72.95 -8.66 -20.73
C VAL TA 99 73.71 -9.59 -19.81
N ILE TA 100 74.79 -9.09 -19.24
CA ILE TA 100 75.75 -9.86 -18.45
C ILE TA 100 75.95 -9.15 -17.12
N LEU TA 101 75.28 -9.62 -16.08
CA LEU TA 101 75.22 -8.83 -14.83
C LEU TA 101 76.31 -9.22 -13.80
N ASP TA 102 77.09 -10.27 -14.14
CA ASP TA 102 78.04 -10.90 -13.20
C ASP TA 102 79.48 -10.82 -13.71
N ASP TA 103 79.70 -9.94 -14.68
CA ASP TA 103 80.98 -9.56 -15.15
C ASP TA 103 81.73 -10.74 -15.72
N ASN TA 104 81.02 -11.59 -16.45
CA ASN TA 104 81.51 -12.87 -17.02
C ASN TA 104 81.10 -13.05 -18.51
N PHE TA 105 81.79 -12.30 -19.34
CA PHE TA 105 81.53 -12.23 -20.71
C PHE TA 105 82.21 -13.36 -21.42
N VAL TA 106 81.70 -13.72 -22.59
CA VAL TA 106 82.46 -14.56 -23.52
C VAL TA 106 83.79 -13.87 -23.88
N THR TA 107 84.84 -14.66 -23.98
CA THR TA 107 86.16 -14.12 -24.31
C THR TA 107 86.05 -13.53 -25.70
N LYS TA 108 86.62 -12.36 -25.82
CA LYS TA 108 86.78 -11.60 -27.03
C LYS TA 108 87.39 -12.43 -28.18
N ALA TA 109 86.79 -12.35 -29.33
CA ALA TA 109 87.22 -13.12 -30.45
C ALA TA 109 86.87 -12.38 -31.73
N THR TA 110 87.72 -12.52 -32.72
CA THR TA 110 87.55 -11.94 -34.06
C THR TA 110 86.51 -12.67 -34.93
N ALA TA 111 86.64 -14.01 -34.95
CA ALA TA 111 85.86 -14.86 -35.82
C ALA TA 111 85.57 -16.21 -35.16
N LEU TA 112 84.76 -16.19 -34.11
CA LEU TA 112 84.22 -17.41 -33.51
C LEU TA 112 83.28 -18.07 -34.51
N THR TA 113 83.21 -19.39 -34.47
CA THR TA 113 82.53 -20.17 -35.55
C THR TA 113 80.99 -20.37 -35.35
N TYR TA 114 80.49 -19.72 -34.30
CA TYR TA 114 79.09 -19.73 -33.91
C TYR TA 114 78.74 -18.45 -33.11
N ASP TA 115 77.47 -18.05 -33.09
CA ASP TA 115 77.07 -16.95 -32.18
C ASP TA 115 76.94 -17.42 -30.72
N PRO TA 116 77.92 -17.09 -29.86
CA PRO TA 116 77.84 -17.66 -28.50
C PRO TA 116 76.75 -17.01 -27.58
N TYR TA 117 76.12 -15.92 -27.97
CA TYR TA 117 75.13 -15.30 -27.14
C TYR TA 117 73.71 -15.58 -27.59
N VAL TA 118 73.55 -16.28 -28.69
CA VAL TA 118 72.22 -16.49 -29.29
C VAL TA 118 71.24 -17.18 -28.36
N ASN TA 119 71.70 -18.08 -27.48
CA ASN TA 119 70.80 -18.90 -26.65
C ASN TA 119 70.60 -18.27 -25.28
N TYR TA 120 71.19 -17.10 -25.04
CA TYR TA 120 71.09 -16.46 -23.74
C TYR TA 120 69.63 -16.04 -23.49
N SER TA 121 69.15 -16.19 -22.26
CA SER TA 121 67.83 -15.77 -21.94
C SER TA 121 67.58 -14.31 -22.27
N SER TA 122 68.57 -13.48 -22.00
CA SER TA 122 68.57 -12.04 -22.23
C SER TA 122 68.96 -11.59 -23.66
N ARG TA 123 69.16 -12.53 -24.58
CA ARG TA 123 69.59 -12.21 -25.97
C ARG TA 123 68.56 -11.44 -26.70
N HIS TA 124 68.97 -10.40 -27.40
CA HIS TA 124 68.13 -9.78 -28.42
C HIS TA 124 68.88 -9.87 -29.77
N THR TA 125 68.14 -10.10 -30.83
CA THR TA 125 68.71 -10.11 -32.15
C THR TA 125 69.16 -8.76 -32.69
N ILE TA 126 70.43 -8.72 -33.15
CA ILE TA 126 71.01 -7.58 -33.86
C ILE TA 126 70.93 -7.85 -35.34
N THR TA 127 70.59 -6.84 -36.11
CA THR TA 127 70.39 -6.96 -37.55
C THR TA 127 71.48 -6.08 -38.15
N GLN TA 128 72.22 -6.59 -39.12
CA GLN TA 128 73.43 -5.90 -39.60
C GLN TA 128 73.47 -5.66 -41.14
N PRO TA 129 74.02 -4.55 -41.61
CA PRO TA 129 74.89 -3.64 -40.89
C PRO TA 129 74.33 -2.22 -40.80
N PHE TA 130 73.09 -2.07 -41.22
CA PHE TA 130 72.49 -0.76 -41.39
C PHE TA 130 71.33 -0.55 -40.42
N SER TA 131 71.12 -1.38 -39.44
CA SER TA 131 70.00 -1.18 -38.57
C SER TA 131 70.45 -0.79 -37.20
N TYR TA 132 69.52 -0.11 -36.56
CA TYR TA 132 69.69 0.44 -35.19
C TYR TA 132 69.53 -0.71 -34.21
N HIS TA 133 70.24 -0.68 -33.11
CA HIS TA 133 70.04 -1.68 -32.07
C HIS TA 133 70.17 -0.92 -30.77
N SER TA 134 69.44 -1.38 -29.77
CA SER TA 134 69.50 -0.79 -28.44
C SER TA 134 69.04 -1.79 -27.42
N ARG TA 135 69.66 -1.69 -26.27
CA ARG TA 135 69.28 -2.40 -25.08
C ARG TA 135 69.13 -1.38 -23.97
N TYR TA 136 68.27 -1.75 -23.04
CA TYR TA 136 67.90 -0.84 -21.96
C TYR TA 136 67.65 -1.72 -20.73
N PHE TA 137 68.50 -1.58 -19.73
CA PHE TA 137 68.47 -2.49 -18.57
C PHE TA 137 69.17 -1.89 -17.34
N THR TA 138 68.80 -2.34 -16.14
CA THR TA 138 69.54 -2.00 -14.93
C THR TA 138 70.82 -2.80 -14.84
N PRO TA 139 71.96 -2.12 -14.82
CA PRO TA 139 73.22 -2.83 -14.73
C PRO TA 139 73.53 -3.02 -13.28
N LYS TA 140 74.69 -3.64 -13.02
CA LYS TA 140 75.09 -3.96 -11.65
C LYS TA 140 76.53 -3.57 -11.41
N PRO TA 141 76.84 -3.05 -10.21
CA PRO TA 141 78.25 -2.84 -9.94
C PRO TA 141 79.04 -4.17 -9.77
N VAL TA 142 80.34 -4.05 -9.88
CA VAL TA 142 81.25 -5.14 -9.78
C VAL TA 142 81.80 -4.94 -8.37
N LEU TA 143 81.11 -5.51 -7.38
CA LEU TA 143 81.44 -5.32 -5.96
C LEU TA 143 82.59 -6.17 -5.54
N ASP TA 144 82.53 -7.46 -5.88
CA ASP TA 144 83.62 -8.37 -5.60
C ASP TA 144 83.71 -9.30 -6.84
N SER TA 145 84.82 -9.25 -7.57
CA SER TA 145 84.94 -9.95 -8.85
C SER TA 145 85.51 -11.40 -8.76
N THR TA 146 85.58 -11.95 -7.55
CA THR TA 146 85.81 -13.37 -7.28
C THR TA 146 84.48 -14.14 -7.16
N ILE TA 147 83.49 -13.51 -6.52
CA ILE TA 147 82.21 -14.16 -6.20
C ILE TA 147 81.17 -13.71 -7.18
N ASP TA 148 81.23 -12.43 -7.51
CA ASP TA 148 80.47 -11.86 -8.60
C ASP TA 148 78.98 -11.83 -8.32
N TYR TA 149 78.66 -11.25 -7.18
CA TYR TA 149 77.29 -11.15 -6.74
C TYR TA 149 76.61 -9.81 -7.15
N PHE TA 150 75.28 -9.88 -7.24
CA PHE TA 150 74.47 -8.73 -7.57
C PHE TA 150 73.08 -8.83 -7.08
N GLN TA 151 72.49 -7.64 -6.97
CA GLN TA 151 71.14 -7.46 -6.48
C GLN TA 151 70.06 -7.80 -7.51
N PRO TA 152 68.98 -8.47 -7.06
CA PRO TA 152 67.81 -8.61 -7.89
C PRO TA 152 67.28 -7.27 -8.28
N ASN TA 153 66.80 -7.24 -9.49
CA ASN TA 153 66.39 -6.02 -10.18
C ASN TA 153 65.20 -5.51 -9.30
N ASN TA 154 65.31 -4.28 -8.81
CA ASN TA 154 64.41 -3.78 -7.73
C ASN TA 154 64.44 -2.21 -7.80
N LYS TA 155 63.58 -1.51 -7.04
CA LYS TA 155 63.63 -0.02 -7.00
C LYS TA 155 64.21 0.50 -5.68
N ARG TA 156 63.38 0.68 -4.66
CA ARG TA 156 63.81 1.43 -3.47
C ARG TA 156 65.03 0.87 -2.70
N ASN TA 157 65.35 -0.43 -2.90
CA ASN TA 157 66.45 -1.20 -2.24
C ASN TA 157 67.85 -1.28 -2.91
N GLN TA 158 68.04 -0.64 -4.06
CA GLN TA 158 69.32 -0.68 -4.77
C GLN TA 158 70.46 0.04 -4.00
N LEU TA 159 71.63 -0.58 -3.97
CA LEU TA 159 72.74 -0.08 -3.19
C LEU TA 159 73.10 1.35 -3.63
N TRP TA 160 73.44 2.19 -2.66
CA TRP TA 160 74.01 3.49 -2.95
C TRP TA 160 75.51 3.34 -2.99
N LEU TA 161 76.15 4.11 -3.87
CA LEU TA 161 77.59 4.16 -4.00
C LEU TA 161 78.14 5.59 -3.78
N ARG TA 162 79.28 5.71 -3.12
CA ARG TA 162 80.06 6.97 -3.18
C ARG TA 162 80.44 7.44 -4.59
N LEU TA 163 80.02 8.66 -4.92
CA LEU TA 163 80.55 9.37 -6.09
C LEU TA 163 82.01 9.67 -5.82
N GLN TA 164 82.88 8.97 -6.54
CA GLN TA 164 84.31 9.16 -6.40
C GLN TA 164 84.86 10.11 -7.45
N THR TA 165 86.02 10.69 -7.11
CA THR TA 165 86.67 11.64 -8.05
C THR TA 165 87.13 10.87 -9.33
N ALA TA 166 88.02 9.91 -9.08
CA ALA TA 166 88.70 9.04 -10.06
C ALA TA 166 88.35 7.54 -9.96
N GLY TA 167 88.08 7.03 -8.78
CA GLY TA 167 88.19 5.59 -8.62
C GLY TA 167 86.95 4.79 -8.88
N ASN TA 168 86.02 5.33 -9.67
CA ASN TA 168 84.68 4.77 -9.65
C ASN TA 168 84.61 3.30 -10.11
N VAL TA 169 83.68 2.58 -9.48
CA VAL TA 169 83.48 1.17 -9.74
C VAL TA 169 82.75 0.88 -11.05
N ASP TA 170 83.28 -0.11 -11.74
CA ASP TA 170 82.63 -0.60 -12.95
C ASP TA 170 81.26 -1.18 -12.71
N HIS TA 171 80.36 -0.82 -13.61
CA HIS TA 171 79.09 -1.51 -13.77
C HIS TA 171 79.04 -2.37 -15.04
N VAL TA 172 78.06 -3.25 -15.05
CA VAL TA 172 78.15 -4.43 -15.87
C VAL TA 172 76.78 -4.89 -16.45
N GLY TA 173 76.94 -5.56 -17.61
CA GLY TA 173 76.37 -5.02 -18.78
C GLY TA 173 76.23 -5.81 -20.03
N LEU TA 174 77.08 -5.66 -21.05
CA LEU TA 174 76.65 -6.12 -22.40
C LEU TA 174 77.62 -6.98 -23.25
N GLY TA 175 77.27 -8.22 -23.52
CA GLY TA 175 78.05 -9.05 -24.44
C GLY TA 175 77.49 -8.84 -25.83
N THR TA 176 78.36 -8.86 -26.83
CA THR TA 176 77.95 -8.59 -28.20
C THR TA 176 78.55 -9.62 -29.12
N ALA TA 177 77.73 -10.12 -30.00
CA ALA TA 177 78.25 -10.95 -31.06
C ALA TA 177 77.74 -10.43 -32.41
N PHE TA 178 78.57 -9.71 -33.12
CA PHE TA 178 78.20 -9.25 -34.46
C PHE TA 178 78.71 -10.22 -35.52
N GLU TA 179 77.85 -10.55 -36.49
CA GLU TA 179 78.28 -11.41 -37.61
C GLU TA 179 79.30 -10.62 -38.44
N ASN TA 180 80.36 -11.34 -38.87
CA ASN TA 180 81.34 -10.79 -39.84
C ASN TA 180 80.77 -10.69 -41.21
N SER TA 181 81.38 -9.82 -41.98
CA SER TA 181 81.01 -9.48 -43.31
C SER TA 181 82.27 -9.24 -44.14
N ILE TA 182 82.10 -9.60 -45.42
CA ILE TA 182 82.92 -9.18 -46.58
C ILE TA 182 83.32 -7.66 -46.59
N TYR TA 183 82.53 -6.77 -45.95
CA TYR TA 183 82.73 -5.29 -45.86
C TYR TA 183 82.96 -4.81 -44.43
N ASP TA 184 83.51 -3.62 -44.26
CA ASP TA 184 83.62 -3.08 -42.90
C ASP TA 184 82.22 -2.76 -42.33
N GLN TA 185 82.02 -3.03 -41.06
CA GLN TA 185 80.83 -2.60 -40.34
C GLN TA 185 81.21 -1.60 -39.19
N GLU TA 186 80.79 -0.34 -39.33
CA GLU TA 186 81.01 0.70 -38.33
C GLU TA 186 79.72 1.17 -37.61
N TYR TA 187 79.88 1.47 -36.34
CA TYR TA 187 78.80 1.97 -35.46
C TYR TA 187 79.28 3.20 -34.62
N ASN TA 188 78.45 4.20 -34.38
CA ASN TA 188 78.73 5.14 -33.31
C ASN TA 188 77.92 4.57 -32.22
N ILE TA 189 78.56 4.18 -31.15
CA ILE TA 189 77.84 3.58 -30.05
C ILE TA 189 77.52 4.71 -29.08
N ARG TA 190 76.26 4.82 -28.69
CA ARG TA 190 75.88 5.83 -27.71
C ARG TA 190 75.39 5.20 -26.44
N VAL TA 191 76.12 5.46 -25.36
CA VAL TA 191 75.74 4.99 -24.04
C VAL TA 191 75.20 6.16 -23.24
N THR TA 192 74.08 5.87 -22.58
CA THR TA 192 73.34 6.79 -21.77
C THR TA 192 73.09 6.06 -20.43
N MET TA 193 73.61 6.62 -19.34
CA MET TA 193 73.27 6.15 -17.98
C MET TA 193 72.22 7.08 -17.39
N TYR TA 194 71.23 6.49 -16.75
CA TYR TA 194 70.20 7.19 -15.98
C TYR TA 194 70.57 7.07 -14.50
N VAL TA 195 71.19 8.10 -13.97
CA VAL TA 195 71.75 8.11 -12.62
C VAL TA 195 70.88 8.91 -11.68
N GLN TA 196 70.69 8.33 -10.50
CA GLN TA 196 70.03 8.95 -9.37
C GLN TA 196 71.15 9.30 -8.39
N PHE TA 197 71.35 10.59 -8.17
CA PHE TA 197 72.30 11.12 -7.20
C PHE TA 197 71.59 11.52 -5.89
N ARG TA 198 72.34 11.59 -4.81
CA ARG TA 198 71.84 11.88 -3.48
C ARG TA 198 72.85 12.69 -2.59
N GLU TA 199 72.29 13.54 -1.74
CA GLU TA 199 73.08 14.40 -0.84
C GLU TA 199 73.92 15.44 -1.60
N PHE TA 200 73.23 16.53 -1.94
CA PHE TA 200 73.89 17.76 -2.33
C PHE TA 200 75.04 18.04 -1.39
N ASN TA 201 76.23 18.40 -1.90
CA ASN TA 201 77.41 18.66 -1.00
C ASN TA 201 78.24 19.89 -1.34
N LEU TA 202 77.69 20.81 -2.12
CA LEU TA 202 78.49 21.88 -2.70
C LEU TA 202 79.30 22.72 -1.68
N LYS TA 203 80.62 22.74 -1.86
CA LYS TA 203 81.48 23.51 -0.97
C LYS TA 203 81.60 24.86 -1.61
N ASP TA 204 81.62 25.91 -0.79
CA ASP TA 204 81.69 27.34 -1.22
C ASP TA 204 82.77 28.12 -0.43
N PRO TA 205 84.03 28.02 -0.84
CA PRO TA 205 85.07 28.85 -0.23
C PRO TA 205 84.95 30.31 -0.61
N PRO TA 206 85.61 31.20 0.14
CA PRO TA 206 85.34 32.66 -0.01
C PRO TA 206 86.18 33.49 -1.06
N LEU TA 207 86.37 34.80 -0.77
CA LEU TA 207 87.52 35.74 -1.14
C LEU TA 207 87.56 36.18 -2.60
N SER UA 19 19.48 11.70 -64.70
CA SER UA 19 19.89 13.11 -65.09
C SER UA 19 21.40 13.54 -64.84
N HIS UA 20 22.00 13.18 -63.68
CA HIS UA 20 23.37 13.58 -63.29
C HIS UA 20 24.35 12.48 -63.38
N PHE UA 21 25.53 12.72 -63.90
CA PHE UA 21 26.50 11.67 -64.07
C PHE UA 21 27.81 12.12 -63.46
N ASN UA 22 28.22 11.49 -62.37
CA ASN UA 22 29.54 11.77 -61.78
C ASN UA 22 30.60 10.88 -62.36
N THR UA 23 31.71 11.46 -62.75
CA THR UA 23 32.82 10.64 -63.20
C THR UA 23 34.16 11.34 -63.09
N ARG UA 24 35.18 10.55 -63.40
CA ARG UA 24 36.53 10.92 -63.21
C ARG UA 24 37.31 10.79 -64.52
N LEU UA 25 38.01 11.84 -64.91
CA LEU UA 25 38.77 11.84 -66.13
C LEU UA 25 40.19 12.21 -65.82
N SER UA 26 41.16 11.52 -66.42
CA SER UA 26 42.58 11.76 -66.22
C SER UA 26 43.46 11.95 -67.44
N ARG UA 27 44.60 12.59 -67.20
CA ARG UA 27 45.65 12.61 -68.16
C ARG UA 27 47.02 12.71 -67.49
N THR UA 28 48.06 12.25 -68.17
CA THR UA 28 49.38 12.29 -67.62
C THR UA 28 50.37 12.96 -68.61
N PHE UA 29 51.13 13.94 -68.14
CA PHE UA 29 52.17 14.61 -68.96
C PHE UA 29 53.47 14.75 -68.17
N GLY UA 30 54.55 14.99 -68.91
CA GLY UA 30 55.88 15.17 -68.34
C GLY UA 30 56.26 16.58 -67.89
N TYR UA 31 57.09 16.65 -66.86
CA TYR UA 31 57.64 17.94 -66.42
C TYR UA 31 59.06 17.74 -65.99
N THR UA 32 59.98 18.54 -66.52
CA THR UA 32 61.36 18.47 -66.03
C THR UA 32 61.79 19.80 -65.48
N ILE UA 33 62.38 19.76 -64.31
CA ILE UA 33 63.14 20.88 -63.83
C ILE UA 33 64.54 20.59 -64.28
N LYS UA 34 65.16 21.53 -65.02
CA LYS UA 34 66.50 21.33 -65.60
C LYS UA 34 67.55 21.68 -64.61
N ARG UA 35 68.67 20.95 -64.68
CA ARG UA 35 69.75 21.08 -63.69
C ARG UA 35 70.34 22.48 -63.77
N THR UA 36 70.79 23.06 -62.65
CA THR UA 36 71.52 24.35 -62.66
C THR UA 36 72.84 24.23 -61.95
N THR UA 37 73.73 25.16 -62.28
CA THR UA 37 74.99 25.31 -61.61
C THR UA 37 74.98 26.49 -60.66
N VAL UA 38 73.86 27.22 -60.55
CA VAL UA 38 73.67 28.22 -59.45
C VAL UA 38 73.94 27.41 -58.17
N LYS UA 39 74.75 27.98 -57.26
CA LYS UA 39 75.24 27.24 -56.05
C LYS UA 39 74.30 27.50 -54.84
N THR UA 40 73.81 28.76 -54.67
CA THR UA 40 72.75 29.11 -53.68
C THR UA 40 71.32 28.58 -54.05
N PRO UA 41 70.51 28.32 -53.02
CA PRO UA 41 69.16 27.83 -53.22
C PRO UA 41 68.37 28.71 -54.19
N SER UA 42 67.71 28.10 -55.16
CA SER UA 42 66.89 28.78 -56.14
C SER UA 42 65.73 27.90 -56.52
N TRP UA 43 64.68 28.48 -57.10
CA TRP UA 43 63.41 27.74 -57.26
C TRP UA 43 62.87 27.93 -58.65
N ALA UA 44 62.47 26.83 -59.31
CA ALA UA 44 61.74 26.91 -60.56
C ALA UA 44 60.29 27.12 -60.19
N VAL UA 45 59.75 28.24 -60.68
CA VAL UA 45 58.42 28.69 -60.38
C VAL UA 45 57.59 28.52 -61.61
N ASP UA 46 56.38 28.02 -61.45
CA ASP UA 46 55.54 27.67 -62.60
C ASP UA 46 54.08 27.57 -62.22
N MET UA 47 53.22 27.18 -63.13
CA MET UA 47 51.75 27.27 -62.95
C MET UA 47 50.95 26.24 -63.72
N MET UA 48 49.71 26.08 -63.32
CA MET UA 48 48.88 25.02 -63.77
C MET UA 48 47.43 25.50 -63.84
N ARG UA 49 46.85 25.32 -64.99
CA ARG UA 49 45.44 25.42 -65.23
C ARG UA 49 44.90 24.10 -65.66
N PHE UA 50 43.58 24.04 -65.68
CA PHE UA 50 42.85 22.82 -66.00
C PHE UA 50 41.75 23.16 -66.95
N ASN UA 51 41.79 22.55 -68.12
CA ASN UA 51 40.77 22.78 -69.08
C ASN UA 51 40.19 21.46 -69.55
N ILE UA 52 38.88 21.29 -69.46
CA ILE UA 52 38.27 20.02 -69.86
C ILE UA 52 38.58 19.55 -71.31
N ASN UA 53 38.97 20.45 -72.22
CA ASN UA 53 39.37 20.04 -73.62
C ASN UA 53 40.50 19.01 -73.62
N ASP UA 54 41.40 19.10 -72.66
CA ASP UA 54 42.46 18.12 -72.47
C ASP UA 54 42.04 16.76 -71.91
N PHE UA 55 40.81 16.62 -71.40
CA PHE UA 55 40.36 15.35 -70.78
C PHE UA 55 39.34 14.67 -71.59
N LEU UA 56 38.81 15.38 -72.57
CA LEU UA 56 37.56 15.01 -73.20
C LEU UA 56 37.73 15.17 -74.69
N PRO UA 57 37.99 14.06 -75.37
CA PRO UA 57 38.16 14.24 -76.82
C PRO UA 57 36.86 14.50 -77.58
N PRO UA 58 36.97 15.02 -78.80
CA PRO UA 58 35.74 15.31 -79.52
C PRO UA 58 34.96 14.03 -79.89
N GLY UA 59 33.69 14.19 -80.26
CA GLY UA 59 32.75 13.09 -80.44
C GLY UA 59 32.74 12.74 -81.90
N GLY UA 60 31.55 12.56 -82.44
CA GLY UA 60 31.39 12.11 -83.80
C GLY UA 60 29.95 12.23 -84.24
N GLY UA 61 29.78 12.60 -85.52
CA GLY UA 61 28.48 12.89 -86.14
C GLY UA 61 27.66 13.87 -85.33
N SER UA 62 26.41 13.51 -85.11
CA SER UA 62 25.53 14.45 -84.43
C SER UA 62 25.77 14.62 -82.90
N ASN UA 63 26.72 13.86 -82.32
CA ASN UA 63 27.14 13.98 -80.92
C ASN UA 63 28.57 14.51 -80.79
N PRO UA 64 28.75 15.86 -80.76
CA PRO UA 64 30.08 16.41 -80.96
C PRO UA 64 31.10 16.21 -79.81
N ARG UA 65 30.65 15.70 -78.67
CA ARG UA 65 31.53 15.47 -77.55
C ARG UA 65 31.40 14.05 -77.12
N SER UA 66 32.49 13.47 -76.66
CA SER UA 66 32.45 12.04 -76.36
C SER UA 66 31.64 11.67 -75.12
N VAL UA 67 31.31 12.62 -74.23
CA VAL UA 67 30.25 12.40 -73.24
C VAL UA 67 29.00 13.24 -73.58
N PRO UA 68 27.88 12.59 -73.91
CA PRO UA 68 26.72 13.28 -74.43
C PRO UA 68 25.93 13.92 -73.34
N PHE UA 69 26.50 14.99 -72.78
CA PHE UA 69 25.87 15.75 -71.69
C PHE UA 69 25.96 17.23 -72.05
N GLU UA 70 24.98 18.00 -71.60
CA GLU UA 70 24.87 19.37 -72.03
C GLU UA 70 25.65 20.30 -71.09
N TYR UA 71 25.67 19.93 -69.80
CA TYR UA 71 26.26 20.82 -68.74
C TYR UA 71 27.24 20.07 -67.91
N TYR UA 72 28.23 20.75 -67.35
CA TYR UA 72 29.18 20.11 -66.40
C TYR UA 72 29.72 21.10 -65.36
N ARG UA 73 30.17 20.61 -64.23
CA ARG UA 73 31.01 21.44 -63.34
C ARG UA 73 32.01 20.57 -62.68
N ILE UA 74 33.19 21.14 -62.44
CA ILE UA 74 34.29 20.37 -61.92
C ILE UA 74 34.24 20.46 -60.43
N ARG UA 75 34.01 19.33 -59.81
CA ARG UA 75 33.78 19.27 -58.37
C ARG UA 75 35.08 19.37 -57.60
N LYS UA 76 36.11 18.72 -58.11
CA LYS UA 76 37.36 18.62 -57.42
C LYS UA 76 38.44 18.33 -58.44
N VAL UA 77 39.63 18.90 -58.33
CA VAL UA 77 40.84 18.40 -59.06
C VAL UA 77 41.79 17.70 -58.13
N LYS UA 78 42.40 16.62 -58.55
CA LYS UA 78 43.59 16.08 -57.89
C LYS UA 78 44.73 16.22 -58.84
N VAL UA 79 45.85 16.63 -58.30
CA VAL UA 79 47.06 16.81 -59.12
C VAL UA 79 48.09 15.98 -58.44
N GLU UA 80 48.72 15.08 -59.19
CA GLU UA 80 49.74 14.18 -58.68
C GLU UA 80 51.06 14.41 -59.38
N PHE UA 81 52.12 14.60 -58.62
CA PHE UA 81 53.49 14.58 -59.09
C PHE UA 81 54.11 13.24 -58.75
N TRP UA 82 54.14 12.36 -59.74
CA TRP UA 82 54.82 11.05 -59.63
C TRP UA 82 56.29 11.19 -60.05
N PRO UA 83 57.23 11.17 -59.08
CA PRO UA 83 58.65 11.33 -59.37
C PRO UA 83 59.23 10.27 -60.24
N CYS UA 84 59.98 10.71 -61.25
CA CYS UA 84 60.81 9.81 -62.03
C CYS UA 84 62.16 9.50 -61.39
N SER UA 85 62.70 10.42 -60.59
CA SER UA 85 64.03 10.24 -59.98
C SER UA 85 64.05 9.08 -58.96
N PRO UA 86 65.17 8.34 -58.90
CA PRO UA 86 65.22 7.20 -58.00
C PRO UA 86 65.59 7.67 -56.61
N ILE UA 87 65.37 6.80 -55.61
CA ILE UA 87 65.55 7.17 -54.21
C ILE UA 87 67.01 7.38 -53.86
N THR UA 88 67.87 7.12 -54.84
CA THR UA 88 69.30 7.29 -54.75
C THR UA 88 69.78 8.67 -55.07
N GLN UA 89 68.92 9.54 -55.58
CA GLN UA 89 69.39 10.80 -56.11
C GLN UA 89 69.57 11.75 -54.93
N GLY UA 90 70.65 12.51 -55.02
CA GLY UA 90 70.99 13.49 -54.00
C GLY UA 90 70.54 14.90 -54.39
N ASP UA 91 71.21 15.87 -53.77
CA ASP UA 91 70.85 17.29 -53.87
C ASP UA 91 69.34 17.39 -53.67
N ARG UA 92 68.88 16.78 -52.60
CA ARG UA 92 67.46 16.87 -52.26
C ARG UA 92 67.10 18.29 -51.88
N GLY UA 93 65.94 18.71 -52.38
CA GLY UA 93 65.37 20.05 -52.16
C GLY UA 93 64.00 20.01 -51.50
N VAL UA 94 63.51 21.21 -51.27
CA VAL UA 94 62.26 21.42 -50.63
C VAL UA 94 61.54 22.63 -51.30
N GLY UA 95 60.31 22.41 -51.75
CA GLY UA 95 59.53 23.37 -52.54
C GLY UA 95 58.12 23.61 -52.01
N SER UA 96 57.29 24.26 -52.83
CA SER UA 96 55.93 24.57 -52.42
C SER UA 96 54.89 24.46 -53.51
N SER UA 97 53.74 23.90 -53.15
CA SER UA 97 52.56 23.99 -54.02
C SER UA 97 51.56 24.90 -53.34
N ALA UA 98 50.77 25.60 -54.15
CA ALA UA 98 49.77 26.49 -53.61
C ALA UA 98 48.60 26.60 -54.53
N VAL UA 99 47.44 26.67 -53.95
CA VAL UA 99 46.18 26.78 -54.62
C VAL UA 99 45.82 28.28 -54.97
N ILE UA 100 45.84 28.56 -56.28
CA ILE UA 100 45.57 29.86 -56.83
C ILE UA 100 44.21 29.83 -57.53
N LEU UA 101 43.21 30.39 -56.88
CA LEU UA 101 41.84 30.32 -57.38
C LEU UA 101 41.38 31.53 -58.22
N ASP UA 102 42.28 32.49 -58.48
CA ASP UA 102 41.92 33.75 -59.14
C ASP UA 102 42.76 33.99 -60.35
N ASP UA 103 43.35 32.92 -60.89
CA ASP UA 103 44.16 33.00 -62.10
C ASP UA 103 45.34 33.97 -61.92
N ASN UA 104 45.83 34.20 -60.69
CA ASN UA 104 46.97 35.12 -60.50
C ASN UA 104 48.24 34.52 -59.91
N PHE UA 105 48.98 33.88 -60.80
CA PHE UA 105 50.13 33.11 -60.43
C PHE UA 105 51.37 34.00 -60.31
N VAL UA 106 52.30 33.67 -59.43
CA VAL UA 106 53.64 34.23 -59.47
C VAL UA 106 54.24 33.91 -60.86
N THR UA 107 54.84 34.93 -61.47
CA THR UA 107 55.37 34.85 -62.82
C THR UA 107 56.33 33.69 -62.90
N LYS UA 108 56.32 33.05 -64.05
CA LYS UA 108 57.26 31.97 -64.32
C LYS UA 108 58.74 32.41 -64.18
N ALA UA 109 59.54 31.61 -63.48
CA ALA UA 109 60.94 31.93 -63.27
C ALA UA 109 61.76 30.66 -63.34
N THR UA 110 62.96 30.73 -63.89
CA THR UA 110 63.83 29.55 -63.91
C THR UA 110 64.48 29.34 -62.54
N ALA UA 111 64.84 30.46 -61.87
CA ALA UA 111 65.59 30.40 -60.59
C ALA UA 111 65.37 31.63 -59.74
N LEU UA 112 64.21 31.74 -59.17
CA LEU UA 112 63.95 32.77 -58.20
C LEU UA 112 64.87 32.48 -57.07
N THR UA 113 65.31 33.51 -56.38
CA THR UA 113 66.22 33.33 -55.23
C THR UA 113 65.53 33.06 -53.86
N TYR UA 114 64.18 32.93 -53.90
CA TYR UA 114 63.31 32.47 -52.79
C TYR UA 114 62.13 31.58 -53.28
N ASP UA 115 61.42 30.96 -52.36
CA ASP UA 115 60.28 30.16 -52.72
C ASP UA 115 59.07 31.07 -52.57
N PRO UA 116 58.59 31.64 -53.68
CA PRO UA 116 57.58 32.68 -53.51
C PRO UA 116 56.25 32.16 -52.94
N TYR UA 117 55.96 30.87 -53.08
CA TYR UA 117 54.73 30.32 -52.48
C TYR UA 117 54.85 29.87 -51.01
N VAL UA 118 56.04 29.71 -50.47
CA VAL UA 118 56.15 29.16 -49.12
C VAL UA 118 55.20 29.72 -48.00
N ASN UA 119 54.84 31.01 -48.09
CA ASN UA 119 54.04 31.61 -47.06
C ASN UA 119 52.58 31.57 -47.39
N TYR UA 120 52.21 31.11 -48.57
CA TYR UA 120 50.81 31.14 -48.97
C TYR UA 120 49.97 30.27 -48.07
N SER UA 121 48.74 30.68 -47.78
CA SER UA 121 47.87 29.95 -46.82
C SER UA 121 47.71 28.52 -47.27
N SER UA 122 47.38 28.36 -48.54
CA SER UA 122 47.17 27.07 -49.15
C SER UA 122 48.43 26.28 -49.38
N ARG UA 123 49.61 26.78 -48.96
CA ARG UA 123 50.87 26.11 -49.27
C ARG UA 123 50.90 24.72 -48.71
N HIS UA 124 51.33 23.74 -49.48
CA HIS UA 124 51.79 22.45 -48.95
C HIS UA 124 53.25 22.31 -49.40
N THR UA 125 54.00 21.59 -48.59
CA THR UA 125 55.41 21.31 -48.82
C THR UA 125 55.60 20.20 -49.86
N ILE UA 126 56.51 20.44 -50.80
CA ILE UA 126 56.93 19.46 -51.81
C ILE UA 126 58.33 18.98 -51.42
N THR UA 127 58.50 17.67 -51.33
CA THR UA 127 59.77 17.07 -51.01
C THR UA 127 60.42 16.61 -52.30
N GLN UA 128 61.67 16.97 -52.54
CA GLN UA 128 62.27 16.70 -53.87
C GLN UA 128 63.52 15.85 -53.67
N PRO UA 129 63.84 14.96 -54.63
CA PRO UA 129 63.18 14.76 -55.92
C PRO UA 129 62.47 13.38 -56.11
N PHE UA 130 62.56 12.48 -55.13
CA PHE UA 130 62.02 11.16 -55.33
C PHE UA 130 60.70 10.92 -54.61
N SER UA 131 60.01 11.98 -54.22
CA SER UA 131 58.80 11.79 -53.43
C SER UA 131 57.53 12.14 -54.19
N TYR UA 132 56.45 11.49 -53.79
CA TYR UA 132 55.14 11.77 -54.35
C TYR UA 132 54.62 13.07 -53.76
N HIS UA 133 53.95 13.90 -54.54
CA HIS UA 133 53.24 15.10 -53.98
C HIS UA 133 51.89 15.16 -54.58
N SER UA 134 50.85 15.48 -53.83
CA SER UA 134 49.52 15.69 -54.46
C SER UA 134 48.72 16.77 -53.82
N ARG UA 135 47.75 17.28 -54.51
CA ARG UA 135 46.88 18.31 -53.96
C ARG UA 135 45.51 17.98 -54.45
N TYR UA 136 44.54 18.34 -53.66
CA TYR UA 136 43.15 17.98 -53.96
C TYR UA 136 42.17 19.12 -53.50
N PHE UA 137 41.53 19.77 -54.44
CA PHE UA 137 40.81 20.97 -54.09
C PHE UA 137 39.75 21.26 -55.15
N THR UA 138 38.84 22.15 -54.81
CA THR UA 138 37.89 22.65 -55.83
C THR UA 138 38.50 23.78 -56.64
N PRO UA 139 38.79 23.57 -57.92
CA PRO UA 139 39.28 24.66 -58.78
C PRO UA 139 38.17 25.65 -59.10
N LYS UA 140 38.48 26.73 -59.79
CA LYS UA 140 37.46 27.68 -60.24
C LYS UA 140 37.60 28.13 -61.71
N PRO UA 141 36.47 28.19 -62.39
CA PRO UA 141 36.53 28.69 -63.77
C PRO UA 141 36.97 30.12 -63.89
N VAL UA 142 37.73 30.43 -64.92
CA VAL UA 142 38.09 31.79 -65.17
C VAL UA 142 36.99 32.43 -65.94
N LEU UA 143 36.05 33.02 -65.24
CA LEU UA 143 34.89 33.63 -65.86
C LEU UA 143 35.15 35.03 -66.44
N ASP UA 144 35.97 35.82 -65.74
CA ASP UA 144 36.28 37.19 -66.15
C ASP UA 144 37.68 37.48 -65.64
N SER UA 145 38.67 37.44 -66.52
CA SER UA 145 40.08 37.56 -66.09
C SER UA 145 40.57 39.00 -65.79
N THR UA 146 39.73 40.02 -66.02
CA THR UA 146 39.98 41.32 -65.41
C THR UA 146 39.78 41.25 -63.88
N ILE UA 147 38.53 41.03 -63.52
CA ILE UA 147 38.07 41.12 -62.15
C ILE UA 147 38.55 39.90 -61.35
N ASP UA 148 38.67 38.73 -62.00
CA ASP UA 148 39.03 37.44 -61.38
C ASP UA 148 38.24 37.08 -60.14
N TYR UA 149 36.95 36.82 -60.32
CA TYR UA 149 36.11 36.40 -59.22
C TYR UA 149 35.74 34.93 -59.29
N PHE UA 150 35.54 34.39 -58.09
CA PHE UA 150 35.14 32.99 -57.94
C PHE UA 150 34.18 32.75 -56.74
N GLN UA 151 33.46 31.62 -56.78
CA GLN UA 151 32.47 31.28 -55.74
C GLN UA 151 33.16 30.64 -54.59
N PRO UA 152 32.64 30.85 -53.39
CA PRO UA 152 33.08 30.08 -52.23
C PRO UA 152 32.87 28.58 -52.41
N ASN UA 153 33.82 27.79 -51.91
CA ASN UA 153 33.93 26.34 -52.24
C ASN UA 153 32.57 25.79 -51.70
N ASN UA 154 31.81 25.11 -52.55
CA ASN UA 154 30.39 24.74 -52.24
C ASN UA 154 29.97 23.42 -52.93
N LYS UA 155 28.70 23.06 -52.72
CA LYS UA 155 28.05 22.06 -53.54
C LYS UA 155 26.72 22.60 -54.10
N ARG UA 156 25.73 22.81 -53.23
CA ARG UA 156 24.38 23.30 -53.62
C ARG UA 156 24.46 24.27 -54.78
N ASN UA 157 25.23 25.35 -54.57
CA ASN UA 157 25.18 26.58 -55.34
C ASN UA 157 26.26 26.77 -56.46
N GLN UA 158 27.15 25.81 -56.68
CA GLN UA 158 28.16 25.97 -57.69
C GLN UA 158 27.54 26.14 -59.12
N LEU UA 159 28.12 27.08 -59.88
CA LEU UA 159 27.79 27.33 -61.25
C LEU UA 159 27.94 26.11 -62.19
N TRP UA 160 26.90 25.91 -63.01
CA TRP UA 160 26.94 24.95 -64.11
C TRP UA 160 27.50 25.64 -65.33
N LEU UA 161 28.21 24.88 -66.15
CA LEU UA 161 28.81 25.39 -67.34
C LEU UA 161 28.34 24.59 -68.53
N ARG UA 162 28.27 25.23 -69.68
CA ARG UA 162 28.04 24.49 -70.89
C ARG UA 162 29.24 23.62 -71.23
N LEU UA 163 28.97 22.37 -71.65
CA LEU UA 163 30.01 21.53 -72.27
C LEU UA 163 30.18 21.98 -73.70
N GLN UA 164 31.33 22.58 -73.96
CA GLN UA 164 31.68 23.03 -75.29
C GLN UA 164 32.52 21.99 -75.99
N THR UA 165 32.41 21.97 -77.33
CA THR UA 165 33.20 21.08 -78.17
C THR UA 165 34.58 21.67 -78.18
N ALA UA 166 34.57 22.95 -78.56
CA ALA UA 166 35.76 23.66 -78.97
C ALA UA 166 36.53 24.26 -77.78
N GLY UA 167 36.10 25.41 -77.26
CA GLY UA 167 37.00 26.19 -76.40
C GLY UA 167 36.36 26.32 -75.04
N ASN UA 168 36.49 25.30 -74.25
CA ASN UA 168 35.97 25.35 -72.92
C ASN UA 168 36.76 26.31 -72.05
N VAL UA 169 36.17 26.78 -70.99
CA VAL UA 169 36.80 27.75 -70.12
C VAL UA 169 37.89 27.09 -69.20
N ASP UA 170 39.03 27.77 -69.07
CA ASP UA 170 40.08 27.34 -68.16
C ASP UA 170 39.59 27.31 -66.67
N HIS UA 171 40.05 26.32 -65.93
CA HIS UA 171 39.83 26.28 -64.52
C HIS UA 171 41.14 26.40 -63.86
N VAL UA 172 41.09 26.80 -62.62
CA VAL UA 172 42.30 27.37 -62.11
C VAL UA 172 42.59 26.92 -60.69
N GLY UA 173 43.88 26.82 -60.44
CA GLY UA 173 44.28 26.08 -59.34
C GLY UA 173 45.68 26.16 -58.92
N LEU UA 174 46.70 25.75 -59.67
CA LEU UA 174 47.95 25.45 -58.88
C LEU UA 174 49.28 26.15 -59.24
N GLY UA 175 49.85 26.91 -58.30
CA GLY UA 175 51.24 27.36 -58.42
C GLY UA 175 52.22 26.39 -57.79
N THR UA 176 53.40 26.29 -58.37
CA THR UA 176 54.44 25.36 -57.95
C THR UA 176 55.79 26.06 -57.89
N ALA UA 177 56.54 25.82 -56.84
CA ALA UA 177 57.91 26.24 -56.80
C ALA UA 177 58.75 25.05 -56.32
N PHE UA 178 59.50 24.42 -57.25
CA PHE UA 178 60.46 23.33 -56.92
C PHE UA 178 61.87 23.88 -56.86
N GLU UA 179 62.57 23.48 -55.80
CA GLU UA 179 63.96 23.88 -55.60
C GLU UA 179 64.79 23.25 -56.68
N ASN UA 180 65.61 24.12 -57.30
CA ASN UA 180 66.58 23.73 -58.31
C ASN UA 180 67.62 22.80 -57.71
N SER UA 181 68.24 22.03 -58.58
CA SER UA 181 69.17 21.02 -58.16
C SER UA 181 70.32 20.89 -59.16
N ILE UA 182 71.34 20.17 -58.72
CA ILE UA 182 72.53 19.86 -59.51
C ILE UA 182 72.12 18.84 -60.63
N TYR UA 183 71.04 18.10 -60.39
CA TYR UA 183 70.52 17.13 -61.34
C TYR UA 183 69.16 17.53 -61.89
N ASP UA 184 68.91 16.99 -63.08
CA ASP UA 184 67.57 16.91 -63.66
C ASP UA 184 66.54 16.29 -62.69
N GLN UA 185 65.44 16.99 -62.53
CA GLN UA 185 64.34 16.51 -61.70
C GLN UA 185 63.10 16.35 -62.59
N GLU UA 186 62.74 15.09 -62.85
CA GLU UA 186 61.75 14.70 -63.85
C GLU UA 186 60.53 14.11 -63.14
N TYR UA 187 59.35 14.43 -63.64
CA TYR UA 187 58.13 13.95 -63.04
C TYR UA 187 57.08 13.55 -64.09
N ASN UA 188 56.30 12.51 -63.82
CA ASN UA 188 54.99 12.33 -64.51
C ASN UA 188 53.90 12.98 -63.70
N ILE UA 189 53.32 14.02 -64.24
CA ILE UA 189 52.23 14.69 -63.56
C ILE UA 189 50.96 14.05 -64.06
N ARG UA 190 50.09 13.67 -63.16
CA ARG UA 190 48.78 13.21 -63.58
C ARG UA 190 47.78 14.07 -62.90
N VAL UA 191 46.86 14.64 -63.67
CA VAL UA 191 45.77 15.48 -63.23
C VAL UA 191 44.51 14.68 -63.48
N THR UA 192 43.62 14.71 -62.50
CA THR UA 192 42.33 14.01 -62.52
C THR UA 192 41.28 15.05 -62.15
N MET UA 193 40.30 15.27 -63.01
CA MET UA 193 39.18 16.11 -62.70
C MET UA 193 38.01 15.24 -62.30
N TYR UA 194 37.40 15.57 -61.18
CA TYR UA 194 36.20 14.91 -60.74
C TYR UA 194 35.04 15.81 -61.21
N VAL UA 195 34.43 15.42 -62.32
CA VAL UA 195 33.44 16.20 -63.05
C VAL UA 195 32.06 15.64 -62.84
N GLN UA 196 31.11 16.54 -62.78
CA GLN UA 196 29.71 16.17 -62.62
C GLN UA 196 29.00 16.68 -63.84
N PHE UA 197 28.38 15.81 -64.59
CA PHE UA 197 27.68 16.22 -65.82
C PHE UA 197 26.17 16.23 -65.60
N ARG UA 198 25.51 17.10 -66.33
CA ARG UA 198 24.08 17.21 -66.18
C ARG UA 198 23.42 17.35 -67.55
N GLU UA 199 22.27 16.71 -67.69
CA GLU UA 199 21.40 16.71 -68.83
C GLU UA 199 21.95 15.91 -69.96
N PHE UA 200 21.51 14.65 -70.00
CA PHE UA 200 21.77 13.75 -71.14
C PHE UA 200 21.24 14.39 -72.45
N ASN UA 201 22.06 14.36 -73.50
CA ASN UA 201 21.67 14.99 -74.78
C ASN UA 201 21.90 14.15 -76.08
N LEU UA 202 21.97 12.84 -75.98
CA LEU UA 202 22.36 11.98 -77.10
C LEU UA 202 21.44 12.14 -78.34
N LYS UA 203 22.04 12.43 -79.47
CA LYS UA 203 21.33 12.43 -80.70
C LYS UA 203 21.45 11.06 -81.33
N ASP UA 204 20.34 10.61 -81.94
CA ASP UA 204 20.21 9.29 -82.58
C ASP UA 204 19.57 9.38 -83.97
N PRO UA 205 20.37 9.83 -84.96
CA PRO UA 205 19.96 9.91 -86.37
C PRO UA 205 19.76 8.53 -86.95
N PRO UA 206 18.92 8.36 -87.98
CA PRO UA 206 18.53 6.94 -88.28
C PRO UA 206 19.55 6.07 -89.07
N SER VA 19 30.68 3.96 -62.10
CA SER VA 19 30.54 2.53 -62.57
C SER VA 19 29.24 2.21 -63.35
N HIS VA 20 28.03 2.41 -62.80
CA HIS VA 20 26.74 2.17 -63.54
C HIS VA 20 26.16 3.42 -64.01
N PHE VA 21 25.50 3.42 -65.15
CA PHE VA 21 24.85 4.64 -65.62
C PHE VA 21 23.53 4.19 -66.24
N ASN VA 22 22.41 4.64 -65.66
CA ASN VA 22 21.05 4.29 -66.12
C ASN VA 22 20.54 5.36 -66.99
N THR VA 23 20.02 5.03 -68.15
CA THR VA 23 19.50 6.07 -69.02
C THR VA 23 18.44 5.51 -69.93
N ARG VA 24 17.90 6.40 -70.73
CA ARG VA 24 16.76 6.12 -71.54
C ARG VA 24 17.06 6.57 -72.99
N LEU VA 25 16.75 5.69 -73.97
CA LEU VA 25 17.01 5.94 -75.40
C LEU VA 25 15.81 5.63 -76.26
N SER VA 26 15.61 6.46 -77.26
CA SER VA 26 14.42 6.39 -78.02
C SER VA 26 14.68 6.71 -79.45
N ARG VA 27 13.74 6.25 -80.26
CA ARG VA 27 13.69 6.37 -81.69
C ARG VA 27 12.22 6.29 -82.11
N THR VA 28 11.86 6.95 -83.20
CA THR VA 28 10.49 6.91 -83.66
C THR VA 28 10.48 6.60 -85.15
N PHE VA 29 9.67 5.61 -85.56
CA PHE VA 29 9.49 5.31 -86.99
C PHE VA 29 8.01 5.10 -87.36
N GLY VA 30 7.72 5.18 -88.66
CA GLY VA 30 6.36 4.97 -89.17
C GLY VA 30 6.01 3.51 -89.35
N TYR VA 31 4.71 3.23 -89.39
CA TYR VA 31 4.14 1.92 -89.70
C TYR VA 31 2.80 2.14 -90.34
N THR VA 32 2.60 1.68 -91.56
CA THR VA 32 1.26 1.80 -92.19
C THR VA 32 0.67 0.42 -92.38
N ILE VA 33 -0.60 0.26 -92.02
CA ILE VA 33 -1.38 -0.90 -92.37
C ILE VA 33 -2.24 -0.43 -93.50
N LYS VA 34 -2.09 -1.09 -94.65
CA LYS VA 34 -2.65 -0.61 -95.90
C LYS VA 34 -4.09 -1.05 -95.91
N ARG VA 35 -4.96 -0.22 -96.48
CA ARG VA 35 -6.40 -0.50 -96.57
C ARG VA 35 -6.68 -1.78 -97.32
N THR VA 36 -7.76 -2.48 -97.03
CA THR VA 36 -8.21 -3.62 -97.84
C THR VA 36 -9.70 -3.52 -98.11
N THR VA 37 -10.17 -4.47 -98.91
CA THR VA 37 -11.57 -4.66 -99.24
C THR VA 37 -12.13 -6.06 -98.89
N VAL VA 38 -11.29 -7.04 -98.54
CA VAL VA 38 -11.71 -8.25 -97.79
C VAL VA 38 -12.82 -7.73 -96.85
N LYS VA 39 -14.01 -8.32 -96.96
CA LYS VA 39 -15.17 -7.74 -96.22
C LYS VA 39 -15.26 -8.38 -94.81
N THR VA 40 -14.98 -9.67 -94.73
CA THR VA 40 -14.83 -10.35 -93.42
C THR VA 40 -13.60 -9.81 -92.61
N PRO VA 41 -13.66 -9.91 -91.29
CA PRO VA 41 -12.53 -9.48 -90.46
C PRO VA 41 -11.24 -10.21 -90.72
N SER VA 42 -10.19 -9.47 -91.01
CA SER VA 42 -8.84 -10.03 -91.16
C SER VA 42 -7.80 -9.27 -90.30
N TRP VA 43 -6.58 -9.84 -90.16
CA TRP VA 43 -5.49 -9.24 -89.37
C TRP VA 43 -4.09 -9.09 -90.06
N ALA VA 44 -3.50 -7.90 -89.92
CA ALA VA 44 -2.11 -7.61 -90.30
C ALA VA 44 -1.25 -8.06 -89.16
N VAL VA 45 -0.51 -9.15 -89.37
CA VAL VA 45 0.32 -9.72 -88.33
C VAL VA 45 1.75 -9.41 -88.67
N ASP VA 46 2.50 -8.97 -87.66
CA ASP VA 46 3.88 -8.49 -87.77
C ASP VA 46 4.58 -8.68 -86.41
N MET VA 47 5.82 -8.25 -86.35
CA MET VA 47 6.68 -8.49 -85.23
C MET VA 47 7.61 -7.30 -85.05
N MET VA 48 8.38 -7.38 -83.97
CA MET VA 48 9.23 -6.31 -83.49
C MET VA 48 10.40 -6.84 -82.73
N ARG VA 49 11.61 -6.49 -83.17
CA ARG VA 49 12.83 -6.77 -82.39
C ARG VA 49 13.45 -5.47 -81.94
N PHE VA 50 14.41 -5.51 -81.04
CA PHE VA 50 14.97 -4.26 -80.58
C PHE VA 50 16.41 -4.37 -80.67
N ASN VA 51 17.06 -3.53 -81.47
CA ASN VA 51 18.54 -3.58 -81.50
C ASN VA 51 19.16 -2.22 -81.08
N ILE VA 52 20.12 -2.27 -80.14
CA ILE VA 52 20.79 -1.06 -79.64
C ILE VA 52 21.54 -0.35 -80.77
N ASN VA 53 21.83 -1.03 -81.87
CA ASN VA 53 22.36 -0.28 -83.00
C ASN VA 53 21.49 0.86 -83.43
N ASP VA 54 20.17 0.68 -83.30
CA ASP VA 54 19.21 1.68 -83.71
C ASP VA 54 19.07 2.81 -82.71
N PHE VA 55 19.71 2.74 -81.58
CA PHE VA 55 19.54 3.78 -80.56
C PHE VA 55 20.78 4.57 -80.26
N LEU VA 56 21.93 4.04 -80.64
CA LEU VA 56 23.17 4.54 -80.18
C LEU VA 56 24.00 4.71 -81.42
N PRO VA 57 24.20 5.94 -81.88
CA PRO VA 57 25.03 6.03 -83.09
C PRO VA 57 26.53 5.72 -82.80
N PRO VA 58 27.34 5.54 -83.85
CA PRO VA 58 28.76 5.43 -83.57
C PRO VA 58 29.31 6.78 -83.13
N GLY VA 59 30.42 6.74 -82.40
CA GLY VA 59 31.18 7.89 -82.02
C GLY VA 59 32.43 8.09 -82.88
N GLY VA 60 33.41 8.73 -82.30
CA GLY VA 60 34.61 9.13 -83.02
C GLY VA 60 35.88 8.70 -82.33
N GLY VA 61 36.88 8.46 -83.18
CA GLY VA 61 38.29 8.35 -82.79
C GLY VA 61 38.54 7.14 -81.95
N SER VA 62 39.23 7.38 -80.83
CA SER VA 62 39.50 6.35 -79.85
C SER VA 62 38.30 5.91 -78.99
N ASN VA 63 37.17 6.62 -79.13
CA ASN VA 63 35.83 6.29 -78.55
C ASN VA 63 34.74 5.84 -79.59
N PRO VA 64 34.69 4.54 -79.93
CA PRO VA 64 33.85 4.12 -81.08
C PRO VA 64 32.35 4.17 -80.86
N ARG VA 65 31.90 4.29 -79.62
CA ARG VA 65 30.47 4.43 -79.34
C ARG VA 65 30.16 5.76 -78.67
N SER VA 66 28.98 6.31 -79.01
CA SER VA 66 28.59 7.64 -78.60
C SER VA 66 28.42 7.70 -77.12
N VAL VA 67 28.27 6.55 -76.44
CA VAL VA 67 28.36 6.51 -74.97
C VAL VA 67 29.59 5.69 -74.56
N PRO VA 68 30.36 6.19 -73.59
CA PRO VA 68 31.66 5.54 -73.40
C PRO VA 68 31.66 4.54 -72.31
N PHE VA 69 30.96 3.43 -72.53
CA PHE VA 69 30.86 2.36 -71.53
C PHE VA 69 31.16 0.99 -72.15
N GLU VA 70 31.69 0.06 -71.36
CA GLU VA 70 32.14 -1.20 -71.93
C GLU VA 70 31.00 -2.20 -72.12
N TYR VA 71 30.07 -2.24 -71.17
CA TYR VA 71 29.04 -3.25 -71.07
C TYR VA 71 27.63 -2.64 -70.95
N TYR VA 72 26.61 -3.31 -71.48
CA TYR VA 72 25.24 -2.88 -71.22
C TYR VA 72 24.33 -4.04 -70.94
N ARG VA 73 23.19 -3.72 -70.36
CA ARG VA 73 22.03 -4.61 -70.38
C ARG VA 73 20.71 -3.82 -70.45
N ILE VA 74 19.69 -4.36 -71.11
CA ILE VA 74 18.43 -3.66 -71.33
C ILE VA 74 17.48 -4.10 -70.25
N ARG VA 75 17.06 -3.12 -69.46
CA ARG VA 75 16.28 -3.38 -68.28
C ARG VA 75 14.81 -3.57 -68.61
N LYS VA 76 14.34 -2.71 -69.49
CA LYS VA 76 12.93 -2.50 -69.83
C LYS VA 76 12.80 -1.88 -71.27
N VAL VA 77 11.72 -2.20 -71.95
CA VAL VA 77 11.40 -1.53 -73.21
C VAL VA 77 9.97 -1.06 -73.12
N LYS VA 78 9.74 0.16 -73.58
CA LYS VA 78 8.43 0.68 -73.81
C LYS VA 78 8.29 0.77 -75.31
N VAL VA 79 7.24 0.16 -75.86
CA VAL VA 79 6.88 0.32 -77.26
C VAL VA 79 5.57 1.12 -77.18
N GLU VA 80 5.57 2.28 -77.85
CA GLU VA 80 4.41 3.13 -77.92
C GLU VA 80 3.88 3.20 -79.35
N PHE VA 81 2.63 2.75 -79.57
CA PHE VA 81 1.92 3.04 -80.85
C PHE VA 81 1.12 4.35 -80.83
N TRP VA 82 1.65 5.38 -81.46
CA TRP VA 82 1.04 6.70 -81.42
C TRP VA 82 0.25 6.81 -82.69
N PRO VA 83 -1.06 6.85 -82.62
CA PRO VA 83 -1.83 6.76 -83.84
C PRO VA 83 -1.87 8.02 -84.68
N CYS VA 84 -1.76 7.87 -86.00
CA CYS VA 84 -1.99 9.04 -86.89
C CYS VA 84 -3.48 9.36 -87.22
N SER VA 85 -4.34 8.36 -87.25
CA SER VA 85 -5.67 8.53 -87.75
C SER VA 85 -6.52 9.51 -86.89
N PRO VA 86 -7.37 10.31 -87.53
CA PRO VA 86 -8.15 11.24 -86.72
C PRO VA 86 -9.10 10.51 -85.79
N ILE VA 87 -9.58 11.14 -84.71
CA ILE VA 87 -10.65 10.50 -83.88
C ILE VA 87 -12.06 10.41 -84.56
N THR VA 88 -12.13 10.89 -85.80
CA THR VA 88 -13.29 10.80 -86.62
C THR VA 88 -13.26 9.64 -87.61
N GLN VA 89 -12.16 8.90 -87.68
CA GLN VA 89 -12.07 7.82 -88.69
C GLN VA 89 -12.90 6.62 -88.19
N GLY VA 90 -13.57 6.00 -89.14
CA GLY VA 90 -14.48 4.90 -88.89
C GLY VA 90 -13.88 3.54 -89.19
N ASP VA 91 -14.75 2.56 -89.44
CA ASP VA 91 -14.32 1.16 -89.54
C ASP VA 91 -13.27 0.78 -88.47
N ARG VA 92 -13.62 1.11 -87.27
CA ARG VA 92 -12.82 0.86 -86.10
C ARG VA 92 -12.76 -0.61 -85.81
N GLY VA 93 -11.60 -1.07 -85.39
CA GLY VA 93 -11.38 -2.48 -85.17
C GLY VA 93 -10.61 -2.72 -83.89
N VAL VA 94 -10.25 -3.98 -83.72
CA VAL VA 94 -9.69 -4.46 -82.49
C VAL VA 94 -8.71 -5.60 -82.74
N GLY VA 95 -7.56 -5.52 -82.09
CA GLY VA 95 -6.42 -6.41 -82.32
C GLY VA 95 -5.65 -6.67 -81.02
N SER VA 96 -4.37 -7.02 -81.12
CA SER VA 96 -3.66 -7.60 -79.99
C SER VA 96 -2.16 -7.32 -80.12
N SER VA 97 -1.47 -7.15 -78.99
CA SER VA 97 -0.05 -7.23 -78.96
C SER VA 97 0.36 -8.33 -77.97
N ALA VA 98 1.43 -9.05 -78.25
CA ALA VA 98 1.96 -10.01 -77.31
C ALA VA 98 3.45 -9.86 -77.20
N VAL VA 99 3.92 -10.28 -76.03
CA VAL VA 99 5.29 -10.23 -75.73
C VAL VA 99 5.86 -11.58 -76.04
N ILE VA 100 6.91 -11.59 -76.83
CA ILE VA 100 7.55 -12.76 -77.33
C ILE VA 100 9.03 -12.70 -76.98
N LEU VA 101 9.46 -13.53 -76.04
CA LEU VA 101 10.78 -13.44 -75.48
C LEU VA 101 11.73 -14.50 -76.03
N ASP VA 102 11.24 -15.34 -76.93
CA ASP VA 102 11.99 -16.50 -77.47
C ASP VA 102 12.23 -16.37 -78.95
N ASP VA 103 11.96 -15.18 -79.52
CA ASP VA 103 12.25 -14.93 -80.94
C ASP VA 103 11.49 -15.87 -81.89
N ASN VA 104 10.24 -16.21 -81.51
CA ASN VA 104 9.42 -17.07 -82.32
C ASN VA 104 8.08 -16.43 -82.58
N PHE VA 105 8.01 -15.57 -83.56
CA PHE VA 105 6.84 -14.80 -83.77
C PHE VA 105 5.91 -15.56 -84.71
N VAL VA 106 4.64 -15.24 -84.69
CA VAL VA 106 3.75 -15.75 -85.71
C VAL VA 106 4.18 -15.16 -87.05
N THR VA 107 4.06 -15.95 -88.09
CA THR VA 107 4.50 -15.52 -89.41
C THR VA 107 3.78 -14.26 -89.90
N LYS VA 108 4.54 -13.38 -90.51
CA LYS VA 108 4.00 -12.15 -91.01
C LYS VA 108 2.86 -12.44 -91.96
N ALA VA 109 1.85 -11.60 -91.98
CA ALA VA 109 0.66 -11.88 -92.77
C ALA VA 109 -0.16 -10.61 -93.03
N THR VA 110 -0.69 -10.46 -94.23
CA THR VA 110 -1.39 -9.25 -94.56
C THR VA 110 -2.83 -9.28 -94.13
N ALA VA 111 -3.47 -10.44 -94.30
CA ALA VA 111 -4.86 -10.64 -93.89
C ALA VA 111 -5.21 -12.04 -93.35
N LEU VA 112 -4.66 -12.40 -92.20
CA LEU VA 112 -5.01 -13.63 -91.50
C LEU VA 112 -6.45 -13.50 -91.08
N THR VA 113 -7.14 -14.63 -91.07
CA THR VA 113 -8.60 -14.68 -90.85
C THR VA 113 -8.97 -14.67 -89.37
N TYR VA 114 -7.94 -14.65 -88.52
CA TYR VA 114 -8.17 -14.54 -87.09
C TYR VA 114 -7.02 -13.79 -86.43
N ASP VA 115 -7.20 -13.32 -85.18
CA ASP VA 115 -6.10 -12.68 -84.45
C ASP VA 115 -5.32 -13.74 -83.70
N PRO VA 116 -4.14 -14.07 -84.19
CA PRO VA 116 -3.42 -15.19 -83.63
C PRO VA 116 -2.75 -14.90 -82.26
N TYR VA 117 -2.67 -13.63 -81.86
CA TYR VA 117 -2.16 -13.32 -80.53
C TYR VA 117 -3.25 -13.13 -79.44
N VAL VA 118 -4.50 -13.12 -79.83
CA VAL VA 118 -5.58 -12.89 -78.91
C VAL VA 118 -5.54 -13.79 -77.62
N ASN VA 119 -5.12 -15.02 -77.75
CA ASN VA 119 -5.18 -15.91 -76.60
C ASN VA 119 -3.87 -15.93 -75.84
N TYR VA 120 -2.88 -15.13 -76.22
CA TYR VA 120 -1.58 -15.23 -75.56
C TYR VA 120 -1.68 -14.74 -74.09
N SER VA 121 -0.94 -15.39 -73.20
CA SER VA 121 -1.01 -15.01 -71.78
C SER VA 121 -0.71 -13.52 -71.65
N SER VA 122 0.29 -13.07 -72.42
CA SER VA 122 0.75 -11.68 -72.41
C SER VA 122 -0.01 -10.74 -73.33
N ARG VA 123 -1.14 -11.17 -73.88
CA ARG VA 123 -1.86 -10.33 -74.81
C ARG VA 123 -2.43 -9.04 -74.19
N HIS VA 124 -2.30 -7.91 -74.86
CA HIS VA 124 -3.04 -6.71 -74.48
C HIS VA 124 -3.86 -6.34 -75.72
N THR VA 125 -5.04 -5.82 -75.47
CA THR VA 125 -5.92 -5.46 -76.54
C THR VA 125 -5.54 -4.11 -77.19
N ILE VA 126 -5.49 -4.06 -78.53
CA ILE VA 126 -5.25 -2.84 -79.28
C ILE VA 126 -6.57 -2.31 -79.84
N THR VA 127 -6.91 -1.06 -79.59
CA THR VA 127 -8.11 -0.40 -80.08
C THR VA 127 -7.62 0.36 -81.30
N GLN VA 128 -8.34 0.21 -82.42
CA GLN VA 128 -7.96 0.88 -83.65
C GLN VA 128 -9.10 1.77 -84.18
N PRO VA 129 -8.76 2.85 -84.90
CA PRO VA 129 -7.35 3.23 -85.34
C PRO VA 129 -6.80 4.50 -84.69
N PHE VA 130 -7.58 5.11 -83.82
CA PHE VA 130 -7.24 6.40 -83.27
C PHE VA 130 -6.79 6.33 -81.81
N SER VA 131 -6.49 5.14 -81.27
CA SER VA 131 -6.12 5.00 -79.84
C SER VA 131 -4.65 4.74 -79.69
N TYR VA 132 -4.11 5.23 -78.58
CA TYR VA 132 -2.71 4.90 -78.12
C TYR VA 132 -2.67 3.43 -77.64
N HIS VA 133 -1.52 2.78 -77.80
CA HIS VA 133 -1.31 1.45 -77.21
C HIS VA 133 0.18 1.40 -76.85
N SER VA 134 0.47 1.05 -75.59
CA SER VA 134 1.84 0.85 -75.18
C SER VA 134 2.01 -0.46 -74.44
N ARG VA 135 3.23 -0.96 -74.52
CA ARG VA 135 3.68 -2.15 -73.78
C ARG VA 135 5.00 -1.83 -73.11
N TYR VA 136 5.18 -2.37 -71.91
CA TYR VA 136 6.36 -2.07 -71.07
C TYR VA 136 6.75 -3.37 -70.39
N PHE VA 137 7.88 -3.94 -70.79
CA PHE VA 137 8.34 -5.25 -70.34
C PHE VA 137 9.85 -5.37 -70.49
N THR VA 138 10.40 -6.36 -69.82
CA THR VA 138 11.84 -6.65 -69.95
C THR VA 138 11.99 -7.57 -71.17
N PRO VA 139 12.72 -7.13 -72.23
CA PRO VA 139 13.00 -7.97 -73.38
C PRO VA 139 14.16 -8.89 -73.11
N LYS VA 140 14.37 -9.81 -74.04
CA LYS VA 140 15.50 -10.72 -73.94
C LYS VA 140 16.40 -10.71 -75.18
N PRO VA 141 17.73 -10.83 -74.97
CA PRO VA 141 18.61 -11.03 -76.10
C PRO VA 141 18.44 -12.41 -76.75
N VAL VA 142 18.76 -12.46 -78.03
CA VAL VA 142 18.75 -13.70 -78.78
C VAL VA 142 20.19 -14.21 -78.65
N LEU VA 143 20.40 -15.13 -77.73
CA LEU VA 143 21.74 -15.62 -77.51
C LEU VA 143 22.07 -16.83 -78.38
N ASP VA 144 21.05 -17.52 -78.85
CA ASP VA 144 21.19 -18.75 -79.66
C ASP VA 144 19.82 -19.04 -80.30
N SER VA 145 19.73 -18.79 -81.59
CA SER VA 145 18.42 -18.89 -82.26
C SER VA 145 18.06 -20.32 -82.67
N THR VA 146 18.89 -21.31 -82.38
CA THR VA 146 18.54 -22.76 -82.42
C THR VA 146 17.68 -23.17 -81.22
N ILE VA 147 18.03 -22.67 -80.03
CA ILE VA 147 17.46 -23.14 -78.77
C ILE VA 147 16.50 -22.14 -78.18
N ASP VA 148 16.80 -20.87 -78.43
CA ASP VA 148 15.97 -19.76 -78.00
C ASP VA 148 15.72 -19.74 -76.50
N TYR VA 149 16.78 -19.61 -75.71
CA TYR VA 149 16.66 -19.60 -74.24
C TYR VA 149 16.80 -18.23 -73.66
N PHE VA 150 16.28 -18.06 -72.46
CA PHE VA 150 16.34 -16.73 -71.83
C PHE VA 150 16.14 -16.74 -70.36
N GLN VA 151 16.63 -15.69 -69.71
CA GLN VA 151 16.61 -15.63 -68.24
C GLN VA 151 15.22 -15.20 -67.76
N PRO VA 152 14.75 -15.79 -66.66
CA PRO VA 152 13.61 -15.26 -65.96
C PRO VA 152 13.83 -13.83 -65.55
N ASN VA 153 12.72 -13.09 -65.57
CA ASN VA 153 12.71 -11.61 -65.50
C ASN VA 153 13.30 -11.26 -64.12
N ASN VA 154 14.44 -10.56 -64.09
CA ASN VA 154 15.16 -10.29 -62.81
C ASN VA 154 15.86 -8.93 -62.86
N LYS VA 155 16.34 -8.56 -61.68
CA LYS VA 155 17.21 -7.43 -61.49
C LYS VA 155 18.67 -7.88 -61.47
N ARG VA 156 19.20 -8.32 -60.33
CA ARG VA 156 20.66 -8.42 -60.17
C ARG VA 156 21.32 -9.69 -60.80
N ASN VA 157 20.53 -10.62 -61.38
CA ASN VA 157 21.08 -11.74 -62.16
C ASN VA 157 21.18 -11.58 -63.69
N GLN VA 158 20.65 -10.49 -64.21
CA GLN VA 158 20.58 -10.31 -65.64
C GLN VA 158 21.96 -10.29 -66.27
N LEU VA 159 22.10 -10.88 -67.43
CA LEU VA 159 23.36 -10.92 -68.12
C LEU VA 159 23.74 -9.53 -68.56
N TRP VA 160 25.05 -9.29 -68.53
CA TRP VA 160 25.65 -8.08 -69.11
C TRP VA 160 26.12 -8.44 -70.47
N LEU VA 161 26.06 -7.46 -71.38
CA LEU VA 161 26.45 -7.63 -72.80
C LEU VA 161 27.51 -6.61 -73.17
N ARG VA 162 28.51 -7.03 -73.93
CA ARG VA 162 29.43 -6.10 -74.51
C ARG VA 162 28.73 -5.13 -75.42
N LEU VA 163 29.08 -3.84 -75.27
CA LEU VA 163 28.60 -2.75 -76.14
C LEU VA 163 29.43 -2.69 -77.41
N GLN VA 164 28.88 -3.19 -78.49
CA GLN VA 164 29.59 -3.36 -79.72
C GLN VA 164 29.45 -2.10 -80.57
N THR VA 165 30.40 -1.88 -81.48
CA THR VA 165 30.27 -0.71 -82.34
C THR VA 165 29.16 -1.02 -83.34
N ALA VA 166 29.30 -2.16 -84.03
CA ALA VA 166 28.44 -2.55 -85.17
C ALA VA 166 27.52 -3.75 -85.00
N GLY VA 167 27.96 -4.90 -84.54
CA GLY VA 167 27.08 -6.10 -84.68
C GLY VA 167 26.35 -6.45 -83.38
N ASN VA 168 25.65 -5.49 -82.76
CA ASN VA 168 25.05 -5.71 -81.47
C ASN VA 168 23.92 -6.73 -81.65
N VAL VA 169 23.56 -7.39 -80.57
CA VAL VA 169 22.62 -8.50 -80.60
C VAL VA 169 21.15 -8.08 -80.50
N ASP VA 170 20.28 -8.71 -81.25
CA ASP VA 170 18.88 -8.37 -81.24
C ASP VA 170 18.37 -8.83 -79.89
N HIS VA 171 17.56 -8.01 -79.33
CA HIS VA 171 16.69 -8.39 -78.29
C HIS VA 171 15.26 -8.56 -78.85
N VAL VA 172 14.41 -9.11 -78.02
CA VAL VA 172 13.21 -9.61 -78.50
C VAL VA 172 12.04 -9.52 -77.54
N GLY VA 173 10.89 -9.52 -78.21
CA GLY VA 173 9.92 -8.56 -77.92
C GLY VA 173 8.54 -8.74 -78.36
N LEU VA 174 8.08 -8.11 -79.41
CA LEU VA 174 6.62 -7.90 -79.49
C LEU VA 174 5.98 -8.39 -80.82
N GLY VA 175 5.02 -9.33 -80.75
CA GLY VA 175 4.14 -9.68 -81.89
C GLY VA 175 2.94 -8.75 -81.96
N THR VA 176 2.46 -8.40 -83.13
CA THR VA 176 1.31 -7.52 -83.23
C THR VA 176 0.36 -8.10 -84.21
N ALA VA 177 -0.92 -7.88 -83.97
CA ALA VA 177 -1.96 -8.13 -84.99
C ALA VA 177 -2.95 -6.98 -84.98
N PHE VA 178 -2.91 -6.15 -86.01
CA PHE VA 178 -3.92 -5.10 -86.17
C PHE VA 178 -5.03 -5.61 -87.12
N GLU VA 179 -6.29 -5.38 -86.78
CA GLU VA 179 -7.43 -5.73 -87.68
C GLU VA 179 -7.32 -4.79 -88.88
N ASN VA 180 -7.69 -5.29 -90.06
CA ASN VA 180 -7.59 -4.53 -91.30
C ASN VA 180 -8.78 -3.63 -91.45
N SER VA 181 -8.70 -2.70 -92.40
CA SER VA 181 -9.72 -1.71 -92.54
C SER VA 181 -9.93 -1.29 -93.97
N ILE VA 182 -11.10 -0.69 -94.22
CA ILE VA 182 -11.51 -0.03 -95.47
C ILE VA 182 -10.66 1.21 -95.67
N TYR VA 183 -10.07 1.75 -94.60
CA TYR VA 183 -9.06 2.85 -94.66
C TYR VA 183 -7.60 2.47 -94.32
N ASP VA 184 -6.65 3.32 -94.76
CA ASP VA 184 -5.27 3.26 -94.23
C ASP VA 184 -5.31 3.46 -92.66
N GLN VA 185 -4.41 2.79 -91.95
CA GLN VA 185 -4.22 3.07 -90.51
C GLN VA 185 -2.73 3.28 -90.26
N GLU VA 186 -2.30 4.51 -90.01
CA GLU VA 186 -0.88 4.86 -89.86
C GLU VA 186 -0.59 5.11 -88.40
N TYR VA 187 0.67 4.91 -88.04
CA TYR VA 187 1.16 5.03 -86.66
C TYR VA 187 2.58 5.60 -86.67
N ASN VA 188 2.90 6.45 -85.70
CA ASN VA 188 4.31 6.63 -85.31
C ASN VA 188 4.56 5.76 -84.11
N ILE VA 189 5.50 4.85 -84.29
CA ILE VA 189 5.85 3.90 -83.26
C ILE VA 189 7.08 4.45 -82.60
N ARG VA 190 6.97 4.81 -81.33
CA ARG VA 190 8.13 5.18 -80.54
C ARG VA 190 8.59 4.04 -79.62
N VAL VA 191 9.79 3.56 -79.88
CA VAL VA 191 10.40 2.61 -78.99
C VAL VA 191 11.35 3.30 -78.02
N THR VA 192 11.33 2.88 -76.76
CA THR VA 192 12.24 3.36 -75.73
C THR VA 192 12.90 2.21 -74.93
N MET VA 193 14.22 2.21 -74.86
CA MET VA 193 15.00 1.25 -74.07
C MET VA 193 15.45 1.91 -72.79
N TYR VA 194 15.26 1.24 -71.67
CA TYR VA 194 15.84 1.61 -70.41
C TYR VA 194 17.05 0.69 -70.26
N VAL VA 195 18.21 1.28 -70.55
CA VAL VA 195 19.49 0.62 -70.62
C VAL VA 195 20.32 1.04 -69.42
N GLN VA 196 21.02 0.06 -68.92
CA GLN VA 196 21.87 0.23 -67.79
C GLN VA 196 23.28 -0.12 -68.31
N PHE VA 197 24.14 0.87 -68.32
CA PHE VA 197 25.53 0.72 -68.79
C PHE VA 197 26.51 0.49 -67.60
N ARG VA 198 27.60 -0.20 -67.89
CA ARG VA 198 28.67 -0.43 -66.90
C ARG VA 198 30.08 -0.28 -67.50
N GLU VA 199 30.98 0.20 -66.66
CA GLU VA 199 32.37 0.36 -66.91
C GLU VA 199 32.61 1.54 -67.86
N PHE VA 200 32.70 2.70 -67.27
CA PHE VA 200 33.24 3.83 -67.99
C PHE VA 200 34.58 3.38 -68.59
N ASN VA 201 34.74 3.65 -69.90
CA ASN VA 201 35.95 3.31 -70.66
C ASN VA 201 36.53 4.44 -71.50
N LEU VA 202 36.21 5.69 -71.23
CA LEU VA 202 36.62 6.75 -72.19
C LEU VA 202 38.13 6.92 -72.32
N LYS VA 203 38.57 6.94 -73.57
CA LYS VA 203 39.96 7.10 -73.98
C LYS VA 203 40.16 8.56 -74.26
N ASP VA 204 41.35 9.08 -73.95
CA ASP VA 204 41.65 10.49 -74.13
C ASP VA 204 43.02 10.73 -74.76
N PRO VA 205 43.10 10.63 -76.09
CA PRO VA 205 44.40 10.87 -76.78
C PRO VA 205 44.80 12.35 -76.71
N PRO VA 206 46.08 12.71 -76.94
CA PRO VA 206 46.52 14.05 -76.46
C PRO VA 206 46.50 15.18 -77.53
N SER WA 19 -1.01 -18.14 -67.01
CA SER WA 19 0.40 -18.04 -67.59
C SER WA 19 1.32 -19.29 -67.42
N HIS WA 20 1.31 -19.86 -66.20
CA HIS WA 20 2.34 -20.81 -65.68
C HIS WA 20 1.54 -22.14 -65.58
N PHE WA 21 2.07 -23.24 -66.08
CA PHE WA 21 1.31 -24.53 -66.03
C PHE WA 21 2.22 -25.71 -65.76
N ASN WA 22 2.06 -26.33 -64.60
CA ASN WA 22 2.95 -27.41 -64.16
C ASN WA 22 2.37 -28.73 -64.44
N THR WA 23 3.16 -29.62 -65.02
CA THR WA 23 2.67 -30.96 -65.28
C THR WA 23 3.77 -32.00 -65.45
N ARG WA 24 3.31 -33.21 -65.70
CA ARG WA 24 4.09 -34.40 -65.56
C ARG WA 24 3.84 -35.23 -66.77
N LEU WA 25 4.94 -35.63 -67.38
CA LEU WA 25 4.98 -36.35 -68.65
C LEU WA 25 5.84 -37.60 -68.50
N SER WA 26 5.30 -38.74 -68.94
CA SER WA 26 6.01 -40.02 -68.85
C SER WA 26 6.06 -40.75 -70.18
N ARG WA 27 7.14 -41.55 -70.30
CA ARG WA 27 7.28 -42.66 -71.23
C ARG WA 27 7.99 -43.86 -70.57
N THR WA 28 7.76 -45.05 -71.15
CA THR WA 28 8.37 -46.29 -70.69
C THR WA 28 8.93 -47.12 -71.85
N PHE WA 29 10.21 -47.46 -71.80
CA PHE WA 29 10.86 -48.20 -72.86
C PHE WA 29 11.65 -49.41 -72.26
N GLY WA 30 12.00 -50.39 -73.09
CA GLY WA 30 12.73 -51.59 -72.61
C GLY WA 30 14.26 -51.40 -72.46
N TYR WA 31 14.89 -52.17 -71.60
CA TYR WA 31 16.33 -52.21 -71.52
C TYR WA 31 16.75 -53.63 -71.11
N THR WA 32 17.51 -54.31 -71.95
CA THR WA 32 18.10 -55.60 -71.54
C THR WA 32 19.62 -55.46 -71.39
N ILE WA 33 20.13 -55.97 -70.29
CA ILE WA 33 21.50 -56.33 -70.18
C ILE WA 33 21.56 -57.79 -70.53
N LYS WA 34 22.31 -58.11 -71.60
CA LYS WA 34 22.47 -59.50 -72.06
C LYS WA 34 23.46 -60.31 -71.22
N ARG WA 35 23.19 -61.62 -71.11
CA ARG WA 35 23.97 -62.49 -70.24
C ARG WA 35 25.40 -62.58 -70.77
N THR WA 36 26.39 -62.70 -69.91
CA THR WA 36 27.73 -63.01 -70.33
C THR WA 36 28.17 -64.24 -69.60
N THR WA 37 29.37 -64.67 -69.94
CA THR WA 37 30.04 -65.81 -69.32
C THR WA 37 31.45 -65.45 -68.90
N VAL WA 38 31.73 -64.17 -68.70
CA VAL WA 38 33.00 -63.75 -68.12
C VAL WA 38 32.99 -64.19 -66.66
N LYS WA 39 34.12 -64.67 -66.15
CA LYS WA 39 34.17 -65.33 -64.82
C LYS WA 39 34.09 -64.25 -63.71
N THR WA 40 34.90 -63.23 -63.94
CA THR WA 40 35.14 -62.18 -63.00
C THR WA 40 34.01 -61.15 -63.10
N PRO WA 41 33.80 -60.41 -62.01
CA PRO WA 41 32.85 -59.30 -61.99
C PRO WA 41 33.09 -58.30 -63.10
N SER WA 42 32.06 -57.88 -63.84
CA SER WA 42 32.20 -56.85 -64.87
C SER WA 42 30.93 -56.01 -64.95
N TRP WA 43 31.02 -54.84 -65.61
CA TRP WA 43 29.89 -53.92 -65.71
C TRP WA 43 29.51 -53.51 -67.12
N ALA WA 44 28.19 -53.53 -67.42
CA ALA WA 44 27.62 -52.90 -68.63
C ALA WA 44 27.33 -51.37 -68.36
N VAL WA 45 27.89 -50.50 -69.18
CA VAL WA 45 27.96 -49.12 -68.87
C VAL WA 45 27.21 -48.39 -69.99
N ASP WA 46 26.36 -47.43 -69.60
CA ASP WA 46 25.47 -46.75 -70.55
C ASP WA 46 25.09 -45.42 -69.99
N MET WA 47 24.27 -44.73 -70.75
CA MET WA 47 23.91 -43.36 -70.52
C MET WA 47 22.44 -43.12 -70.89
N MET WA 48 21.94 -41.98 -70.42
CA MET WA 48 20.60 -41.54 -70.63
C MET WA 48 20.53 -40.05 -70.75
N ARG WA 49 19.87 -39.63 -71.82
CA ARG WA 49 19.47 -38.25 -71.99
C ARG WA 49 17.96 -38.15 -72.07
N PHE WA 50 17.47 -36.94 -71.99
CA PHE WA 50 16.04 -36.71 -71.90
C PHE WA 50 15.64 -35.64 -72.89
N ASN WA 51 14.75 -35.91 -73.81
CA ASN WA 51 14.45 -34.88 -74.76
C ASN WA 51 12.98 -34.82 -74.85
N ILE WA 52 12.39 -33.65 -74.61
CA ILE WA 52 10.89 -33.52 -74.62
C ILE WA 52 10.18 -33.94 -75.98
N ASN WA 53 10.90 -34.11 -77.11
CA ASN WA 53 10.29 -34.70 -78.30
C ASN WA 53 9.74 -36.10 -78.01
N ASP WA 54 10.40 -36.83 -77.11
CA ASP WA 54 9.95 -38.15 -76.75
C ASP WA 54 8.72 -38.19 -75.83
N PHE WA 55 8.35 -37.06 -75.24
CA PHE WA 55 7.24 -37.04 -74.26
C PHE WA 55 5.98 -36.27 -74.68
N LEU WA 56 6.08 -35.45 -75.71
CA LEU WA 56 5.05 -34.54 -76.14
C LEU WA 56 4.92 -34.80 -77.62
N PRO WA 57 3.83 -35.38 -78.05
CA PRO WA 57 3.73 -35.48 -79.52
C PRO WA 57 3.40 -34.15 -80.29
N PRO WA 58 3.61 -34.18 -81.60
CA PRO WA 58 3.10 -33.10 -82.47
C PRO WA 58 1.60 -32.85 -82.25
N GLY WA 59 1.17 -31.64 -82.54
CA GLY WA 59 -0.23 -31.23 -82.44
C GLY WA 59 -0.88 -31.20 -83.81
N GLY WA 60 -1.97 -30.49 -83.97
CA GLY WA 60 -2.69 -30.44 -85.26
C GLY WA 60 -2.83 -29.01 -85.68
N GLY WA 61 -3.15 -28.83 -86.95
CA GLY WA 61 -3.42 -27.49 -87.52
C GLY WA 61 -2.49 -26.31 -87.18
N SER WA 62 -3.10 -25.25 -86.63
CA SER WA 62 -2.34 -24.08 -86.21
C SER WA 62 -1.64 -24.20 -84.83
N ASN WA 63 -1.85 -25.30 -84.11
CA ASN WA 63 -1.18 -25.56 -82.81
C ASN WA 63 -0.27 -26.75 -82.98
N PRO WA 64 0.98 -26.49 -83.41
CA PRO WA 64 1.88 -27.56 -83.81
C PRO WA 64 2.32 -28.50 -82.67
N ARG WA 65 2.15 -28.11 -81.41
CA ARG WA 65 2.52 -29.00 -80.29
C ARG WA 65 1.30 -29.26 -79.42
N SER WA 66 1.21 -30.49 -78.95
CA SER WA 66 0.07 -30.97 -78.21
C SER WA 66 -0.19 -30.20 -76.91
N VAL WA 67 0.84 -29.56 -76.33
CA VAL WA 67 0.54 -28.50 -75.37
C VAL WA 67 0.79 -27.12 -75.96
N PRO WA 68 -0.24 -26.22 -75.89
CA PRO WA 68 -0.26 -24.87 -76.50
C PRO WA 68 0.40 -23.83 -75.60
N PHE WA 69 1.71 -24.00 -75.51
CA PHE WA 69 2.56 -23.09 -74.75
C PHE WA 69 3.84 -22.74 -75.49
N GLU WA 70 4.27 -21.51 -75.28
CA GLU WA 70 5.45 -21.03 -76.03
C GLU WA 70 6.78 -21.43 -75.41
N TYR WA 71 6.85 -21.49 -74.10
CA TYR WA 71 8.09 -21.78 -73.38
C TYR WA 71 7.95 -22.91 -72.41
N TYR WA 72 9.07 -23.61 -72.18
CA TYR WA 72 9.15 -24.58 -71.05
C TYR WA 72 10.51 -24.58 -70.34
N ARG WA 73 10.53 -25.23 -69.19
CA ARG WA 73 11.75 -25.69 -68.55
C ARG WA 73 11.45 -26.94 -67.75
N ILE WA 74 12.39 -27.85 -67.70
CA ILE WA 74 12.16 -29.11 -67.04
C ILE WA 74 12.65 -28.91 -65.66
N ARG WA 75 11.78 -29.16 -64.74
CA ARG WA 75 12.02 -28.80 -63.36
C ARG WA 75 12.75 -29.93 -62.64
N LYS WA 76 12.36 -31.17 -62.96
CA LYS WA 76 12.87 -32.38 -62.33
C LYS WA 76 12.68 -33.54 -63.29
N VAL WA 77 13.47 -34.58 -63.16
CA VAL WA 77 13.26 -35.81 -63.92
C VAL WA 77 13.20 -36.95 -62.95
N LYS WA 78 12.33 -37.93 -63.22
CA LYS WA 78 12.40 -39.17 -62.46
C LYS WA 78 12.74 -40.31 -63.33
N VAL WA 79 13.84 -40.98 -63.02
CA VAL WA 79 14.14 -42.17 -63.75
C VAL WA 79 13.86 -43.36 -62.85
N GLU WA 80 12.93 -44.22 -63.27
CA GLU WA 80 12.62 -45.43 -62.51
C GLU WA 80 12.98 -46.68 -63.35
N PHE WA 81 13.81 -47.57 -62.79
CA PHE WA 81 14.11 -48.87 -63.36
C PHE WA 81 13.23 -49.95 -62.67
N TRP WA 82 12.17 -50.41 -63.37
CA TRP WA 82 11.28 -51.43 -62.84
C TRP WA 82 11.85 -52.72 -63.33
N PRO WA 83 12.42 -53.52 -62.43
CA PRO WA 83 12.92 -54.81 -62.82
C PRO WA 83 11.88 -55.77 -63.47
N CYS WA 84 12.27 -56.45 -64.54
CA CYS WA 84 11.47 -57.57 -65.10
C CYS WA 84 11.69 -58.90 -64.44
N SER WA 85 12.91 -59.13 -64.01
CA SER WA 85 13.32 -60.40 -63.42
C SER WA 85 12.54 -60.73 -62.17
N PRO WA 86 12.30 -62.01 -61.92
CA PRO WA 86 11.58 -62.37 -60.69
C PRO WA 86 12.50 -62.32 -59.52
N ILE WA 87 11.91 -62.38 -58.33
CA ILE WA 87 12.69 -62.32 -57.09
C ILE WA 87 13.37 -63.62 -56.70
N THR WA 88 13.23 -64.63 -57.56
CA THR WA 88 13.82 -65.95 -57.43
C THR WA 88 15.04 -66.07 -58.33
N GLN WA 89 15.37 -65.03 -59.10
CA GLN WA 89 16.62 -65.05 -59.91
C GLN WA 89 17.83 -64.79 -59.03
N GLY WA 90 18.88 -65.56 -59.23
CA GLY WA 90 20.13 -65.35 -58.54
C GLY WA 90 21.25 -64.83 -59.41
N ASP WA 91 22.48 -65.25 -59.11
CA ASP WA 91 23.68 -64.54 -59.56
C ASP WA 91 23.48 -63.02 -59.45
N ARG WA 92 23.02 -62.57 -58.29
CA ARG WA 92 22.69 -61.18 -58.08
C ARG WA 92 23.95 -60.28 -58.08
N GLY WA 93 23.71 -58.99 -58.25
CA GLY WA 93 24.77 -58.05 -58.47
C GLY WA 93 24.55 -56.67 -57.96
N VAL WA 94 25.55 -55.85 -58.13
CA VAL WA 94 25.52 -54.55 -57.57
C VAL WA 94 26.19 -53.52 -58.53
N GLY WA 95 25.49 -52.40 -58.74
CA GLY WA 95 25.90 -51.40 -59.73
C GLY WA 95 25.78 -49.96 -59.27
N SER WA 96 25.83 -49.02 -60.21
CA SER WA 96 25.84 -47.61 -59.87
C SER WA 96 25.11 -46.78 -60.86
N SER WA 97 24.42 -45.75 -60.36
CA SER WA 97 23.80 -44.76 -61.21
C SER WA 97 24.41 -43.47 -60.75
N ALA WA 98 24.67 -42.57 -61.69
CA ALA WA 98 25.17 -41.22 -61.33
C ALA WA 98 24.63 -40.18 -62.30
N VAL WA 99 24.52 -38.96 -61.76
CA VAL WA 99 23.91 -37.83 -62.40
C VAL WA 99 25.08 -37.09 -63.07
N ILE WA 100 24.87 -36.79 -64.33
CA ILE WA 100 25.86 -36.27 -65.25
C ILE WA 100 25.24 -35.05 -65.91
N LEU WA 101 25.57 -33.88 -65.42
CA LEU WA 101 24.87 -32.69 -65.83
C LEU WA 101 25.61 -31.97 -66.89
N ASP WA 102 26.78 -32.45 -67.29
CA ASP WA 102 27.62 -31.75 -68.25
C ASP WA 102 27.77 -32.53 -69.61
N ASP WA 103 26.87 -33.48 -69.83
CA ASP WA 103 26.79 -34.30 -71.03
C ASP WA 103 28.12 -35.03 -71.40
N ASN WA 104 28.82 -35.57 -70.39
CA ASN WA 104 30.12 -36.27 -70.54
C ASN WA 104 30.10 -37.63 -69.83
N PHE WA 105 29.50 -38.59 -70.48
CA PHE WA 105 29.30 -39.86 -69.86
C PHE WA 105 30.54 -40.70 -70.02
N VAL WA 106 30.70 -41.73 -69.23
CA VAL WA 106 31.67 -42.79 -69.44
C VAL WA 106 31.23 -43.57 -70.69
N THR WA 107 32.24 -43.87 -71.51
CA THR WA 107 32.09 -44.56 -72.82
C THR WA 107 31.32 -45.83 -72.68
N LYS WA 108 30.29 -45.98 -73.50
CA LYS WA 108 29.46 -47.15 -73.43
C LYS WA 108 30.36 -48.41 -73.49
N ALA WA 109 30.09 -49.38 -72.63
CA ALA WA 109 30.88 -50.61 -72.56
C ALA WA 109 30.03 -51.81 -72.14
N THR WA 110 30.29 -52.93 -72.78
CA THR WA 110 29.62 -54.18 -72.46
C THR WA 110 30.08 -54.81 -71.14
N ALA WA 111 31.39 -54.75 -70.84
CA ALA WA 111 32.00 -55.58 -69.79
C ALA WA 111 33.27 -54.93 -69.21
N LEU WA 112 33.14 -53.71 -68.72
CA LEU WA 112 34.25 -53.05 -68.11
C LEU WA 112 34.55 -53.83 -66.88
N THR WA 113 35.82 -53.83 -66.49
CA THR WA 113 36.28 -54.67 -65.38
C THR WA 113 36.15 -54.06 -63.98
N TYR WA 114 35.54 -52.87 -63.89
CA TYR WA 114 35.27 -52.15 -62.59
C TYR WA 114 34.02 -51.36 -62.81
N ASP WA 115 33.39 -50.88 -61.74
CA ASP WA 115 32.23 -49.95 -61.87
C ASP WA 115 32.75 -48.49 -61.92
N PRO WA 116 32.79 -47.89 -63.12
CA PRO WA 116 33.37 -46.58 -63.28
C PRO WA 116 32.59 -45.45 -62.63
N TYR WA 117 31.34 -45.71 -62.26
CA TYR WA 117 30.58 -44.73 -61.56
C TYR WA 117 30.54 -44.87 -60.06
N VAL WA 118 31.16 -45.90 -59.54
CA VAL WA 118 31.04 -46.13 -58.08
C VAL WA 118 31.50 -44.96 -57.20
N ASN WA 119 32.52 -44.24 -57.59
CA ASN WA 119 33.08 -43.24 -56.70
C ASN WA 119 32.42 -41.87 -56.87
N TYR WA 120 31.49 -41.76 -57.82
CA TYR WA 120 30.98 -40.44 -58.15
C TYR WA 120 30.24 -39.85 -56.97
N SER WA 121 30.45 -38.57 -56.74
CA SER WA 121 29.77 -37.91 -55.66
C SER WA 121 28.28 -38.17 -55.72
N SER WA 122 27.66 -38.06 -56.90
CA SER WA 122 26.25 -38.30 -57.11
C SER WA 122 25.80 -39.76 -57.23
N ARG WA 123 26.71 -40.71 -57.06
CA ARG WA 123 26.34 -42.14 -57.17
C ARG WA 123 25.27 -42.63 -56.18
N HIS WA 124 24.31 -43.38 -56.67
CA HIS WA 124 23.49 -44.23 -55.86
C HIS WA 124 23.69 -45.67 -56.36
N THR WA 125 23.74 -46.56 -55.39
CA THR WA 125 23.86 -48.00 -55.60
C THR WA 125 22.65 -48.64 -56.27
N ILE WA 126 22.85 -49.49 -57.26
CA ILE WA 126 21.78 -50.24 -57.88
C ILE WA 126 21.85 -51.68 -57.42
N THR WA 127 20.70 -52.26 -57.13
CA THR WA 127 20.63 -53.60 -56.62
C THR WA 127 19.97 -54.46 -57.73
N GLN WA 128 20.52 -55.64 -57.99
CA GLN WA 128 20.19 -56.43 -59.20
C GLN WA 128 19.92 -57.90 -58.92
N PRO WA 129 18.96 -58.54 -59.60
CA PRO WA 129 18.25 -58.00 -60.76
C PRO WA 129 16.78 -57.72 -60.46
N PHE WA 130 16.34 -57.96 -59.26
CA PHE WA 130 14.89 -57.89 -59.06
C PHE WA 130 14.46 -56.66 -58.31
N SER WA 131 15.24 -55.60 -58.30
CA SER WA 131 14.88 -54.44 -57.44
C SER WA 131 14.58 -53.21 -58.24
N TYR WA 132 13.74 -52.38 -57.67
CA TYR WA 132 13.44 -51.07 -58.21
C TYR WA 132 14.61 -50.14 -57.95
N HIS WA 133 14.94 -49.27 -58.88
CA HIS WA 133 15.92 -48.20 -58.65
C HIS WA 133 15.42 -46.89 -59.19
N SER WA 134 15.42 -45.82 -58.41
CA SER WA 134 15.01 -44.54 -58.97
C SER WA 134 15.98 -43.46 -58.61
N ARG WA 135 16.04 -42.48 -59.51
CA ARG WA 135 16.73 -41.24 -59.29
C ARG WA 135 15.79 -40.09 -59.59
N TYR WA 136 16.07 -38.97 -58.95
CA TYR WA 136 15.17 -37.84 -59.05
C TYR WA 136 16.00 -36.59 -58.84
N PHE WA 137 16.16 -35.82 -59.93
CA PHE WA 137 17.10 -34.70 -59.91
C PHE WA 137 16.69 -33.66 -60.92
N THR WA 138 17.35 -32.48 -60.88
CA THR WA 138 17.20 -31.49 -61.96
C THR WA 138 18.24 -31.67 -63.05
N PRO WA 139 17.77 -31.92 -64.26
CA PRO WA 139 18.65 -32.06 -65.34
C PRO WA 139 18.89 -30.72 -66.00
N LYS WA 140 19.88 -30.75 -66.88
CA LYS WA 140 20.32 -29.56 -67.56
C LYS WA 140 20.21 -29.72 -69.03
N PRO WA 141 19.79 -28.65 -69.68
CA PRO WA 141 19.95 -28.63 -71.10
C PRO WA 141 21.44 -28.55 -71.61
N VAL WA 142 21.69 -29.23 -72.73
CA VAL WA 142 22.91 -29.08 -73.53
C VAL WA 142 22.79 -27.85 -74.46
N LEU WA 143 23.25 -26.73 -73.91
CA LEU WA 143 23.34 -25.46 -74.60
C LEU WA 143 24.61 -25.21 -75.47
N ASP WA 144 25.72 -25.84 -75.13
CA ASP WA 144 26.88 -25.69 -75.95
C ASP WA 144 27.76 -26.88 -75.65
N SER WA 145 27.84 -27.85 -76.55
CA SER WA 145 28.55 -29.09 -76.21
C SER WA 145 30.06 -29.05 -76.40
N THR WA 146 30.62 -27.91 -76.77
CA THR WA 146 32.05 -27.70 -76.62
C THR WA 146 32.41 -27.31 -75.20
N ILE WA 147 31.62 -26.46 -74.58
CA ILE WA 147 32.00 -25.90 -73.29
C ILE WA 147 31.33 -26.64 -72.16
N ASP WA 148 30.13 -27.18 -72.43
CA ASP WA 148 29.34 -27.94 -71.47
C ASP WA 148 29.13 -27.20 -70.17
N TYR WA 149 28.41 -26.09 -70.24
CA TYR WA 149 28.01 -25.40 -69.06
C TYR WA 149 26.55 -25.62 -68.70
N PHE WA 150 26.28 -25.39 -67.43
CA PHE WA 150 24.95 -25.46 -66.90
C PHE WA 150 24.84 -24.65 -65.64
N GLN WA 151 23.57 -24.47 -65.24
CA GLN WA 151 23.20 -23.59 -64.14
C GLN WA 151 23.17 -24.35 -62.85
N PRO WA 152 23.53 -23.71 -61.73
CA PRO WA 152 23.30 -24.35 -60.47
C PRO WA 152 21.83 -24.51 -60.16
N ASN WA 153 21.56 -25.51 -59.36
CA ASN WA 153 20.22 -26.09 -59.16
C ASN WA 153 19.50 -24.95 -58.36
N ASN WA 154 18.56 -24.25 -58.98
CA ASN WA 154 17.85 -23.11 -58.31
C ASN WA 154 16.62 -22.66 -59.11
N LYS WA 155 15.53 -22.36 -58.42
CA LYS WA 155 14.22 -22.41 -59.05
C LYS WA 155 13.90 -21.16 -59.90
N ARG WA 156 13.89 -19.97 -59.33
CA ARG WA 156 13.37 -18.82 -60.07
C ARG WA 156 14.30 -18.26 -61.12
N ASN WA 157 15.57 -18.72 -61.15
CA ASN WA 157 16.58 -18.33 -62.18
C ASN WA 157 16.78 -19.30 -63.34
N GLN WA 158 15.99 -20.37 -63.43
CA GLN WA 158 16.24 -21.41 -64.41
C GLN WA 158 15.89 -20.92 -65.81
N LEU WA 159 16.83 -21.12 -66.70
CA LEU WA 159 16.61 -20.68 -68.06
C LEU WA 159 15.27 -21.14 -68.56
N TRP WA 160 14.56 -20.29 -69.25
CA TRP WA 160 13.41 -20.72 -70.13
C TRP WA 160 13.85 -21.13 -71.51
N LEU WA 161 13.14 -22.06 -72.10
CA LEU WA 161 13.45 -22.61 -73.41
C LEU WA 161 12.20 -22.61 -74.27
N ARG WA 162 12.39 -22.26 -75.52
CA ARG WA 162 11.32 -22.33 -76.49
C ARG WA 162 10.89 -23.77 -76.69
N LEU WA 163 9.58 -23.96 -76.77
CA LEU WA 163 8.99 -25.29 -77.03
C LEU WA 163 8.87 -25.42 -78.53
N GLN WA 164 9.81 -26.16 -79.09
CA GLN WA 164 9.90 -26.37 -80.51
C GLN WA 164 8.99 -27.51 -80.84
N THR WA 165 8.45 -27.49 -82.07
CA THR WA 165 7.72 -28.64 -82.58
C THR WA 165 8.66 -29.83 -82.73
N ALA WA 166 9.83 -29.50 -83.29
CA ALA WA 166 10.70 -30.48 -83.88
C ALA WA 166 11.94 -30.76 -83.09
N GLY WA 167 12.86 -29.81 -83.04
CA GLY WA 167 14.25 -30.20 -82.75
C GLY WA 167 14.72 -29.83 -81.37
N ASN WA 168 13.97 -30.25 -80.37
CA ASN WA 168 14.20 -29.73 -79.02
C ASN WA 168 15.53 -30.19 -78.45
N VAL WA 169 16.04 -29.44 -77.51
CA VAL WA 169 17.36 -29.69 -77.05
C VAL WA 169 17.43 -30.82 -76.03
N ASP WA 170 18.47 -31.67 -76.14
CA ASP WA 170 18.76 -32.69 -75.12
C ASP WA 170 18.98 -32.09 -73.71
N HIS WA 171 18.41 -32.76 -72.73
CA HIS WA 171 18.66 -32.50 -71.33
C HIS WA 171 19.35 -33.73 -70.80
N VAL WA 172 20.04 -33.49 -69.71
CA VAL WA 172 21.12 -34.37 -69.48
C VAL WA 172 21.26 -34.68 -68.02
N GLY WA 173 21.64 -35.94 -67.86
CA GLY WA 173 21.30 -36.59 -66.69
C GLY WA 173 21.96 -37.84 -66.30
N LEU WA 174 21.77 -39.00 -66.93
CA LEU WA 174 22.10 -40.21 -66.13
C LEU WA 174 23.05 -41.29 -66.67
N GLY WA 175 24.07 -41.63 -65.88
CA GLY WA 175 25.09 -42.64 -66.21
C GLY WA 175 24.79 -43.91 -65.43
N THR WA 176 25.02 -45.04 -66.04
CA THR WA 176 24.64 -46.31 -65.46
C THR WA 176 25.72 -47.34 -65.69
N ALA WA 177 25.87 -48.19 -64.69
CA ALA WA 177 26.76 -49.30 -64.71
C ALA WA 177 26.07 -50.45 -63.92
N PHE WA 178 25.56 -51.42 -64.66
CA PHE WA 178 24.89 -52.58 -64.14
C PHE WA 178 25.88 -53.73 -64.23
N GLU WA 179 26.08 -54.44 -63.10
CA GLU WA 179 26.95 -55.64 -63.09
C GLU WA 179 26.36 -56.69 -64.03
N ASN WA 180 27.21 -57.26 -64.89
CA ASN WA 180 26.81 -58.37 -65.75
C ASN WA 180 26.43 -59.63 -64.95
N SER WA 181 25.64 -60.50 -65.60
CA SER WA 181 25.14 -61.71 -64.97
C SER WA 181 25.08 -62.91 -65.94
N ILE WA 182 25.13 -64.09 -65.34
CA ILE WA 182 25.01 -65.39 -66.00
C ILE WA 182 23.65 -65.44 -66.70
N TYR WA 183 22.64 -64.75 -66.15
CA TYR WA 183 21.34 -64.58 -66.78
C TYR WA 183 21.13 -63.17 -67.36
N ASP WA 184 20.12 -63.03 -68.25
CA ASP WA 184 19.67 -61.73 -68.74
C ASP WA 184 18.96 -60.94 -67.66
N GLN WA 185 19.09 -59.60 -67.73
CA GLN WA 185 18.47 -58.70 -66.77
C GLN WA 185 17.66 -57.67 -67.57
N GLU WA 186 16.36 -57.83 -67.58
CA GLU WA 186 15.48 -56.93 -68.28
C GLU WA 186 14.88 -55.90 -67.34
N TYR WA 187 14.70 -54.68 -67.85
CA TYR WA 187 13.99 -53.63 -67.15
C TYR WA 187 12.90 -52.95 -68.05
N ASN WA 188 11.80 -52.49 -67.47
CA ASN WA 188 11.05 -51.38 -68.08
C ASN WA 188 11.52 -50.14 -67.38
N ILE WA 189 12.08 -49.20 -68.15
CA ILE WA 189 12.50 -47.95 -67.62
C ILE WA 189 11.41 -46.98 -67.89
N ARG WA 190 11.00 -46.28 -66.85
CA ARG WA 190 10.01 -45.24 -66.99
C ARG WA 190 10.69 -43.92 -66.68
N VAL WA 191 10.65 -43.01 -67.61
CA VAL WA 191 11.18 -41.71 -67.34
C VAL WA 191 9.98 -40.81 -67.26
N THR WA 192 9.93 -40.04 -66.19
CA THR WA 192 8.94 -38.98 -66.00
C THR WA 192 9.61 -37.58 -65.94
N MET WA 193 9.05 -36.61 -66.64
CA MET WA 193 9.55 -35.22 -66.63
C MET WA 193 8.53 -34.34 -65.98
N TYR WA 194 8.99 -33.49 -65.08
CA TYR WA 194 8.13 -32.58 -64.28
C TYR WA 194 8.41 -31.24 -64.90
N VAL WA 195 7.62 -30.92 -65.91
CA VAL WA 195 7.83 -29.74 -66.77
C VAL WA 195 6.98 -28.55 -66.31
N GLN WA 196 7.50 -27.36 -66.44
CA GLN WA 196 6.73 -26.15 -66.18
C GLN WA 196 6.62 -25.43 -67.52
N PHE WA 197 5.40 -25.30 -68.02
CA PHE WA 197 5.16 -24.57 -69.25
C PHE WA 197 4.75 -23.13 -68.91
N ARG WA 198 5.08 -22.21 -69.82
CA ARG WA 198 4.70 -20.81 -69.74
C ARG WA 198 4.26 -20.19 -71.07
N GLU WA 199 3.25 -19.33 -71.01
CA GLU WA 199 2.75 -18.55 -72.14
C GLU WA 199 1.80 -19.32 -73.02
N PHE WA 200 0.56 -19.39 -72.54
CA PHE WA 200 -0.51 -19.99 -73.30
C PHE WA 200 -0.57 -19.29 -74.66
N ASN WA 201 -0.48 -20.09 -75.74
CA ASN WA 201 -0.40 -19.56 -77.10
C ASN WA 201 -1.39 -20.09 -78.10
N LEU WA 202 -2.56 -20.50 -77.63
CA LEU WA 202 -3.48 -21.29 -78.43
C LEU WA 202 -4.07 -20.45 -79.52
N LYS WA 203 -3.97 -20.94 -80.77
CA LYS WA 203 -4.59 -20.31 -81.94
C LYS WA 203 -5.98 -20.87 -82.27
N ASP WA 204 -6.91 -20.02 -82.63
CA ASP WA 204 -8.29 -20.43 -82.93
C ASP WA 204 -8.78 -19.91 -84.27
N PRO WA 205 -8.41 -20.63 -85.35
CA PRO WA 205 -8.86 -20.23 -86.70
C PRO WA 205 -10.34 -20.44 -86.87
N PRO WA 206 -10.99 -19.67 -87.74
CA PRO WA 206 -12.46 -19.90 -87.87
C PRO WA 206 -12.83 -21.28 -88.50
N SER XA 19 -3.37 -30.78 -62.37
CA SER XA 19 -4.78 -31.32 -62.47
C SER XA 19 -5.92 -30.30 -62.85
N HIS XA 20 -5.84 -29.06 -62.36
CA HIS XA 20 -6.84 -27.99 -62.55
C HIS XA 20 -6.22 -26.98 -63.49
N PHE XA 21 -6.87 -26.55 -64.56
CA PHE XA 21 -6.22 -25.52 -65.43
C PHE XA 21 -7.21 -24.44 -65.86
N ASN XA 22 -6.96 -23.20 -65.40
CA ASN XA 22 -7.85 -22.05 -65.75
C ASN XA 22 -7.25 -21.30 -66.91
N THR XA 23 -7.98 -21.14 -68.00
CA THR XA 23 -7.53 -20.25 -69.03
C THR XA 23 -8.69 -19.41 -69.61
N ARG XA 24 -8.34 -18.60 -70.58
CA ARG XA 24 -9.18 -17.67 -71.22
C ARG XA 24 -9.06 -17.86 -72.73
N LEU XA 25 -10.20 -18.03 -73.40
CA LEU XA 25 -10.23 -18.29 -74.82
C LEU XA 25 -11.10 -17.29 -75.52
N SER XA 26 -10.64 -16.82 -76.68
CA SER XA 26 -11.34 -15.73 -77.42
C SER XA 26 -11.50 -15.99 -78.87
N ARG XA 27 -12.65 -15.53 -79.37
CA ARG XA 27 -12.86 -15.34 -80.80
C ARG XA 27 -13.55 -14.04 -81.01
N THR XA 28 -13.42 -13.53 -82.23
CA THR XA 28 -13.92 -12.21 -82.65
C THR XA 28 -14.64 -12.31 -84.02
N PHE XA 29 -15.83 -11.72 -84.15
CA PHE XA 29 -16.64 -11.75 -85.38
C PHE XA 29 -17.55 -10.54 -85.68
N GLY XA 30 -18.04 -10.47 -86.92
CA GLY XA 30 -18.79 -9.31 -87.42
C GLY XA 30 -20.26 -9.34 -87.13
N TYR XA 31 -20.82 -8.18 -86.77
CA TYR XA 31 -22.28 -7.99 -86.63
C TYR XA 31 -22.64 -6.63 -87.24
N THR XA 32 -23.60 -6.64 -88.17
CA THR XA 32 -24.03 -5.45 -88.82
C THR XA 32 -25.52 -5.31 -88.62
N ILE XA 33 -26.01 -4.15 -88.20
CA ILE XA 33 -27.42 -3.81 -88.28
C ILE XA 33 -27.59 -2.95 -89.49
N LYS XA 34 -28.44 -3.39 -90.41
CA LYS XA 34 -28.60 -2.75 -91.71
C LYS XA 34 -29.49 -1.53 -91.53
N ARG XA 35 -29.32 -0.54 -92.41
CA ARG XA 35 -30.03 0.73 -92.29
C ARG XA 35 -31.50 0.52 -92.56
N THR XA 36 -32.38 1.30 -91.98
CA THR XA 36 -33.76 1.34 -92.45
C THR XA 36 -34.19 2.78 -92.63
N THR XA 37 -35.36 2.93 -93.23
CA THR XA 37 -35.97 4.21 -93.48
C THR XA 37 -37.41 4.23 -92.92
N VAL XA 38 -37.76 3.22 -92.11
CA VAL XA 38 -38.71 3.41 -91.02
C VAL XA 38 -38.24 4.61 -90.20
N LYS XA 39 -39.19 5.48 -89.88
CA LYS XA 39 -38.86 6.70 -89.15
C LYS XA 39 -39.12 6.50 -87.65
N THR XA 40 -40.28 5.91 -87.31
CA THR XA 40 -40.59 5.61 -85.90
C THR XA 40 -39.56 4.66 -85.29
N PRO XA 41 -39.15 4.88 -84.02
CA PRO XA 41 -38.17 3.99 -83.38
C PRO XA 41 -38.52 2.50 -83.54
N SER XA 42 -37.51 1.68 -83.84
CA SER XA 42 -37.64 0.23 -83.99
C SER XA 42 -36.37 -0.49 -83.58
N TRP XA 43 -36.48 -1.79 -83.31
CA TRP XA 43 -35.31 -2.53 -82.79
C TRP XA 43 -34.99 -3.80 -83.58
N ALA XA 44 -33.70 -3.99 -83.91
CA ALA XA 44 -33.17 -5.29 -84.39
C ALA XA 44 -32.93 -6.14 -83.17
N VAL XA 45 -33.61 -7.28 -83.12
CA VAL XA 45 -33.59 -8.21 -82.03
C VAL XA 45 -32.86 -9.47 -82.46
N ASP XA 46 -31.92 -9.91 -81.64
CA ASP XA 46 -31.13 -11.06 -81.98
C ASP XA 46 -30.69 -11.77 -80.70
N MET XA 47 -29.93 -12.83 -80.85
CA MET XA 47 -29.48 -13.63 -79.72
C MET XA 47 -28.07 -14.10 -79.96
N MET XA 48 -27.51 -14.74 -78.92
CA MET XA 48 -26.14 -15.23 -78.88
C MET XA 48 -26.05 -16.44 -78.01
N ARG XA 49 -25.51 -17.52 -78.58
CA ARG XA 49 -25.05 -18.65 -77.79
C ARG XA 49 -23.53 -18.85 -77.84
N PHE XA 50 -22.98 -19.61 -76.89
CA PHE XA 50 -21.53 -19.82 -76.77
C PHE XA 50 -21.24 -21.28 -76.83
N ASN XA 51 -20.34 -21.69 -77.69
CA ASN XA 51 -20.00 -23.09 -77.81
C ASN XA 51 -18.49 -23.27 -77.89
N ILE XA 52 -17.93 -24.15 -77.08
CA ILE XA 52 -16.49 -24.31 -77.01
C ILE XA 52 -15.90 -24.80 -78.34
N ASN XA 53 -16.69 -25.49 -79.14
CA ASN XA 53 -16.26 -25.83 -80.53
C ASN XA 53 -15.73 -24.65 -81.30
N ASP XA 54 -16.28 -23.46 -81.09
CA ASP XA 54 -15.76 -22.26 -81.77
C ASP XA 54 -14.53 -21.62 -81.12
N PHE XA 55 -14.04 -22.13 -79.99
CA PHE XA 55 -12.96 -21.52 -79.24
C PHE XA 55 -11.69 -22.35 -79.14
N LEU XA 56 -11.84 -23.65 -79.32
CA LEU XA 56 -10.77 -24.64 -79.21
C LEU XA 56 -10.76 -25.45 -80.47
N PRO XA 57 -9.71 -25.42 -81.25
CA PRO XA 57 -9.80 -26.23 -82.49
C PRO XA 57 -9.41 -27.68 -82.28
N PRO XA 58 -9.51 -28.52 -83.34
CA PRO XA 58 -9.05 -29.92 -83.13
C PRO XA 58 -7.54 -30.01 -82.99
N GLY XA 59 -7.09 -31.01 -82.24
CA GLY XA 59 -5.68 -31.27 -82.09
C GLY XA 59 -5.41 -32.31 -83.13
N GLY XA 60 -4.49 -33.23 -82.84
CA GLY XA 60 -4.15 -34.25 -83.81
C GLY XA 60 -3.48 -35.46 -83.25
N GLY XA 61 -3.39 -36.45 -84.13
CA GLY XA 61 -3.08 -37.84 -83.72
C GLY XA 61 -3.92 -38.41 -82.56
N SER XA 62 -3.24 -38.79 -81.48
CA SER XA 62 -3.85 -39.41 -80.31
C SER XA 62 -4.49 -38.48 -79.27
N ASN XA 63 -4.24 -37.19 -79.47
CA ASN XA 63 -4.81 -36.07 -78.69
C ASN XA 63 -5.86 -35.28 -79.53
N PRO XA 64 -7.13 -35.71 -79.51
CA PRO XA 64 -8.12 -35.10 -80.41
C PRO XA 64 -8.45 -33.58 -80.18
N ARG XA 65 -8.17 -33.06 -78.98
CA ARG XA 65 -8.44 -31.65 -78.66
C ARG XA 65 -7.15 -30.90 -78.33
N SER XA 66 -7.15 -29.64 -78.69
CA SER XA 66 -5.93 -28.92 -78.75
C SER XA 66 -5.52 -28.49 -77.36
N VAL XA 67 -6.42 -28.59 -76.35
CA VAL XA 67 -5.95 -28.65 -74.96
C VAL XA 67 -6.24 -30.04 -74.44
N PRO XA 68 -5.26 -30.73 -73.89
CA PRO XA 68 -5.43 -32.14 -73.56
C PRO XA 68 -5.93 -32.33 -72.15
N PHE XA 69 -7.21 -32.15 -72.00
CA PHE XA 69 -7.89 -32.33 -70.72
C PHE XA 69 -9.20 -33.07 -71.01
N GLU XA 70 -9.67 -33.85 -70.05
CA GLU XA 70 -10.87 -34.69 -70.20
C GLU XA 70 -12.16 -33.89 -69.90
N TYR XA 71 -12.13 -32.97 -68.96
CA TYR XA 71 -13.35 -32.29 -68.56
C TYR XA 71 -13.19 -30.77 -68.56
N TYR XA 72 -14.32 -30.07 -68.68
CA TYR XA 72 -14.31 -28.59 -68.55
C TYR XA 72 -15.58 -27.96 -67.94
N ARG XA 73 -15.43 -26.76 -67.46
CA ARG XA 73 -16.61 -26.00 -67.26
C ARG XA 73 -16.32 -24.54 -67.49
N ILE XA 74 -17.30 -23.85 -68.04
CA ILE XA 74 -17.17 -22.45 -68.31
C ILE XA 74 -17.65 -21.63 -67.15
N ARG XA 75 -16.69 -20.93 -66.56
CA ARG XA 75 -16.82 -20.19 -65.32
C ARG XA 75 -17.52 -18.85 -65.54
N LYS XA 76 -17.17 -18.18 -66.62
CA LYS XA 76 -17.65 -16.84 -66.96
C LYS XA 76 -17.51 -16.64 -68.48
N VAL XA 77 -18.32 -15.78 -69.08
CA VAL XA 77 -18.17 -15.38 -70.50
C VAL XA 77 -18.17 -13.86 -70.52
N LYS XA 78 -17.25 -13.25 -71.27
CA LYS XA 78 -17.30 -11.81 -71.57
C LYS XA 78 -17.77 -11.66 -73.02
N VAL XA 79 -18.86 -10.93 -73.22
CA VAL XA 79 -19.26 -10.53 -74.50
C VAL XA 79 -18.98 -9.04 -74.66
N GLU XA 80 -18.23 -8.67 -75.70
CA GLU XA 80 -17.82 -7.28 -75.96
C GLU XA 80 -18.23 -6.82 -77.33
N PHE XA 81 -19.00 -5.73 -77.41
CA PHE XA 81 -19.36 -5.13 -78.70
C PHE XA 81 -18.43 -3.96 -79.00
N TRP XA 82 -17.54 -4.14 -79.96
CA TRP XA 82 -16.60 -3.10 -80.29
C TRP XA 82 -17.18 -2.40 -81.48
N PRO XA 83 -17.64 -1.17 -81.28
CA PRO XA 83 -18.20 -0.46 -82.41
C PRO XA 83 -17.19 -0.14 -83.51
N CYS XA 84 -17.62 -0.41 -84.74
CA CYS XA 84 -16.93 0.05 -85.93
C CYS XA 84 -17.22 1.49 -86.28
N SER XA 85 -18.38 2.02 -85.87
CA SER XA 85 -18.85 3.35 -86.33
C SER XA 85 -18.04 4.47 -85.69
N PRO XA 86 -17.87 5.60 -86.38
CA PRO XA 86 -17.04 6.67 -85.76
C PRO XA 86 -17.84 7.53 -84.77
N ILE XA 87 -17.12 8.19 -83.87
CA ILE XA 87 -17.77 9.02 -82.84
C ILE XA 87 -18.46 10.26 -83.39
N THR XA 88 -18.27 10.51 -84.68
CA THR XA 88 -19.02 11.50 -85.44
C THR XA 88 -20.33 11.02 -86.02
N GLN XA 89 -20.70 9.76 -85.86
CA GLN XA 89 -21.95 9.27 -86.53
C GLN XA 89 -23.20 9.73 -85.76
N GLY XA 90 -24.27 10.08 -86.50
CA GLY XA 90 -25.57 10.56 -86.02
C GLY XA 90 -26.69 9.51 -85.98
N ASP XA 91 -27.93 9.96 -85.96
CA ASP XA 91 -29.09 9.09 -85.64
C ASP XA 91 -28.78 8.08 -84.55
N ARG XA 92 -28.23 8.57 -83.45
CA ARG XA 92 -27.83 7.76 -82.34
C ARG XA 92 -28.98 7.17 -81.60
N GLY XA 93 -28.71 6.03 -80.96
CA GLY XA 93 -29.77 5.15 -80.53
C GLY XA 93 -29.45 4.52 -79.22
N VAL XA 94 -30.43 3.77 -78.76
CA VAL XA 94 -30.41 3.20 -77.43
C VAL XA 94 -31.17 1.84 -77.43
N GLY XA 95 -30.51 0.83 -76.88
CA GLY XA 95 -30.95 -0.56 -76.99
C GLY XA 95 -30.62 -1.25 -75.71
N SER XA 96 -30.81 -2.57 -75.71
CA SER XA 96 -30.67 -3.35 -74.48
C SER XA 96 -29.91 -4.63 -74.67
N SER XA 97 -29.08 -4.98 -73.69
CA SER XA 97 -28.63 -6.42 -73.59
C SER XA 97 -29.28 -7.10 -72.37
N ALA XA 98 -29.59 -8.40 -72.47
CA ALA XA 98 -30.12 -9.13 -71.33
C ALA XA 98 -29.54 -10.56 -71.32
N VAL XA 99 -29.25 -11.04 -70.13
CA VAL XA 99 -28.70 -12.37 -69.90
C VAL XA 99 -29.86 -13.38 -69.82
N ILE XA 100 -29.90 -14.34 -70.75
CA ILE XA 100 -30.86 -15.42 -70.89
C ILE XA 100 -30.16 -16.77 -70.58
N LEU XA 101 -30.57 -17.44 -69.51
CA LEU XA 101 -29.85 -18.61 -68.96
C LEU XA 101 -30.59 -19.93 -69.21
N ASP XA 102 -31.76 -19.86 -69.84
CA ASP XA 102 -32.59 -21.03 -70.07
C ASP XA 102 -32.84 -21.25 -71.56
N ASP XA 103 -32.01 -20.65 -72.41
CA ASP XA 103 -32.18 -20.75 -73.87
C ASP XA 103 -33.52 -20.27 -74.41
N ASN XA 104 -34.23 -19.37 -73.72
CA ASN XA 104 -35.50 -18.85 -74.26
C ASN XA 104 -35.44 -17.34 -74.57
N PHE XA 105 -35.03 -17.07 -75.80
CA PHE XA 105 -34.78 -15.76 -76.35
C PHE XA 105 -35.96 -15.19 -77.03
N VAL XA 106 -36.12 -13.86 -76.93
CA VAL XA 106 -37.08 -13.14 -77.76
C VAL XA 106 -36.78 -13.45 -79.22
N THR XA 107 -37.84 -13.61 -80.00
CA THR XA 107 -37.74 -14.07 -81.39
C THR XA 107 -36.96 -13.08 -82.19
N LYS XA 108 -36.08 -13.58 -83.05
CA LYS XA 108 -35.36 -12.75 -84.03
C LYS XA 108 -36.27 -11.73 -84.72
N ALA XA 109 -35.85 -10.46 -84.82
CA ALA XA 109 -36.65 -9.45 -85.55
C ALA XA 109 -35.83 -8.31 -86.10
N THR XA 110 -36.25 -7.82 -87.27
CA THR XA 110 -35.53 -6.79 -88.01
C THR XA 110 -35.76 -5.43 -87.38
N ALA XA 111 -37.05 -5.14 -87.19
CA ALA XA 111 -37.52 -3.89 -86.66
C ALA XA 111 -38.76 -4.06 -85.79
N LEU XA 112 -38.59 -4.54 -84.57
CA LEU XA 112 -39.69 -4.67 -83.65
C LEU XA 112 -40.11 -3.26 -83.25
N THR XA 113 -41.40 -3.05 -82.94
CA THR XA 113 -41.85 -1.65 -82.65
C THR XA 113 -41.52 -1.19 -81.22
N TYR XA 114 -40.71 -1.96 -80.50
CA TYR XA 114 -40.33 -1.65 -79.10
C TYR XA 114 -39.09 -2.49 -78.70
N ASP XA 115 -38.38 -2.11 -77.64
CA ASP XA 115 -37.24 -2.87 -77.15
C ASP XA 115 -37.79 -3.96 -76.23
N PRO XA 116 -37.79 -5.21 -76.70
CA PRO XA 116 -38.36 -6.27 -75.90
C PRO XA 116 -37.54 -6.65 -74.66
N TYR XA 117 -36.26 -6.26 -74.54
CA TYR XA 117 -35.51 -6.60 -73.33
C TYR XA 117 -35.39 -5.51 -72.29
N VAL XA 118 -35.99 -4.36 -72.54
CA VAL XA 118 -35.73 -3.19 -71.67
C VAL XA 118 -36.16 -3.43 -70.18
N ASN XA 119 -37.20 -4.25 -69.94
CA ASN XA 119 -37.68 -4.46 -68.57
C ASN XA 119 -37.02 -5.72 -67.94
N TYR XA 120 -36.10 -6.37 -68.68
CA TYR XA 120 -35.47 -7.57 -68.12
C TYR XA 120 -34.68 -7.23 -66.84
N SER XA 121 -34.77 -8.09 -65.85
CA SER XA 121 -34.06 -7.78 -64.61
C SER XA 121 -32.56 -7.66 -64.89
N SER XA 122 -32.04 -8.43 -65.85
CA SER XA 122 -30.62 -8.49 -66.18
C SER XA 122 -30.22 -7.50 -67.32
N ARG XA 123 -31.17 -6.66 -67.77
CA ARG XA 123 -30.89 -5.67 -68.77
C ARG XA 123 -29.81 -4.68 -68.39
N HIS XA 124 -28.91 -4.41 -69.32
CA HIS XA 124 -27.94 -3.28 -69.30
C HIS XA 124 -28.21 -2.46 -70.58
N THR XA 125 -28.03 -1.15 -70.50
CA THR XA 125 -28.31 -0.24 -71.63
C THR XA 125 -27.17 -0.21 -72.69
N ILE XA 126 -27.55 -0.19 -73.97
CA ILE XA 126 -26.61 -0.18 -75.06
C ILE XA 126 -26.78 1.17 -75.70
N THR XA 127 -25.68 1.83 -75.87
CA THR XA 127 -25.68 3.17 -76.31
C THR XA 127 -25.11 3.05 -77.70
N GLN XA 128 -25.82 3.57 -78.69
CA GLN XA 128 -25.42 3.37 -80.07
C GLN XA 128 -25.14 4.71 -80.80
N PRO XA 129 -24.23 4.73 -81.78
CA PRO XA 129 -23.61 3.53 -82.39
C PRO XA 129 -22.07 3.44 -82.25
N PHE XA 130 -21.46 4.40 -81.55
CA PHE XA 130 -20.00 4.47 -81.43
C PHE XA 130 -19.56 4.12 -80.01
N SER XA 131 -20.33 3.30 -79.31
CA SER XA 131 -20.02 3.03 -77.92
C SER XA 131 -19.76 1.56 -77.67
N TYR XA 132 -18.85 1.33 -76.74
CA TYR XA 132 -18.48 0.01 -76.34
C TYR XA 132 -19.60 -0.50 -75.51
N HIS XA 133 -19.79 -1.82 -75.46
CA HIS XA 133 -20.78 -2.45 -74.54
C HIS XA 133 -20.22 -3.82 -74.17
N SER XA 134 -20.21 -4.17 -72.90
CA SER XA 134 -19.76 -5.52 -72.57
C SER XA 134 -20.63 -6.16 -71.52
N ARG XA 135 -20.70 -7.48 -71.49
CA ARG XA 135 -21.48 -8.16 -70.46
C ARG XA 135 -20.58 -9.23 -69.93
N TYR XA 136 -20.59 -9.43 -68.61
CA TYR XA 136 -19.73 -10.48 -68.05
C TYR XA 136 -20.53 -11.22 -67.02
N PHE XA 137 -20.72 -12.53 -67.26
CA PHE XA 137 -21.61 -13.40 -66.45
C PHE XA 137 -21.30 -14.87 -66.57
N THR XA 138 -21.75 -15.65 -65.61
CA THR XA 138 -21.78 -17.14 -65.76
C THR XA 138 -22.96 -17.63 -66.66
N PRO XA 139 -22.60 -18.19 -67.83
CA PRO XA 139 -23.59 -18.77 -68.78
C PRO XA 139 -23.94 -20.18 -68.35
N LYS XA 140 -24.83 -20.84 -69.06
CA LYS XA 140 -25.29 -22.15 -68.59
C LYS XA 140 -25.36 -23.14 -69.73
N PRO XA 141 -24.87 -24.33 -69.49
CA PRO XA 141 -25.13 -25.35 -70.50
C PRO XA 141 -26.63 -25.72 -70.69
N VAL XA 142 -26.97 -26.01 -71.93
CA VAL XA 142 -28.30 -26.35 -72.34
C VAL XA 142 -28.35 -27.85 -72.27
N LEU XA 143 -28.87 -28.30 -71.14
CA LEU XA 143 -28.76 -29.68 -70.72
C LEU XA 143 -29.94 -30.50 -71.15
N ASP XA 144 -31.08 -29.86 -71.38
CA ASP XA 144 -32.28 -30.55 -71.77
C ASP XA 144 -33.22 -29.49 -72.30
N SER XA 145 -33.40 -29.38 -73.61
CA SER XA 145 -34.10 -28.20 -74.13
C SER XA 145 -35.62 -28.28 -74.03
N THR XA 146 -36.15 -29.40 -73.56
CA THR XA 146 -37.55 -29.44 -73.15
C THR XA 146 -37.88 -28.69 -71.86
N ILE XA 147 -37.02 -28.79 -70.87
CA ILE XA 147 -37.30 -28.27 -69.56
C ILE XA 147 -36.57 -26.98 -69.26
N ASP XA 148 -35.35 -26.88 -69.78
CA ASP XA 148 -34.50 -25.71 -69.64
C ASP XA 148 -34.20 -25.38 -68.17
N TYR XA 149 -33.52 -26.29 -67.53
CA TYR XA 149 -33.07 -26.10 -66.19
C TYR XA 149 -31.58 -25.76 -66.13
N PHE XA 150 -31.23 -25.00 -65.10
CA PHE XA 150 -29.85 -24.66 -64.91
C PHE XA 150 -29.47 -24.43 -63.45
N GLN XA 151 -28.19 -24.47 -63.16
CA GLN XA 151 -27.78 -24.36 -61.77
C GLN XA 151 -27.71 -22.89 -61.31
N PRO XA 152 -27.97 -22.62 -60.02
CA PRO XA 152 -27.81 -21.26 -59.51
C PRO XA 152 -26.38 -20.90 -59.49
N ASN XA 153 -26.08 -19.64 -59.74
CA ASN XA 153 -24.73 -19.27 -60.20
C ASN XA 153 -23.82 -19.75 -59.01
N ASN XA 154 -22.76 -20.48 -59.30
CA ASN XA 154 -22.01 -21.08 -58.16
C ASN XA 154 -20.58 -21.36 -58.53
N LYS XA 155 -19.82 -21.62 -57.47
CA LYS XA 155 -18.43 -21.94 -57.57
C LYS XA 155 -18.30 -23.48 -57.64
N ARG XA 156 -17.73 -24.12 -56.63
CA ARG XA 156 -17.33 -25.52 -56.70
C ARG XA 156 -18.47 -26.54 -56.43
N ASN XA 157 -19.73 -26.18 -56.76
CA ASN XA 157 -20.84 -27.12 -57.07
C ASN XA 157 -21.31 -27.18 -58.57
N GLN XA 158 -20.70 -26.38 -59.45
CA GLN XA 158 -21.01 -26.33 -60.89
C GLN XA 158 -20.60 -27.61 -61.56
N LEU XA 159 -21.47 -28.09 -62.42
CA LEU XA 159 -21.29 -29.33 -63.11
C LEU XA 159 -20.00 -29.28 -63.93
N TRP XA 160 -19.26 -30.39 -63.95
CA TRP XA 160 -18.26 -30.69 -65.01
C TRP XA 160 -18.89 -31.30 -66.27
N LEU XA 161 -18.22 -31.08 -67.39
CA LEU XA 161 -18.63 -31.49 -68.68
C LEU XA 161 -17.43 -32.12 -69.39
N ARG XA 162 -17.71 -33.17 -70.16
CA ARG XA 162 -16.75 -33.80 -71.06
C ARG XA 162 -16.36 -32.84 -72.18
N LEU XA 163 -15.04 -32.72 -72.37
CA LEU XA 163 -14.47 -31.98 -73.48
C LEU XA 163 -14.61 -32.84 -74.69
N GLN XA 164 -15.53 -32.52 -75.55
CA GLN XA 164 -15.70 -33.34 -76.71
C GLN XA 164 -14.86 -32.78 -77.85
N THR XA 165 -14.50 -33.66 -78.80
CA THR XA 165 -13.88 -33.21 -80.04
C THR XA 165 -14.96 -32.51 -80.83
N ALA XA 166 -16.12 -33.16 -80.78
CA ALA XA 166 -17.14 -33.12 -81.81
C ALA XA 166 -18.26 -32.08 -81.55
N GLY XA 167 -19.27 -32.48 -80.78
CA GLY XA 167 -20.51 -31.74 -80.69
C GLY XA 167 -20.61 -31.36 -79.23
N ASN XA 168 -19.84 -30.34 -78.86
CA ASN XA 168 -19.94 -29.83 -77.53
C ASN XA 168 -21.31 -29.12 -77.36
N VAL XA 169 -21.83 -29.23 -76.15
CA VAL XA 169 -23.09 -28.64 -75.81
C VAL XA 169 -23.07 -27.08 -75.89
N ASP XA 170 -24.12 -26.45 -76.44
CA ASP XA 170 -24.24 -24.97 -76.41
C ASP XA 170 -24.36 -24.48 -74.94
N HIS XA 171 -23.76 -23.32 -74.66
CA HIS XA 171 -23.97 -22.59 -73.40
C HIS XA 171 -24.72 -21.32 -73.75
N VAL XA 172 -25.35 -20.72 -72.75
CA VAL XA 172 -26.39 -19.82 -73.10
C VAL XA 172 -26.42 -18.66 -72.19
N GLY XA 173 -27.03 -17.61 -72.74
CA GLY XA 173 -26.43 -16.38 -72.52
C GLY XA 173 -27.10 -15.13 -72.92
N LEU XA 174 -27.00 -14.65 -74.17
CA LEU XA 174 -27.30 -13.21 -74.37
C LEU XA 174 -28.30 -12.85 -75.42
N GLY XA 175 -29.33 -12.09 -75.02
CA GLY XA 175 -30.31 -11.51 -75.95
C GLY XA 175 -29.96 -10.04 -76.14
N THR XA 176 -30.20 -9.55 -77.34
CA THR XA 176 -29.89 -8.15 -77.65
C THR XA 176 -31.00 -7.50 -78.45
N ALA XA 177 -31.14 -6.19 -78.22
CA ALA XA 177 -32.00 -5.37 -79.04
C ALA XA 177 -31.31 -4.07 -79.35
N PHE XA 178 -31.03 -3.80 -80.63
CA PHE XA 178 -30.30 -2.55 -81.06
C PHE XA 178 -31.32 -1.69 -81.75
N GLU XA 179 -31.37 -0.41 -81.39
CA GLU XA 179 -32.21 0.54 -82.11
C GLU XA 179 -31.67 0.69 -83.52
N ASN XA 180 -32.60 0.71 -84.48
CA ASN XA 180 -32.31 0.73 -85.92
C ASN XA 180 -32.02 2.16 -86.26
N SER XA 181 -31.30 2.38 -87.34
CA SER XA 181 -30.79 3.71 -87.70
C SER XA 181 -30.91 3.99 -89.22
N ILE XA 182 -30.85 5.28 -89.54
CA ILE XA 182 -30.77 5.74 -90.91
C ILE XA 182 -29.46 5.31 -91.56
N TYR XA 183 -28.42 5.14 -90.75
CA TYR XA 183 -27.14 4.53 -91.16
C TYR XA 183 -26.95 3.09 -90.70
N ASP XA 184 -26.00 2.44 -91.39
CA ASP XA 184 -25.52 1.04 -91.09
C ASP XA 184 -24.81 1.06 -89.71
N GLN XA 185 -24.91 0.00 -88.88
CA GLN XA 185 -24.13 -0.07 -87.59
C GLN XA 185 -23.36 -1.39 -87.50
N GLU XA 186 -22.06 -1.34 -87.74
CA GLU XA 186 -21.19 -2.49 -87.87
C GLU XA 186 -20.57 -2.55 -86.45
N TYR XA 187 -20.43 -3.74 -85.86
CA TYR XA 187 -19.62 -3.94 -84.64
C TYR XA 187 -18.67 -5.09 -84.84
N ASN XA 188 -17.53 -5.08 -84.16
CA ASN XA 188 -16.72 -6.33 -83.99
C ASN XA 188 -17.02 -6.93 -82.61
N ILE XA 189 -17.59 -8.12 -82.59
CA ILE XA 189 -17.97 -8.79 -81.34
C ILE XA 189 -16.83 -9.72 -80.96
N ARG XA 190 -16.30 -9.55 -79.77
CA ARG XA 190 -15.35 -10.47 -79.27
C ARG XA 190 -15.98 -11.17 -78.09
N VAL XA 191 -16.04 -12.49 -78.15
CA VAL XA 191 -16.51 -13.31 -77.06
C VAL XA 191 -15.30 -13.96 -76.43
N THR XA 192 -15.32 -14.03 -75.11
CA THR XA 192 -14.24 -14.64 -74.35
C THR XA 192 -14.76 -15.53 -73.23
N MET XA 193 -14.43 -16.82 -73.28
CA MET XA 193 -14.84 -17.80 -72.24
C MET XA 193 -13.75 -17.90 -71.21
N TYR XA 194 -14.07 -17.85 -69.94
CA TYR XA 194 -13.12 -18.20 -68.91
C TYR XA 194 -13.42 -19.62 -68.52
N VAL XA 195 -12.62 -20.55 -69.03
CA VAL XA 195 -12.86 -21.96 -68.84
C VAL XA 195 -11.96 -22.55 -67.80
N GLN XA 196 -12.49 -23.49 -67.06
CA GLN XA 196 -11.68 -24.27 -66.15
C GLN XA 196 -11.59 -25.68 -66.69
N PHE XA 197 -10.39 -26.18 -66.96
CA PHE XA 197 -10.18 -27.53 -67.44
C PHE XA 197 -9.73 -28.45 -66.31
N ARG XA 198 -10.08 -29.74 -66.40
CA ARG XA 198 -9.68 -30.69 -65.40
C ARG XA 198 -9.30 -32.09 -65.93
N GLU XA 199 -8.28 -32.71 -65.32
CA GLU XA 199 -7.76 -34.06 -65.63
C GLU XA 199 -6.99 -34.01 -66.93
N PHE XA 200 -5.70 -33.73 -66.80
CA PHE XA 200 -4.75 -33.72 -67.91
C PHE XA 200 -4.82 -35.14 -68.44
N ASN XA 201 -5.00 -35.31 -69.76
CA ASN XA 201 -5.11 -36.65 -70.36
C ASN XA 201 -4.13 -36.99 -71.53
N LEU XA 202 -3.04 -36.22 -71.66
CA LEU XA 202 -2.11 -36.34 -72.81
C LEU XA 202 -1.61 -37.75 -73.14
N LYS XA 203 -1.85 -38.13 -74.37
CA LYS XA 203 -1.40 -39.41 -74.90
C LYS XA 203 -0.05 -39.16 -75.57
N ASP XA 204 0.92 -40.02 -75.29
CA ASP XA 204 2.20 -40.00 -75.98
C ASP XA 204 2.57 -41.34 -76.69
N PRO XA 205 2.05 -41.56 -77.92
CA PRO XA 205 2.50 -42.71 -78.67
C PRO XA 205 3.96 -42.56 -79.10
N PRO XA 206 4.64 -43.64 -79.48
CA PRO XA 206 6.11 -43.53 -79.67
C PRO XA 206 6.64 -42.85 -80.97
N SER YA 19 -23.69 -51.75 -39.26
CA SER YA 19 -23.93 -52.99 -38.42
C SER YA 19 -25.30 -53.05 -37.73
N HIS YA 20 -25.82 -51.92 -37.21
CA HIS YA 20 -27.17 -51.85 -36.60
C HIS YA 20 -28.09 -51.06 -37.40
N PHE YA 21 -29.35 -51.50 -37.48
CA PHE YA 21 -30.42 -50.84 -38.23
C PHE YA 21 -31.73 -50.72 -37.37
N ASN YA 22 -32.06 -49.49 -36.99
CA ASN YA 22 -33.30 -49.21 -36.26
C ASN YA 22 -34.40 -48.90 -37.22
N THR YA 23 -35.54 -49.57 -37.08
CA THR YA 23 -36.73 -49.21 -37.82
C THR YA 23 -38.06 -49.59 -37.17
N ARG YA 24 -39.12 -49.39 -37.92
CA ARG YA 24 -40.46 -49.42 -37.39
C ARG YA 24 -41.31 -50.20 -38.35
N LEU YA 25 -42.08 -51.14 -37.90
CA LEU YA 25 -42.86 -51.99 -38.78
C LEU YA 25 -44.32 -52.03 -38.33
N SER YA 26 -45.27 -52.06 -39.25
CA SER YA 26 -46.67 -51.94 -38.80
C SER YA 26 -47.62 -52.81 -39.53
N ARG YA 27 -48.75 -53.06 -38.89
CA ARG YA 27 -49.85 -53.79 -39.53
C ARG YA 27 -51.14 -53.37 -38.85
N THR YA 28 -52.23 -53.43 -39.61
CA THR YA 28 -53.52 -53.03 -39.12
C THR YA 28 -54.48 -54.13 -39.42
N PHE YA 29 -55.18 -54.63 -38.37
CA PHE YA 29 -56.32 -55.59 -38.46
C PHE YA 29 -57.59 -55.14 -37.72
N GLY YA 30 -58.72 -55.75 -38.08
CA GLY YA 30 -60.04 -55.46 -37.51
C GLY YA 30 -60.27 -56.19 -36.20
N TYR YA 31 -61.04 -55.55 -35.35
CA TYR YA 31 -61.48 -56.16 -34.08
C TYR YA 31 -62.90 -55.70 -33.86
N THR YA 32 -63.83 -56.65 -33.74
CA THR YA 32 -65.21 -56.31 -33.36
C THR YA 32 -65.56 -56.86 -32.00
N ILE YA 33 -66.29 -56.08 -31.21
CA ILE YA 33 -67.00 -56.63 -30.02
C ILE YA 33 -68.49 -56.65 -30.34
N LYS YA 34 -69.06 -57.84 -30.39
CA LYS YA 34 -70.42 -57.98 -30.90
C LYS YA 34 -71.44 -57.54 -29.85
N ARG YA 35 -72.51 -56.86 -30.29
CA ARG YA 35 -73.48 -56.33 -29.35
C ARG YA 35 -74.01 -57.40 -28.43
N THR YA 36 -74.29 -57.07 -27.18
CA THR YA 36 -75.00 -57.97 -26.30
C THR YA 36 -76.25 -57.32 -25.72
N THR YA 37 -77.00 -58.20 -25.07
CA THR YA 37 -78.26 -57.90 -24.46
C THR YA 37 -78.23 -58.18 -22.97
N VAL YA 38 -77.09 -58.67 -22.41
CA VAL YA 38 -76.89 -58.69 -20.94
C VAL YA 38 -77.11 -57.24 -20.40
N LYS YA 39 -77.91 -57.13 -19.35
CA LYS YA 39 -78.36 -55.80 -18.91
C LYS YA 39 -77.33 -55.28 -17.89
N THR YA 40 -76.76 -56.21 -17.11
CA THR YA 40 -75.68 -55.88 -16.19
C THR YA 40 -74.36 -55.63 -16.92
N PRO YA 41 -73.52 -54.73 -16.40
CA PRO YA 41 -72.18 -54.54 -16.96
C PRO YA 41 -71.43 -55.88 -17.10
N SER YA 42 -70.88 -56.12 -18.29
CA SER YA 42 -70.02 -57.28 -18.55
C SER YA 42 -68.79 -56.84 -19.37
N TRP YA 43 -67.85 -57.76 -19.56
CA TRP YA 43 -66.64 -57.44 -20.30
C TRP YA 43 -66.16 -58.51 -21.31
N ALA YA 44 -65.68 -58.07 -22.46
CA ALA YA 44 -65.07 -58.97 -23.41
C ALA YA 44 -63.53 -59.01 -23.18
N VAL YA 45 -63.05 -60.16 -22.75
CA VAL YA 45 -61.70 -60.28 -22.39
C VAL YA 45 -61.03 -61.04 -23.52
N ASP YA 46 -59.84 -60.57 -23.89
CA ASP YA 46 -59.06 -61.14 -24.98
C ASP YA 46 -57.61 -60.77 -24.74
N MET YA 47 -56.79 -60.94 -25.75
CA MET YA 47 -55.39 -60.86 -25.60
C MET YA 47 -54.81 -60.53 -26.98
N MET YA 48 -53.49 -60.43 -27.00
CA MET YA 48 -52.68 -60.02 -28.11
C MET YA 48 -51.26 -60.44 -27.83
N ARG YA 49 -50.68 -61.21 -28.76
CA ARG YA 49 -49.24 -61.45 -28.84
C ARG YA 49 -48.70 -60.78 -30.10
N PHE YA 50 -47.38 -60.73 -30.23
CA PHE YA 50 -46.78 -60.06 -31.33
C PHE YA 50 -45.74 -60.92 -31.93
N ASN YA 51 -45.87 -61.18 -33.21
CA ASN YA 51 -44.89 -62.02 -33.89
C ASN YA 51 -44.38 -61.40 -35.16
N ILE YA 52 -43.06 -61.32 -35.30
CA ILE YA 52 -42.44 -60.64 -36.44
C ILE YA 52 -42.82 -61.21 -37.82
N ASN YA 53 -43.29 -62.46 -37.85
CA ASN YA 53 -43.78 -63.06 -39.09
C ASN YA 53 -44.90 -62.19 -39.67
N ASP YA 54 -45.70 -61.51 -38.85
CA ASP YA 54 -46.79 -60.66 -39.36
C ASP YA 54 -46.39 -59.23 -39.74
N PHE YA 55 -45.10 -58.94 -39.58
CA PHE YA 55 -44.55 -57.65 -39.93
C PHE YA 55 -43.50 -57.59 -41.10
N LEU YA 56 -42.91 -58.72 -41.41
CA LEU YA 56 -41.78 -58.84 -42.30
C LEU YA 56 -42.17 -59.98 -43.19
N PRO YA 57 -42.49 -59.70 -44.46
CA PRO YA 57 -42.76 -60.85 -45.33
C PRO YA 57 -41.51 -61.59 -45.74
N PRO YA 58 -41.70 -62.74 -46.39
CA PRO YA 58 -40.48 -63.40 -46.88
C PRO YA 58 -39.88 -62.63 -48.08
N GLY YA 59 -38.56 -62.74 -48.23
CA GLY YA 59 -37.81 -62.13 -49.31
C GLY YA 59 -37.76 -63.08 -50.52
N GLY YA 60 -36.57 -63.41 -51.01
CA GLY YA 60 -36.46 -64.02 -52.32
C GLY YA 60 -35.05 -64.41 -52.72
N GLY YA 61 -35.00 -65.45 -53.56
CA GLY YA 61 -33.76 -66.12 -54.00
C GLY YA 61 -32.92 -66.52 -52.79
N SER YA 62 -31.65 -66.12 -52.82
CA SER YA 62 -30.70 -66.42 -51.77
C SER YA 62 -30.81 -65.57 -50.52
N ASN YA 63 -31.76 -64.60 -50.49
CA ASN YA 63 -32.12 -63.75 -49.30
C ASN YA 63 -33.54 -64.11 -48.75
N PRO YA 64 -33.61 -65.06 -47.80
CA PRO YA 64 -34.95 -65.54 -47.47
C PRO YA 64 -35.88 -64.54 -46.76
N ARG YA 65 -35.36 -63.43 -46.21
CA ARG YA 65 -36.30 -62.43 -45.55
C ARG YA 65 -36.14 -61.05 -46.25
N SER YA 66 -37.16 -60.22 -46.13
CA SER YA 66 -37.17 -58.95 -46.85
C SER YA 66 -36.33 -57.88 -46.21
N VAL YA 67 -35.97 -58.00 -44.94
CA VAL YA 67 -34.83 -57.21 -44.47
C VAL YA 67 -33.62 -58.15 -44.24
N PRO YA 68 -32.50 -57.89 -44.99
CA PRO YA 68 -31.37 -58.77 -45.01
C PRO YA 68 -30.47 -58.58 -43.80
N PHE YA 69 -30.94 -59.06 -42.65
CA PHE YA 69 -30.20 -58.96 -41.43
C PHE YA 69 -30.31 -60.30 -40.75
N GLU YA 70 -29.29 -60.61 -39.94
CA GLU YA 70 -29.19 -61.93 -39.31
C GLU YA 70 -29.85 -62.01 -37.91
N TYR YA 71 -29.80 -60.90 -37.14
CA TYR YA 71 -30.32 -60.85 -35.76
C TYR YA 71 -31.30 -59.67 -35.59
N TYR YA 72 -32.26 -59.85 -34.70
CA TYR YA 72 -33.10 -58.76 -34.23
C TYR YA 72 -33.42 -58.87 -32.75
N ARG YA 73 -33.95 -57.77 -32.25
CA ARG YA 73 -34.58 -57.71 -30.94
C ARG YA 73 -35.62 -56.59 -31.02
N ILE YA 74 -36.78 -56.80 -30.40
CA ILE YA 74 -37.85 -55.83 -30.46
C ILE YA 74 -37.69 -54.99 -29.29
N ARG YA 75 -37.42 -53.73 -29.54
CA ARG YA 75 -37.20 -52.66 -28.51
C ARG YA 75 -38.47 -52.17 -27.78
N LYS YA 76 -39.52 -52.00 -28.60
CA LYS YA 76 -40.80 -51.44 -28.22
C LYS YA 76 -41.91 -51.93 -29.16
N VAL YA 77 -43.13 -52.03 -28.64
CA VAL YA 77 -44.34 -52.28 -29.43
C VAL YA 77 -45.24 -51.17 -29.05
N LYS YA 78 -45.94 -50.64 -30.03
CA LYS YA 78 -47.01 -49.74 -29.76
C LYS YA 78 -48.23 -50.41 -30.33
N VAL YA 79 -49.27 -50.47 -29.53
CA VAL YA 79 -50.60 -50.94 -29.93
C VAL YA 79 -51.56 -49.75 -29.90
N GLU YA 80 -52.20 -49.51 -31.03
CA GLU YA 80 -53.17 -48.46 -31.10
C GLU YA 80 -54.58 -49.01 -31.45
N PHE YA 81 -55.55 -48.68 -30.60
CA PHE YA 81 -56.96 -48.96 -30.92
C PHE YA 81 -57.64 -47.72 -31.53
N TRP YA 82 -57.85 -47.76 -32.86
CA TRP YA 82 -58.41 -46.66 -33.64
C TRP YA 82 -59.90 -46.91 -33.79
N PRO YA 83 -60.73 -46.24 -33.01
CA PRO YA 83 -62.14 -46.54 -32.99
C PRO YA 83 -62.86 -46.28 -34.27
N CYS YA 84 -63.76 -47.18 -34.61
CA CYS YA 84 -64.61 -47.01 -35.80
C CYS YA 84 -65.91 -46.30 -35.46
N SER YA 85 -66.38 -46.43 -34.22
CA SER YA 85 -67.71 -45.93 -33.89
C SER YA 85 -67.72 -44.41 -34.00
N PRO YA 86 -68.86 -43.83 -34.37
CA PRO YA 86 -68.90 -42.44 -34.43
C PRO YA 86 -69.00 -41.83 -33.01
N ILE YA 87 -68.68 -40.53 -32.89
CA ILE YA 87 -68.76 -39.82 -31.61
C ILE YA 87 -70.21 -39.59 -31.21
N THR YA 88 -71.13 -39.82 -32.14
CA THR YA 88 -72.55 -39.92 -31.79
C THR YA 88 -73.03 -41.17 -31.08
N GLN YA 89 -72.24 -42.23 -30.98
CA GLN YA 89 -72.77 -43.48 -30.45
C GLN YA 89 -72.71 -43.52 -28.91
N GLY YA 90 -73.75 -44.15 -28.36
CA GLY YA 90 -74.08 -44.18 -26.95
C GLY YA 90 -73.76 -45.53 -26.35
N ASP YA 91 -74.34 -45.78 -25.19
CA ASP YA 91 -74.01 -46.90 -24.32
C ASP YA 91 -72.50 -47.07 -24.15
N ARG YA 92 -71.90 -45.99 -23.75
CA ARG YA 92 -70.48 -45.86 -23.63
C ARG YA 92 -70.01 -46.59 -22.40
N GLY YA 93 -68.84 -47.24 -22.52
CA GLY YA 93 -68.31 -48.02 -21.41
C GLY YA 93 -66.89 -47.75 -21.08
N VAL YA 94 -66.39 -48.52 -20.15
CA VAL YA 94 -65.09 -48.27 -19.61
C VAL YA 94 -64.42 -49.63 -19.33
N GLY YA 95 -63.18 -49.78 -19.85
CA GLY YA 95 -62.40 -51.03 -19.77
C GLY YA 95 -60.94 -50.85 -19.44
N SER YA 96 -60.18 -51.90 -19.70
CA SER YA 96 -58.82 -51.95 -19.20
C SER YA 96 -57.94 -52.65 -20.22
N SER YA 97 -56.73 -52.15 -20.35
CA SER YA 97 -55.66 -52.82 -21.07
C SER YA 97 -54.55 -53.00 -20.06
N ALA YA 98 -53.98 -54.20 -20.07
CA ALA YA 98 -52.81 -54.43 -19.21
C ALA YA 98 -51.69 -55.13 -19.99
N VAL YA 99 -50.46 -54.87 -19.54
CA VAL YA 99 -49.24 -55.42 -20.08
C VAL YA 99 -48.81 -56.70 -19.33
N ILE YA 100 -48.83 -57.77 -20.12
CA ILE YA 100 -48.65 -59.16 -19.72
C ILE YA 100 -47.35 -59.67 -20.33
N LEU YA 101 -46.31 -59.70 -19.53
CA LEU YA 101 -44.99 -60.04 -20.04
C LEU YA 101 -44.60 -61.52 -19.89
N ASP YA 102 -45.47 -62.35 -19.31
CA ASP YA 102 -45.10 -63.75 -19.04
C ASP YA 102 -45.96 -64.73 -19.80
N ASP YA 103 -46.63 -64.25 -20.83
CA ASP YA 103 -47.50 -65.08 -21.65
C ASP YA 103 -48.64 -65.75 -20.87
N ASN YA 104 -49.13 -65.12 -19.82
CA ASN YA 104 -50.22 -65.65 -18.95
C ASN YA 104 -51.43 -64.66 -18.85
N PHE YA 105 -52.23 -64.75 -19.89
CA PHE YA 105 -53.33 -63.91 -20.06
C PHE YA 105 -54.55 -64.49 -19.32
N VAL YA 106 -55.50 -63.63 -19.00
CA VAL YA 106 -56.82 -64.02 -18.47
C VAL YA 106 -57.59 -64.72 -19.58
N THR YA 107 -58.32 -65.76 -19.20
CA THR YA 107 -59.02 -66.57 -20.16
C THR YA 107 -59.97 -65.71 -20.96
N LYS YA 108 -59.95 -65.98 -22.25
CA LYS YA 108 -60.88 -65.38 -23.21
C LYS YA 108 -62.30 -65.59 -22.78
N ALA YA 109 -63.05 -64.50 -22.70
CA ALA YA 109 -64.40 -64.53 -22.16
C ALA YA 109 -65.31 -63.53 -22.90
N THR YA 110 -66.54 -63.90 -23.20
CA THR YA 110 -67.45 -62.99 -23.93
C THR YA 110 -68.16 -61.89 -23.12
N ALA YA 111 -68.58 -62.29 -21.91
CA ALA YA 111 -69.27 -61.43 -20.95
C ALA YA 111 -68.89 -61.76 -19.52
N LEU YA 112 -67.63 -61.56 -19.12
CA LEU YA 112 -67.22 -61.74 -17.71
C LEU YA 112 -67.94 -60.71 -16.88
N THR YA 113 -68.41 -61.08 -15.70
CA THR YA 113 -69.23 -60.14 -14.86
C THR YA 113 -68.46 -59.00 -14.20
N TYR YA 114 -67.13 -59.02 -14.33
CA TYR YA 114 -66.22 -57.94 -13.86
C TYR YA 114 -65.06 -57.73 -14.87
N ASP YA 115 -64.37 -56.58 -14.81
CA ASP YA 115 -63.20 -56.32 -15.67
C ASP YA 115 -62.03 -56.91 -14.92
N PRO YA 116 -61.53 -58.08 -15.32
CA PRO YA 116 -60.40 -58.76 -14.65
C PRO YA 116 -59.03 -58.05 -14.70
N TYR YA 117 -58.87 -57.04 -15.55
CA TYR YA 117 -57.61 -56.29 -15.63
C TYR YA 117 -57.56 -54.98 -14.86
N VAL YA 118 -58.70 -54.47 -14.41
CA VAL YA 118 -58.72 -53.19 -13.69
C VAL YA 118 -57.70 -52.99 -12.55
N ASN YA 119 -57.42 -54.02 -11.77
CA ASN YA 119 -56.48 -53.87 -10.66
C ASN YA 119 -55.03 -54.11 -11.08
N TYR YA 120 -54.78 -54.42 -12.35
CA TYR YA 120 -53.42 -54.74 -12.76
C TYR YA 120 -52.52 -53.49 -12.58
N SER YA 121 -51.36 -53.66 -11.97
CA SER YA 121 -50.43 -52.56 -11.79
C SER YA 121 -50.14 -51.76 -13.10
N SER YA 122 -50.12 -52.46 -14.26
CA SER YA 122 -49.88 -51.90 -15.59
C SER YA 122 -51.12 -51.49 -16.38
N ARG YA 123 -52.27 -51.56 -15.74
CA ARG YA 123 -53.56 -51.19 -16.33
C ARG YA 123 -53.63 -49.77 -16.75
N HIS YA 124 -54.26 -49.53 -17.89
CA HIS YA 124 -54.64 -48.17 -18.36
C HIS YA 124 -56.12 -48.28 -18.78
N THR YA 125 -56.83 -47.22 -18.62
CA THR YA 125 -58.27 -47.21 -18.89
C THR YA 125 -58.53 -47.02 -20.36
N ILE YA 126 -59.42 -47.85 -20.89
CA ILE YA 126 -59.89 -47.67 -22.25
C ILE YA 126 -61.27 -47.04 -22.16
N THR YA 127 -61.44 -45.97 -22.89
CA THR YA 127 -62.68 -45.24 -22.86
C THR YA 127 -63.44 -45.64 -24.13
N GLN YA 128 -64.70 -46.06 -23.98
CA GLN YA 128 -65.42 -46.67 -25.12
C GLN YA 128 -66.69 -45.96 -25.58
N PRO YA 129 -67.07 -46.04 -26.86
CA PRO YA 129 -66.40 -46.79 -27.92
C PRO YA 129 -65.73 -45.88 -28.97
N PHE YA 130 -65.80 -44.56 -28.85
CA PHE YA 130 -65.29 -43.69 -29.92
C PHE YA 130 -63.94 -43.06 -29.60
N SER YA 131 -63.13 -43.65 -28.73
CA SER YA 131 -61.88 -42.98 -28.33
C SER YA 131 -60.67 -43.85 -28.72
N TYR YA 132 -59.61 -43.14 -29.09
CA TYR YA 132 -58.32 -43.75 -29.24
C TYR YA 132 -57.88 -44.37 -27.90
N HIS YA 133 -57.05 -45.42 -27.97
CA HIS YA 133 -56.26 -45.97 -26.84
C HIS YA 133 -54.94 -46.51 -27.34
N SER YA 134 -53.84 -46.23 -26.69
CA SER YA 134 -52.61 -46.88 -27.08
C SER YA 134 -51.75 -47.27 -25.92
N ARG YA 135 -50.90 -48.24 -26.14
CA ARG YA 135 -49.99 -48.67 -25.10
C ARG YA 135 -48.68 -48.76 -25.78
N TYR YA 136 -47.62 -48.52 -25.01
CA TYR YA 136 -46.28 -48.46 -25.58
C TYR YA 136 -45.35 -49.02 -24.55
N PHE YA 137 -44.67 -50.10 -24.89
CA PHE YA 137 -43.89 -50.79 -23.87
C PHE YA 137 -42.91 -51.77 -24.51
N THR YA 138 -41.94 -52.25 -23.74
CA THR YA 138 -41.01 -53.33 -24.21
C THR YA 138 -41.66 -54.68 -24.00
N PRO YA 139 -41.91 -55.42 -25.10
CA PRO YA 139 -42.48 -56.76 -24.97
C PRO YA 139 -41.39 -57.77 -24.68
N LYS YA 140 -41.74 -58.98 -24.27
CA LYS YA 140 -40.72 -60.01 -24.09
C LYS YA 140 -41.02 -61.19 -24.95
N PRO YA 141 -39.98 -61.83 -25.44
CA PRO YA 141 -40.14 -63.09 -26.16
C PRO YA 141 -40.59 -64.26 -25.28
N VAL YA 142 -41.28 -65.24 -25.86
CA VAL YA 142 -41.73 -66.42 -25.13
C VAL YA 142 -40.66 -67.48 -25.32
N LEU YA 143 -39.73 -67.52 -24.40
CA LEU YA 143 -38.58 -68.31 -24.57
C LEU YA 143 -38.81 -69.72 -24.02
N ASP YA 144 -39.68 -69.88 -23.04
CA ASP YA 144 -39.96 -71.19 -22.46
C ASP YA 144 -41.34 -71.10 -21.83
N SER YA 145 -42.35 -71.66 -22.47
CA SER YA 145 -43.73 -71.41 -22.00
C SER YA 145 -44.07 -72.16 -20.73
N THR YA 146 -43.16 -73.02 -20.26
CA THR YA 146 -43.29 -73.71 -18.95
C THR YA 146 -42.91 -72.79 -17.79
N ILE YA 147 -41.74 -72.22 -17.82
CA ILE YA 147 -41.28 -71.39 -16.73
C ILE YA 147 -41.76 -69.98 -16.94
N ASP YA 148 -41.95 -69.57 -18.17
CA ASP YA 148 -42.36 -68.19 -18.48
C ASP YA 148 -41.52 -67.09 -17.82
N TYR YA 149 -40.23 -67.02 -18.16
CA TYR YA 149 -39.30 -66.01 -17.68
C TYR YA 149 -38.92 -64.95 -18.72
N PHE YA 150 -38.59 -63.76 -18.24
CA PHE YA 150 -38.22 -62.66 -19.12
C PHE YA 150 -37.24 -61.73 -18.48
N GLN YA 151 -36.58 -60.94 -19.32
CA GLN YA 151 -35.56 -60.01 -18.81
C GLN YA 151 -36.17 -58.70 -18.30
N PRO YA 152 -35.55 -58.06 -17.31
CA PRO YA 152 -35.93 -56.73 -16.93
C PRO YA 152 -35.80 -55.74 -18.04
N ASN YA 153 -36.74 -54.82 -18.06
CA ASN YA 153 -36.92 -53.85 -19.18
C ASN YA 153 -35.53 -53.11 -19.34
N ASN YA 154 -34.96 -53.18 -20.54
CA ASN YA 154 -33.54 -52.75 -20.72
C ASN YA 154 -33.14 -52.24 -22.14
N LYS YA 155 -31.97 -51.56 -22.17
CA LYS YA 155 -31.26 -51.15 -23.38
C LYS YA 155 -30.09 -52.13 -23.69
N ARG YA 156 -28.93 -51.90 -23.08
CA ARG YA 156 -27.68 -52.55 -23.48
C ARG YA 156 -27.75 -54.12 -23.43
N ASN YA 157 -28.49 -54.72 -22.46
CA ASN YA 157 -28.42 -56.18 -22.18
C ASN YA 157 -29.51 -57.09 -22.73
N GLN YA 158 -30.37 -56.58 -23.60
CA GLN YA 158 -31.47 -57.34 -24.18
C GLN YA 158 -31.02 -58.36 -25.17
N LEU YA 159 -31.60 -59.55 -25.05
CA LEU YA 159 -31.18 -60.66 -25.90
C LEU YA 159 -31.37 -60.33 -27.36
N TRP YA 160 -30.45 -60.83 -28.16
CA TRP YA 160 -30.57 -60.84 -29.58
C TRP YA 160 -31.19 -62.18 -29.96
N LEU YA 161 -32.06 -62.15 -30.97
CA LEU YA 161 -32.71 -63.34 -31.50
C LEU YA 161 -32.36 -63.44 -32.96
N ARG YA 162 -32.30 -64.66 -33.47
CA ARG YA 162 -32.10 -64.92 -34.88
C ARG YA 162 -33.34 -64.52 -35.63
N LEU YA 163 -33.17 -63.78 -36.72
CA LEU YA 163 -34.26 -63.45 -37.60
C LEU YA 163 -34.56 -64.67 -38.39
N GLN YA 164 -35.58 -65.41 -38.04
CA GLN YA 164 -35.94 -66.55 -38.88
C GLN YA 164 -36.89 -66.22 -40.02
N THR YA 165 -36.93 -67.12 -41.00
CA THR YA 165 -37.81 -66.98 -42.15
C THR YA 165 -39.28 -67.12 -41.80
N ALA YA 166 -39.61 -68.13 -40.97
CA ALA YA 166 -41.01 -68.48 -40.71
C ALA YA 166 -41.35 -68.96 -39.32
N GLY YA 167 -40.39 -69.34 -38.50
CA GLY YA 167 -40.81 -69.84 -37.19
C GLY YA 167 -40.50 -68.89 -36.04
N ASN YA 168 -40.77 -67.60 -36.25
CA ASN YA 168 -40.24 -66.62 -35.30
C ASN YA 168 -40.99 -66.73 -33.96
N VAL YA 169 -40.31 -66.43 -32.91
CA VAL YA 169 -40.85 -66.59 -31.59
C VAL YA 169 -41.90 -65.52 -31.30
N ASP YA 170 -43.04 -65.93 -30.72
CA ASP YA 170 -44.06 -65.02 -30.24
C ASP YA 170 -43.40 -64.10 -29.21
N HIS YA 171 -43.68 -62.79 -29.29
CA HIS YA 171 -43.41 -61.87 -28.21
C HIS YA 171 -44.72 -61.48 -27.56
N VAL YA 172 -44.59 -60.89 -26.39
CA VAL YA 172 -45.68 -60.89 -25.51
C VAL YA 172 -45.89 -59.63 -24.68
N GLY YA 173 -47.19 -59.45 -24.44
CA GLY YA 173 -47.81 -58.22 -24.71
C GLY YA 173 -49.04 -57.89 -23.98
N LEU YA 174 -50.21 -58.03 -24.55
CA LEU YA 174 -51.32 -57.19 -24.03
C LEU YA 174 -52.60 -57.90 -23.77
N GLY YA 175 -53.13 -57.74 -22.56
CA GLY YA 175 -54.45 -58.18 -22.19
C GLY YA 175 -55.46 -57.06 -22.29
N THR YA 176 -56.68 -57.41 -22.66
CA THR YA 176 -57.74 -56.45 -22.85
C THR YA 176 -59.07 -56.92 -22.32
N ALA YA 177 -59.81 -56.00 -21.77
CA ALA YA 177 -61.18 -56.21 -21.35
C ALA YA 177 -61.96 -54.97 -21.81
N PHE YA 178 -62.80 -55.13 -22.82
CA PHE YA 178 -63.75 -54.07 -23.27
C PHE YA 178 -65.14 -54.31 -22.69
N GLU YA 179 -65.76 -53.25 -22.16
CA GLU YA 179 -67.14 -53.33 -21.65
C GLU YA 179 -68.03 -53.60 -22.84
N ASN YA 180 -68.95 -54.54 -22.62
CA ASN YA 180 -69.92 -54.89 -23.63
C ASN YA 180 -70.96 -53.77 -23.70
N SER YA 181 -71.62 -53.75 -24.84
CA SER YA 181 -72.54 -52.70 -25.17
C SER YA 181 -73.75 -53.27 -25.96
N ILE YA 182 -74.79 -52.44 -26.04
CA ILE YA 182 -76.06 -52.72 -26.73
C ILE YA 182 -75.80 -52.61 -28.24
N TYR YA 183 -74.74 -51.90 -28.64
CA TYR YA 183 -74.24 -51.84 -30.00
C TYR YA 183 -72.92 -52.60 -30.14
N ASP YA 184 -72.60 -52.89 -31.40
CA ASP YA 184 -71.29 -53.37 -31.82
C ASP YA 184 -70.25 -52.31 -31.64
N GLN YA 185 -69.02 -52.72 -31.38
CA GLN YA 185 -67.93 -51.76 -31.23
C GLN YA 185 -66.77 -52.28 -32.04
N GLU YA 186 -66.50 -51.62 -33.16
CA GLU YA 186 -65.53 -52.04 -34.15
C GLU YA 186 -64.26 -51.15 -33.92
N TYR YA 187 -63.11 -51.75 -34.13
CA TYR YA 187 -61.84 -51.02 -34.11
C TYR YA 187 -60.93 -51.50 -35.22
N ASN YA 188 -60.22 -50.58 -35.82
CA ASN YA 188 -58.97 -50.91 -36.46
C ASN YA 188 -57.84 -50.86 -35.47
N ILE YA 189 -57.14 -51.98 -35.33
CA ILE YA 189 -55.98 -52.05 -34.46
C ILE YA 189 -54.71 -51.95 -35.25
N ARG YA 190 -53.90 -50.96 -34.91
CA ARG YA 190 -52.61 -50.91 -35.52
C ARG YA 190 -51.54 -51.24 -34.50
N VAL YA 191 -50.75 -52.22 -34.82
CA VAL YA 191 -49.60 -52.60 -34.00
C VAL YA 191 -48.33 -52.18 -34.78
N THR YA 192 -47.34 -51.70 -34.06
CA THR YA 192 -46.08 -51.17 -34.64
C THR YA 192 -44.94 -51.62 -33.74
N MET YA 193 -43.99 -52.33 -34.33
CA MET YA 193 -42.85 -52.83 -33.59
C MET YA 193 -41.67 -51.94 -33.91
N TYR YA 194 -40.96 -51.51 -32.89
CA TYR YA 194 -39.74 -50.74 -33.09
C TYR YA 194 -38.64 -51.80 -32.94
N VAL YA 195 -38.02 -52.16 -34.05
CA VAL YA 195 -37.12 -53.28 -34.08
C VAL YA 195 -35.73 -52.79 -34.37
N GLN YA 196 -34.77 -53.41 -33.72
CA GLN YA 196 -33.37 -53.15 -33.96
C GLN YA 196 -32.86 -54.41 -34.61
N PHE YA 197 -32.41 -54.31 -35.85
CA PHE YA 197 -31.79 -55.45 -36.54
C PHE YA 197 -30.29 -55.31 -36.47
N ARG YA 198 -29.59 -56.43 -36.49
CA ARG YA 198 -28.13 -56.45 -36.50
C ARG YA 198 -27.55 -57.50 -37.49
N GLU YA 199 -26.38 -57.13 -38.05
CA GLU YA 199 -25.57 -57.96 -38.89
C GLU YA 199 -26.15 -58.08 -40.26
N PHE YA 200 -25.73 -57.12 -41.07
CA PHE YA 200 -26.04 -57.12 -42.48
C PHE YA 200 -25.59 -58.45 -43.13
N ASN YA 201 -26.51 -59.14 -43.84
CA ASN YA 201 -26.17 -60.45 -44.44
C ASN YA 201 -26.48 -60.66 -45.90
N LEU YA 202 -26.55 -59.58 -46.66
CA LEU YA 202 -27.06 -59.69 -48.03
C LEU YA 202 -26.24 -60.61 -48.91
N LYS YA 203 -26.91 -61.58 -49.50
CA LYS YA 203 -26.24 -62.48 -50.40
C LYS YA 203 -26.43 -61.90 -51.76
N ASP YA 204 -25.42 -62.06 -52.64
CA ASP YA 204 -25.43 -61.44 -53.99
C ASP YA 204 -24.95 -62.44 -55.03
N PRO YA 205 -25.87 -63.33 -55.49
CA PRO YA 205 -25.44 -64.32 -56.52
C PRO YA 205 -25.36 -63.63 -57.85
N PRO YA 206 -24.58 -64.19 -58.82
CA PRO YA 206 -24.42 -63.44 -60.10
C PRO YA 206 -25.57 -63.72 -61.10
N LEU YA 207 -25.53 -63.07 -62.28
CA LEU YA 207 -26.01 -63.67 -63.58
C LEU YA 207 -27.51 -63.89 -63.63
N SER ZA 19 -34.57 -40.51 -43.25
CA SER ZA 19 -34.01 -41.66 -42.42
C SER ZA 19 -33.30 -42.75 -43.38
N HIS ZA 20 -32.05 -43.09 -42.98
CA HIS ZA 20 -30.90 -43.45 -43.85
C HIS ZA 20 -30.17 -44.65 -43.45
N PHE ZA 21 -29.47 -45.24 -44.40
CA PHE ZA 21 -28.82 -46.49 -44.13
C PHE ZA 21 -27.60 -46.54 -45.00
N ASN ZA 22 -26.44 -46.37 -44.38
CA ASN ZA 22 -25.18 -46.63 -45.06
C ASN ZA 22 -24.85 -48.12 -45.04
N THR ZA 23 -24.32 -48.65 -46.15
CA THR ZA 23 -23.66 -49.94 -46.14
C THR ZA 23 -22.72 -50.17 -47.31
N ARG ZA 24 -22.20 -51.37 -47.34
CA ARG ZA 24 -21.20 -51.81 -48.23
C ARG ZA 24 -21.66 -53.06 -49.00
N LEU ZA 25 -21.51 -53.06 -50.33
CA LEU ZA 25 -21.88 -54.22 -51.15
C LEU ZA 25 -20.71 -54.63 -52.02
N SER ZA 26 -20.48 -55.94 -52.15
CA SER ZA 26 -19.28 -56.40 -52.83
C SER ZA 26 -19.55 -57.49 -53.82
N ARG ZA 27 -18.74 -57.48 -54.86
CA ARG ZA 27 -18.66 -58.60 -55.78
C ARG ZA 27 -17.24 -58.84 -56.22
N THR ZA 28 -17.02 -60.08 -56.66
CA THR ZA 28 -15.74 -60.52 -57.24
C THR ZA 28 -15.94 -61.28 -58.55
N PHE ZA 29 -15.08 -60.98 -59.54
CA PHE ZA 29 -14.96 -61.72 -60.79
C PHE ZA 29 -13.52 -61.80 -61.30
N GLY ZA 30 -13.29 -62.72 -62.23
CA GLY ZA 30 -11.95 -62.88 -62.84
C GLY ZA 30 -11.67 -61.95 -64.00
N TYR ZA 31 -10.39 -61.59 -64.15
CA TYR ZA 31 -9.84 -60.88 -65.30
C TYR ZA 31 -8.54 -61.57 -65.72
N THR ZA 32 -8.42 -61.97 -66.97
CA THR ZA 32 -7.15 -62.53 -67.42
C THR ZA 32 -6.54 -61.67 -68.50
N ILE ZA 33 -5.27 -61.36 -68.38
CA ILE ZA 33 -4.55 -60.73 -69.46
C ILE ZA 33 -3.74 -61.83 -70.08
N LYS ZA 34 -4.14 -62.22 -71.31
CA LYS ZA 34 -3.55 -63.37 -72.00
C LYS ZA 34 -2.16 -63.03 -72.46
N ARG ZA 35 -1.27 -63.99 -72.31
CA ARG ZA 35 0.14 -63.85 -72.73
C ARG ZA 35 0.28 -63.39 -74.20
N THR ZA 36 1.27 -62.54 -74.50
CA THR ZA 36 1.66 -62.29 -75.90
C THR ZA 36 3.15 -62.51 -76.17
N THR ZA 37 3.49 -62.42 -77.45
CA THR ZA 37 4.87 -62.58 -77.93
C THR ZA 37 5.22 -61.38 -78.73
N VAL ZA 38 4.41 -60.33 -78.74
CA VAL ZA 38 4.90 -59.00 -79.14
C VAL ZA 38 6.11 -58.80 -78.22
N LYS ZA 39 7.22 -58.33 -78.78
CA LYS ZA 39 8.54 -58.35 -78.07
C LYS ZA 39 8.83 -56.97 -77.40
N THR ZA 40 8.44 -55.87 -78.07
CA THR ZA 40 8.52 -54.54 -77.45
C THR ZA 40 7.37 -54.38 -76.47
N PRO ZA 41 7.50 -53.45 -75.48
CA PRO ZA 41 6.42 -53.26 -74.53
C PRO ZA 41 5.07 -52.90 -75.16
N SER ZA 42 4.03 -53.52 -74.62
CA SER ZA 42 2.67 -53.20 -75.01
C SER ZA 42 1.70 -53.29 -73.79
N TRP ZA 43 0.53 -52.67 -73.96
CA TRP ZA 43 -0.42 -52.51 -72.90
C TRP ZA 43 -1.80 -53.01 -73.34
N ALA ZA 44 -2.38 -53.88 -72.49
CA ALA ZA 44 -3.80 -54.27 -72.53
C ALA ZA 44 -4.67 -53.18 -71.84
N VAL ZA 45 -5.56 -52.59 -72.62
CA VAL ZA 45 -6.31 -51.42 -72.21
C VAL ZA 45 -7.77 -51.83 -72.10
N ASP ZA 46 -8.39 -51.49 -71.00
CA ASP ZA 46 -9.80 -51.81 -70.73
C ASP ZA 46 -10.42 -50.74 -69.78
N MET ZA 47 -11.64 -51.00 -69.36
CA MET ZA 47 -12.46 -50.07 -68.59
C MET ZA 47 -13.31 -50.86 -67.57
N MET ZA 48 -13.87 -50.11 -66.65
CA MET ZA 48 -14.72 -50.64 -65.62
C MET ZA 48 -15.89 -49.67 -65.36
N ARG ZA 49 -17.11 -50.15 -65.50
CA ARG ZA 49 -18.24 -49.39 -65.03
C ARG ZA 49 -18.86 -50.16 -63.90
N PHE ZA 50 -19.59 -49.45 -63.06
CA PHE ZA 50 -20.20 -50.07 -61.91
C PHE ZA 50 -21.70 -49.83 -61.97
N ASN ZA 51 -22.44 -50.93 -61.77
CA ASN ZA 51 -23.89 -50.89 -61.80
C ASN ZA 51 -24.43 -51.63 -60.65
N ILE ZA 52 -25.35 -51.01 -59.94
CA ILE ZA 52 -25.91 -51.61 -58.71
C ILE ZA 52 -26.72 -52.94 -58.95
N ASN ZA 53 -27.19 -53.19 -60.18
CA ASN ZA 53 -27.80 -54.51 -60.48
C ASN ZA 53 -26.91 -55.67 -60.12
N ASP ZA 54 -25.61 -55.56 -60.35
CA ASP ZA 54 -24.64 -56.61 -60.02
C ASP ZA 54 -24.32 -56.82 -58.55
N PHE ZA 55 -24.82 -55.93 -57.68
CA PHE ZA 55 -24.50 -56.00 -56.21
C PHE ZA 55 -25.68 -56.37 -55.35
N LEU ZA 56 -26.87 -56.16 -55.91
CA LEU ZA 56 -28.11 -56.08 -55.18
C LEU ZA 56 -29.13 -56.87 -55.98
N PRO ZA 57 -29.31 -58.15 -55.62
CA PRO ZA 57 -30.25 -58.92 -56.44
C PRO ZA 57 -31.72 -58.52 -56.22
N PRO ZA 58 -32.58 -58.91 -57.13
CA PRO ZA 58 -34.04 -58.83 -56.92
C PRO ZA 58 -34.53 -59.33 -55.53
N GLY ZA 59 -35.68 -58.84 -55.07
CA GLY ZA 59 -36.26 -59.27 -53.77
C GLY ZA 59 -37.43 -60.21 -54.03
N GLY ZA 60 -38.49 -60.12 -53.23
CA GLY ZA 60 -39.65 -60.96 -53.47
C GLY ZA 60 -40.96 -60.27 -53.15
N GLY ZA 61 -42.02 -60.85 -53.67
CA GLY ZA 61 -43.38 -60.39 -53.42
C GLY ZA 61 -43.60 -58.95 -53.84
N SER ZA 62 -43.95 -58.14 -52.87
CA SER ZA 62 -44.25 -56.76 -53.13
C SER ZA 62 -43.05 -55.87 -52.84
N ASN ZA 63 -41.96 -56.47 -52.33
CA ASN ZA 63 -40.65 -55.86 -52.11
C ASN ZA 63 -39.69 -56.21 -53.26
N PRO ZA 64 -39.67 -55.39 -54.33
CA PRO ZA 64 -38.92 -55.82 -55.50
C PRO ZA 64 -37.38 -55.77 -55.37
N ARG ZA 65 -36.84 -55.09 -54.37
CA ARG ZA 65 -35.40 -55.14 -54.16
C ARG ZA 65 -35.04 -55.73 -52.79
N SER ZA 66 -33.87 -56.35 -52.73
CA SER ZA 66 -33.47 -57.07 -51.54
C SER ZA 66 -33.13 -56.18 -50.36
N VAL ZA 67 -32.80 -54.90 -50.60
CA VAL ZA 67 -32.96 -53.85 -49.57
C VAL ZA 67 -34.20 -52.96 -49.89
N PRO ZA 68 -35.08 -52.76 -48.88
CA PRO ZA 68 -36.28 -52.00 -49.02
C PRO ZA 68 -36.08 -50.51 -48.80
N PHE ZA 69 -35.41 -49.88 -49.75
CA PHE ZA 69 -35.29 -48.45 -49.78
C PHE ZA 69 -35.70 -47.91 -51.10
N GLU ZA 70 -36.20 -46.69 -51.15
CA GLU ZA 70 -36.67 -46.13 -52.39
C GLU ZA 70 -35.53 -45.48 -53.16
N TYR ZA 71 -34.62 -44.81 -52.47
CA TYR ZA 71 -33.58 -44.03 -53.13
C TYR ZA 71 -32.24 -44.50 -52.63
N TYR ZA 72 -31.20 -44.29 -53.47
CA TYR ZA 72 -29.77 -44.52 -53.10
C TYR ZA 72 -28.89 -43.53 -53.78
N ARG ZA 73 -27.66 -43.48 -53.33
CA ARG ZA 73 -26.57 -42.87 -54.11
C ARG ZA 73 -25.26 -43.50 -53.75
N ILE ZA 74 -24.36 -43.59 -54.69
CA ILE ZA 74 -23.13 -44.27 -54.38
C ILE ZA 74 -22.10 -43.32 -53.86
N ARG ZA 75 -21.62 -43.59 -52.68
CA ARG ZA 75 -20.77 -42.60 -51.98
C ARG ZA 75 -19.33 -42.71 -52.45
N LYS ZA 76 -18.93 -43.97 -52.60
CA LYS ZA 76 -17.57 -44.39 -52.89
C LYS ZA 76 -17.58 -45.79 -53.54
N VAL ZA 77 -16.60 -46.09 -54.36
CA VAL ZA 77 -16.29 -47.44 -54.86
C VAL ZA 77 -14.87 -47.73 -54.49
N LYS ZA 78 -14.55 -48.98 -54.16
CA LYS ZA 78 -13.19 -49.50 -54.03
C LYS ZA 78 -13.09 -50.55 -55.10
N VAL ZA 79 -12.06 -50.45 -55.91
CA VAL ZA 79 -11.68 -51.49 -56.90
C VAL ZA 79 -10.35 -52.11 -56.44
N GLU ZA 80 -10.43 -53.39 -56.09
CA GLU ZA 80 -9.32 -54.12 -55.58
C GLU ZA 80 -8.98 -55.17 -56.59
N PHE ZA 81 -7.78 -55.04 -57.17
CA PHE ZA 81 -7.19 -56.07 -58.00
C PHE ZA 81 -6.33 -57.03 -57.18
N TRP ZA 82 -6.87 -58.21 -56.94
CA TRP ZA 82 -6.14 -59.16 -56.17
C TRP ZA 82 -5.46 -60.05 -57.12
N PRO ZA 83 -4.14 -59.98 -57.17
CA PRO ZA 83 -3.35 -60.80 -58.09
C PRO ZA 83 -3.41 -62.31 -57.88
N CYS ZA 84 -3.51 -63.08 -58.98
CA CYS ZA 84 -3.41 -64.57 -58.91
C CYS ZA 84 -1.98 -65.11 -59.10
N SER ZA 85 -1.11 -64.36 -59.82
CA SER ZA 85 0.21 -64.86 -60.16
C SER ZA 85 1.03 -64.98 -58.88
N PRO ZA 86 1.89 -65.98 -58.81
CA PRO ZA 86 2.69 -66.12 -57.60
C PRO ZA 86 3.82 -65.06 -57.55
N ILE ZA 87 4.36 -64.77 -56.36
CA ILE ZA 87 5.43 -63.77 -56.27
C ILE ZA 87 6.75 -64.23 -56.89
N THR ZA 88 6.82 -65.50 -57.32
CA THR ZA 88 7.90 -66.02 -58.13
C THR ZA 88 7.86 -65.64 -59.57
N GLN ZA 89 6.75 -65.12 -60.08
CA GLN ZA 89 6.60 -64.96 -61.55
C GLN ZA 89 7.45 -63.82 -62.13
N GLY ZA 90 8.09 -64.06 -63.26
CA GLY ZA 90 8.94 -63.10 -63.92
C GLY ZA 90 8.21 -62.33 -64.99
N ASP ZA 91 9.00 -61.75 -65.90
CA ASP ZA 91 8.49 -60.77 -66.93
C ASP ZA 91 7.54 -59.76 -66.36
N ARG ZA 92 7.96 -59.19 -65.27
CA ARG ZA 92 7.18 -58.26 -64.56
C ARG ZA 92 7.07 -56.96 -65.28
N GLY ZA 93 5.95 -56.28 -65.06
CA GLY ZA 93 5.65 -55.04 -65.78
C GLY ZA 93 5.00 -53.90 -65.00
N VAL ZA 94 4.65 -52.86 -65.73
CA VAL ZA 94 4.20 -51.65 -65.10
C VAL ZA 94 3.10 -51.01 -65.95
N GLY ZA 95 1.97 -50.76 -65.30
CA GLY ZA 95 0.78 -50.21 -65.91
C GLY ZA 95 0.19 -49.01 -65.14
N SER ZA 96 -1.09 -48.73 -65.41
CA SER ZA 96 -1.73 -47.52 -64.96
C SER ZA 96 -3.21 -47.74 -64.78
N SER ZA 97 -3.75 -47.20 -63.68
CA SER ZA 97 -5.20 -47.00 -63.54
C SER ZA 97 -5.53 -45.54 -63.51
N ALA ZA 98 -6.69 -45.21 -64.04
CA ALA ZA 98 -7.15 -43.82 -64.00
C ALA ZA 98 -8.64 -43.77 -63.80
N VAL ZA 99 -9.05 -42.69 -63.16
CA VAL ZA 99 -10.42 -42.43 -62.85
C VAL ZA 99 -11.05 -41.59 -63.96
N ILE ZA 100 -12.04 -42.18 -64.60
CA ILE ZA 100 -12.81 -41.63 -65.66
C ILE ZA 100 -14.25 -41.35 -65.23
N LEU ZA 101 -14.58 -40.09 -65.02
CA LEU ZA 101 -15.86 -39.72 -64.41
C LEU ZA 101 -16.90 -39.38 -65.47
N ASP ZA 102 -16.51 -39.38 -66.73
CA ASP ZA 102 -17.36 -38.85 -67.79
C ASP ZA 102 -17.72 -39.91 -68.81
N ASP ZA 103 -17.45 -41.19 -68.45
CA ASP ZA 103 -17.81 -42.36 -69.23
C ASP ZA 103 -17.16 -42.40 -70.64
N ASN ZA 104 -15.99 -41.77 -70.81
CA ASN ZA 104 -15.17 -41.72 -72.06
C ASN ZA 104 -13.78 -42.31 -71.78
N PHE ZA 105 -13.65 -43.61 -72.01
CA PHE ZA 105 -12.46 -44.35 -71.73
C PHE ZA 105 -11.63 -44.49 -73.02
N VAL ZA 106 -10.35 -44.75 -72.91
CA VAL ZA 106 -9.60 -45.07 -74.11
C VAL ZA 106 -10.22 -46.38 -74.65
N THR ZA 107 -10.16 -46.51 -75.95
CA THR ZA 107 -10.70 -47.67 -76.61
C THR ZA 107 -10.00 -48.97 -76.20
N LYS ZA 108 -10.78 -49.97 -75.82
CA LYS ZA 108 -10.25 -51.30 -75.57
C LYS ZA 108 -9.19 -51.71 -76.61
N ALA ZA 109 -8.08 -52.29 -76.14
CA ALA ZA 109 -6.96 -52.63 -76.98
C ALA ZA 109 -6.20 -53.81 -76.39
N THR ZA 110 -5.65 -54.64 -77.23
CA THR ZA 110 -4.95 -55.79 -76.76
C THR ZA 110 -3.46 -55.54 -76.45
N ALA ZA 111 -2.84 -54.80 -77.37
CA ALA ZA 111 -1.42 -54.47 -77.35
C ALA ZA 111 -1.15 -53.04 -77.86
N LEU ZA 112 -1.73 -52.04 -77.20
CA LEU ZA 112 -1.36 -50.66 -77.45
C LEU ZA 112 0.14 -50.49 -77.15
N THR ZA 113 0.79 -49.62 -77.88
CA THR ZA 113 2.26 -49.54 -77.87
C THR ZA 113 2.74 -48.47 -76.92
N TYR ZA 114 1.82 -47.89 -76.16
CA TYR ZA 114 2.18 -46.96 -75.09
C TYR ZA 114 1.09 -47.17 -74.05
N ASP ZA 115 1.30 -46.68 -72.84
CA ASP ZA 115 0.36 -46.80 -71.75
C ASP ZA 115 -0.39 -45.50 -71.84
N PRO ZA 116 -1.61 -45.52 -72.38
CA PRO ZA 116 -2.35 -44.32 -72.62
C PRO ZA 116 -2.93 -43.63 -71.39
N TYR ZA 117 -2.88 -44.27 -70.21
CA TYR ZA 117 -3.29 -43.64 -68.95
C TYR ZA 117 -2.15 -43.10 -68.10
N VAL ZA 118 -0.90 -43.28 -68.49
CA VAL ZA 118 0.21 -42.89 -67.62
C VAL ZA 118 0.34 -41.40 -67.27
N ASN ZA 119 -0.07 -40.51 -68.17
CA ASN ZA 119 -0.03 -39.05 -67.89
C ASN ZA 119 -1.33 -38.49 -67.32
N TYR ZA 120 -2.31 -39.35 -66.98
CA TYR ZA 120 -3.59 -38.83 -66.50
C TYR ZA 120 -3.36 -38.31 -65.11
N SER ZA 121 -3.95 -37.18 -64.80
CA SER ZA 121 -3.89 -36.60 -63.45
C SER ZA 121 -4.31 -37.58 -62.40
N SER ZA 122 -5.29 -38.42 -62.66
CA SER ZA 122 -5.77 -39.36 -61.66
C SER ZA 122 -5.00 -40.66 -61.70
N ARG ZA 123 -3.87 -40.71 -62.41
CA ARG ZA 123 -3.25 -42.02 -62.63
C ARG ZA 123 -2.64 -42.51 -61.37
N HIS ZA 124 -2.84 -43.78 -61.03
CA HIS ZA 124 -1.95 -44.50 -60.07
C HIS ZA 124 -1.22 -45.60 -60.83
N THR ZA 125 -0.09 -46.00 -60.28
CA THR ZA 125 0.77 -47.03 -60.92
C THR ZA 125 0.40 -48.45 -60.51
N ILE ZA 126 0.39 -49.34 -61.48
CA ILE ZA 126 0.06 -50.72 -61.23
C ILE ZA 126 1.34 -51.52 -61.40
N THR ZA 127 1.70 -52.31 -60.40
CA THR ZA 127 2.91 -53.12 -60.43
C THR ZA 127 2.53 -54.55 -60.75
N GLN ZA 128 3.13 -55.16 -61.75
CA GLN ZA 128 2.63 -56.49 -62.28
C GLN ZA 128 3.72 -57.56 -62.25
N PRO ZA 129 3.38 -58.85 -62.15
CA PRO ZA 129 2.00 -59.36 -62.02
C PRO ZA 129 1.50 -59.76 -60.62
N PHE ZA 130 2.34 -59.66 -59.56
CA PHE ZA 130 2.01 -60.27 -58.25
C PHE ZA 130 1.60 -59.30 -57.15
N SER ZA 131 1.28 -58.10 -57.49
CA SER ZA 131 1.03 -57.09 -56.47
C SER ZA 131 -0.47 -56.77 -56.42
N TYR ZA 132 -0.91 -56.40 -55.21
CA TYR ZA 132 -2.21 -55.77 -55.02
C TYR ZA 132 -2.27 -54.37 -55.62
N HIS ZA 133 -3.44 -53.96 -56.09
CA HIS ZA 133 -3.67 -52.60 -56.50
C HIS ZA 133 -5.10 -52.25 -56.13
N SER ZA 134 -5.32 -51.05 -55.55
CA SER ZA 134 -6.67 -50.54 -55.39
C SER ZA 134 -6.90 -49.08 -55.66
N ARG ZA 135 -8.12 -48.74 -56.03
CA ARG ZA 135 -8.49 -47.34 -56.16
C ARG ZA 135 -9.74 -47.22 -55.35
N TYR ZA 136 -9.94 -46.05 -54.74
CA TYR ZA 136 -11.11 -45.74 -53.93
C TYR ZA 136 -11.51 -44.31 -54.23
N PHE ZA 137 -12.71 -44.07 -54.72
CA PHE ZA 137 -13.14 -42.75 -55.23
C PHE ZA 137 -14.67 -42.59 -55.30
N THR ZA 138 -15.14 -41.37 -55.45
CA THR ZA 138 -16.62 -41.18 -55.76
C THR ZA 138 -16.84 -41.32 -57.27
N PRO ZA 139 -17.54 -42.36 -57.69
CA PRO ZA 139 -17.88 -42.53 -59.11
C PRO ZA 139 -19.03 -41.66 -59.42
N LYS ZA 140 -19.42 -41.61 -60.68
CA LYS ZA 140 -20.56 -40.75 -61.11
C LYS ZA 140 -21.55 -41.46 -61.98
N PRO ZA 141 -22.83 -41.12 -61.83
CA PRO ZA 141 -23.81 -41.71 -62.71
C PRO ZA 141 -23.72 -41.20 -64.13
N VAL ZA 142 -24.13 -42.04 -65.04
CA VAL ZA 142 -24.19 -41.64 -66.40
C VAL ZA 142 -25.61 -41.10 -66.67
N LEU ZA 143 -25.72 -39.78 -66.64
CA LEU ZA 143 -27.03 -39.14 -66.62
C LEU ZA 143 -27.48 -38.72 -67.98
N ASP ZA 144 -26.54 -38.32 -68.79
CA ASP ZA 144 -26.80 -38.08 -70.17
C ASP ZA 144 -25.50 -38.38 -70.88
N SER ZA 145 -25.47 -39.39 -71.73
CA SER ZA 145 -24.21 -39.76 -72.39
C SER ZA 145 -23.92 -39.02 -73.70
N THR ZA 146 -24.82 -38.18 -74.20
CA THR ZA 146 -24.41 -37.17 -75.21
C THR ZA 146 -23.44 -36.09 -74.67
N ILE ZA 147 -23.67 -35.58 -73.45
CA ILE ZA 147 -23.02 -34.40 -72.84
C ILE ZA 147 -21.96 -34.79 -71.82
N ASP ZA 148 -22.26 -35.89 -71.11
CA ASP ZA 148 -21.44 -36.49 -70.05
C ASP ZA 148 -21.02 -35.51 -68.98
N TYR ZA 149 -22.04 -35.05 -68.24
CA TYR ZA 149 -21.87 -34.21 -67.09
C TYR ZA 149 -21.92 -34.97 -65.78
N PHE ZA 150 -21.28 -34.39 -64.77
CA PHE ZA 150 -21.30 -34.92 -63.44
C PHE ZA 150 -21.02 -33.83 -62.38
N GLN ZA 151 -21.47 -34.11 -61.18
CA GLN ZA 151 -21.25 -33.19 -60.07
C GLN ZA 151 -19.79 -33.22 -59.50
N PRO ZA 152 -19.27 -32.08 -59.01
CA PRO ZA 152 -18.02 -32.01 -58.22
C PRO ZA 152 -18.09 -32.90 -57.03
N ASN ZA 153 -16.98 -33.54 -56.71
CA ASN ZA 153 -17.06 -34.69 -55.78
C ASN ZA 153 -17.55 -34.03 -54.47
N ASN ZA 154 -18.71 -34.52 -54.02
CA ASN ZA 154 -19.46 -33.88 -52.91
C ASN ZA 154 -20.03 -35.01 -52.01
N LYS ZA 155 -20.61 -34.52 -50.91
CA LYS ZA 155 -21.41 -35.30 -50.04
C LYS ZA 155 -22.87 -34.73 -50.00
N ARG ZA 156 -23.12 -33.58 -49.41
CA ARG ZA 156 -24.51 -33.21 -49.13
C ARG ZA 156 -25.32 -32.77 -50.32
N ASN ZA 157 -24.68 -32.47 -51.44
CA ASN ZA 157 -25.38 -32.01 -52.66
C ASN ZA 157 -25.52 -33.10 -53.72
N GLN ZA 158 -24.98 -34.28 -53.41
CA GLN ZA 158 -25.01 -35.42 -54.29
C GLN ZA 158 -26.44 -35.91 -54.53
N LEU ZA 159 -26.77 -35.99 -55.82
CA LEU ZA 159 -28.02 -36.50 -56.31
C LEU ZA 159 -28.47 -37.80 -55.68
N TRP ZA 160 -29.77 -37.89 -55.45
CA TRP ZA 160 -30.44 -39.17 -55.21
C TRP ZA 160 -30.96 -39.72 -56.51
N LEU ZA 161 -30.94 -41.05 -56.59
CA LEU ZA 161 -31.46 -41.86 -57.71
C LEU ZA 161 -32.49 -42.87 -57.18
N ARG ZA 162 -33.57 -43.11 -57.92
CA ARG ZA 162 -34.48 -44.19 -57.60
C ARG ZA 162 -33.74 -45.49 -57.65
N LEU ZA 163 -33.96 -46.33 -56.64
CA LEU ZA 163 -33.52 -47.76 -56.65
C LEU ZA 163 -34.43 -48.52 -57.56
N GLN ZA 164 -33.98 -48.94 -58.70
CA GLN ZA 164 -34.83 -49.66 -59.59
C GLN ZA 164 -34.70 -51.16 -59.44
N THR ZA 165 -35.80 -51.83 -59.77
CA THR ZA 165 -35.86 -53.29 -59.85
C THR ZA 165 -35.02 -53.73 -61.02
N ALA ZA 166 -35.47 -53.17 -62.14
CA ALA ZA 166 -34.96 -53.47 -63.42
C ALA ZA 166 -33.57 -52.85 -63.65
N GLY ZA 167 -33.50 -51.64 -64.19
CA GLY ZA 167 -32.39 -51.28 -65.08
C GLY ZA 167 -31.65 -50.03 -64.63
N ASN ZA 168 -30.91 -50.21 -63.54
CA ASN ZA 168 -30.33 -49.10 -62.82
C ASN ZA 168 -29.25 -48.48 -63.64
N VAL ZA 169 -28.95 -47.24 -63.36
CA VAL ZA 169 -28.05 -46.48 -64.19
C VAL ZA 169 -26.59 -46.79 -63.87
N ASP ZA 170 -25.79 -47.01 -64.90
CA ASP ZA 170 -24.34 -47.16 -64.72
C ASP ZA 170 -23.71 -45.93 -64.01
N HIS ZA 171 -22.71 -46.24 -63.19
CA HIS ZA 171 -21.82 -45.27 -62.67
C HIS ZA 171 -20.45 -45.58 -63.26
N VAL ZA 172 -19.59 -44.60 -63.07
CA VAL ZA 172 -18.46 -44.48 -63.93
C VAL ZA 172 -17.24 -43.97 -63.21
N GLY ZA 173 -16.12 -44.46 -63.76
CA GLY ZA 173 -15.14 -45.01 -62.95
C GLY ZA 173 -13.83 -45.28 -63.55
N LEU ZA 174 -13.47 -46.52 -63.94
CA LEU ZA 174 -12.02 -46.87 -63.98
C LEU ZA 174 -11.42 -47.35 -65.29
N GLY ZA 175 -10.43 -46.66 -65.81
CA GLY ZA 175 -9.71 -47.16 -66.96
C GLY ZA 175 -8.45 -47.84 -66.55
N THR ZA 176 -8.17 -49.00 -67.14
CA THR ZA 176 -6.96 -49.77 -66.92
C THR ZA 176 -6.05 -49.90 -68.13
N ALA ZA 177 -4.75 -49.98 -67.83
CA ALA ZA 177 -3.77 -50.33 -68.81
C ALA ZA 177 -2.71 -51.18 -68.15
N PHE ZA 178 -2.78 -52.49 -68.33
CA PHE ZA 178 -1.72 -53.40 -67.86
C PHE ZA 178 -0.69 -53.73 -68.93
N GLU ZA 179 0.57 -53.64 -68.56
CA GLU ZA 179 1.63 -54.13 -69.45
C GLU ZA 179 1.45 -55.63 -69.75
N ASN ZA 180 1.58 -55.96 -71.03
CA ASN ZA 180 1.51 -57.33 -71.52
C ASN ZA 180 2.78 -58.11 -71.07
N SER ZA 181 2.69 -59.44 -71.15
CA SER ZA 181 3.73 -60.31 -70.68
C SER ZA 181 3.85 -61.56 -71.51
N ILE ZA 182 5.01 -62.20 -71.36
CA ILE ZA 182 5.32 -63.53 -71.90
C ILE ZA 182 4.41 -64.57 -71.21
N TYR ZA 183 3.98 -64.33 -69.96
CA TYR ZA 183 3.04 -65.19 -69.22
C TYR ZA 183 1.63 -64.65 -69.14
N ASP ZA 184 0.64 -65.52 -68.99
CA ASP ZA 184 -0.69 -65.04 -68.56
C ASP ZA 184 -0.65 -64.27 -67.21
N GLN ZA 185 -1.56 -63.32 -67.08
CA GLN ZA 185 -1.68 -62.51 -65.86
C GLN ZA 185 -3.15 -62.49 -65.41
N GLU ZA 186 -3.45 -63.28 -64.39
CA GLU ZA 186 -4.81 -63.42 -63.91
C GLU ZA 186 -5.00 -62.64 -62.65
N TYR ZA 187 -6.26 -62.26 -62.42
CA TYR ZA 187 -6.68 -61.38 -61.28
C TYR ZA 187 -8.08 -61.78 -60.76
N ASN ZA 188 -8.25 -61.88 -59.45
CA ASN ZA 188 -9.59 -61.68 -58.89
C ASN ZA 188 -9.84 -60.21 -58.60
N ILE ZA 189 -10.83 -59.65 -59.26
CA ILE ZA 189 -11.16 -58.30 -59.04
C ILE ZA 189 -12.26 -58.17 -58.05
N ARG ZA 190 -12.04 -57.47 -56.95
CA ARG ZA 190 -13.13 -57.19 -56.06
C ARG ZA 190 -13.59 -55.75 -56.11
N VAL ZA 191 -14.87 -55.56 -56.36
CA VAL ZA 191 -15.44 -54.27 -56.43
C VAL ZA 191 -16.32 -54.08 -55.22
N THR ZA 192 -16.27 -52.90 -54.63
CA THR ZA 192 -17.01 -52.68 -53.39
C THR ZA 192 -17.70 -51.34 -53.43
N MET ZA 193 -19.00 -51.29 -53.18
CA MET ZA 193 -19.75 -50.04 -53.30
C MET ZA 193 -20.13 -49.59 -51.93
N TYR ZA 194 -19.70 -48.41 -51.50
CA TYR ZA 194 -20.18 -47.83 -50.26
C TYR ZA 194 -21.40 -46.99 -50.64
N VAL ZA 195 -22.60 -47.50 -50.31
CA VAL ZA 195 -23.88 -46.96 -50.78
C VAL ZA 195 -24.70 -46.47 -49.63
N GLN ZA 196 -25.41 -45.40 -49.89
CA GLN ZA 196 -26.23 -44.78 -48.85
C GLN ZA 196 -27.66 -44.84 -49.37
N PHE ZA 197 -28.55 -45.49 -48.63
CA PHE ZA 197 -29.92 -45.67 -49.02
C PHE ZA 197 -30.78 -44.72 -48.21
N ARG ZA 198 -31.92 -44.33 -48.76
CA ARG ZA 198 -32.84 -43.47 -48.06
C ARG ZA 198 -34.34 -43.86 -48.36
N GLU ZA 199 -35.18 -43.66 -47.35
CA GLU ZA 199 -36.60 -43.92 -47.42
C GLU ZA 199 -36.89 -45.40 -47.39
N PHE ZA 200 -37.03 -45.91 -46.18
CA PHE ZA 200 -37.45 -47.28 -45.94
C PHE ZA 200 -38.85 -47.38 -46.54
N ASN ZA 201 -39.08 -48.44 -47.30
CA ASN ZA 201 -40.35 -48.57 -47.97
C ASN ZA 201 -40.92 -49.97 -47.89
N LEU ZA 202 -40.51 -50.78 -46.92
CA LEU ZA 202 -41.00 -52.16 -46.81
C LEU ZA 202 -42.56 -52.30 -46.83
N LYS ZA 203 -43.03 -53.10 -47.79
CA LYS ZA 203 -44.45 -53.56 -47.84
C LYS ZA 203 -44.66 -54.85 -47.08
N ASP ZA 204 -45.82 -54.99 -46.48
CA ASP ZA 204 -46.12 -56.13 -45.62
C ASP ZA 204 -47.57 -56.57 -45.83
N PRO ZA 205 -47.84 -57.28 -46.94
CA PRO ZA 205 -49.19 -57.79 -47.17
C PRO ZA 205 -49.56 -58.88 -46.15
N PRO ZA 206 -50.85 -59.13 -45.92
CA PRO ZA 206 -51.28 -60.07 -44.92
C PRO ZA 206 -51.48 -61.40 -45.57
N SER AB 19 -0.77 -67.30 -15.29
CA SER AB 19 0.48 -67.97 -14.78
C SER AB 19 0.37 -68.46 -13.35
N HIS AB 20 -0.23 -67.67 -12.43
CA HIS AB 20 -0.36 -68.06 -11.01
C HIS AB 20 -1.72 -68.42 -10.57
N PHE AB 21 -1.85 -69.52 -9.85
CA PHE AB 21 -3.11 -69.86 -9.26
C PHE AB 21 -2.91 -70.08 -7.77
N ASN AB 22 -3.51 -69.19 -6.99
CA ASN AB 22 -3.50 -69.23 -5.53
C ASN AB 22 -4.70 -70.02 -5.09
N THR AB 23 -4.51 -71.07 -4.30
CA THR AB 23 -5.68 -71.76 -3.76
C THR AB 23 -5.42 -72.35 -2.39
N ARG AB 24 -6.43 -73.07 -1.92
CA ARG AB 24 -6.50 -73.58 -0.59
C ARG AB 24 -7.00 -75.01 -0.67
N LEU AB 25 -6.27 -75.98 -0.09
CA LEU AB 25 -6.65 -77.42 -0.09
C LEU AB 25 -6.66 -77.96 1.34
N SER AB 26 -7.59 -78.84 1.66
CA SER AB 26 -7.83 -79.32 3.06
C SER AB 26 -8.02 -80.83 3.19
N ARG AB 27 -7.69 -81.35 4.36
CA ARG AB 27 -8.07 -82.72 4.73
C ARG AB 27 -8.20 -82.77 6.21
N THR AB 28 -9.05 -83.69 6.65
CA THR AB 28 -9.45 -83.85 8.03
C THR AB 28 -9.16 -85.32 8.49
N PHE AB 29 -8.45 -85.53 9.58
CA PHE AB 29 -8.15 -86.88 10.09
C PHE AB 29 -8.27 -86.98 11.63
N GLY AB 30 -8.43 -88.20 12.14
CA GLY AB 30 -8.67 -88.46 13.60
C GLY AB 30 -7.43 -88.47 14.44
N TYR AB 31 -7.52 -88.08 15.69
CA TYR AB 31 -6.36 -88.16 16.60
C TYR AB 31 -6.90 -88.41 18.00
N THR AB 32 -6.42 -89.46 18.62
CA THR AB 32 -6.89 -89.81 19.90
C THR AB 32 -5.74 -89.85 20.89
N ILE AB 33 -5.91 -89.24 22.07
CA ILE AB 33 -4.95 -89.38 23.17
C ILE AB 33 -5.63 -90.26 24.18
N LYS AB 34 -5.03 -91.45 24.40
CA LYS AB 34 -5.64 -92.54 25.19
C LYS AB 34 -5.50 -92.27 26.66
N ARG AB 35 -6.54 -92.59 27.41
CA ARG AB 35 -6.56 -92.31 28.84
C ARG AB 35 -5.37 -92.91 29.53
N THR AB 36 -4.94 -92.30 30.63
CA THR AB 36 -3.95 -92.92 31.50
C THR AB 36 -4.42 -93.00 32.95
N THR AB 37 -3.62 -93.67 33.76
CA THR AB 37 -3.74 -93.70 35.22
C THR AB 37 -2.34 -93.49 35.83
N VAL AB 38 -1.47 -92.77 35.14
CA VAL AB 38 -0.35 -92.12 35.80
C VAL AB 38 -1.09 -90.98 36.58
N LYS AB 39 -0.59 -90.62 37.76
CA LYS AB 39 -1.31 -89.59 38.60
C LYS AB 39 -0.65 -88.21 38.41
N THR AB 40 0.68 -88.22 38.58
CA THR AB 40 1.47 -87.05 38.23
C THR AB 40 1.17 -86.62 36.79
N PRO AB 41 1.19 -85.29 36.55
CA PRO AB 41 0.94 -84.81 35.19
C PRO AB 41 2.01 -85.33 34.25
N SER AB 42 1.57 -85.71 33.07
CA SER AB 42 2.40 -86.35 32.03
C SER AB 42 1.91 -85.89 30.63
N TRP AB 43 2.80 -85.79 29.63
CA TRP AB 43 2.35 -85.36 28.29
C TRP AB 43 2.53 -86.37 27.13
N ALA AB 44 1.57 -86.38 26.20
CA ALA AB 44 1.68 -87.10 24.93
C ALA AB 44 2.36 -86.20 23.92
N VAL AB 45 3.54 -86.59 23.47
CA VAL AB 45 4.33 -85.79 22.57
C VAL AB 45 4.27 -86.45 21.22
N ASP AB 46 4.07 -85.65 20.17
CA ASP AB 46 3.93 -86.11 18.80
C ASP AB 46 4.32 -84.94 17.86
N MET AB 47 4.07 -85.14 16.58
CA MET AB 47 4.59 -84.30 15.55
C MET AB 47 3.70 -84.40 14.30
N MET AB 48 3.95 -83.45 13.42
CA MET AB 48 3.10 -83.18 12.33
C MET AB 48 3.93 -82.63 11.17
N ARG AB 49 3.83 -83.34 10.04
CA ARG AB 49 4.33 -82.96 8.76
C ARG AB 49 3.19 -82.80 7.72
N PHE AB 50 3.52 -82.10 6.65
CA PHE AB 50 2.53 -81.75 5.68
C PHE AB 50 3.11 -82.08 4.34
N ASN AB 51 2.36 -82.87 3.58
CA ASN AB 51 2.81 -83.30 2.29
C ASN AB 51 1.70 -83.17 1.31
N ILE AB 52 1.98 -82.50 0.21
CA ILE AB 52 0.92 -82.21 -0.74
C ILE AB 52 0.27 -83.48 -1.34
N ASN AB 53 0.95 -84.64 -1.28
CA ASN AB 53 0.37 -85.93 -1.72
C ASN AB 53 -0.96 -86.18 -1.04
N ASP AB 54 -0.99 -85.92 0.26
CA ASP AB 54 -2.24 -86.03 1.00
C ASP AB 54 -3.37 -85.00 0.68
N PHE AB 55 -3.13 -83.97 -0.11
CA PHE AB 55 -4.21 -82.94 -0.45
C PHE AB 55 -4.65 -82.95 -1.88
N LEU AB 56 -3.83 -83.54 -2.73
CA LEU AB 56 -3.95 -83.44 -4.15
C LEU AB 56 -4.01 -84.83 -4.74
N PRO AB 57 -5.20 -85.35 -5.10
CA PRO AB 57 -5.13 -86.72 -5.56
C PRO AB 57 -4.43 -86.77 -6.92
N PRO AB 58 -4.12 -87.99 -7.41
CA PRO AB 58 -3.67 -88.14 -8.80
C PRO AB 58 -4.78 -87.78 -9.80
N GLY AB 59 -4.46 -87.22 -10.97
CA GLY AB 59 -5.43 -87.02 -12.06
C GLY AB 59 -5.44 -88.23 -12.99
N GLY AB 60 -6.04 -88.07 -14.17
CA GLY AB 60 -6.08 -89.15 -15.19
C GLY AB 60 -5.34 -88.82 -16.48
N GLY AB 61 -5.03 -89.83 -17.27
CA GLY AB 61 -4.58 -89.62 -18.65
C GLY AB 61 -3.26 -88.87 -18.83
N SER AB 62 -3.22 -87.92 -19.77
CA SER AB 62 -2.05 -87.08 -19.97
C SER AB 62 -1.79 -85.93 -18.94
N ASN AB 63 -2.71 -85.73 -17.97
CA ASN AB 63 -2.60 -84.73 -16.90
C ASN AB 63 -2.48 -85.52 -15.62
N PRO AB 64 -1.25 -85.87 -15.24
CA PRO AB 64 -1.15 -86.84 -14.10
C PRO AB 64 -1.47 -86.29 -12.73
N ARG AB 65 -1.61 -84.98 -12.57
CA ARG AB 65 -2.06 -84.41 -11.29
C ARG AB 65 -3.38 -83.63 -11.44
N SER AB 66 -4.12 -83.52 -10.34
CA SER AB 66 -5.49 -82.96 -10.38
C SER AB 66 -5.55 -81.46 -10.57
N VAL AB 67 -4.51 -80.72 -10.18
CA VAL AB 67 -4.33 -79.36 -10.68
C VAL AB 67 -3.22 -79.38 -11.74
N PRO AB 68 -3.52 -78.83 -12.91
CA PRO AB 68 -2.61 -78.83 -14.02
C PRO AB 68 -1.62 -77.67 -14.00
N PHE AB 69 -0.71 -77.74 -13.04
CA PHE AB 69 0.43 -76.84 -12.92
C PHE AB 69 1.74 -77.59 -12.75
N GLU AB 70 2.81 -76.92 -13.11
CA GLU AB 70 4.11 -77.54 -13.14
C GLU AB 70 4.82 -77.35 -11.79
N TYR AB 71 4.70 -76.15 -11.22
CA TYR AB 71 5.43 -75.79 -10.02
C TYR AB 71 4.48 -75.30 -8.97
N TYR AB 72 4.96 -75.33 -7.73
CA TYR AB 72 4.18 -74.89 -6.58
C TYR AB 72 5.04 -74.51 -5.39
N ARG AB 73 4.45 -73.76 -4.50
CA ARG AB 73 5.04 -73.59 -3.18
C ARG AB 73 3.95 -73.31 -2.16
N ILE AB 74 4.22 -73.74 -0.95
CA ILE AB 74 3.28 -73.62 0.11
C ILE AB 74 3.49 -72.34 0.89
N ARG AB 75 2.50 -71.46 0.81
CA ARG AB 75 2.59 -70.11 1.35
C ARG AB 75 2.40 -70.12 2.83
N LYS AB 76 1.36 -70.83 3.24
CA LYS AB 76 0.95 -70.93 4.63
C LYS AB 76 0.31 -72.30 4.88
N VAL AB 77 0.50 -72.87 6.06
CA VAL AB 77 -0.31 -74.00 6.51
C VAL AB 77 -1.14 -73.58 7.73
N LYS AB 78 -2.33 -74.13 7.88
CA LYS AB 78 -3.10 -73.91 9.09
C LYS AB 78 -3.45 -75.27 9.66
N VAL AB 79 -3.15 -75.44 10.92
CA VAL AB 79 -3.50 -76.64 11.63
C VAL AB 79 -4.61 -76.29 12.62
N GLU AB 80 -5.79 -76.89 12.42
CA GLU AB 80 -6.91 -76.80 13.39
C GLU AB 80 -7.12 -78.11 14.19
N PHE AB 81 -7.01 -78.01 15.52
CA PHE AB 81 -7.51 -79.07 16.44
C PHE AB 81 -8.98 -78.73 16.81
N TRP AB 82 -9.91 -79.49 16.21
CA TRP AB 82 -11.33 -79.46 16.54
C TRP AB 82 -11.67 -80.48 17.62
N PRO AB 83 -12.01 -80.03 18.84
CA PRO AB 83 -12.21 -81.01 19.88
C PRO AB 83 -13.49 -81.78 19.70
N CYS AB 84 -13.44 -83.06 20.05
CA CYS AB 84 -14.64 -83.95 20.07
C CYS AB 84 -15.31 -84.07 21.47
N SER AB 85 -14.52 -83.86 22.53
CA SER AB 85 -14.93 -84.02 23.92
C SER AB 85 -15.98 -82.95 24.19
N PRO AB 86 -16.95 -83.23 25.07
CA PRO AB 86 -18.00 -82.27 25.29
C PRO AB 86 -17.51 -81.25 26.28
N ILE AB 87 -18.16 -80.08 26.34
CA ILE AB 87 -17.76 -79.02 27.29
C ILE AB 87 -17.90 -79.46 28.75
N THR AB 88 -18.56 -80.59 28.98
CA THR AB 88 -18.73 -81.19 30.32
C THR AB 88 -17.62 -82.14 30.77
N GLN AB 89 -16.63 -82.36 29.94
CA GLN AB 89 -15.62 -83.31 30.30
C GLN AB 89 -14.67 -82.65 31.27
N GLY AB 90 -14.50 -83.27 32.45
CA GLY AB 90 -13.46 -82.90 33.43
C GLY AB 90 -12.04 -83.34 33.10
N ASP AB 91 -11.20 -83.36 34.13
CA ASP AB 91 -9.72 -83.61 34.04
C ASP AB 91 -9.03 -82.84 32.93
N ARG AB 92 -9.40 -81.56 32.89
CA ARG AB 92 -8.84 -80.60 31.99
C ARG AB 92 -7.36 -80.51 32.19
N GLY AB 93 -6.67 -80.22 31.08
CA GLY AB 93 -5.22 -80.21 31.05
C GLY AB 93 -4.70 -79.13 30.12
N VAL AB 94 -3.37 -78.99 30.13
CA VAL AB 94 -2.65 -77.88 29.50
C VAL AB 94 -1.35 -78.31 28.80
N GLY AB 95 -1.22 -77.92 27.54
CA GLY AB 95 -0.08 -78.29 26.72
C GLY AB 95 0.36 -77.19 25.74
N SER AB 96 1.09 -77.64 24.72
CA SER AB 96 1.89 -76.78 23.92
C SER AB 96 1.96 -77.27 22.49
N SER AB 97 1.86 -76.33 21.55
CA SER AB 97 2.17 -76.60 20.16
C SER AB 97 3.38 -75.75 19.74
N ALA AB 98 4.34 -76.28 18.99
CA ALA AB 98 5.48 -75.41 18.53
C ALA AB 98 5.73 -75.58 17.07
N VAL AB 99 6.12 -74.51 16.39
CA VAL AB 99 6.50 -74.55 15.01
C VAL AB 99 7.99 -74.99 15.00
N ILE AB 100 8.24 -76.06 14.29
CA ILE AB 100 9.50 -76.74 14.13
C ILE AB 100 9.79 -76.76 12.62
N LEU AB 101 10.62 -75.82 12.16
CA LEU AB 101 10.89 -75.62 10.74
C LEU AB 101 12.09 -76.43 10.24
N ASP AB 102 12.80 -77.14 11.13
CA ASP AB 102 14.05 -77.80 10.76
C ASP AB 102 13.90 -79.32 10.77
N ASP AB 103 12.66 -79.79 10.90
CA ASP AB 103 12.31 -81.23 10.83
C ASP AB 103 12.92 -82.03 12.01
N ASN AB 104 13.08 -81.40 13.18
CA ASN AB 104 13.67 -81.95 14.38
C ASN AB 104 12.71 -81.85 15.56
N PHE AB 105 11.81 -82.80 15.59
CA PHE AB 105 10.77 -82.82 16.58
C PHE AB 105 11.24 -83.57 17.80
N VAL AB 106 10.59 -83.32 18.92
CA VAL AB 106 10.87 -84.07 20.15
C VAL AB 106 10.43 -85.47 19.91
N THR AB 107 11.24 -86.44 20.36
CA THR AB 107 10.93 -87.89 20.21
C THR AB 107 9.49 -88.15 20.68
N LYS AB 108 8.78 -88.98 19.94
CA LYS AB 108 7.38 -89.27 20.25
C LYS AB 108 7.35 -89.98 21.59
N ALA AB 109 6.36 -89.66 22.39
CA ALA AB 109 6.25 -90.12 23.78
C ALA AB 109 4.75 -90.19 24.24
N THR AB 110 4.45 -91.18 25.07
CA THR AB 110 3.08 -91.41 25.58
C THR AB 110 2.72 -90.65 26.86
N ALA AB 111 3.71 -90.68 27.77
CA ALA AB 111 3.61 -89.97 29.03
C ALA AB 111 4.99 -89.48 29.47
N LEU AB 112 5.52 -88.47 28.78
CA LEU AB 112 6.70 -87.77 29.24
C LEU AB 112 6.34 -86.96 30.50
N THR AB 113 7.26 -86.80 31.44
CA THR AB 113 7.01 -86.18 32.77
C THR AB 113 7.12 -84.64 32.78
N TYR AB 114 7.28 -84.02 31.61
CA TYR AB 114 7.19 -82.56 31.46
C TYR AB 114 6.71 -82.25 30.05
N ASP AB 115 6.36 -80.97 29.82
CA ASP AB 115 5.94 -80.49 28.48
C ASP AB 115 7.23 -80.11 27.82
N PRO AB 116 7.66 -80.89 26.83
CA PRO AB 116 8.95 -80.57 26.31
C PRO AB 116 8.91 -79.37 25.38
N TYR AB 117 7.72 -78.86 24.99
CA TYR AB 117 7.66 -77.67 24.11
C TYR AB 117 7.30 -76.31 24.74
N VAL AB 118 7.08 -76.30 26.03
CA VAL AB 118 6.55 -75.10 26.68
C VAL AB 118 7.51 -73.87 26.65
N ASN AB 119 8.82 -74.11 26.51
CA ASN AB 119 9.80 -73.04 26.50
C ASN AB 119 10.17 -72.58 25.08
N TYR AB 120 9.58 -73.22 24.07
CA TYR AB 120 9.95 -72.92 22.69
C TYR AB 120 9.46 -71.56 22.35
N SER AB 121 10.29 -70.80 21.66
CA SER AB 121 9.90 -69.44 21.27
C SER AB 121 8.57 -69.38 20.51
N SER AB 122 8.31 -70.35 19.64
CA SER AB 122 7.08 -70.46 18.85
C SER AB 122 5.91 -71.17 19.57
N ARG AB 123 6.08 -71.46 20.86
CA ARG AB 123 5.03 -72.16 21.63
C ARG AB 123 3.75 -71.37 21.74
N HIS AB 124 2.63 -72.04 21.54
CA HIS AB 124 1.29 -71.56 21.91
C HIS AB 124 0.63 -72.62 22.77
N THR AB 125 -0.16 -72.14 23.72
CA THR AB 125 -0.72 -72.97 24.77
C THR AB 125 -1.99 -73.63 24.23
N ILE AB 126 -2.06 -74.95 24.37
CA ILE AB 126 -3.23 -75.73 24.07
C ILE AB 126 -4.00 -75.93 25.37
N THR AB 127 -5.30 -75.71 25.27
CA THR AB 127 -6.27 -75.91 26.36
C THR AB 127 -7.11 -77.18 26.09
N GLN AB 128 -7.28 -78.05 27.09
CA GLN AB 128 -7.80 -79.43 26.83
C GLN AB 128 -8.91 -79.77 27.76
N PRO AB 129 -9.89 -80.54 27.30
CA PRO AB 129 -9.88 -81.23 26.03
C PRO AB 129 -11.04 -80.79 25.13
N PHE AB 130 -11.71 -79.71 25.51
CA PHE AB 130 -12.87 -79.25 24.74
C PHE AB 130 -12.65 -77.91 24.01
N SER AB 131 -11.41 -77.43 23.97
CA SER AB 131 -11.13 -76.17 23.30
C SER AB 131 -10.50 -76.34 21.94
N TYR AB 132 -10.84 -75.40 21.07
CA TYR AB 132 -10.24 -75.31 19.76
C TYR AB 132 -8.78 -74.84 19.92
N HIS AB 133 -7.94 -75.25 18.99
CA HIS AB 133 -6.54 -74.82 18.98
C HIS AB 133 -6.13 -74.75 17.53
N SER AB 134 -5.59 -73.59 17.12
CA SER AB 134 -5.13 -73.47 15.72
C SER AB 134 -3.79 -72.79 15.60
N ARG AB 135 -3.04 -73.18 14.58
CA ARG AB 135 -1.72 -72.58 14.28
C ARG AB 135 -1.67 -72.25 12.80
N TYR AB 136 -0.99 -71.16 12.48
CA TYR AB 136 -0.98 -70.60 11.12
C TYR AB 136 0.41 -70.11 10.91
N PHE AB 137 1.14 -70.67 9.98
CA PHE AB 137 2.54 -70.26 9.78
C PHE AB 137 3.08 -70.68 8.42
N THR AB 138 4.16 -70.06 7.99
CA THR AB 138 4.83 -70.58 6.80
C THR AB 138 5.67 -71.80 7.14
N PRO AB 139 5.33 -72.96 6.56
CA PRO AB 139 6.15 -74.16 6.81
C PRO AB 139 7.26 -74.19 5.82
N LYS AB 140 8.18 -75.13 5.97
CA LYS AB 140 9.31 -75.25 5.05
C LYS AB 140 9.46 -76.65 4.51
N PRO AB 141 9.96 -76.71 3.29
CA PRO AB 141 10.28 -78.01 2.75
C PRO AB 141 11.54 -78.65 3.38
N VAL AB 142 11.55 -79.98 3.36
CA VAL AB 142 12.62 -80.78 3.94
C VAL AB 142 13.49 -81.07 2.75
N LEU AB 143 14.51 -80.26 2.59
CA LEU AB 143 15.29 -80.28 1.35
C LEU AB 143 16.53 -81.16 1.45
N ASP AB 144 17.09 -81.21 2.64
CA ASP AB 144 18.27 -81.97 2.93
C ASP AB 144 18.07 -82.28 4.42
N SER AB 145 17.70 -83.54 4.73
CA SER AB 145 17.38 -83.90 6.14
C SER AB 145 18.60 -84.02 7.05
N THR AB 146 19.81 -84.02 6.48
CA THR AB 146 21.05 -84.01 7.27
C THR AB 146 21.42 -82.57 7.71
N ILE AB 147 21.32 -81.59 6.82
CA ILE AB 147 21.76 -80.24 7.19
C ILE AB 147 20.59 -79.52 7.80
N ASP AB 148 19.43 -79.75 7.19
CA ASP AB 148 18.15 -79.24 7.67
C ASP AB 148 18.04 -77.71 7.61
N TYR AB 149 18.40 -77.14 6.49
CA TYR AB 149 18.39 -75.71 6.29
C TYR AB 149 17.08 -75.29 5.69
N PHE AB 150 16.68 -74.05 5.94
CA PHE AB 150 15.46 -73.53 5.34
C PHE AB 150 15.52 -72.04 5.11
N GLN AB 151 14.60 -71.51 4.30
CA GLN AB 151 14.68 -70.09 4.01
C GLN AB 151 13.98 -69.28 5.06
N PRO AB 152 14.47 -68.09 5.32
CA PRO AB 152 13.73 -67.15 6.09
C PRO AB 152 12.37 -66.79 5.49
N ASN AB 153 11.36 -66.67 6.37
CA ASN AB 153 9.93 -66.52 6.04
C ASN AB 153 9.96 -65.20 5.19
N ASN AB 154 9.36 -65.32 4.01
CA ASN AB 154 9.58 -64.36 2.91
C ASN AB 154 8.61 -64.66 1.73
N LYS AB 155 8.29 -63.65 0.94
CA LYS AB 155 7.32 -63.85 -0.11
C LYS AB 155 8.03 -64.03 -1.45
N ARG AB 156 8.65 -63.01 -2.01
CA ARG AB 156 9.07 -63.13 -3.41
C ARG AB 156 10.15 -64.20 -3.67
N ASN AB 157 11.08 -64.37 -2.70
CA ASN AB 157 12.28 -65.26 -2.82
C ASN AB 157 12.11 -66.72 -2.46
N GLN AB 158 10.93 -67.13 -1.94
CA GLN AB 158 10.68 -68.50 -1.55
C GLN AB 158 10.87 -69.47 -2.72
N LEU AB 159 11.54 -70.59 -2.47
CA LEU AB 159 11.76 -71.59 -3.49
C LEU AB 159 10.46 -72.09 -4.17
N TRP AB 160 10.55 -72.37 -5.47
CA TRP AB 160 9.51 -73.05 -6.27
C TRP AB 160 9.92 -74.51 -6.27
N LEU AB 161 8.92 -75.39 -6.22
CA LEU AB 161 9.08 -76.82 -6.21
C LEU AB 161 8.30 -77.45 -7.32
N ARG AB 162 8.82 -78.50 -7.92
CA ARG AB 162 8.08 -79.21 -8.99
C ARG AB 162 6.91 -79.94 -8.31
N LEU AB 163 5.73 -79.90 -8.95
CA LEU AB 163 4.55 -80.63 -8.52
C LEU AB 163 4.71 -82.00 -9.06
N GLN AB 164 4.99 -82.97 -8.20
CA GLN AB 164 5.13 -84.32 -8.65
C GLN AB 164 3.82 -85.02 -8.45
N THR AB 165 3.61 -86.12 -9.17
CA THR AB 165 2.43 -87.02 -8.95
C THR AB 165 2.56 -87.76 -7.63
N ALA AB 166 3.76 -88.32 -7.49
CA ALA AB 166 4.09 -89.40 -6.59
C ALA AB 166 4.82 -88.95 -5.34
N GLY AB 167 5.99 -88.36 -5.48
CA GLY AB 167 6.92 -88.36 -4.33
C GLY AB 167 7.21 -86.97 -3.85
N ASN AB 168 6.17 -86.27 -3.42
CA ASN AB 168 6.34 -84.89 -3.09
C ASN AB 168 7.06 -84.75 -1.76
N VAL AB 169 7.74 -83.63 -1.62
CA VAL AB 169 8.59 -83.42 -0.49
C VAL AB 169 7.75 -83.00 0.71
N ASP AB 170 8.14 -83.53 1.87
CA ASP AB 170 7.53 -83.18 3.14
C ASP AB 170 7.87 -81.70 3.44
N HIS AB 171 6.91 -81.02 4.04
CA HIS AB 171 7.13 -79.76 4.64
C HIS AB 171 6.80 -79.91 6.10
N VAL AB 172 7.27 -78.95 6.84
CA VAL AB 172 7.49 -79.27 8.17
C VAL AB 172 7.23 -78.07 9.01
N GLY AB 173 6.80 -78.41 10.20
CA GLY AB 173 5.95 -77.58 10.85
C GLY AB 173 5.69 -77.81 12.27
N LEU AB 174 4.93 -78.84 12.67
CA LEU AB 174 4.32 -78.77 14.05
C LEU AB 174 4.53 -79.88 15.08
N GLY AB 175 5.18 -79.52 16.18
CA GLY AB 175 5.29 -80.40 17.39
C GLY AB 175 4.12 -80.13 18.37
N THR AB 176 3.61 -81.23 18.96
CA THR AB 176 2.44 -81.20 19.88
C THR AB 176 2.85 -81.93 21.14
N ALA AB 177 2.37 -81.42 22.27
CA ALA AB 177 2.46 -82.08 23.57
C ALA AB 177 1.15 -81.79 24.26
N PHE AB 178 0.28 -82.79 24.33
CA PHE AB 178 -1.03 -82.70 25.01
C PHE AB 178 -0.89 -83.35 26.36
N GLU AB 179 -1.34 -82.69 27.41
CA GLU AB 179 -1.44 -83.31 28.74
C GLU AB 179 -2.42 -84.50 28.64
N ASN AB 180 -1.97 -85.62 29.22
CA ASN AB 180 -2.73 -86.90 29.32
C ASN AB 180 -3.76 -86.69 30.38
N SER AB 181 -4.71 -87.60 30.42
CA SER AB 181 -5.86 -87.46 31.25
C SER AB 181 -6.47 -88.80 31.68
N ILE AB 182 -7.27 -88.71 32.73
CA ILE AB 182 -8.13 -89.82 33.19
C ILE AB 182 -9.09 -90.34 32.11
N TYR AB 183 -9.49 -89.50 31.15
CA TYR AB 183 -10.33 -89.92 30.01
C TYR AB 183 -9.62 -89.80 28.65
N ASP AB 184 -10.26 -90.40 27.67
CA ASP AB 184 -9.85 -90.23 26.30
C ASP AB 184 -10.09 -88.82 25.85
N GLN AB 185 -9.12 -88.32 25.09
CA GLN AB 185 -9.26 -87.02 24.42
C GLN AB 185 -9.13 -87.26 22.94
N GLU AB 186 -10.18 -86.91 22.23
CA GLU AB 186 -10.30 -87.10 20.80
C GLU AB 186 -10.44 -85.72 20.05
N TYR AB 187 -9.75 -85.61 18.92
CA TYR AB 187 -9.82 -84.41 18.04
C TYR AB 187 -10.01 -84.87 16.62
N ASN AB 188 -10.85 -84.15 15.87
CA ASN AB 188 -10.67 -84.02 14.44
C ASN AB 188 -9.63 -82.93 14.12
N ILE AB 189 -8.58 -83.29 13.36
CA ILE AB 189 -7.56 -82.38 12.93
C ILE AB 189 -7.80 -82.11 11.48
N ARG AB 190 -7.96 -80.81 11.19
CA ARG AB 190 -8.04 -80.27 9.86
C ARG AB 190 -6.79 -79.43 9.54
N VAL AB 191 -6.16 -79.81 8.43
CA VAL AB 191 -4.93 -79.22 7.95
C VAL AB 191 -5.29 -78.60 6.61
N THR AB 192 -4.89 -77.33 6.46
CA THR AB 192 -5.18 -76.52 5.27
C THR AB 192 -3.87 -75.89 4.69
N MET AB 193 -3.53 -76.20 3.44
CA MET AB 193 -2.42 -75.56 2.84
C MET AB 193 -2.90 -74.49 1.92
N TYR AB 194 -2.33 -73.31 2.04
CA TYR AB 194 -2.54 -72.22 1.10
C TYR AB 194 -1.37 -72.28 0.13
N VAL AB 195 -1.66 -72.77 -1.05
CA VAL AB 195 -0.65 -73.19 -1.99
C VAL AB 195 -0.69 -72.30 -3.19
N GLN AB 196 0.48 -71.84 -3.59
CA GLN AB 196 0.61 -71.04 -4.81
C GLN AB 196 1.09 -72.02 -5.86
N PHE AB 197 0.39 -72.02 -6.99
CA PHE AB 197 0.72 -72.82 -8.16
C PHE AB 197 1.13 -71.95 -9.35
N ARG AB 198 2.00 -72.48 -10.20
CA ARG AB 198 2.66 -71.71 -11.27
C ARG AB 198 2.90 -72.58 -12.51
N GLU AB 199 2.73 -71.95 -13.68
CA GLU AB 199 2.93 -72.53 -15.00
C GLU AB 199 1.86 -73.55 -15.29
N PHE AB 200 0.79 -73.09 -15.91
CA PHE AB 200 -0.32 -73.96 -16.34
C PHE AB 200 0.28 -74.91 -17.37
N ASN AB 201 0.04 -76.22 -17.25
CA ASN AB 201 0.66 -77.25 -18.15
C ASN AB 201 -0.32 -78.19 -18.84
N LEU AB 202 -1.61 -77.87 -18.83
CA LEU AB 202 -2.65 -78.75 -19.36
C LEU AB 202 -2.40 -79.29 -20.76
N LYS AB 203 -2.46 -80.61 -20.86
CA LYS AB 203 -2.24 -81.31 -22.12
C LYS AB 203 -3.62 -81.67 -22.59
N ASP AB 204 -3.86 -81.56 -23.87
CA ASP AB 204 -5.17 -81.85 -24.43
C ASP AB 204 -5.09 -82.80 -25.64
N PRO AB 205 -5.02 -84.12 -25.38
CA PRO AB 205 -4.98 -85.08 -26.49
C PRO AB 205 -6.31 -85.21 -27.24
N PRO AB 206 -6.29 -85.78 -28.45
CA PRO AB 206 -7.61 -85.92 -29.07
C PRO AB 206 -8.42 -87.15 -28.60
N LEU AB 207 -9.61 -87.35 -29.19
CA LEU AB 207 -10.71 -88.30 -28.78
C LEU AB 207 -11.30 -87.91 -27.42
N SER BB 19 -11.30 -67.84 -5.87
CA SER BB 19 -12.66 -68.09 -6.50
C SER BB 19 -12.68 -68.20 -8.05
N HIS BB 20 -11.95 -67.34 -8.79
CA HIS BB 20 -11.86 -67.32 -10.28
C HIS BB 20 -10.60 -67.79 -10.86
N PHE BB 21 -10.65 -68.33 -12.06
CA PHE BB 21 -9.42 -68.70 -12.74
C PHE BB 21 -9.54 -68.42 -14.23
N ASN BB 22 -8.72 -67.49 -14.73
CA ASN BB 22 -8.70 -67.15 -16.15
C ASN BB 22 -7.61 -67.88 -16.85
N THR BB 23 -7.87 -68.52 -17.97
CA THR BB 23 -6.80 -69.20 -18.68
C THR BB 23 -7.11 -69.43 -20.12
N ARG BB 24 -6.22 -70.12 -20.82
CA ARG BB 24 -6.25 -70.19 -22.26
C ARG BB 24 -5.97 -71.63 -22.74
N LEU BB 25 -6.93 -72.21 -23.46
CA LEU BB 25 -6.83 -73.61 -23.95
C LEU BB 25 -6.79 -73.59 -25.46
N SER BB 26 -5.88 -74.35 -26.04
CA SER BB 26 -5.71 -74.35 -27.49
C SER BB 26 -5.76 -75.78 -28.05
N ARG BB 27 -6.19 -75.88 -29.30
CA ARG BB 27 -6.06 -77.11 -30.03
C ARG BB 27 -5.82 -76.77 -31.48
N THR BB 28 -5.17 -77.69 -32.21
CA THR BB 28 -4.88 -77.50 -33.63
C THR BB 28 -5.41 -78.71 -34.46
N PHE BB 29 -6.06 -78.43 -35.59
CA PHE BB 29 -6.49 -79.46 -36.54
C PHE BB 29 -6.22 -79.05 -38.02
N GLY BB 30 -6.17 -80.04 -38.93
CA GLY BB 30 -6.00 -79.79 -40.38
C GLY BB 30 -7.26 -79.38 -41.15
N TYR BB 31 -7.08 -78.63 -42.22
CA TYR BB 31 -8.23 -78.33 -43.10
C TYR BB 31 -7.73 -78.20 -44.52
N THR BB 32 -8.28 -78.98 -45.45
CA THR BB 32 -7.86 -78.92 -46.82
C THR BB 32 -8.99 -78.49 -47.70
N ILE BB 33 -8.78 -77.44 -48.49
CA ILE BB 33 -9.71 -77.14 -49.58
C ILE BB 33 -9.15 -77.84 -50.80
N LYS BB 34 -9.96 -78.69 -51.43
CA LYS BB 34 -9.43 -79.56 -52.49
C LYS BB 34 -9.45 -78.85 -53.84
N ARG BB 35 -8.47 -79.20 -54.69
CA ARG BB 35 -8.33 -78.52 -55.98
C ARG BB 35 -9.53 -78.78 -56.87
N THR BB 36 -9.93 -77.77 -57.61
CA THR BB 36 -10.99 -77.92 -58.57
C THR BB 36 -10.51 -77.48 -59.95
N THR BB 37 -11.33 -77.87 -60.93
CA THR BB 37 -11.17 -77.55 -62.35
C THR BB 37 -12.23 -76.58 -62.88
N VAL BB 38 -13.35 -76.34 -62.15
CA VAL BB 38 -14.30 -75.26 -62.46
C VAL BB 38 -13.53 -73.99 -62.83
N LYS BB 39 -13.93 -73.31 -63.88
CA LYS BB 39 -13.02 -72.32 -64.55
C LYS BB 39 -13.11 -70.97 -63.80
N THR BB 40 -14.36 -70.51 -63.70
CA THR BB 40 -14.77 -69.29 -63.06
C THR BB 40 -14.63 -69.38 -61.53
N PRO BB 41 -14.48 -68.22 -60.84
CA PRO BB 41 -14.46 -68.15 -59.38
C PRO BB 41 -15.58 -68.92 -58.64
N SER BB 42 -15.21 -69.61 -57.58
CA SER BB 42 -16.13 -70.42 -56.80
C SER BB 42 -15.56 -70.57 -55.42
N TRP BB 43 -16.43 -70.83 -54.45
CA TRP BB 43 -16.01 -70.79 -53.03
C TRP BB 43 -16.41 -72.04 -52.31
N ALA BB 44 -15.58 -72.40 -51.35
CA ALA BB 44 -15.74 -73.54 -50.49
C ALA BB 44 -16.21 -72.96 -49.18
N VAL BB 45 -17.51 -73.20 -48.91
CA VAL BB 45 -18.17 -72.64 -47.78
C VAL BB 45 -18.23 -73.68 -46.67
N ASP BB 46 -17.79 -73.31 -45.48
CA ASP BB 46 -17.87 -74.16 -44.30
C ASP BB 46 -18.23 -73.37 -43.11
N MET BB 47 -18.19 -74.04 -41.98
CA MET BB 47 -18.52 -73.45 -40.69
C MET BB 47 -17.59 -73.99 -39.61
N MET BB 48 -17.68 -73.36 -38.45
CA MET BB 48 -16.87 -73.66 -37.32
C MET BB 48 -17.58 -73.43 -35.98
N ARG BB 49 -17.58 -74.46 -35.14
CA ARG BB 49 -18.08 -74.34 -33.79
C ARG BB 49 -16.99 -74.66 -32.77
N PHE BB 50 -17.24 -74.27 -31.54
CA PHE BB 50 -16.29 -74.48 -30.50
C PHE BB 50 -17.01 -75.10 -29.35
N ASN BB 51 -16.49 -76.25 -28.92
CA ASN BB 51 -17.03 -76.96 -27.80
C ASN BB 51 -15.88 -77.34 -26.87
N ILE BB 52 -15.97 -76.93 -25.61
CA ILE BB 52 -14.94 -77.24 -24.61
C ILE BB 52 -14.54 -78.72 -24.43
N ASN BB 53 -15.44 -79.65 -24.75
CA ASN BB 53 -15.07 -81.05 -24.85
C ASN BB 53 -13.65 -81.23 -25.55
N ASP BB 54 -13.45 -80.57 -26.69
CA ASP BB 54 -12.24 -80.72 -27.47
C ASP BB 54 -10.99 -79.98 -26.87
N PHE BB 55 -11.11 -79.28 -25.75
CA PHE BB 55 -10.03 -78.46 -25.19
C PHE BB 55 -9.60 -78.96 -23.82
N LEU BB 56 -10.45 -79.79 -23.22
CA LEU BB 56 -10.40 -80.11 -21.81
C LEU BB 56 -10.63 -81.58 -21.66
N PRO BB 57 -9.55 -82.36 -21.48
CA PRO BB 57 -9.70 -83.84 -21.38
C PRO BB 57 -10.38 -84.25 -20.11
N PRO BB 58 -10.82 -85.50 -20.03
CA PRO BB 58 -11.34 -85.91 -18.71
C PRO BB 58 -10.23 -85.95 -17.60
N GLY BB 59 -10.68 -86.04 -16.33
CA GLY BB 59 -9.84 -86.11 -15.15
C GLY BB 59 -9.62 -87.56 -14.78
N GLY BB 60 -9.72 -87.85 -13.48
CA GLY BB 60 -9.50 -89.16 -12.87
C GLY BB 60 -9.99 -89.20 -11.43
N GLY BB 61 -10.54 -90.36 -11.06
CA GLY BB 61 -11.19 -90.57 -9.77
C GLY BB 61 -12.36 -89.62 -9.53
N SER BB 62 -12.31 -88.93 -8.38
CA SER BB 62 -13.36 -88.05 -7.87
C SER BB 62 -13.38 -86.67 -8.49
N ASN BB 63 -12.31 -86.34 -9.26
CA ASN BB 63 -12.21 -85.11 -10.06
C ASN BB 63 -12.44 -85.49 -11.53
N PRO BB 64 -13.72 -85.36 -11.97
CA PRO BB 64 -14.04 -85.93 -13.27
C PRO BB 64 -13.55 -85.11 -14.45
N ARG BB 65 -13.04 -83.90 -14.19
CA ARG BB 65 -12.51 -82.99 -15.23
C ARG BB 65 -11.11 -82.50 -14.82
N SER BB 66 -10.27 -82.25 -15.83
CA SER BB 66 -8.86 -81.92 -15.60
C SER BB 66 -8.67 -80.56 -14.97
N VAL BB 67 -9.54 -79.57 -15.26
CA VAL BB 67 -9.59 -78.38 -14.44
C VAL BB 67 -10.69 -78.56 -13.38
N PRO BB 68 -10.34 -78.59 -12.10
CA PRO BB 68 -11.29 -78.79 -11.02
C PRO BB 68 -12.05 -77.53 -10.60
N PHE BB 69 -12.98 -77.13 -11.48
CA PHE BB 69 -13.88 -76.00 -11.24
C PHE BB 69 -15.26 -76.41 -11.66
N GLU BB 70 -16.28 -75.83 -11.04
CA GLU BB 70 -17.69 -76.22 -11.30
C GLU BB 70 -18.31 -75.46 -12.47
N TYR BB 71 -17.99 -74.17 -12.61
CA TYR BB 71 -18.60 -73.33 -13.63
C TYR BB 71 -17.55 -72.73 -14.55
N TYR BB 72 -17.95 -72.36 -15.77
CA TYR BB 72 -17.07 -71.63 -16.69
C TYR BB 72 -17.88 -70.76 -17.62
N ARG BB 73 -17.23 -69.80 -18.25
CA ARG BB 73 -17.75 -69.18 -19.47
C ARG BB 73 -16.61 -68.76 -20.41
N ILE BB 74 -16.94 -68.65 -21.70
CA ILE BB 74 -15.92 -68.42 -22.67
C ILE BB 74 -15.93 -66.95 -22.95
N ARG BB 75 -14.84 -66.35 -22.50
CA ARG BB 75 -14.65 -64.90 -22.58
C ARG BB 75 -14.37 -64.44 -24.01
N LYS BB 76 -13.55 -65.23 -24.73
CA LYS BB 76 -13.11 -64.91 -26.12
C LYS BB 76 -12.67 -66.18 -26.87
N VAL BB 77 -12.88 -66.24 -28.18
CA VAL BB 77 -12.27 -67.32 -29.01
C VAL BB 77 -11.34 -66.70 -30.02
N LYS BB 78 -10.22 -67.33 -30.25
CA LYS BB 78 -9.37 -66.86 -31.28
C LYS BB 78 -9.29 -67.99 -32.20
N VAL BB 79 -9.60 -67.71 -33.48
CA VAL BB 79 -9.39 -68.67 -34.56
C VAL BB 79 -8.26 -68.27 -35.46
N GLU BB 80 -7.20 -69.08 -35.52
CA GLU BB 80 -6.06 -68.81 -36.43
C GLU BB 80 -5.95 -69.84 -37.55
N PHE BB 81 -5.93 -69.37 -38.80
CA PHE BB 81 -5.61 -70.21 -39.96
C PHE BB 81 -4.16 -70.05 -40.36
N TRP BB 82 -3.37 -71.08 -40.16
CA TRP BB 82 -1.95 -71.02 -40.43
C TRP BB 82 -1.76 -71.73 -41.75
N PRO BB 83 -1.42 -71.00 -42.78
CA PRO BB 83 -1.34 -71.63 -44.08
C PRO BB 83 -0.19 -72.63 -44.21
N CYS BB 84 -0.50 -73.76 -44.84
CA CYS BB 84 0.52 -74.72 -45.25
C CYS BB 84 1.20 -74.39 -46.60
N SER BB 85 0.45 -73.89 -47.58
CA SER BB 85 1.02 -73.56 -48.88
C SER BB 85 2.21 -72.61 -48.75
N PRO BB 86 3.21 -72.74 -49.63
CA PRO BB 86 4.41 -71.88 -49.55
C PRO BB 86 4.19 -70.53 -50.21
N ILE BB 87 5.07 -69.54 -49.97
CA ILE BB 87 4.85 -68.18 -50.55
C ILE BB 87 5.02 -68.15 -52.11
N THR BB 88 5.45 -69.28 -52.67
CA THR BB 88 5.58 -69.45 -54.11
C THR BB 88 4.35 -69.86 -54.84
N GLN BB 89 3.29 -70.24 -54.17
CA GLN BB 89 2.13 -70.88 -54.85
C GLN BB 89 1.21 -69.85 -55.51
N GLY BB 90 0.74 -70.25 -56.68
CA GLY BB 90 -0.05 -69.42 -57.53
C GLY BB 90 -1.52 -69.61 -57.35
N ASP BB 91 -2.28 -69.27 -58.39
CA ASP BB 91 -3.76 -69.19 -58.39
C ASP BB 91 -4.29 -68.77 -57.07
N ARG BB 92 -3.77 -67.63 -56.67
CA ARG BB 92 -4.14 -67.02 -55.42
C ARG BB 92 -5.56 -66.48 -55.46
N GLY BB 93 -6.22 -66.54 -54.31
CA GLY BB 93 -7.62 -66.27 -54.18
C GLY BB 93 -7.87 -65.36 -53.02
N VAL BB 94 -9.11 -64.93 -52.93
CA VAL BB 94 -9.54 -64.07 -51.90
C VAL BB 94 -10.89 -64.61 -51.43
N GLY BB 95 -11.13 -64.63 -50.11
CA GLY BB 95 -12.41 -65.06 -49.49
C GLY BB 95 -12.74 -64.33 -48.21
N SER BB 96 -13.58 -64.94 -47.38
CA SER BB 96 -14.17 -64.24 -46.20
C SER BB 96 -14.39 -65.15 -44.98
N SER BB 97 -14.26 -64.55 -43.81
CA SER BB 97 -14.73 -65.14 -42.59
C SER BB 97 -15.76 -64.16 -42.02
N ALA BB 98 -16.75 -64.68 -41.30
CA ALA BB 98 -17.80 -63.93 -40.64
C ALA BB 98 -18.13 -64.60 -39.30
N VAL BB 99 -18.50 -63.73 -38.33
CA VAL BB 99 -18.92 -64.12 -37.01
C VAL BB 99 -20.43 -64.36 -37.01
N ILE BB 100 -20.76 -65.61 -36.76
CA ILE BB 100 -22.12 -66.10 -36.69
C ILE BB 100 -22.39 -66.47 -35.22
N LEU BB 101 -23.25 -65.71 -34.57
CA LEU BB 101 -23.47 -65.89 -33.15
C LEU BB 101 -24.78 -66.59 -32.87
N ASP BB 102 -25.51 -66.97 -33.92
CA ASP BB 102 -26.87 -67.52 -33.79
C ASP BB 102 -26.96 -68.94 -34.32
N ASP BB 103 -25.82 -69.54 -34.61
CA ASP BB 103 -25.82 -70.90 -35.16
C ASP BB 103 -26.59 -71.12 -36.48
N ASN BB 104 -26.69 -70.07 -37.30
CA ASN BB 104 -27.26 -70.14 -38.65
C ASN BB 104 -26.22 -69.71 -39.69
N PHE BB 105 -25.47 -70.71 -40.09
CA PHE BB 105 -24.38 -70.58 -41.03
C PHE BB 105 -24.92 -70.77 -42.40
N VAL BB 106 -24.26 -70.21 -43.40
CA VAL BB 106 -24.52 -70.61 -44.81
C VAL BB 106 -24.24 -72.12 -45.04
N THR BB 107 -25.11 -72.74 -45.82
CA THR BB 107 -25.01 -74.18 -46.05
C THR BB 107 -23.65 -74.56 -46.60
N LYS BB 108 -23.12 -75.67 -46.13
CA LYS BB 108 -21.83 -76.17 -46.59
C LYS BB 108 -21.89 -76.41 -48.08
N ALA BB 109 -20.82 -76.07 -48.80
CA ALA BB 109 -20.80 -76.06 -50.33
C ALA BB 109 -19.35 -76.11 -50.91
N THR BB 110 -19.15 -76.96 -51.88
CA THR BB 110 -17.83 -77.24 -52.39
C THR BB 110 -17.42 -76.12 -53.31
N ALA BB 111 -18.39 -75.67 -54.13
CA ALA BB 111 -18.17 -74.59 -55.08
C ALA BB 111 -19.37 -73.65 -55.35
N LEU BB 112 -19.66 -72.81 -54.39
CA LEU BB 112 -20.67 -71.76 -54.59
C LEU BB 112 -20.14 -70.77 -55.58
N THR BB 113 -21.04 -70.25 -56.40
CA THR BB 113 -20.61 -69.35 -57.52
C THR BB 113 -20.32 -67.91 -57.08
N TYR BB 114 -20.49 -67.62 -55.78
CA TYR BB 114 -20.16 -66.32 -55.16
C TYR BB 114 -19.75 -66.59 -53.73
N ASP BB 115 -19.21 -65.55 -53.09
CA ASP BB 115 -18.73 -65.59 -51.69
C ASP BB 115 -19.88 -65.06 -50.86
N PRO BB 116 -20.60 -65.96 -50.23
CA PRO BB 116 -21.81 -65.57 -49.54
C PRO BB 116 -21.59 -64.80 -48.24
N TYR BB 117 -20.35 -64.83 -47.73
CA TYR BB 117 -20.02 -64.03 -46.55
C TYR BB 117 -19.49 -62.61 -46.83
N VAL BB 118 -19.20 -62.26 -48.04
CA VAL BB 118 -18.48 -61.03 -48.26
C VAL BB 118 -19.23 -59.74 -47.80
N ASN BB 119 -20.57 -59.73 -47.82
CA ASN BB 119 -21.30 -58.54 -47.36
C ASN BB 119 -21.64 -58.55 -45.88
N TYR BB 120 -21.23 -59.58 -45.17
CA TYR BB 120 -21.60 -59.65 -43.75
C TYR BB 120 -20.98 -58.49 -42.97
N SER BB 121 -21.72 -57.87 -42.06
CA SER BB 121 -21.10 -56.80 -41.20
C SER BB 121 -19.79 -57.20 -40.56
N SER BB 122 -19.69 -58.43 -40.07
CA SER BB 122 -18.54 -58.98 -39.34
C SER BB 122 -17.44 -59.61 -40.25
N ARG BB 123 -17.57 -59.47 -41.57
CA ARG BB 123 -16.65 -60.08 -42.49
C ARG BB 123 -15.32 -59.45 -42.35
N HIS BB 124 -14.31 -60.29 -42.33
CA HIS BB 124 -12.92 -59.95 -42.63
C HIS BB 124 -12.48 -60.72 -43.89
N THR BB 125 -11.63 -60.06 -44.67
CA THR BB 125 -11.03 -60.66 -45.87
C THR BB 125 -9.94 -61.72 -45.60
N ILE BB 126 -10.00 -62.83 -46.30
CA ILE BB 126 -9.02 -63.89 -46.16
C ILE BB 126 -8.27 -63.78 -47.42
N THR BB 127 -6.97 -63.89 -47.31
CA THR BB 127 -6.10 -63.86 -48.45
C THR BB 127 -5.47 -65.28 -48.49
N GLN BB 128 -5.34 -65.80 -49.72
CA GLN BB 128 -5.08 -67.23 -50.01
C GLN BB 128 -4.00 -67.40 -51.06
N PRO BB 129 -3.19 -68.45 -50.97
CA PRO BB 129 -3.31 -69.55 -50.03
C PRO BB 129 -2.27 -69.49 -48.91
N PHE BB 130 -1.41 -68.44 -48.92
CA PHE BB 130 -0.18 -68.53 -48.12
C PHE BB 130 -0.12 -67.51 -47.05
N SER BB 131 -1.25 -66.94 -46.69
CA SER BB 131 -1.26 -65.87 -45.70
C SER BB 131 -2.02 -66.32 -44.54
N TYR BB 132 -1.63 -65.79 -43.40
CA TYR BB 132 -2.32 -65.99 -42.11
C TYR BB 132 -3.67 -65.36 -42.06
N HIS BB 133 -4.57 -65.89 -41.28
CA HIS BB 133 -5.79 -65.14 -41.04
C HIS BB 133 -6.22 -65.40 -39.61
N SER BB 134 -6.73 -64.38 -38.93
CA SER BB 134 -7.28 -64.67 -37.60
C SER BB 134 -8.50 -63.87 -37.26
N ARG BB 135 -9.34 -64.43 -36.43
CA ARG BB 135 -10.49 -63.77 -35.84
C ARG BB 135 -10.48 -63.95 -34.31
N TYR BB 136 -10.94 -62.92 -33.61
CA TYR BB 136 -11.03 -62.89 -32.14
C TYR BB 136 -12.32 -62.22 -31.69
N PHE BB 137 -13.22 -62.99 -31.09
CA PHE BB 137 -14.51 -62.44 -30.69
C PHE BB 137 -15.10 -63.21 -29.53
N THR BB 138 -16.13 -62.65 -28.94
CA THR BB 138 -16.84 -63.37 -27.92
C THR BB 138 -17.85 -64.28 -28.64
N PRO BB 139 -17.70 -65.60 -28.48
CA PRO BB 139 -18.69 -66.51 -29.04
C PRO BB 139 -19.90 -66.66 -28.11
N LYS BB 140 -20.90 -67.39 -28.56
CA LYS BB 140 -22.13 -67.58 -27.78
C LYS BB 140 -22.54 -69.05 -27.69
N PRO BB 141 -23.05 -69.45 -26.52
CA PRO BB 141 -23.51 -70.81 -26.41
C PRO BB 141 -24.83 -70.97 -27.14
N VAL BB 142 -25.03 -72.19 -27.58
CA VAL BB 142 -26.26 -72.62 -28.20
C VAL BB 142 -27.21 -73.21 -27.14
N LEU BB 143 -28.02 -72.27 -26.71
CA LEU BB 143 -28.88 -72.44 -25.59
C LEU BB 143 -30.23 -72.95 -26.04
N ASP BB 144 -30.67 -72.64 -27.25
CA ASP BB 144 -31.91 -73.18 -27.78
C ASP BB 144 -31.85 -73.05 -29.29
N SER BB 145 -31.64 -74.14 -30.02
CA SER BB 145 -31.44 -74.05 -31.49
C SER BB 145 -32.69 -73.71 -32.26
N THR BB 146 -33.87 -73.70 -31.64
CA THR BB 146 -35.11 -73.30 -32.30
C THR BB 146 -35.33 -71.80 -32.34
N ILE BB 147 -35.10 -71.12 -31.21
CA ILE BB 147 -35.15 -69.66 -31.13
C ILE BB 147 -33.81 -68.94 -31.48
N ASP BB 148 -32.72 -69.55 -31.03
CA ASP BB 148 -31.35 -69.11 -31.30
C ASP BB 148 -31.11 -67.73 -30.74
N TYR BB 149 -31.11 -67.65 -29.41
CA TYR BB 149 -30.94 -66.39 -28.73
C TYR BB 149 -29.59 -66.34 -28.03
N PHE BB 150 -29.09 -65.11 -27.92
CA PHE BB 150 -27.81 -64.89 -27.27
C PHE BB 150 -27.66 -63.53 -26.65
N GLN BB 151 -26.74 -63.42 -25.69
CA GLN BB 151 -26.55 -62.20 -24.92
C GLN BB 151 -25.77 -61.19 -25.68
N PRO BB 152 -26.03 -59.90 -25.46
CA PRO BB 152 -25.12 -58.89 -25.97
C PRO BB 152 -23.73 -58.97 -25.39
N ASN BB 153 -22.81 -58.56 -26.22
CA ASN BB 153 -21.38 -58.59 -26.00
C ASN BB 153 -21.13 -57.80 -24.67
N ASN BB 154 -20.62 -58.53 -23.67
CA ASN BB 154 -20.61 -58.03 -22.27
C ASN BB 154 -19.48 -58.69 -21.44
N LYS BB 155 -19.36 -58.23 -20.18
CA LYS BB 155 -18.39 -58.80 -19.26
C LYS BB 155 -19.11 -59.39 -18.00
N ARG BB 156 -19.46 -58.55 -17.04
CA ARG BB 156 -19.94 -59.04 -15.78
C ARG BB 156 -21.31 -59.70 -15.85
N ASN BB 157 -22.13 -59.45 -16.89
CA ASN BB 157 -23.49 -60.03 -16.99
C ASN BB 157 -23.59 -61.31 -17.81
N GLN BB 158 -22.46 -61.90 -18.22
CA GLN BB 158 -22.42 -63.13 -19.06
C GLN BB 158 -22.75 -64.41 -18.33
N LEU BB 159 -23.72 -65.14 -18.84
CA LEU BB 159 -24.09 -66.45 -18.35
C LEU BB 159 -22.93 -67.35 -17.96
N TRP BB 160 -23.03 -67.90 -16.76
CA TRP BB 160 -22.15 -68.97 -16.30
C TRP BB 160 -22.77 -70.32 -16.73
N LEU BB 161 -21.91 -71.23 -17.17
CA LEU BB 161 -22.28 -72.63 -17.56
C LEU BB 161 -21.65 -73.70 -16.69
N ARG BB 162 -22.35 -74.82 -16.48
CA ARG BB 162 -21.75 -75.97 -15.72
C ARG BB 162 -20.67 -76.57 -16.57
N LEU BB 163 -19.50 -76.81 -15.98
CA LEU BB 163 -18.44 -77.64 -16.61
C LEU BB 163 -18.90 -79.09 -16.54
N GLN BB 164 -19.20 -79.69 -17.67
CA GLN BB 164 -19.66 -81.05 -17.72
C GLN BB 164 -18.52 -81.93 -18.16
N THR BB 165 -18.54 -83.16 -17.67
CA THR BB 165 -17.50 -84.11 -18.06
C THR BB 165 -17.56 -84.30 -19.58
N ALA BB 166 -18.76 -84.58 -20.08
CA ALA BB 166 -18.90 -85.03 -21.47
C ALA BB 166 -19.82 -84.19 -22.35
N GLY BB 167 -20.97 -83.77 -21.88
CA GLY BB 167 -21.97 -83.35 -22.83
C GLY BB 167 -22.06 -81.86 -22.92
N ASN BB 168 -20.91 -81.22 -23.15
CA ASN BB 168 -20.84 -79.78 -23.02
C ASN BB 168 -21.43 -79.10 -24.21
N VAL BB 169 -21.89 -77.89 -24.00
CA VAL BB 169 -22.69 -77.21 -25.02
C VAL BB 169 -21.82 -76.50 -26.10
N ASP BB 170 -22.16 -76.73 -27.36
CA ASP BB 170 -21.59 -75.99 -28.46
C ASP BB 170 -21.67 -74.48 -28.25
N HIS BB 171 -20.56 -73.81 -28.50
CA HIS BB 171 -20.52 -72.37 -28.61
C HIS BB 171 -20.30 -72.00 -30.06
N VAL BB 172 -20.56 -70.73 -30.40
CA VAL BB 172 -20.84 -70.49 -31.78
C VAL BB 172 -20.28 -69.19 -32.27
N GLY BB 173 -19.97 -69.25 -33.58
CA GLY BB 173 -18.80 -68.63 -34.01
C GLY BB 173 -18.60 -68.31 -35.42
N LEU BB 174 -18.00 -69.18 -36.24
CA LEU BB 174 -17.32 -68.70 -37.44
C LEU BB 174 -17.69 -69.33 -38.73
N GLY BB 175 -18.09 -68.53 -39.70
CA GLY BB 175 -18.48 -69.03 -41.04
C GLY BB 175 -17.35 -68.76 -42.02
N THR BB 176 -17.20 -69.58 -43.07
CA THR BB 176 -16.04 -69.43 -43.92
C THR BB 176 -16.27 -69.66 -45.36
N ALA BB 177 -15.52 -68.92 -46.18
CA ALA BB 177 -15.56 -69.01 -47.63
C ALA BB 177 -14.12 -68.84 -48.18
N PHE BB 178 -13.54 -69.92 -48.63
CA PHE BB 178 -12.24 -69.88 -49.28
C PHE BB 178 -12.46 -69.98 -50.77
N GLU BB 179 -11.89 -69.06 -51.53
CA GLU BB 179 -11.93 -69.17 -52.99
C GLU BB 179 -11.23 -70.46 -53.38
N ASN BB 180 -11.89 -71.22 -54.26
CA ASN BB 180 -11.33 -72.47 -54.78
C ASN BB 180 -10.13 -72.19 -55.68
N SER BB 181 -9.27 -73.18 -55.87
CA SER BB 181 -8.03 -73.00 -56.62
C SER BB 181 -7.69 -74.19 -57.49
N ILE BB 182 -6.86 -73.94 -58.49
CA ILE BB 182 -6.23 -74.99 -59.31
C ILE BB 182 -5.36 -75.96 -58.49
N TYR BB 183 -4.82 -75.49 -57.36
CA TYR BB 183 -4.10 -76.32 -56.38
C TYR BB 183 -4.90 -76.63 -55.12
N ASP BB 184 -4.39 -77.60 -54.36
CA ASP BB 184 -4.83 -77.84 -52.98
C ASP BB 184 -4.39 -76.69 -52.08
N GLN BB 185 -5.22 -76.34 -51.11
CA GLN BB 185 -4.91 -75.32 -50.08
C GLN BB 185 -5.10 -75.96 -48.69
N GLU BB 186 -4.02 -76.43 -48.08
CA GLU BB 186 -4.02 -77.09 -46.78
C GLU BB 186 -3.74 -76.00 -45.69
N TYR BB 187 -4.30 -76.17 -44.49
CA TYR BB 187 -4.14 -75.20 -43.36
C TYR BB 187 -4.07 -76.00 -42.04
N ASN BB 188 -3.44 -75.41 -41.03
CA ASN BB 188 -3.56 -75.88 -39.63
C ASN BB 188 -4.31 -74.77 -38.97
N ILE BB 189 -5.37 -75.13 -38.29
CA ILE BB 189 -6.22 -74.19 -37.70
C ILE BB 189 -5.94 -74.34 -36.26
N ARG BB 190 -5.45 -73.29 -35.65
CA ARG BB 190 -5.37 -73.34 -34.20
C ARG BB 190 -6.49 -72.48 -33.60
N VAL BB 191 -7.29 -73.13 -32.77
CA VAL BB 191 -8.39 -72.49 -32.05
C VAL BB 191 -7.94 -72.38 -30.58
N THR BB 192 -8.14 -71.19 -30.00
CA THR BB 192 -7.80 -70.86 -28.65
C THR BB 192 -9.02 -70.29 -27.95
N MET BB 193 -9.49 -70.94 -26.92
CA MET BB 193 -10.48 -70.37 -26.04
C MET BB 193 -9.86 -69.72 -24.79
N TYR BB 194 -10.29 -68.46 -24.54
CA TYR BB 194 -9.97 -67.76 -23.32
C TYR BB 194 -11.15 -67.99 -22.41
N VAL BB 195 -10.97 -68.95 -21.50
CA VAL BB 195 -12.00 -69.41 -20.57
C VAL BB 195 -11.91 -68.84 -19.14
N GLN BB 196 -13.03 -68.44 -18.61
CA GLN BB 196 -13.05 -68.03 -17.21
C GLN BB 196 -13.69 -69.18 -16.48
N PHE BB 197 -13.01 -69.73 -15.48
CA PHE BB 197 -13.58 -70.77 -14.64
C PHE BB 197 -13.89 -70.20 -13.23
N ARG BB 198 -14.91 -70.76 -12.59
CA ARG BB 198 -15.35 -70.33 -11.25
C ARG BB 198 -15.68 -71.53 -10.33
N GLU BB 199 -15.41 -71.35 -9.06
CA GLU BB 199 -15.77 -72.32 -7.97
C GLU BB 199 -14.87 -73.53 -8.01
N PHE BB 200 -13.72 -73.40 -7.36
CA PHE BB 200 -12.74 -74.48 -7.31
C PHE BB 200 -13.48 -75.61 -6.63
N ASN BB 201 -13.39 -76.86 -7.10
CA ASN BB 201 -14.21 -77.96 -6.51
C ASN BB 201 -13.44 -79.25 -6.22
N LEU BB 202 -12.15 -79.13 -5.94
CA LEU BB 202 -11.30 -80.29 -5.86
C LEU BB 202 -11.71 -81.27 -4.75
N LYS BB 203 -11.99 -82.52 -5.13
CA LYS BB 203 -12.17 -83.59 -4.17
C LYS BB 203 -10.83 -84.28 -3.87
N ASP BB 204 -10.67 -84.75 -2.63
CA ASP BB 204 -9.42 -85.29 -2.09
C ASP BB 204 -9.73 -86.51 -1.21
N PRO BB 205 -10.04 -87.65 -1.84
CA PRO BB 205 -10.26 -88.87 -1.08
C PRO BB 205 -9.02 -89.32 -0.29
N PRO BB 206 -9.15 -90.35 0.57
CA PRO BB 206 -8.01 -90.72 1.42
C PRO BB 206 -7.37 -92.04 0.97
N SER CB 19 33.03 -55.87 -23.18
CA SER CB 19 34.30 -55.61 -23.99
C SER CB 19 35.63 -55.37 -23.21
N HIS CB 20 35.60 -54.75 -22.02
CA HIS CB 20 36.80 -54.43 -21.24
C HIS CB 20 36.89 -55.18 -19.99
N PHE CB 21 38.11 -55.45 -19.57
CA PHE CB 21 38.26 -56.17 -18.34
C PHE CB 21 39.49 -55.62 -17.66
N ASN CB 22 39.30 -55.04 -16.49
CA ASN CB 22 40.41 -54.51 -15.68
C ASN CB 22 40.82 -55.55 -14.65
N THR CB 23 42.11 -55.85 -14.57
CA THR CB 23 42.55 -56.75 -13.50
C THR CB 23 43.96 -56.55 -13.05
N ARG CB 24 44.41 -57.35 -12.12
CA ARG CB 24 45.64 -57.13 -11.45
C ARG CB 24 46.37 -58.48 -11.35
N LEU CB 25 47.65 -58.48 -11.75
CA LEU CB 25 48.46 -59.66 -11.86
C LEU CB 25 49.74 -59.41 -11.15
N SER CB 26 50.15 -60.37 -10.33
CA SER CB 26 51.38 -60.23 -9.60
C SER CB 26 52.32 -61.38 -9.71
N ARG CB 27 53.55 -61.11 -9.30
CA ARG CB 27 54.60 -62.13 -9.11
C ARG CB 27 55.61 -61.64 -8.10
N THR CB 28 56.25 -62.58 -7.43
CA THR CB 28 57.24 -62.21 -6.45
C THR CB 28 58.52 -62.91 -6.79
N PHE CB 29 59.65 -62.18 -6.80
CA PHE CB 29 61.00 -62.79 -6.87
C PHE CB 29 61.94 -62.20 -5.83
N GLY CB 30 63.03 -62.93 -5.59
CA GLY CB 30 64.10 -62.49 -4.73
C GLY CB 30 65.14 -61.61 -5.41
N TYR CB 31 65.72 -60.72 -4.55
CA TYR CB 31 66.79 -59.81 -4.86
C TYR CB 31 67.75 -59.71 -3.66
N THR CB 32 69.05 -59.83 -3.88
CA THR CB 32 70.03 -59.84 -2.78
C THR CB 32 71.16 -58.87 -3.10
N ILE CB 33 71.36 -57.85 -2.26
CA ILE CB 33 72.57 -57.02 -2.36
C ILE CB 33 73.59 -57.66 -1.51
N LYS CB 34 74.69 -58.09 -2.10
CA LYS CB 34 75.73 -58.82 -1.35
C LYS CB 34 76.61 -57.87 -0.59
N ARG CB 35 76.99 -58.33 0.58
CA ARG CB 35 77.88 -57.57 1.47
C ARG CB 35 79.20 -57.16 0.81
N THR CB 36 79.67 -55.97 1.13
CA THR CB 36 80.96 -55.52 0.68
C THR CB 36 81.80 -55.06 1.83
N THR CB 37 83.06 -54.81 1.51
CA THR CB 37 84.07 -54.26 2.44
C THR CB 37 84.74 -53.04 1.85
N VAL CB 38 84.14 -52.45 0.82
CA VAL CB 38 84.38 -51.04 0.49
C VAL CB 38 83.95 -50.28 1.76
N LYS CB 39 84.86 -49.52 2.38
CA LYS CB 39 84.52 -48.79 3.66
C LYS CB 39 83.77 -47.44 3.39
N THR CB 40 84.15 -46.74 2.31
CA THR CB 40 83.36 -45.58 1.87
C THR CB 40 81.99 -45.96 1.30
N PRO CB 41 81.08 -44.96 1.27
CA PRO CB 41 79.74 -45.23 0.69
C PRO CB 41 79.76 -45.54 -0.83
N SER CB 42 79.11 -46.67 -1.16
CA SER CB 42 78.98 -47.25 -2.51
C SER CB 42 77.50 -47.65 -2.78
N TRP CB 43 77.07 -47.64 -4.04
CA TRP CB 43 75.73 -48.11 -4.39
C TRP CB 43 75.71 -49.24 -5.43
N ALA CB 44 74.80 -50.19 -5.20
CA ALA CB 44 74.52 -51.26 -6.14
C ALA CB 44 73.42 -50.75 -7.04
N VAL CB 45 73.73 -50.59 -8.32
CA VAL CB 45 72.85 -49.94 -9.29
C VAL CB 45 72.32 -51.01 -10.19
N ASP CB 46 71.01 -51.02 -10.34
CA ASP CB 46 70.35 -52.01 -11.13
C ASP CB 46 69.01 -51.45 -11.70
N MET CB 47 68.29 -52.31 -12.39
CA MET CB 47 67.18 -51.87 -13.17
C MET CB 47 66.12 -52.95 -13.15
N MET CB 48 65.01 -52.55 -13.76
CA MET CB 48 63.81 -53.36 -13.77
C MET CB 48 62.97 -53.02 -14.96
N ARG CB 49 62.71 -54.06 -15.76
CA ARG CB 49 61.68 -54.04 -16.84
C ARG CB 49 60.50 -54.95 -16.50
N PHE CB 50 59.43 -54.83 -17.24
CA PHE CB 50 58.20 -55.54 -16.83
C PHE CB 50 57.63 -56.12 -18.06
N ASN CB 51 57.44 -57.41 -18.06
CA ASN CB 51 56.97 -58.07 -19.26
C ASN CB 51 55.80 -59.02 -18.89
N ILE CB 52 54.69 -58.91 -19.61
CA ILE CB 52 53.50 -59.67 -19.29
C ILE CB 52 53.66 -61.21 -19.45
N ASN CB 53 54.67 -61.68 -20.19
CA ASN CB 53 55.03 -63.12 -20.21
C ASN CB 53 55.32 -63.67 -18.81
N ASP CB 54 55.86 -62.84 -17.95
CA ASP CB 54 56.05 -63.24 -16.55
C ASP CB 54 54.80 -63.25 -15.65
N PHE CB 55 53.69 -62.72 -16.11
CA PHE CB 55 52.49 -62.58 -15.27
C PHE CB 55 51.35 -63.45 -15.70
N LEU CB 56 51.40 -63.91 -16.92
CA LEU CB 56 50.27 -64.50 -17.62
C LEU CB 56 50.82 -65.81 -18.22
N PRO CB 57 50.53 -66.94 -17.58
CA PRO CB 57 51.08 -68.12 -18.24
C PRO CB 57 50.38 -68.40 -19.54
N PRO CB 58 50.97 -69.31 -20.29
CA PRO CB 58 50.23 -69.87 -21.42
C PRO CB 58 48.90 -70.56 -20.99
N GLY CB 59 47.95 -70.61 -21.92
CA GLY CB 59 46.71 -71.39 -21.83
C GLY CB 59 46.82 -72.76 -22.50
N GLY CB 60 45.70 -73.28 -22.98
CA GLY CB 60 45.75 -74.49 -23.80
C GLY CB 60 44.71 -74.55 -24.89
N GLY CB 61 44.91 -75.52 -25.77
CA GLY CB 61 43.96 -75.83 -26.83
C GLY CB 61 43.92 -74.65 -27.74
N SER CB 62 42.70 -74.32 -28.17
CA SER CB 62 42.44 -73.20 -29.06
C SER CB 62 42.54 -71.79 -28.42
N ASN CB 63 42.77 -71.71 -27.10
CA ASN CB 63 42.83 -70.46 -26.31
C ASN CB 63 44.22 -70.37 -25.75
N PRO CB 64 45.17 -69.83 -26.58
CA PRO CB 64 46.60 -70.04 -26.28
C PRO CB 64 47.13 -69.17 -25.15
N ARG CB 65 46.39 -68.16 -24.68
CA ARG CB 65 46.75 -67.39 -23.47
C ARG CB 65 45.71 -67.57 -22.33
N SER CB 66 46.15 -67.48 -21.07
CA SER CB 66 45.30 -67.84 -19.95
C SER CB 66 44.21 -66.85 -19.67
N VAL CB 67 44.33 -65.61 -20.17
CA VAL CB 67 43.11 -64.77 -20.34
C VAL CB 67 42.70 -64.65 -21.79
N PRO CB 68 41.40 -64.77 -22.04
CA PRO CB 68 41.07 -64.90 -23.45
C PRO CB 68 40.67 -63.56 -24.05
N PHE CB 69 41.67 -62.71 -24.20
CA PHE CB 69 41.49 -61.41 -24.82
C PHE CB 69 42.58 -61.18 -25.85
N GLU CB 70 42.19 -60.35 -26.84
CA GLU CB 70 42.99 -60.13 -28.00
C GLU CB 70 43.95 -59.00 -27.78
N TYR CB 71 43.51 -57.95 -27.08
CA TYR CB 71 44.33 -56.75 -26.87
C TYR CB 71 44.56 -56.53 -25.42
N TYR CB 72 45.70 -55.93 -25.05
CA TYR CB 72 45.93 -55.39 -23.68
C TYR CB 72 46.67 -54.06 -23.62
N ARG CB 73 46.55 -53.35 -22.50
CA ARG CB 73 47.53 -52.30 -22.19
C ARG CB 73 47.75 -52.14 -20.71
N ILE CB 74 48.98 -51.77 -20.34
CA ILE CB 74 49.34 -51.74 -18.91
C ILE CB 74 49.14 -50.33 -18.42
N ARG CB 75 48.20 -50.23 -17.51
CA ARG CB 75 47.72 -48.97 -16.96
C ARG CB 75 48.66 -48.42 -15.87
N LYS CB 76 49.19 -49.31 -15.03
CA LYS CB 76 49.91 -48.89 -13.84
C LYS CB 76 50.77 -50.08 -13.40
N VAL CB 77 51.97 -49.83 -12.87
CA VAL CB 77 52.76 -50.89 -12.25
C VAL CB 77 53.01 -50.45 -10.82
N LYS CB 78 53.01 -51.42 -9.91
CA LYS CB 78 53.43 -51.22 -8.56
C LYS CB 78 54.61 -52.06 -8.38
N VAL CB 79 55.72 -51.46 -8.01
CA VAL CB 79 56.88 -52.25 -7.57
C VAL CB 79 56.96 -52.11 -6.05
N GLU CB 80 57.00 -53.25 -5.35
CA GLU CB 80 57.15 -53.32 -3.88
C GLU CB 80 58.42 -54.09 -3.51
N PHE CB 81 59.22 -53.47 -2.65
CA PHE CB 81 60.40 -54.08 -2.05
C PHE CB 81 60.03 -54.47 -0.63
N TRP CB 82 59.86 -55.77 -0.41
CA TRP CB 82 59.49 -56.26 0.89
C TRP CB 82 60.76 -56.73 1.60
N PRO CB 83 61.22 -55.99 2.58
CA PRO CB 83 62.54 -56.30 3.08
C PRO CB 83 62.66 -57.63 3.86
N CYS CB 84 63.68 -58.43 3.60
CA CYS CB 84 63.97 -59.61 4.47
C CYS CB 84 64.67 -59.33 5.82
N SER CB 85 65.44 -58.26 5.94
CA SER CB 85 66.34 -58.14 7.08
C SER CB 85 65.47 -57.77 8.24
N PRO CB 86 65.86 -58.20 9.46
CA PRO CB 86 65.09 -57.91 10.63
C PRO CB 86 65.27 -56.46 10.99
N ILE CB 87 64.32 -55.89 11.76
CA ILE CB 87 64.44 -54.47 12.12
C ILE CB 87 65.57 -54.19 13.13
N THR CB 88 66.36 -55.22 13.46
CA THR CB 88 67.61 -55.12 14.24
C THR CB 88 68.92 -54.96 13.43
N GLN CB 89 68.87 -55.16 12.13
CA GLN CB 89 70.12 -55.15 11.39
C GLN CB 89 70.68 -53.74 11.34
N GLY CB 90 72.00 -53.67 11.45
CA GLY CB 90 72.76 -52.45 11.29
C GLY CB 90 73.24 -52.04 9.87
N ASP CB 91 74.27 -51.21 9.88
CA ASP CB 91 74.80 -50.60 8.68
C ASP CB 91 73.74 -50.08 7.74
N ARG CB 92 72.89 -49.28 8.32
CA ARG CB 92 71.70 -48.82 7.65
C ARG CB 92 72.01 -47.74 6.63
N GLY CB 93 71.46 -47.90 5.45
CA GLY CB 93 71.87 -47.13 4.32
C GLY CB 93 70.68 -46.37 3.81
N VAL CB 94 70.94 -45.58 2.77
CA VAL CB 94 69.93 -44.81 2.14
C VAL CB 94 70.24 -44.77 0.64
N GLY CB 95 69.20 -45.08 -0.17
CA GLY CB 95 69.34 -45.21 -1.67
C GLY CB 95 68.16 -44.64 -2.45
N SER CB 96 68.07 -44.94 -3.72
CA SER CB 96 67.10 -44.24 -4.62
C SER CB 96 66.40 -45.17 -5.62
N SER CB 97 65.12 -44.95 -5.86
CA SER CB 97 64.41 -45.50 -7.04
C SER CB 97 64.00 -44.32 -7.94
N ALA CB 98 64.09 -44.59 -9.24
CA ALA CB 98 63.63 -43.64 -10.28
C ALA CB 98 62.92 -44.32 -11.49
N VAL CB 99 62.03 -43.55 -12.07
CA VAL CB 99 61.11 -44.08 -13.04
C VAL CB 99 61.80 -43.75 -14.35
N ILE CB 100 62.13 -44.80 -15.11
CA ILE CB 100 62.79 -44.68 -16.37
C ILE CB 100 61.85 -45.11 -17.53
N LEU CB 101 61.30 -44.12 -18.25
CA LEU CB 101 60.24 -44.38 -19.25
C LEU CB 101 60.75 -44.68 -20.65
N ASP CB 102 62.08 -44.61 -20.84
CA ASP CB 102 62.66 -44.62 -22.19
C ASP CB 102 63.62 -45.79 -22.40
N ASP CB 103 63.63 -46.70 -21.45
CA ASP CB 103 64.51 -47.85 -21.53
C ASP CB 103 65.97 -47.44 -21.56
N ASN CB 104 66.35 -46.37 -20.87
CA ASN CB 104 67.76 -46.01 -20.70
C ASN CB 104 68.16 -45.96 -19.25
N PHE CB 105 68.60 -47.08 -18.72
CA PHE CB 105 69.01 -47.14 -17.34
C PHE CB 105 70.48 -46.79 -17.18
N VAL CB 106 70.82 -46.40 -15.99
CA VAL CB 106 72.20 -46.31 -15.63
C VAL CB 106 72.74 -47.75 -15.64
N THR CB 107 73.94 -47.90 -16.20
CA THR CB 107 74.64 -49.16 -16.25
C THR CB 107 74.68 -49.85 -14.88
N LYS CB 108 74.33 -51.11 -14.91
CA LYS CB 108 74.51 -51.95 -13.77
C LYS CB 108 75.94 -51.83 -13.19
N ALA CB 109 76.02 -51.71 -11.86
CA ALA CB 109 77.26 -51.56 -11.08
C ALA CB 109 77.08 -52.19 -9.73
N THR CB 110 78.12 -52.84 -9.24
CA THR CB 110 78.07 -53.50 -7.93
C THR CB 110 78.26 -52.49 -6.87
N ALA CB 111 79.18 -51.54 -7.12
CA ALA CB 111 79.57 -50.59 -6.10
C ALA CB 111 80.06 -49.25 -6.63
N LEU CB 112 79.15 -48.45 -7.17
CA LEU CB 112 79.43 -47.07 -7.68
C LEU CB 112 79.69 -46.07 -6.57
N THR CB 113 80.47 -45.05 -6.83
CA THR CB 113 80.89 -44.19 -5.71
C THR CB 113 79.90 -43.12 -5.29
N TYR CB 114 78.73 -43.13 -5.92
CA TYR CB 114 77.61 -42.21 -5.62
C TYR CB 114 76.28 -42.85 -6.03
N ASP CB 115 75.19 -42.38 -5.45
CA ASP CB 115 73.83 -42.76 -5.88
C ASP CB 115 73.46 -41.98 -7.20
N PRO CB 116 73.48 -42.69 -8.32
CA PRO CB 116 73.36 -41.97 -9.55
C PRO CB 116 71.92 -41.54 -9.84
N TYR CB 117 70.96 -42.00 -9.05
CA TYR CB 117 69.58 -41.72 -9.32
C TYR CB 117 68.98 -40.64 -8.41
N VAL CB 118 69.77 -40.20 -7.43
CA VAL CB 118 69.25 -39.29 -6.37
C VAL CB 118 68.73 -37.94 -6.92
N ASN CB 119 69.37 -37.39 -7.93
CA ASN CB 119 68.91 -36.08 -8.48
C ASN CB 119 67.79 -36.17 -9.51
N TYR CB 120 67.34 -37.37 -9.88
CA TYR CB 120 66.30 -37.53 -10.87
C TYR CB 120 65.01 -36.91 -10.40
N SER CB 121 64.21 -36.41 -11.34
CA SER CB 121 62.95 -35.75 -10.97
C SER CB 121 61.95 -36.75 -10.42
N SER CB 122 61.98 -37.98 -10.91
CA SER CB 122 61.09 -39.03 -10.42
C SER CB 122 61.64 -39.75 -9.21
N ARG CB 123 62.82 -39.42 -8.71
CA ARG CB 123 63.43 -40.12 -7.53
C ARG CB 123 62.59 -40.16 -6.23
N HIS CB 124 62.41 -41.38 -5.68
CA HIS CB 124 61.97 -41.66 -4.25
C HIS CB 124 63.13 -42.24 -3.48
N THR CB 125 63.29 -41.77 -2.25
CA THR CB 125 64.26 -42.28 -1.27
C THR CB 125 63.94 -43.68 -0.73
N ILE CB 126 64.94 -44.56 -0.67
CA ILE CB 126 64.85 -45.96 -0.22
C ILE CB 126 65.61 -46.02 1.07
N THR CB 127 65.00 -46.61 2.07
CA THR CB 127 65.52 -46.64 3.42
C THR CB 127 65.93 -48.10 3.63
N GLN CB 128 67.17 -48.33 4.03
CA GLN CB 128 67.70 -49.68 4.00
C GLN CB 128 68.11 -50.05 5.37
N PRO CB 129 68.06 -51.33 5.76
CA PRO CB 129 67.69 -52.43 4.94
C PRO CB 129 66.38 -53.08 5.38
N PHE CB 130 65.67 -52.49 6.33
CA PHE CB 130 64.51 -53.19 6.93
C PHE CB 130 63.21 -52.47 6.65
N SER CB 131 63.22 -51.63 5.62
CA SER CB 131 62.04 -50.85 5.27
C SER CB 131 61.36 -51.19 3.93
N TYR CB 132 60.03 -51.03 3.93
CA TYR CB 132 59.24 -51.23 2.71
C TYR CB 132 59.57 -50.17 1.72
N HIS CB 133 59.48 -50.45 0.44
CA HIS CB 133 59.67 -49.36 -0.53
C HIS CB 133 58.78 -49.69 -1.68
N SER CB 134 57.99 -48.70 -2.14
CA SER CB 134 57.16 -48.95 -3.32
C SER CB 134 57.01 -47.77 -4.21
N ARG CB 135 56.82 -48.11 -5.46
CA ARG CB 135 56.59 -47.15 -6.50
C ARG CB 135 55.36 -47.57 -7.25
N TYR CB 136 54.72 -46.58 -7.84
CA TYR CB 136 53.48 -46.81 -8.56
C TYR CB 136 53.34 -45.81 -9.69
N PHE CB 137 53.28 -46.28 -10.93
CA PHE CB 137 53.44 -45.40 -12.06
C PHE CB 137 52.99 -46.09 -13.35
N THR CB 138 52.73 -45.26 -14.35
CA THR CB 138 52.43 -45.81 -15.67
C THR CB 138 53.73 -46.13 -16.39
N PRO CB 139 54.03 -47.39 -16.62
CA PRO CB 139 55.20 -47.77 -17.43
C PRO CB 139 54.94 -47.56 -18.89
N LYS CB 140 55.91 -47.80 -19.74
CA LYS CB 140 55.71 -47.63 -21.16
C LYS CB 140 56.31 -48.77 -22.00
N PRO CB 141 55.62 -49.16 -23.06
CA PRO CB 141 56.24 -50.16 -23.89
C PRO CB 141 57.46 -49.64 -24.64
N VAL CB 142 58.37 -50.57 -24.93
CA VAL CB 142 59.55 -50.32 -25.73
C VAL CB 142 59.19 -50.63 -27.19
N LEU CB 143 58.70 -49.59 -27.83
CA LEU CB 143 58.28 -49.66 -29.21
C LEU CB 143 59.40 -49.70 -30.23
N ASP CB 144 60.47 -48.99 -29.94
CA ASP CB 144 61.55 -48.82 -30.88
C ASP CB 144 62.71 -48.41 -29.99
N SER CB 145 63.66 -49.32 -29.76
CA SER CB 145 64.76 -49.01 -28.81
C SER CB 145 65.92 -48.16 -29.39
N THR CB 146 65.84 -47.82 -30.67
CA THR CB 146 66.73 -46.84 -31.31
C THR CB 146 66.34 -45.40 -31.07
N ILE CB 147 65.03 -45.12 -31.10
CA ILE CB 147 64.48 -43.81 -30.77
C ILE CB 147 63.99 -43.70 -29.34
N ASP CB 148 63.58 -44.80 -28.73
CA ASP CB 148 63.04 -44.80 -27.37
C ASP CB 148 61.99 -43.70 -27.15
N TYR CB 149 60.91 -43.72 -27.92
CA TYR CB 149 59.79 -42.82 -27.65
C TYR CB 149 58.71 -43.48 -26.79
N PHE CB 150 57.92 -42.64 -26.14
CA PHE CB 150 56.78 -43.11 -25.39
C PHE CB 150 55.73 -42.04 -25.29
N GLN CB 151 54.51 -42.46 -24.99
CA GLN CB 151 53.38 -41.53 -24.87
C GLN CB 151 53.33 -40.85 -23.51
N PRO CB 152 52.83 -39.62 -23.45
CA PRO CB 152 52.38 -38.96 -22.25
C PRO CB 152 51.32 -39.71 -21.51
N ASN CB 153 51.40 -39.61 -20.18
CA ASN CB 153 50.76 -40.52 -19.21
C ASN CB 153 49.30 -40.08 -19.32
N ASN CB 154 48.49 -40.91 -19.96
CA ASN CB 154 47.22 -40.41 -20.50
C ASN CB 154 46.29 -41.56 -20.78
N LYS CB 155 45.05 -41.36 -20.38
CA LYS CB 155 44.15 -42.46 -20.19
C LYS CB 155 43.55 -42.93 -21.54
N ARG CB 156 42.55 -42.22 -22.08
CA ARG CB 156 41.79 -42.81 -23.18
C ARG CB 156 42.61 -43.09 -24.45
N ASN CB 157 43.64 -42.27 -24.69
CA ASN CB 157 44.54 -42.32 -25.88
C ASN CB 157 45.76 -43.28 -25.81
N GLN CB 158 45.92 -44.06 -24.74
CA GLN CB 158 47.03 -44.98 -24.61
C GLN CB 158 46.95 -46.08 -25.64
N LEU CB 159 48.07 -46.42 -26.23
CA LEU CB 159 48.13 -47.46 -27.23
C LEU CB 159 47.66 -48.78 -26.71
N TRP CB 160 46.91 -49.50 -27.53
CA TRP CB 160 46.61 -50.91 -27.29
C TRP CB 160 47.68 -51.77 -27.92
N LEU CB 161 47.87 -52.96 -27.35
CA LEU CB 161 48.88 -53.92 -27.80
C LEU CB 161 48.29 -55.31 -27.94
N ARG CB 162 48.73 -56.02 -28.98
CA ARG CB 162 48.36 -57.44 -29.14
C ARG CB 162 48.77 -58.24 -27.89
N LEU CB 163 47.87 -59.05 -27.36
CA LEU CB 163 48.27 -60.04 -26.33
C LEU CB 163 48.85 -61.29 -27.02
N GLN CB 164 50.15 -61.46 -26.88
CA GLN CB 164 50.86 -62.50 -27.54
C GLN CB 164 51.08 -63.62 -26.61
N THR CB 165 51.11 -64.80 -27.20
CA THR CB 165 51.32 -66.00 -26.38
C THR CB 165 52.68 -65.95 -25.64
N ALA CB 166 53.66 -65.39 -26.35
CA ALA CB 166 55.04 -65.70 -26.15
C ALA CB 166 56.00 -64.56 -26.34
N GLY CB 167 55.91 -63.79 -27.39
CA GLY CB 167 57.00 -62.83 -27.59
C GLY CB 167 56.63 -61.43 -27.15
N ASN CB 168 55.92 -61.28 -26.03
CA ASN CB 168 55.39 -59.95 -25.66
C ASN CB 168 56.49 -58.88 -25.37
N VAL CB 169 56.16 -57.64 -25.67
CA VAL CB 169 57.06 -56.49 -25.60
C VAL CB 169 57.33 -56.05 -24.15
N ASP CB 170 58.60 -55.80 -23.82
CA ASP CB 170 58.97 -55.19 -22.54
C ASP CB 170 58.33 -53.81 -22.27
N HIS CB 171 57.90 -53.65 -21.05
CA HIS CB 171 57.58 -52.33 -20.58
C HIS CB 171 58.63 -51.86 -19.60
N VAL CB 172 58.73 -50.54 -19.53
CA VAL CB 172 59.85 -49.97 -18.95
C VAL CB 172 59.48 -48.91 -17.90
N GLY CB 173 60.42 -48.83 -16.95
CA GLY CB 173 60.06 -48.56 -15.61
C GLY CB 173 61.10 -48.16 -14.66
N LEU CB 174 61.89 -49.05 -14.08
CA LEU CB 174 62.48 -48.68 -12.74
C LEU CB 174 63.97 -48.86 -12.57
N GLY CB 175 64.63 -47.76 -12.23
CA GLY CB 175 66.07 -47.78 -11.83
C GLY CB 175 66.26 -47.77 -10.31
N THR CB 176 67.28 -48.47 -9.84
CA THR CB 176 67.55 -48.54 -8.42
C THR CB 176 68.98 -48.45 -8.08
N ALA CB 177 69.24 -47.74 -7.00
CA ALA CB 177 70.53 -47.70 -6.37
C ALA CB 177 70.35 -47.94 -4.89
N PHE CB 178 70.78 -49.10 -4.43
CA PHE CB 178 70.81 -49.46 -3.01
C PHE CB 178 72.23 -49.29 -2.47
N GLU CB 179 72.33 -48.58 -1.34
CA GLU CB 179 73.58 -48.39 -0.68
C GLU CB 179 74.03 -49.75 -0.22
N ASN CB 180 75.28 -50.02 -0.55
CA ASN CB 180 76.00 -51.21 -0.05
C ASN CB 180 76.19 -51.17 1.47
N SER CB 181 76.42 -52.35 2.03
CA SER CB 181 76.49 -52.59 3.46
C SER CB 181 77.50 -53.69 3.75
N ILE CB 182 77.86 -53.75 5.02
CA ILE CB 182 78.76 -54.74 5.62
C ILE CB 182 78.07 -56.13 5.73
N TYR CB 183 76.73 -56.16 5.72
CA TYR CB 183 75.90 -57.37 5.71
C TYR CB 183 75.16 -57.53 4.37
N ASP CB 184 74.63 -58.73 4.17
CA ASP CB 184 73.75 -58.97 3.07
C ASP CB 184 72.43 -58.25 3.33
N GLN CB 185 71.81 -57.71 2.29
CA GLN CB 185 70.44 -57.15 2.39
C GLN CB 185 69.59 -57.91 1.41
N GLU CB 186 68.65 -58.69 1.90
CA GLU CB 186 67.81 -59.53 1.05
C GLU CB 186 66.40 -58.89 0.94
N TYR CB 187 65.73 -59.03 -0.19
CA TYR CB 187 64.31 -58.53 -0.35
C TYR CB 187 63.47 -59.52 -1.14
N ASN CB 188 62.20 -59.57 -0.84
CA ASN CB 188 61.24 -60.09 -1.81
C ASN CB 188 60.61 -58.97 -2.63
N ILE CB 189 60.71 -59.06 -3.94
CA ILE CB 189 60.17 -58.02 -4.77
C ILE CB 189 58.89 -58.57 -5.37
N ARG CB 190 57.78 -57.89 -5.06
CA ARG CB 190 56.50 -58.09 -5.68
C ARG CB 190 56.16 -56.95 -6.67
N VAL CB 191 55.99 -57.37 -7.93
CA VAL CB 191 55.53 -56.54 -9.00
C VAL CB 191 54.11 -56.92 -9.28
N THR CB 192 53.31 -55.88 -9.52
CA THR CB 192 51.88 -56.00 -9.82
C THR CB 192 51.59 -55.14 -11.06
N MET CB 193 51.07 -55.74 -12.12
CA MET CB 193 50.54 -54.96 -13.24
C MET CB 193 49.02 -54.89 -13.08
N TYR CB 194 48.54 -53.64 -13.15
CA TYR CB 194 47.13 -53.24 -13.37
C TYR CB 194 46.94 -53.04 -14.84
N VAL CB 195 46.40 -54.08 -15.49
CA VAL CB 195 46.23 -54.23 -16.93
C VAL CB 195 44.77 -54.10 -17.35
N GLN CB 196 44.56 -53.35 -18.43
CA GLN CB 196 43.28 -53.35 -19.11
C GLN CB 196 43.35 -54.32 -20.29
N PHE CB 197 42.46 -55.28 -20.38
CA PHE CB 197 42.30 -56.13 -21.56
C PHE CB 197 41.06 -55.71 -22.38
N ARG CB 198 41.06 -55.97 -23.68
CA ARG CB 198 39.93 -55.64 -24.59
C ARG CB 198 39.67 -56.69 -25.66
N GLU CB 199 38.40 -56.92 -26.07
CA GLU CB 199 37.98 -57.92 -27.05
C GLU CB 199 38.10 -59.32 -26.46
N PHE CB 200 37.05 -59.76 -25.82
CA PHE CB 200 36.93 -61.15 -25.40
C PHE CB 200 37.08 -61.94 -26.69
N ASN CB 201 37.95 -62.95 -26.69
CA ASN CB 201 38.15 -63.77 -27.89
C ASN CB 201 37.98 -65.31 -27.72
N LEU CB 202 37.23 -65.74 -26.73
CA LEU CB 202 37.23 -67.19 -26.42
C LEU CB 202 36.78 -68.08 -27.59
N LYS CB 203 37.64 -69.00 -27.98
CA LYS CB 203 37.30 -70.05 -28.97
C LYS CB 203 36.70 -71.26 -28.22
N ASP CB 204 35.66 -71.88 -28.78
CA ASP CB 204 34.94 -73.02 -28.15
C ASP CB 204 34.77 -74.20 -29.09
N PRO CB 205 35.81 -75.01 -29.31
CA PRO CB 205 35.65 -76.19 -30.19
C PRO CB 205 34.77 -77.20 -29.50
N PRO CB 206 34.28 -78.23 -30.20
CA PRO CB 206 33.43 -79.22 -29.42
C PRO CB 206 34.12 -80.32 -28.49
N SER DB 19 37.36 -58.69 -10.63
CA SER DB 19 36.30 -58.79 -9.55
C SER DB 19 34.99 -59.55 -10.00
N HIS DB 20 34.00 -58.84 -10.62
CA HIS DB 20 32.92 -59.49 -11.42
C HIS DB 20 33.19 -59.35 -12.83
N PHE DB 21 32.82 -60.33 -13.63
CA PHE DB 21 33.02 -60.21 -15.04
C PHE DB 21 31.84 -60.73 -15.84
N ASN DB 22 31.15 -59.83 -16.55
CA ASN DB 22 29.98 -60.15 -17.37
C ASN DB 22 30.39 -60.50 -18.81
N THR DB 23 29.93 -61.62 -19.34
CA THR DB 23 30.32 -62.02 -20.68
C THR DB 23 29.29 -62.98 -21.30
N ARG DB 24 29.45 -63.21 -22.59
CA ARG DB 24 28.47 -63.90 -23.40
C ARG DB 24 29.21 -65.04 -24.10
N LEU DB 25 28.63 -66.24 -24.02
CA LEU DB 25 29.22 -67.46 -24.52
C LEU DB 25 28.25 -68.11 -25.47
N SER DB 26 28.72 -68.54 -26.64
CA SER DB 26 27.84 -69.16 -27.64
C SER DB 26 28.39 -70.45 -28.26
N ARG DB 27 27.46 -71.29 -28.69
CA ARG DB 27 27.75 -72.47 -29.53
C ARG DB 27 26.58 -72.67 -30.52
N THR DB 28 26.86 -73.34 -31.61
CA THR DB 28 25.84 -73.70 -32.58
C THR DB 28 25.96 -75.17 -32.94
N PHE DB 29 24.80 -75.87 -32.92
CA PHE DB 29 24.62 -77.27 -33.42
C PHE DB 29 23.38 -77.46 -34.33
N GLY DB 30 23.34 -78.58 -35.06
CA GLY DB 30 22.24 -78.89 -35.98
C GLY DB 30 21.09 -79.58 -35.27
N TYR DB 31 19.89 -79.45 -35.82
CA TYR DB 31 18.73 -80.17 -35.36
C TYR DB 31 17.87 -80.38 -36.57
N THR DB 32 17.51 -81.63 -36.81
CA THR DB 32 16.75 -81.95 -37.96
C THR DB 32 15.51 -82.62 -37.49
N ILE DB 33 14.33 -82.13 -37.90
CA ILE DB 33 13.13 -82.93 -37.82
C ILE DB 33 13.03 -83.73 -39.11
N LYS DB 34 12.88 -85.06 -38.98
CA LYS DB 34 12.70 -85.84 -40.18
C LYS DB 34 11.29 -85.76 -40.75
N ARG DB 35 11.23 -85.88 -42.06
CA ARG DB 35 9.96 -85.96 -42.77
C ARG DB 35 9.18 -87.17 -42.23
N THR DB 36 7.86 -87.05 -42.08
CA THR DB 36 7.00 -88.21 -41.90
C THR DB 36 5.96 -88.25 -42.97
N THR DB 37 5.42 -89.44 -43.08
CA THR DB 37 4.30 -89.70 -43.93
C THR DB 37 2.97 -89.53 -43.16
N VAL DB 38 2.95 -89.86 -41.85
CA VAL DB 38 1.80 -89.62 -40.93
C VAL DB 38 1.01 -88.43 -41.38
N LYS DB 39 -0.31 -88.58 -41.52
CA LYS DB 39 -1.11 -87.62 -42.38
C LYS DB 39 -1.82 -86.51 -41.55
N THR DB 40 -2.42 -86.93 -40.44
CA THR DB 40 -2.96 -85.99 -39.48
C THR DB 40 -1.81 -85.20 -38.94
N PRO DB 41 -2.05 -84.01 -38.36
CA PRO DB 41 -0.99 -83.26 -37.64
C PRO DB 41 -0.33 -84.07 -36.54
N SER DB 42 0.97 -83.87 -36.31
CA SER DB 42 1.75 -84.54 -35.23
C SER DB 42 2.95 -83.70 -34.93
N TRP DB 43 3.56 -83.97 -33.78
CA TRP DB 43 4.60 -83.08 -33.22
C TRP DB 43 5.83 -83.85 -32.76
N ALA DB 44 6.96 -83.21 -32.99
CA ALA DB 44 8.26 -83.74 -32.62
C ALA DB 44 8.64 -83.05 -31.34
N VAL DB 45 8.73 -83.80 -30.28
CA VAL DB 45 8.88 -83.23 -28.97
C VAL DB 45 10.29 -83.54 -28.49
N ASP DB 46 10.98 -82.51 -28.06
CA ASP DB 46 12.30 -82.65 -27.52
C ASP DB 46 12.43 -81.53 -26.47
N MET DB 47 13.68 -81.25 -26.11
CA MET DB 47 14.06 -80.61 -24.85
C MET DB 47 15.55 -80.19 -24.91
N MET DB 48 15.90 -79.26 -24.04
CA MET DB 48 17.12 -78.49 -24.12
C MET DB 48 17.53 -78.15 -22.71
N ARG DB 49 18.78 -78.45 -22.42
CA ARG DB 49 19.48 -78.17 -21.20
C ARG DB 49 20.72 -77.40 -21.58
N PHE DB 50 21.32 -76.72 -20.64
CA PHE DB 50 22.44 -75.89 -20.95
C PHE DB 50 23.43 -76.15 -19.91
N ASN DB 51 24.57 -76.67 -20.34
CA ASN DB 51 25.67 -76.91 -19.44
C ASN DB 51 26.89 -76.07 -19.88
N ILE DB 52 27.46 -75.32 -18.93
CA ILE DB 52 28.61 -74.47 -19.25
C ILE DB 52 29.80 -75.28 -19.76
N ASN DB 53 29.90 -76.55 -19.47
CA ASN DB 53 30.91 -77.40 -20.17
C ASN DB 53 30.92 -77.26 -21.72
N ASP DB 54 29.76 -77.10 -22.32
CA ASP DB 54 29.67 -76.95 -23.76
C ASP DB 54 30.07 -75.58 -24.31
N PHE DB 55 30.35 -74.62 -23.44
CA PHE DB 55 30.61 -73.24 -23.81
C PHE DB 55 32.02 -72.81 -23.44
N LEU DB 56 32.71 -73.60 -22.62
CA LEU DB 56 33.93 -73.16 -21.91
C LEU DB 56 34.92 -74.31 -21.94
N PRO DB 57 35.88 -74.24 -22.88
CA PRO DB 57 36.81 -75.34 -22.96
C PRO DB 57 37.70 -75.45 -21.73
N PRO DB 58 38.33 -76.62 -21.53
CA PRO DB 58 39.40 -76.61 -20.53
C PRO DB 58 40.49 -75.55 -20.77
N GLY DB 59 41.33 -75.36 -19.77
CA GLY DB 59 42.51 -74.50 -19.85
C GLY DB 59 43.77 -75.36 -19.96
N GLY DB 60 44.89 -74.78 -19.59
CA GLY DB 60 46.10 -75.55 -19.30
C GLY DB 60 46.87 -75.08 -18.09
N GLY DB 61 47.93 -75.80 -17.81
CA GLY DB 61 48.84 -75.52 -16.70
C GLY DB 61 48.07 -75.53 -15.41
N SER DB 62 48.43 -74.62 -14.52
CA SER DB 62 47.74 -74.47 -13.25
C SER DB 62 46.39 -73.75 -13.35
N ASN DB 63 46.02 -73.30 -14.56
CA ASN DB 63 44.68 -72.67 -14.85
C ASN DB 63 43.75 -73.61 -15.62
N PRO DB 64 42.93 -74.41 -14.91
CA PRO DB 64 42.29 -75.52 -15.59
C PRO DB 64 41.08 -75.08 -16.39
N ARG DB 65 40.64 -73.84 -16.29
CA ARG DB 65 39.54 -73.39 -17.15
C ARG DB 65 39.96 -72.19 -17.94
N SER DB 66 39.41 -72.13 -19.15
CA SER DB 66 39.79 -71.11 -20.10
C SER DB 66 39.50 -69.70 -19.62
N VAL DB 67 38.47 -69.48 -18.78
CA VAL DB 67 38.34 -68.20 -18.03
C VAL DB 67 38.77 -68.47 -16.60
N PRO DB 68 39.72 -67.67 -16.08
CA PRO DB 68 40.27 -67.90 -14.77
C PRO DB 68 39.46 -67.22 -13.71
N PHE DB 69 38.25 -67.74 -13.49
CA PHE DB 69 37.38 -67.32 -12.40
C PHE DB 69 36.94 -68.52 -11.57
N GLU DB 70 36.58 -68.27 -10.30
CA GLU DB 70 36.25 -69.34 -9.32
C GLU DB 70 34.76 -69.63 -9.25
N TYR DB 71 33.93 -68.58 -9.29
CA TYR DB 71 32.47 -68.76 -9.25
C TYR DB 71 31.85 -68.20 -10.50
N TYR DB 72 30.65 -68.71 -10.79
CA TYR DB 72 29.81 -68.20 -11.87
C TYR DB 72 28.33 -68.37 -11.55
N ARG DB 73 27.51 -67.60 -12.26
CA ARG DB 73 26.06 -67.86 -12.30
C ARG DB 73 25.54 -67.41 -13.62
N ILE DB 74 24.51 -68.09 -14.15
CA ILE DB 74 24.01 -67.81 -15.49
C ILE DB 74 22.80 -66.93 -15.37
N ARG DB 75 23.04 -65.67 -15.67
CA ARG DB 75 22.04 -64.62 -15.70
C ARG DB 75 20.87 -64.91 -16.66
N LYS DB 76 21.18 -65.41 -17.85
CA LYS DB 76 20.23 -65.54 -18.92
C LYS DB 76 20.76 -66.44 -19.99
N VAL DB 77 19.85 -67.15 -20.68
CA VAL DB 77 20.10 -67.89 -21.91
C VAL DB 77 19.28 -67.28 -23.03
N LYS DB 78 19.87 -67.25 -24.22
CA LYS DB 78 19.17 -67.08 -25.51
C LYS DB 78 19.29 -68.38 -26.33
N VAL DB 79 18.17 -68.90 -26.79
CA VAL DB 79 18.13 -70.02 -27.70
C VAL DB 79 17.60 -69.48 -29.00
N GLU DB 80 18.40 -69.62 -30.07
CA GLU DB 80 18.00 -69.23 -31.42
C GLU DB 80 17.87 -70.42 -32.36
N PHE DB 81 16.69 -70.58 -32.95
CA PHE DB 81 16.47 -71.49 -34.09
C PHE DB 81 16.60 -70.66 -35.38
N TRP DB 82 17.73 -70.80 -36.07
CA TRP DB 82 18.00 -70.20 -37.37
C TRP DB 82 17.63 -71.30 -38.30
N PRO DB 83 16.56 -71.13 -39.08
CA PRO DB 83 16.15 -72.23 -39.96
C PRO DB 83 17.07 -72.43 -41.16
N CYS DB 84 17.25 -73.69 -41.59
CA CYS DB 84 17.94 -73.97 -42.88
C CYS DB 84 17.06 -73.92 -44.16
N SER DB 85 15.73 -74.02 -43.98
CA SER DB 85 14.85 -74.27 -45.11
C SER DB 85 14.55 -72.98 -45.84
N PRO DB 86 14.33 -73.06 -47.15
CA PRO DB 86 14.08 -71.87 -47.89
C PRO DB 86 12.65 -71.39 -47.70
N ILE DB 87 12.44 -70.09 -47.90
CA ILE DB 87 11.11 -69.47 -47.82
C ILE DB 87 10.15 -69.95 -48.92
N THR DB 88 10.64 -70.82 -49.78
CA THR DB 88 9.85 -71.51 -50.77
C THR DB 88 9.26 -72.86 -50.34
N GLN DB 89 9.71 -73.39 -49.21
CA GLN DB 89 9.30 -74.72 -48.82
C GLN DB 89 7.89 -74.64 -48.27
N GLY DB 90 7.03 -75.54 -48.74
CA GLY DB 90 5.64 -75.67 -48.27
C GLY DB 90 5.50 -76.65 -47.13
N ASP DB 91 4.31 -77.22 -47.01
CA ASP DB 91 3.85 -77.96 -45.80
C ASP DB 91 4.23 -77.32 -44.45
N ARG DB 92 3.81 -76.08 -44.37
CA ARG DB 92 4.18 -75.20 -43.28
C ARG DB 92 3.39 -75.50 -42.03
N GLY DB 93 4.05 -75.46 -40.89
CA GLY DB 93 3.45 -75.94 -39.69
C GLY DB 93 3.55 -74.95 -38.58
N VAL DB 94 3.02 -75.37 -37.45
CA VAL DB 94 3.08 -74.52 -36.31
C VAL DB 94 3.22 -75.35 -35.03
N GLY DB 95 4.24 -74.98 -34.23
CA GLY DB 95 4.45 -75.57 -32.92
C GLY DB 95 4.70 -74.60 -31.76
N SER DB 96 5.36 -75.15 -30.74
CA SER DB 96 5.56 -74.43 -29.50
C SER DB 96 6.95 -74.57 -28.87
N SER DB 97 7.39 -73.51 -28.21
CA SER DB 97 8.42 -73.66 -27.18
C SER DB 97 7.92 -73.17 -25.81
N ALA DB 98 8.52 -73.78 -24.77
CA ALA DB 98 8.18 -73.56 -23.38
C ALA DB 98 9.40 -73.63 -22.46
N VAL DB 99 9.42 -72.75 -21.49
CA VAL DB 99 10.45 -72.66 -20.52
C VAL DB 99 10.06 -73.59 -19.39
N ILE DB 100 10.97 -74.48 -19.11
CA ILE DB 100 10.85 -75.54 -18.13
C ILE DB 100 11.99 -75.33 -17.12
N LEU DB 101 11.70 -74.96 -15.89
CA LEU DB 101 12.75 -74.57 -14.96
C LEU DB 101 12.98 -75.66 -13.93
N ASP DB 102 12.27 -76.79 -14.05
CA ASP DB 102 12.27 -77.82 -13.01
C ASP DB 102 12.73 -79.16 -13.55
N ASP DB 103 13.30 -79.12 -14.77
CA ASP DB 103 13.92 -80.29 -15.39
C ASP DB 103 12.89 -81.35 -15.69
N ASN DB 104 11.61 -80.98 -15.77
CA ASN DB 104 10.52 -81.90 -16.03
C ASN DB 104 9.88 -81.67 -17.39
N PHE DB 105 10.56 -82.17 -18.41
CA PHE DB 105 10.20 -81.97 -19.78
C PHE DB 105 9.21 -83.03 -20.23
N VAL DB 106 8.32 -82.73 -21.17
CA VAL DB 106 7.52 -83.70 -21.84
C VAL DB 106 8.47 -84.69 -22.55
N THR DB 107 8.14 -85.97 -22.41
CA THR DB 107 8.92 -87.07 -22.99
C THR DB 107 9.15 -86.83 -24.49
N LYS DB 108 10.39 -87.08 -24.91
CA LYS DB 108 10.79 -87.09 -26.31
C LYS DB 108 9.87 -87.96 -27.16
N ALA DB 109 9.44 -87.38 -28.27
CA ALA DB 109 8.45 -88.01 -29.13
C ALA DB 109 8.63 -87.63 -30.61
N THR DB 110 8.59 -88.69 -31.43
CA THR DB 110 8.77 -88.56 -32.84
C THR DB 110 7.50 -87.94 -33.40
N ALA DB 111 6.34 -88.34 -32.87
CA ALA DB 111 5.08 -87.83 -33.41
C ALA DB 111 3.90 -87.95 -32.46
N LEU DB 112 3.90 -87.10 -31.48
CA LEU DB 112 2.72 -86.96 -30.62
C LEU DB 112 1.58 -86.38 -31.42
N THR DB 113 0.35 -86.74 -31.10
CA THR DB 113 -0.81 -86.31 -31.92
C THR DB 113 -1.41 -84.96 -31.48
N TYR DB 114 -0.76 -84.32 -30.52
CA TYR DB 114 -1.07 -82.95 -30.17
C TYR DB 114 0.27 -82.24 -29.79
N ASP DB 115 0.24 -80.91 -29.82
CA ASP DB 115 1.32 -80.09 -29.30
C ASP DB 115 1.19 -80.05 -27.75
N PRO DB 116 2.05 -80.79 -27.07
CA PRO DB 116 1.93 -80.76 -25.61
C PRO DB 116 2.27 -79.44 -24.98
N TYR DB 117 3.01 -78.57 -25.65
CA TYR DB 117 3.42 -77.35 -24.97
C TYR DB 117 2.48 -76.15 -25.21
N VAL DB 118 1.44 -76.32 -26.00
CA VAL DB 118 0.64 -75.19 -26.49
C VAL DB 118 -0.11 -74.42 -25.39
N ASN DB 119 -0.54 -75.14 -24.33
CA ASN DB 119 -1.17 -74.47 -23.18
C ASN DB 119 -0.21 -74.02 -22.06
N TYR DB 120 1.09 -74.27 -22.17
CA TYR DB 120 2.00 -73.77 -21.12
C TYR DB 120 1.96 -72.25 -21.05
N SER DB 121 2.01 -71.73 -19.85
CA SER DB 121 1.98 -70.28 -19.61
C SER DB 121 3.10 -69.65 -20.34
N SER DB 122 4.27 -70.29 -20.29
CA SER DB 122 5.49 -69.81 -20.93
C SER DB 122 5.50 -70.13 -22.42
N ARG DB 123 4.47 -70.71 -22.96
CA ARG DB 123 4.53 -70.99 -24.41
C ARG DB 123 4.72 -69.78 -25.32
N HIS DB 124 5.46 -70.00 -26.41
CA HIS DB 124 5.60 -69.05 -27.56
C HIS DB 124 5.40 -69.87 -28.82
N THR DB 125 4.73 -69.27 -29.80
CA THR DB 125 4.43 -69.97 -31.05
C THR DB 125 5.66 -70.11 -31.90
N ILE DB 126 5.80 -71.22 -32.62
CA ILE DB 126 6.93 -71.40 -33.56
C ILE DB 126 6.27 -71.51 -34.88
N THR DB 127 6.87 -70.93 -35.88
CA THR DB 127 6.34 -70.92 -37.20
C THR DB 127 7.33 -71.70 -38.08
N GLN DB 128 6.83 -72.59 -38.92
CA GLN DB 128 7.77 -73.53 -39.59
C GLN DB 128 7.51 -73.46 -41.07
N PRO DB 129 8.50 -73.73 -41.88
CA PRO DB 129 9.85 -74.11 -41.46
C PRO DB 129 10.91 -73.07 -41.88
N PHE DB 130 10.52 -71.87 -42.32
CA PHE DB 130 11.52 -70.87 -42.72
C PHE DB 130 11.63 -69.67 -41.77
N SER DB 131 11.04 -69.72 -40.60
CA SER DB 131 11.07 -68.55 -39.72
C SER DB 131 12.09 -68.74 -38.63
N TYR DB 132 12.71 -67.62 -38.23
CA TYR DB 132 13.50 -67.55 -36.98
C TYR DB 132 12.59 -67.86 -35.77
N HIS DB 133 13.17 -68.26 -34.65
CA HIS DB 133 12.44 -68.36 -33.37
C HIS DB 133 13.50 -68.15 -32.29
N SER DB 134 13.20 -67.35 -31.26
CA SER DB 134 14.11 -67.24 -30.09
C SER DB 134 13.42 -67.16 -28.75
N ARG DB 135 14.18 -67.50 -27.72
CA ARG DB 135 13.70 -67.39 -26.34
C ARG DB 135 14.86 -66.86 -25.49
N TYR DB 136 14.47 -66.10 -24.48
CA TYR DB 136 15.42 -65.35 -23.68
C TYR DB 136 14.82 -65.39 -22.30
N PHE DB 137 15.58 -66.00 -21.38
CA PHE DB 137 15.07 -66.24 -20.08
C PHE DB 137 16.13 -66.60 -19.12
N THR DB 138 15.80 -66.47 -17.84
CA THR DB 138 16.67 -66.93 -16.78
C THR DB 138 16.51 -68.44 -16.55
N PRO DB 139 17.55 -69.21 -16.88
CA PRO DB 139 17.50 -70.64 -16.60
C PRO DB 139 17.79 -70.91 -15.12
N LYS DB 140 17.59 -72.17 -14.71
CA LYS DB 140 17.99 -72.62 -13.33
C LYS DB 140 18.83 -73.89 -13.25
N PRO DB 141 19.78 -73.89 -12.36
CA PRO DB 141 20.49 -75.15 -12.18
C PRO DB 141 19.63 -76.29 -11.64
N VAL DB 142 19.97 -77.51 -12.02
CA VAL DB 142 19.35 -78.70 -11.43
C VAL DB 142 20.12 -79.02 -10.18
N LEU DB 143 19.60 -78.63 -9.02
CA LEU DB 143 20.34 -78.77 -7.74
C LEU DB 143 20.10 -80.09 -6.99
N ASP DB 144 18.92 -80.64 -7.19
CA ASP DB 144 18.51 -81.91 -6.60
C ASP DB 144 17.39 -82.41 -7.50
N SER DB 145 17.64 -83.48 -8.25
CA SER DB 145 16.68 -83.89 -9.27
C SER DB 145 15.53 -84.76 -8.75
N THR DB 146 15.60 -85.19 -7.50
CA THR DB 146 14.43 -85.65 -6.77
C THR DB 146 13.38 -84.55 -6.36
N ILE DB 147 13.82 -83.37 -5.90
CA ILE DB 147 12.87 -82.36 -5.46
C ILE DB 147 12.50 -81.38 -6.59
N ASP DB 148 13.52 -81.06 -7.39
CA ASP DB 148 13.42 -80.17 -8.53
C ASP DB 148 12.98 -78.80 -8.05
N TYR DB 149 13.75 -78.22 -7.14
CA TYR DB 149 13.54 -76.84 -6.69
C TYR DB 149 14.40 -75.80 -7.41
N PHE DB 150 13.90 -74.58 -7.39
CA PHE DB 150 14.64 -73.45 -7.95
C PHE DB 150 14.25 -72.10 -7.40
N GLN DB 151 15.12 -71.13 -7.59
CA GLN DB 151 14.90 -69.79 -7.10
C GLN DB 151 14.01 -68.96 -8.02
N PRO DB 152 13.14 -68.15 -7.43
CA PRO DB 152 12.45 -67.10 -8.19
C PRO DB 152 13.41 -66.13 -8.86
N ASN DB 153 13.05 -65.73 -10.08
CA ASN DB 153 13.96 -65.01 -11.04
C ASN DB 153 14.38 -63.72 -10.30
N ASN DB 154 15.68 -63.51 -10.16
CA ASN DB 154 16.19 -62.42 -9.28
C ASN DB 154 17.58 -61.95 -9.66
N LYS DB 155 18.01 -60.88 -9.01
CA LYS DB 155 19.31 -60.32 -9.27
C LYS DB 155 20.26 -60.55 -8.05
N ARG DB 156 20.08 -59.74 -7.01
CA ARG DB 156 20.99 -59.71 -5.88
C ARG DB 156 21.07 -61.06 -5.07
N ASN DB 157 20.14 -62.00 -5.32
CA ASN DB 157 19.93 -63.23 -4.52
C ASN DB 157 20.17 -64.56 -5.22
N GLN DB 158 20.52 -64.55 -6.51
CA GLN DB 158 20.82 -65.76 -7.26
C GLN DB 158 22.11 -66.50 -6.78
N LEU DB 159 21.99 -67.80 -6.58
CA LEU DB 159 23.06 -68.58 -6.08
C LEU DB 159 24.30 -68.51 -6.97
N TRP DB 160 25.51 -68.46 -6.38
CA TRP DB 160 26.80 -68.64 -7.14
C TRP DB 160 27.12 -70.11 -7.18
N LEU DB 161 27.88 -70.54 -8.18
CA LEU DB 161 28.22 -71.96 -8.37
C LEU DB 161 29.67 -72.01 -8.67
N ARG DB 162 30.34 -73.01 -8.19
CA ARG DB 162 31.79 -73.13 -8.48
C ARG DB 162 32.00 -73.42 -9.96
N LEU DB 163 32.98 -72.77 -10.57
CA LEU DB 163 33.36 -73.16 -11.93
C LEU DB 163 34.23 -74.38 -11.82
N GLN DB 164 33.69 -75.50 -12.27
CA GLN DB 164 34.36 -76.79 -12.17
C GLN DB 164 35.00 -77.00 -13.52
N THR DB 165 36.09 -77.76 -13.53
CA THR DB 165 36.69 -78.10 -14.82
C THR DB 165 35.80 -79.02 -15.62
N ALA DB 166 35.21 -79.97 -14.88
CA ALA DB 166 34.74 -81.24 -15.37
C ALA DB 166 33.26 -81.36 -15.31
N GLY DB 167 32.68 -81.28 -14.13
CA GLY DB 167 31.34 -81.86 -13.97
C GLY DB 167 30.25 -80.84 -13.74
N ASN DB 168 30.24 -79.78 -14.54
CA ASN DB 168 29.39 -78.68 -14.19
C ASN DB 168 27.91 -79.13 -14.28
N VAL DB 169 27.10 -78.47 -13.45
CA VAL DB 169 25.72 -78.74 -13.31
C VAL DB 169 24.95 -78.24 -14.52
N ASP DB 170 23.98 -79.06 -14.88
CA ASP DB 170 23.00 -78.72 -15.91
C ASP DB 170 22.09 -77.58 -15.45
N HIS DB 171 21.93 -76.56 -16.31
CA HIS DB 171 20.89 -75.57 -16.14
C HIS DB 171 19.78 -75.86 -17.14
N VAL DB 172 18.63 -75.28 -16.91
CA VAL DB 172 17.44 -75.91 -17.40
C VAL DB 172 16.38 -74.88 -17.68
N GLY DB 173 15.59 -75.29 -18.67
CA GLY DB 173 15.24 -74.39 -19.73
C GLY DB 173 14.23 -74.73 -20.78
N LEU DB 174 14.51 -75.42 -21.87
CA LEU DB 174 13.50 -75.27 -23.01
C LEU DB 174 12.92 -76.57 -23.65
N GLY DB 175 11.62 -76.69 -23.68
CA GLY DB 175 10.93 -77.79 -24.29
C GLY DB 175 10.49 -77.31 -25.65
N THR DB 176 10.49 -78.21 -26.62
CA THR DB 176 10.12 -77.86 -27.99
C THR DB 176 9.07 -78.80 -28.52
N ALA DB 177 8.22 -78.27 -29.39
CA ALA DB 177 7.33 -79.09 -30.14
C ALA DB 177 7.23 -78.55 -31.60
N PHE DB 178 7.90 -79.22 -32.52
CA PHE DB 178 7.86 -78.85 -33.89
C PHE DB 178 6.78 -79.67 -34.59
N GLU DB 179 6.00 -79.05 -35.46
CA GLU DB 179 5.03 -79.79 -36.25
C GLU DB 179 5.79 -80.55 -37.33
N ASN DB 180 5.37 -81.78 -37.52
CA ASN DB 180 5.98 -82.67 -38.44
C ASN DB 180 5.51 -82.26 -39.78
N SER DB 181 6.29 -82.61 -40.79
CA SER DB 181 6.06 -82.16 -42.16
C SER DB 181 6.42 -83.26 -43.16
N ILE DB 182 5.92 -83.05 -44.37
CA ILE DB 182 6.12 -83.96 -45.51
C ILE DB 182 7.61 -83.88 -45.93
N TYR DB 183 8.27 -82.77 -45.61
CA TYR DB 183 9.71 -82.56 -45.85
C TYR DB 183 10.56 -82.50 -44.56
N ASP DB 184 11.89 -82.68 -44.75
CA ASP DB 184 12.86 -82.49 -43.67
C ASP DB 184 12.86 -81.03 -43.31
N GLN DB 185 13.05 -80.73 -42.03
CA GLN DB 185 13.11 -79.34 -41.51
C GLN DB 185 14.38 -79.23 -40.68
N GLU DB 186 15.44 -78.68 -41.27
CA GLU DB 186 16.77 -78.61 -40.61
C GLU DB 186 16.84 -77.15 -40.01
N TYR DB 187 17.47 -77.02 -38.84
CA TYR DB 187 17.72 -75.73 -38.13
C TYR DB 187 19.18 -75.66 -37.66
N ASN DB 188 19.83 -74.52 -37.75
CA ASN DB 188 21.05 -74.33 -36.98
C ASN DB 188 20.64 -73.62 -35.72
N ILE DB 189 20.89 -74.25 -34.57
CA ILE DB 189 20.46 -73.73 -33.28
C ILE DB 189 21.67 -73.11 -32.61
N ARG DB 190 21.59 -71.84 -32.24
CA ARG DB 190 22.65 -71.21 -31.48
C ARG DB 190 22.17 -70.87 -30.08
N VAL DB 191 22.88 -71.36 -29.09
CA VAL DB 191 22.55 -71.08 -27.73
C VAL DB 191 23.59 -70.10 -27.26
N THR DB 192 23.15 -69.09 -26.52
CA THR DB 192 24.04 -68.10 -25.99
C THR DB 192 23.77 -68.01 -24.48
N MET DB 193 24.81 -68.20 -23.66
CA MET DB 193 24.73 -67.98 -22.21
C MET DB 193 25.29 -66.62 -21.75
N TYR DB 194 24.50 -65.81 -21.05
CA TYR DB 194 24.91 -64.56 -20.48
C TYR DB 194 25.34 -64.81 -19.00
N VAL DB 195 26.64 -64.98 -18.79
CA VAL DB 195 27.25 -65.49 -17.54
C VAL DB 195 27.95 -64.40 -16.81
N GLN DB 196 27.74 -64.37 -15.52
CA GLN DB 196 28.45 -63.48 -14.66
C GLN DB 196 29.42 -64.36 -13.85
N PHE DB 197 30.73 -64.19 -14.10
CA PHE DB 197 31.80 -64.81 -13.32
C PHE DB 197 32.17 -63.89 -12.16
N ARG DB 198 32.63 -64.47 -11.06
CA ARG DB 198 33.13 -63.75 -9.91
C ARG DB 198 34.41 -64.43 -9.35
N GLU DB 199 35.26 -63.60 -8.72
CA GLU DB 199 36.56 -64.01 -8.12
C GLU DB 199 37.60 -64.46 -9.16
N PHE DB 200 38.31 -63.51 -9.70
CA PHE DB 200 39.47 -63.80 -10.53
C PHE DB 200 40.43 -64.73 -9.77
N ASN DB 201 40.94 -65.77 -10.41
CA ASN DB 201 41.84 -66.68 -9.71
C ASN DB 201 43.23 -67.05 -10.38
N LEU DB 202 43.64 -66.33 -11.41
CA LEU DB 202 44.71 -66.77 -12.29
C LEU DB 202 45.96 -67.19 -11.52
N LYS DB 203 46.47 -68.40 -11.79
CA LYS DB 203 47.71 -68.84 -11.18
C LYS DB 203 48.83 -68.51 -12.12
N ASP DB 204 50.00 -68.13 -11.59
CA ASP DB 204 51.17 -67.76 -12.45
C ASP DB 204 52.48 -68.48 -12.08
N PRO DB 205 52.69 -69.71 -12.56
CA PRO DB 205 53.96 -70.33 -12.17
C PRO DB 205 55.13 -69.71 -12.91
N PRO DB 206 56.35 -70.05 -12.50
CA PRO DB 206 57.52 -69.34 -13.07
C PRO DB 206 57.96 -69.64 -14.55
N SER EB 19 63.59 -18.28 -18.61
CA SER EB 19 64.67 -17.49 -17.89
C SER EB 19 65.14 -18.09 -16.55
N HIS EB 20 64.20 -18.60 -15.73
CA HIS EB 20 64.51 -19.27 -14.44
C HIS EB 20 64.31 -20.75 -14.45
N PHE EB 21 65.07 -21.42 -13.58
CA PHE EB 21 65.00 -22.86 -13.41
C PHE EB 21 65.24 -23.24 -11.93
N ASN EB 22 64.21 -23.76 -11.30
CA ASN EB 22 64.33 -24.29 -9.96
C ASN EB 22 64.62 -25.75 -9.98
N THR EB 23 65.58 -26.19 -9.17
CA THR EB 23 65.84 -27.61 -9.03
C THR EB 23 66.51 -27.96 -7.72
N ARG EB 24 66.93 -29.21 -7.68
CA ARG EB 24 67.26 -29.81 -6.46
C ARG EB 24 68.42 -30.72 -6.65
N LEU EB 25 69.45 -30.52 -5.84
CA LEU EB 25 70.69 -31.25 -5.97
C LEU EB 25 71.19 -31.93 -4.66
N SER EB 26 71.58 -33.20 -4.74
CA SER EB 26 72.01 -33.95 -3.57
C SER EB 26 73.32 -34.62 -3.68
N ARG EB 27 73.98 -34.69 -2.54
CA ARG EB 27 75.14 -35.57 -2.32
C ARG EB 27 74.99 -36.28 -0.95
N THR EB 28 75.64 -37.44 -0.85
CA THR EB 28 75.66 -38.23 0.38
C THR EB 28 77.10 -38.63 0.70
N PHE EB 29 77.44 -38.48 1.97
CA PHE EB 29 78.74 -38.81 2.51
C PHE EB 29 78.59 -39.33 3.94
N GLY EB 30 79.60 -40.08 4.41
CA GLY EB 30 79.57 -40.70 5.76
C GLY EB 30 80.17 -39.86 6.86
N TYR EB 31 79.73 -40.09 8.08
CA TYR EB 31 80.26 -39.37 9.27
C TYR EB 31 80.28 -40.35 10.45
N THR EB 32 81.42 -40.41 11.11
CA THR EB 32 81.54 -41.33 12.23
C THR EB 32 81.87 -40.53 13.46
N ILE EB 33 81.15 -40.84 14.54
CA ILE EB 33 81.57 -40.40 15.85
C ILE EB 33 82.12 -41.60 16.54
N LYS EB 34 83.38 -41.46 16.93
CA LYS EB 34 84.19 -42.57 17.40
C LYS EB 34 83.94 -42.81 18.86
N ARG EB 35 83.86 -44.08 19.26
CA ARG EB 35 83.54 -44.42 20.64
C ARG EB 35 84.53 -43.90 21.64
N THR EB 36 84.10 -43.51 22.84
CA THR EB 36 85.01 -43.13 23.89
C THR EB 36 84.75 -43.99 25.07
N THR EB 37 85.68 -43.87 26.02
CA THR EB 37 85.64 -44.50 27.35
C THR EB 37 85.62 -43.42 28.48
N VAL EB 38 85.50 -42.13 28.13
CA VAL EB 38 85.20 -41.08 29.08
C VAL EB 38 83.83 -41.40 29.66
N LYS EB 39 83.74 -41.35 30.98
CA LYS EB 39 82.54 -41.90 31.67
C LYS EB 39 81.48 -40.80 31.76
N THR EB 40 81.89 -39.58 32.13
CA THR EB 40 80.96 -38.43 32.14
C THR EB 40 80.55 -37.97 30.75
N PRO EB 41 79.34 -37.38 30.65
CA PRO EB 41 78.91 -36.90 29.35
C PRO EB 41 79.93 -35.95 28.68
N SER EB 42 80.18 -36.22 27.40
CA SER EB 42 80.96 -35.36 26.53
C SER EB 42 80.30 -35.28 25.18
N TRP EB 43 80.72 -34.26 24.41
CA TRP EB 43 80.17 -33.97 23.11
C TRP EB 43 81.23 -33.86 22.00
N ALA EB 44 80.97 -34.60 20.93
CA ALA EB 44 81.62 -34.45 19.66
C ALA EB 44 81.04 -33.23 18.98
N VAL EB 45 81.83 -32.16 18.90
CA VAL EB 45 81.41 -30.91 18.24
C VAL EB 45 82.07 -30.79 16.90
N ASP EB 46 81.29 -30.39 15.89
CA ASP EB 46 81.76 -30.23 14.50
C ASP EB 46 80.85 -29.25 13.75
N MET EB 47 80.95 -29.25 12.41
CA MET EB 47 80.39 -28.19 11.57
C MET EB 47 80.23 -28.63 10.13
N MET EB 48 79.49 -27.81 9.41
CA MET EB 48 79.06 -28.06 8.04
C MET EB 48 78.97 -26.73 7.28
N ARG EB 49 79.67 -26.69 6.14
CA ARG EB 49 79.53 -25.64 5.14
C ARG EB 49 78.90 -26.26 3.88
N PHE EB 50 78.49 -25.48 2.90
CA PHE EB 50 77.83 -26.05 1.73
C PHE EB 50 78.36 -25.37 0.48
N ASN EB 51 78.80 -26.17 -0.48
CA ASN EB 51 79.40 -25.61 -1.66
C ASN EB 51 78.83 -26.31 -2.86
N ILE EB 52 78.31 -25.52 -3.80
CA ILE EB 52 77.81 -26.04 -5.05
C ILE EB 52 78.92 -26.77 -5.85
N ASN EB 53 80.21 -26.48 -5.62
CA ASN EB 53 81.30 -27.29 -6.24
C ASN EB 53 81.04 -28.80 -6.04
N ASP EB 54 80.64 -29.16 -4.81
CA ASP EB 54 80.36 -30.56 -4.43
C ASP EB 54 79.08 -31.18 -4.99
N PHE EB 55 78.20 -30.34 -5.57
CA PHE EB 55 76.88 -30.77 -6.08
C PHE EB 55 76.68 -30.75 -7.58
N LEU EB 56 77.53 -30.00 -8.28
CA LEU EB 56 77.43 -29.71 -9.73
C LEU EB 56 78.76 -30.03 -10.41
N PRO EB 57 78.89 -31.20 -11.04
CA PRO EB 57 80.23 -31.49 -11.56
C PRO EB 57 80.57 -30.65 -12.82
N PRO EB 58 81.83 -30.71 -13.28
CA PRO EB 58 82.18 -30.02 -14.50
C PRO EB 58 81.45 -30.48 -15.75
N GLY EB 59 81.31 -29.56 -16.69
CA GLY EB 59 80.70 -29.85 -17.95
C GLY EB 59 81.79 -30.21 -18.91
N GLY EB 60 81.53 -29.99 -20.18
CA GLY EB 60 82.53 -30.14 -21.23
C GLY EB 60 82.41 -29.09 -22.32
N GLY EB 61 83.34 -29.19 -23.26
CA GLY EB 61 83.51 -28.21 -24.33
C GLY EB 61 83.31 -26.75 -23.88
N SER EB 62 82.51 -26.06 -24.68
CA SER EB 62 82.16 -24.68 -24.46
C SER EB 62 81.08 -24.50 -23.39
N ASN EB 63 80.59 -25.60 -22.79
CA ASN EB 63 79.67 -25.52 -21.64
C ASN EB 63 80.42 -26.02 -20.42
N PRO EB 64 81.05 -25.12 -19.69
CA PRO EB 64 81.98 -25.58 -18.64
C PRO EB 64 81.27 -26.14 -17.43
N ARG EB 65 80.00 -25.81 -17.26
CA ARG EB 65 79.25 -26.33 -16.15
C ARG EB 65 78.14 -27.23 -16.64
N SER EB 66 77.88 -28.31 -15.90
CA SER EB 66 76.94 -29.31 -16.32
C SER EB 66 75.48 -28.84 -16.30
N VAL EB 67 75.12 -27.76 -15.59
CA VAL EB 67 73.88 -27.07 -15.91
C VAL EB 67 74.26 -25.76 -16.55
N PRO EB 68 73.71 -25.49 -17.72
CA PRO EB 68 74.08 -24.32 -18.51
C PRO EB 68 73.31 -23.02 -18.12
N PHE EB 69 73.60 -22.56 -16.90
CA PHE EB 69 73.12 -21.28 -16.46
C PHE EB 69 74.25 -20.38 -15.97
N GLU EB 70 74.00 -19.07 -16.02
CA GLU EB 70 75.00 -18.03 -15.65
C GLU EB 70 75.01 -17.65 -14.17
N TYR EB 71 73.81 -17.47 -13.60
CA TYR EB 71 73.65 -17.04 -12.22
C TYR EB 71 72.96 -18.11 -11.44
N TYR EB 72 73.05 -18.00 -10.12
CA TYR EB 72 72.36 -18.93 -9.20
C TYR EB 72 72.18 -18.38 -7.81
N ARG EB 73 71.33 -19.02 -7.02
CA ARG EB 73 71.29 -18.77 -5.59
C ARG EB 73 70.60 -19.88 -4.87
N ILE EB 74 71.10 -20.12 -3.66
CA ILE EB 74 70.58 -21.19 -2.84
C ILE EB 74 69.33 -20.71 -2.03
N ARG EB 75 68.20 -21.34 -2.34
CA ARG EB 75 66.95 -20.99 -1.71
C ARG EB 75 66.88 -21.62 -0.33
N LYS EB 76 67.25 -22.89 -0.27
CA LYS EB 76 67.18 -23.73 0.90
C LYS EB 76 68.23 -24.86 0.87
N VAL EB 77 68.66 -25.29 2.04
CA VAL EB 77 69.41 -26.50 2.18
C VAL EB 77 68.65 -27.37 3.11
N LYS EB 78 68.59 -28.66 2.88
CA LYS EB 78 68.14 -29.65 3.86
C LYS EB 78 69.32 -30.51 4.18
N VAL EB 79 69.56 -30.76 5.44
CA VAL EB 79 70.66 -31.64 5.90
C VAL EB 79 70.00 -32.73 6.62
N GLU EB 80 70.36 -33.95 6.30
CA GLU EB 80 69.71 -35.13 6.85
C GLU EB 80 70.74 -36.06 7.42
N PHE EB 81 70.54 -36.41 8.69
CA PHE EB 81 71.36 -37.43 9.36
C PHE EB 81 70.62 -38.75 9.36
N TRP EB 82 70.92 -39.56 8.34
CA TRP EB 82 70.46 -40.90 8.22
C TRP EB 82 71.39 -41.77 9.05
N PRO EB 83 70.88 -42.26 10.16
CA PRO EB 83 71.67 -43.02 11.05
C PRO EB 83 71.91 -44.42 10.54
N CYS EB 84 73.13 -44.92 10.80
CA CYS EB 84 73.50 -46.31 10.49
C CYS EB 84 73.25 -47.27 11.63
N SER EB 85 73.33 -46.79 12.86
CA SER EB 85 73.21 -47.69 14.02
C SER EB 85 71.79 -48.33 14.02
N PRO EB 86 71.65 -49.60 14.49
CA PRO EB 86 70.34 -50.23 14.63
C PRO EB 86 69.59 -49.75 15.90
N ILE EB 87 68.27 -49.96 15.91
CA ILE EB 87 67.39 -49.55 17.01
C ILE EB 87 67.73 -50.25 18.36
N THR EB 88 68.48 -51.35 18.25
CA THR EB 88 68.89 -52.16 19.39
C THR EB 88 70.12 -51.64 20.10
N GLN EB 89 70.77 -50.63 19.58
CA GLN EB 89 71.94 -50.10 20.22
C GLN EB 89 71.55 -49.28 21.46
N GLY EB 90 72.33 -49.50 22.52
CA GLY EB 90 72.28 -48.76 23.75
C GLY EB 90 73.29 -47.63 23.80
N ASP EB 91 73.59 -47.21 25.03
CA ASP EB 91 74.26 -45.93 25.39
C ASP EB 91 73.76 -44.77 24.54
N ARG EB 92 72.45 -44.67 24.57
CA ARG EB 92 71.75 -43.62 23.89
C ARG EB 92 72.06 -42.25 24.47
N GLY EB 93 71.99 -41.23 23.60
CA GLY EB 93 72.36 -39.87 23.95
C GLY EB 93 71.64 -38.77 23.24
N VAL EB 94 72.02 -37.56 23.59
CA VAL EB 94 71.24 -36.45 23.18
C VAL EB 94 72.16 -35.25 22.95
N GLY EB 95 71.98 -34.68 21.76
CA GLY EB 95 72.80 -33.61 21.17
C GLY EB 95 72.03 -32.45 20.54
N SER EB 96 72.70 -31.66 19.70
CA SER EB 96 72.10 -30.45 19.12
C SER EB 96 72.62 -30.14 17.74
N SER EB 97 71.72 -29.63 16.91
CA SER EB 97 72.13 -28.97 15.67
C SER EB 97 71.73 -27.53 15.84
N ALA EB 98 72.48 -26.60 15.23
CA ALA EB 98 72.11 -25.18 15.26
C ALA EB 98 72.51 -24.60 13.93
N VAL EB 99 71.89 -23.49 13.61
CA VAL EB 99 72.04 -22.90 12.32
C VAL EB 99 72.97 -21.74 12.53
N ILE EB 100 73.95 -21.61 11.66
CA ILE EB 100 75.08 -20.73 11.84
C ILE EB 100 75.28 -20.04 10.53
N LEU EB 101 74.74 -18.84 10.43
CA LEU EB 101 74.62 -18.06 9.19
C LEU EB 101 75.78 -17.12 8.95
N ASP EB 102 76.71 -17.02 9.92
CA ASP EB 102 77.81 -16.06 9.84
C ASP EB 102 79.15 -16.73 9.81
N ASP EB 103 79.20 -18.04 9.62
CA ASP EB 103 80.46 -18.74 9.48
C ASP EB 103 81.36 -18.59 10.72
N ASN EB 104 80.76 -18.79 11.90
CA ASN EB 104 81.46 -18.78 13.20
C ASN EB 104 81.00 -19.91 14.11
N PHE EB 105 81.68 -21.02 13.93
CA PHE EB 105 81.22 -22.23 14.52
C PHE EB 105 82.00 -22.35 15.81
N VAL EB 106 81.42 -23.04 16.77
CA VAL EB 106 82.13 -23.47 17.97
C VAL EB 106 83.27 -24.40 17.55
N THR EB 107 84.47 -24.16 18.05
CA THR EB 107 85.66 -24.94 17.68
C THR EB 107 85.42 -26.44 17.78
N LYS EB 108 85.90 -27.15 16.74
CA LYS EB 108 85.94 -28.62 16.65
C LYS EB 108 86.44 -29.24 17.93
N ALA EB 109 85.66 -30.18 18.46
CA ALA EB 109 86.11 -30.93 19.64
C ALA EB 109 85.59 -32.36 19.75
N THR EB 110 86.51 -33.24 20.16
CA THR EB 110 86.21 -34.66 20.35
C THR EB 110 85.33 -34.97 21.56
N ALA EB 111 85.56 -34.24 22.66
CA ALA EB 111 84.85 -34.51 23.90
C ALA EB 111 84.72 -33.34 24.84
N LEU EB 112 84.14 -32.25 24.38
CA LEU EB 112 83.71 -31.11 25.23
C LEU EB 112 82.76 -31.56 26.33
N THR EB 113 82.76 -30.88 27.46
CA THR EB 113 82.11 -31.42 28.71
C THR EB 113 80.68 -30.94 28.87
N TYR EB 114 80.23 -30.18 27.89
CA TYR EB 114 78.85 -29.69 27.80
C TYR EB 114 78.51 -29.63 26.29
N ASP EB 115 77.21 -29.56 25.99
CA ASP EB 115 76.72 -29.30 24.64
C ASP EB 115 76.78 -27.79 24.34
N PRO EB 116 77.75 -27.34 23.52
CA PRO EB 116 77.87 -25.91 23.30
C PRO EB 116 76.70 -25.27 22.48
N TYR EB 117 75.81 -26.07 21.94
CA TYR EB 117 74.78 -25.54 21.07
C TYR EB 117 73.34 -25.61 21.62
N VAL EB 118 73.18 -26.21 22.79
CA VAL EB 118 71.83 -26.47 23.35
C VAL EB 118 71.05 -25.17 23.57
N ASN EB 119 71.74 -24.10 23.96
CA ASN EB 119 71.05 -22.84 24.25
C ASN EB 119 70.86 -21.97 23.02
N TYR EB 120 71.41 -22.39 21.89
CA TYR EB 120 71.26 -21.60 20.67
C TYR EB 120 69.74 -21.47 20.28
N SER EB 121 69.32 -20.24 19.99
CA SER EB 121 67.97 -19.99 19.51
C SER EB 121 67.60 -20.96 18.43
N SER EB 122 68.49 -21.30 17.49
CA SER EB 122 68.10 -22.17 16.34
C SER EB 122 68.25 -23.65 16.64
N ARG EB 123 68.44 -24.02 17.89
CA ARG EB 123 68.78 -25.40 18.24
C ARG EB 123 67.63 -26.37 17.95
N HIS EB 124 67.93 -27.56 17.50
CA HIS EB 124 66.95 -28.61 17.47
C HIS EB 124 67.66 -29.78 18.09
N THR EB 125 66.96 -30.61 18.80
CA THR EB 125 67.55 -31.71 19.56
C THR EB 125 67.92 -32.84 18.65
N ILE EB 126 69.07 -33.45 18.86
CA ILE EB 126 69.39 -34.67 18.13
C ILE EB 126 69.25 -35.85 19.07
N THR EB 127 68.54 -36.89 18.64
CA THR EB 127 68.33 -38.10 19.40
C THR EB 127 69.30 -39.12 18.84
N GLN EB 128 70.00 -39.82 19.71
CA GLN EB 128 71.14 -40.67 19.29
C GLN EB 128 70.99 -42.11 19.82
N PRO EB 129 71.43 -43.13 19.07
CA PRO EB 129 72.09 -43.05 17.76
C PRO EB 129 71.27 -43.58 16.52
N PHE EB 130 70.01 -43.88 16.70
CA PHE EB 130 69.30 -44.59 15.63
C PHE EB 130 68.19 -43.74 15.06
N SER EB 131 68.30 -42.43 15.18
CA SER EB 131 67.17 -41.59 14.78
C SER EB 131 67.52 -40.74 13.61
N TYR EB 132 66.51 -40.48 12.81
CA TYR EB 132 66.66 -39.47 11.79
C TYR EB 132 66.80 -38.07 12.50
N HIS EB 133 67.59 -37.19 11.91
CA HIS EB 133 67.60 -35.79 12.32
C HIS EB 133 67.68 -35.00 11.06
N SER EB 134 66.88 -33.96 10.88
CA SER EB 134 67.11 -33.11 9.73
C SER EB 134 66.90 -31.69 10.03
N ARG EB 135 67.48 -30.84 9.20
CA ARG EB 135 67.26 -29.42 9.28
C ARG EB 135 66.99 -28.94 7.88
N TYR EB 136 66.36 -27.78 7.80
CA TYR EB 136 65.93 -27.21 6.57
C TYR EB 136 65.83 -25.70 6.75
N PHE EB 137 66.64 -24.94 6.06
CA PHE EB 137 66.74 -23.52 6.32
C PHE EB 137 67.39 -22.84 5.12
N THR EB 138 67.45 -21.50 5.18
CA THR EB 138 68.07 -20.73 4.10
C THR EB 138 69.50 -20.41 4.41
N PRO EB 139 70.44 -21.07 3.77
CA PRO EB 139 71.84 -20.79 4.18
C PRO EB 139 72.31 -19.48 3.59
N LYS EB 140 73.54 -19.13 3.90
CA LYS EB 140 74.07 -17.82 3.48
C LYS EB 140 75.46 -17.93 2.86
N PRO EB 141 75.72 -17.20 1.74
CA PRO EB 141 77.07 -17.16 1.23
C PRO EB 141 78.03 -16.50 2.13
N VAL EB 142 79.28 -16.94 2.11
CA VAL EB 142 80.37 -16.27 2.82
C VAL EB 142 80.96 -15.23 1.86
N LEU EB 143 80.54 -14.01 2.09
CA LEU EB 143 80.87 -12.93 1.19
C LEU EB 143 82.17 -12.16 1.57
N ASP EB 144 82.41 -11.96 2.87
CA ASP EB 144 83.57 -11.23 3.41
C ASP EB 144 83.77 -11.91 4.77
N SER EB 145 84.78 -12.77 4.91
CA SER EB 145 84.97 -13.46 6.22
C SER EB 145 85.50 -12.55 7.32
N THR EB 146 85.87 -11.32 7.01
CA THR EB 146 86.26 -10.37 8.04
C THR EB 146 85.04 -9.80 8.73
N ILE EB 147 83.99 -9.58 7.95
CA ILE EB 147 82.82 -8.92 8.49
C ILE EB 147 81.73 -9.93 8.81
N ASP EB 148 81.65 -10.99 8.02
CA ASP EB 148 80.68 -12.03 8.20
C ASP EB 148 79.25 -11.45 8.15
N TYR EB 149 78.91 -10.74 7.08
CA TYR EB 149 77.57 -10.24 6.94
C TYR EB 149 76.67 -11.11 6.05
N PHE EB 150 75.37 -11.12 6.32
CA PHE EB 150 74.41 -11.86 5.50
C PHE EB 150 73.09 -11.19 5.42
N GLN EB 151 72.37 -11.46 4.36
CA GLN EB 151 71.02 -10.94 4.19
C GLN EB 151 70.00 -11.59 5.09
N PRO EB 152 69.03 -10.80 5.56
CA PRO EB 152 67.80 -11.36 6.15
C PRO EB 152 67.10 -12.37 5.25
N ASN EB 153 66.63 -13.46 5.86
CA ASN EB 153 65.99 -14.57 5.13
C ASN EB 153 64.78 -13.89 4.34
N ASN EB 154 64.77 -14.12 3.02
CA ASN EB 154 63.86 -13.44 2.06
C ASN EB 154 63.73 -14.27 0.74
N LYS EB 155 62.76 -13.88 -0.08
CA LYS EB 155 62.69 -14.35 -1.48
C LYS EB 155 63.18 -13.31 -2.59
N ARG EB 156 62.40 -12.26 -2.86
CA ARG EB 156 62.57 -11.38 -4.06
C ARG EB 156 63.99 -10.81 -4.18
N ASN EB 157 64.51 -10.36 -3.03
CA ASN EB 157 65.75 -9.55 -2.77
C ASN EB 157 67.07 -10.30 -2.52
N GLN EB 158 67.06 -11.63 -2.52
CA GLN EB 158 68.25 -12.43 -2.22
C GLN EB 158 69.28 -12.35 -3.35
N LEU EB 159 70.53 -12.06 -3.01
CA LEU EB 159 71.59 -11.85 -3.98
C LEU EB 159 71.74 -12.99 -5.03
N TRP EB 160 72.00 -12.63 -6.30
CA TRP EB 160 72.44 -13.64 -7.30
C TRP EB 160 73.98 -13.81 -7.27
N LEU EB 161 74.47 -15.02 -7.47
CA LEU EB 161 75.88 -15.32 -7.52
C LEU EB 161 76.20 -15.86 -8.91
N ARG EB 162 77.29 -15.46 -9.51
CA ARG EB 162 77.84 -16.22 -10.64
C ARG EB 162 78.02 -17.73 -10.38
N LEU EB 163 77.63 -18.55 -11.34
CA LEU EB 163 77.78 -20.02 -11.21
C LEU EB 163 79.15 -20.34 -11.66
N GLN EB 164 80.04 -20.64 -10.76
CA GLN EB 164 81.43 -20.92 -11.17
C GLN EB 164 81.54 -22.43 -11.40
N THR EB 165 82.52 -22.78 -12.22
CA THR EB 165 82.75 -24.20 -12.50
C THR EB 165 83.20 -24.99 -11.25
N ALA EB 166 84.27 -24.58 -10.60
CA ALA EB 166 84.77 -25.32 -9.41
C ALA EB 166 85.34 -24.41 -8.28
N GLY EB 167 85.14 -23.10 -8.40
CA GLY EB 167 85.66 -22.18 -7.36
C GLY EB 167 84.55 -21.30 -6.83
N ASN EB 168 83.42 -21.93 -6.54
CA ASN EB 168 82.27 -21.29 -5.95
C ASN EB 168 82.51 -21.06 -4.43
N VAL EB 169 81.77 -20.10 -3.94
CA VAL EB 169 81.91 -19.58 -2.62
C VAL EB 169 81.19 -20.51 -1.61
N ASP EB 170 81.73 -20.65 -0.41
CA ASP EB 170 81.05 -21.47 0.62
C ASP EB 170 79.72 -20.80 1.04
N HIS EB 171 78.69 -21.61 1.26
CA HIS EB 171 77.49 -21.17 1.92
C HIS EB 171 77.43 -21.75 3.31
N VAL EB 172 76.72 -21.07 4.17
CA VAL EB 172 76.91 -21.34 5.53
C VAL EB 172 75.67 -21.56 6.31
N GLY EB 173 75.91 -22.26 7.43
CA GLY EB 173 75.15 -23.43 7.75
C GLY EB 173 75.09 -24.02 9.10
N LEU EB 174 75.76 -25.14 9.37
CA LEU EB 174 75.32 -26.03 10.48
C LEU EB 174 76.35 -26.43 11.54
N GLY EB 175 76.02 -26.13 12.79
CA GLY EB 175 76.80 -26.63 13.92
C GLY EB 175 76.17 -27.86 14.53
N THR EB 176 76.98 -28.85 14.85
CA THR EB 176 76.53 -30.10 15.41
C THR EB 176 77.25 -30.38 16.67
N ALA EB 177 76.50 -30.84 17.64
CA ALA EB 177 77.08 -31.45 18.82
C ALA EB 177 76.40 -32.81 19.08
N PHE EB 178 77.10 -33.91 18.82
CA PHE EB 178 76.61 -35.27 19.11
C PHE EB 178 77.21 -35.80 20.39
N GLU EB 179 76.39 -36.31 21.31
CA GLU EB 179 76.91 -36.86 22.59
C GLU EB 179 77.71 -38.11 22.27
N ASN EB 180 78.85 -38.25 22.98
CA ASN EB 180 79.79 -39.37 22.73
C ASN EB 180 79.18 -40.50 23.44
N SER EB 181 79.57 -41.69 22.99
CA SER EB 181 78.98 -42.96 23.43
C SER EB 181 80.06 -44.03 23.57
N ILE EB 182 79.75 -45.10 24.33
CA ILE EB 182 80.65 -46.29 24.54
C ILE EB 182 80.80 -47.13 23.23
N TYR EB 183 79.78 -47.05 22.35
CA TYR EB 183 79.78 -47.50 20.94
C TYR EB 183 80.02 -46.37 19.89
N ASP EB 184 80.52 -46.81 18.72
CA ASP EB 184 80.65 -45.96 17.54
C ASP EB 184 79.27 -45.57 17.02
N GLN EB 185 79.13 -44.33 16.57
CA GLN EB 185 77.84 -43.90 16.02
C GLN EB 185 78.11 -43.47 14.63
N GLU EB 186 77.64 -44.25 13.66
CA GLU EB 186 77.92 -44.00 12.23
C GLU EB 186 76.67 -43.38 11.61
N TYR EB 187 76.90 -42.56 10.61
CA TYR EB 187 75.79 -41.87 9.88
C TYR EB 187 75.99 -41.78 8.33
N ASN EB 188 74.91 -41.88 7.53
CA ASN EB 188 74.93 -41.39 6.16
C ASN EB 188 74.32 -40.04 6.17
N ILE EB 189 75.10 -39.02 5.82
CA ILE EB 189 74.63 -37.64 5.77
C ILE EB 189 74.32 -37.28 4.32
N ARG EB 190 73.12 -36.77 4.10
CA ARG EB 190 72.70 -36.37 2.76
C ARG EB 190 72.28 -34.92 2.78
N VAL EB 191 72.94 -34.11 1.94
CA VAL EB 191 72.70 -32.68 1.89
C VAL EB 191 71.94 -32.35 0.61
N THR EB 192 70.95 -31.49 0.69
CA THR EB 192 70.23 -31.11 -0.48
C THR EB 192 70.16 -29.63 -0.64
N MET EB 193 70.57 -29.14 -1.80
CA MET EB 193 70.39 -27.78 -2.18
C MET EB 193 69.23 -27.60 -3.16
N TYR EB 194 68.26 -26.79 -2.70
CA TYR EB 194 67.20 -26.29 -3.53
C TYR EB 194 67.77 -25.02 -4.18
N VAL EB 195 68.12 -25.14 -5.47
CA VAL EB 195 68.85 -24.08 -6.15
C VAL EB 195 67.99 -23.40 -7.17
N GLN EB 196 68.19 -22.10 -7.30
CA GLN EB 196 67.45 -21.37 -8.26
C GLN EB 196 68.45 -20.79 -9.23
N PHE EB 197 68.34 -21.21 -10.49
CA PHE EB 197 69.29 -20.81 -11.53
C PHE EB 197 68.57 -19.81 -12.45
N ARG EB 198 69.32 -18.81 -12.95
CA ARG EB 198 68.87 -17.82 -13.91
C ARG EB 198 69.85 -17.64 -15.11
N GLU EB 199 69.26 -17.22 -16.23
CA GLU EB 199 69.99 -16.92 -17.47
C GLU EB 199 70.63 -18.18 -18.05
N PHE EB 200 69.81 -18.86 -18.86
CA PHE EB 200 70.25 -19.91 -19.78
C PHE EB 200 71.39 -19.36 -20.64
N ASN EB 201 72.55 -20.05 -20.65
CA ASN EB 201 73.75 -19.60 -21.44
C ASN EB 201 74.27 -20.67 -22.46
N LEU EB 202 73.48 -21.64 -22.84
CA LEU EB 202 74.04 -22.79 -23.55
C LEU EB 202 74.69 -22.37 -24.89
N LYS EB 203 75.88 -22.91 -25.11
CA LYS EB 203 76.77 -22.54 -26.19
C LYS EB 203 76.79 -23.72 -27.08
N ASP EB 204 76.71 -23.46 -28.37
CA ASP EB 204 76.50 -24.50 -29.35
C ASP EB 204 77.44 -24.34 -30.58
N PRO EB 205 78.66 -24.85 -30.44
CA PRO EB 205 79.62 -24.86 -31.53
C PRO EB 205 79.36 -25.96 -32.53
N PRO EB 206 79.77 -25.81 -33.81
CA PRO EB 206 79.36 -26.75 -34.88
C PRO EB 206 80.05 -28.11 -34.88
N SER FB 19 61.50 -30.89 -12.66
CA SER FB 19 60.83 -31.92 -13.54
C SER FB 19 60.63 -31.52 -15.03
N HIS FB 20 60.27 -30.28 -15.30
CA HIS FB 20 59.60 -29.91 -16.53
C HIS FB 20 60.34 -28.66 -17.02
N PHE FB 21 60.89 -28.58 -18.22
CA PHE FB 21 61.81 -27.42 -18.54
C PHE FB 21 61.77 -27.00 -19.98
N ASN FB 22 61.29 -25.78 -20.23
CA ASN FB 22 61.15 -25.25 -21.58
C ASN FB 22 62.22 -24.31 -21.96
N THR FB 23 62.76 -24.46 -23.17
CA THR FB 23 63.73 -23.52 -23.60
C THR FB 23 63.80 -23.41 -25.08
N ARG FB 24 64.85 -22.74 -25.54
CA ARG FB 24 65.00 -22.31 -26.89
C ARG FB 24 66.48 -22.41 -27.27
N LEU FB 25 66.74 -23.14 -28.36
CA LEU FB 25 68.07 -23.44 -28.92
C LEU FB 25 68.20 -22.96 -30.36
N SER FB 26 69.23 -22.18 -30.66
CA SER FB 26 69.47 -21.70 -32.03
C SER FB 26 70.82 -22.14 -32.68
N ARG FB 27 70.78 -22.30 -34.01
CA ARG FB 27 71.99 -22.28 -34.87
C ARG FB 27 71.74 -21.43 -36.09
N THR FB 28 72.83 -20.88 -36.60
CA THR FB 28 72.81 -20.18 -37.87
C THR FB 28 73.83 -20.74 -38.84
N PHE FB 29 73.39 -20.96 -40.10
CA PHE FB 29 74.26 -21.45 -41.19
C PHE FB 29 73.98 -20.74 -42.54
N GLY FB 30 74.86 -21.04 -43.52
CA GLY FB 30 74.84 -20.40 -44.80
C GLY FB 30 74.16 -21.21 -45.85
N TYR FB 31 73.51 -20.49 -46.76
CA TYR FB 31 72.91 -20.98 -47.95
C TYR FB 31 73.11 -19.95 -49.11
N THR FB 32 73.71 -20.42 -50.20
CA THR FB 32 73.80 -19.67 -51.45
C THR FB 32 73.04 -20.33 -52.57
N ILE FB 33 72.29 -19.55 -53.33
CA ILE FB 33 71.80 -19.99 -54.63
C ILE FB 33 72.72 -19.41 -55.66
N LYS FB 34 73.44 -20.27 -56.37
CA LYS FB 34 74.39 -19.81 -57.36
C LYS FB 34 73.69 -19.19 -58.57
N ARG FB 35 74.26 -18.14 -59.14
CA ARG FB 35 73.62 -17.43 -60.26
C ARG FB 35 73.51 -18.38 -61.44
N THR FB 36 72.57 -18.18 -62.36
CA THR FB 36 72.48 -19.02 -63.57
C THR FB 36 72.37 -18.12 -64.67
N THR FB 37 72.58 -18.62 -65.87
CA THR FB 37 72.32 -17.83 -67.07
C THR FB 37 71.00 -18.18 -67.79
N VAL FB 38 70.42 -19.37 -67.48
CA VAL FB 38 69.12 -19.85 -67.98
C VAL FB 38 68.15 -18.70 -68.17
N LYS FB 39 67.58 -18.55 -69.36
CA LYS FB 39 66.85 -17.29 -69.70
C LYS FB 39 65.43 -17.25 -69.07
N THR FB 40 64.72 -18.37 -69.21
CA THR FB 40 63.37 -18.49 -68.62
C THR FB 40 63.40 -18.64 -67.09
N PRO FB 41 62.23 -18.45 -66.42
CA PRO FB 41 62.18 -18.62 -64.96
C PRO FB 41 62.45 -20.07 -64.53
N SER FB 42 63.40 -20.26 -63.60
CA SER FB 42 63.79 -21.57 -63.06
C SER FB 42 63.82 -21.57 -61.49
N TRP FB 43 63.87 -22.74 -60.86
CA TRP FB 43 63.90 -22.75 -59.39
C TRP FB 43 64.91 -23.71 -58.74
N ALA FB 44 65.64 -23.21 -57.75
CA ALA FB 44 66.50 -24.02 -56.85
C ALA FB 44 65.64 -24.63 -55.72
N VAL FB 45 65.53 -25.97 -55.75
CA VAL FB 45 64.57 -26.74 -55.00
C VAL FB 45 65.43 -27.52 -54.07
N ASP FB 46 65.32 -27.23 -52.77
CA ASP FB 46 66.07 -27.92 -51.71
C ASP FB 46 65.12 -28.30 -50.59
N MET FB 47 65.68 -28.72 -49.46
CA MET FB 47 64.91 -29.18 -48.29
C MET FB 47 65.72 -28.92 -47.02
N MET FB 48 65.05 -29.10 -45.88
CA MET FB 48 65.58 -28.88 -44.55
C MET FB 48 65.04 -29.87 -43.52
N ARG FB 49 65.95 -30.47 -42.74
CA ARG FB 49 65.63 -31.31 -41.62
C ARG FB 49 66.15 -30.68 -40.32
N PHE FB 50 65.66 -31.14 -39.16
CA PHE FB 50 66.09 -30.59 -37.91
C PHE FB 50 66.46 -31.71 -36.97
N ASN FB 51 67.68 -31.65 -36.42
CA ASN FB 51 68.17 -32.68 -35.53
C ASN FB 51 68.84 -31.95 -34.37
N ILE FB 52 68.40 -32.27 -33.18
CA ILE FB 52 68.90 -31.66 -31.97
C ILE FB 52 70.39 -31.92 -31.76
N ASN FB 53 70.95 -32.93 -32.42
CA ASN FB 53 72.43 -33.00 -32.53
C ASN FB 53 73.07 -31.67 -32.85
N ASP FB 54 72.55 -30.95 -33.82
CA ASP FB 54 73.14 -29.64 -34.21
C ASP FB 54 72.86 -28.47 -33.24
N PHE FB 55 72.04 -28.69 -32.21
CA PHE FB 55 71.72 -27.61 -31.25
C PHE FB 55 72.31 -27.79 -29.86
N LEU FB 56 72.76 -29.00 -29.55
CA LEU FB 56 73.03 -29.42 -28.18
C LEU FB 56 74.32 -30.19 -28.25
N PRO FB 57 75.41 -29.57 -27.86
CA PRO FB 57 76.64 -30.34 -28.02
C PRO FB 57 76.73 -31.32 -26.89
N PRO FB 58 77.66 -32.23 -26.98
CA PRO FB 58 77.81 -33.19 -25.90
C PRO FB 58 78.26 -32.54 -24.60
N GLY FB 59 78.12 -33.23 -23.47
CA GLY FB 59 78.55 -32.75 -22.16
C GLY FB 59 79.88 -33.41 -21.82
N GLY FB 60 80.11 -33.66 -20.54
CA GLY FB 60 81.25 -34.41 -20.10
C GLY FB 60 81.04 -35.23 -18.84
N GLY FB 61 82.05 -36.05 -18.57
CA GLY FB 61 82.07 -36.95 -17.43
C GLY FB 61 80.85 -37.82 -17.44
N SER FB 62 80.15 -37.84 -16.33
CA SER FB 62 79.01 -38.71 -16.18
C SER FB 62 77.67 -38.09 -16.59
N ASN FB 63 77.70 -36.84 -17.12
CA ASN FB 63 76.56 -36.10 -17.72
C ASN FB 63 76.80 -35.91 -19.18
N PRO FB 64 76.36 -36.89 -20.01
CA PRO FB 64 76.84 -36.94 -21.39
C PRO FB 64 76.32 -35.83 -22.29
N ARG FB 65 75.19 -35.20 -21.93
CA ARG FB 65 74.61 -34.16 -22.78
C ARG FB 65 74.62 -32.87 -21.97
N SER FB 66 74.76 -31.78 -22.70
CA SER FB 66 75.04 -30.52 -22.09
C SER FB 66 73.82 -29.95 -21.39
N VAL FB 67 72.59 -30.41 -21.71
CA VAL FB 67 71.46 -30.17 -20.82
C VAL FB 67 71.11 -31.49 -20.15
N PRO FB 68 70.99 -31.48 -18.81
CA PRO FB 68 70.87 -32.75 -18.10
C PRO FB 68 69.41 -33.22 -17.88
N PHE FB 69 68.75 -33.59 -18.98
CA PHE FB 69 67.42 -34.23 -18.90
C PHE FB 69 67.37 -35.53 -19.71
N GLU FB 70 66.45 -36.40 -19.34
CA GLU FB 70 66.32 -37.67 -19.98
C GLU FB 70 65.48 -37.63 -21.25
N TYR FB 71 64.45 -36.79 -21.28
CA TYR FB 71 63.49 -36.82 -22.35
C TYR FB 71 63.28 -35.43 -22.91
N TYR FB 72 62.92 -35.39 -24.21
CA TYR FB 72 62.58 -34.13 -24.88
C TYR FB 72 61.52 -34.30 -25.92
N ARG FB 73 60.99 -33.14 -26.32
CA ARG FB 73 60.21 -33.05 -27.51
C ARG FB 73 60.24 -31.64 -28.03
N ILE FB 74 60.14 -31.51 -29.33
CA ILE FB 74 60.28 -30.24 -29.98
C ILE FB 74 58.90 -29.70 -30.19
N ARG FB 75 58.53 -28.75 -29.34
CA ARG FB 75 57.27 -27.99 -29.48
C ARG FB 75 57.03 -27.29 -30.81
N LYS FB 76 58.06 -26.70 -31.36
CA LYS FB 76 57.95 -25.71 -32.41
C LYS FB 76 59.29 -25.50 -33.03
N VAL FB 77 59.31 -25.17 -34.32
CA VAL FB 77 60.57 -24.82 -35.04
C VAL FB 77 60.28 -23.49 -35.68
N LYS FB 78 61.24 -22.59 -35.61
CA LYS FB 78 61.22 -21.38 -36.39
C LYS FB 78 62.39 -21.44 -37.34
N VAL FB 79 62.14 -21.22 -38.63
CA VAL FB 79 63.21 -21.14 -39.63
C VAL FB 79 63.19 -19.70 -40.15
N GLU FB 80 64.29 -18.98 -39.96
CA GLU FB 80 64.38 -17.61 -40.49
C GLU FB 80 65.39 -17.54 -41.61
N PHE FB 81 65.01 -17.01 -42.75
CA PHE FB 81 65.97 -16.77 -43.80
C PHE FB 81 66.34 -15.27 -43.76
N TRP FB 82 67.56 -14.98 -43.29
CA TRP FB 82 68.03 -13.62 -43.26
C TRP FB 82 68.88 -13.30 -44.53
N PRO FB 83 68.30 -12.49 -45.46
CA PRO FB 83 68.94 -12.19 -46.72
C PRO FB 83 70.27 -11.48 -46.57
N CYS FB 84 71.30 -12.02 -47.21
CA CYS FB 84 72.54 -11.31 -47.30
C CYS FB 84 72.51 -10.21 -48.32
N SER FB 85 71.86 -10.44 -49.47
CA SER FB 85 71.89 -9.49 -50.62
C SER FB 85 71.29 -8.16 -50.21
N PRO FB 86 71.84 -7.07 -50.73
CA PRO FB 86 71.34 -5.73 -50.38
C PRO FB 86 70.01 -5.35 -51.09
N ILE FB 87 69.37 -4.26 -50.65
CA ILE FB 87 68.10 -3.76 -51.28
C ILE FB 87 68.28 -3.23 -52.75
N THR FB 88 69.53 -2.96 -53.13
CA THR FB 88 69.89 -2.54 -54.49
C THR FB 88 70.06 -3.70 -55.49
N GLN FB 89 69.90 -4.96 -55.04
CA GLN FB 89 70.02 -6.11 -55.94
C GLN FB 89 68.74 -6.20 -56.76
N GLY FB 90 68.93 -6.39 -58.04
CA GLY FB 90 67.83 -6.55 -58.97
C GLY FB 90 67.69 -8.02 -59.27
N ASP FB 91 67.17 -8.24 -60.45
CA ASP FB 91 66.71 -9.52 -60.87
C ASP FB 91 66.01 -10.25 -59.75
N ARG FB 92 65.05 -9.55 -59.17
CA ARG FB 92 64.22 -10.07 -58.07
C ARG FB 92 63.27 -11.14 -58.56
N GLY FB 93 62.86 -11.98 -57.62
CA GLY FB 93 62.11 -13.16 -57.93
C GLY FB 93 61.22 -13.61 -56.81
N VAL FB 94 60.56 -14.71 -57.08
CA VAL FB 94 59.52 -15.12 -56.20
C VAL FB 94 59.50 -16.66 -56.06
N GLY FB 95 59.38 -17.15 -54.81
CA GLY FB 95 59.60 -18.56 -54.48
C GLY FB 95 58.66 -19.05 -53.44
N SER FB 96 58.85 -20.28 -53.00
CA SER FB 96 57.87 -20.91 -52.11
C SER FB 96 58.56 -21.69 -51.02
N SER FB 97 58.00 -21.62 -49.81
CA SER FB 97 58.36 -22.54 -48.74
C SER FB 97 57.12 -23.35 -48.34
N ALA FB 98 57.30 -24.66 -48.09
CA ALA FB 98 56.21 -25.48 -47.54
C ALA FB 98 56.66 -26.37 -46.39
N VAL FB 99 55.73 -26.65 -45.54
CA VAL FB 99 55.95 -27.50 -44.39
C VAL FB 99 55.72 -28.94 -44.85
N ILE FB 100 56.73 -29.78 -44.66
CA ILE FB 100 56.71 -31.21 -45.05
C ILE FB 100 56.86 -32.14 -43.86
N LEU FB 101 55.77 -32.63 -43.28
CA LEU FB 101 55.82 -33.32 -42.02
C LEU FB 101 56.02 -34.85 -42.17
N ASP FB 102 56.01 -35.34 -43.43
CA ASP FB 102 56.20 -36.77 -43.69
C ASP FB 102 57.55 -37.11 -44.33
N ASP FB 103 58.51 -36.17 -44.33
CA ASP FB 103 59.88 -36.48 -44.80
C ASP FB 103 59.99 -36.97 -46.25
N ASN FB 104 59.15 -36.42 -47.09
CA ASN FB 104 59.08 -36.70 -48.51
C ASN FB 104 59.03 -35.38 -49.25
N PHE FB 105 60.21 -34.98 -49.69
CA PHE FB 105 60.41 -33.68 -50.21
C PHE FB 105 60.47 -33.79 -51.72
N VAL FB 106 60.18 -32.70 -52.38
CA VAL FB 106 60.46 -32.65 -53.77
C VAL FB 106 61.98 -32.85 -53.93
N THR FB 107 62.33 -33.67 -54.92
CA THR FB 107 63.70 -33.89 -55.29
C THR FB 107 64.50 -32.62 -55.54
N LYS FB 108 65.73 -32.67 -55.04
CA LYS FB 108 66.62 -31.51 -55.09
C LYS FB 108 66.95 -31.22 -56.53
N ALA FB 109 66.91 -29.94 -56.90
CA ALA FB 109 67.12 -29.49 -58.32
C ALA FB 109 67.79 -28.13 -58.42
N THR FB 110 68.71 -28.00 -59.39
CA THR FB 110 69.34 -26.68 -59.60
C THR FB 110 68.44 -25.63 -60.25
N ALA FB 111 67.73 -26.08 -61.30
CA ALA FB 111 66.87 -25.19 -62.14
C ALA FB 111 65.63 -25.87 -62.72
N LEU FB 112 64.75 -26.34 -61.83
CA LEU FB 112 63.38 -26.78 -62.17
C LEU FB 112 62.67 -25.72 -62.94
N THR FB 113 61.76 -26.07 -63.83
CA THR FB 113 61.16 -25.04 -64.75
C THR FB 113 59.85 -24.48 -64.24
N TYR FB 114 59.48 -24.86 -63.02
CA TYR FB 114 58.33 -24.35 -62.28
C TYR FB 114 58.65 -24.47 -60.77
N ASP FB 115 57.81 -23.81 -59.97
CA ASP FB 115 57.87 -23.88 -58.51
C ASP FB 115 57.04 -25.04 -58.03
N PRO FB 116 57.72 -26.09 -57.57
CA PRO FB 116 56.99 -27.30 -57.23
C PRO FB 116 56.16 -27.15 -55.95
N TYR FB 117 56.49 -26.15 -55.15
CA TYR FB 117 55.79 -25.96 -53.88
C TYR FB 117 54.68 -24.88 -53.95
N VAL FB 118 54.50 -24.24 -55.08
CA VAL FB 118 53.58 -23.08 -55.11
C VAL FB 118 52.11 -23.47 -54.72
N ASN FB 119 51.65 -24.66 -55.08
CA ASN FB 119 50.32 -25.09 -54.74
C ASN FB 119 50.23 -25.90 -53.43
N TYR FB 120 51.29 -26.05 -52.67
CA TYR FB 120 51.15 -26.74 -51.40
C TYR FB 120 50.21 -25.96 -50.46
N SER FB 121 49.44 -26.69 -49.67
CA SER FB 121 48.49 -26.03 -48.80
C SER FB 121 49.25 -25.17 -47.76
N SER FB 122 50.37 -25.72 -47.26
CA SER FB 122 51.27 -25.02 -46.35
C SER FB 122 52.17 -24.00 -47.02
N ARG FB 123 52.03 -23.75 -48.32
CA ARG FB 123 52.92 -22.77 -48.94
C ARG FB 123 52.82 -21.36 -48.42
N HIS FB 124 53.96 -20.75 -48.15
CA HIS FB 124 54.05 -19.30 -47.94
C HIS FB 124 54.99 -18.79 -49.01
N THR FB 125 54.74 -17.56 -49.49
CA THR FB 125 55.55 -16.99 -50.59
C THR FB 125 56.88 -16.39 -50.14
N ILE FB 126 58.00 -16.70 -50.78
CA ILE FB 126 59.29 -16.03 -50.55
C ILE FB 126 59.47 -14.85 -51.53
N THR FB 127 59.76 -13.65 -51.04
CA THR FB 127 60.27 -12.54 -51.88
C THR FB 127 61.86 -12.51 -51.87
N GLN FB 128 62.44 -12.26 -53.05
CA GLN FB 128 63.84 -12.48 -53.23
C GLN FB 128 64.45 -11.27 -53.90
N PRO FB 129 65.72 -10.94 -53.64
CA PRO FB 129 66.65 -11.67 -52.82
C PRO FB 129 67.02 -10.99 -51.50
N PHE FB 130 66.31 -9.89 -51.15
CA PHE FB 130 66.65 -9.02 -50.03
C PHE FB 130 65.64 -8.91 -48.90
N SER FB 131 64.84 -9.96 -48.74
CA SER FB 131 63.69 -9.94 -47.85
C SER FB 131 63.84 -11.07 -46.91
N TYR FB 132 63.48 -10.78 -45.67
CA TYR FB 132 63.33 -11.79 -44.59
C TYR FB 132 62.25 -12.78 -45.00
N HIS FB 133 62.33 -14.01 -44.56
CA HIS FB 133 61.27 -14.95 -44.72
C HIS FB 133 61.34 -15.86 -43.53
N SER FB 134 60.22 -16.09 -42.84
CA SER FB 134 60.25 -17.07 -41.79
C SER FB 134 59.02 -17.93 -41.75
N ARG FB 135 59.21 -19.10 -41.15
CA ARG FB 135 58.14 -20.11 -40.91
C ARG FB 135 58.26 -20.58 -39.47
N TYR FB 136 57.11 -20.95 -38.88
CA TYR FB 136 57.04 -21.37 -37.50
C TYR FB 136 55.98 -22.42 -37.42
N PHE FB 137 56.31 -23.60 -36.96
CA PHE FB 137 55.38 -24.75 -36.98
C PHE FB 137 55.94 -25.86 -36.11
N THR FB 138 55.07 -26.76 -35.73
CA THR FB 138 55.47 -27.94 -35.06
C THR FB 138 55.98 -28.92 -36.12
N PRO FB 139 57.26 -29.33 -36.04
CA PRO FB 139 57.76 -30.37 -36.94
C PRO FB 139 57.53 -31.71 -36.35
N LYS FB 140 57.92 -32.79 -37.06
CA LYS FB 140 57.70 -34.14 -36.56
C LYS FB 140 58.87 -35.06 -36.68
N PRO FB 141 59.05 -35.91 -35.65
CA PRO FB 141 60.14 -36.86 -35.77
C PRO FB 141 59.94 -37.86 -36.91
N VAL FB 142 61.04 -38.32 -37.47
CA VAL FB 142 61.00 -39.41 -38.43
C VAL FB 142 61.07 -40.71 -37.68
N LEU FB 143 59.90 -41.23 -37.39
CA LEU FB 143 59.74 -42.39 -36.56
C LEU FB 143 59.95 -43.65 -37.38
N ASP FB 144 59.50 -43.69 -38.62
CA ASP FB 144 59.63 -44.86 -39.48
C ASP FB 144 59.54 -44.37 -40.94
N SER FB 145 60.63 -44.47 -41.67
CA SER FB 145 60.71 -43.77 -43.00
C SER FB 145 60.11 -44.57 -44.15
N THR FB 146 59.70 -45.79 -43.86
CA THR FB 146 58.83 -46.56 -44.78
C THR FB 146 57.36 -46.14 -44.81
N ILE FB 147 56.80 -45.84 -43.64
CA ILE FB 147 55.39 -45.54 -43.52
C ILE FB 147 55.17 -44.01 -43.48
N ASP FB 148 56.16 -43.34 -42.88
CA ASP FB 148 56.17 -41.91 -42.70
C ASP FB 148 54.93 -41.36 -42.03
N TYR FB 149 54.70 -41.85 -40.83
CA TYR FB 149 53.60 -41.43 -40.03
C TYR FB 149 53.94 -40.36 -38.99
N PHE FB 150 52.92 -39.61 -38.62
CA PHE FB 150 53.09 -38.63 -37.57
C PHE FB 150 51.82 -38.24 -36.87
N GLN FB 151 52.00 -37.63 -35.69
CA GLN FB 151 50.92 -37.27 -34.81
C GLN FB 151 50.36 -35.98 -35.29
N PRO FB 152 49.05 -35.77 -35.17
CA PRO FB 152 48.49 -34.44 -35.34
C PRO FB 152 49.00 -33.45 -34.31
N ASN FB 153 48.95 -32.19 -34.71
CA ASN FB 153 49.65 -31.06 -34.02
C ASN FB 153 48.83 -30.85 -32.68
N ASN FB 154 49.49 -30.99 -31.53
CA ASN FB 154 48.78 -31.08 -30.20
C ASN FB 154 49.76 -31.04 -28.99
N LYS FB 155 49.35 -30.39 -27.90
CA LYS FB 155 50.23 -30.22 -26.73
C LYS FB 155 50.30 -31.51 -25.87
N ARG FB 156 49.34 -31.77 -25.00
CA ARG FB 156 49.42 -32.91 -24.06
C ARG FB 156 49.67 -34.33 -24.63
N ASN FB 157 49.35 -34.65 -25.88
CA ASN FB 157 49.56 -36.02 -26.45
C ASN FB 157 50.83 -36.25 -27.26
N GLN FB 158 51.70 -35.24 -27.37
CA GLN FB 158 52.89 -35.32 -28.20
C GLN FB 158 53.97 -36.27 -27.61
N LEU FB 159 54.46 -37.17 -28.44
CA LEU FB 159 55.37 -38.19 -28.00
C LEU FB 159 56.59 -37.58 -27.35
N TRP FB 160 57.04 -38.26 -26.30
CA TRP FB 160 58.36 -37.92 -25.72
C TRP FB 160 59.43 -38.77 -26.36
N LEU FB 161 60.62 -38.19 -26.50
CA LEU FB 161 61.78 -38.87 -27.06
C LEU FB 161 62.97 -38.91 -26.10
N ARG FB 162 63.75 -39.97 -26.13
CA ARG FB 162 64.98 -40.00 -25.35
C ARG FB 162 65.94 -38.96 -25.91
N LEU FB 163 66.47 -38.10 -25.04
CA LEU FB 163 67.65 -37.28 -25.37
C LEU FB 163 68.90 -38.18 -25.46
N GLN FB 164 69.37 -38.32 -26.70
CA GLN FB 164 70.54 -39.11 -27.04
C GLN FB 164 71.79 -38.26 -27.14
N THR FB 165 72.91 -38.93 -26.77
CA THR FB 165 74.17 -38.24 -26.75
C THR FB 165 74.42 -38.01 -28.22
N ALA FB 166 74.36 -39.12 -28.96
CA ALA FB 166 74.86 -39.16 -30.31
C ALA FB 166 73.78 -39.26 -31.34
N GLY FB 167 72.87 -40.18 -31.19
CA GLY FB 167 72.19 -40.61 -32.39
C GLY FB 167 70.82 -40.02 -32.67
N ASN FB 168 70.62 -38.74 -32.43
CA ASN FB 168 69.25 -38.27 -32.35
C ASN FB 168 68.50 -38.39 -33.68
N VAL FB 169 67.20 -38.65 -33.55
CA VAL FB 169 66.33 -38.75 -34.68
C VAL FB 169 66.02 -37.39 -35.36
N ASP FB 170 66.13 -37.40 -36.70
CA ASP FB 170 65.78 -36.25 -37.53
C ASP FB 170 64.28 -35.87 -37.34
N HIS FB 171 63.99 -34.57 -37.37
CA HIS FB 171 62.62 -34.05 -37.40
C HIS FB 171 62.42 -33.29 -38.65
N VAL FB 172 61.16 -33.16 -38.96
CA VAL FB 172 60.87 -32.93 -40.32
C VAL FB 172 59.87 -31.84 -40.60
N GLY FB 173 60.11 -31.32 -41.79
CA GLY FB 173 60.34 -29.94 -41.81
C GLY FB 173 59.93 -29.18 -42.96
N LEU FB 174 60.90 -28.73 -43.76
CA LEU FB 174 60.65 -27.63 -44.71
C LEU FB 174 61.21 -27.80 -46.09
N GLY FB 175 60.41 -27.56 -47.09
CA GLY FB 175 60.90 -27.54 -48.45
C GLY FB 175 60.88 -26.16 -49.04
N THR FB 176 61.84 -25.88 -49.91
CA THR FB 176 62.07 -24.54 -50.47
C THR FB 176 62.24 -24.58 -51.97
N ALA FB 177 61.75 -23.55 -52.63
CA ALA FB 177 62.00 -23.32 -54.02
C ALA FB 177 62.27 -21.83 -54.16
N PHE FB 178 63.50 -21.50 -54.56
CA PHE FB 178 63.92 -20.12 -54.75
C PHE FB 178 64.07 -19.89 -56.24
N GLU FB 179 63.49 -18.81 -56.73
CA GLU FB 179 63.69 -18.46 -58.14
C GLU FB 179 65.17 -18.12 -58.29
N ASN FB 180 65.72 -18.59 -59.40
CA ASN FB 180 67.12 -18.38 -59.74
C ASN FB 180 67.31 -17.00 -60.23
N SER FB 181 68.53 -16.53 -60.25
CA SER FB 181 68.81 -15.17 -60.67
C SER FB 181 70.15 -15.04 -61.45
N ILE FB 182 70.19 -13.98 -62.24
CA ILE FB 182 71.40 -13.47 -62.88
C ILE FB 182 72.55 -13.26 -61.86
N TYR FB 183 72.20 -12.92 -60.60
CA TYR FB 183 73.11 -12.74 -59.48
C TYR FB 183 73.02 -13.86 -58.42
N ASP FB 184 74.12 -14.02 -57.66
CA ASP FB 184 74.14 -14.86 -56.43
C ASP FB 184 73.16 -14.38 -55.34
N GLN FB 185 72.66 -15.30 -54.55
CA GLN FB 185 71.66 -14.99 -53.53
C GLN FB 185 72.07 -15.75 -52.27
N GLU FB 186 72.80 -15.10 -51.36
CA GLU FB 186 73.28 -15.72 -50.12
C GLU FB 186 72.24 -15.36 -49.03
N TYR FB 187 72.12 -16.24 -48.05
CA TYR FB 187 71.26 -16.05 -46.90
C TYR FB 187 71.95 -16.62 -45.64
N ASN FB 188 71.76 -15.98 -44.49
CA ASN FB 188 71.97 -16.66 -43.23
C ASN FB 188 70.67 -17.28 -42.81
N ILE FB 189 70.69 -18.58 -42.62
CA ILE FB 189 69.56 -19.29 -42.11
C ILE FB 189 69.71 -19.51 -40.60
N ARG FB 190 68.81 -18.98 -39.81
CA ARG FB 190 68.78 -19.30 -38.40
C ARG FB 190 67.61 -20.18 -38.05
N VAL FB 191 67.94 -21.32 -37.43
CA VAL FB 191 66.94 -22.28 -36.99
C VAL FB 191 66.88 -22.29 -35.49
N THR FB 192 65.69 -22.16 -34.95
CA THR FB 192 65.47 -22.05 -33.54
C THR FB 192 64.45 -23.17 -33.15
N MET FB 193 64.81 -24.04 -32.20
CA MET FB 193 63.92 -25.10 -31.74
C MET FB 193 63.38 -24.73 -30.38
N TYR FB 194 62.08 -24.75 -30.24
CA TYR FB 194 61.46 -24.54 -28.93
C TYR FB 194 61.24 -25.95 -28.33
N VAL FB 195 62.21 -26.40 -27.52
CA VAL FB 195 62.25 -27.74 -26.98
C VAL FB 195 61.79 -27.74 -25.57
N GLN FB 196 61.03 -28.75 -25.21
CA GLN FB 196 60.60 -29.00 -23.85
C GLN FB 196 61.34 -30.25 -23.38
N PHE FB 197 62.16 -30.10 -22.34
CA PHE FB 197 62.82 -31.25 -21.71
C PHE FB 197 62.08 -31.69 -20.44
N ARG FB 198 62.14 -33.02 -20.14
CA ARG FB 198 61.55 -33.64 -18.99
C ARG FB 198 62.51 -34.58 -18.21
N GLU FB 199 62.38 -34.59 -16.89
CA GLU FB 199 63.11 -35.52 -16.01
C GLU FB 199 64.57 -35.11 -15.90
N PHE FB 200 64.82 -34.26 -14.91
CA PHE FB 200 66.15 -33.83 -14.57
C PHE FB 200 66.95 -35.08 -14.15
N ASN FB 201 68.22 -35.20 -14.56
CA ASN FB 201 68.93 -36.45 -14.37
C ASN FB 201 70.40 -36.34 -14.00
N LEU FB 202 70.78 -35.22 -13.42
CA LEU FB 202 72.19 -34.94 -13.26
C LEU FB 202 72.92 -35.90 -12.34
N LYS FB 203 74.06 -36.37 -12.82
CA LYS FB 203 74.90 -37.29 -12.04
C LYS FB 203 75.94 -36.45 -11.37
N ASP FB 204 76.29 -36.74 -10.13
CA ASP FB 204 77.29 -35.97 -9.38
C ASP FB 204 78.30 -36.85 -8.69
N PRO FB 205 79.25 -37.39 -9.42
CA PRO FB 205 80.32 -38.20 -8.80
C PRO FB 205 81.37 -37.38 -8.00
N PRO FB 206 82.00 -37.96 -6.96
CA PRO FB 206 83.03 -37.19 -6.17
C PRO FB 206 84.40 -36.80 -6.85
N SER GB 19 42.63 -27.45 -48.27
CA SER GB 19 43.64 -27.98 -47.26
C SER GB 19 43.42 -29.42 -46.65
N HIS GB 20 42.17 -29.74 -46.31
CA HIS GB 20 41.76 -31.05 -45.75
C HIS GB 20 40.62 -31.53 -46.66
N PHE GB 21 40.62 -32.75 -47.14
CA PHE GB 21 39.65 -33.17 -48.16
C PHE GB 21 39.12 -34.57 -47.86
N ASN GB 22 37.82 -34.66 -47.53
CA ASN GB 22 37.15 -35.89 -47.14
C ASN GB 22 36.48 -36.54 -48.30
N THR GB 23 36.69 -37.81 -48.53
CA THR GB 23 36.05 -38.46 -49.65
C THR GB 23 35.92 -39.92 -49.40
N ARG GB 24 35.34 -40.60 -50.36
CA ARG GB 24 34.94 -41.98 -50.28
C ARG GB 24 35.43 -42.78 -51.51
N LEU GB 25 36.01 -43.94 -51.26
CA LEU GB 25 36.59 -44.78 -52.32
C LEU GB 25 36.09 -46.19 -52.20
N SER GB 26 35.72 -46.78 -53.33
CA SER GB 26 35.23 -48.11 -53.32
C SER GB 26 35.82 -48.94 -54.40
N ARG GB 27 35.92 -50.22 -54.09
CA ARG GB 27 36.21 -51.30 -55.01
C ARG GB 27 35.29 -52.47 -54.73
N THR GB 28 35.12 -53.33 -55.74
CA THR GB 28 34.27 -54.49 -55.60
C THR GB 28 34.94 -55.68 -56.23
N PHE GB 29 34.94 -56.83 -55.49
CA PHE GB 29 35.53 -58.13 -55.95
C PHE GB 29 34.68 -59.32 -55.52
N GLY GB 30 34.79 -60.43 -56.24
CA GLY GB 30 34.05 -61.67 -55.95
C GLY GB 30 34.62 -62.47 -54.76
N TYR GB 31 33.73 -63.14 -54.01
CA TYR GB 31 34.10 -64.14 -52.97
C TYR GB 31 33.14 -65.32 -53.09
N THR GB 32 33.69 -66.53 -53.21
CA THR GB 32 32.92 -67.74 -53.23
C THR GB 32 33.25 -68.67 -52.08
N ILE GB 33 32.22 -69.12 -51.37
CA ILE GB 33 32.41 -70.22 -50.45
C ILE GB 33 32.00 -71.45 -51.19
N LYS GB 34 32.93 -72.40 -51.34
CA LYS GB 34 32.64 -73.57 -52.17
C LYS GB 34 31.77 -74.57 -51.45
N ARG GB 35 30.77 -75.12 -52.13
CA ARG GB 35 29.93 -76.14 -51.53
C ARG GB 35 30.79 -77.23 -50.89
N THR GB 36 30.38 -77.74 -49.72
CA THR GB 36 30.93 -78.98 -49.11
C THR GB 36 29.91 -80.09 -49.05
N THR GB 37 30.43 -81.25 -48.69
CA THR GB 37 29.62 -82.43 -48.45
C THR GB 37 29.56 -82.81 -46.96
N VAL GB 38 30.54 -82.41 -46.10
CA VAL GB 38 30.54 -82.53 -44.58
C VAL GB 38 29.10 -82.38 -44.03
N LYS GB 39 28.68 -83.24 -43.09
CA LYS GB 39 27.26 -83.17 -42.65
C LYS GB 39 27.10 -82.20 -41.46
N THR GB 40 28.04 -82.32 -40.52
CA THR GB 40 28.00 -81.45 -39.37
C THR GB 40 28.29 -80.01 -39.81
N PRO GB 41 27.76 -79.03 -39.05
CA PRO GB 41 28.09 -77.64 -39.32
C PRO GB 41 29.60 -77.42 -39.29
N SER GB 42 30.05 -76.58 -40.22
CA SER GB 42 31.45 -76.22 -40.34
C SER GB 42 31.52 -74.80 -40.89
N TRP GB 43 32.65 -74.13 -40.69
CA TRP GB 43 32.77 -72.73 -41.09
C TRP GB 43 33.98 -72.51 -41.96
N ALA GB 44 33.83 -71.69 -43.00
CA ALA GB 44 34.93 -71.20 -43.77
C ALA GB 44 35.42 -69.87 -43.17
N VAL GB 45 36.72 -69.80 -42.87
CA VAL GB 45 37.31 -68.79 -42.01
C VAL GB 45 38.39 -68.12 -42.82
N ASP GB 46 38.27 -66.81 -42.97
CA ASP GB 46 39.12 -66.03 -43.82
C ASP GB 46 39.15 -64.60 -43.28
N MET GB 47 39.81 -63.68 -43.98
CA MET GB 47 40.24 -62.41 -43.38
C MET GB 47 40.39 -61.36 -44.46
N MET GB 48 40.55 -60.12 -44.03
CA MET GB 48 40.40 -58.95 -44.85
C MET GB 48 41.25 -57.79 -44.32
N ARG GB 49 42.19 -57.36 -45.14
CA ARG GB 49 42.92 -56.15 -44.94
C ARG GB 49 42.51 -55.15 -46.00
N PHE GB 50 42.89 -53.90 -45.78
CA PHE GB 50 42.51 -52.84 -46.66
C PHE GB 50 43.76 -52.07 -46.93
N ASN GB 51 44.17 -51.96 -48.19
CA ASN GB 51 45.30 -51.17 -48.62
C ASN GB 51 44.86 -50.09 -49.65
N ILE GB 52 45.19 -48.82 -49.41
CA ILE GB 52 44.79 -47.79 -50.35
C ILE GB 52 45.38 -47.97 -51.78
N ASN GB 53 46.45 -48.74 -51.95
CA ASN GB 53 46.93 -49.12 -53.33
C ASN GB 53 45.79 -49.64 -54.23
N ASP GB 54 44.83 -50.38 -53.65
CA ASP GB 54 43.74 -50.97 -54.36
C ASP GB 54 42.60 -49.98 -54.64
N PHE GB 55 42.63 -48.79 -54.08
CA PHE GB 55 41.50 -47.85 -54.20
C PHE GB 55 41.84 -46.62 -55.03
N LEU GB 56 43.14 -46.35 -55.14
CA LEU GB 56 43.70 -45.12 -55.71
C LEU GB 56 44.69 -45.51 -56.78
N PRO GB 57 44.31 -45.46 -58.05
CA PRO GB 57 45.36 -45.79 -59.01
C PRO GB 57 46.51 -44.78 -59.06
N PRO GB 58 47.64 -45.17 -59.65
CA PRO GB 58 48.70 -44.23 -60.09
C PRO GB 58 48.18 -43.08 -60.95
N GLY GB 59 48.90 -41.95 -60.90
CA GLY GB 59 48.53 -40.73 -61.60
C GLY GB 59 49.40 -40.58 -62.83
N GLY GB 60 49.83 -39.36 -63.11
CA GLY GB 60 50.42 -39.02 -64.39
C GLY GB 60 51.46 -37.94 -64.27
N GLY GB 61 52.64 -38.23 -64.79
CA GLY GB 61 53.71 -37.26 -64.89
C GLY GB 61 54.33 -36.96 -63.53
N SER GB 62 54.32 -35.65 -63.21
CA SER GB 62 54.75 -35.09 -61.92
C SER GB 62 53.83 -35.26 -60.72
N ASN GB 63 52.57 -35.64 -60.96
CA ASN GB 63 51.62 -35.94 -59.90
C ASN GB 63 51.42 -37.44 -59.86
N PRO GB 64 52.23 -38.12 -59.04
CA PRO GB 64 52.33 -39.56 -59.21
C PRO GB 64 51.16 -40.34 -58.64
N ARG GB 65 50.21 -39.65 -57.98
CA ARG GB 65 48.92 -40.26 -57.53
C ARG GB 65 47.71 -39.50 -58.10
N SER GB 66 46.66 -40.24 -58.38
CA SER GB 66 45.45 -39.71 -58.93
C SER GB 66 44.75 -38.68 -58.05
N VAL GB 67 44.89 -38.76 -56.71
CA VAL GB 67 44.51 -37.59 -55.88
C VAL GB 67 45.76 -36.85 -55.42
N PRO GB 68 45.86 -35.54 -55.72
CA PRO GB 68 47.12 -34.85 -55.49
C PRO GB 68 47.22 -34.32 -54.04
N PHE GB 69 47.44 -35.22 -53.12
CA PHE GB 69 47.55 -34.88 -51.69
C PHE GB 69 48.71 -35.67 -51.10
N GLU GB 70 49.32 -35.14 -50.05
CA GLU GB 70 50.56 -35.68 -49.54
C GLU GB 70 50.32 -36.64 -48.38
N TYR GB 71 49.38 -36.31 -47.49
CA TYR GB 71 48.99 -37.12 -46.32
C TYR GB 71 47.51 -37.66 -46.37
N TYR GB 72 47.32 -38.85 -45.79
CA TYR GB 72 45.96 -39.39 -45.59
C TYR GB 72 45.85 -40.08 -44.28
N ARG GB 73 44.61 -40.29 -43.86
CA ARG GB 73 44.34 -41.30 -42.84
C ARG GB 73 42.95 -41.84 -43.07
N ILE GB 74 42.74 -43.08 -42.66
CA ILE GB 74 41.49 -43.72 -42.99
C ILE GB 74 40.63 -43.59 -41.82
N ARG GB 75 39.55 -42.87 -42.04
CA ARG GB 75 38.60 -42.45 -41.01
C ARG GB 75 37.65 -43.59 -40.62
N LYS GB 76 37.24 -44.39 -41.61
CA LYS GB 76 36.21 -45.44 -41.49
C LYS GB 76 36.31 -46.47 -42.64
N VAL GB 77 36.11 -47.75 -42.40
CA VAL GB 77 35.89 -48.71 -43.49
C VAL GB 77 34.47 -49.25 -43.41
N LYS GB 78 33.81 -49.38 -44.57
CA LYS GB 78 32.59 -50.16 -44.72
C LYS GB 78 32.92 -51.36 -45.59
N VAL GB 79 32.79 -52.55 -44.99
CA VAL GB 79 32.79 -53.82 -45.74
C VAL GB 79 31.34 -54.26 -45.96
N GLU GB 80 30.88 -54.28 -47.22
CA GLU GB 80 29.57 -54.82 -47.55
C GLU GB 80 29.68 -56.18 -48.22
N PHE GB 81 28.92 -57.12 -47.72
CA PHE GB 81 28.71 -58.37 -48.44
C PHE GB 81 27.35 -58.40 -49.20
N TRP GB 82 27.44 -58.29 -50.53
CA TRP GB 82 26.24 -58.38 -51.37
C TRP GB 82 26.02 -59.82 -51.90
N PRO GB 83 25.05 -60.48 -51.29
CA PRO GB 83 24.74 -61.84 -51.67
C PRO GB 83 24.41 -61.99 -53.12
N CYS GB 84 24.95 -63.02 -53.74
CA CYS GB 84 24.56 -63.39 -55.12
C CYS GB 84 23.42 -64.42 -55.13
N SER GB 85 23.22 -65.15 -54.03
CA SER GB 85 22.36 -66.30 -54.04
C SER GB 85 20.94 -65.75 -54.06
N PRO GB 86 20.07 -66.44 -54.80
CA PRO GB 86 18.69 -66.02 -54.79
C PRO GB 86 18.02 -66.20 -53.42
N ILE GB 87 16.93 -65.46 -53.22
CA ILE GB 87 16.18 -65.52 -51.96
C ILE GB 87 15.39 -66.75 -51.72
N THR GB 88 15.42 -67.69 -52.66
CA THR GB 88 14.85 -69.03 -52.54
C THR GB 88 15.83 -70.12 -52.16
N GLN GB 89 17.07 -69.76 -51.87
CA GLN GB 89 18.09 -70.79 -51.77
C GLN GB 89 17.97 -71.33 -50.38
N GLY GB 90 18.06 -72.64 -50.32
CA GLY GB 90 18.03 -73.38 -49.09
C GLY GB 90 19.40 -73.50 -48.48
N ASP GB 91 19.53 -74.51 -47.62
CA ASP GB 91 20.64 -74.76 -46.69
C ASP GB 91 21.29 -73.54 -46.08
N ARG GB 92 20.43 -72.79 -45.44
CA ARG GB 92 20.81 -71.51 -44.90
C ARG GB 92 21.56 -71.70 -43.66
N GLY GB 93 22.41 -70.76 -43.40
CA GLY GB 93 23.33 -70.85 -42.28
C GLY GB 93 23.57 -69.52 -41.62
N VAL GB 94 24.46 -69.58 -40.64
CA VAL GB 94 24.74 -68.46 -39.76
C VAL GB 94 26.20 -68.47 -39.34
N GLY GB 95 26.87 -67.36 -39.58
CA GLY GB 95 28.25 -67.12 -39.12
C GLY GB 95 28.47 -65.77 -38.46
N SER GB 96 29.69 -65.29 -38.56
CA SER GB 96 30.17 -64.13 -37.76
C SER GB 96 31.19 -63.30 -38.51
N SER GB 97 31.11 -61.98 -38.37
CA SER GB 97 32.19 -61.10 -38.78
C SER GB 97 32.71 -60.52 -37.46
N ALA GB 98 34.02 -60.22 -37.41
CA ALA GB 98 34.64 -59.60 -36.20
C ALA GB 98 35.71 -58.61 -36.58
N VAL GB 99 35.80 -57.51 -35.86
CA VAL GB 99 36.81 -56.49 -36.15
C VAL GB 99 38.12 -56.82 -35.42
N ILE GB 100 39.20 -56.85 -36.17
CA ILE GB 100 40.48 -57.34 -35.76
C ILE GB 100 41.47 -56.21 -36.05
N LEU GB 101 41.85 -55.45 -35.02
CA LEU GB 101 42.60 -54.20 -35.22
C LEU GB 101 44.10 -54.37 -35.04
N ASP GB 102 44.50 -55.60 -34.71
CA ASP GB 102 45.89 -55.91 -34.41
C ASP GB 102 46.57 -56.84 -35.43
N ASP GB 103 45.93 -57.03 -36.58
CA ASP GB 103 46.52 -57.85 -37.65
C ASP GB 103 46.80 -59.25 -37.17
N ASN GB 104 45.95 -59.80 -36.33
CA ASN GB 104 46.04 -61.18 -35.88
C ASN GB 104 44.71 -61.95 -35.96
N PHE GB 105 44.53 -62.53 -37.14
CA PHE GB 105 43.35 -63.30 -37.54
C PHE GB 105 43.39 -64.81 -37.21
N VAL GB 106 42.23 -65.40 -37.04
CA VAL GB 106 42.12 -66.83 -36.97
C VAL GB 106 42.70 -67.36 -38.29
N THR GB 107 43.46 -68.44 -38.21
CA THR GB 107 44.05 -69.11 -39.37
C THR GB 107 42.96 -69.46 -40.39
N LYS GB 108 43.24 -69.15 -41.65
CA LYS GB 108 42.37 -69.44 -42.73
C LYS GB 108 42.07 -70.94 -42.70
N ALA GB 109 40.81 -71.31 -42.88
CA ALA GB 109 40.36 -72.69 -42.78
C ALA GB 109 39.11 -72.90 -43.65
N THR GB 110 39.05 -74.08 -44.28
CA THR GB 110 37.99 -74.42 -45.22
C THR GB 110 36.74 -74.84 -44.45
N ALA GB 111 36.94 -75.68 -43.41
CA ALA GB 111 35.82 -76.30 -42.71
C ALA GB 111 36.04 -76.55 -41.22
N LEU GB 112 36.29 -75.45 -40.54
CA LEU GB 112 36.49 -75.47 -39.09
C LEU GB 112 35.20 -75.91 -38.45
N THR GB 113 35.32 -76.60 -37.33
CA THR GB 113 34.17 -77.35 -36.76
C THR GB 113 33.33 -76.50 -35.85
N TYR GB 114 33.79 -75.27 -35.61
CA TYR GB 114 33.08 -74.27 -34.83
C TYR GB 114 33.33 -72.93 -35.49
N ASP GB 115 32.51 -71.94 -35.09
CA ASP GB 115 32.63 -70.59 -35.59
C ASP GB 115 33.57 -69.90 -34.64
N PRO GB 116 34.80 -69.68 -35.07
CA PRO GB 116 35.74 -69.19 -34.11
C PRO GB 116 35.52 -67.74 -33.81
N TYR GB 117 34.62 -67.03 -34.50
CA TYR GB 117 34.46 -65.59 -34.18
C TYR GB 117 33.23 -65.26 -33.38
N VAL GB 118 32.47 -66.27 -33.01
CA VAL GB 118 31.17 -66.06 -32.41
C VAL GB 118 31.26 -65.36 -31.07
N ASN GB 119 32.25 -65.71 -30.22
CA ASN GB 119 32.35 -65.05 -28.89
C ASN GB 119 33.13 -63.74 -28.98
N TYR GB 120 33.63 -63.29 -30.13
CA TYR GB 120 34.38 -62.02 -30.17
C TYR GB 120 33.45 -60.85 -29.77
N SER GB 121 33.97 -59.93 -28.98
CA SER GB 121 33.19 -58.81 -28.51
C SER GB 121 32.61 -58.01 -29.67
N SER GB 122 33.42 -57.86 -30.72
CA SER GB 122 33.08 -57.13 -31.92
C SER GB 122 32.19 -57.95 -32.89
N ARG GB 123 31.88 -59.20 -32.53
CA ARG GB 123 31.17 -60.08 -33.49
C ARG GB 123 29.80 -59.49 -33.88
N HIS GB 124 29.47 -59.55 -35.13
CA HIS GB 124 28.11 -59.34 -35.60
C HIS GB 124 27.70 -60.59 -36.34
N THR GB 125 26.46 -60.93 -36.26
CA THR GB 125 25.95 -62.20 -36.87
C THR GB 125 25.79 -62.08 -38.41
N ILE GB 126 26.19 -63.11 -39.16
CA ILE GB 126 26.03 -63.17 -40.58
C ILE GB 126 24.92 -64.18 -40.92
N THR GB 127 23.95 -63.74 -41.74
CA THR GB 127 22.81 -64.54 -42.08
C THR GB 127 22.97 -65.01 -43.54
N GLN GB 128 22.97 -66.30 -43.80
CA GLN GB 128 23.38 -66.87 -45.13
C GLN GB 128 22.29 -67.69 -45.80
N PRO GB 129 22.22 -67.74 -47.14
CA PRO GB 129 23.18 -67.18 -48.11
C PRO GB 129 22.71 -65.91 -48.88
N PHE GB 130 21.47 -65.48 -48.61
CA PHE GB 130 20.83 -64.49 -49.45
C PHE GB 130 20.68 -63.20 -48.74
N SER GB 131 21.38 -63.01 -47.62
CA SER GB 131 21.25 -61.75 -46.81
C SER GB 131 22.44 -60.84 -46.93
N TYR GB 132 22.14 -59.53 -46.90
CA TYR GB 132 23.16 -58.49 -46.86
C TYR GB 132 23.85 -58.52 -45.51
N HIS GB 133 25.13 -58.27 -45.47
CA HIS GB 133 25.82 -58.11 -44.19
C HIS GB 133 26.78 -56.98 -44.43
N SER GB 134 26.86 -56.03 -43.50
CA SER GB 134 27.87 -54.97 -43.60
C SER GB 134 28.48 -54.65 -42.25
N ARG GB 135 29.70 -54.16 -42.28
CA ARG GB 135 30.40 -53.70 -41.09
C ARG GB 135 31.00 -52.33 -41.40
N TYR GB 136 31.06 -51.47 -40.39
CA TYR GB 136 31.49 -50.09 -40.55
C TYR GB 136 32.27 -49.78 -39.25
N PHE GB 137 33.55 -49.43 -39.36
CA PHE GB 137 34.39 -49.28 -38.19
C PHE GB 137 35.68 -48.52 -38.56
N THR GB 138 36.37 -47.92 -37.57
CA THR GB 138 37.71 -47.36 -37.85
C THR GB 138 38.79 -48.46 -37.92
N PRO GB 139 39.41 -48.68 -39.09
CA PRO GB 139 40.49 -49.66 -39.15
C PRO GB 139 41.78 -49.10 -38.59
N LYS GB 140 42.82 -49.94 -38.60
CA LYS GB 140 44.16 -49.50 -38.14
C LYS GB 140 45.28 -49.82 -39.04
N PRO GB 141 46.21 -48.88 -39.14
CA PRO GB 141 47.40 -49.19 -39.92
C PRO GB 141 48.24 -50.24 -39.22
N VAL GB 142 48.92 -51.08 -39.99
CA VAL GB 142 49.81 -52.08 -39.41
C VAL GB 142 51.18 -51.42 -39.40
N LEU GB 143 51.57 -50.97 -38.22
CA LEU GB 143 52.72 -50.14 -38.06
C LEU GB 143 53.93 -50.94 -37.66
N ASP GB 144 53.78 -51.91 -36.84
CA ASP GB 144 54.87 -52.79 -36.52
C ASP GB 144 54.26 -54.17 -36.32
N SER GB 145 54.36 -55.00 -37.36
CA SER GB 145 53.75 -56.36 -37.26
C SER GB 145 54.38 -57.27 -36.10
N THR GB 146 55.51 -56.90 -35.50
CA THR GB 146 55.98 -57.60 -34.30
C THR GB 146 55.12 -57.40 -33.05
N ILE GB 147 54.86 -56.14 -32.74
CA ILE GB 147 54.23 -55.77 -31.49
C ILE GB 147 52.70 -55.60 -31.74
N ASP GB 148 52.30 -55.23 -32.95
CA ASP GB 148 50.90 -55.12 -33.32
C ASP GB 148 50.15 -54.16 -32.41
N TYR GB 149 50.56 -52.91 -32.40
CA TYR GB 149 49.87 -51.90 -31.59
C TYR GB 149 49.04 -50.97 -32.45
N PHE GB 150 47.95 -50.45 -31.91
CA PHE GB 150 47.12 -49.49 -32.63
C PHE GB 150 46.61 -48.46 -31.67
N GLN GB 151 46.33 -47.24 -32.18
CA GLN GB 151 45.69 -46.17 -31.42
C GLN GB 151 44.27 -46.49 -31.07
N PRO GB 152 43.80 -45.99 -29.94
CA PRO GB 152 42.38 -46.07 -29.65
C PRO GB 152 41.54 -45.17 -30.52
N ASN GB 153 40.33 -45.64 -30.76
CA ASN GB 153 39.52 -45.22 -31.91
C ASN GB 153 39.25 -43.73 -31.55
N ASN GB 154 39.39 -42.84 -32.52
CA ASN GB 154 39.43 -41.40 -32.18
C ASN GB 154 39.28 -40.56 -33.45
N LYS GB 155 38.97 -39.27 -33.23
CA LYS GB 155 39.03 -38.30 -34.28
C LYS GB 155 40.38 -37.51 -34.33
N ARG GB 156 40.55 -36.47 -33.52
CA ARG GB 156 41.62 -35.51 -33.80
C ARG GB 156 43.06 -35.88 -33.38
N ASN GB 157 43.27 -37.12 -32.90
CA ASN GB 157 44.62 -37.65 -32.58
C ASN GB 157 45.11 -38.78 -33.50
N GLN GB 158 44.28 -39.17 -34.47
CA GLN GB 158 44.65 -40.24 -35.38
C GLN GB 158 45.88 -39.88 -36.16
N LEU GB 159 46.83 -40.79 -36.17
CA LEU GB 159 48.04 -40.65 -36.96
C LEU GB 159 47.75 -40.28 -38.46
N TRP GB 160 48.62 -39.43 -39.02
CA TRP GB 160 48.58 -39.10 -40.47
C TRP GB 160 49.58 -40.00 -41.12
N LEU GB 161 49.31 -40.38 -42.37
CA LEU GB 161 50.25 -41.23 -43.13
C LEU GB 161 50.61 -40.59 -44.45
N ARG GB 162 51.83 -40.81 -44.92
CA ARG GB 162 52.28 -40.30 -46.25
C ARG GB 162 51.49 -41.07 -47.25
N LEU GB 163 50.94 -40.37 -48.24
CA LEU GB 163 50.36 -41.04 -49.41
C LEU GB 163 51.52 -41.44 -50.30
N GLN GB 164 51.67 -42.74 -50.42
CA GLN GB 164 52.65 -43.32 -51.31
C GLN GB 164 52.07 -43.69 -52.69
N THR GB 165 52.94 -43.75 -53.69
CA THR GB 165 52.50 -44.26 -54.99
C THR GB 165 52.33 -45.78 -54.94
N ALA GB 166 53.23 -46.45 -54.25
CA ALA GB 166 53.45 -47.83 -54.48
C ALA GB 166 53.08 -48.64 -53.30
N GLY GB 167 53.74 -48.41 -52.18
CA GLY GB 167 53.79 -49.45 -51.16
C GLY GB 167 53.10 -48.95 -49.93
N ASN GB 168 51.82 -48.67 -50.04
CA ASN GB 168 51.14 -48.11 -48.91
C ASN GB 168 50.98 -49.17 -47.86
N VAL GB 169 50.66 -48.73 -46.67
CA VAL GB 169 50.59 -49.58 -45.52
C VAL GB 169 49.20 -50.22 -45.43
N ASP GB 170 49.22 -51.53 -45.18
CA ASP GB 170 48.00 -52.31 -44.86
C ASP GB 170 47.25 -51.76 -43.68
N HIS GB 171 45.94 -51.62 -43.84
CA HIS GB 171 45.06 -51.35 -42.71
C HIS GB 171 44.30 -52.60 -42.35
N VAL GB 172 43.80 -52.64 -41.14
CA VAL GB 172 43.45 -53.88 -40.62
C VAL GB 172 42.18 -53.87 -39.83
N GLY GB 173 41.51 -55.04 -39.97
CA GLY GB 173 40.11 -55.04 -40.02
C GLY GB 173 39.35 -56.30 -39.80
N LEU GB 174 39.07 -57.07 -40.81
CA LEU GB 174 37.87 -57.95 -40.64
C LEU GB 174 38.05 -59.52 -40.74
N GLY GB 175 37.68 -60.24 -39.68
CA GLY GB 175 37.64 -61.69 -39.66
C GLY GB 175 36.28 -62.21 -40.00
N THR GB 176 36.24 -63.26 -40.81
CA THR GB 176 34.99 -63.84 -41.24
C THR GB 176 34.97 -65.32 -41.05
N ALA GB 177 33.84 -65.81 -40.55
CA ALA GB 177 33.50 -67.23 -40.49
C ALA GB 177 32.11 -67.38 -41.09
N PHE GB 178 32.02 -67.83 -42.37
CA PHE GB 178 30.77 -68.22 -43.04
C PHE GB 178 30.52 -69.70 -42.86
N GLU GB 179 29.27 -70.05 -42.50
CA GLU GB 179 28.83 -71.45 -42.45
C GLU GB 179 28.83 -72.07 -43.83
N ASN GB 180 29.24 -73.34 -43.88
CA ASN GB 180 29.39 -74.09 -45.15
C ASN GB 180 28.04 -74.59 -45.51
N SER GB 181 27.86 -74.92 -46.78
CA SER GB 181 26.57 -75.32 -47.30
C SER GB 181 26.69 -76.38 -48.38
N ILE GB 182 25.52 -76.94 -48.65
CA ILE GB 182 25.37 -78.01 -49.62
C ILE GB 182 25.51 -77.35 -50.95
N TYR GB 183 25.19 -76.04 -51.02
CA TYR GB 183 25.34 -75.18 -52.23
C TYR GB 183 26.56 -74.24 -52.20
N ASP GB 184 26.95 -73.74 -53.36
CA ASP GB 184 27.89 -72.59 -53.41
C ASP GB 184 27.18 -71.32 -52.87
N GLN GB 185 27.99 -70.43 -52.29
CA GLN GB 185 27.52 -69.17 -51.72
C GLN GB 185 28.46 -68.11 -52.28
N GLU GB 186 27.98 -67.41 -53.30
CA GLU GB 186 28.74 -66.34 -53.91
C GLU GB 186 28.31 -64.97 -53.35
N TYR GB 187 29.28 -64.09 -53.20
CA TYR GB 187 29.10 -62.72 -52.80
C TYR GB 187 29.90 -61.79 -53.70
N ASN GB 188 29.38 -60.57 -53.86
CA ASN GB 188 30.18 -59.44 -54.35
C ASN GB 188 30.40 -58.63 -53.10
N ILE GB 189 31.69 -58.54 -52.70
CA ILE GB 189 32.14 -57.78 -51.55
C ILE GB 189 32.50 -56.42 -52.06
N ARG GB 190 31.83 -55.38 -51.52
CA ARG GB 190 32.21 -54.01 -51.80
C ARG GB 190 32.75 -53.31 -50.52
N VAL GB 191 34.03 -52.92 -50.58
CA VAL GB 191 34.76 -52.25 -49.50
C VAL GB 191 34.79 -50.78 -49.84
N THR GB 192 34.53 -49.96 -48.83
CA THR GB 192 34.51 -48.52 -49.00
C THR GB 192 35.38 -47.89 -47.91
N MET GB 193 36.34 -47.06 -48.31
CA MET GB 193 37.24 -46.36 -47.38
C MET GB 193 36.75 -44.91 -47.37
N TYR GB 194 36.45 -44.42 -46.15
CA TYR GB 194 36.19 -43.01 -45.89
C TYR GB 194 37.54 -42.44 -45.51
N VAL GB 195 38.17 -41.77 -46.44
CA VAL GB 195 39.51 -41.27 -46.28
C VAL GB 195 39.56 -39.77 -46.16
N GLN GB 196 40.48 -39.34 -45.32
CA GLN GB 196 40.71 -37.97 -45.14
C GLN GB 196 42.07 -37.68 -45.70
N PHE GB 197 42.12 -36.76 -46.65
CA PHE GB 197 43.37 -36.34 -47.28
C PHE GB 197 43.74 -34.94 -46.79
N ARG GB 198 45.04 -34.68 -46.68
CA ARG GB 198 45.53 -33.39 -46.28
C ARG GB 198 46.77 -33.03 -47.10
N GLU GB 199 46.99 -31.72 -47.22
CA GLU GB 199 48.05 -31.08 -47.96
C GLU GB 199 47.94 -31.30 -49.46
N PHE GB 200 47.16 -30.45 -50.10
CA PHE GB 200 47.11 -30.39 -51.56
C PHE GB 200 48.55 -30.16 -52.08
N ASN GB 201 48.98 -30.94 -53.10
CA ASN GB 201 50.37 -30.90 -53.57
C ASN GB 201 50.53 -30.80 -55.10
N LEU GB 202 49.44 -30.48 -55.80
CA LEU GB 202 49.42 -30.58 -57.25
C LEU GB 202 50.58 -29.81 -57.88
N LYS GB 203 51.41 -30.49 -58.69
CA LYS GB 203 52.52 -29.84 -59.41
C LYS GB 203 52.15 -29.48 -60.84
N ASP GB 204 52.57 -28.31 -61.30
CA ASP GB 204 52.06 -27.79 -62.54
C ASP GB 204 53.23 -27.44 -63.47
N PRO GB 205 53.86 -28.44 -64.03
CA PRO GB 205 54.91 -28.11 -64.97
C PRO GB 205 54.34 -27.47 -66.24
N PRO GB 206 55.17 -26.80 -67.04
CA PRO GB 206 54.61 -26.16 -68.22
C PRO GB 206 54.64 -27.07 -69.48
N LEU GB 207 54.29 -26.50 -70.65
CA LEU GB 207 54.57 -27.05 -72.03
C LEU GB 207 53.56 -28.14 -72.32
N SER HB 19 31.49 -33.58 -51.57
CA SER HB 19 31.00 -33.18 -52.95
C SER HB 19 31.73 -31.98 -53.68
N HIS HB 20 31.94 -30.84 -52.99
CA HIS HB 20 32.69 -29.64 -53.49
C HIS HB 20 34.04 -29.59 -52.96
N PHE HB 21 34.93 -28.93 -53.66
CA PHE HB 21 36.33 -28.84 -53.24
C PHE HB 21 36.87 -27.52 -53.74
N ASN HB 22 37.31 -26.67 -52.82
CA ASN HB 22 37.78 -25.29 -53.12
C ASN HB 22 39.26 -25.33 -53.04
N THR HB 23 40.00 -24.97 -54.09
CA THR HB 23 41.43 -24.95 -53.95
C THR HB 23 42.03 -23.81 -54.73
N ARG HB 24 43.35 -23.74 -54.67
CA ARG HB 24 44.06 -22.61 -55.21
C ARG HB 24 45.17 -23.12 -56.16
N LEU HB 25 45.19 -22.63 -57.40
CA LEU HB 25 46.16 -23.08 -58.36
C LEU HB 25 47.01 -21.95 -58.91
N SER HB 26 48.30 -22.17 -59.08
CA SER HB 26 49.18 -21.06 -59.44
C SER HB 26 50.21 -21.40 -60.52
N ARG HB 27 50.67 -20.34 -61.17
CA ARG HB 27 51.78 -20.39 -62.10
C ARG HB 27 52.39 -18.98 -62.23
N THR HB 28 53.63 -18.95 -62.70
CA THR HB 28 54.42 -17.76 -62.72
C THR HB 28 55.15 -17.72 -64.06
N PHE HB 29 55.21 -16.57 -64.72
CA PHE HB 29 55.88 -16.45 -66.04
C PHE HB 29 56.40 -15.04 -66.27
N GLY HB 30 57.34 -14.87 -67.18
CA GLY HB 30 58.08 -13.62 -67.26
C GLY HB 30 57.38 -12.59 -68.10
N TYR HB 31 57.51 -11.31 -67.75
CA TYR HB 31 57.05 -10.19 -68.59
C TYR HB 31 58.14 -9.12 -68.68
N THR HB 32 58.45 -8.67 -69.90
CA THR HB 32 59.43 -7.64 -70.11
C THR HB 32 58.94 -6.50 -70.97
N ILE HB 33 58.95 -5.29 -70.43
CA ILE HB 33 58.75 -4.12 -71.25
C ILE HB 33 60.12 -3.64 -71.67
N LYS HB 34 60.33 -3.52 -72.99
CA LYS HB 34 61.64 -3.20 -73.51
C LYS HB 34 61.89 -1.71 -73.55
N ARG HB 35 63.17 -1.37 -73.40
CA ARG HB 35 63.60 0.01 -73.21
C ARG HB 35 63.27 0.74 -74.51
N THR HB 36 62.68 1.93 -74.42
CA THR HB 36 62.54 2.81 -75.57
C THR HB 36 63.46 3.97 -75.42
N THR HB 37 63.62 4.64 -76.54
CA THR HB 37 64.28 5.94 -76.67
C THR HB 37 63.27 7.07 -76.85
N VAL HB 38 62.05 6.82 -77.38
CA VAL HB 38 60.92 7.78 -77.41
C VAL HB 38 60.91 8.63 -76.15
N LYS HB 39 60.76 9.93 -76.32
CA LYS HB 39 61.15 10.85 -75.23
C LYS HB 39 59.90 11.29 -74.43
N THR HB 40 58.82 11.58 -75.17
CA THR HB 40 57.54 11.87 -74.54
C THR HB 40 57.00 10.56 -73.91
N PRO HB 41 56.13 10.69 -72.89
CA PRO HB 41 55.51 9.52 -72.27
C PRO HB 41 54.75 8.60 -73.24
N SER HB 42 54.90 7.31 -73.00
CA SER HB 42 54.26 6.34 -73.84
C SER HB 42 54.01 5.06 -73.07
N TRP HB 43 53.04 4.29 -73.53
CA TRP HB 43 52.62 3.14 -72.75
C TRP HB 43 52.62 1.87 -73.59
N ALA HB 44 53.14 0.81 -73.00
CA ALA HB 44 53.00 -0.54 -73.49
C ALA HB 44 51.69 -1.20 -73.03
N VAL HB 45 50.83 -1.50 -74.00
CA VAL HB 45 49.51 -2.00 -73.80
C VAL HB 45 49.40 -3.49 -74.12
N ASP HB 46 48.96 -4.27 -73.17
CA ASP HB 46 48.84 -5.69 -73.37
C ASP HB 46 47.63 -6.20 -72.57
N MET HB 47 47.61 -7.47 -72.20
CA MET HB 47 46.36 -8.12 -71.76
C MET HB 47 46.62 -9.51 -71.29
N MET HB 48 45.63 -10.04 -70.60
CA MET HB 48 45.74 -11.28 -69.91
C MET HB 48 44.44 -11.99 -70.00
N ARG HB 49 44.52 -13.26 -70.39
CA ARG HB 49 43.41 -14.19 -70.27
C ARG HB 49 43.81 -15.28 -69.30
N PHE HB 50 42.88 -16.08 -68.84
CA PHE HB 50 43.21 -17.13 -67.87
C PHE HB 50 42.57 -18.40 -68.27
N ASN HB 51 43.32 -19.48 -68.30
CA ASN HB 51 42.80 -20.72 -68.82
C ASN HB 51 43.38 -21.84 -68.04
N ILE HB 52 42.51 -22.67 -67.50
CA ILE HB 52 42.92 -23.76 -66.58
C ILE HB 52 43.78 -24.87 -67.22
N ASN HB 53 43.93 -24.88 -68.54
CA ASN HB 53 44.92 -25.75 -69.20
C ASN HB 53 46.34 -25.52 -68.66
N ASP HB 54 46.65 -24.25 -68.39
CA ASP HB 54 47.94 -23.83 -67.88
C ASP HB 54 48.19 -24.09 -66.37
N PHE HB 55 47.16 -24.48 -65.63
CA PHE HB 55 47.27 -24.66 -64.15
C PHE HB 55 47.19 -26.12 -63.68
N LEU HB 56 46.78 -27.00 -64.54
CA LEU HB 56 46.26 -28.30 -64.15
C LEU HB 56 46.76 -29.18 -65.25
N PRO HB 57 47.71 -30.07 -64.94
CA PRO HB 57 48.29 -30.85 -66.05
C PRO HB 57 47.43 -32.04 -66.41
N PRO HB 58 47.70 -32.70 -67.52
CA PRO HB 58 47.00 -34.01 -67.66
C PRO HB 58 47.27 -34.99 -66.51
N GLY HB 59 46.38 -35.95 -66.39
CA GLY HB 59 46.48 -37.01 -65.38
C GLY HB 59 46.92 -38.26 -66.10
N GLY HB 60 46.54 -39.44 -65.59
CA GLY HB 60 47.02 -40.72 -66.10
C GLY HB 60 45.99 -41.82 -65.99
N GLY HB 61 46.03 -42.71 -66.97
CA GLY HB 61 45.11 -43.83 -67.09
C GLY HB 61 43.67 -43.40 -67.34
N SER HB 62 42.77 -44.20 -66.77
CA SER HB 62 41.36 -43.88 -66.68
C SER HB 62 40.95 -42.54 -66.00
N ASN HB 63 41.84 -41.84 -65.26
CA ASN HB 63 41.60 -40.46 -64.70
C ASN HB 63 42.37 -39.41 -65.45
N PRO HB 64 41.84 -38.94 -66.59
CA PRO HB 64 42.62 -38.09 -67.47
C PRO HB 64 43.01 -36.69 -66.95
N ARG HB 65 42.39 -36.17 -65.89
CA ARG HB 65 42.89 -34.87 -65.31
C ARG HB 65 43.46 -35.10 -63.94
N SER HB 66 44.38 -34.24 -63.54
CA SER HB 66 45.20 -34.41 -62.31
C SER HB 66 44.41 -34.15 -61.02
N VAL HB 67 43.29 -33.45 -61.16
CA VAL HB 67 42.32 -33.43 -60.10
C VAL HB 67 41.11 -34.18 -60.65
N PRO HB 68 40.59 -35.17 -59.89
CA PRO HB 68 39.49 -35.99 -60.39
C PRO HB 68 38.13 -35.43 -60.04
N PHE HB 69 37.78 -34.32 -60.68
CA PHE HB 69 36.41 -33.77 -60.65
C PHE HB 69 35.83 -33.52 -62.06
N GLU HB 70 34.50 -33.55 -62.15
CA GLU HB 70 33.82 -33.49 -63.39
C GLU HB 70 33.50 -32.06 -63.74
N TYR HB 71 33.16 -31.23 -62.77
CA TYR HB 71 32.79 -29.82 -63.06
C TYR HB 71 33.67 -28.88 -62.27
N TYR HB 72 33.94 -27.69 -62.83
CA TYR HB 72 34.60 -26.59 -62.06
C TYR HB 72 33.97 -25.26 -62.38
N ARG HB 73 34.25 -24.29 -61.52
CA ARG HB 73 34.11 -22.89 -61.87
C ARG HB 73 35.13 -22.03 -61.12
N ILE HB 74 35.43 -20.89 -61.72
CA ILE HB 74 36.48 -20.02 -61.23
C ILE HB 74 35.93 -18.93 -60.39
N ARG HB 75 36.25 -19.01 -59.14
CA ARG HB 75 35.66 -18.17 -58.14
C ARG HB 75 36.28 -16.81 -58.17
N LYS HB 76 37.61 -16.79 -58.30
CA LYS HB 76 38.44 -15.57 -58.14
C LYS HB 76 39.78 -15.75 -58.87
N VAL HB 77 40.29 -14.72 -59.54
CA VAL HB 77 41.70 -14.71 -59.98
C VAL HB 77 42.44 -13.67 -59.19
N LYS HB 78 43.67 -13.99 -58.78
CA LYS HB 78 44.62 -13.00 -58.32
C LYS HB 78 45.68 -12.93 -59.39
N VAL HB 79 46.03 -11.72 -59.79
CA VAL HB 79 47.14 -11.49 -60.74
C VAL HB 79 48.14 -10.64 -59.97
N GLU HB 80 49.37 -11.09 -59.86
CA GLU HB 80 50.40 -10.43 -59.07
C GLU HB 80 51.57 -10.09 -59.99
N PHE HB 81 51.92 -8.82 -60.10
CA PHE HB 81 53.13 -8.41 -60.77
C PHE HB 81 54.23 -8.19 -59.70
N TRP HB 82 55.06 -9.22 -59.61
CA TRP HB 82 56.32 -9.15 -58.84
C TRP HB 82 57.49 -8.51 -59.65
N PRO HB 83 57.83 -7.29 -59.34
CA PRO HB 83 58.86 -6.64 -60.09
C PRO HB 83 60.24 -7.23 -59.86
N CYS HB 84 60.98 -7.29 -60.95
CA CYS HB 84 62.37 -7.73 -60.94
C CYS HB 84 63.31 -6.54 -60.72
N SER HB 85 62.94 -5.31 -61.10
CA SER HB 85 63.84 -4.13 -60.95
C SER HB 85 64.08 -3.70 -59.51
N PRO HB 86 65.31 -3.23 -59.19
CA PRO HB 86 65.62 -3.00 -57.79
C PRO HB 86 65.09 -1.65 -57.39
N ILE HB 87 64.91 -1.41 -56.09
CA ILE HB 87 64.20 -0.20 -55.61
C ILE HB 87 65.05 1.11 -55.77
N THR HB 88 66.25 0.93 -56.36
CA THR HB 88 67.16 1.98 -56.76
C THR HB 88 67.07 2.42 -58.24
N GLN HB 89 66.33 1.68 -59.07
CA GLN HB 89 66.10 2.10 -60.48
C GLN HB 89 65.36 3.43 -60.57
N GLY HB 90 65.71 4.20 -61.60
CA GLY HB 90 65.06 5.46 -61.94
C GLY HB 90 64.25 5.38 -63.22
N ASP HB 91 64.05 6.54 -63.83
CA ASP HB 91 63.00 6.75 -64.83
C ASP HB 91 61.77 6.00 -64.39
N ARG HB 92 61.29 6.31 -63.20
CA ARG HB 92 60.08 5.71 -62.67
C ARG HB 92 58.90 6.20 -63.48
N GLY HB 93 57.80 5.44 -63.39
CA GLY HB 93 56.62 5.67 -64.25
C GLY HB 93 55.33 5.23 -63.67
N VAL HB 94 54.25 5.44 -64.42
CA VAL HB 94 52.94 5.15 -63.88
C VAL HB 94 51.96 4.69 -64.94
N GLY HB 95 51.21 3.66 -64.56
CA GLY HB 95 50.32 2.95 -65.45
C GLY HB 95 48.99 2.50 -64.81
N SER HB 96 48.37 1.52 -65.49
CA SER HB 96 47.00 1.13 -65.18
C SER HB 96 46.75 -0.38 -65.44
N SER HB 97 45.99 -1.01 -64.54
CA SER HB 97 45.40 -2.30 -64.84
C SER HB 97 43.91 -2.06 -64.85
N ALA HB 98 43.18 -2.84 -65.65
CA ALA HB 98 41.70 -2.80 -65.62
C ALA HB 98 41.16 -4.17 -65.87
N VAL HB 99 39.98 -4.39 -65.31
CA VAL HB 99 39.33 -5.70 -65.34
C VAL HB 99 38.37 -5.66 -66.50
N ILE HB 100 38.62 -6.56 -67.44
CA ILE HB 100 37.92 -6.70 -68.71
C ILE HB 100 37.19 -8.06 -68.67
N LEU HB 101 35.86 -8.01 -68.61
CA LEU HB 101 35.09 -9.24 -68.41
C LEU HB 101 34.43 -9.71 -69.68
N ASP HB 102 34.60 -8.96 -70.77
CA ASP HB 102 33.88 -9.22 -72.00
C ASP HB 102 34.81 -9.54 -73.12
N ASP HB 103 36.08 -9.82 -72.78
CA ASP HB 103 37.07 -10.22 -73.76
C ASP HB 103 37.24 -9.19 -74.88
N ASN HB 104 37.11 -7.89 -74.57
CA ASN HB 104 37.41 -6.74 -75.47
C ASN HB 104 38.45 -5.79 -74.87
N PHE HB 105 39.68 -6.20 -75.04
CA PHE HB 105 40.84 -5.48 -74.54
C PHE HB 105 41.15 -4.39 -75.57
N VAL HB 106 41.77 -3.29 -75.11
CA VAL HB 106 42.44 -2.33 -75.99
C VAL HB 106 43.59 -3.03 -76.72
N THR HB 107 43.76 -2.62 -77.96
CA THR HB 107 44.70 -3.29 -78.83
C THR HB 107 46.15 -3.31 -78.38
N LYS HB 108 46.83 -4.42 -78.62
CA LYS HB 108 48.19 -4.50 -78.18
C LYS HB 108 49.04 -3.42 -78.87
N ALA HB 109 49.89 -2.74 -78.12
CA ALA HB 109 50.66 -1.61 -78.66
C ALA HB 109 51.96 -1.46 -77.85
N THR HB 110 53.07 -1.13 -78.52
CA THR HB 110 54.37 -1.02 -77.85
C THR HB 110 54.54 0.28 -77.15
N ALA HB 111 54.03 1.35 -77.79
CA ALA HB 111 54.18 2.72 -77.32
C ALA HB 111 53.05 3.71 -77.69
N LEU HB 112 51.89 3.48 -77.11
CA LEU HB 112 50.74 4.34 -77.31
C LEU HB 112 50.97 5.69 -76.60
N THR HB 113 50.43 6.79 -77.15
CA THR HB 113 50.76 8.17 -76.66
C THR HB 113 49.91 8.62 -75.45
N TYR HB 114 49.08 7.67 -74.97
CA TYR HB 114 48.34 7.81 -73.73
C TYR HB 114 48.17 6.45 -73.09
N ASP HB 115 47.75 6.45 -71.82
CA ASP HB 115 47.35 5.24 -71.07
C ASP HB 115 45.90 5.00 -71.35
N PRO HB 116 45.59 4.00 -72.14
CA PRO HB 116 44.20 3.83 -72.53
C PRO HB 116 43.33 3.30 -71.40
N TYR HB 117 43.91 2.75 -70.34
CA TYR HB 117 43.03 2.30 -69.28
C TYR HB 117 42.82 3.27 -68.10
N VAL HB 118 43.33 4.47 -68.15
CA VAL HB 118 43.34 5.28 -66.92
C VAL HB 118 41.90 5.70 -66.46
N ASN HB 119 40.96 5.83 -67.39
CA ASN HB 119 39.62 6.29 -67.01
C ASN HB 119 38.63 5.16 -66.78
N TYR HB 120 39.07 3.93 -67.02
CA TYR HB 120 38.22 2.76 -66.78
C TYR HB 120 37.79 2.70 -65.31
N SER HB 121 36.49 2.49 -65.11
CA SER HB 121 35.89 2.35 -63.79
C SER HB 121 36.70 1.40 -62.93
N SER HB 122 37.14 0.30 -63.53
CA SER HB 122 37.90 -0.74 -62.81
C SER HB 122 39.37 -0.45 -62.69
N ARG HB 123 39.82 0.73 -63.02
CA ARG HB 123 41.24 0.95 -63.09
C ARG HB 123 41.95 0.98 -61.73
N HIS HB 124 43.10 0.34 -61.60
CA HIS HB 124 44.01 0.54 -60.44
C HIS HB 124 45.34 1.07 -61.00
N THR HB 125 46.04 1.84 -60.17
CA THR HB 125 47.26 2.56 -60.62
C THR HB 125 48.45 1.60 -60.44
N ILE HB 126 49.30 1.47 -61.45
CA ILE HB 126 50.51 0.67 -61.36
C ILE HB 126 51.62 1.65 -61.20
N THR HB 127 52.50 1.35 -60.30
CA THR HB 127 53.58 2.21 -59.97
C THR HB 127 54.80 1.45 -60.44
N GLN HB 128 55.71 2.15 -61.13
CA GLN HB 128 56.79 1.45 -61.85
C GLN HB 128 58.20 2.02 -61.54
N PRO HB 129 59.22 1.17 -61.42
CA PRO HB 129 59.21 -0.20 -61.89
C PRO HB 129 59.51 -1.25 -60.80
N PHE HB 130 59.60 -0.82 -59.57
CA PHE HB 130 60.01 -1.71 -58.47
C PHE HB 130 58.86 -2.01 -57.47
N SER HB 131 57.65 -1.68 -57.85
CA SER HB 131 56.57 -1.88 -56.92
C SER HB 131 55.73 -3.09 -57.27
N TYR HB 132 55.17 -3.70 -56.22
CA TYR HB 132 54.20 -4.78 -56.34
C TYR HB 132 52.92 -4.26 -56.98
N HIS HB 133 52.27 -5.04 -57.80
CA HIS HB 133 50.91 -4.67 -58.21
C HIS HB 133 50.09 -5.94 -58.23
N SER HB 134 48.88 -5.86 -57.66
CA SER HB 134 47.93 -7.01 -57.74
C SER HB 134 46.48 -6.58 -58.03
N ARG HB 135 45.74 -7.52 -58.63
CA ARG HB 135 44.29 -7.39 -58.79
C ARG HB 135 43.66 -8.70 -58.40
N TYR HB 136 42.49 -8.62 -57.81
CA TYR HB 136 41.79 -9.79 -57.29
C TYR HB 136 40.31 -9.62 -57.61
N PHE HB 137 39.77 -10.51 -58.44
CA PHE HB 137 38.44 -10.30 -59.01
C PHE HB 137 37.89 -11.57 -59.63
N THR HB 138 36.57 -11.60 -59.80
CA THR HB 138 35.88 -12.74 -60.43
C THR HB 138 35.96 -12.61 -61.95
N PRO HB 139 36.78 -13.48 -62.62
CA PRO HB 139 36.85 -13.44 -64.09
C PRO HB 139 35.55 -14.06 -64.65
N LYS HB 140 35.43 -14.08 -65.97
CA LYS HB 140 34.31 -14.67 -66.65
C LYS HB 140 34.73 -15.50 -67.84
N PRO HB 141 34.04 -16.61 -68.00
CA PRO HB 141 34.37 -17.45 -69.14
C PRO HB 141 33.94 -16.80 -70.46
N VAL HB 142 34.70 -17.01 -71.53
CA VAL HB 142 34.28 -16.57 -72.86
C VAL HB 142 33.30 -17.60 -73.46
N LEU HB 143 32.04 -17.34 -73.23
CA LEU HB 143 31.00 -18.25 -73.65
C LEU HB 143 30.64 -18.13 -75.09
N ASP HB 144 30.59 -16.92 -75.59
CA ASP HB 144 30.32 -16.65 -77.00
C ASP HB 144 30.98 -15.32 -77.41
N SER HB 145 31.96 -15.35 -78.27
CA SER HB 145 32.72 -14.10 -78.54
C SER HB 145 32.11 -13.15 -79.58
N THR HB 146 31.08 -13.57 -80.27
CA THR HB 146 30.28 -12.64 -81.04
C THR HB 146 29.51 -11.68 -80.12
N ILE HB 147 28.92 -12.20 -79.06
CA ILE HB 147 28.11 -11.39 -78.18
C ILE HB 147 28.84 -10.94 -76.93
N ASP HB 148 29.68 -11.80 -76.40
CA ASP HB 148 30.49 -11.51 -75.24
C ASP HB 148 29.65 -11.15 -74.04
N TYR HB 149 28.79 -12.07 -73.63
CA TYR HB 149 27.97 -11.92 -72.42
C TYR HB 149 28.59 -12.63 -71.18
N PHE HB 150 28.15 -12.18 -70.00
CA PHE HB 150 28.67 -12.74 -68.76
C PHE HB 150 27.73 -12.44 -67.64
N GLN HB 151 27.92 -13.22 -66.57
CA GLN HB 151 27.02 -13.18 -65.42
C GLN HB 151 27.49 -12.08 -64.44
N PRO HB 152 26.56 -11.41 -63.74
CA PRO HB 152 26.93 -10.57 -62.65
C PRO HB 152 27.52 -11.36 -61.51
N ASN HB 153 28.36 -10.66 -60.76
CA ASN HB 153 29.37 -11.26 -59.86
C ASN HB 153 28.54 -11.80 -58.65
N ASN HB 154 28.77 -13.06 -58.29
CA ASN HB 154 27.80 -13.81 -57.45
C ASN HB 154 28.40 -15.17 -57.13
N LYS HB 155 27.87 -15.77 -56.06
CA LYS HB 155 28.21 -17.10 -55.61
C LYS HB 155 27.21 -18.18 -56.13
N ARG HB 156 26.00 -18.22 -55.59
CA ARG HB 156 25.15 -19.40 -55.75
C ARG HB 156 24.48 -19.57 -57.13
N ASN HB 157 24.75 -18.68 -58.08
CA ASN HB 157 24.22 -18.77 -59.46
C ASN HB 157 25.25 -18.86 -60.58
N GLN HB 158 26.53 -18.90 -60.24
CA GLN HB 158 27.60 -18.99 -61.23
C GLN HB 158 27.56 -20.32 -61.99
N LEU HB 159 27.55 -20.22 -63.32
CA LEU HB 159 27.66 -21.35 -64.19
C LEU HB 159 28.76 -22.31 -63.76
N TRP HB 160 28.38 -23.59 -63.70
CA TRP HB 160 29.35 -24.72 -63.71
C TRP HB 160 29.77 -25.03 -65.14
N LEU HB 161 31.04 -25.37 -65.33
CA LEU HB 161 31.61 -25.83 -66.61
C LEU HB 161 32.27 -27.22 -66.49
N ARG HB 162 32.33 -27.94 -67.60
CA ARG HB 162 32.96 -29.27 -67.65
C ARG HB 162 34.47 -29.13 -67.43
N LEU HB 163 35.08 -29.89 -66.52
CA LEU HB 163 36.55 -29.87 -66.49
C LEU HB 163 37.03 -30.73 -67.67
N GLN HB 164 37.45 -30.05 -68.73
CA GLN HB 164 38.04 -30.71 -69.85
C GLN HB 164 39.55 -31.09 -69.70
N THR HB 165 39.97 -31.99 -70.56
CA THR HB 165 41.34 -32.44 -70.54
C THR HB 165 42.19 -31.49 -71.37
N ALA HB 166 41.61 -31.03 -72.49
CA ALA HB 166 42.35 -30.24 -73.43
C ALA HB 166 41.74 -28.90 -73.63
N GLY HB 167 40.60 -28.79 -74.26
CA GLY HB 167 40.27 -27.49 -74.90
C GLY HB 167 39.44 -26.68 -73.94
N ASN HB 168 40.07 -26.20 -72.88
CA ASN HB 168 39.27 -25.53 -71.85
C ASN HB 168 39.01 -24.11 -72.31
N VAL HB 169 37.96 -23.52 -71.79
CA VAL HB 169 37.47 -22.25 -72.23
C VAL HB 169 38.28 -21.16 -71.58
N ASP HB 170 38.70 -20.18 -72.35
CA ASP HB 170 39.43 -19.06 -71.79
C ASP HB 170 38.51 -18.34 -70.80
N HIS HB 171 39.11 -17.81 -69.77
CA HIS HB 171 38.36 -16.87 -68.87
C HIS HB 171 39.03 -15.58 -68.96
N VAL HB 172 38.34 -14.56 -68.56
CA VAL HB 172 38.71 -13.30 -69.04
C VAL HB 172 38.74 -12.23 -67.99
N GLY HB 173 39.74 -11.37 -68.18
CA GLY HB 173 40.15 -10.54 -67.10
C GLY HB 173 40.91 -9.29 -67.30
N LEU HB 174 42.19 -9.28 -67.66
CA LEU HB 174 43.02 -8.07 -67.29
C LEU HB 174 43.69 -7.34 -68.39
N GLY HB 175 43.38 -6.06 -68.50
CA GLY HB 175 44.09 -5.18 -69.43
C GLY HB 175 45.21 -4.43 -68.74
N THR HB 176 46.35 -4.29 -69.38
CA THR HB 176 47.48 -3.56 -68.76
C THR HB 176 48.03 -2.45 -69.62
N ALA HB 177 48.43 -1.36 -68.98
CA ALA HB 177 49.11 -0.29 -69.65
C ALA HB 177 50.30 0.15 -68.75
N PHE HB 178 51.51 -0.24 -69.12
CA PHE HB 178 52.75 0.16 -68.39
C PHE HB 178 53.43 1.29 -69.08
N GLU HB 179 53.82 2.31 -68.34
CA GLU HB 179 54.63 3.41 -68.95
C GLU HB 179 56.03 2.90 -69.39
N ASN HB 180 56.44 3.27 -70.59
CA ASN HB 180 57.73 2.85 -71.11
C ASN HB 180 58.78 3.66 -70.40
N SER HB 181 60.02 3.17 -70.48
CA SER HB 181 61.17 3.70 -69.76
C SER HB 181 62.49 3.63 -70.58
N ILE HB 182 63.42 4.49 -70.18
CA ILE HB 182 64.83 4.46 -70.59
C ILE HB 182 65.52 3.08 -70.31
N TYR HB 183 65.03 2.37 -69.27
CA TYR HB 183 65.43 1.03 -68.91
C TYR HB 183 64.39 -0.07 -69.19
N ASP HB 184 64.89 -1.30 -69.27
CA ASP HB 184 64.09 -2.54 -69.33
C ASP HB 184 63.27 -2.72 -68.06
N GLN HB 185 62.05 -3.21 -68.16
CA GLN HB 185 61.24 -3.39 -66.94
C GLN HB 185 60.77 -4.81 -66.97
N GLU HB 186 61.44 -5.64 -66.18
CA GLU HB 186 61.25 -7.07 -66.19
C GLU HB 186 60.32 -7.30 -64.96
N TYR HB 187 59.33 -8.17 -65.12
CA TYR HB 187 58.37 -8.60 -64.07
C TYR HB 187 58.26 -10.10 -64.00
N ASN HB 188 58.00 -10.65 -62.82
CA ASN HB 188 57.56 -12.02 -62.67
C ASN HB 188 56.07 -11.92 -62.32
N ILE HB 189 55.23 -12.38 -63.23
CA ILE HB 189 53.83 -12.41 -63.01
C ILE HB 189 53.43 -13.77 -62.50
N ARG HB 190 52.84 -13.81 -61.29
CA ARG HB 190 52.14 -15.00 -60.78
C ARG HB 190 50.61 -14.78 -60.84
N VAL HB 191 49.96 -15.67 -61.56
CA VAL HB 191 48.51 -15.73 -61.63
C VAL HB 191 48.07 -16.88 -60.75
N THR HB 192 47.01 -16.67 -59.97
CA THR HB 192 46.45 -17.64 -59.06
C THR HB 192 44.93 -17.74 -59.27
N MET HB 193 44.43 -18.97 -59.42
CA MET HB 193 43.01 -19.25 -59.62
C MET HB 193 42.44 -19.91 -58.37
N TYR HB 194 41.39 -19.30 -57.84
CA TYR HB 194 40.62 -19.83 -56.76
C TYR HB 194 39.48 -20.61 -57.41
N VAL HB 195 39.65 -21.93 -57.54
CA VAL HB 195 38.72 -22.82 -58.24
C VAL HB 195 37.87 -23.64 -57.29
N GLN HB 196 36.63 -23.83 -57.70
CA GLN HB 196 35.70 -24.68 -56.97
C GLN HB 196 35.36 -25.88 -57.89
N PHE HB 197 35.79 -27.06 -57.48
CA PHE HB 197 35.53 -28.27 -58.24
C PHE HB 197 34.28 -28.96 -57.67
N ARG HB 198 33.52 -29.67 -58.49
CA ARG HB 198 32.32 -30.38 -58.00
C ARG HB 198 32.28 -31.75 -58.69
N GLU HB 199 31.77 -32.74 -57.97
CA GLU HB 199 31.61 -34.17 -58.46
C GLU HB 199 32.91 -34.94 -58.58
N PHE HB 200 33.24 -35.66 -57.52
CA PHE HB 200 34.43 -36.49 -57.46
C PHE HB 200 34.07 -37.57 -58.46
N ASN HB 201 34.93 -37.79 -59.47
CA ASN HB 201 34.73 -38.82 -60.47
C ASN HB 201 35.87 -39.87 -60.49
N LEU HB 202 36.62 -40.10 -59.42
CA LEU HB 202 37.74 -41.04 -59.51
C LEU HB 202 37.39 -42.44 -60.04
N LYS HB 203 38.04 -42.81 -61.15
CA LYS HB 203 37.97 -44.16 -61.68
C LYS HB 203 39.10 -44.96 -61.05
N ASP HB 204 38.76 -46.20 -60.66
CA ASP HB 204 39.70 -47.14 -60.04
C ASP HB 204 39.69 -48.54 -60.70
N PRO HB 205 40.47 -48.72 -61.76
CA PRO HB 205 40.59 -50.03 -62.41
C PRO HB 205 41.37 -51.03 -61.60
N PRO HB 206 41.20 -52.33 -61.86
CA PRO HB 206 42.04 -53.36 -61.21
C PRO HB 206 43.52 -53.50 -61.73
N LEU HB 207 44.18 -54.67 -61.45
CA LEU HB 207 45.59 -55.07 -61.86
C LEU HB 207 46.61 -53.97 -61.69
#